data_6IGZ
#
_entry.id   6IGZ
#
_cell.length_a   1.00
_cell.length_b   1.00
_cell.length_c   1.00
_cell.angle_alpha   90.00
_cell.angle_beta   90.00
_cell.angle_gamma   90.00
#
_symmetry.space_group_name_H-M   'P 1'
#
loop_
_entity.id
_entity.type
_entity.pdbx_description
1 polymer PsaA
2 polymer PsaB
3 polymer PsaC
4 polymer PsaD
5 polymer PsaE
6 polymer PsaF
7 polymer PsaG
8 polymer PsaH
9 polymer PsaI
10 polymer PsaJ
11 polymer PsaK
12 polymer PsaL
13 polymer Lhca-a
14 polymer Lhca-c
15 polymer Lhca-d
16 polymer Lhca-b
17 polymer Lhca-g
18 polymer Lhca-h
19 polymer Lhca-i
20 polymer Lhca-j
21 polymer 'Photosystem I reaction center subunit XII'
22 non-polymer 'CHLOROPHYLL A'
23 non-polymer PHYLLOQUINONE
24 non-polymer 1,2-DIPALMITOYL-PHOSPHATIDYL-GLYCEROLE
25 non-polymer "(6'R,11cis,11'cis,13cis,15cis)-4',5'-didehydro-5',6'-dihydro-beta,beta-carotene"
26 non-polymer 'heptyl 1-thio-beta-D-glucopyranoside'
27 non-polymer 'IRON/SULFUR CLUSTER'
28 non-polymer 'DIGALACTOSYL DIACYL GLYCEROL (DGDG)'
29 non-polymer 'CHLOROPHYLL B'
30 non-polymer "(3S,5R,6S,3'S,5'R,6'S)-5,6,5',6'-DIEPOXY-5,6,5',6'- TETRAHYDRO-BETA,BETA-CAROTENE-3,3'-DIOL"
31 non-polymer 1,2-DISTEAROYL-MONOGALACTOSYL-DIGLYCERIDE
#
loop_
_entity_poly.entity_id
_entity_poly.type
_entity_poly.pdbx_seq_one_letter_code
_entity_poly.pdbx_strand_id
1 'polypeptide(L)'
;MTISPPEREIKKVKVIVDRNTTDTSFEKWAKPGHFSRTLAKGPTTTTWIWNLHADAHDFDSHTSDLEDISRKVFSAHFGQ
LGIILIWLSGMYFHGARFSNYEAWLSDPTHIKPSAQVVWPIVGQEILNGDVGGGFQGIQITSGFFQLWRASGITSELELY
STALGGLLLASAMFFAGWFHYHKAAPKLEWFQNVESMMNHHLAGLLGLGSLGWAGHQIHLSIPINKLLDAGVDPKEIPLP
HEFLLNRELMAGLYPSFSAGLKPFFTLNWSEYSDFLTFKGGLNPINGGLWLTDIAHHHLAIAVLFIIAGHMYRTNWGIGH
SMKEILESHKGPFTGAGHQGLYEILTNSWHAQLAINLALFGSLSIIVAHHMYAMPPYPYLATDYGTQLSLFTHHTWIGGF
CIVGAGAHAAIFMVRDYDPTNNYNNLLDRVIRHRDAIISHLNWVCIFLGFHSFGLYIHNDTMSALGRPQDMFSDTTIQLQ
PIFAQWIQSIHYAAPQLTAPTASAATSLTWGGDIVSVGGKVAMMPISLGTSDFMVHHIHAFTIHVTALILLKGVLYSRSS
RLIPDKANLGFRFPCDGPGRGGTCQVSAWDHVFLGLFWMYNSLSIVIFHFSWKMQSDVWGTVSESGVSHITGGNFANSAN
AINGWLRDFLWAQSSQVIQSYGSALSAYGLVFLGAHFVWAFSLMFLFSGRGYWQELIESILWAHNKLKVAPAIQPRALSI
TQGRAVGVAHYIFGGIVTTWSFFLARIIAVG
;
A
2 'polypeptide(L)'
;MATKFPKFSQGLAQDPTTRRIWFGVATAHDFESHDSITEETLYQKIFASHFGQLSIIFLWTSGNLFHVAWQGNFEAWVQD
PLHIRPIAHAIWDPHFGQSAVEAFTRGGASGPVNIATSGVYQWWYTIGMRTNQDLYQGSVFLSIAAGLFLIAGWLHLQPK
FQPTLSWFKNAESRLNHHLAGLFGVSSLAWTGHLVHVAIPESRGIHVRWDNFLTILPHPLGLKPFFTGNWSAYAQNPDTI
NHIFSTNTGSGDAILTFLGGFHPQTQSLWLTDMAHHHLAIAVLFIIAGHMYRTNFGIGHSMKEILDMHTPPSGNLGAGHQ
NLFDTINNSLHFQLGLALASAGTICSMVAQHMYSLPAYAFIASDFTTQASLYTHHQYIAGFMLCGAFAHGAIFFIRDYDP
VANKGNVLARILDHKEAIISHLSWVSLFLGFHTLGLYVHNDVMLAFGTPEKQILIEPVFAQWIQAAQGKSLYGFDFLLAS
STSPAFNASQTVWLPGWLDAINNPTNSLFLTIGPGDFLVHHAIALGLHTTTLILVKGALDARGSKLMPDKKDFGYSFPCD
GPGRGGTCDISAWDAFYLSVFWMLNTIGWVTFYWHWKHLGIWQGNVNQFNESSTYLMGWLRDYLWLNSSQLINGYNPFGM
NSLSVWAWMFLFGHLVYATGFMFLISWRGYWQELIETLAWAHERTPLANLVRWKDKPVALSIVQARLVGLAHFSVGYIFT
YAAFLIASTSGKFG
;
B
3 'polypeptide(L)'
;MSHNVKIYDTCIGCTQCVRACPTDVLEMVPWDGCKAKQIASAPRTEDCVGCKRCETACPTDFLSVRVYLGAETTRSMGLA
Y
;
C
4 'polypeptide(L)'
;MASSMTSSRTTVLTSRPAFAGQRVCAKVVRTRVTPAKFAVRAADAEAPAEEAPKVWTPPQLDPNTPSPIFGGSTGGLLRK
AQVEEFYVITWEAKKEQIFEMPTGGAAIMRKGPNLLKLARKEQCLALTTQLRTKFKTDACFYRVFPSGEVQYLHPKDGVY
PEKVNAGREGANQNMRSIGENVNPIKVKFTGKIGPFDV
;
D
5 'polypeptide(L)'
;MQFSAVRIATSVRATPVRAAKAEPETPPPVGPKRGSRVKILRPESYWYNRAGKVVSCDQTGIKYPVTVRFEDVNYAGVST
NNFGLQEVEEL
;
E
6 'polypeptide(L)'
;MATVFCASPLQLSSKCGLKPLKAKAPAPKAVRAVRAVSCSAENTTKNVATTVAAAALAAVVSFGAVGEAKADIAGLTPCS
ESKAFKRRENKEVKSLQKRMAKYEEGSAPALALQATAERTQKRFEFYGKSGLLCGNDGLPHLIADPGLAFRYGHAGDIMI
PTVLFIYMAGYTGYAGREYLLATRGEKKPTQKEIIIDVPLALKCVAGSAGWPLRAFNDLRSGSLLEKEENITVSPR
;
F
7 'polypeptide(L)'
;MAAATASLSSTLLAPCSSKQPQPQQQHQHQQLKCKSFSGLRPLKLNISSNNSSSSLSMSSARRSMTCRAELSPSLVISLS
TGLSLFLGRFVFFNFQRENVAKQVPEQNGLTHFEAGDTRAKEYVSLLKSNDPVGFNIVDVLAWGSIGHIVAYYILATTSN
GYDPSFF
;
G
8 'polypeptide(L)'
;MSVSAAKVSTFVRGTPVRMSAPKAKIQRAPICTAPRAKYGESDRYFDLDDLENTLGSWDMYGQEDQKRYPGLQNEFFERA
GESLTRREAIRSVLFLGGGGALLAWGAKGASDVTLPITVGPQKGGEKGPKGKI
;
H
9 'polypeptide(L)' MNAAYLPSIFVPLVGLVFPAIAMASAFLYIEKSAIE I
10 'polypeptide(L)' MQNLKIYLSTAPVIAFIWLSLLSSLIIEVNRFFPDPLIFAF J
11 'polypeptide(L)'
;MTASKMSSFTGLKANTRIPSSRVVQAPVVRSRRSVKVSADFIGSTPNLIMVASTGLCLAAGRFGLAPTVNKFATSGLNLV
DKPLGLKTGDPAGFTAVDVLALGSFGHMIGIGIVLGLKATGGL
;
K
12 'polypeptide(L)'
;MASVAGQCVAKPLVGSVFGKLNGMTPRAPMRSRSITVVVRAADEQKQVIQPINGDPFIGMLETPVTSAPIVAGFLSNLPA
YRTGVSPLLRGVEIGLTHGFLVAGPFIKLGPLRDAAGGAAETAGCLSGALLVIILTACLTIYGQATFEDDEPQIGVKTLS
GRDIARDPLQSAEGWNEFTSGWLVGGLSGVAWAYLCTQFLPFYS
;
L
13 'polypeptide(L)'
;MASALMQKSCVSAVVARPSRVTNRSVRVQARPGNWLPGSEAPSYLPEDLPGNYGYDPLGISENPANMERMIECEVMNGRW
AMLAVPGMLAQEALGFGNWHDAPSWVYEGGSPTWFGAGMPITDIKLLAVIELVLMGGAEAMRASEPDMEKRVYPGGAFDP
AGFSKGNLAELKLKEIKNARLAMFAFVGFVLQYYATGKGPVQCWTEHIADPLGANFATNGTSLPFF
;
1,5
14 'polypeptide(L)'
;MASILQQSTAFSCRSGAFTSSTRSQNASRAQGARNVAVKAADRPVWYPGNSPPEWLDGSLPGDYGYDPLGLASDPEMLKW
WVQAELVHGRWAMLGTVGMIVPGVAARAGGDFPQWYDAGKVYIENSSIPFGALLMTQVLMMGWSEMMRYYEFVSPGSQGT
GSFMGFTEAFAGTGENGYPGGRFFDPFGLAKGDPAKLQEYKVKEIKNGRLAMFSCLGYYAQYAATGKGPVDNWFDHIADP
FHNTCATNGVSVPFLN
;
2
15 'polypeptide(L)'
;MAAALLSSPIVAGVQAPKAKFVSTPKVNPTVHGLGAALKVKAEDAKVAKVDRSKDTLFFADENSLTYLDGTLPGDYGFDP
FGLLEPGNGDVGFINPSWLRYSEVIHGRFAMLGAAGCITPEILSSLGVIPESTGIVWYRNGVIPPAGSSDVYWVDPYTLF
FVEVVAMQFAELRRLQDYRNPGSMGKQYFLGLEGVLGGSGDPSYPGGAFFNMFNLGKTEESMKVMKTREIKNGRLAMMAM
FGFGAQAILTGKGPYQNLLDHLSDPFNNNILTNWTSVYGQL
;
3
16 'polypeptide(L)'
;MATMMASSGVVARPAAFVGTQLPKVGVAARPSLAVVRAADRPIWLPGADVPEWLDGTIPGDFGYDPLKLGKDPETLKWYV
QAELVHGRFAMMGLVGMLVPELLTNAGIGLPAKGTEWFNAGAAPMFAPTGVLFAMQFLLMGWAEIRRYQDFKNPGSVNVD
PIFGGKLPDGNIPGYPGGIFDPFGFAKGDVDSLKLKEVKNGRLAMFATLGFYCQAVVTGKGPIACWTSHLADPWANNVWS
IELAKVIK
;
4,8
17 'polypeptide(L)'
;MGAILSAGRAHVAFSSKSVQRTGFRAVSNGSRVTMSASRPLWLPGSTPPAHLDGSMTGDFGWDPLGLGANPEAMTWFREA
ELQNGRWAMMGVFGILVQELVKPDVFWYDAPTKIDLPFNIIGIVAFQAFAMHYVEIRRWQDLRKPGSVNKDPIFSNYSLP
EHEPGYPGGIFAPFVPGDIEELKLKELKNARLSMLAFVGFVMQAQITGKGPIACWTDHLADPFGTTIFSKAVITLGGAVK
PTCQIPDHVAFQGIDIPTPCFFEGFWP
;
6
18 'polypeptide(L)'
;MAACGMATAAPFVGTQKNSTLRTSSTTRPRPVNCSAADRKLWAPGVAAPSYLDGSLAGDYGWDPMGLSSDPKALAWYRQA
ELVHSRWAMMGVVGILGQEILNPDVFWYEAGLPKNLPEQVSGLNLGGILAFEFCMMHYVEVRRWQDYKNFGSVNEDPVFK
GNSVPNEVMGYPGGIFDPFGFAKGKDIEDLKTKEIKNGRLAMVAWTGFALQAQATGKGPIACWKDHLADPFVSNITANIG
TCVIPDSVDVGGVNIPLYCLWPGQ
;
7
19 'polypeptide(L)'
;MASSMLLGLTKPVVVGGARVQARRNMNVACNAASRPMWLVGASAPDYLDGSMAGDYGYDPLGLGSDADRLAWYREAEKVN
GRWAMNAVAGIVFCELLGIQTNWWEVGQNPDLPVDLPFNALVAIEAVIMGFFEVKRYQGWKDTGMSGLNDSFPWDPLGMT
SERVELAEIKNGRLAMFAWTGFIAQAVVVRKGPVACLNAHLADPFGQNILTNVLNIPENIAQ
;
9
20 'polypeptide(L)'
;MVFALSSFVGRPVVVGHAQPRAVRNVTRMAAERPMWYPGATAPKHLDGSMLGDYGYDPLDLGANPDSLAWFREAELMNGR
YAMLGVMGGAFVNAFGLPNWWEAGAKVDVPISLGVLIALELAIFAVFEYKRYEGFKKTGECGVLSFMPFDPLNMRSEENK
LKELKNGRLAMVASVGFISQYLVTGKGPVDNLKDHIVDPLHNNIYTSSVGNEVTVAIVFAAMWPMFAEAKKALGGKDDTF
RAIPW
;
0
21 'polypeptide(L)' MSISESQIFIAIFLALINGFLALRLGSTLYNS M
#
loop_
_chem_comp.id
_chem_comp.type
_chem_comp.name
_chem_comp.formula
8CT non-polymer (6'R,11cis,11'cis,13cis,15cis)-4',5'-didehydro-5',6'-dihydro-beta,beta-carotene 'C40 H56'
CHL non-polymer 'CHLOROPHYLL B' 'C55 H70 Mg N4 O6 2'
CLA non-polymer 'CHLOROPHYLL A' 'C55 H72 Mg N4 O5'
DGD saccharide 'DIGALACTOSYL DIACYL GLYCEROL (DGDG)' 'C51 H96 O15'
HTG D-saccharide 'heptyl 1-thio-beta-D-glucopyranoside' 'C13 H26 O5 S'
LHG non-polymer 1,2-DIPALMITOYL-PHOSPHATIDYL-GLYCEROLE 'C38 H75 O10 P'
LMG non-polymer 1,2-DISTEAROYL-MONOGALACTOSYL-DIGLYCERIDE 'C45 H86 O10'
PQN non-polymer PHYLLOQUINONE 'C31 H46 O2'
SF4 non-polymer 'IRON/SULFUR CLUSTER' 'Fe4 S4'
XAT non-polymer '(3S,5R,6S,3'S,5'R,6'S)-5,6,5',6'-DIEPOXY-5,6,5',6'- TETRAHYDRO-BETA,BETA-CAROTENE-3,3'-DIOL' 'C40 H56 O4'
#
# COMPACT_ATOMS: atom_id res chain seq x y z
N LYS A 12 -9.71 -0.54 58.79
CA LYS A 12 -10.62 -0.58 57.65
C LYS A 12 -9.86 -0.30 56.36
N VAL A 13 -9.07 0.77 56.36
CA VAL A 13 -8.19 1.07 55.23
C VAL A 13 -6.83 0.45 55.52
N LYS A 14 -6.50 -0.59 54.77
CA LYS A 14 -5.25 -1.33 54.94
C LYS A 14 -4.60 -1.47 53.57
N VAL A 15 -3.51 -2.23 53.52
CA VAL A 15 -2.82 -2.45 52.25
C VAL A 15 -3.43 -3.64 51.51
N ILE A 16 -3.37 -4.83 52.12
CA ILE A 16 -4.15 -5.97 51.67
C ILE A 16 -3.81 -6.37 50.23
N VAL A 17 -2.66 -7.01 50.05
CA VAL A 17 -2.22 -7.40 48.72
C VAL A 17 -2.07 -8.91 48.64
N ASP A 18 -2.12 -9.44 47.42
CA ASP A 18 -1.85 -10.84 47.17
C ASP A 18 -0.35 -11.03 46.95
N ARG A 19 0.02 -12.23 46.48
CA ARG A 19 1.43 -12.54 46.26
C ARG A 19 1.57 -13.51 45.10
N ASN A 20 2.59 -13.28 44.27
CA ASN A 20 2.95 -14.20 43.18
C ASN A 20 1.72 -14.64 42.39
N THR A 21 0.83 -13.71 42.12
CA THR A 21 -0.42 -14.02 41.45
C THR A 21 -0.18 -14.72 40.12
N THR A 22 0.30 -13.98 39.12
CA THR A 22 0.58 -14.56 37.82
C THR A 22 1.99 -15.14 37.83
N ASP A 23 2.50 -15.49 36.66
CA ASP A 23 3.84 -16.02 36.53
C ASP A 23 4.54 -15.29 35.40
N THR A 24 5.62 -14.58 35.73
CA THR A 24 6.32 -13.78 34.69
C THR A 24 7.18 -14.72 33.85
N SER A 25 6.73 -14.96 32.62
CA SER A 25 7.41 -15.86 31.65
C SER A 25 6.92 -15.52 30.23
N PHE A 26 7.59 -16.03 29.21
CA PHE A 26 7.18 -15.77 27.81
C PHE A 26 6.19 -16.85 27.37
N GLU A 27 5.85 -17.78 28.27
CA GLU A 27 4.96 -18.86 27.86
C GLU A 27 3.84 -18.37 26.97
N LYS A 28 3.15 -17.31 27.39
CA LYS A 28 1.95 -16.87 26.72
C LYS A 28 2.20 -15.80 25.67
N TRP A 29 3.42 -15.27 25.54
CA TRP A 29 3.68 -14.37 24.43
C TRP A 29 3.66 -15.11 23.11
N ALA A 30 4.08 -16.35 23.11
CA ALA A 30 4.14 -17.13 21.88
C ALA A 30 2.79 -17.66 21.47
N LYS A 31 1.74 -17.37 22.24
CA LYS A 31 0.41 -17.90 22.02
C LYS A 31 -0.55 -16.72 21.85
N PRO A 32 -0.53 -16.07 20.69
CA PRO A 32 -1.30 -14.84 20.54
C PRO A 32 -2.78 -15.07 20.78
N GLY A 33 -3.44 -14.03 21.26
CA GLY A 33 -4.84 -14.16 21.62
C GLY A 33 -5.10 -14.93 22.88
N HIS A 34 -4.07 -15.19 23.68
CA HIS A 34 -4.22 -16.04 24.86
C HIS A 34 -5.25 -15.50 25.83
N PHE A 35 -5.59 -14.22 25.76
CA PHE A 35 -6.41 -13.63 26.80
C PHE A 35 -7.87 -14.04 26.67
N SER A 36 -8.51 -13.68 25.57
CA SER A 36 -9.93 -13.95 25.39
C SER A 36 -10.14 -15.34 24.85
N ARG A 37 -11.18 -16.00 25.37
CA ARG A 37 -11.47 -17.39 25.02
C ARG A 37 -11.71 -17.57 23.54
N THR A 38 -12.22 -16.53 22.85
CA THR A 38 -12.55 -16.69 21.44
C THR A 38 -11.30 -16.64 20.57
N LEU A 39 -10.32 -15.82 20.95
CA LEU A 39 -9.13 -15.66 20.13
C LEU A 39 -8.13 -16.78 20.29
N ALA A 40 -8.14 -17.47 21.43
CA ALA A 40 -7.11 -18.45 21.71
C ALA A 40 -7.08 -19.57 20.68
N LYS A 41 -8.09 -19.67 19.83
CA LYS A 41 -8.20 -20.79 18.89
C LYS A 41 -7.41 -20.57 17.61
N GLY A 42 -6.64 -19.49 17.52
CA GLY A 42 -5.83 -19.25 16.35
C GLY A 42 -6.68 -18.77 15.20
N PRO A 43 -6.04 -18.17 14.20
CA PRO A 43 -6.81 -17.58 13.10
C PRO A 43 -7.46 -18.67 12.26
N THR A 44 -8.77 -18.56 12.09
CA THR A 44 -9.42 -19.21 10.97
C THR A 44 -9.37 -18.34 9.72
N THR A 45 -9.64 -17.04 9.87
CA THR A 45 -9.67 -16.11 8.77
C THR A 45 -8.73 -14.96 9.09
N THR A 46 -8.70 -13.98 8.20
CA THR A 46 -7.83 -12.84 8.44
C THR A 46 -8.38 -11.92 9.51
N THR A 47 -9.67 -12.04 9.84
CA THR A 47 -10.24 -11.15 10.85
C THR A 47 -9.65 -11.42 12.22
N TRP A 48 -9.28 -12.67 12.49
CA TRP A 48 -8.69 -12.98 13.78
C TRP A 48 -7.46 -12.13 14.05
N ILE A 49 -6.77 -11.69 13.01
CA ILE A 49 -5.67 -10.75 13.20
C ILE A 49 -6.20 -9.40 13.64
N TRP A 50 -7.32 -8.96 13.06
CA TRP A 50 -7.87 -7.68 13.47
C TRP A 50 -8.60 -7.80 14.80
N ASN A 51 -9.41 -8.84 14.97
CA ASN A 51 -10.17 -8.99 16.19
C ASN A 51 -9.29 -9.16 17.40
N LEU A 52 -8.01 -9.43 17.21
CA LEU A 52 -7.10 -9.50 18.33
C LEU A 52 -6.87 -8.12 18.93
N HIS A 53 -6.51 -7.15 18.08
CA HIS A 53 -6.06 -5.86 18.58
C HIS A 53 -7.17 -5.09 19.27
N ALA A 54 -8.37 -5.13 18.71
CA ALA A 54 -9.47 -4.39 19.30
C ALA A 54 -9.86 -4.95 20.67
N ASP A 55 -9.59 -6.24 20.90
CA ASP A 55 -9.97 -6.90 22.14
C ASP A 55 -8.84 -6.98 23.14
N ALA A 56 -7.69 -6.40 22.85
CA ALA A 56 -6.51 -6.59 23.70
C ALA A 56 -6.63 -5.80 25.00
N HIS A 57 -7.02 -4.54 24.91
CA HIS A 57 -7.17 -3.67 26.06
C HIS A 57 -8.57 -3.60 26.58
N ASP A 58 -9.48 -4.40 26.07
CA ASP A 58 -10.82 -4.42 26.62
C ASP A 58 -10.79 -5.50 27.69
N PHE A 59 -10.79 -5.07 28.95
CA PHE A 59 -10.58 -5.98 30.07
C PHE A 59 -11.89 -6.54 30.60
N ASP A 60 -13.02 -6.08 30.07
CA ASP A 60 -14.30 -6.67 30.43
C ASP A 60 -14.58 -7.94 29.65
N SER A 61 -13.97 -8.07 28.48
CA SER A 61 -14.09 -9.30 27.72
C SER A 61 -13.14 -10.36 28.24
N HIS A 62 -11.94 -9.95 28.65
CA HIS A 62 -10.98 -10.87 29.23
C HIS A 62 -11.58 -11.66 30.37
N THR A 63 -12.08 -10.96 31.38
CA THR A 63 -12.32 -11.53 32.69
C THR A 63 -13.63 -10.98 33.25
N SER A 64 -13.88 -11.27 34.51
CA SER A 64 -15.11 -10.89 35.19
C SER A 64 -14.84 -10.02 36.42
N ASP A 65 -14.18 -10.56 37.43
CA ASP A 65 -14.06 -9.88 38.70
C ASP A 65 -13.21 -8.63 38.58
N LEU A 66 -13.41 -7.72 39.51
CA LEU A 66 -12.66 -6.48 39.51
C LEU A 66 -11.22 -6.68 39.96
N GLU A 67 -10.93 -7.74 40.71
CA GLU A 67 -9.55 -8.03 41.04
C GLU A 67 -8.72 -8.24 39.78
N ASP A 68 -9.19 -9.08 38.87
CA ASP A 68 -8.44 -9.31 37.64
C ASP A 68 -8.45 -8.09 36.74
N ILE A 69 -9.60 -7.42 36.60
CA ILE A 69 -9.65 -6.24 35.76
C ILE A 69 -8.75 -5.14 36.32
N SER A 70 -8.97 -4.77 37.58
CA SER A 70 -8.29 -3.59 38.11
C SER A 70 -6.78 -3.75 38.11
N ARG A 71 -6.29 -4.91 38.53
CA ARG A 71 -4.87 -5.16 38.48
C ARG A 71 -4.32 -4.89 37.09
N LYS A 72 -4.98 -5.43 36.07
CA LYS A 72 -4.55 -5.15 34.70
C LYS A 72 -4.62 -3.66 34.40
N VAL A 73 -5.65 -2.99 34.90
CA VAL A 73 -5.76 -1.56 34.67
C VAL A 73 -4.68 -0.81 35.43
N PHE A 74 -4.56 -1.07 36.72
CA PHE A 74 -3.59 -0.32 37.51
C PHE A 74 -2.17 -0.61 37.05
N SER A 75 -1.84 -1.88 36.84
CA SER A 75 -0.49 -2.21 36.42
C SER A 75 -0.14 -1.61 35.06
N ALA A 76 -1.14 -1.30 34.24
CA ALA A 76 -0.88 -0.73 32.93
C ALA A 76 -0.79 0.78 32.94
N HIS A 77 -1.25 1.46 33.99
CA HIS A 77 -0.98 2.88 34.07
C HIS A 77 0.51 3.14 34.22
N PHE A 78 1.22 2.28 34.94
CA PHE A 78 2.67 2.36 34.97
C PHE A 78 3.25 2.33 33.57
N GLY A 79 2.64 1.55 32.69
CA GLY A 79 3.12 1.52 31.30
C GLY A 79 3.07 2.89 30.65
N GLN A 80 1.91 3.54 30.69
CA GLN A 80 1.79 4.86 30.10
C GLN A 80 2.80 5.83 30.71
N LEU A 81 2.97 5.78 32.03
CA LEU A 81 3.91 6.67 32.68
C LEU A 81 5.34 6.31 32.33
N GLY A 82 5.63 5.03 32.20
CA GLY A 82 6.93 4.64 31.72
C GLY A 82 7.21 5.07 30.30
N ILE A 83 6.17 5.27 29.50
CA ILE A 83 6.35 5.80 28.15
C ILE A 83 6.50 7.31 28.18
N ILE A 84 5.70 8.00 28.98
CA ILE A 84 5.78 9.45 29.02
C ILE A 84 7.15 9.91 29.47
N LEU A 85 7.78 9.16 30.35
CA LEU A 85 9.07 9.59 30.87
C LEU A 85 10.19 9.33 29.89
N ILE A 86 10.15 8.20 29.17
CA ILE A 86 11.06 8.04 28.05
C ILE A 86 10.87 9.16 27.06
N TRP A 87 9.65 9.68 26.96
CA TRP A 87 9.39 10.80 26.08
C TRP A 87 9.97 12.09 26.63
N LEU A 88 9.68 12.44 27.88
CA LEU A 88 10.29 13.62 28.46
C LEU A 88 11.80 13.54 28.47
N SER A 89 12.36 12.37 28.78
CA SER A 89 13.81 12.24 28.75
C SER A 89 14.34 12.54 27.37
N GLY A 90 13.73 11.97 26.33
CA GLY A 90 14.16 12.25 24.98
C GLY A 90 14.08 13.73 24.63
N MET A 91 13.09 14.43 25.16
CA MET A 91 12.95 15.83 24.79
C MET A 91 14.00 16.69 25.47
N TYR A 92 14.42 16.32 26.68
CA TYR A 92 15.51 17.02 27.33
C TYR A 92 16.84 16.67 26.70
N PHE A 93 17.00 15.42 26.29
CA PHE A 93 18.27 15.02 25.68
C PHE A 93 18.50 15.79 24.39
N HIS A 94 17.52 15.81 23.50
CA HIS A 94 17.66 16.62 22.30
C HIS A 94 17.75 18.10 22.61
N GLY A 95 17.44 18.50 23.82
CA GLY A 95 17.76 19.85 24.23
C GLY A 95 19.22 19.90 24.62
N ALA A 96 19.71 18.83 25.24
CA ALA A 96 21.13 18.76 25.57
C ALA A 96 22.00 18.81 24.32
N ARG A 97 22.05 17.73 23.56
CA ARG A 97 23.10 17.66 22.54
C ARG A 97 22.72 18.41 21.27
N PHE A 98 21.53 18.17 20.74
CA PHE A 98 21.23 18.60 19.39
C PHE A 98 20.62 20.00 19.31
N SER A 99 20.20 20.57 20.41
CA SER A 99 19.62 21.91 20.39
C SER A 99 20.69 22.98 20.33
N ASN A 100 20.28 24.17 19.91
CA ASN A 100 21.12 25.35 19.96
C ASN A 100 21.01 26.09 21.28
N TYR A 101 20.39 25.47 22.29
CA TYR A 101 19.81 26.17 23.43
C TYR A 101 20.69 27.27 24.01
N GLU A 102 21.98 26.98 24.22
CA GLU A 102 22.89 27.99 24.76
C GLU A 102 22.81 29.27 23.96
N ALA A 103 22.95 29.15 22.63
CA ALA A 103 22.87 30.33 21.78
C ALA A 103 21.52 31.01 21.88
N TRP A 104 20.43 30.24 21.95
CA TRP A 104 19.13 30.84 22.20
C TRP A 104 19.13 31.54 23.54
N LEU A 105 19.70 30.89 24.55
CA LEU A 105 19.61 31.40 25.90
C LEU A 105 20.26 32.76 26.05
N SER A 106 21.31 33.02 25.26
CA SER A 106 22.00 34.30 25.36
C SER A 106 21.27 35.41 24.60
N ASP A 107 20.76 35.10 23.40
CA ASP A 107 20.09 36.09 22.56
C ASP A 107 18.73 35.56 22.13
N PRO A 108 17.80 35.47 23.07
CA PRO A 108 16.50 34.85 22.75
C PRO A 108 15.64 35.67 21.83
N THR A 109 15.78 37.00 21.84
CA THR A 109 14.90 37.83 21.04
C THR A 109 15.11 37.61 19.55
N HIS A 110 16.22 37.01 19.15
CA HIS A 110 16.53 36.76 17.76
C HIS A 110 16.43 35.28 17.42
N ILE A 111 17.27 34.45 18.05
CA ILE A 111 17.49 33.09 17.60
C ILE A 111 16.21 32.29 17.64
N LYS A 112 15.98 31.57 16.66
CA LYS A 112 14.76 30.79 16.76
C LYS A 112 15.06 29.42 17.38
N PRO A 113 14.10 28.83 18.08
CA PRO A 113 14.37 27.59 18.79
C PRO A 113 14.55 26.40 17.85
N SER A 114 15.51 25.54 18.17
CA SER A 114 15.76 24.36 17.36
C SER A 114 16.32 23.24 18.20
N ALA A 115 15.91 22.00 17.91
CA ALA A 115 16.52 20.82 18.53
C ALA A 115 16.88 19.78 17.49
N GLN A 116 15.86 19.24 16.83
CA GLN A 116 16.05 18.15 15.89
C GLN A 116 17.07 18.52 14.82
N VAL A 117 17.95 17.57 14.51
CA VAL A 117 18.95 17.71 13.47
C VAL A 117 18.83 16.54 12.52
N VAL A 118 18.96 16.81 11.22
CA VAL A 118 18.70 15.85 10.18
C VAL A 118 20.02 15.32 9.64
N TRP A 119 20.17 14.00 9.64
CA TRP A 119 21.31 13.37 8.99
C TRP A 119 21.34 13.75 7.52
N PRO A 120 22.54 13.82 6.92
CA PRO A 120 22.68 14.43 5.59
C PRO A 120 22.08 13.63 4.45
N ILE A 121 21.76 12.36 4.65
CA ILE A 121 21.61 11.44 3.54
C ILE A 121 20.35 11.74 2.73
N VAL A 122 20.34 11.29 1.48
CA VAL A 122 19.18 11.31 0.61
C VAL A 122 18.79 12.75 0.30
N GLY A 123 19.78 13.63 0.28
CA GLY A 123 19.52 15.02 -0.06
C GLY A 123 18.51 15.72 0.82
N GLN A 124 18.27 15.20 2.02
CA GLN A 124 17.28 15.79 2.91
C GLN A 124 17.89 16.75 3.90
N GLU A 125 19.20 16.97 3.86
CA GLU A 125 19.77 17.87 4.85
C GLU A 125 19.36 19.30 4.62
N ILE A 126 18.76 19.61 3.47
CA ILE A 126 18.18 20.93 3.24
C ILE A 126 17.15 21.28 4.29
N LEU A 127 16.54 20.29 4.91
CA LEU A 127 15.62 20.56 6.00
C LEU A 127 16.27 21.31 7.14
N ASN A 128 17.57 21.24 7.27
CA ASN A 128 18.23 22.04 8.29
C ASN A 128 18.15 23.49 7.86
N GLY A 129 17.46 24.30 8.66
CA GLY A 129 17.35 25.70 8.35
C GLY A 129 18.45 26.49 8.99
N ASP A 130 18.89 27.54 8.32
CA ASP A 130 19.74 28.50 9.00
C ASP A 130 18.86 29.21 10.02
N VAL A 131 19.25 29.14 11.29
CA VAL A 131 18.37 29.65 12.33
C VAL A 131 19.11 30.72 13.12
N GLY A 132 20.06 30.30 13.94
CA GLY A 132 20.83 31.24 14.71
C GLY A 132 21.85 30.49 15.54
N GLY A 133 22.72 31.26 16.17
CA GLY A 133 23.78 30.67 16.95
C GLY A 133 24.67 29.75 16.16
N GLY A 134 24.86 30.05 14.88
CA GLY A 134 25.70 29.23 14.02
C GLY A 134 25.26 27.78 14.01
N PHE A 135 23.99 27.55 13.67
CA PHE A 135 23.41 26.24 13.85
C PHE A 135 22.43 25.97 12.71
N GLN A 136 22.22 24.69 12.42
CA GLN A 136 21.29 24.27 11.39
C GLN A 136 20.44 23.13 11.92
N GLY A 137 19.13 23.31 11.88
CA GLY A 137 18.22 22.30 12.37
C GLY A 137 16.78 22.72 12.16
N ILE A 138 15.88 21.90 12.68
CA ILE A 138 14.45 22.14 12.52
C ILE A 138 14.01 23.17 13.55
N GLN A 139 13.01 23.96 13.19
CA GLN A 139 12.38 24.87 14.12
C GLN A 139 11.66 24.07 15.21
N ILE A 140 11.45 24.70 16.36
CA ILE A 140 10.69 24.09 17.45
C ILE A 140 9.49 24.96 17.78
N THR A 141 8.31 24.38 17.68
CA THR A 141 7.10 25.02 18.18
C THR A 141 6.69 24.49 19.55
N SER A 142 7.40 23.50 20.08
CA SER A 142 6.97 22.84 21.30
C SER A 142 6.98 23.79 22.48
N GLY A 143 7.99 24.65 22.57
CA GLY A 143 8.13 25.54 23.69
C GLY A 143 8.95 25.03 24.84
N PHE A 144 9.85 24.07 24.61
CA PHE A 144 10.74 23.68 25.70
C PHE A 144 11.68 24.81 26.07
N PHE A 145 12.25 25.50 25.09
CA PHE A 145 13.22 26.52 25.44
C PHE A 145 12.62 27.58 26.35
N GLN A 146 11.39 27.98 26.08
CA GLN A 146 10.80 29.03 26.89
C GLN A 146 10.21 28.49 28.18
N LEU A 147 10.19 27.18 28.38
CA LEU A 147 10.05 26.63 29.71
C LEU A 147 11.39 26.64 30.45
N TRP A 148 12.43 26.10 29.81
CA TRP A 148 13.70 25.88 30.46
C TRP A 148 14.33 27.17 30.95
N ARG A 149 13.97 28.29 30.35
CA ARG A 149 14.38 29.57 30.90
C ARG A 149 13.65 29.85 32.20
N ALA A 150 12.37 29.51 32.26
CA ALA A 150 11.56 29.78 33.44
C ALA A 150 11.83 28.79 34.57
N SER A 151 12.52 27.70 34.27
CA SER A 151 12.95 26.77 35.32
C SER A 151 14.38 27.05 35.78
N GLY A 152 15.00 28.11 35.28
CA GLY A 152 16.35 28.43 35.69
C GLY A 152 17.35 27.38 35.27
N ILE A 153 17.17 26.80 34.09
CA ILE A 153 18.12 25.86 33.53
C ILE A 153 18.96 26.62 32.51
N THR A 154 20.27 26.65 32.73
CA THR A 154 21.18 27.40 31.88
C THR A 154 22.07 26.47 31.07
N SER A 155 22.97 25.73 31.71
CA SER A 155 23.95 24.97 30.94
C SER A 155 23.29 23.75 30.30
N GLU A 156 24.10 22.99 29.58
CA GLU A 156 23.65 21.73 29.01
C GLU A 156 23.66 20.61 30.03
N LEU A 157 24.38 20.79 31.13
CA LEU A 157 24.52 19.72 32.10
C LEU A 157 23.22 19.46 32.85
N GLU A 158 22.44 20.51 33.11
CA GLU A 158 21.14 20.28 33.73
C GLU A 158 20.26 19.42 32.85
N LEU A 159 20.44 19.49 31.54
CA LEU A 159 19.55 18.76 30.64
C LEU A 159 19.92 17.28 30.62
N TYR A 160 21.22 16.97 30.50
CA TYR A 160 21.64 15.57 30.59
C TYR A 160 21.20 14.96 31.91
N SER A 161 21.24 15.74 32.99
CA SER A 161 20.84 15.20 34.28
C SER A 161 19.36 14.89 34.32
N THR A 162 18.53 15.65 33.61
CA THR A 162 17.12 15.29 33.50
C THR A 162 16.93 14.12 32.55
N ALA A 163 17.60 14.15 31.40
CA ALA A 163 17.51 13.06 30.45
C ALA A 163 17.80 11.72 31.11
N LEU A 164 18.93 11.63 31.81
CA LEU A 164 19.23 10.41 32.55
C LEU A 164 18.25 10.20 33.68
N GLY A 165 18.12 11.17 34.57
CA GLY A 165 17.19 11.04 35.68
C GLY A 165 15.77 10.74 35.21
N GLY A 166 15.36 11.38 34.12
CA GLY A 166 14.07 11.06 33.55
C GLY A 166 14.03 9.66 32.99
N LEU A 167 15.09 9.25 32.29
CA LEU A 167 15.14 7.91 31.75
C LEU A 167 15.40 6.86 32.83
N LEU A 168 16.00 7.26 33.95
CA LEU A 168 16.19 6.33 35.05
C LEU A 168 14.86 6.04 35.73
N LEU A 169 14.16 7.09 36.17
CA LEU A 169 12.90 6.89 36.86
C LEU A 169 11.87 6.22 35.96
N ALA A 170 11.99 6.39 34.64
CA ALA A 170 11.14 5.66 33.72
C ALA A 170 11.31 4.16 33.92
N SER A 171 12.55 3.70 34.10
CA SER A 171 12.78 2.28 34.36
C SER A 171 12.20 1.86 35.69
N ALA A 172 12.10 2.78 36.65
CA ALA A 172 11.48 2.44 37.92
C ALA A 172 9.99 2.18 37.77
N MET A 173 9.36 2.76 36.76
CA MET A 173 7.92 2.61 36.60
C MET A 173 7.58 1.22 36.07
N PHE A 174 8.27 0.79 35.02
CA PHE A 174 7.99 -0.54 34.47
C PHE A 174 8.25 -1.62 35.51
N PHE A 175 9.27 -1.44 36.35
CA PHE A 175 9.42 -2.39 37.45
C PHE A 175 8.24 -2.31 38.39
N ALA A 176 7.79 -1.10 38.73
CA ALA A 176 6.55 -0.97 39.49
C ALA A 176 5.40 -1.63 38.76
N GLY A 177 5.36 -1.52 37.44
CA GLY A 177 4.33 -2.18 36.67
C GLY A 177 4.44 -3.69 36.76
N TRP A 178 5.63 -4.21 36.57
CA TRP A 178 5.84 -5.63 36.76
C TRP A 178 5.51 -6.04 38.19
N PHE A 179 6.04 -5.30 39.16
CA PHE A 179 5.93 -5.71 40.55
C PHE A 179 4.49 -5.76 41.02
N HIS A 180 3.63 -4.87 40.52
CA HIS A 180 2.26 -4.81 41.01
C HIS A 180 1.28 -5.61 40.19
N TYR A 181 1.72 -6.34 39.19
CA TYR A 181 0.82 -7.29 38.56
C TYR A 181 1.26 -8.72 38.83
N HIS A 182 2.45 -9.09 38.39
CA HIS A 182 2.93 -10.44 38.65
C HIS A 182 3.19 -10.66 40.12
N LYS A 183 4.04 -9.84 40.73
CA LYS A 183 4.57 -10.24 42.02
C LYS A 183 3.57 -9.93 43.13
N ALA A 184 3.43 -8.68 43.51
CA ALA A 184 2.55 -8.30 44.60
C ALA A 184 1.41 -7.46 44.04
N ALA A 185 0.23 -8.06 43.94
CA ALA A 185 -0.92 -7.41 43.36
C ALA A 185 -1.93 -7.07 44.44
N PRO A 186 -2.39 -5.83 44.51
CA PRO A 186 -3.40 -5.48 45.51
C PRO A 186 -4.69 -6.25 45.27
N LYS A 187 -5.53 -6.29 46.30
CA LYS A 187 -6.83 -6.93 46.15
C LYS A 187 -7.87 -5.89 45.76
N LEU A 188 -9.11 -6.34 45.61
CA LEU A 188 -10.19 -5.42 45.30
C LEU A 188 -10.34 -4.37 46.38
N GLU A 189 -10.41 -4.80 47.65
CA GLU A 189 -10.65 -3.85 48.73
C GLU A 189 -9.70 -2.68 48.68
N TRP A 190 -8.46 -2.91 48.26
CA TRP A 190 -7.51 -1.82 48.18
C TRP A 190 -7.93 -0.80 47.14
N PHE A 191 -8.36 -1.26 45.97
CA PHE A 191 -8.86 -0.32 44.99
C PHE A 191 -10.21 0.25 45.34
N GLN A 192 -10.88 -0.31 46.35
CA GLN A 192 -12.18 0.19 46.76
C GLN A 192 -12.09 1.35 47.72
N ASN A 193 -10.90 1.79 48.11
CA ASN A 193 -10.79 2.90 49.04
C ASN A 193 -10.67 4.15 48.20
N VAL A 194 -11.76 4.88 48.08
CA VAL A 194 -11.75 6.15 47.38
C VAL A 194 -11.31 7.26 48.28
N GLU A 195 -11.80 7.24 49.51
CA GLU A 195 -11.62 8.38 50.39
C GLU A 195 -10.16 8.51 50.80
N SER A 196 -9.48 7.39 51.00
CA SER A 196 -8.03 7.43 51.10
C SER A 196 -7.41 7.95 49.82
N MET A 197 -7.75 7.31 48.70
CA MET A 197 -7.19 7.70 47.41
C MET A 197 -7.40 9.18 47.14
N MET A 198 -8.56 9.71 47.53
CA MET A 198 -8.84 11.11 47.28
C MET A 198 -8.17 12.02 48.30
N ASN A 199 -8.00 11.59 49.54
CA ASN A 199 -7.17 12.35 50.45
C ASN A 199 -5.76 12.48 49.90
N HIS A 200 -5.22 11.38 49.37
CA HIS A 200 -3.83 11.37 48.93
C HIS A 200 -3.63 12.15 47.65
N HIS A 201 -4.36 11.80 46.58
CA HIS A 201 -4.16 12.51 45.32
C HIS A 201 -4.27 14.00 45.49
N LEU A 202 -5.29 14.44 46.21
CA LEU A 202 -5.55 15.86 46.30
C LEU A 202 -4.51 16.53 47.19
N ALA A 203 -4.17 15.91 48.32
CA ALA A 203 -3.11 16.45 49.16
C ALA A 203 -1.73 16.03 48.67
N GLY A 204 -1.52 14.75 48.40
CA GLY A 204 -0.19 14.28 48.06
C GLY A 204 0.35 14.74 46.73
N LEU A 205 -0.34 14.41 45.63
CA LEU A 205 0.07 14.93 44.35
C LEU A 205 0.00 16.45 44.33
N LEU A 206 -1.21 16.97 44.34
CA LEU A 206 -1.39 18.36 43.99
C LEU A 206 -0.99 19.28 45.12
N GLY A 207 -1.25 18.89 46.36
CA GLY A 207 -0.85 19.72 47.48
C GLY A 207 0.66 19.79 47.64
N LEU A 208 1.31 18.64 47.79
CA LEU A 208 2.75 18.66 47.95
C LEU A 208 3.44 19.05 46.65
N GLY A 209 2.96 18.53 45.53
CA GLY A 209 3.57 18.85 44.26
C GLY A 209 3.53 20.31 43.90
N SER A 210 2.66 21.08 44.53
CA SER A 210 2.70 22.52 44.32
C SER A 210 3.74 23.17 45.22
N LEU A 211 3.78 22.79 46.51
CA LEU A 211 4.83 23.28 47.39
C LEU A 211 6.21 22.97 46.83
N GLY A 212 6.46 21.70 46.56
CA GLY A 212 7.74 21.33 45.99
C GLY A 212 8.12 22.23 44.84
N TRP A 213 7.17 22.54 43.97
CA TRP A 213 7.49 23.45 42.88
C TRP A 213 7.56 24.88 43.35
N ALA A 214 6.72 25.26 44.30
CA ALA A 214 6.86 26.58 44.88
C ALA A 214 8.17 26.73 45.63
N GLY A 215 8.88 25.64 45.89
CA GLY A 215 10.17 25.71 46.53
C GLY A 215 11.28 25.69 45.52
N HIS A 216 10.99 25.22 44.31
CA HIS A 216 11.97 25.34 43.24
C HIS A 216 12.03 26.76 42.71
N GLN A 217 10.87 27.37 42.49
CA GLN A 217 10.87 28.72 41.94
C GLN A 217 11.55 29.71 42.87
N ILE A 218 11.31 29.58 44.16
CA ILE A 218 11.81 30.58 45.08
C ILE A 218 13.33 30.55 45.17
N HIS A 219 13.92 29.36 45.18
CA HIS A 219 15.37 29.25 45.33
C HIS A 219 16.10 29.12 44.01
N LEU A 220 15.40 29.03 42.89
CA LEU A 220 16.12 28.93 41.62
C LEU A 220 15.59 29.91 40.57
N SER A 221 14.36 29.72 40.12
CA SER A 221 13.89 30.51 38.98
C SER A 221 13.84 31.99 39.33
N ILE A 222 13.24 32.33 40.47
CA ILE A 222 13.18 33.74 40.87
C ILE A 222 14.57 34.37 40.91
N PRO A 223 15.57 33.78 41.58
CA PRO A 223 16.92 34.38 41.51
C PRO A 223 17.50 34.40 40.11
N ILE A 224 17.46 33.27 39.40
CA ILE A 224 18.10 33.19 38.08
C ILE A 224 17.48 34.19 37.13
N ASN A 225 16.17 34.09 36.94
CA ASN A 225 15.53 34.91 35.92
C ASN A 225 15.61 36.38 36.25
N LYS A 226 16.08 36.74 37.45
CA LYS A 226 16.44 38.13 37.71
C LYS A 226 17.82 38.46 37.18
N LEU A 227 18.75 37.52 37.26
CA LEU A 227 20.08 37.79 36.75
C LEU A 227 20.11 37.84 35.23
N LEU A 228 19.19 37.14 34.56
CA LEU A 228 19.21 37.15 33.11
C LEU A 228 18.73 38.49 32.57
N ASP A 229 17.46 38.81 32.79
CA ASP A 229 16.94 40.07 32.29
C ASP A 229 17.66 41.27 32.87
N ALA A 230 18.46 41.09 33.92
CA ALA A 230 19.39 42.13 34.33
C ALA A 230 20.53 42.31 33.35
N GLY A 231 20.71 41.39 32.40
CA GLY A 231 21.71 41.53 31.37
C GLY A 231 22.95 40.68 31.51
N VAL A 232 22.97 39.73 32.45
CA VAL A 232 24.11 38.82 32.57
C VAL A 232 23.82 37.69 31.59
N ASP A 233 24.75 36.74 31.44
CA ASP A 233 24.46 35.62 30.55
C ASP A 233 24.88 34.33 31.25
N PRO A 234 24.64 33.13 30.68
CA PRO A 234 24.86 31.91 31.47
C PRO A 234 26.28 31.70 31.91
N LYS A 235 27.25 32.41 31.33
CA LYS A 235 28.64 32.21 31.71
C LYS A 235 28.91 32.70 33.12
N GLU A 236 28.29 33.80 33.53
CA GLU A 236 28.55 34.31 34.87
C GLU A 236 27.52 33.85 35.89
N ILE A 237 26.50 33.13 35.48
CA ILE A 237 25.43 32.79 36.42
C ILE A 237 25.93 31.77 37.43
N PRO A 238 25.79 32.03 38.74
CA PRO A 238 26.21 31.03 39.73
C PRO A 238 25.49 29.72 39.51
N LEU A 239 26.17 28.63 39.84
CA LEU A 239 25.54 27.33 39.76
C LEU A 239 24.29 27.30 40.65
N PRO A 240 23.33 26.44 40.34
CA PRO A 240 22.10 26.41 41.16
C PRO A 240 22.35 26.17 42.63
N HIS A 241 23.19 25.20 42.97
CA HIS A 241 23.44 24.94 44.37
C HIS A 241 24.18 26.08 45.06
N GLU A 242 24.64 27.07 44.30
CA GLU A 242 25.19 28.26 44.94
C GLU A 242 24.10 29.06 45.63
N PHE A 243 22.88 29.01 45.12
CA PHE A 243 21.84 29.89 45.61
C PHE A 243 21.31 29.43 46.97
N LEU A 244 20.97 28.16 47.10
CA LEU A 244 20.44 27.72 48.38
C LEU A 244 21.53 27.47 49.41
N LEU A 245 22.79 27.35 48.99
CA LEU A 245 23.89 27.19 49.92
C LEU A 245 24.59 28.50 50.26
N ASN A 246 24.19 29.60 49.64
CA ASN A 246 24.69 30.92 50.01
C ASN A 246 23.49 31.82 50.29
N ARG A 247 23.41 32.32 51.51
CA ARG A 247 22.44 33.36 51.81
C ARG A 247 22.90 34.70 51.25
N GLU A 248 24.07 35.17 51.69
CA GLU A 248 24.57 36.48 51.29
C GLU A 248 24.57 36.66 49.79
N LEU A 249 24.73 35.58 49.02
CA LEU A 249 24.51 35.66 47.58
C LEU A 249 23.04 35.90 47.28
N MET A 250 22.16 35.14 47.93
CA MET A 250 20.72 35.28 47.70
C MET A 250 20.20 36.61 48.22
N ALA A 251 20.67 37.03 49.39
CA ALA A 251 20.15 38.24 50.00
C ALA A 251 20.43 39.46 49.13
N GLY A 252 21.49 39.43 48.33
CA GLY A 252 21.78 40.55 47.45
C GLY A 252 20.66 40.78 46.45
N LEU A 253 20.19 39.71 45.81
CA LEU A 253 19.04 39.77 44.93
C LEU A 253 17.81 40.30 45.67
N TYR A 254 17.34 39.52 46.65
CA TYR A 254 16.18 39.91 47.44
C TYR A 254 16.59 40.08 48.89
N PRO A 255 16.49 41.28 49.45
CA PRO A 255 17.05 41.53 50.78
C PRO A 255 16.35 40.79 51.90
N SER A 256 15.15 40.28 51.67
CA SER A 256 14.39 39.69 52.76
C SER A 256 14.89 38.31 53.17
N PHE A 257 15.78 37.69 52.40
CA PHE A 257 16.41 36.46 52.85
C PHE A 257 17.30 36.69 54.05
N SER A 258 17.80 37.91 54.23
CA SER A 258 18.50 38.26 55.46
C SER A 258 17.61 38.12 56.68
N ALA A 259 16.28 38.14 56.49
CA ALA A 259 15.36 37.93 57.59
C ALA A 259 15.22 36.46 57.96
N GLY A 260 15.71 35.55 57.13
CA GLY A 260 15.63 34.14 57.45
C GLY A 260 14.19 33.67 57.44
N LEU A 261 13.90 32.70 58.31
CA LEU A 261 12.58 32.15 58.45
C LEU A 261 11.77 32.79 59.56
N LYS A 262 12.34 33.76 60.27
CA LYS A 262 11.59 34.43 61.33
C LYS A 262 10.30 35.04 60.80
N PRO A 263 10.32 35.89 59.79
CA PRO A 263 9.06 36.51 59.34
C PRO A 263 7.99 35.50 59.01
N PHE A 264 8.37 34.33 58.50
CA PHE A 264 7.40 33.26 58.31
C PHE A 264 6.86 32.79 59.65
N PHE A 265 7.74 32.62 60.63
CA PHE A 265 7.35 32.16 61.96
C PHE A 265 6.82 33.30 62.83
N THR A 266 7.45 34.47 62.78
CA THR A 266 6.90 35.58 63.56
C THR A 266 5.59 36.08 62.97
N LEU A 267 5.14 35.47 61.87
CA LEU A 267 3.78 35.60 61.37
C LEU A 267 3.48 36.98 60.81
N ASN A 268 4.48 37.65 60.27
CA ASN A 268 4.25 38.79 59.38
C ASN A 268 4.78 38.43 58.00
N TRP A 269 3.87 38.12 57.08
CA TRP A 269 4.31 37.76 55.75
C TRP A 269 4.46 38.93 54.82
N SER A 270 3.96 40.10 55.20
CA SER A 270 4.21 41.30 54.42
C SER A 270 5.70 41.52 54.24
N GLU A 271 6.51 40.86 55.08
CA GLU A 271 7.96 40.96 54.97
C GLU A 271 8.45 40.47 53.61
N TYR A 272 7.79 39.46 53.05
CA TYR A 272 8.29 38.85 51.84
C TYR A 272 7.79 39.53 50.58
N SER A 273 7.13 40.68 50.71
CA SER A 273 6.49 41.31 49.56
C SER A 273 7.45 41.57 48.42
N ASP A 274 8.75 41.46 48.65
CA ASP A 274 9.70 41.58 47.55
C ASP A 274 9.67 40.36 46.66
N PHE A 275 9.88 39.16 47.22
CA PHE A 275 9.91 37.96 46.39
C PHE A 275 8.61 37.16 46.41
N LEU A 276 7.62 37.59 47.18
CA LEU A 276 6.26 37.08 47.03
C LEU A 276 5.37 38.29 46.84
N THR A 277 4.79 38.42 45.66
CA THR A 277 4.01 39.59 45.31
C THR A 277 2.61 39.18 44.93
N PHE A 278 1.79 40.18 44.65
CA PHE A 278 0.55 39.98 43.92
C PHE A 278 0.55 41.08 42.86
N LYS A 279 0.68 40.71 41.60
CA LYS A 279 0.86 41.77 40.61
C LYS A 279 -0.19 41.67 39.52
N GLY A 280 -0.11 40.66 38.69
CA GLY A 280 -1.02 40.55 37.56
C GLY A 280 -0.49 41.42 36.45
N GLY A 281 -0.78 41.05 35.20
CA GLY A 281 -0.19 41.72 34.07
C GLY A 281 1.09 41.03 33.63
N LEU A 282 1.56 41.43 32.46
CA LEU A 282 2.72 40.80 31.85
C LEU A 282 3.97 41.62 32.14
N ASN A 283 5.08 40.94 32.33
CA ASN A 283 6.33 41.64 32.58
C ASN A 283 6.85 42.23 31.28
N PRO A 284 6.90 43.55 31.11
CA PRO A 284 7.28 44.14 29.83
C PRO A 284 8.78 44.14 29.57
N ILE A 285 9.41 42.98 29.79
CA ILE A 285 10.75 42.70 29.30
C ILE A 285 10.75 41.34 28.64
N ASN A 286 10.47 40.29 29.42
CA ASN A 286 10.33 38.95 28.86
C ASN A 286 8.99 38.75 28.21
N GLY A 287 7.97 39.51 28.63
CA GLY A 287 6.63 39.33 28.15
C GLY A 287 5.79 38.40 28.98
N GLY A 288 6.42 37.50 29.75
CA GLY A 288 5.67 36.56 30.54
C GLY A 288 4.97 37.22 31.72
N LEU A 289 4.31 36.39 32.51
CA LEU A 289 3.80 36.83 33.78
C LEU A 289 4.95 37.08 34.73
N TRP A 290 4.81 38.08 35.59
CA TRP A 290 5.86 38.36 36.55
C TRP A 290 6.09 37.13 37.41
N LEU A 291 7.33 36.65 37.39
CA LEU A 291 7.61 35.34 37.97
C LEU A 291 7.66 35.38 39.48
N THR A 292 7.55 36.56 40.10
CA THR A 292 7.50 36.62 41.55
C THR A 292 6.19 36.06 42.08
N ASP A 293 5.06 36.41 41.46
CA ASP A 293 3.80 35.99 42.02
C ASP A 293 3.44 34.55 41.65
N ILE A 294 4.04 34.00 40.60
CA ILE A 294 3.79 32.61 40.26
C ILE A 294 4.23 31.70 41.40
N ALA A 295 5.31 32.05 42.07
CA ALA A 295 5.66 31.33 43.29
C ALA A 295 4.59 31.57 44.34
N HIS A 296 4.18 32.82 44.51
CA HIS A 296 3.07 33.13 45.40
C HIS A 296 1.79 32.47 44.91
N HIS A 297 1.74 32.05 43.66
CA HIS A 297 0.62 31.29 43.15
C HIS A 297 0.62 29.88 43.69
N HIS A 298 1.60 29.06 43.29
CA HIS A 298 1.62 27.66 43.70
C HIS A 298 1.54 27.52 45.21
N LEU A 299 2.37 28.29 45.91
CA LEU A 299 2.31 28.36 47.36
C LEU A 299 0.89 28.58 47.87
N ALA A 300 0.18 29.54 47.29
CA ALA A 300 -1.17 29.81 47.75
C ALA A 300 -2.11 28.66 47.45
N ILE A 301 -1.89 27.96 46.33
CA ILE A 301 -2.71 26.80 46.02
C ILE A 301 -2.36 25.62 46.90
N ALA A 302 -1.07 25.30 46.98
CA ALA A 302 -0.64 24.15 47.76
C ALA A 302 -1.23 24.19 49.16
N VAL A 303 -1.12 25.33 49.83
CA VAL A 303 -1.74 25.46 51.15
C VAL A 303 -3.21 25.13 51.06
N LEU A 304 -3.85 25.48 49.96
CA LEU A 304 -5.28 25.25 49.86
C LEU A 304 -5.63 23.81 49.50
N PHE A 305 -4.81 23.12 48.72
CA PHE A 305 -5.09 21.72 48.44
C PHE A 305 -4.94 20.86 49.70
N ILE A 306 -3.80 20.96 50.38
CA ILE A 306 -3.61 20.13 51.57
C ILE A 306 -4.78 20.29 52.53
N ILE A 307 -5.33 21.50 52.64
CA ILE A 307 -6.55 21.66 53.41
C ILE A 307 -7.64 20.75 52.85
N ALA A 308 -7.88 20.83 51.56
CA ALA A 308 -8.98 20.13 50.94
C ALA A 308 -8.77 18.63 50.86
N GLY A 309 -7.62 18.13 51.24
CA GLY A 309 -7.45 16.69 51.26
C GLY A 309 -7.88 16.03 52.55
N HIS A 310 -8.25 16.82 53.54
CA HIS A 310 -8.59 16.28 54.84
C HIS A 310 -10.08 16.10 55.06
N MET A 311 -10.90 16.30 54.04
CA MET A 311 -12.33 16.22 54.29
C MET A 311 -12.88 14.80 54.23
N TYR A 312 -12.06 13.79 53.94
CA TYR A 312 -12.54 12.42 53.87
C TYR A 312 -11.94 11.61 55.00
N ARG A 313 -12.78 10.87 55.73
CA ARG A 313 -12.31 10.06 56.83
C ARG A 313 -11.67 8.79 56.30
N THR A 314 -10.68 8.27 57.02
CA THR A 314 -10.16 6.97 56.65
C THR A 314 -10.19 5.98 57.81
N ASN A 315 -9.19 6.04 58.69
CA ASN A 315 -9.21 5.26 59.91
C ASN A 315 -9.91 5.95 61.07
N TRP A 316 -9.68 7.24 61.22
CA TRP A 316 -9.79 7.90 62.52
C TRP A 316 -11.12 8.55 62.78
N GLY A 317 -12.10 8.40 61.89
CA GLY A 317 -13.41 8.96 62.18
C GLY A 317 -13.47 10.47 62.15
N ILE A 318 -12.59 11.12 61.41
CA ILE A 318 -12.62 12.56 61.22
C ILE A 318 -12.70 12.84 59.73
N GLY A 319 -13.71 13.57 59.32
CA GLY A 319 -13.92 13.80 57.91
C GLY A 319 -15.09 13.00 57.38
N HIS A 320 -15.55 13.40 56.20
CA HIS A 320 -16.76 12.84 55.66
C HIS A 320 -16.50 11.44 55.12
N SER A 321 -17.58 10.70 54.94
CA SER A 321 -17.55 9.61 53.99
C SER A 321 -18.20 10.08 52.70
N MET A 322 -18.17 9.24 51.68
CA MET A 322 -18.88 9.57 50.46
C MET A 322 -20.34 9.20 50.59
N LYS A 323 -20.62 7.93 50.82
CA LYS A 323 -21.98 7.40 50.75
C LYS A 323 -22.98 8.27 51.50
N GLU A 324 -22.55 8.91 52.59
CA GLU A 324 -23.44 9.82 53.29
C GLU A 324 -23.66 11.10 52.51
N ILE A 325 -22.61 11.66 51.91
CA ILE A 325 -22.76 12.92 51.19
C ILE A 325 -23.80 12.77 50.10
N LEU A 326 -23.72 11.70 49.32
CA LEU A 326 -24.63 11.53 48.20
C LEU A 326 -26.04 11.21 48.67
N GLU A 327 -26.18 10.21 49.55
CA GLU A 327 -27.49 9.72 49.92
C GLU A 327 -28.26 10.66 50.82
N SER A 328 -27.65 11.74 51.27
CA SER A 328 -28.35 12.73 52.07
C SER A 328 -28.92 13.88 51.25
N HIS A 329 -28.76 13.84 49.93
CA HIS A 329 -29.34 14.83 49.04
C HIS A 329 -30.54 14.20 48.34
N LYS A 330 -31.74 14.62 48.73
CA LYS A 330 -32.97 14.21 48.06
C LYS A 330 -33.86 15.43 47.88
N GLY A 331 -34.13 15.79 46.65
CA GLY A 331 -35.06 16.86 46.38
C GLY A 331 -36.45 16.32 46.16
N PRO A 332 -37.44 17.20 46.16
CA PRO A 332 -38.79 16.75 45.78
C PRO A 332 -38.90 16.37 44.32
N PHE A 333 -38.28 17.14 43.43
CA PHE A 333 -38.38 16.85 42.00
C PHE A 333 -37.70 15.53 41.66
N THR A 334 -36.57 15.24 42.29
CA THR A 334 -35.70 14.17 41.84
C THR A 334 -35.96 12.85 42.53
N GLY A 335 -36.98 12.74 43.37
CA GLY A 335 -37.20 11.46 44.00
C GLY A 335 -36.09 11.11 44.97
N ALA A 336 -35.42 9.99 44.74
CA ALA A 336 -34.44 9.47 45.69
C ALA A 336 -33.07 10.12 45.55
N GLY A 337 -32.92 11.11 44.68
CA GLY A 337 -31.68 11.86 44.65
C GLY A 337 -30.52 10.98 44.22
N HIS A 338 -29.40 11.10 44.92
CA HIS A 338 -28.25 10.26 44.64
C HIS A 338 -28.26 9.21 45.73
N GLN A 339 -28.86 8.04 45.49
CA GLN A 339 -28.55 6.92 46.34
C GLN A 339 -27.73 5.86 45.65
N GLY A 340 -27.61 5.94 44.34
CA GLY A 340 -27.01 4.85 43.60
C GLY A 340 -25.62 5.17 43.12
N LEU A 341 -25.26 6.45 43.16
CA LEU A 341 -24.08 6.88 42.44
C LEU A 341 -22.82 6.31 43.05
N TYR A 342 -22.81 6.08 44.36
CA TYR A 342 -21.60 5.63 45.01
C TYR A 342 -21.22 4.24 44.56
N GLU A 343 -22.15 3.30 44.66
CA GLU A 343 -21.87 1.94 44.26
C GLU A 343 -21.77 1.77 42.75
N ILE A 344 -22.11 2.79 41.98
CA ILE A 344 -21.75 2.76 40.56
C ILE A 344 -20.29 3.11 40.37
N LEU A 345 -19.85 4.19 40.99
CA LEU A 345 -18.55 4.73 40.68
C LEU A 345 -17.41 3.97 41.32
N THR A 346 -17.68 3.19 42.36
CA THR A 346 -16.64 2.33 42.92
C THR A 346 -16.67 0.91 42.36
N ASN A 347 -17.73 0.52 41.67
CA ASN A 347 -17.82 -0.84 41.14
C ASN A 347 -17.53 -0.95 39.65
N SER A 348 -17.31 0.15 38.95
CA SER A 348 -17.15 0.07 37.49
C SER A 348 -16.13 1.10 37.03
N TRP A 349 -15.25 0.67 36.13
CA TRP A 349 -14.24 1.58 35.62
C TRP A 349 -14.79 2.53 34.57
N HIS A 350 -15.52 2.00 33.59
CA HIS A 350 -15.99 2.86 32.50
C HIS A 350 -16.84 4.00 33.02
N ALA A 351 -17.60 3.79 34.09
CA ALA A 351 -18.30 4.90 34.70
C ALA A 351 -17.32 5.94 35.19
N GLN A 352 -16.33 5.52 35.97
CA GLN A 352 -15.38 6.46 36.54
C GLN A 352 -14.42 6.99 35.48
N LEU A 353 -14.36 6.35 34.32
CA LEU A 353 -13.55 6.88 33.22
C LEU A 353 -14.28 7.97 32.45
N ALA A 354 -15.56 7.79 32.20
CA ALA A 354 -16.31 8.81 31.48
C ALA A 354 -16.33 10.13 32.24
N ILE A 355 -16.45 10.07 33.56
CA ILE A 355 -16.42 11.28 34.36
C ILE A 355 -15.06 11.94 34.27
N ASN A 356 -13.99 11.14 34.25
CA ASN A 356 -12.66 11.71 34.23
C ASN A 356 -12.36 12.35 32.88
N LEU A 357 -12.60 11.62 31.79
CA LEU A 357 -12.33 12.15 30.46
C LEU A 357 -13.16 13.38 30.17
N ALA A 358 -14.37 13.47 30.72
CA ALA A 358 -15.19 14.65 30.54
C ALA A 358 -14.44 15.89 31.01
N LEU A 359 -14.25 16.03 32.31
CA LEU A 359 -13.56 17.21 32.81
C LEU A 359 -12.14 17.29 32.30
N PHE A 360 -11.34 16.27 32.58
CA PHE A 360 -9.92 16.30 32.25
C PHE A 360 -9.69 16.49 30.76
N GLY A 361 -10.69 16.23 29.94
CA GLY A 361 -10.64 16.68 28.56
C GLY A 361 -10.83 18.17 28.43
N SER A 362 -11.94 18.69 28.95
CA SER A 362 -12.26 20.10 28.75
C SER A 362 -11.35 21.00 29.55
N LEU A 363 -10.69 20.47 30.57
CA LEU A 363 -9.67 21.24 31.26
C LEU A 363 -8.53 21.60 30.33
N SER A 364 -8.18 20.71 29.41
CA SER A 364 -7.17 21.02 28.41
C SER A 364 -7.58 22.21 27.57
N ILE A 365 -8.83 22.24 27.12
CA ILE A 365 -9.28 23.37 26.31
C ILE A 365 -9.23 24.65 27.10
N ILE A 366 -9.54 24.58 28.39
CA ILE A 366 -9.44 25.75 29.27
C ILE A 366 -8.01 26.23 29.36
N VAL A 367 -7.06 25.29 29.51
CA VAL A 367 -5.65 25.67 29.51
C VAL A 367 -5.29 26.42 28.23
N ALA A 368 -5.86 26.00 27.10
CA ALA A 368 -5.51 26.61 25.82
C ALA A 368 -5.89 28.08 25.78
N HIS A 369 -6.89 28.48 26.55
CA HIS A 369 -7.21 29.91 26.63
C HIS A 369 -6.28 30.65 27.56
N HIS A 370 -5.94 30.07 28.70
CA HIS A 370 -5.18 30.81 29.69
C HIS A 370 -3.73 30.99 29.26
N MET A 371 -3.04 29.90 28.93
CA MET A 371 -1.66 30.03 28.47
C MET A 371 -1.59 30.97 27.28
N TYR A 372 -2.64 30.99 26.48
CA TYR A 372 -2.76 31.97 25.42
C TYR A 372 -2.93 33.38 25.96
N ALA A 373 -3.97 33.60 26.77
CA ALA A 373 -4.39 34.97 27.06
C ALA A 373 -3.41 35.68 27.98
N MET A 374 -2.68 34.95 28.80
CA MET A 374 -1.70 35.52 29.72
C MET A 374 -0.49 34.62 29.77
N PRO A 375 0.42 34.76 28.81
CA PRO A 375 1.49 33.78 28.66
C PRO A 375 2.35 33.76 29.89
N PRO A 376 2.48 32.62 30.54
CA PRO A 376 3.33 32.54 31.72
C PRO A 376 4.71 31.98 31.42
N TYR A 377 5.39 32.52 30.43
CA TYR A 377 6.77 32.12 30.16
C TYR A 377 7.50 33.31 29.60
N PRO A 378 8.80 33.43 29.88
CA PRO A 378 9.59 34.46 29.22
C PRO A 378 9.63 34.22 27.73
N TYR A 379 9.35 35.27 26.96
CA TYR A 379 9.57 35.31 25.52
C TYR A 379 8.66 34.36 24.74
N LEU A 380 7.48 34.02 25.25
CA LEU A 380 6.51 33.36 24.37
C LEU A 380 5.95 34.30 23.31
N ALA A 381 6.00 35.61 23.56
CA ALA A 381 5.42 36.56 22.61
C ALA A 381 6.24 36.63 21.33
N THR A 382 7.56 36.77 21.45
CA THR A 382 8.40 36.94 20.29
C THR A 382 8.45 35.71 19.39
N ASP A 383 7.93 34.57 19.85
CA ASP A 383 7.77 33.39 19.01
C ASP A 383 6.28 33.14 18.89
N TYR A 384 5.72 33.44 17.72
CA TYR A 384 4.28 33.27 17.58
C TYR A 384 3.91 31.83 17.29
N GLY A 385 4.79 31.09 16.63
CA GLY A 385 4.50 29.71 16.32
C GLY A 385 4.27 28.86 17.56
N THR A 386 4.92 29.20 18.66
CA THR A 386 4.75 28.42 19.88
C THR A 386 3.42 28.71 20.54
N GLN A 387 3.00 29.98 20.60
CA GLN A 387 1.71 30.28 21.20
C GLN A 387 0.57 29.69 20.38
N LEU A 388 0.71 29.70 19.06
CA LEU A 388 -0.31 29.10 18.21
C LEU A 388 -0.30 27.59 18.35
N SER A 389 0.87 26.98 18.21
CA SER A 389 0.96 25.54 18.29
C SER A 389 0.49 24.99 19.62
N LEU A 390 0.53 25.78 20.68
CA LEU A 390 0.03 25.33 21.96
C LEU A 390 -1.42 25.71 22.22
N PHE A 391 -2.02 26.57 21.39
CA PHE A 391 -3.46 26.73 21.48
C PHE A 391 -4.17 25.65 20.68
N THR A 392 -3.63 25.29 19.52
CA THR A 392 -4.25 24.24 18.73
C THR A 392 -4.01 22.88 19.35
N HIS A 393 -2.85 22.68 19.96
CA HIS A 393 -2.56 21.38 20.55
C HIS A 393 -3.55 21.03 21.63
N HIS A 394 -3.65 21.88 22.66
CA HIS A 394 -4.43 21.49 23.82
C HIS A 394 -5.92 21.43 23.53
N THR A 395 -6.41 22.19 22.56
CA THR A 395 -7.81 22.06 22.21
C THR A 395 -8.11 20.66 21.69
N TRP A 396 -7.40 20.24 20.65
CA TRP A 396 -7.65 18.92 20.10
C TRP A 396 -7.52 17.85 21.16
N ILE A 397 -6.42 17.88 21.91
CA ILE A 397 -6.25 16.87 22.96
C ILE A 397 -7.38 16.95 23.96
N GLY A 398 -7.90 18.14 24.21
CA GLY A 398 -9.10 18.24 25.01
C GLY A 398 -10.35 17.87 24.26
N GLY A 399 -10.30 17.90 22.94
CA GLY A 399 -11.46 17.55 22.15
C GLY A 399 -11.69 16.07 22.10
N PHE A 400 -10.64 15.29 21.87
CA PHE A 400 -10.78 13.84 21.89
C PHE A 400 -11.21 13.35 23.27
N CYS A 401 -10.53 13.80 24.31
CA CYS A 401 -10.85 13.30 25.64
C CYS A 401 -12.26 13.64 26.07
N ILE A 402 -12.93 14.57 25.39
CA ILE A 402 -14.36 14.74 25.64
C ILE A 402 -15.16 13.63 25.00
N VAL A 403 -14.89 13.35 23.72
CA VAL A 403 -15.56 12.24 23.06
C VAL A 403 -15.28 10.94 23.77
N GLY A 404 -14.18 10.86 24.52
CA GLY A 404 -13.99 9.71 25.39
C GLY A 404 -15.11 9.58 26.39
N ALA A 405 -15.55 10.69 26.96
CA ALA A 405 -16.67 10.66 27.88
C ALA A 405 -17.92 10.19 27.18
N GLY A 406 -18.13 10.65 25.95
CA GLY A 406 -19.27 10.17 25.18
C GLY A 406 -19.23 8.69 24.93
N ALA A 407 -18.03 8.13 24.72
CA ALA A 407 -17.96 6.72 24.35
C ALA A 407 -18.08 5.81 25.56
N HIS A 408 -17.41 6.15 26.65
CA HIS A 408 -17.39 5.25 27.79
C HIS A 408 -18.65 5.32 28.63
N ALA A 409 -19.26 6.49 28.75
CA ALA A 409 -20.57 6.54 29.38
C ALA A 409 -21.52 5.59 28.68
N ALA A 410 -21.44 5.51 27.35
CA ALA A 410 -22.26 4.56 26.62
C ALA A 410 -21.85 3.13 26.93
N ILE A 411 -20.57 2.89 27.22
CA ILE A 411 -20.13 1.54 27.55
C ILE A 411 -20.67 1.13 28.91
N PHE A 412 -20.78 2.08 29.84
CA PHE A 412 -21.35 1.75 31.13
C PHE A 412 -22.80 1.30 30.99
N MET A 413 -23.61 2.08 30.27
CA MET A 413 -25.00 1.71 30.09
C MET A 413 -25.12 0.28 29.59
N VAL A 414 -24.49 0.00 28.46
CA VAL A 414 -24.68 -1.27 27.77
C VAL A 414 -24.27 -2.43 28.67
N ARG A 415 -23.22 -2.24 29.46
CA ARG A 415 -22.56 -3.36 30.10
C ARG A 415 -22.67 -3.33 31.60
N ASP A 416 -22.15 -2.31 32.26
CA ASP A 416 -22.01 -2.33 33.71
C ASP A 416 -23.29 -1.92 34.43
N TYR A 417 -24.33 -1.54 33.72
CA TYR A 417 -25.51 -0.94 34.32
C TYR A 417 -26.53 -1.99 34.71
N ASP A 418 -26.91 -2.00 35.99
CA ASP A 418 -27.96 -2.89 36.44
C ASP A 418 -29.08 -2.11 37.12
N PRO A 419 -30.34 -2.48 36.87
CA PRO A 419 -31.46 -1.72 37.45
C PRO A 419 -31.61 -1.91 38.94
N THR A 420 -31.31 -3.10 39.45
CA THR A 420 -31.60 -3.41 40.85
C THR A 420 -30.93 -2.45 41.81
N ASN A 421 -29.80 -1.85 41.42
CA ASN A 421 -29.12 -0.94 42.33
C ASN A 421 -29.77 0.43 42.34
N ASN A 422 -30.12 0.96 41.18
CA ASN A 422 -30.69 2.29 41.07
C ASN A 422 -32.12 2.20 40.57
N TYR A 423 -33.06 2.47 41.47
CA TYR A 423 -34.48 2.54 41.18
C TYR A 423 -34.99 3.88 41.64
N ASN A 424 -35.71 4.58 40.78
CA ASN A 424 -36.10 5.97 41.01
C ASN A 424 -34.90 6.74 41.53
N ASN A 425 -33.86 6.74 40.71
CA ASN A 425 -32.59 7.38 40.97
C ASN A 425 -32.47 8.63 40.09
N LEU A 426 -31.35 9.33 40.18
CA LEU A 426 -31.12 10.37 39.20
C LEU A 426 -30.73 9.77 37.86
N LEU A 427 -30.02 8.65 37.88
CA LEU A 427 -29.75 7.97 36.61
C LEU A 427 -31.03 7.40 36.05
N ASP A 428 -31.82 6.76 36.90
CA ASP A 428 -33.06 6.16 36.47
C ASP A 428 -33.96 7.21 35.81
N ARG A 429 -34.30 8.25 36.55
CA ARG A 429 -35.26 9.25 36.09
C ARG A 429 -34.78 9.98 34.84
N VAL A 430 -33.52 9.84 34.46
CA VAL A 430 -33.05 10.39 33.20
C VAL A 430 -33.40 9.48 32.04
N ILE A 431 -33.14 8.18 32.18
CA ILE A 431 -33.46 7.24 31.10
C ILE A 431 -34.94 7.30 30.77
N ARG A 432 -35.75 7.70 31.74
CA ARG A 432 -37.19 7.54 31.60
C ARG A 432 -37.82 8.64 30.78
N HIS A 433 -37.38 9.88 30.95
CA HIS A 433 -37.91 10.99 30.18
C HIS A 433 -37.05 11.34 28.98
N ARG A 434 -36.07 10.48 28.64
CA ARG A 434 -35.03 10.81 27.66
C ARG A 434 -35.59 11.43 26.39
N ASP A 435 -36.76 10.98 25.94
CA ASP A 435 -37.36 11.56 24.75
C ASP A 435 -37.56 13.06 24.87
N ALA A 436 -37.65 13.59 26.08
CA ALA A 436 -37.77 15.04 26.24
C ALA A 436 -36.43 15.73 26.06
N ILE A 437 -35.40 15.20 26.72
CA ILE A 437 -34.07 15.81 26.65
C ILE A 437 -33.61 15.90 25.22
N ILE A 438 -33.52 14.76 24.54
CA ILE A 438 -33.03 14.72 23.18
C ILE A 438 -33.86 15.61 22.27
N SER A 439 -35.17 15.60 22.44
CA SER A 439 -36.02 16.40 21.58
C SER A 439 -35.70 17.88 21.71
N HIS A 440 -35.55 18.38 22.93
CA HIS A 440 -35.28 19.81 23.10
C HIS A 440 -33.90 20.17 22.59
N LEU A 441 -32.89 19.38 22.92
CA LEU A 441 -31.57 19.65 22.39
C LEU A 441 -31.63 19.66 20.88
N ASN A 442 -32.36 18.71 20.31
CA ASN A 442 -32.52 18.65 18.86
C ASN A 442 -33.20 19.89 18.31
N TRP A 443 -34.01 20.56 19.11
CA TRP A 443 -34.54 21.82 18.64
C TRP A 443 -33.54 22.95 18.76
N VAL A 444 -32.70 22.92 19.80
CA VAL A 444 -31.78 24.03 19.99
C VAL A 444 -30.79 24.11 18.84
N CYS A 445 -30.40 22.95 18.32
CA CYS A 445 -29.45 22.93 17.21
C CYS A 445 -30.07 23.55 15.96
N ILE A 446 -31.23 23.05 15.56
CA ILE A 446 -31.94 23.62 14.41
C ILE A 446 -32.13 25.12 14.59
N PHE A 447 -32.41 25.55 15.81
CA PHE A 447 -32.50 26.97 16.08
C PHE A 447 -31.21 27.67 15.71
N LEU A 448 -30.11 27.25 16.32
CA LEU A 448 -28.84 27.88 16.01
C LEU A 448 -28.40 27.62 14.58
N GLY A 449 -28.83 26.50 14.01
CA GLY A 449 -28.48 26.22 12.63
C GLY A 449 -28.80 27.37 11.70
N PHE A 450 -30.02 27.86 11.75
CA PHE A 450 -30.38 28.97 10.89
C PHE A 450 -29.83 30.29 11.41
N HIS A 451 -29.89 30.51 12.71
CA HIS A 451 -29.46 31.80 13.24
C HIS A 451 -27.95 31.93 13.24
N SER A 452 -27.25 30.97 13.84
CA SER A 452 -25.80 31.06 13.84
C SER A 452 -25.27 31.07 12.41
N PHE A 453 -25.42 29.95 11.71
CA PHE A 453 -24.82 29.82 10.40
C PHE A 453 -25.52 30.71 9.37
N GLY A 454 -26.85 30.58 9.26
CA GLY A 454 -27.56 31.22 8.17
C GLY A 454 -27.25 32.69 7.99
N LEU A 455 -26.95 33.38 9.09
CA LEU A 455 -26.63 34.81 8.96
C LEU A 455 -25.43 35.06 8.07
N TYR A 456 -24.54 34.09 7.90
CA TYR A 456 -23.50 34.28 6.90
C TYR A 456 -24.08 34.23 5.50
N ILE A 457 -25.01 33.30 5.27
CA ILE A 457 -25.59 33.14 3.95
C ILE A 457 -26.30 34.42 3.54
N HIS A 458 -27.00 35.05 4.47
CA HIS A 458 -27.48 36.41 4.25
C HIS A 458 -26.33 37.32 3.87
N ASN A 459 -25.27 37.33 4.68
CA ASN A 459 -24.15 38.21 4.39
C ASN A 459 -23.49 37.83 3.06
N ASP A 460 -23.34 36.53 2.80
CA ASP A 460 -22.85 36.10 1.50
C ASP A 460 -23.71 36.65 0.37
N THR A 461 -25.02 36.45 0.46
CA THR A 461 -25.88 36.79 -0.65
C THR A 461 -25.98 38.30 -0.83
N MET A 462 -26.31 39.02 0.25
CA MET A 462 -26.49 40.46 0.14
C MET A 462 -25.26 41.14 -0.43
N SER A 463 -24.08 40.58 -0.17
CA SER A 463 -22.90 41.05 -0.87
C SER A 463 -23.08 40.88 -2.37
N ALA A 464 -23.14 39.63 -2.81
CA ALA A 464 -23.14 39.32 -4.23
C ALA A 464 -24.26 39.99 -5.01
N LEU A 465 -25.31 40.45 -4.33
CA LEU A 465 -26.35 41.23 -4.98
C LEU A 465 -26.05 42.72 -4.96
N GLY A 466 -24.88 43.11 -4.48
CA GLY A 466 -24.47 44.50 -4.58
C GLY A 466 -25.23 45.44 -3.69
N ARG A 467 -25.64 44.97 -2.53
CA ARG A 467 -26.38 45.77 -1.55
C ARG A 467 -25.71 45.64 -0.19
N PRO A 468 -24.53 46.25 -0.03
CA PRO A 468 -23.82 46.14 1.24
C PRO A 468 -24.54 46.80 2.41
N GLN A 469 -25.54 47.64 2.14
CA GLN A 469 -26.28 48.29 3.22
C GLN A 469 -26.93 47.28 4.16
N ASP A 470 -27.05 46.03 3.75
CA ASP A 470 -27.85 44.99 4.41
C ASP A 470 -27.02 44.06 5.27
N MET A 471 -25.96 43.49 4.71
CA MET A 471 -25.16 42.47 5.40
C MET A 471 -24.83 42.92 6.82
N PHE A 472 -25.06 42.03 7.78
CA PHE A 472 -24.71 42.33 9.16
C PHE A 472 -23.22 42.65 9.24
N SER A 473 -22.89 43.79 9.79
CA SER A 473 -21.51 44.28 9.84
C SER A 473 -21.46 45.39 10.87
N ASP A 474 -20.33 46.08 10.91
CA ASP A 474 -20.19 47.20 11.84
C ASP A 474 -20.90 48.45 11.32
N THR A 475 -20.69 48.79 10.05
CA THR A 475 -21.39 49.94 9.49
C THR A 475 -22.88 49.66 9.36
N THR A 476 -23.22 48.46 8.95
CA THR A 476 -24.59 48.01 8.75
C THR A 476 -25.21 47.60 10.06
N ILE A 477 -26.23 46.74 9.99
CA ILE A 477 -26.95 46.31 11.17
C ILE A 477 -25.97 45.91 12.26
N GLN A 478 -26.15 46.49 13.44
CA GLN A 478 -25.28 46.24 14.58
C GLN A 478 -25.77 44.98 15.30
N LEU A 479 -24.96 43.95 15.31
CA LEU A 479 -25.09 42.87 16.28
C LEU A 479 -23.80 42.81 17.06
N GLN A 480 -23.83 43.25 18.30
CA GLN A 480 -22.58 43.31 19.02
C GLN A 480 -22.66 42.46 20.28
N PRO A 481 -21.57 41.84 20.68
CA PRO A 481 -21.59 41.07 21.92
C PRO A 481 -21.64 41.99 23.12
N ILE A 482 -22.85 42.47 23.44
CA ILE A 482 -23.05 43.34 24.60
C ILE A 482 -22.35 42.76 25.82
N PHE A 483 -22.77 41.55 26.22
CA PHE A 483 -22.33 40.99 27.48
C PHE A 483 -20.82 40.81 27.52
N ALA A 484 -20.25 40.17 26.50
CA ALA A 484 -18.81 39.96 26.47
C ALA A 484 -18.06 41.28 26.55
N GLN A 485 -18.43 42.25 25.70
CA GLN A 485 -17.90 43.60 25.85
C GLN A 485 -18.07 44.09 27.28
N TRP A 486 -19.27 43.92 27.83
CA TRP A 486 -19.54 44.42 29.18
C TRP A 486 -18.69 43.71 30.22
N ILE A 487 -18.36 42.44 30.00
CA ILE A 487 -17.50 41.73 30.92
C ILE A 487 -16.11 42.35 30.95
N GLN A 488 -15.56 42.62 29.77
CA GLN A 488 -14.22 43.20 29.70
C GLN A 488 -14.17 44.56 30.39
N SER A 489 -15.34 45.17 30.62
CA SER A 489 -15.37 46.43 31.34
C SER A 489 -15.04 46.23 32.80
N ILE A 490 -15.68 45.25 33.43
CA ILE A 490 -15.42 44.98 34.84
C ILE A 490 -13.94 44.72 35.06
N HIS A 491 -13.37 43.79 34.30
CA HIS A 491 -12.05 43.31 34.65
C HIS A 491 -10.97 44.36 34.42
N TYR A 492 -11.18 45.34 33.56
CA TYR A 492 -10.26 46.44 33.48
C TYR A 492 -10.55 47.52 34.51
N ALA A 493 -11.73 47.49 35.12
CA ALA A 493 -12.02 48.26 36.31
C ALA A 493 -11.82 47.45 37.59
N ALA A 494 -11.39 46.20 37.46
CA ALA A 494 -11.27 45.35 38.65
C ALA A 494 -10.16 45.82 39.59
N PRO A 495 -8.91 46.05 39.14
CA PRO A 495 -7.87 46.41 40.11
C PRO A 495 -8.06 47.81 40.64
N GLN A 496 -9.27 48.09 41.11
CA GLN A 496 -9.59 49.33 41.77
C GLN A 496 -10.25 48.96 43.10
N LEU A 497 -11.39 48.29 43.01
CA LEU A 497 -12.21 47.97 44.16
C LEU A 497 -12.41 46.47 44.30
N THR A 498 -12.92 45.79 43.27
CA THR A 498 -13.09 44.34 43.36
C THR A 498 -11.76 43.60 43.43
N ALA A 499 -10.65 44.25 43.09
CA ALA A 499 -9.33 43.67 43.22
C ALA A 499 -8.37 44.70 43.79
N PRO A 500 -8.61 45.13 45.03
CA PRO A 500 -7.91 46.33 45.50
C PRO A 500 -6.42 46.15 45.59
N THR A 501 -5.95 45.00 46.03
CA THR A 501 -4.51 44.76 46.10
C THR A 501 -4.10 44.05 44.81
N ALA A 502 -3.47 44.81 43.92
CA ALA A 502 -2.94 44.31 42.66
C ALA A 502 -1.96 45.33 42.12
N SER A 503 -1.14 44.90 41.17
CA SER A 503 -0.49 45.91 40.35
C SER A 503 -1.44 46.45 39.31
N ALA A 504 -2.21 45.57 38.69
CA ALA A 504 -3.06 45.91 37.54
C ALA A 504 -4.00 44.75 37.31
N ALA A 505 -4.71 44.80 36.18
CA ALA A 505 -5.63 43.74 35.81
C ALA A 505 -4.88 42.45 35.53
N THR A 506 -5.64 41.35 35.55
CA THR A 506 -5.04 40.03 35.40
C THR A 506 -4.30 39.90 34.08
N SER A 507 -4.95 40.25 32.98
CA SER A 507 -4.37 40.10 31.65
C SER A 507 -4.69 41.32 30.81
N LEU A 508 -4.02 41.40 29.67
CA LEU A 508 -4.12 42.56 28.80
C LEU A 508 -5.24 42.45 27.78
N THR A 509 -5.85 41.28 27.62
CA THR A 509 -6.97 41.15 26.71
C THR A 509 -8.14 41.99 27.17
N TRP A 510 -8.13 42.38 28.45
CA TRP A 510 -9.13 43.28 28.98
C TRP A 510 -8.71 44.67 28.54
N GLY A 511 -9.22 45.71 29.19
CA GLY A 511 -9.08 47.07 28.70
C GLY A 511 -7.70 47.69 28.90
N GLY A 512 -6.68 46.86 29.08
CA GLY A 512 -5.35 47.38 29.32
C GLY A 512 -4.71 48.01 28.09
N ASP A 513 -3.37 48.08 28.07
CA ASP A 513 -2.65 48.77 27.00
C ASP A 513 -1.61 47.83 26.40
N ILE A 514 -1.07 48.21 25.24
CA ILE A 514 -0.24 47.26 24.49
C ILE A 514 1.10 47.08 25.17
N VAL A 515 1.75 45.96 24.87
CA VAL A 515 3.05 45.61 25.46
C VAL A 515 3.94 45.04 24.36
N SER A 516 5.20 45.49 24.36
CA SER A 516 6.13 45.15 23.29
C SER A 516 7.37 44.48 23.83
N VAL A 517 7.94 43.60 23.01
CA VAL A 517 9.27 43.05 23.24
C VAL A 517 9.89 42.72 21.89
N GLY A 518 11.18 42.97 21.75
CA GLY A 518 11.89 42.69 20.51
C GLY A 518 11.20 43.24 19.28
N GLY A 519 10.51 44.36 19.43
CA GLY A 519 9.74 44.90 18.33
C GLY A 519 8.50 44.10 17.98
N LYS A 520 8.09 43.19 18.86
CA LYS A 520 6.91 42.37 18.67
C LYS A 520 5.87 42.74 19.72
N VAL A 521 4.61 42.44 19.41
CA VAL A 521 3.53 42.72 20.35
C VAL A 521 3.40 41.51 21.26
N ALA A 522 3.67 41.70 22.54
CA ALA A 522 3.40 40.63 23.50
C ALA A 522 1.92 40.28 23.49
N MET A 523 1.11 41.15 24.08
CA MET A 523 -0.33 41.04 23.95
C MET A 523 -0.93 42.42 24.00
N MET A 524 -1.83 42.73 23.08
CA MET A 524 -2.59 43.95 23.25
C MET A 524 -4.02 43.56 23.66
N PRO A 525 -4.89 44.52 23.93
CA PRO A 525 -6.31 44.18 24.13
C PRO A 525 -6.93 43.63 22.86
N ILE A 526 -8.11 43.04 23.03
CA ILE A 526 -8.91 42.51 21.94
C ILE A 526 -10.30 43.12 22.03
N SER A 527 -10.78 43.65 20.90
CA SER A 527 -12.11 44.23 20.81
C SER A 527 -13.07 43.23 20.19
N LEU A 528 -14.27 43.15 20.75
CA LEU A 528 -15.28 42.20 20.28
C LEU A 528 -16.30 42.95 19.45
N GLY A 529 -16.29 42.69 18.14
CA GLY A 529 -17.21 43.30 17.22
C GLY A 529 -18.26 42.33 16.72
N THR A 530 -19.02 42.78 15.73
CA THR A 530 -20.11 41.97 15.20
C THR A 530 -19.60 40.63 14.69
N SER A 531 -18.52 40.64 13.93
CA SER A 531 -17.97 39.38 13.44
C SER A 531 -17.55 38.48 14.57
N ASP A 532 -17.14 39.05 15.71
CA ASP A 532 -16.87 38.23 16.87
C ASP A 532 -18.16 37.66 17.45
N PHE A 533 -19.23 38.44 17.45
CA PHE A 533 -20.52 37.93 17.88
C PHE A 533 -20.93 36.72 17.07
N MET A 534 -21.00 36.88 15.75
CA MET A 534 -21.57 35.85 14.90
C MET A 534 -20.83 34.52 15.04
N VAL A 535 -19.55 34.57 15.39
CA VAL A 535 -18.77 33.34 15.41
C VAL A 535 -19.08 32.51 16.65
N HIS A 536 -19.11 33.14 17.83
CA HIS A 536 -19.35 32.37 19.04
C HIS A 536 -20.61 31.54 18.93
N HIS A 537 -21.65 32.06 18.28
CA HIS A 537 -22.85 31.28 18.11
C HIS A 537 -22.65 30.12 17.16
N ILE A 538 -21.65 30.20 16.30
CA ILE A 538 -21.29 29.03 15.52
C ILE A 538 -20.51 28.05 16.38
N HIS A 539 -19.66 28.56 17.27
CA HIS A 539 -19.09 27.68 18.28
C HIS A 539 -20.19 27.02 19.10
N ALA A 540 -21.17 27.81 19.52
CA ALA A 540 -22.30 27.24 20.25
C ALA A 540 -23.04 26.24 19.39
N PHE A 541 -23.25 26.55 18.12
CA PHE A 541 -23.98 25.65 17.25
C PHE A 541 -23.32 24.28 17.16
N THR A 542 -22.00 24.26 16.99
CA THR A 542 -21.30 22.99 16.85
C THR A 542 -21.26 22.25 18.18
N ILE A 543 -21.03 22.97 19.27
CA ILE A 543 -20.92 22.32 20.56
C ILE A 543 -22.25 21.69 20.98
N HIS A 544 -23.37 22.30 20.61
CA HIS A 544 -24.64 21.64 20.87
C HIS A 544 -24.82 20.41 20.00
N VAL A 545 -24.66 20.56 18.69
CA VAL A 545 -24.91 19.45 17.78
C VAL A 545 -24.07 18.25 18.16
N THR A 546 -22.83 18.48 18.57
CA THR A 546 -22.00 17.37 18.97
C THR A 546 -22.35 16.85 20.35
N ALA A 547 -23.13 17.58 21.13
CA ALA A 547 -23.67 17.01 22.35
C ALA A 547 -24.91 16.17 22.04
N LEU A 548 -25.72 16.60 21.08
CA LEU A 548 -26.87 15.82 20.65
C LEU A 548 -26.45 14.40 20.33
N ILE A 549 -25.35 14.26 19.61
CA ILE A 549 -24.99 12.97 19.07
C ILE A 549 -24.47 12.05 20.16
N LEU A 550 -23.71 12.60 21.11
CA LEU A 550 -23.16 11.76 22.16
C LEU A 550 -24.23 11.42 23.20
N LEU A 551 -24.99 12.42 23.66
CA LEU A 551 -26.09 12.14 24.58
C LEU A 551 -27.04 11.11 24.00
N LYS A 552 -27.47 11.31 22.76
CA LYS A 552 -28.33 10.32 22.14
C LYS A 552 -27.69 8.95 22.15
N GLY A 553 -26.37 8.89 22.06
CA GLY A 553 -25.68 7.61 22.12
C GLY A 553 -25.78 6.96 23.49
N VAL A 554 -25.79 7.77 24.54
CA VAL A 554 -25.83 7.23 25.90
C VAL A 554 -27.25 6.79 26.24
N LEU A 555 -28.23 7.65 25.99
CA LEU A 555 -29.58 7.39 26.46
C LEU A 555 -30.22 6.25 25.69
N TYR A 556 -29.91 6.15 24.40
CA TYR A 556 -30.43 5.10 23.56
C TYR A 556 -29.49 3.92 23.42
N SER A 557 -28.39 3.91 24.16
CA SER A 557 -27.48 2.77 24.14
C SER A 557 -28.20 1.51 24.57
N ARG A 558 -28.86 1.55 25.71
CA ARG A 558 -29.56 0.38 26.25
C ARG A 558 -30.57 -0.14 25.25
N SER A 559 -31.66 0.59 25.08
CA SER A 559 -32.66 0.25 24.09
C SER A 559 -33.37 1.51 23.67
N SER A 560 -33.68 1.62 22.38
CA SER A 560 -34.45 2.73 21.89
C SER A 560 -35.90 2.31 21.71
N ARG A 561 -36.73 3.24 21.28
CA ARG A 561 -38.13 2.90 21.09
C ARG A 561 -38.31 1.93 19.93
N LEU A 562 -37.48 2.04 18.89
CA LEU A 562 -37.59 1.15 17.72
C LEU A 562 -36.87 -0.19 17.92
N ILE A 563 -35.85 -0.25 18.77
CA ILE A 563 -35.13 -1.51 18.98
C ILE A 563 -35.11 -1.83 20.47
N PRO A 564 -36.06 -2.62 20.96
CA PRO A 564 -36.21 -2.79 22.40
C PRO A 564 -35.11 -3.61 23.06
N ASP A 565 -34.38 -4.42 22.33
CA ASP A 565 -33.40 -5.32 22.94
C ASP A 565 -31.99 -4.77 22.93
N LYS A 566 -31.80 -3.53 22.46
CA LYS A 566 -30.53 -3.12 21.88
C LYS A 566 -29.34 -3.51 22.75
N ALA A 567 -29.51 -3.53 24.07
CA ALA A 567 -28.41 -3.88 24.96
C ALA A 567 -27.83 -5.24 24.64
N ASN A 568 -28.69 -6.23 24.37
CA ASN A 568 -28.21 -7.59 24.14
C ASN A 568 -27.42 -7.71 22.84
N LEU A 569 -27.45 -6.71 21.98
CA LEU A 569 -26.62 -6.71 20.78
C LEU A 569 -25.24 -6.15 21.04
N GLY A 570 -24.94 -5.77 22.27
CA GLY A 570 -23.62 -5.31 22.63
C GLY A 570 -23.47 -3.81 22.51
N PHE A 571 -22.33 -3.32 22.99
CA PHE A 571 -21.99 -1.92 22.79
C PHE A 571 -21.74 -1.63 21.33
N ARG A 572 -20.93 -2.44 20.68
CA ARG A 572 -20.41 -2.18 19.35
C ARG A 572 -20.96 -3.23 18.41
N PHE A 573 -21.90 -2.83 17.57
CA PHE A 573 -22.44 -3.75 16.59
C PHE A 573 -22.85 -2.97 15.35
N PRO A 574 -22.88 -3.60 14.20
CA PRO A 574 -23.42 -2.96 13.00
C PRO A 574 -24.92 -2.78 13.12
N CYS A 575 -25.60 -2.65 12.00
CA CYS A 575 -27.05 -2.60 12.02
C CYS A 575 -27.62 -3.84 12.71
N ASP A 576 -28.88 -3.74 13.11
CA ASP A 576 -29.62 -4.96 13.40
C ASP A 576 -30.10 -5.58 12.09
N GLY A 577 -31.11 -5.00 11.49
CA GLY A 577 -31.59 -5.49 10.22
C GLY A 577 -31.31 -4.58 9.06
N PRO A 578 -31.53 -5.10 7.85
CA PRO A 578 -32.05 -4.25 6.78
C PRO A 578 -33.51 -3.92 6.97
N GLY A 579 -34.21 -4.63 7.85
CA GLY A 579 -35.62 -4.38 8.07
C GLY A 579 -35.85 -3.09 8.82
N ARG A 580 -37.12 -2.70 8.88
CA ARG A 580 -37.52 -1.42 9.48
C ARG A 580 -36.94 -0.25 8.70
N GLY A 581 -36.87 -0.40 7.39
CA GLY A 581 -36.24 0.61 6.55
C GLY A 581 -34.75 0.57 6.71
N GLY A 582 -34.27 -0.42 7.45
CA GLY A 582 -32.87 -0.59 7.77
C GLY A 582 -32.52 0.03 9.10
N THR A 583 -31.71 -0.67 9.86
CA THR A 583 -31.24 -0.23 11.16
C THR A 583 -29.84 0.34 11.09
N CYS A 584 -29.32 0.57 9.89
CA CYS A 584 -27.89 0.77 9.69
C CYS A 584 -27.34 1.78 10.68
N GLN A 585 -26.29 1.38 11.40
CA GLN A 585 -25.54 2.30 12.23
C GLN A 585 -26.40 2.84 13.36
N VAL A 586 -27.08 1.93 14.08
CA VAL A 586 -27.92 2.33 15.21
C VAL A 586 -27.21 2.21 16.55
N SER A 587 -26.04 1.58 16.61
CA SER A 587 -25.47 1.19 17.90
C SER A 587 -24.88 2.40 18.62
N ALA A 588 -24.40 2.17 19.83
CA ALA A 588 -23.83 3.22 20.66
C ALA A 588 -22.33 3.36 20.47
N TRP A 589 -21.71 2.45 19.73
CA TRP A 589 -20.38 2.71 19.19
C TRP A 589 -20.47 3.63 17.99
N ASP A 590 -21.60 3.60 17.30
CA ASP A 590 -21.81 4.34 16.08
C ASP A 590 -22.22 5.78 16.31
N HIS A 591 -22.66 6.13 17.51
CA HIS A 591 -22.84 7.54 17.81
C HIS A 591 -21.54 8.22 18.15
N VAL A 592 -20.50 7.46 18.50
CA VAL A 592 -19.18 8.02 18.65
C VAL A 592 -18.51 8.17 17.30
N PHE A 593 -18.76 7.23 16.40
CA PHE A 593 -18.39 7.41 14.99
C PHE A 593 -18.81 8.77 14.50
N LEU A 594 -20.07 9.13 14.71
CA LEU A 594 -20.60 10.38 14.20
C LEU A 594 -20.11 11.57 14.99
N GLY A 595 -19.92 11.42 16.30
CA GLY A 595 -19.47 12.53 17.11
C GLY A 595 -18.09 13.03 16.72
N LEU A 596 -17.25 12.18 16.13
CA LEU A 596 -15.90 12.58 15.77
C LEU A 596 -15.85 13.49 14.57
N PHE A 597 -16.85 13.48 13.71
CA PHE A 597 -16.86 14.44 12.62
C PHE A 597 -17.35 15.79 13.08
N TRP A 598 -18.20 15.83 14.09
CA TRP A 598 -18.60 17.09 14.66
C TRP A 598 -17.58 17.63 15.65
N MET A 599 -16.93 16.76 16.42
CA MET A 599 -15.78 17.22 17.17
C MET A 599 -14.77 17.85 16.24
N TYR A 600 -14.34 17.09 15.23
CA TYR A 600 -13.41 17.59 14.25
C TYR A 600 -13.85 18.94 13.71
N ASN A 601 -15.11 19.02 13.30
CA ASN A 601 -15.61 20.27 12.75
C ASN A 601 -15.64 21.36 13.80
N SER A 602 -16.19 21.06 14.97
CA SER A 602 -16.30 22.05 16.04
C SER A 602 -14.96 22.70 16.34
N LEU A 603 -13.97 21.87 16.66
CA LEU A 603 -12.68 22.40 17.11
C LEU A 603 -11.95 23.09 15.96
N SER A 604 -12.05 22.54 14.75
CA SER A 604 -11.31 23.11 13.63
C SER A 604 -11.64 24.57 13.43
N ILE A 605 -12.91 24.93 13.58
CA ILE A 605 -13.30 26.32 13.41
C ILE A 605 -13.01 27.13 14.67
N VAL A 606 -13.00 26.49 15.84
CA VAL A 606 -12.49 27.16 17.03
C VAL A 606 -11.11 27.71 16.75
N ILE A 607 -10.30 26.96 15.99
CA ILE A 607 -8.95 27.42 15.70
C ILE A 607 -8.98 28.56 14.69
N PHE A 608 -9.61 28.33 13.54
CA PHE A 608 -9.63 29.37 12.50
C PHE A 608 -10.21 30.66 13.04
N HIS A 609 -11.12 30.58 14.00
CA HIS A 609 -11.48 31.78 14.74
C HIS A 609 -10.25 32.34 15.44
N PHE A 610 -9.60 31.52 16.26
CA PHE A 610 -8.42 31.96 16.98
C PHE A 610 -7.35 32.49 16.06
N SER A 611 -6.75 31.60 15.27
CA SER A 611 -5.54 31.91 14.53
C SER A 611 -5.63 33.23 13.79
N TRP A 612 -6.74 33.46 13.11
CA TRP A 612 -6.87 34.66 12.30
C TRP A 612 -7.55 35.81 13.00
N LYS A 613 -8.15 35.58 14.18
CA LYS A 613 -8.43 36.71 15.05
C LYS A 613 -7.15 37.23 15.68
N MET A 614 -6.30 36.30 16.11
CA MET A 614 -5.08 36.66 16.82
C MET A 614 -4.07 37.32 15.89
N GLN A 615 -3.98 36.87 14.64
CA GLN A 615 -3.15 37.58 13.68
C GLN A 615 -3.74 38.94 13.32
N SER A 616 -5.06 39.00 13.12
CA SER A 616 -5.69 40.27 12.83
C SER A 616 -5.45 41.28 13.94
N ASP A 617 -5.97 41.00 15.12
CA ASP A 617 -6.07 42.00 16.17
C ASP A 617 -4.95 41.95 17.22
N VAL A 618 -3.97 41.06 17.09
CA VAL A 618 -2.88 41.10 18.06
C VAL A 618 -1.51 41.09 17.41
N TRP A 619 -1.16 39.97 16.77
CA TRP A 619 0.23 39.68 16.47
C TRP A 619 0.79 40.63 15.42
N GLY A 620 2.04 40.40 15.06
CA GLY A 620 2.78 41.26 14.18
C GLY A 620 3.84 42.03 14.93
N THR A 621 4.71 42.67 14.17
CA THR A 621 5.79 43.47 14.73
C THR A 621 5.24 44.80 15.25
N VAL A 622 5.88 45.31 16.30
CA VAL A 622 5.55 46.65 16.73
C VAL A 622 6.20 47.62 15.76
N SER A 623 5.37 48.37 15.05
CA SER A 623 5.81 49.31 14.04
C SER A 623 6.05 50.68 14.63
N GLU A 624 6.07 50.80 15.96
CA GLU A 624 5.82 52.06 16.66
C GLU A 624 4.52 52.59 16.07
N SER A 625 4.57 53.70 15.33
CA SER A 625 3.37 54.20 14.69
C SER A 625 2.69 53.12 13.86
N GLY A 626 1.42 52.88 14.17
CA GLY A 626 0.53 52.04 13.40
C GLY A 626 0.37 50.62 13.92
N VAL A 627 1.37 50.09 14.63
CA VAL A 627 1.33 48.74 15.21
C VAL A 627 0.78 47.78 14.17
N SER A 628 1.35 47.81 12.96
CA SER A 628 0.78 47.05 11.86
C SER A 628 0.82 45.55 12.17
N HIS A 629 -0.33 44.90 12.05
CA HIS A 629 -0.46 43.50 12.37
C HIS A 629 0.03 42.64 11.21
N ILE A 630 -0.09 41.32 11.36
CA ILE A 630 0.29 40.43 10.28
C ILE A 630 -0.63 40.60 9.09
N THR A 631 -1.94 40.51 9.32
CA THR A 631 -2.92 40.68 8.26
C THR A 631 -3.36 42.11 8.11
N GLY A 632 -2.75 43.03 8.84
CA GLY A 632 -3.18 44.41 8.76
C GLY A 632 -4.49 44.68 9.44
N GLY A 633 -4.88 43.86 10.39
CA GLY A 633 -6.10 44.07 11.14
C GLY A 633 -7.36 44.02 10.29
N ASN A 634 -7.53 42.96 9.52
CA ASN A 634 -8.80 42.71 8.82
C ASN A 634 -9.44 41.45 9.38
N PHE A 635 -10.42 41.62 10.26
CA PHE A 635 -11.23 40.49 10.67
C PHE A 635 -12.69 40.91 10.72
N ALA A 636 -13.02 41.82 11.63
CA ALA A 636 -14.40 42.24 11.80
C ALA A 636 -14.96 42.85 10.52
N ASN A 637 -14.13 43.54 9.74
CA ASN A 637 -14.56 43.93 8.41
C ASN A 637 -14.36 42.78 7.44
N SER A 638 -13.22 42.10 7.53
CA SER A 638 -12.85 41.11 6.53
C SER A 638 -13.83 39.96 6.50
N ALA A 639 -13.98 39.25 7.61
CA ALA A 639 -14.85 38.08 7.66
C ALA A 639 -16.09 38.41 8.46
N ASN A 640 -17.16 38.69 7.75
CA ASN A 640 -18.52 38.57 8.27
C ASN A 640 -19.15 37.35 7.63
N ALA A 641 -19.33 37.40 6.31
CA ALA A 641 -19.80 36.31 5.51
C ALA A 641 -18.73 35.25 5.29
N ILE A 642 -19.17 34.06 4.86
CA ILE A 642 -18.29 33.01 4.38
C ILE A 642 -17.52 33.50 3.17
N ASN A 643 -17.95 34.61 2.60
CA ASN A 643 -17.23 35.25 1.52
C ASN A 643 -15.73 35.28 1.77
N GLY A 644 -15.31 36.03 2.80
CA GLY A 644 -13.93 36.31 3.11
C GLY A 644 -13.17 35.24 3.85
N TRP A 645 -13.79 34.11 4.15
CA TRP A 645 -13.03 33.03 4.77
C TRP A 645 -12.21 32.27 3.74
N LEU A 646 -12.70 32.15 2.50
CA LEU A 646 -11.86 31.61 1.44
C LEU A 646 -10.77 32.60 1.06
N ARG A 647 -11.15 33.83 0.75
CA ARG A 647 -10.20 34.77 0.21
C ARG A 647 -9.21 35.20 1.27
N ASP A 648 -9.71 35.88 2.30
CA ASP A 648 -8.80 36.49 3.26
C ASP A 648 -8.11 35.46 4.13
N PHE A 649 -8.67 34.27 4.29
CA PHE A 649 -8.04 33.36 5.21
C PHE A 649 -7.36 32.20 4.50
N LEU A 650 -8.12 31.19 4.06
CA LEU A 650 -7.49 30.02 3.49
C LEU A 650 -6.64 30.38 2.28
N TRP A 651 -7.23 31.08 1.31
CA TRP A 651 -6.45 31.48 0.14
C TRP A 651 -5.27 32.36 0.55
N ALA A 652 -5.55 33.48 1.20
CA ALA A 652 -4.48 34.39 1.58
C ALA A 652 -3.42 33.69 2.41
N GLN A 653 -3.82 33.09 3.54
CA GLN A 653 -2.83 32.57 4.48
C GLN A 653 -2.02 31.43 3.89
N SER A 654 -2.56 30.70 2.92
CA SER A 654 -1.90 29.49 2.42
C SER A 654 -0.83 29.78 1.39
N SER A 655 -0.58 31.03 1.06
CA SER A 655 0.48 31.33 0.12
C SER A 655 1.85 31.29 0.77
N GLN A 656 1.92 30.98 2.06
CA GLN A 656 3.20 30.73 2.71
C GLN A 656 3.66 29.30 2.50
N VAL A 657 2.74 28.33 2.58
CA VAL A 657 3.11 26.93 2.55
C VAL A 657 3.44 26.46 1.15
N ILE A 658 2.78 27.05 0.16
CA ILE A 658 2.83 26.52 -1.20
C ILE A 658 4.13 26.91 -1.89
N GLN A 659 4.62 28.10 -1.62
CA GLN A 659 5.79 28.63 -2.31
C GLN A 659 7.08 28.10 -1.73
N SER A 660 7.02 27.19 -0.78
CA SER A 660 8.21 26.67 -0.13
C SER A 660 8.54 25.31 -0.72
N TYR A 661 9.55 25.28 -1.57
CA TYR A 661 10.23 24.06 -1.97
C TYR A 661 11.68 24.42 -2.18
N GLY A 662 12.58 23.62 -1.64
CA GLY A 662 13.95 24.05 -1.53
C GLY A 662 14.22 24.97 -0.37
N SER A 663 13.22 25.29 0.45
CA SER A 663 13.40 26.10 1.63
C SER A 663 13.47 25.20 2.86
N ALA A 664 13.71 25.82 4.01
CA ALA A 664 13.87 25.06 5.25
C ALA A 664 12.56 24.39 5.64
N LEU A 665 11.45 25.07 5.45
CA LEU A 665 10.14 24.59 5.88
C LEU A 665 9.43 23.79 4.80
N SER A 666 10.12 23.46 3.71
CA SER A 666 9.51 22.71 2.61
C SER A 666 8.85 21.42 3.08
N ALA A 667 9.32 20.82 4.17
CA ALA A 667 8.68 19.61 4.68
C ALA A 667 7.24 19.86 5.06
N TYR A 668 6.83 21.11 5.22
CA TYR A 668 5.43 21.40 5.40
C TYR A 668 4.68 21.36 4.08
N GLY A 669 5.35 21.72 2.99
CA GLY A 669 4.70 21.66 1.69
C GLY A 669 4.38 20.24 1.27
N LEU A 670 5.24 19.28 1.63
CA LEU A 670 4.93 17.89 1.35
C LEU A 670 3.80 17.39 2.24
N VAL A 671 3.95 17.56 3.55
CA VAL A 671 2.92 17.11 4.49
C VAL A 671 1.57 17.74 4.15
N PHE A 672 1.57 19.03 3.77
CA PHE A 672 0.33 19.71 3.43
C PHE A 672 -0.47 18.91 2.42
N LEU A 673 0.16 18.56 1.30
CA LEU A 673 -0.49 17.68 0.34
C LEU A 673 -0.68 16.29 0.92
N GLY A 674 0.33 15.77 1.63
CA GLY A 674 0.22 14.43 2.16
C GLY A 674 -0.97 14.29 3.08
N ALA A 675 -1.38 15.37 3.71
CA ALA A 675 -2.57 15.33 4.52
C ALA A 675 -3.85 15.44 3.70
N HIS A 676 -3.76 15.92 2.46
CA HIS A 676 -4.90 15.82 1.57
C HIS A 676 -5.09 14.40 1.11
N PHE A 677 -4.03 13.76 0.62
CA PHE A 677 -4.15 12.41 0.11
C PHE A 677 -4.76 11.48 1.16
N VAL A 678 -4.29 11.57 2.40
CA VAL A 678 -4.81 10.67 3.42
C VAL A 678 -6.25 11.00 3.73
N TRP A 679 -6.63 12.27 3.66
CA TRP A 679 -8.02 12.63 3.91
C TRP A 679 -8.92 12.11 2.80
N ALA A 680 -8.61 12.48 1.56
CA ALA A 680 -9.40 11.97 0.44
C ALA A 680 -9.41 10.47 0.40
N PHE A 681 -8.33 9.85 0.87
CA PHE A 681 -8.29 8.39 0.94
C PHE A 681 -9.31 7.84 1.92
N SER A 682 -9.62 8.60 2.96
CA SER A 682 -10.59 8.13 3.93
C SER A 682 -11.94 7.90 3.28
N LEU A 683 -12.34 8.79 2.38
CA LEU A 683 -13.66 8.69 1.78
C LEU A 683 -13.91 7.33 1.17
N MET A 684 -12.86 6.63 0.76
CA MET A 684 -13.03 5.28 0.24
C MET A 684 -13.72 4.40 1.26
N PHE A 685 -13.29 4.47 2.52
CA PHE A 685 -13.84 3.58 3.53
C PHE A 685 -15.18 4.06 4.08
N LEU A 686 -15.45 5.36 4.03
CA LEU A 686 -16.72 5.84 4.52
C LEU A 686 -17.84 5.63 3.52
N PHE A 687 -17.59 5.91 2.24
CA PHE A 687 -18.65 5.82 1.25
C PHE A 687 -18.92 4.40 0.81
N SER A 688 -17.91 3.55 0.80
CA SER A 688 -18.07 2.20 0.29
C SER A 688 -18.81 1.35 1.30
N GLY A 689 -18.89 0.06 1.01
CA GLY A 689 -19.50 -0.88 1.92
C GLY A 689 -18.82 -2.21 1.76
N ARG A 690 -18.96 -3.04 2.79
CA ARG A 690 -18.22 -4.29 2.83
C ARG A 690 -18.51 -5.15 1.62
N GLY A 691 -19.74 -5.61 1.48
CA GLY A 691 -20.06 -6.69 0.56
C GLY A 691 -19.56 -6.51 -0.85
N TYR A 692 -19.32 -5.27 -1.29
CA TYR A 692 -18.64 -5.08 -2.55
C TYR A 692 -17.18 -5.49 -2.45
N TRP A 693 -16.55 -5.21 -1.32
CA TRP A 693 -15.15 -5.55 -1.18
C TRP A 693 -14.95 -7.03 -0.89
N GLN A 694 -15.91 -7.69 -0.27
CA GLN A 694 -15.77 -9.12 -0.09
C GLN A 694 -16.03 -9.86 -1.39
N GLU A 695 -16.89 -9.34 -2.26
CA GLU A 695 -17.07 -9.97 -3.55
C GLU A 695 -15.83 -9.84 -4.41
N LEU A 696 -15.15 -8.68 -4.36
CA LEU A 696 -13.99 -8.48 -5.20
C LEU A 696 -12.84 -9.38 -4.79
N ILE A 697 -12.65 -9.56 -3.49
CA ILE A 697 -11.60 -10.47 -3.01
C ILE A 697 -11.87 -11.88 -3.48
N GLU A 698 -13.13 -12.26 -3.66
CA GLU A 698 -13.43 -13.58 -4.19
C GLU A 698 -12.81 -13.79 -5.54
N SER A 699 -12.69 -12.73 -6.33
CA SER A 699 -12.06 -12.86 -7.64
C SER A 699 -10.58 -13.05 -7.51
N ILE A 700 -9.93 -12.19 -6.72
CA ILE A 700 -8.47 -12.23 -6.63
C ILE A 700 -8.01 -13.57 -6.09
N LEU A 701 -8.78 -14.20 -5.22
CA LEU A 701 -8.45 -15.55 -4.78
C LEU A 701 -8.40 -16.51 -5.94
N TRP A 702 -9.26 -16.32 -6.94
CA TRP A 702 -9.18 -17.16 -8.13
C TRP A 702 -7.83 -17.03 -8.79
N ALA A 703 -7.24 -15.84 -8.74
CA ALA A 703 -5.92 -15.67 -9.32
C ALA A 703 -4.87 -16.43 -8.53
N HIS A 704 -4.90 -16.29 -7.20
CA HIS A 704 -3.90 -16.98 -6.40
C HIS A 704 -4.13 -18.47 -6.41
N ASN A 705 -5.38 -18.89 -6.36
CA ASN A 705 -5.67 -20.31 -6.55
C ASN A 705 -5.09 -20.81 -7.85
N LYS A 706 -5.40 -20.13 -8.95
CA LYS A 706 -4.93 -20.61 -10.25
C LYS A 706 -3.42 -20.79 -10.26
N LEU A 707 -2.71 -19.99 -9.48
CA LEU A 707 -1.27 -20.16 -9.32
C LEU A 707 -0.91 -20.93 -8.07
N LYS A 708 -1.91 -21.45 -7.35
CA LYS A 708 -1.70 -22.31 -6.21
C LYS A 708 -1.02 -21.58 -5.05
N VAL A 709 -1.15 -20.26 -5.02
CA VAL A 709 -0.53 -19.42 -3.99
C VAL A 709 -1.51 -19.09 -2.86
N ALA A 710 -2.69 -19.69 -2.87
CA ALA A 710 -3.71 -19.35 -1.90
C ALA A 710 -3.16 -19.43 -0.47
N PRO A 711 -3.36 -18.40 0.35
CA PRO A 711 -2.92 -18.45 1.74
C PRO A 711 -3.87 -19.30 2.58
N ALA A 712 -3.34 -19.78 3.71
CA ALA A 712 -4.14 -20.61 4.60
C ALA A 712 -4.95 -19.78 5.59
N ILE A 713 -4.61 -18.51 5.79
CA ILE A 713 -5.44 -17.59 6.55
C ILE A 713 -6.30 -16.87 5.53
N GLN A 714 -7.58 -17.17 5.53
CA GLN A 714 -8.42 -16.73 4.44
C GLN A 714 -8.61 -15.22 4.48
N PRO A 715 -8.31 -14.50 3.41
CA PRO A 715 -8.60 -13.07 3.39
C PRO A 715 -10.08 -12.83 3.48
N ARG A 716 -10.47 -11.96 4.41
CA ARG A 716 -11.82 -11.48 4.52
C ARG A 716 -11.78 -9.97 4.54
N ALA A 717 -12.74 -9.35 3.87
CA ALA A 717 -12.81 -7.90 3.87
C ALA A 717 -13.06 -7.40 5.29
N LEU A 718 -12.72 -6.14 5.53
CA LEU A 718 -12.89 -5.57 6.85
C LEU A 718 -14.35 -5.65 7.29
N SER A 719 -14.57 -5.84 8.58
CA SER A 719 -15.93 -5.86 9.08
C SER A 719 -16.55 -4.47 8.98
N ILE A 720 -17.88 -4.43 9.05
CA ILE A 720 -18.61 -3.17 8.93
C ILE A 720 -18.00 -2.12 9.83
N THR A 721 -18.10 -2.30 11.15
CA THR A 721 -17.57 -1.30 12.07
C THR A 721 -16.07 -1.14 11.94
N GLN A 722 -15.37 -2.15 11.43
CA GLN A 722 -13.97 -1.96 11.11
C GLN A 722 -13.79 -0.91 10.03
N GLY A 723 -14.54 -1.05 8.94
CA GLY A 723 -14.41 -0.09 7.85
C GLY A 723 -14.87 1.29 8.24
N ARG A 724 -15.75 1.39 9.23
CA ARG A 724 -16.17 2.70 9.70
C ARG A 724 -15.08 3.36 10.52
N ALA A 725 -14.37 2.58 11.32
CA ALA A 725 -13.30 3.11 12.15
C ALA A 725 -12.15 3.62 11.30
N VAL A 726 -11.62 2.76 10.42
CA VAL A 726 -10.56 3.19 9.53
C VAL A 726 -11.02 4.31 8.61
N GLY A 727 -12.32 4.53 8.50
CA GLY A 727 -12.80 5.67 7.76
C GLY A 727 -12.65 6.94 8.56
N VAL A 728 -12.99 6.89 9.84
CA VAL A 728 -12.82 8.06 10.69
C VAL A 728 -11.35 8.27 10.98
N ALA A 729 -10.60 7.18 11.13
CA ALA A 729 -9.18 7.32 11.45
C ALA A 729 -8.48 8.27 10.50
N HIS A 730 -8.72 8.10 9.21
CA HIS A 730 -8.05 8.93 8.22
C HIS A 730 -8.73 10.27 8.04
N TYR A 731 -10.06 10.30 8.00
CA TYR A 731 -10.75 11.56 7.76
C TYR A 731 -10.31 12.60 8.77
N ILE A 732 -10.13 12.19 10.02
CA ILE A 732 -9.66 13.10 11.04
C ILE A 732 -8.16 13.31 10.93
N PHE A 733 -7.41 12.23 10.81
CA PHE A 733 -5.95 12.26 10.71
C PHE A 733 -5.54 13.19 9.59
N GLY A 734 -5.86 12.81 8.35
CA GLY A 734 -5.50 13.64 7.22
C GLY A 734 -6.02 15.06 7.30
N GLY A 735 -7.09 15.28 8.04
CA GLY A 735 -7.64 16.61 8.10
C GLY A 735 -7.00 17.49 9.15
N ILE A 736 -6.49 16.89 10.22
CA ILE A 736 -5.78 17.67 11.22
C ILE A 736 -4.38 17.98 10.74
N VAL A 737 -3.73 17.02 10.09
CA VAL A 737 -2.37 17.22 9.64
C VAL A 737 -2.24 18.34 8.61
N THR A 738 -3.33 18.69 7.91
CA THR A 738 -3.28 19.88 7.06
C THR A 738 -3.06 21.11 7.90
N THR A 739 -3.96 21.38 8.83
CA THR A 739 -3.85 22.59 9.65
C THR A 739 -2.55 22.60 10.41
N TRP A 740 -2.05 21.44 10.82
CA TRP A 740 -0.71 21.39 11.37
C TRP A 740 0.30 21.94 10.39
N SER A 741 0.27 21.45 9.15
CA SER A 741 1.21 21.95 8.17
C SER A 741 0.87 23.34 7.69
N PHE A 742 -0.40 23.71 7.74
CA PHE A 742 -0.81 25.03 7.28
C PHE A 742 -0.45 26.11 8.28
N PHE A 743 -0.54 25.82 9.57
CA PHE A 743 -0.16 26.82 10.55
C PHE A 743 1.33 27.04 10.59
N LEU A 744 2.10 25.97 10.75
CA LEU A 744 3.52 26.11 10.97
C LEU A 744 4.18 26.79 9.77
N ALA A 745 3.89 26.29 8.57
CA ALA A 745 4.45 26.91 7.38
C ALA A 745 4.04 28.39 7.29
N ARG A 746 2.81 28.70 7.68
CA ARG A 746 2.38 30.09 7.77
C ARG A 746 3.28 30.89 8.70
N ILE A 747 3.23 30.59 9.99
CA ILE A 747 3.82 31.51 10.95
C ILE A 747 5.33 31.37 11.03
N ILE A 748 5.87 30.14 10.98
CA ILE A 748 7.32 29.99 10.99
C ILE A 748 7.96 30.87 9.93
N ALA A 749 7.27 31.04 8.81
CA ALA A 749 7.71 32.05 7.84
C ALA A 749 7.43 33.46 8.38
N VAL A 750 6.19 33.74 8.77
CA VAL A 750 5.81 35.10 9.12
C VAL A 750 6.23 35.44 10.55
N GLY A 751 5.91 34.58 11.51
CA GLY A 751 6.20 34.88 12.90
C GLY A 751 7.49 34.26 13.41
N ALA B 2 -55.95 0.54 -7.28
CA ALA B 2 -55.10 1.56 -6.68
C ALA B 2 -55.77 2.93 -6.70
N THR B 3 -55.82 3.56 -5.54
CA THR B 3 -56.29 4.93 -5.41
C THR B 3 -55.12 5.90 -5.24
N LYS B 4 -54.31 5.69 -4.21
CA LYS B 4 -53.36 6.70 -3.76
C LYS B 4 -52.27 6.89 -4.80
N PHE B 5 -51.35 7.81 -4.50
CA PHE B 5 -50.46 8.42 -5.47
C PHE B 5 -49.72 7.44 -6.38
N PRO B 6 -48.92 6.49 -5.86
CA PRO B 6 -48.20 5.60 -6.76
C PRO B 6 -49.16 4.63 -7.40
N LYS B 7 -49.94 5.13 -8.35
CA LYS B 7 -51.04 4.35 -8.92
C LYS B 7 -50.57 3.06 -9.56
N PHE B 8 -49.31 2.96 -9.95
CA PHE B 8 -48.83 1.85 -10.74
C PHE B 8 -48.34 0.66 -9.92
N SER B 9 -48.18 0.80 -8.61
CA SER B 9 -47.77 -0.34 -7.78
C SER B 9 -48.54 -0.32 -6.47
N GLN B 10 -49.17 -1.44 -6.13
CA GLN B 10 -49.96 -1.52 -4.91
C GLN B 10 -49.12 -1.75 -3.67
N GLY B 11 -47.87 -2.19 -3.81
CA GLY B 11 -47.01 -2.26 -2.66
C GLY B 11 -46.66 -0.88 -2.13
N LEU B 12 -46.41 0.06 -3.02
CA LEU B 12 -46.29 1.46 -2.62
C LEU B 12 -47.65 2.10 -2.40
N ALA B 13 -48.64 1.77 -3.23
CA ALA B 13 -49.95 2.39 -3.11
C ALA B 13 -50.46 2.35 -1.67
N GLN B 14 -50.22 1.24 -0.99
CA GLN B 14 -50.50 1.15 0.43
C GLN B 14 -49.19 1.22 1.18
N ASP B 15 -48.90 2.40 1.75
CA ASP B 15 -47.83 2.55 2.68
C ASP B 15 -48.33 3.65 3.62
N PRO B 16 -48.19 3.47 4.93
CA PRO B 16 -48.55 4.55 5.85
C PRO B 16 -47.55 5.68 5.89
N THR B 17 -46.33 5.47 5.42
CA THR B 17 -45.23 6.40 5.64
C THR B 17 -45.02 7.28 4.41
N THR B 18 -43.96 8.09 4.46
CA THR B 18 -43.60 8.93 3.34
C THR B 18 -42.79 8.21 2.28
N ARG B 19 -42.27 7.01 2.58
CA ARG B 19 -41.58 6.24 1.57
C ARG B 19 -42.49 5.94 0.37
N ARG B 20 -43.80 5.93 0.59
CA ARG B 20 -44.72 5.89 -0.54
C ARG B 20 -44.49 7.07 -1.46
N ILE B 21 -44.16 8.22 -0.90
CA ILE B 21 -44.01 9.42 -1.71
C ILE B 21 -42.70 9.39 -2.46
N TRP B 22 -41.61 9.07 -1.77
CA TRP B 22 -40.28 9.15 -2.37
C TRP B 22 -40.14 8.15 -3.51
N PHE B 23 -40.40 6.87 -3.23
CA PHE B 23 -40.32 5.88 -4.28
C PHE B 23 -41.35 6.12 -5.38
N GLY B 24 -42.50 6.69 -5.03
CA GLY B 24 -43.50 6.95 -6.05
C GLY B 24 -42.96 7.78 -7.20
N VAL B 25 -42.05 8.70 -6.90
CA VAL B 25 -41.45 9.51 -7.95
C VAL B 25 -40.38 8.72 -8.69
N ALA B 26 -39.51 8.03 -7.96
CA ALA B 26 -38.36 7.36 -8.54
C ALA B 26 -38.67 5.99 -9.12
N THR B 27 -39.81 5.42 -8.82
CA THR B 27 -40.24 4.17 -9.45
C THR B 27 -41.12 4.41 -10.66
N ALA B 28 -41.29 5.65 -11.08
CA ALA B 28 -42.27 5.96 -12.11
C ALA B 28 -41.86 5.40 -13.46
N HIS B 29 -40.73 5.87 -13.97
CA HIS B 29 -40.28 5.56 -15.32
C HIS B 29 -39.84 4.13 -15.50
N ASP B 30 -39.89 3.29 -14.48
CA ASP B 30 -39.55 1.89 -14.66
C ASP B 30 -40.82 1.17 -15.08
N PHE B 31 -40.92 0.80 -16.35
CA PHE B 31 -42.15 0.25 -16.90
C PHE B 31 -42.20 -1.26 -16.88
N GLU B 32 -41.09 -1.93 -16.61
CA GLU B 32 -41.17 -3.38 -16.46
C GLU B 32 -41.85 -3.76 -15.16
N SER B 33 -41.84 -2.85 -14.18
CA SER B 33 -42.51 -3.07 -12.91
C SER B 33 -43.69 -2.11 -12.80
N HIS B 34 -44.89 -2.64 -12.94
CA HIS B 34 -46.11 -1.95 -12.57
C HIS B 34 -47.13 -3.02 -12.19
N ASP B 35 -48.39 -2.60 -12.05
CA ASP B 35 -49.44 -3.54 -11.67
C ASP B 35 -49.45 -4.74 -12.59
N SER B 36 -49.91 -4.57 -13.82
CA SER B 36 -49.77 -5.57 -14.88
C SER B 36 -49.34 -4.83 -16.12
N ILE B 37 -48.12 -5.09 -16.58
CA ILE B 37 -47.60 -4.48 -17.78
C ILE B 37 -47.37 -5.60 -18.78
N THR B 38 -48.24 -5.70 -19.78
CA THR B 38 -48.04 -6.70 -20.79
C THR B 38 -46.90 -6.28 -21.70
N GLU B 39 -46.38 -7.25 -22.46
CA GLU B 39 -45.29 -6.92 -23.36
C GLU B 39 -45.69 -5.82 -24.33
N GLU B 40 -46.94 -5.85 -24.80
CA GLU B 40 -47.37 -4.87 -25.79
C GLU B 40 -47.47 -3.48 -25.18
N THR B 41 -48.15 -3.35 -24.04
CA THR B 41 -48.35 -2.02 -23.50
C THR B 41 -47.09 -1.45 -22.86
N LEU B 42 -46.04 -2.25 -22.70
CA LEU B 42 -44.77 -1.69 -22.25
C LEU B 42 -44.11 -0.91 -23.36
N TYR B 43 -44.06 -1.49 -24.56
CA TYR B 43 -43.52 -0.75 -25.70
C TYR B 43 -44.34 0.49 -25.99
N GLN B 44 -45.62 0.50 -25.64
CA GLN B 44 -46.46 1.64 -25.97
C GLN B 44 -45.98 2.90 -25.27
N LYS B 45 -45.96 2.87 -23.93
CA LYS B 45 -45.59 4.07 -23.18
C LYS B 45 -44.20 4.54 -23.57
N ILE B 46 -43.28 3.60 -23.80
CA ILE B 46 -41.95 3.97 -24.24
C ILE B 46 -42.03 4.80 -25.51
N PHE B 47 -42.53 4.20 -26.58
CA PHE B 47 -42.56 4.89 -27.87
C PHE B 47 -43.35 6.18 -27.80
N ALA B 48 -44.31 6.27 -26.88
CA ALA B 48 -44.92 7.57 -26.63
C ALA B 48 -43.96 8.51 -25.92
N SER B 49 -43.18 7.97 -25.00
CA SER B 49 -42.28 8.81 -24.23
C SER B 49 -41.23 9.45 -25.11
N HIS B 50 -40.75 8.72 -26.12
CA HIS B 50 -39.76 9.28 -27.02
C HIS B 50 -40.30 10.52 -27.70
N PHE B 51 -41.59 10.52 -28.03
CA PHE B 51 -42.22 11.76 -28.48
C PHE B 51 -42.13 12.85 -27.43
N GLY B 52 -42.14 12.48 -26.15
CA GLY B 52 -41.95 13.48 -25.12
C GLY B 52 -40.56 14.05 -25.14
N GLN B 53 -39.55 13.19 -25.03
CA GLN B 53 -38.18 13.66 -25.09
C GLN B 53 -37.92 14.42 -26.37
N LEU B 54 -38.41 13.89 -27.49
CA LEU B 54 -38.10 14.50 -28.78
C LEU B 54 -38.79 15.85 -28.92
N SER B 55 -39.94 16.03 -28.29
CA SER B 55 -40.59 17.33 -28.35
C SER B 55 -39.97 18.30 -27.37
N ILE B 56 -39.57 17.82 -26.20
CA ILE B 56 -38.95 18.68 -25.20
C ILE B 56 -37.68 19.30 -25.76
N ILE B 57 -36.90 18.53 -26.51
CA ILE B 57 -35.66 19.06 -27.06
C ILE B 57 -35.93 20.24 -27.96
N PHE B 58 -36.89 20.09 -28.88
CA PHE B 58 -37.14 21.14 -29.85
C PHE B 58 -37.51 22.45 -29.17
N LEU B 59 -38.45 22.42 -28.23
CA LEU B 59 -38.77 23.63 -27.48
C LEU B 59 -37.52 24.23 -26.86
N TRP B 60 -36.73 23.40 -26.19
CA TRP B 60 -35.47 23.86 -25.61
C TRP B 60 -34.59 24.56 -26.63
N THR B 61 -34.58 24.08 -27.86
CA THR B 61 -33.82 24.78 -28.90
C THR B 61 -34.51 26.07 -29.31
N SER B 62 -35.83 26.01 -29.49
CA SER B 62 -36.53 27.22 -29.88
C SER B 62 -36.35 28.32 -28.84
N GLY B 63 -36.16 27.94 -27.58
CA GLY B 63 -35.86 28.93 -26.56
C GLY B 63 -34.55 29.64 -26.83
N ASN B 64 -33.48 28.86 -27.01
CA ASN B 64 -32.18 29.44 -27.28
C ASN B 64 -32.24 30.38 -28.46
N LEU B 65 -32.78 29.92 -29.57
CA LEU B 65 -32.96 30.76 -30.74
C LEU B 65 -33.75 32.01 -30.40
N PHE B 66 -34.92 31.84 -29.80
CA PHE B 66 -35.81 32.97 -29.57
C PHE B 66 -35.16 34.01 -28.67
N HIS B 67 -34.54 33.58 -27.57
CA HIS B 67 -33.95 34.54 -26.65
C HIS B 67 -32.85 35.34 -27.33
N VAL B 68 -31.85 34.67 -27.88
CA VAL B 68 -30.80 35.36 -28.61
C VAL B 68 -31.41 36.29 -29.64
N ALA B 69 -32.49 35.86 -30.28
CA ALA B 69 -33.18 36.71 -31.23
C ALA B 69 -33.82 37.91 -30.56
N TRP B 70 -34.18 37.79 -29.28
CA TRP B 70 -34.94 38.84 -28.61
C TRP B 70 -34.15 39.54 -27.52
N GLN B 71 -33.71 38.83 -26.49
CA GLN B 71 -32.97 39.51 -25.44
C GLN B 71 -31.49 39.65 -25.73
N GLY B 72 -30.95 38.98 -26.75
CA GLY B 72 -29.55 39.05 -27.04
C GLY B 72 -29.20 39.94 -28.22
N ASN B 73 -27.91 40.22 -28.36
CA ASN B 73 -27.40 40.95 -29.50
C ASN B 73 -26.91 39.95 -30.55
N PHE B 74 -27.16 40.23 -31.82
CA PHE B 74 -26.64 39.36 -32.86
C PHE B 74 -25.94 40.17 -33.93
N GLU B 75 -26.69 41.06 -34.58
CA GLU B 75 -26.12 41.92 -35.60
C GLU B 75 -24.85 42.58 -35.12
N ALA B 76 -24.91 43.22 -33.95
CA ALA B 76 -23.73 43.90 -33.41
C ALA B 76 -22.57 42.93 -33.24
N TRP B 77 -22.85 41.68 -32.87
CA TRP B 77 -21.79 40.69 -32.79
C TRP B 77 -21.33 40.26 -34.17
N VAL B 78 -22.27 40.10 -35.10
CA VAL B 78 -21.93 39.67 -36.46
C VAL B 78 -20.93 40.62 -37.08
N GLN B 79 -21.02 41.90 -36.73
CA GLN B 79 -20.11 42.87 -37.32
C GLN B 79 -18.71 42.74 -36.75
N ASP B 80 -18.59 42.48 -35.45
CA ASP B 80 -17.31 42.43 -34.74
C ASP B 80 -17.24 41.16 -33.91
N PRO B 81 -17.08 40.01 -34.55
CA PRO B 81 -17.07 38.75 -33.78
C PRO B 81 -15.98 38.68 -32.73
N LEU B 82 -14.82 39.28 -32.97
CA LEU B 82 -13.71 39.16 -32.03
C LEU B 82 -13.85 40.11 -30.85
N HIS B 83 -14.23 41.36 -31.12
CA HIS B 83 -14.13 42.42 -30.12
C HIS B 83 -15.41 42.65 -29.35
N ILE B 84 -16.43 41.82 -29.52
CA ILE B 84 -17.64 41.95 -28.71
C ILE B 84 -18.13 40.58 -28.30
N ARG B 85 -18.83 40.52 -27.14
CA ARG B 85 -19.33 39.35 -26.43
C ARG B 85 -20.77 39.03 -26.82
N PRO B 86 -21.05 37.75 -27.07
CA PRO B 86 -22.42 37.34 -27.31
C PRO B 86 -23.22 37.33 -26.03
N ILE B 87 -24.46 37.77 -26.14
CA ILE B 87 -25.35 37.95 -25.00
C ILE B 87 -26.47 36.91 -25.04
N ALA B 88 -26.87 36.47 -23.87
CA ALA B 88 -27.96 35.55 -23.60
C ALA B 88 -29.05 36.30 -22.84
N HIS B 89 -30.04 35.57 -22.35
CA HIS B 89 -31.21 36.16 -21.72
C HIS B 89 -30.82 37.18 -20.65
N ALA B 90 -31.67 38.18 -20.46
CA ALA B 90 -31.43 39.23 -19.49
C ALA B 90 -31.64 38.74 -18.06
N ILE B 91 -31.09 39.50 -17.12
CA ILE B 91 -31.06 39.15 -15.71
C ILE B 91 -32.16 39.93 -15.02
N TRP B 92 -33.19 39.26 -14.52
CA TRP B 92 -34.39 39.98 -14.09
C TRP B 92 -34.52 40.19 -12.58
N ASP B 93 -33.59 39.71 -11.75
CA ASP B 93 -33.88 39.52 -10.32
C ASP B 93 -34.57 40.73 -9.71
N PRO B 94 -35.64 40.52 -8.95
CA PRO B 94 -36.08 41.58 -8.04
C PRO B 94 -35.04 41.91 -7.01
N HIS B 95 -34.03 41.07 -6.86
CA HIS B 95 -33.02 41.26 -5.82
C HIS B 95 -31.78 41.79 -6.50
N PHE B 96 -31.53 43.09 -6.38
CA PHE B 96 -30.24 43.67 -6.73
C PHE B 96 -30.11 45.03 -6.08
N GLY B 97 -28.87 45.49 -5.99
CA GLY B 97 -28.57 46.89 -5.73
C GLY B 97 -28.32 47.61 -7.04
N GLN B 98 -28.09 48.92 -6.91
CA GLN B 98 -27.79 49.71 -8.09
C GLN B 98 -26.50 49.25 -8.75
N SER B 99 -25.59 48.68 -7.97
CA SER B 99 -24.29 48.30 -8.51
C SER B 99 -24.38 47.03 -9.34
N ALA B 100 -24.99 45.99 -8.78
CA ALA B 100 -24.96 44.70 -9.45
C ALA B 100 -25.76 44.71 -10.73
N VAL B 101 -26.82 45.52 -10.80
CA VAL B 101 -27.50 45.71 -12.07
C VAL B 101 -26.53 46.24 -13.11
N GLU B 102 -25.98 47.41 -12.86
CA GLU B 102 -24.99 48.01 -13.75
C GLU B 102 -23.87 47.06 -14.10
N ALA B 103 -23.28 46.40 -13.09
CA ALA B 103 -22.12 45.56 -13.36
C ALA B 103 -22.43 44.39 -14.27
N PHE B 104 -23.69 43.97 -14.36
CA PHE B 104 -24.09 42.89 -15.23
C PHE B 104 -24.67 43.35 -16.55
N THR B 105 -24.71 44.65 -16.81
CA THR B 105 -25.26 45.12 -18.07
C THR B 105 -24.24 45.06 -19.19
N ARG B 106 -23.09 44.47 -18.91
CA ARG B 106 -22.05 44.24 -19.89
C ARG B 106 -22.64 43.66 -21.17
N GLY B 107 -22.36 44.30 -22.28
CA GLY B 107 -22.84 43.84 -23.55
C GLY B 107 -23.19 45.01 -24.43
N GLY B 108 -23.96 44.73 -25.47
CA GLY B 108 -24.52 45.81 -26.24
C GLY B 108 -25.88 46.26 -25.80
N ALA B 109 -26.57 45.46 -24.99
CA ALA B 109 -27.95 45.74 -24.64
C ALA B 109 -28.02 46.78 -23.52
N SER B 110 -29.25 47.15 -23.17
CA SER B 110 -29.47 48.15 -22.14
C SER B 110 -29.43 47.54 -20.74
N GLY B 111 -30.06 46.37 -20.55
CA GLY B 111 -30.22 45.81 -19.24
C GLY B 111 -29.07 44.91 -18.84
N PRO B 112 -29.14 44.33 -17.64
CA PRO B 112 -28.14 43.34 -17.25
C PRO B 112 -28.38 42.04 -17.99
N VAL B 113 -27.31 41.44 -18.50
CA VAL B 113 -27.40 40.24 -19.32
C VAL B 113 -26.23 39.32 -19.05
N ASN B 114 -26.39 38.07 -19.48
CA ASN B 114 -25.37 37.05 -19.36
C ASN B 114 -24.62 36.92 -20.68
N ILE B 115 -23.32 37.25 -20.66
CA ILE B 115 -22.48 36.84 -21.76
C ILE B 115 -22.57 35.33 -21.91
N ALA B 116 -22.89 34.88 -23.12
CA ALA B 116 -23.29 33.50 -23.34
C ALA B 116 -22.07 32.67 -23.67
N THR B 117 -21.72 31.76 -22.77
CA THR B 117 -20.63 30.81 -22.95
C THR B 117 -21.11 29.49 -23.53
N SER B 118 -22.39 29.41 -23.91
CA SER B 118 -22.94 28.17 -24.43
C SER B 118 -22.23 27.73 -25.70
N GLY B 119 -21.88 28.67 -26.56
CA GLY B 119 -21.22 28.35 -27.81
C GLY B 119 -22.14 28.22 -29.01
N VAL B 120 -23.45 28.13 -28.79
CA VAL B 120 -24.43 27.96 -29.85
C VAL B 120 -24.44 29.16 -30.78
N TYR B 121 -23.83 30.24 -30.34
CA TYR B 121 -24.01 31.53 -30.97
C TYR B 121 -23.20 31.63 -32.26
N GLN B 122 -22.07 30.93 -32.31
CA GLN B 122 -21.24 30.90 -33.51
C GLN B 122 -21.76 29.91 -34.54
N TRP B 123 -22.20 28.74 -34.09
CA TRP B 123 -22.74 27.74 -35.01
C TRP B 123 -23.94 28.26 -35.78
N TRP B 124 -24.53 29.37 -35.36
CA TRP B 124 -25.52 30.02 -36.21
C TRP B 124 -24.86 30.85 -37.29
N TYR B 125 -23.74 31.50 -36.96
CA TYR B 125 -23.07 32.37 -37.92
C TYR B 125 -22.20 31.60 -38.89
N THR B 126 -21.61 30.49 -38.48
CA THR B 126 -20.84 29.70 -39.43
C THR B 126 -21.72 28.84 -40.31
N ILE B 127 -22.96 28.60 -39.89
CA ILE B 127 -23.99 28.21 -40.84
C ILE B 127 -24.50 29.44 -41.57
N GLY B 128 -24.53 30.55 -40.85
CA GLY B 128 -24.75 31.89 -41.31
C GLY B 128 -26.20 32.29 -41.28
N MET B 129 -26.49 33.44 -40.69
CA MET B 129 -27.86 33.94 -40.62
C MET B 129 -27.86 35.44 -40.84
N ARG B 130 -27.26 36.18 -39.91
CA ARG B 130 -27.00 37.61 -40.03
C ARG B 130 -28.24 38.49 -40.01
N THR B 131 -29.35 38.01 -39.44
CA THR B 131 -30.45 38.87 -39.00
C THR B 131 -31.07 38.25 -37.77
N ASN B 132 -31.50 39.08 -36.83
CA ASN B 132 -32.37 38.58 -35.79
C ASN B 132 -33.64 37.99 -36.37
N GLN B 133 -34.05 38.44 -37.56
CA GLN B 133 -35.21 37.82 -38.19
C GLN B 133 -34.96 36.35 -38.47
N ASP B 134 -33.79 36.02 -38.99
CA ASP B 134 -33.50 34.61 -39.28
C ASP B 134 -33.67 33.75 -38.04
N LEU B 135 -33.18 34.23 -36.90
CA LEU B 135 -33.27 33.47 -35.67
C LEU B 135 -34.73 33.27 -35.27
N TYR B 136 -35.52 34.35 -35.28
CA TYR B 136 -36.93 34.22 -34.96
C TYR B 136 -37.64 33.34 -35.97
N GLN B 137 -37.40 33.57 -37.27
CA GLN B 137 -37.95 32.69 -38.28
C GLN B 137 -37.62 31.24 -37.97
N GLY B 138 -36.38 30.98 -37.57
CA GLY B 138 -36.00 29.63 -37.21
C GLY B 138 -36.54 29.15 -35.88
N SER B 139 -36.70 30.06 -34.92
CA SER B 139 -37.21 29.65 -33.62
C SER B 139 -38.70 29.34 -33.65
N VAL B 140 -39.41 29.70 -34.71
CA VAL B 140 -40.82 29.35 -34.79
C VAL B 140 -40.99 27.90 -35.24
N PHE B 141 -40.21 27.46 -36.23
CA PHE B 141 -40.36 26.11 -36.76
C PHE B 141 -40.26 25.07 -35.65
N LEU B 142 -39.16 25.10 -34.91
CA LEU B 142 -38.98 24.13 -33.83
C LEU B 142 -40.13 24.16 -32.85
N SER B 143 -40.72 25.34 -32.64
CA SER B 143 -41.95 25.38 -31.85
C SER B 143 -43.07 24.68 -32.59
N ILE B 144 -43.25 24.97 -33.86
CA ILE B 144 -44.26 24.27 -34.66
C ILE B 144 -43.94 22.80 -34.74
N ALA B 145 -42.73 22.48 -35.23
CA ALA B 145 -42.36 21.09 -35.50
C ALA B 145 -42.53 20.22 -34.27
N ALA B 146 -42.14 20.73 -33.11
CA ALA B 146 -42.33 19.95 -31.89
C ALA B 146 -43.80 19.70 -31.63
N GLY B 147 -44.66 20.68 -31.97
CA GLY B 147 -46.09 20.46 -31.84
C GLY B 147 -46.56 19.26 -32.63
N LEU B 148 -45.84 18.90 -33.69
CA LEU B 148 -46.25 17.76 -34.49
C LEU B 148 -46.06 16.46 -33.74
N PHE B 149 -45.07 16.40 -32.85
CA PHE B 149 -44.85 15.16 -32.09
C PHE B 149 -45.86 15.04 -30.97
N LEU B 150 -46.08 16.12 -30.22
CA LEU B 150 -47.11 16.07 -29.20
C LEU B 150 -48.46 15.69 -29.80
N ILE B 151 -48.71 16.10 -31.03
CA ILE B 151 -49.82 15.53 -31.79
C ILE B 151 -49.58 14.04 -31.98
N ALA B 152 -48.44 13.70 -32.59
CA ALA B 152 -48.12 12.30 -32.86
C ALA B 152 -48.14 11.48 -31.58
N GLY B 153 -47.58 12.04 -30.50
CA GLY B 153 -47.62 11.35 -29.22
C GLY B 153 -49.04 11.03 -28.81
N TRP B 154 -49.91 12.05 -28.79
CA TRP B 154 -51.32 11.81 -28.55
C TRP B 154 -51.90 10.87 -29.60
N LEU B 155 -51.37 10.90 -30.81
CA LEU B 155 -52.05 10.25 -31.92
C LEU B 155 -51.83 8.76 -31.93
N HIS B 156 -50.67 8.28 -31.50
CA HIS B 156 -50.37 6.86 -31.55
C HIS B 156 -50.76 6.08 -30.30
N LEU B 157 -51.45 6.69 -29.34
CA LEU B 157 -51.87 5.88 -28.20
C LEU B 157 -53.30 5.40 -28.31
N GLN B 158 -54.03 5.78 -29.35
CA GLN B 158 -55.42 5.34 -29.44
C GLN B 158 -55.50 3.98 -30.12
N PRO B 159 -56.54 3.19 -29.79
CA PRO B 159 -56.61 1.82 -30.28
C PRO B 159 -56.40 1.66 -31.77
N LYS B 160 -56.88 2.61 -32.57
CA LYS B 160 -56.81 2.46 -34.01
C LYS B 160 -55.37 2.60 -34.52
N PHE B 161 -54.70 3.68 -34.16
CA PHE B 161 -53.34 3.91 -34.63
C PHE B 161 -52.28 3.33 -33.72
N GLN B 162 -52.67 2.64 -32.67
CA GLN B 162 -51.73 2.01 -31.77
C GLN B 162 -51.00 0.88 -32.49
N PRO B 163 -49.69 0.95 -32.66
CA PRO B 163 -49.00 -0.06 -33.46
C PRO B 163 -48.87 -1.38 -32.72
N THR B 164 -48.90 -2.46 -33.49
CA THR B 164 -48.76 -3.80 -32.95
C THR B 164 -47.38 -4.01 -32.37
N LEU B 165 -47.27 -5.00 -31.49
CA LEU B 165 -45.99 -5.25 -30.83
C LEU B 165 -44.91 -5.56 -31.85
N SER B 166 -45.13 -6.59 -32.67
CA SER B 166 -44.10 -7.04 -33.60
C SER B 166 -43.70 -5.95 -34.57
N TRP B 167 -44.46 -4.88 -34.67
CA TRP B 167 -43.96 -3.70 -35.38
C TRP B 167 -42.74 -3.15 -34.67
N PHE B 168 -42.73 -3.18 -33.34
CA PHE B 168 -41.56 -2.67 -32.61
C PHE B 168 -40.38 -3.61 -32.73
N LYS B 169 -40.64 -4.91 -32.76
CA LYS B 169 -39.55 -5.86 -32.77
C LYS B 169 -38.99 -6.11 -34.15
N ASN B 170 -39.42 -5.38 -35.17
CA ASN B 170 -38.88 -5.59 -36.51
C ASN B 170 -37.63 -4.72 -36.59
N ALA B 171 -36.47 -5.37 -36.51
CA ALA B 171 -35.19 -4.70 -36.39
C ALA B 171 -34.49 -4.53 -37.72
N GLU B 172 -34.94 -5.21 -38.75
CA GLU B 172 -34.33 -5.06 -40.06
C GLU B 172 -34.94 -3.92 -40.84
N SER B 173 -36.11 -3.46 -40.42
CA SER B 173 -36.68 -2.29 -41.05
C SER B 173 -36.09 -1.01 -40.48
N ARG B 174 -35.95 -0.92 -39.16
CA ARG B 174 -35.35 0.26 -38.57
C ARG B 174 -33.98 0.54 -39.15
N LEU B 175 -33.09 -0.44 -39.07
CA LEU B 175 -31.73 -0.24 -39.57
C LEU B 175 -31.74 0.26 -41.00
N ASN B 176 -32.52 -0.38 -41.87
CA ASN B 176 -32.58 0.08 -43.25
C ASN B 176 -33.06 1.52 -43.31
N HIS B 177 -34.03 1.88 -42.49
CA HIS B 177 -34.55 3.23 -42.53
C HIS B 177 -33.62 4.20 -41.82
N HIS B 178 -33.22 3.89 -40.60
CA HIS B 178 -32.42 4.84 -39.83
C HIS B 178 -31.06 5.07 -40.49
N LEU B 179 -30.45 4.04 -41.06
CA LEU B 179 -29.20 4.23 -41.79
C LEU B 179 -29.39 5.13 -43.01
N ALA B 180 -30.24 4.69 -43.94
CA ALA B 180 -30.42 5.45 -45.17
C ALA B 180 -31.27 6.68 -44.94
N GLY B 181 -32.46 6.50 -44.38
CA GLY B 181 -33.38 7.61 -44.27
C GLY B 181 -32.97 8.62 -43.23
N LEU B 182 -32.73 8.16 -42.01
CA LEU B 182 -32.43 9.10 -40.94
C LEU B 182 -31.02 9.65 -41.08
N PHE B 183 -30.02 8.77 -41.12
CA PHE B 183 -28.64 9.24 -41.22
C PHE B 183 -28.33 9.74 -42.63
N GLY B 184 -28.56 8.90 -43.63
CA GLY B 184 -28.10 9.23 -44.97
C GLY B 184 -28.85 10.40 -45.58
N VAL B 185 -30.17 10.28 -45.66
CA VAL B 185 -30.95 11.31 -46.35
C VAL B 185 -30.75 12.66 -45.70
N SER B 186 -30.60 12.69 -44.37
CA SER B 186 -30.35 13.96 -43.71
C SER B 186 -29.03 14.57 -44.16
N SER B 187 -28.03 13.73 -44.39
CA SER B 187 -26.72 14.25 -44.80
C SER B 187 -26.79 14.89 -46.17
N LEU B 188 -27.56 14.31 -47.09
CA LEU B 188 -27.86 15.00 -48.34
C LEU B 188 -28.40 16.39 -48.06
N ALA B 189 -29.57 16.46 -47.42
CA ALA B 189 -30.20 17.74 -47.16
C ALA B 189 -29.22 18.71 -46.52
N TRP B 190 -28.30 18.21 -45.70
CA TRP B 190 -27.43 19.16 -45.02
C TRP B 190 -26.38 19.72 -45.96
N THR B 191 -25.82 18.91 -46.85
CA THR B 191 -24.99 19.49 -47.91
C THR B 191 -25.81 20.36 -48.83
N GLY B 192 -27.08 20.01 -49.03
CA GLY B 192 -27.96 20.92 -49.73
C GLY B 192 -27.98 22.29 -49.08
N HIS B 193 -28.11 22.30 -47.76
CA HIS B 193 -28.10 23.57 -47.04
C HIS B 193 -26.77 24.27 -47.19
N LEU B 194 -25.67 23.52 -47.05
CA LEU B 194 -24.35 24.13 -47.13
C LEU B 194 -24.13 24.76 -48.49
N VAL B 195 -24.37 24.00 -49.56
CA VAL B 195 -24.10 24.49 -50.90
C VAL B 195 -25.04 25.64 -51.26
N HIS B 196 -26.30 25.53 -50.90
CA HIS B 196 -27.26 26.55 -51.28
C HIS B 196 -27.25 27.77 -50.38
N VAL B 197 -27.05 27.61 -49.08
CA VAL B 197 -27.12 28.70 -48.12
C VAL B 197 -25.76 29.04 -47.55
N ALA B 198 -25.16 28.12 -46.80
CA ALA B 198 -24.01 28.45 -45.97
C ALA B 198 -22.83 28.91 -46.81
N ILE B 199 -22.45 28.11 -47.80
CA ILE B 199 -21.25 28.43 -48.59
C ILE B 199 -21.40 29.72 -49.39
N PRO B 200 -22.47 29.95 -50.14
CA PRO B 200 -22.59 31.26 -50.79
C PRO B 200 -22.67 32.40 -49.79
N GLU B 201 -23.44 32.23 -48.72
CA GLU B 201 -23.48 33.25 -47.68
C GLU B 201 -22.15 33.42 -46.99
N SER B 202 -21.31 32.38 -46.97
CA SER B 202 -19.93 32.54 -46.54
C SER B 202 -19.19 33.56 -47.38
N ARG B 203 -19.50 33.63 -48.67
CA ARG B 203 -18.87 34.57 -49.58
C ARG B 203 -19.64 35.88 -49.67
N GLY B 204 -20.64 36.08 -48.83
CA GLY B 204 -21.37 37.33 -48.81
C GLY B 204 -22.43 37.44 -49.89
N ILE B 205 -23.20 36.38 -50.10
CA ILE B 205 -24.33 36.38 -51.01
C ILE B 205 -25.55 36.00 -50.19
N HIS B 206 -26.50 36.92 -50.05
CA HIS B 206 -27.66 36.66 -49.23
C HIS B 206 -28.65 35.80 -49.99
N VAL B 207 -28.91 34.59 -49.48
CA VAL B 207 -29.89 33.69 -50.04
C VAL B 207 -30.84 33.28 -48.94
N ARG B 208 -32.13 33.35 -49.22
CA ARG B 208 -33.16 33.05 -48.24
C ARG B 208 -34.23 32.25 -48.96
N TRP B 209 -35.34 32.00 -48.29
CA TRP B 209 -36.41 31.28 -48.94
C TRP B 209 -37.10 32.12 -50.02
N ASP B 210 -36.75 33.39 -50.15
CA ASP B 210 -37.29 34.20 -51.23
C ASP B 210 -36.47 34.02 -52.51
N ASN B 211 -35.21 34.40 -52.48
CA ASN B 211 -34.32 34.35 -53.63
C ASN B 211 -33.69 32.99 -53.85
N PHE B 212 -34.11 31.98 -53.09
CA PHE B 212 -33.43 30.70 -53.04
C PHE B 212 -33.16 30.12 -54.42
N LEU B 213 -34.20 29.94 -55.22
CA LEU B 213 -34.05 29.23 -56.49
C LEU B 213 -33.81 30.17 -57.67
N THR B 214 -33.63 31.45 -57.44
CA THR B 214 -33.28 32.35 -58.52
C THR B 214 -31.77 32.47 -58.70
N ILE B 215 -30.97 31.83 -57.85
CA ILE B 215 -29.52 32.03 -57.80
C ILE B 215 -28.83 30.69 -57.79
N LEU B 216 -27.96 30.46 -58.77
CA LEU B 216 -27.24 29.20 -58.84
C LEU B 216 -26.26 29.08 -57.67
N PRO B 217 -26.12 27.89 -57.10
CA PRO B 217 -25.02 27.66 -56.16
C PRO B 217 -23.68 27.59 -56.85
N HIS B 218 -23.66 27.26 -58.13
CA HIS B 218 -22.43 27.06 -58.88
C HIS B 218 -22.64 27.66 -60.26
N PRO B 219 -21.58 28.21 -60.87
CA PRO B 219 -21.76 28.81 -62.19
C PRO B 219 -22.15 27.83 -63.27
N LEU B 220 -21.67 26.60 -63.18
CA LEU B 220 -22.13 25.59 -64.11
C LEU B 220 -23.55 25.17 -63.72
N GLY B 221 -24.11 24.26 -64.49
CA GLY B 221 -25.37 23.67 -64.11
C GLY B 221 -25.10 22.38 -63.38
N LEU B 222 -25.99 21.42 -63.54
CA LEU B 222 -25.68 20.05 -63.18
C LEU B 222 -25.08 19.30 -64.36
N LYS B 223 -24.82 20.03 -65.46
CA LYS B 223 -24.03 19.48 -66.56
C LYS B 223 -22.80 18.73 -66.06
N PRO B 224 -21.90 19.32 -65.27
CA PRO B 224 -20.75 18.54 -64.83
C PRO B 224 -21.14 17.33 -63.98
N PHE B 225 -22.14 17.52 -63.12
CA PHE B 225 -22.60 16.41 -62.31
C PHE B 225 -23.11 15.26 -63.16
N PHE B 226 -23.98 15.54 -64.13
CA PHE B 226 -24.57 14.48 -64.92
C PHE B 226 -23.71 14.02 -66.09
N THR B 227 -22.85 14.86 -66.66
CA THR B 227 -21.94 14.34 -67.67
C THR B 227 -21.00 13.31 -67.05
N GLY B 228 -20.78 13.38 -65.74
CA GLY B 228 -19.87 12.48 -65.08
C GLY B 228 -18.58 13.18 -64.76
N ASN B 229 -18.47 14.43 -65.18
CA ASN B 229 -17.26 15.18 -64.91
C ASN B 229 -17.41 15.93 -63.61
N TRP B 230 -16.77 15.45 -62.56
CA TRP B 230 -17.00 16.00 -61.25
C TRP B 230 -15.94 16.97 -60.78
N SER B 231 -14.88 17.22 -61.54
CA SER B 231 -13.97 18.27 -61.12
C SER B 231 -14.34 19.49 -61.94
N ALA B 232 -15.24 20.27 -61.38
CA ALA B 232 -15.53 21.65 -61.70
C ALA B 232 -15.74 22.24 -60.32
N TYR B 233 -16.68 21.61 -59.62
CA TYR B 233 -16.99 21.91 -58.23
C TYR B 233 -15.73 22.00 -57.38
N ALA B 234 -14.71 21.22 -57.71
CA ALA B 234 -13.44 21.25 -57.00
C ALA B 234 -12.39 22.10 -57.69
N GLN B 235 -12.73 22.73 -58.82
CA GLN B 235 -11.71 23.26 -59.70
C GLN B 235 -11.15 24.60 -59.25
N ASN B 236 -11.89 25.39 -58.47
CA ASN B 236 -11.50 26.76 -58.15
C ASN B 236 -11.69 27.04 -56.66
N PRO B 237 -10.77 26.56 -55.82
CA PRO B 237 -10.92 26.78 -54.37
C PRO B 237 -10.74 28.22 -53.99
N ASP B 238 -10.86 28.53 -52.70
CA ASP B 238 -10.76 29.92 -52.30
C ASP B 238 -9.29 30.32 -52.14
N THR B 239 -9.08 31.61 -51.92
CA THR B 239 -7.76 32.16 -51.65
C THR B 239 -7.41 32.03 -50.18
N ILE B 240 -6.10 32.04 -49.90
CA ILE B 240 -5.63 31.98 -48.52
C ILE B 240 -6.07 33.21 -47.74
N ASN B 241 -6.11 34.36 -48.39
CA ASN B 241 -6.49 35.61 -47.76
C ASN B 241 -7.99 35.89 -47.81
N HIS B 242 -8.78 34.89 -48.20
CA HIS B 242 -10.23 35.06 -48.24
C HIS B 242 -10.77 35.53 -46.90
N ILE B 243 -11.48 36.64 -46.93
CA ILE B 243 -12.15 37.20 -45.76
C ILE B 243 -13.57 36.66 -45.70
N PHE B 244 -13.99 36.24 -44.51
CA PHE B 244 -15.24 35.52 -44.36
C PHE B 244 -16.42 36.47 -44.47
N SER B 245 -17.55 35.94 -44.92
CA SER B 245 -18.83 36.65 -45.01
C SER B 245 -18.77 37.89 -45.89
N THR B 246 -17.82 37.94 -46.82
CA THR B 246 -17.73 38.98 -47.83
C THR B 246 -17.19 38.36 -49.10
N ASN B 247 -16.96 39.18 -50.12
CA ASN B 247 -16.31 38.71 -51.33
C ASN B 247 -14.96 39.42 -51.45
N THR B 248 -13.89 38.68 -51.15
CA THR B 248 -12.54 39.12 -51.46
C THR B 248 -11.76 37.90 -51.96
N GLY B 249 -11.33 37.95 -53.22
CA GLY B 249 -10.59 36.86 -53.82
C GLY B 249 -11.30 35.52 -53.68
N SER B 250 -12.61 35.56 -53.48
CA SER B 250 -13.34 34.36 -53.10
C SER B 250 -13.36 33.36 -54.24
N GLY B 251 -12.87 32.15 -53.98
CA GLY B 251 -12.95 31.11 -54.97
C GLY B 251 -14.39 30.73 -55.29
N ASP B 252 -14.56 30.09 -56.43
CA ASP B 252 -15.87 29.73 -56.92
C ASP B 252 -16.30 28.31 -56.57
N ALA B 253 -15.39 27.48 -56.07
CA ALA B 253 -15.67 26.05 -55.93
C ALA B 253 -16.75 25.80 -54.89
N ILE B 254 -17.34 24.61 -54.96
CA ILE B 254 -18.32 24.20 -53.97
C ILE B 254 -17.82 22.97 -53.20
N LEU B 255 -17.53 21.88 -53.89
CA LEU B 255 -17.04 20.68 -53.21
C LEU B 255 -15.53 20.60 -53.42
N THR B 256 -14.77 20.90 -52.39
CA THR B 256 -13.33 20.71 -52.35
C THR B 256 -12.97 20.22 -50.97
N PHE B 257 -11.74 19.76 -50.81
CA PHE B 257 -11.15 19.79 -49.48
C PHE B 257 -9.67 20.09 -49.58
N LEU B 258 -9.26 21.15 -48.89
CA LEU B 258 -7.90 21.60 -48.88
C LEU B 258 -7.15 21.17 -47.62
N GLY B 259 -7.84 20.53 -46.68
CA GLY B 259 -7.24 20.24 -45.39
C GLY B 259 -7.03 21.52 -44.63
N GLY B 260 -6.63 21.41 -43.37
CA GLY B 260 -6.29 22.64 -42.68
C GLY B 260 -7.49 23.54 -42.44
N PHE B 261 -7.19 24.79 -42.13
CA PHE B 261 -8.19 25.72 -41.66
C PHE B 261 -8.39 26.87 -42.65
N HIS B 262 -9.19 27.84 -42.24
CA HIS B 262 -9.59 28.99 -43.05
C HIS B 262 -9.03 30.21 -42.35
N PRO B 263 -7.80 30.61 -42.68
CA PRO B 263 -7.00 31.43 -41.76
C PRO B 263 -7.66 32.67 -41.23
N GLN B 264 -8.57 33.30 -41.98
CA GLN B 264 -9.35 34.38 -41.40
C GLN B 264 -10.10 33.90 -40.16
N THR B 265 -10.89 32.84 -40.30
CA THR B 265 -11.67 32.34 -39.18
C THR B 265 -10.93 31.30 -38.36
N GLN B 266 -9.80 30.79 -38.87
CA GLN B 266 -9.05 29.74 -38.18
C GLN B 266 -9.96 28.55 -37.87
N SER B 267 -10.90 28.31 -38.77
CA SER B 267 -11.85 27.21 -38.67
C SER B 267 -11.74 26.38 -39.94
N LEU B 268 -12.52 25.30 -40.00
CA LEU B 268 -12.44 24.40 -41.13
C LEU B 268 -13.05 25.06 -42.37
N TRP B 269 -12.55 24.66 -43.53
CA TRP B 269 -13.13 25.14 -44.78
C TRP B 269 -14.55 24.60 -44.91
N LEU B 270 -15.45 25.45 -45.42
CA LEU B 270 -16.82 24.97 -45.55
C LEU B 270 -16.98 24.02 -46.72
N THR B 271 -16.40 24.37 -47.88
CA THR B 271 -16.39 23.42 -48.99
C THR B 271 -15.86 22.08 -48.54
N ASP B 272 -14.92 22.09 -47.59
CA ASP B 272 -14.40 20.86 -47.05
C ASP B 272 -15.46 20.09 -46.29
N MET B 273 -16.36 20.80 -45.60
CA MET B 273 -17.45 20.10 -44.92
C MET B 273 -18.55 19.70 -45.89
N ALA B 274 -18.87 20.58 -46.85
CA ALA B 274 -19.85 20.21 -47.86
C ALA B 274 -19.45 18.94 -48.57
N HIS B 275 -18.15 18.76 -48.78
CA HIS B 275 -17.70 17.52 -49.41
C HIS B 275 -17.88 16.35 -48.47
N HIS B 276 -17.67 16.59 -47.18
CA HIS B 276 -17.77 15.59 -46.13
C HIS B 276 -19.13 14.93 -46.08
N HIS B 277 -20.15 15.66 -45.65
CA HIS B 277 -21.46 15.07 -45.48
C HIS B 277 -21.95 14.45 -46.77
N LEU B 278 -21.59 15.05 -47.91
CA LEU B 278 -22.01 14.52 -49.19
C LEU B 278 -21.40 13.15 -49.45
N ALA B 279 -20.23 12.88 -48.88
CA ALA B 279 -19.67 11.53 -48.95
C ALA B 279 -20.37 10.61 -47.96
N ILE B 280 -20.56 11.08 -46.72
CA ILE B 280 -21.25 10.28 -45.72
C ILE B 280 -22.66 9.96 -46.19
N ALA B 281 -23.33 10.93 -46.81
CA ALA B 281 -24.64 10.66 -47.35
C ALA B 281 -24.60 9.46 -48.29
N VAL B 282 -23.58 9.39 -49.13
CA VAL B 282 -23.53 8.31 -50.10
C VAL B 282 -23.22 6.98 -49.42
N LEU B 283 -22.49 7.00 -48.30
CA LEU B 283 -22.13 5.74 -47.66
C LEU B 283 -23.31 5.09 -46.97
N PHE B 284 -24.01 5.84 -46.12
CA PHE B 284 -25.14 5.29 -45.38
C PHE B 284 -26.22 4.81 -46.33
N ILE B 285 -26.60 5.65 -47.30
CA ILE B 285 -27.66 5.29 -48.24
C ILE B 285 -27.35 3.96 -48.90
N ILE B 286 -26.07 3.74 -49.21
CA ILE B 286 -25.69 2.43 -49.72
C ILE B 286 -25.81 1.37 -48.63
N ALA B 287 -25.48 1.73 -47.40
CA ALA B 287 -25.43 0.75 -46.32
C ALA B 287 -26.78 0.58 -45.63
N GLY B 288 -27.82 1.25 -46.11
CA GLY B 288 -29.15 1.01 -45.60
C GLY B 288 -29.93 -0.02 -46.37
N HIS B 289 -29.39 -0.51 -47.48
CA HIS B 289 -30.06 -1.54 -48.25
C HIS B 289 -29.59 -2.93 -47.86
N MET B 290 -28.76 -3.02 -46.83
CA MET B 290 -28.17 -4.30 -46.48
C MET B 290 -29.20 -5.27 -45.93
N TYR B 291 -30.09 -4.80 -45.07
CA TYR B 291 -30.91 -5.72 -44.31
C TYR B 291 -32.25 -5.94 -45.01
N ARG B 292 -32.77 -7.15 -44.88
CA ARG B 292 -33.94 -7.55 -45.65
C ARG B 292 -35.23 -6.95 -45.09
N THR B 293 -36.14 -6.66 -46.01
CA THR B 293 -37.47 -6.15 -45.71
C THR B 293 -38.44 -6.91 -46.61
N ASN B 294 -39.67 -6.39 -46.72
CA ASN B 294 -40.73 -7.09 -47.43
C ASN B 294 -40.29 -7.62 -48.79
N PHE B 295 -39.31 -6.98 -49.40
CA PHE B 295 -38.92 -7.32 -50.76
C PHE B 295 -38.02 -8.54 -50.84
N GLY B 296 -37.70 -9.14 -49.70
CA GLY B 296 -37.06 -10.44 -49.70
C GLY B 296 -35.62 -10.46 -50.15
N ILE B 297 -35.09 -9.37 -50.67
CA ILE B 297 -33.67 -9.25 -50.96
C ILE B 297 -33.01 -8.51 -49.80
N GLY B 298 -31.95 -9.08 -49.28
CA GLY B 298 -31.28 -8.48 -48.15
C GLY B 298 -30.60 -9.53 -47.31
N HIS B 299 -30.42 -9.21 -46.04
CA HIS B 299 -29.86 -10.12 -45.07
C HIS B 299 -30.84 -10.38 -43.94
N SER B 300 -30.61 -11.49 -43.24
CA SER B 300 -31.34 -11.84 -42.03
C SER B 300 -30.39 -11.70 -40.86
N MET B 301 -30.75 -10.84 -39.90
CA MET B 301 -29.88 -10.55 -38.78
C MET B 301 -29.38 -11.82 -38.11
N LYS B 302 -30.27 -12.77 -37.87
CA LYS B 302 -29.90 -13.94 -37.10
C LYS B 302 -29.02 -14.88 -37.89
N GLU B 303 -29.32 -15.08 -39.16
CA GLU B 303 -28.54 -16.00 -39.96
C GLU B 303 -27.32 -15.35 -40.57
N ILE B 304 -27.10 -14.07 -40.29
CA ILE B 304 -25.74 -13.54 -40.30
C ILE B 304 -24.98 -14.05 -39.09
N LEU B 305 -25.54 -13.83 -37.90
CA LEU B 305 -24.87 -14.20 -36.66
C LEU B 305 -24.57 -15.70 -36.61
N ASP B 306 -25.60 -16.52 -36.75
CA ASP B 306 -25.50 -17.93 -36.37
C ASP B 306 -24.44 -18.68 -37.15
N MET B 307 -23.91 -18.12 -38.23
CA MET B 307 -22.86 -18.76 -38.99
C MET B 307 -21.47 -18.31 -38.58
N HIS B 308 -21.36 -17.49 -37.54
CA HIS B 308 -20.07 -16.97 -37.09
C HIS B 308 -19.46 -17.75 -35.94
N THR B 309 -20.02 -18.87 -35.54
CA THR B 309 -19.30 -19.68 -34.57
C THR B 309 -18.03 -20.17 -35.21
N PRO B 310 -16.86 -19.79 -34.69
CA PRO B 310 -15.60 -20.10 -35.38
C PRO B 310 -15.37 -21.60 -35.42
N PRO B 311 -14.89 -22.11 -36.53
CA PRO B 311 -14.81 -23.55 -36.77
C PRO B 311 -13.68 -24.22 -35.98
N SER B 312 -13.59 -23.90 -34.70
CA SER B 312 -12.64 -24.48 -33.79
C SER B 312 -13.42 -24.92 -32.58
N GLY B 313 -14.15 -23.96 -32.00
CA GLY B 313 -14.79 -24.10 -30.71
C GLY B 313 -14.19 -23.20 -29.67
N ASN B 314 -13.21 -22.38 -30.04
CA ASN B 314 -12.71 -21.37 -29.12
C ASN B 314 -13.85 -20.56 -28.52
N LEU B 315 -14.82 -20.17 -29.34
CA LEU B 315 -16.01 -19.50 -28.86
C LEU B 315 -17.17 -20.46 -28.64
N GLY B 316 -16.95 -21.75 -28.83
CA GLY B 316 -18.02 -22.70 -28.62
C GLY B 316 -19.12 -22.50 -29.64
N ALA B 317 -20.34 -22.32 -29.16
CA ALA B 317 -21.46 -22.06 -30.05
C ALA B 317 -21.36 -20.72 -30.75
N GLY B 318 -20.39 -19.89 -30.37
CA GLY B 318 -20.24 -18.61 -31.03
C GLY B 318 -21.43 -17.72 -30.79
N HIS B 319 -21.91 -17.09 -31.85
CA HIS B 319 -23.10 -16.26 -31.76
C HIS B 319 -24.28 -17.16 -32.09
N GLN B 320 -25.05 -17.53 -31.09
CA GLN B 320 -26.15 -18.43 -31.31
C GLN B 320 -27.27 -18.01 -30.38
N ASN B 321 -28.46 -17.85 -30.93
CA ASN B 321 -29.59 -17.36 -30.17
C ASN B 321 -29.31 -16.00 -29.56
N LEU B 322 -28.34 -15.25 -30.08
CA LEU B 322 -28.19 -13.88 -29.59
C LEU B 322 -29.29 -12.99 -30.12
N PHE B 323 -29.58 -13.09 -31.42
CA PHE B 323 -30.69 -12.31 -31.96
C PHE B 323 -31.97 -12.55 -31.19
N ASP B 324 -32.04 -13.65 -30.43
CA ASP B 324 -33.12 -13.84 -29.48
C ASP B 324 -32.98 -12.87 -28.31
N THR B 325 -31.91 -13.01 -27.54
CA THR B 325 -31.71 -12.14 -26.39
C THR B 325 -31.79 -10.67 -26.77
N ILE B 326 -31.13 -10.28 -27.86
CA ILE B 326 -31.06 -8.86 -28.19
C ILE B 326 -32.46 -8.32 -28.48
N ASN B 327 -33.13 -8.95 -29.45
CA ASN B 327 -34.41 -8.45 -29.90
C ASN B 327 -35.49 -8.55 -28.84
N ASN B 328 -35.23 -9.28 -27.75
CA ASN B 328 -36.18 -9.41 -26.64
C ASN B 328 -35.83 -8.47 -25.50
N SER B 329 -34.63 -8.63 -24.93
CA SER B 329 -34.17 -7.70 -23.92
C SER B 329 -34.15 -6.29 -24.45
N LEU B 330 -34.81 -5.38 -23.75
CA LEU B 330 -34.62 -3.97 -24.03
C LEU B 330 -33.28 -3.49 -23.49
N HIS B 331 -33.00 -3.80 -22.23
CA HIS B 331 -31.82 -3.24 -21.59
C HIS B 331 -30.57 -3.57 -22.37
N PHE B 332 -30.51 -4.75 -22.99
CA PHE B 332 -29.36 -5.05 -23.82
C PHE B 332 -29.25 -4.03 -24.94
N GLN B 333 -30.36 -3.74 -25.60
CA GLN B 333 -30.39 -2.73 -26.64
C GLN B 333 -30.05 -1.35 -26.10
N LEU B 334 -30.42 -1.08 -24.86
CA LEU B 334 -30.13 0.24 -24.32
C LEU B 334 -28.70 0.33 -23.82
N GLY B 335 -28.12 -0.76 -23.33
CA GLY B 335 -26.72 -0.73 -22.96
C GLY B 335 -25.83 -0.39 -24.13
N LEU B 336 -26.11 -0.96 -25.29
CA LEU B 336 -25.37 -0.62 -26.50
C LEU B 336 -25.60 0.82 -26.90
N ALA B 337 -26.84 1.29 -26.82
CA ALA B 337 -27.14 2.63 -27.27
C ALA B 337 -26.35 3.66 -26.49
N LEU B 338 -26.35 3.56 -25.16
CA LEU B 338 -25.58 4.50 -24.36
C LEU B 338 -24.10 4.33 -24.59
N ALA B 339 -23.62 3.09 -24.68
CA ALA B 339 -22.21 2.86 -24.92
C ALA B 339 -21.77 3.44 -26.26
N SER B 340 -22.58 3.23 -27.29
CA SER B 340 -22.24 3.74 -28.61
C SER B 340 -22.35 5.26 -28.65
N ALA B 341 -23.48 5.79 -28.20
CA ALA B 341 -23.64 7.24 -28.20
C ALA B 341 -22.72 7.90 -27.16
N GLY B 342 -22.48 7.21 -26.05
CA GLY B 342 -21.64 7.80 -25.01
C GLY B 342 -20.24 8.09 -25.49
N THR B 343 -19.59 7.11 -26.13
CA THR B 343 -18.24 7.33 -26.63
C THR B 343 -18.19 8.46 -27.65
N ILE B 344 -19.19 8.52 -28.52
CA ILE B 344 -19.22 9.55 -29.55
C ILE B 344 -19.30 10.93 -28.92
N CYS B 345 -20.08 11.08 -27.85
CA CYS B 345 -20.12 12.35 -27.14
C CYS B 345 -18.70 12.82 -26.83
N SER B 346 -17.89 11.91 -26.33
CA SER B 346 -16.50 12.21 -26.05
C SER B 346 -15.73 12.45 -27.34
N MET B 347 -15.92 11.57 -28.33
CA MET B 347 -15.26 11.76 -29.61
C MET B 347 -15.55 13.14 -30.18
N VAL B 348 -16.78 13.62 -30.01
CA VAL B 348 -17.07 14.99 -30.40
C VAL B 348 -16.11 15.94 -29.69
N ALA B 349 -15.99 15.80 -28.38
CA ALA B 349 -15.17 16.75 -27.63
C ALA B 349 -13.70 16.63 -27.99
N GLN B 350 -13.24 15.44 -28.39
CA GLN B 350 -11.85 15.32 -28.76
C GLN B 350 -11.57 16.03 -30.08
N HIS B 351 -12.48 15.95 -31.04
CA HIS B 351 -12.24 16.62 -32.30
C HIS B 351 -12.55 18.11 -32.21
N MET B 352 -13.63 18.46 -31.53
CA MET B 352 -14.23 19.78 -31.71
C MET B 352 -13.39 20.90 -31.11
N TYR B 353 -12.48 20.60 -30.17
CA TYR B 353 -11.56 21.66 -29.76
C TYR B 353 -10.40 21.78 -30.73
N SER B 354 -9.89 20.65 -31.20
CA SER B 354 -8.71 20.64 -32.06
C SER B 354 -9.05 21.01 -33.50
N LEU B 355 -10.22 20.63 -33.99
CA LEU B 355 -10.67 20.91 -35.34
C LEU B 355 -11.90 21.80 -35.22
N PRO B 356 -11.72 23.07 -34.92
CA PRO B 356 -12.84 23.93 -34.55
C PRO B 356 -13.70 24.29 -35.75
N ALA B 357 -14.64 23.41 -36.07
CA ALA B 357 -15.46 23.57 -37.27
C ALA B 357 -16.04 24.97 -37.41
N TYR B 358 -16.51 25.55 -36.32
CA TYR B 358 -17.25 26.80 -36.41
C TYR B 358 -16.31 27.98 -36.55
N ALA B 359 -16.78 29.01 -37.26
CA ALA B 359 -15.97 30.19 -37.48
C ALA B 359 -15.82 31.00 -36.19
N PHE B 360 -14.61 31.50 -35.97
CA PHE B 360 -14.33 32.46 -34.91
C PHE B 360 -14.56 31.88 -33.53
N ILE B 361 -14.45 30.56 -33.40
CA ILE B 361 -14.18 29.97 -32.09
C ILE B 361 -12.66 29.78 -32.12
N ALA B 362 -12.07 29.33 -31.02
CA ALA B 362 -10.62 29.35 -30.84
C ALA B 362 -10.08 30.76 -30.99
N SER B 363 -10.95 31.74 -30.77
CA SER B 363 -10.64 33.15 -30.78
C SER B 363 -11.19 33.72 -29.47
N ASP B 364 -12.50 33.57 -29.29
CA ASP B 364 -13.07 33.53 -27.95
C ASP B 364 -12.83 32.14 -27.38
N PHE B 365 -12.05 32.08 -26.30
CA PHE B 365 -11.62 30.78 -25.79
C PHE B 365 -12.69 30.13 -24.93
N THR B 366 -13.25 30.89 -23.98
CA THR B 366 -14.07 30.30 -22.92
C THR B 366 -15.29 29.55 -23.44
N THR B 367 -15.65 29.73 -24.70
CA THR B 367 -16.71 28.92 -25.26
C THR B 367 -16.21 27.58 -25.77
N GLN B 368 -14.90 27.37 -25.87
CA GLN B 368 -14.43 26.00 -26.06
C GLN B 368 -14.41 25.25 -24.75
N ALA B 369 -13.87 25.86 -23.70
CA ALA B 369 -13.77 25.18 -22.41
C ALA B 369 -15.15 24.73 -21.95
N SER B 370 -16.11 25.64 -21.95
CA SER B 370 -17.45 25.29 -21.52
C SER B 370 -18.04 24.18 -22.36
N LEU B 371 -17.55 23.99 -23.58
CA LEU B 371 -18.03 22.88 -24.39
C LEU B 371 -17.29 21.60 -24.07
N TYR B 372 -15.98 21.58 -24.33
CA TYR B 372 -15.20 20.36 -24.16
C TYR B 372 -15.52 19.65 -22.86
N THR B 373 -15.73 20.40 -21.79
CA THR B 373 -16.09 19.76 -20.53
C THR B 373 -17.49 19.20 -20.57
N HIS B 374 -18.42 19.91 -21.21
CA HIS B 374 -19.78 19.41 -21.32
C HIS B 374 -19.79 18.01 -21.92
N HIS B 375 -19.18 17.86 -23.09
CA HIS B 375 -19.27 16.58 -23.77
C HIS B 375 -18.38 15.52 -23.18
N GLN B 376 -17.45 15.88 -22.29
CA GLN B 376 -16.76 14.82 -21.57
C GLN B 376 -17.61 14.29 -20.43
N TYR B 377 -18.15 15.19 -19.60
CA TYR B 377 -19.02 14.76 -18.52
C TYR B 377 -20.24 14.03 -19.06
N ILE B 378 -20.97 14.66 -19.98
CA ILE B 378 -22.15 14.01 -20.52
C ILE B 378 -21.80 12.72 -21.23
N ALA B 379 -20.54 12.54 -21.63
CA ALA B 379 -20.11 11.23 -22.10
C ALA B 379 -19.81 10.29 -20.96
N GLY B 380 -19.42 10.83 -19.81
CA GLY B 380 -19.16 9.97 -18.67
C GLY B 380 -20.41 9.29 -18.18
N PHE B 381 -21.44 10.08 -17.87
CA PHE B 381 -22.69 9.54 -17.34
C PHE B 381 -23.27 8.49 -18.26
N MET B 382 -23.16 8.69 -19.57
CA MET B 382 -23.80 7.79 -20.50
C MET B 382 -23.16 6.41 -20.47
N LEU B 383 -21.84 6.35 -20.31
CA LEU B 383 -21.18 5.06 -20.20
C LEU B 383 -21.51 4.38 -18.87
N CYS B 384 -21.49 5.13 -17.78
CA CYS B 384 -21.88 4.54 -16.50
C CYS B 384 -23.31 4.03 -16.53
N GLY B 385 -24.13 4.54 -17.44
CA GLY B 385 -25.46 4.00 -17.61
C GLY B 385 -25.46 2.86 -18.60
N ALA B 386 -24.49 2.85 -19.52
CA ALA B 386 -24.37 1.72 -20.42
C ALA B 386 -24.08 0.44 -19.66
N PHE B 387 -23.27 0.54 -18.60
CA PHE B 387 -22.99 -0.64 -17.79
C PHE B 387 -24.10 -0.97 -16.82
N ALA B 388 -24.77 0.04 -16.25
CA ALA B 388 -25.89 -0.26 -15.36
C ALA B 388 -26.92 -1.12 -16.07
N HIS B 389 -27.45 -0.63 -17.19
CA HIS B 389 -28.35 -1.44 -17.99
C HIS B 389 -27.67 -2.68 -18.51
N GLY B 390 -26.34 -2.69 -18.55
CA GLY B 390 -25.66 -3.96 -18.73
C GLY B 390 -25.90 -4.89 -17.57
N ALA B 391 -26.00 -4.36 -16.36
CA ALA B 391 -26.28 -5.20 -15.21
C ALA B 391 -27.75 -5.58 -15.14
N ILE B 392 -28.65 -4.60 -15.32
CA ILE B 392 -30.07 -4.91 -15.31
C ILE B 392 -30.40 -5.97 -16.32
N PHE B 393 -29.66 -6.01 -17.42
CA PHE B 393 -29.76 -7.12 -18.36
C PHE B 393 -29.49 -8.43 -17.64
N PHE B 394 -28.24 -8.63 -17.19
CA PHE B 394 -27.89 -9.87 -16.53
C PHE B 394 -28.75 -10.18 -15.33
N ILE B 395 -29.23 -9.16 -14.62
CA ILE B 395 -29.99 -9.46 -13.42
C ILE B 395 -31.39 -9.97 -13.75
N ARG B 396 -31.91 -9.66 -14.93
CA ARG B 396 -33.30 -9.99 -15.19
C ARG B 396 -33.51 -10.75 -16.49
N ASP B 397 -33.30 -10.10 -17.63
CA ASP B 397 -33.74 -10.67 -18.90
C ASP B 397 -32.69 -11.52 -19.61
N TYR B 398 -31.56 -11.84 -18.97
CA TYR B 398 -30.63 -12.82 -19.49
C TYR B 398 -31.09 -14.24 -19.14
N ASP B 399 -31.03 -15.13 -20.12
CA ASP B 399 -31.43 -16.53 -19.93
C ASP B 399 -30.24 -17.46 -20.14
N PRO B 400 -29.76 -18.15 -19.10
CA PRO B 400 -28.61 -19.04 -19.29
C PRO B 400 -28.92 -20.27 -20.10
N VAL B 401 -30.19 -20.63 -20.24
CA VAL B 401 -30.53 -21.89 -20.92
C VAL B 401 -30.40 -21.74 -22.42
N ALA B 402 -31.18 -20.83 -23.01
CA ALA B 402 -31.07 -20.57 -24.44
C ALA B 402 -29.70 -20.05 -24.84
N ASN B 403 -28.95 -19.49 -23.91
CA ASN B 403 -27.60 -18.99 -24.19
C ASN B 403 -26.50 -19.99 -23.91
N LYS B 404 -26.84 -21.23 -23.58
CA LYS B 404 -25.82 -22.20 -23.22
C LYS B 404 -24.79 -22.31 -24.32
N GLY B 405 -23.52 -22.11 -23.96
CA GLY B 405 -22.45 -22.16 -24.92
C GLY B 405 -22.27 -20.94 -25.78
N ASN B 406 -23.06 -19.90 -25.57
CA ASN B 406 -22.91 -18.70 -26.39
C ASN B 406 -21.69 -17.92 -25.97
N VAL B 407 -21.55 -16.73 -26.55
CA VAL B 407 -20.46 -15.85 -26.21
C VAL B 407 -20.75 -15.12 -24.90
N LEU B 408 -22.01 -14.82 -24.60
CA LEU B 408 -22.31 -14.25 -23.29
C LEU B 408 -22.03 -15.25 -22.19
N ALA B 409 -22.37 -16.51 -22.42
CA ALA B 409 -22.18 -17.51 -21.38
C ALA B 409 -20.69 -17.84 -21.19
N ARG B 410 -19.89 -17.71 -22.23
CA ARG B 410 -18.46 -17.92 -22.06
C ARG B 410 -17.85 -16.88 -21.15
N ILE B 411 -18.34 -15.63 -21.22
CA ILE B 411 -17.80 -14.62 -20.32
C ILE B 411 -18.17 -14.94 -18.88
N LEU B 412 -19.44 -15.19 -18.60
CA LEU B 412 -19.80 -15.58 -17.24
C LEU B 412 -19.06 -16.83 -16.80
N ASP B 413 -18.64 -17.68 -17.75
CA ASP B 413 -17.87 -18.85 -17.36
C ASP B 413 -16.53 -18.47 -16.76
N HIS B 414 -15.88 -17.45 -17.28
CA HIS B 414 -14.73 -16.88 -16.58
C HIS B 414 -15.10 -15.47 -16.15
N LYS B 415 -15.53 -15.33 -14.90
CA LYS B 415 -15.75 -14.00 -14.36
C LYS B 415 -14.44 -13.43 -13.86
N GLU B 416 -13.67 -14.25 -13.15
CA GLU B 416 -12.56 -13.75 -12.38
C GLU B 416 -11.46 -13.24 -13.28
N ALA B 417 -11.14 -13.98 -14.34
CA ALA B 417 -10.07 -13.57 -15.23
C ALA B 417 -10.24 -12.12 -15.63
N ILE B 418 -11.42 -11.78 -16.14
CA ILE B 418 -11.69 -10.38 -16.46
C ILE B 418 -11.57 -9.52 -15.22
N ILE B 419 -12.18 -9.95 -14.11
CA ILE B 419 -12.14 -9.15 -12.89
C ILE B 419 -10.73 -9.04 -12.37
N SER B 420 -9.97 -10.14 -12.42
CA SER B 420 -8.65 -10.15 -11.80
C SER B 420 -7.67 -9.31 -12.61
N HIS B 421 -7.72 -9.38 -13.93
CA HIS B 421 -6.74 -8.65 -14.71
C HIS B 421 -6.98 -7.16 -14.71
N LEU B 422 -8.25 -6.73 -14.79
CA LEU B 422 -8.51 -5.32 -14.54
C LEU B 422 -8.01 -4.91 -13.18
N SER B 423 -7.96 -5.83 -12.23
CA SER B 423 -7.42 -5.52 -10.92
C SER B 423 -5.91 -5.44 -10.94
N TRP B 424 -5.25 -6.07 -11.90
CA TRP B 424 -3.81 -5.87 -12.01
C TRP B 424 -3.49 -4.57 -12.71
N VAL B 425 -4.13 -4.31 -13.84
CA VAL B 425 -3.81 -3.11 -14.61
C VAL B 425 -4.13 -1.87 -13.81
N SER B 426 -5.23 -1.89 -13.07
CA SER B 426 -5.60 -0.72 -12.29
C SER B 426 -4.68 -0.52 -11.10
N LEU B 427 -4.06 -1.58 -10.60
CA LEU B 427 -3.07 -1.39 -9.55
C LEU B 427 -1.73 -0.96 -10.14
N PHE B 428 -1.32 -1.55 -11.26
CA PHE B 428 -0.06 -1.15 -11.86
C PHE B 428 -0.05 0.36 -12.07
N LEU B 429 -1.03 0.85 -12.81
CA LEU B 429 -1.17 2.28 -12.97
C LEU B 429 -1.39 2.99 -11.65
N GLY B 430 -1.88 2.29 -10.65
CA GLY B 430 -2.08 2.91 -9.36
C GLY B 430 -0.81 3.27 -8.64
N PHE B 431 0.04 2.28 -8.40
CA PHE B 431 1.28 2.52 -7.67
C PHE B 431 2.21 3.40 -8.47
N HIS B 432 2.44 3.05 -9.74
CA HIS B 432 3.50 3.67 -10.50
C HIS B 432 3.17 5.09 -10.90
N THR B 433 1.93 5.36 -11.31
CA THR B 433 1.59 6.73 -11.66
C THR B 433 1.63 7.63 -10.43
N LEU B 434 1.03 7.21 -9.33
CA LEU B 434 1.17 7.99 -8.11
C LEU B 434 2.60 7.95 -7.60
N GLY B 435 3.26 6.80 -7.69
CA GLY B 435 4.61 6.69 -7.21
C GLY B 435 5.57 7.65 -7.88
N LEU B 436 5.28 8.03 -9.13
CA LEU B 436 6.16 8.99 -9.79
C LEU B 436 5.85 10.42 -9.39
N TYR B 437 4.57 10.78 -9.33
CA TYR B 437 4.23 12.11 -8.86
C TYR B 437 4.80 12.37 -7.48
N VAL B 438 4.79 11.38 -6.61
CA VAL B 438 5.32 11.59 -5.27
C VAL B 438 6.83 11.73 -5.30
N HIS B 439 7.50 10.88 -6.08
CA HIS B 439 8.94 11.00 -6.24
C HIS B 439 9.32 12.34 -6.85
N ASN B 440 8.58 12.79 -7.86
CA ASN B 440 8.89 14.09 -8.44
C ASN B 440 8.65 15.21 -7.45
N ASP B 441 7.63 15.06 -6.61
CA ASP B 441 7.35 16.07 -5.60
C ASP B 441 8.52 16.21 -4.64
N VAL B 442 8.94 15.11 -4.04
CA VAL B 442 10.02 15.14 -3.06
C VAL B 442 11.26 15.77 -3.66
N MET B 443 11.63 15.31 -4.86
CA MET B 443 12.85 15.82 -5.47
C MET B 443 12.77 17.31 -5.69
N LEU B 444 11.62 17.82 -6.08
CA LEU B 444 11.53 19.26 -6.23
C LEU B 444 11.36 19.95 -4.89
N ALA B 445 10.87 19.25 -3.87
CA ALA B 445 10.81 19.82 -2.53
C ALA B 445 12.20 20.10 -1.99
N PHE B 446 13.06 19.10 -2.03
CA PHE B 446 14.43 19.21 -1.55
C PHE B 446 15.25 20.09 -2.46
N GLY B 447 14.66 20.57 -3.53
CA GLY B 447 15.24 21.62 -4.32
C GLY B 447 15.99 21.16 -5.53
N THR B 448 16.22 19.86 -5.70
CA THR B 448 16.86 19.42 -6.93
C THR B 448 15.82 18.80 -7.83
N PRO B 449 15.32 19.51 -8.84
CA PRO B 449 14.48 18.85 -9.85
C PRO B 449 15.26 17.96 -10.77
N GLU B 450 16.57 18.12 -10.82
CA GLU B 450 17.43 17.29 -11.65
C GLU B 450 17.28 15.81 -11.34
N LYS B 451 16.81 15.47 -10.15
CA LYS B 451 16.64 14.08 -9.76
C LYS B 451 15.34 13.46 -10.21
N GLN B 452 14.45 14.23 -10.84
CA GLN B 452 13.10 13.73 -11.07
C GLN B 452 13.10 12.55 -12.03
N ILE B 453 12.06 11.73 -11.93
CA ILE B 453 11.75 10.75 -12.96
C ILE B 453 10.96 11.45 -14.05
N LEU B 454 11.53 11.49 -15.25
CA LEU B 454 10.85 12.08 -16.39
C LEU B 454 11.02 11.14 -17.57
N ILE B 455 9.91 10.76 -18.18
CA ILE B 455 9.91 9.90 -19.34
C ILE B 455 9.32 10.66 -20.50
N GLU B 456 9.94 10.54 -21.63
CA GLU B 456 9.40 11.26 -22.78
C GLU B 456 8.35 10.40 -23.45
N PRO B 457 7.17 10.91 -23.71
CA PRO B 457 6.13 10.07 -24.30
C PRO B 457 6.45 9.70 -25.74
N VAL B 458 7.32 8.70 -25.89
CA VAL B 458 7.92 8.39 -27.18
C VAL B 458 6.85 8.09 -28.23
N PHE B 459 5.91 7.20 -27.91
CA PHE B 459 5.01 6.70 -28.94
C PHE B 459 4.14 7.82 -29.49
N ALA B 460 3.39 8.50 -28.63
CA ALA B 460 2.57 9.58 -29.12
C ALA B 460 3.39 10.68 -29.76
N GLN B 461 4.70 10.71 -29.53
CA GLN B 461 5.54 11.56 -30.36
C GLN B 461 5.70 10.96 -31.74
N TRP B 462 6.02 9.67 -31.81
CA TRP B 462 6.19 9.06 -33.11
C TRP B 462 4.87 8.96 -33.87
N ILE B 463 3.75 8.86 -33.16
CA ILE B 463 2.46 8.94 -33.83
C ILE B 463 2.28 10.31 -34.47
N GLN B 464 2.61 11.36 -33.73
CA GLN B 464 2.61 12.69 -34.33
C GLN B 464 3.67 12.81 -35.42
N ALA B 465 4.69 11.96 -35.39
CA ALA B 465 5.66 11.95 -36.48
C ALA B 465 5.03 11.34 -37.73
N ALA B 466 4.36 10.20 -37.58
CA ALA B 466 3.58 9.66 -38.69
C ALA B 466 2.59 10.70 -39.20
N GLN B 467 1.93 11.42 -38.30
CA GLN B 467 1.03 12.47 -38.72
C GLN B 467 1.77 13.56 -39.48
N GLY B 468 3.08 13.67 -39.29
CA GLY B 468 3.85 14.67 -39.99
C GLY B 468 4.24 15.88 -39.19
N LYS B 469 4.10 15.87 -37.88
CA LYS B 469 4.64 16.96 -37.09
C LYS B 469 6.15 16.86 -37.13
N SER B 470 6.81 17.91 -37.62
CA SER B 470 8.24 17.88 -37.87
C SER B 470 9.06 18.37 -36.70
N LEU B 471 8.42 18.67 -35.57
CA LEU B 471 9.17 19.17 -34.42
C LEU B 471 10.11 18.13 -33.85
N TYR B 472 9.89 16.86 -34.17
CA TYR B 472 10.74 15.80 -33.69
C TYR B 472 11.71 15.40 -34.79
N GLY B 473 12.56 14.42 -34.51
CA GLY B 473 13.66 14.06 -35.38
C GLY B 473 13.46 12.83 -36.23
N PHE B 474 12.21 12.48 -36.54
CA PHE B 474 11.87 11.12 -36.94
C PHE B 474 11.76 10.93 -38.45
N ASP B 475 10.83 11.61 -39.10
CA ASP B 475 10.64 11.55 -40.55
C ASP B 475 10.29 10.14 -41.02
N PHE B 476 9.11 9.68 -40.61
CA PHE B 476 8.46 8.52 -41.21
C PHE B 476 7.08 8.93 -41.70
N LEU B 477 6.67 8.33 -42.82
CA LEU B 477 5.39 8.61 -43.47
C LEU B 477 5.31 10.11 -43.73
N LEU B 478 4.24 10.79 -43.34
CA LEU B 478 4.02 12.18 -43.75
C LEU B 478 5.13 13.11 -43.29
N ALA B 479 5.96 12.68 -42.34
CA ALA B 479 7.05 13.55 -41.91
C ALA B 479 8.20 13.53 -42.91
N SER B 480 8.34 12.46 -43.67
CA SER B 480 9.42 12.31 -44.64
C SER B 480 8.85 12.48 -46.04
N SER B 481 9.39 13.44 -46.78
CA SER B 481 8.93 13.67 -48.15
C SER B 481 9.23 12.50 -49.08
N THR B 482 10.04 11.54 -48.64
CA THR B 482 10.35 10.37 -49.45
C THR B 482 9.26 9.31 -49.39
N SER B 483 8.66 9.11 -48.20
CA SER B 483 7.87 7.93 -47.94
C SER B 483 6.70 7.82 -48.91
N PRO B 484 6.27 6.58 -49.25
CA PRO B 484 5.13 6.39 -50.16
C PRO B 484 3.80 6.69 -49.48
N ALA B 485 3.76 7.82 -48.80
CA ALA B 485 2.53 8.36 -48.20
C ALA B 485 2.47 9.82 -48.59
N PHE B 486 3.49 10.57 -48.16
CA PHE B 486 3.62 11.96 -48.56
C PHE B 486 3.50 12.12 -50.06
N ASN B 487 4.07 11.19 -50.82
CA ASN B 487 3.97 11.28 -52.28
C ASN B 487 2.55 11.01 -52.76
N ALA B 488 1.80 10.19 -52.01
CA ALA B 488 0.45 9.86 -52.45
C ALA B 488 -0.50 11.04 -52.26
N SER B 489 -0.50 11.62 -51.06
CA SER B 489 -1.44 12.68 -50.73
C SER B 489 -0.88 14.07 -50.99
N GLN B 490 0.34 14.18 -51.53
CA GLN B 490 0.91 15.49 -51.80
C GLN B 490 -0.03 16.34 -52.63
N THR B 491 -0.84 15.71 -53.46
CA THR B 491 -1.65 16.43 -54.43
C THR B 491 -2.96 16.93 -53.84
N VAL B 492 -3.38 16.43 -52.67
CA VAL B 492 -4.73 16.79 -52.26
C VAL B 492 -4.76 17.46 -50.89
N TRP B 493 -4.74 16.69 -49.80
CA TRP B 493 -4.94 17.31 -48.50
C TRP B 493 -3.65 17.49 -47.70
N LEU B 494 -2.50 17.05 -48.19
CA LEU B 494 -1.26 17.34 -47.47
C LEU B 494 -0.95 18.83 -47.39
N PRO B 495 -0.86 19.57 -48.51
CA PRO B 495 -0.32 20.93 -48.42
C PRO B 495 -1.00 21.80 -47.39
N GLY B 496 -2.33 21.77 -47.32
CA GLY B 496 -3.01 22.53 -46.30
C GLY B 496 -2.78 21.96 -44.90
N TRP B 497 -3.08 20.68 -44.74
CA TRP B 497 -3.09 20.05 -43.43
C TRP B 497 -1.71 19.93 -42.82
N LEU B 498 -0.64 20.12 -43.60
CA LEU B 498 0.68 20.21 -42.98
C LEU B 498 0.97 21.59 -42.45
N ASP B 499 0.22 22.60 -42.88
CA ASP B 499 0.40 23.93 -42.30
C ASP B 499 -0.27 24.03 -40.94
N ALA B 500 -1.50 23.54 -40.83
CA ALA B 500 -2.22 23.59 -39.57
C ALA B 500 -1.46 22.87 -38.47
N ILE B 501 -0.86 21.73 -38.81
CA ILE B 501 -0.21 20.91 -37.78
C ILE B 501 1.12 21.51 -37.36
N ASN B 502 1.78 22.25 -38.25
CA ASN B 502 3.07 22.86 -37.99
C ASN B 502 2.99 24.32 -37.58
N ASN B 503 1.80 24.84 -37.33
CA ASN B 503 1.69 26.24 -36.95
C ASN B 503 1.22 26.35 -35.51
N PRO B 504 2.13 26.27 -34.55
CA PRO B 504 1.73 26.00 -33.17
C PRO B 504 0.97 27.14 -32.51
N THR B 505 -0.13 27.54 -33.13
CA THR B 505 -1.18 28.33 -32.50
C THR B 505 -2.43 27.48 -32.33
N ASN B 506 -3.00 27.00 -33.44
CA ASN B 506 -4.10 26.05 -33.39
C ASN B 506 -3.72 24.85 -32.53
N SER B 507 -4.70 24.33 -31.82
CA SER B 507 -4.46 23.28 -30.85
C SER B 507 -4.38 21.90 -31.46
N LEU B 508 -4.43 21.78 -32.78
CA LEU B 508 -4.28 20.48 -33.40
C LEU B 508 -2.94 19.86 -33.02
N PHE B 509 -3.00 18.66 -32.42
CA PHE B 509 -1.82 17.94 -31.98
C PHE B 509 -0.86 18.85 -31.22
N LEU B 510 -1.31 19.24 -30.03
CA LEU B 510 -0.44 20.00 -29.14
C LEU B 510 0.82 19.19 -28.86
N THR B 511 1.94 19.89 -28.73
CA THR B 511 3.18 19.21 -28.43
C THR B 511 3.09 18.55 -27.07
N ILE B 512 3.61 17.33 -26.98
CA ILE B 512 3.50 16.57 -25.75
C ILE B 512 4.84 16.59 -25.02
N GLY B 513 4.88 16.00 -23.84
CA GLY B 513 6.07 16.06 -23.03
C GLY B 513 5.90 15.28 -21.74
N PRO B 514 6.81 15.51 -20.79
CA PRO B 514 6.82 14.67 -19.59
C PRO B 514 5.54 14.78 -18.79
N GLY B 515 5.07 15.99 -18.53
CA GLY B 515 3.80 16.14 -17.85
C GLY B 515 2.67 15.50 -18.62
N ASP B 516 2.66 15.68 -19.94
CA ASP B 516 1.71 14.99 -20.80
C ASP B 516 1.76 13.48 -20.59
N PHE B 517 2.96 12.94 -20.41
CA PHE B 517 3.11 11.50 -20.23
C PHE B 517 2.45 11.03 -18.96
N LEU B 518 2.83 11.61 -17.82
CA LEU B 518 2.34 11.10 -16.55
C LEU B 518 0.83 11.21 -16.44
N VAL B 519 0.22 12.21 -17.06
CA VAL B 519 -1.21 12.39 -16.92
C VAL B 519 -1.97 11.29 -17.64
N HIS B 520 -1.58 10.99 -18.88
CA HIS B 520 -2.29 9.97 -19.64
C HIS B 520 -2.32 8.62 -18.95
N HIS B 521 -1.47 8.40 -17.96
CA HIS B 521 -1.62 7.17 -17.19
C HIS B 521 -2.68 7.30 -16.11
N ALA B 522 -2.74 8.45 -15.45
CA ALA B 522 -3.87 8.70 -14.56
C ALA B 522 -5.17 8.55 -15.31
N ILE B 523 -5.30 9.21 -16.45
CA ILE B 523 -6.45 9.03 -17.32
C ILE B 523 -6.66 7.54 -17.59
N ALA B 524 -5.58 6.85 -17.97
CA ALA B 524 -5.70 5.42 -18.21
C ALA B 524 -6.06 4.67 -16.94
N LEU B 525 -5.58 5.12 -15.79
CA LEU B 525 -6.02 4.52 -14.53
C LEU B 525 -7.51 4.68 -14.35
N GLY B 526 -8.00 5.91 -14.50
CA GLY B 526 -9.40 6.17 -14.26
C GLY B 526 -10.32 5.36 -15.13
N LEU B 527 -9.89 5.03 -16.34
CA LEU B 527 -10.76 4.26 -17.21
C LEU B 527 -10.86 2.82 -16.74
N HIS B 528 -9.78 2.27 -16.19
CA HIS B 528 -9.83 0.88 -15.74
C HIS B 528 -10.64 0.71 -14.47
N THR B 529 -10.31 1.47 -13.42
CA THR B 529 -11.06 1.32 -12.18
C THR B 529 -12.53 1.67 -12.33
N THR B 530 -12.88 2.52 -13.28
CA THR B 530 -14.30 2.71 -13.58
C THR B 530 -14.88 1.47 -14.23
N THR B 531 -14.19 0.91 -15.23
CA THR B 531 -14.69 -0.33 -15.81
C THR B 531 -14.64 -1.46 -14.80
N LEU B 532 -13.55 -1.56 -14.04
CA LEU B 532 -13.42 -2.63 -13.06
C LEU B 532 -14.62 -2.71 -12.15
N ILE B 533 -15.10 -1.55 -11.70
CA ILE B 533 -16.31 -1.55 -10.88
C ILE B 533 -17.49 -2.03 -11.69
N LEU B 534 -17.72 -1.41 -12.85
CA LEU B 534 -18.91 -1.69 -13.63
C LEU B 534 -18.87 -3.09 -14.22
N VAL B 535 -17.71 -3.52 -14.71
CA VAL B 535 -17.60 -4.88 -15.21
C VAL B 535 -17.85 -5.88 -14.09
N LYS B 536 -17.52 -5.51 -12.86
CA LYS B 536 -17.82 -6.39 -11.73
C LYS B 536 -19.32 -6.45 -11.46
N GLY B 537 -19.95 -5.29 -11.31
CA GLY B 537 -21.37 -5.27 -11.02
C GLY B 537 -22.21 -6.04 -12.02
N ALA B 538 -21.77 -6.09 -13.28
CA ALA B 538 -22.50 -6.86 -14.28
C ALA B 538 -22.31 -8.35 -14.06
N LEU B 539 -21.06 -8.79 -13.89
CA LEU B 539 -20.79 -10.22 -13.81
C LEU B 539 -21.21 -10.81 -12.48
N ASP B 540 -21.24 -10.00 -11.43
CA ASP B 540 -21.73 -10.44 -10.12
C ASP B 540 -23.18 -10.09 -9.89
N ALA B 541 -23.87 -9.49 -10.86
CA ALA B 541 -25.31 -9.31 -10.74
C ALA B 541 -25.98 -10.65 -10.58
N ARG B 542 -25.54 -11.65 -11.34
CA ARG B 542 -26.12 -12.98 -11.22
C ARG B 542 -25.87 -13.55 -9.83
N GLY B 543 -24.61 -13.65 -9.42
CA GLY B 543 -24.29 -14.10 -8.08
C GLY B 543 -22.80 -14.20 -7.88
N SER B 544 -22.40 -14.22 -6.61
CA SER B 544 -21.01 -14.39 -6.22
C SER B 544 -20.96 -15.44 -5.11
N LYS B 545 -19.77 -15.65 -4.55
CA LYS B 545 -19.64 -16.68 -3.52
C LYS B 545 -20.36 -16.30 -2.26
N LEU B 546 -20.47 -15.01 -1.97
CA LEU B 546 -21.03 -14.59 -0.70
C LEU B 546 -22.53 -14.81 -0.75
N MET B 547 -23.23 -14.06 -1.58
CA MET B 547 -24.65 -14.26 -1.78
C MET B 547 -24.90 -14.69 -3.21
N PRO B 548 -25.10 -15.98 -3.49
CA PRO B 548 -25.52 -16.37 -4.84
C PRO B 548 -27.02 -16.49 -5.00
N ASP B 549 -27.78 -15.57 -4.43
CA ASP B 549 -29.18 -15.39 -4.78
C ASP B 549 -29.47 -14.14 -5.57
N LYS B 550 -28.48 -13.27 -5.80
CA LYS B 550 -28.82 -11.92 -6.23
C LYS B 550 -29.65 -11.89 -7.50
N LYS B 551 -29.61 -12.96 -8.31
CA LYS B 551 -30.48 -13.02 -9.46
C LYS B 551 -31.94 -12.86 -9.04
N ASP B 552 -32.35 -13.56 -7.99
CA ASP B 552 -33.75 -13.60 -7.60
C ASP B 552 -34.07 -12.65 -6.45
N PHE B 553 -33.10 -11.93 -5.92
CA PHE B 553 -33.32 -11.08 -4.78
C PHE B 553 -33.66 -9.64 -5.19
N GLY B 554 -33.78 -9.38 -6.48
CA GLY B 554 -33.97 -8.05 -6.99
C GLY B 554 -32.71 -7.53 -7.65
N TYR B 555 -32.82 -6.30 -8.14
CA TYR B 555 -31.67 -5.59 -8.71
C TYR B 555 -31.04 -4.65 -7.70
N SER B 556 -31.77 -3.64 -7.27
CA SER B 556 -31.28 -2.68 -6.30
C SER B 556 -31.92 -2.99 -4.96
N PHE B 557 -31.13 -3.50 -4.03
CA PHE B 557 -31.58 -3.83 -2.69
C PHE B 557 -30.48 -3.44 -1.72
N PRO B 558 -30.84 -3.09 -0.49
CA PRO B 558 -29.82 -2.55 0.42
C PRO B 558 -28.72 -3.52 0.76
N CYS B 559 -29.07 -4.77 1.10
CA CYS B 559 -28.09 -5.72 1.58
C CYS B 559 -28.74 -7.05 1.85
N ASP B 560 -27.93 -8.04 2.21
CA ASP B 560 -28.46 -9.30 2.69
C ASP B 560 -28.49 -9.36 4.21
N GLY B 561 -28.15 -8.28 4.88
CA GLY B 561 -28.19 -8.25 6.32
C GLY B 561 -26.81 -8.52 6.89
N PRO B 562 -26.63 -8.26 8.14
CA PRO B 562 -25.29 -8.36 8.74
C PRO B 562 -24.94 -9.78 9.15
N GLY B 563 -25.21 -10.73 8.26
CA GLY B 563 -24.90 -12.12 8.50
C GLY B 563 -23.70 -12.56 7.69
N ARG B 564 -23.18 -13.72 8.08
CA ARG B 564 -22.11 -14.39 7.37
C ARG B 564 -21.05 -13.40 6.93
N GLY B 565 -20.74 -12.45 7.80
CA GLY B 565 -19.78 -11.41 7.50
C GLY B 565 -20.36 -10.06 7.20
N GLY B 566 -21.64 -9.84 7.40
CA GLY B 566 -22.14 -8.48 7.27
C GLY B 566 -22.17 -7.88 5.88
N THR B 567 -22.93 -8.48 4.98
CA THR B 567 -23.08 -7.98 3.62
C THR B 567 -23.52 -6.52 3.62
N CYS B 568 -22.85 -5.71 2.81
CA CYS B 568 -23.26 -4.33 2.59
C CYS B 568 -22.79 -3.90 1.21
N ASP B 569 -23.62 -3.12 0.52
CA ASP B 569 -23.38 -2.79 -0.88
C ASP B 569 -23.25 -4.04 -1.74
N ILE B 570 -23.90 -5.12 -1.31
CA ILE B 570 -23.68 -6.41 -1.96
C ILE B 570 -24.32 -6.45 -3.33
N SER B 571 -25.21 -5.50 -3.62
CA SER B 571 -26.05 -5.55 -4.80
C SER B 571 -25.28 -5.08 -6.04
N ALA B 572 -25.96 -5.08 -7.17
CA ALA B 572 -25.38 -4.53 -8.39
C ALA B 572 -25.73 -3.08 -8.63
N TRP B 573 -26.68 -2.51 -7.89
CA TRP B 573 -26.89 -1.07 -7.94
C TRP B 573 -25.82 -0.35 -7.14
N ASP B 574 -25.55 -0.86 -5.94
CA ASP B 574 -24.47 -0.34 -5.12
C ASP B 574 -23.12 -0.45 -5.81
N ALA B 575 -22.97 -1.41 -6.73
CA ALA B 575 -21.74 -1.47 -7.51
C ALA B 575 -21.65 -0.31 -8.48
N PHE B 576 -22.67 -0.12 -9.31
CA PHE B 576 -22.78 1.08 -10.12
C PHE B 576 -22.57 2.34 -9.31
N TYR B 577 -23.29 2.44 -8.19
CA TYR B 577 -23.21 3.58 -7.30
C TYR B 577 -21.77 4.02 -7.07
N LEU B 578 -20.87 3.06 -6.95
CA LEU B 578 -19.48 3.39 -6.69
C LEU B 578 -18.74 3.84 -7.93
N SER B 579 -19.29 3.59 -9.12
CA SER B 579 -18.57 3.96 -10.32
C SER B 579 -18.59 5.47 -10.51
N VAL B 580 -19.73 6.10 -10.23
CA VAL B 580 -19.87 7.53 -10.42
C VAL B 580 -18.72 8.29 -9.75
N PHE B 581 -18.37 7.88 -8.53
CA PHE B 581 -17.31 8.57 -7.81
C PHE B 581 -16.01 8.52 -8.58
N TRP B 582 -15.75 7.42 -9.26
CA TRP B 582 -14.58 7.36 -10.13
C TRP B 582 -14.82 8.03 -11.46
N MET B 583 -16.03 7.92 -12.01
CA MET B 583 -16.33 8.67 -13.22
C MET B 583 -16.00 10.14 -13.05
N LEU B 584 -16.30 10.69 -11.89
CA LEU B 584 -16.09 12.10 -11.67
C LEU B 584 -14.61 12.44 -11.46
N ASN B 585 -13.77 11.46 -11.15
CA ASN B 585 -12.33 11.72 -11.15
C ASN B 585 -11.78 11.67 -12.57
N THR B 586 -11.83 10.49 -13.17
CA THR B 586 -11.23 10.32 -14.49
C THR B 586 -11.74 11.34 -15.49
N ILE B 587 -12.92 11.91 -15.29
CA ILE B 587 -13.30 13.07 -16.08
C ILE B 587 -12.71 14.33 -15.48
N GLY B 588 -12.63 14.42 -14.15
CA GLY B 588 -12.03 15.59 -13.54
C GLY B 588 -10.56 15.75 -13.92
N TRP B 589 -9.82 14.63 -13.92
CA TRP B 589 -8.43 14.66 -14.35
C TRP B 589 -8.32 15.15 -15.79
N VAL B 590 -9.14 14.62 -16.68
CA VAL B 590 -9.14 15.06 -18.06
C VAL B 590 -9.39 16.56 -18.12
N THR B 591 -10.59 16.99 -17.73
CA THR B 591 -10.96 18.39 -17.87
C THR B 591 -9.97 19.32 -17.18
N PHE B 592 -9.32 18.87 -16.11
CA PHE B 592 -8.21 19.65 -15.58
C PHE B 592 -7.07 19.67 -16.56
N TYR B 593 -6.59 18.49 -16.95
CA TYR B 593 -5.43 18.39 -17.80
C TYR B 593 -5.65 19.04 -19.15
N TRP B 594 -6.87 19.05 -19.64
CA TRP B 594 -7.14 19.82 -20.84
C TRP B 594 -7.07 21.30 -20.57
N HIS B 595 -7.58 21.75 -19.43
CA HIS B 595 -7.68 23.17 -19.21
C HIS B 595 -6.32 23.81 -19.09
N TRP B 596 -5.47 23.27 -18.23
CA TRP B 596 -4.24 23.96 -17.91
C TRP B 596 -3.13 23.73 -18.91
N LYS B 597 -3.24 22.72 -19.78
CA LYS B 597 -2.38 22.75 -20.96
C LYS B 597 -2.78 23.87 -21.89
N HIS B 598 -4.08 24.11 -22.04
CA HIS B 598 -4.51 25.18 -22.92
C HIS B 598 -4.27 26.55 -22.33
N LEU B 599 -4.51 26.74 -21.04
CA LEU B 599 -4.31 28.05 -20.44
C LEU B 599 -2.96 28.62 -20.82
N GLY B 600 -1.90 27.85 -20.61
CA GLY B 600 -0.58 28.32 -20.98
C GLY B 600 -0.50 28.68 -22.46
N ILE B 601 -1.18 27.91 -23.30
CA ILE B 601 -1.11 28.14 -24.73
C ILE B 601 -1.94 29.34 -25.13
N TRP B 602 -3.07 29.56 -24.47
CA TRP B 602 -3.84 30.77 -24.72
C TRP B 602 -3.14 31.99 -24.15
N GLN B 603 -2.38 31.83 -23.07
CA GLN B 603 -1.63 32.91 -22.47
C GLN B 603 -0.25 33.07 -23.07
N GLY B 604 0.09 32.27 -24.08
CA GLY B 604 1.30 32.48 -24.83
C GLY B 604 2.56 31.85 -24.27
N ASN B 605 2.43 30.91 -23.32
CA ASN B 605 3.62 30.31 -22.72
C ASN B 605 3.40 28.82 -22.55
N VAL B 606 4.34 28.02 -23.05
CA VAL B 606 4.31 26.57 -22.88
C VAL B 606 5.04 26.14 -21.61
N ASN B 607 5.71 27.06 -20.93
CA ASN B 607 6.57 26.71 -19.82
C ASN B 607 5.85 26.62 -18.48
N GLN B 608 4.62 27.12 -18.36
CA GLN B 608 3.92 26.91 -17.10
C GLN B 608 3.55 25.47 -16.92
N PHE B 609 3.21 24.78 -18.00
CA PHE B 609 2.79 23.39 -17.88
C PHE B 609 4.01 22.47 -17.82
N ASN B 610 4.68 22.25 -18.94
CA ASN B 610 5.68 21.20 -19.04
C ASN B 610 6.81 21.34 -18.04
N GLU B 611 6.95 22.49 -17.39
CA GLU B 611 7.89 22.60 -16.28
C GLU B 611 7.25 22.08 -15.00
N SER B 612 6.19 22.72 -14.55
CA SER B 612 5.54 22.41 -13.28
C SER B 612 4.48 21.32 -13.40
N SER B 613 4.28 20.75 -14.59
CA SER B 613 3.25 19.73 -14.73
C SER B 613 3.64 18.40 -14.13
N THR B 614 4.93 18.17 -13.91
CA THR B 614 5.36 16.86 -13.46
C THR B 614 4.96 16.62 -12.01
N TYR B 615 5.37 17.50 -11.12
CA TYR B 615 5.10 17.33 -9.71
C TYR B 615 3.71 17.87 -9.37
N LEU B 616 3.06 17.22 -8.39
CA LEU B 616 1.68 17.56 -8.06
C LEU B 616 1.50 18.93 -7.45
N MET B 617 2.57 19.64 -7.12
CA MET B 617 2.33 20.92 -6.48
C MET B 617 1.93 21.98 -7.49
N GLY B 618 2.51 21.93 -8.69
CA GLY B 618 2.14 22.90 -9.71
C GLY B 618 0.66 22.90 -10.01
N TRP B 619 0.06 21.71 -10.04
CA TRP B 619 -1.38 21.62 -10.21
C TRP B 619 -2.09 22.43 -9.14
N LEU B 620 -1.67 22.26 -7.90
CA LEU B 620 -2.26 23.01 -6.81
C LEU B 620 -1.73 24.44 -6.76
N ARG B 621 -0.40 24.56 -6.72
CA ARG B 621 0.32 25.85 -6.60
C ARG B 621 0.11 26.75 -7.82
N ASP B 622 0.12 26.19 -9.04
CA ASP B 622 0.01 27.08 -10.22
C ASP B 622 -1.40 27.10 -10.82
N TYR B 623 -1.94 25.96 -11.24
CA TYR B 623 -3.28 25.99 -11.90
C TYR B 623 -4.38 26.45 -10.93
N LEU B 624 -4.46 25.85 -9.74
CA LEU B 624 -5.53 26.20 -8.76
C LEU B 624 -5.36 27.58 -8.11
N TRP B 625 -4.14 27.92 -7.68
CA TRP B 625 -3.89 29.19 -6.93
C TRP B 625 -4.12 30.46 -7.77
N LEU B 626 -3.63 30.49 -9.02
CA LEU B 626 -3.77 31.71 -9.85
C LEU B 626 -5.23 31.92 -10.29
N ASN B 627 -5.89 30.84 -10.69
CA ASN B 627 -7.28 30.88 -11.21
C ASN B 627 -8.26 31.38 -10.14
N SER B 628 -8.06 30.94 -8.89
CA SER B 628 -8.96 31.28 -7.75
C SER B 628 -8.96 32.78 -7.41
N SER B 629 -7.87 33.50 -7.71
CA SER B 629 -7.76 34.94 -7.36
C SER B 629 -8.87 35.77 -7.99
N GLN B 630 -9.22 35.49 -9.25
CA GLN B 630 -10.26 36.27 -9.98
C GLN B 630 -11.66 35.91 -9.47
N LEU B 631 -11.92 34.61 -9.25
CA LEU B 631 -13.25 34.10 -8.83
C LEU B 631 -13.69 34.63 -7.45
N ILE B 632 -12.78 34.67 -6.47
CA ILE B 632 -13.16 35.01 -5.13
C ILE B 632 -13.39 36.50 -4.95
N ASN B 633 -12.92 37.30 -5.90
CA ASN B 633 -13.12 38.74 -5.82
C ASN B 633 -14.47 39.18 -6.34
N GLY B 634 -15.34 38.23 -6.72
CA GLY B 634 -16.65 38.63 -7.21
C GLY B 634 -17.48 39.29 -6.14
N TYR B 635 -17.69 38.61 -5.02
CA TYR B 635 -18.50 39.12 -3.91
C TYR B 635 -17.73 40.07 -3.03
N ASN B 636 -16.53 40.45 -3.42
CA ASN B 636 -15.61 41.21 -2.56
C ASN B 636 -16.34 42.36 -1.86
N PRO B 637 -16.15 42.54 -0.55
CA PRO B 637 -16.85 43.63 0.16
C PRO B 637 -16.54 45.01 -0.38
N PHE B 638 -15.51 45.14 -1.22
CA PHE B 638 -15.26 46.42 -1.86
C PHE B 638 -16.20 46.68 -3.03
N GLY B 639 -16.78 45.64 -3.60
CA GLY B 639 -17.69 45.83 -4.72
C GLY B 639 -17.90 44.55 -5.49
N MET B 640 -18.84 44.60 -6.41
CA MET B 640 -19.20 43.45 -7.22
C MET B 640 -18.42 43.48 -8.51
N ASN B 641 -17.65 42.45 -8.77
CA ASN B 641 -17.10 42.32 -10.10
C ASN B 641 -18.17 41.72 -11.02
N SER B 642 -17.85 41.63 -12.31
CA SER B 642 -18.78 40.98 -13.22
C SER B 642 -18.73 39.47 -13.09
N LEU B 643 -17.78 38.95 -12.31
CA LEU B 643 -17.71 37.54 -11.98
C LEU B 643 -18.40 37.23 -10.67
N SER B 644 -19.02 38.21 -10.03
CA SER B 644 -19.74 37.96 -8.79
C SER B 644 -20.84 36.93 -8.97
N VAL B 645 -21.30 36.73 -10.21
CA VAL B 645 -22.22 35.63 -10.48
C VAL B 645 -21.60 34.32 -10.07
N TRP B 646 -20.39 34.08 -10.54
CA TRP B 646 -19.70 32.82 -10.34
C TRP B 646 -19.05 32.74 -8.97
N ALA B 647 -18.67 33.89 -8.41
CA ALA B 647 -18.13 33.89 -7.06
C ALA B 647 -19.10 33.26 -6.07
N TRP B 648 -20.39 33.54 -6.23
CA TRP B 648 -21.39 32.98 -5.34
C TRP B 648 -21.57 31.49 -5.62
N MET B 649 -21.77 31.14 -6.89
CA MET B 649 -22.07 29.76 -7.23
C MET B 649 -20.95 28.82 -6.84
N PHE B 650 -19.71 29.26 -7.03
CA PHE B 650 -18.56 28.47 -6.60
C PHE B 650 -18.68 28.09 -5.13
N LEU B 651 -19.30 28.95 -4.33
CA LEU B 651 -19.61 28.58 -2.96
C LEU B 651 -20.81 27.66 -2.90
N PHE B 652 -21.85 27.97 -3.67
CA PHE B 652 -22.98 27.06 -3.78
C PHE B 652 -22.53 25.68 -4.27
N GLY B 653 -21.42 25.62 -4.98
CA GLY B 653 -20.94 24.32 -5.44
C GLY B 653 -20.38 23.48 -4.32
N HIS B 654 -19.65 24.11 -3.40
CA HIS B 654 -19.10 23.35 -2.28
C HIS B 654 -20.20 22.92 -1.32
N LEU B 655 -21.07 23.84 -0.94
CA LEU B 655 -22.05 23.55 0.10
C LEU B 655 -22.94 22.38 -0.27
N VAL B 656 -23.20 22.18 -1.57
CA VAL B 656 -23.93 20.99 -1.98
C VAL B 656 -23.04 19.76 -1.87
N TYR B 657 -21.84 19.84 -2.44
CA TYR B 657 -20.85 18.78 -2.27
C TYR B 657 -20.67 18.40 -0.81
N ALA B 658 -20.57 19.40 0.06
CA ALA B 658 -20.39 19.10 1.47
C ALA B 658 -21.66 18.55 2.09
N THR B 659 -22.82 19.01 1.65
CA THR B 659 -24.06 18.38 2.08
C THR B 659 -24.08 16.91 1.72
N GLY B 660 -23.52 16.59 0.55
CA GLY B 660 -23.54 15.22 0.06
C GLY B 660 -22.88 14.23 0.98
N PHE B 661 -21.98 14.69 1.84
CA PHE B 661 -21.37 13.74 2.76
C PHE B 661 -22.33 13.32 3.85
N MET B 662 -23.23 14.21 4.28
CA MET B 662 -24.16 13.84 5.33
C MET B 662 -24.98 12.62 4.94
N PHE B 663 -25.30 12.47 3.65
CA PHE B 663 -26.06 11.31 3.20
C PHE B 663 -25.17 10.09 3.00
N LEU B 664 -23.96 10.29 2.48
CA LEU B 664 -23.10 9.16 2.17
C LEU B 664 -22.52 8.55 3.44
N ILE B 665 -22.19 9.38 4.41
CA ILE B 665 -21.49 8.90 5.60
C ILE B 665 -22.46 8.40 6.63
N SER B 666 -23.27 9.29 7.19
CA SER B 666 -24.19 8.91 8.26
C SER B 666 -25.28 8.02 7.69
N TRP B 667 -25.43 6.82 8.25
CA TRP B 667 -26.41 5.89 7.74
C TRP B 667 -27.70 5.98 8.53
N ARG B 668 -28.66 5.13 8.19
CA ARG B 668 -30.05 5.43 8.49
C ARG B 668 -30.35 5.33 9.97
N GLY B 669 -30.00 4.21 10.60
CA GLY B 669 -30.52 3.92 11.92
C GLY B 669 -30.36 5.05 12.91
N TYR B 670 -29.34 5.88 12.74
CA TYR B 670 -29.21 7.05 13.58
C TYR B 670 -30.38 8.00 13.40
N TRP B 671 -30.74 8.29 12.14
CA TRP B 671 -31.78 9.28 11.90
C TRP B 671 -33.15 8.75 12.27
N GLN B 672 -33.36 7.44 12.13
CA GLN B 672 -34.66 6.89 12.46
C GLN B 672 -34.96 6.98 13.94
N GLU B 673 -33.95 6.91 14.79
CA GLU B 673 -34.19 7.09 16.22
C GLU B 673 -34.35 8.56 16.59
N LEU B 674 -33.87 9.46 15.73
CA LEU B 674 -34.02 10.88 15.97
C LEU B 674 -35.44 11.34 15.63
N ILE B 675 -35.94 10.93 14.47
CA ILE B 675 -37.32 11.25 14.09
C ILE B 675 -38.29 10.75 15.15
N GLU B 676 -38.01 9.59 15.72
CA GLU B 676 -38.82 9.08 16.83
C GLU B 676 -38.99 10.15 17.91
N THR B 677 -37.89 10.79 18.32
CA THR B 677 -37.99 11.79 19.36
C THR B 677 -38.80 13.00 18.92
N LEU B 678 -38.73 13.35 17.63
CA LEU B 678 -39.46 14.51 17.13
C LEU B 678 -40.93 14.20 16.95
N ALA B 679 -41.23 13.07 16.33
CA ALA B 679 -42.62 12.66 16.19
C ALA B 679 -43.25 12.42 17.55
N TRP B 680 -42.44 12.25 18.59
CA TRP B 680 -42.98 12.28 19.94
C TRP B 680 -43.22 13.70 20.42
N ALA B 681 -42.30 14.61 20.15
CA ALA B 681 -42.45 15.96 20.65
C ALA B 681 -43.60 16.68 19.97
N HIS B 682 -43.60 16.69 18.63
CA HIS B 682 -44.70 17.32 17.92
C HIS B 682 -46.04 16.73 18.31
N GLU B 683 -46.03 15.47 18.73
CA GLU B 683 -47.27 14.77 19.02
C GLU B 683 -47.83 15.16 20.37
N ARG B 684 -46.97 15.29 21.37
CA ARG B 684 -47.39 15.63 22.72
C ARG B 684 -47.23 17.10 23.07
N THR B 685 -46.77 17.93 22.15
CA THR B 685 -46.71 19.35 22.42
C THR B 685 -48.08 19.97 22.26
N PRO B 686 -48.38 21.03 23.00
CA PRO B 686 -49.68 21.70 22.84
C PRO B 686 -49.71 22.56 21.59
N LEU B 687 -50.93 22.74 21.09
CA LEU B 687 -51.26 23.60 19.94
C LEU B 687 -50.82 22.95 18.63
N ALA B 688 -49.90 22.00 18.71
CA ALA B 688 -49.59 21.14 17.59
C ALA B 688 -50.23 19.76 17.71
N ASN B 689 -50.92 19.48 18.80
CA ASN B 689 -51.73 18.27 18.84
C ASN B 689 -52.74 18.29 17.72
N LEU B 690 -53.32 19.45 17.45
CA LEU B 690 -54.45 19.58 16.56
C LEU B 690 -54.05 19.32 15.11
N VAL B 691 -52.79 19.56 14.77
CA VAL B 691 -52.28 19.47 13.41
C VAL B 691 -51.35 18.27 13.33
N ARG B 692 -51.75 17.25 12.59
CA ARG B 692 -50.97 16.03 12.51
C ARG B 692 -50.77 15.61 11.06
N TRP B 693 -49.86 14.67 10.87
CA TRP B 693 -49.49 14.18 9.56
C TRP B 693 -50.38 13.04 9.14
N LYS B 694 -50.71 12.99 7.85
CA LYS B 694 -51.32 11.78 7.32
C LYS B 694 -50.29 10.68 7.17
N ASP B 695 -49.18 10.96 6.49
CA ASP B 695 -48.18 9.95 6.18
C ASP B 695 -47.09 9.99 7.24
N LYS B 696 -47.01 8.93 8.04
CA LYS B 696 -46.13 8.90 9.18
C LYS B 696 -44.68 9.06 8.76
N PRO B 697 -43.98 10.08 9.25
CA PRO B 697 -42.63 10.35 8.76
C PRO B 697 -41.65 9.29 9.20
N VAL B 698 -40.71 8.97 8.33
CA VAL B 698 -39.77 7.89 8.57
C VAL B 698 -38.44 8.25 7.90
N ALA B 699 -37.34 7.85 8.53
CA ALA B 699 -36.05 8.05 7.92
C ALA B 699 -36.00 7.31 6.59
N LEU B 700 -35.63 8.04 5.54
CA LEU B 700 -35.76 7.52 4.18
C LEU B 700 -34.86 6.31 3.99
N SER B 701 -35.22 5.49 3.00
CA SER B 701 -34.66 4.16 2.84
C SER B 701 -33.15 4.22 2.60
N ILE B 702 -32.50 3.10 2.92
CA ILE B 702 -31.07 2.92 2.75
C ILE B 702 -30.64 3.35 1.36
N VAL B 703 -31.10 2.64 0.34
CA VAL B 703 -30.73 2.96 -1.03
C VAL B 703 -31.14 4.38 -1.39
N GLN B 704 -32.26 4.85 -0.85
CA GLN B 704 -32.73 6.19 -1.18
C GLN B 704 -31.70 7.25 -0.80
N ALA B 705 -31.04 7.08 0.34
CA ALA B 705 -30.06 8.07 0.78
C ALA B 705 -28.87 8.11 -0.14
N ARG B 706 -28.23 6.97 -0.35
CA ARG B 706 -27.08 6.91 -1.25
C ARG B 706 -27.39 7.56 -2.58
N LEU B 707 -28.59 7.32 -3.10
CA LEU B 707 -29.02 7.98 -4.33
C LEU B 707 -29.11 9.48 -4.13
N VAL B 708 -29.76 9.91 -3.05
CA VAL B 708 -29.77 11.33 -2.74
C VAL B 708 -28.36 11.81 -2.47
N GLY B 709 -27.55 10.98 -1.80
CA GLY B 709 -26.20 11.40 -1.49
C GLY B 709 -25.37 11.66 -2.72
N LEU B 710 -25.39 10.74 -3.66
CA LEU B 710 -24.60 10.88 -4.87
C LEU B 710 -25.12 12.00 -5.76
N ALA B 711 -26.38 12.42 -5.60
CA ALA B 711 -26.87 13.57 -6.33
C ALA B 711 -26.19 14.85 -5.85
N HIS B 712 -26.20 15.08 -4.54
CA HIS B 712 -25.49 16.22 -3.98
C HIS B 712 -24.02 16.20 -4.36
N PHE B 713 -23.39 15.03 -4.23
CA PHE B 713 -21.97 14.95 -4.53
C PHE B 713 -21.70 15.45 -5.95
N SER B 714 -22.51 15.02 -6.91
CA SER B 714 -22.30 15.41 -8.30
C SER B 714 -22.69 16.86 -8.53
N VAL B 715 -23.90 17.24 -8.11
CA VAL B 715 -24.35 18.61 -8.34
C VAL B 715 -23.34 19.59 -7.77
N GLY B 716 -22.74 19.24 -6.64
CA GLY B 716 -21.69 20.10 -6.09
C GLY B 716 -20.40 19.96 -6.85
N TYR B 717 -20.08 18.75 -7.29
CA TYR B 717 -18.84 18.52 -8.02
C TYR B 717 -18.84 19.26 -9.34
N ILE B 718 -20.01 19.42 -9.95
CA ILE B 718 -20.08 20.09 -11.25
C ILE B 718 -20.06 21.60 -11.11
N PHE B 719 -20.82 22.15 -10.17
CA PHE B 719 -20.95 23.60 -10.15
C PHE B 719 -19.67 24.30 -9.76
N THR B 720 -18.83 23.68 -8.94
CA THR B 720 -17.55 24.30 -8.65
C THR B 720 -16.68 24.36 -9.88
N TYR B 721 -16.48 23.22 -10.53
CA TYR B 721 -15.63 23.23 -11.71
C TYR B 721 -16.27 23.98 -12.86
N ALA B 722 -17.60 24.03 -12.92
CA ALA B 722 -18.24 24.84 -13.95
C ALA B 722 -18.01 26.31 -13.69
N ALA B 723 -17.96 26.71 -12.43
CA ALA B 723 -17.70 28.11 -12.12
C ALA B 723 -16.22 28.43 -12.23
N PHE B 724 -15.36 27.53 -11.77
CA PHE B 724 -13.93 27.78 -11.84
C PHE B 724 -13.46 27.89 -13.29
N LEU B 725 -13.90 26.95 -14.13
CA LEU B 725 -13.48 26.98 -15.52
C LEU B 725 -13.93 28.24 -16.23
N ILE B 726 -15.23 28.53 -16.19
CA ILE B 726 -15.77 29.69 -16.91
C ILE B 726 -15.16 30.97 -16.38
N ALA B 727 -15.11 31.13 -15.06
CA ALA B 727 -14.70 32.41 -14.51
C ALA B 727 -13.19 32.55 -14.46
N SER B 728 -12.43 31.49 -14.73
CA SER B 728 -11.00 31.65 -14.91
C SER B 728 -10.70 32.19 -16.30
N THR B 729 -11.35 31.61 -17.32
CA THR B 729 -11.16 32.06 -18.69
C THR B 729 -11.99 33.30 -19.03
N SER B 730 -13.03 33.59 -18.26
CA SER B 730 -13.71 34.87 -18.40
C SER B 730 -12.97 35.97 -17.67
N GLY B 731 -12.28 35.64 -16.58
CA GLY B 731 -11.51 36.65 -15.87
C GLY B 731 -10.25 37.05 -16.62
N LYS B 732 -9.48 36.06 -17.03
CA LYS B 732 -8.24 36.34 -17.76
C LYS B 732 -8.50 36.60 -19.23
N PHE B 733 -9.39 35.82 -19.85
CA PHE B 733 -9.47 35.66 -21.30
C PHE B 733 -8.12 35.18 -21.86
N GLY B 734 -7.80 33.95 -21.50
CA GLY B 734 -6.65 33.23 -22.01
C GLY B 734 -5.40 34.03 -22.27
N SER C 2 -45.71 -6.41 3.29
CA SER C 2 -45.39 -7.59 4.09
C SER C 2 -44.20 -8.32 3.50
N HIS C 3 -43.24 -8.66 4.35
CA HIS C 3 -42.08 -9.37 3.85
C HIS C 3 -42.43 -10.82 3.55
N ASN C 4 -41.60 -11.42 2.71
CA ASN C 4 -41.72 -12.83 2.36
C ASN C 4 -40.59 -13.59 3.02
N VAL C 5 -40.93 -14.75 3.58
CA VAL C 5 -39.93 -15.64 4.15
C VAL C 5 -40.31 -17.04 3.74
N LYS C 6 -39.38 -17.77 3.15
CA LYS C 6 -39.66 -19.14 2.74
C LYS C 6 -38.50 -20.04 3.07
N ILE C 7 -38.83 -21.30 3.30
CA ILE C 7 -37.96 -22.29 3.90
C ILE C 7 -37.81 -23.45 2.93
N TYR C 8 -36.70 -24.18 3.07
CA TYR C 8 -36.18 -25.06 2.04
C TYR C 8 -35.90 -26.45 2.62
N ASP C 9 -35.64 -27.39 1.71
CA ASP C 9 -35.31 -28.76 2.10
C ASP C 9 -34.15 -28.84 3.06
N THR C 10 -33.25 -27.88 3.03
CA THR C 10 -31.96 -28.04 3.67
C THR C 10 -32.02 -28.00 5.19
N CYS C 11 -33.18 -27.72 5.78
CA CYS C 11 -33.26 -27.52 7.22
C CYS C 11 -32.74 -28.72 8.00
N ILE C 12 -31.95 -28.42 9.02
CA ILE C 12 -31.60 -29.44 10.01
C ILE C 12 -32.58 -29.41 11.17
N GLY C 13 -33.46 -28.42 11.23
CA GLY C 13 -34.38 -28.33 12.35
C GLY C 13 -33.72 -27.90 13.64
N CYS C 14 -32.65 -27.11 13.55
CA CYS C 14 -31.90 -26.75 14.74
C CYS C 14 -32.65 -25.83 15.67
N THR C 15 -33.77 -25.27 15.23
CA THR C 15 -34.59 -24.31 15.96
C THR C 15 -33.88 -22.97 16.14
N GLN C 16 -32.62 -22.88 15.72
CA GLN C 16 -31.84 -21.69 15.98
C GLN C 16 -32.41 -20.46 15.28
N CYS C 17 -33.13 -20.65 14.19
CA CYS C 17 -33.92 -19.54 13.66
C CYS C 17 -35.01 -19.14 14.64
N VAL C 18 -35.86 -20.09 15.02
CA VAL C 18 -37.06 -19.77 15.80
C VAL C 18 -36.70 -19.06 17.08
N ARG C 19 -35.52 -19.32 17.62
CA ARG C 19 -35.08 -18.60 18.80
C ARG C 19 -34.72 -17.15 18.48
N ALA C 20 -34.43 -16.86 17.21
CA ALA C 20 -33.93 -15.54 16.84
C ALA C 20 -35.04 -14.51 16.65
N CYS C 21 -36.14 -14.89 16.02
CA CYS C 21 -37.12 -13.92 15.55
C CYS C 21 -37.61 -13.07 16.71
N PRO C 22 -37.39 -11.76 16.69
CA PRO C 22 -37.93 -10.92 17.76
C PRO C 22 -39.43 -10.80 17.70
N THR C 23 -40.06 -11.08 16.57
CA THR C 23 -41.52 -11.11 16.48
C THR C 23 -42.10 -12.50 16.54
N ASP C 24 -41.27 -13.53 16.71
CA ASP C 24 -41.71 -14.92 16.73
C ASP C 24 -42.60 -15.23 15.54
N VAL C 25 -41.96 -15.22 14.38
CA VAL C 25 -42.57 -15.67 13.15
C VAL C 25 -42.33 -17.16 12.98
N LEU C 26 -41.07 -17.55 12.86
CA LEU C 26 -40.75 -18.94 12.56
C LEU C 26 -41.19 -19.85 13.70
N GLU C 27 -41.83 -20.96 13.35
CA GLU C 27 -42.39 -21.86 14.33
C GLU C 27 -42.15 -23.28 13.86
N MET C 28 -41.61 -24.13 14.73
CA MET C 28 -41.09 -25.41 14.29
C MET C 28 -42.22 -26.41 14.08
N VAL C 29 -42.36 -26.89 12.86
CA VAL C 29 -43.36 -27.89 12.49
C VAL C 29 -42.67 -29.25 12.37
N PRO C 30 -43.21 -30.30 12.98
CA PRO C 30 -42.56 -31.61 12.89
C PRO C 30 -42.52 -32.10 11.46
N TRP C 31 -41.56 -32.97 11.17
CA TRP C 31 -41.36 -33.43 9.81
C TRP C 31 -40.67 -34.79 9.86
N ASP C 32 -40.40 -35.36 8.70
CA ASP C 32 -39.95 -36.75 8.62
C ASP C 32 -38.52 -36.88 8.12
N GLY C 33 -38.25 -36.44 6.88
CA GLY C 33 -36.96 -36.69 6.26
C GLY C 33 -35.77 -36.09 6.99
N CYS C 34 -35.99 -35.26 8.00
CA CYS C 34 -34.87 -34.62 8.67
C CYS C 34 -34.16 -35.62 9.58
N LYS C 35 -32.91 -35.31 9.91
CA LYS C 35 -32.17 -36.13 10.86
C LYS C 35 -32.85 -36.10 12.23
N ALA C 36 -33.21 -34.91 12.69
CA ALA C 36 -34.00 -34.75 13.91
C ALA C 36 -35.49 -34.73 13.62
N LYS C 37 -35.90 -34.88 12.36
CA LYS C 37 -37.30 -34.99 11.97
C LYS C 37 -38.08 -33.74 12.34
N GLN C 38 -37.53 -32.59 12.00
CA GLN C 38 -38.08 -31.32 12.40
C GLN C 38 -37.79 -30.25 11.35
N ILE C 39 -38.77 -29.41 11.05
CA ILE C 39 -38.65 -28.38 10.03
C ILE C 39 -39.31 -27.10 10.52
N ALA C 40 -38.65 -25.97 10.28
CA ALA C 40 -39.24 -24.68 10.61
C ALA C 40 -40.35 -24.36 9.64
N SER C 41 -41.03 -23.25 9.87
CA SER C 41 -42.01 -22.72 8.93
C SER C 41 -42.50 -21.39 9.47
N ALA C 42 -43.05 -20.58 8.57
CA ALA C 42 -43.33 -19.17 8.81
C ALA C 42 -44.82 -18.93 8.62
N PRO C 43 -45.62 -19.16 9.67
CA PRO C 43 -47.05 -18.89 9.54
C PRO C 43 -47.36 -17.42 9.38
N ARG C 44 -46.57 -16.54 9.98
CA ARG C 44 -46.80 -15.11 9.84
C ARG C 44 -45.74 -14.53 8.92
N THR C 45 -46.12 -14.23 7.68
CA THR C 45 -45.31 -13.29 6.94
C THR C 45 -45.66 -11.87 7.30
N GLU C 46 -46.75 -11.69 8.03
CA GLU C 46 -47.15 -10.38 8.48
C GLU C 46 -46.02 -9.73 9.26
N ASP C 47 -45.58 -10.39 10.32
CA ASP C 47 -44.77 -9.77 11.36
C ASP C 47 -43.28 -9.99 11.16
N CYS C 48 -42.85 -10.54 10.03
CA CYS C 48 -41.42 -10.53 9.74
C CYS C 48 -41.02 -9.09 9.56
N VAL C 49 -40.14 -8.60 10.42
CA VAL C 49 -39.76 -7.20 10.32
C VAL C 49 -38.66 -7.02 9.28
N GLY C 50 -37.92 -8.09 8.99
CA GLY C 50 -36.80 -8.01 8.10
C GLY C 50 -35.45 -8.05 8.77
N CYS C 51 -35.40 -8.35 10.07
CA CYS C 51 -34.13 -8.29 10.78
C CYS C 51 -33.09 -9.21 10.15
N LYS C 52 -33.53 -10.24 9.47
CA LYS C 52 -32.63 -11.28 8.98
C LYS C 52 -31.71 -11.77 10.08
N ARG C 53 -32.21 -11.79 11.31
CA ARG C 53 -31.54 -12.54 12.34
C ARG C 53 -31.69 -14.03 12.12
N CYS C 54 -32.71 -14.41 11.35
CA CYS C 54 -32.80 -15.79 10.88
C CYS C 54 -31.55 -16.18 10.12
N GLU C 55 -31.30 -15.51 9.00
CA GLU C 55 -30.27 -15.95 8.08
C GLU C 55 -28.90 -16.00 8.73
N THR C 56 -28.68 -15.20 9.77
CA THR C 56 -27.41 -15.29 10.48
C THR C 56 -27.32 -16.58 11.27
N ALA C 57 -28.46 -17.06 11.78
CA ALA C 57 -28.44 -18.19 12.70
C ALA C 57 -28.38 -19.54 12.00
N CYS C 58 -28.71 -19.60 10.71
CA CYS C 58 -28.75 -20.90 10.04
C CYS C 58 -27.38 -21.55 10.03
N PRO C 59 -27.22 -22.68 10.66
CA PRO C 59 -25.93 -23.37 10.62
C PRO C 59 -25.66 -23.95 9.24
N THR C 60 -26.70 -24.08 8.43
CA THR C 60 -26.59 -24.67 7.11
C THR C 60 -25.61 -23.87 6.26
N ASP C 61 -24.87 -24.58 5.40
CA ASP C 61 -23.96 -23.89 4.49
C ASP C 61 -24.64 -22.75 3.79
N PHE C 62 -25.54 -23.07 2.86
CA PHE C 62 -26.32 -22.02 2.25
C PHE C 62 -27.73 -22.18 2.75
N LEU C 63 -28.34 -21.04 3.04
CA LEU C 63 -29.33 -20.93 4.11
C LEU C 63 -30.53 -21.83 3.88
N SER C 64 -31.15 -22.26 4.98
CA SER C 64 -32.45 -22.90 4.86
C SER C 64 -33.59 -21.90 4.83
N VAL C 65 -33.39 -20.70 5.35
CA VAL C 65 -34.37 -19.63 5.27
C VAL C 65 -33.72 -18.52 4.48
N ARG C 66 -34.46 -17.87 3.59
CA ARG C 66 -34.00 -16.67 2.94
C ARG C 66 -35.14 -15.66 2.93
N VAL C 67 -34.95 -14.56 3.63
CA VAL C 67 -35.98 -13.52 3.74
C VAL C 67 -35.90 -12.64 2.50
N TYR C 68 -37.02 -12.50 1.82
CA TYR C 68 -37.14 -11.64 0.64
C TYR C 68 -37.97 -10.44 1.04
N LEU C 69 -37.35 -9.28 1.09
CA LEU C 69 -38.06 -8.11 1.60
C LEU C 69 -39.11 -7.67 0.60
N GLY C 70 -40.36 -7.61 1.05
CA GLY C 70 -41.44 -7.06 0.25
C GLY C 70 -41.68 -5.60 0.57
N ALA C 71 -42.93 -5.17 0.42
CA ALA C 71 -43.28 -3.83 0.86
C ALA C 71 -43.32 -3.80 2.38
N GLU C 72 -43.58 -2.63 2.94
CA GLU C 72 -43.46 -2.47 4.39
C GLU C 72 -44.63 -1.69 4.95
N THR C 73 -45.37 -2.35 5.84
CA THR C 73 -46.61 -1.86 6.43
C THR C 73 -46.33 -1.18 7.77
N THR C 74 -47.41 -0.92 8.51
CA THR C 74 -47.26 -0.36 9.86
C THR C 74 -46.44 -1.28 10.75
N ARG C 75 -46.66 -2.59 10.64
CA ARG C 75 -45.95 -3.56 11.45
C ARG C 75 -44.54 -3.80 10.91
N SER C 76 -44.43 -4.04 9.61
CA SER C 76 -43.15 -4.36 9.02
C SER C 76 -42.20 -3.18 8.94
N MET C 77 -42.69 -1.97 9.20
CA MET C 77 -41.80 -0.86 9.50
C MET C 77 -41.48 -0.77 10.97
N GLY C 78 -42.20 -1.50 11.81
CA GLY C 78 -42.01 -1.42 13.24
C GLY C 78 -42.18 -0.02 13.76
N LEU C 79 -43.33 0.59 13.50
CA LEU C 79 -43.56 1.96 13.93
C LEU C 79 -44.24 1.98 15.28
N ALA C 80 -43.72 2.80 16.18
CA ALA C 80 -44.43 3.21 17.37
C ALA C 80 -45.22 4.49 17.13
N TYR C 81 -45.26 4.95 15.90
CA TYR C 81 -45.96 6.17 15.55
C TYR C 81 -47.08 5.93 14.56
N THR D 57 -58.17 -25.57 23.84
CA THR D 57 -57.47 -25.16 25.06
C THR D 57 -56.68 -23.83 25.02
N PRO D 58 -55.91 -23.57 23.96
CA PRO D 58 -54.88 -22.53 24.05
C PRO D 58 -55.39 -21.15 24.42
N PRO D 59 -56.44 -20.61 23.79
CA PRO D 59 -56.72 -19.18 23.95
C PRO D 59 -57.26 -18.85 25.33
N GLN D 60 -57.05 -17.60 25.74
CA GLN D 60 -57.64 -17.10 26.97
C GLN D 60 -58.13 -15.68 26.78
N LEU D 61 -58.97 -15.24 27.69
CA LEU D 61 -59.48 -13.89 27.71
C LEU D 61 -58.61 -13.02 28.62
N ASP D 62 -59.10 -11.83 28.96
CA ASP D 62 -58.35 -10.84 29.73
C ASP D 62 -59.04 -10.59 31.06
N PRO D 63 -58.72 -11.36 32.09
CA PRO D 63 -59.22 -11.06 33.44
C PRO D 63 -58.56 -9.82 34.01
N ASN D 64 -58.72 -9.58 35.31
CA ASN D 64 -58.08 -8.45 35.97
C ASN D 64 -56.80 -8.93 36.66
N THR D 65 -55.67 -8.59 36.08
CA THR D 65 -54.35 -8.76 36.68
C THR D 65 -53.71 -7.37 36.80
N PRO D 66 -53.35 -6.90 37.98
CA PRO D 66 -52.93 -5.50 38.12
C PRO D 66 -51.71 -5.12 37.30
N SER D 67 -51.25 -3.88 37.43
CA SER D 67 -50.09 -3.51 36.64
C SER D 67 -48.90 -3.28 37.55
N PRO D 68 -47.68 -3.54 37.07
CA PRO D 68 -46.50 -3.39 37.92
C PRO D 68 -46.28 -1.94 38.31
N ILE D 69 -45.65 -1.76 39.47
CA ILE D 69 -45.43 -0.43 40.01
C ILE D 69 -44.39 0.28 39.16
N PHE D 70 -44.74 1.46 38.66
CA PHE D 70 -43.84 2.26 37.86
C PHE D 70 -44.26 3.71 37.95
N GLY D 71 -43.31 4.62 37.77
CA GLY D 71 -43.53 6.03 38.00
C GLY D 71 -43.71 6.90 36.76
N GLY D 72 -43.84 6.30 35.59
CA GLY D 72 -44.07 7.01 34.34
C GLY D 72 -42.78 7.31 33.60
N SER D 73 -42.87 7.26 32.28
CA SER D 73 -41.72 7.52 31.43
C SER D 73 -42.21 7.88 30.02
N THR D 74 -41.33 8.54 29.26
CA THR D 74 -41.72 8.92 27.90
C THR D 74 -41.80 7.73 26.96
N GLY D 75 -41.14 6.62 27.28
CA GLY D 75 -41.39 5.39 26.55
C GLY D 75 -42.76 4.83 26.91
N GLY D 76 -43.54 4.49 25.91
CA GLY D 76 -44.88 3.98 26.13
C GLY D 76 -45.77 4.26 24.94
N LEU D 77 -47.07 4.31 25.21
CA LEU D 77 -48.04 4.48 24.14
C LEU D 77 -48.03 5.90 23.60
N LEU D 78 -48.57 6.03 22.39
CA LEU D 78 -48.64 7.27 21.64
C LEU D 78 -49.96 7.28 20.88
N ARG D 79 -50.09 8.19 19.93
CA ARG D 79 -51.36 8.30 19.23
C ARG D 79 -51.62 7.18 18.24
N LYS D 80 -50.72 6.21 18.05
CA LYS D 80 -51.14 4.96 17.45
C LYS D 80 -52.30 4.35 18.22
N ALA D 81 -52.11 4.15 19.52
CA ALA D 81 -53.06 3.41 20.33
C ALA D 81 -54.49 3.91 20.11
N GLN D 82 -54.65 5.21 19.90
CA GLN D 82 -55.96 5.76 19.58
C GLN D 82 -56.56 5.11 18.36
N VAL D 83 -55.87 5.23 17.22
CA VAL D 83 -56.38 4.75 15.94
C VAL D 83 -55.86 3.35 15.59
N GLU D 84 -54.86 2.86 16.30
CA GLU D 84 -54.14 1.69 15.84
C GLU D 84 -54.01 0.69 16.98
N GLU D 85 -53.61 -0.52 16.63
CA GLU D 85 -53.47 -1.62 17.56
C GLU D 85 -52.35 -1.37 18.56
N PHE D 86 -52.44 -2.07 19.69
CA PHE D 86 -51.40 -2.04 20.71
C PHE D 86 -51.49 -3.34 21.48
N TYR D 87 -50.40 -3.70 22.15
CA TYR D 87 -50.30 -5.04 22.69
C TYR D 87 -50.47 -5.02 24.20
N VAL D 88 -50.56 -6.21 24.78
CA VAL D 88 -50.82 -6.38 26.20
C VAL D 88 -50.12 -7.64 26.67
N ILE D 89 -49.41 -7.57 27.78
CA ILE D 89 -48.66 -8.71 28.29
C ILE D 89 -49.28 -9.16 29.59
N THR D 90 -49.34 -10.47 29.79
CA THR D 90 -49.75 -11.04 31.06
C THR D 90 -48.80 -12.17 31.44
N TRP D 91 -48.13 -12.00 32.57
CA TRP D 91 -47.34 -13.07 33.16
C TRP D 91 -47.68 -13.12 34.63
N GLU D 92 -46.99 -13.98 35.36
CA GLU D 92 -47.17 -14.07 36.80
C GLU D 92 -45.84 -13.83 37.49
N ALA D 93 -45.85 -13.81 38.81
CA ALA D 93 -44.67 -13.53 39.58
C ALA D 93 -44.70 -14.37 40.85
N LYS D 94 -43.53 -14.53 41.46
CA LYS D 94 -43.47 -15.21 42.75
C LYS D 94 -43.00 -14.23 43.81
N LYS D 95 -41.70 -13.96 43.85
CA LYS D 95 -41.21 -12.82 44.59
C LYS D 95 -41.46 -11.55 43.79
N GLU D 96 -41.46 -10.41 44.48
CA GLU D 96 -41.46 -9.13 43.81
C GLU D 96 -40.03 -8.66 43.66
N GLN D 97 -39.70 -8.18 42.46
CA GLN D 97 -38.39 -7.61 42.21
C GLN D 97 -38.52 -6.69 41.00
N ILE D 98 -37.39 -6.18 40.53
CA ILE D 98 -37.37 -5.15 39.50
C ILE D 98 -37.00 -5.81 38.18
N PHE D 99 -37.59 -5.32 37.09
CA PHE D 99 -37.28 -5.81 35.76
C PHE D 99 -37.04 -4.62 34.84
N GLU D 100 -36.11 -4.79 33.90
CA GLU D 100 -35.92 -3.80 32.85
C GLU D 100 -37.23 -3.52 32.14
N MET D 101 -37.51 -2.27 31.96
CA MET D 101 -38.65 -2.05 31.08
C MET D 101 -38.14 -1.73 29.68
N PRO D 102 -38.67 -2.40 28.65
CA PRO D 102 -38.13 -2.18 27.31
C PRO D 102 -38.39 -0.78 26.77
N THR D 103 -39.38 -0.08 27.29
CA THR D 103 -39.64 1.30 26.89
C THR D 103 -38.76 2.28 27.64
N GLY D 104 -37.85 1.80 28.47
CA GLY D 104 -36.94 2.60 29.25
C GLY D 104 -37.29 2.57 30.72
N GLY D 105 -36.28 2.80 31.55
CA GLY D 105 -36.47 2.82 32.99
C GLY D 105 -36.71 1.44 33.56
N ALA D 106 -36.74 1.35 34.89
CA ALA D 106 -36.97 0.09 35.58
C ALA D 106 -38.34 0.12 36.27
N ALA D 107 -38.93 -1.06 36.44
CA ALA D 107 -40.25 -1.16 37.04
C ALA D 107 -40.30 -2.36 37.96
N ILE D 108 -41.15 -2.27 38.98
CA ILE D 108 -41.30 -3.30 40.00
C ILE D 108 -42.51 -4.15 39.66
N MET D 109 -42.26 -5.41 39.35
CA MET D 109 -43.34 -6.36 39.08
C MET D 109 -43.97 -6.80 40.39
N ARG D 110 -45.27 -7.04 40.35
CA ARG D 110 -46.03 -7.31 41.56
C ARG D 110 -45.74 -8.74 42.03
N LYS D 111 -46.50 -9.21 43.01
CA LYS D 111 -46.30 -10.53 43.59
C LYS D 111 -47.11 -11.59 42.85
N GLY D 112 -47.79 -11.23 41.77
CA GLY D 112 -48.72 -12.11 41.13
C GLY D 112 -48.97 -11.72 39.69
N PRO D 113 -50.01 -12.29 39.11
CA PRO D 113 -50.29 -12.04 37.69
C PRO D 113 -50.40 -10.55 37.38
N ASN D 114 -49.71 -10.13 36.32
CA ASN D 114 -49.57 -8.73 35.97
C ASN D 114 -50.07 -8.48 34.55
N LEU D 115 -50.34 -7.22 34.23
CA LEU D 115 -50.75 -6.84 32.89
C LEU D 115 -50.12 -5.51 32.49
N LEU D 116 -49.55 -5.48 31.29
CA LEU D 116 -48.92 -4.29 30.73
C LEU D 116 -49.55 -3.91 29.40
N LYS D 117 -49.28 -2.69 28.98
CA LYS D 117 -49.67 -2.23 27.65
C LYS D 117 -48.45 -1.66 26.95
N LEU D 118 -47.97 -2.33 25.92
CA LEU D 118 -46.85 -1.86 25.13
C LEU D 118 -47.33 -1.38 23.77
N ALA D 119 -46.40 -0.82 23.00
CA ALA D 119 -46.74 -0.26 21.70
C ALA D 119 -46.37 -1.15 20.50
N ARG D 120 -45.67 -2.26 20.72
CA ARG D 120 -45.22 -3.07 19.59
C ARG D 120 -45.10 -4.52 19.97
N LYS D 121 -45.41 -5.39 19.00
CA LYS D 121 -45.11 -6.80 19.16
C LYS D 121 -43.61 -7.00 19.33
N GLU D 122 -42.82 -6.14 18.70
CA GLU D 122 -41.37 -6.16 18.88
C GLU D 122 -41.01 -5.93 20.34
N GLN D 123 -41.52 -4.83 20.92
CA GLN D 123 -41.25 -4.56 22.33
C GLN D 123 -41.72 -5.69 23.21
N CYS D 124 -42.73 -6.43 22.76
CA CYS D 124 -43.40 -7.36 23.63
C CYS D 124 -42.55 -8.58 23.91
N LEU D 125 -42.05 -9.24 22.85
CA LEU D 125 -41.19 -10.39 23.03
C LEU D 125 -39.83 -10.04 23.61
N ALA D 126 -39.44 -8.77 23.57
CA ALA D 126 -38.28 -8.34 24.32
C ALA D 126 -38.47 -8.62 25.80
N LEU D 127 -39.69 -8.41 26.31
CA LEU D 127 -39.94 -8.63 27.72
C LEU D 127 -40.17 -10.09 28.05
N THR D 128 -40.62 -10.90 27.09
CA THR D 128 -40.74 -12.33 27.38
C THR D 128 -39.37 -12.99 27.42
N THR D 129 -38.54 -12.73 26.41
CA THR D 129 -37.16 -13.18 26.48
C THR D 129 -36.51 -12.71 27.77
N GLN D 130 -36.90 -11.54 28.25
CA GLN D 130 -36.47 -11.05 29.55
C GLN D 130 -36.82 -12.06 30.64
N LEU D 131 -38.12 -12.23 30.90
CA LEU D 131 -38.54 -12.93 32.10
C LEU D 131 -38.43 -14.44 31.94
N ARG D 132 -38.43 -14.94 30.71
CA ARG D 132 -38.29 -16.38 30.53
C ARG D 132 -36.86 -16.84 30.78
N THR D 133 -35.88 -16.06 30.34
CA THR D 133 -34.48 -16.44 30.44
C THR D 133 -33.81 -15.92 31.70
N LYS D 134 -34.46 -15.04 32.44
CA LYS D 134 -33.84 -14.44 33.61
C LYS D 134 -34.56 -14.83 34.90
N PHE D 135 -35.83 -14.47 35.03
CA PHE D 135 -36.61 -14.91 36.18
C PHE D 135 -37.34 -16.22 35.93
N LYS D 136 -37.29 -16.73 34.70
CA LYS D 136 -37.72 -18.09 34.38
C LYS D 136 -39.22 -18.27 34.62
N THR D 137 -40.02 -17.32 34.17
CA THR D 137 -41.47 -17.40 34.19
C THR D 137 -41.97 -17.40 32.75
N ASP D 138 -43.13 -18.01 32.53
CA ASP D 138 -43.73 -17.92 31.21
C ASP D 138 -44.49 -16.61 31.05
N ALA D 139 -44.67 -16.21 29.79
CA ALA D 139 -45.47 -15.05 29.46
C ALA D 139 -46.24 -15.31 28.19
N CYS D 140 -47.36 -14.62 28.03
CA CYS D 140 -48.18 -14.69 26.84
C CYS D 140 -48.90 -13.38 26.68
N PHE D 141 -49.10 -12.94 25.44
CA PHE D 141 -49.56 -11.57 25.22
C PHE D 141 -50.58 -11.53 24.10
N TYR D 142 -51.11 -10.33 23.87
CA TYR D 142 -52.35 -10.11 23.14
C TYR D 142 -52.17 -8.97 22.15
N ARG D 143 -53.12 -8.85 21.24
CA ARG D 143 -53.20 -7.74 20.32
C ARG D 143 -54.53 -7.05 20.54
N VAL D 144 -54.50 -5.81 21.02
CA VAL D 144 -55.70 -5.08 21.36
C VAL D 144 -55.77 -3.84 20.49
N PHE D 145 -56.90 -3.63 19.84
CA PHE D 145 -57.08 -2.50 18.94
C PHE D 145 -58.48 -1.94 19.11
N PRO D 146 -58.68 -0.65 18.82
CA PRO D 146 -59.78 0.11 19.43
C PRO D 146 -61.17 -0.41 19.09
N SER D 147 -61.32 -1.19 18.03
CA SER D 147 -62.66 -1.67 17.68
C SER D 147 -63.24 -2.58 18.76
N GLY D 148 -62.46 -2.93 19.77
CA GLY D 148 -62.96 -3.58 20.94
C GLY D 148 -62.61 -5.05 21.05
N GLU D 149 -62.15 -5.68 19.98
CA GLU D 149 -61.87 -7.10 20.06
C GLU D 149 -60.38 -7.35 20.22
N VAL D 150 -60.07 -8.39 20.98
CA VAL D 150 -58.71 -8.75 21.34
C VAL D 150 -58.38 -10.08 20.68
N GLN D 151 -57.13 -10.23 20.28
CA GLN D 151 -56.62 -11.48 19.73
C GLN D 151 -55.58 -12.06 20.69
N TYR D 152 -55.40 -13.36 20.64
CA TYR D 152 -54.39 -14.02 21.44
C TYR D 152 -53.19 -14.28 20.54
N LEU D 153 -52.12 -13.54 20.75
CA LEU D 153 -50.89 -13.79 20.04
C LEU D 153 -49.98 -14.64 20.91
N HIS D 154 -48.85 -15.06 20.33
CA HIS D 154 -47.86 -15.83 21.07
C HIS D 154 -48.55 -17.17 21.31
N PRO D 155 -47.97 -18.15 22.04
CA PRO D 155 -48.07 -19.54 21.59
C PRO D 155 -49.49 -19.98 21.32
N LYS D 156 -50.01 -19.56 20.16
CA LYS D 156 -51.35 -19.92 19.75
C LYS D 156 -51.57 -21.43 19.80
N ASP D 157 -50.51 -22.19 19.55
CA ASP D 157 -50.60 -23.63 19.68
C ASP D 157 -50.62 -24.05 21.14
N GLY D 158 -50.36 -23.11 22.06
CA GLY D 158 -50.19 -23.45 23.45
C GLY D 158 -48.80 -23.86 23.83
N VAL D 159 -47.86 -23.85 22.87
CA VAL D 159 -46.47 -24.22 23.12
C VAL D 159 -45.59 -23.19 22.44
N TYR D 160 -44.47 -22.85 23.07
CA TYR D 160 -43.51 -21.96 22.46
C TYR D 160 -43.01 -22.53 21.15
N PRO D 161 -42.86 -21.72 20.10
CA PRO D 161 -42.52 -22.27 18.78
C PRO D 161 -41.16 -22.94 18.76
N GLU D 162 -40.28 -22.56 19.69
CA GLU D 162 -38.97 -23.16 19.76
C GLU D 162 -39.03 -24.67 19.90
N LYS D 163 -40.08 -25.19 20.51
CA LYS D 163 -40.21 -26.62 20.76
C LYS D 163 -41.31 -27.21 19.89
N VAL D 164 -41.09 -28.46 19.47
CA VAL D 164 -42.01 -29.11 18.55
C VAL D 164 -43.32 -29.43 19.25
N ASN D 165 -44.41 -29.26 18.52
CA ASN D 165 -45.71 -29.79 18.88
C ASN D 165 -46.30 -30.45 17.64
N ALA D 166 -47.49 -31.02 17.78
CA ALA D 166 -48.22 -31.61 16.67
C ALA D 166 -49.47 -30.80 16.40
N GLY D 167 -49.95 -30.89 15.18
CA GLY D 167 -51.09 -30.11 14.74
C GLY D 167 -50.72 -28.85 13.99
N ARG D 168 -49.49 -28.37 14.15
CA ARG D 168 -49.03 -27.24 13.36
C ARG D 168 -48.90 -27.67 11.90
N GLU D 169 -49.53 -26.92 11.01
CA GLU D 169 -49.36 -27.11 9.58
C GLU D 169 -48.66 -25.88 9.05
N GLY D 170 -47.40 -26.04 8.68
CA GLY D 170 -46.56 -24.89 8.37
C GLY D 170 -46.78 -24.40 6.95
N ALA D 171 -46.72 -23.09 6.80
CA ALA D 171 -46.82 -22.44 5.50
C ALA D 171 -45.45 -21.95 5.08
N ASN D 172 -45.39 -21.39 3.88
CA ASN D 172 -44.17 -20.81 3.32
C ASN D 172 -43.00 -21.77 3.47
N GLN D 173 -43.09 -22.85 2.70
CA GLN D 173 -42.01 -23.79 2.56
C GLN D 173 -41.79 -24.07 1.08
N ASN D 174 -40.57 -24.41 0.74
CA ASN D 174 -40.24 -24.81 -0.62
C ASN D 174 -39.55 -26.15 -0.58
N MET D 175 -39.97 -27.04 -1.47
CA MET D 175 -39.44 -28.39 -1.53
C MET D 175 -38.22 -28.50 -2.42
N ARG D 176 -37.68 -27.38 -2.87
CA ARG D 176 -36.47 -27.35 -3.65
C ARG D 176 -35.33 -26.71 -2.86
N SER D 177 -34.11 -27.15 -3.15
CA SER D 177 -32.94 -26.43 -2.67
C SER D 177 -32.89 -25.06 -3.34
N ILE D 178 -32.13 -24.15 -2.74
CA ILE D 178 -32.15 -22.77 -3.23
C ILE D 178 -31.69 -22.69 -4.68
N GLY D 179 -30.59 -23.38 -4.99
CA GLY D 179 -30.08 -23.37 -6.35
C GLY D 179 -31.07 -23.84 -7.37
N GLU D 180 -32.15 -24.49 -6.94
CA GLU D 180 -33.14 -25.06 -7.82
C GLU D 180 -34.25 -24.08 -8.17
N ASN D 181 -34.12 -22.83 -7.74
CA ASN D 181 -35.12 -21.82 -8.02
C ASN D 181 -35.13 -21.44 -9.49
N VAL D 182 -36.25 -20.87 -9.91
CA VAL D 182 -36.37 -20.32 -11.25
C VAL D 182 -35.53 -19.05 -11.37
N ASN D 183 -35.02 -18.81 -12.54
CA ASN D 183 -34.34 -17.58 -12.92
C ASN D 183 -35.34 -16.57 -13.51
N PRO D 184 -35.09 -15.29 -13.28
CA PRO D 184 -36.17 -14.30 -13.40
C PRO D 184 -36.84 -14.20 -14.76
N ILE D 185 -36.24 -14.71 -15.83
CA ILE D 185 -36.97 -14.72 -17.10
C ILE D 185 -38.26 -15.50 -16.98
N LYS D 186 -38.18 -16.72 -16.44
CA LYS D 186 -39.30 -17.63 -16.56
C LYS D 186 -40.53 -17.13 -15.82
N VAL D 187 -40.41 -16.08 -15.01
CA VAL D 187 -41.55 -15.23 -14.67
C VAL D 187 -41.24 -13.85 -15.21
N LYS D 188 -41.86 -13.50 -16.34
CA LYS D 188 -41.63 -12.21 -16.99
C LYS D 188 -42.96 -11.73 -17.55
N PHE D 189 -43.39 -10.55 -17.13
CA PHE D 189 -44.60 -9.91 -17.65
C PHE D 189 -45.86 -10.69 -17.32
N THR D 190 -45.70 -11.96 -16.96
CA THR D 190 -46.79 -12.67 -16.28
C THR D 190 -46.88 -12.20 -14.84
N GLY D 191 -45.77 -12.27 -14.15
CA GLY D 191 -45.55 -11.64 -12.87
C GLY D 191 -45.84 -12.52 -11.70
N LYS D 192 -44.96 -12.41 -10.71
CA LYS D 192 -45.05 -13.01 -9.38
C LYS D 192 -44.19 -12.08 -8.52
N ILE D 193 -44.30 -12.22 -7.20
CA ILE D 193 -43.43 -11.39 -6.37
C ILE D 193 -41.96 -11.65 -6.69
N GLY D 194 -41.62 -12.90 -6.96
CA GLY D 194 -40.26 -13.23 -7.34
C GLY D 194 -40.13 -14.65 -7.84
N PRO D 195 -38.90 -15.03 -8.22
CA PRO D 195 -38.66 -16.41 -8.66
C PRO D 195 -38.97 -17.45 -7.60
N PHE D 196 -39.08 -17.05 -6.34
CA PHE D 196 -39.33 -18.01 -5.28
C PHE D 196 -40.80 -18.43 -5.22
N ASP D 197 -41.72 -17.55 -5.60
CA ASP D 197 -43.13 -17.95 -5.65
C ASP D 197 -43.35 -19.09 -6.64
N VAL D 198 -42.98 -18.87 -7.88
CA VAL D 198 -43.12 -19.87 -8.93
C VAL D 198 -42.32 -21.12 -8.62
N GLY E 31 -24.37 -45.59 1.03
CA GLY E 31 -23.53 -45.53 -0.16
C GLY E 31 -22.09 -45.15 0.11
N PRO E 32 -21.80 -43.85 0.05
CA PRO E 32 -20.45 -43.38 0.40
C PRO E 32 -20.16 -43.62 1.87
N LYS E 33 -18.87 -43.70 2.18
CA LYS E 33 -18.43 -44.21 3.47
C LYS E 33 -17.65 -43.15 4.24
N ARG E 34 -17.64 -43.28 5.55
CA ARG E 34 -17.08 -42.25 6.42
C ARG E 34 -15.57 -42.15 6.25
N GLY E 35 -15.06 -40.93 6.41
CA GLY E 35 -13.63 -40.68 6.39
C GLY E 35 -13.01 -40.57 5.02
N SER E 36 -13.68 -41.02 3.97
CA SER E 36 -13.11 -41.02 2.64
C SER E 36 -13.29 -39.66 1.97
N ARG E 37 -12.27 -39.22 1.24
CA ARG E 37 -12.27 -37.87 0.69
C ARG E 37 -13.33 -37.72 -0.40
N VAL E 38 -13.68 -36.47 -0.67
CA VAL E 38 -14.84 -36.12 -1.48
C VAL E 38 -14.54 -34.85 -2.27
N LYS E 39 -15.17 -34.71 -3.43
CA LYS E 39 -15.27 -33.44 -4.13
C LYS E 39 -16.75 -33.10 -4.33
N ILE E 40 -17.08 -31.81 -4.16
CA ILE E 40 -18.47 -31.37 -4.07
C ILE E 40 -18.78 -30.49 -5.27
N LEU E 41 -19.79 -30.89 -6.04
CA LEU E 41 -20.23 -30.17 -7.22
C LEU E 41 -21.45 -29.29 -6.99
N ARG E 42 -21.93 -29.17 -5.76
CA ARG E 42 -23.12 -28.39 -5.46
C ARG E 42 -22.94 -26.93 -5.88
N PRO E 43 -23.78 -26.40 -6.77
CA PRO E 43 -23.48 -25.08 -7.37
C PRO E 43 -23.39 -23.95 -6.37
N GLU E 44 -24.35 -23.83 -5.46
CA GLU E 44 -24.30 -22.79 -4.45
C GLU E 44 -23.66 -23.39 -3.20
N SER E 45 -22.44 -22.95 -2.91
CA SER E 45 -21.69 -23.46 -1.77
C SER E 45 -20.36 -22.74 -1.74
N TYR E 46 -19.75 -22.73 -0.57
CA TYR E 46 -18.41 -22.20 -0.47
C TYR E 46 -17.36 -23.26 -0.71
N TRP E 47 -17.74 -24.53 -0.67
CA TRP E 47 -16.84 -25.63 -0.93
C TRP E 47 -16.98 -26.23 -2.32
N TYR E 48 -17.80 -25.64 -3.17
CA TYR E 48 -17.98 -26.16 -4.53
C TYR E 48 -16.63 -26.40 -5.20
N ASN E 49 -16.44 -27.61 -5.70
CA ASN E 49 -15.14 -28.05 -6.23
C ASN E 49 -14.04 -27.88 -5.20
N ARG E 50 -14.28 -28.38 -3.99
CA ARG E 50 -13.26 -28.34 -2.95
C ARG E 50 -13.36 -29.60 -2.10
N ALA E 51 -12.20 -30.18 -1.79
CA ALA E 51 -12.17 -31.48 -1.16
C ALA E 51 -12.65 -31.43 0.29
N GLY E 52 -13.29 -32.51 0.71
CA GLY E 52 -13.77 -32.61 2.08
C GLY E 52 -13.87 -34.07 2.47
N LYS E 53 -13.89 -34.29 3.78
CA LYS E 53 -13.89 -35.62 4.37
C LYS E 53 -15.24 -35.88 5.02
N VAL E 54 -15.88 -36.99 4.62
CA VAL E 54 -17.17 -37.35 5.20
C VAL E 54 -16.97 -37.65 6.68
N VAL E 55 -17.72 -36.96 7.54
CA VAL E 55 -17.75 -37.38 8.94
C VAL E 55 -18.73 -38.52 9.13
N SER E 56 -19.89 -38.47 8.46
CA SER E 56 -20.88 -39.51 8.61
C SER E 56 -21.73 -39.62 7.36
N CYS E 57 -22.16 -40.84 7.07
CA CYS E 57 -23.17 -41.11 6.06
C CYS E 57 -24.30 -41.89 6.71
N ASP E 58 -25.53 -41.43 6.50
CA ASP E 58 -26.70 -42.11 7.06
C ASP E 58 -27.20 -43.20 6.14
N GLN E 59 -27.68 -44.28 6.73
CA GLN E 59 -28.45 -45.29 6.02
C GLN E 59 -29.91 -44.99 6.37
N THR E 60 -30.59 -44.32 5.46
CA THR E 60 -31.90 -43.70 5.66
C THR E 60 -32.41 -43.25 4.31
N GLY E 61 -33.56 -42.59 4.32
CA GLY E 61 -34.10 -41.96 3.12
C GLY E 61 -34.00 -40.45 3.15
N ILE E 62 -33.13 -39.93 4.01
CA ILE E 62 -33.01 -38.48 4.17
C ILE E 62 -32.71 -37.84 2.83
N LYS E 63 -33.30 -36.68 2.59
CA LYS E 63 -33.00 -35.93 1.38
C LYS E 63 -31.50 -35.67 1.26
N TYR E 64 -30.88 -35.24 2.34
CA TYR E 64 -29.47 -34.85 2.35
C TYR E 64 -28.72 -35.66 3.41
N PRO E 65 -28.49 -36.95 3.15
CA PRO E 65 -27.91 -37.80 4.19
C PRO E 65 -26.45 -37.51 4.52
N VAL E 66 -25.61 -37.28 3.53
CA VAL E 66 -24.17 -37.26 3.77
C VAL E 66 -23.80 -35.96 4.48
N THR E 67 -22.83 -36.05 5.39
CA THR E 67 -22.31 -34.91 6.12
C THR E 67 -20.80 -34.88 5.94
N VAL E 68 -20.29 -33.78 5.40
CA VAL E 68 -18.88 -33.66 5.13
C VAL E 68 -18.27 -32.72 6.17
N ARG E 69 -16.95 -32.60 6.17
CA ARG E 69 -16.24 -31.67 7.02
C ARG E 69 -15.06 -31.11 6.28
N PHE E 70 -14.86 -29.81 6.38
CA PHE E 70 -13.83 -29.10 5.63
C PHE E 70 -12.91 -28.38 6.60
N GLU E 71 -11.62 -28.43 6.34
CA GLU E 71 -10.67 -27.64 7.11
C GLU E 71 -10.92 -26.15 6.94
N ASP E 72 -11.34 -25.73 5.75
CA ASP E 72 -11.63 -24.33 5.49
C ASP E 72 -12.86 -23.88 6.25
N VAL E 73 -13.01 -22.57 6.37
CA VAL E 73 -14.13 -21.96 7.07
C VAL E 73 -15.00 -21.24 6.07
N ASN E 74 -16.30 -21.33 6.27
CA ASN E 74 -17.27 -20.64 5.43
C ASN E 74 -17.23 -19.14 5.75
N TYR E 75 -18.09 -18.37 5.07
CA TYR E 75 -18.28 -16.99 5.50
C TYR E 75 -18.97 -16.95 6.84
N ALA E 76 -19.97 -17.81 7.04
CA ALA E 76 -20.67 -17.87 8.30
C ALA E 76 -19.83 -18.43 9.43
N GLY E 77 -18.65 -18.97 9.13
CA GLY E 77 -17.89 -19.70 10.13
C GLY E 77 -18.24 -21.16 10.20
N VAL E 78 -18.87 -21.71 9.18
CA VAL E 78 -19.39 -23.07 9.18
C VAL E 78 -18.33 -23.99 8.62
N SER E 79 -17.93 -25.01 9.39
CA SER E 79 -16.95 -25.95 8.91
C SER E 79 -17.55 -27.26 8.38
N THR E 80 -18.86 -27.46 8.50
CA THR E 80 -19.50 -28.72 8.14
C THR E 80 -20.85 -28.47 7.49
N ASN E 81 -21.24 -29.37 6.59
CA ASN E 81 -22.54 -29.25 5.94
C ASN E 81 -23.03 -30.60 5.46
N ASN E 82 -24.33 -30.67 5.22
CA ASN E 82 -24.98 -31.88 4.72
C ASN E 82 -25.20 -31.72 3.23
N PHE E 83 -25.03 -32.81 2.49
CA PHE E 83 -25.18 -32.76 1.04
C PHE E 83 -26.11 -33.88 0.60
N GLY E 84 -26.42 -33.91 -0.69
CA GLY E 84 -27.16 -34.99 -1.28
C GLY E 84 -26.23 -35.97 -1.99
N LEU E 85 -26.73 -37.18 -2.22
CA LEU E 85 -25.89 -38.18 -2.86
C LEU E 85 -25.55 -37.78 -4.29
N GLN E 86 -26.46 -37.09 -4.98
CA GLN E 86 -26.25 -36.72 -6.37
C GLN E 86 -25.13 -35.71 -6.53
N GLU E 87 -24.76 -35.01 -5.47
CA GLU E 87 -23.76 -33.93 -5.53
C GLU E 87 -22.38 -34.44 -5.12
N VAL E 88 -22.26 -34.94 -3.89
CA VAL E 88 -21.00 -35.49 -3.43
C VAL E 88 -20.46 -36.52 -4.42
N GLU E 89 -19.16 -36.44 -4.67
CA GLU E 89 -18.44 -37.45 -5.46
C GLU E 89 -17.09 -37.71 -4.80
N GLU E 90 -16.77 -38.98 -4.61
CA GLU E 90 -15.59 -39.38 -3.85
C GLU E 90 -14.36 -39.48 -4.72
N LEU E 91 -13.25 -38.96 -4.21
CA LEU E 91 -11.95 -39.08 -4.84
C LEU E 91 -10.94 -39.56 -3.81
N ASP F 72 18.92 16.07 -31.00
CA ASP F 72 19.07 14.69 -31.47
C ASP F 72 17.75 13.95 -31.38
N ILE F 73 17.77 12.85 -30.63
CA ILE F 73 16.58 12.02 -30.47
C ILE F 73 15.40 12.86 -30.01
N ALA F 74 14.28 12.73 -30.71
CA ALA F 74 13.01 13.32 -30.32
C ALA F 74 13.11 14.82 -30.09
N GLY F 75 14.02 15.48 -30.80
CA GLY F 75 14.25 16.89 -30.53
C GLY F 75 14.83 17.14 -29.16
N LEU F 76 15.70 16.27 -28.69
CA LEU F 76 16.39 16.45 -27.42
C LEU F 76 17.87 16.68 -27.68
N THR F 77 18.60 16.90 -26.60
CA THR F 77 20.04 17.08 -26.67
C THR F 77 20.64 16.40 -25.46
N PRO F 78 21.82 15.79 -25.59
CA PRO F 78 22.53 15.29 -24.43
C PRO F 78 22.74 16.39 -23.40
N CYS F 79 22.50 16.04 -22.14
CA CYS F 79 22.53 17.03 -21.06
C CYS F 79 23.90 17.68 -20.91
N SER F 80 24.97 16.99 -21.33
CA SER F 80 26.30 17.58 -21.24
C SER F 80 26.43 18.79 -22.16
N GLU F 81 25.90 18.70 -23.37
CA GLU F 81 25.90 19.83 -24.29
C GLU F 81 24.65 20.70 -24.15
N SER F 82 23.83 20.44 -23.15
CA SER F 82 22.68 21.29 -22.90
C SER F 82 23.14 22.64 -22.35
N LYS F 83 22.17 23.50 -22.10
CA LYS F 83 22.46 24.86 -21.66
C LYS F 83 21.68 25.19 -20.39
N ALA F 84 20.35 25.15 -20.49
CA ALA F 84 19.54 25.31 -19.29
C ALA F 84 19.98 24.34 -18.21
N PHE F 85 20.38 23.13 -18.61
CA PHE F 85 20.96 22.20 -17.64
C PHE F 85 22.17 22.79 -16.98
N LYS F 86 22.97 23.56 -17.72
CA LYS F 86 24.15 24.15 -17.11
C LYS F 86 23.79 25.34 -16.24
N ARG F 87 22.79 26.14 -16.64
CA ARG F 87 22.18 27.05 -15.68
C ARG F 87 21.75 26.28 -14.45
N ARG F 88 20.97 25.24 -14.67
CA ARG F 88 20.31 24.51 -13.59
C ARG F 88 21.31 23.99 -12.58
N GLU F 89 22.53 23.66 -13.04
CA GLU F 89 23.55 23.20 -12.12
C GLU F 89 24.21 24.35 -11.40
N ASN F 90 24.48 25.43 -12.12
CA ASN F 90 25.26 26.50 -11.54
C ASN F 90 24.40 27.56 -10.87
N LYS F 91 23.08 27.46 -10.99
CA LYS F 91 22.22 28.31 -10.18
C LYS F 91 22.03 27.76 -8.78
N GLU F 92 22.20 26.45 -8.61
CA GLU F 92 22.00 25.87 -7.29
C GLU F 92 23.16 26.21 -6.37
N VAL F 93 24.38 26.12 -6.88
CA VAL F 93 25.55 26.37 -6.04
C VAL F 93 25.57 27.81 -5.56
N LYS F 94 25.22 28.75 -6.45
CA LYS F 94 25.19 30.16 -6.07
C LYS F 94 24.29 30.36 -4.87
N SER F 95 23.02 29.95 -4.98
CA SER F 95 22.09 30.11 -3.87
C SER F 95 22.57 29.36 -2.63
N LEU F 96 23.34 28.30 -2.82
CA LEU F 96 23.87 27.56 -1.69
C LEU F 96 25.04 28.27 -1.05
N GLN F 97 25.99 28.77 -1.85
CA GLN F 97 27.19 29.40 -1.29
C GLN F 97 26.87 30.74 -0.64
N LYS F 98 26.02 31.55 -1.29
CA LYS F 98 25.60 32.79 -0.64
C LYS F 98 24.97 32.53 0.70
N ARG F 99 24.49 31.31 0.93
CA ARG F 99 23.95 30.91 2.22
C ARG F 99 25.06 30.57 3.20
N MET F 100 26.13 29.92 2.73
CA MET F 100 27.19 29.49 3.62
C MET F 100 28.19 30.59 3.92
N ALA F 101 28.04 31.77 3.32
CA ALA F 101 28.82 32.93 3.72
C ALA F 101 28.37 33.49 5.05
N LYS F 102 27.28 32.97 5.61
CA LYS F 102 26.80 33.39 6.91
C LYS F 102 27.40 32.59 8.04
N TYR F 103 28.26 31.62 7.75
CA TYR F 103 28.86 30.75 8.75
C TYR F 103 30.37 30.78 8.59
N GLU F 104 31.05 31.28 9.61
CA GLU F 104 32.51 31.27 9.63
C GLU F 104 33.04 29.85 9.74
N GLU F 105 34.18 29.60 9.09
CA GLU F 105 34.63 28.24 8.85
C GLU F 105 34.81 27.44 10.13
N GLY F 106 34.94 28.11 11.26
CA GLY F 106 34.94 27.41 12.53
C GLY F 106 33.62 26.78 12.90
N SER F 107 32.60 26.90 12.05
CA SER F 107 31.32 26.26 12.25
C SER F 107 31.17 25.09 11.30
N ALA F 108 30.68 23.97 11.83
CA ALA F 108 30.33 22.85 10.97
C ALA F 108 29.33 23.23 9.88
N PRO F 109 28.33 24.10 10.13
CA PRO F 109 27.47 24.55 9.02
C PRO F 109 28.25 25.11 7.85
N ALA F 110 29.41 25.70 8.08
CA ALA F 110 30.25 26.08 6.95
C ALA F 110 30.78 24.86 6.23
N LEU F 111 31.06 23.79 6.97
CA LEU F 111 31.53 22.56 6.36
C LEU F 111 30.39 21.79 5.72
N ALA F 112 29.27 21.65 6.44
CA ALA F 112 28.16 20.85 5.93
C ALA F 112 27.62 21.41 4.62
N LEU F 113 27.47 22.73 4.53
CA LEU F 113 27.03 23.33 3.28
C LEU F 113 28.07 23.15 2.19
N GLN F 114 29.35 23.35 2.53
CA GLN F 114 30.42 23.14 1.56
C GLN F 114 30.36 21.73 0.99
N ALA F 115 30.28 20.73 1.87
CA ALA F 115 30.30 19.34 1.43
C ALA F 115 29.15 19.03 0.49
N THR F 116 28.01 19.70 0.66
CA THR F 116 26.88 19.44 -0.23
C THR F 116 27.09 20.10 -1.59
N ALA F 117 27.68 21.29 -1.62
CA ALA F 117 27.99 21.91 -2.90
C ALA F 117 28.96 21.07 -3.70
N GLU F 118 29.96 20.51 -3.04
CA GLU F 118 30.86 19.61 -3.76
C GLU F 118 30.17 18.29 -4.06
N ARG F 119 29.28 17.84 -3.19
CA ARG F 119 28.53 16.64 -3.49
C ARG F 119 27.62 16.85 -4.68
N THR F 120 27.01 18.02 -4.81
CA THR F 120 26.05 18.23 -5.89
C THR F 120 26.75 18.35 -7.23
N GLN F 121 27.94 18.97 -7.26
CA GLN F 121 28.64 19.12 -8.53
C GLN F 121 29.09 17.78 -9.08
N LYS F 122 29.37 16.82 -8.19
CA LYS F 122 29.77 15.50 -8.65
C LYS F 122 28.71 14.90 -9.56
N ARG F 123 27.44 15.04 -9.17
CA ARG F 123 26.38 14.38 -9.91
C ARG F 123 26.17 15.04 -11.26
N PHE F 124 26.46 16.33 -11.35
CA PHE F 124 26.30 17.06 -12.60
C PHE F 124 27.29 16.54 -13.63
N GLU F 125 28.57 16.50 -13.26
CA GLU F 125 29.59 15.88 -14.08
C GLU F 125 29.28 14.42 -14.33
N PHE F 126 28.47 13.80 -13.48
CA PHE F 126 28.03 12.43 -13.76
C PHE F 126 26.89 12.41 -14.78
N TYR F 127 25.88 13.27 -14.60
CA TYR F 127 24.75 13.24 -15.52
C TYR F 127 25.16 13.72 -16.91
N GLY F 128 26.02 14.75 -16.97
CA GLY F 128 26.54 15.17 -18.26
C GLY F 128 27.33 14.07 -18.95
N LYS F 129 28.20 13.40 -18.19
CA LYS F 129 29.01 12.33 -18.77
C LYS F 129 28.16 11.18 -19.27
N SER F 130 27.26 10.67 -18.42
CA SER F 130 26.57 9.43 -18.74
C SER F 130 25.70 9.54 -20.00
N GLY F 131 25.41 10.75 -20.46
CA GLY F 131 24.72 10.92 -21.73
C GLY F 131 23.22 10.99 -21.67
N LEU F 132 22.63 11.39 -20.55
CA LEU F 132 21.20 11.57 -20.53
C LEU F 132 20.79 12.69 -21.46
N LEU F 133 19.53 12.64 -21.89
CA LEU F 133 18.98 13.59 -22.83
C LEU F 133 18.12 14.60 -22.08
N CYS F 134 18.55 15.85 -22.08
CA CYS F 134 17.78 16.94 -21.50
C CYS F 134 17.03 17.70 -22.59
N GLY F 135 15.73 17.85 -22.41
CA GLY F 135 14.93 18.65 -23.31
C GLY F 135 15.15 20.12 -23.05
N ASN F 136 14.18 20.93 -23.50
CA ASN F 136 14.32 22.37 -23.38
C ASN F 136 14.53 22.79 -21.93
N ASP F 137 13.80 22.16 -21.00
CA ASP F 137 13.87 22.59 -19.61
C ASP F 137 15.25 22.40 -19.01
N GLY F 138 16.03 21.48 -19.57
CA GLY F 138 17.30 21.11 -18.99
C GLY F 138 17.23 19.97 -18.00
N LEU F 139 16.08 19.36 -17.85
CA LEU F 139 15.95 18.22 -16.95
C LEU F 139 16.07 16.93 -17.73
N PRO F 140 16.88 15.98 -17.27
CA PRO F 140 17.10 14.75 -18.04
C PRO F 140 15.83 13.91 -18.12
N HIS F 141 15.52 13.47 -19.33
CA HIS F 141 14.37 12.62 -19.60
C HIS F 141 14.86 11.19 -19.74
N LEU F 142 13.93 10.28 -20.08
CA LEU F 142 14.27 8.89 -20.35
C LEU F 142 13.61 8.49 -21.66
N ILE F 143 13.86 7.26 -22.10
CA ILE F 143 13.27 6.71 -23.32
C ILE F 143 12.95 5.24 -23.10
N ALA F 144 11.71 4.86 -23.39
CA ALA F 144 11.24 3.51 -23.09
C ALA F 144 11.72 2.50 -24.12
N ASP F 145 11.34 2.68 -25.38
CA ASP F 145 11.44 1.64 -26.39
C ASP F 145 12.82 0.99 -26.40
N PRO F 146 12.89 -0.34 -26.41
CA PRO F 146 14.19 -0.99 -26.58
C PRO F 146 14.88 -0.56 -27.86
N GLY F 147 14.16 -0.56 -28.98
CA GLY F 147 14.78 -0.21 -30.25
C GLY F 147 15.34 1.18 -30.30
N LEU F 148 14.95 2.04 -29.36
CA LEU F 148 15.47 3.39 -29.26
C LEU F 148 16.60 3.46 -28.24
N ALA F 149 16.31 3.08 -27.00
CA ALA F 149 17.35 2.99 -25.99
C ALA F 149 18.55 2.20 -26.49
N PHE F 150 18.33 0.96 -26.92
CA PHE F 150 19.42 0.11 -27.34
C PHE F 150 20.24 0.73 -28.46
N ARG F 151 19.61 0.90 -29.63
CA ARG F 151 20.36 1.30 -30.81
C ARG F 151 21.08 2.62 -30.60
N TYR F 152 20.42 3.58 -29.98
CA TYR F 152 20.99 4.90 -29.79
C TYR F 152 21.78 5.01 -28.49
N GLY F 153 21.96 3.91 -27.78
CA GLY F 153 23.08 3.72 -26.89
C GLY F 153 22.79 3.85 -25.42
N HIS F 154 21.74 4.56 -25.03
CA HIS F 154 21.41 4.68 -23.62
C HIS F 154 20.19 3.80 -23.35
N ALA F 155 20.44 2.61 -22.82
CA ALA F 155 19.39 1.74 -22.31
C ALA F 155 19.35 1.71 -20.79
N GLY F 156 20.27 2.37 -20.11
CA GLY F 156 20.35 2.25 -18.67
C GLY F 156 19.22 2.93 -17.94
N ASP F 157 18.39 3.66 -18.66
CA ASP F 157 17.30 4.40 -18.03
C ASP F 157 16.22 3.47 -17.51
N ILE F 158 15.74 2.56 -18.36
CA ILE F 158 14.73 1.58 -17.96
C ILE F 158 15.20 0.20 -18.38
N MET F 159 15.53 0.06 -19.66
CA MET F 159 15.76 -1.23 -20.29
C MET F 159 16.69 -2.15 -19.49
N ILE F 160 17.79 -1.62 -18.96
CA ILE F 160 18.55 -2.46 -18.03
C ILE F 160 17.85 -2.60 -16.69
N PRO F 161 17.48 -1.53 -15.98
CA PRO F 161 16.84 -1.72 -14.67
C PRO F 161 15.46 -2.35 -14.74
N THR F 162 14.81 -2.37 -15.90
CA THR F 162 13.58 -3.14 -15.98
C THR F 162 13.86 -4.62 -15.90
N VAL F 163 15.09 -5.04 -16.19
CA VAL F 163 15.47 -6.42 -15.93
C VAL F 163 15.82 -6.60 -14.47
N LEU F 164 16.55 -5.64 -13.90
CA LEU F 164 16.90 -5.69 -12.48
C LEU F 164 15.66 -5.86 -11.62
N PHE F 165 14.65 -5.00 -11.81
CA PHE F 165 13.48 -5.06 -10.97
C PHE F 165 12.83 -6.44 -11.02
N ILE F 166 12.55 -6.94 -12.22
CA ILE F 166 11.85 -8.21 -12.34
C ILE F 166 12.55 -9.28 -11.52
N TYR F 167 13.87 -9.32 -11.59
CA TYR F 167 14.58 -10.30 -10.76
C TYR F 167 14.52 -9.92 -9.29
N MET F 168 14.40 -8.63 -8.97
CA MET F 168 14.18 -8.23 -7.59
C MET F 168 12.78 -8.63 -7.14
N ALA F 169 11.78 -8.37 -7.98
CA ALA F 169 10.40 -8.58 -7.58
C ALA F 169 10.01 -10.05 -7.66
N GLY F 170 10.33 -10.72 -8.76
CA GLY F 170 10.00 -12.11 -8.86
C GLY F 170 10.66 -12.95 -7.79
N TYR F 171 11.87 -12.57 -7.39
CA TYR F 171 12.57 -13.32 -6.34
C TYR F 171 11.72 -13.36 -5.08
N THR F 172 11.32 -12.20 -4.57
CA THR F 172 10.39 -12.21 -3.45
C THR F 172 9.04 -12.77 -3.84
N GLY F 173 8.66 -12.66 -5.10
CA GLY F 173 7.40 -13.25 -5.53
C GLY F 173 7.43 -14.76 -5.43
N TYR F 174 8.44 -15.38 -6.04
CA TYR F 174 8.51 -16.83 -6.05
C TYR F 174 8.94 -17.39 -4.70
N ALA F 175 9.66 -16.61 -3.90
CA ALA F 175 10.00 -17.05 -2.55
C ALA F 175 8.78 -17.04 -1.65
N GLY F 176 7.69 -16.43 -2.08
CA GLY F 176 6.48 -16.44 -1.29
C GLY F 176 5.63 -17.64 -1.63
N ARG F 177 5.83 -18.19 -2.82
CA ARG F 177 5.04 -19.34 -3.24
C ARG F 177 5.55 -20.63 -2.62
N GLU F 178 6.86 -20.82 -2.59
CA GLU F 178 7.41 -22.04 -2.00
C GLU F 178 7.07 -22.13 -0.53
N TYR F 179 7.26 -21.03 0.21
CA TYR F 179 6.95 -21.05 1.64
C TYR F 179 5.53 -21.53 1.88
N LEU F 180 4.59 -21.04 1.08
CA LEU F 180 3.21 -21.50 1.24
C LEU F 180 3.07 -22.96 0.87
N LEU F 181 3.92 -23.46 -0.04
CA LEU F 181 3.89 -24.88 -0.32
C LEU F 181 4.48 -25.68 0.83
N ALA F 182 5.69 -25.31 1.27
CA ALA F 182 6.36 -26.04 2.31
C ALA F 182 5.56 -26.06 3.60
N THR F 183 4.90 -24.95 3.92
CA THR F 183 4.09 -24.86 5.12
C THR F 183 2.67 -25.36 4.91
N ARG F 184 2.36 -25.85 3.72
CA ARG F 184 0.97 -26.21 3.40
C ARG F 184 0.57 -27.48 4.13
N GLY F 185 1.14 -28.61 3.72
CA GLY F 185 0.83 -29.87 4.38
C GLY F 185 1.38 -29.85 5.79
N GLU F 186 0.49 -29.93 6.77
CA GLU F 186 0.78 -29.95 8.21
C GLU F 186 -0.51 -30.32 8.90
N LYS F 187 -0.51 -30.26 10.22
CA LYS F 187 -1.78 -30.34 10.95
C LYS F 187 -2.65 -29.11 10.67
N LYS F 188 -2.13 -27.92 10.99
CA LYS F 188 -2.86 -26.66 10.78
C LYS F 188 -1.93 -25.61 10.22
N PRO F 189 -1.91 -25.44 8.90
CA PRO F 189 -1.05 -24.41 8.30
C PRO F 189 -1.31 -23.00 8.80
N THR F 190 -2.45 -22.73 9.43
CA THR F 190 -2.79 -21.37 9.80
C THR F 190 -1.75 -20.78 10.75
N GLN F 191 -1.52 -21.44 11.89
CA GLN F 191 -0.53 -20.92 12.83
C GLN F 191 0.85 -20.83 12.20
N LYS F 192 1.08 -21.56 11.12
CA LYS F 192 2.37 -21.51 10.46
C LYS F 192 2.51 -20.25 9.61
N GLU F 193 1.40 -19.62 9.24
CA GLU F 193 1.44 -18.36 8.52
C GLU F 193 1.67 -17.18 9.45
N ILE F 194 0.98 -17.15 10.59
CA ILE F 194 1.26 -16.12 11.59
C ILE F 194 2.72 -16.19 11.97
N ILE F 195 3.09 -17.27 12.65
CA ILE F 195 4.42 -17.41 13.21
C ILE F 195 5.25 -18.18 12.20
N ILE F 196 6.19 -17.48 11.58
CA ILE F 196 7.08 -18.07 10.61
C ILE F 196 8.15 -18.86 11.35
N ASP F 197 8.53 -20.01 10.82
CA ASP F 197 9.79 -20.61 11.26
C ASP F 197 10.86 -20.13 10.30
N VAL F 198 11.71 -19.23 10.78
CA VAL F 198 12.65 -18.55 9.89
C VAL F 198 13.56 -19.54 9.18
N PRO F 199 14.02 -20.64 9.80
CA PRO F 199 14.78 -21.62 9.03
C PRO F 199 14.06 -22.13 7.80
N LEU F 200 12.79 -22.48 7.90
CA LEU F 200 12.05 -22.90 6.72
C LEU F 200 11.89 -21.75 5.74
N ALA F 201 11.76 -20.53 6.25
CA ALA F 201 11.71 -19.39 5.36
C ALA F 201 13.07 -19.08 4.77
N LEU F 202 14.14 -19.34 5.51
CA LEU F 202 15.48 -19.15 4.95
C LEU F 202 15.76 -20.16 3.84
N LYS F 203 15.36 -21.41 4.03
CA LYS F 203 15.60 -22.41 2.99
C LYS F 203 14.86 -22.05 1.71
N CYS F 204 13.76 -21.31 1.83
CA CYS F 204 13.06 -20.83 0.65
C CYS F 204 13.72 -19.60 0.05
N VAL F 205 14.13 -18.65 0.89
CA VAL F 205 14.84 -17.47 0.38
C VAL F 205 16.08 -17.87 -0.37
N ALA F 206 16.77 -18.90 0.11
CA ALA F 206 17.89 -19.45 -0.64
C ALA F 206 17.40 -20.10 -1.91
N GLY F 207 16.44 -21.01 -1.81
CA GLY F 207 15.98 -21.76 -2.96
C GLY F 207 15.35 -20.91 -4.03
N SER F 208 14.89 -19.71 -3.70
CA SER F 208 14.19 -18.88 -4.67
C SER F 208 15.12 -18.36 -5.75
N ALA F 209 16.42 -18.27 -5.49
CA ALA F 209 17.32 -17.68 -6.47
C ALA F 209 17.31 -18.51 -7.74
N GLY F 210 17.57 -17.85 -8.87
CA GLY F 210 17.36 -18.50 -10.12
C GLY F 210 15.92 -18.93 -10.31
N TRP F 211 14.97 -18.14 -9.80
CA TRP F 211 13.58 -18.47 -10.06
C TRP F 211 13.21 -18.49 -11.54
N PRO F 212 13.78 -17.65 -12.42
CA PRO F 212 13.42 -17.78 -13.84
C PRO F 212 13.55 -19.20 -14.36
N LEU F 213 14.63 -19.90 -14.02
CA LEU F 213 14.76 -21.27 -14.46
C LEU F 213 13.87 -22.22 -13.67
N ARG F 214 13.56 -21.88 -12.42
CA ARG F 214 12.66 -22.72 -11.66
C ARG F 214 11.20 -22.41 -11.92
N ALA F 215 10.89 -21.27 -12.53
CA ALA F 215 9.51 -21.01 -12.92
C ALA F 215 9.16 -21.72 -14.21
N PHE F 216 10.07 -21.68 -15.19
CA PHE F 216 9.83 -22.39 -16.45
C PHE F 216 9.51 -23.84 -16.20
N ASN F 217 10.15 -24.42 -15.20
CA ASN F 217 10.07 -25.86 -14.98
C ASN F 217 8.76 -26.24 -14.31
N ASP F 218 8.37 -25.48 -13.28
CA ASP F 218 7.01 -25.59 -12.77
C ASP F 218 5.99 -25.23 -13.83
N LEU F 219 6.38 -24.43 -14.83
CA LEU F 219 5.49 -24.11 -15.92
C LEU F 219 5.32 -25.28 -16.87
N ARG F 220 6.43 -25.84 -17.35
CA ARG F 220 6.33 -26.91 -18.33
C ARG F 220 6.02 -28.26 -17.69
N SER F 221 6.53 -28.52 -16.48
CA SER F 221 6.13 -29.75 -15.81
C SER F 221 4.66 -29.74 -15.45
N GLY F 222 4.03 -28.58 -15.41
CA GLY F 222 2.63 -28.47 -15.04
C GLY F 222 2.37 -28.32 -13.56
N SER F 223 3.40 -28.02 -12.77
CA SER F 223 3.23 -27.86 -11.33
C SER F 223 3.06 -26.42 -10.90
N LEU F 224 3.10 -25.46 -11.82
CA LEU F 224 2.93 -24.06 -11.43
C LEU F 224 1.46 -23.73 -11.20
N LEU F 225 0.60 -24.14 -12.12
CA LEU F 225 -0.85 -23.93 -12.00
C LEU F 225 -1.51 -24.98 -11.11
N GLU F 226 -2.66 -24.62 -10.57
CA GLU F 226 -3.50 -25.53 -9.81
C GLU F 226 -4.64 -26.12 -10.65
N LYS F 227 -4.67 -25.82 -11.94
CA LYS F 227 -5.60 -26.45 -12.89
C LYS F 227 -7.05 -26.18 -12.43
N GLU F 228 -7.97 -27.15 -12.58
CA GLU F 228 -9.40 -26.89 -12.63
C GLU F 228 -10.18 -27.21 -11.36
N GLU F 229 -9.53 -27.58 -10.28
CA GLU F 229 -10.29 -27.77 -9.04
C GLU F 229 -10.54 -26.46 -8.30
N ASN F 230 -10.22 -25.32 -8.91
CA ASN F 230 -10.57 -24.04 -8.33
C ASN F 230 -12.09 -23.92 -8.22
N ILE F 231 -12.52 -23.04 -7.35
CA ILE F 231 -13.94 -22.84 -7.09
C ILE F 231 -14.43 -21.60 -7.83
N THR F 232 -15.64 -21.69 -8.39
CA THR F 232 -16.30 -20.58 -9.06
C THR F 232 -17.75 -20.55 -8.53
N VAL F 233 -18.54 -19.59 -9.01
CA VAL F 233 -19.79 -19.28 -8.35
C VAL F 233 -21.00 -19.97 -8.96
N SER F 234 -21.40 -19.51 -10.14
CA SER F 234 -22.71 -19.84 -10.69
C SER F 234 -22.76 -21.23 -11.32
N GLU G 70 -24.98 11.20 -77.60
CA GLU G 70 -24.66 9.94 -78.25
C GLU G 70 -23.14 9.73 -78.30
N LEU G 71 -22.45 10.21 -77.28
CA LEU G 71 -21.00 10.09 -77.19
C LEU G 71 -20.66 9.47 -75.83
N SER G 72 -19.36 9.34 -75.55
CA SER G 72 -18.79 8.60 -74.43
C SER G 72 -19.52 8.78 -73.10
N PRO G 73 -19.89 10.01 -72.69
CA PRO G 73 -20.63 10.13 -71.42
C PRO G 73 -21.92 9.31 -71.41
N SER G 74 -22.70 9.36 -72.49
CA SER G 74 -23.89 8.54 -72.59
C SER G 74 -23.58 7.14 -73.06
N LEU G 75 -22.39 6.91 -73.64
CA LEU G 75 -22.01 5.57 -74.06
C LEU G 75 -21.45 4.73 -72.92
N VAL G 76 -20.62 5.33 -72.06
CA VAL G 76 -19.90 4.54 -71.07
C VAL G 76 -20.86 3.96 -70.04
N ILE G 77 -21.74 4.79 -69.48
CA ILE G 77 -22.68 4.29 -68.49
C ILE G 77 -23.57 3.22 -69.10
N SER G 78 -23.89 3.36 -70.39
CA SER G 78 -24.55 2.29 -71.12
C SER G 78 -23.62 1.11 -71.32
N LEU G 79 -22.33 1.36 -71.54
CA LEU G 79 -21.37 0.27 -71.70
C LEU G 79 -20.89 -0.27 -70.36
N SER G 80 -21.00 0.51 -69.28
CA SER G 80 -20.57 0.03 -67.97
C SER G 80 -21.63 -0.83 -67.29
N THR G 81 -22.90 -0.41 -67.34
CA THR G 81 -23.94 -1.12 -66.62
C THR G 81 -24.05 -2.56 -67.08
N GLY G 82 -23.86 -2.80 -68.39
CA GLY G 82 -23.90 -4.15 -68.91
C GLY G 82 -22.92 -5.11 -68.25
N LEU G 83 -21.90 -4.58 -67.58
CA LEU G 83 -20.96 -5.44 -66.88
C LEU G 83 -21.63 -6.15 -65.71
N SER G 84 -22.33 -5.39 -64.85
CA SER G 84 -22.86 -5.99 -63.63
C SER G 84 -24.04 -6.91 -63.93
N LEU G 85 -24.96 -6.46 -64.78
CA LEU G 85 -26.10 -7.30 -65.14
C LEU G 85 -25.64 -8.58 -65.84
N PHE G 86 -24.49 -8.54 -66.51
CA PHE G 86 -23.85 -9.73 -67.05
C PHE G 86 -23.61 -10.74 -65.93
N LEU G 87 -22.72 -10.37 -64.99
CA LEU G 87 -22.33 -11.29 -63.92
C LEU G 87 -23.54 -11.76 -63.12
N GLY G 88 -24.51 -10.87 -62.89
CA GLY G 88 -25.67 -11.24 -62.10
C GLY G 88 -26.44 -12.41 -62.70
N ARG G 89 -26.71 -12.33 -64.00
CA ARG G 89 -27.40 -13.43 -64.68
C ARG G 89 -26.46 -14.56 -65.08
N PHE G 90 -25.24 -14.21 -65.53
CA PHE G 90 -24.28 -15.21 -65.97
C PHE G 90 -24.09 -16.28 -64.91
N VAL G 91 -23.71 -15.86 -63.70
CA VAL G 91 -23.44 -16.78 -62.61
C VAL G 91 -24.20 -16.37 -61.35
N PHE G 92 -23.94 -15.17 -60.83
CA PHE G 92 -24.37 -14.81 -59.49
C PHE G 92 -25.86 -14.92 -59.27
N PHE G 93 -26.65 -15.12 -60.33
CA PHE G 93 -28.00 -15.62 -60.10
C PHE G 93 -27.97 -16.96 -59.39
N ASN G 94 -26.88 -17.72 -59.54
CA ASN G 94 -26.73 -18.95 -58.79
C ASN G 94 -26.66 -18.67 -57.30
N PHE G 95 -25.71 -17.84 -56.89
CA PHE G 95 -25.35 -17.75 -55.49
C PHE G 95 -26.28 -16.83 -54.69
N GLN G 96 -26.75 -15.73 -55.28
CA GLN G 96 -27.72 -14.90 -54.59
C GLN G 96 -28.98 -15.69 -54.26
N ARG G 97 -29.53 -16.39 -55.26
CA ARG G 97 -30.72 -17.20 -55.01
C ARG G 97 -30.44 -18.29 -53.99
N GLU G 98 -29.19 -18.74 -53.90
CA GLU G 98 -28.88 -19.85 -53.02
C GLU G 98 -28.76 -19.43 -51.56
N ASN G 99 -28.37 -18.18 -51.30
CA ASN G 99 -28.42 -17.69 -49.93
C ASN G 99 -29.80 -17.22 -49.53
N VAL G 100 -30.55 -16.61 -50.46
CA VAL G 100 -31.90 -16.15 -50.16
C VAL G 100 -32.76 -17.31 -49.65
N ALA G 101 -32.65 -18.47 -50.29
CA ALA G 101 -33.33 -19.65 -49.76
C ALA G 101 -32.82 -20.02 -48.39
N LYS G 102 -31.54 -19.79 -48.12
CA LYS G 102 -30.99 -20.12 -46.81
C LYS G 102 -31.31 -19.06 -45.76
N GLN G 103 -31.46 -17.81 -46.18
CA GLN G 103 -31.65 -16.71 -45.25
C GLN G 103 -33.06 -16.16 -45.36
N VAL G 104 -33.82 -16.27 -44.28
CA VAL G 104 -35.14 -15.64 -44.18
C VAL G 104 -35.27 -15.01 -42.80
N PRO G 105 -35.83 -13.81 -42.68
CA PRO G 105 -35.92 -13.17 -41.37
C PRO G 105 -37.08 -13.72 -40.55
N GLU G 106 -36.88 -13.69 -39.23
CA GLU G 106 -37.91 -14.10 -38.29
C GLU G 106 -37.58 -13.53 -36.93
N GLN G 107 -38.57 -13.53 -36.04
CA GLN G 107 -38.38 -13.08 -34.65
C GLN G 107 -39.15 -13.98 -33.72
N ASN G 108 -38.54 -14.31 -32.58
CA ASN G 108 -39.08 -15.31 -31.65
C ASN G 108 -39.35 -16.62 -32.38
N GLY G 109 -38.44 -17.01 -33.26
CA GLY G 109 -38.58 -18.22 -34.05
C GLY G 109 -39.65 -18.18 -35.10
N LEU G 110 -40.37 -17.06 -35.24
CA LEU G 110 -41.44 -16.91 -36.21
C LEU G 110 -41.16 -15.70 -37.10
N THR G 111 -41.61 -15.77 -38.35
CA THR G 111 -41.36 -14.65 -39.24
C THR G 111 -42.20 -13.46 -38.80
N HIS G 112 -42.01 -12.33 -39.49
CA HIS G 112 -42.61 -11.09 -39.00
C HIS G 112 -44.07 -10.92 -39.41
N PHE G 113 -44.60 -11.75 -40.30
CA PHE G 113 -46.01 -11.62 -40.64
C PHE G 113 -46.90 -12.09 -39.50
N GLU G 114 -46.68 -13.32 -39.01
CA GLU G 114 -47.56 -13.94 -38.03
C GLU G 114 -47.29 -13.51 -36.60
N ALA G 115 -46.25 -12.71 -36.36
CA ALA G 115 -46.05 -12.13 -35.04
C ALA G 115 -46.92 -10.91 -34.80
N GLY G 116 -47.73 -10.53 -35.80
CA GLY G 116 -48.65 -9.41 -35.69
C GLY G 116 -48.27 -8.20 -36.51
N ASP G 117 -47.07 -8.18 -37.09
CA ASP G 117 -46.64 -7.02 -37.86
C ASP G 117 -47.27 -7.09 -39.25
N THR G 118 -48.06 -6.07 -39.59
CA THR G 118 -48.73 -6.06 -40.88
C THR G 118 -47.76 -5.68 -42.00
N ARG G 119 -47.01 -4.59 -41.81
CA ARG G 119 -46.15 -4.07 -42.86
C ARG G 119 -45.03 -5.02 -43.25
N ALA G 120 -44.82 -6.09 -42.49
CA ALA G 120 -43.64 -6.93 -42.62
C ALA G 120 -43.84 -8.16 -43.49
N LYS G 121 -44.98 -8.30 -44.17
CA LYS G 121 -45.29 -9.54 -44.89
C LYS G 121 -44.33 -9.70 -46.06
N GLU G 122 -43.59 -10.82 -46.08
CA GLU G 122 -42.57 -11.00 -47.11
C GLU G 122 -43.25 -11.10 -48.47
N TYR G 123 -42.82 -10.26 -49.39
CA TYR G 123 -43.65 -9.86 -50.51
C TYR G 123 -43.03 -10.38 -51.81
N VAL G 124 -43.57 -11.50 -52.30
CA VAL G 124 -43.18 -12.05 -53.59
C VAL G 124 -44.17 -11.70 -54.70
N SER G 125 -45.36 -11.20 -54.36
CA SER G 125 -46.40 -11.05 -55.37
C SER G 125 -46.05 -9.97 -56.39
N LEU G 126 -45.17 -9.04 -56.04
CA LEU G 126 -44.58 -8.15 -57.03
C LEU G 126 -43.45 -8.80 -57.79
N LEU G 127 -42.85 -9.86 -57.25
CA LEU G 127 -41.60 -10.41 -57.76
C LEU G 127 -41.92 -11.68 -58.55
N LYS G 128 -41.93 -11.56 -59.87
CA LYS G 128 -42.09 -12.66 -60.82
C LYS G 128 -41.59 -12.21 -62.18
N SER G 129 -41.27 -13.17 -63.03
CA SER G 129 -41.00 -12.85 -64.42
C SER G 129 -41.15 -14.11 -65.26
N ASN G 130 -41.31 -13.90 -66.56
CA ASN G 130 -41.18 -14.97 -67.54
C ASN G 130 -39.74 -15.08 -68.04
N ASP G 131 -38.83 -14.32 -67.46
CA ASP G 131 -37.41 -14.45 -67.78
C ASP G 131 -36.98 -15.91 -67.66
N PRO G 132 -36.07 -16.38 -68.52
CA PRO G 132 -35.73 -17.82 -68.49
C PRO G 132 -35.37 -18.36 -67.12
N VAL G 133 -34.57 -17.65 -66.33
CA VAL G 133 -34.25 -18.10 -64.97
C VAL G 133 -35.13 -17.45 -63.93
N GLY G 134 -36.00 -16.53 -64.32
CA GLY G 134 -36.83 -15.82 -63.36
C GLY G 134 -36.22 -14.57 -62.77
N PHE G 135 -35.16 -14.05 -63.38
CA PHE G 135 -34.51 -12.82 -62.93
C PHE G 135 -35.54 -11.68 -62.91
N ASN G 136 -35.67 -11.02 -61.76
CA ASN G 136 -36.83 -10.19 -61.48
C ASN G 136 -36.45 -8.72 -61.35
N ILE G 137 -37.45 -7.90 -61.00
CA ILE G 137 -37.29 -6.45 -61.02
C ILE G 137 -36.28 -5.98 -59.98
N VAL G 138 -36.36 -6.51 -58.76
CA VAL G 138 -35.50 -5.99 -57.70
C VAL G 138 -34.06 -6.46 -57.88
N ASP G 139 -33.86 -7.61 -58.52
CA ASP G 139 -32.49 -8.01 -58.85
C ASP G 139 -31.92 -7.15 -59.96
N VAL G 140 -32.77 -6.65 -60.87
CA VAL G 140 -32.36 -5.60 -61.78
C VAL G 140 -31.94 -4.36 -60.99
N LEU G 141 -32.71 -4.01 -59.95
CA LEU G 141 -32.39 -2.87 -59.12
C LEU G 141 -31.10 -3.07 -58.33
N ALA G 142 -30.91 -4.27 -57.77
CA ALA G 142 -29.73 -4.52 -56.95
C ALA G 142 -28.48 -4.59 -57.81
N TRP G 143 -28.56 -5.21 -58.99
CA TRP G 143 -27.39 -5.25 -59.85
C TRP G 143 -27.21 -3.97 -60.66
N GLY G 144 -28.31 -3.40 -61.18
CA GLY G 144 -28.20 -2.16 -61.92
C GLY G 144 -27.61 -1.03 -61.11
N SER G 145 -27.88 -1.01 -59.81
CA SER G 145 -27.26 -0.01 -58.94
C SER G 145 -25.75 -0.21 -58.86
N ILE G 146 -25.31 -1.46 -58.72
CA ILE G 146 -23.88 -1.75 -58.80
C ILE G 146 -23.34 -1.42 -60.18
N GLY G 147 -24.13 -1.63 -61.22
CA GLY G 147 -23.73 -1.18 -62.55
C GLY G 147 -23.50 0.32 -62.59
N HIS G 148 -24.23 1.07 -61.77
CA HIS G 148 -24.05 2.51 -61.70
C HIS G 148 -22.99 2.92 -60.69
N ILE G 149 -22.54 2.00 -59.85
CA ILE G 149 -21.34 2.26 -59.05
C ILE G 149 -20.11 2.27 -59.95
N VAL G 150 -19.91 1.20 -60.71
CA VAL G 150 -18.77 1.11 -61.62
C VAL G 150 -18.84 2.24 -62.64
N ALA G 151 -20.05 2.65 -62.99
CA ALA G 151 -20.29 3.79 -63.86
C ALA G 151 -19.64 5.05 -63.33
N TYR G 152 -20.05 5.51 -62.15
CA TYR G 152 -19.57 6.77 -61.62
C TYR G 152 -18.25 6.66 -60.87
N TYR G 153 -17.66 5.48 -60.79
CA TYR G 153 -16.25 5.44 -60.41
C TYR G 153 -15.36 5.70 -61.60
N ILE G 154 -15.70 5.17 -62.78
CA ILE G 154 -14.80 5.24 -63.92
C ILE G 154 -14.77 6.64 -64.52
N LEU G 155 -15.94 7.26 -64.70
CA LEU G 155 -15.95 8.57 -65.32
C LEU G 155 -15.55 9.67 -64.34
N ALA G 156 -16.02 9.58 -63.09
CA ALA G 156 -15.92 10.72 -62.20
C ALA G 156 -14.52 10.92 -61.65
N THR G 157 -13.78 9.85 -61.40
CA THR G 157 -12.46 9.98 -60.79
C THR G 157 -11.49 10.81 -61.62
N THR G 158 -11.06 10.30 -62.77
CA THR G 158 -9.87 10.78 -63.45
C THR G 158 -8.75 11.00 -62.42
N SER G 159 -8.39 9.90 -61.77
CA SER G 159 -7.38 9.89 -60.72
C SER G 159 -6.39 8.79 -61.03
N ASN G 160 -5.15 9.18 -61.32
CA ASN G 160 -4.10 8.25 -61.72
C ASN G 160 -4.59 7.34 -62.86
N GLY G 161 -5.05 7.98 -63.93
CA GLY G 161 -5.56 7.27 -65.07
C GLY G 161 -6.86 6.55 -64.74
N ARG H 44 -53.55 -1.91 39.00
CA ARG H 44 -54.72 -2.47 38.33
C ARG H 44 -55.60 -1.35 37.76
N TYR H 45 -55.93 -1.44 36.47
CA TYR H 45 -56.75 -0.41 35.87
C TYR H 45 -57.92 -1.01 35.09
N PHE H 46 -57.62 -1.62 33.94
CA PHE H 46 -58.60 -2.37 33.13
C PHE H 46 -59.76 -1.49 32.71
N ASP H 47 -60.99 -1.82 33.08
CA ASP H 47 -62.20 -1.37 32.41
C ASP H 47 -62.05 -1.54 30.89
N LEU H 48 -61.89 -2.82 30.49
CA LEU H 48 -61.71 -3.14 29.08
C LEU H 48 -62.94 -2.79 28.28
N ASP H 49 -64.11 -2.69 28.93
CA ASP H 49 -65.31 -2.27 28.24
C ASP H 49 -65.17 -0.88 27.65
N ASP H 50 -64.22 -0.08 28.16
CA ASP H 50 -63.88 1.21 27.57
C ASP H 50 -62.40 1.20 27.20
N LEU H 51 -62.11 1.17 25.91
CA LEU H 51 -60.75 1.36 25.43
C LEU H 51 -60.41 2.84 25.30
N GLU H 52 -61.32 3.72 25.67
CA GLU H 52 -61.06 5.15 25.58
C GLU H 52 -60.22 5.65 26.75
N ASN H 53 -60.37 5.05 27.92
CA ASN H 53 -59.64 5.48 29.09
C ASN H 53 -58.33 4.72 29.27
N THR H 54 -58.11 3.65 28.51
CA THR H 54 -56.88 2.88 28.62
C THR H 54 -55.73 3.49 27.84
N LEU H 55 -56.02 4.41 26.93
CA LEU H 55 -55.00 4.95 26.03
C LEU H 55 -54.43 6.28 26.51
N GLY H 56 -54.93 6.82 27.62
CA GLY H 56 -54.51 8.13 28.08
C GLY H 56 -54.77 9.23 27.09
N SER H 57 -55.59 8.96 26.07
CA SER H 57 -55.80 9.83 24.92
C SER H 57 -56.47 11.15 25.32
N TRP H 58 -56.80 11.27 26.60
CA TRP H 58 -57.60 12.38 27.12
C TRP H 58 -57.11 13.72 26.61
N ASP H 59 -58.03 14.52 26.05
CA ASP H 59 -57.72 15.88 25.67
C ASP H 59 -57.31 16.66 26.92
N MET H 60 -56.13 17.29 26.85
CA MET H 60 -55.60 17.94 28.05
C MET H 60 -56.31 19.26 28.33
N TYR H 61 -56.05 20.27 27.50
CA TYR H 61 -56.42 21.64 27.84
C TYR H 61 -57.74 22.07 27.24
N GLY H 62 -58.49 21.17 26.60
CA GLY H 62 -59.80 21.50 26.11
C GLY H 62 -60.76 21.80 27.25
N GLN H 63 -61.45 22.94 27.20
CA GLN H 63 -62.42 23.28 28.22
C GLN H 63 -63.83 22.92 27.79
N GLU H 64 -64.76 23.03 28.73
CA GLU H 64 -66.17 22.92 28.43
C GLU H 64 -66.78 24.25 27.97
N ASP H 65 -66.33 25.36 28.56
CA ASP H 65 -67.10 26.60 28.58
C ASP H 65 -67.58 26.99 27.20
N GLN H 66 -68.85 27.35 27.11
CA GLN H 66 -69.42 27.81 25.85
C GLN H 66 -68.97 29.23 25.59
N LYS H 67 -69.53 29.86 24.55
CA LYS H 67 -68.95 31.08 23.99
C LYS H 67 -68.78 32.16 25.04
N ARG H 68 -67.55 32.62 25.19
CA ARG H 68 -67.18 33.70 26.09
C ARG H 68 -67.17 35.04 25.39
N TYR H 69 -67.72 35.12 24.17
CA TYR H 69 -67.54 36.26 23.29
C TYR H 69 -68.83 37.07 23.16
N PRO H 70 -68.73 38.40 22.98
CA PRO H 70 -69.91 39.25 23.10
C PRO H 70 -70.78 39.22 21.86
N GLY H 71 -72.09 39.29 22.07
CA GLY H 71 -73.02 39.35 20.97
C GLY H 71 -72.97 40.64 20.20
N LEU H 72 -72.47 41.71 20.82
CA LEU H 72 -72.32 42.99 20.12
C LEU H 72 -71.43 42.85 18.89
N GLN H 73 -70.32 42.13 19.03
CA GLN H 73 -69.45 41.83 17.91
C GLN H 73 -69.73 40.47 17.27
N ASN H 74 -70.57 39.64 17.88
CA ASN H 74 -70.85 38.32 17.32
C ASN H 74 -71.55 38.42 15.97
N GLU H 75 -72.71 39.09 15.92
CA GLU H 75 -73.59 38.98 14.77
C GLU H 75 -73.00 39.63 13.53
N PHE H 76 -71.93 40.43 13.67
CA PHE H 76 -71.27 41.00 12.51
C PHE H 76 -70.27 40.04 11.88
N PHE H 77 -69.47 39.34 12.68
CA PHE H 77 -68.50 38.40 12.10
C PHE H 77 -69.17 37.12 11.62
N GLU H 78 -70.06 36.56 12.44
CA GLU H 78 -70.62 35.23 12.17
C GLU H 78 -71.21 35.13 10.76
N ARG H 79 -71.68 36.23 10.21
CA ARG H 79 -72.18 36.27 8.85
C ARG H 79 -71.13 36.76 7.85
N ALA H 80 -69.93 37.14 8.32
CA ALA H 80 -68.87 37.55 7.42
C ALA H 80 -67.93 36.41 7.04
N GLY H 81 -68.04 35.26 7.68
CA GLY H 81 -67.16 34.14 7.38
C GLY H 81 -67.65 33.18 6.32
N GLU H 82 -68.97 33.06 6.17
CA GLU H 82 -69.49 32.06 5.26
C GLU H 82 -69.58 32.55 3.82
N SER H 83 -69.26 33.83 3.58
CA SER H 83 -69.24 34.33 2.21
C SER H 83 -68.32 33.47 1.35
N LEU H 84 -67.21 33.01 1.93
CA LEU H 84 -66.39 31.96 1.33
C LEU H 84 -66.45 30.74 2.24
N THR H 85 -67.25 29.74 1.87
CA THR H 85 -67.35 28.51 2.64
C THR H 85 -66.72 27.29 1.95
N ARG H 86 -66.31 27.40 0.70
CA ARG H 86 -66.31 26.24 -0.19
C ARG H 86 -64.90 25.81 -0.60
N ARG H 87 -64.79 24.53 -0.91
CA ARG H 87 -63.52 23.84 -1.09
C ARG H 87 -62.65 24.42 -2.19
N GLU H 88 -62.99 24.12 -3.45
CA GLU H 88 -62.11 24.35 -4.58
C GLU H 88 -62.41 25.66 -5.33
N ALA H 89 -63.52 26.31 -5.03
CA ALA H 89 -63.91 27.52 -5.75
C ALA H 89 -63.47 28.79 -5.04
N ILE H 90 -62.72 28.67 -3.94
CA ILE H 90 -62.36 29.78 -3.07
C ILE H 90 -60.86 29.75 -2.85
N ARG H 91 -60.37 28.62 -2.33
CA ARG H 91 -58.93 28.40 -2.27
C ARG H 91 -58.28 28.75 -3.61
N SER H 92 -58.91 28.34 -4.71
CA SER H 92 -58.39 28.69 -6.03
C SER H 92 -58.52 30.18 -6.32
N VAL H 93 -59.52 30.87 -5.75
CA VAL H 93 -59.59 32.32 -5.85
C VAL H 93 -58.34 32.95 -5.26
N LEU H 94 -57.81 32.33 -4.18
CA LEU H 94 -56.59 32.83 -3.56
C LEU H 94 -55.37 32.59 -4.44
N PHE H 95 -55.32 31.44 -5.13
CA PHE H 95 -54.24 31.21 -6.09
C PHE H 95 -54.44 32.06 -7.33
N LEU H 96 -55.61 31.96 -7.96
CA LEU H 96 -55.82 32.62 -9.24
C LEU H 96 -55.92 34.13 -9.06
N GLY H 97 -56.84 34.59 -8.21
CA GLY H 97 -57.06 36.01 -8.03
C GLY H 97 -56.18 36.70 -7.00
N GLY H 98 -55.79 35.97 -5.96
CA GLY H 98 -55.01 36.53 -4.88
C GLY H 98 -53.55 36.78 -5.21
N GLY H 99 -52.89 35.78 -5.80
CA GLY H 99 -51.50 35.89 -6.17
C GLY H 99 -51.22 36.79 -7.35
N GLY H 100 -52.24 37.43 -7.91
CA GLY H 100 -52.09 38.31 -9.04
C GLY H 100 -51.55 39.69 -8.73
N ALA H 101 -51.34 40.00 -7.46
CA ALA H 101 -50.72 41.29 -7.13
C ALA H 101 -49.20 41.25 -7.30
N LEU H 102 -48.58 40.07 -7.16
CA LEU H 102 -47.22 39.89 -7.67
C LEU H 102 -47.16 40.27 -9.14
N LEU H 103 -48.10 39.76 -9.94
CA LEU H 103 -48.18 40.12 -11.34
C LEU H 103 -48.46 41.61 -11.49
N ALA H 104 -49.54 42.09 -10.88
CA ALA H 104 -49.97 43.47 -11.02
C ALA H 104 -48.91 44.46 -10.55
N TRP H 105 -48.69 44.54 -9.24
CA TRP H 105 -47.78 45.56 -8.72
C TRP H 105 -46.32 45.22 -8.92
N GLY H 106 -46.00 44.02 -9.38
CA GLY H 106 -44.65 43.75 -9.83
C GLY H 106 -44.32 44.49 -11.11
N ALA H 107 -45.27 44.49 -12.05
CA ALA H 107 -45.12 45.25 -13.29
C ALA H 107 -45.51 46.72 -13.14
N LYS H 108 -46.61 46.99 -12.44
CA LYS H 108 -47.31 48.27 -12.64
C LYS H 108 -46.67 49.40 -11.85
N GLY H 109 -46.93 49.40 -10.54
CA GLY H 109 -46.49 50.51 -9.67
C GLY H 109 -45.01 50.77 -9.76
N ALA H 110 -44.62 52.04 -9.87
CA ALA H 110 -43.19 52.45 -9.98
C ALA H 110 -42.58 52.64 -8.59
N SER H 111 -42.59 51.59 -7.77
CA SER H 111 -41.96 51.61 -6.42
C SER H 111 -40.69 50.74 -6.47
N ASP H 112 -40.33 50.28 -7.68
CA ASP H 112 -39.18 49.36 -7.88
C ASP H 112 -37.90 50.02 -7.36
N VAL H 113 -37.11 49.25 -6.63
CA VAL H 113 -35.84 49.67 -6.03
C VAL H 113 -34.71 48.87 -6.66
N THR H 114 -33.84 49.57 -7.41
CA THR H 114 -32.66 48.99 -8.04
C THR H 114 -33.01 47.78 -8.89
N LEU H 115 -34.22 47.77 -9.44
CA LEU H 115 -34.70 46.61 -10.15
C LEU H 115 -34.20 46.64 -11.58
N PRO H 116 -33.51 45.61 -12.06
CA PRO H 116 -33.26 45.51 -13.51
C PRO H 116 -34.53 45.59 -14.32
N ILE H 117 -35.67 45.31 -13.69
CA ILE H 117 -36.98 45.57 -14.30
C ILE H 117 -37.02 46.99 -14.83
N THR H 118 -36.98 47.97 -13.91
CA THR H 118 -37.22 49.35 -14.29
C THR H 118 -36.00 50.25 -14.11
N VAL H 119 -35.73 50.67 -12.88
CA VAL H 119 -34.71 51.69 -12.63
C VAL H 119 -33.37 51.19 -13.12
N GLY H 120 -32.78 50.26 -12.37
CA GLY H 120 -31.76 49.38 -12.88
C GLY H 120 -30.57 50.02 -13.57
N PRO H 121 -30.36 49.62 -14.83
CA PRO H 121 -29.06 49.80 -15.49
C PRO H 121 -28.56 51.22 -15.59
N GLN H 122 -29.35 52.23 -15.22
CA GLN H 122 -29.23 53.60 -15.70
C GLN H 122 -27.80 54.12 -15.79
N LYS H 123 -26.89 53.55 -15.03
CA LYS H 123 -25.50 53.98 -15.03
C LYS H 123 -24.76 53.36 -16.23
N GLY H 124 -23.44 53.52 -16.27
CA GLY H 124 -22.67 53.09 -17.43
C GLY H 124 -22.30 51.61 -17.39
N GLY H 125 -22.31 50.99 -18.56
CA GLY H 125 -22.10 49.55 -18.65
C GLY H 125 -20.64 49.15 -18.60
N GLU H 126 -20.38 48.01 -17.97
CA GLU H 126 -19.02 47.50 -17.85
C GLU H 126 -18.58 46.77 -19.10
N LYS H 127 -17.34 47.03 -19.52
CA LYS H 127 -16.72 46.36 -20.64
C LYS H 127 -15.53 45.53 -20.16
N GLY H 128 -15.41 44.32 -20.69
CA GLY H 128 -14.32 43.43 -20.35
C GLY H 128 -12.99 43.93 -20.86
N PRO H 129 -11.92 43.20 -20.54
CA PRO H 129 -10.60 43.61 -21.02
C PRO H 129 -10.46 43.51 -22.52
N LYS H 130 -10.91 42.38 -23.06
CA LYS H 130 -10.73 42.10 -24.49
C LYS H 130 -11.76 42.81 -25.34
N GLY H 131 -13.04 42.72 -24.96
CA GLY H 131 -14.10 43.35 -25.72
C GLY H 131 -15.47 43.22 -25.10
N MET I 1 -35.70 45.79 -28.37
CA MET I 1 -36.34 44.51 -28.08
C MET I 1 -37.85 44.70 -28.04
N ASN I 2 -38.27 45.87 -27.58
CA ASN I 2 -39.62 46.40 -27.81
C ASN I 2 -40.69 45.71 -26.97
N ALA I 3 -40.37 44.53 -26.42
CA ALA I 3 -41.30 43.78 -25.59
C ALA I 3 -41.08 44.00 -24.10
N ALA I 4 -40.21 44.95 -23.74
CA ALA I 4 -39.45 44.88 -22.49
C ALA I 4 -40.30 44.58 -21.26
N TYR I 5 -41.58 44.93 -21.27
CA TYR I 5 -42.37 44.74 -20.07
C TYR I 5 -42.70 43.28 -19.78
N LEU I 6 -42.35 42.35 -20.67
CA LEU I 6 -42.76 40.96 -20.45
C LEU I 6 -42.09 40.31 -19.25
N PRO I 7 -40.76 40.34 -19.08
CA PRO I 7 -40.16 39.61 -17.96
C PRO I 7 -40.79 39.91 -16.63
N SER I 8 -41.14 41.17 -16.37
CA SER I 8 -41.79 41.50 -15.11
C SER I 8 -43.13 40.78 -14.98
N ILE I 9 -43.76 40.46 -16.09
CA ILE I 9 -45.04 39.76 -16.02
C ILE I 9 -44.83 38.26 -15.86
N PHE I 10 -43.90 37.67 -16.61
CA PHE I 10 -43.76 36.21 -16.61
C PHE I 10 -42.98 35.70 -15.42
N VAL I 11 -41.74 36.13 -15.26
CA VAL I 11 -40.85 35.57 -14.24
C VAL I 11 -41.57 35.42 -12.90
N PRO I 12 -42.27 36.43 -12.37
CA PRO I 12 -43.04 36.18 -11.14
C PRO I 12 -44.08 35.11 -11.31
N LEU I 13 -44.76 35.09 -12.46
CA LEU I 13 -45.75 34.05 -12.69
C LEU I 13 -45.11 32.67 -12.73
N VAL I 14 -43.94 32.56 -13.36
CA VAL I 14 -43.30 31.25 -13.51
C VAL I 14 -42.33 30.94 -12.37
N GLY I 15 -41.97 31.93 -11.55
CA GLY I 15 -41.09 31.66 -10.45
C GLY I 15 -41.83 31.48 -9.14
N LEU I 16 -43.07 31.95 -9.10
CA LEU I 16 -43.83 31.95 -7.86
C LEU I 16 -45.21 31.32 -8.08
N VAL I 17 -46.00 31.93 -8.97
CA VAL I 17 -47.38 31.51 -9.18
C VAL I 17 -47.46 30.04 -9.56
N PHE I 18 -46.91 29.67 -10.71
CA PHE I 18 -46.87 28.26 -11.09
C PHE I 18 -46.29 27.37 -10.00
N PRO I 19 -45.16 27.68 -9.37
CA PRO I 19 -44.72 26.86 -8.23
C PRO I 19 -45.63 26.94 -7.04
N ALA I 20 -46.53 27.93 -6.97
CA ALA I 20 -47.52 27.93 -5.91
C ALA I 20 -48.68 26.99 -6.23
N ILE I 21 -49.14 27.02 -7.48
CA ILE I 21 -50.23 26.13 -7.88
C ILE I 21 -49.75 24.69 -7.94
N ALA I 22 -48.67 24.44 -8.67
CA ALA I 22 -48.12 23.10 -8.76
C ALA I 22 -47.65 22.57 -7.42
N MET I 23 -47.52 23.42 -6.41
CA MET I 23 -47.28 22.94 -5.07
C MET I 23 -48.57 22.48 -4.41
N ALA I 24 -49.65 23.22 -4.65
CA ALA I 24 -50.94 22.87 -4.05
C ALA I 24 -51.55 21.65 -4.72
N SER I 25 -51.71 21.71 -6.03
CA SER I 25 -52.41 20.64 -6.73
C SER I 25 -51.66 19.32 -6.64
N ALA I 26 -50.34 19.35 -6.82
CA ALA I 26 -49.55 18.14 -6.69
C ALA I 26 -49.65 17.57 -5.28
N PHE I 27 -49.88 18.42 -4.28
CA PHE I 27 -50.06 17.93 -2.92
C PHE I 27 -51.37 17.19 -2.78
N LEU I 28 -52.48 17.85 -3.14
CA LEU I 28 -53.80 17.28 -2.94
C LEU I 28 -53.96 15.94 -3.64
N TYR I 29 -53.11 15.66 -4.62
CA TYR I 29 -53.13 14.41 -5.35
C TYR I 29 -52.32 13.32 -4.67
N ILE I 30 -51.53 13.66 -3.66
CA ILE I 30 -50.76 12.64 -2.96
C ILE I 30 -51.68 11.79 -2.09
N GLU I 31 -52.81 12.35 -1.65
CA GLU I 31 -53.73 11.65 -0.76
C GLU I 31 -55.14 11.73 -1.32
N LYS I 32 -55.67 10.60 -1.79
CA LYS I 32 -57.07 10.49 -2.18
C LYS I 32 -57.60 9.07 -1.97
N MET J 1 14.15 -19.22 26.55
CA MET J 1 14.74 -19.01 25.23
C MET J 1 13.91 -19.74 24.17
N GLN J 2 13.30 -20.86 24.57
CA GLN J 2 12.33 -21.49 23.69
C GLN J 2 11.24 -20.51 23.29
N ASN J 3 10.55 -19.94 24.28
CA ASN J 3 9.41 -19.09 24.01
C ASN J 3 9.80 -17.69 23.56
N LEU J 4 11.00 -17.23 23.88
CA LEU J 4 11.42 -15.94 23.37
C LEU J 4 11.60 -15.99 21.86
N LYS J 5 12.09 -17.12 21.35
CA LYS J 5 12.23 -17.26 19.91
C LYS J 5 10.88 -17.27 19.23
N ILE J 6 9.94 -18.06 19.74
CA ILE J 6 8.65 -18.20 19.06
C ILE J 6 7.96 -16.86 18.97
N TYR J 7 8.11 -16.01 19.98
CA TYR J 7 7.58 -14.66 19.88
C TYR J 7 8.29 -13.87 18.81
N LEU J 8 9.62 -13.94 18.78
CA LEU J 8 10.37 -13.23 17.76
C LEU J 8 10.04 -13.73 16.37
N SER J 9 9.37 -14.86 16.26
CA SER J 9 8.94 -15.37 14.96
C SER J 9 7.52 -14.96 14.59
N THR J 10 6.88 -14.11 15.39
CA THR J 10 5.53 -13.66 15.03
C THR J 10 5.60 -12.78 13.80
N ALA J 11 4.44 -12.61 13.16
CA ALA J 11 4.39 -11.84 11.91
C ALA J 11 4.88 -10.41 12.09
N PRO J 12 4.33 -9.60 12.99
CA PRO J 12 4.77 -8.19 13.05
C PRO J 12 6.22 -8.02 13.41
N VAL J 13 6.79 -8.91 14.22
CA VAL J 13 8.21 -8.79 14.56
C VAL J 13 9.07 -8.84 13.31
N ILE J 14 9.03 -9.97 12.59
CA ILE J 14 9.80 -10.07 11.35
C ILE J 14 9.46 -8.93 10.41
N ALA J 15 8.19 -8.56 10.31
CA ALA J 15 7.81 -7.45 9.46
C ALA J 15 8.59 -6.20 9.84
N PHE J 16 8.76 -5.95 11.13
CA PHE J 16 9.60 -4.84 11.55
C PHE J 16 11.06 -5.11 11.29
N ILE J 17 11.57 -6.23 11.81
CA ILE J 17 13.01 -6.48 11.76
C ILE J 17 13.49 -6.56 10.32
N TRP J 18 12.75 -7.26 9.47
CA TRP J 18 13.27 -7.52 8.15
C TRP J 18 13.14 -6.30 7.23
N LEU J 19 12.10 -5.48 7.42
CA LEU J 19 12.04 -4.22 6.68
C LEU J 19 13.15 -3.27 7.12
N SER J 20 13.40 -3.21 8.43
CA SER J 20 14.50 -2.40 8.93
C SER J 20 15.86 -2.92 8.49
N LEU J 21 15.95 -4.15 7.98
CA LEU J 21 17.17 -4.57 7.31
C LEU J 21 17.23 -4.10 5.86
N LEU J 22 16.11 -4.15 5.13
CA LEU J 22 16.10 -3.50 3.83
C LEU J 22 16.29 -2.00 4.00
N SER J 23 15.41 -1.38 4.77
CA SER J 23 15.43 0.08 4.92
C SER J 23 16.83 0.57 5.20
N SER J 24 17.49 -0.03 6.18
CA SER J 24 18.85 0.36 6.50
C SER J 24 19.76 0.16 5.29
N LEU J 25 19.72 -1.02 4.68
CA LEU J 25 20.55 -1.29 3.52
C LEU J 25 20.28 -0.30 2.40
N ILE J 26 19.01 -0.17 1.99
CA ILE J 26 18.68 0.76 0.91
C ILE J 26 19.06 2.18 1.30
N ILE J 27 19.07 2.49 2.59
CA ILE J 27 19.53 3.81 2.99
C ILE J 27 21.03 3.93 2.77
N GLU J 28 21.80 2.92 3.16
CA GLU J 28 23.24 3.07 3.07
C GLU J 28 23.78 2.90 1.67
N VAL J 29 23.10 2.12 0.82
CA VAL J 29 23.51 2.09 -0.58
C VAL J 29 23.51 3.49 -1.17
N ASN J 30 22.60 4.34 -0.71
CA ASN J 30 22.56 5.73 -1.13
C ASN J 30 23.59 6.58 -0.42
N ARG J 31 24.21 6.06 0.64
CA ARG J 31 25.27 6.79 1.31
C ARG J 31 26.56 6.72 0.51
N PHE J 32 26.94 5.51 0.08
CA PHE J 32 28.15 5.35 -0.70
C PHE J 32 27.95 5.61 -2.19
N PHE J 33 26.80 5.26 -2.74
CA PHE J 33 26.51 5.41 -4.17
C PHE J 33 25.37 6.40 -4.35
N PRO J 34 25.64 7.69 -4.19
CA PRO J 34 24.55 8.65 -4.10
C PRO J 34 23.94 8.95 -5.46
N ASP J 35 22.67 9.31 -5.44
CA ASP J 35 21.93 9.84 -6.57
C ASP J 35 21.95 8.91 -7.78
N PRO J 36 21.36 7.71 -7.68
CA PRO J 36 21.39 6.78 -8.81
C PRO J 36 20.20 6.85 -9.75
N LEU J 37 20.21 7.76 -10.73
CA LEU J 37 19.09 7.81 -11.67
C LEU J 37 19.08 6.60 -12.61
N ILE J 38 20.11 6.46 -13.43
CA ILE J 38 20.15 5.39 -14.41
C ILE J 38 21.28 4.45 -14.04
N PHE J 39 21.24 3.23 -14.57
CA PHE J 39 22.31 2.28 -14.28
C PHE J 39 23.38 2.55 -15.33
N ALA J 40 24.29 3.48 -14.96
CA ALA J 40 25.35 3.84 -15.91
C ALA J 40 26.76 3.49 -15.44
N PHE J 41 26.97 3.05 -14.21
CA PHE J 41 28.30 3.19 -13.62
C PHE J 41 29.29 2.14 -14.12
N PHE K 41 8.92 37.23 69.75
CA PHE K 41 7.96 38.12 70.40
C PHE K 41 7.56 37.64 71.81
N ILE K 42 6.88 36.50 71.89
CA ILE K 42 6.53 35.86 73.15
C ILE K 42 5.70 36.80 74.01
N GLY K 43 4.43 36.95 73.66
CA GLY K 43 3.51 37.78 74.41
C GLY K 43 3.05 39.01 73.66
N SER K 44 3.64 39.32 72.51
CA SER K 44 3.09 40.37 71.68
C SER K 44 1.69 39.96 71.23
N THR K 45 0.90 40.96 70.86
CA THR K 45 -0.52 40.75 70.63
C THR K 45 -0.84 39.58 69.69
N PRO K 46 -0.07 39.28 68.64
CA PRO K 46 -0.37 38.05 67.90
C PRO K 46 -0.20 36.79 68.74
N ASN K 47 0.69 36.80 69.71
CA ASN K 47 0.79 35.65 70.60
C ASN K 47 -0.40 35.60 71.55
N LEU K 48 -0.88 36.76 72.00
CA LEU K 48 -2.15 36.82 72.70
C LEU K 48 -3.21 36.07 71.93
N ILE K 49 -3.26 36.26 70.62
CA ILE K 49 -4.32 35.71 69.80
C ILE K 49 -4.15 34.21 69.64
N MET K 50 -2.96 33.78 69.25
CA MET K 50 -2.79 32.40 68.80
C MET K 50 -2.95 31.42 69.94
N VAL K 51 -2.29 31.67 71.07
CA VAL K 51 -2.50 30.86 72.27
C VAL K 51 -3.96 30.87 72.66
N ALA K 52 -4.63 32.00 72.47
CA ALA K 52 -6.05 32.13 72.75
C ALA K 52 -6.91 31.72 71.57
N SER K 53 -6.32 31.18 70.51
CA SER K 53 -7.08 30.63 69.40
C SER K 53 -7.01 29.11 69.39
N THR K 54 -5.83 28.55 69.14
CA THR K 54 -5.71 27.09 69.07
C THR K 54 -6.04 26.46 70.41
N GLY K 55 -5.39 26.92 71.48
CA GLY K 55 -5.68 26.47 72.82
C GLY K 55 -7.14 26.71 73.17
N LEU K 56 -7.76 27.67 72.49
CA LEU K 56 -9.19 27.91 72.64
C LEU K 56 -10.02 26.91 71.84
N CYS K 57 -9.55 26.49 70.66
CA CYS K 57 -10.29 25.51 69.88
C CYS K 57 -10.43 24.21 70.63
N LEU K 58 -9.30 23.61 71.00
CA LEU K 58 -9.34 22.35 71.72
C LEU K 58 -9.62 22.53 73.20
N ALA K 59 -9.79 23.77 73.67
CA ALA K 59 -10.13 24.01 75.06
C ALA K 59 -11.37 23.23 75.43
N ALA K 60 -12.50 23.64 74.88
CA ALA K 60 -13.72 22.87 75.05
C ALA K 60 -13.97 21.92 73.90
N GLY K 61 -13.05 21.82 72.94
CA GLY K 61 -13.06 20.71 72.02
C GLY K 61 -12.97 19.44 72.83
N ARG K 62 -12.41 19.59 74.03
CA ARG K 62 -12.53 18.57 75.07
C ARG K 62 -13.98 18.12 75.22
N PHE K 63 -14.89 19.08 75.40
CA PHE K 63 -16.29 18.76 75.67
C PHE K 63 -17.22 19.54 74.75
N GLY K 64 -17.85 18.83 73.81
CA GLY K 64 -19.06 19.28 73.16
C GLY K 64 -19.09 20.47 72.22
N LEU K 65 -17.99 21.19 72.01
CA LEU K 65 -18.11 22.30 71.07
C LEU K 65 -17.95 21.85 69.62
N ALA K 66 -17.01 20.96 69.33
CA ALA K 66 -16.79 20.67 67.91
C ALA K 66 -16.87 19.18 67.64
N PRO K 67 -16.75 18.74 66.40
CA PRO K 67 -16.61 17.31 66.14
C PRO K 67 -15.28 16.78 66.61
N THR K 68 -15.31 15.57 67.16
CA THR K 68 -14.11 14.85 67.57
C THR K 68 -14.21 13.45 67.02
N VAL K 69 -13.11 12.70 67.13
CA VAL K 69 -13.10 11.32 66.65
C VAL K 69 -14.33 10.56 67.13
N ASN K 70 -14.59 10.64 68.43
CA ASN K 70 -15.75 9.97 69.00
C ASN K 70 -17.06 10.47 68.42
N LYS K 71 -17.45 11.71 68.74
CA LYS K 71 -18.74 12.24 68.32
C LYS K 71 -18.61 12.88 66.95
N PHE K 72 -19.40 12.42 66.00
CA PHE K 72 -19.32 12.96 64.65
C PHE K 72 -20.59 13.72 64.30
N ALA K 73 -20.45 14.64 63.36
CA ALA K 73 -21.57 15.46 62.95
C ALA K 73 -22.62 14.63 62.22
N THR K 74 -23.87 15.04 62.36
CA THR K 74 -24.94 14.49 61.58
C THR K 74 -25.29 15.51 60.49
N SER K 75 -26.19 15.12 59.59
CA SER K 75 -26.73 16.10 58.65
C SER K 75 -27.72 17.02 59.33
N GLY K 76 -28.48 16.49 60.29
CA GLY K 76 -29.40 17.27 61.08
C GLY K 76 -28.70 18.03 62.19
N LEU K 77 -27.38 18.03 62.15
CA LEU K 77 -26.55 18.79 63.08
C LEU K 77 -26.79 18.39 64.54
N ASN K 78 -26.63 17.09 64.81
CA ASN K 78 -26.78 16.58 66.16
C ASN K 78 -25.52 16.69 67.02
N LEU K 79 -24.35 16.39 66.48
CA LEU K 79 -23.06 16.38 67.20
C LEU K 79 -22.99 15.26 68.25
N VAL K 80 -23.75 14.19 68.02
CA VAL K 80 -23.72 13.10 68.98
C VAL K 80 -23.59 11.76 68.26
N ASP K 81 -22.48 11.07 68.48
CA ASP K 81 -22.54 9.62 68.49
C ASP K 81 -21.66 9.05 69.60
N LYS K 82 -20.35 9.23 69.48
CA LYS K 82 -19.24 8.75 70.31
C LYS K 82 -19.11 7.25 70.56
N PRO K 83 -19.29 6.37 69.57
CA PRO K 83 -18.93 4.97 69.80
C PRO K 83 -17.65 4.56 69.10
N LEU K 84 -16.51 5.16 69.40
CA LEU K 84 -15.31 4.71 68.69
C LEU K 84 -14.30 4.24 69.72
N GLY K 85 -13.66 3.11 69.39
CA GLY K 85 -12.88 2.36 70.34
C GLY K 85 -11.38 2.59 70.36
N LEU K 86 -10.89 3.72 69.85
CA LEU K 86 -9.48 4.03 70.00
C LEU K 86 -9.14 4.10 71.48
N LYS K 87 -7.93 3.66 71.82
CA LYS K 87 -7.51 3.56 73.22
C LYS K 87 -6.62 4.75 73.54
N THR K 88 -7.09 5.61 74.43
CA THR K 88 -6.28 6.71 74.92
C THR K 88 -6.51 6.88 76.41
N GLY K 89 -5.44 6.97 77.17
CA GLY K 89 -5.54 7.39 78.55
C GLY K 89 -5.97 8.84 78.58
N ASP K 90 -7.11 9.11 79.20
CA ASP K 90 -7.75 10.43 79.24
C ASP K 90 -9.10 10.20 79.91
N PRO K 91 -9.61 11.14 80.70
CA PRO K 91 -10.77 10.80 81.54
C PRO K 91 -11.99 10.40 80.74
N ALA K 92 -12.36 11.16 79.72
CA ALA K 92 -13.48 10.77 78.88
C ALA K 92 -13.14 10.99 77.42
N GLY K 93 -12.99 9.90 76.67
CA GLY K 93 -13.13 9.88 75.22
C GLY K 93 -12.49 10.98 74.42
N PHE K 94 -11.29 11.42 74.79
CA PHE K 94 -10.60 12.46 74.03
C PHE K 94 -9.33 11.84 73.45
N THR K 95 -9.33 11.61 72.14
CA THR K 95 -8.24 10.95 71.46
C THR K 95 -7.07 11.89 71.25
N ALA K 96 -5.91 11.29 70.98
CA ALA K 96 -4.74 12.09 70.64
C ALA K 96 -4.87 12.70 69.25
N VAL K 97 -5.68 12.10 68.37
CA VAL K 97 -5.89 12.68 67.04
C VAL K 97 -6.77 13.91 67.14
N ASP K 98 -7.72 13.94 68.07
CA ASP K 98 -8.48 15.15 68.33
C ASP K 98 -7.58 16.34 68.63
N VAL K 99 -6.39 16.08 69.17
CA VAL K 99 -5.46 17.17 69.43
C VAL K 99 -4.96 17.77 68.12
N LEU K 100 -4.45 16.94 67.23
CA LEU K 100 -3.89 17.44 65.98
C LEU K 100 -4.96 18.13 65.15
N ALA K 101 -6.17 17.59 65.12
CA ALA K 101 -7.24 18.20 64.33
C ALA K 101 -7.55 19.60 64.84
N LEU K 102 -7.90 19.71 66.12
CA LEU K 102 -8.38 20.97 66.66
C LEU K 102 -7.28 22.02 66.65
N GLY K 103 -6.06 21.63 67.03
CA GLY K 103 -4.97 22.58 66.99
C GLY K 103 -4.70 23.08 65.58
N SER K 104 -4.55 22.15 64.63
CA SER K 104 -4.24 22.53 63.27
C SER K 104 -5.32 23.40 62.66
N PHE K 105 -6.58 23.06 62.93
CA PHE K 105 -7.66 23.95 62.54
C PHE K 105 -7.67 25.23 63.35
N GLY K 106 -7.10 25.21 64.56
CA GLY K 106 -7.01 26.43 65.34
C GLY K 106 -6.11 27.46 64.70
N HIS K 107 -5.08 27.02 63.96
CA HIS K 107 -4.10 27.95 63.42
C HIS K 107 -4.60 28.69 62.20
N MET K 108 -5.50 28.09 61.43
CA MET K 108 -6.13 28.81 60.32
C MET K 108 -6.76 30.09 60.84
N ILE K 109 -7.82 29.94 61.64
CA ILE K 109 -8.45 31.08 62.30
C ILE K 109 -7.44 31.89 63.08
N GLY K 110 -6.52 31.21 63.77
CA GLY K 110 -5.44 31.93 64.42
C GLY K 110 -4.72 32.86 63.46
N ILE K 111 -4.31 32.33 62.32
CA ILE K 111 -3.64 33.16 61.33
C ILE K 111 -4.63 34.08 60.64
N GLY K 112 -5.80 33.55 60.25
CA GLY K 112 -6.79 34.36 59.59
C GLY K 112 -7.21 35.58 60.40
N ILE K 113 -7.17 35.47 61.72
CA ILE K 113 -7.47 36.63 62.55
C ILE K 113 -6.24 37.53 62.68
N VAL K 114 -5.06 36.94 62.86
CA VAL K 114 -3.87 37.76 63.01
C VAL K 114 -3.58 38.52 61.73
N LEU K 115 -3.76 37.87 60.58
CA LEU K 115 -3.63 38.60 59.34
C LEU K 115 -4.84 39.47 59.06
N GLY K 116 -6.01 39.05 59.51
CA GLY K 116 -7.16 39.95 59.44
C GLY K 116 -6.90 41.24 60.19
N LEU K 117 -6.13 41.18 61.27
CA LEU K 117 -5.78 42.40 61.98
C LEU K 117 -4.61 43.12 61.32
N LYS K 118 -3.54 42.39 61.01
CA LYS K 118 -2.33 43.04 60.51
C LYS K 118 -2.57 43.76 59.20
N ALA K 119 -3.18 43.07 58.23
CA ALA K 119 -3.50 43.72 56.96
C ALA K 119 -4.37 44.95 57.18
N THR K 120 -5.42 44.81 57.98
CA THR K 120 -6.23 45.95 58.38
C THR K 120 -5.47 46.84 59.36
N LYS L 46 -42.85 14.65 49.93
CA LYS L 46 -43.68 14.40 48.76
C LYS L 46 -42.85 14.42 47.48
N GLN L 47 -43.48 14.09 46.36
CA GLN L 47 -42.88 14.16 45.05
C GLN L 47 -43.78 14.92 44.09
N VAL L 48 -43.23 15.98 43.52
CA VAL L 48 -44.00 16.92 42.72
C VAL L 48 -44.44 16.33 41.39
N ILE L 49 -43.64 15.40 40.85
CA ILE L 49 -43.78 14.97 39.46
C ILE L 49 -44.33 13.55 39.44
N GLN L 50 -45.30 13.31 38.58
CA GLN L 50 -46.05 12.08 38.47
C GLN L 50 -46.26 11.75 36.99
N PRO L 51 -46.65 10.53 36.67
CA PRO L 51 -47.14 10.26 35.32
C PRO L 51 -48.48 10.95 35.13
N ILE L 52 -48.88 11.12 33.86
CA ILE L 52 -50.14 11.82 33.62
C ILE L 52 -51.26 11.01 34.26
N ASN L 53 -51.97 11.65 35.20
CA ASN L 53 -53.30 11.25 35.65
C ASN L 53 -53.46 9.74 35.74
N GLY L 54 -52.90 9.13 36.78
CA GLY L 54 -52.82 7.67 36.80
C GLY L 54 -51.76 7.11 35.88
N ASP L 55 -52.19 6.35 34.88
CA ASP L 55 -51.40 5.30 34.23
C ASP L 55 -49.98 5.77 33.91
N PRO L 56 -48.95 5.09 34.42
CA PRO L 56 -47.56 5.46 34.11
C PRO L 56 -47.10 5.11 32.70
N PHE L 57 -47.78 4.21 32.02
CA PHE L 57 -47.29 3.60 30.79
C PHE L 57 -47.70 4.38 29.55
N ILE L 58 -48.36 5.51 29.75
CA ILE L 58 -48.66 6.44 28.68
C ILE L 58 -47.41 7.27 28.43
N GLY L 59 -47.24 7.73 27.19
CA GLY L 59 -45.99 8.34 26.80
C GLY L 59 -45.56 9.52 27.63
N MET L 60 -46.34 10.59 27.69
CA MET L 60 -45.93 11.72 28.51
C MET L 60 -46.14 11.39 29.98
N LEU L 61 -45.68 12.28 30.83
CA LEU L 61 -45.89 12.21 32.27
C LEU L 61 -46.01 13.64 32.78
N GLU L 62 -46.89 13.85 33.74
CA GLU L 62 -47.22 15.22 34.13
C GLU L 62 -46.04 15.86 34.86
N THR L 63 -45.82 17.14 34.61
CA THR L 63 -44.78 17.95 35.24
C THR L 63 -45.39 19.33 35.49
N PRO L 64 -44.68 20.28 36.15
CA PRO L 64 -45.30 21.57 36.45
C PRO L 64 -45.75 22.38 35.24
N VAL L 65 -45.15 22.18 34.07
CA VAL L 65 -45.62 22.87 32.87
C VAL L 65 -46.68 22.05 32.14
N THR L 66 -47.04 20.89 32.66
CA THR L 66 -48.12 20.12 32.07
C THR L 66 -49.40 20.27 32.89
N SER L 67 -49.45 19.61 34.04
CA SER L 67 -50.61 19.68 34.92
C SER L 67 -50.24 20.54 36.12
N ALA L 68 -50.82 21.72 36.19
CA ALA L 68 -50.60 22.65 37.28
C ALA L 68 -51.90 23.40 37.52
N PRO L 69 -51.98 24.26 38.52
CA PRO L 69 -53.12 25.19 38.56
C PRO L 69 -53.08 26.21 37.44
N ILE L 70 -51.90 26.77 37.16
CA ILE L 70 -51.81 27.90 36.23
C ILE L 70 -51.84 27.40 34.78
N VAL L 71 -51.00 26.41 34.47
CA VAL L 71 -50.78 26.05 33.07
C VAL L 71 -52.00 25.32 32.52
N ALA L 72 -52.68 24.55 33.37
CA ALA L 72 -53.95 23.95 32.96
C ALA L 72 -54.95 25.02 32.58
N GLY L 73 -55.04 26.07 33.37
CA GLY L 73 -55.99 27.13 33.08
C GLY L 73 -55.59 27.97 31.88
N PHE L 74 -54.32 28.39 31.84
CA PHE L 74 -53.90 29.34 30.82
C PHE L 74 -54.07 28.76 29.42
N LEU L 75 -53.42 27.64 29.14
CA LEU L 75 -53.48 27.06 27.81
C LEU L 75 -54.91 26.72 27.42
N SER L 76 -55.76 26.51 28.41
CA SER L 76 -57.18 26.25 28.18
C SER L 76 -57.98 27.52 27.91
N ASN L 77 -57.57 28.65 28.46
CA ASN L 77 -58.24 29.92 28.24
C ASN L 77 -58.06 30.44 26.82
N LEU L 78 -56.97 30.05 26.16
CA LEU L 78 -56.65 30.51 24.81
C LEU L 78 -57.78 30.18 23.84
N PRO L 79 -57.98 31.00 22.83
CA PRO L 79 -58.97 30.68 21.80
C PRO L 79 -58.51 29.51 20.93
N ALA L 80 -58.19 28.40 21.57
CA ALA L 80 -57.73 27.22 20.86
C ALA L 80 -58.49 25.99 21.31
N TYR L 81 -58.29 25.60 22.57
CA TYR L 81 -58.75 24.31 23.03
C TYR L 81 -60.22 24.28 23.46
N ARG L 82 -60.85 25.43 23.64
CA ARG L 82 -62.23 25.46 24.10
C ARG L 82 -63.09 24.59 23.19
N THR L 83 -64.01 23.82 23.76
CA THR L 83 -64.94 23.08 22.91
C THR L 83 -66.25 23.82 22.73
N GLY L 84 -66.42 24.96 23.39
CA GLY L 84 -67.70 25.65 23.41
C GLY L 84 -67.83 26.88 22.54
N VAL L 85 -67.00 27.03 21.51
CA VAL L 85 -67.12 28.20 20.65
C VAL L 85 -66.93 27.77 19.20
N SER L 86 -67.61 28.47 18.30
CA SER L 86 -67.63 28.10 16.89
C SER L 86 -66.24 28.25 16.28
N PRO L 87 -65.90 27.40 15.32
CA PRO L 87 -64.56 27.49 14.71
C PRO L 87 -64.36 28.75 13.89
N LEU L 88 -65.43 29.29 13.32
CA LEU L 88 -65.36 30.58 12.63
C LEU L 88 -64.87 31.66 13.57
N LEU L 89 -65.23 31.56 14.84
CA LEU L 89 -64.93 32.62 15.79
C LEU L 89 -63.49 32.53 16.27
N ARG L 90 -62.86 31.36 16.10
CA ARG L 90 -61.47 31.21 16.46
C ARG L 90 -60.56 31.82 15.41
N GLY L 91 -60.81 31.50 14.14
CA GLY L 91 -60.01 32.05 13.07
C GLY L 91 -60.03 33.57 13.05
N VAL L 92 -61.19 34.16 13.28
CA VAL L 92 -61.28 35.61 13.38
C VAL L 92 -60.58 36.12 14.62
N GLU L 93 -60.29 35.23 15.56
CA GLU L 93 -59.51 35.57 16.75
C GLU L 93 -58.05 35.29 16.48
N ILE L 94 -57.73 34.02 16.19
CA ILE L 94 -56.35 33.60 16.01
C ILE L 94 -55.69 34.37 14.87
N GLY L 95 -56.27 34.27 13.67
CA GLY L 95 -55.68 34.94 12.52
C GLY L 95 -55.60 36.44 12.70
N LEU L 96 -56.55 37.00 13.46
CA LEU L 96 -56.54 38.43 13.73
C LEU L 96 -55.26 38.85 14.43
N THR L 97 -54.72 37.98 15.29
CA THR L 97 -53.52 38.34 16.03
C THR L 97 -52.27 38.17 15.18
N HIS L 98 -52.21 37.09 14.41
CA HIS L 98 -50.95 36.74 13.73
C HIS L 98 -50.68 37.67 12.57
N GLY L 99 -51.66 38.49 12.20
CA GLY L 99 -51.39 39.50 11.19
C GLY L 99 -50.65 40.68 11.76
N PHE L 100 -50.99 41.06 12.99
CA PHE L 100 -50.40 42.25 13.60
C PHE L 100 -48.93 42.05 13.90
N LEU L 101 -48.59 40.90 14.47
CA LEU L 101 -47.23 40.69 14.95
C LEU L 101 -46.28 40.36 13.79
N VAL L 102 -46.81 39.80 12.71
CA VAL L 102 -45.99 39.49 11.54
C VAL L 102 -45.66 40.73 10.75
N ALA L 103 -46.51 41.75 10.78
CA ALA L 103 -46.22 42.98 10.06
C ALA L 103 -44.91 43.59 10.53
N GLY L 104 -44.62 43.50 11.82
CA GLY L 104 -43.50 44.17 12.42
C GLY L 104 -42.17 43.93 11.72
N PRO L 105 -41.77 42.67 11.57
CA PRO L 105 -40.51 42.39 10.88
C PRO L 105 -40.41 43.01 9.50
N PHE L 106 -41.48 42.92 8.72
CA PHE L 106 -41.47 43.54 7.40
C PHE L 106 -41.45 45.06 7.48
N ILE L 107 -42.27 45.66 8.34
CA ILE L 107 -42.47 47.10 8.33
C ILE L 107 -41.34 47.77 9.09
N LYS L 108 -40.40 46.97 9.59
CA LYS L 108 -39.25 47.51 10.29
C LYS L 108 -37.97 47.14 9.56
N LEU L 109 -37.72 45.84 9.45
CA LEU L 109 -36.53 45.31 8.81
C LEU L 109 -36.80 44.71 7.43
N GLY L 110 -37.45 45.47 6.56
CA GLY L 110 -37.74 44.99 5.22
C GLY L 110 -36.60 45.28 4.27
N PRO L 111 -36.76 44.90 3.00
CA PRO L 111 -35.70 45.16 2.02
C PRO L 111 -35.51 46.66 1.87
N LEU L 112 -36.62 47.39 1.80
CA LEU L 112 -36.58 48.83 1.68
C LEU L 112 -36.95 49.47 3.01
N ARG L 113 -35.95 49.96 3.73
CA ARG L 113 -36.17 50.58 5.03
C ARG L 113 -35.94 52.08 4.98
N ASP L 114 -36.14 52.68 3.82
CA ASP L 114 -35.94 54.13 3.69
C ASP L 114 -36.94 54.66 2.66
N ALA L 115 -37.91 55.43 3.16
CA ALA L 115 -38.91 56.06 2.32
C ALA L 115 -39.40 57.33 3.00
N ALA L 116 -39.67 58.36 2.21
CA ALA L 116 -40.20 59.62 2.71
C ALA L 116 -41.71 59.73 2.60
N GLY L 117 -42.36 58.70 2.05
CA GLY L 117 -43.81 58.71 1.95
C GLY L 117 -44.49 57.74 2.88
N GLY L 118 -43.74 57.12 3.79
CA GLY L 118 -44.27 56.07 4.62
C GLY L 118 -44.35 54.76 3.85
N ALA L 119 -43.76 54.74 2.67
CA ALA L 119 -43.73 53.56 1.83
C ALA L 119 -42.95 52.41 2.44
N ALA L 120 -41.99 52.71 3.33
CA ALA L 120 -41.33 51.64 4.05
C ALA L 120 -42.32 50.86 4.91
N GLU L 121 -43.38 51.53 5.36
CA GLU L 121 -44.40 50.89 6.18
C GLU L 121 -45.40 50.10 5.37
N THR L 122 -45.87 50.65 4.24
CA THR L 122 -46.82 49.91 3.40
C THR L 122 -46.13 48.76 2.69
N ALA L 123 -44.84 48.90 2.38
CA ALA L 123 -44.11 47.81 1.76
C ALA L 123 -44.08 46.59 2.68
N GLY L 124 -44.06 46.83 3.98
CA GLY L 124 -44.17 45.73 4.92
C GLY L 124 -45.60 45.26 5.10
N CYS L 125 -46.55 46.19 5.06
CA CYS L 125 -47.95 45.81 5.21
C CYS L 125 -48.38 44.92 4.05
N LEU L 126 -48.05 45.31 2.83
CA LEU L 126 -48.43 44.51 1.67
C LEU L 126 -47.84 43.11 1.76
N SER L 127 -46.56 43.01 2.08
CA SER L 127 -45.90 41.71 2.12
C SER L 127 -46.37 40.91 3.33
N GLY L 128 -46.54 41.57 4.47
CA GLY L 128 -47.12 40.90 5.62
C GLY L 128 -48.55 40.48 5.37
N ALA L 129 -49.19 41.09 4.37
CA ALA L 129 -50.53 40.67 3.97
C ALA L 129 -50.47 39.48 3.03
N LEU L 130 -49.26 39.14 2.56
CA LEU L 130 -49.11 37.97 1.71
C LEU L 130 -49.09 36.70 2.54
N LEU L 131 -48.28 36.69 3.60
CA LEU L 131 -48.29 35.56 4.52
C LEU L 131 -49.67 35.38 5.12
N VAL L 132 -50.51 36.41 5.02
CA VAL L 132 -51.94 36.22 5.24
C VAL L 132 -52.53 35.41 4.08
N ILE L 133 -52.19 35.76 2.85
CA ILE L 133 -52.82 35.11 1.71
C ILE L 133 -52.20 33.74 1.45
N ILE L 134 -50.90 33.59 1.70
CA ILE L 134 -50.27 32.28 1.51
C ILE L 134 -50.83 31.26 2.49
N LEU L 135 -50.82 31.59 3.78
CA LEU L 135 -51.18 30.62 4.79
C LEU L 135 -52.65 30.20 4.67
N THR L 136 -53.48 31.03 4.04
CA THR L 136 -54.84 30.60 3.76
C THR L 136 -54.86 29.43 2.81
N ALA L 137 -53.99 29.45 1.80
CA ALA L 137 -53.84 28.29 0.94
C ALA L 137 -53.40 27.08 1.73
N CYS L 138 -52.41 27.25 2.62
CA CYS L 138 -51.96 26.15 3.45
C CYS L 138 -53.08 25.63 4.34
N LEU L 139 -53.72 26.53 5.11
CA LEU L 139 -54.80 26.12 6.00
C LEU L 139 -55.83 25.28 5.29
N THR L 140 -56.39 25.81 4.20
CA THR L 140 -57.45 25.11 3.49
C THR L 140 -56.97 23.78 2.93
N ILE L 141 -55.70 23.74 2.51
CA ILE L 141 -55.13 22.49 1.98
C ILE L 141 -55.14 21.41 3.06
N TYR L 142 -54.83 21.79 4.30
CA TYR L 142 -54.74 20.79 5.37
C TYR L 142 -56.11 20.19 5.66
N GLY L 143 -57.18 20.88 5.26
CA GLY L 143 -58.52 20.37 5.41
C GLY L 143 -58.91 19.29 4.43
N GLN L 144 -58.65 19.49 3.14
CA GLN L 144 -59.00 18.49 2.13
C GLN L 144 -58.13 17.25 2.25
N ALA L 145 -57.12 17.27 3.11
CA ALA L 145 -56.24 16.11 3.25
C ALA L 145 -56.69 15.24 4.40
N THR L 146 -56.57 15.76 5.62
CA THR L 146 -56.80 14.98 6.83
C THR L 146 -58.26 14.62 7.03
N PHE L 147 -59.17 15.57 6.82
CA PHE L 147 -60.56 15.37 7.23
C PHE L 147 -61.40 15.02 6.02
N GLU L 148 -62.11 13.90 6.11
CA GLU L 148 -63.09 13.53 5.10
C GLU L 148 -64.45 14.05 5.54
N ASP L 149 -65.20 14.63 4.59
CA ASP L 149 -66.53 15.15 4.84
C ASP L 149 -67.41 14.12 5.52
N ASP L 150 -67.25 12.85 5.16
CA ASP L 150 -68.02 11.76 5.71
C ASP L 150 -67.53 11.31 7.08
N GLU L 151 -66.22 11.28 7.30
CA GLU L 151 -65.71 10.76 8.56
C GLU L 151 -66.02 11.71 9.71
N PRO L 152 -66.41 11.20 10.86
CA PRO L 152 -66.80 12.05 11.99
C PRO L 152 -65.57 12.66 12.67
N GLN L 153 -65.84 13.35 13.79
CA GLN L 153 -64.78 13.98 14.55
C GLN L 153 -63.98 12.93 15.29
N ILE L 154 -62.65 13.00 15.15
CA ILE L 154 -61.76 12.03 15.76
C ILE L 154 -61.21 12.52 17.10
N GLY L 155 -61.59 13.72 17.55
CA GLY L 155 -61.12 14.24 18.80
C GLY L 155 -61.48 13.33 19.97
N VAL L 156 -60.71 13.46 21.05
CA VAL L 156 -60.84 12.59 22.22
C VAL L 156 -61.66 13.34 23.27
N LYS L 157 -61.91 12.74 24.44
CA LYS L 157 -62.90 13.23 25.39
C LYS L 157 -62.24 13.64 26.72
N THR L 158 -62.12 14.96 26.93
CA THR L 158 -61.71 15.69 28.13
C THR L 158 -60.45 15.20 28.85
N LEU L 159 -60.33 15.52 30.16
CA LEU L 159 -59.23 15.05 31.00
C LEU L 159 -59.50 13.96 32.01
N SER L 160 -60.74 13.73 32.45
CA SER L 160 -60.80 13.03 33.73
C SER L 160 -61.65 11.77 33.73
N GLY L 161 -62.96 11.92 33.94
CA GLY L 161 -63.88 10.83 33.74
C GLY L 161 -64.88 11.06 32.63
N ARG L 162 -64.98 12.29 32.16
CA ARG L 162 -66.18 12.70 31.45
C ARG L 162 -65.95 12.73 29.95
N ASP L 163 -66.89 12.16 29.20
CA ASP L 163 -66.87 12.26 27.75
C ASP L 163 -67.72 13.46 27.34
N ILE L 164 -67.07 14.51 26.86
CA ILE L 164 -67.81 15.68 26.41
C ILE L 164 -67.68 15.81 24.89
N ALA L 165 -68.70 16.41 24.29
CA ALA L 165 -68.84 16.41 22.83
C ALA L 165 -67.55 16.84 22.15
N ARG L 166 -67.18 16.10 21.12
CA ARG L 166 -65.84 16.21 20.53
C ARG L 166 -65.64 17.59 19.92
N ASP L 167 -64.37 17.91 19.67
CA ASP L 167 -63.99 19.24 19.23
C ASP L 167 -64.86 19.66 18.05
N PRO L 168 -65.63 20.75 18.18
CA PRO L 168 -66.47 21.17 17.04
C PRO L 168 -65.66 21.41 15.79
N LEU L 169 -64.39 21.74 15.92
CA LEU L 169 -63.53 21.75 14.76
C LEU L 169 -62.83 20.40 14.66
N GLN L 170 -63.29 19.55 13.74
CA GLN L 170 -62.48 18.47 13.19
C GLN L 170 -62.69 18.43 11.69
N SER L 171 -63.89 18.08 11.25
CA SER L 171 -64.15 17.79 9.85
C SER L 171 -64.06 19.07 9.04
N ALA L 172 -64.21 18.91 7.72
CA ALA L 172 -63.92 20.00 6.80
C ALA L 172 -64.87 21.18 7.03
N GLU L 173 -66.15 20.87 7.28
CA GLU L 173 -67.12 21.90 7.61
C GLU L 173 -66.63 22.74 8.77
N GLY L 174 -66.43 22.10 9.93
CA GLY L 174 -65.85 22.81 11.06
C GLY L 174 -64.52 23.44 10.74
N TRP L 175 -63.74 22.79 9.87
CA TRP L 175 -62.42 23.32 9.52
C TRP L 175 -62.52 24.50 8.57
N ASN L 176 -63.34 24.37 7.51
CA ASN L 176 -63.38 25.42 6.49
C ASN L 176 -63.95 26.71 7.08
N GLU L 177 -64.98 26.59 7.92
CA GLU L 177 -65.48 27.75 8.64
C GLU L 177 -64.35 28.44 9.40
N PHE L 178 -63.42 27.66 9.92
CA PHE L 178 -62.26 28.23 10.60
C PHE L 178 -61.34 28.93 9.61
N THR L 179 -61.07 28.31 8.47
CA THR L 179 -60.12 28.87 7.51
C THR L 179 -60.56 30.25 7.04
N SER L 180 -61.79 30.35 6.53
CA SER L 180 -62.31 31.66 6.16
C SER L 180 -62.29 32.60 7.36
N GLY L 181 -62.57 32.06 8.54
CA GLY L 181 -62.42 32.86 9.76
C GLY L 181 -60.99 33.36 9.93
N TRP L 182 -60.01 32.49 9.66
CA TRP L 182 -58.62 32.93 9.75
C TRP L 182 -58.36 34.05 8.76
N LEU L 183 -58.92 33.93 7.57
CA LEU L 183 -58.71 34.93 6.53
C LEU L 183 -59.38 36.25 6.92
N VAL L 184 -60.53 36.17 7.58
CA VAL L 184 -61.22 37.38 8.01
C VAL L 184 -60.39 38.15 9.02
N GLY L 185 -59.89 37.45 10.04
CA GLY L 185 -59.08 38.12 11.04
C GLY L 185 -57.70 38.47 10.52
N GLY L 186 -57.09 37.57 9.75
CA GLY L 186 -55.73 37.79 9.28
C GLY L 186 -55.58 39.08 8.50
N LEU L 187 -56.65 39.51 7.83
CA LEU L 187 -56.61 40.78 7.12
C LEU L 187 -56.67 41.94 8.11
N SER L 188 -57.45 41.77 9.18
CA SER L 188 -57.61 42.84 10.15
C SER L 188 -56.32 43.14 10.89
N GLY L 189 -55.64 42.10 11.36
CA GLY L 189 -54.41 42.26 12.09
C GLY L 189 -53.37 43.11 11.39
N VAL L 190 -53.12 42.83 10.12
CA VAL L 190 -52.20 43.65 9.34
C VAL L 190 -52.78 45.05 9.15
N ALA L 191 -54.10 45.13 8.93
CA ALA L 191 -54.73 46.42 8.74
C ALA L 191 -54.53 47.32 9.95
N TRP L 192 -54.97 46.86 11.12
CA TRP L 192 -54.82 47.66 12.33
C TRP L 192 -53.35 47.90 12.64
N ALA L 193 -52.48 46.99 12.20
CA ALA L 193 -51.05 47.23 12.31
C ALA L 193 -50.65 48.43 11.48
N TYR L 194 -51.25 48.60 10.30
CA TYR L 194 -50.95 49.79 9.51
C TYR L 194 -51.53 51.03 10.17
N LEU L 195 -52.81 50.97 10.54
CA LEU L 195 -53.43 52.10 11.24
C LEU L 195 -52.62 52.48 12.47
N CYS L 196 -52.10 51.48 13.18
CA CYS L 196 -51.27 51.77 14.34
C CYS L 196 -49.89 52.27 13.91
N THR L 197 -49.53 52.10 12.64
CA THR L 197 -48.26 52.63 12.17
C THR L 197 -48.39 54.10 11.78
N GLN L 198 -49.45 54.45 11.06
CA GLN L 198 -49.65 55.82 10.62
C GLN L 198 -50.35 56.66 11.68
N PHE L 199 -50.85 56.03 12.74
CA PHE L 199 -51.43 56.73 13.87
C PHE L 199 -50.90 56.08 15.15
N LEU L 200 -51.42 56.50 16.30
CA LEU L 200 -51.09 55.90 17.58
C LEU L 200 -49.59 55.84 17.84
N ARG M 31 3.80 -40.37 -45.57
CA ARG M 31 4.40 -39.07 -45.81
C ARG M 31 5.72 -39.17 -46.54
N PRO M 32 6.01 -38.22 -47.40
CA PRO M 32 7.28 -38.18 -48.11
C PRO M 32 8.39 -37.48 -47.33
N GLY M 33 8.55 -37.85 -46.07
CA GLY M 33 9.57 -37.27 -45.22
C GLY M 33 8.99 -36.37 -44.15
N ASN M 34 9.86 -36.02 -43.21
CA ASN M 34 9.52 -35.17 -42.08
C ASN M 34 10.28 -33.86 -42.19
N TRP M 35 9.60 -32.76 -41.89
CA TRP M 35 10.21 -31.45 -42.03
C TRP M 35 11.29 -31.25 -40.97
N LEU M 36 11.08 -31.79 -39.78
CA LEU M 36 12.04 -31.66 -38.69
C LEU M 36 12.34 -33.03 -38.13
N PRO M 37 13.40 -33.69 -38.58
CA PRO M 37 13.75 -35.00 -38.05
C PRO M 37 13.86 -34.94 -36.54
N GLY M 38 13.15 -35.84 -35.87
CA GLY M 38 13.08 -35.84 -34.43
C GLY M 38 11.74 -35.42 -33.86
N SER M 39 10.82 -34.94 -34.68
CA SER M 39 9.45 -34.72 -34.23
C SER M 39 8.54 -35.81 -34.79
N GLU M 40 7.53 -36.16 -34.00
CA GLU M 40 6.53 -37.15 -34.39
C GLU M 40 5.54 -36.55 -35.38
N ALA M 41 4.84 -37.43 -36.07
CA ALA M 41 3.78 -37.00 -36.98
C ALA M 41 2.59 -36.45 -36.20
N PRO M 42 2.05 -35.30 -36.59
CA PRO M 42 0.83 -34.81 -35.92
C PRO M 42 -0.36 -35.70 -36.26
N SER M 43 -1.21 -35.93 -35.27
CA SER M 43 -2.26 -36.93 -35.43
C SER M 43 -3.31 -36.48 -36.43
N TYR M 44 -3.79 -35.24 -36.29
CA TYR M 44 -4.94 -34.80 -37.07
C TYR M 44 -4.67 -34.80 -38.57
N LEU M 45 -3.42 -34.62 -38.98
CA LEU M 45 -3.12 -34.71 -40.40
C LEU M 45 -3.13 -36.17 -40.82
N PRO M 46 -4.07 -36.59 -41.66
CA PRO M 46 -4.07 -37.98 -42.12
C PRO M 46 -2.88 -38.24 -43.02
N GLU M 47 -2.32 -39.43 -42.88
CA GLU M 47 -1.01 -39.72 -43.48
C GLU M 47 -0.99 -39.47 -44.97
N ASP M 48 -2.13 -39.56 -45.63
CA ASP M 48 -2.21 -39.32 -47.06
C ASP M 48 -2.78 -37.94 -47.32
N LEU M 49 -1.91 -37.01 -47.67
CA LEU M 49 -2.23 -35.69 -48.18
C LEU M 49 -1.10 -35.29 -49.12
N PRO M 50 -1.38 -34.51 -50.15
CA PRO M 50 -0.29 -34.09 -51.04
C PRO M 50 0.72 -33.25 -50.27
N GLY M 51 1.97 -33.67 -50.34
CA GLY M 51 3.02 -32.97 -49.62
C GLY M 51 2.78 -32.90 -48.14
N ASN M 52 2.59 -34.03 -47.48
CA ASN M 52 2.44 -34.05 -46.04
C ASN M 52 3.81 -34.31 -45.42
N TYR M 53 4.40 -33.26 -44.86
CA TYR M 53 5.62 -33.37 -44.07
C TYR M 53 5.36 -33.35 -42.58
N GLY M 54 4.10 -33.31 -42.17
CA GLY M 54 3.81 -33.15 -40.76
C GLY M 54 4.22 -31.80 -40.25
N TYR M 55 4.19 -30.77 -41.10
CA TYR M 55 4.54 -29.43 -40.67
C TYR M 55 3.25 -28.67 -40.43
N ASP M 56 2.90 -28.51 -39.15
CA ASP M 56 1.80 -27.66 -38.75
C ASP M 56 2.14 -27.08 -37.38
N PRO M 57 3.14 -26.21 -37.31
CA PRO M 57 3.62 -25.77 -35.99
C PRO M 57 2.56 -25.08 -35.17
N LEU M 58 1.74 -24.24 -35.78
CA LEU M 58 0.72 -23.52 -35.04
C LEU M 58 -0.50 -24.37 -34.73
N GLY M 59 -0.50 -25.63 -35.14
CA GLY M 59 -1.70 -26.44 -34.97
C GLY M 59 -2.90 -25.81 -35.63
N ILE M 60 -2.70 -25.13 -36.75
CA ILE M 60 -3.74 -24.36 -37.42
C ILE M 60 -5.02 -25.18 -37.52
N SER M 61 -5.00 -26.23 -38.32
CA SER M 61 -6.19 -27.06 -38.48
C SER M 61 -6.04 -28.32 -37.64
N GLU M 62 -6.75 -28.36 -36.51
CA GLU M 62 -6.88 -29.56 -35.72
C GLU M 62 -8.17 -30.30 -36.03
N ASN M 63 -9.00 -29.74 -36.92
CA ASN M 63 -10.21 -30.42 -37.39
C ASN M 63 -10.08 -30.65 -38.89
N PRO M 64 -10.08 -31.90 -39.35
CA PRO M 64 -9.96 -32.16 -40.79
C PRO M 64 -11.06 -31.53 -41.62
N ALA M 65 -12.22 -31.29 -41.02
CA ALA M 65 -13.27 -30.53 -41.69
C ALA M 65 -12.71 -29.23 -42.26
N ASN M 66 -12.18 -28.39 -41.38
CA ASN M 66 -11.64 -27.10 -41.79
C ASN M 66 -10.37 -27.22 -42.61
N MET M 67 -9.57 -28.26 -42.37
CA MET M 67 -8.32 -28.42 -43.11
C MET M 67 -8.56 -28.44 -44.61
N GLU M 68 -9.59 -29.14 -45.04
CA GLU M 68 -9.77 -29.40 -46.46
C GLU M 68 -9.83 -28.09 -47.25
N ARG M 69 -10.51 -27.08 -46.71
CA ARG M 69 -10.56 -25.80 -47.43
C ARG M 69 -9.18 -25.22 -47.62
N MET M 70 -8.29 -25.44 -46.66
CA MET M 70 -6.93 -24.93 -46.81
C MET M 70 -6.07 -25.82 -47.67
N ILE M 71 -6.43 -27.09 -47.85
CA ILE M 71 -5.78 -27.89 -48.89
C ILE M 71 -6.12 -27.32 -50.25
N GLU M 72 -7.42 -27.17 -50.53
CA GLU M 72 -7.86 -26.55 -51.76
C GLU M 72 -7.20 -25.21 -51.99
N CYS M 73 -7.04 -24.43 -50.93
CA CYS M 73 -6.59 -23.06 -51.12
C CYS M 73 -5.08 -22.98 -51.32
N GLU M 74 -4.32 -23.78 -50.58
CA GLU M 74 -2.88 -23.85 -50.82
C GLU M 74 -2.58 -24.16 -52.27
N VAL M 75 -3.43 -24.94 -52.92
CA VAL M 75 -3.22 -25.23 -54.33
C VAL M 75 -3.33 -23.96 -55.14
N MET M 76 -4.44 -23.23 -54.96
CA MET M 76 -4.70 -22.05 -55.79
C MET M 76 -3.63 -20.99 -55.59
N ASN M 77 -3.35 -20.65 -54.32
CA ASN M 77 -2.32 -19.66 -54.04
C ASN M 77 -1.00 -20.02 -54.70
N GLY M 78 -0.75 -21.31 -54.92
CA GLY M 78 0.47 -21.70 -55.60
C GLY M 78 0.39 -21.47 -57.09
N ARG M 79 -0.72 -21.89 -57.68
CA ARG M 79 -0.84 -21.83 -59.13
C ARG M 79 -0.75 -20.40 -59.64
N TRP M 80 -1.38 -19.46 -58.93
CA TRP M 80 -1.13 -18.06 -59.27
C TRP M 80 0.31 -17.69 -58.98
N ALA M 81 0.85 -18.17 -57.86
CA ALA M 81 2.21 -17.81 -57.50
C ALA M 81 3.21 -18.36 -58.50
N MET M 82 3.02 -19.60 -58.93
CA MET M 82 3.85 -20.16 -59.99
C MET M 82 3.90 -19.21 -61.18
N LEU M 83 2.76 -19.00 -61.83
CA LEU M 83 2.73 -18.15 -63.01
C LEU M 83 3.21 -16.73 -62.74
N ALA M 84 3.22 -16.29 -61.49
CA ALA M 84 3.62 -14.91 -61.22
C ALA M 84 5.11 -14.72 -61.25
N VAL M 85 5.87 -15.77 -60.92
CA VAL M 85 7.32 -15.69 -60.79
C VAL M 85 7.99 -15.42 -62.12
N PRO M 86 7.72 -16.18 -63.19
CA PRO M 86 8.39 -15.89 -64.46
C PRO M 86 8.14 -14.48 -64.94
N GLY M 87 6.93 -13.96 -64.74
CA GLY M 87 6.66 -12.59 -65.11
C GLY M 87 7.54 -11.61 -64.38
N MET M 88 7.96 -11.94 -63.16
CA MET M 88 8.86 -11.05 -62.44
C MET M 88 10.30 -11.19 -62.93
N LEU M 89 10.80 -12.41 -63.04
CA LEU M 89 12.17 -12.59 -63.54
C LEU M 89 12.30 -12.13 -64.98
N ALA M 90 11.54 -12.77 -65.87
CA ALA M 90 11.78 -12.63 -67.29
C ALA M 90 11.86 -11.17 -67.69
N GLN M 91 10.77 -10.45 -67.50
CA GLN M 91 10.71 -9.08 -67.95
C GLN M 91 11.74 -8.19 -67.27
N GLU M 92 12.43 -8.67 -66.23
CA GLU M 92 13.61 -7.93 -65.81
C GLU M 92 14.79 -8.25 -66.73
N ALA M 93 15.01 -9.54 -67.00
CA ALA M 93 16.16 -9.98 -67.77
C ALA M 93 15.84 -10.23 -69.23
N LEU M 94 14.59 -10.06 -69.66
CA LEU M 94 14.24 -10.36 -71.03
C LEU M 94 13.59 -9.15 -71.71
N GLY M 95 12.34 -8.87 -71.40
CA GLY M 95 11.67 -7.68 -71.89
C GLY M 95 12.07 -6.41 -71.20
N PHE M 96 12.96 -6.51 -70.21
CA PHE M 96 13.61 -5.38 -69.56
C PHE M 96 12.59 -4.43 -68.93
N GLY M 97 12.02 -4.91 -67.83
CA GLY M 97 11.34 -4.04 -66.89
C GLY M 97 11.30 -4.68 -65.52
N ASN M 98 11.23 -3.85 -64.49
CA ASN M 98 11.12 -4.38 -63.15
C ASN M 98 9.77 -5.05 -62.96
N TRP M 99 9.67 -5.87 -61.91
CA TRP M 99 8.40 -6.50 -61.60
C TRP M 99 7.43 -5.56 -60.92
N HIS M 100 7.90 -4.39 -60.48
CA HIS M 100 7.10 -3.54 -59.60
C HIS M 100 6.85 -2.18 -60.22
N ASP M 101 7.85 -1.31 -60.25
CA ASP M 101 7.61 0.06 -60.69
C ASP M 101 7.50 0.18 -62.20
N ALA M 102 8.33 -0.57 -62.94
CA ALA M 102 8.30 -0.44 -64.39
C ALA M 102 6.93 -0.75 -64.99
N PRO M 103 6.29 -1.88 -64.70
CA PRO M 103 5.07 -2.22 -65.44
C PRO M 103 3.97 -1.20 -65.26
N SER M 104 3.69 -0.83 -64.02
CA SER M 104 2.55 0.03 -63.74
C SER M 104 2.85 1.50 -64.04
N TRP M 105 4.05 1.97 -63.66
CA TRP M 105 4.34 3.40 -63.77
C TRP M 105 4.33 3.87 -65.22
N VAL M 106 4.94 3.10 -66.12
CA VAL M 106 5.23 3.54 -67.48
C VAL M 106 3.94 3.97 -68.17
N TYR M 107 2.80 3.51 -67.68
CA TYR M 107 1.54 3.77 -68.36
C TYR M 107 1.04 5.18 -68.07
N GLU M 108 0.82 5.50 -66.79
CA GLU M 108 0.28 6.80 -66.41
C GLU M 108 0.94 7.94 -67.18
N GLY M 109 2.24 8.11 -67.01
CA GLY M 109 2.96 9.17 -67.67
C GLY M 109 3.53 8.81 -69.03
N GLY M 110 2.93 7.84 -69.72
CA GLY M 110 3.60 7.29 -70.89
C GLY M 110 2.86 6.23 -71.69
N SER M 111 3.64 5.40 -72.38
CA SER M 111 3.14 4.46 -73.38
C SER M 111 1.99 3.63 -72.83
N PRO M 112 0.99 3.31 -73.65
CA PRO M 112 -0.13 2.51 -73.14
C PRO M 112 0.27 1.11 -72.69
N THR M 113 0.96 0.35 -73.53
CA THR M 113 1.62 -0.87 -73.08
C THR M 113 2.78 -1.20 -74.00
N TRP M 114 3.88 -1.65 -73.42
CA TRP M 114 5.04 -2.11 -74.19
C TRP M 114 5.13 -3.63 -74.29
N PHE M 115 4.08 -4.36 -73.87
CA PHE M 115 4.17 -5.81 -73.65
C PHE M 115 4.88 -6.53 -74.80
N GLY M 116 5.81 -7.40 -74.43
CA GLY M 116 6.60 -8.12 -75.42
C GLY M 116 7.33 -7.22 -76.38
N ALA M 117 7.66 -5.99 -75.96
CA ALA M 117 8.21 -4.96 -76.84
C ALA M 117 7.27 -4.70 -78.03
N GLY M 118 6.01 -4.46 -77.71
CA GLY M 118 5.02 -4.11 -78.72
C GLY M 118 3.92 -3.30 -78.09
N MET M 119 3.25 -2.49 -78.91
CA MET M 119 2.34 -1.48 -78.40
C MET M 119 0.90 -1.78 -78.78
N PRO M 120 0.04 -2.18 -77.85
CA PRO M 120 -1.38 -2.37 -78.19
C PRO M 120 -2.20 -1.11 -78.03
N ILE M 121 -3.49 -1.20 -78.36
CA ILE M 121 -4.36 -0.04 -78.34
C ILE M 121 -4.83 0.26 -76.93
N THR M 122 -5.10 -0.81 -76.16
CA THR M 122 -5.90 -0.72 -74.94
C THR M 122 -5.36 0.32 -73.97
N ASP M 123 -6.28 1.01 -73.29
CA ASP M 123 -5.97 2.15 -72.44
C ASP M 123 -6.22 1.79 -70.98
N ILE M 124 -5.90 2.72 -70.09
CA ILE M 124 -5.81 2.46 -68.65
C ILE M 124 -7.13 1.99 -68.06
N LYS M 125 -8.12 2.89 -67.97
CA LYS M 125 -9.33 2.59 -67.21
C LYS M 125 -10.04 1.36 -67.76
N LEU M 126 -10.38 1.41 -69.04
CA LEU M 126 -11.13 0.32 -69.66
C LEU M 126 -10.36 -0.99 -69.68
N LEU M 127 -9.08 -0.98 -69.30
CA LEU M 127 -8.35 -2.22 -69.19
C LEU M 127 -8.84 -3.04 -68.00
N ALA M 128 -8.83 -2.44 -66.81
CA ALA M 128 -9.24 -3.14 -65.60
C ALA M 128 -10.71 -3.53 -65.65
N VAL M 129 -11.52 -2.79 -66.40
CA VAL M 129 -12.93 -3.13 -66.54
C VAL M 129 -13.06 -4.53 -67.11
N ILE M 130 -12.20 -4.87 -68.07
CA ILE M 130 -12.25 -6.20 -68.68
C ILE M 130 -11.87 -7.26 -67.66
N GLU M 131 -11.01 -6.89 -66.70
CA GLU M 131 -10.50 -7.85 -65.72
C GLU M 131 -11.59 -8.36 -64.81
N LEU M 132 -12.63 -7.55 -64.54
CA LEU M 132 -13.69 -8.02 -63.66
C LEU M 132 -14.66 -8.94 -64.40
N VAL M 133 -15.01 -8.59 -65.65
CA VAL M 133 -15.90 -9.44 -66.43
C VAL M 133 -15.34 -10.84 -66.50
N LEU M 134 -14.05 -10.94 -66.77
CA LEU M 134 -13.43 -12.22 -67.06
C LEU M 134 -13.21 -13.02 -65.78
N MET M 135 -12.39 -12.49 -64.88
CA MET M 135 -12.11 -13.18 -63.63
C MET M 135 -13.40 -13.50 -62.88
N GLY M 136 -14.23 -12.47 -62.66
CA GLY M 136 -15.53 -12.72 -62.07
C GLY M 136 -16.35 -13.73 -62.84
N GLY M 137 -16.13 -13.83 -64.14
CA GLY M 137 -16.74 -14.89 -64.91
C GLY M 137 -15.97 -16.20 -64.77
N ALA M 138 -14.65 -16.10 -64.71
CA ALA M 138 -13.83 -17.30 -64.63
C ALA M 138 -13.92 -17.92 -63.24
N GLU M 139 -13.74 -17.10 -62.20
CA GLU M 139 -13.70 -17.63 -60.84
C GLU M 139 -15.08 -18.04 -60.35
N ALA M 140 -16.08 -17.18 -60.53
CA ALA M 140 -17.41 -17.50 -60.01
C ALA M 140 -17.95 -18.77 -60.66
N MET M 141 -17.64 -18.97 -61.94
CA MET M 141 -18.03 -20.22 -62.59
C MET M 141 -17.41 -21.42 -61.89
N ARG M 142 -16.18 -21.25 -61.37
CA ARG M 142 -15.58 -22.25 -60.52
C ARG M 142 -16.13 -22.20 -59.09
N ALA M 143 -16.51 -21.01 -58.64
CA ALA M 143 -16.97 -20.83 -57.26
C ALA M 143 -18.17 -21.71 -56.95
N SER M 144 -18.96 -22.04 -57.95
CA SER M 144 -20.14 -22.87 -57.74
C SER M 144 -19.80 -24.27 -58.25
N GLU M 145 -19.53 -25.16 -57.29
CA GLU M 145 -19.42 -26.59 -57.50
C GLU M 145 -19.85 -27.26 -56.21
N PRO M 146 -20.48 -28.43 -56.28
CA PRO M 146 -20.66 -29.20 -55.05
C PRO M 146 -19.37 -29.82 -54.55
N ASP M 147 -18.50 -30.29 -55.46
CA ASP M 147 -17.42 -31.18 -55.10
C ASP M 147 -16.16 -30.40 -54.76
N MET M 148 -15.45 -30.86 -53.73
CA MET M 148 -14.17 -30.27 -53.38
C MET M 148 -13.06 -30.78 -54.30
N GLU M 149 -13.08 -32.06 -54.62
CA GLU M 149 -11.96 -32.66 -55.34
C GLU M 149 -12.00 -32.29 -56.81
N LYS M 150 -13.19 -32.30 -57.42
CA LYS M 150 -13.31 -31.91 -58.81
C LYS M 150 -13.01 -30.43 -59.01
N ARG M 151 -13.04 -29.62 -57.96
CA ARG M 151 -12.58 -28.24 -58.07
C ARG M 151 -11.06 -28.18 -58.10
N VAL M 152 -10.40 -28.60 -57.03
CA VAL M 152 -8.95 -28.55 -56.95
C VAL M 152 -8.33 -29.20 -58.18
N TYR M 153 -8.95 -30.27 -58.66
CA TYR M 153 -8.44 -31.09 -59.75
C TYR M 153 -9.53 -31.26 -60.79
N PRO M 154 -9.73 -30.27 -61.66
CA PRO M 154 -10.86 -30.34 -62.58
C PRO M 154 -10.73 -31.43 -63.62
N GLY M 155 -9.55 -31.61 -64.19
CA GLY M 155 -9.43 -32.53 -65.31
C GLY M 155 -10.20 -31.98 -66.49
N GLY M 156 -11.09 -32.81 -67.03
CA GLY M 156 -11.94 -32.38 -68.13
C GLY M 156 -11.13 -31.85 -69.30
N ALA M 157 -11.49 -30.66 -69.75
CA ALA M 157 -10.79 -30.04 -70.87
C ALA M 157 -9.36 -29.70 -70.53
N PHE M 158 -9.00 -29.65 -69.26
CA PHE M 158 -7.66 -29.28 -68.84
C PHE M 158 -6.70 -30.46 -68.85
N ASP M 159 -7.15 -31.63 -69.27
CA ASP M 159 -6.48 -32.88 -68.96
C ASP M 159 -5.08 -33.13 -69.55
N PRO M 160 -4.77 -32.71 -70.82
CA PRO M 160 -3.96 -33.59 -71.69
C PRO M 160 -2.60 -33.98 -71.12
N ALA M 161 -2.63 -34.79 -70.07
CA ALA M 161 -1.47 -35.31 -69.35
C ALA M 161 -1.94 -36.49 -68.51
N GLY M 162 -1.08 -36.95 -67.60
CA GLY M 162 -1.39 -38.15 -66.85
C GLY M 162 -2.66 -38.07 -66.03
N PHE M 163 -3.61 -38.95 -66.36
CA PHE M 163 -4.91 -39.03 -65.73
C PHE M 163 -5.07 -40.17 -64.73
N SER M 164 -4.06 -41.03 -64.58
CA SER M 164 -4.29 -42.37 -64.06
C SER M 164 -3.40 -42.71 -62.89
N LYS M 165 -3.97 -43.47 -61.94
CA LYS M 165 -3.26 -44.24 -60.92
C LYS M 165 -2.15 -43.47 -60.21
N GLY M 166 -1.01 -44.12 -60.00
CA GLY M 166 0.10 -43.50 -59.32
C GLY M 166 0.71 -42.33 -60.06
N ASN M 167 0.67 -42.35 -61.40
CA ASN M 167 1.25 -41.25 -62.17
C ASN M 167 0.59 -39.93 -61.83
N LEU M 168 -0.74 -39.90 -61.79
CA LEU M 168 -1.41 -38.68 -61.35
C LEU M 168 -1.18 -38.42 -59.87
N ALA M 169 -1.26 -39.47 -59.05
CA ALA M 169 -1.00 -39.32 -57.63
C ALA M 169 0.37 -38.71 -57.39
N GLU M 170 1.37 -39.14 -58.16
CA GLU M 170 2.71 -38.58 -58.01
C GLU M 170 2.77 -37.15 -58.51
N LEU M 171 2.35 -36.93 -59.76
CA LEU M 171 2.29 -35.57 -60.29
C LEU M 171 1.49 -34.67 -59.38
N LYS M 172 0.51 -35.23 -58.66
CA LYS M 172 -0.24 -34.45 -57.69
C LYS M 172 0.69 -33.87 -56.63
N LEU M 173 1.67 -34.65 -56.18
CA LEU M 173 2.65 -34.11 -55.25
C LEU M 173 3.52 -33.06 -55.89
N LYS M 174 3.84 -33.24 -57.17
CA LYS M 174 4.87 -32.40 -57.79
C LYS M 174 4.43 -30.95 -57.85
N GLU M 175 3.15 -30.69 -58.17
CA GLU M 175 2.72 -29.30 -58.23
C GLU M 175 2.61 -28.70 -56.84
N ILE M 176 2.03 -29.44 -55.90
CA ILE M 176 1.93 -28.94 -54.53
C ILE M 176 3.31 -28.57 -54.01
N LYS M 177 4.32 -29.34 -54.38
CA LYS M 177 5.66 -29.06 -53.92
C LYS M 177 6.25 -27.85 -54.65
N ASN M 178 6.17 -27.82 -55.97
CA ASN M 178 6.66 -26.65 -56.70
C ASN M 178 5.93 -25.39 -56.26
N ALA M 179 4.64 -25.50 -55.95
CA ALA M 179 3.89 -24.33 -55.55
C ALA M 179 4.44 -23.74 -54.27
N ARG M 180 4.63 -24.59 -53.25
CA ARG M 180 5.22 -24.13 -52.00
C ARG M 180 6.50 -23.35 -52.26
N LEU M 181 7.40 -23.92 -53.06
CA LEU M 181 8.60 -23.18 -53.45
C LEU M 181 8.24 -21.90 -54.18
N ALA M 182 7.25 -21.97 -55.07
CA ALA M 182 6.89 -20.81 -55.88
C ALA M 182 6.34 -19.69 -55.01
N MET M 183 5.45 -20.01 -54.07
CA MET M 183 4.99 -19.03 -53.11
C MET M 183 6.17 -18.43 -52.35
N PHE M 184 6.94 -19.30 -51.68
CA PHE M 184 8.04 -18.86 -50.85
C PHE M 184 9.01 -17.98 -51.62
N ALA M 185 9.06 -18.09 -52.94
CA ALA M 185 9.82 -17.14 -53.73
C ALA M 185 9.19 -15.76 -53.68
N PHE M 186 7.86 -15.70 -53.84
CA PHE M 186 7.19 -14.42 -53.99
C PHE M 186 7.56 -13.44 -52.89
N VAL M 187 7.68 -13.94 -51.66
CA VAL M 187 8.17 -13.10 -50.57
C VAL M 187 9.55 -12.55 -50.92
N GLY M 188 10.46 -13.43 -51.31
CA GLY M 188 11.79 -13.00 -51.67
C GLY M 188 11.79 -11.95 -52.77
N PHE M 189 10.79 -11.98 -53.64
CA PHE M 189 10.68 -10.92 -54.64
C PHE M 189 10.31 -9.61 -54.00
N VAL M 190 9.33 -9.63 -53.10
CA VAL M 190 8.87 -8.41 -52.46
C VAL M 190 9.93 -7.88 -51.51
N LEU M 191 10.46 -8.74 -50.68
CA LEU M 191 11.21 -8.26 -49.53
C LEU M 191 12.69 -8.04 -49.84
N GLN M 192 13.15 -8.50 -51.00
CA GLN M 192 14.40 -7.98 -51.56
C GLN M 192 14.19 -6.59 -52.15
N TYR M 193 13.14 -6.44 -52.95
CA TYR M 193 12.91 -5.16 -53.63
C TYR M 193 12.71 -4.03 -52.63
N TYR M 194 12.09 -4.33 -51.49
CA TYR M 194 11.96 -3.31 -50.45
C TYR M 194 13.31 -2.98 -49.82
N ALA M 195 14.22 -3.95 -49.78
CA ALA M 195 15.55 -3.72 -49.25
C ALA M 195 16.50 -3.18 -50.31
N THR M 196 16.74 -3.97 -51.34
CA THR M 196 17.67 -3.56 -52.39
C THR M 196 17.14 -2.37 -53.17
N GLY M 197 15.94 -2.51 -53.73
CA GLY M 197 15.40 -1.57 -54.69
C GLY M 197 15.58 -2.00 -56.13
N LYS M 198 16.54 -2.87 -56.40
CA LYS M 198 16.71 -3.46 -57.72
C LYS M 198 15.76 -4.64 -57.91
N GLY M 199 15.49 -4.95 -59.18
CA GLY M 199 14.65 -6.08 -59.51
C GLY M 199 15.26 -7.40 -59.09
N PRO M 200 14.50 -8.49 -59.23
CA PRO M 200 14.95 -9.78 -58.68
C PRO M 200 16.19 -10.33 -59.35
N VAL M 201 16.29 -10.25 -60.67
CA VAL M 201 17.48 -10.77 -61.33
C VAL M 201 18.65 -9.84 -61.11
N GLN M 202 18.43 -8.53 -61.29
CA GLN M 202 19.47 -7.55 -61.01
C GLN M 202 19.99 -7.70 -59.59
N CYS M 203 19.11 -8.07 -58.66
CA CYS M 203 19.53 -8.35 -57.30
C CYS M 203 20.14 -9.74 -57.18
N TRP M 204 19.77 -10.64 -58.08
CA TRP M 204 20.40 -11.96 -58.12
C TRP M 204 21.81 -11.87 -58.67
N THR M 205 21.95 -11.30 -59.88
CA THR M 205 23.23 -11.27 -60.55
C THR M 205 24.31 -10.67 -59.66
N GLU M 206 23.93 -9.71 -58.82
CA GLU M 206 24.89 -9.13 -57.90
C GLU M 206 25.51 -10.19 -57.01
N HIS M 207 24.70 -11.13 -56.55
CA HIS M 207 25.20 -12.10 -55.57
C HIS M 207 26.12 -13.12 -56.22
N ILE M 208 25.76 -13.61 -57.40
CA ILE M 208 26.57 -14.65 -58.03
C ILE M 208 27.92 -14.10 -58.45
N ALA M 209 28.01 -12.80 -58.76
CA ALA M 209 29.30 -12.21 -59.07
C ALA M 209 30.20 -12.15 -57.84
N ASP M 210 29.74 -11.48 -56.79
CA ASP M 210 30.45 -11.48 -55.51
C ASP M 210 29.54 -12.04 -54.44
N PRO M 211 29.78 -13.25 -53.94
CA PRO M 211 28.86 -13.81 -52.94
C PRO M 211 28.98 -13.14 -51.59
N LEU M 212 30.14 -12.60 -51.27
CA LEU M 212 30.40 -11.93 -49.99
C LEU M 212 30.46 -10.44 -50.24
N GLY M 213 29.75 -9.68 -49.40
CA GLY M 213 29.59 -8.27 -49.60
C GLY M 213 28.36 -7.90 -50.42
N ALA M 214 27.87 -8.81 -51.24
CA ALA M 214 26.58 -8.67 -51.91
C ALA M 214 25.47 -9.41 -51.19
N ASN M 215 25.75 -10.03 -50.06
CA ASN M 215 24.81 -10.89 -49.38
C ASN M 215 23.68 -10.05 -48.76
N PHE M 216 22.73 -10.72 -48.11
CA PHE M 216 21.71 -9.93 -47.42
C PHE M 216 22.25 -9.35 -46.14
N ALA M 217 23.17 -10.06 -45.49
CA ALA M 217 23.65 -9.67 -44.17
C ALA M 217 24.10 -8.21 -44.16
N THR M 218 24.78 -7.76 -45.21
CA THR M 218 25.23 -6.38 -45.29
C THR M 218 24.17 -5.60 -46.05
N ASN M 219 23.42 -4.77 -45.32
CA ASN M 219 22.18 -4.20 -45.82
C ASN M 219 21.47 -3.44 -44.71
N GLY M 220 20.33 -2.85 -45.02
CA GLY M 220 19.47 -2.30 -43.99
C GLY M 220 18.45 -3.32 -43.49
N THR M 221 18.76 -4.61 -43.65
CA THR M 221 17.88 -5.68 -43.21
C THR M 221 18.19 -6.16 -41.79
N SER M 222 19.45 -6.56 -41.54
CA SER M 222 19.80 -7.33 -40.36
C SER M 222 19.70 -6.49 -39.10
N LEU M 223 20.60 -5.54 -38.90
CA LEU M 223 20.55 -4.76 -37.67
C LEU M 223 19.41 -3.76 -37.71
N ARG N 43 27.42 -28.06 44.94
CA ARG N 43 28.37 -27.44 44.03
C ARG N 43 28.52 -25.96 44.32
N PRO N 44 29.76 -25.49 44.31
CA PRO N 44 30.02 -24.10 44.69
C PRO N 44 29.55 -23.11 43.64
N VAL N 45 28.27 -22.75 43.70
CA VAL N 45 27.74 -21.80 42.75
C VAL N 45 28.24 -20.40 43.05
N TRP N 46 28.17 -19.54 42.03
CA TRP N 46 28.38 -18.12 42.21
C TRP N 46 27.21 -17.54 43.00
N TYR N 47 27.45 -16.42 43.65
CA TYR N 47 26.42 -15.79 44.47
C TYR N 47 25.86 -16.83 45.41
N PRO N 48 26.62 -17.24 46.43
CA PRO N 48 26.21 -18.38 47.24
C PRO N 48 24.88 -18.13 47.93
N GLY N 49 24.17 -19.21 48.20
CA GLY N 49 22.88 -19.16 48.82
C GLY N 49 21.73 -19.34 47.87
N ASN N 50 21.94 -19.10 46.57
CA ASN N 50 20.92 -19.44 45.62
C ASN N 50 21.10 -20.88 45.14
N SER N 51 20.25 -21.28 44.23
CA SER N 51 20.43 -22.53 43.55
C SER N 51 20.66 -22.26 42.07
N PRO N 52 21.34 -23.16 41.37
CA PRO N 52 21.61 -22.95 39.96
C PRO N 52 20.32 -22.87 39.17
N PRO N 53 20.33 -22.22 37.99
CA PRO N 53 19.17 -22.32 37.12
C PRO N 53 18.91 -23.78 36.85
N GLU N 54 17.65 -24.18 36.96
CA GLU N 54 17.30 -25.59 37.01
C GLU N 54 17.75 -26.35 35.77
N TRP N 55 17.91 -25.67 34.63
CA TRP N 55 18.22 -26.40 33.41
C TRP N 55 19.67 -26.86 33.38
N LEU N 56 20.61 -25.98 33.71
CA LEU N 56 21.99 -26.43 33.81
C LEU N 56 22.34 -26.59 35.29
N ASP N 57 22.31 -27.84 35.75
CA ASP N 57 23.15 -28.30 36.83
C ASP N 57 24.27 -29.19 36.31
N GLY N 58 24.27 -29.45 35.01
CA GLY N 58 24.89 -30.65 34.50
C GLY N 58 26.39 -30.66 34.54
N SER N 59 26.98 -31.58 33.80
CA SER N 59 28.42 -31.70 33.75
C SER N 59 28.90 -30.87 32.58
N LEU N 60 29.52 -29.73 32.89
CA LEU N 60 30.23 -28.92 31.94
C LEU N 60 31.46 -28.48 32.71
N PRO N 61 32.62 -28.42 32.06
CA PRO N 61 33.80 -27.92 32.76
C PRO N 61 33.58 -26.48 33.18
N GLY N 62 33.82 -26.21 34.46
CA GLY N 62 33.63 -24.89 35.00
C GLY N 62 32.19 -24.42 34.96
N ASP N 63 31.26 -25.23 35.45
CA ASP N 63 29.86 -24.85 35.51
C ASP N 63 29.52 -24.43 36.93
N TYR N 64 29.38 -23.13 37.14
CA TYR N 64 29.04 -22.57 38.44
C TYR N 64 27.58 -22.19 38.55
N GLY N 65 26.77 -22.47 37.53
CA GLY N 65 25.38 -22.10 37.60
C GLY N 65 25.17 -20.62 37.42
N TYR N 66 25.83 -20.02 36.45
CA TYR N 66 25.68 -18.61 36.16
C TYR N 66 25.07 -18.49 34.79
N ASP N 67 23.79 -18.17 34.74
CA ASP N 67 23.13 -17.80 33.49
C ASP N 67 22.05 -16.77 33.84
N PRO N 68 22.43 -15.61 34.36
CA PRO N 68 21.42 -14.74 34.97
C PRO N 68 20.44 -14.15 33.97
N LEU N 69 20.76 -14.13 32.69
CA LEU N 69 19.76 -13.81 31.68
C LEU N 69 19.16 -15.05 31.03
N GLY N 70 19.56 -16.24 31.47
CA GLY N 70 18.96 -17.46 30.96
C GLY N 70 19.09 -17.65 29.47
N LEU N 71 20.31 -17.57 28.95
CA LEU N 71 20.54 -17.79 27.54
C LEU N 71 20.94 -19.22 27.21
N ALA N 72 21.08 -20.07 28.21
CA ALA N 72 21.26 -21.49 27.97
C ALA N 72 19.94 -22.24 27.93
N SER N 73 18.81 -21.54 28.04
CA SER N 73 17.52 -22.19 28.17
C SER N 73 17.18 -23.06 26.97
N ASP N 74 17.84 -22.84 25.83
CA ASP N 74 17.58 -23.64 24.64
C ASP N 74 18.61 -24.76 24.61
N PRO N 75 18.21 -26.02 24.81
CA PRO N 75 19.21 -27.09 24.88
C PRO N 75 20.06 -27.22 23.64
N GLU N 76 19.46 -26.99 22.47
CA GLU N 76 20.24 -27.01 21.23
C GLU N 76 21.25 -25.88 21.21
N MET N 77 20.90 -24.75 21.79
CA MET N 77 21.77 -23.59 21.71
C MET N 77 22.90 -23.64 22.72
N LEU N 78 22.72 -24.34 23.84
CA LEU N 78 23.75 -24.35 24.87
C LEU N 78 25.07 -24.86 24.33
N LYS N 79 25.04 -26.00 23.63
CA LYS N 79 26.28 -26.53 23.08
C LYS N 79 26.91 -25.58 22.09
N TRP N 80 26.16 -24.62 21.57
CA TRP N 80 26.71 -23.56 20.74
C TRP N 80 27.38 -22.48 21.57
N TRP N 81 26.87 -22.22 22.76
CA TRP N 81 27.56 -21.26 23.60
C TRP N 81 28.78 -21.86 24.24
N VAL N 82 28.72 -23.14 24.58
CA VAL N 82 29.86 -23.81 25.18
C VAL N 82 31.06 -23.77 24.25
N GLN N 83 30.81 -23.92 22.95
CA GLN N 83 31.90 -23.74 22.01
C GLN N 83 32.29 -22.27 21.92
N ALA N 84 31.29 -21.39 21.90
CA ALA N 84 31.57 -19.95 21.81
C ALA N 84 32.51 -19.51 22.92
N GLU N 85 32.24 -19.93 24.16
CA GLU N 85 33.15 -19.58 25.24
C GLU N 85 34.53 -20.17 25.00
N LEU N 86 34.59 -21.49 24.81
CA LEU N 86 35.87 -22.15 24.61
C LEU N 86 36.71 -21.44 23.56
N VAL N 87 36.09 -20.99 22.48
CA VAL N 87 36.86 -20.30 21.45
C VAL N 87 37.39 -18.97 21.98
N HIS N 88 36.51 -18.14 22.54
CA HIS N 88 36.96 -16.89 23.12
C HIS N 88 38.00 -17.10 24.19
N GLY N 89 37.81 -18.09 25.05
CA GLY N 89 38.81 -18.37 26.07
C GLY N 89 40.16 -18.69 25.47
N ARG N 90 40.17 -19.35 24.31
CA ARG N 90 41.43 -19.68 23.71
C ARG N 90 42.06 -18.50 23.00
N TRP N 91 41.26 -17.64 22.36
CA TRP N 91 41.83 -16.43 21.78
C TRP N 91 42.25 -15.44 22.85
N ALA N 92 41.51 -15.37 23.95
CA ALA N 92 41.92 -14.54 25.07
C ALA N 92 43.32 -14.90 25.53
N MET N 93 43.49 -16.14 26.00
CA MET N 93 44.77 -16.56 26.56
C MET N 93 45.94 -16.33 25.60
N LEU N 94 45.70 -16.39 24.30
CA LEU N 94 46.74 -15.99 23.37
C LEU N 94 46.85 -14.48 23.28
N GLY N 95 45.72 -13.77 23.38
CA GLY N 95 45.78 -12.33 23.25
C GLY N 95 46.50 -11.67 24.42
N THR N 96 46.22 -12.13 25.64
CA THR N 96 46.82 -11.53 26.82
C THR N 96 48.33 -11.59 26.77
N VAL N 97 48.87 -12.79 26.59
CA VAL N 97 50.32 -12.95 26.47
C VAL N 97 50.84 -12.11 25.31
N GLY N 98 50.08 -12.06 24.22
CA GLY N 98 50.51 -11.27 23.08
C GLY N 98 50.59 -9.79 23.39
N MET N 99 49.79 -9.33 24.35
CA MET N 99 49.86 -7.94 24.78
C MET N 99 50.96 -7.73 25.82
N ILE N 100 51.06 -8.63 26.80
CA ILE N 100 51.95 -8.38 27.93
C ILE N 100 53.40 -8.50 27.49
N VAL N 101 53.75 -9.57 26.79
CA VAL N 101 55.16 -9.83 26.50
C VAL N 101 55.81 -8.69 25.73
N PRO N 102 55.28 -8.22 24.60
CA PRO N 102 55.88 -7.03 23.97
C PRO N 102 55.91 -5.84 24.89
N GLY N 103 54.96 -5.70 25.79
CA GLY N 103 55.03 -4.67 26.79
C GLY N 103 56.19 -4.91 27.73
N VAL N 104 56.22 -6.09 28.35
CA VAL N 104 57.29 -6.41 29.28
C VAL N 104 58.64 -6.40 28.57
N ALA N 105 58.66 -6.78 27.29
CA ALA N 105 59.90 -6.67 26.52
C ALA N 105 60.39 -5.24 26.47
N ALA N 106 59.48 -4.26 26.46
CA ALA N 106 59.86 -2.87 26.31
C ALA N 106 60.55 -2.28 27.52
N ARG N 107 60.47 -2.91 28.70
CA ARG N 107 61.20 -2.37 29.84
C ARG N 107 62.70 -2.41 29.62
N ALA N 108 63.20 -3.52 29.10
CA ALA N 108 64.64 -3.67 28.91
C ALA N 108 65.14 -2.95 27.68
N GLY N 109 64.27 -2.23 26.98
CA GLY N 109 64.58 -1.76 25.64
C GLY N 109 64.11 -2.82 24.66
N GLY N 110 64.82 -2.98 23.55
CA GLY N 110 64.37 -3.97 22.59
C GLY N 110 63.22 -3.52 21.74
N ASP N 111 62.89 -2.23 21.76
CA ASP N 111 62.08 -1.52 20.77
C ASP N 111 60.91 -2.31 20.20
N PHE N 112 59.89 -2.56 21.00
CA PHE N 112 58.69 -3.04 20.37
C PHE N 112 57.63 -1.97 20.56
N PRO N 113 56.46 -2.10 19.95
CA PRO N 113 55.41 -1.14 20.25
C PRO N 113 54.54 -1.64 21.38
N GLN N 114 53.55 -0.87 21.79
CA GLN N 114 52.54 -1.47 22.65
C GLN N 114 51.56 -2.22 21.78
N TRP N 115 50.61 -2.92 22.40
CA TRP N 115 49.69 -3.72 21.60
C TRP N 115 48.84 -2.83 20.72
N TYR N 116 48.31 -1.75 21.29
CA TYR N 116 47.77 -0.69 20.45
C TYR N 116 48.90 -0.07 19.66
N ASP N 117 48.58 0.35 18.44
CA ASP N 117 49.57 0.98 17.58
C ASP N 117 50.75 0.07 17.33
N ALA N 118 50.54 -1.24 17.47
CA ALA N 118 51.39 -2.20 16.79
C ALA N 118 50.89 -2.50 15.39
N GLY N 119 49.63 -2.17 15.11
CA GLY N 119 49.14 -2.30 13.74
C GLY N 119 49.85 -1.36 12.80
N LYS N 120 49.89 -0.07 13.16
CA LYS N 120 50.61 0.89 12.33
C LYS N 120 52.05 0.48 12.14
N VAL N 121 52.78 0.31 13.24
CA VAL N 121 54.23 0.15 13.18
C VAL N 121 54.63 -0.93 12.19
N TYR N 122 53.82 -1.96 12.04
CA TYR N 122 54.16 -2.98 11.05
C TYR N 122 53.96 -2.44 9.64
N ILE N 123 52.79 -1.89 9.35
CA ILE N 123 52.56 -1.35 8.01
C ILE N 123 53.15 0.03 7.83
N GLU N 124 53.61 0.66 8.91
CA GLU N 124 54.55 1.76 8.73
C GLU N 124 55.77 1.27 7.96
N ASN N 125 56.38 0.18 8.42
CA ASN N 125 57.51 -0.44 7.76
C ASN N 125 57.09 -1.40 6.67
N SER N 126 55.83 -1.82 6.67
CA SER N 126 55.18 -2.43 5.51
C SER N 126 55.98 -3.54 4.85
N SER N 127 56.39 -3.28 3.61
CA SER N 127 57.05 -4.20 2.68
C SER N 127 56.05 -5.13 2.02
N ILE N 128 54.85 -5.25 2.58
CA ILE N 128 53.73 -5.90 1.89
C ILE N 128 52.48 -5.07 2.17
N PRO N 129 51.58 -4.93 1.20
CA PRO N 129 50.45 -4.01 1.37
C PRO N 129 49.47 -4.52 2.42
N PHE N 130 48.62 -3.60 2.87
CA PHE N 130 47.61 -3.95 3.86
C PHE N 130 46.56 -4.87 3.28
N GLY N 131 46.13 -4.59 2.05
CA GLY N 131 45.09 -5.40 1.44
C GLY N 131 45.47 -6.85 1.31
N ALA N 132 46.68 -7.11 0.80
CA ALA N 132 47.13 -8.48 0.63
C ALA N 132 47.15 -9.23 1.94
N LEU N 133 47.45 -8.55 3.04
CA LEU N 133 47.53 -9.21 4.33
C LEU N 133 46.15 -9.53 4.87
N LEU N 134 45.26 -8.55 4.88
CA LEU N 134 43.91 -8.75 5.40
C LEU N 134 43.14 -9.75 4.55
N MET N 135 43.45 -9.83 3.27
CA MET N 135 42.74 -10.74 2.37
C MET N 135 43.38 -12.11 2.31
N THR N 136 44.58 -12.27 2.86
CA THR N 136 45.12 -13.60 3.12
C THR N 136 44.57 -14.15 4.42
N GLN N 137 44.34 -13.28 5.40
CA GLN N 137 43.56 -13.59 6.58
C GLN N 137 42.28 -14.31 6.17
N VAL N 138 41.36 -13.56 5.55
CA VAL N 138 40.04 -14.06 5.21
C VAL N 138 40.12 -15.35 4.42
N LEU N 139 41.20 -15.53 3.67
CA LEU N 139 41.34 -16.75 2.89
C LEU N 139 41.75 -17.91 3.78
N MET N 140 42.92 -17.81 4.41
CA MET N 140 43.38 -18.90 5.26
C MET N 140 42.53 -19.03 6.50
N MET N 141 42.25 -17.91 7.18
CA MET N 141 41.50 -17.98 8.42
C MET N 141 40.10 -18.49 8.19
N GLY N 142 39.41 -17.96 7.19
CA GLY N 142 38.06 -18.44 6.91
C GLY N 142 38.01 -19.93 6.64
N TRP N 143 39.10 -20.51 6.15
CA TRP N 143 39.13 -21.94 5.90
C TRP N 143 38.97 -22.73 7.19
N SER N 144 39.75 -22.37 8.20
CA SER N 144 39.71 -23.09 9.46
C SER N 144 38.34 -22.98 10.08
N GLU N 145 37.85 -21.75 10.26
CA GLU N 145 36.58 -21.53 10.92
C GLU N 145 35.45 -22.27 10.21
N MET N 146 35.34 -22.06 8.90
CA MET N 146 34.31 -22.76 8.15
C MET N 146 34.56 -24.26 8.10
N MET N 147 35.79 -24.69 8.39
CA MET N 147 36.02 -26.11 8.66
C MET N 147 35.66 -26.47 10.09
N ARG N 148 36.05 -25.63 11.04
CA ARG N 148 35.72 -25.87 12.44
C ARG N 148 34.21 -25.95 12.63
N TYR N 149 33.45 -25.33 11.74
CA TYR N 149 32.02 -25.26 11.92
C TYR N 149 31.35 -26.57 11.55
N TYR N 150 31.69 -27.13 10.39
CA TYR N 150 30.98 -28.33 9.97
C TYR N 150 31.40 -29.58 10.72
N GLU N 151 32.40 -29.50 11.58
CA GLU N 151 32.53 -30.56 12.55
C GLU N 151 31.60 -30.35 13.72
N PHE N 152 31.29 -29.10 14.06
CA PHE N 152 30.28 -28.85 15.08
C PHE N 152 28.90 -29.23 14.60
N VAL N 153 28.56 -28.84 13.37
CA VAL N 153 27.27 -29.21 12.80
C VAL N 153 27.13 -30.71 12.79
N SER N 154 27.92 -31.39 11.97
CA SER N 154 27.93 -32.85 11.91
C SER N 154 29.29 -33.36 12.34
N PRO N 155 29.41 -33.95 13.52
CA PRO N 155 30.74 -34.36 14.00
C PRO N 155 31.37 -35.48 13.21
N GLY N 156 30.59 -36.21 12.40
CA GLY N 156 31.17 -37.33 11.69
C GLY N 156 32.17 -36.92 10.63
N SER N 157 31.84 -35.90 9.86
CA SER N 157 32.65 -35.51 8.72
C SER N 157 33.90 -34.79 9.23
N GLN N 158 34.64 -34.18 8.31
CA GLN N 158 35.90 -33.52 8.64
C GLN N 158 36.86 -34.54 9.23
N GLY N 159 37.45 -35.38 8.40
CA GLY N 159 38.20 -36.53 8.87
C GLY N 159 37.57 -37.87 8.55
N THR N 160 36.43 -37.90 7.86
CA THR N 160 36.13 -39.09 7.08
C THR N 160 37.26 -39.38 6.13
N GLY N 161 37.84 -38.34 5.57
CA GLY N 161 38.96 -38.47 4.66
C GLY N 161 38.86 -37.39 3.61
N SER N 162 39.64 -37.59 2.56
CA SER N 162 39.54 -36.78 1.34
C SER N 162 39.69 -35.30 1.61
N PHE N 163 40.35 -34.95 2.70
CA PHE N 163 41.12 -33.71 2.78
C PHE N 163 42.55 -34.18 2.94
N MET N 164 43.30 -34.23 1.84
CA MET N 164 44.68 -34.68 1.85
C MET N 164 44.89 -35.88 2.76
N GLY N 165 43.98 -36.84 2.73
CA GLY N 165 44.03 -37.90 3.73
C GLY N 165 43.73 -37.35 5.11
N PHE N 166 44.66 -37.53 6.04
CA PHE N 166 44.56 -36.96 7.39
C PHE N 166 43.30 -37.39 8.12
N THR N 167 42.89 -38.63 7.91
CA THR N 167 41.83 -39.21 8.72
C THR N 167 42.28 -39.25 10.17
N GLU N 168 41.32 -39.04 11.08
CA GLU N 168 41.49 -39.25 12.52
C GLU N 168 42.30 -38.15 13.17
N ALA N 169 43.02 -37.36 12.36
CA ALA N 169 43.61 -36.16 12.92
C ALA N 169 42.57 -35.07 13.07
N PHE N 170 41.66 -34.98 12.11
CA PHE N 170 40.57 -34.02 12.16
C PHE N 170 39.26 -34.63 12.65
N ALA N 171 39.23 -35.93 12.92
CA ALA N 171 37.97 -36.59 13.22
C ALA N 171 37.31 -36.00 14.46
N GLY N 172 38.09 -35.44 15.37
CA GLY N 172 37.53 -34.85 16.56
C GLY N 172 37.30 -35.89 17.63
N THR N 173 37.40 -35.50 18.89
CA THR N 173 37.29 -36.44 19.99
C THR N 173 35.88 -36.49 20.57
N GLY N 174 34.94 -35.76 19.99
CA GLY N 174 33.53 -35.90 20.29
C GLY N 174 32.94 -34.82 21.17
N GLU N 175 33.74 -34.14 21.97
CA GLU N 175 33.27 -33.00 22.73
C GLU N 175 33.15 -31.76 21.85
N ASN N 176 32.39 -30.78 22.34
CA ASN N 176 32.14 -29.56 21.59
C ASN N 176 33.39 -28.87 21.10
N GLY N 177 34.16 -28.28 22.00
CA GLY N 177 35.26 -27.46 21.55
C GLY N 177 36.61 -28.14 21.61
N TYR N 178 36.63 -29.47 21.70
CA TYR N 178 37.90 -30.16 21.81
C TYR N 178 38.11 -31.01 20.57
N PRO N 179 38.96 -30.58 19.64
CA PRO N 179 39.25 -31.46 18.51
C PRO N 179 40.09 -32.66 18.87
N GLY N 180 41.12 -32.49 19.69
CA GLY N 180 42.08 -33.58 19.85
C GLY N 180 42.81 -33.86 18.56
N GLY N 181 43.52 -34.98 18.54
CA GLY N 181 44.15 -35.44 17.31
C GLY N 181 45.64 -35.19 17.23
N ARG N 182 46.18 -35.46 16.04
CA ARG N 182 47.62 -35.38 15.83
C ARG N 182 48.09 -33.94 15.82
N PHE N 183 47.51 -33.10 14.95
CA PHE N 183 47.99 -31.74 14.79
C PHE N 183 47.64 -30.87 15.99
N PHE N 184 46.37 -30.82 16.35
CA PHE N 184 45.90 -29.94 17.41
C PHE N 184 46.38 -30.38 18.77
N ASP N 185 46.92 -31.58 18.87
CA ASP N 185 47.30 -32.18 20.14
C ASP N 185 48.59 -32.97 19.92
N PRO N 186 49.70 -32.27 19.69
CA PRO N 186 50.93 -32.98 19.34
C PRO N 186 51.54 -33.78 20.46
N PHE N 187 51.33 -33.39 21.71
CA PHE N 187 51.94 -34.12 22.81
C PHE N 187 51.13 -35.32 23.26
N GLY N 188 50.03 -35.62 22.58
CA GLY N 188 49.30 -36.84 22.87
C GLY N 188 48.62 -36.78 24.21
N LEU N 189 48.58 -35.59 24.79
CA LEU N 189 47.84 -35.37 26.01
C LEU N 189 46.35 -35.53 25.70
N ALA N 190 45.54 -35.66 26.74
CA ALA N 190 44.10 -35.90 26.57
C ALA N 190 43.83 -37.24 25.91
N LYS N 191 44.80 -38.14 25.97
CA LYS N 191 44.71 -39.50 25.46
C LYS N 191 44.75 -40.49 26.61
N GLY N 192 45.77 -40.38 27.45
CA GLY N 192 45.84 -41.14 28.68
C GLY N 192 44.82 -40.63 29.68
N ASP N 193 45.11 -40.77 30.98
CA ASP N 193 44.10 -40.87 32.02
C ASP N 193 43.02 -39.82 31.85
N PRO N 194 41.75 -40.23 31.73
CA PRO N 194 40.67 -39.24 31.61
C PRO N 194 40.44 -38.45 32.88
N ALA N 195 40.58 -39.08 34.05
CA ALA N 195 40.42 -38.33 35.29
C ALA N 195 41.36 -37.15 35.36
N LYS N 196 42.55 -37.27 34.77
CA LYS N 196 43.44 -36.11 34.66
C LYS N 196 42.98 -35.18 33.57
N LEU N 197 42.32 -35.69 32.54
CA LEU N 197 41.87 -34.85 31.44
C LEU N 197 40.77 -33.90 31.89
N GLN N 198 39.67 -34.45 32.42
CA GLN N 198 38.58 -33.63 32.91
C GLN N 198 39.07 -32.57 33.86
N GLU N 199 40.21 -32.80 34.48
CA GLU N 199 40.82 -31.87 35.41
C GLU N 199 41.59 -30.77 34.68
N TYR N 200 42.02 -31.02 33.44
CA TYR N 200 42.51 -29.93 32.62
C TYR N 200 41.39 -29.09 32.06
N LYS N 201 40.36 -29.75 31.51
CA LYS N 201 39.24 -29.03 30.90
C LYS N 201 38.66 -28.00 31.85
N VAL N 202 38.78 -28.23 33.15
CA VAL N 202 38.36 -27.23 34.12
C VAL N 202 39.37 -26.09 34.17
N LYS N 203 40.66 -26.43 34.23
CA LYS N 203 41.70 -25.41 34.27
C LYS N 203 41.63 -24.50 33.05
N GLU N 204 41.40 -25.09 31.87
CA GLU N 204 41.42 -24.32 30.64
C GLU N 204 40.37 -23.24 30.66
N ILE N 205 39.16 -23.57 31.09
CA ILE N 205 38.10 -22.57 31.15
C ILE N 205 38.43 -21.51 32.18
N LYS N 206 38.67 -21.93 33.42
CA LYS N 206 38.91 -20.99 34.49
C LYS N 206 40.09 -20.07 34.20
N ASN N 207 41.08 -20.57 33.47
CA ASN N 207 42.16 -19.69 33.03
C ASN N 207 41.72 -18.85 31.85
N GLY N 208 40.78 -19.35 31.07
CA GLY N 208 40.20 -18.59 29.98
C GLY N 208 39.28 -17.51 30.46
N ARG N 209 38.36 -17.82 31.39
CA ARG N 209 37.46 -16.78 31.87
C ARG N 209 38.24 -15.62 32.46
N LEU N 210 39.41 -15.90 33.02
CA LEU N 210 40.24 -14.83 33.57
C LEU N 210 40.96 -14.07 32.49
N ALA N 211 41.37 -14.76 31.41
CA ALA N 211 42.05 -14.09 30.34
C ALA N 211 41.12 -13.14 29.60
N MET N 212 39.86 -13.54 29.43
CA MET N 212 38.87 -12.63 28.88
C MET N 212 38.72 -11.42 29.77
N PHE N 213 38.37 -11.66 31.04
CA PHE N 213 38.09 -10.57 31.97
C PHE N 213 39.30 -9.67 32.20
N SER N 214 40.51 -10.18 32.01
CA SER N 214 41.66 -9.29 31.99
C SER N 214 41.75 -8.56 30.67
N CYS N 215 41.56 -9.26 29.56
CA CYS N 215 41.61 -8.64 28.26
C CYS N 215 40.51 -7.61 28.07
N LEU N 216 39.49 -7.62 28.92
CA LEU N 216 38.62 -6.47 28.99
C LEU N 216 39.29 -5.31 29.70
N GLY N 217 40.22 -5.61 30.60
CA GLY N 217 40.93 -4.54 31.28
C GLY N 217 41.94 -3.86 30.37
N TYR N 218 42.66 -4.63 29.57
CA TYR N 218 43.62 -4.06 28.64
C TYR N 218 42.96 -3.02 27.75
N TYR N 219 41.77 -3.32 27.25
CA TYR N 219 41.06 -2.36 26.44
C TYR N 219 40.66 -1.15 27.24
N ALA N 220 39.94 -1.37 28.34
CA ALA N 220 39.36 -0.27 29.09
C ALA N 220 40.43 0.60 29.71
N GLN N 221 41.49 0.01 30.24
CA GLN N 221 42.49 0.87 30.85
C GLN N 221 43.46 1.44 29.84
N TYR N 222 43.36 1.03 28.58
CA TYR N 222 44.02 1.79 27.52
C TYR N 222 43.22 3.03 27.17
N ALA N 223 41.91 2.89 26.99
CA ALA N 223 41.10 4.02 26.59
C ALA N 223 41.14 5.16 27.59
N ALA N 224 41.53 4.87 28.83
CA ALA N 224 41.57 5.91 29.87
C ALA N 224 42.98 6.46 30.02
N THR N 225 43.92 5.63 30.46
CA THR N 225 45.26 6.13 30.75
C THR N 225 46.10 6.29 29.50
N GLY N 226 45.71 5.66 28.40
CA GLY N 226 46.47 5.77 27.17
C GLY N 226 47.90 5.31 27.33
N LYS N 227 48.09 4.12 27.87
CA LYS N 227 49.44 3.61 28.03
C LYS N 227 49.37 2.10 28.19
N GLY N 228 50.52 1.46 28.01
CA GLY N 228 50.57 0.02 27.92
C GLY N 228 50.14 -0.71 29.17
N PRO N 229 49.88 -2.02 29.03
CA PRO N 229 49.43 -2.80 30.18
C PRO N 229 50.49 -2.97 31.25
N VAL N 230 51.75 -3.20 30.86
CA VAL N 230 52.80 -3.33 31.86
C VAL N 230 53.28 -1.98 32.35
N ASP N 231 53.13 -0.94 31.55
CA ASP N 231 53.36 0.41 32.05
C ASP N 231 52.46 0.71 33.24
N ASN N 232 51.17 0.39 33.10
CA ASN N 232 50.25 0.56 34.21
C ASN N 232 50.61 -0.35 35.37
N TRP N 233 51.09 -1.55 35.07
CA TRP N 233 51.46 -2.47 36.13
C TRP N 233 52.69 -2.00 36.88
N PHE N 234 53.52 -1.16 36.26
CA PHE N 234 54.56 -0.44 37.00
C PHE N 234 54.04 0.85 37.62
N ASP N 235 53.20 1.59 36.88
CA ASP N 235 52.75 2.87 37.39
C ASP N 235 52.01 2.71 38.71
N HIS N 236 51.18 1.68 38.83
CA HIS N 236 50.50 1.48 40.08
C HIS N 236 51.37 0.82 41.13
N ILE N 237 52.42 0.11 40.71
CA ILE N 237 53.32 -0.48 41.69
C ILE N 237 54.36 0.53 42.18
N ALA N 238 54.46 1.69 41.53
CA ALA N 238 55.44 2.69 41.92
C ALA N 238 54.85 3.71 42.90
N ASP N 239 53.87 4.49 42.44
CA ASP N 239 53.10 5.40 43.28
C ASP N 239 51.66 4.91 43.27
N PRO N 240 51.34 3.92 44.10
CA PRO N 240 49.99 3.36 44.05
C PRO N 240 48.90 4.37 44.32
N PHE N 241 49.22 5.45 45.01
CA PHE N 241 48.18 6.29 45.55
C PHE N 241 47.63 7.25 44.51
N HIS N 242 48.50 7.86 43.71
CA HIS N 242 48.07 8.82 42.71
C HIS N 242 47.88 8.20 41.33
N ASN N 243 48.21 6.92 41.16
CA ASN N 243 48.04 6.22 39.91
C ASN N 243 46.75 5.40 39.86
N THR N 244 45.92 5.46 40.88
CA THR N 244 44.79 4.56 40.96
C THR N 244 43.76 4.91 39.89
N CYS N 245 42.66 4.16 39.90
CA CYS N 245 41.66 4.32 38.84
C CYS N 245 40.99 5.69 38.90
N ALA N 246 40.66 6.16 40.10
CA ALA N 246 39.97 7.43 40.21
C ALA N 246 40.80 8.60 39.70
N THR N 247 42.10 8.42 39.52
CA THR N 247 42.97 9.51 39.12
C THR N 247 43.26 9.55 37.63
N ASN N 248 42.66 8.66 36.84
CA ASN N 248 42.89 8.74 35.40
C ASN N 248 42.10 9.87 34.74
N GLY N 249 41.17 10.49 35.46
CA GLY N 249 40.41 11.60 34.93
C GLY N 249 39.40 11.25 33.86
N VAL N 250 39.22 9.98 33.54
CA VAL N 250 38.22 9.55 32.57
C VAL N 250 37.20 8.69 33.29
N SER N 251 37.66 7.61 33.92
CA SER N 251 36.76 6.73 34.64
C SER N 251 35.90 7.49 35.64
N VAL N 252 36.45 8.51 36.28
CA VAL N 252 35.67 9.26 37.26
C VAL N 252 35.53 10.70 36.80
N PRO N 253 34.58 11.00 35.92
CA PRO N 253 34.41 12.37 35.45
C PRO N 253 33.90 13.28 36.57
N PHE N 254 34.05 14.56 36.35
CA PHE N 254 33.60 15.53 37.34
C PHE N 254 32.65 16.53 36.69
N LYS O 54 2.78 -4.47 80.85
CA LYS O 54 2.61 -4.12 79.45
C LYS O 54 2.94 -2.65 79.16
N ASP O 55 2.29 -1.74 79.88
CA ASP O 55 2.50 -0.30 79.75
C ASP O 55 2.61 0.12 78.29
N THR O 56 1.53 -0.03 77.53
CA THR O 56 1.55 0.44 76.16
C THR O 56 1.44 1.95 76.17
N LEU O 57 0.26 2.45 76.54
CA LEU O 57 -0.08 3.85 76.35
C LEU O 57 0.34 4.16 74.91
N PHE O 58 1.22 5.14 74.72
CA PHE O 58 1.93 5.32 73.45
C PHE O 58 1.00 5.12 72.25
N PHE O 59 -0.17 5.73 72.34
CA PHE O 59 -1.09 5.83 71.23
C PHE O 59 -1.61 4.46 70.79
N ALA O 60 -1.63 3.50 71.71
CA ALA O 60 -2.14 2.18 71.40
C ALA O 60 -3.56 2.27 70.88
N ASP O 61 -3.85 1.51 69.85
CA ASP O 61 -5.15 1.55 69.18
C ASP O 61 -5.93 0.30 69.53
N GLU O 62 -7.16 0.22 69.00
CA GLU O 62 -7.93 -1.01 69.13
C GLU O 62 -7.36 -2.09 68.23
N ASN O 63 -7.13 -1.76 66.96
CA ASN O 63 -6.49 -2.70 66.04
C ASN O 63 -5.04 -2.92 66.41
N SER O 64 -4.31 -1.84 66.71
CA SER O 64 -2.86 -1.94 66.87
C SER O 64 -2.49 -2.90 68.00
N LEU O 65 -3.35 -3.08 68.98
CA LEU O 65 -3.06 -3.97 70.09
C LEU O 65 -3.54 -5.39 69.83
N THR O 66 -4.35 -5.60 68.79
CA THR O 66 -4.94 -6.91 68.53
C THR O 66 -3.87 -7.95 68.24
N TYR O 67 -3.13 -7.74 67.15
CA TYR O 67 -2.06 -8.66 66.78
C TYR O 67 -0.78 -8.36 67.54
N LEU O 68 -0.51 -7.09 67.79
CA LEU O 68 0.75 -6.66 68.39
C LEU O 68 0.49 -6.39 69.86
N ASP O 69 0.97 -7.26 70.73
CA ASP O 69 0.71 -7.06 72.15
C ASP O 69 1.96 -7.07 73.02
N GLY O 70 2.43 -8.25 73.40
CA GLY O 70 3.56 -8.37 74.30
C GLY O 70 4.81 -9.00 73.72
N THR O 71 4.80 -9.27 72.42
CA THR O 71 5.75 -10.21 71.84
C THR O 71 7.08 -9.54 71.47
N LEU O 72 7.07 -8.73 70.44
CA LEU O 72 8.31 -8.27 69.83
C LEU O 72 9.09 -7.39 70.81
N PRO O 73 10.39 -7.59 70.95
CA PRO O 73 11.17 -6.77 71.86
C PRO O 73 11.01 -5.30 71.55
N GLY O 74 10.70 -4.52 72.59
CA GLY O 74 10.47 -3.11 72.42
C GLY O 74 9.13 -2.75 71.84
N ASP O 75 8.09 -3.54 72.10
CA ASP O 75 6.77 -3.26 71.56
C ASP O 75 5.98 -2.44 72.59
N TYR O 76 5.73 -1.19 72.27
CA TYR O 76 4.90 -0.34 73.09
C TYR O 76 3.47 -0.26 72.59
N GLY O 77 3.14 -1.01 71.56
CA GLY O 77 1.81 -0.89 71.00
C GLY O 77 1.59 0.40 70.27
N PHE O 78 2.65 1.09 69.90
CA PHE O 78 2.54 2.26 69.05
C PHE O 78 2.70 1.80 67.62
N ASP O 79 1.58 1.68 66.92
CA ASP O 79 1.58 1.28 65.52
C ASP O 79 0.41 1.97 64.83
N PRO O 80 0.45 3.31 64.68
CA PRO O 80 -0.70 4.08 64.20
C PRO O 80 -1.23 3.68 62.82
N PHE O 81 -0.35 3.37 61.87
CA PHE O 81 -0.80 3.02 60.51
C PHE O 81 -1.00 1.50 60.36
N GLY O 82 -0.81 0.71 61.43
CA GLY O 82 -0.95 -0.71 61.22
C GLY O 82 -0.14 -1.24 60.07
N LEU O 83 1.17 -1.00 60.08
CA LEU O 83 2.02 -1.56 59.04
C LEU O 83 2.33 -3.02 59.33
N LEU O 84 3.11 -3.28 60.37
CA LEU O 84 3.19 -4.64 60.89
C LEU O 84 1.77 -5.10 61.19
N GLU O 85 1.40 -6.27 60.70
CA GLU O 85 -0.02 -6.59 60.62
C GLU O 85 -0.23 -8.10 60.63
N PRO O 86 -1.47 -8.59 60.63
CA PRO O 86 -1.70 -10.04 60.68
C PRO O 86 -1.57 -10.75 59.34
N GLY O 87 -0.46 -10.50 58.65
CA GLY O 87 -0.20 -11.22 57.40
C GLY O 87 -1.30 -11.11 56.38
N ASN O 88 -1.98 -9.97 56.32
CA ASN O 88 -2.98 -9.77 55.29
C ASN O 88 -2.35 -9.59 53.91
N GLY O 89 -1.10 -9.17 53.86
CA GLY O 89 -0.36 -9.12 52.62
C GLY O 89 1.10 -9.36 52.91
N ASP O 90 1.83 -9.79 51.88
CA ASP O 90 3.19 -10.26 52.07
C ASP O 90 3.98 -9.89 50.81
N VAL O 91 5.15 -10.51 50.66
CA VAL O 91 6.02 -10.40 49.50
C VAL O 91 6.31 -8.94 49.15
N GLY O 92 6.55 -8.14 50.15
CA GLY O 92 6.93 -6.77 49.89
C GLY O 92 7.81 -6.26 50.99
N PHE O 93 8.17 -4.99 50.92
CA PHE O 93 8.93 -4.36 51.97
C PHE O 93 8.06 -3.87 53.11
N ILE O 94 6.76 -4.16 53.06
CA ILE O 94 5.87 -3.88 54.17
C ILE O 94 5.23 -5.19 54.59
N ASN O 95 5.59 -5.67 55.77
CA ASN O 95 5.14 -6.91 56.39
C ASN O 95 5.91 -7.14 57.67
N PRO O 96 5.40 -7.93 58.60
CA PRO O 96 6.11 -8.14 59.87
C PRO O 96 7.50 -8.72 59.71
N SER O 97 7.75 -9.51 58.66
CA SER O 97 9.05 -10.14 58.51
C SER O 97 10.12 -9.11 58.19
N TRP O 98 9.79 -8.12 57.37
CA TRP O 98 10.78 -7.14 56.94
C TRP O 98 10.88 -5.99 57.94
N LEU O 99 9.78 -5.28 58.15
CA LEU O 99 9.80 -4.03 58.88
C LEU O 99 10.49 -4.17 60.23
N ARG O 100 10.32 -5.32 60.89
CA ARG O 100 11.09 -5.56 62.11
C ARG O 100 12.57 -5.58 61.82
N TYR O 101 12.96 -6.12 60.68
CA TYR O 101 14.36 -6.37 60.41
C TYR O 101 15.08 -5.14 59.89
N SER O 102 14.36 -4.21 59.26
CA SER O 102 14.99 -2.92 58.96
C SER O 102 15.01 -2.02 60.18
N GLU O 103 14.05 -2.18 61.09
CA GLU O 103 14.05 -1.40 62.31
C GLU O 103 15.29 -1.68 63.12
N VAL O 104 15.63 -2.96 63.29
CA VAL O 104 16.83 -3.32 64.03
C VAL O 104 18.07 -2.79 63.33
N ILE O 105 18.17 -3.00 62.02
CA ILE O 105 19.36 -2.59 61.30
C ILE O 105 19.53 -1.08 61.33
N HIS O 106 18.46 -0.33 61.05
CA HIS O 106 18.53 1.11 61.21
C HIS O 106 18.97 1.48 62.61
N GLY O 107 18.53 0.72 63.60
CA GLY O 107 18.97 0.99 64.96
C GLY O 107 20.48 0.87 65.09
N ARG O 108 21.04 -0.20 64.57
CA ARG O 108 22.44 -0.48 64.83
C ARG O 108 23.33 0.56 64.14
N PHE O 109 23.10 0.82 62.85
CA PHE O 109 23.84 1.87 62.18
C PHE O 109 23.72 3.19 62.91
N ALA O 110 22.52 3.54 63.34
CA ALA O 110 22.34 4.77 64.09
C ALA O 110 23.29 4.82 65.27
N MET O 111 23.27 3.76 66.08
CA MET O 111 24.22 3.64 67.18
C MET O 111 25.64 3.89 66.70
N LEU O 112 26.02 3.22 65.62
CA LEU O 112 27.37 3.43 65.10
C LEU O 112 27.49 4.79 64.44
N GLY O 113 26.39 5.31 63.91
CA GLY O 113 26.43 6.66 63.37
C GLY O 113 26.60 7.70 64.45
N ALA O 114 25.69 7.69 65.44
CA ALA O 114 25.72 8.71 66.48
C ALA O 114 27.05 8.70 67.21
N ALA O 115 27.49 7.53 67.63
CA ALA O 115 28.78 7.44 68.32
C ALA O 115 29.94 7.85 67.43
N GLY O 116 29.79 7.78 66.12
CA GLY O 116 30.88 8.11 65.23
C GLY O 116 30.90 9.56 64.80
N CYS O 117 29.74 10.21 64.86
CA CYS O 117 29.68 11.62 64.51
C CYS O 117 30.20 12.50 65.64
N ILE O 118 29.93 12.10 66.88
CA ILE O 118 30.30 12.91 68.04
C ILE O 118 31.74 12.70 68.46
N THR O 119 32.21 11.45 68.46
CA THR O 119 33.48 11.13 69.10
C THR O 119 34.66 11.93 68.56
N PRO O 120 34.86 12.06 67.25
CA PRO O 120 35.95 12.93 66.79
C PRO O 120 35.77 14.37 67.20
N GLU O 121 34.54 14.85 67.28
CA GLU O 121 34.33 16.23 67.68
C GLU O 121 34.76 16.45 69.12
N ILE O 122 34.46 15.51 70.00
CA ILE O 122 34.82 15.65 71.40
C ILE O 122 36.32 15.52 71.60
N LEU O 123 36.90 14.42 71.12
CA LEU O 123 38.28 14.11 71.47
C LEU O 123 39.23 15.22 71.08
N SER O 124 38.91 15.96 70.02
CA SER O 124 39.74 17.13 69.70
C SER O 124 39.40 18.30 70.60
N SER O 125 38.12 18.45 70.96
CA SER O 125 37.75 19.54 71.86
C SER O 125 38.45 19.41 73.20
N LEU O 126 38.56 18.19 73.72
CA LEU O 126 39.28 17.98 74.97
C LEU O 126 40.78 18.15 74.80
N GLY O 127 41.26 18.32 73.57
CA GLY O 127 42.69 18.42 73.34
C GLY O 127 43.41 17.10 73.45
N VAL O 128 42.88 16.05 72.84
CA VAL O 128 43.47 14.72 72.95
C VAL O 128 44.07 14.34 71.60
N ILE O 129 43.20 14.16 70.60
CA ILE O 129 43.66 13.89 69.24
C ILE O 129 43.88 15.24 68.56
N PRO O 130 44.67 15.31 67.50
CA PRO O 130 44.95 16.62 66.89
C PRO O 130 43.71 17.24 66.26
N GLU O 131 43.79 18.56 66.09
CA GLU O 131 42.63 19.32 65.64
C GLU O 131 42.30 19.05 64.18
N SER O 132 43.32 18.87 63.34
CA SER O 132 43.09 18.64 61.92
C SER O 132 42.14 17.48 61.69
N THR O 133 42.10 16.52 62.62
CA THR O 133 41.20 15.39 62.54
C THR O 133 39.93 15.57 63.35
N GLY O 134 39.75 16.74 63.98
CA GLY O 134 38.54 17.00 64.75
C GLY O 134 37.47 17.61 63.88
N ILE O 135 37.58 17.38 62.58
CA ILE O 135 36.60 17.86 61.62
C ILE O 135 35.21 17.42 62.04
N VAL O 136 34.26 18.37 61.95
CA VAL O 136 32.86 18.08 62.26
C VAL O 136 32.34 17.05 61.26
N TRP O 137 31.38 16.24 61.71
CA TRP O 137 31.12 14.98 61.02
C TRP O 137 30.70 15.18 59.59
N TYR O 138 29.96 16.24 59.29
CA TYR O 138 29.52 16.45 57.92
C TYR O 138 30.55 17.19 57.08
N ARG O 139 31.57 17.74 57.70
CA ARG O 139 32.66 18.41 56.99
C ARG O 139 33.84 17.49 56.75
N ASN O 140 33.69 16.20 57.05
CA ASN O 140 34.77 15.23 56.93
C ASN O 140 35.23 15.02 55.49
N GLY O 141 34.55 15.61 54.52
CA GLY O 141 34.80 15.32 53.13
C GLY O 141 33.78 14.40 52.52
N VAL O 142 32.82 13.92 53.29
CA VAL O 142 31.73 13.14 52.74
C VAL O 142 30.86 14.01 51.85
N ILE O 143 30.71 15.29 52.21
CA ILE O 143 29.86 16.20 51.44
C ILE O 143 30.73 17.33 50.94
N PRO O 144 31.32 17.21 49.75
CA PRO O 144 32.27 18.21 49.27
C PRO O 144 31.67 19.60 49.22
N PRO O 145 30.40 19.78 48.84
CA PRO O 145 29.82 21.12 48.90
C PRO O 145 29.95 21.76 50.26
N ALA O 146 29.89 20.98 51.33
CA ALA O 146 30.05 21.48 52.68
C ALA O 146 31.50 21.48 53.11
N GLY O 147 32.42 21.18 52.22
CA GLY O 147 33.83 21.16 52.53
C GLY O 147 34.40 19.76 52.53
N SER O 148 35.70 19.68 52.28
CA SER O 148 36.43 18.43 52.18
C SER O 148 37.66 18.51 53.05
N SER O 149 37.90 17.46 53.84
CA SER O 149 38.96 17.50 54.84
C SER O 149 40.33 17.16 54.26
N ASP O 150 40.40 16.21 53.33
CA ASP O 150 41.63 15.82 52.63
C ASP O 150 42.70 15.35 53.61
N VAL O 151 42.31 14.89 54.80
CA VAL O 151 43.27 14.39 55.77
C VAL O 151 43.80 13.03 55.35
N TYR O 152 43.06 12.31 54.53
CA TYR O 152 43.18 10.87 54.39
C TYR O 152 44.41 10.50 53.56
N TRP O 153 44.84 9.26 53.73
CA TRP O 153 46.02 8.77 53.02
C TRP O 153 45.77 8.61 51.52
N VAL O 154 44.51 8.54 51.08
CA VAL O 154 44.19 8.56 49.66
C VAL O 154 42.99 9.46 49.43
N ASP O 155 42.50 9.51 48.20
CA ASP O 155 41.35 10.34 47.90
C ASP O 155 40.07 9.65 48.31
N PRO O 156 38.96 10.37 48.41
CA PRO O 156 37.71 9.73 48.81
C PRO O 156 37.19 8.73 47.81
N TYR O 157 37.42 8.94 46.51
CA TYR O 157 36.85 8.04 45.52
C TYR O 157 37.47 6.65 45.59
N THR O 158 38.77 6.57 45.80
CA THR O 158 39.40 5.26 46.01
C THR O 158 38.79 4.55 47.20
N LEU O 159 38.70 5.24 48.33
CA LEU O 159 38.08 4.68 49.51
C LEU O 159 36.67 4.18 49.22
N PHE O 160 35.97 4.84 48.31
CA PHE O 160 34.61 4.43 48.00
C PHE O 160 34.56 3.23 47.09
N PHE O 161 35.67 2.92 46.41
CA PHE O 161 35.72 1.68 45.63
C PHE O 161 35.92 0.48 46.54
N VAL O 162 36.88 0.57 47.45
CA VAL O 162 37.14 -0.52 48.37
C VAL O 162 35.93 -0.75 49.26
N GLU O 163 35.31 0.33 49.70
CA GLU O 163 34.05 0.23 50.43
C GLU O 163 33.04 -0.58 49.63
N VAL O 164 32.62 -0.05 48.49
CA VAL O 164 31.52 -0.65 47.74
C VAL O 164 31.78 -2.13 47.47
N VAL O 165 33.01 -2.48 47.10
CA VAL O 165 33.34 -3.89 46.95
C VAL O 165 33.16 -4.61 48.27
N ALA O 166 33.95 -4.24 49.28
CA ALA O 166 33.99 -5.00 50.51
C ALA O 166 32.68 -4.88 51.28
N MET O 167 32.06 -3.72 51.26
CA MET O 167 30.80 -3.57 51.98
C MET O 167 29.70 -4.38 51.32
N GLN O 168 29.85 -4.70 50.04
CA GLN O 168 28.84 -5.49 49.36
C GLN O 168 28.96 -6.96 49.70
N PHE O 169 30.19 -7.47 49.84
CA PHE O 169 30.34 -8.81 50.41
C PHE O 169 29.67 -8.91 51.77
N ALA O 170 29.61 -7.82 52.53
CA ALA O 170 28.93 -7.88 53.81
C ALA O 170 27.43 -8.07 53.62
N GLU O 171 26.79 -7.14 52.91
CA GLU O 171 25.33 -7.12 52.94
C GLU O 171 24.66 -8.08 51.96
N LEU O 172 25.16 -8.24 50.74
CA LEU O 172 24.63 -9.31 49.90
C LEU O 172 24.74 -10.66 50.59
N ARG O 173 25.83 -10.87 51.33
CA ARG O 173 25.93 -12.05 52.18
C ARG O 173 24.81 -12.11 53.20
N ARG O 174 24.30 -10.95 53.62
CA ARG O 174 23.33 -10.94 54.71
C ARG O 174 21.92 -11.29 54.22
N LEU O 175 21.55 -10.85 53.01
CA LEU O 175 20.23 -11.18 52.49
C LEU O 175 20.06 -12.68 52.33
N GLN O 176 21.02 -13.33 51.69
CA GLN O 176 20.88 -14.75 51.44
C GLN O 176 20.61 -15.52 52.70
N ASP O 177 20.96 -14.97 53.86
CA ASP O 177 20.53 -15.57 55.10
C ASP O 177 19.10 -15.20 55.44
N TYR O 178 18.64 -14.04 55.00
CA TYR O 178 17.26 -13.66 55.22
C TYR O 178 16.34 -14.34 54.23
N ARG O 179 16.77 -14.47 52.98
CA ARG O 179 15.96 -15.13 51.97
C ARG O 179 16.06 -16.66 52.05
N ASN O 180 17.22 -17.17 52.48
CA ASN O 180 17.45 -18.59 52.65
C ASN O 180 18.01 -18.80 54.04
N PRO O 181 17.17 -19.14 55.03
CA PRO O 181 17.60 -19.05 56.43
C PRO O 181 18.95 -19.66 56.76
N GLY O 182 19.28 -20.83 56.23
CA GLY O 182 20.53 -21.48 56.57
C GLY O 182 21.58 -21.54 55.50
N SER O 183 21.44 -20.78 54.41
CA SER O 183 22.18 -21.10 53.19
C SER O 183 23.62 -20.66 53.24
N MET O 184 23.94 -19.61 53.98
CA MET O 184 25.26 -19.03 53.86
C MET O 184 26.28 -19.74 54.73
N GLY O 185 25.89 -20.81 55.40
CA GLY O 185 26.83 -21.62 56.12
C GLY O 185 27.15 -22.90 55.40
N LYS O 186 26.84 -22.95 54.10
CA LYS O 186 27.00 -24.17 53.32
C LYS O 186 28.18 -24.07 52.36
N GLN O 187 28.07 -23.25 51.32
CA GLN O 187 29.16 -23.12 50.37
C GLN O 187 30.42 -22.61 51.05
N TYR O 188 31.57 -23.04 50.53
CA TYR O 188 32.85 -22.72 51.15
C TYR O 188 33.16 -21.24 51.01
N PHE O 189 33.35 -20.56 52.13
CA PHE O 189 33.92 -19.22 52.13
C PHE O 189 35.02 -19.18 53.17
N LEU O 190 36.28 -19.30 52.72
CA LEU O 190 37.47 -19.19 53.56
C LEU O 190 37.33 -19.88 54.92
N GLY O 191 36.58 -20.97 54.99
CA GLY O 191 36.35 -21.62 56.26
C GLY O 191 35.59 -20.82 57.29
N LEU O 192 35.09 -19.64 56.95
CA LEU O 192 34.38 -18.83 57.93
C LEU O 192 32.92 -19.24 58.11
N GLU O 193 32.43 -20.09 57.20
CA GLU O 193 30.99 -20.49 57.13
C GLU O 193 30.52 -21.14 58.44
N GLY O 194 31.38 -21.89 59.12
CA GLY O 194 30.94 -22.54 60.37
C GLY O 194 30.46 -21.53 61.39
N VAL O 195 31.17 -20.41 61.54
CA VAL O 195 30.76 -19.36 62.52
C VAL O 195 29.85 -18.33 61.84
N LEU O 196 29.71 -18.39 60.51
CA LEU O 196 28.88 -17.40 59.76
C LEU O 196 27.54 -18.03 59.35
N GLY O 197 27.25 -19.24 59.82
CA GLY O 197 25.98 -19.91 59.46
C GLY O 197 24.77 -19.14 59.94
N GLY O 198 24.84 -18.61 61.17
CA GLY O 198 23.73 -17.85 61.77
C GLY O 198 22.75 -18.76 62.49
N SER O 199 21.77 -18.18 63.20
CA SER O 199 20.78 -19.02 63.91
C SER O 199 19.46 -18.26 64.14
N GLY O 200 18.38 -19.00 64.36
CA GLY O 200 17.04 -18.43 64.63
C GLY O 200 16.57 -17.46 63.56
N ASP O 201 16.02 -16.32 64.00
CA ASP O 201 15.49 -15.26 63.08
C ASP O 201 16.66 -14.50 62.46
N PRO O 202 16.44 -13.82 61.31
CA PRO O 202 17.50 -13.06 60.64
C PRO O 202 18.04 -11.89 61.47
N SER O 203 17.16 -11.17 62.18
CA SER O 203 17.58 -9.99 62.96
C SER O 203 18.71 -10.35 63.94
N TYR O 204 18.61 -11.49 64.63
CA TYR O 204 19.68 -11.85 65.58
C TYR O 204 20.45 -13.07 65.05
N PRO O 205 21.71 -12.89 64.59
CA PRO O 205 22.54 -13.97 64.06
C PRO O 205 23.06 -14.98 65.10
N GLY O 206 23.45 -14.50 66.29
CA GLY O 206 24.05 -15.36 67.29
C GLY O 206 25.35 -15.94 66.78
N GLY O 207 25.48 -17.24 66.86
CA GLY O 207 26.67 -17.89 66.37
C GLY O 207 27.87 -17.66 67.27
N ALA O 208 29.02 -18.10 66.78
CA ALA O 208 30.26 -17.96 67.53
C ALA O 208 30.74 -16.52 67.52
N PHE O 209 31.06 -15.99 66.34
CA PHE O 209 31.55 -14.62 66.27
C PHE O 209 30.54 -13.64 66.83
N PHE O 210 29.42 -13.45 66.12
CA PHE O 210 28.58 -12.29 66.35
C PHE O 210 28.20 -12.15 67.81
N ASN O 211 27.93 -13.25 68.49
CA ASN O 211 27.94 -13.24 69.94
C ASN O 211 29.06 -14.17 70.37
N MET O 212 30.20 -13.59 70.70
CA MET O 212 31.29 -14.37 71.27
C MET O 212 31.20 -14.47 72.78
N PHE O 213 30.88 -13.37 73.46
CA PHE O 213 30.85 -13.39 74.92
C PHE O 213 29.62 -14.10 75.46
N ASN O 214 28.71 -14.51 74.59
CA ASN O 214 27.59 -15.36 74.97
C ASN O 214 26.81 -14.74 76.14
N LEU O 215 26.23 -13.60 75.84
CA LEU O 215 25.45 -12.85 76.81
C LEU O 215 23.97 -12.98 76.47
N GLY O 216 23.15 -13.16 77.49
CA GLY O 216 21.76 -13.49 77.31
C GLY O 216 21.45 -14.97 77.36
N LYS O 217 22.30 -15.77 78.01
CA LYS O 217 22.18 -17.22 77.97
C LYS O 217 20.81 -17.71 78.41
N THR O 218 20.31 -17.19 79.51
CA THR O 218 19.21 -17.85 80.21
C THR O 218 17.85 -17.59 79.58
N GLU O 219 17.79 -16.81 78.50
CA GLU O 219 16.56 -16.50 77.78
C GLU O 219 15.64 -15.63 78.63
N GLU O 220 15.95 -15.54 79.92
CA GLU O 220 15.36 -14.51 80.75
C GLU O 220 15.91 -13.15 80.36
N SER O 221 17.24 -13.05 80.29
CA SER O 221 17.89 -11.79 79.96
C SER O 221 17.88 -11.52 78.47
N MET O 222 17.82 -12.57 77.65
CA MET O 222 17.93 -12.40 76.21
C MET O 222 16.88 -11.44 75.69
N LYS O 223 15.61 -11.63 76.09
CA LYS O 223 14.59 -10.65 75.72
C LYS O 223 14.94 -9.28 76.30
N VAL O 224 15.36 -9.24 77.55
CA VAL O 224 15.69 -7.96 78.17
C VAL O 224 16.77 -7.25 77.38
N MET O 225 17.87 -7.96 77.10
CA MET O 225 18.96 -7.35 76.36
C MET O 225 18.50 -6.87 74.99
N LYS O 226 17.59 -7.60 74.35
CA LYS O 226 17.07 -7.14 73.07
C LYS O 226 16.26 -5.88 73.24
N THR O 227 15.28 -5.90 74.15
CA THR O 227 14.52 -4.68 74.45
C THR O 227 15.45 -3.55 74.86
N ARG O 228 16.48 -3.88 75.62
CA ARG O 228 17.47 -2.90 76.00
C ARG O 228 18.26 -2.41 74.79
N GLU O 229 18.35 -3.21 73.74
CA GLU O 229 19.08 -2.82 72.55
C GLU O 229 18.23 -1.96 71.63
N ILE O 230 16.96 -2.32 71.45
CA ILE O 230 16.09 -1.53 70.57
C ILE O 230 15.90 -0.13 71.12
N LYS O 231 15.49 -0.02 72.37
CA LYS O 231 15.26 1.29 72.98
C LYS O 231 16.47 2.19 72.83
N ASN O 232 17.67 1.62 72.76
CA ASN O 232 18.85 2.41 72.44
C ASN O 232 18.97 2.65 70.95
N GLY O 233 18.50 1.72 70.13
CA GLY O 233 18.52 1.96 68.70
C GLY O 233 17.57 3.08 68.30
N ARG O 234 16.33 2.99 68.74
CA ARG O 234 15.35 4.03 68.47
C ARG O 234 15.85 5.39 68.92
N LEU O 235 16.40 5.46 70.14
CA LEU O 235 17.01 6.70 70.59
C LEU O 235 18.17 7.09 69.70
N ALA O 236 18.94 6.12 69.23
CA ALA O 236 20.10 6.45 68.41
C ALA O 236 19.68 7.06 67.08
N MET O 237 18.57 6.58 66.52
CA MET O 237 18.12 7.13 65.25
C MET O 237 17.75 8.60 65.39
N MET O 238 16.84 8.90 66.32
CA MET O 238 16.42 10.28 66.52
C MET O 238 17.62 11.20 66.71
N ALA O 239 18.62 10.73 67.46
CA ALA O 239 19.87 11.46 67.56
C ALA O 239 20.42 11.82 66.19
N MET O 240 20.59 10.82 65.33
CA MET O 240 21.09 11.09 63.99
C MET O 240 20.12 11.97 63.22
N PHE O 241 18.82 11.73 63.35
CA PHE O 241 17.85 12.56 62.67
C PHE O 241 17.98 14.02 63.09
N GLY O 242 18.41 14.25 64.32
CA GLY O 242 18.64 15.62 64.75
C GLY O 242 19.84 16.22 64.07
N PHE O 243 20.96 15.49 64.04
CA PHE O 243 22.20 16.02 63.49
C PHE O 243 21.99 16.64 62.11
N GLY O 244 21.32 15.92 61.22
CA GLY O 244 21.13 16.43 59.88
C GLY O 244 20.41 17.77 59.86
N ALA O 245 19.37 17.91 60.69
CA ALA O 245 18.69 19.19 60.79
C ALA O 245 19.49 20.16 61.64
N GLN O 246 19.99 19.69 62.79
CA GLN O 246 20.70 20.57 63.69
C GLN O 246 21.96 21.13 63.05
N ALA O 247 22.53 20.40 62.09
CA ALA O 247 23.68 20.92 61.34
C ALA O 247 23.26 21.84 60.20
N ILE O 248 22.09 21.62 59.60
CA ILE O 248 21.70 22.51 58.52
C ILE O 248 21.10 23.80 59.07
N LEU O 249 20.39 23.75 60.18
CA LEU O 249 19.84 25.00 60.73
C LEU O 249 20.96 25.87 61.28
N THR O 250 21.78 25.32 62.17
CA THR O 250 22.84 26.10 62.79
C THR O 250 24.01 26.30 61.83
N GLY O 251 24.61 25.21 61.40
CA GLY O 251 25.84 25.29 60.65
C GLY O 251 27.06 24.98 61.47
N LYS O 252 26.90 24.63 62.72
CA LYS O 252 27.99 24.25 63.61
C LYS O 252 27.87 22.78 63.95
N GLY O 253 28.83 22.29 64.73
CA GLY O 253 28.84 20.91 65.12
C GLY O 253 27.71 20.58 66.06
N PRO O 254 27.36 19.29 66.12
CA PRO O 254 26.38 18.87 67.13
C PRO O 254 26.92 18.98 68.54
N TYR O 255 28.20 18.71 68.75
CA TYR O 255 28.76 18.90 70.08
C TYR O 255 28.90 20.38 70.41
N GLN O 256 29.33 21.18 69.43
CA GLN O 256 29.32 22.62 69.59
C GLN O 256 27.93 23.12 69.95
N ASN O 257 26.89 22.48 69.42
CA ASN O 257 25.52 22.85 69.74
C ASN O 257 25.09 22.37 71.12
N LEU O 258 25.85 21.50 71.76
CA LEU O 258 25.55 21.18 73.15
C LEU O 258 26.08 22.26 74.08
N LEU O 259 27.16 22.92 73.70
CA LEU O 259 27.70 23.98 74.53
C LEU O 259 26.86 25.25 74.40
N ASP O 260 26.56 25.65 73.17
CA ASP O 260 25.83 26.89 72.95
C ASP O 260 24.45 26.85 73.60
N HIS O 261 23.86 25.68 73.73
CA HIS O 261 22.59 25.61 74.43
C HIS O 261 22.78 25.55 75.93
N LEU O 262 23.95 25.17 76.41
CA LEU O 262 24.21 25.20 77.84
C LEU O 262 24.89 26.48 78.29
N SER O 263 25.38 27.30 77.36
CA SER O 263 25.94 28.58 77.74
C SER O 263 24.84 29.62 77.94
N ASP O 264 23.81 29.57 77.11
CA ASP O 264 22.70 30.53 77.21
C ASP O 264 21.40 29.79 76.88
N PRO O 265 20.96 28.92 77.79
CA PRO O 265 19.83 28.03 77.45
C PRO O 265 18.56 28.76 77.12
N PHE O 266 18.28 29.86 77.81
CA PHE O 266 17.06 30.60 77.51
C PHE O 266 17.09 31.19 76.13
N ASN O 267 18.28 31.46 75.59
CA ASN O 267 18.38 32.18 74.34
C ASN O 267 18.70 31.24 73.20
N ASN O 268 19.95 30.77 73.11
CA ASN O 268 20.33 29.90 72.00
C ASN O 268 19.43 28.68 71.95
N ASN O 269 18.76 28.51 70.82
CA ASN O 269 17.64 27.58 70.74
C ASN O 269 17.23 27.50 69.28
N ILE O 270 16.15 26.76 69.00
CA ILE O 270 15.61 26.77 67.64
C ILE O 270 14.93 28.10 67.37
N LEU O 271 13.98 28.47 68.22
CA LEU O 271 13.23 29.70 68.03
C LEU O 271 14.13 30.93 68.08
N THR O 272 15.27 30.84 68.73
CA THR O 272 16.28 31.88 68.55
C THR O 272 16.90 31.78 67.17
N ASN O 273 17.36 30.60 66.79
CA ASN O 273 18.16 30.47 65.59
C ASN O 273 17.25 30.10 64.43
N TRP O 274 16.96 31.10 63.60
CA TRP O 274 16.37 30.93 62.28
C TRP O 274 17.24 31.79 61.37
N THR O 275 17.40 33.05 61.74
CA THR O 275 18.19 33.99 60.96
C THR O 275 19.61 33.45 60.76
N SER O 276 19.97 32.36 61.43
CA SER O 276 21.24 31.71 61.15
C SER O 276 21.18 30.96 59.83
N VAL O 277 20.52 29.79 59.80
CA VAL O 277 20.19 29.04 58.58
C VAL O 277 21.33 29.12 57.57
N TYR O 278 22.40 28.38 57.81
CA TYR O 278 23.51 28.33 56.87
C TYR O 278 23.26 27.21 55.87
N GLY O 279 23.06 27.59 54.62
CA GLY O 279 22.82 26.63 53.55
C GLY O 279 21.50 25.91 53.66
N ARG P 41 31.68 -40.95 -0.58
CA ARG P 41 31.58 -40.16 -1.80
C ARG P 41 31.97 -38.72 -1.54
N PRO P 42 32.80 -38.16 -2.42
CA PRO P 42 33.25 -36.77 -2.22
C PRO P 42 32.09 -35.80 -2.23
N ILE P 43 32.19 -34.78 -1.37
CA ILE P 43 31.17 -33.77 -1.21
C ILE P 43 31.83 -32.43 -1.46
N TRP P 44 31.04 -31.42 -1.80
CA TRP P 44 31.64 -30.11 -2.00
C TRP P 44 32.18 -29.55 -0.70
N LEU P 45 31.33 -29.45 0.31
CA LEU P 45 32.00 -29.38 1.61
C LEU P 45 31.57 -30.58 2.43
N PRO P 46 32.49 -31.19 3.18
CA PRO P 46 32.24 -32.53 3.68
C PRO P 46 31.08 -32.65 4.67
N GLY P 47 30.59 -31.56 5.24
CA GLY P 47 29.64 -31.66 6.33
C GLY P 47 28.20 -31.29 6.09
N ALA P 48 27.75 -31.15 4.84
CA ALA P 48 26.47 -30.47 4.71
C ALA P 48 25.25 -31.34 4.40
N ASP P 49 25.00 -31.63 3.12
CA ASP P 49 23.65 -32.03 2.76
C ASP P 49 23.56 -33.23 1.84
N VAL P 50 24.04 -33.07 0.61
CA VAL P 50 23.65 -33.96 -0.50
C VAL P 50 22.13 -33.90 -0.59
N PRO P 51 21.58 -32.85 -1.19
CA PRO P 51 20.14 -32.63 -1.17
C PRO P 51 19.34 -33.87 -1.57
N GLU P 52 18.14 -33.97 -1.00
CA GLU P 52 17.31 -35.16 -1.16
C GLU P 52 17.14 -35.54 -2.62
N TRP P 53 16.70 -34.59 -3.44
CA TRP P 53 16.46 -34.85 -4.86
C TRP P 53 17.73 -35.19 -5.63
N LEU P 54 18.89 -35.07 -5.01
CA LEU P 54 20.16 -35.34 -5.69
C LEU P 54 20.89 -36.45 -4.96
N ASP P 55 20.97 -37.62 -5.58
CA ASP P 55 21.85 -38.66 -5.10
C ASP P 55 23.11 -38.65 -5.96
N GLY P 56 24.02 -39.57 -5.67
CA GLY P 56 25.33 -39.55 -6.30
C GLY P 56 25.35 -40.27 -7.63
N THR P 57 24.20 -40.31 -8.29
CA THR P 57 24.04 -41.13 -9.49
C THR P 57 24.95 -40.67 -10.62
N ILE P 58 24.84 -39.41 -11.03
CA ILE P 58 25.55 -38.96 -12.22
C ILE P 58 26.99 -38.60 -11.87
N PRO P 59 27.93 -38.69 -12.81
CA PRO P 59 29.33 -38.36 -12.48
C PRO P 59 29.52 -36.87 -12.34
N GLY P 60 30.63 -36.50 -11.72
CA GLY P 60 30.87 -35.11 -11.40
C GLY P 60 29.86 -34.56 -10.43
N ASP P 61 29.26 -35.42 -9.61
CA ASP P 61 28.26 -35.03 -8.64
C ASP P 61 28.88 -35.05 -7.25
N PHE P 62 29.16 -33.87 -6.72
CA PHE P 62 29.64 -33.70 -5.36
C PHE P 62 28.58 -33.23 -4.39
N GLY P 63 27.34 -33.07 -4.82
CA GLY P 63 26.29 -32.66 -3.91
C GLY P 63 26.16 -31.17 -3.69
N TYR P 64 26.47 -30.36 -4.69
CA TYR P 64 26.36 -28.90 -4.61
C TYR P 64 25.27 -28.44 -5.55
N ASP P 65 24.12 -28.10 -4.99
CA ASP P 65 23.11 -27.33 -5.73
C ASP P 65 22.35 -26.45 -4.75
N PRO P 66 22.98 -25.37 -4.28
CA PRO P 66 22.34 -24.58 -3.23
C PRO P 66 21.02 -23.97 -3.66
N LEU P 67 20.98 -23.38 -4.84
CA LEU P 67 19.78 -22.70 -5.30
C LEU P 67 18.73 -23.68 -5.79
N LYS P 68 19.07 -24.96 -5.87
CA LYS P 68 18.12 -26.05 -6.10
C LYS P 68 17.41 -25.88 -7.44
N LEU P 69 18.20 -25.58 -8.47
CA LEU P 69 17.63 -25.44 -9.80
C LEU P 69 17.08 -26.76 -10.30
N GLY P 70 17.92 -27.79 -10.40
CA GLY P 70 17.43 -29.11 -10.68
C GLY P 70 16.66 -29.66 -9.50
N LYS P 71 15.38 -29.96 -9.70
CA LYS P 71 14.63 -30.72 -8.71
C LYS P 71 13.85 -31.82 -9.40
N ASP P 72 12.92 -31.44 -10.26
CA ASP P 72 12.20 -32.41 -11.06
C ASP P 72 13.15 -33.10 -12.05
N PRO P 73 12.88 -34.36 -12.38
CA PRO P 73 13.82 -35.10 -13.23
C PRO P 73 14.02 -34.52 -14.63
N GLU P 74 12.93 -34.21 -15.35
CA GLU P 74 13.08 -33.84 -16.75
C GLU P 74 13.83 -32.52 -16.95
N THR P 75 14.13 -31.81 -15.87
CA THR P 75 14.99 -30.64 -15.90
C THR P 75 16.45 -31.03 -15.71
N LEU P 76 16.74 -31.69 -14.58
CA LEU P 76 18.10 -32.14 -14.33
C LEU P 76 18.70 -32.81 -15.56
N LYS P 77 17.91 -33.61 -16.28
CA LYS P 77 18.37 -34.15 -17.55
C LYS P 77 18.91 -33.06 -18.46
N TRP P 78 18.14 -31.98 -18.60
CA TRP P 78 18.52 -30.89 -19.48
C TRP P 78 19.83 -30.26 -19.04
N TYR P 79 19.89 -29.81 -17.78
CA TYR P 79 21.06 -29.06 -17.32
C TYR P 79 22.34 -29.87 -17.44
N VAL P 80 22.26 -31.18 -17.24
CA VAL P 80 23.45 -32.02 -17.37
C VAL P 80 24.07 -31.83 -18.74
N GLN P 81 23.25 -31.75 -19.78
CA GLN P 81 23.76 -31.48 -21.10
C GLN P 81 24.21 -30.03 -21.23
N ALA P 82 23.48 -29.10 -20.62
CA ALA P 82 23.91 -27.71 -20.64
C ALA P 82 25.27 -27.52 -19.99
N GLU P 83 25.58 -28.34 -19.00
CA GLU P 83 26.90 -28.29 -18.39
C GLU P 83 27.98 -28.71 -19.37
N LEU P 84 27.81 -29.88 -19.96
CA LEU P 84 28.85 -30.44 -20.81
C LEU P 84 29.11 -29.55 -22.01
N VAL P 85 28.05 -29.05 -22.64
CA VAL P 85 28.23 -28.15 -23.77
C VAL P 85 29.04 -26.93 -23.35
N HIS P 86 28.70 -26.35 -22.20
CA HIS P 86 29.58 -25.36 -21.60
C HIS P 86 30.95 -25.94 -21.33
N GLY P 87 31.00 -27.01 -20.53
CA GLY P 87 32.28 -27.58 -20.17
C GLY P 87 33.15 -27.88 -21.36
N ARG P 88 32.54 -28.26 -22.47
CA ARG P 88 33.34 -28.56 -23.66
C ARG P 88 33.80 -27.28 -24.35
N PHE P 89 32.90 -26.31 -24.56
CA PHE P 89 33.34 -25.04 -25.13
C PHE P 89 34.41 -24.40 -24.26
N ALA P 90 34.20 -24.39 -22.96
CA ALA P 90 35.13 -23.70 -22.07
C ALA P 90 36.53 -24.29 -22.19
N MET P 91 36.64 -25.61 -22.18
CA MET P 91 37.94 -26.25 -22.34
C MET P 91 38.60 -25.79 -23.63
N MET P 92 38.00 -26.14 -24.78
CA MET P 92 38.55 -25.70 -26.06
C MET P 92 38.79 -24.20 -26.06
N GLY P 93 37.76 -23.42 -25.74
CA GLY P 93 37.87 -21.99 -25.85
C GLY P 93 39.03 -21.42 -25.06
N LEU P 94 39.15 -21.83 -23.79
CA LEU P 94 40.20 -21.29 -22.95
C LEU P 94 41.57 -21.51 -23.56
N VAL P 95 41.78 -22.66 -24.18
CA VAL P 95 43.05 -22.91 -24.83
C VAL P 95 43.26 -21.93 -25.97
N GLY P 96 42.18 -21.45 -26.57
CA GLY P 96 42.31 -20.37 -27.52
C GLY P 96 42.84 -19.10 -26.89
N MET P 97 42.47 -18.84 -25.64
CA MET P 97 43.01 -17.68 -24.93
C MET P 97 44.41 -17.97 -24.40
N LEU P 98 44.56 -19.10 -23.72
CA LEU P 98 45.78 -19.41 -23.01
C LEU P 98 46.98 -19.52 -23.95
N VAL P 99 46.94 -20.54 -24.83
CA VAL P 99 48.16 -20.92 -25.57
C VAL P 99 48.67 -19.83 -26.49
N PRO P 100 47.87 -19.26 -27.40
CA PRO P 100 48.42 -18.23 -28.29
C PRO P 100 49.12 -17.10 -27.56
N GLU P 101 48.49 -16.54 -26.54
CA GLU P 101 49.17 -15.49 -25.78
C GLU P 101 50.39 -16.05 -25.06
N LEU P 102 50.35 -17.32 -24.67
CA LEU P 102 51.49 -17.93 -24.00
C LEU P 102 52.69 -18.00 -24.93
N LEU P 103 52.49 -18.51 -26.15
CA LEU P 103 53.56 -18.58 -27.13
C LEU P 103 54.27 -17.25 -27.27
N THR P 104 53.53 -16.22 -27.70
CA THR P 104 54.10 -14.88 -27.85
C THR P 104 54.90 -14.46 -26.63
N ASN P 105 54.31 -14.62 -25.45
CA ASN P 105 54.93 -14.13 -24.23
C ASN P 105 55.92 -15.13 -23.65
N ALA P 106 55.94 -16.36 -24.16
CA ALA P 106 56.98 -17.32 -23.80
C ALA P 106 58.17 -17.25 -24.73
N GLY P 107 58.16 -16.37 -25.70
CA GLY P 107 59.31 -16.16 -26.54
C GLY P 107 58.94 -15.66 -27.91
N ILE P 108 59.97 -15.38 -28.69
CA ILE P 108 59.80 -14.87 -30.04
C ILE P 108 59.10 -15.89 -30.94
N GLY P 109 59.24 -17.18 -30.65
CA GLY P 109 58.70 -18.19 -31.51
C GLY P 109 57.20 -18.09 -31.70
N LEU P 110 56.79 -17.90 -32.95
CA LEU P 110 55.40 -17.81 -33.39
C LEU P 110 54.62 -16.81 -32.52
N PRO P 111 54.84 -15.51 -32.68
CA PRO P 111 54.05 -14.55 -31.91
C PRO P 111 52.62 -14.55 -32.39
N ALA P 112 51.68 -14.54 -31.44
CA ALA P 112 50.28 -14.72 -31.79
C ALA P 112 49.74 -13.41 -32.36
N LYS P 113 49.35 -13.47 -33.62
CA LYS P 113 48.58 -12.37 -34.21
C LYS P 113 47.28 -12.21 -33.45
N GLY P 114 46.85 -10.97 -33.29
CA GLY P 114 45.74 -10.69 -32.41
C GLY P 114 46.12 -10.55 -30.97
N THR P 115 47.38 -10.75 -30.63
CA THR P 115 47.95 -10.35 -29.34
C THR P 115 47.16 -11.05 -28.24
N GLU P 116 46.58 -10.33 -27.29
CA GLU P 116 45.85 -10.95 -26.20
C GLU P 116 44.46 -11.35 -26.68
N TRP P 117 43.87 -12.31 -25.97
CA TRP P 117 42.64 -12.92 -26.44
C TRP P 117 41.54 -11.89 -26.67
N PHE P 118 41.58 -10.76 -26.01
CA PHE P 118 40.61 -9.70 -26.27
C PHE P 118 41.14 -8.67 -27.26
N ASN P 119 42.35 -8.84 -27.76
CA ASN P 119 42.82 -8.03 -28.88
C ASN P 119 42.64 -8.74 -30.20
N ALA P 120 42.05 -9.93 -30.20
CA ALA P 120 41.70 -10.63 -31.43
C ALA P 120 40.29 -10.34 -31.88
N GLY P 121 39.56 -9.49 -31.15
CA GLY P 121 38.33 -8.97 -31.71
C GLY P 121 38.59 -8.22 -32.99
N ALA P 122 39.61 -7.38 -32.99
CA ALA P 122 40.12 -6.84 -34.24
C ALA P 122 40.80 -7.96 -35.02
N ALA P 123 41.40 -7.59 -36.13
CA ALA P 123 41.93 -8.53 -37.11
C ALA P 123 40.91 -9.51 -37.68
N PRO P 124 39.71 -9.07 -38.10
CA PRO P 124 39.12 -9.65 -39.30
C PRO P 124 39.72 -9.00 -40.54
N MET P 125 39.88 -9.82 -41.58
CA MET P 125 40.47 -9.36 -42.83
C MET P 125 39.57 -9.61 -44.03
N PHE P 126 39.25 -10.86 -44.34
CA PHE P 126 38.68 -11.19 -45.64
C PHE P 126 37.23 -10.74 -45.76
N ALA P 127 36.38 -11.16 -44.82
CA ALA P 127 34.94 -11.01 -44.94
C ALA P 127 34.39 -10.09 -43.86
N PRO P 128 33.30 -9.37 -44.14
CA PRO P 128 32.78 -8.39 -43.17
C PRO P 128 32.05 -9.04 -42.02
N THR P 129 32.17 -8.41 -40.84
CA THR P 129 31.56 -8.96 -39.64
C THR P 129 30.05 -9.06 -39.75
N GLY P 130 29.44 -8.33 -40.69
CA GLY P 130 28.01 -8.51 -40.92
C GLY P 130 27.72 -9.89 -41.48
N VAL P 131 28.45 -10.28 -42.53
CA VAL P 131 28.16 -11.53 -43.21
C VAL P 131 28.75 -12.71 -42.46
N LEU P 132 30.03 -12.63 -42.09
CA LEU P 132 30.69 -13.75 -41.43
C LEU P 132 29.96 -14.17 -40.18
N PHE P 133 29.26 -13.23 -39.54
CA PHE P 133 28.50 -13.56 -38.36
C PHE P 133 27.26 -14.38 -38.72
N ALA P 134 26.44 -13.88 -39.66
CA ALA P 134 25.24 -14.60 -40.03
C ALA P 134 25.54 -15.84 -40.85
N MET P 135 26.78 -16.01 -41.32
CA MET P 135 27.19 -17.30 -41.85
C MET P 135 27.35 -18.31 -40.72
N GLN P 136 28.03 -17.91 -39.64
CA GLN P 136 28.07 -18.71 -38.43
C GLN P 136 26.68 -19.13 -38.00
N PHE P 137 25.86 -18.15 -37.62
CA PHE P 137 24.56 -18.39 -37.01
C PHE P 137 23.77 -19.42 -37.80
N LEU P 138 23.70 -19.24 -39.13
CA LEU P 138 23.02 -20.21 -39.97
C LEU P 138 23.73 -21.55 -39.94
N LEU P 139 25.06 -21.52 -39.88
CA LEU P 139 25.83 -22.75 -39.99
C LEU P 139 25.77 -23.55 -38.69
N MET P 140 26.07 -22.88 -37.56
CA MET P 140 25.96 -23.52 -36.26
C MET P 140 24.55 -24.03 -36.00
N GLY P 141 23.58 -23.13 -36.09
CA GLY P 141 22.22 -23.46 -35.71
C GLY P 141 21.66 -24.67 -36.42
N TRP P 142 22.22 -25.02 -37.56
CA TRP P 142 21.87 -26.29 -38.16
C TRP P 142 22.33 -27.43 -37.27
N ALA P 143 23.58 -27.39 -36.82
CA ALA P 143 24.13 -28.50 -36.05
C ALA P 143 23.52 -28.55 -34.67
N GLU P 144 23.27 -27.39 -34.07
CA GLU P 144 22.84 -27.40 -32.69
C GLU P 144 21.35 -27.63 -32.50
N ILE P 145 20.51 -27.27 -33.48
CA ILE P 145 19.14 -27.75 -33.41
C ILE P 145 19.10 -29.27 -33.57
N ARG P 146 19.94 -29.80 -34.45
CA ARG P 146 20.12 -31.25 -34.51
C ARG P 146 20.48 -31.82 -33.15
N ARG P 147 21.24 -31.08 -32.35
CA ARG P 147 21.60 -31.56 -31.03
C ARG P 147 20.40 -31.53 -30.10
N TYR P 148 19.57 -30.50 -30.19
CA TYR P 148 18.41 -30.42 -29.31
C TYR P 148 17.36 -31.45 -29.67
N GLN P 149 16.93 -31.46 -30.92
CA GLN P 149 15.89 -32.38 -31.34
C GLN P 149 16.29 -33.83 -31.11
N ASP P 150 17.57 -34.09 -30.86
CA ASP P 150 17.99 -35.39 -30.36
C ASP P 150 17.63 -35.56 -28.89
N PHE P 151 17.95 -34.56 -28.08
CA PHE P 151 17.58 -34.63 -26.68
C PHE P 151 16.09 -34.77 -26.52
N LYS P 152 15.33 -34.11 -27.40
CA LYS P 152 13.88 -34.26 -27.36
C LYS P 152 13.47 -35.70 -27.66
N ASN P 153 13.86 -36.20 -28.84
CA ASN P 153 13.58 -37.59 -29.21
C ASN P 153 14.90 -38.34 -29.22
N PRO P 154 15.17 -39.18 -28.22
CA PRO P 154 16.55 -39.65 -28.00
C PRO P 154 17.07 -40.60 -29.04
N GLY P 155 16.22 -41.49 -29.57
CA GLY P 155 16.73 -42.63 -30.31
C GLY P 155 17.55 -42.24 -31.53
N SER P 156 16.94 -41.48 -32.43
CA SER P 156 17.60 -41.07 -33.66
C SER P 156 17.27 -39.61 -33.93
N VAL P 157 18.31 -38.78 -33.98
CA VAL P 157 18.15 -37.46 -34.56
C VAL P 157 17.51 -37.60 -35.92
N ASN P 158 18.14 -38.43 -36.77
CA ASN P 158 17.69 -38.66 -38.13
C ASN P 158 17.78 -40.15 -38.44
N VAL P 159 16.63 -40.74 -38.75
CA VAL P 159 16.59 -42.09 -39.28
C VAL P 159 17.03 -42.07 -40.74
N ASP P 160 17.41 -43.25 -41.23
CA ASP P 160 18.19 -43.33 -42.46
C ASP P 160 17.62 -42.64 -43.71
N PRO P 161 16.31 -42.54 -43.95
CA PRO P 161 15.89 -41.83 -45.17
C PRO P 161 16.13 -40.32 -45.16
N ILE P 162 15.83 -39.63 -44.07
CA ILE P 162 15.78 -38.18 -44.11
C ILE P 162 17.19 -37.60 -43.97
N PHE P 163 17.39 -36.39 -44.49
CA PHE P 163 18.68 -35.69 -44.44
C PHE P 163 19.74 -36.49 -45.19
N GLY P 164 19.60 -36.47 -46.52
CA GLY P 164 20.22 -37.43 -47.41
C GLY P 164 21.69 -37.70 -47.17
N GLY P 165 22.06 -38.96 -47.21
CA GLY P 165 23.39 -39.30 -46.80
C GLY P 165 23.52 -39.06 -45.30
N LYS P 166 24.77 -38.98 -44.86
CA LYS P 166 25.10 -38.56 -43.50
C LYS P 166 24.41 -39.52 -42.53
N LEU P 167 23.77 -39.04 -41.48
CA LEU P 167 23.06 -39.83 -40.47
C LEU P 167 23.76 -41.11 -40.03
N PRO P 168 25.06 -41.09 -39.72
CA PRO P 168 25.66 -42.30 -39.15
C PRO P 168 25.17 -42.61 -37.75
N ASP P 169 25.05 -41.58 -36.90
CA ASP P 169 24.65 -41.73 -35.50
C ASP P 169 25.48 -42.78 -34.78
N GLY P 170 24.83 -43.84 -34.30
CA GLY P 170 25.46 -44.70 -33.31
C GLY P 170 25.49 -43.98 -31.98
N ASN P 171 24.33 -43.50 -31.54
CA ASN P 171 24.22 -42.47 -30.52
C ASN P 171 23.58 -43.03 -29.27
N ILE P 172 24.28 -42.89 -28.15
CA ILE P 172 23.70 -43.12 -26.83
C ILE P 172 23.20 -41.76 -26.32
N PRO P 173 22.28 -41.71 -25.35
CA PRO P 173 21.83 -40.41 -24.84
C PRO P 173 22.83 -39.74 -23.89
N GLY P 174 22.91 -38.41 -23.98
CA GLY P 174 23.77 -37.59 -23.16
C GLY P 174 25.17 -37.37 -23.72
N TYR P 175 25.65 -38.28 -24.55
CA TYR P 175 26.94 -38.23 -25.23
C TYR P 175 26.71 -38.69 -26.66
N PRO P 176 27.30 -38.02 -27.63
CA PRO P 176 27.07 -38.44 -29.01
C PRO P 176 27.71 -39.77 -29.37
N GLY P 177 28.94 -40.01 -28.96
CA GLY P 177 29.65 -41.15 -29.50
C GLY P 177 29.75 -41.05 -31.00
N GLY P 178 29.62 -42.20 -31.67
CA GLY P 178 29.50 -42.21 -33.12
C GLY P 178 30.68 -41.55 -33.80
N ILE P 179 30.38 -40.63 -34.72
CA ILE P 179 31.43 -39.81 -35.33
C ILE P 179 32.31 -39.21 -34.26
N PHE P 180 31.69 -38.62 -33.26
CA PHE P 180 32.36 -37.68 -32.38
C PHE P 180 33.37 -38.34 -31.46
N ASP P 181 33.47 -39.68 -31.49
CA ASP P 181 34.48 -40.41 -30.74
C ASP P 181 35.26 -41.28 -31.71
N PRO P 182 36.09 -40.68 -32.57
CA PRO P 182 36.72 -41.46 -33.64
C PRO P 182 37.63 -42.56 -33.15
N PHE P 183 38.54 -42.24 -32.24
CA PHE P 183 39.52 -43.23 -31.80
C PHE P 183 38.89 -44.38 -31.05
N GLY P 184 37.59 -44.32 -30.76
CA GLY P 184 36.92 -45.45 -30.17
C GLY P 184 37.18 -45.61 -28.70
N PHE P 185 37.16 -44.51 -27.94
CA PHE P 185 37.23 -44.60 -26.50
C PHE P 185 35.89 -45.12 -26.00
N ALA P 186 35.66 -45.04 -24.70
CA ALA P 186 34.68 -45.88 -24.02
C ALA P 186 35.09 -47.34 -24.15
N LYS P 187 36.36 -47.59 -23.84
CA LYS P 187 36.98 -48.90 -23.85
C LYS P 187 36.84 -49.62 -22.52
N GLY P 188 36.03 -49.10 -21.61
CA GLY P 188 35.91 -49.62 -20.25
C GLY P 188 36.42 -48.70 -19.18
N ASP P 189 37.07 -47.60 -19.54
CA ASP P 189 37.41 -46.54 -18.61
C ASP P 189 36.32 -45.49 -18.48
N VAL P 190 35.16 -45.71 -19.09
CA VAL P 190 34.14 -44.68 -19.28
C VAL P 190 33.92 -43.90 -18.00
N ASP P 191 33.44 -44.59 -16.96
CA ASP P 191 33.10 -43.92 -15.70
C ASP P 191 34.22 -43.00 -15.26
N SER P 192 35.46 -43.48 -15.30
CA SER P 192 36.59 -42.61 -15.01
C SER P 192 36.72 -41.51 -16.05
N LEU P 193 36.71 -41.87 -17.34
CA LEU P 193 36.77 -40.85 -18.37
C LEU P 193 35.68 -39.80 -18.19
N LYS P 194 34.46 -40.24 -17.86
CA LYS P 194 33.40 -39.28 -17.62
C LYS P 194 33.77 -38.33 -16.50
N LEU P 195 34.29 -38.86 -15.40
CA LEU P 195 34.71 -38.01 -14.30
C LEU P 195 35.81 -37.05 -14.73
N LYS P 196 36.65 -37.46 -15.67
CA LYS P 196 37.79 -36.64 -16.06
C LYS P 196 37.39 -35.54 -17.04
N GLU P 197 36.30 -35.74 -17.78
CA GLU P 197 35.78 -34.69 -18.64
C GLU P 197 35.14 -33.58 -17.81
N VAL P 198 34.18 -33.95 -16.97
CA VAL P 198 33.49 -32.97 -16.15
C VAL P 198 34.49 -32.19 -15.32
N LYS P 199 35.29 -32.91 -14.53
CA LYS P 199 36.17 -32.27 -13.56
C LYS P 199 37.15 -31.31 -14.24
N ASN P 200 37.60 -31.62 -15.45
CA ASN P 200 38.38 -30.65 -16.19
C ASN P 200 37.48 -29.58 -16.79
N GLY P 201 36.28 -29.96 -17.21
CA GLY P 201 35.34 -28.97 -17.71
C GLY P 201 34.92 -27.98 -16.64
N ARG P 202 34.58 -28.50 -15.45
CA ARG P 202 34.27 -27.63 -14.32
C ARG P 202 35.34 -26.59 -14.11
N LEU P 203 36.61 -26.99 -14.25
CA LEU P 203 37.67 -26.07 -13.91
C LEU P 203 37.91 -25.07 -15.02
N ALA P 204 37.84 -25.52 -16.28
CA ALA P 204 38.08 -24.60 -17.38
C ALA P 204 36.98 -23.57 -17.50
N MET P 205 35.74 -23.96 -17.22
CA MET P 205 34.68 -22.97 -17.08
C MET P 205 35.05 -21.95 -16.02
N PHE P 206 35.29 -22.42 -14.79
CA PHE P 206 35.61 -21.50 -13.70
C PHE P 206 36.85 -20.69 -14.03
N ALA P 207 37.87 -21.32 -14.61
CA ALA P 207 39.09 -20.60 -14.93
C ALA P 207 38.86 -19.58 -16.03
N THR P 208 37.98 -19.88 -16.98
CA THR P 208 37.66 -18.92 -18.02
C THR P 208 37.16 -17.62 -17.43
N LEU P 209 36.26 -17.71 -16.46
CA LEU P 209 35.70 -16.52 -15.84
C LEU P 209 36.80 -15.63 -15.28
N GLY P 210 37.89 -16.21 -14.81
CA GLY P 210 39.02 -15.41 -14.39
C GLY P 210 39.57 -14.55 -15.52
N PHE P 211 39.86 -15.19 -16.66
CA PHE P 211 40.32 -14.44 -17.83
C PHE P 211 39.46 -13.22 -18.10
N TYR P 212 38.14 -13.38 -18.03
CA TYR P 212 37.27 -12.24 -18.20
C TYR P 212 37.62 -11.20 -17.15
N CYS P 213 37.34 -11.52 -15.88
CA CYS P 213 37.41 -10.52 -14.82
C CYS P 213 38.80 -9.94 -14.67
N GLN P 214 39.84 -10.78 -14.78
CA GLN P 214 41.20 -10.24 -14.73
C GLN P 214 41.40 -9.17 -15.78
N ALA P 215 41.28 -9.55 -17.05
CA ALA P 215 41.49 -8.61 -18.14
C ALA P 215 40.61 -7.37 -18.01
N VAL P 216 39.38 -7.55 -17.53
CA VAL P 216 38.49 -6.42 -17.32
C VAL P 216 39.11 -5.44 -16.34
N VAL P 217 39.98 -5.92 -15.45
CA VAL P 217 40.60 -5.03 -14.48
C VAL P 217 42.03 -4.70 -14.89
N THR P 218 42.93 -5.67 -14.74
CA THR P 218 44.35 -5.36 -14.88
C THR P 218 44.74 -4.99 -16.29
N GLY P 219 43.85 -5.15 -17.26
CA GLY P 219 44.10 -4.69 -18.62
C GLY P 219 45.28 -5.38 -19.29
N LYS P 220 45.80 -6.42 -18.67
CA LYS P 220 46.95 -7.16 -19.17
C LYS P 220 46.50 -8.51 -19.70
N GLY P 221 47.46 -9.28 -20.19
CA GLY P 221 47.21 -10.63 -20.62
C GLY P 221 47.36 -11.58 -19.46
N PRO P 222 46.93 -12.82 -19.63
CA PRO P 222 46.97 -13.76 -18.50
C PRO P 222 48.37 -13.99 -17.97
N ILE P 223 49.34 -14.27 -18.84
CA ILE P 223 50.69 -14.51 -18.37
C ILE P 223 51.29 -13.23 -17.80
N ALA P 224 50.85 -12.07 -18.30
CA ALA P 224 51.17 -10.83 -17.61
C ALA P 224 50.55 -10.82 -16.22
N CYS P 225 49.26 -11.12 -16.12
CA CYS P 225 48.63 -11.27 -14.81
C CYS P 225 49.28 -12.41 -14.02
N TRP P 226 49.58 -13.52 -14.69
CA TRP P 226 50.30 -14.63 -14.08
C TRP P 226 51.63 -14.19 -13.48
N THR P 227 52.59 -13.87 -14.35
CA THR P 227 53.96 -13.69 -13.90
C THR P 227 54.06 -12.55 -12.91
N SER P 228 53.37 -11.45 -13.19
CA SER P 228 53.47 -10.30 -12.29
C SER P 228 53.11 -10.68 -10.87
N HIS P 229 52.12 -11.57 -10.70
CA HIS P 229 51.85 -12.10 -9.37
C HIS P 229 52.99 -13.01 -8.92
N LEU P 230 53.31 -14.01 -9.74
CA LEU P 230 54.38 -14.93 -9.40
C LEU P 230 55.70 -14.21 -9.17
N ALA P 231 55.91 -13.08 -9.85
CA ALA P 231 57.08 -12.25 -9.58
C ALA P 231 57.09 -11.81 -8.12
N ASP P 232 56.21 -10.89 -7.77
CA ASP P 232 56.03 -10.46 -6.39
C ASP P 232 54.62 -10.78 -5.93
N PRO P 233 54.41 -11.78 -5.07
CA PRO P 233 53.06 -12.29 -4.85
C PRO P 233 52.15 -11.33 -4.10
N TRP P 234 52.71 -10.48 -3.25
CA TRP P 234 51.87 -9.68 -2.36
C TRP P 234 51.30 -8.46 -3.08
N ALA P 235 52.17 -7.56 -3.50
CA ALA P 235 51.72 -6.31 -4.08
C ALA P 235 50.90 -6.54 -5.35
N ASN P 236 51.16 -7.64 -6.04
CA ASN P 236 50.55 -7.93 -7.32
C ASN P 236 49.28 -8.76 -7.19
N ASN P 237 48.80 -8.94 -5.97
CA ASN P 237 47.62 -9.73 -5.70
C ASN P 237 46.37 -9.04 -6.24
N VAL P 238 45.23 -9.70 -6.07
CA VAL P 238 43.94 -9.05 -6.17
C VAL P 238 43.82 -8.14 -4.96
N TRP P 239 42.70 -7.44 -4.88
CA TRP P 239 42.19 -6.85 -3.64
C TRP P 239 43.14 -5.79 -3.13
N SER P 240 44.29 -5.63 -3.79
CA SER P 240 45.11 -4.42 -3.75
C SER P 240 44.81 -3.48 -4.90
N ILE P 241 43.91 -3.85 -5.81
CA ILE P 241 43.63 -3.04 -6.99
C ILE P 241 42.14 -3.00 -7.27
N GLU P 242 41.55 -1.81 -7.22
CA GLU P 242 40.36 -1.43 -7.99
C GLU P 242 39.06 -2.14 -7.62
N LEU P 243 39.11 -3.27 -6.91
CA LEU P 243 37.90 -4.08 -6.89
C LEU P 243 37.46 -4.41 -5.47
N ALA P 244 38.28 -5.11 -4.69
CA ALA P 244 38.08 -5.07 -3.25
C ALA P 244 38.68 -3.81 -2.66
N LYS P 245 39.60 -3.17 -3.39
CA LYS P 245 40.28 -1.97 -2.91
C LYS P 245 39.31 -0.87 -2.54
N VAL P 246 38.06 -0.95 -3.03
CA VAL P 246 37.02 -0.07 -2.51
C VAL P 246 36.96 -0.18 -1.00
N ILE P 247 37.24 -1.36 -0.46
CA ILE P 247 37.39 -1.57 0.97
C ILE P 247 36.09 -1.20 1.67
N ARG Q 39 59.33 -47.56 46.67
CA ARG Q 39 60.53 -47.43 45.85
C ARG Q 39 61.11 -46.03 46.00
N PRO Q 40 62.37 -45.84 45.63
CA PRO Q 40 62.93 -44.49 45.67
C PRO Q 40 62.23 -43.60 44.66
N LEU Q 41 62.04 -42.35 45.05
CA LEU Q 41 61.24 -41.41 44.26
C LEU Q 41 62.02 -40.12 44.12
N TRP Q 42 61.57 -39.26 43.20
CA TRP Q 42 62.17 -37.94 43.12
C TRP Q 42 61.88 -37.16 44.39
N LEU Q 43 60.66 -37.29 44.92
CA LEU Q 43 60.34 -36.64 46.16
C LEU Q 43 60.05 -37.70 47.21
N PRO Q 44 60.90 -37.85 48.22
CA PRO Q 44 60.81 -39.03 49.09
C PRO Q 44 59.50 -39.21 49.81
N GLY Q 45 58.68 -38.18 49.92
CA GLY Q 45 57.40 -38.36 50.58
C GLY Q 45 56.25 -38.44 49.60
N SER Q 46 56.58 -38.40 48.31
CA SER Q 46 55.57 -38.20 47.30
C SER Q 46 54.68 -39.43 47.14
N THR Q 47 53.71 -39.31 46.23
CA THR Q 47 52.75 -40.35 45.93
C THR Q 47 52.70 -40.47 44.42
N PRO Q 48 53.52 -41.35 43.84
CA PRO Q 48 53.72 -41.36 42.39
C PRO Q 48 52.40 -41.43 41.65
N PRO Q 49 52.34 -40.84 40.46
CA PRO Q 49 51.09 -40.88 39.70
C PRO Q 49 50.72 -42.32 39.36
N ALA Q 50 49.44 -42.52 39.07
CA ALA Q 50 48.93 -43.87 38.91
C ALA Q 50 49.63 -44.60 37.77
N HIS Q 51 49.57 -44.02 36.56
CA HIS Q 51 49.97 -44.73 35.36
C HIS Q 51 51.43 -45.16 35.38
N LEU Q 52 52.23 -44.61 36.28
CA LEU Q 52 53.66 -44.87 36.31
C LEU Q 52 53.99 -45.59 37.61
N ASP Q 53 54.27 -46.89 37.54
CA ASP Q 53 54.69 -47.65 38.72
C ASP Q 53 55.82 -48.59 38.34
N GLY Q 54 57.00 -48.34 38.91
CA GLY Q 54 58.07 -49.32 39.01
C GLY Q 54 58.43 -50.08 37.75
N SER Q 55 58.15 -49.53 36.58
CA SER Q 55 58.23 -50.28 35.33
C SER Q 55 59.46 -49.88 34.52
N MET Q 56 59.43 -48.71 33.91
CA MET Q 56 60.49 -48.31 32.99
C MET Q 56 61.81 -48.22 33.74
N THR Q 57 62.90 -48.33 32.99
CA THR Q 57 64.20 -48.18 33.62
C THR Q 57 64.31 -46.80 34.23
N GLY Q 58 64.61 -46.74 35.52
CA GLY Q 58 64.78 -45.47 36.20
C GLY Q 58 63.55 -44.59 36.23
N ASP Q 59 62.44 -45.12 36.73
CA ASP Q 59 61.22 -44.34 36.90
C ASP Q 59 61.07 -43.97 38.37
N PHE Q 60 61.28 -42.70 38.67
CA PHE Q 60 61.23 -42.18 40.02
C PHE Q 60 59.90 -41.52 40.33
N GLY Q 61 58.94 -41.60 39.43
CA GLY Q 61 57.63 -41.02 39.66
C GLY Q 61 57.52 -39.54 39.40
N TRP Q 62 58.09 -39.05 38.31
CA TRP Q 62 58.04 -37.62 38.01
C TRP Q 62 57.18 -37.40 36.76
N ASP Q 63 55.94 -36.96 36.99
CA ASP Q 63 55.07 -36.47 35.92
C ASP Q 63 54.16 -35.38 36.45
N PRO Q 64 54.65 -34.16 36.55
CA PRO Q 64 53.72 -33.05 36.80
C PRO Q 64 52.59 -33.03 35.82
N LEU Q 65 52.89 -33.15 34.52
CA LEU Q 65 51.89 -33.00 33.48
C LEU Q 65 51.25 -34.31 33.05
N GLY Q 66 51.79 -35.45 33.48
CA GLY Q 66 51.22 -36.73 33.14
C GLY Q 66 51.22 -37.02 31.65
N LEU Q 67 52.37 -36.93 31.01
CA LEU Q 67 52.46 -37.27 29.59
C LEU Q 67 52.63 -38.77 29.36
N GLY Q 68 52.98 -39.53 30.38
CA GLY Q 68 53.21 -40.94 30.22
C GLY Q 68 51.98 -41.82 30.31
N ALA Q 69 50.81 -41.24 30.57
CA ALA Q 69 49.61 -42.05 30.66
C ALA Q 69 49.21 -42.66 29.33
N ASN Q 70 49.75 -42.17 28.23
CA ASN Q 70 49.43 -42.72 26.91
C ASN Q 70 50.46 -43.76 26.53
N PRO Q 71 50.09 -45.04 26.40
CA PRO Q 71 51.11 -46.07 26.19
C PRO Q 71 51.84 -45.93 24.87
N GLU Q 72 51.15 -45.46 23.83
CA GLU Q 72 51.81 -45.27 22.54
C GLU Q 72 52.80 -44.13 22.60
N ALA Q 73 52.36 -42.95 23.05
CA ALA Q 73 53.22 -41.79 23.01
C ALA Q 73 54.36 -41.90 24.00
N MET Q 74 54.10 -42.45 25.19
CA MET Q 74 55.18 -42.63 26.15
C MET Q 74 56.31 -43.46 25.57
N THR Q 75 55.98 -44.42 24.72
CA THR Q 75 57.00 -45.19 24.02
C THR Q 75 57.83 -44.30 23.13
N TRP Q 76 57.19 -43.40 22.39
CA TRP Q 76 57.92 -42.40 21.62
C TRP Q 76 58.82 -41.58 22.54
N PHE Q 77 58.21 -40.93 23.53
CA PHE Q 77 58.99 -40.13 24.48
C PHE Q 77 60.12 -40.92 25.08
N ARG Q 78 59.93 -42.24 25.23
CA ARG Q 78 60.97 -43.07 25.78
C ARG Q 78 62.22 -43.06 24.90
N GLU Q 79 62.04 -42.97 23.59
CA GLU Q 79 63.20 -42.85 22.72
C GLU Q 79 63.84 -41.49 22.83
N ALA Q 80 63.01 -40.44 22.88
CA ALA Q 80 63.55 -39.09 22.90
C ALA Q 80 64.47 -38.88 24.08
N GLU Q 81 64.06 -39.36 25.26
CA GLU Q 81 64.87 -39.18 26.46
C GLU Q 81 66.25 -39.76 26.26
N LEU Q 82 66.34 -40.90 25.58
CA LEU Q 82 67.63 -41.47 25.25
C LEU Q 82 68.34 -40.62 24.20
N GLN Q 83 67.63 -40.26 23.14
CA GLN Q 83 68.23 -39.47 22.06
C GLN Q 83 68.75 -38.14 22.59
N ASN Q 84 67.88 -37.34 23.22
CA ASN Q 84 68.35 -36.09 23.80
C ASN Q 84 69.47 -36.34 24.80
N GLY Q 85 69.33 -37.36 25.63
CA GLY Q 85 70.38 -37.67 26.57
C GLY Q 85 71.68 -38.01 25.88
N ARG Q 86 71.63 -39.01 25.00
CA ARG Q 86 72.85 -39.53 24.43
C ARG Q 86 73.56 -38.54 23.53
N TRP Q 87 72.86 -37.55 22.98
CA TRP Q 87 73.61 -36.49 22.31
C TRP Q 87 74.21 -35.51 23.30
N ALA Q 88 73.45 -35.15 24.33
CA ALA Q 88 73.97 -34.17 25.29
C ALA Q 88 75.19 -34.70 26.01
N MET Q 89 75.12 -35.93 26.51
CA MET Q 89 76.28 -36.53 27.17
C MET Q 89 77.52 -36.38 26.31
N MET Q 90 77.44 -36.88 25.08
CA MET Q 90 78.58 -36.76 24.19
C MET Q 90 78.88 -35.31 23.86
N GLY Q 91 77.88 -34.44 23.96
CA GLY Q 91 78.10 -33.02 23.74
C GLY Q 91 78.74 -32.31 24.91
N VAL Q 92 78.22 -32.54 26.12
CA VAL Q 92 78.77 -31.87 27.29
C VAL Q 92 80.21 -32.31 27.52
N PHE Q 93 80.50 -33.59 27.28
CA PHE Q 93 81.89 -34.02 27.37
C PHE Q 93 82.73 -33.37 26.29
N GLY Q 94 82.11 -32.96 25.19
CA GLY Q 94 82.84 -32.29 24.14
C GLY Q 94 83.33 -30.94 24.58
N ILE Q 95 82.43 -30.07 25.03
CA ILE Q 95 82.82 -28.72 25.40
C ILE Q 95 83.91 -28.74 26.45
N LEU Q 96 83.73 -29.54 27.50
CA LEU Q 96 84.70 -29.57 28.57
C LEU Q 96 86.09 -29.91 28.05
N VAL Q 97 86.20 -31.03 27.33
CA VAL Q 97 87.47 -31.36 26.71
C VAL Q 97 87.88 -30.28 25.72
N GLN Q 98 86.90 -29.69 25.04
CA GLN Q 98 87.17 -28.64 24.06
C GLN Q 98 87.91 -27.46 24.65
N GLU Q 99 87.90 -27.32 25.97
CA GLU Q 99 88.45 -26.16 26.65
C GLU Q 99 89.68 -26.50 27.48
N LEU Q 100 89.56 -27.40 28.44
CA LEU Q 100 90.60 -27.54 29.45
C LEU Q 100 91.87 -28.16 28.86
N VAL Q 101 91.81 -29.42 28.41
CA VAL Q 101 92.97 -29.99 27.75
C VAL Q 101 93.27 -29.25 26.46
N LYS Q 102 92.24 -28.91 25.72
CA LYS Q 102 92.40 -28.35 24.38
C LYS Q 102 92.74 -26.87 24.43
N PRO Q 103 92.90 -26.24 23.26
CA PRO Q 103 93.01 -24.78 23.23
C PRO Q 103 91.79 -24.13 23.86
N ASP Q 104 91.95 -22.87 24.26
CA ASP Q 104 90.91 -22.18 25.01
C ASP Q 104 90.28 -21.12 24.12
N VAL Q 105 89.11 -21.44 23.57
CA VAL Q 105 88.14 -20.47 23.08
C VAL Q 105 86.76 -21.00 23.46
N PHE Q 106 86.02 -20.25 24.27
CA PHE Q 106 84.73 -20.80 24.64
C PHE Q 106 83.85 -20.82 23.41
N TRP Q 107 82.86 -21.71 23.41
CA TRP Q 107 82.39 -22.25 22.15
C TRP Q 107 81.29 -21.35 21.62
N TYR Q 108 81.67 -20.36 20.83
CA TYR Q 108 80.89 -19.87 19.71
C TYR Q 108 81.61 -20.07 18.39
N ASP Q 109 82.75 -20.75 18.40
CA ASP Q 109 83.75 -20.62 17.35
C ASP Q 109 83.37 -21.39 16.10
N ALA Q 110 83.20 -20.65 15.00
CA ALA Q 110 83.55 -21.21 13.71
C ALA Q 110 85.06 -21.36 13.56
N PRO Q 111 85.88 -20.32 13.81
CA PRO Q 111 87.34 -20.48 13.61
C PRO Q 111 87.94 -21.44 14.62
N THR Q 112 88.75 -22.36 14.11
CA THR Q 112 89.32 -23.43 14.93
C THR Q 112 90.81 -23.57 14.62
N LYS Q 113 91.48 -24.47 15.34
CA LYS Q 113 92.82 -24.92 15.02
C LYS Q 113 92.82 -26.24 14.28
N ILE Q 114 91.65 -26.82 14.06
CA ILE Q 114 91.45 -27.81 13.01
C ILE Q 114 91.03 -27.04 11.77
N ASP Q 115 91.11 -25.70 11.87
CA ASP Q 115 90.71 -24.70 10.88
C ASP Q 115 89.34 -25.04 10.33
N LEU Q 116 89.19 -25.02 9.01
CA LEU Q 116 87.91 -25.30 8.37
C LEU Q 116 88.20 -26.15 7.14
N PRO Q 117 88.58 -27.41 7.35
CA PRO Q 117 89.36 -28.11 6.31
C PRO Q 117 88.67 -28.21 4.97
N PHE Q 118 87.42 -28.64 4.93
CA PHE Q 118 86.66 -28.66 3.69
C PHE Q 118 85.45 -27.74 3.84
N ASN Q 119 85.58 -26.49 3.39
CA ASN Q 119 84.48 -25.54 3.35
C ASN Q 119 83.60 -25.54 4.59
N ILE Q 120 82.31 -25.32 4.38
CA ILE Q 120 81.28 -25.55 5.39
C ILE Q 120 80.19 -26.31 4.66
N ILE Q 121 79.64 -25.66 3.65
CA ILE Q 121 78.59 -26.18 2.79
C ILE Q 121 79.05 -27.51 2.23
N GLY Q 122 80.37 -27.72 2.20
CA GLY Q 122 80.88 -29.06 1.96
C GLY Q 122 80.44 -30.04 3.02
N ILE Q 123 80.68 -29.71 4.29
CA ILE Q 123 80.33 -30.64 5.36
C ILE Q 123 78.81 -30.81 5.44
N VAL Q 124 78.09 -29.68 5.50
CA VAL Q 124 76.64 -29.73 5.68
C VAL Q 124 76.00 -30.55 4.58
N ALA Q 125 76.51 -30.43 3.36
CA ALA Q 125 76.15 -31.38 2.31
C ALA Q 125 76.26 -32.80 2.81
N PHE Q 126 77.48 -33.21 3.20
CA PHE Q 126 77.68 -34.56 3.64
C PHE Q 126 76.99 -34.85 4.96
N GLN Q 127 76.78 -33.82 5.80
CA GLN Q 127 76.07 -34.07 7.05
C GLN Q 127 74.64 -34.54 6.81
N ALA Q 128 73.94 -33.91 5.87
CA ALA Q 128 72.54 -34.25 5.66
C ALA Q 128 72.39 -35.71 5.24
N PHE Q 129 73.03 -36.08 4.13
CA PHE Q 129 72.88 -37.44 3.62
C PHE Q 129 73.39 -38.47 4.62
N ALA Q 130 74.45 -38.14 5.34
CA ALA Q 130 74.95 -39.04 6.38
C ALA Q 130 73.86 -39.32 7.38
N MET Q 131 73.50 -38.30 8.15
CA MET Q 131 72.53 -38.49 9.22
C MET Q 131 71.18 -38.93 8.71
N HIS Q 132 70.86 -38.60 7.45
CA HIS Q 132 69.58 -39.01 6.90
C HIS Q 132 69.47 -40.53 6.88
N TYR Q 133 70.43 -41.20 6.24
CA TYR Q 133 70.45 -42.66 6.25
C TYR Q 133 70.56 -43.19 7.67
N VAL Q 134 71.49 -42.64 8.44
CA VAL Q 134 71.75 -43.13 9.79
C VAL Q 134 70.46 -43.23 10.59
N GLU Q 135 69.54 -42.31 10.38
CA GLU Q 135 68.50 -42.06 11.35
C GLU Q 135 67.14 -42.55 10.90
N ILE Q 136 66.64 -42.13 9.74
CA ILE Q 136 65.38 -42.67 9.22
C ILE Q 136 65.49 -44.18 9.18
N ARG Q 137 66.72 -44.71 9.20
CA ARG Q 137 66.90 -46.14 9.41
C ARG Q 137 66.54 -46.52 10.84
N ARG Q 138 67.17 -45.90 11.83
CA ARG Q 138 66.90 -46.28 13.21
C ARG Q 138 65.50 -45.89 13.63
N TRP Q 139 64.99 -44.78 13.11
CA TRP Q 139 63.64 -44.38 13.43
C TRP Q 139 62.63 -45.41 13.01
N GLN Q 140 62.94 -46.21 12.00
CA GLN Q 140 61.98 -47.22 11.58
C GLN Q 140 62.00 -48.42 12.52
N ASP Q 141 63.13 -48.71 13.15
CA ASP Q 141 63.13 -49.76 14.16
C ASP Q 141 62.32 -49.36 15.37
N LEU Q 142 62.12 -48.07 15.58
CA LEU Q 142 61.20 -47.62 16.62
C LEU Q 142 59.75 -47.99 16.27
N ARG Q 143 59.30 -47.60 15.08
CA ARG Q 143 57.88 -47.68 14.75
C ARG Q 143 57.47 -49.09 14.34
N LYS Q 144 58.30 -49.79 13.57
CA LYS Q 144 58.01 -51.15 13.14
C LYS Q 144 59.22 -52.01 13.44
N PRO Q 145 59.29 -52.60 14.63
CA PRO Q 145 60.56 -53.08 15.16
C PRO Q 145 61.09 -54.31 14.45
N GLY Q 146 62.41 -54.39 14.38
CA GLY Q 146 63.12 -55.57 13.95
C GLY Q 146 63.41 -55.65 12.47
N SER Q 147 62.64 -54.95 11.63
CA SER Q 147 62.79 -55.10 10.19
C SER Q 147 64.14 -54.64 9.70
N VAL Q 148 64.85 -53.83 10.48
CA VAL Q 148 66.09 -53.21 10.05
C VAL Q 148 67.34 -54.00 10.43
N ASN Q 149 67.21 -55.02 11.29
CA ASN Q 149 68.38 -55.66 11.89
C ASN Q 149 69.39 -56.14 10.86
N LYS Q 150 68.98 -56.38 9.63
CA LYS Q 150 69.91 -56.89 8.64
C LYS Q 150 70.86 -55.80 8.17
N ASP Q 151 72.13 -56.16 8.04
CA ASP Q 151 73.09 -55.29 7.37
C ASP Q 151 72.67 -55.16 5.91
N PRO Q 152 72.57 -53.94 5.36
CA PRO Q 152 72.00 -53.82 4.02
C PRO Q 152 72.80 -54.50 2.93
N ILE Q 153 74.13 -54.43 2.98
CA ILE Q 153 74.92 -54.99 1.89
C ILE Q 153 74.95 -56.51 1.94
N PHE Q 154 75.50 -57.07 3.02
CA PHE Q 154 75.49 -58.51 3.24
C PHE Q 154 74.85 -58.80 4.59
N SER Q 155 74.83 -60.06 5.01
CA SER Q 155 74.15 -60.40 6.26
C SER Q 155 75.15 -60.87 7.30
N ASN Q 156 75.46 -59.99 8.24
CA ASN Q 156 75.80 -60.36 9.61
C ASN Q 156 74.65 -60.08 10.58
N TYR Q 157 73.57 -59.48 10.07
CA TYR Q 157 72.39 -59.06 10.84
C TYR Q 157 72.83 -58.21 12.02
N SER Q 158 72.09 -58.30 13.13
CA SER Q 158 72.43 -57.57 14.33
C SER Q 158 72.28 -58.43 15.59
N LEU Q 159 71.05 -58.82 15.87
CA LEU Q 159 70.64 -59.31 17.17
C LEU Q 159 69.18 -59.69 17.06
N PRO Q 160 68.59 -60.37 18.03
CA PRO Q 160 67.12 -60.36 18.14
C PRO Q 160 66.58 -58.96 18.41
N GLU Q 161 65.26 -58.85 18.50
CA GLU Q 161 64.60 -57.56 18.37
C GLU Q 161 64.91 -56.64 19.54
N HIS Q 162 65.24 -57.21 20.70
CA HIS Q 162 65.68 -56.48 21.89
C HIS Q 162 64.77 -55.30 22.23
N GLU Q 163 65.39 -54.21 22.68
CA GLU Q 163 64.67 -53.05 23.13
C GLU Q 163 64.85 -51.94 22.09
N PRO Q 164 63.76 -51.35 21.59
CA PRO Q 164 63.90 -50.43 20.45
C PRO Q 164 64.98 -49.37 20.62
N GLY Q 165 65.23 -48.91 21.83
CA GLY Q 165 66.22 -47.88 22.05
C GLY Q 165 67.54 -48.36 22.60
N TYR Q 166 67.83 -49.65 22.47
CA TYR Q 166 69.08 -50.23 22.97
C TYR Q 166 69.60 -51.27 22.00
N PRO Q 167 70.05 -50.87 20.82
CA PRO Q 167 70.49 -51.87 19.83
C PRO Q 167 71.70 -52.65 20.33
N GLY Q 168 71.56 -53.96 20.37
CA GLY Q 168 72.61 -54.79 20.90
C GLY Q 168 73.60 -55.19 19.84
N GLY Q 169 74.34 -56.26 20.13
CA GLY Q 169 75.28 -56.77 19.16
C GLY Q 169 76.37 -55.77 18.87
N ILE Q 170 76.48 -55.41 17.60
CA ILE Q 170 77.62 -54.64 17.10
C ILE Q 170 77.73 -53.29 17.79
N PHE Q 171 76.62 -52.72 18.26
CA PHE Q 171 76.71 -51.44 18.94
C PHE Q 171 77.25 -51.56 20.36
N ALA Q 172 76.96 -52.64 21.07
CA ALA Q 172 77.40 -52.82 22.45
C ALA Q 172 78.21 -54.09 22.60
N PRO Q 173 79.40 -54.16 22.00
CA PRO Q 173 80.24 -55.35 22.20
C PRO Q 173 80.81 -55.47 23.61
N PHE Q 174 81.29 -54.37 24.19
CA PHE Q 174 82.20 -54.48 25.33
C PHE Q 174 81.46 -54.80 26.62
N VAL Q 175 80.34 -54.13 26.89
CA VAL Q 175 79.46 -54.43 28.01
C VAL Q 175 80.24 -54.34 29.34
N PRO Q 176 80.63 -53.14 29.79
CA PRO Q 176 81.46 -53.05 31.01
C PRO Q 176 80.78 -53.61 32.25
N GLY Q 177 79.56 -53.19 32.52
CA GLY Q 177 78.75 -53.83 33.53
C GLY Q 177 77.88 -54.88 32.87
N ASP Q 178 77.51 -55.89 33.64
CA ASP Q 178 76.87 -57.05 33.05
C ASP Q 178 75.36 -57.01 33.19
N ILE Q 179 74.81 -55.96 33.81
CA ILE Q 179 73.43 -55.98 34.26
C ILE Q 179 72.75 -54.67 33.86
N GLU Q 180 71.42 -54.71 33.82
CA GLU Q 180 70.58 -53.53 33.63
C GLU Q 180 70.72 -52.50 34.74
N GLU Q 181 71.38 -52.85 35.85
CA GLU Q 181 71.88 -51.82 36.75
C GLU Q 181 72.64 -50.78 35.95
N LEU Q 182 73.41 -51.22 34.97
CA LEU Q 182 74.14 -50.31 34.10
C LEU Q 182 73.19 -49.52 33.22
N LYS Q 183 72.01 -50.07 32.93
CA LYS Q 183 71.03 -49.36 32.13
C LYS Q 183 70.43 -48.18 32.89
N LEU Q 184 69.95 -48.44 34.11
CA LEU Q 184 69.58 -47.36 35.00
C LEU Q 184 70.74 -46.41 35.24
N LYS Q 185 71.96 -46.91 35.11
CA LYS Q 185 73.13 -46.09 35.33
C LYS Q 185 73.34 -45.11 34.19
N GLU Q 186 72.80 -45.41 33.02
CA GLU Q 186 72.98 -44.55 31.86
C GLU Q 186 72.09 -43.32 31.92
N LEU Q 187 70.81 -43.51 32.22
CA LEU Q 187 69.89 -42.37 32.30
C LEU Q 187 70.41 -41.34 33.29
N LYS Q 188 70.65 -41.78 34.53
CA LYS Q 188 70.97 -40.85 35.60
C LYS Q 188 72.19 -40.01 35.26
N ASN Q 189 73.08 -40.52 34.41
CA ASN Q 189 74.14 -39.68 33.88
C ASN Q 189 73.59 -38.68 32.87
N ALA Q 190 72.85 -39.16 31.88
CA ALA Q 190 72.39 -38.29 30.80
C ALA Q 190 71.44 -37.22 31.33
N ARG Q 191 70.41 -37.63 32.05
CA ARG Q 191 69.45 -36.70 32.64
C ARG Q 191 70.12 -35.63 33.45
N LEU Q 192 71.34 -35.88 33.93
CA LEU Q 192 72.11 -34.79 34.51
C LEU Q 192 72.78 -33.96 33.41
N SER Q 193 73.30 -34.62 32.37
CA SER Q 193 74.08 -33.89 31.38
C SER Q 193 73.20 -32.95 30.58
N MET Q 194 72.06 -33.44 30.09
CA MET Q 194 71.09 -32.56 29.46
C MET Q 194 70.81 -31.37 30.35
N LEU Q 195 70.51 -31.64 31.61
CA LEU Q 195 70.31 -30.57 32.58
C LEU Q 195 71.57 -29.74 32.74
N ALA Q 196 72.74 -30.38 32.60
CA ALA Q 196 73.98 -29.63 32.74
C ALA Q 196 74.24 -28.76 31.52
N PHE Q 197 73.84 -29.23 30.35
CA PHE Q 197 74.14 -28.49 29.13
C PHE Q 197 73.51 -27.11 29.15
N VAL Q 198 72.24 -27.01 29.55
CA VAL Q 198 71.58 -25.72 29.63
C VAL Q 198 72.41 -24.74 30.41
N GLY Q 199 73.13 -25.23 31.42
CA GLY Q 199 74.05 -24.37 32.14
C GLY Q 199 75.04 -23.70 31.21
N PHE Q 200 75.60 -24.46 30.27
CA PHE Q 200 76.66 -23.91 29.43
C PHE Q 200 76.15 -22.78 28.58
N VAL Q 201 74.94 -22.91 28.05
CA VAL Q 201 74.32 -21.83 27.29
C VAL Q 201 74.22 -20.60 28.17
N MET Q 202 73.38 -20.68 29.22
CA MET Q 202 73.07 -19.49 29.99
C MET Q 202 74.31 -18.87 30.61
N GLN Q 203 75.18 -19.69 31.20
CA GLN Q 203 76.43 -19.15 31.73
C GLN Q 203 77.18 -18.41 30.63
N ALA Q 204 77.35 -19.05 29.47
CA ALA Q 204 78.04 -18.38 28.38
C ALA Q 204 77.24 -17.27 27.75
N GLN Q 205 75.99 -17.04 28.16
CA GLN Q 205 75.24 -15.89 27.67
C GLN Q 205 75.75 -14.62 28.31
N ILE Q 206 75.43 -14.44 29.59
CA ILE Q 206 75.82 -13.23 30.30
C ILE Q 206 77.24 -13.32 30.84
N THR Q 207 77.63 -14.46 31.41
CA THR Q 207 78.98 -14.53 31.96
C THR Q 207 80.01 -14.56 30.84
N GLY Q 208 79.59 -14.85 29.62
CA GLY Q 208 80.49 -14.77 28.49
C GLY Q 208 81.77 -15.56 28.64
N LYS Q 209 81.72 -16.67 29.35
CA LYS Q 209 82.88 -17.52 29.56
C LYS Q 209 82.50 -18.98 29.45
N GLY Q 210 83.50 -19.82 29.18
CA GLY Q 210 83.30 -21.23 29.01
C GLY Q 210 82.87 -21.91 30.29
N PRO Q 211 82.50 -23.18 30.19
CA PRO Q 211 81.99 -23.89 31.37
C PRO Q 211 82.98 -23.97 32.50
N ILE Q 212 84.23 -24.33 32.23
CA ILE Q 212 85.19 -24.51 33.30
C ILE Q 212 85.88 -23.21 33.68
N ALA Q 213 85.73 -22.17 32.86
CA ALA Q 213 86.23 -20.86 33.27
C ALA Q 213 85.47 -20.35 34.48
N CYS Q 214 84.13 -20.34 34.40
CA CYS Q 214 83.34 -19.89 35.53
C CYS Q 214 83.39 -20.87 36.69
N TRP Q 215 83.69 -22.14 36.43
CA TRP Q 215 84.00 -23.08 37.50
C TRP Q 215 85.02 -22.49 38.47
N THR Q 216 86.23 -22.24 37.98
CA THR Q 216 87.28 -21.68 38.84
C THR Q 216 86.95 -20.27 39.28
N ASP Q 217 86.23 -19.50 38.46
CA ASP Q 217 85.88 -18.15 38.83
C ASP Q 217 84.94 -18.11 40.04
N HIS Q 218 84.13 -19.15 40.21
CA HIS Q 218 83.26 -19.20 41.38
C HIS Q 218 84.06 -19.49 42.65
N LEU Q 219 84.89 -20.53 42.63
CA LEU Q 219 85.65 -20.89 43.82
C LEU Q 219 86.54 -19.77 44.30
N ALA Q 220 86.85 -18.79 43.45
CA ALA Q 220 87.54 -17.58 43.86
C ALA Q 220 86.48 -16.55 44.21
N ASP Q 221 86.40 -16.18 45.49
CA ASP Q 221 85.33 -15.36 46.01
C ASP Q 221 83.97 -15.97 45.66
N PRO Q 222 83.59 -17.05 46.34
CA PRO Q 222 82.33 -17.73 45.99
C PRO Q 222 81.09 -16.87 46.15
N PHE Q 223 81.04 -16.03 47.18
CA PHE Q 223 79.82 -15.27 47.43
C PHE Q 223 79.54 -14.25 46.34
N GLY Q 224 80.47 -14.05 45.41
CA GLY Q 224 80.20 -13.32 44.20
C GLY Q 224 79.89 -14.27 43.04
N THR Q 225 79.26 -13.71 42.02
CA THR Q 225 78.94 -14.44 40.78
C THR Q 225 78.08 -15.67 41.06
N THR Q 226 76.90 -15.43 41.62
CA THR Q 226 75.86 -16.45 41.67
C THR Q 226 74.75 -16.26 40.64
N ILE Q 227 74.73 -15.14 39.92
CA ILE Q 227 73.55 -14.66 39.22
C ILE Q 227 72.38 -14.90 40.17
N PHE Q 228 72.63 -14.57 41.42
CA PHE Q 228 71.64 -14.45 42.46
C PHE Q 228 71.99 -13.09 43.02
N SER Q 229 73.24 -12.96 43.45
CA SER Q 229 73.83 -11.64 43.66
C SER Q 229 73.67 -10.74 42.44
N LYS Q 230 73.96 -11.27 41.26
CA LYS Q 230 74.18 -10.43 40.09
C LYS Q 230 72.91 -9.79 39.55
N ALA Q 231 71.73 -10.12 40.10
CA ALA Q 231 70.48 -9.51 39.66
C ALA Q 231 69.50 -9.54 40.83
N VAL Q 232 68.55 -8.60 40.84
CA VAL Q 232 67.62 -8.55 41.97
C VAL Q 232 66.16 -8.52 41.54
N ILE Q 233 65.74 -7.48 40.82
CA ILE Q 233 64.32 -7.27 40.51
C ILE Q 233 63.47 -7.46 41.75
N THR Q 234 63.56 -6.51 42.66
CA THR Q 234 62.57 -6.38 43.71
C THR Q 234 61.53 -5.37 43.25
N LEU Q 235 60.55 -5.10 44.11
CA LEU Q 235 59.70 -3.95 43.84
C LEU Q 235 60.56 -2.71 43.71
N GLY Q 236 60.17 -1.83 42.81
CA GLY Q 236 61.12 -0.80 42.45
C GLY Q 236 62.27 -1.44 41.71
N GLY Q 237 63.47 -1.33 42.26
CA GLY Q 237 64.70 -1.67 41.56
C GLY Q 237 64.77 -3.00 40.83
N ALA Q 238 65.29 -2.94 39.61
CA ALA Q 238 65.55 -4.12 38.80
C ALA Q 238 66.90 -3.96 38.12
N VAL Q 239 67.84 -4.84 38.43
CA VAL Q 239 69.10 -4.90 37.69
C VAL Q 239 69.13 -6.21 36.93
N LYS Q 240 69.78 -6.20 35.78
CA LYS Q 240 70.02 -7.44 35.11
C LYS Q 240 71.39 -7.32 34.47
N PRO Q 241 72.19 -8.38 34.47
CA PRO Q 241 73.46 -8.33 33.75
C PRO Q 241 73.23 -8.42 32.26
N THR Q 242 73.98 -7.64 31.50
CA THR Q 242 73.80 -7.61 30.06
C THR Q 242 74.59 -8.74 29.41
N CYS Q 243 74.06 -9.25 28.30
CA CYS Q 243 74.67 -10.37 27.63
C CYS Q 243 76.05 -9.98 27.11
N GLN Q 244 77.06 -10.75 27.50
CA GLN Q 244 78.43 -10.43 27.16
C GLN Q 244 78.81 -10.89 25.76
N ILE Q 245 77.95 -11.64 25.09
CA ILE Q 245 78.18 -12.02 23.70
C ILE Q 245 77.34 -11.11 22.81
N PRO Q 246 77.92 -10.57 21.75
CA PRO Q 246 77.16 -9.64 20.91
C PRO Q 246 76.37 -10.34 19.83
N ASP Q 247 75.63 -9.56 19.04
CA ASP Q 247 74.95 -10.06 17.86
C ASP Q 247 75.77 -9.73 16.62
N HIS Q 248 75.29 -10.16 15.47
CA HIS Q 248 76.01 -9.99 14.20
C HIS Q 248 77.46 -10.43 14.33
N VAL Q 249 77.69 -11.72 14.52
CA VAL Q 249 79.04 -12.27 14.49
C VAL Q 249 79.43 -12.51 13.04
N ALA Q 250 80.57 -11.97 12.63
CA ALA Q 250 80.97 -12.01 11.24
C ALA Q 250 81.56 -13.37 10.92
N PHE Q 251 80.94 -14.10 10.01
CA PHE Q 251 81.49 -15.34 9.49
C PHE Q 251 81.35 -15.35 7.98
N GLN Q 252 82.49 -15.29 7.29
CA GLN Q 252 82.58 -15.34 5.84
C GLN Q 252 81.53 -14.46 5.18
N GLY Q 253 81.45 -13.21 5.66
CA GLY Q 253 80.56 -12.23 5.07
C GLY Q 253 79.08 -12.50 5.23
N ILE Q 254 78.70 -13.17 6.31
CA ILE Q 254 77.31 -13.56 6.55
C ILE Q 254 76.86 -12.98 7.88
N ASP Q 255 75.59 -12.57 7.94
CA ASP Q 255 75.03 -11.91 9.10
C ASP Q 255 75.16 -12.78 10.35
N ILE Q 256 74.42 -13.89 10.39
CA ILE Q 256 74.32 -14.74 11.58
C ILE Q 256 73.91 -13.89 12.78
N PRO Q 257 72.64 -13.51 12.88
CA PRO Q 257 72.22 -12.61 13.95
C PRO Q 257 72.58 -13.09 15.35
N THR Q 258 72.36 -14.37 15.62
CA THR Q 258 72.67 -15.02 16.89
C THR Q 258 72.43 -14.15 18.13
N PRO Q 259 71.18 -13.81 18.43
CA PRO Q 259 70.91 -13.00 19.62
C PRO Q 259 70.97 -13.86 20.88
N CYS Q 260 70.85 -13.17 22.01
CA CYS Q 260 70.77 -13.82 23.31
C CYS Q 260 69.41 -14.48 23.46
N PHE Q 261 69.31 -15.37 24.45
CA PHE Q 261 68.06 -16.11 24.65
C PHE Q 261 67.20 -15.34 25.65
N PHE Q 262 66.15 -14.71 25.12
CA PHE Q 262 65.14 -14.00 25.89
C PHE Q 262 65.75 -13.20 27.03
N GLU Q 263 66.46 -12.14 26.65
CA GLU Q 263 67.08 -11.28 27.63
C GLU Q 263 66.06 -10.55 28.48
N GLY Q 264 64.97 -10.08 27.88
CA GLY Q 264 64.03 -9.22 28.59
C GLY Q 264 63.54 -9.82 29.88
N PHE Q 265 63.46 -11.15 29.95
CA PHE Q 265 62.94 -11.84 31.12
C PHE Q 265 64.02 -12.33 32.05
N TRP Q 266 65.29 -12.10 31.73
CA TRP Q 266 66.36 -12.43 32.66
C TRP Q 266 66.13 -11.74 33.99
N PRO Q 267 66.65 -12.32 35.08
CA PRO Q 267 66.60 -11.70 36.41
C PRO Q 267 67.18 -10.30 36.39
N ARG R 31 36.58 -63.15 -48.30
CA ARG R 31 37.09 -61.93 -47.68
C ARG R 31 38.59 -61.95 -47.47
N PRO R 32 39.31 -61.00 -48.06
CA PRO R 32 40.75 -60.89 -47.82
C PRO R 32 41.05 -60.37 -46.42
N GLY R 33 42.31 -60.01 -46.15
CA GLY R 33 42.73 -59.67 -44.82
C GLY R 33 42.10 -58.39 -44.32
N ASN R 34 42.57 -57.93 -43.17
CA ASN R 34 41.99 -56.76 -42.53
C ASN R 34 42.94 -55.58 -42.60
N TRP R 35 42.37 -54.38 -42.58
CA TRP R 35 43.16 -53.17 -42.75
C TRP R 35 44.24 -53.08 -41.67
N LEU R 36 43.87 -52.79 -40.44
CA LEU R 36 45.03 -53.05 -39.59
C LEU R 36 44.96 -54.44 -39.00
N PRO R 37 46.11 -55.09 -38.81
CA PRO R 37 46.11 -56.40 -38.14
C PRO R 37 45.83 -56.32 -36.65
N GLY R 38 44.71 -55.70 -36.29
CA GLY R 38 44.17 -55.78 -34.95
C GLY R 38 42.91 -56.61 -34.87
N SER R 39 42.59 -57.36 -35.92
CA SER R 39 41.45 -58.28 -36.01
C SER R 39 40.18 -57.50 -35.69
N GLU R 40 39.23 -58.09 -34.97
CA GLU R 40 37.92 -57.50 -34.73
C GLU R 40 37.31 -56.98 -36.04
N ALA R 41 37.21 -57.88 -36.99
CA ALA R 41 36.46 -57.58 -38.20
C ALA R 41 35.04 -57.23 -37.78
N PRO R 42 34.53 -56.04 -38.11
CA PRO R 42 33.23 -55.62 -37.61
C PRO R 42 32.15 -56.62 -38.00
N SER R 43 31.23 -56.85 -37.07
CA SER R 43 30.22 -57.88 -37.25
C SER R 43 29.42 -57.65 -38.51
N TYR R 44 28.78 -56.49 -38.61
CA TYR R 44 27.92 -56.20 -39.75
C TYR R 44 28.77 -56.03 -41.01
N LEU R 45 28.49 -56.85 -42.01
CA LEU R 45 29.10 -56.79 -43.34
C LEU R 45 28.62 -57.95 -44.20
N PRO R 46 28.40 -57.70 -45.48
CA PRO R 46 28.16 -58.79 -46.43
C PRO R 46 29.48 -59.35 -46.92
N GLU R 47 30.05 -60.29 -46.15
CA GLU R 47 31.46 -60.65 -46.29
C GLU R 47 31.88 -60.88 -47.74
N ASP R 48 30.94 -61.27 -48.60
CA ASP R 48 31.23 -61.38 -50.02
C ASP R 48 31.39 -60.02 -50.69
N LEU R 49 31.13 -58.92 -49.97
CA LEU R 49 31.15 -57.58 -50.51
C LEU R 49 32.50 -57.36 -51.18
N PRO R 50 32.59 -56.54 -52.19
CA PRO R 50 33.83 -56.46 -52.96
C PRO R 50 34.99 -55.84 -52.20
N GLY R 51 35.68 -56.68 -51.43
CA GLY R 51 36.89 -56.27 -50.76
C GLY R 51 36.70 -55.50 -49.48
N ASN R 52 35.87 -56.02 -48.58
CA ASN R 52 35.82 -55.47 -47.23
C ASN R 52 37.01 -55.99 -46.44
N TYR R 53 37.85 -55.07 -46.01
CA TYR R 53 38.94 -55.37 -45.10
C TYR R 53 38.51 -55.25 -43.66
N GLY R 54 37.22 -55.04 -43.41
CA GLY R 54 36.76 -54.84 -42.06
C GLY R 54 37.11 -53.48 -41.54
N TYR R 55 36.77 -52.45 -42.31
CA TYR R 55 37.15 -51.07 -41.99
C TYR R 55 35.91 -50.28 -41.61
N ASP R 56 35.73 -50.03 -40.32
CA ASP R 56 34.82 -49.00 -39.83
C ASP R 56 35.33 -48.42 -38.51
N PRO R 57 36.30 -47.51 -38.58
CA PRO R 57 36.67 -46.80 -37.36
C PRO R 57 35.50 -46.07 -36.73
N LEU R 58 34.66 -45.41 -37.52
CA LEU R 58 33.53 -44.66 -37.00
C LEU R 58 32.24 -45.46 -36.93
N GLY R 59 32.20 -46.64 -37.52
CA GLY R 59 30.99 -47.45 -37.49
C GLY R 59 29.79 -46.79 -38.12
N ILE R 60 29.91 -46.36 -39.38
CA ILE R 60 28.80 -45.65 -40.01
C ILE R 60 27.72 -46.61 -40.49
N SER R 61 28.13 -47.73 -41.08
CA SER R 61 27.21 -48.60 -41.81
C SER R 61 26.55 -49.62 -40.90
N GLU R 62 26.72 -49.50 -39.58
CA GLU R 62 26.11 -50.42 -38.65
C GLU R 62 24.64 -50.66 -38.96
N ASN R 63 23.93 -49.61 -39.34
CA ASN R 63 22.52 -49.75 -39.69
C ASN R 63 22.42 -50.42 -41.05
N PRO R 64 21.89 -51.64 -41.14
CA PRO R 64 21.98 -52.37 -42.41
C PRO R 64 21.26 -51.70 -43.55
N ALA R 65 20.06 -51.17 -43.32
CA ALA R 65 19.36 -50.44 -44.37
C ALA R 65 20.20 -49.30 -44.90
N ASN R 66 21.04 -48.72 -44.05
CA ASN R 66 21.87 -47.60 -44.47
C ASN R 66 23.10 -48.08 -45.24
N MET R 67 23.70 -49.20 -44.81
CA MET R 67 24.78 -49.78 -45.60
C MET R 67 24.32 -50.10 -47.01
N GLU R 68 23.06 -50.50 -47.15
CA GLU R 68 22.49 -50.71 -48.47
C GLU R 68 22.75 -49.53 -49.39
N ARG R 69 22.67 -48.32 -48.85
CA ARG R 69 22.95 -47.15 -49.68
C ARG R 69 24.44 -46.96 -49.89
N MET R 70 25.23 -47.02 -48.83
CA MET R 70 26.64 -46.68 -48.96
C MET R 70 27.44 -47.67 -49.77
N ILE R 71 26.88 -48.83 -50.10
CA ILE R 71 27.58 -49.72 -51.01
C ILE R 71 27.64 -49.12 -52.41
N GLU R 72 26.56 -48.49 -52.84
CA GLU R 72 26.59 -47.87 -54.16
C GLU R 72 27.28 -46.53 -54.15
N CYS R 73 27.05 -45.72 -53.12
CA CYS R 73 27.66 -44.39 -53.08
C CYS R 73 29.16 -44.48 -53.30
N GLU R 74 29.80 -45.53 -52.78
CA GLU R 74 31.22 -45.72 -53.00
C GLU R 74 31.51 -45.94 -54.48
N VAL R 75 30.95 -47.00 -55.04
CA VAL R 75 31.38 -47.44 -56.36
C VAL R 75 31.08 -46.39 -57.40
N MET R 76 30.01 -45.62 -57.21
CA MET R 76 29.72 -44.58 -58.18
C MET R 76 30.63 -43.38 -57.99
N ASN R 77 31.09 -43.12 -56.76
CA ASN R 77 32.09 -42.07 -56.58
C ASN R 77 33.39 -42.45 -57.27
N GLY R 78 33.87 -43.67 -57.02
CA GLY R 78 35.17 -44.05 -57.52
C GLY R 78 35.28 -44.00 -59.02
N ARG R 79 34.25 -44.48 -59.71
CA ARG R 79 34.27 -44.49 -61.17
C ARG R 79 34.56 -43.11 -61.72
N TRP R 80 33.90 -42.10 -61.17
CA TRP R 80 34.16 -40.74 -61.57
C TRP R 80 35.45 -40.19 -60.98
N ALA R 81 36.04 -40.88 -60.01
CA ALA R 81 37.47 -40.70 -59.81
C ALA R 81 38.23 -41.50 -60.85
N MET R 82 37.84 -42.77 -61.03
CA MET R 82 38.52 -43.63 -61.99
C MET R 82 38.47 -43.05 -63.39
N LEU R 83 37.42 -42.33 -63.72
CA LEU R 83 37.39 -41.67 -65.02
C LEU R 83 38.17 -40.36 -64.98
N ALA R 84 38.13 -39.64 -63.86
CA ALA R 84 38.74 -38.31 -63.81
C ALA R 84 40.25 -38.37 -63.60
N VAL R 85 40.72 -39.30 -62.76
CA VAL R 85 42.15 -39.36 -62.45
C VAL R 85 42.99 -39.46 -63.72
N PRO R 86 42.72 -40.37 -64.65
CA PRO R 86 43.44 -40.30 -65.93
C PRO R 86 43.16 -39.02 -66.67
N GLY R 87 41.94 -38.48 -66.56
CA GLY R 87 41.63 -37.24 -67.22
C GLY R 87 42.53 -36.14 -66.71
N MET R 88 42.52 -35.90 -65.39
CA MET R 88 43.42 -34.91 -64.82
C MET R 88 44.87 -35.25 -65.08
N LEU R 89 45.16 -36.48 -65.50
CA LEU R 89 46.52 -36.90 -65.75
C LEU R 89 46.99 -36.46 -67.13
N ALA R 90 46.14 -36.58 -68.15
CA ALA R 90 46.55 -36.22 -69.50
C ALA R 90 46.51 -34.72 -69.74
N GLN R 91 45.60 -34.01 -69.08
CA GLN R 91 45.50 -32.56 -69.21
C GLN R 91 46.87 -31.92 -69.01
N GLU R 92 47.49 -32.23 -67.89
CA GLU R 92 48.73 -31.59 -67.48
C GLU R 92 49.93 -32.19 -68.19
N ALA R 93 49.87 -33.48 -68.53
CA ALA R 93 50.98 -34.14 -69.21
C ALA R 93 51.01 -33.74 -70.69
N LEU R 94 50.04 -34.21 -71.46
CA LEU R 94 50.05 -33.96 -72.89
C LEU R 94 49.69 -32.52 -73.19
N GLY R 95 48.44 -32.14 -72.96
CA GLY R 95 47.99 -30.82 -73.30
C GLY R 95 48.48 -29.75 -72.35
N PHE R 96 47.82 -28.60 -72.36
CA PHE R 96 48.22 -27.46 -71.57
C PHE R 96 47.18 -27.20 -70.49
N GLY R 97 47.65 -26.81 -69.32
CA GLY R 97 46.78 -26.70 -68.17
C GLY R 97 46.76 -27.97 -67.35
N ASN R 98 46.54 -27.80 -66.04
CA ASN R 98 46.51 -28.94 -65.15
C ASN R 98 45.07 -29.32 -64.83
N TRP R 99 44.41 -28.61 -63.92
CA TRP R 99 42.95 -28.61 -63.97
C TRP R 99 42.40 -27.21 -63.78
N HIS R 100 42.61 -26.59 -62.61
CA HIS R 100 42.15 -25.22 -62.43
C HIS R 100 42.65 -24.28 -63.50
N ASP R 101 43.70 -24.67 -64.22
CA ASP R 101 44.10 -23.87 -65.38
C ASP R 101 43.11 -24.05 -66.52
N ALA R 102 42.49 -25.23 -66.63
CA ALA R 102 41.65 -25.52 -67.79
C ALA R 102 40.48 -24.55 -67.93
N PRO R 103 39.57 -24.42 -66.95
CA PRO R 103 38.43 -23.51 -67.16
C PRO R 103 38.84 -22.07 -67.36
N SER R 104 39.78 -21.56 -66.57
CA SER R 104 40.10 -20.14 -66.63
C SER R 104 40.94 -19.79 -67.85
N TRP R 105 41.79 -20.72 -68.31
CA TRP R 105 42.43 -20.56 -69.61
C TRP R 105 41.38 -20.36 -70.69
N VAL R 106 40.30 -21.14 -70.64
CA VAL R 106 39.19 -20.97 -71.56
C VAL R 106 38.07 -20.14 -70.98
N TYR R 107 38.23 -19.58 -69.77
CA TYR R 107 37.26 -18.58 -69.34
C TYR R 107 37.35 -17.36 -70.24
N GLU R 108 38.57 -16.92 -70.54
CA GLU R 108 38.75 -15.90 -71.57
C GLU R 108 38.64 -16.51 -72.96
N GLY R 109 38.99 -17.78 -73.10
CA GLY R 109 38.85 -18.48 -74.36
C GLY R 109 37.45 -18.95 -74.68
N GLY R 110 36.79 -19.62 -73.74
CA GLY R 110 35.58 -20.36 -74.05
C GLY R 110 35.81 -21.65 -74.80
N SER R 111 35.17 -21.77 -75.96
CA SER R 111 35.30 -22.91 -76.88
C SER R 111 36.75 -23.33 -77.14
N PRO R 112 37.74 -22.41 -77.21
CA PRO R 112 39.09 -22.84 -77.57
C PRO R 112 39.75 -23.87 -76.67
N THR R 113 39.23 -25.09 -76.71
CA THR R 113 39.95 -26.25 -76.20
C THR R 113 40.72 -26.92 -77.33
N TRP R 114 41.50 -27.93 -76.98
CA TRP R 114 42.05 -28.85 -77.96
C TRP R 114 41.95 -30.26 -77.42
N PHE R 115 41.00 -31.05 -77.91
CA PHE R 115 40.93 -32.47 -77.56
C PHE R 115 41.18 -33.24 -78.84
N GLY R 116 42.41 -33.71 -79.02
CA GLY R 116 42.78 -34.42 -80.23
C GLY R 116 42.40 -33.66 -81.49
N ALA R 117 42.04 -32.39 -81.33
CA ALA R 117 41.22 -31.70 -82.30
C ALA R 117 40.92 -30.27 -81.86
N GLY R 118 40.19 -29.54 -82.70
CA GLY R 118 39.93 -28.13 -82.48
C GLY R 118 38.75 -27.88 -81.56
N MET R 119 38.04 -26.79 -81.83
CA MET R 119 37.07 -26.20 -80.90
C MET R 119 35.69 -26.04 -81.53
N PRO R 120 34.79 -27.00 -81.36
CA PRO R 120 33.40 -26.78 -81.75
C PRO R 120 32.78 -25.70 -80.87
N ILE R 121 32.11 -24.73 -81.50
CA ILE R 121 31.76 -23.51 -80.79
C ILE R 121 30.70 -23.79 -79.74
N THR R 122 30.99 -23.41 -78.50
CA THR R 122 30.01 -23.40 -77.43
C THR R 122 30.45 -22.40 -76.37
N ASP R 123 29.48 -21.84 -75.65
CA ASP R 123 29.73 -20.82 -74.65
C ASP R 123 29.25 -21.29 -73.29
N ILE R 124 29.85 -20.74 -72.23
CA ILE R 124 29.74 -21.30 -70.90
C ILE R 124 28.29 -21.57 -70.52
N LYS R 125 27.40 -20.61 -70.78
CA LYS R 125 26.00 -20.84 -70.47
C LYS R 125 25.43 -21.94 -71.35
N LEU R 126 25.73 -21.89 -72.65
CA LEU R 126 25.26 -22.95 -73.52
C LEU R 126 25.96 -24.26 -73.24
N LEU R 127 27.23 -24.20 -72.84
CA LEU R 127 28.02 -25.40 -72.64
C LEU R 127 27.44 -26.25 -71.51
N ALA R 128 27.20 -25.62 -70.36
CA ALA R 128 26.74 -26.34 -69.17
C ALA R 128 25.38 -27.00 -69.37
N VAL R 129 24.56 -26.49 -70.29
CA VAL R 129 23.25 -27.08 -70.54
C VAL R 129 23.40 -28.54 -70.94
N ILE R 130 24.40 -28.84 -71.76
CA ILE R 130 24.64 -30.22 -72.20
C ILE R 130 24.93 -31.11 -71.00
N GLU R 131 26.01 -30.78 -70.28
CA GLU R 131 26.47 -31.60 -69.18
C GLU R 131 25.52 -31.60 -68.01
N LEU R 132 24.63 -30.61 -67.90
CA LEU R 132 23.62 -30.67 -66.86
C LEU R 132 22.44 -31.54 -67.28
N VAL R 133 21.92 -31.32 -68.48
CA VAL R 133 20.68 -31.97 -68.88
C VAL R 133 20.92 -33.38 -69.37
N LEU R 134 21.96 -33.58 -70.19
CA LEU R 134 22.25 -34.94 -70.64
C LEU R 134 22.65 -35.82 -69.48
N MET R 135 23.25 -35.24 -68.46
CA MET R 135 23.63 -36.05 -67.31
C MET R 135 22.45 -36.31 -66.39
N GLY R 136 21.53 -35.34 -66.29
CA GLY R 136 20.40 -35.52 -65.40
C GLY R 136 19.60 -36.76 -65.74
N GLY R 137 19.15 -36.87 -66.99
CA GLY R 137 18.42 -38.05 -67.40
C GLY R 137 19.23 -39.32 -67.21
N ALA R 138 20.48 -39.30 -67.72
CA ALA R 138 21.37 -40.45 -67.56
C ALA R 138 21.42 -40.93 -66.13
N GLU R 139 21.48 -39.99 -65.17
CA GLU R 139 21.29 -40.36 -63.78
C GLU R 139 19.84 -40.73 -63.50
N ALA R 140 18.90 -39.93 -64.01
CA ALA R 140 17.50 -40.15 -63.70
C ALA R 140 17.01 -41.50 -64.19
N MET R 141 17.56 -42.01 -65.30
CA MET R 141 17.24 -43.35 -65.72
C MET R 141 17.69 -44.38 -64.69
N ARG R 142 18.87 -44.15 -64.12
CA ARG R 142 19.36 -44.98 -63.03
C ARG R 142 18.71 -44.62 -61.71
N ALA R 143 18.17 -43.41 -61.58
CA ALA R 143 17.71 -42.90 -60.29
C ALA R 143 16.75 -43.86 -59.61
N SER R 144 15.68 -44.25 -60.30
CA SER R 144 14.67 -45.12 -59.73
C SER R 144 14.88 -46.53 -60.27
N GLU R 145 15.41 -47.39 -59.41
CA GLU R 145 15.71 -48.78 -59.76
C GLU R 145 15.30 -49.70 -58.63
N PRO R 146 14.14 -50.35 -58.73
CA PRO R 146 13.58 -51.09 -57.60
C PRO R 146 14.56 -51.96 -56.83
N ASP R 147 15.59 -52.49 -57.50
CA ASP R 147 16.63 -53.25 -56.83
C ASP R 147 17.87 -52.38 -56.63
N MET R 148 18.53 -52.56 -55.49
CA MET R 148 19.80 -51.90 -55.25
C MET R 148 20.98 -52.62 -55.91
N GLU R 149 20.86 -53.92 -56.17
CA GLU R 149 21.89 -54.61 -56.92
C GLU R 149 21.74 -54.37 -58.42
N LYS R 150 20.49 -54.39 -58.89
CA LYS R 150 20.20 -54.19 -60.31
C LYS R 150 20.67 -52.82 -60.79
N ARG R 151 20.65 -51.83 -59.91
CA ARG R 151 21.00 -50.48 -60.34
C ARG R 151 22.50 -50.30 -60.49
N VAL R 152 23.28 -50.77 -59.52
CA VAL R 152 24.72 -50.54 -59.56
C VAL R 152 25.40 -51.52 -60.50
N TYR R 153 24.87 -52.74 -60.63
CA TYR R 153 25.42 -53.75 -61.53
C TYR R 153 24.33 -54.15 -62.53
N PRO R 154 24.02 -53.29 -63.49
CA PRO R 154 22.96 -53.63 -64.46
C PRO R 154 23.32 -54.80 -65.36
N GLY R 155 24.54 -54.84 -65.86
CA GLY R 155 24.86 -55.81 -66.89
C GLY R 155 24.21 -55.41 -68.21
N GLY R 156 24.10 -56.39 -69.10
CA GLY R 156 23.40 -56.17 -70.35
C GLY R 156 24.06 -55.16 -71.26
N ALA R 157 23.32 -54.11 -71.61
CA ALA R 157 23.83 -53.09 -72.52
C ALA R 157 25.07 -52.40 -71.96
N PHE R 158 25.20 -52.33 -70.64
CA PHE R 158 26.39 -51.78 -70.01
C PHE R 158 27.48 -52.84 -69.82
N ASP R 159 27.19 -54.09 -70.16
CA ASP R 159 28.18 -55.16 -70.17
C ASP R 159 28.28 -55.66 -71.59
N PRO R 160 28.89 -54.89 -72.49
CA PRO R 160 28.98 -55.33 -73.89
C PRO R 160 29.86 -56.54 -74.06
N ALA R 161 31.00 -56.57 -73.37
CA ALA R 161 31.96 -57.65 -73.56
C ALA R 161 31.40 -58.97 -73.06
N GLY R 162 30.87 -58.98 -71.85
CA GLY R 162 30.48 -60.21 -71.20
C GLY R 162 31.55 -60.80 -70.33
N PHE R 163 32.55 -60.01 -69.94
CA PHE R 163 33.63 -60.51 -69.09
C PHE R 163 33.13 -60.89 -67.71
N SER R 164 31.87 -60.58 -67.39
CA SER R 164 31.25 -61.08 -66.18
C SER R 164 31.49 -62.56 -66.01
N LYS R 165 31.39 -63.31 -67.10
CA LYS R 165 31.64 -64.75 -67.14
C LYS R 165 30.73 -65.40 -66.09
N GLY R 166 31.18 -66.39 -65.36
CA GLY R 166 30.40 -66.93 -64.26
C GLY R 166 30.81 -66.33 -62.95
N ASN R 167 32.04 -65.79 -62.90
CA ASN R 167 32.57 -65.16 -61.70
C ASN R 167 32.76 -63.68 -61.94
N LEU R 168 31.89 -62.88 -61.36
CA LEU R 168 32.13 -61.46 -61.17
C LEU R 168 32.73 -61.14 -59.82
N ALA R 169 32.70 -62.08 -58.87
CA ALA R 169 33.08 -61.77 -57.49
C ALA R 169 34.57 -61.44 -57.39
N GLU R 170 35.40 -62.10 -58.17
CA GLU R 170 36.78 -61.66 -58.29
C GLU R 170 36.85 -60.29 -58.94
N LEU R 171 36.08 -60.09 -60.02
CA LEU R 171 36.12 -58.84 -60.76
C LEU R 171 35.53 -57.69 -59.95
N LYS R 172 34.51 -57.98 -59.16
CA LYS R 172 33.87 -56.94 -58.36
C LYS R 172 34.84 -56.35 -57.35
N LEU R 173 35.43 -57.20 -56.51
CA LEU R 173 36.52 -56.77 -55.64
C LEU R 173 37.65 -56.14 -56.45
N LYS R 174 37.94 -56.70 -57.61
CA LYS R 174 38.98 -56.16 -58.48
C LYS R 174 38.68 -54.71 -58.83
N GLU R 175 37.42 -54.42 -59.17
CA GLU R 175 37.05 -53.06 -59.57
C GLU R 175 37.17 -52.10 -58.39
N ILE R 176 36.85 -52.57 -57.19
CA ILE R 176 36.86 -51.68 -56.02
C ILE R 176 38.28 -51.27 -55.67
N LYS R 177 39.20 -52.23 -55.58
CA LYS R 177 40.56 -51.90 -55.18
C LYS R 177 41.16 -50.85 -56.11
N ASN R 178 40.90 -50.96 -57.41
CA ASN R 178 41.25 -49.87 -58.32
C ASN R 178 40.50 -48.60 -57.96
N ALA R 179 39.26 -48.74 -57.51
CA ALA R 179 38.42 -47.57 -57.29
C ALA R 179 38.89 -46.79 -56.07
N ARG R 180 38.86 -47.43 -54.91
CA ARG R 180 39.30 -46.80 -53.67
C ARG R 180 40.61 -46.06 -53.86
N LEU R 181 41.57 -46.71 -54.52
CA LEU R 181 42.84 -46.05 -54.78
C LEU R 181 42.65 -44.85 -55.68
N ALA R 182 41.83 -44.98 -56.72
CA ALA R 182 41.59 -43.84 -57.61
C ALA R 182 41.08 -42.64 -56.82
N MET R 183 40.01 -42.83 -56.05
CA MET R 183 39.50 -41.77 -55.20
C MET R 183 40.62 -41.20 -54.34
N PHE R 184 41.27 -42.08 -53.58
CA PHE R 184 42.34 -41.66 -52.70
C PHE R 184 43.46 -40.98 -53.47
N ALA R 185 43.62 -41.33 -54.74
CA ALA R 185 44.57 -40.60 -55.56
C ALA R 185 44.07 -39.18 -55.81
N PHE R 186 42.79 -39.04 -56.09
CA PHE R 186 42.23 -37.73 -56.42
C PHE R 186 42.54 -36.71 -55.32
N VAL R 187 42.46 -37.13 -54.06
CA VAL R 187 42.77 -36.21 -52.97
C VAL R 187 44.21 -35.74 -53.08
N GLY R 188 45.10 -36.63 -53.49
CA GLY R 188 46.48 -36.26 -53.72
C GLY R 188 46.65 -35.20 -54.79
N PHE R 189 45.65 -34.99 -55.63
CA PHE R 189 45.72 -33.86 -56.54
C PHE R 189 45.27 -32.58 -55.86
N VAL R 190 44.22 -32.66 -55.04
CA VAL R 190 43.56 -31.45 -54.55
C VAL R 190 44.30 -30.85 -53.37
N LEU R 191 44.80 -31.68 -52.45
CA LEU R 191 45.53 -31.10 -51.32
C LEU R 191 46.93 -30.65 -51.70
N GLN R 192 47.52 -31.21 -52.74
CA GLN R 192 48.78 -30.67 -53.23
C GLN R 192 48.56 -29.28 -53.82
N TYR R 193 47.67 -29.19 -54.79
CA TYR R 193 47.50 -27.94 -55.53
C TYR R 193 46.86 -26.87 -54.66
N TYR R 194 45.98 -27.26 -53.74
CA TYR R 194 45.47 -26.25 -52.81
C TYR R 194 46.57 -25.77 -51.89
N ALA R 195 47.54 -26.63 -51.58
CA ALA R 195 48.72 -26.15 -50.88
C ALA R 195 49.55 -25.32 -51.84
N THR R 196 50.68 -24.82 -51.34
CA THR R 196 51.58 -24.07 -52.20
C THR R 196 52.00 -24.91 -53.42
N GLY R 197 52.03 -26.23 -53.27
CA GLY R 197 52.36 -27.09 -54.39
C GLY R 197 51.41 -26.87 -55.56
N LYS R 198 51.92 -27.18 -56.75
CA LYS R 198 51.22 -27.08 -58.01
C LYS R 198 50.68 -28.45 -58.40
N GLY R 199 50.17 -28.54 -59.63
CA GLY R 199 49.64 -29.78 -60.18
C GLY R 199 50.65 -30.90 -60.16
N PRO R 200 50.17 -32.14 -60.10
CA PRO R 200 51.06 -33.24 -59.72
C PRO R 200 52.13 -33.58 -60.74
N VAL R 201 51.80 -33.48 -62.04
CA VAL R 201 52.67 -34.04 -63.07
C VAL R 201 54.08 -33.48 -62.95
N GLN R 202 54.21 -32.15 -62.89
CA GLN R 202 55.52 -31.58 -62.63
C GLN R 202 55.99 -31.91 -61.23
N CYS R 203 55.11 -31.80 -60.23
CA CYS R 203 55.47 -32.18 -58.87
C CYS R 203 56.06 -33.59 -58.84
N TRP R 204 55.38 -34.53 -59.49
CA TRP R 204 55.94 -35.86 -59.67
C TRP R 204 57.38 -35.78 -60.16
N THR R 205 57.60 -34.99 -61.20
CA THR R 205 58.95 -34.78 -61.69
C THR R 205 59.76 -33.93 -60.72
N GLU R 206 59.13 -32.91 -60.15
CA GLU R 206 59.82 -32.07 -59.18
C GLU R 206 60.36 -32.90 -58.03
N HIS R 207 59.52 -33.73 -57.43
CA HIS R 207 59.97 -34.59 -56.34
C HIS R 207 61.08 -35.51 -56.80
N ILE R 208 60.87 -36.23 -57.90
CA ILE R 208 61.90 -37.15 -58.36
C ILE R 208 63.15 -36.41 -58.81
N ALA R 209 63.06 -35.09 -59.00
CA ALA R 209 64.26 -34.32 -59.26
C ALA R 209 65.05 -34.21 -57.96
N ASP R 210 64.50 -33.51 -56.98
CA ASP R 210 65.10 -33.41 -55.66
C ASP R 210 64.18 -34.02 -54.63
N PRO R 211 64.50 -35.20 -54.08
CA PRO R 211 63.61 -35.79 -53.06
C PRO R 211 63.62 -34.98 -51.77
N LEU R 212 64.76 -34.43 -51.39
CA LEU R 212 64.87 -33.67 -50.16
C LEU R 212 64.66 -32.20 -50.52
N GLY R 213 63.58 -31.63 -50.01
CA GLY R 213 63.17 -30.30 -50.40
C GLY R 213 61.92 -30.26 -51.25
N ALA R 214 61.48 -31.38 -51.78
CA ALA R 214 60.14 -31.52 -52.33
C ALA R 214 59.39 -32.52 -51.47
N ASN R 215 58.48 -32.01 -50.65
CA ASN R 215 57.71 -32.81 -49.70
C ASN R 215 56.47 -32.02 -49.32
N PHE R 216 55.54 -32.69 -48.64
CA PHE R 216 54.45 -31.94 -48.05
C PHE R 216 54.99 -30.92 -47.06
N ALA R 217 56.07 -31.25 -46.35
CA ALA R 217 56.67 -30.31 -45.42
C ALA R 217 57.37 -29.18 -46.14
N THR R 218 58.26 -29.51 -47.06
CA THR R 218 59.06 -28.53 -47.78
C THR R 218 58.25 -27.99 -48.96
N ASN R 219 58.11 -26.65 -49.01
CA ASN R 219 57.41 -25.98 -50.09
C ASN R 219 55.91 -26.25 -50.04
N GLY R 220 55.51 -27.28 -49.30
CA GLY R 220 54.10 -27.58 -49.17
C GLY R 220 53.50 -26.81 -48.01
N THR R 221 54.35 -26.49 -47.03
CA THR R 221 53.93 -25.80 -45.82
C THR R 221 52.70 -26.48 -45.22
N SER R 222 52.65 -27.80 -45.36
CA SER R 222 51.62 -28.63 -44.78
C SER R 222 51.88 -28.91 -43.30
N LEU R 223 53.15 -28.91 -42.89
CA LEU R 223 53.50 -28.94 -41.49
C LEU R 223 53.57 -27.52 -40.96
N PRO R 224 52.66 -27.09 -40.12
CA PRO R 224 52.64 -25.71 -39.69
C PRO R 224 53.47 -25.45 -38.44
N PHE R 225 54.78 -25.62 -38.56
CA PHE R 225 55.67 -25.17 -37.50
C PHE R 225 56.73 -24.26 -38.10
N ALA S 37 38.60 -31.69 80.10
CA ALA S 37 37.80 -30.89 81.02
C ALA S 37 38.10 -29.42 80.84
N ASP S 38 37.14 -28.57 81.19
CA ASP S 38 37.34 -27.14 81.07
C ASP S 38 38.52 -26.71 81.91
N ARG S 39 39.52 -26.10 81.29
CA ARG S 39 40.63 -25.66 82.12
C ARG S 39 40.30 -24.27 82.65
N LYS S 40 40.49 -23.26 81.82
CA LYS S 40 39.73 -22.03 81.98
C LYS S 40 39.60 -21.41 80.61
N LEU S 41 38.38 -21.07 80.22
CA LEU S 41 38.16 -20.50 78.90
C LEU S 41 38.42 -19.00 78.91
N TRP S 42 38.73 -18.46 77.73
CA TRP S 42 39.20 -17.09 77.60
C TRP S 42 38.18 -16.09 78.15
N ALA S 43 37.02 -16.09 77.63
CA ALA S 43 36.10 -15.21 78.33
C ALA S 43 35.40 -15.99 79.44
N PRO S 44 34.86 -15.33 80.46
CA PRO S 44 34.33 -16.11 81.59
C PRO S 44 33.17 -17.01 81.21
N GLY S 45 32.06 -16.44 80.76
CA GLY S 45 31.06 -17.24 80.07
C GLY S 45 31.40 -17.40 78.61
N VAL S 46 31.61 -18.63 78.14
CA VAL S 46 31.71 -18.93 76.72
C VAL S 46 31.46 -20.42 76.56
N ALA S 47 31.14 -20.83 75.34
CA ALA S 47 31.06 -22.23 74.97
C ALA S 47 32.29 -22.56 74.13
N ALA S 48 33.09 -23.49 74.59
CA ALA S 48 34.20 -23.95 73.78
C ALA S 48 33.64 -24.56 72.51
N PRO S 49 34.14 -24.17 71.34
CA PRO S 49 33.63 -24.75 70.10
C PRO S 49 33.75 -26.26 70.11
N SER S 50 32.89 -26.91 69.33
CA SER S 50 32.81 -28.36 69.32
C SER S 50 34.17 -28.99 69.06
N TYR S 51 34.82 -28.57 67.97
CA TYR S 51 36.12 -29.12 67.63
C TYR S 51 37.20 -28.75 68.63
N LEU S 52 36.96 -27.75 69.47
CA LEU S 52 37.91 -27.38 70.51
C LEU S 52 37.53 -28.11 71.79
N ASP S 53 38.37 -29.06 72.16
CA ASP S 53 38.32 -29.79 73.43
C ASP S 53 39.31 -29.24 74.44
N GLY S 54 40.58 -29.09 74.05
CA GLY S 54 41.68 -28.96 74.98
C GLY S 54 42.63 -30.13 74.91
N SER S 55 42.45 -30.95 73.86
CA SER S 55 43.46 -31.94 73.53
C SER S 55 44.78 -31.31 73.09
N LEU S 56 44.74 -30.19 72.40
CA LEU S 56 45.97 -29.54 71.97
C LEU S 56 46.59 -28.81 73.15
N ALA S 57 47.66 -28.06 72.90
CA ALA S 57 48.53 -27.61 73.97
C ALA S 57 47.88 -26.50 74.79
N GLY S 58 47.73 -25.32 74.23
CA GLY S 58 47.33 -24.15 74.97
C GLY S 58 45.87 -23.78 74.83
N ASP S 59 45.03 -24.76 74.51
CA ASP S 59 43.65 -24.46 74.15
C ASP S 59 42.94 -23.71 75.26
N TYR S 60 42.46 -22.50 74.93
CA TYR S 60 41.44 -21.82 75.73
C TYR S 60 40.07 -21.91 75.11
N GLY S 61 39.90 -22.60 74.00
CA GLY S 61 38.61 -22.64 73.35
C GLY S 61 38.24 -21.32 72.72
N TRP S 62 39.21 -20.58 72.25
CA TRP S 62 38.96 -19.30 71.59
C TRP S 62 39.27 -19.46 70.11
N ASP S 63 38.22 -19.53 69.30
CA ASP S 63 38.32 -19.39 67.86
C ASP S 63 37.07 -18.65 67.40
N PRO S 64 36.96 -17.36 67.73
CA PRO S 64 35.72 -16.64 67.44
C PRO S 64 35.48 -16.45 65.95
N MET S 65 36.53 -16.41 65.15
CA MET S 65 36.33 -16.38 63.72
C MET S 65 35.80 -17.69 63.17
N GLY S 66 35.74 -18.73 63.99
CA GLY S 66 35.35 -20.03 63.51
C GLY S 66 36.19 -20.52 62.36
N LEU S 67 37.40 -19.98 62.22
CA LEU S 67 38.20 -20.22 61.03
C LEU S 67 38.76 -21.64 61.01
N SER S 68 39.31 -22.09 62.14
CA SER S 68 39.68 -23.49 62.25
C SER S 68 38.42 -24.32 62.37
N SER S 69 38.34 -25.36 61.55
CA SER S 69 37.25 -26.32 61.51
C SER S 69 37.62 -27.31 60.43
N ASP S 70 36.96 -28.47 60.45
CA ASP S 70 37.35 -29.53 59.52
C ASP S 70 38.84 -29.79 59.69
N PRO S 71 39.24 -30.52 60.73
CA PRO S 71 40.58 -30.39 61.32
C PRO S 71 41.76 -30.38 60.36
N LYS S 72 41.56 -30.84 59.12
CA LYS S 72 42.63 -30.67 58.12
C LYS S 72 43.10 -29.23 58.07
N ALA S 73 42.21 -28.28 58.32
CA ALA S 73 42.63 -26.90 58.53
C ALA S 73 43.36 -26.75 59.86
N LEU S 74 42.82 -27.34 60.91
CA LEU S 74 43.42 -27.20 62.24
C LEU S 74 44.87 -27.67 62.21
N ALA S 75 45.11 -28.87 61.69
CA ALA S 75 46.48 -29.36 61.58
C ALA S 75 47.36 -28.33 60.91
N TRP S 76 46.89 -27.78 59.80
CA TRP S 76 47.66 -26.77 59.09
C TRP S 76 47.89 -25.55 59.96
N TYR S 77 46.83 -24.99 60.52
CA TYR S 77 46.97 -23.78 61.32
C TYR S 77 47.87 -24.01 62.52
N ARG S 78 47.71 -25.15 63.20
CA ARG S 78 48.59 -25.46 64.32
C ARG S 78 50.04 -25.36 63.92
N GLN S 79 50.40 -25.92 62.76
CA GLN S 79 51.78 -25.87 62.30
C GLN S 79 52.27 -24.43 62.25
N ALA S 80 51.48 -23.55 61.66
CA ALA S 80 51.89 -22.16 61.58
C ALA S 80 52.03 -21.56 62.97
N GLU S 81 51.06 -21.80 63.85
CA GLU S 81 51.13 -21.23 65.18
C GLU S 81 52.42 -21.63 65.87
N LEU S 82 52.82 -22.90 65.75
CA LEU S 82 54.10 -23.33 66.24
C LEU S 82 55.21 -22.54 65.58
N VAL S 83 55.41 -22.78 64.27
CA VAL S 83 56.51 -22.19 63.53
C VAL S 83 56.61 -20.69 63.81
N HIS S 84 55.48 -20.00 63.82
CA HIS S 84 55.48 -18.58 64.16
C HIS S 84 55.95 -18.38 65.59
N SER S 85 55.38 -19.13 66.52
CA SER S 85 55.75 -18.95 67.92
C SER S 85 57.24 -19.13 68.11
N ARG S 86 57.84 -20.07 67.37
CA ARG S 86 59.24 -20.36 67.58
C ARG S 86 60.12 -19.24 67.02
N TRP S 87 59.91 -18.87 65.76
CA TRP S 87 60.70 -17.80 65.18
C TRP S 87 60.53 -16.51 65.94
N ALA S 88 59.36 -16.31 66.55
CA ALA S 88 59.18 -15.13 67.39
C ALA S 88 60.03 -15.23 68.64
N MET S 89 59.96 -16.37 69.33
CA MET S 89 60.75 -16.55 70.54
C MET S 89 62.22 -16.39 70.26
N MET S 90 62.70 -16.93 69.15
CA MET S 90 64.08 -16.66 68.74
C MET S 90 64.23 -15.20 68.34
N GLY S 91 63.22 -14.63 67.69
CA GLY S 91 63.32 -13.24 67.27
C GLY S 91 63.43 -12.30 68.45
N VAL S 92 62.49 -12.41 69.39
CA VAL S 92 62.48 -11.52 70.56
C VAL S 92 63.83 -11.55 71.26
N VAL S 93 64.35 -12.75 71.52
CA VAL S 93 65.62 -12.86 72.21
C VAL S 93 66.75 -12.28 71.36
N GLY S 94 66.68 -12.51 70.05
CA GLY S 94 67.73 -12.02 69.18
C GLY S 94 67.74 -10.51 69.06
N ILE S 95 66.60 -9.87 69.25
CA ILE S 95 66.56 -8.42 69.20
C ILE S 95 67.12 -7.82 70.48
N LEU S 96 66.69 -8.36 71.63
CA LEU S 96 67.26 -7.97 72.90
C LEU S 96 68.76 -8.24 72.93
N GLY S 97 69.18 -9.35 72.36
CA GLY S 97 70.60 -9.65 72.28
C GLY S 97 71.36 -8.69 71.39
N GLN S 98 70.73 -8.21 70.33
CA GLN S 98 71.40 -7.24 69.47
C GLN S 98 71.64 -5.93 70.20
N GLU S 99 70.58 -5.31 70.69
CA GLU S 99 70.68 -3.94 71.18
C GLU S 99 71.44 -3.87 72.50
N ILE S 100 71.16 -4.79 73.41
CA ILE S 100 71.93 -4.84 74.65
C ILE S 100 73.40 -5.01 74.36
N LEU S 101 73.75 -5.95 73.50
CA LEU S 101 75.14 -6.29 73.26
C LEU S 101 75.76 -5.54 72.09
N ASN S 102 75.00 -4.70 71.39
CA ASN S 102 75.57 -3.83 70.37
C ASN S 102 74.82 -2.51 70.42
N PRO S 103 75.23 -1.59 71.29
CA PRO S 103 74.37 -0.45 71.64
C PRO S 103 73.99 0.43 70.47
N ASP S 104 74.82 0.46 69.43
CA ASP S 104 74.54 1.21 68.22
C ASP S 104 73.55 0.41 67.38
N VAL S 105 73.48 0.71 66.08
CA VAL S 105 72.76 -0.10 65.09
C VAL S 105 71.30 -0.26 65.48
N PHE S 106 70.51 0.78 65.22
CA PHE S 106 69.08 0.71 65.43
C PHE S 106 68.52 -0.57 64.81
N TRP S 107 67.74 -1.29 65.62
CA TRP S 107 67.43 -2.69 65.32
C TRP S 107 66.66 -2.85 64.02
N TYR S 108 65.61 -2.05 63.82
CA TYR S 108 64.71 -2.28 62.69
C TYR S 108 65.41 -2.17 61.36
N GLU S 109 66.66 -1.72 61.33
CA GLU S 109 67.36 -1.67 60.07
C GLU S 109 68.29 -2.86 59.94
N ALA S 110 69.50 -2.75 60.47
CA ALA S 110 70.41 -3.89 60.67
C ALA S 110 70.73 -4.63 59.38
N GLY S 111 69.92 -4.42 58.34
CA GLY S 111 70.07 -5.20 57.13
C GLY S 111 71.17 -4.74 56.20
N LEU S 112 71.20 -3.45 55.90
CA LEU S 112 72.01 -2.98 54.81
C LEU S 112 73.50 -3.00 55.18
N PRO S 113 74.37 -3.23 54.19
CA PRO S 113 75.76 -3.60 54.49
C PRO S 113 76.57 -2.46 55.07
N LYS S 114 76.03 -1.84 56.10
CA LYS S 114 76.71 -0.84 56.91
C LYS S 114 76.88 -1.34 58.34
N ASN S 115 75.77 -1.64 59.00
CA ASN S 115 75.79 -2.19 60.34
C ASN S 115 76.53 -3.52 60.45
N LEU S 116 76.81 -4.18 59.32
CA LEU S 116 77.35 -5.53 59.37
C LEU S 116 78.72 -5.56 60.02
N PRO S 117 79.08 -6.67 60.69
CA PRO S 117 80.38 -6.78 61.34
C PRO S 117 81.58 -6.67 60.42
N GLU S 118 82.78 -6.88 60.98
CA GLU S 118 84.01 -6.60 60.25
C GLU S 118 84.38 -7.71 59.26
N GLN S 119 84.23 -8.98 59.65
CA GLN S 119 84.55 -10.05 58.72
C GLN S 119 83.65 -10.01 57.50
N VAL S 120 82.38 -9.72 57.72
CA VAL S 120 81.39 -9.49 56.68
C VAL S 120 81.58 -8.05 56.21
N SER S 121 80.53 -7.44 55.62
CA SER S 121 80.64 -6.11 55.03
C SER S 121 81.55 -6.15 53.81
N GLY S 122 80.98 -6.53 52.68
CA GLY S 122 81.72 -6.98 51.53
C GLY S 122 81.54 -8.43 51.19
N LEU S 123 80.59 -9.10 51.83
CA LEU S 123 80.15 -10.40 51.36
C LEU S 123 79.04 -10.33 50.31
N ASN S 124 78.63 -9.12 49.92
CA ASN S 124 77.70 -9.02 48.79
C ASN S 124 76.38 -9.74 49.06
N LEU S 125 75.49 -9.11 49.82
CA LEU S 125 74.26 -9.74 50.32
C LEU S 125 73.59 -10.61 49.28
N GLY S 126 73.59 -10.17 48.03
CA GLY S 126 73.05 -11.00 46.97
C GLY S 126 73.68 -12.37 46.91
N GLY S 127 74.90 -12.50 47.44
CA GLY S 127 75.53 -13.80 47.59
C GLY S 127 75.29 -14.37 48.97
N ILE S 128 74.96 -13.51 49.94
CA ILE S 128 74.56 -13.99 51.24
C ILE S 128 73.19 -14.61 51.17
N LEU S 129 72.24 -13.91 50.54
CA LEU S 129 70.91 -14.47 50.38
C LEU S 129 70.97 -15.76 49.58
N ALA S 130 71.87 -15.82 48.60
CA ALA S 130 72.08 -17.07 47.88
C ALA S 130 72.40 -18.20 48.82
N PHE S 131 73.28 -17.96 49.80
CA PHE S 131 73.65 -19.04 50.69
C PHE S 131 72.49 -19.48 51.54
N GLU S 132 71.57 -18.57 51.85
CA GLU S 132 70.46 -18.91 52.72
C GLU S 132 69.42 -19.74 51.98
N PHE S 133 69.06 -19.32 50.77
CA PHE S 133 67.89 -19.87 50.09
C PHE S 133 67.98 -21.38 49.97
N CYS S 134 69.06 -21.87 49.38
CA CYS S 134 69.20 -23.32 49.18
C CYS S 134 69.19 -24.07 50.49
N MET S 135 69.57 -23.41 51.59
CA MET S 135 69.53 -24.07 52.89
C MET S 135 68.10 -24.16 53.40
N MET S 136 67.36 -23.05 53.37
CA MET S 136 66.01 -23.06 53.89
C MET S 136 65.05 -23.78 52.96
N HIS S 137 65.24 -23.63 51.66
CA HIS S 137 64.35 -24.27 50.72
C HIS S 137 64.36 -25.78 50.89
N TYR S 138 65.49 -26.36 51.29
CA TYR S 138 65.50 -27.78 51.56
C TYR S 138 64.75 -28.11 52.83
N VAL S 139 65.14 -27.47 53.94
CA VAL S 139 64.57 -27.82 55.23
C VAL S 139 63.07 -27.61 55.24
N GLU S 140 62.61 -26.50 54.67
CA GLU S 140 61.18 -26.21 54.67
C GLU S 140 60.41 -27.21 53.81
N VAL S 141 60.86 -27.43 52.58
CA VAL S 141 60.25 -28.48 51.76
C VAL S 141 60.36 -29.82 52.47
N ARG S 142 61.45 -30.03 53.19
CA ARG S 142 61.59 -31.24 53.98
C ARG S 142 60.51 -31.34 55.03
N ARG S 143 60.14 -30.21 55.63
CA ARG S 143 59.11 -30.24 56.65
C ARG S 143 57.72 -30.27 56.03
N TRP S 144 57.52 -29.53 54.95
CA TRP S 144 56.21 -29.47 54.32
C TRP S 144 55.74 -30.85 53.91
N GLN S 145 56.57 -31.59 53.20
CA GLN S 145 56.17 -32.92 52.76
C GLN S 145 55.86 -33.83 53.94
N ASP S 146 56.43 -33.56 55.09
CA ASP S 146 56.11 -34.36 56.26
C ASP S 146 54.81 -33.91 56.93
N TYR S 147 54.24 -32.80 56.47
CA TYR S 147 52.86 -32.48 56.80
C TYR S 147 51.87 -33.19 55.87
N LYS S 148 52.16 -33.24 54.57
CA LYS S 148 51.24 -33.82 53.59
C LYS S 148 50.80 -35.21 54.00
N ASN S 149 51.70 -36.16 53.91
CA ASN S 149 51.56 -37.42 54.60
C ASN S 149 52.28 -37.32 55.94
N PHE S 150 52.16 -38.35 56.77
CA PHE S 150 52.73 -38.27 58.10
C PHE S 150 53.48 -39.54 58.44
N GLY S 151 54.56 -39.38 59.21
CA GLY S 151 55.44 -40.48 59.52
C GLY S 151 56.09 -41.01 58.27
N SER S 152 56.00 -40.21 57.20
CA SER S 152 56.37 -40.67 55.87
C SER S 152 57.86 -40.72 55.71
N VAL S 153 58.50 -39.57 55.59
CA VAL S 153 59.94 -39.53 55.72
C VAL S 153 60.24 -38.73 56.97
N ASN S 154 60.51 -39.45 58.06
CA ASN S 154 61.20 -38.93 59.22
C ASN S 154 62.65 -39.40 59.24
N GLU S 155 63.08 -40.13 58.23
CA GLU S 155 64.36 -40.80 58.23
C GLU S 155 65.38 -40.02 57.41
N ASP S 156 66.63 -40.12 57.84
CA ASP S 156 67.72 -39.48 57.14
C ASP S 156 67.84 -40.02 55.73
N PRO S 157 67.98 -39.17 54.72
CA PRO S 157 68.46 -39.64 53.41
C PRO S 157 69.97 -39.77 53.46
N VAL S 158 70.66 -39.94 52.34
CA VAL S 158 72.11 -40.13 52.39
C VAL S 158 72.39 -41.36 53.24
N PHE S 159 72.96 -41.18 54.44
CA PHE S 159 73.31 -42.31 55.30
C PHE S 159 72.14 -43.27 55.49
N LYS S 160 70.93 -42.73 55.61
CA LYS S 160 69.67 -43.49 55.54
C LYS S 160 69.67 -44.75 56.39
N GLY S 161 70.36 -44.70 57.52
CA GLY S 161 70.24 -45.75 58.51
C GLY S 161 69.55 -45.33 59.80
N ASN S 162 68.93 -44.16 59.83
CA ASN S 162 68.57 -43.55 61.11
C ASN S 162 67.45 -42.53 60.89
N SER S 163 66.73 -42.23 61.97
CA SER S 163 65.52 -41.44 61.84
C SER S 163 65.19 -40.77 63.17
N VAL S 164 64.33 -39.76 63.10
CA VAL S 164 63.79 -39.13 64.30
C VAL S 164 62.61 -39.96 64.78
N PRO S 165 62.29 -39.96 66.05
CA PRO S 165 61.28 -40.90 66.56
C PRO S 165 59.88 -40.48 66.19
N ASN S 166 58.89 -41.17 66.75
CA ASN S 166 57.51 -40.84 66.50
C ASN S 166 57.19 -39.45 67.03
N GLU S 167 56.12 -38.89 66.51
CA GLU S 167 55.64 -37.62 67.03
C GLU S 167 54.19 -37.48 66.62
N VAL S 168 53.62 -36.31 66.87
CA VAL S 168 52.43 -35.86 66.17
C VAL S 168 52.78 -34.55 65.48
N MET S 169 52.93 -34.61 64.17
CA MET S 169 52.90 -33.47 63.26
C MET S 169 53.56 -32.23 63.82
N GLY S 170 54.88 -32.20 63.88
CA GLY S 170 55.58 -31.05 64.37
C GLY S 170 56.25 -31.12 65.73
N TYR S 171 56.44 -32.31 66.29
CA TYR S 171 57.23 -32.49 67.50
C TYR S 171 58.31 -33.54 67.29
N PRO S 172 59.26 -33.27 66.40
CA PRO S 172 60.40 -34.18 66.18
C PRO S 172 61.34 -34.19 67.37
N GLY S 173 62.61 -34.48 67.13
CA GLY S 173 63.57 -34.33 68.21
C GLY S 173 64.40 -35.49 68.71
N GLY S 174 64.48 -36.57 67.94
CA GLY S 174 65.58 -37.49 68.16
C GLY S 174 66.89 -36.74 68.10
N ILE S 175 67.15 -36.04 66.99
CA ILE S 175 68.22 -35.05 66.98
C ILE S 175 67.75 -33.74 67.59
N PHE S 176 66.58 -33.26 67.18
CA PHE S 176 66.16 -31.90 67.53
C PHE S 176 65.98 -31.72 69.03
N ASP S 177 65.78 -32.79 69.78
CA ASP S 177 66.01 -32.74 71.21
C ASP S 177 67.17 -33.69 71.50
N PRO S 178 68.39 -33.20 71.68
CA PRO S 178 69.47 -34.09 72.10
C PRO S 178 69.37 -34.48 73.56
N PHE S 179 68.79 -33.63 74.42
CA PHE S 179 68.95 -33.79 75.84
C PHE S 179 67.88 -34.67 76.47
N GLY S 180 66.95 -35.18 75.68
CA GLY S 180 66.16 -36.33 76.08
C GLY S 180 65.05 -36.08 77.06
N PHE S 181 65.01 -34.94 77.73
CA PHE S 181 63.86 -34.67 78.56
C PHE S 181 62.66 -34.34 77.68
N ALA S 182 61.54 -34.04 78.32
CA ALA S 182 60.25 -33.99 77.63
C ALA S 182 60.04 -35.28 76.85
N LYS S 183 60.38 -36.39 77.48
CA LYS S 183 60.15 -37.71 76.91
C LYS S 183 59.43 -38.57 77.94
N GLY S 184 60.13 -38.94 79.00
CA GLY S 184 59.54 -39.73 80.08
C GLY S 184 58.75 -38.90 81.06
N LYS S 185 59.27 -37.74 81.44
CA LYS S 185 58.64 -36.90 82.44
C LYS S 185 57.47 -36.19 81.76
N ASP S 186 56.85 -35.23 82.44
CA ASP S 186 55.76 -34.47 81.84
C ASP S 186 56.20 -33.90 80.51
N ILE S 187 55.42 -34.18 79.48
CA ILE S 187 55.71 -33.70 78.13
C ILE S 187 54.79 -32.55 77.75
N GLU S 188 53.48 -32.81 77.67
CA GLU S 188 52.56 -31.77 77.23
C GLU S 188 52.61 -30.56 78.14
N ASP S 189 53.00 -30.75 79.40
CA ASP S 189 53.15 -29.61 80.28
C ASP S 189 54.27 -28.69 79.78
N LEU S 190 55.36 -29.29 79.30
CA LEU S 190 56.35 -28.48 78.60
C LEU S 190 55.82 -27.96 77.27
N LYS S 191 55.02 -28.76 76.57
CA LYS S 191 54.34 -28.22 75.40
C LYS S 191 53.48 -27.01 75.78
N THR S 192 52.77 -27.09 76.90
CA THR S 192 51.95 -25.95 77.30
C THR S 192 52.80 -24.72 77.54
N LYS S 193 53.92 -24.88 78.25
CA LYS S 193 54.81 -23.74 78.46
C LYS S 193 55.42 -23.25 77.17
N GLU S 194 55.46 -24.09 76.14
CA GLU S 194 56.05 -23.69 74.88
C GLU S 194 55.17 -22.68 74.16
N ILE S 195 53.88 -22.98 74.04
CA ILE S 195 52.96 -22.05 73.39
C ILE S 195 52.86 -20.76 74.19
N LYS S 196 52.47 -20.86 75.46
CA LYS S 196 52.22 -19.67 76.26
C LYS S 196 53.42 -18.74 76.26
N ASN S 197 54.63 -19.29 76.16
CA ASN S 197 55.78 -18.43 75.90
C ASN S 197 55.84 -18.01 74.44
N GLY S 198 55.42 -18.88 73.53
CA GLY S 198 55.48 -18.52 72.12
C GLY S 198 54.51 -17.40 71.79
N ARG S 199 53.25 -17.57 72.18
CA ARG S 199 52.25 -16.55 71.90
C ARG S 199 52.66 -15.21 72.49
N LEU S 200 53.25 -15.23 73.68
CA LEU S 200 53.77 -14.00 74.26
C LEU S 200 54.76 -13.33 73.32
N ALA S 201 55.65 -14.11 72.73
CA ALA S 201 56.65 -13.55 71.83
C ALA S 201 56.00 -12.91 70.61
N MET S 202 55.14 -13.67 69.91
CA MET S 202 54.52 -13.16 68.70
C MET S 202 53.88 -11.80 68.93
N VAL S 203 53.26 -11.61 70.08
CA VAL S 203 52.77 -10.28 70.43
C VAL S 203 53.93 -9.36 70.78
N ALA S 204 54.80 -9.83 71.67
CA ALA S 204 55.93 -9.00 72.07
C ALA S 204 56.75 -8.58 70.87
N TRP S 205 57.09 -9.54 70.00
CA TRP S 205 57.87 -9.21 68.82
C TRP S 205 57.13 -8.22 67.95
N THR S 206 55.81 -8.38 67.82
CA THR S 206 55.03 -7.41 67.08
C THR S 206 55.16 -6.03 67.68
N GLY S 207 55.18 -5.95 69.01
CA GLY S 207 55.43 -4.67 69.65
C GLY S 207 56.74 -4.06 69.19
N PHE S 208 57.80 -4.88 69.12
CA PHE S 208 59.07 -4.40 68.60
C PHE S 208 58.90 -3.70 67.27
N ALA S 209 58.26 -4.38 66.32
CA ALA S 209 58.25 -3.88 64.94
C ALA S 209 57.45 -2.60 64.83
N LEU S 210 56.39 -2.45 65.63
CA LEU S 210 55.63 -1.22 65.55
C LEU S 210 56.24 -0.13 66.42
N GLN S 211 56.81 -0.49 67.57
CA GLN S 211 57.51 0.50 68.39
C GLN S 211 58.69 1.10 67.65
N ALA S 212 59.61 0.25 67.21
CA ALA S 212 60.77 0.72 66.49
C ALA S 212 60.38 1.48 65.23
N GLN S 213 59.18 1.23 64.73
CA GLN S 213 58.73 1.88 63.50
C GLN S 213 58.27 3.31 63.77
N ALA S 214 57.45 3.51 64.80
CA ALA S 214 56.97 4.84 65.11
C ALA S 214 58.03 5.64 65.86
N THR S 215 58.64 5.05 66.88
CA THR S 215 59.58 5.79 67.70
C THR S 215 60.89 6.05 66.96
N GLY S 216 61.41 5.04 66.27
CA GLY S 216 62.80 5.09 65.85
C GLY S 216 63.74 4.68 66.95
N LYS S 217 63.30 3.79 67.83
CA LYS S 217 64.08 3.39 69.00
C LYS S 217 64.03 1.88 69.15
N GLY S 218 65.14 1.29 69.56
CA GLY S 218 65.18 -0.11 69.90
C GLY S 218 64.27 -0.42 71.06
N PRO S 219 63.97 -1.70 71.29
CA PRO S 219 63.01 -2.04 72.35
C PRO S 219 63.42 -1.59 73.73
N ILE S 220 64.66 -1.85 74.15
CA ILE S 220 65.05 -1.44 75.48
C ILE S 220 65.26 0.06 75.55
N ALA S 221 65.51 0.70 74.41
CA ALA S 221 65.63 2.15 74.42
C ALA S 221 64.27 2.81 74.64
N CYS S 222 63.28 2.45 73.82
CA CYS S 222 61.96 3.05 73.99
C CYS S 222 61.36 2.70 75.34
N TRP S 223 61.74 1.55 75.91
CA TRP S 223 61.34 1.25 77.28
C TRP S 223 61.98 2.22 78.25
N LYS S 224 63.27 2.50 78.07
CA LYS S 224 63.96 3.42 78.95
C LYS S 224 63.37 4.81 78.90
N ASP S 225 62.95 5.25 77.71
CA ASP S 225 62.25 6.52 77.59
C ASP S 225 60.99 6.53 78.43
N HIS S 226 60.21 5.46 78.36
CA HIS S 226 58.93 5.43 79.06
C HIS S 226 59.14 5.56 80.56
N LEU S 227 60.02 4.72 81.12
CA LEU S 227 60.29 4.81 82.55
C LEU S 227 60.74 6.20 82.95
N ALA S 228 61.42 6.92 82.06
CA ALA S 228 61.91 8.24 82.38
C ALA S 228 60.77 9.20 82.68
N ASP S 229 59.89 9.44 81.70
CA ASP S 229 58.79 10.39 81.86
C ASP S 229 57.55 9.83 81.17
N PRO S 230 56.81 8.95 81.85
CA PRO S 230 55.76 8.19 81.16
C PRO S 230 54.69 9.04 80.49
N PHE S 231 54.15 10.03 81.19
CA PHE S 231 53.00 10.76 80.66
C PHE S 231 53.31 11.38 79.30
N VAL S 232 54.52 11.86 79.10
CA VAL S 232 54.91 12.42 77.81
C VAL S 232 55.69 11.43 76.95
N SER S 233 56.02 10.25 77.47
CA SER S 233 56.66 9.23 76.66
C SER S 233 55.67 8.23 76.09
N ASN S 234 54.38 8.45 76.33
CA ASN S 234 53.34 7.48 76.04
C ASN S 234 53.07 7.43 74.53
N ILE S 235 52.40 6.34 74.12
CA ILE S 235 51.91 6.18 72.76
C ILE S 235 50.99 7.32 72.34
N THR S 236 50.47 8.07 73.30
CA THR S 236 49.72 9.28 72.98
C THR S 236 50.49 10.16 72.00
N ALA S 237 51.79 10.33 72.24
CA ALA S 237 52.65 11.06 71.31
C ALA S 237 53.04 10.14 70.16
N ASN S 238 53.91 10.65 69.29
CA ASN S 238 54.65 9.92 68.27
C ASN S 238 53.82 8.86 67.57
N ILE S 239 52.56 9.18 67.32
CA ILE S 239 51.69 8.43 66.41
C ILE S 239 51.20 9.42 65.37
N GLY S 240 51.03 8.94 64.14
CA GLY S 240 50.91 9.81 63.00
C GLY S 240 52.23 10.06 62.33
N THR S 241 53.31 9.48 62.82
CA THR S 241 54.62 9.57 62.20
C THR S 241 55.22 8.18 62.11
N CYS S 242 55.42 7.70 60.88
CA CYS S 242 56.16 6.46 60.69
C CYS S 242 57.67 6.69 60.72
N VAL S 243 58.12 7.93 60.48
CA VAL S 243 59.52 8.34 60.55
C VAL S 243 60.43 7.30 59.90
N ILE S 244 60.02 6.79 58.74
CA ILE S 244 60.83 5.83 58.00
C ILE S 244 61.08 6.33 56.57
N PRO S 245 62.29 6.17 56.05
CA PRO S 245 62.56 6.55 54.67
C PRO S 245 61.96 5.55 53.70
N ASP S 246 61.60 6.04 52.53
CA ASP S 246 60.90 5.24 51.53
C ASP S 246 61.82 4.64 50.47
N SER S 247 63.12 4.87 50.56
CA SER S 247 64.03 4.32 49.57
C SER S 247 64.88 3.20 50.17
N VAL S 248 65.89 3.58 50.96
CA VAL S 248 66.75 2.62 51.64
C VAL S 248 67.27 1.61 50.63
N ASP S 249 68.19 2.07 49.79
CA ASP S 249 68.65 1.29 48.66
C ASP S 249 70.12 0.90 48.85
N VAL S 250 70.49 -0.26 48.30
CA VAL S 250 71.83 -0.78 48.51
C VAL S 250 72.64 -0.70 47.22
N GLY S 251 72.36 -1.59 46.28
CA GLY S 251 73.11 -1.63 45.03
C GLY S 251 72.35 -1.01 43.88
N GLY S 252 71.40 -0.14 44.19
CA GLY S 252 70.52 0.40 43.18
C GLY S 252 69.60 1.40 43.84
N VAL S 253 68.44 1.62 43.22
CA VAL S 253 67.30 2.22 43.90
C VAL S 253 66.33 1.09 44.22
N ASN S 254 66.27 0.71 45.50
CA ASN S 254 65.80 -0.62 45.84
C ASN S 254 64.91 -0.55 47.06
N ILE S 255 64.21 -1.65 47.31
CA ILE S 255 63.63 -1.94 48.60
C ILE S 255 62.69 -0.84 49.06
N PRO S 256 61.50 -0.72 48.51
CA PRO S 256 60.54 0.25 49.06
C PRO S 256 60.06 -0.18 50.44
N LEU S 257 59.94 0.79 51.34
CA LEU S 257 59.53 0.53 52.72
C LEU S 257 58.14 1.13 52.92
N TYR S 258 57.15 0.26 53.06
CA TYR S 258 55.74 0.67 53.11
C TYR S 258 55.20 0.85 54.52
N CYS S 259 56.06 0.77 55.54
CA CYS S 259 55.68 0.94 56.93
C CYS S 259 54.46 0.07 57.25
N LEU S 260 53.52 0.59 58.04
CA LEU S 260 52.36 -0.23 58.37
C LEU S 260 51.06 0.56 58.25
N TRP S 261 50.85 1.50 59.15
CA TRP S 261 49.80 2.50 59.01
C TRP S 261 50.37 3.70 58.27
N PRO S 262 49.56 4.48 57.65
CA PRO S 262 50.10 5.58 56.84
C PRO S 262 50.36 6.87 57.65
N GLY S 263 51.03 6.73 58.78
CA GLY S 263 51.45 7.88 59.53
C GLY S 263 52.58 8.60 58.81
N GLN S 264 52.49 9.92 58.75
CA GLN S 264 53.42 10.68 57.92
C GLN S 264 54.64 11.17 58.70
N ARG T 41 60.32 -60.63 -0.04
CA ARG T 41 61.27 -60.11 -1.02
C ARG T 41 61.90 -58.82 -0.50
N PRO T 42 63.00 -58.38 -1.12
CA PRO T 42 63.57 -57.09 -0.74
C PRO T 42 62.69 -55.95 -1.22
N ILE T 43 62.54 -54.95 -0.37
CA ILE T 43 61.74 -53.77 -0.68
C ILE T 43 62.69 -52.58 -0.73
N TRP T 44 62.16 -51.43 -1.13
CA TRP T 44 62.95 -50.21 -1.15
C TRP T 44 63.13 -49.64 0.25
N LEU T 45 62.09 -49.71 1.08
CA LEU T 45 62.13 -49.19 2.44
C LEU T 45 61.86 -50.37 3.34
N PRO T 46 62.90 -51.07 3.80
CA PRO T 46 62.70 -52.30 4.58
C PRO T 46 61.69 -52.10 5.69
N GLY T 47 60.76 -53.04 5.82
CA GLY T 47 59.72 -52.92 6.82
C GLY T 47 58.74 -51.83 6.52
N ALA T 48 58.13 -51.88 5.35
CA ALA T 48 57.15 -50.90 4.91
C ALA T 48 55.77 -51.53 4.87
N ASP T 49 54.79 -50.75 4.42
CA ASP T 49 53.40 -51.17 4.43
C ASP T 49 53.00 -52.02 3.22
N VAL T 50 53.89 -52.23 2.25
CA VAL T 50 53.79 -53.32 1.29
C VAL T 50 52.41 -53.36 0.61
N PRO T 51 52.15 -52.48 -0.35
CA PRO T 51 50.81 -52.43 -0.96
C PRO T 51 50.35 -53.78 -1.47
N GLU T 52 49.03 -53.99 -1.42
CA GLU T 52 48.39 -55.20 -1.90
C GLU T 52 48.73 -55.51 -3.35
N TRP T 53 48.31 -54.64 -4.24
CA TRP T 53 48.37 -54.89 -5.68
C TRP T 53 49.80 -55.13 -6.17
N LEU T 54 50.81 -54.81 -5.37
CA LEU T 54 52.20 -54.90 -5.77
C LEU T 54 52.85 -56.22 -5.40
N ASP T 55 52.07 -57.22 -4.97
CA ASP T 55 52.69 -58.49 -4.62
C ASP T 55 53.57 -58.98 -5.76
N GLY T 56 54.83 -59.24 -5.44
CA GLY T 56 55.86 -59.23 -6.45
C GLY T 56 55.66 -60.35 -7.44
N THR T 57 55.43 -59.98 -8.70
CA THR T 57 55.39 -60.89 -9.83
C THR T 57 56.21 -60.28 -10.96
N ILE T 58 55.76 -59.11 -11.38
CA ILE T 58 56.30 -58.38 -12.53
C ILE T 58 57.81 -58.18 -12.36
N PRO T 59 58.55 -57.98 -13.44
CA PRO T 59 60.02 -58.04 -13.37
C PRO T 59 60.64 -56.86 -12.67
N GLY T 60 60.83 -56.95 -11.37
CA GLY T 60 61.43 -55.88 -10.62
C GLY T 60 60.53 -55.08 -9.71
N ASP T 61 59.38 -55.61 -9.33
CA ASP T 61 58.56 -54.91 -8.35
C ASP T 61 59.20 -55.05 -6.98
N PHE T 62 59.60 -53.92 -6.43
CA PHE T 62 60.14 -53.81 -5.08
C PHE T 62 59.12 -53.34 -4.08
N GLY T 63 57.87 -53.21 -4.49
CA GLY T 63 56.85 -52.73 -3.58
C GLY T 63 56.92 -51.25 -3.36
N TYR T 64 57.19 -50.48 -4.41
CA TYR T 64 57.28 -49.03 -4.31
C TYR T 64 56.16 -48.42 -5.13
N ASP T 65 55.12 -47.95 -4.44
CA ASP T 65 54.09 -47.11 -5.08
C ASP T 65 53.52 -46.14 -4.05
N PRO T 66 54.29 -45.13 -3.67
CA PRO T 66 53.88 -44.30 -2.52
C PRO T 66 52.55 -43.59 -2.73
N LEU T 67 52.17 -43.31 -3.97
CA LEU T 67 50.98 -42.53 -4.26
C LEU T 67 49.73 -43.37 -4.39
N LYS T 68 49.78 -44.65 -3.98
CA LYS T 68 48.68 -45.60 -4.14
C LYS T 68 48.16 -45.55 -5.57
N LEU T 69 49.09 -45.43 -6.50
CA LEU T 69 48.80 -45.27 -7.91
C LEU T 69 48.86 -46.64 -8.60
N GLY T 70 47.88 -46.91 -9.45
CA GLY T 70 47.81 -48.18 -10.10
C GLY T 70 47.29 -49.30 -9.23
N LYS T 71 46.18 -49.06 -8.52
CA LYS T 71 45.49 -50.17 -7.87
C LYS T 71 44.90 -51.12 -8.89
N ASP T 72 44.08 -50.59 -9.79
CA ASP T 72 43.44 -51.43 -10.78
C ASP T 72 44.50 -52.07 -11.68
N PRO T 73 44.33 -53.34 -12.04
CA PRO T 73 45.41 -54.03 -12.76
C PRO T 73 45.66 -53.51 -14.16
N GLU T 74 44.62 -53.07 -14.86
CA GLU T 74 44.82 -52.68 -16.25
C GLU T 74 45.75 -51.47 -16.36
N THR T 75 45.49 -50.43 -15.59
CA THR T 75 46.40 -49.28 -15.62
C THR T 75 47.77 -49.68 -15.11
N LEU T 76 47.83 -50.61 -14.16
CA LEU T 76 49.11 -51.13 -13.75
C LEU T 76 49.83 -51.77 -14.92
N LYS T 77 49.14 -52.66 -15.64
CA LYS T 77 49.75 -53.31 -16.79
C LYS T 77 50.25 -52.29 -17.79
N TRP T 78 49.40 -51.32 -18.12
CA TRP T 78 49.81 -50.26 -19.04
C TRP T 78 51.10 -49.61 -18.55
N TYR T 79 51.15 -49.28 -17.26
CA TYR T 79 52.36 -48.66 -16.72
C TYR T 79 53.53 -49.62 -16.77
N VAL T 80 53.28 -50.92 -16.54
CA VAL T 80 54.35 -51.91 -16.56
C VAL T 80 55.15 -51.79 -17.84
N GLN T 81 54.47 -51.65 -18.98
CA GLN T 81 55.21 -51.50 -20.22
C GLN T 81 55.78 -50.11 -20.40
N ALA T 82 55.14 -49.10 -19.82
CA ALA T 82 55.69 -47.75 -19.88
C ALA T 82 57.10 -47.80 -19.35
N GLU T 83 57.25 -48.10 -18.06
CA GLU T 83 58.57 -48.22 -17.46
C GLU T 83 59.50 -49.06 -18.30
N LEU T 84 58.98 -50.16 -18.86
CA LEU T 84 59.76 -50.98 -19.78
C LEU T 84 60.19 -50.16 -20.98
N VAL T 85 59.24 -49.79 -21.84
CA VAL T 85 59.56 -49.02 -23.04
C VAL T 85 60.24 -47.73 -22.66
N HIS T 86 59.65 -47.01 -21.72
CA HIS T 86 60.14 -45.69 -21.41
C HIS T 86 61.50 -45.75 -20.75
N GLY T 87 61.85 -46.89 -20.16
CA GLY T 87 63.17 -47.11 -19.61
C GLY T 87 64.21 -47.48 -20.64
N ARG T 88 63.85 -48.37 -21.56
CA ARG T 88 64.77 -48.73 -22.63
C ARG T 88 65.23 -47.51 -23.39
N PHE T 89 64.27 -46.71 -23.85
CA PHE T 89 64.59 -45.60 -24.71
C PHE T 89 65.42 -44.54 -24.00
N ALA T 90 65.51 -44.62 -22.67
CA ALA T 90 66.41 -43.74 -21.94
C ALA T 90 67.84 -44.25 -21.96
N MET T 91 68.03 -45.55 -21.78
CA MET T 91 69.35 -46.17 -21.83
C MET T 91 70.09 -45.69 -23.06
N MET T 92 69.60 -46.13 -24.23
CA MET T 92 70.18 -45.71 -25.50
C MET T 92 70.25 -44.21 -25.60
N GLY T 93 69.25 -43.52 -25.06
CA GLY T 93 69.25 -42.06 -25.15
C GLY T 93 70.33 -41.44 -24.31
N LEU T 94 70.40 -41.83 -23.04
CA LEU T 94 71.43 -41.30 -22.15
C LEU T 94 72.82 -41.60 -22.70
N VAL T 95 73.07 -42.87 -23.04
CA VAL T 95 74.31 -43.21 -23.73
C VAL T 95 74.48 -42.36 -24.96
N GLY T 96 73.38 -42.08 -25.65
CA GLY T 96 73.43 -41.27 -26.85
C GLY T 96 74.04 -39.90 -26.61
N MET T 97 73.46 -39.15 -25.67
CA MET T 97 73.98 -37.80 -25.48
C MET T 97 75.27 -37.80 -24.67
N LEU T 98 75.61 -38.92 -24.05
CA LEU T 98 76.86 -39.00 -23.31
C LEU T 98 78.05 -39.20 -24.23
N VAL T 99 77.84 -39.82 -25.39
CA VAL T 99 78.93 -40.09 -26.32
C VAL T 99 79.70 -38.82 -26.70
N PRO T 100 79.05 -37.73 -27.13
CA PRO T 100 79.81 -36.57 -27.60
C PRO T 100 80.81 -36.01 -26.61
N GLU T 101 80.62 -36.27 -25.32
CA GLU T 101 81.57 -35.76 -24.33
C GLU T 101 82.83 -36.60 -24.29
N LEU T 102 82.71 -37.92 -24.43
CA LEU T 102 83.90 -38.75 -24.33
C LEU T 102 84.76 -38.63 -25.58
N LEU T 103 84.14 -38.68 -26.76
CA LEU T 103 84.92 -38.64 -28.00
C LEU T 103 85.55 -37.27 -28.23
N THR T 104 84.73 -36.23 -28.19
CA THR T 104 85.18 -34.92 -28.67
C THR T 104 86.29 -34.35 -27.82
N ASN T 105 86.33 -34.69 -26.53
CA ASN T 105 87.25 -34.08 -25.59
C ASN T 105 88.31 -35.05 -25.09
N ALA T 106 87.90 -36.13 -24.42
CA ALA T 106 88.86 -37.00 -23.75
C ALA T 106 89.94 -37.50 -24.70
N GLY T 107 89.55 -38.08 -25.83
CA GLY T 107 90.52 -38.47 -26.83
C GLY T 107 90.60 -37.56 -28.03
N ILE T 108 89.57 -36.72 -28.20
CA ILE T 108 89.38 -35.86 -29.38
C ILE T 108 89.41 -36.75 -30.61
N GLY T 109 88.99 -38.00 -30.47
CA GLY T 109 89.03 -38.94 -31.58
C GLY T 109 88.04 -38.55 -32.66
N LEU T 110 88.53 -38.31 -33.88
CA LEU T 110 87.75 -37.97 -35.07
C LEU T 110 86.56 -37.08 -34.71
N PRO T 111 86.80 -35.83 -34.35
CA PRO T 111 85.78 -35.03 -33.69
C PRO T 111 84.45 -34.98 -34.45
N ALA T 112 83.38 -35.31 -33.74
CA ALA T 112 82.02 -35.13 -34.21
C ALA T 112 81.40 -33.85 -33.67
N LYS T 113 82.14 -33.07 -32.89
CA LYS T 113 81.61 -31.93 -32.14
C LYS T 113 80.49 -32.46 -31.25
N GLY T 114 79.24 -32.04 -31.40
CA GLY T 114 78.19 -32.53 -30.54
C GLY T 114 78.24 -31.91 -29.16
N THR T 115 78.38 -30.59 -29.12
CA THR T 115 78.69 -29.91 -27.88
C THR T 115 77.52 -30.01 -26.92
N GLU T 116 77.78 -30.62 -25.76
CA GLU T 116 76.84 -30.72 -24.64
C GLU T 116 75.48 -31.25 -25.10
N TRP T 117 75.50 -32.12 -26.11
CA TRP T 117 74.28 -32.64 -26.74
C TRP T 117 73.28 -31.53 -27.03
N PHE T 118 73.77 -30.33 -27.35
CA PHE T 118 72.92 -29.19 -27.65
C PHE T 118 72.98 -28.81 -29.12
N ASN T 119 74.16 -28.43 -29.60
CA ASN T 119 74.34 -28.18 -31.02
C ASN T 119 73.87 -29.35 -31.87
N ALA T 120 73.81 -30.56 -31.31
CA ALA T 120 73.14 -31.64 -32.02
C ALA T 120 71.73 -31.24 -32.39
N GLY T 121 71.07 -30.45 -31.54
CA GLY T 121 69.76 -29.94 -31.88
C GLY T 121 69.82 -29.07 -33.12
N ALA T 122 70.64 -28.02 -33.08
CA ALA T 122 70.81 -27.15 -34.24
C ALA T 122 72.16 -27.45 -34.87
N ALA T 123 72.14 -28.18 -35.98
CA ALA T 123 73.33 -28.71 -36.62
C ALA T 123 73.09 -28.75 -38.11
N PRO T 124 74.15 -28.76 -38.93
CA PRO T 124 73.91 -28.81 -40.38
C PRO T 124 73.19 -30.07 -40.84
N MET T 125 73.67 -31.24 -40.40
CA MET T 125 73.10 -32.53 -40.81
C MET T 125 73.02 -32.55 -42.33
N PHE T 126 71.93 -33.02 -42.93
CA PHE T 126 71.77 -32.96 -44.37
C PHE T 126 70.40 -32.40 -44.72
N ALA T 127 69.37 -33.16 -44.41
CA ALA T 127 68.01 -32.81 -44.79
C ALA T 127 67.47 -31.68 -43.91
N PRO T 128 66.48 -30.94 -44.40
CA PRO T 128 65.80 -29.97 -43.55
C PRO T 128 65.04 -30.68 -42.44
N THR T 129 64.67 -29.90 -41.42
CA THR T 129 63.80 -30.42 -40.38
C THR T 129 62.51 -30.96 -40.97
N GLY T 130 61.87 -30.17 -41.83
CA GLY T 130 60.61 -30.60 -42.42
C GLY T 130 60.70 -31.96 -43.07
N VAL T 131 61.72 -32.17 -43.89
CA VAL T 131 61.94 -33.50 -44.46
C VAL T 131 62.21 -34.49 -43.35
N LEU T 132 63.03 -34.10 -42.39
CA LEU T 132 63.64 -35.08 -41.50
C LEU T 132 62.68 -35.55 -40.42
N PHE T 133 62.02 -34.61 -39.73
CA PHE T 133 61.11 -35.00 -38.67
C PHE T 133 59.96 -35.84 -39.21
N ALA T 134 59.20 -35.28 -40.15
CA ALA T 134 58.05 -35.99 -40.70
C ALA T 134 58.44 -37.31 -41.31
N MET T 135 59.72 -37.53 -41.58
CA MET T 135 60.17 -38.83 -42.03
C MET T 135 60.33 -39.80 -40.87
N GLN T 136 60.79 -39.32 -39.70
CA GLN T 136 60.90 -40.26 -38.59
C GLN T 136 59.51 -40.62 -38.07
N PHE T 137 58.58 -39.67 -38.13
CA PHE T 137 57.23 -39.91 -37.62
C PHE T 137 56.59 -41.08 -38.34
N LEU T 138 56.63 -41.05 -39.67
CA LEU T 138 56.02 -42.13 -40.44
C LEU T 138 56.75 -43.44 -40.23
N LEU T 139 58.08 -43.39 -40.16
CA LEU T 139 58.85 -44.60 -39.87
C LEU T 139 58.51 -45.13 -38.49
N MET T 140 58.62 -44.28 -37.48
CA MET T 140 58.42 -44.73 -36.10
C MET T 140 56.97 -45.12 -35.87
N GLY T 141 56.04 -44.39 -36.49
CA GLY T 141 54.63 -44.68 -36.28
C GLY T 141 54.25 -46.11 -36.65
N TRP T 142 54.81 -46.61 -37.75
CA TRP T 142 54.65 -48.01 -38.09
C TRP T 142 55.02 -48.90 -36.91
N ALA T 143 56.24 -48.72 -36.39
CA ALA T 143 56.68 -49.56 -35.29
C ALA T 143 55.87 -49.31 -34.03
N GLU T 144 55.38 -48.08 -33.84
CA GLU T 144 54.62 -47.76 -32.63
C GLU T 144 53.23 -48.37 -32.68
N ILE T 145 52.55 -48.26 -33.81
CA ILE T 145 51.26 -48.93 -33.95
C ILE T 145 51.43 -50.42 -33.77
N ARG T 146 52.47 -50.99 -34.38
CA ARG T 146 52.74 -52.41 -34.21
C ARG T 146 52.86 -52.76 -32.73
N ARG T 147 53.77 -52.08 -32.03
CA ARG T 147 53.97 -52.35 -30.61
C ARG T 147 52.66 -52.25 -29.85
N TYR T 148 51.90 -51.19 -30.10
CA TYR T 148 50.63 -51.01 -29.42
C TYR T 148 49.66 -52.12 -29.77
N GLN T 149 49.57 -52.45 -31.06
CA GLN T 149 48.57 -53.40 -31.50
C GLN T 149 48.83 -54.79 -30.95
N ASP T 150 50.07 -55.10 -30.61
CA ASP T 150 50.32 -56.26 -29.77
C ASP T 150 49.59 -56.12 -28.45
N PHE T 151 49.99 -55.15 -27.65
CA PHE T 151 49.47 -55.01 -26.30
C PHE T 151 47.96 -54.80 -26.27
N LYS T 152 47.34 -54.32 -27.35
CA LYS T 152 45.91 -54.11 -27.33
C LYS T 152 45.17 -55.42 -27.08
N ASN T 153 45.36 -56.40 -27.96
CA ASN T 153 45.05 -57.78 -27.64
C ASN T 153 46.36 -58.56 -27.55
N PRO T 154 46.84 -58.81 -26.34
CA PRO T 154 48.25 -59.20 -26.19
C PRO T 154 48.59 -60.51 -26.85
N GLY T 155 47.76 -61.52 -26.66
CA GLY T 155 48.05 -62.85 -27.15
C GLY T 155 47.92 -63.01 -28.64
N SER T 156 47.70 -61.92 -29.39
CA SER T 156 47.31 -62.05 -30.77
C SER T 156 48.18 -61.21 -31.69
N VAL T 157 47.93 -61.38 -32.98
CA VAL T 157 48.33 -60.57 -34.12
C VAL T 157 49.80 -60.18 -34.12
N ASN T 158 50.09 -59.02 -34.70
CA ASN T 158 51.44 -58.62 -35.07
C ASN T 158 52.16 -59.83 -35.66
N VAL T 159 53.35 -60.18 -35.19
CA VAL T 159 54.05 -61.39 -35.63
C VAL T 159 54.24 -61.31 -37.14
N ASP T 160 53.55 -62.17 -37.91
CA ASP T 160 53.77 -62.31 -39.35
C ASP T 160 53.68 -60.99 -40.12
N PRO T 161 54.73 -60.63 -40.82
CA PRO T 161 54.70 -59.47 -41.71
C PRO T 161 54.20 -59.79 -43.10
N ILE T 162 54.40 -58.85 -44.01
CA ILE T 162 54.50 -59.17 -45.43
C ILE T 162 55.88 -59.79 -45.65
N PHE T 163 56.26 -60.00 -46.92
CA PHE T 163 57.47 -60.78 -47.23
C PHE T 163 57.40 -62.15 -46.56
N GLY T 164 56.32 -62.86 -46.81
CA GLY T 164 56.13 -64.11 -46.10
C GLY T 164 55.77 -63.81 -44.66
N GLY T 165 56.44 -64.50 -43.74
CA GLY T 165 56.11 -64.33 -42.33
C GLY T 165 57.29 -64.68 -41.45
N LYS T 166 57.25 -64.15 -40.23
CA LYS T 166 58.29 -64.41 -39.25
C LYS T 166 57.88 -65.51 -38.28
N LEU T 167 56.94 -65.19 -37.41
CA LEU T 167 56.29 -66.12 -36.49
C LEU T 167 57.31 -66.79 -35.57
N PRO T 168 57.99 -66.03 -34.70
CA PRO T 168 58.78 -66.67 -33.64
C PRO T 168 57.93 -66.84 -32.40
N ASP T 169 56.66 -67.19 -32.59
CA ASP T 169 55.70 -67.24 -31.51
C ASP T 169 55.92 -66.13 -30.50
N GLY T 170 55.75 -64.87 -30.92
CA GLY T 170 55.92 -63.75 -30.01
C GLY T 170 54.88 -63.80 -28.92
N ASN T 171 55.29 -63.93 -27.65
CA ASN T 171 54.28 -64.12 -26.59
C ASN T 171 54.20 -62.96 -25.60
N ILE T 172 55.31 -62.64 -24.91
CA ILE T 172 55.28 -61.57 -23.88
C ILE T 172 54.97 -60.23 -24.56
N PRO T 173 53.98 -59.45 -24.08
CA PRO T 173 53.69 -58.14 -24.68
C PRO T 173 54.90 -57.22 -24.47
N GLY T 174 55.47 -57.24 -23.26
CA GLY T 174 56.65 -56.41 -22.93
C GLY T 174 57.87 -56.80 -23.74
N TYR T 175 58.12 -58.10 -23.91
CA TYR T 175 59.32 -58.57 -24.66
C TYR T 175 58.90 -59.49 -25.81
N PRO T 176 59.40 -59.27 -27.04
CA PRO T 176 59.09 -60.12 -28.20
C PRO T 176 60.30 -60.98 -28.56
N GLY T 177 60.10 -62.31 -28.67
CA GLY T 177 61.19 -63.25 -29.02
C GLY T 177 61.20 -63.52 -30.50
N GLY T 178 62.36 -63.36 -31.17
CA GLY T 178 62.43 -63.55 -32.62
C GLY T 178 63.55 -62.73 -33.23
N ILE T 179 63.24 -61.97 -34.28
CA ILE T 179 64.20 -61.08 -35.00
C ILE T 179 64.75 -60.02 -34.03
N PHE T 180 63.90 -59.51 -33.12
CA PHE T 180 64.28 -58.47 -32.13
C PHE T 180 65.42 -58.97 -31.22
N ASP T 181 65.42 -60.27 -30.88
CA ASP T 181 66.49 -60.85 -30.02
C ASP T 181 67.14 -61.98 -30.82
N PRO T 182 67.98 -61.64 -31.83
CA PRO T 182 68.60 -62.62 -32.71
C PRO T 182 69.61 -63.62 -32.12
N PHE T 183 70.50 -63.19 -31.23
CA PHE T 183 71.49 -64.13 -30.75
C PHE T 183 70.88 -65.21 -29.88
N GLY T 184 69.56 -65.23 -29.79
CA GLY T 184 68.87 -66.33 -29.16
C GLY T 184 68.90 -66.29 -27.65
N PHE T 185 68.72 -65.12 -27.05
CA PHE T 185 68.60 -65.00 -25.60
C PHE T 185 67.18 -65.35 -25.19
N ALA T 186 66.83 -65.03 -23.95
CA ALA T 186 65.81 -65.78 -23.22
C ALA T 186 66.24 -67.24 -23.19
N LYS T 187 67.47 -67.44 -22.69
CA LYS T 187 68.15 -68.72 -22.67
C LYS T 187 67.82 -69.52 -21.42
N GLY T 188 66.84 -69.08 -20.64
CA GLY T 188 66.49 -69.70 -19.38
C GLY T 188 66.77 -68.84 -18.17
N ASP T 189 67.50 -67.76 -18.31
CA ASP T 189 67.55 -66.73 -17.30
C ASP T 189 66.68 -65.60 -17.80
N VAL T 190 65.52 -65.44 -17.17
CA VAL T 190 64.63 -64.33 -17.47
C VAL T 190 64.34 -63.61 -16.16
N ASP T 191 63.70 -64.31 -15.23
CA ASP T 191 63.55 -63.79 -13.88
C ASP T 191 64.87 -63.24 -13.37
N SER T 192 65.88 -64.10 -13.31
CA SER T 192 67.23 -63.65 -12.95
C SER T 192 67.77 -62.61 -13.90
N LEU T 193 67.14 -62.39 -15.05
CA LEU T 193 67.66 -61.50 -16.07
C LEU T 193 66.82 -60.25 -16.21
N LYS T 194 65.51 -60.40 -16.45
CA LYS T 194 64.60 -59.26 -16.60
C LYS T 194 64.92 -58.21 -15.54
N LEU T 195 65.02 -58.64 -14.30
CA LEU T 195 65.34 -57.72 -13.21
C LEU T 195 66.59 -56.92 -13.51
N LYS T 196 67.59 -57.56 -14.10
CA LYS T 196 68.82 -56.84 -14.41
C LYS T 196 68.57 -55.75 -15.44
N GLU T 197 67.66 -56.00 -16.37
CA GLU T 197 67.34 -54.99 -17.38
C GLU T 197 66.48 -53.89 -16.76
N VAL T 198 65.42 -54.28 -16.06
CA VAL T 198 64.51 -53.29 -15.48
C VAL T 198 65.26 -52.36 -14.55
N LYS T 199 66.25 -52.89 -13.83
CA LYS T 199 66.93 -52.09 -12.82
C LYS T 199 67.99 -51.19 -13.43
N ASN T 200 68.63 -51.62 -14.52
CA ASN T 200 69.52 -50.72 -15.24
C ASN T 200 68.76 -49.52 -15.78
N GLY T 201 67.65 -49.76 -16.48
CA GLY T 201 66.95 -48.68 -17.15
C GLY T 201 66.48 -47.60 -16.20
N ARG T 202 65.83 -48.00 -15.10
CA ARG T 202 65.40 -47.03 -14.10
C ARG T 202 66.50 -46.06 -13.76
N LEU T 203 67.68 -46.60 -13.48
CA LEU T 203 68.82 -45.74 -13.17
C LEU T 203 69.27 -44.96 -14.39
N ALA T 204 69.17 -45.55 -15.59
CA ALA T 204 69.40 -44.75 -16.78
C ALA T 204 68.36 -43.65 -16.90
N MET T 205 67.12 -43.96 -16.55
CA MET T 205 66.08 -42.94 -16.52
C MET T 205 66.42 -41.86 -15.51
N PHE T 206 66.67 -42.26 -14.27
CA PHE T 206 66.93 -41.29 -13.21
C PHE T 206 68.15 -40.44 -13.55
N ALA T 207 69.22 -41.09 -14.02
CA ALA T 207 70.40 -40.34 -14.42
C ALA T 207 70.11 -39.40 -15.57
N THR T 208 69.17 -39.77 -16.45
CA THR T 208 68.79 -38.87 -17.53
C THR T 208 68.28 -37.56 -16.97
N LEU T 209 67.29 -37.62 -16.08
CA LEU T 209 66.77 -36.42 -15.45
C LEU T 209 67.88 -35.61 -14.83
N GLY T 210 68.97 -36.26 -14.43
CA GLY T 210 70.12 -35.51 -14.01
C GLY T 210 70.50 -34.53 -15.09
N PHE T 211 70.74 -35.05 -16.30
CA PHE T 211 71.20 -34.20 -17.39
C PHE T 211 70.36 -32.95 -17.53
N TYR T 212 69.04 -33.12 -17.53
CA TYR T 212 68.19 -31.97 -17.74
C TYR T 212 68.28 -31.02 -16.55
N CYS T 213 68.56 -31.54 -15.36
CA CYS T 213 68.92 -30.67 -14.24
C CYS T 213 70.39 -30.31 -14.25
N GLN T 214 71.27 -31.24 -14.65
CA GLN T 214 72.67 -30.89 -14.89
C GLN T 214 72.75 -29.64 -15.76
N ALA T 215 71.96 -29.61 -16.83
CA ALA T 215 72.05 -28.57 -17.84
C ALA T 215 71.46 -27.27 -17.35
N VAL T 216 70.14 -27.22 -17.21
CA VAL T 216 69.48 -25.93 -17.01
C VAL T 216 69.94 -25.27 -15.71
N VAL T 217 70.36 -26.07 -14.73
CA VAL T 217 70.85 -25.49 -13.48
C VAL T 217 72.23 -24.88 -13.68
N THR T 218 73.16 -25.66 -14.26
CA THR T 218 74.52 -25.19 -14.49
C THR T 218 74.69 -24.63 -15.89
N GLY T 219 74.46 -25.46 -16.91
CA GLY T 219 74.77 -25.09 -18.28
C GLY T 219 75.94 -25.84 -18.87
N LYS T 220 76.63 -26.66 -18.09
CA LYS T 220 77.70 -27.51 -18.58
C LYS T 220 77.17 -28.91 -18.83
N GLY T 221 78.05 -29.78 -19.31
CA GLY T 221 77.64 -31.10 -19.76
C GLY T 221 77.85 -32.19 -18.74
N PRO T 222 77.53 -33.43 -19.11
CA PRO T 222 77.64 -34.54 -18.15
C PRO T 222 79.04 -34.78 -17.64
N ILE T 223 80.02 -34.88 -18.53
CA ILE T 223 81.41 -35.01 -18.09
C ILE T 223 81.97 -33.66 -17.67
N ALA T 224 81.46 -32.57 -18.23
CA ALA T 224 81.84 -31.26 -17.73
C ALA T 224 81.54 -31.13 -16.25
N CYS T 225 80.35 -31.58 -15.83
CA CYS T 225 80.02 -31.51 -14.41
C CYS T 225 80.70 -32.61 -13.61
N TRP T 226 80.79 -33.82 -14.19
CA TRP T 226 81.43 -34.91 -13.47
C TRP T 226 82.88 -34.62 -13.19
N THR T 227 83.55 -33.92 -14.12
CA THR T 227 84.92 -33.51 -13.88
C THR T 227 84.99 -32.31 -12.94
N SER T 228 84.14 -31.30 -13.18
CA SER T 228 84.15 -30.10 -12.37
C SER T 228 83.99 -30.42 -10.89
N HIS T 229 83.02 -31.28 -10.57
CA HIS T 229 82.85 -31.68 -9.18
C HIS T 229 84.12 -32.31 -8.64
N LEU T 230 84.67 -33.29 -9.36
CA LEU T 230 85.84 -33.99 -8.85
C LEU T 230 87.07 -33.09 -8.75
N ALA T 231 87.03 -31.89 -9.30
CA ALA T 231 88.11 -30.94 -9.07
C ALA T 231 88.19 -30.56 -7.59
N ASP T 232 87.09 -30.04 -7.06
CA ASP T 232 86.99 -29.68 -5.64
C ASP T 232 85.60 -30.08 -5.17
N PRO T 233 85.39 -31.36 -4.90
CA PRO T 233 84.02 -31.83 -4.61
C PRO T 233 83.37 -31.12 -3.45
N TRP T 234 84.15 -30.53 -2.55
CA TRP T 234 83.55 -29.91 -1.39
C TRP T 234 83.02 -28.52 -1.73
N ALA T 235 83.66 -27.81 -2.65
CA ALA T 235 83.19 -26.51 -3.10
C ALA T 235 82.36 -26.57 -4.36
N ASN T 236 82.23 -27.74 -4.95
CA ASN T 236 81.41 -27.91 -6.15
C ASN T 236 80.25 -28.81 -5.77
N ASN T 237 79.08 -28.22 -5.61
CA ASN T 237 77.87 -28.97 -5.34
C ASN T 237 76.72 -28.17 -5.90
N VAL T 238 75.53 -28.77 -5.87
CA VAL T 238 74.35 -27.99 -6.16
C VAL T 238 74.18 -26.90 -5.11
N TRP T 239 74.46 -27.23 -3.85
CA TRP T 239 74.32 -26.22 -2.83
C TRP T 239 75.33 -25.11 -3.04
N SER T 240 76.54 -25.47 -3.46
CA SER T 240 77.53 -24.46 -3.77
C SER T 240 77.16 -23.67 -5.02
N ILE T 241 77.01 -24.37 -6.16
CA ILE T 241 76.99 -23.69 -7.45
C ILE T 241 75.59 -23.40 -7.95
N GLU T 242 74.57 -23.88 -7.27
CA GLU T 242 73.21 -23.38 -7.47
C GLU T 242 72.88 -22.31 -6.44
N LEU T 243 73.85 -21.91 -5.64
CA LEU T 243 73.70 -20.72 -4.83
C LEU T 243 74.42 -19.61 -5.59
N ALA T 244 73.63 -18.82 -6.30
CA ALA T 244 74.10 -17.62 -6.98
C ALA T 244 73.80 -16.37 -6.20
N LYS T 245 73.22 -16.52 -5.00
CA LYS T 245 72.69 -15.43 -4.23
C LYS T 245 71.76 -14.58 -5.08
N PRO U 36 -56.67 -7.12 -64.91
CA PRO U 36 -55.56 -6.34 -65.48
C PRO U 36 -54.55 -5.90 -64.43
N MET U 37 -53.52 -6.71 -64.22
CA MET U 37 -52.52 -6.37 -63.22
C MET U 37 -51.64 -5.22 -63.70
N TRP U 38 -50.99 -4.58 -62.74
CA TRP U 38 -50.35 -3.29 -63.00
C TRP U 38 -48.99 -3.40 -63.66
N LEU U 39 -48.38 -4.57 -63.77
CA LEU U 39 -47.23 -4.62 -64.65
C LEU U 39 -47.38 -5.70 -65.73
N VAL U 40 -46.99 -6.93 -65.43
CA VAL U 40 -47.39 -8.13 -66.16
C VAL U 40 -47.51 -9.25 -65.14
N GLY U 41 -48.71 -9.78 -64.95
CA GLY U 41 -48.85 -10.86 -64.00
C GLY U 41 -48.39 -10.46 -62.59
N ALA U 42 -48.20 -11.48 -61.75
CA ALA U 42 -47.78 -11.20 -60.36
C ALA U 42 -48.75 -10.16 -59.83
N SER U 43 -48.26 -9.16 -59.08
CA SER U 43 -49.09 -8.03 -58.60
C SER U 43 -50.38 -8.54 -57.93
N ALA U 44 -50.28 -9.56 -57.08
CA ALA U 44 -51.52 -10.10 -56.47
C ALA U 44 -51.63 -9.64 -55.02
N PRO U 45 -52.67 -8.85 -54.66
CA PRO U 45 -52.89 -8.42 -53.30
C PRO U 45 -54.08 -9.26 -52.81
N ASP U 46 -53.85 -10.09 -51.78
CA ASP U 46 -54.93 -10.96 -51.23
C ASP U 46 -56.02 -10.07 -50.63
N TYR U 47 -55.60 -8.99 -49.96
CA TYR U 47 -56.51 -8.03 -49.29
C TYR U 47 -57.44 -7.31 -50.29
N LEU U 48 -56.97 -6.93 -51.49
CA LEU U 48 -57.90 -6.15 -52.29
C LEU U 48 -58.47 -7.00 -53.41
N ASP U 49 -59.79 -6.97 -53.55
CA ASP U 49 -60.44 -7.54 -54.73
C ASP U 49 -60.45 -6.57 -55.91
N GLY U 50 -60.51 -5.27 -55.62
CA GLY U 50 -60.72 -4.28 -56.65
C GLY U 50 -62.12 -3.69 -56.67
N SER U 51 -63.02 -4.19 -55.84
CA SER U 51 -64.34 -3.58 -55.74
C SER U 51 -64.24 -2.13 -55.28
N MET U 52 -63.24 -1.81 -54.46
CA MET U 52 -62.85 -0.43 -54.25
C MET U 52 -62.59 0.22 -55.59
N ALA U 53 -63.02 1.47 -55.74
CA ALA U 53 -63.33 1.98 -57.06
C ALA U 53 -62.08 2.06 -57.91
N GLY U 54 -62.07 1.27 -58.98
CA GLY U 54 -60.93 1.14 -59.86
C GLY U 54 -59.93 0.22 -59.24
N ASP U 55 -59.27 -0.63 -60.04
CA ASP U 55 -58.06 -1.26 -59.57
C ASP U 55 -57.21 -1.67 -60.75
N TYR U 56 -55.91 -1.43 -60.64
CA TYR U 56 -54.92 -2.04 -61.51
C TYR U 56 -54.10 -3.10 -60.80
N GLY U 57 -54.39 -3.37 -59.53
CA GLY U 57 -53.61 -4.28 -58.73
C GLY U 57 -52.36 -3.69 -58.13
N TYR U 58 -52.19 -2.37 -58.22
CA TYR U 58 -50.91 -1.72 -57.92
C TYR U 58 -50.88 -1.33 -56.46
N ASP U 59 -50.09 -2.06 -55.67
CA ASP U 59 -49.72 -1.64 -54.32
C ASP U 59 -48.34 -2.20 -53.98
N PRO U 60 -47.27 -1.60 -54.49
CA PRO U 60 -45.95 -2.18 -54.27
C PRO U 60 -45.52 -2.23 -52.82
N LEU U 61 -45.70 -1.16 -52.06
CA LEU U 61 -45.14 -1.13 -50.72
C LEU U 61 -45.98 -1.91 -49.72
N GLY U 62 -47.28 -2.05 -49.97
CA GLY U 62 -48.13 -2.78 -49.07
C GLY U 62 -48.98 -1.94 -48.15
N LEU U 63 -49.10 -0.65 -48.41
CA LEU U 63 -49.92 0.19 -47.55
C LEU U 63 -51.38 -0.22 -47.54
N GLY U 64 -51.78 -1.11 -48.43
CA GLY U 64 -53.15 -1.56 -48.46
C GLY U 64 -53.51 -2.62 -47.47
N SER U 65 -52.59 -3.02 -46.60
CA SER U 65 -52.93 -4.00 -45.58
C SER U 65 -53.89 -3.38 -44.58
N ASP U 66 -54.26 -4.17 -43.57
CA ASP U 66 -55.16 -3.80 -42.47
C ASP U 66 -56.30 -2.90 -42.95
N ALA U 67 -57.19 -3.48 -43.75
CA ALA U 67 -58.11 -2.73 -44.60
C ALA U 67 -59.05 -1.80 -43.84
N ASP U 68 -59.06 -1.85 -42.52
CA ASP U 68 -59.83 -0.89 -41.74
C ASP U 68 -59.57 0.53 -42.20
N ARG U 69 -58.33 0.99 -42.08
CA ARG U 69 -58.02 2.35 -42.52
C ARG U 69 -57.93 2.47 -44.03
N LEU U 70 -57.83 1.35 -44.76
CA LEU U 70 -57.82 1.42 -46.22
C LEU U 70 -59.03 2.20 -46.74
N ALA U 71 -60.14 2.19 -46.00
CA ALA U 71 -61.23 3.09 -46.32
C ALA U 71 -60.75 4.53 -46.40
N TRP U 72 -60.02 4.97 -45.36
CA TRP U 72 -59.54 6.35 -45.33
C TRP U 72 -58.58 6.64 -46.47
N TYR U 73 -57.66 5.71 -46.75
CA TYR U 73 -56.76 5.91 -47.89
C TYR U 73 -57.52 6.00 -49.20
N ARG U 74 -58.67 5.34 -49.28
CA ARG U 74 -59.43 5.33 -50.53
C ARG U 74 -59.83 6.73 -50.95
N GLU U 75 -60.56 7.42 -50.07
CA GLU U 75 -61.21 8.67 -50.41
C GLU U 75 -60.35 9.89 -50.12
N ALA U 76 -59.11 9.70 -49.67
CA ALA U 76 -58.14 10.77 -49.81
C ALA U 76 -57.61 10.82 -51.23
N GLU U 77 -57.40 9.65 -51.84
CA GLU U 77 -57.09 9.60 -53.27
C GLU U 77 -58.18 10.26 -54.07
N LYS U 78 -59.44 9.93 -53.77
CA LYS U 78 -60.55 10.60 -54.43
C LYS U 78 -60.38 12.11 -54.33
N VAL U 79 -60.23 12.62 -53.10
CA VAL U 79 -60.18 14.06 -52.89
C VAL U 79 -59.00 14.67 -53.64
N ASN U 80 -57.78 14.18 -53.34
CA ASN U 80 -56.61 14.72 -54.02
C ASN U 80 -56.77 14.67 -55.53
N GLY U 81 -57.39 13.62 -56.05
CA GLY U 81 -57.78 13.62 -57.44
C GLY U 81 -58.88 14.63 -57.71
N ARG U 82 -60.00 14.47 -57.01
CA ARG U 82 -61.14 15.36 -57.16
C ARG U 82 -60.77 16.81 -56.91
N TRP U 83 -59.68 17.07 -56.21
CA TRP U 83 -59.25 18.42 -55.87
C TRP U 83 -58.27 18.98 -56.88
N ALA U 84 -57.08 18.37 -56.98
CA ALA U 84 -56.03 18.89 -57.85
C ALA U 84 -56.48 18.98 -59.28
N MET U 85 -57.34 18.06 -59.71
CA MET U 85 -57.78 18.02 -61.10
C MET U 85 -58.27 19.38 -61.56
N ASN U 86 -58.84 20.17 -60.64
CA ASN U 86 -59.20 21.54 -60.96
C ASN U 86 -57.98 22.43 -61.03
N ALA U 87 -57.05 22.25 -60.09
CA ALA U 87 -55.92 23.16 -59.99
C ALA U 87 -55.09 23.18 -61.27
N VAL U 88 -55.10 22.07 -62.01
CA VAL U 88 -54.50 22.09 -63.34
C VAL U 88 -55.29 23.01 -64.25
N ALA U 89 -56.59 22.74 -64.41
CA ALA U 89 -57.43 23.58 -65.23
C ALA U 89 -57.42 25.02 -64.73
N GLY U 90 -57.31 25.19 -63.42
CA GLY U 90 -57.14 26.53 -62.88
C GLY U 90 -55.89 27.20 -63.41
N ILE U 91 -54.76 26.47 -63.42
CA ILE U 91 -53.54 27.04 -63.98
C ILE U 91 -53.62 27.09 -65.50
N VAL U 92 -54.03 25.98 -66.11
CA VAL U 92 -54.04 25.90 -67.57
C VAL U 92 -54.88 27.02 -68.15
N PHE U 93 -56.17 27.06 -67.78
CA PHE U 93 -57.13 27.96 -68.39
C PHE U 93 -56.61 29.38 -68.49
N CYS U 94 -56.42 30.02 -67.34
CA CYS U 94 -55.94 31.39 -67.32
C CYS U 94 -54.62 31.52 -68.08
N GLU U 95 -53.65 30.66 -67.79
CA GLU U 95 -52.36 30.76 -68.47
C GLU U 95 -52.51 30.50 -69.96
N LEU U 96 -53.24 29.45 -70.33
CA LEU U 96 -53.53 29.19 -71.73
C LEU U 96 -54.26 30.37 -72.37
N LEU U 97 -55.52 30.57 -72.01
CA LEU U 97 -56.23 31.74 -72.48
C LEU U 97 -56.63 32.63 -71.31
N GLY U 98 -55.91 33.73 -71.12
CA GLY U 98 -56.32 34.65 -70.07
C GLY U 98 -55.11 35.26 -69.39
N ILE U 99 -55.38 35.84 -68.23
CA ILE U 99 -54.38 36.46 -67.37
C ILE U 99 -53.75 35.34 -66.54
N GLN U 100 -52.96 35.68 -65.52
CA GLN U 100 -52.22 34.69 -64.73
C GLN U 100 -51.34 33.83 -65.62
N THR U 101 -50.28 34.40 -66.17
CA THR U 101 -49.38 33.64 -67.01
C THR U 101 -48.45 32.74 -66.20
N ASN U 102 -47.83 33.28 -65.16
CA ASN U 102 -46.74 32.58 -64.50
C ASN U 102 -47.24 31.57 -63.46
N TRP U 103 -48.37 31.90 -62.83
CA TRP U 103 -49.17 31.12 -61.87
C TRP U 103 -48.48 30.79 -60.55
N TRP U 104 -47.15 30.76 -60.49
CA TRP U 104 -46.54 30.62 -59.17
C TRP U 104 -46.36 31.99 -58.53
N GLU U 105 -45.95 32.98 -59.32
CA GLU U 105 -45.84 34.34 -58.82
C GLU U 105 -47.21 34.97 -58.64
N VAL U 106 -48.27 34.29 -59.05
CA VAL U 106 -49.60 34.82 -58.78
C VAL U 106 -49.88 34.77 -57.29
N GLY U 107 -50.41 35.87 -56.77
CA GLY U 107 -50.59 36.07 -55.36
C GLY U 107 -49.46 36.92 -54.83
N GLN U 108 -48.31 36.83 -55.48
CA GLN U 108 -47.28 37.84 -55.35
C GLN U 108 -47.54 39.05 -56.24
N ASN U 109 -48.09 38.83 -57.42
CA ASN U 109 -48.24 39.87 -58.41
C ASN U 109 -49.22 40.93 -57.93
N PRO U 110 -49.39 42.01 -58.69
CA PRO U 110 -50.41 42.99 -58.34
C PRO U 110 -51.79 42.61 -58.83
N ASP U 111 -52.71 43.57 -58.75
CA ASP U 111 -54.03 43.60 -59.39
C ASP U 111 -54.77 42.26 -59.40
N LEU U 112 -55.12 41.75 -58.24
CA LEU U 112 -56.06 40.65 -58.18
C LEU U 112 -57.46 41.17 -58.51
N PRO U 113 -58.36 40.29 -58.95
CA PRO U 113 -59.75 40.72 -59.15
C PRO U 113 -60.40 41.21 -57.87
N VAL U 114 -59.88 40.78 -56.72
CA VAL U 114 -60.30 41.30 -55.42
C VAL U 114 -59.04 41.68 -54.66
N ASP U 115 -58.97 42.94 -54.23
CA ASP U 115 -57.77 43.54 -53.66
C ASP U 115 -57.67 43.38 -52.14
N LEU U 116 -58.53 42.58 -51.52
CA LEU U 116 -58.39 42.31 -50.10
C LEU U 116 -56.94 41.93 -49.78
N PRO U 117 -56.42 42.34 -48.62
CA PRO U 117 -54.97 42.20 -48.40
C PRO U 117 -54.54 40.77 -48.19
N PHE U 118 -53.24 40.52 -48.07
CA PHE U 118 -52.78 39.17 -47.77
C PHE U 118 -53.10 38.79 -46.34
N ASN U 119 -52.77 39.68 -45.40
CA ASN U 119 -52.92 39.35 -43.99
C ASN U 119 -54.35 38.93 -43.67
N ALA U 120 -55.33 39.66 -44.20
CA ALA U 120 -56.72 39.29 -43.98
C ALA U 120 -57.06 38.00 -44.69
N LEU U 121 -56.83 37.96 -46.00
CA LEU U 121 -57.47 36.98 -46.87
C LEU U 121 -57.21 35.56 -46.42
N VAL U 122 -56.12 35.34 -45.69
CA VAL U 122 -55.82 34.00 -45.15
C VAL U 122 -56.96 33.52 -44.28
N ALA U 123 -57.32 34.33 -43.28
CA ALA U 123 -58.43 34.01 -42.40
C ALA U 123 -59.69 33.73 -43.22
N ILE U 124 -60.02 34.65 -44.13
CA ILE U 124 -61.22 34.52 -44.96
C ILE U 124 -61.23 33.18 -45.69
N GLU U 125 -60.04 32.68 -46.03
CA GLU U 125 -59.97 31.42 -46.74
C GLU U 125 -60.39 30.26 -45.84
N ALA U 126 -59.76 30.17 -44.68
CA ALA U 126 -59.84 28.94 -43.88
C ALA U 126 -61.20 28.81 -43.21
N VAL U 127 -61.84 29.91 -42.86
CA VAL U 127 -63.08 29.84 -42.09
C VAL U 127 -64.20 29.23 -42.93
N ILE U 128 -64.38 29.72 -44.15
CA ILE U 128 -65.49 29.24 -44.97
C ILE U 128 -65.12 27.90 -45.60
N MET U 129 -63.84 27.62 -45.74
CA MET U 129 -63.43 26.24 -45.96
C MET U 129 -63.74 25.41 -44.73
N GLY U 130 -63.54 25.98 -43.56
CA GLY U 130 -63.75 25.29 -42.30
C GLY U 130 -65.15 24.75 -42.14
N PHE U 131 -66.15 25.49 -42.62
CA PHE U 131 -67.51 24.99 -42.53
C PHE U 131 -67.69 23.73 -43.34
N PHE U 132 -67.35 23.80 -44.64
CA PHE U 132 -67.57 22.65 -45.50
C PHE U 132 -66.68 21.49 -45.11
N GLU U 133 -65.39 21.75 -44.91
CA GLU U 133 -64.44 20.67 -44.68
C GLU U 133 -64.80 19.87 -43.43
N VAL U 134 -65.24 20.55 -42.38
CA VAL U 134 -65.77 19.82 -41.23
C VAL U 134 -67.06 19.11 -41.60
N LYS U 135 -67.91 19.80 -42.36
CA LYS U 135 -69.23 19.26 -42.65
C LYS U 135 -69.13 18.07 -43.58
N ARG U 136 -68.34 18.18 -44.65
CA ARG U 136 -68.16 17.05 -45.55
C ARG U 136 -67.49 15.89 -44.84
N TYR U 137 -66.73 16.17 -43.78
CA TYR U 137 -66.19 15.09 -42.97
C TYR U 137 -67.28 14.46 -42.12
N GLN U 138 -68.04 15.26 -41.39
CA GLN U 138 -69.07 14.70 -40.54
C GLN U 138 -70.10 13.95 -41.37
N GLY U 139 -70.26 14.36 -42.63
CA GLY U 139 -71.05 13.56 -43.55
C GLY U 139 -70.32 12.32 -44.03
N TRP U 140 -69.00 12.41 -44.15
CA TRP U 140 -68.20 11.23 -44.46
C TRP U 140 -68.20 10.27 -43.29
N LYS U 141 -67.91 10.77 -42.09
CA LYS U 141 -67.97 9.94 -40.91
C LYS U 141 -69.40 9.48 -40.63
N ASP U 142 -70.37 10.21 -41.20
CA ASP U 142 -71.75 9.77 -41.17
C ASP U 142 -71.88 8.49 -42.00
N THR U 143 -73.00 7.79 -41.80
CA THR U 143 -73.23 6.49 -42.42
C THR U 143 -72.86 6.49 -43.90
N GLY U 144 -73.24 7.54 -44.62
CA GLY U 144 -72.78 7.65 -45.98
C GLY U 144 -71.28 7.78 -46.01
N MET U 145 -70.62 6.84 -46.66
CA MET U 145 -69.17 6.86 -46.75
C MET U 145 -68.67 7.68 -47.92
N SER U 146 -69.53 8.03 -48.87
CA SER U 146 -69.11 8.66 -50.09
C SER U 146 -68.91 10.15 -49.87
N GLY U 147 -68.47 10.84 -50.91
CA GLY U 147 -68.31 12.26 -50.83
C GLY U 147 -69.66 12.98 -50.83
N LEU U 148 -69.62 14.24 -50.44
CA LEU U 148 -70.81 15.07 -50.39
C LEU U 148 -70.37 16.51 -50.16
N ASN U 149 -71.36 17.40 -50.10
CA ASN U 149 -71.19 18.75 -49.61
C ASN U 149 -72.57 19.24 -49.19
N ASP U 150 -72.59 20.23 -48.30
CA ASP U 150 -73.83 20.73 -47.71
C ASP U 150 -74.70 19.58 -47.22
N SER U 151 -74.23 18.96 -46.14
CA SER U 151 -74.86 17.76 -45.61
C SER U 151 -75.03 16.73 -46.72
N PHE U 152 -76.17 16.02 -46.75
CA PHE U 152 -76.26 14.83 -47.59
C PHE U 152 -76.11 15.14 -49.07
N PRO U 153 -76.95 15.99 -49.70
CA PRO U 153 -77.09 15.96 -51.15
C PRO U 153 -75.76 16.08 -51.89
N TRP U 154 -75.57 15.18 -52.86
CA TRP U 154 -74.32 15.11 -53.59
C TRP U 154 -74.54 15.27 -55.10
N ASP U 155 -75.31 14.38 -55.73
CA ASP U 155 -75.59 14.50 -57.16
C ASP U 155 -76.88 15.25 -57.43
N PRO U 156 -76.80 16.51 -57.85
CA PRO U 156 -78.02 17.21 -58.29
C PRO U 156 -78.55 16.68 -59.61
N LEU U 157 -77.67 16.31 -60.54
CA LEU U 157 -78.12 15.76 -61.81
C LEU U 157 -78.46 14.28 -61.72
N GLY U 158 -77.76 13.54 -60.86
CA GLY U 158 -77.97 12.12 -60.80
C GLY U 158 -77.52 11.40 -62.06
N MET U 159 -76.25 11.53 -62.42
CA MET U 159 -75.77 10.96 -63.68
C MET U 159 -75.45 9.47 -63.57
N THR U 160 -74.34 9.12 -62.93
CA THR U 160 -73.92 7.72 -62.96
C THR U 160 -73.13 7.39 -61.72
N SER U 161 -73.37 6.19 -61.18
CA SER U 161 -72.58 5.65 -60.08
C SER U 161 -71.54 4.62 -60.51
N GLU U 162 -71.40 4.32 -61.82
CA GLU U 162 -70.53 3.21 -62.18
C GLU U 162 -69.39 3.57 -63.13
N ARG U 163 -69.72 3.70 -64.40
CA ARG U 163 -68.68 3.85 -65.42
C ARG U 163 -68.01 5.20 -65.33
N VAL U 164 -68.83 6.27 -65.33
CA VAL U 164 -68.31 7.60 -65.05
C VAL U 164 -67.64 7.62 -63.69
N GLU U 165 -68.19 6.86 -62.74
CA GLU U 165 -67.61 6.77 -61.41
C GLU U 165 -66.22 6.13 -61.45
N LEU U 166 -65.97 5.29 -62.45
CA LEU U 166 -64.62 4.81 -62.69
C LEU U 166 -63.80 5.82 -63.49
N ALA U 167 -64.47 6.76 -64.18
CA ALA U 167 -63.73 7.86 -64.78
C ALA U 167 -63.27 8.86 -63.74
N GLU U 168 -63.88 8.85 -62.55
CA GLU U 168 -63.39 9.58 -61.40
C GLU U 168 -61.90 9.36 -61.23
N ILE U 169 -61.53 8.14 -60.83
CA ILE U 169 -60.19 7.93 -60.32
C ILE U 169 -59.18 7.85 -61.45
N LYS U 170 -59.59 7.39 -62.63
CA LYS U 170 -58.68 7.38 -63.77
C LYS U 170 -58.25 8.79 -64.13
N ASN U 171 -59.20 9.69 -64.26
CA ASN U 171 -58.86 11.09 -64.50
C ASN U 171 -58.17 11.69 -63.29
N GLY U 172 -58.51 11.25 -62.09
CA GLY U 172 -57.86 11.76 -60.91
C GLY U 172 -56.41 11.37 -60.83
N ARG U 173 -56.15 10.06 -60.86
CA ARG U 173 -54.77 9.55 -60.78
C ARG U 173 -53.88 10.19 -61.82
N LEU U 174 -54.45 10.57 -62.96
CA LEU U 174 -53.68 11.31 -63.95
C LEU U 174 -53.55 12.77 -63.56
N ALA U 175 -54.59 13.34 -62.98
CA ALA U 175 -54.56 14.77 -62.66
C ALA U 175 -53.48 15.09 -61.63
N MET U 176 -53.51 14.39 -60.50
CA MET U 176 -52.45 14.50 -59.51
C MET U 176 -51.09 14.28 -60.14
N PHE U 177 -50.95 13.20 -60.91
CA PHE U 177 -49.71 12.96 -61.64
C PHE U 177 -49.41 14.14 -62.55
N ALA U 178 -50.43 14.69 -63.20
CA ALA U 178 -50.21 15.82 -64.09
C ALA U 178 -49.73 17.04 -63.32
N TRP U 179 -50.08 17.14 -62.04
CA TRP U 179 -49.69 18.30 -61.24
C TRP U 179 -48.19 18.37 -61.04
N THR U 180 -47.59 17.27 -60.59
CA THR U 180 -46.17 17.27 -60.24
C THR U 180 -45.32 17.79 -61.39
N GLY U 181 -45.73 17.53 -62.63
CA GLY U 181 -45.04 18.13 -63.75
C GLY U 181 -44.94 19.64 -63.62
N PHE U 182 -46.08 20.29 -63.36
CA PHE U 182 -46.06 21.75 -63.23
C PHE U 182 -44.99 22.22 -62.28
N ILE U 183 -44.73 21.45 -61.22
CA ILE U 183 -43.67 21.80 -60.29
C ILE U 183 -42.32 21.78 -61.01
N ALA U 184 -41.98 20.63 -61.60
CA ALA U 184 -40.72 20.51 -62.31
C ALA U 184 -40.62 21.41 -63.52
N GLN U 185 -41.74 21.93 -64.02
CA GLN U 185 -41.67 22.92 -65.08
C GLN U 185 -41.15 24.25 -64.54
N ALA U 186 -41.59 24.62 -63.33
CA ALA U 186 -41.22 25.89 -62.74
C ALA U 186 -39.84 25.87 -62.12
N VAL U 187 -39.42 24.74 -61.57
CA VAL U 187 -38.12 24.69 -60.92
C VAL U 187 -37.01 24.74 -61.96
N VAL U 188 -37.05 23.83 -62.93
CA VAL U 188 -35.96 23.69 -63.89
C VAL U 188 -36.11 24.71 -65.00
N VAL U 189 -37.17 24.57 -65.80
CA VAL U 189 -37.35 25.45 -66.93
C VAL U 189 -37.81 26.82 -66.48
N ARG U 190 -38.59 26.86 -65.39
CA ARG U 190 -39.15 28.11 -64.88
C ARG U 190 -39.99 28.78 -65.95
N LYS U 191 -40.67 27.95 -66.73
CA LYS U 191 -41.63 28.39 -67.73
C LYS U 191 -42.87 27.51 -67.61
N GLY U 192 -44.03 28.15 -67.54
CA GLY U 192 -45.28 27.45 -67.40
C GLY U 192 -45.53 26.48 -68.55
N PRO U 193 -46.44 25.54 -68.35
CA PRO U 193 -46.63 24.47 -69.34
C PRO U 193 -46.91 24.99 -70.74
N VAL U 194 -47.70 26.05 -70.87
CA VAL U 194 -48.08 26.53 -72.19
C VAL U 194 -46.86 26.87 -73.02
N ALA U 195 -45.86 27.51 -72.41
CA ALA U 195 -44.62 27.74 -73.12
C ALA U 195 -43.86 26.44 -73.33
N CYS U 196 -43.82 25.60 -72.29
CA CYS U 196 -43.22 24.28 -72.41
C CYS U 196 -43.87 23.49 -73.55
N LEU U 197 -45.19 23.40 -73.53
CA LEU U 197 -45.89 22.72 -74.61
C LEU U 197 -45.68 23.41 -75.96
N ASN U 198 -45.38 24.71 -75.93
CA ASN U 198 -44.95 25.39 -77.15
C ASN U 198 -43.47 25.19 -77.42
N ALA U 199 -42.67 24.95 -76.38
CA ALA U 199 -41.23 24.82 -76.56
C ALA U 199 -40.83 23.45 -77.07
N HIS U 200 -41.56 22.40 -76.70
CA HIS U 200 -41.13 21.07 -77.11
C HIS U 200 -41.48 20.80 -78.56
N LEU U 201 -42.69 21.12 -78.97
CA LEU U 201 -43.07 20.94 -80.37
C LEU U 201 -42.33 21.90 -81.29
N ALA U 202 -41.74 22.96 -80.74
CA ALA U 202 -40.81 23.77 -81.54
C ALA U 202 -39.48 23.05 -81.68
N ASP U 203 -38.74 22.92 -80.58
CA ASP U 203 -37.52 22.13 -80.57
C ASP U 203 -37.74 20.88 -79.76
N PRO U 204 -37.92 19.71 -80.39
CA PRO U 204 -38.00 18.47 -79.62
C PRO U 204 -36.68 18.05 -79.02
N PHE U 205 -35.57 18.17 -79.77
CA PHE U 205 -34.30 17.59 -79.34
C PHE U 205 -33.43 18.56 -78.55
N GLY U 206 -33.80 19.84 -78.48
CA GLY U 206 -33.08 20.75 -77.60
C GLY U 206 -33.88 21.10 -76.36
N GLN U 207 -35.15 20.70 -76.35
CA GLN U 207 -36.03 20.94 -75.22
C GLN U 207 -36.68 19.64 -74.80
N ASN U 208 -36.32 19.15 -73.63
CA ASN U 208 -36.93 17.95 -73.07
C ASN U 208 -36.50 17.86 -71.62
N ILE U 209 -37.02 16.84 -70.94
CA ILE U 209 -36.63 16.57 -69.56
C ILE U 209 -35.11 16.56 -69.42
N LEU U 210 -34.43 15.76 -70.23
CA LEU U 210 -33.01 15.56 -69.99
C LEU U 210 -32.17 16.72 -70.49
N THR U 211 -32.60 17.41 -71.55
CA THR U 211 -31.73 18.43 -72.14
C THR U 211 -31.66 19.67 -71.24
N ASN U 212 -32.82 20.24 -70.90
CA ASN U 212 -32.84 21.53 -70.22
C ASN U 212 -32.69 21.41 -68.71
N VAL U 213 -32.61 20.20 -68.17
CA VAL U 213 -32.09 20.03 -66.82
C VAL U 213 -30.58 20.20 -66.83
N LEU U 214 -29.89 19.34 -67.58
CA LEU U 214 -28.46 19.49 -67.78
C LEU U 214 -28.11 20.87 -68.32
N ASN U 215 -29.03 21.52 -69.04
CA ASN U 215 -28.81 22.88 -69.51
C ASN U 215 -29.59 23.83 -68.61
N ILE U 216 -28.89 24.51 -67.71
CA ILE U 216 -29.50 25.41 -66.74
C ILE U 216 -30.08 26.70 -67.31
N PRO U 217 -29.45 27.37 -68.33
CA PRO U 217 -29.70 28.81 -68.49
C PRO U 217 -31.13 29.15 -68.86
N GLU U 218 -32.03 29.14 -67.88
CA GLU U 218 -33.43 29.45 -68.12
C GLU U 218 -33.58 30.87 -68.67
N ARG V 33 -80.49 21.87 -30.88
CA ARG V 33 -79.15 21.67 -30.36
C ARG V 33 -78.04 22.11 -31.33
N PRO V 34 -78.04 23.39 -31.73
CA PRO V 34 -76.94 23.85 -32.59
C PRO V 34 -75.58 23.68 -31.93
N MET V 35 -75.48 24.01 -30.65
CA MET V 35 -74.38 23.64 -29.76
C MET V 35 -72.99 23.89 -30.37
N TRP V 36 -72.82 25.09 -30.93
CA TRP V 36 -71.53 25.67 -31.34
C TRP V 36 -70.73 24.76 -32.27
N TYR V 37 -71.42 23.81 -32.90
CA TYR V 37 -70.85 22.96 -33.95
C TYR V 37 -69.41 22.51 -33.73
N PRO V 38 -69.12 21.81 -32.63
CA PRO V 38 -67.87 21.03 -32.53
C PRO V 38 -67.87 19.78 -33.39
N GLY V 39 -69.04 19.40 -33.90
CA GLY V 39 -69.38 18.01 -34.10
C GLY V 39 -70.34 17.57 -33.01
N ALA V 40 -70.48 16.26 -32.80
CA ALA V 40 -71.60 15.76 -32.02
C ALA V 40 -71.46 16.00 -30.53
N THR V 41 -70.45 15.42 -29.90
CA THR V 41 -70.41 15.24 -28.46
C THR V 41 -70.07 16.54 -27.74
N ALA V 42 -70.97 16.97 -26.84
CA ALA V 42 -70.81 17.84 -25.68
C ALA V 42 -70.57 17.01 -24.42
N PRO V 43 -69.81 17.51 -23.46
CA PRO V 43 -69.73 16.82 -22.15
C PRO V 43 -71.10 16.73 -21.51
N LYS V 44 -71.26 15.72 -20.64
CA LYS V 44 -72.54 15.55 -19.96
C LYS V 44 -72.88 16.76 -19.12
N HIS V 45 -71.87 17.49 -18.65
CA HIS V 45 -72.09 18.59 -17.72
C HIS V 45 -73.05 19.61 -18.30
N LEU V 46 -72.97 19.84 -19.61
CA LEU V 46 -73.91 20.72 -20.30
C LEU V 46 -74.70 19.87 -21.29
N ASP V 47 -75.95 19.55 -20.93
CA ASP V 47 -76.81 18.76 -21.80
C ASP V 47 -77.79 19.61 -22.62
N GLY V 48 -77.92 20.89 -22.32
CA GLY V 48 -79.05 21.67 -22.80
C GLY V 48 -80.14 21.88 -21.77
N SER V 49 -79.89 21.56 -20.51
CA SER V 49 -80.86 21.72 -19.45
C SER V 49 -81.03 23.19 -19.12
N MET V 50 -79.98 23.81 -18.58
CA MET V 50 -80.02 25.23 -18.30
C MET V 50 -80.25 26.02 -19.58
N LEU V 51 -80.96 27.13 -19.44
CA LEU V 51 -81.29 27.95 -20.60
C LEU V 51 -80.00 28.45 -21.28
N GLY V 52 -80.10 28.63 -22.59
CA GLY V 52 -78.99 29.12 -23.36
C GLY V 52 -77.88 28.15 -23.62
N ASP V 53 -77.99 26.91 -23.15
CA ASP V 53 -76.86 26.01 -23.20
C ASP V 53 -76.63 25.49 -24.61
N TYR V 54 -75.48 25.81 -25.18
CA TYR V 54 -74.97 25.18 -26.38
C TYR V 54 -73.98 24.06 -26.05
N GLY V 55 -73.82 23.73 -24.78
CA GLY V 55 -72.92 22.66 -24.43
C GLY V 55 -71.50 22.95 -24.81
N TYR V 56 -70.97 24.07 -24.34
CA TYR V 56 -69.57 24.41 -24.53
C TYR V 56 -68.92 24.55 -23.17
N ASP V 57 -68.06 23.59 -22.83
CA ASP V 57 -67.34 23.57 -21.55
C ASP V 57 -65.93 23.10 -21.82
N PRO V 58 -65.08 23.98 -22.34
CA PRO V 58 -63.71 23.55 -22.66
C PRO V 58 -62.91 23.10 -21.44
N LEU V 59 -62.94 23.87 -20.35
CA LEU V 59 -62.01 23.70 -19.25
C LEU V 59 -62.54 22.81 -18.13
N ASP V 60 -63.72 22.20 -18.31
CA ASP V 60 -64.37 21.39 -17.28
C ASP V 60 -64.79 22.24 -16.08
N LEU V 61 -64.96 23.55 -16.28
CA LEU V 61 -65.49 24.41 -15.23
C LEU V 61 -67.01 24.32 -15.14
N GLY V 62 -67.67 23.96 -16.23
CA GLY V 62 -69.11 23.83 -16.21
C GLY V 62 -69.54 22.62 -15.41
N ALA V 63 -68.58 21.98 -14.76
CA ALA V 63 -68.89 20.88 -13.86
C ALA V 63 -69.52 21.41 -12.58
N ASN V 64 -69.79 20.50 -11.65
CA ASN V 64 -70.41 20.85 -10.37
C ASN V 64 -69.57 20.32 -9.22
N PRO V 65 -68.31 20.78 -9.09
CA PRO V 65 -67.57 20.48 -7.85
C PRO V 65 -68.15 21.21 -6.65
N ASP V 66 -68.71 22.39 -6.87
CA ASP V 66 -69.52 23.10 -5.88
C ASP V 66 -70.92 23.34 -6.40
N SER V 67 -71.06 24.14 -7.46
CA SER V 67 -72.31 24.22 -8.21
C SER V 67 -71.97 24.67 -9.63
N LEU V 68 -73.00 24.72 -10.47
CA LEU V 68 -72.89 25.28 -11.81
C LEU V 68 -73.80 26.49 -11.97
N ALA V 69 -75.12 26.32 -11.74
CA ALA V 69 -76.08 27.39 -11.95
C ALA V 69 -75.70 28.67 -11.21
N TRP V 70 -74.82 28.57 -10.21
CA TRP V 70 -74.22 29.79 -9.67
C TRP V 70 -73.47 30.54 -10.76
N PHE V 71 -72.82 29.81 -11.68
CA PHE V 71 -72.21 30.46 -12.83
C PHE V 71 -73.26 31.13 -13.71
N ARG V 72 -74.44 30.53 -13.82
CA ARG V 72 -75.49 31.10 -14.66
C ARG V 72 -75.80 32.53 -14.26
N GLU V 73 -76.16 32.74 -12.99
CA GLU V 73 -76.30 34.10 -12.49
C GLU V 73 -75.01 34.88 -12.70
N ALA V 74 -73.88 34.30 -12.30
CA ALA V 74 -72.59 34.95 -12.51
C ALA V 74 -72.41 35.33 -13.97
N GLU V 75 -72.78 34.43 -14.88
CA GLU V 75 -72.91 34.81 -16.28
C GLU V 75 -73.99 35.86 -16.47
N LEU V 76 -75.16 35.62 -15.86
CA LEU V 76 -76.30 36.48 -16.11
C LEU V 76 -76.05 37.88 -15.58
N MET V 77 -75.68 37.99 -14.30
CA MET V 77 -75.36 39.30 -13.75
C MET V 77 -74.27 39.98 -14.56
N ASN V 78 -73.19 39.27 -14.86
CA ASN V 78 -72.25 39.79 -15.83
C ASN V 78 -72.99 40.16 -17.11
N GLY V 79 -73.71 39.20 -17.68
CA GLY V 79 -74.43 39.43 -18.91
C GLY V 79 -75.39 40.59 -18.84
N ARG V 80 -76.33 40.53 -17.89
CA ARG V 80 -77.27 41.63 -17.69
C ARG V 80 -76.54 42.95 -17.57
N TYR V 81 -75.73 43.09 -16.52
CA TYR V 81 -74.99 44.33 -16.34
C TYR V 81 -74.08 44.64 -17.51
N ALA V 82 -73.69 43.63 -18.30
CA ALA V 82 -72.87 43.90 -19.48
C ALA V 82 -73.69 44.47 -20.62
N MET V 83 -74.79 43.80 -20.98
CA MET V 83 -75.55 44.22 -22.14
C MET V 83 -76.00 45.66 -22.00
N LEU V 84 -76.38 46.06 -20.80
CA LEU V 84 -76.70 47.46 -20.56
C LEU V 84 -75.44 48.32 -20.55
N GLY V 85 -74.26 47.72 -20.54
CA GLY V 85 -73.05 48.52 -20.49
C GLY V 85 -72.82 49.31 -21.76
N VAL V 86 -72.91 48.65 -22.92
CA VAL V 86 -72.64 49.29 -24.21
C VAL V 86 -73.41 50.59 -24.33
N MET V 87 -74.67 50.58 -23.89
CA MET V 87 -75.58 51.69 -24.11
C MET V 87 -74.96 53.01 -23.68
N GLY V 88 -74.24 53.00 -22.57
CA GLY V 88 -73.59 54.20 -22.08
C GLY V 88 -72.51 54.68 -23.04
N GLY V 89 -71.57 53.81 -23.38
CA GLY V 89 -70.51 54.20 -24.28
C GLY V 89 -70.94 54.26 -25.73
N ALA V 90 -71.95 53.47 -26.10
CA ALA V 90 -72.44 53.50 -27.47
C ALA V 90 -72.93 54.88 -27.87
N PHE V 91 -74.03 55.34 -27.28
CA PHE V 91 -74.73 56.48 -27.83
C PHE V 91 -73.94 57.78 -27.65
N VAL V 92 -72.96 57.77 -26.75
CA VAL V 92 -72.30 59.02 -26.41
C VAL V 92 -71.40 59.47 -27.55
N ASN V 93 -70.86 58.52 -28.34
CA ASN V 93 -70.14 58.91 -29.55
C ASN V 93 -71.09 59.51 -30.59
N ALA V 94 -72.35 59.13 -30.54
CA ALA V 94 -73.29 59.57 -31.56
C ALA V 94 -73.91 60.92 -31.23
N PHE V 95 -73.74 61.41 -30.00
CA PHE V 95 -74.47 62.61 -29.61
C PHE V 95 -73.56 63.78 -29.27
N GLY V 96 -72.96 63.77 -28.08
CA GLY V 96 -72.19 64.90 -27.62
C GLY V 96 -70.70 64.69 -27.60
N LEU V 97 -70.29 63.45 -27.82
CA LEU V 97 -68.89 63.02 -27.82
C LEU V 97 -68.09 63.30 -26.56
N PRO V 98 -68.61 63.00 -25.35
CA PRO V 98 -67.69 62.60 -24.28
C PRO V 98 -67.64 61.08 -24.17
N ASN V 99 -66.95 60.42 -25.09
CA ASN V 99 -67.04 58.98 -25.22
C ASN V 99 -66.55 58.27 -23.97
N TRP V 100 -66.99 57.01 -23.82
CA TRP V 100 -66.95 56.34 -22.52
C TRP V 100 -65.57 56.41 -21.87
N TRP V 101 -64.51 56.19 -22.63
CA TRP V 101 -63.20 56.18 -22.00
C TRP V 101 -62.82 57.58 -21.53
N GLU V 102 -63.25 58.60 -22.25
CA GLU V 102 -63.05 59.99 -21.88
C GLU V 102 -64.23 60.54 -21.08
N ALA V 103 -65.30 59.76 -20.93
CA ALA V 103 -66.52 60.28 -20.32
C ALA V 103 -66.32 60.54 -18.84
N GLY V 104 -66.07 59.49 -18.06
CA GLY V 104 -65.93 59.64 -16.62
C GLY V 104 -64.82 60.59 -16.21
N ALA V 105 -64.00 61.04 -17.16
CA ALA V 105 -62.96 62.00 -16.85
C ALA V 105 -63.56 63.38 -16.59
N LYS V 106 -64.19 63.97 -17.59
CA LYS V 106 -64.56 65.39 -17.54
C LYS V 106 -66.03 65.53 -17.15
N VAL V 107 -66.25 65.95 -15.90
CA VAL V 107 -67.56 66.35 -15.38
C VAL V 107 -67.29 67.33 -14.25
N ASP V 108 -68.31 68.10 -13.88
CA ASP V 108 -68.21 69.03 -12.76
C ASP V 108 -68.79 68.48 -11.45
N VAL V 109 -69.40 67.30 -11.47
CA VAL V 109 -70.22 66.82 -10.36
C VAL V 109 -69.46 66.48 -9.09
N PRO V 110 -68.40 65.66 -9.14
CA PRO V 110 -67.86 65.08 -7.89
C PRO V 110 -67.39 66.14 -6.90
N ILE V 111 -67.85 66.01 -5.67
CA ILE V 111 -67.73 67.05 -4.65
C ILE V 111 -66.65 66.62 -3.66
N SER V 112 -65.49 67.29 -3.72
CA SER V 112 -64.42 67.11 -2.74
C SER V 112 -64.14 65.64 -2.42
N LEU V 113 -63.58 64.91 -3.39
CA LEU V 113 -63.10 63.54 -3.20
C LEU V 113 -64.24 62.65 -2.71
N GLY V 114 -64.15 62.08 -1.50
CA GLY V 114 -64.90 60.87 -1.17
C GLY V 114 -66.37 60.89 -1.55
N VAL V 115 -67.00 62.07 -1.53
CA VAL V 115 -68.42 62.19 -1.89
C VAL V 115 -68.68 61.59 -3.26
N LEU V 116 -67.68 61.58 -4.15
CA LEU V 116 -67.88 61.04 -5.48
C LEU V 116 -68.10 59.53 -5.44
N ILE V 117 -67.24 58.82 -4.71
CA ILE V 117 -67.38 57.38 -4.56
C ILE V 117 -68.37 57.04 -3.44
N ALA V 118 -68.30 57.75 -2.31
CA ALA V 118 -68.96 57.29 -1.09
C ALA V 118 -70.46 57.14 -1.27
N LEU V 119 -71.07 58.04 -2.04
CA LEU V 119 -72.50 57.92 -2.29
C LEU V 119 -72.82 56.63 -3.02
N GLU V 120 -72.02 56.29 -4.04
CA GLU V 120 -72.25 55.13 -4.87
C GLU V 120 -71.92 53.82 -4.16
N LEU V 121 -71.21 53.87 -3.04
CA LEU V 121 -70.88 52.65 -2.31
C LEU V 121 -72.13 52.02 -1.71
N ALA V 122 -72.86 52.78 -0.90
CA ALA V 122 -73.94 52.23 -0.09
C ALA V 122 -75.02 51.57 -0.93
N ILE V 123 -75.70 52.38 -1.75
CA ILE V 123 -76.98 52.00 -2.36
C ILE V 123 -76.92 50.67 -3.10
N PHE V 124 -75.76 50.32 -3.65
CA PHE V 124 -75.61 49.01 -4.27
C PHE V 124 -75.60 47.91 -3.24
N ALA V 125 -74.70 48.01 -2.26
CA ALA V 125 -74.54 46.98 -1.25
C ALA V 125 -75.86 46.69 -0.56
N VAL V 126 -76.56 47.74 -0.11
CA VAL V 126 -77.75 47.56 0.72
C VAL V 126 -78.78 46.69 0.02
N PHE V 127 -79.03 46.96 -1.26
CA PHE V 127 -79.96 46.10 -1.99
C PHE V 127 -79.26 44.83 -2.47
N GLU V 128 -78.00 44.93 -2.89
CA GLU V 128 -77.26 43.71 -3.24
C GLU V 128 -77.05 42.80 -2.04
N TYR V 129 -76.80 43.38 -0.85
CA TYR V 129 -76.80 42.57 0.37
C TYR V 129 -78.06 41.72 0.43
N LYS V 130 -79.21 42.32 0.16
CA LYS V 130 -80.44 41.56 0.12
C LYS V 130 -80.32 40.45 -0.90
N ARG V 131 -80.16 40.81 -2.19
CA ARG V 131 -80.27 39.80 -3.22
C ARG V 131 -79.11 38.80 -3.18
N TYR V 132 -77.91 39.24 -2.79
CA TYR V 132 -76.79 38.30 -2.74
C TYR V 132 -76.91 37.33 -1.58
N GLU V 133 -77.08 37.85 -0.36
CA GLU V 133 -77.25 36.98 0.78
C GLU V 133 -78.60 36.27 0.75
N GLY V 134 -79.62 36.93 0.22
CA GLY V 134 -80.94 36.33 0.11
C GLY V 134 -81.02 35.20 -0.89
N PHE V 135 -80.66 35.44 -2.15
CA PHE V 135 -81.00 34.48 -3.19
C PHE V 135 -80.02 33.33 -3.31
N LYS V 136 -79.00 33.27 -2.47
CA LYS V 136 -78.28 32.03 -2.23
C LYS V 136 -78.79 31.32 -0.99
N LYS V 137 -79.87 31.85 -0.41
CA LYS V 137 -80.60 31.30 0.73
C LYS V 137 -82.07 31.18 0.33
N THR V 138 -82.66 32.29 -0.14
CA THR V 138 -84.06 32.37 -0.51
C THR V 138 -84.36 31.70 -1.84
N GLY V 139 -83.40 30.99 -2.39
CA GLY V 139 -83.57 30.18 -3.58
C GLY V 139 -82.78 30.71 -4.77
N GLU V 140 -82.43 29.80 -5.66
CA GLU V 140 -81.31 29.93 -6.60
C GLU V 140 -81.66 30.70 -7.85
N CYS V 141 -82.87 31.22 -7.97
CA CYS V 141 -83.26 32.01 -9.13
C CYS V 141 -82.94 33.45 -8.80
N GLY V 142 -81.90 34.00 -9.42
CA GLY V 142 -81.55 35.37 -9.10
C GLY V 142 -82.63 36.29 -9.60
N VAL V 143 -83.32 36.93 -8.67
CA VAL V 143 -84.37 37.91 -8.90
C VAL V 143 -85.23 37.45 -10.08
N LEU V 144 -85.60 36.17 -10.08
CA LEU V 144 -86.52 35.64 -11.08
C LEU V 144 -87.95 35.67 -10.55
N SER V 145 -88.20 35.02 -9.41
CA SER V 145 -89.46 35.24 -8.71
C SER V 145 -89.71 36.72 -8.41
N PHE V 146 -88.69 37.56 -8.60
CA PHE V 146 -88.80 39.01 -8.73
C PHE V 146 -89.45 39.68 -7.53
N MET V 147 -89.32 39.07 -6.35
CA MET V 147 -89.90 39.69 -5.17
C MET V 147 -89.30 41.08 -4.86
N PRO V 148 -88.00 41.36 -5.06
CA PRO V 148 -87.56 42.75 -4.89
C PRO V 148 -88.16 43.70 -5.90
N PHE V 149 -88.13 43.32 -7.18
CA PHE V 149 -88.54 44.18 -8.30
C PHE V 149 -89.62 43.45 -9.09
N ASP V 150 -90.84 43.98 -9.07
CA ASP V 150 -91.96 43.33 -9.74
C ASP V 150 -92.08 43.87 -11.16
N PRO V 151 -91.78 43.09 -12.18
CA PRO V 151 -91.97 43.54 -13.56
C PRO V 151 -93.44 43.47 -13.93
N LEU V 152 -93.72 43.80 -15.18
CA LEU V 152 -95.05 43.55 -15.72
C LEU V 152 -95.31 42.06 -15.89
N ASN V 153 -94.25 41.25 -15.93
CA ASN V 153 -94.30 39.78 -15.97
C ASN V 153 -95.33 39.27 -16.97
N MET V 154 -95.52 40.01 -18.07
CA MET V 154 -96.41 39.55 -19.12
C MET V 154 -95.82 38.37 -19.85
N ARG V 155 -94.56 38.49 -20.30
CA ARG V 155 -93.91 37.42 -21.03
C ARG V 155 -93.39 36.34 -20.08
N SER V 156 -92.81 36.75 -18.96
CA SER V 156 -92.30 35.87 -17.89
C SER V 156 -91.25 34.92 -18.46
N GLU V 157 -91.25 33.65 -18.04
CA GLU V 157 -90.02 32.88 -17.89
C GLU V 157 -89.61 32.06 -19.11
N GLU V 158 -90.46 31.90 -20.12
CA GLU V 158 -90.18 30.89 -21.14
C GLU V 158 -89.02 31.30 -22.02
N ASN V 159 -89.11 32.47 -22.63
CA ASN V 159 -88.09 32.97 -23.55
C ASN V 159 -86.82 33.42 -22.84
N LYS V 160 -86.75 33.27 -21.51
CA LYS V 160 -85.68 33.82 -20.67
C LYS V 160 -84.30 33.59 -21.28
N LEU V 161 -84.15 32.50 -22.04
CA LEU V 161 -82.97 32.31 -22.87
C LEU V 161 -82.67 33.56 -23.69
N LYS V 162 -83.70 34.16 -24.29
CA LYS V 162 -83.49 35.24 -25.24
C LYS V 162 -82.81 36.43 -24.60
N GLU V 163 -83.29 36.83 -23.41
CA GLU V 163 -82.54 37.77 -22.57
C GLU V 163 -81.08 37.36 -22.45
N LEU V 164 -80.86 36.21 -21.82
CA LEU V 164 -79.51 35.67 -21.68
C LEU V 164 -78.78 35.63 -23.01
N LYS V 165 -79.50 35.31 -24.08
CA LYS V 165 -78.83 35.19 -25.37
C LYS V 165 -78.50 36.56 -25.95
N ASN V 166 -79.40 37.53 -25.81
CA ASN V 166 -79.14 38.85 -26.37
C ASN V 166 -78.06 39.62 -25.61
N GLY V 167 -77.87 39.33 -24.33
CA GLY V 167 -76.79 39.97 -23.59
C GLY V 167 -75.42 39.37 -23.81
N ARG V 168 -75.36 38.03 -23.78
CA ARG V 168 -74.12 37.33 -24.14
C ARG V 168 -73.51 37.87 -25.42
N LEU V 169 -74.35 38.19 -26.39
CA LEU V 169 -73.86 38.77 -27.62
C LEU V 169 -73.26 40.14 -27.38
N ALA V 170 -73.98 41.00 -26.66
CA ALA V 170 -73.44 42.30 -26.28
C ALA V 170 -72.20 42.18 -25.41
N MET V 171 -72.08 41.08 -24.67
CA MET V 171 -70.86 40.85 -23.90
C MET V 171 -69.65 40.86 -24.81
N VAL V 172 -69.74 40.21 -25.97
CA VAL V 172 -68.58 40.03 -26.83
C VAL V 172 -68.20 41.35 -27.49
N ALA V 173 -69.18 42.15 -27.90
CA ALA V 173 -68.88 43.45 -28.46
C ALA V 173 -68.23 44.36 -27.42
N SER V 174 -68.65 44.24 -26.17
CA SER V 174 -68.09 45.04 -25.10
C SER V 174 -66.56 44.92 -25.07
N VAL V 175 -66.05 43.71 -25.28
CA VAL V 175 -64.61 43.55 -25.42
C VAL V 175 -64.09 44.40 -26.57
N GLY V 176 -64.82 44.40 -27.69
CA GLY V 176 -64.38 45.16 -28.84
C GLY V 176 -64.23 46.64 -28.55
N PHE V 177 -65.22 47.23 -27.87
CA PHE V 177 -65.14 48.64 -27.55
C PHE V 177 -63.85 48.98 -26.83
N ILE V 178 -63.33 48.06 -26.03
CA ILE V 178 -62.00 48.21 -25.46
C ILE V 178 -61.00 48.36 -26.60
N SER V 179 -60.84 47.29 -27.38
CA SER V 179 -59.84 47.30 -28.45
C SER V 179 -60.12 48.41 -29.47
N GLN V 180 -61.37 48.81 -29.62
CA GLN V 180 -61.66 49.95 -30.48
C GLN V 180 -60.90 51.18 -29.99
N TYR V 181 -60.83 51.38 -28.69
CA TYR V 181 -59.98 52.44 -28.17
C TYR V 181 -58.51 52.05 -28.19
N LEU V 182 -58.19 50.84 -27.71
CA LEU V 182 -56.80 50.45 -27.60
C LEU V 182 -56.12 50.41 -28.97
N VAL V 183 -56.63 49.58 -29.87
CA VAL V 183 -56.01 49.48 -31.19
C VAL V 183 -56.13 50.80 -31.92
N THR V 184 -57.35 51.27 -32.14
CA THR V 184 -57.60 52.44 -32.97
C THR V 184 -57.62 53.72 -32.14
N GLY V 185 -58.57 53.82 -31.23
CA GLY V 185 -58.78 55.01 -30.43
C GLY V 185 -60.01 55.81 -30.84
N LYS V 186 -60.52 55.58 -32.04
CA LYS V 186 -61.72 56.29 -32.45
C LYS V 186 -62.94 55.74 -31.73
N GLY V 187 -63.99 56.54 -31.69
CA GLY V 187 -65.24 56.13 -31.10
C GLY V 187 -65.80 54.92 -31.80
N PRO V 188 -66.64 54.16 -31.12
CA PRO V 188 -67.24 52.97 -31.75
C PRO V 188 -67.91 53.29 -33.07
N VAL V 189 -68.66 54.40 -33.13
CA VAL V 189 -69.30 54.80 -34.37
C VAL V 189 -68.31 55.44 -35.32
N ASP V 190 -67.38 56.24 -34.80
CA ASP V 190 -66.31 56.76 -35.64
C ASP V 190 -65.46 55.64 -36.21
N ASN V 191 -65.50 54.45 -35.60
CA ASN V 191 -64.90 53.27 -36.21
C ASN V 191 -65.85 52.67 -37.25
N LEU V 192 -67.14 52.65 -36.94
CA LEU V 192 -68.13 52.13 -37.89
C LEU V 192 -68.02 52.83 -39.23
N LYS V 193 -68.09 54.17 -39.22
CA LYS V 193 -68.08 54.92 -40.47
C LYS V 193 -66.83 54.63 -41.29
N ASP V 194 -65.68 54.50 -40.61
CA ASP V 194 -64.47 54.13 -41.34
C ASP V 194 -64.62 52.79 -42.01
N HIS V 195 -65.25 51.84 -41.34
CA HIS V 195 -65.51 50.54 -41.96
C HIS V 195 -66.54 50.69 -43.07
N ILE V 196 -67.44 51.66 -42.95
CA ILE V 196 -68.41 51.90 -44.01
C ILE V 196 -67.75 52.59 -45.19
N VAL V 197 -66.91 53.58 -44.92
CA VAL V 197 -66.23 54.31 -45.99
C VAL V 197 -65.30 53.36 -46.76
N ASP V 198 -64.36 52.74 -46.05
CA ASP V 198 -63.38 51.84 -46.65
C ASP V 198 -63.57 50.48 -46.00
N PRO V 199 -64.42 49.63 -46.58
CA PRO V 199 -64.68 48.33 -45.96
C PRO V 199 -63.50 47.41 -46.02
N LEU V 200 -62.65 47.56 -47.03
CA LEU V 200 -61.52 46.66 -47.20
C LEU V 200 -60.37 47.04 -46.27
N HIS V 201 -60.14 48.34 -46.07
CA HIS V 201 -58.95 48.82 -45.41
C HIS V 201 -59.13 49.10 -43.93
N ASN V 202 -60.33 48.94 -43.40
CA ASN V 202 -60.55 49.22 -41.99
C ASN V 202 -60.45 47.99 -41.10
N ASN V 203 -60.17 46.82 -41.66
CA ASN V 203 -60.20 45.61 -40.86
C ASN V 203 -59.13 45.64 -39.77
N ILE V 204 -59.35 44.83 -38.74
CA ILE V 204 -58.31 44.54 -37.77
C ILE V 204 -57.08 43.98 -38.47
N TYR V 205 -57.32 43.14 -39.49
CA TYR V 205 -56.27 42.36 -40.10
C TYR V 205 -55.12 43.22 -40.59
N THR V 206 -55.41 44.47 -40.92
CA THR V 206 -54.35 45.42 -41.20
C THR V 206 -53.66 45.86 -39.92
N SER V 207 -54.41 46.50 -39.02
CA SER V 207 -53.83 47.23 -37.91
C SER V 207 -53.44 46.30 -36.77
N SER V 208 -52.19 46.42 -36.33
CA SER V 208 -51.72 45.86 -35.06
C SER V 208 -51.94 44.37 -34.96
N VAL V 209 -52.81 43.97 -34.03
CA VAL V 209 -53.04 42.58 -33.66
C VAL V 209 -53.58 41.78 -34.86
N GLY V 210 -53.84 42.47 -35.96
CA GLY V 210 -54.24 41.76 -37.17
C GLY V 210 -53.33 40.59 -37.47
N ASN V 211 -52.02 40.82 -37.44
CA ASN V 211 -51.08 39.71 -37.58
C ASN V 211 -51.32 38.63 -36.52
N GLU V 212 -51.78 39.03 -35.34
CA GLU V 212 -51.98 38.07 -34.26
C GLU V 212 -53.31 37.32 -34.42
N VAL V 213 -54.37 38.05 -34.77
CA VAL V 213 -55.68 37.41 -34.90
C VAL V 213 -55.70 36.44 -36.07
N THR V 214 -55.17 36.86 -37.22
CA THR V 214 -55.18 36.00 -38.38
C THR V 214 -54.52 34.66 -38.11
N VAL V 215 -53.64 34.59 -37.12
CA VAL V 215 -53.13 33.29 -36.69
C VAL V 215 -54.14 32.59 -35.78
N ALA V 216 -54.77 33.34 -34.87
CA ALA V 216 -55.79 32.75 -34.01
C ALA V 216 -57.02 32.32 -34.80
N ILE V 217 -57.20 32.85 -36.00
CA ILE V 217 -58.28 32.36 -36.86
C ILE V 217 -57.89 31.03 -37.49
N VAL V 218 -56.65 30.90 -37.94
CA VAL V 218 -56.18 29.66 -38.54
C VAL V 218 -56.23 28.53 -37.51
N PHE V 219 -55.56 28.72 -36.37
CA PHE V 219 -55.57 27.73 -35.31
C PHE V 219 -56.95 27.47 -34.74
N ALA V 220 -57.94 28.30 -35.07
CA ALA V 220 -59.33 28.03 -34.72
C ALA V 220 -60.07 27.26 -35.80
N ALA V 221 -59.47 27.10 -36.98
CA ALA V 221 -60.12 26.29 -38.00
C ALA V 221 -59.92 24.81 -37.73
N MET V 222 -58.70 24.40 -37.41
CA MET V 222 -58.44 23.02 -37.02
C MET V 222 -59.04 22.67 -35.67
N TRP V 223 -59.31 23.66 -34.83
CA TRP V 223 -59.84 23.44 -33.49
C TRP V 223 -60.97 22.43 -33.41
N PRO V 224 -62.00 22.46 -34.28
CA PRO V 224 -63.04 21.44 -34.17
C PRO V 224 -62.58 20.04 -34.51
N MET V 225 -61.50 19.90 -35.29
CA MET V 225 -61.10 18.55 -35.67
C MET V 225 -60.36 17.84 -34.54
N PHE V 226 -59.42 18.54 -33.88
CA PHE V 226 -58.73 17.95 -32.75
C PHE V 226 -59.73 17.46 -31.70
N ALA V 227 -60.73 18.29 -31.40
CA ALA V 227 -61.75 17.92 -30.44
C ALA V 227 -62.56 16.73 -30.95
N GLU V 228 -62.69 16.62 -32.27
CA GLU V 228 -63.47 15.52 -32.84
C GLU V 228 -62.65 14.25 -32.92
N ALA V 229 -61.33 14.37 -33.08
CA ALA V 229 -60.49 13.18 -33.23
C ALA V 229 -60.40 12.37 -31.96
N LYS V 230 -60.68 12.97 -30.80
CA LYS V 230 -60.83 12.19 -29.57
C LYS V 230 -61.81 11.06 -29.79
N LYS V 231 -63.03 11.41 -30.19
CA LYS V 231 -64.10 10.45 -30.35
C LYS V 231 -63.82 9.49 -31.50
N ALA V 232 -63.62 10.06 -32.70
CA ALA V 232 -63.63 9.24 -33.91
C ALA V 232 -62.44 8.29 -33.94
N LEU V 233 -61.23 8.80 -33.70
CA LEU V 233 -60.04 7.98 -33.88
C LEU V 233 -59.79 7.09 -32.67
N GLY V 234 -60.24 7.49 -31.49
CA GLY V 234 -60.04 6.70 -30.29
C GLY V 234 -60.69 5.33 -30.35
N SER W 2 -34.39 44.06 -32.32
CA SER W 2 -35.03 44.70 -33.45
C SER W 2 -36.28 43.94 -33.87
N ILE W 3 -36.42 42.74 -33.32
CA ILE W 3 -37.58 41.90 -33.63
C ILE W 3 -38.86 42.68 -33.36
N SER W 4 -39.77 42.65 -34.32
CA SER W 4 -41.01 43.39 -34.17
C SER W 4 -41.80 42.86 -32.97
N GLU W 5 -42.30 43.79 -32.17
CA GLU W 5 -43.10 43.41 -31.01
C GLU W 5 -44.28 42.54 -31.42
N SER W 6 -44.78 42.71 -32.63
CA SER W 6 -45.91 41.90 -33.08
C SER W 6 -45.52 40.42 -33.14
N GLN W 7 -44.39 40.10 -33.77
CA GLN W 7 -43.98 38.71 -33.92
C GLN W 7 -43.90 38.02 -32.57
N ILE W 8 -43.47 38.75 -31.54
CA ILE W 8 -43.18 38.15 -30.25
C ILE W 8 -44.40 37.45 -29.68
N PHE W 9 -45.54 38.14 -29.68
CA PHE W 9 -46.74 37.53 -29.13
C PHE W 9 -47.23 36.39 -30.01
N ILE W 10 -46.97 36.47 -31.31
CA ILE W 10 -47.30 35.35 -32.19
C ILE W 10 -46.57 34.09 -31.74
N ALA W 11 -45.27 34.22 -31.46
CA ALA W 11 -44.50 33.07 -31.01
C ALA W 11 -45.01 32.56 -29.67
N ILE W 12 -45.24 33.48 -28.73
CA ILE W 12 -45.66 33.07 -27.40
C ILE W 12 -47.01 32.37 -27.48
N PHE W 13 -47.90 32.85 -28.35
CA PHE W 13 -49.17 32.15 -28.54
C PHE W 13 -48.97 30.84 -29.25
N LEU W 14 -47.99 30.76 -30.14
CA LEU W 14 -47.73 29.50 -30.82
C LEU W 14 -47.17 28.48 -29.84
N ALA W 15 -46.28 28.91 -28.95
CA ALA W 15 -45.79 28.03 -27.90
C ALA W 15 -46.85 27.75 -26.86
N LEU W 16 -47.91 28.57 -26.80
CA LEU W 16 -49.03 28.26 -25.92
C LEU W 16 -49.77 27.02 -26.37
N ILE W 17 -49.84 26.79 -27.67
CA ILE W 17 -50.49 25.58 -28.15
C ILE W 17 -49.64 24.35 -27.82
N ASN W 18 -48.32 24.48 -27.96
CA ASN W 18 -47.45 23.40 -27.54
C ASN W 18 -47.55 23.12 -26.05
N GLY W 19 -48.19 24.00 -25.28
CA GLY W 19 -48.48 23.70 -23.89
C GLY W 19 -49.70 22.83 -23.72
N PHE W 20 -50.70 22.99 -24.59
CA PHE W 20 -51.90 22.18 -24.46
C PHE W 20 -51.73 20.79 -25.05
N LEU W 21 -51.01 20.69 -26.17
CA LEU W 21 -50.80 19.38 -26.77
C LEU W 21 -50.00 18.47 -25.85
N ALA W 22 -49.16 19.04 -24.99
CA ALA W 22 -48.49 18.25 -23.97
C ALA W 22 -49.49 17.81 -22.90
N LEU W 23 -50.27 18.77 -22.38
CA LEU W 23 -51.29 18.44 -21.40
C LEU W 23 -52.24 17.39 -21.94
N ARG W 24 -52.56 17.46 -23.24
CA ARG W 24 -53.41 16.43 -23.82
C ARG W 24 -52.66 15.11 -23.94
N LEU W 25 -51.37 15.17 -24.25
CA LEU W 25 -50.57 13.96 -24.26
C LEU W 25 -50.41 13.39 -22.86
N GLY W 26 -49.85 14.19 -21.95
CA GLY W 26 -49.55 13.70 -20.61
C GLY W 26 -50.76 13.11 -19.92
N SER W 27 -51.93 13.66 -20.15
CA SER W 27 -53.14 13.03 -19.68
C SER W 27 -53.31 11.64 -20.30
N THR W 28 -53.38 11.59 -21.62
CA THR W 28 -53.65 10.32 -22.29
C THR W 28 -52.58 9.29 -22.01
N LEU W 29 -51.36 9.74 -21.74
CA LEU W 29 -50.31 8.78 -21.44
C LEU W 29 -50.45 8.25 -20.02
N TYR W 30 -50.69 9.14 -19.07
CA TYR W 30 -50.89 8.72 -17.69
C TYR W 30 -52.21 7.98 -17.52
N ASN W 31 -53.28 8.53 -18.08
CA ASN W 31 -54.52 7.79 -18.17
C ASN W 31 -54.27 6.44 -18.81
N SER W 32 -53.31 6.38 -19.73
CA SER W 32 -52.86 5.14 -20.36
C SER W 32 -54.01 4.43 -21.06
MG CLA X . -7.89 22.05 1.00
CHA CLA X . -8.17 22.05 4.40
CHB CLA X . -9.76 19.22 0.88
CHC CLA X . -8.09 22.41 -2.39
CHD CLA X . -6.21 25.10 1.20
NA CLA X . -8.65 20.75 2.44
C1A CLA X . -8.73 20.97 3.80
C2A CLA X . -9.39 19.80 4.50
C3A CLA X . -9.50 18.77 3.37
C4A CLA X . -9.29 19.61 2.12
CMA CLA X . -8.40 17.78 3.53
CAA CLA X . -10.78 20.16 4.97
CBA CLA X . -11.40 18.92 5.58
CGA CLA X . -12.83 19.19 5.91
O1A CLA X . -13.68 18.40 6.30
O2A CLA X . -13.18 20.49 5.76
NB CLA X . -8.78 21.02 -0.48
C1B CLA X . -9.58 19.94 -0.32
C2B CLA X . -10.19 19.59 -1.61
C3B CLA X . -9.72 20.47 -2.54
C4B CLA X . -8.79 21.38 -1.83
CMB CLA X . -11.10 18.47 -1.80
CAB CLA X . -9.96 20.56 -3.94
CBB CLA X . -9.04 20.52 -4.90
NC CLA X . -7.13 23.43 -0.35
C1C CLA X . -7.27 23.34 -1.70
C2C CLA X . -6.61 24.46 -2.34
C3C CLA X . -6.17 25.29 -1.33
C4C CLA X . -6.50 24.63 -0.08
CMC CLA X . -6.51 24.67 -3.78
CAC CLA X . -5.45 26.54 -1.51
CBC CLA X . -4.03 26.37 -1.07
ND CLA X . -6.94 23.10 2.42
C1D CLA X . -6.42 24.41 2.35
C2D CLA X . -6.16 24.89 3.70
C3D CLA X . -6.79 24.02 4.53
C4D CLA X . -7.35 22.97 3.67
CMD CLA X . -5.42 26.10 4.01
CAD CLA X . -7.04 23.60 5.89
OBD CLA X . -6.45 23.91 6.91
CBD CLA X . -8.24 22.64 5.78
CGD CLA X . -8.48 21.73 6.94
O1D CLA X . -7.80 20.78 7.33
O2D CLA X . -9.60 22.08 7.62
CED CLA X . -9.97 21.34 8.77
C1 CLA X . -13.99 21.03 6.83
C2 CLA X . -14.09 22.48 6.56
C3 CLA X . -14.76 23.30 7.38
C4 CLA X . -15.44 22.81 8.58
C5 CLA X . -14.85 24.75 7.08
C6 CLA X . -13.62 25.29 6.40
C7 CLA X . -13.93 26.46 5.49
C8 CLA X . -14.90 27.48 6.09
C9 CLA X . -15.29 28.49 5.05
C10 CLA X . -14.29 28.18 7.29
C11 CLA X . -15.29 29.12 7.94
C12 CLA X . -16.51 28.40 8.49
C13 CLA X . -17.49 29.41 9.03
C14 CLA X . -16.99 29.98 10.33
C15 CLA X . -18.88 28.82 9.22
C16 CLA X . -18.83 27.42 9.79
C17 CLA X . -20.19 26.79 9.87
C18 CLA X . -20.12 25.32 10.23
C19 CLA X . -19.80 25.15 11.69
C20 CLA X . -19.06 24.63 9.41
MG CLA Y . -19.36 22.00 6.20
CHA CLA Y . -17.90 23.21 3.33
CHB CLA Y . -21.15 24.85 6.46
CHC CLA Y . -21.01 20.64 8.86
CHD CLA Y . -17.49 19.04 5.87
NA CLA Y . -19.42 23.77 5.10
C1A CLA Y . -18.74 24.09 3.94
C2A CLA Y . -19.06 25.50 3.47
C3A CLA Y . -19.91 26.05 4.64
C4A CLA Y . -20.20 24.81 5.47
CMA CLA Y . -19.13 27.05 5.43
CAA CLA Y . -19.80 25.54 2.16
CBA CLA Y . -19.56 26.86 1.45
CGA CLA Y . -20.57 27.86 1.87
O1A CLA Y . -21.18 27.96 2.93
O2A CLA Y . -20.83 28.82 0.93
NB CLA Y . -20.75 22.67 7.49
C1B CLA Y . -21.49 23.77 7.29
C2B CLA Y . -22.75 23.68 8.07
C3B CLA Y . -22.72 22.49 8.74
C4B CLA Y . -21.44 21.84 8.40
CMB CLA Y . -23.74 24.74 8.03
CAB CLA Y . -23.64 21.86 9.65
CBB CLA Y . -24.85 22.31 9.98
NC CLA Y . -19.19 20.21 7.23
C1C CLA Y . -19.94 19.89 8.32
C2C CLA Y . -19.54 18.60 8.82
C3C CLA Y . -18.59 18.11 7.95
C4C CLA Y . -18.36 19.13 6.95
CMC CLA Y . -20.12 17.95 9.99
CAC CLA Y . -17.87 16.84 8.06
CBC CLA Y . -16.74 16.94 9.04
ND CLA Y . -17.96 21.26 4.97
C1D CLA Y . -17.31 20.02 4.92
C2D CLA Y . -16.48 19.97 3.72
C3D CLA Y . -16.68 21.16 3.05
C4D CLA Y . -17.60 21.93 3.88
CMD CLA Y . -15.68 18.81 3.34
CAD CLA Y . -16.39 21.96 1.90
OBD CLA Y . -15.68 21.73 0.94
CBD CLA Y . -17.13 23.30 2.04
CGD CLA Y . -16.11 24.37 2.12
O1D CLA Y . -15.54 24.77 3.12
O2D CLA Y . -15.79 24.91 0.92
CED CLA Y . -14.76 25.89 0.93
C1 CLA Y . -21.83 29.76 1.28
C2 CLA Y . -23.05 29.35 0.55
C3 CLA Y . -23.63 30.12 -0.38
C4 CLA Y . -23.13 31.47 -0.73
C5 CLA Y . -24.85 29.63 -1.09
C6 CLA Y . -25.99 29.36 -0.14
C7 CLA Y . -27.30 29.29 -0.89
C8 CLA Y . -28.47 29.17 0.06
C9 CLA Y . -28.16 28.21 1.17
C10 CLA Y . -29.71 28.71 -0.69
C11 CLA Y . -30.01 29.67 -1.82
C12 CLA Y . -31.41 29.51 -2.38
C13 CLA Y . -31.45 29.95 -3.83
C14 CLA Y . -30.65 31.21 -4.01
C15 CLA Y . -32.88 30.16 -4.32
C16 CLA Y . -33.42 28.89 -4.95
C17 CLA Y . -34.75 29.13 -5.66
C18 CLA Y . -34.59 29.93 -6.95
C19 CLA Y . -35.92 30.53 -7.34
C20 CLA Y . -34.08 29.05 -8.07
MG CLA Z . 0.60 -6.88 16.16
CHA CLA Z . -0.13 -7.51 12.85
CHB CLA Z . 0.93 -3.59 15.45
CHC CLA Z . 1.36 -6.31 19.45
CHD CLA Z . 0.33 -10.32 16.83
NA CLA Z . 0.39 -5.76 14.43
C1A CLA Z . 0.08 -6.20 13.15
C2A CLA Z . 0.02 -5.04 12.18
C3A CLA Z . 0.33 -3.81 13.04
C4A CLA Z . 0.56 -4.41 14.41
CMA CLA Z . 1.57 -3.09 12.58
CAA CLA Z . -1.38 -4.93 11.61
CBA CLA Z . -1.31 -4.96 10.09
CGA CLA Z . -0.42 -3.83 9.67
O1A CLA Z . -0.58 -2.63 9.90
O2A CLA Z . 0.68 -4.19 8.96
NB CLA Z . 1.05 -5.26 17.25
C1B CLA Z . 1.17 -4.01 16.76
C2B CLA Z . 1.60 -3.10 17.84
C3B CLA Z . 1.73 -3.84 18.98
C4B CLA Z . 1.37 -5.24 18.61
CMB CLA Z . 1.83 -1.68 17.63
CAB CLA Z . 2.10 -3.42 20.29
CBB CLA Z . 2.95 -4.05 21.11
NC CLA Z . 0.79 -8.10 17.83
C1C CLA Z . 1.11 -7.66 19.08
C2C CLA Z . 1.15 -8.77 20.01
C3C CLA Z . 0.87 -9.90 19.28
C4C CLA Z . 0.64 -9.48 17.90
CMC CLA Z . 1.45 -8.66 21.42
CAC CLA Z . 0.78 -11.27 19.77
CBC CLA Z . 2.13 -11.95 19.77
ND CLA Z . 0.15 -8.56 15.16
C1D CLA Z . 0.09 -9.91 15.55
C2D CLA Z . -0.22 -10.72 14.37
C3D CLA Z . -0.31 -9.85 13.31
C4D CLA Z . -0.05 -8.52 13.85
CMD CLA Z . -0.39 -12.16 14.40
CAD CLA Z . -0.55 -9.70 11.89
OBD CLA Z . -0.82 -10.55 11.06
CBD CLA Z . -0.41 -8.21 11.56
CGD CLA Z . 0.69 -7.96 10.58
O1D CLA Z . 1.23 -6.89 10.27
O2D CLA Z . 1.15 -9.06 9.94
CED CLA Z . 2.22 -8.81 9.03
C1 CLA Z . 1.19 -3.16 8.10
C2 CLA Z . 2.67 -3.21 8.15
C3 CLA Z . 3.41 -2.10 8.06
C4 CLA Z . 2.81 -0.76 7.92
C5 CLA Z . 4.90 -2.17 8.09
C6 CLA Z . 5.41 -2.91 9.31
C7 CLA Z . 5.49 -1.99 10.50
C8 CLA Z . 6.75 -2.22 11.31
C9 CLA Z . 6.39 -2.55 12.75
C10 CLA Z . 7.65 -0.99 11.29
C11 CLA Z . 8.33 -0.84 9.96
C12 CLA Z . 9.45 0.16 9.99
C13 CLA Z . 10.05 0.35 8.61
C14 CLA Z . 11.51 -0.02 8.61
C15 CLA Z . 9.87 1.78 8.13
C16 CLA Z . 8.67 1.89 7.22
C17 CLA Z . 9.05 1.65 5.78
C18 CLA Z . 8.13 2.39 4.81
C19 CLA Z . 8.41 3.87 4.78
C20 CLA Z . 6.68 2.14 5.16
MG CLA AA . -0.45 -3.32 24.82
CHA CLA AA . -0.87 -6.58 25.95
CHB CLA AA . 0.31 -2.31 27.96
CHC CLA AA . -0.01 -0.15 23.63
CHD CLA AA . -1.37 -4.40 21.60
NA CLA AA . -0.32 -4.31 26.64
C1A CLA AA . -0.52 -5.67 26.92
C2A CLA AA . -0.33 -5.94 28.39
C3A CLA AA . -0.06 -4.57 29.00
C4A CLA AA . -0.01 -3.64 27.79
CMA CLA AA . -1.22 -4.14 29.85
CAA CLA AA . 0.85 -6.86 28.60
CBA CLA AA . 2.14 -6.19 28.24
CGA CLA AA . 3.21 -7.18 28.52
O1A CLA AA . 3.09 -8.32 28.95
O2A CLA AA . 4.46 -6.71 28.23
NB CLA AA . 0.07 -1.58 25.64
C1B CLA AA . 0.36 -1.36 26.94
C2B CLA AA . 0.76 0.04 27.14
C3B CLA AA . 0.67 0.65 25.91
C4B CLA AA . 0.22 -0.37 24.94
CMB CLA AA . 1.13 0.58 28.44
CAB CLA AA . 0.91 2.01 25.52
CBB CLA AA . 0.62 3.09 26.21
NC CLA AA . -0.66 -2.44 22.95
C1C CLA AA . -0.44 -1.13 22.68
C2C CLA AA . -0.69 -0.87 21.27
C3C CLA AA . -1.07 -2.06 20.71
C4C CLA AA . -1.05 -3.05 21.76
CMC CLA AA . -0.56 0.43 20.61
CAC CLA AA . -1.44 -2.31 19.32
CBC CLA AA . -2.92 -2.35 19.14
ND CLA AA . -1.04 -5.04 23.94
C1D CLA AA . -1.36 -5.33 22.60
C2D CLA AA . -1.63 -6.76 22.48
C3D CLA AA . -1.44 -7.30 23.74
C4D CLA AA . -1.07 -6.18 24.61
CMD CLA AA . -2.00 -7.42 21.25
CAD CLA AA . -1.50 -8.49 24.54
OBD CLA AA . -1.82 -9.62 24.25
CBD CLA AA . -1.08 -8.08 25.98
CGD CLA AA . -2.12 -8.57 26.92
O1D CLA AA . -2.45 -9.73 27.12
O2D CLA AA . -2.76 -7.60 27.62
CED CLA AA . -4.12 -7.89 27.94
C1 CLA AA . 5.52 -7.09 29.12
C2 CLA AA . 6.78 -6.74 28.42
C3 CLA AA . 7.23 -5.49 28.35
C4 CLA AA . 6.50 -4.37 28.98
C5 CLA AA . 8.48 -5.14 27.65
C6 CLA AA . 8.15 -4.56 26.28
C7 CLA AA . 9.32 -4.68 25.32
C8 CLA AA . 8.87 -4.79 23.88
C9 CLA AA . 9.91 -4.23 22.95
C10 CLA AA . 7.54 -4.08 23.65
MG CLA BA . -6.43 4.07 31.56
CHA CLA BA . -6.53 7.03 33.29
CHB CLA BA . -3.45 4.97 30.19
CHC CLA BA . -6.34 1.05 30.00
CHD CLA BA . -9.48 3.17 33.07
NA CLA BA . -5.22 5.75 31.72
C1A CLA BA . -5.43 6.88 32.51
C2A CLA BA . -4.30 7.85 32.38
C3A CLA BA . -3.45 7.26 31.25
C4A CLA BA . -4.05 5.88 31.04
CMA CLA BA . -3.60 8.09 30.03
CAA CLA BA . -3.52 7.76 33.68
CBA CLA BA . -2.15 8.39 33.53
CGA CLA BA . -2.34 9.87 33.56
O1A CLA BA . -2.58 10.59 34.52
O2A CLA BA . -2.26 10.44 32.32
NB CLA BA . -5.13 3.17 30.34
C1B CLA BA . -3.95 3.68 29.91
C2B CLA BA . -3.26 2.67 29.09
C3B CLA BA . -4.06 1.57 29.04
C4B CLA BA . -5.27 1.87 29.83
CMB CLA BA . -1.96 2.91 28.48
CAB CLA BA . -3.87 0.32 28.37
CBB CLA BA . -3.99 -0.87 28.94
NC CLA BA . -7.72 2.45 31.49
C1C CLA BA . -7.50 1.33 30.75
C2C CLA BA . -8.62 0.42 30.90
C3C CLA BA . -9.46 0.99 31.82
C4C CLA BA . -8.90 2.26 32.19
CMC CLA BA . -8.74 -0.85 30.21
CAC CLA BA . -10.73 0.45 32.29
CBC CLA BA . -11.89 1.20 31.69
ND CLA BA . -7.80 4.90 32.77
C1D CLA BA . -8.97 4.40 33.38
C2D CLA BA . -9.53 5.43 34.27
C3D CLA BA . -8.67 6.47 34.21
C4D CLA BA . -7.59 6.08 33.32
CMD CLA BA . -10.78 5.28 35.01
CAD CLA BA . -8.39 7.81 34.66
OBD CLA BA . -9.10 8.60 35.24
CBD CLA BA . -6.96 8.15 34.20
CGD CLA BA . -7.02 9.42 33.45
O1D CLA BA . -6.32 10.41 33.59
O2D CLA BA . -7.99 9.42 32.51
CED CLA BA . -8.14 10.65 31.81
C1 CLA BA . -0.96 10.53 31.72
C2 CLA BA . 0.00 11.10 32.70
C3 CLA BA . 0.01 12.38 33.10
C4 CLA BA . -0.96 13.39 32.61
C5 CLA BA . 1.01 12.86 34.09
C6 CLA BA . 2.42 12.63 33.55
C7 CLA BA . 3.45 13.36 34.39
C8 CLA BA . 4.87 13.04 33.95
C9 CLA BA . 5.22 11.65 34.45
C10 CLA BA . 5.86 14.07 34.47
C11 CLA BA . 5.89 14.14 35.98
C12 CLA BA . 7.24 14.55 36.52
C13 CLA BA . 7.14 15.06 37.96
C14 CLA BA . 8.04 16.27 38.16
C15 CLA BA . 7.43 13.97 38.98
C16 CLA BA . 8.52 14.33 39.96
C17 CLA BA . 8.69 13.26 41.01
C18 CLA BA . 9.26 13.81 42.30
C19 CLA BA . 9.23 12.79 43.43
C20 CLA BA . 8.51 15.04 42.73
MG CLA CA . -1.26 8.29 25.74
CHA CLA CA . -1.89 5.19 24.37
CHB CLA CA . -4.49 8.49 26.72
CHC CLA CA . -0.58 11.34 27.15
CHD CLA CA . 2.06 8.09 24.59
NA CLA CA . -2.90 7.02 25.57
C1A CLA CA . -2.96 5.76 24.98
C2A CLA CA . -4.37 5.18 25.07
C3A CLA CA . -5.17 6.30 25.74
C4A CLA CA . -4.12 7.34 26.06
CMA CLA CA . -6.15 6.84 24.75
CAA CLA CA . -4.43 3.95 25.95
CBA CLA CA . -4.77 2.73 25.12
CGA CLA CA . -6.21 2.43 25.24
O1A CLA CA . -6.79 1.77 26.09
O2A CLA CA . -6.97 2.99 24.26
NB CLA CA . -2.32 9.62 26.79
C1B CLA CA . -3.63 9.54 27.05
C2B CLA CA . -4.09 10.77 27.71
C3B CLA CA . -3.00 11.58 27.83
C4B CLA CA . -1.85 10.86 27.25
CMB CLA CA . -5.48 10.97 28.09
CAB CLA CA . -2.90 12.89 28.39
CBB CLA CA . -3.26 13.18 29.64
NC CLA CA . 0.43 9.49 25.85
C1C CLA CA . 0.49 10.70 26.47
C2C CLA CA . 1.84 11.25 26.35
C3C CLA CA . 2.58 10.34 25.63
C4C CLA CA . 1.70 9.23 25.31
CMC CLA CA . 2.26 12.53 26.90
CAC CLA CA . 3.98 10.44 25.24
CBC CLA CA . 4.17 10.83 23.81
ND CLA CA . -0.14 7.01 24.69
C1D CLA CA . 1.22 7.05 24.28
C2D CLA CA . 1.51 5.81 23.53
C3D CLA CA . 0.36 5.07 23.54
C4D CLA CA . -0.63 5.86 24.28
CMD CLA CA . 2.80 5.52 22.92
CAD CLA CA . -0.28 3.85 23.13
OBD CLA CA . 0.17 2.91 22.49
CBD CLA CA . -1.73 3.88 23.65
CGD CLA CA . -2.69 3.75 22.51
O1D CLA CA . -3.34 2.76 22.18
O2D CLA CA . -2.81 4.89 21.76
CED CLA CA . -3.67 4.82 20.61
C1 CLA CA . -6.58 2.79 22.90
C2 CLA CA . -7.05 3.98 22.16
C3 CLA CA . -8.33 4.11 21.81
C4 CLA CA . -9.32 3.07 22.14
C5 CLA CA . -8.82 5.30 21.08
C6 CLA CA . -7.78 6.40 21.01
C7 CLA CA . -8.29 7.51 20.10
C8 CLA CA . -7.26 8.60 19.89
C9 CLA CA . -6.27 8.21 18.83
C10 CLA CA . -6.53 8.92 21.19
C11 CLA CA . -7.29 9.95 22.01
C12 CLA CA . -6.58 11.27 22.01
C13 CLA CA . -5.52 11.28 23.10
C14 CLA CA . -5.70 12.48 24.01
C15 CLA CA . -4.13 11.29 22.52
C16 CLA CA . -3.37 10.09 23.04
C17 CLA CA . -1.88 10.32 22.97
C18 CLA CA . -1.31 9.95 21.62
C19 CLA CA . -2.05 8.77 21.02
C20 CLA CA . 0.14 9.57 21.79
MG CLA DA . 16.47 10.06 20.13
CHA CLA DA . 18.69 10.37 17.51
CHB CLA DA . 13.88 10.49 17.99
CHC CLA DA . 14.30 9.56 22.73
CHD CLA DA . 19.19 9.63 22.32
NA CLA DA . 16.34 10.37 18.08
C1A CLA DA . 17.37 10.45 17.15
C2A CLA DA . 16.84 10.66 15.75
C3A CLA DA . 15.33 10.82 15.97
C4A CLA DA . 15.14 10.52 17.44
CMA CLA DA . 14.93 12.24 15.72
CAA CLA DA . 17.14 9.47 14.87
CBA CLA DA . 16.93 8.15 15.57
CGA CLA DA . 17.09 6.99 14.61
O1A CLA DA . 17.18 7.02 13.39
O2A CLA DA . 17.11 5.76 15.21
NB CLA DA . 14.47 9.95 20.31
C1B CLA DA . 13.59 10.26 19.34
C2B CLA DA . 12.23 10.33 19.90
C3B CLA DA . 12.34 10.07 21.24
C4B CLA DA . 13.77 9.82 21.52
CMB CLA DA . 11.05 10.65 19.11
CAB CLA DA . 11.32 10.02 22.24
CBB CLA DA . 10.20 9.33 22.15
NC CLA DA . 16.71 9.70 22.15
C1C CLA DA . 15.68 9.51 23.03
C2C CLA DA . 16.20 9.24 24.35
C3C CLA DA . 17.58 9.28 24.25
C4C CLA DA . 17.90 9.55 22.86
CMC CLA DA . 15.38 9.00 25.54
CAC CLA DA . 18.52 9.05 25.33
CBC CLA DA . 18.90 7.59 25.38
ND CLA DA . 18.48 10.10 20.03
C1D CLA DA . 19.48 9.88 21.00
C2D CLA DA . 20.80 9.98 20.34
C3D CLA DA . 20.55 10.21 19.01
C4D CLA DA . 19.09 10.24 18.87
CMD CLA DA . 22.08 9.86 21.03
CAD CLA DA . 21.12 10.42 17.70
OBD CLA DA . 22.28 10.52 17.39
CBD CLA DA . 19.94 10.50 16.69
CGD CLA DA . 19.95 11.81 15.97
O1D CLA DA . 19.11 12.71 16.01
O2D CLA DA . 21.02 12.03 15.17
CED CLA DA . 21.23 13.38 14.76
C1 CLA DA . 18.20 4.90 14.84
C2 CLA DA . 17.72 3.49 14.93
C3 CLA DA . 18.48 2.48 15.38
C4 CLA DA . 19.88 2.66 15.84
C5 CLA DA . 17.93 1.09 15.46
C6 CLA DA . 16.44 1.04 15.20
C7 CLA DA . 15.91 -0.38 15.24
C8 CLA DA . 16.31 -1.11 16.51
C9 CLA DA . 16.93 -2.46 16.17
C10 CLA DA . 15.13 -1.32 17.44
C11 CLA DA . 15.56 -1.81 18.81
C12 CLA DA . 14.67 -2.91 19.33
C13 CLA DA . 13.56 -2.41 20.26
C14 CLA DA . 12.25 -2.23 19.51
C15 CLA DA . 13.93 -1.14 21.01
C16 CLA DA . 14.70 -1.44 22.28
C17 CLA DA . 14.15 -2.66 23.01
C18 CLA DA . 15.27 -3.56 23.52
C19 CLA DA . 15.69 -4.56 22.45
C20 CLA DA . 14.84 -4.29 24.77
MG CLA EA . 9.88 16.03 14.32
CHA CLA EA . 9.63 17.36 17.49
CHB CLA EA . 11.02 13.14 15.62
CHC CLA EA . 9.99 14.71 11.15
CHD CLA EA . 8.68 19.05 13.01
NA CLA EA . 10.29 15.40 16.25
C1A CLA EA . 10.11 16.09 17.44
C2A CLA EA . 10.52 15.25 18.63
C3A CLA EA . 11.06 13.96 17.99
C4A CLA EA . 10.78 14.16 16.51
CMA CLA EA . 12.53 13.80 18.25
CAA CLA EA . 9.33 14.95 19.50
CBA CLA EA . 8.64 13.66 19.13
CGA CLA EA . 7.18 13.91 19.11
O1A CLA EA . 6.60 14.91 18.71
O2A CLA EA . 6.43 12.89 19.63
NB CLA EA . 10.36 14.25 13.53
C1B CLA EA . 10.81 13.20 14.24
C2B CLA EA . 11.12 12.07 13.33
C3B CLA EA . 10.84 12.50 12.06
C4B CLA EA . 10.36 13.90 12.17
CMB CLA EA . 11.64 10.80 13.81
CAB CLA EA . 10.96 11.82 10.80
CBB CLA EA . 10.64 10.54 10.57
NC CLA EA . 9.45 16.77 12.43
C1C CLA EA . 9.58 16.06 11.27
C2C CLA EA . 9.17 16.89 10.16
C3C CLA EA . 8.80 18.12 10.68
C4C CLA EA . 8.98 18.03 12.11
CMC CLA EA . 9.19 16.47 8.76
CAC CLA EA . 8.33 19.29 9.94
CBC CLA EA . 9.41 20.28 9.67
ND CLA EA . 9.39 17.85 15.00
C1D CLA EA . 8.87 19.00 14.36
C2D CLA EA . 8.53 20.00 15.36
C3D CLA EA . 8.80 19.42 16.58
C4D CLA EA . 9.32 18.08 16.30
CMD CLA EA . 7.98 21.31 15.07
CAD CLA EA . 8.76 19.59 18.00
OBD CLA EA . 8.38 20.56 18.64
CBD CLA EA . 9.28 18.28 18.63
CGD CLA EA . 10.42 18.61 19.53
O1D CLA EA . 10.45 19.51 20.37
O2D CLA EA . 11.51 17.82 19.41
CED CLA EA . 12.66 18.18 20.17
C1 CLA EA . 6.77 11.55 19.23
C2 CLA EA . 5.68 11.03 18.36
C3 CLA EA . 4.46 10.70 18.79
C4 CLA EA . 4.05 10.82 20.21
C5 CLA EA . 3.43 10.18 17.86
C6 CLA EA . 4.06 9.35 16.76
C7 CLA EA . 3.19 8.16 16.42
C8 CLA EA . 4.03 6.93 16.14
C9 CLA EA . 4.67 6.42 17.41
C10 CLA EA . 5.12 7.24 15.13
C11 CLA EA . 5.01 6.35 13.92
C12 CLA EA . 5.28 4.90 14.25
C13 CLA EA . 5.30 4.03 13.00
C14 CLA EA . 5.83 4.77 11.80
C15 CLA EA . 3.92 3.47 12.69
C16 CLA EA . 4.02 2.34 11.69
C17 CLA EA . 4.28 1.01 12.35
C18 CLA EA . 3.01 0.21 12.58
C19 CLA EA . 1.95 0.48 11.54
C20 CLA EA . 2.45 0.45 13.96
MG CLA FA . 13.84 11.28 6.49
CHA CLA FA . 15.06 11.60 9.69
CHB CLA FA . 15.42 8.32 6.18
CHC CLA FA . 12.67 11.07 3.28
CHD CLA FA . 12.26 14.42 6.81
NA CLA FA . 15.01 10.14 7.77
C1A CLA FA . 15.40 10.43 9.08
C2A CLA FA . 16.25 9.31 9.66
C3A CLA FA . 16.23 8.24 8.55
C4A CLA FA . 15.49 8.92 7.42
CMA CLA FA . 17.63 7.92 8.13
CAA CLA FA . 15.70 8.81 10.99
CBA CLA FA . 15.10 7.42 11.05
CGA CLA FA . 14.18 7.47 12.22
O1A CLA FA . 13.32 8.32 12.46
O2A CLA FA . 14.31 6.47 13.14
NB CLA FA . 13.95 9.91 5.04
C1B CLA FA . 14.78 8.84 5.05
C2B CLA FA . 14.90 8.28 3.68
C3B CLA FA . 14.13 9.05 2.87
C4B CLA FA . 13.51 10.10 3.72
CMB CLA FA . 15.71 7.13 3.34
CAB CLA FA . 13.87 8.97 1.46
CBB CLA FA . 12.67 8.77 0.92
NC CLA FA . 12.64 12.50 5.29
C1C CLA FA . 12.26 12.19 4.03
C2C CLA FA . 11.38 13.21 3.49
C3C CLA FA . 11.30 14.20 4.46
C4C CLA FA . 12.07 13.74 5.60
CMC CLA FA . 10.80 13.14 2.17
CAC CLA FA . 10.52 15.44 4.38
CBC CLA FA . 9.04 15.20 4.53
ND CLA FA . 13.65 12.71 7.87
C1D CLA FA . 12.99 13.96 7.87
C2D CLA FA . 13.26 14.63 9.16
C3D CLA FA . 14.06 13.77 9.87
C4D CLA FA . 14.26 12.59 9.04
CMD CLA FA . 12.77 15.95 9.49
CAD CLA FA . 14.78 13.55 11.11
OBD CLA FA . 14.92 14.29 12.07
CBD CLA FA . 15.42 12.15 11.03
CGD CLA FA . 16.89 12.23 11.11
O1D CLA FA . 17.64 12.93 10.44
O2D CLA FA . 17.44 11.42 12.04
CED CLA FA . 18.67 11.85 12.61
C1 CLA FA . 13.37 6.54 14.24
C2 CLA FA . 13.74 5.51 15.26
C3 CLA FA . 13.71 5.74 16.58
C4 CLA FA . 13.34 7.05 17.14
C5 CLA FA . 14.09 4.67 17.54
C6 CLA FA . 12.88 4.02 18.19
C7 CLA FA . 13.09 2.53 18.37
C8 CLA FA . 11.82 1.77 18.73
C9 CLA FA . 11.45 0.79 17.63
C10 CLA FA . 10.62 2.66 19.05
C11 CLA FA . 9.37 1.87 19.40
C12 CLA FA . 8.86 2.12 20.81
C13 CLA FA . 9.64 1.35 21.89
C14 CLA FA . 10.11 -0.01 21.40
C15 CLA FA . 8.84 1.16 23.17
C16 CLA FA . 9.65 0.39 24.20
C17 CLA FA . 8.84 -0.10 25.38
C18 CLA FA . 9.70 -0.30 26.64
C19 CLA FA . 11.11 -0.73 26.31
C20 CLA FA . 9.08 -1.27 27.61
MG CLA GA . 4.16 0.78 45.28
CHA CLA GA . 4.34 -1.46 47.89
CHB CLA GA . 0.95 1.48 46.11
CHC CLA GA . 4.13 3.18 42.86
CHD CLA GA . 7.49 -0.03 44.41
NA CLA GA . 2.86 0.06 46.73
C1A CLA GA . 3.13 -0.85 47.75
C2A CLA GA . 1.90 -1.09 48.61
C3A CLA GA . 0.80 -0.34 47.86
C4A CLA GA . 1.57 0.47 46.82
CMA CLA GA . -0.12 -1.31 47.21
CAA CLA GA . 2.11 -0.45 49.97
CBA CLA GA . 2.63 0.96 49.80
CGA CLA GA . 2.91 1.57 51.11
O1A CLA GA . 2.22 1.55 52.14
O2A CLA GA . 4.11 2.22 51.14
NB CLA GA . 2.80 2.11 44.64
C1B CLA GA . 1.55 2.25 45.11
C2B CLA GA . 0.86 3.34 44.36
C3B CLA GA . 1.74 3.82 43.45
C4B CLA GA . 2.99 3.03 43.59
CMB CLA GA . -0.52 3.73 44.60
CAB CLA GA . 1.54 4.85 42.48
CBB CLA GA . 2.43 5.76 42.09
NC CLA GA . 5.55 1.42 43.88
C1C CLA GA . 5.32 2.43 42.98
C2C CLA GA . 6.49 2.66 42.19
C3C CLA GA . 7.45 1.74 42.61
C4C CLA GA . 6.85 0.97 43.67
CMC CLA GA . 6.57 3.69 41.16
CAC CLA GA . 8.80 1.57 42.09
CBC CLA GA . 9.85 2.11 43.03
ND CLA GA . 5.56 -0.54 45.85
C1D CLA GA . 6.91 -0.72 45.45
C2D CLA GA . 7.53 -1.74 46.32
C3D CLA GA . 6.60 -2.03 47.28
C4D CLA GA . 5.40 -1.24 46.96
CMD CLA GA . 8.90 -2.23 46.17
CAD CLA GA . 6.29 -2.82 48.43
OBD CLA GA . 6.96 -3.68 48.98
CBD CLA GA . 4.88 -2.42 48.91
CGD CLA GA . 4.03 -3.63 49.08
O1D CLA GA . 3.68 -4.43 48.21
O2D CLA GA . 3.65 -3.86 50.36
CED CLA GA . 3.49 -5.22 50.73
C1 CLA GA . 4.12 3.59 50.68
C2 CLA GA . 5.48 4.15 50.90
C3 CLA GA . 6.01 4.42 52.11
C4 CLA GA . 5.27 4.17 53.36
C5 CLA GA . 7.37 4.98 52.24
C6 CLA GA . 7.98 5.36 50.91
C7 CLA GA . 9.47 5.57 51.00
C8 CLA GA . 10.16 5.32 49.65
C9 CLA GA . 11.57 5.84 49.66
C10 CLA GA . 9.38 5.98 48.53
C11 CLA GA . 9.54 7.47 48.52
C12 CLA GA . 8.59 8.09 47.52
C13 CLA GA . 8.70 9.60 47.52
C14 CLA GA . 7.89 10.20 46.39
C15 CLA GA . 10.16 10.03 47.43
C16 CLA GA . 10.54 10.92 48.58
C17 CLA GA . 11.49 12.00 48.13
C18 CLA GA . 10.76 13.15 47.45
C19 CLA GA . 11.56 13.65 46.25
C20 CLA GA . 10.51 14.27 48.41
MG CLA HA . 3.52 -8.80 31.86
CHA CLA HA . 0.48 -10.29 31.24
CHB CLA HA . 5.09 -11.67 30.98
CHC CLA HA . 6.52 -7.23 32.33
CHD CLA HA . 1.84 -5.85 32.77
NA CLA HA . 2.87 -10.68 31.23
C1A CLA HA . 1.55 -11.08 31.00
C2A CLA HA . 1.51 -12.51 30.51
C3A CLA HA . 2.98 -12.96 30.53
C4A CLA HA . 3.72 -11.69 30.93
CMA CLA HA . 3.17 -14.04 31.56
CAA CLA HA . 1.05 -12.50 29.07
CBA CLA HA . 1.65 -11.30 28.35
CGA CLA HA . 1.33 -11.30 26.89
O1A CLA HA . 1.03 -12.25 26.17
O2A CLA HA . 1.40 -10.06 26.35
NB CLA HA . 5.44 -9.36 31.71
C1B CLA HA . 5.88 -10.58 31.34
C2B CLA HA . 7.36 -10.61 31.41
C3B CLA HA . 7.77 -9.35 31.79
C4B CLA HA . 6.56 -8.54 31.99
CMB CLA HA . 8.15 -11.78 31.08
CAB CLA HA . 9.09 -8.84 31.97
CBB CLA HA . 9.57 -7.83 31.25
NC CLA HA . 4.07 -6.88 32.42
C1C CLA HA . 5.35 -6.44 32.49
C2C CLA HA . 5.37 -5.04 32.85
C3C CLA HA . 4.05 -4.66 33.03
C4C CLA HA . 3.24 -5.82 32.75
CMC CLA HA . 6.59 -4.27 32.98
CAC CLA HA . 3.57 -3.33 33.38
CBC CLA HA . 3.12 -2.54 32.17
ND CLA HA . 1.62 -8.15 32.00
C1D CLA HA . 1.07 -6.93 32.44
C2D CLA HA . -0.39 -7.05 32.42
C3D CLA HA . -0.67 -8.31 31.95
C4D CLA HA . 0.61 -8.96 31.71
CMD CLA HA . -1.31 -5.99 32.83
CAD CLA HA . -1.70 -9.27 31.63
OBD CLA HA . -2.92 -9.17 31.70
CBD CLA HA . -0.99 -10.56 31.16
CGD CLA HA . -1.38 -11.68 32.05
O1D CLA HA . -0.67 -12.34 32.80
O2D CLA HA . -2.70 -11.99 31.98
CED CLA HA . -3.20 -12.43 30.71
C1 CLA HA . 2.72 -9.60 25.95
C2 CLA HA . 2.54 -8.29 25.28
C3 CLA HA . 3.48 -7.73 24.50
C4 CLA HA . 4.78 -8.38 24.26
C5 CLA HA . 3.25 -6.41 23.86
C6 CLA HA . 4.21 -5.34 24.32
C7 CLA HA . 3.54 -4.37 25.26
C8 CLA HA . 4.38 -3.12 25.50
C9 CLA HA . 4.20 -2.59 26.91
C10 CLA HA . 4.00 -2.04 24.51
C11 CLA HA . 4.58 -0.70 24.87
C12 CLA HA . 5.11 0.02 23.65
C13 CLA HA . 3.98 0.51 22.75
C14 CLA HA . 3.90 -0.29 21.48
C15 CLA HA . 4.16 2.00 22.43
C16 CLA HA . 4.82 2.20 21.09
C17 CLA HA . 3.94 3.03 20.18
C18 CLA HA . 4.12 2.69 18.70
C19 CLA HA . 3.21 1.54 18.30
C20 CLA HA . 5.56 2.36 18.36
MG CLA IA . -0.49 7.15 53.39
CHA CLA IA . -1.94 4.12 52.69
CHB CLA IA . -2.48 7.47 56.11
CHC CLA IA . 0.95 10.19 54.03
CHD CLA IA . 1.49 6.82 50.50
NA CLA IA . -1.94 5.95 54.26
C1A CLA IA . -2.42 4.72 53.81
C2A CLA IA . -3.49 4.18 54.74
C3A CLA IA . -3.70 5.31 55.75
C4A CLA IA . -2.62 6.32 55.38
CMA CLA IA . -5.04 5.94 55.55
CAA CLA IA . -3.02 2.94 55.46
CBA CLA IA . -1.87 3.25 56.40
CGA CLA IA . -0.59 3.15 55.63
O1A CLA IA . -0.26 2.27 54.84
O2A CLA IA . 0.27 4.19 55.87
NB CLA IA . -0.72 8.56 54.80
C1B CLA IA . -1.56 8.48 55.86
C2B CLA IA . -1.38 9.66 56.72
C3B CLA IA . -0.41 10.43 56.16
C4B CLA IA . 0.02 9.74 54.91
CMB CLA IA . -2.13 9.87 57.94
CAB CLA IA . 0.13 11.68 56.60
CBB CLA IA . 1.40 11.86 56.92
NC CLA IA . 0.95 8.28 52.42
C1C CLA IA . 1.38 9.50 52.86
C2C CLA IA . 2.37 10.03 51.94
C3C CLA IA . 2.54 9.06 50.94
C4C CLA IA . 1.64 7.97 51.26
CMC CLA IA . 3.02 11.32 52.10
CAC CLA IA . 3.43 9.12 49.78
CBC CLA IA . 4.70 8.33 50.03
ND CLA IA . -0.21 5.81 51.93
C1D CLA IA . 0.64 5.79 50.80
C2D CLA IA . 0.39 4.56 50.03
C3D CLA IA . -0.60 3.90 50.71
C4D CLA IA . -0.94 4.71 51.87
CMD CLA IA . 1.08 4.19 48.81
CAD CLA IA . -1.47 2.75 50.73
OBD CLA IA . -1.59 1.85 49.92
CBD CLA IA . -2.32 2.84 52.01
CGD CLA IA . -3.76 2.91 51.65
O1D CLA IA . -4.55 3.82 51.89
O2D CLA IA . -4.22 1.84 50.96
CED CLA IA . -5.62 1.80 50.75
C1 CLA IA . 1.58 4.04 55.30
C2 CLA IA . 2.48 4.96 56.04
C3 CLA IA . 3.01 6.05 55.47
C4 CLA IA . 2.74 6.40 54.08
C5 CLA IA . 3.91 6.99 56.22
C6 CLA IA . 3.55 8.43 55.99
C7 CLA IA . 4.41 9.36 56.82
C8 CLA IA . 3.84 9.57 58.22
C9 CLA IA . 4.33 10.89 58.76
MG CLA JA . -1.94 7.08 43.90
CHA CLA JA . -2.45 6.80 40.52
CHB CLA JA . 0.36 9.50 43.33
CHC CLA JA . -1.58 7.46 47.27
CHD CLA JA . -4.25 4.48 44.43
NA CLA JA . -1.16 7.97 42.19
C1A CLA JA . -1.52 7.73 40.87
C2A CLA JA . -0.71 8.59 39.92
C3A CLA JA . 0.31 9.28 40.84
C4A CLA JA . -0.19 8.91 42.23
CMA CLA JA . 1.70 8.78 40.61
CAA CLA JA . -1.62 9.64 39.35
CBA CLA JA . -1.62 9.58 37.85
CGA CLA JA . -0.67 10.62 37.34
O1A CLA JA . -0.80 11.41 36.41
O2A CLA JA . 0.48 10.65 38.05
NB CLA JA . -0.82 8.25 45.09
C1B CLA JA . 0.01 9.23 44.65
C2B CLA JA . 0.55 9.98 45.79
C3B CLA JA . 0.01 9.42 46.91
C4B CLA JA . -0.87 8.30 46.48
CMB CLA JA . 1.48 11.08 45.58
CAB CLA JA . 0.21 9.75 48.29
CBB CLA JA . 0.66 10.92 48.73
NC CLA JA . -2.75 6.12 45.54
C1C CLA JA . -2.45 6.42 46.82
C2C CLA JA . -3.18 5.53 47.70
C3C CLA JA . -3.95 4.71 46.91
C4C CLA JA . -3.68 5.08 45.55
CMC CLA JA . -3.08 5.54 49.15
CAC CLA JA . -4.83 3.63 47.36
CBC CLA JA . -6.30 3.89 47.14
ND CLA JA . -3.09 5.87 42.79
C1D CLA JA . -3.99 4.84 43.13
C2D CLA JA . -4.57 4.28 41.89
C3D CLA JA . -4.03 5.02 40.87
C4D CLA JA . -3.11 5.98 41.49
CMD CLA JA . -5.54 3.20 41.84
CAD CLA JA . -3.96 5.22 39.45
OBD CLA JA . -4.56 4.63 38.57
CBD CLA JA . -2.93 6.35 39.19
CGD CLA JA . -1.77 5.81 38.46
O1D CLA JA . -0.94 6.39 37.78
O2D CLA JA . -1.63 4.48 38.63
CED CLA JA . -0.30 4.03 38.44
C1 CLA JA . 1.40 11.65 37.61
C2 CLA JA . 2.75 11.07 37.81
C3 CLA JA . 3.75 11.81 38.29
C4 CLA JA . 3.55 13.23 38.65
C5 CLA JA . 5.10 11.22 38.48
C6 CLA JA . 5.46 11.00 39.95
C7 CLA JA . 5.41 9.53 40.28
C8 CLA JA . 6.33 9.21 41.44
C9 CLA JA . 6.80 7.77 41.37
C10 CLA JA . 5.65 9.48 42.78
C11 CLA JA . 4.80 8.30 43.23
C12 CLA JA . 4.62 8.28 44.72
C13 CLA JA . 3.60 7.24 45.12
C14 CLA JA . 2.93 7.62 46.41
C15 CLA JA . 4.27 5.90 45.32
C16 CLA JA . 5.27 5.99 46.45
C17 CLA JA . 5.36 4.70 47.21
C18 CLA JA . 6.21 3.67 46.48
C19 CLA JA . 6.63 2.56 47.43
C20 CLA JA . 7.44 4.32 45.89
MG CLA KA . 14.23 21.24 41.67
CHA CLA KA . 17.08 21.36 39.74
CHB CLA KA . 12.46 20.29 38.96
CHC CLA KA . 11.43 21.15 43.62
CHD CLA KA . 16.13 22.24 44.47
NA CLA KA . 14.72 20.89 39.67
C1A CLA KA . 15.97 21.00 39.06
C2A CLA KA . 15.89 20.67 37.57
C3A CLA KA . 14.40 20.29 37.39
C4A CLA KA . 13.80 20.50 38.76
CMA CLA KA . 13.75 21.19 36.37
CAA CLA KA . 16.79 19.52 37.15
CBA CLA KA . 16.29 18.18 37.62
CGA CLA KA . 17.37 17.16 37.43
O1A CLA KA . 18.10 16.97 36.47
O2A CLA KA . 17.52 16.34 38.51
NB CLA KA . 12.30 20.83 41.34
C1B CLA KA . 11.77 20.42 40.17
C2B CLA KA . 10.33 20.13 40.34
C3B CLA KA . 10.04 20.37 41.65
C4B CLA KA . 11.29 20.81 42.32
CMB CLA KA . 9.48 19.67 39.26
CAB CLA KA . 8.80 20.22 42.34
CBB CLA KA . 8.13 19.08 42.45
NC CLA KA . 13.87 21.64 43.67
C1C CLA KA . 12.64 21.54 44.26
C2C CLA KA . 12.74 21.89 45.66
C3C CLA KA . 14.06 22.19 45.91
C4C CLA KA . 14.77 22.03 44.65
CMC CLA KA . 11.64 21.92 46.60
CAC CLA KA . 14.67 22.60 47.17
CBC CLA KA . 14.68 24.09 47.34
ND CLA KA . 16.14 21.69 42.08
C1D CLA KA . 16.79 22.08 43.27
C2D CLA KA . 18.22 22.27 43.00
C3D CLA KA . 18.38 22.00 41.67
C4D CLA KA . 17.06 21.66 41.14
CMD CLA KA . 19.23 22.65 43.98
CAD CLA KA . 19.31 21.92 40.59
OBD CLA KA . 20.51 22.11 40.60
CBD CLA KA . 18.51 21.52 39.31
CGD CLA KA . 18.58 22.56 38.27
O1D CLA KA . 18.22 22.48 37.09
O2D CLA KA . 19.08 23.74 38.69
CED CLA KA . 18.36 24.91 38.33
MG CLA LA . 12.71 27.71 51.83
CHA CLA LA . 15.59 28.96 53.24
CHB CLA LA . 14.22 24.70 51.41
CHC CLA LA . 9.85 26.54 50.39
CHD CLA LA . 11.22 30.89 52.22
NA CLA LA . 14.60 26.97 52.28
C1A CLA LA . 15.66 27.65 52.88
C2A CLA LA . 16.86 26.74 53.02
C3A CLA LA . 16.39 25.38 52.44
C4A CLA LA . 14.96 25.69 52.00
CMA CLA LA . 17.26 24.93 51.30
CAA CLA LA . 17.16 26.52 54.48
CBA CLA LA . 15.94 26.03 55.20
CGA CLA LA . 16.41 25.29 56.39
O1A CLA LA . 17.47 25.46 57.00
O2A CLA LA . 15.53 24.34 56.83
NB CLA LA . 12.13 25.96 51.04
C1B CLA LA . 12.90 24.85 50.98
C2B CLA LA . 12.13 23.75 50.35
C3B CLA LA . 10.89 24.25 50.05
C4B CLA LA . 10.87 25.67 50.49
CMB CLA LA . 12.69 22.42 50.14
CAB CLA LA . 9.78 23.60 49.43
CBB CLA LA . 8.52 23.63 49.87
NC CLA LA . 10.86 28.56 51.41
C1C CLA LA . 9.83 27.89 50.83
C2C CLA LA . 8.69 28.78 50.69
C3C CLA LA . 9.08 30.01 51.19
C4C CLA LA . 10.45 29.87 51.64
CMC CLA LA . 7.41 28.38 50.13
CAC CLA LA . 8.27 31.23 51.27
CBC CLA LA . 7.83 31.48 52.69
ND CLA LA . 13.19 29.51 52.60
C1D CLA LA . 12.50 30.74 52.67
C2D CLA LA . 13.38 31.75 53.27
C3D CLA LA . 14.58 31.13 53.50
C4D CLA LA . 14.41 29.73 53.06
CMD CLA LA . 13.00 33.13 53.52
CAD CLA LA . 15.92 31.26 54.00
OBD CLA LA . 16.46 32.24 54.48
CBD CLA LA . 16.62 29.89 53.81
CGD CLA LA . 17.79 30.01 52.88
O1D CLA LA . 17.76 30.04 51.64
O2D CLA LA . 18.98 30.07 53.49
CED CLA LA . 19.44 31.36 53.88
C1 CLA LA . 16.00 23.46 57.88
C2 CLA LA . 16.01 22.08 57.31
MG CLA MA . 22.73 19.44 42.80
CHA CLA MA . 25.21 19.47 40.40
CHB CLA MA . 20.45 18.63 40.45
CHC CLA MA . 20.34 19.38 45.25
CHD CLA MA . 25.17 20.23 45.24
NA CLA MA . 22.84 19.12 40.75
C1A CLA MA . 23.96 19.18 39.93
C2A CLA MA . 23.58 18.88 38.47
C3A CLA MA . 22.08 18.61 38.54
C4A CLA MA . 21.74 18.80 40.00
CMA CLA MA . 21.31 19.57 37.68
CAA CLA MA . 24.29 17.65 37.96
CBA CLA MA . 23.94 16.43 38.77
CGA CLA MA . 24.95 15.38 38.48
O1A CLA MA . 26.17 15.51 38.35
O2A CLA MA . 24.41 14.14 38.37
NB CLA MA . 20.74 19.13 42.83
C1B CLA MA . 20.01 18.76 41.77
C2B CLA MA . 18.61 18.48 42.20
C3B CLA MA . 18.56 18.68 43.55
C4B CLA MA . 19.93 19.10 43.98
CMB CLA MA . 17.56 18.04 41.31
CAB CLA MA . 17.43 18.52 44.43
CBB CLA MA . 17.16 19.19 45.55
NC CLA MA . 22.76 19.76 44.86
C1C CLA MA . 21.65 19.69 45.66
C2C CLA MA . 22.03 19.96 47.04
C3C CLA MA . 23.40 20.19 47.04
C4C CLA MA . 23.84 20.07 45.66
CMC CLA MA . 21.13 19.97 48.18
CAC CLA MA . 24.23 20.50 48.20
CBC CLA MA . 24.87 19.25 48.74
ND CLA MA . 24.72 19.75 42.89
C1D CLA MA . 25.58 20.09 43.95
C2D CLA MA . 26.95 20.23 43.43
C3D CLA MA . 26.87 19.97 42.07
C4D CLA MA . 25.45 19.69 41.78
CMD CLA MA . 28.11 20.57 44.23
CAD CLA MA . 27.60 19.85 40.84
OBD CLA MA . 28.81 19.94 40.66
CBD CLA MA . 26.56 19.57 39.73
CGD CLA MA . 26.58 20.61 38.65
O1D CLA MA . 25.72 20.83 37.80
O2D CLA MA . 27.70 21.38 38.68
CED CLA MA . 28.74 21.07 37.75
MG CLA NA . -0.90 35.31 50.81
CHA CLA NA . -0.79 38.75 50.33
CHB CLA NA . 2.27 35.39 52.01
CHC CLA NA . -1.09 31.95 51.38
CHD CLA NA . -4.20 35.30 49.60
NA CLA NA . 0.49 36.84 51.12
C1A CLA NA . 0.35 38.20 50.86
C2A CLA NA . 1.59 38.96 51.27
C3A CLA NA . 2.57 37.86 51.74
C4A CLA NA . 1.74 36.59 51.64
CMA CLA NA . 3.78 37.78 50.88
CAA CLA NA . 1.24 39.84 52.43
CBA CLA NA . 0.66 39.06 53.59
CGA CLA NA . -0.83 39.17 53.61
O1A CLA NA . -1.53 40.08 53.16
O2A CLA NA . -1.45 38.13 54.23
NB CLA NA . 0.32 33.95 51.60
C1B CLA NA . 1.61 34.15 51.97
C2B CLA NA . 2.25 32.87 52.35
C3B CLA NA . 1.29 31.89 52.16
C4B CLA NA . 0.07 32.57 51.69
CMB CLA NA . 3.64 32.80 52.77
CAB CLA NA . 1.31 30.47 52.35
CBB CLA NA . 2.37 29.71 52.62
NC CLA NA . -2.37 33.88 50.50
C1C CLA NA . -2.23 32.57 50.81
C2C CLA NA . -3.45 31.85 50.51
C3C CLA NA . -4.34 32.79 50.01
C4C CLA NA . -3.65 34.07 50.01
CMC CLA NA . -3.63 30.42 50.73
CAC CLA NA . -5.72 32.55 49.58
CBC CLA NA . -5.83 31.85 48.26
ND CLA NA . -2.19 36.63 50.01
C1D CLA NA . -3.54 36.50 49.59
C2D CLA NA . -4.04 37.82 49.18
C3D CLA NA . -3.02 38.72 49.42
C4D CLA NA . -1.90 37.93 49.97
CMD CLA NA . -5.37 38.08 48.64
CAD CLA NA . -2.59 40.10 49.36
OBD CLA NA . -3.16 41.07 48.91
CBD CLA NA . -1.18 40.17 50.00
CGD CLA NA . -0.28 40.87 49.06
O1D CLA NA . -0.48 41.95 48.49
O2D CLA NA . 0.89 40.23 48.79
CED CLA NA . 2.04 41.06 48.57
C1 CLA NA . -2.12 37.13 53.43
C2 CLA NA . -3.48 36.96 53.99
C3 CLA NA . -4.08 35.77 54.23
C4 CLA NA . -5.44 35.70 54.79
C5 CLA NA . -3.42 34.46 53.96
C6 CLA NA . -3.79 33.42 54.99
C7 CLA NA . -4.45 32.21 54.37
C8 CLA NA . -4.81 31.14 55.40
C9 CLA NA . -3.64 30.93 56.34
C10 CLA NA . -5.17 29.82 54.74
C11 CLA NA . -6.65 29.53 54.82
C12 CLA NA . -7.03 28.35 53.94
C13 CLA NA . -8.50 28.39 53.53
C14 CLA NA . -9.01 29.79 53.37
C15 CLA NA . -9.39 27.64 54.52
C16 CLA NA . -10.02 26.43 53.88
C17 CLA NA . -11.02 26.80 52.80
C18 CLA NA . -12.06 25.70 52.54
C19 CLA NA . -13.27 26.29 51.85
C20 CLA NA . -12.48 25.04 53.83
MG CLA OA . -4.03 32.15 40.43
CHA CLA OA . -3.81 32.26 36.99
CHB CLA OA . -1.52 34.40 40.64
CHC CLA OA . -4.36 32.13 43.83
CHD CLA OA . -6.58 29.75 40.15
NA CLA OA . -2.87 33.16 39.02
C1A CLA OA . -2.94 33.08 37.64
C2A CLA OA . -1.92 34.00 37.01
C3A CLA OA . -1.06 34.47 38.19
C4A CLA OA . -1.88 34.00 39.38
CMA CLA OA . 0.28 33.81 38.17
CAA CLA OA . -2.68 35.21 36.50
CBA CLA OA . -2.14 36.51 37.04
CGA CLA OA . -2.89 36.91 38.27
O1A CLA OA . -2.43 37.35 39.32
O2A CLA OA . -4.24 36.76 38.16
NB CLA OA . -3.10 33.06 41.94
C1B CLA OA . -2.16 34.01 41.80
C2B CLA OA . -1.84 34.60 43.11
C3B CLA OA . -2.64 33.97 44.04
C4B CLA OA . -3.45 32.97 43.30
CMB CLA OA . -0.83 35.63 43.25
CAB CLA OA . -2.74 34.15 45.45
CBB CLA OA . -3.16 35.28 46.01
NC CLA OA . -5.24 31.10 41.74
C1C CLA OA . -5.20 31.25 43.10
C2C CLA OA . -6.16 30.37 43.70
C3C CLA OA . -6.81 29.69 42.67
C4C CLA OA . -6.21 30.16 41.43
CMC CLA OA . -6.38 30.26 45.14
CAC CLA OA . -7.86 28.69 42.79
CBC CLA OA . -9.23 29.30 42.99
ND CLA OA . -5.02 31.21 38.96
C1D CLA OA . -6.05 30.24 38.97
C2D CLA OA . -6.38 29.88 37.59
C3D CLA OA . -5.53 30.61 36.78
C4D CLA OA . -4.71 31.42 37.69
CMD CLA OA . -7.38 28.92 37.17
CAD CLA OA . -5.12 30.90 35.43
OBD CLA OA . -5.52 30.45 34.37
CBD CLA OA . -4.01 31.96 35.52
CGD CLA OA . -2.78 31.35 34.96
O1D CLA OA . -2.05 30.50 35.48
O2D CLA OA . -2.46 31.78 33.73
CED CLA OA . -1.16 31.43 33.26
C1 CLA OA . -5.05 37.25 39.24
C2 CLA OA . -5.13 36.15 40.22
C3 CLA OA . -6.29 35.55 40.53
C4 CLA OA . -7.57 35.96 39.93
C5 CLA OA . -6.34 34.45 41.51
C6 CLA OA . -7.26 34.81 42.66
C7 CLA OA . -7.99 33.59 43.15
C8 CLA OA . -8.54 33.83 44.56
C9 CLA OA . -7.39 34.17 45.49
C10 CLA OA . -9.31 32.63 45.05
C11 CLA OA . -9.49 32.67 46.55
C12 CLA OA . -10.57 31.72 47.01
C13 CLA OA . -10.53 31.61 48.54
C14 CLA OA . -10.68 30.17 48.96
C15 CLA OA . -11.57 32.51 49.19
C16 CLA OA . -12.91 31.81 49.42
C17 CLA OA . -14.04 32.79 49.64
C18 CLA OA . -15.14 32.60 48.62
C19 CLA OA . -15.74 33.91 48.17
C20 CLA OA . -16.23 31.69 49.15
MG CLA PA . 0.96 24.99 38.03
CHA CLA PA . 3.51 26.06 36.00
CHB CLA PA . -0.91 27.63 37.04
CHC CLA PA . -1.61 23.82 39.94
CHD CLA PA . 2.97 22.27 39.04
NA CLA PA . 1.29 26.59 36.76
C1A CLA PA . 2.42 26.84 35.98
C2A CLA PA . 2.25 28.12 35.18
C3A CLA PA . 0.94 28.71 35.71
C4A CLA PA . 0.38 27.57 36.55
CMA CLA PA . 1.21 29.94 36.53
CAA CLA PA . 2.08 27.76 33.73
CBA CLA PA . 0.62 27.84 33.33
CGA CLA PA . 0.22 26.49 32.85
O1A CLA PA . 0.97 25.53 32.73
O2A CLA PA . -1.09 26.37 32.53
NB CLA PA . -0.89 25.63 38.45
C1B CLA PA . -1.50 26.66 37.84
C2B CLA PA . -2.93 26.68 38.18
C3B CLA PA . -3.15 25.62 39.01
C4B CLA PA . -1.84 24.93 39.20
CMB CLA PA . -3.80 27.72 37.65
CAB CLA PA . -4.34 25.14 39.65
CBB CLA PA . -5.58 25.59 39.43
NC CLA PA . 0.74 23.35 39.29
C1C CLA PA . -0.40 23.08 39.98
C2C CLA PA . -0.20 21.88 40.76
C3C CLA PA . 1.09 21.42 40.49
C4C CLA PA . 1.68 22.36 39.56
CMC CLA PA . -1.20 21.28 41.64
CAC CLA PA . 1.75 20.24 41.02
CBC CLA PA . 1.47 19.06 40.13
ND CLA PA . 2.81 24.29 37.68
C1D CLA PA . 3.52 23.16 38.17
C2D CLA PA . 4.87 23.15 37.55
C3D CLA PA . 4.91 24.24 36.71
C4D CLA PA . 3.61 24.91 36.82
CMD CLA PA . 5.88 22.15 37.82
CAD CLA PA . 5.70 25.01 35.78
OBD CLA PA . 6.85 24.84 35.41
CBD CLA PA . 4.82 26.18 35.30
CGD CLA PA . 5.44 27.49 35.64
O1D CLA PA . 4.96 28.42 36.28
O2D CLA PA . 6.69 27.67 35.16
CED CLA PA . 7.00 29.02 34.82
C1 CLA PA . -2.06 26.82 33.51
C2 CLA PA . -2.93 25.67 33.84
C3 CLA PA . -4.24 25.77 34.08
C4 CLA PA . -4.95 27.07 33.99
C5 CLA PA . -5.08 24.59 34.41
C6 CLA PA . -5.13 24.27 35.89
C7 CLA PA . -5.24 22.78 36.12
C8 CLA PA . -5.26 22.41 37.60
C9 CLA PA . -4.82 20.98 37.81
C10 CLA PA . -6.65 22.60 38.19
C11 CLA PA . -6.72 22.06 39.60
C12 CLA PA . -8.09 22.27 40.23
C13 CLA PA . -8.48 23.74 40.25
C14 CLA PA . -8.17 24.37 41.59
C15 CLA PA . -9.96 23.92 39.94
C16 CLA PA . -10.15 25.11 39.03
C17 CLA PA . -9.48 24.87 37.70
C18 CLA PA . -10.13 25.69 36.59
C19 CLA PA . -9.25 25.75 35.36
C20 CLA PA . -10.49 27.07 37.07
MG CLA QA . -2.53 15.01 57.78
CHA CLA QA . -4.96 12.65 58.36
CHB CLA QA . -3.04 16.29 60.86
CHC CLA QA . 0.09 17.14 57.26
CHD CLA QA . -1.96 13.57 54.62
NA CLA QA . -3.84 14.57 59.32
C1A CLA QA . -4.75 13.52 59.39
C2A CLA QA . -5.49 13.54 60.72
C3A CLA QA . -4.99 14.84 61.38
C4A CLA QA . -3.87 15.28 60.47
CMA CLA QA . -6.07 15.88 61.41
CAA CLA QA . -5.07 12.36 61.55
CBA CLA QA . -3.59 12.19 61.58
CGA CLA QA . -3.25 10.95 62.35
O1A CLA QA . -2.16 10.42 62.53
O2A CLA QA . -4.36 10.39 62.93
NB CLA QA . -1.63 16.42 58.87
C1B CLA QA . -1.99 16.81 60.11
C2B CLA QA . -1.09 17.89 60.58
C3B CLA QA . -0.20 18.13 59.57
C4B CLA QA . -0.55 17.22 58.46
CMB CLA QA . -1.24 18.52 61.89
CAB CLA QA . 0.87 19.08 59.44
CBB CLA QA . 1.55 19.65 60.44
NC CLA QA . -1.24 15.34 56.20
C1C CLA QA . -0.25 16.29 56.19
C2C CLA QA . 0.47 16.25 54.94
C3C CLA QA . -0.07 15.21 54.21
C4C CLA QA . -1.13 14.63 55.01
CMC CLA QA . 1.57 17.16 54.62
CAC CLA QA . 0.34 14.75 52.88
CBC CLA QA . -0.04 15.72 51.79
ND CLA QA . -3.37 13.61 56.62
C1D CLA QA . -3.00 13.08 55.35
C2D CLA QA . -3.90 11.98 55.03
C3D CLA QA . -4.69 11.78 56.14
C4D CLA QA . -4.28 12.79 57.12
CMD CLA QA . -3.91 11.24 53.77
CAD CLA QA . -5.77 11.03 56.72
OBD CLA QA . -6.50 10.20 56.18
CBD CLA QA . -5.87 11.46 58.19
CGD CLA QA . -7.30 11.79 58.47
O1D CLA QA . -8.14 11.11 59.09
O2D CLA QA . -7.68 12.98 57.97
CED CLA QA . -9.03 13.11 57.55
MG CLA RA . -13.47 18.45 45.50
CHA CLA RA . -16.61 17.18 46.07
CHB CLA RA . -13.03 16.22 43.00
CHC CLA RA . -10.52 19.98 44.74
CHD CLA RA . -13.97 20.74 48.14
NA CLA RA . -14.65 16.93 44.70
C1A CLA RA . -15.94 16.58 45.06
C2A CLA RA . -16.44 15.42 44.22
C3A CLA RA . -15.20 15.02 43.40
C4A CLA RA . -14.21 16.14 43.70
CMA CLA RA . -14.67 13.68 43.82
CAA CLA RA . -17.53 15.88 43.30
CBA CLA RA . -17.24 17.24 42.71
CGA CLA RA . -18.51 17.89 42.26
O1A CLA RA . -19.37 18.45 42.94
O2A CLA RA . -18.68 17.85 40.90
NB CLA RA . -12.03 18.14 44.16
C1B CLA RA . -12.06 17.21 43.19
C2B CLA RA . -10.89 17.36 42.30
C3B CLA RA . -10.17 18.42 42.77
C4B CLA RA . -10.89 18.93 43.97
CMB CLA RA . -10.66 16.49 41.16
CAB CLA RA . -8.96 19.04 42.32
CBB CLA RA . -8.07 18.50 41.47
NC CLA RA . -12.42 20.05 46.33
C1C CLA RA . -11.24 20.50 45.85
C2C CLA RA . -10.79 21.63 46.63
C3C CLA RA . -11.76 21.85 47.60
C4C CLA RA . -12.79 20.85 47.40
CMC CLA RA . -9.56 22.38 46.39
CAC CLA RA . -11.78 22.90 48.62
CBC CLA RA . -12.29 24.19 48.05
ND CLA RA . -14.90 18.88 46.86
C1D CLA RA . -14.97 19.83 47.90
C2D CLA RA . -16.25 19.65 48.61
C3D CLA RA . -16.94 18.67 47.93
C4D CLA RA . -16.05 18.22 46.85
CMD CLA RA . -16.65 20.44 49.76
CAD CLA RA . -18.12 17.87 47.85
OBD CLA RA . -19.11 17.88 48.58
CBD CLA RA . -17.97 16.91 46.64
CGD CLA RA . -18.09 15.49 47.07
O1D CLA RA . -17.32 14.87 47.80
O2D CLA RA . -19.16 14.83 46.58
CED CLA RA . -19.11 13.42 46.66
C1 CLA RA . -18.49 19.11 40.24
C2 CLA RA . -19.07 19.02 38.87
C3 CLA RA . -18.80 19.96 37.97
C4 CLA RA . -17.92 21.10 38.29
C5 CLA RA . -19.35 19.93 36.59
C6 CLA RA . -20.16 18.69 36.27
C7 CLA RA . -19.34 17.72 35.45
C8 CLA RA . -20.22 16.60 34.92
C9 CLA RA . -19.39 15.54 34.24
C10 CLA RA . -21.26 17.17 33.97
C11 CLA RA . -22.11 16.08 33.36
C12 CLA RA . -23.21 16.63 32.50
C13 CLA RA . -23.76 15.56 31.58
C14 CLA RA . -24.85 16.14 30.70
C15 CLA RA . -24.29 14.40 32.38
C16 CLA RA . -24.93 13.37 31.47
C17 CLA RA . -24.65 11.97 31.94
C18 CLA RA . -25.92 11.14 31.98
C19 CLA RA . -26.55 11.21 33.35
C20 CLA RA . -25.61 9.70 31.62
MG CLA SA . -16.89 19.71 56.52
CHA CLA SA . -17.11 17.91 59.46
CHB CLA SA . -20.20 20.39 56.69
CHC CLA SA . -16.60 21.55 53.66
CHD CLA SA . -13.44 18.95 56.38
NA CLA SA . -18.38 19.24 57.87
C1A CLA SA . -18.27 18.50 59.05
C2A CLA SA . -19.59 18.45 59.76
C3A CLA SA . -20.57 19.17 58.82
C4A CLA SA . -19.66 19.67 57.71
CMA CLA SA . -21.58 18.21 58.23
CAA CLA SA . -19.42 19.31 61.01
CBA CLA SA . -18.64 20.58 60.74
CGA CLA SA . -18.81 21.58 61.85
O1A CLA SA . -18.19 21.65 62.90
O2A CLA SA . -19.78 22.51 61.61
NB CLA SA . -18.14 20.85 55.44
C1B CLA SA . -19.48 20.88 55.59
C2B CLA SA . -20.12 21.48 54.40
C3B CLA SA . -19.11 21.81 53.54
C4B CLA SA . -17.84 21.41 54.19
CMB CLA SA . -21.56 21.65 54.23
CAB CLA SA . -19.19 22.43 52.25
CBB CLA SA . -19.15 23.74 52.06
NC CLA SA . -15.30 20.17 55.26
C1C CLA SA . -15.41 20.97 54.16
C2C CLA SA . -14.11 21.12 53.54
C3C CLA SA . -13.21 20.37 54.30
C4C CLA SA . -13.97 19.79 55.38
CMC CLA SA . -13.87 21.92 52.35
CAC CLA SA . -11.77 20.24 54.10
CBC CLA SA . -11.00 21.00 55.13
ND CLA SA . -15.56 18.61 57.56
C1D CLA SA . -14.18 18.37 57.38
C2D CLA SA . -13.70 17.48 58.46
C3D CLA SA . -14.78 17.27 59.28
C4D CLA SA . -15.91 18.01 58.68
CMD CLA SA . -12.34 16.98 58.60
CAD CLA SA . -15.28 16.62 60.45
OBD CLA SA . -14.70 15.85 61.20
CBD CLA SA . -16.76 17.03 60.63
CGD CLA SA . -17.54 15.76 60.71
O1D CLA SA . -17.21 14.72 61.29
O2D CLA SA . -18.72 15.74 60.06
CED CLA SA . -19.27 14.46 59.75
C1 CLA SA . -19.34 23.81 61.20
C2 CLA SA . -19.18 24.64 62.43
C3 CLA SA . -18.55 25.82 62.44
C4 CLA SA . -17.96 26.41 61.22
MG CLA TA . -24.74 19.93 50.88
CHA CLA TA . -24.27 17.94 53.65
CHB CLA TA . -27.99 20.37 51.76
CHC CLA TA . -25.12 21.99 48.20
CHD CLA TA . -21.33 19.51 50.06
NA CLA TA . -25.91 19.23 52.45
C1A CLA TA . -25.53 18.41 53.51
C2A CLA TA . -26.71 18.15 54.44
C3A CLA TA . -27.88 18.83 53.74
C4A CLA TA . -27.24 19.55 52.56
CMA CLA TA . -28.89 17.84 53.24
CAA CLA TA . -26.45 18.77 55.80
CBA CLA TA . -26.98 20.17 55.89
CGA CLA TA . -26.09 21.11 55.15
O1A CLA TA . -24.96 20.90 54.71
O2A CLA TA . -26.63 22.36 54.98
NB CLA TA . -26.25 20.99 50.12
C1B CLA TA . -27.50 21.07 50.65
C2B CLA TA . -28.32 22.00 49.84
C3B CLA TA . -27.52 22.47 48.83
C4B CLA TA . -26.21 21.82 48.99
CMB CLA TA . -29.71 22.30 50.15
CAB CLA TA . -27.83 23.38 47.77
CBB CLA TA . -27.08 24.42 47.42
NC CLA TA . -23.47 20.59 49.38
C1C CLA TA . -23.84 21.41 48.37
C2C CLA TA . -22.74 21.67 47.49
C3C CLA TA . -21.64 21.00 48.02
C4C CLA TA . -22.11 20.32 49.21
CMC CLA TA . -22.83 22.51 46.30
CAC CLA TA . -20.28 20.97 47.47
CBC CLA TA . -20.17 20.17 46.20
ND CLA TA . -23.15 18.91 51.58
C1D CLA TA . -21.80 18.85 51.17
C2D CLA TA . -21.07 17.98 52.11
C3D CLA TA . -21.98 17.58 53.06
C4D CLA TA . -23.25 18.21 52.70
CMD CLA TA . -19.66 17.64 51.99
CAD CLA TA . -22.20 16.79 54.25
OBD CLA TA . -21.45 16.02 54.83
CBD CLA TA . -23.66 17.07 54.70
CGD CLA TA . -24.42 15.79 54.80
O1D CLA TA . -25.41 15.46 54.15
O2D CLA TA . -23.94 14.92 55.72
CED CLA TA . -24.44 13.59 55.66
C1 CLA TA . -26.72 22.89 53.64
C2 CLA TA . -25.44 23.59 53.36
C3 CLA TA . -25.26 24.33 52.26
C4 CLA TA . -26.32 24.48 51.23
C5 CLA TA . -23.98 25.04 51.99
C6 CLA TA . -23.49 24.86 50.57
MG CLA UA . -25.95 16.12 40.86
CHA CLA UA . -23.28 16.52 43.01
CHB CLA UA . -27.34 18.96 42.06
CHC CLA UA . -28.43 15.80 38.54
CHD CLA UA . -24.47 13.15 39.67
NA CLA UA . -25.39 17.48 42.33
C1A CLA UA . -24.23 17.50 43.09
C2A CLA UA . -24.21 18.69 44.03
C3A CLA UA . -25.58 19.35 43.80
C4A CLA UA . -26.16 18.56 42.63
CMA CLA UA . -26.46 19.19 45.00
CAA CLA UA . -23.11 19.65 43.64
CBA CLA UA . -23.05 19.86 42.14
CGA CLA UA . -22.69 21.27 41.80
O1A CLA UA . -23.07 22.31 42.34
O2A CLA UA . -21.83 21.36 40.74
NB CLA UA . -27.55 17.20 40.36
C1B CLA UA . -27.98 18.30 41.01
C2B CLA UA . -29.28 18.73 40.45
C3B CLA UA . -29.60 17.86 39.45
C4B CLA UA . -28.50 16.85 39.39
CMB CLA UA . -30.00 19.90 40.93
CAB CLA UA . -30.75 17.82 38.62
CBB CLA UA . -30.73 17.76 37.29
NC CLA UA . -26.37 14.71 39.39
C1C CLA UA . -27.43 14.79 38.54
C2C CLA UA . -27.40 13.68 37.61
C3C CLA UA . -26.30 12.91 37.94
C4C CLA UA . -25.65 13.58 39.06
CMC CLA UA . -28.38 13.45 36.55
CAC CLA UA . -25.82 11.69 37.28
CBC CLA UA . -26.69 10.48 37.57
ND CLA UA . -24.33 14.99 41.27
C1D CLA UA . -23.84 13.79 40.71
C2D CLA UA . -22.59 13.42 41.38
C3D CLA UA . -22.32 14.44 42.26
C4D CLA UA . -23.43 15.39 42.15
CMD CLA UA . -21.80 12.23 41.09
CAD CLA UA . -21.42 14.95 43.27
OBD CLA UA . -20.40 14.46 43.70
CBD CLA UA . -22.00 16.30 43.75
CGD CLA UA . -22.27 16.20 45.21
O1D CLA UA . -22.63 15.21 45.83
O2D CLA UA . -22.09 17.36 45.89
CED CLA UA . -22.03 17.24 47.31
C1 CLA UA . -22.12 22.36 39.73
C2 CLA UA . -22.07 21.68 38.41
C3 CLA UA . -22.56 22.24 37.28
C4 CLA UA . -23.19 23.57 37.30
C5 CLA UA . -22.49 21.53 35.98
C6 CLA UA . -23.84 21.50 35.28
C7 CLA UA . -23.70 20.99 33.85
C8 CLA UA . -25.07 20.83 33.20
C9 CLA UA . -25.47 19.38 33.17
C10 CLA UA . -25.12 21.40 31.78
MG CLA VA . -14.06 12.01 40.89
CHA CLA VA . -10.63 12.03 40.53
CHB CLA VA . -14.30 14.55 38.67
CHC CLA VA . -17.41 12.23 41.60
CHD CLA VA . -13.75 9.47 43.29
NA CLA VA . -12.68 13.03 39.71
C1A CLA VA . -11.29 12.92 39.73
C2A CLA VA . -10.66 13.86 38.70
C3A CLA VA . -11.88 14.47 37.99
C4A CLA VA . -13.05 14.00 38.84
CMA CLA VA . -11.80 15.97 37.89
CAA CLA VA . -9.85 13.06 37.71
CBA CLA VA . -9.21 13.93 36.66
CGA CLA VA . -8.14 13.15 35.99
O1A CLA VA . -7.76 13.19 34.82
O2A CLA VA . -7.49 12.30 36.82
NB CLA VA . -15.58 13.16 40.26
C1B CLA VA . -15.45 14.18 39.39
C2B CLA VA . -16.76 14.89 39.29
C3B CLA VA . -17.63 14.25 40.11
C4B CLA VA . -16.89 13.12 40.72
CMB CLA VA . -16.99 16.06 38.45
CAB CLA VA . -19.02 14.50 40.39
CBB CLA VA . -19.93 14.95 39.52
NC CLA VA . -15.35 10.96 42.14
C1C CLA VA . -16.69 11.19 42.25
C2C CLA VA . -17.29 10.29 43.20
C3C CLA VA . -16.26 9.53 43.71
C4C CLA VA . -15.03 9.95 43.04
CMC CLA VA . -18.70 10.25 43.56
CAC CLA VA . -16.37 8.47 44.71
CBC CLA VA . -16.17 7.11 44.10
ND CLA VA . -12.60 10.81 41.59
C1D CLA VA . -12.60 9.85 42.63
C2D CLA VA . -11.22 9.42 42.88
C3D CLA VA . -10.43 10.22 42.11
C4D CLA VA . -11.33 11.10 41.35
CMD CLA VA . -10.85 8.38 43.82
CAD CLA VA . -9.09 10.52 41.69
OBD CLA VA . -8.04 9.95 41.94
CBD CLA VA . -9.17 11.79 40.80
CGD CLA VA . -8.69 12.95 41.60
O1D CLA VA . -9.37 13.76 42.22
O2D CLA VA . -7.35 13.10 41.65
CED CLA VA . -6.88 14.38 42.06
C1 CLA VA . -6.16 11.93 36.43
C2 CLA VA . -5.90 10.65 37.10
C3 CLA VA . -5.50 10.59 38.37
C4 CLA VA . -5.28 11.81 39.16
C5 CLA VA . -5.24 9.28 39.02
C6 CLA VA . -6.07 8.15 38.44
C7 CLA VA . -7.48 8.19 39.00
C8 CLA VA . -8.14 6.82 39.05
C9 CLA VA . -7.53 5.88 38.05
C10 CLA VA . -9.63 6.96 38.81
C11 CLA VA . -10.41 6.65 40.07
C12 CLA VA . -10.16 5.23 40.52
C13 CLA VA . -11.46 4.51 40.86
C14 CLA VA . -11.97 4.93 42.22
C15 CLA VA . -11.26 3.01 40.83
C16 CLA VA . -12.49 2.32 41.39
C17 CLA VA . -13.18 1.52 40.33
C18 CLA VA . -12.83 0.04 40.37
C19 CLA VA . -14.04 -0.82 40.11
C20 CLA VA . -12.21 -0.35 41.70
MG CLA WA . -17.76 22.54 26.39
CHA CLA WA . -15.94 25.47 26.62
CHB CLA WA . -19.38 23.32 29.24
CHC CLA WA . -19.72 19.76 25.96
CHD CLA WA . -16.03 21.76 23.44
NA CLA WA . -17.63 24.13 27.71
C1A CLA WA . -16.82 25.26 27.63
C2A CLA WA . -17.05 26.19 28.81
C3A CLA WA . -18.02 25.39 29.71
C4A CLA WA . -18.39 24.20 28.84
CMA CLA WA . -17.33 24.99 30.99
CAA CLA WA . -17.76 27.41 28.29
CBA CLA WA . -19.17 27.52 28.81
CGA CLA WA . -19.74 28.81 28.36
O1A CLA WA . -19.75 29.28 27.22
O2A CLA WA . -20.31 29.52 29.36
NB CLA WA . -19.27 21.70 27.41
C1B CLA WA . -19.82 22.18 28.55
C2B CLA WA . -20.95 21.31 28.97
C3B CLA WA . -21.04 20.32 28.04
C4B CLA WA . -19.97 20.54 27.04
CMB CLA WA . -21.76 21.52 30.15
CAB CLA WA . -21.96 19.22 27.98
CBB CLA WA . -22.84 19.02 27.00
NC CLA WA . -17.83 21.02 24.98
C1C CLA WA . -18.71 19.98 25.00
C2C CLA WA . -18.49 19.12 23.87
C3C CLA WA . -17.44 19.65 23.14
C4C CLA WA . -17.03 20.87 23.85
CMC CLA WA . -19.27 17.91 23.61
CAC CLA WA . -16.84 19.10 21.93
CBC CLA WA . -16.95 19.99 20.72
ND CLA WA . -16.28 23.33 25.30
C1D CLA WA . -15.67 22.92 24.10
C2D CLA WA . -14.68 23.92 23.69
C3D CLA WA . -14.74 24.92 24.62
C4D CLA WA . -15.75 24.51 25.59
CMD CLA WA . -13.85 23.82 22.49
CAD CLA WA . -14.23 26.20 25.05
OBD CLA WA . -13.36 26.89 24.54
CBD CLA WA . -14.99 26.60 26.33
CGD CLA WA . -14.00 26.73 27.43
O1D CLA WA . -13.62 25.86 28.22
O2D CLA WA . -13.46 27.97 27.56
CED CLA WA . -12.28 28.04 28.36
C1 CLA WA . -20.94 30.75 28.98
C2 CLA WA . -20.87 31.67 30.14
C3 CLA WA . -21.76 31.63 31.14
C4 CLA WA . -22.88 30.65 31.15
C5 CLA WA . -21.67 32.56 32.30
C6 CLA WA . -21.68 31.85 33.63
C7 CLA WA . -21.13 32.74 34.72
C8 CLA WA . -21.77 32.46 36.07
C9 CLA WA . -21.93 30.96 36.26
C10 CLA WA . -23.11 33.18 36.21
C11 CLA WA . -24.06 32.51 37.18
C12 CLA WA . -25.46 32.38 36.63
C13 CLA WA . -25.55 31.42 35.45
C14 CLA WA . -26.48 31.96 34.38
C15 CLA WA . -25.94 30.00 35.89
C16 CLA WA . -27.03 29.35 35.06
C17 CLA WA . -26.65 27.97 34.58
C18 CLA WA . -27.30 26.85 35.37
C19 CLA WA . -26.73 25.49 34.99
C20 CLA WA . -28.80 26.84 35.16
MG CLA XA . -11.24 32.26 32.41
CHA CLA XA . -13.75 30.02 31.71
CHB CLA XA . -11.21 31.21 35.62
CHC CLA XA . -8.71 34.48 33.02
CHD CLA XA . -11.19 33.16 28.98
NA CLA XA . -12.34 30.86 33.47
C1A CLA XA . -13.33 30.01 33.00
C2A CLA XA . -13.89 29.13 34.11
C3A CLA XA . -13.15 29.63 35.35
C4A CLA XA . -12.15 30.63 34.79
CMA CLA XA . -14.11 30.33 36.28
CAA CLA XA . -13.54 27.68 33.85
CBA CLA XA . -13.92 26.85 35.04
CGA CLA XA . -14.18 25.44 34.58
O1A CLA XA . -14.86 25.07 33.62
O2A CLA XA . -13.57 24.49 35.34
NB CLA XA . -10.16 32.74 34.01
C1B CLA XA . -10.26 32.16 35.22
C2B CLA XA . -9.24 32.71 36.13
C3B CLA XA . -8.53 33.64 35.41
C4B CLA XA . -9.11 33.68 34.05
CMB CLA XA . -9.14 32.28 37.52
CAB CLA XA . -7.44 34.48 35.81
CBB CLA XA . -6.55 34.20 36.76
NC CLA XA . -10.20 33.63 31.23
C1C CLA XA . -9.24 34.47 31.69
C2C CLA XA . -8.78 35.32 30.61
C3C CLA XA . -9.42 34.87 29.46
C4C CLA XA . -10.30 33.81 29.85
CMC CLA XA . -7.81 36.39 30.71
CAC CLA XA . -9.30 35.42 28.11
CBC CLA XA . -10.20 36.62 27.92
ND CLA XA . -12.27 31.84 30.73
C1D CLA XA . -12.11 32.22 29.38
C2D CLA XA . -13.11 31.54 28.57
C3D CLA XA . -13.83 30.75 29.44
C4D CLA XA . -13.22 30.92 30.74
CMD CLA XA . -13.33 31.76 27.15
CAD CLA XA . -14.93 29.84 29.60
OBD CLA XA . -15.86 29.62 28.84
CBD CLA XA . -14.79 29.21 30.99
CGD CLA XA . -16.09 29.16 31.74
O1D CLA XA . -16.59 28.20 32.30
O2D CLA XA . -16.75 30.34 31.77
CED CLA XA . -17.95 30.34 32.54
C1 CLA XA . -14.23 23.23 35.44
C2 CLA XA . -13.48 22.46 36.45
C3 CLA XA . -12.35 21.82 36.15
C4 CLA XA . -11.79 21.84 34.78
C5 CLA XA . -11.58 21.06 37.17
C6 CLA XA . -12.25 21.07 38.54
C7 CLA XA . -12.97 19.75 38.72
C8 CLA XA . -13.50 19.57 40.13
C9 CLA XA . -14.85 18.90 40.04
C10 CLA XA . -13.63 20.90 40.86
C11 CLA XA . -13.76 20.69 42.34
C12 CLA XA . -15.12 21.12 42.86
C13 CLA XA . -15.01 21.74 44.24
C14 CLA XA . -16.20 22.62 44.54
C15 CLA XA . -13.71 22.53 44.38
C16 CLA XA . -13.87 23.98 43.98
C17 CLA XA . -12.53 24.59 43.63
C18 CLA XA . -12.51 26.08 43.93
C19 CLA XA . -11.91 26.83 42.76
C20 CLA XA . -11.72 26.36 45.18
MG CLA YA . 0.15 17.92 18.62
CHA CLA YA . 3.31 17.35 19.84
CHB CLA YA . 1.04 21.07 17.82
CHC CLA YA . -2.87 18.30 17.11
CHD CLA YA . -0.76 14.67 19.61
NA CLA YA . 1.88 19.03 18.88
C1A CLA YA . 3.12 18.61 19.38
C2A CLA YA . 4.10 19.75 19.45
C3A CLA YA . 3.23 20.97 19.09
C4A CLA YA . 1.96 20.34 18.55
CMA CLA YA . 2.98 21.73 20.36
CAA CLA YA . 5.27 19.57 18.49
CBA CLA YA . 4.87 19.96 17.09
CGA CLA YA . 4.57 18.69 16.37
O1A CLA YA . 3.97 18.51 15.32
O2A CLA YA . 5.09 17.63 17.02
NB CLA YA . -0.78 19.45 17.73
C1B CLA YA . -0.14 20.56 17.30
C2B CLA YA . -0.87 21.14 16.14
C3B CLA YA . -1.97 20.36 15.94
C4B CLA YA . -1.95 19.29 16.96
CMB CLA YA . -0.40 22.35 15.48
CAB CLA YA . -3.05 20.44 14.99
CBB CLA YA . -3.66 21.56 14.60
NC CLA YA . -1.55 16.72 18.47
C1C CLA YA . -2.68 17.10 17.84
C2C CLA YA . -3.66 16.04 17.96
C3C CLA YA . -3.06 15.00 18.62
C4C CLA YA . -1.72 15.44 18.95
CMC CLA YA . -5.01 16.09 17.41
CAC CLA YA . -3.66 13.70 18.97
CBC CLA YA . -3.06 12.54 18.24
ND CLA YA . 1.00 16.36 19.54
C1D CLA YA . 0.51 15.09 19.89
C2D CLA YA . 1.58 14.32 20.53
C3D CLA YA . 2.70 15.11 20.48
C4D CLA YA . 2.27 16.38 19.88
CMD CLA YA . 1.42 12.96 21.04
CAD CLA YA . 4.09 15.25 20.83
OBD CLA YA . 4.83 14.44 21.35
CBD CLA YA . 4.53 16.69 20.42
CGD CLA YA . 5.09 17.48 21.55
O1D CLA YA . 4.65 18.52 22.02
O2D CLA YA . 6.21 16.98 22.09
CED CLA YA . 7.01 17.92 22.79
C1 CLA YA . 4.65 16.35 16.55
C2 CLA YA . 5.58 15.92 15.49
C3 CLA YA . 5.82 14.62 15.30
C4 CLA YA . 5.16 13.60 16.12
C5 CLA YA . 6.74 14.14 14.25
C6 CLA YA . 6.26 12.84 13.68
C7 CLA YA . 6.24 12.92 12.17
C8 CLA YA . 6.23 11.53 11.56
C9 CLA YA . 7.44 10.73 12.00
C10 CLA YA . 6.16 11.57 10.05
C11 CLA YA . 5.93 12.95 9.47
C12 CLA YA . 6.42 12.99 8.05
C13 CLA YA . 7.70 12.17 7.93
C14 CLA YA . 8.91 13.06 8.03
C15 CLA YA . 7.74 11.34 6.66
C16 CLA YA . 8.66 10.17 6.88
C17 CLA YA . 9.98 10.32 6.16
C18 CLA YA . 10.10 9.30 5.04
C19 CLA YA . 9.33 9.74 3.81
C20 CLA YA . 9.62 7.95 5.50
MG CLA ZA . 0.47 19.36 27.52
CHA CLA ZA . 2.83 21.76 28.29
CHB CLA ZA . 2.50 18.16 25.10
CHC CLA ZA . -1.83 16.92 26.92
CHD CLA ZA . -1.60 20.67 30.06
NA CLA ZA . 2.35 19.91 26.82
C1A CLA ZA . 3.18 20.93 27.28
C2A CLA ZA . 4.47 20.98 26.47
C3A CLA ZA . 4.21 19.98 25.34
C4A CLA ZA . 2.95 19.27 25.78
CMA CLA ZA . 3.94 20.72 24.08
CAA CLA ZA . 5.66 20.53 27.29
CBA CLA ZA . 5.34 19.39 28.24
CGA CLA ZA . 6.00 19.66 29.55
O1A CLA ZA . 7.17 19.49 29.88
O2A CLA ZA . 5.14 20.16 30.49
NB CLA ZA . 0.31 17.89 26.18
C1B CLA ZA . 1.34 17.45 25.42
C2B CLA ZA . 1.08 16.09 24.94
C3B CLA ZA . -0.14 15.72 25.45
C4B CLA ZA . -0.65 16.87 26.23
CMB CLA ZA . 2.02 15.36 24.10
CAB CLA ZA . -0.86 14.50 25.28
CBB CLA ZA . -1.02 13.87 24.11
NC CLA ZA . -1.40 18.93 28.31
C1C CLA ZA . -2.19 17.89 27.89
C2C CLA ZA . -3.44 17.89 28.63
C3C CLA ZA . -3.35 18.91 29.57
C4C CLA ZA . -2.07 19.56 29.36
CMC CLA ZA . -4.54 16.95 28.45
CAC CLA ZA . -4.38 19.29 30.54
CBC CLA ZA . -3.95 19.08 31.97
ND CLA ZA . 0.55 20.82 28.90
C1D CLA ZA . -0.38 21.26 29.87
C2D CLA ZA . 0.18 22.43 30.56
C3D CLA ZA . 1.40 22.67 29.99
C4D CLA ZA . 1.58 21.64 28.96
CMD CLA ZA . -0.52 23.12 31.63
CAD CLA ZA . 2.56 23.52 29.96
OBD CLA ZA . 2.80 24.52 30.62
CBD CLA ZA . 3.51 22.96 28.89
CGD CLA ZA . 3.76 24.00 27.84
O1D CLA ZA . 3.04 24.26 26.88
O2D CLA ZA . 4.89 24.72 28.02
CED CLA ZA . 5.71 24.97 26.88
C1 CLA ZA . 5.52 20.05 31.88
C2 CLA ZA . 4.33 20.46 32.65
C3 CLA ZA . 4.06 21.75 32.88
C4 CLA ZA . 4.93 22.82 32.36
C5 CLA ZA . 2.86 22.18 33.64
C6 CLA ZA . 2.28 21.09 34.50
C7 CLA ZA . 1.43 21.70 35.58
C8 CLA ZA . 0.01 21.86 35.09
C9 CLA ZA . -0.75 22.83 35.98
C10 CLA ZA . -0.68 20.52 35.09
C11 CLA ZA . -0.76 19.91 36.46
C12 CLA ZA . -0.83 18.40 36.36
C13 CLA ZA . -1.44 17.79 37.59
C14 CLA ZA . -1.00 16.35 37.77
C15 CLA ZA . -2.96 17.88 37.52
C16 CLA ZA . -3.49 17.16 36.30
C17 CLA ZA . -4.40 16.01 36.68
C18 CLA ZA . -5.52 16.45 37.62
C19 CLA ZA . -6.59 17.23 36.88
C20 CLA ZA . -6.14 15.25 38.27
MG CLA AB . -11.49 4.25 24.51
CHA CLA AB . -12.73 1.25 23.37
CHB CLA AB . -9.71 2.63 26.86
CHC CLA AB . -10.04 7.24 25.40
CHD CLA AB . -13.30 5.89 22.00
NA CLA AB . -11.31 2.25 25.05
C1A CLA AB . -11.88 1.15 24.43
C2A CLA AB . -11.45 -0.13 25.12
C3A CLA AB . -10.60 0.35 26.29
C4A CLA AB . -10.52 1.85 26.08
CMA CLA AB . -11.27 0.03 27.59
CAA CLA AB . -10.61 -0.95 24.17
CBA CLA AB . -9.35 -0.21 23.80
CGA CLA AB . -8.71 -0.93 22.66
O1A CLA AB . -8.89 -2.08 22.30
O2A CLA AB . -7.82 -0.14 21.97
NB CLA AB . -10.07 4.81 25.79
C1B CLA AB . -9.58 4.02 26.76
C2B CLA AB . -8.86 4.83 27.76
C3B CLA AB . -8.94 6.13 27.37
C4B CLA AB . -9.72 6.15 26.11
CMB CLA AB . -8.27 4.21 28.91
CAB CLA AB . -8.44 7.33 27.97
CBB CLA AB . -7.43 7.42 28.83
NC CLA AB . -11.67 6.21 23.84
C1C CLA AB . -10.97 7.28 24.33
C2C CLA AB . -11.29 8.46 23.56
C3C CLA AB . -12.23 8.08 22.63
C4C CLA AB . -12.46 6.67 22.80
CMC CLA AB . -10.69 9.76 23.79
CAC CLA AB . -12.85 8.91 21.60
CBC CLA AB . -12.18 8.72 20.26
ND CLA AB . -12.89 3.78 23.14
C1D CLA AB . -13.52 4.55 22.16
C2D CLA AB . -14.34 3.68 21.32
C3D CLA AB . -14.07 2.39 21.73
C4D CLA AB . -13.12 2.51 22.85
CMD CLA AB . -15.21 4.16 20.24
CAD CLA AB . -14.33 0.99 21.55
OBD CLA AB . -15.11 0.41 20.80
CBD CLA AB . -13.42 0.21 22.52
CGD CLA AB . -14.27 -0.77 23.26
O1D CLA AB . -14.58 -1.90 22.88
O2D CLA AB . -14.73 -0.37 24.46
CED CLA AB . -15.36 -1.39 25.24
C1 CLA AB . -6.60 -0.77 21.51
C2 CLA AB . -5.90 0.23 20.64
C3 CLA AB . -5.78 0.08 19.33
C4 CLA AB . -6.32 -1.10 18.62
C5 CLA AB . -5.08 1.09 18.49
C6 CLA AB . -5.81 1.36 17.19
C7 CLA AB . -5.14 2.47 16.41
C8 CLA AB . -5.75 3.82 16.73
C9 CLA AB . -7.25 3.69 16.79
C10 CLA AB . -5.35 4.87 15.69
C11 CLA AB . -4.36 5.84 16.27
C12 CLA AB . -3.62 6.63 15.20
C13 CLA AB . -2.28 7.13 15.73
C14 CLA AB . -2.43 7.72 17.11
C15 CLA AB . -1.68 8.18 14.82
C16 CLA AB . -0.31 7.76 14.35
C17 CLA AB . -0.36 7.22 12.95
C18 CLA AB . 0.81 6.31 12.65
C19 CLA AB . 0.92 6.08 11.16
C20 CLA AB . 0.63 5.00 13.36
MG CLA BB . -34.71 17.08 32.74
CHA CLA BB . -36.55 15.94 35.43
CHB CLA BB . -37.54 18.27 31.32
CHC CLA BB . -32.80 18.44 30.25
CHD CLA BB . -31.80 15.77 34.24
NA CLA BB . -36.71 17.06 33.29
C1A CLA BB . -37.28 16.56 34.46
C2A CLA BB . -38.79 16.75 34.46
C3A CLA BB . -39.07 17.30 33.06
C4A CLA BB . -37.69 17.59 32.50
CMA CLA BB . -39.78 16.28 32.22
CAA CLA BB . -39.17 17.78 35.49
CBA CLA BB . -38.19 18.93 35.56
CGA CLA BB . -38.91 20.10 36.15
O1A CLA BB . -40.10 20.20 36.41
O2A CLA BB . -38.10 21.16 36.40
NB CLA BB . -35.10 18.10 31.06
C1B CLA BB . -36.31 18.58 30.72
C2B CLA BB . -36.16 19.51 29.58
C3B CLA BB . -34.83 19.55 29.26
C4B CLA BB . -34.14 18.66 30.22
CMB CLA BB . -37.31 20.19 28.98
CAB CLA BB . -34.13 20.30 28.26
CBB CLA BB . -34.38 21.55 27.91
NC CLA BB . -32.68 17.06 32.31
C1C CLA BB . -32.12 17.68 31.23
C2C CLA BB . -30.69 17.48 31.24
C3C CLA BB . -30.39 16.72 32.37
C4C CLA BB . -31.65 16.47 33.03
CMC CLA BB . -29.78 18.02 30.23
CAC CLA BB . -29.07 16.26 32.81
CBC CLA BB . -28.52 17.09 33.93
ND CLA BB . -34.23 16.07 34.41
C1D CLA BB . -33.00 15.58 34.89
C2D CLA BB . -33.23 14.91 36.16
C3D CLA BB . -34.57 15.05 36.45
C4D CLA BB . -35.15 15.77 35.31
CMD CLA BB . -32.17 14.26 36.92
CAD CLA BB . -35.65 14.73 37.35
OBD CLA BB . -35.64 14.12 38.41
CBD CLA BB . -36.96 15.32 36.74
CGD CLA BB . -38.01 14.28 36.58
O1D CLA BB . -38.97 14.06 37.31
O2D CLA BB . -37.87 13.49 35.49
CED CLA BB . -38.81 12.43 35.35
C1 CLA BB . -38.78 22.37 36.80
C2 CLA BB . -37.79 23.46 36.88
C3 CLA BB . -38.03 24.58 37.60
C4 CLA BB . -39.30 24.77 38.34
C5 CLA BB . -37.02 25.67 37.68
MG CLA CB . -36.19 33.80 13.86
CHA CLA CB . -37.11 30.48 14.12
CHB CLA CB . -36.01 33.49 10.50
CHC CLA CB . -35.37 37.11 13.67
CHD CLA CB . -36.44 34.09 17.37
NA CLA CB . -36.48 32.21 12.55
C1A CLA CB . -36.86 30.90 12.85
C2A CLA CB . -36.96 30.07 11.57
C3A CLA CB . -36.42 31.02 10.48
C4A CLA CB . -36.30 32.35 11.20
CMA CLA CB . -35.09 30.57 9.96
CAA CLA CB . -38.40 29.77 11.23
CBA CLA CB . -38.82 28.36 11.58
CGA CLA CB . -38.69 27.46 10.41
O1A CLA CB . -39.37 27.43 9.39
O2A CLA CB . -37.67 26.55 10.55
NB CLA CB . -35.76 35.05 12.36
C1B CLA CB . -35.85 34.76 11.05
C2B CLA CB . -35.75 36.01 10.26
C3B CLA CB . -35.58 37.03 11.15
C4B CLA CB . -35.55 36.43 12.51
CMB CLA CB . -35.79 36.05 8.82
CAB CLA CB . -35.39 38.43 10.92
CBB CLA CB . -36.27 39.37 11.28
NC CLA CB . -35.88 35.29 15.27
C1C CLA CB . -35.48 36.55 14.97
C2C CLA CB . -35.31 37.34 16.18
C3C CLA CB . -35.69 36.51 17.23
C4C CLA CB . -36.04 35.22 16.65
CMC CLA CB . -34.88 38.73 16.21
CAC CLA CB . -35.71 36.82 18.66
CBC CLA CB . -34.36 36.59 19.29
ND CLA CB . -36.55 32.60 15.44
C1D CLA CB . -36.69 32.86 16.81
C2D CLA CB . -37.12 31.63 17.50
C3D CLA CB . -37.28 30.69 16.52
C4D CLA CB . -36.94 31.34 15.25
CMD CLA CB . -37.33 31.52 18.93
CAD CLA CB . -37.65 29.33 16.22
OBD CLA CB . -37.97 28.43 16.98
CBD CLA CB . -37.59 29.18 14.68
CGD CLA CB . -36.66 28.07 14.33
O1D CLA CB . -35.81 28.06 13.43
O2D CLA CB . -36.79 26.97 15.09
CED CLA CB . -37.30 25.82 14.44
C1 CLA CB . -37.12 26.02 9.33
C2 CLA CB . -36.92 24.57 9.57
C3 CLA CB . -37.13 23.64 8.63
C4 CLA CB . -36.93 22.20 8.93
C5 CLA CB . -37.61 23.99 7.26
C6 CLA CB . -37.04 23.09 6.19
C7 CLA CB . -38.13 22.61 5.25
C8 CLA CB . -37.64 22.45 3.81
C9 CLA CB . -36.95 23.71 3.33
C10 CLA CB . -38.79 22.13 2.88
C11 CLA CB . -39.71 21.08 3.47
C12 CLA CB . -41.08 21.11 2.82
C13 CLA CB . -41.51 19.72 2.36
C14 CLA CB . -41.38 18.74 3.50
C15 CLA CB . -40.68 19.26 1.18
C16 CLA CB . -41.12 17.90 0.69
C17 CLA CB . -42.43 17.98 -0.04
C18 CLA CB . -43.07 16.62 -0.18
C19 CLA CB . -42.25 15.71 -1.07
C20 CLA CB . -44.48 16.75 -0.72
MG CLA DB . -32.31 37.06 5.15
CHA CLA DB . -33.71 39.99 4.02
CHB CLA DB . -32.78 38.09 8.35
CHC CLA DB . -31.10 34.07 6.22
CHD CLA DB . -31.85 36.03 1.80
NA CLA DB . -33.12 38.77 6.01
C1A CLA DB . -33.66 39.87 5.36
C2A CLA DB . -34.17 40.88 6.37
C3A CLA DB . -33.70 40.34 7.73
C4A CLA DB . -33.18 38.96 7.36
CMA CLA DB . -32.61 41.21 8.29
CAA CLA DB . -35.69 40.86 6.32
CBA CLA DB . -36.32 40.38 7.61
CGA CLA DB . -37.65 39.72 7.38
O1A CLA DB . -38.45 39.88 6.45
O2A CLA DB . -37.98 38.83 8.37
NB CLA DB . -31.94 36.25 6.94
C1B CLA DB . -32.28 36.79 8.13
C2B CLA DB . -32.07 35.81 9.21
C3B CLA DB . -31.60 34.67 8.61
C4B CLA DB . -31.51 34.94 7.16
CMB CLA DB . -32.34 36.06 10.61
CAB CLA DB . -31.24 33.41 9.21
CBB CLA DB . -31.89 32.27 9.01
NC CLA DB . -31.57 35.38 4.18
C1C CLA DB . -31.12 34.27 4.82
C2C CLA DB . -30.68 33.29 3.86
C3C CLA DB . -30.90 33.83 2.59
C4C CLA DB . -31.47 35.15 2.80
CMC CLA DB . -30.13 31.99 4.24
CAC CLA DB . -30.61 33.24 1.29
CBC CLA DB . -31.51 32.08 0.98
ND CLA DB . -32.67 37.78 3.31
C1D CLA DB . -32.44 37.26 2.01
C2D CLA DB . -32.89 38.25 1.02
C3D CLA DB . -33.36 39.32 1.73
C4D CLA DB . -33.21 38.98 3.15
CMD CLA DB . -32.82 38.07 -0.43
CAD CLA DB . -33.94 40.64 1.67
OBD CLA DB . -34.17 41.35 0.69
CBD CLA DB . -34.19 41.10 3.13
CGD CLA DB . -33.39 42.33 3.33
O1D CLA DB . -32.51 42.76 2.58
O2D CLA DB . -33.68 43.01 4.46
CED CLA DB . -32.58 43.66 5.10
C1 CLA DB . -39.21 38.09 8.24
C2 CLA DB . -39.48 37.45 9.56
C3 CLA DB . -40.64 36.85 9.85
C4 CLA DB . -41.75 36.79 8.87
C5 CLA DB . -40.93 36.21 11.18
C6 CLA DB . -39.96 35.13 11.60
C7 CLA DB . -39.11 35.58 12.77
C8 CLA DB . -39.89 36.06 14.01
C9 CLA DB . -39.77 37.55 14.19
C10 CLA DB . -39.39 35.39 15.28
C11 CLA DB . -40.35 35.62 16.44
C12 CLA DB . -40.57 34.35 17.25
C13 CLA DB . -41.19 34.62 18.61
C14 CLA DB . -40.31 35.56 19.42
C15 CLA DB . -41.43 33.33 19.39
C16 CLA DB . -41.73 33.57 20.85
C17 CLA DB . -43.19 33.91 21.11
C18 CLA DB . -43.35 34.79 22.34
C19 CLA DB . -44.78 34.81 22.83
C20 CLA DB . -42.89 36.20 22.05
MG CLA EB . -15.47 37.44 36.36
CHA CLA EB . -12.96 38.60 38.44
CHB CLA EB . -13.32 35.19 35.05
CHC CLA EB . -18.02 36.26 34.41
CHD CLA EB . -17.67 39.75 37.83
NA CLA EB . -13.46 36.99 36.69
C1A CLA EB . -12.59 37.57 37.62
C2A CLA EB . -11.22 36.93 37.56
C3A CLA EB . -11.35 35.93 36.41
C4A CLA EB . -12.80 36.01 36.02
CMA CLA EB . -10.53 36.42 35.26
CAA CLA EB . -10.91 36.21 38.85
CBA CLA EB . -11.98 35.21 39.24
CGA CLA EB . -11.43 34.24 40.25
O1A CLA EB . -10.62 34.45 41.15
O2A CLA EB . -11.94 32.98 40.10
NB CLA EB . -15.67 35.92 35.08
C1B CLA EB . -14.63 35.21 34.58
C2B CLA EB . -15.07 34.48 33.37
C3B CLA EB . -16.39 34.77 33.17
C4B CLA EB . -16.79 35.71 34.25
CMB CLA EB . -14.17 33.67 32.60
CAB CLA EB . -17.25 34.33 32.11
CBB CLA EB . -18.43 33.74 32.28
NC CLA EB . -17.47 37.94 36.16
C1C CLA EB . -18.33 37.32 35.31
C2C CLA EB . -19.66 37.88 35.45
C3C CLA EB . -19.56 38.87 36.41
C4C CLA EB . -18.18 38.90 36.86
CMC CLA EB . -20.83 37.45 34.70
CAC CLA EB . -20.64 39.72 36.93
CBC CLA EB . -21.20 39.15 38.21
ND CLA EB . -15.35 38.97 37.66
C1D CLA EB . -16.36 39.80 38.22
C2D CLA EB . -15.74 40.68 39.22
C3D CLA EB . -14.42 40.29 39.31
C4D CLA EB . -14.26 39.19 38.36
CMD CLA EB . -16.43 41.74 39.94
CAD CLA EB . -13.13 40.52 39.92
OBD CLA EB . -12.78 41.43 40.63
CBD CLA EB . -12.20 39.37 39.48
CGD CLA EB . -10.97 39.96 38.87
O1D CLA EB . -10.85 40.53 37.79
O2D CLA EB . -9.86 39.86 39.64
CED CLA EB . -8.75 40.63 39.20
C1 CLA EB . -11.18 31.87 40.66
C2 CLA EB . -11.76 30.62 40.11
C3 CLA EB . -12.83 29.98 40.62
C4 CLA EB . -13.56 30.49 41.81
C5 CLA EB . -13.35 28.73 40.02
MG CLA FB . -13.39 41.10 45.47
CHA CLA FB . -10.30 40.83 47.00
CHB CLA FB . -12.66 38.40 43.56
CHC CLA FB . -16.43 41.44 43.91
CHD CLA FB . -14.04 43.97 47.39
NA CLA FB . -11.75 39.84 45.33
C1A CLA FB . -10.54 39.90 46.04
C2A CLA FB . -9.60 38.77 45.61
C3A CLA FB . -10.36 38.07 44.47
C4A CLA FB . -11.69 38.81 44.44
CMA CLA FB . -9.65 38.20 43.16
CAA CLA FB . -9.32 37.81 46.73
CBA CLA FB . -10.56 37.05 47.13
CGA CLA FB . -10.41 36.65 48.56
O1A CLA FB . -10.93 37.17 49.56
O2A CLA FB . -9.60 35.57 48.73
NB CLA FB . -14.34 40.16 43.98
C1B CLA FB . -13.92 39.00 43.42
C2B CLA FB . -14.98 38.41 42.59
C3B CLA FB . -16.06 39.24 42.67
C4B CLA FB . -15.67 40.37 43.55
CMB CLA FB . -14.75 37.16 41.88
CAB CLA FB . -17.37 39.15 42.07
CBB CLA FB . -17.66 38.46 40.97
NC CLA FB . -14.95 42.46 45.64
C1C CLA FB . -16.09 42.42 44.89
C2C CLA FB . -16.95 43.54 45.24
C3C CLA FB . -16.28 44.27 46.22
C4C CLA FB . -15.01 43.58 46.46
CMC CLA FB . -18.26 43.80 44.64
CAC CLA FB . -16.74 45.50 46.86
CBC CLA FB . -17.15 45.31 48.31
ND CLA FB . -12.49 42.14 46.94
C1D CLA FB . -12.86 43.31 47.63
C2D CLA FB . -11.79 43.65 48.60
C3D CLA FB . -10.82 42.70 48.42
C4D CLA FB . -11.27 41.81 47.34
CMD CLA FB . -11.83 44.76 49.54
CAD CLA FB . -9.52 42.24 48.84
OBD CLA FB . -8.80 42.64 49.75
CBD CLA FB . -9.12 41.06 47.91
CGD CLA FB . -7.85 41.35 47.19
O1D CLA FB . -7.20 42.39 47.19
O2D CLA FB . -7.37 40.31 46.45
CED CLA FB . -6.54 40.62 45.34
MG CLA GB . -14.64 33.18 23.87
CHA CLA GB . -15.35 35.79 26.00
CHB CLA GB . -17.18 31.41 25.20
CHC CLA GB . -13.83 30.58 21.79
CHD CLA GB . -11.95 35.04 22.59
NA CLA GB . -16.04 33.57 25.35
C1A CLA GB . -16.18 34.72 26.13
C2A CLA GB . -17.32 34.59 27.12
C3A CLA GB . -17.84 33.15 26.87
C4A CLA GB . -16.97 32.67 25.72
CMA CLA GB . -17.62 32.26 28.05
CAA CLA GB . -18.41 35.61 26.85
CBA CLA GB . -18.89 36.24 28.14
CGA CLA GB . -20.11 35.53 28.63
O1A CLA GB . -20.52 34.43 28.30
O2A CLA GB . -20.80 36.24 29.57
NB CLA GB . -15.35 31.33 23.57
C1B CLA GB . -16.46 30.83 24.15
C2B CLA GB . -16.80 29.54 23.53
C3B CLA GB . -15.86 29.30 22.57
C4B CLA GB . -14.92 30.44 22.58
CMB CLA GB . -17.95 28.74 23.94
CAB CLA GB . -15.70 28.19 21.69
CBB CLA GB . -15.55 26.93 22.09
NC CLA GB . -13.15 32.87 22.46
C1C CLA GB . -12.99 31.73 21.74
C2C CLA GB . -11.82 31.83 20.89
C3C CLA GB . -11.30 33.10 21.08
C4C CLA GB . -12.15 33.75 22.07
CMC CLA GB . -11.31 30.78 20.03
CAC CLA GB . -10.08 33.63 20.45
CBC CLA GB . -10.24 34.93 19.71
ND CLA GB . -13.83 35.00 24.13
C1D CLA GB . -12.72 35.64 23.54
C2D CLA GB . -12.56 36.97 24.14
C3D CLA GB . -13.52 37.07 25.11
C4D CLA GB . -14.28 35.81 25.06
CMD CLA GB . -11.54 37.94 23.78
CAD CLA GB . -14.09 37.88 26.14
OBD CLA GB . -13.73 38.99 26.53
CBD CLA GB . -15.28 37.08 26.75
CGD CLA GB . -15.10 36.76 28.19
O1D CLA GB . -15.96 36.61 29.05
O2D CLA GB . -13.81 36.59 28.57
CED CLA GB . -13.63 35.78 29.72
C1 CLA GB . -22.13 35.77 29.86
C2 CLA GB . -22.64 36.48 31.06
C3 CLA GB . -23.96 36.57 31.32
C4 CLA GB . -24.97 35.94 30.45
C5 CLA GB . -24.46 37.29 32.53
C6 CLA GB . -25.60 38.24 32.21
MG CLA HB . -26.16 34.27 22.80
CHA CLA HB . -23.18 35.62 23.83
CHB CLA HB . -24.87 31.15 23.12
CHC CLA HB . -29.18 32.98 21.90
CHD CLA HB . -27.44 37.53 22.42
NA CLA HB . -24.30 33.53 23.36
C1A CLA HB . -23.18 34.25 23.78
C2A CLA HB . -22.02 33.33 24.11
C3A CLA HB . -22.58 31.92 23.81
C4A CLA HB . -24.02 32.20 23.40
CMA CLA HB . -21.77 31.23 22.74
CAA CLA HB . -21.64 33.41 25.57
CBA CLA HB . -22.78 32.94 26.46
CGA CLA HB . -23.60 34.13 26.83
O1A CLA HB . -23.24 35.30 26.94
O2A CLA HB . -24.92 33.85 27.08
NB CLA HB . -26.88 32.42 22.54
C1B CLA HB . -26.21 31.27 22.76
C2B CLA HB . -27.11 30.12 22.56
C3B CLA HB . -28.33 30.61 22.22
C4B CLA HB . -28.20 32.10 22.19
CMB CLA HB . -26.64 28.74 22.74
CAB CLA HB . -29.59 29.97 21.91
CBB CLA HB . -29.87 28.68 22.02
NC CLA HB . -27.97 35.11 22.23
C1C CLA HB . -29.07 34.39 21.90
C2C CLA HB . -30.17 35.28 21.58
C3C CLA HB . -29.68 36.57 21.72
C4C CLA HB . -28.30 36.46 22.14
CMC CLA HB . -31.49 34.84 21.18
CAC CLA HB . -30.41 37.82 21.50
CBC CLA HB . -30.77 38.53 22.79
ND CLA HB . -25.52 36.16 23.01
C1D CLA HB . -26.14 37.41 22.83
C2D CLA HB . -25.19 38.48 23.16
C3D CLA HB . -24.06 37.85 23.58
C4D CLA HB . -24.30 36.41 23.46
CMD CLA HB . -25.47 39.90 23.09
CAD CLA HB . -22.72 38.02 24.06
OBD CLA HB . -22.12 39.05 24.30
CBD CLA HB . -22.11 36.61 24.26
CGD CLA HB . -20.87 36.41 23.48
O1D CLA HB . -19.71 36.70 23.78
O2D CLA HB . -21.09 35.83 22.29
CED CLA HB . -20.77 36.63 21.15
C1 CLA HB . -25.87 34.32 26.12
C2 CLA HB . -26.81 35.22 26.83
C3 CLA HB . -28.09 35.36 26.47
C4 CLA HB . -29.02 36.26 27.17
C5 CLA HB . -28.67 34.60 25.32
C6 CLA HB . -30.08 34.14 25.61
C7 CLA HB . -30.07 32.77 26.26
C8 CLA HB . -31.40 32.43 26.90
C9 CLA HB . -31.20 31.68 28.19
C10 CLA HB . -32.25 31.59 25.94
C11 CLA HB . -33.60 32.23 25.70
C12 CLA HB . -34.54 31.34 24.92
C13 CLA HB . -34.28 31.37 23.42
C14 CLA HB . -33.92 32.75 22.94
C15 CLA HB . -35.48 30.84 22.63
C16 CLA HB . -36.79 31.06 23.35
C17 CLA HB . -37.94 30.34 22.65
C18 CLA HB . -39.18 30.25 23.51
C19 CLA HB . -40.07 29.10 23.08
C20 CLA HB . -39.97 31.54 23.49
MG CLA IB . -27.42 24.71 26.37
CHA CLA IB . -24.46 26.44 26.62
CHB CLA IB . -25.72 21.79 26.61
CHC CLA IB . -30.37 23.04 26.09
CHD CLA IB . -29.10 27.76 25.92
NA CLA IB . -25.41 24.22 26.59
C1A CLA IB . -24.32 25.09 26.68
C2A CLA IB . -23.02 24.33 26.79
C3A CLA IB . -23.46 22.86 26.72
C4A CLA IB . -24.98 22.94 26.65
CMA CLA IB . -22.91 22.19 25.49
CAA CLA IB . -22.34 24.61 28.11
CBA CLA IB . -23.35 24.67 29.23
CGA CLA IB . -22.66 25.31 30.39
O1A CLA IB . -22.14 26.43 30.44
O2A CLA IB . -22.61 24.51 31.49
NB CLA IB . -27.94 22.78 26.25
C1B CLA IB . -27.11 21.75 26.54
C2B CLA IB . -27.90 20.51 26.76
C3B CLA IB . -29.21 20.85 26.63
C4B CLA IB . -29.26 22.30 26.30
CMB CLA IB . -27.28 19.23 27.09
CAB CLA IB . -30.36 20.00 26.78
CBB CLA IB . -31.41 19.96 25.95
NC CLA IB . -29.38 25.30 26.08
C1C CLA IB . -30.43 24.45 26.00
C2C CLA IB . -31.66 25.19 25.78
C3C CLA IB . -31.30 26.53 25.72
C4C CLA IB . -29.86 26.59 25.90
CMC CLA IB . -32.99 24.61 25.66
CAC CLA IB . -32.17 27.69 25.50
CBC CLA IB . -32.83 28.14 26.77
ND CLA IB . -26.98 26.67 26.43
C1D CLA IB . -27.76 27.82 26.18
C2D CLA IB . -26.90 29.00 26.24
C3D CLA IB . -25.62 28.53 26.46
C4D CLA IB . -25.73 27.07 26.51
CMD CLA IB . -27.37 30.37 26.10
CAD CLA IB . -24.23 28.87 26.63
OBD CLA IB . -23.71 29.96 26.74
CBD CLA IB . -23.44 27.54 26.65
CGD CLA IB . -22.50 27.44 25.51
O1D CLA IB . -22.51 28.08 24.46
O2D CLA IB . -21.51 26.52 25.68
CED CLA IB . -20.87 26.03 24.51
C1 CLA IB . -21.65 24.90 32.49
C2 CLA IB . -22.37 25.75 33.47
C3 CLA IB . -21.97 27.00 33.77
C4 CLA IB . -20.78 27.62 33.16
C5 CLA IB . -22.73 27.82 34.77
C6 CLA IB . -23.31 26.97 35.88
C7 CLA IB . -22.91 27.51 37.24
C8 CLA IB . -24.12 27.79 38.12
C9 CLA IB . -23.93 29.06 38.93
C10 CLA IB . -24.42 26.60 39.02
C11 CLA IB . -23.83 26.75 40.41
C12 CLA IB . -24.49 25.80 41.39
C13 CLA IB . -23.69 25.70 42.69
C14 CLA IB . -24.60 25.98 43.87
C15 CLA IB . -22.47 26.62 42.72
C16 CLA IB . -21.17 25.84 42.64
C17 CLA IB . -19.99 26.73 42.35
C18 CLA IB . -18.80 25.93 41.85
C19 CLA IB . -18.48 24.79 42.79
C20 CLA IB . -17.57 26.80 41.65
MG CLA JB . -0.81 -11.00 -4.39
CHA CLA JB . -2.42 -9.91 -7.20
CHB CLA JB . 1.01 -13.16 -6.28
CHC CLA JB . 0.91 -11.91 -1.59
CHD CLA JB . -2.69 -8.72 -2.49
NA CLA JB . -0.77 -11.46 -6.41
C1A CLA JB . -1.50 -10.88 -7.43
C2A CLA JB . -1.17 -11.50 -8.79
C3A CLA JB . -0.21 -12.63 -8.42
C4A CLA JB . 0.05 -12.42 -6.94
CMA CLA JB . -0.87 -13.95 -8.64
CAA CLA JB . -0.48 -10.50 -9.68
CBA CLA JB . 0.83 -10.10 -9.09
CGA CLA JB . 0.76 -8.67 -8.69
O1A CLA JB . 0.79 -7.68 -9.41
O2A CLA JB . 0.65 -8.49 -7.35
NB CLA JB . 0.74 -12.22 -4.02
C1B CLA JB . 1.30 -13.06 -4.92
C2B CLA JB . 2.28 -13.93 -4.24
C3B CLA JB . 2.26 -13.59 -2.92
C4B CLA JB . 1.25 -12.52 -2.75
CMB CLA JB . 3.05 -14.95 -4.93
CAB CLA JB . 2.98 -14.14 -1.81
CBB CLA JB . 4.19 -13.75 -1.40
NC CLA JB . -0.91 -10.45 -2.39
C1C CLA JB . -0.13 -10.96 -1.42
C2C CLA JB . -0.43 -10.33 -0.15
C3C CLA JB . -1.46 -9.40 -0.41
C4C CLA JB . -1.74 -9.49 -1.82
CMC CLA JB . 0.27 -10.67 1.08
CAC CLA JB . -2.14 -8.43 0.46
CBC CLA JB . -2.42 -8.81 1.89
ND CLA JB . -2.35 -9.75 -4.68
C1D CLA JB . -2.99 -8.82 -3.82
C2D CLA JB . -3.95 -8.05 -4.61
C3D CLA JB . -3.78 -8.43 -5.91
C4D CLA JB . -2.74 -9.46 -5.91
CMD CLA JB . -4.85 -7.05 -4.04
CAD CLA JB . -4.20 -8.28 -7.28
OBD CLA JB . -5.11 -7.61 -7.75
CBD CLA JB . -3.27 -9.13 -8.15
CGD CLA JB . -4.02 -10.08 -9.02
O1D CLA JB . -4.75 -11.00 -8.66
O2D CLA JB . -3.85 -9.87 -10.35
CED CLA JB . -3.76 -11.03 -11.18
C1 CLA JB . 0.98 -7.16 -6.91
C2 CLA JB . 1.16 -7.23 -5.44
C3 CLA JB . 0.60 -6.37 -4.60
C4 CLA JB . -0.25 -5.24 -5.04
C5 CLA JB . 0.82 -6.49 -3.14
C6 CLA JB . 1.90 -7.50 -2.81
C7 CLA JB . 2.65 -7.08 -1.57
C8 CLA JB . 3.70 -8.09 -1.15
C9 CLA JB . 4.21 -8.84 -2.36
C10 CLA JB . 3.14 -9.05 -0.13
C11 CLA JB . 4.20 -9.57 0.83
C12 CLA JB . 4.65 -10.96 0.47
C13 CLA JB . 5.05 -11.78 1.69
C14 CLA JB . 5.50 -10.88 2.82
C15 CLA JB . 6.16 -12.76 1.33
C16 CLA JB . 6.66 -13.52 2.55
C17 CLA JB . 7.84 -14.40 2.18
C18 CLA JB . 8.27 -15.32 3.31
C19 CLA JB . 9.14 -16.43 2.81
C20 CLA JB . 7.07 -15.88 4.03
MG CLA KB . -4.02 3.24 7.11
CHA CLA KB . -5.14 2.15 10.19
CHB CLA KB . -2.46 5.85 8.63
CHC CLA KB . -2.70 4.13 4.09
CHD CLA KB . -5.49 0.42 5.63
NA CLA KB . -3.90 3.91 9.08
C1A CLA KB . -4.41 3.30 10.21
C2A CLA KB . -4.05 4.09 11.46
C3A CLA KB . -3.39 5.36 10.89
C4A CLA KB . -3.22 5.03 9.43
CMA CLA KB . -4.30 6.54 11.07
CAA CLA KB . -3.02 3.29 12.24
CBA CLA KB . -1.88 2.80 11.37
CGA CLA KB . -1.98 1.32 11.07
O1A CLA KB . -2.41 0.42 11.80
O2A CLA KB . -1.54 0.95 9.84
NB CLA KB . -2.81 4.71 6.48
C1B CLA KB . -2.25 5.65 7.26
C2B CLA KB . -1.34 6.49 6.44
C3B CLA KB . -1.42 6.02 5.17
C4B CLA KB . -2.37 4.89 5.16
CMB CLA KB . -0.57 7.61 7.00
CAB CLA KB . -0.76 6.48 3.99
CBB CLA KB . -1.42 7.12 3.02
NC CLA KB . -4.15 2.46 5.20
C1C CLA KB . -3.55 2.99 4.10
C2C CLA KB . -3.83 2.18 2.94
C3C CLA KB . -4.58 1.10 3.37
C4C CLA KB . -4.78 1.29 4.80
CMC CLA KB . -3.32 2.46 1.60
CAC CLA KB . -5.09 -0.03 2.58
CBC CLA KB . -6.39 0.23 1.89
ND CLA KB . -5.21 1.72 7.68
C1D CLA KB . -5.70 0.61 6.97
C2D CLA KB . -6.41 -0.26 7.91
C3D CLA KB . -6.25 0.30 9.15
C4D CLA KB . -5.47 1.52 8.96
CMD CLA KB . -7.09 -1.49 7.56
CAD CLA KB . -6.54 0.18 10.54
OBD CLA KB . -7.24 -0.63 11.13
CBD CLA KB . -5.77 1.32 11.26
CGD CLA KB . -6.74 2.11 12.06
O1D CLA KB . -6.88 3.34 12.07
O2D CLA KB . -7.54 1.39 12.87
CED CLA KB . -8.64 2.06 13.50
C1 CLA KB . -2.50 0.16 9.12
C2 CLA KB . -1.90 -0.67 8.05
C3 CLA KB . -1.36 -0.18 6.92
C4 CLA KB . -1.29 1.25 6.62
C5 CLA KB . -0.78 -1.12 5.92
C6 CLA KB . -0.52 -0.47 4.58
C7 CLA KB . -0.57 -1.49 3.46
C8 CLA KB . 0.78 -2.06 3.09
C9 CLA KB . 0.96 -3.44 3.70
C10 CLA KB . 1.93 -1.17 3.51
C11 CLA KB . 3.23 -1.77 3.03
C12 CLA KB . 4.45 -0.92 3.33
C13 CLA KB . 5.65 -1.54 2.63
C14 CLA KB . 5.88 -2.95 3.15
C15 CLA KB . 6.91 -0.71 2.79
C16 CLA KB . 7.57 -0.49 1.44
C17 CLA KB . 9.00 -0.98 1.41
C18 CLA KB . 9.86 -0.29 2.45
C19 CLA KB . 10.12 1.15 2.06
C20 CLA KB . 11.17 -1.02 2.66
MG CLA LB . -42.77 20.76 13.07
CHA CLA LB . -40.62 21.22 15.74
CHB CLA LB . -45.21 22.34 14.78
CHC CLA LB . -44.85 20.32 10.38
CHD CLA LB . -40.20 19.08 11.34
NA CLA LB . -42.86 21.63 14.95
C1A CLA LB . -41.86 21.73 15.92
C2A CLA LB . -42.35 22.44 17.17
C3A CLA LB . -43.81 22.76 16.83
C4A CLA LB . -43.99 22.22 15.42
CMA CLA LB . -44.71 22.03 17.78
CAA CLA LB . -41.56 23.70 17.47
CBA CLA LB . -41.97 24.84 16.58
CGA CLA LB . -40.85 25.18 15.65
O1A CLA LB . -40.36 26.29 15.44
O2A CLA LB . -40.33 24.09 15.00
NB CLA LB . -44.68 21.20 12.67
C1B CLA LB . -45.51 21.89 13.48
C2B CLA LB . -46.80 22.09 12.79
C3B CLA LB . -46.70 21.53 11.56
C4B CLA LB . -45.35 20.95 11.46
CMB CLA LB . -47.92 22.79 13.39
CAB CLA LB . -47.64 21.45 10.48
CBB CLA LB . -48.20 22.49 9.88
NC CLA LB . -42.55 19.86 11.20
C1C CLA LB . -43.53 19.81 10.26
C2C CLA LB . -43.05 19.13 9.07
C3C CLA LB . -41.74 18.77 9.34
C4C CLA LB . -41.43 19.24 10.68
CMC CLA LB . -43.83 18.93 7.86
CAC CLA LB . -40.83 18.08 8.43
CBC CLA LB . -40.26 19.06 7.42
ND CLA LB . -40.85 20.26 13.38
C1D CLA LB . -39.91 19.55 12.60
C2D CLA LB . -38.67 19.45 13.37
C3D CLA LB . -38.87 20.08 14.56
C4D CLA LB . -40.26 20.56 14.53
CMD CLA LB . -37.45 18.81 12.93
CAD CLA LB . -38.31 20.47 15.83
OBD CLA LB . -37.17 20.29 16.25
CBD CLA LB . -39.41 21.18 16.63
CGD CLA LB . -39.73 20.38 17.85
O1D CLA LB . -40.55 19.48 17.96
O2D CLA LB . -38.97 20.71 18.93
CED CLA LB . -38.36 19.63 19.64
C1 CLA LB . -40.42 24.06 13.56
C2 CLA LB . -41.77 24.59 13.20
C3 CLA LB . -42.18 24.76 11.93
C4 CLA LB . -41.32 24.43 10.76
C5 CLA LB . -43.53 25.30 11.66
C6 CLA LB . -44.35 24.44 10.72
C7 CLA LB . -44.69 25.22 9.47
C8 CLA LB . -45.74 26.29 9.71
C9 CLA LB . -47.12 25.80 9.30
C10 CLA LB . -45.41 27.54 8.91
C11 CLA LB . -43.98 27.97 9.15
C12 CLA LB . -43.49 28.90 8.06
C13 CLA LB . -44.43 30.09 7.89
C14 CLA LB . -44.05 30.85 6.64
C15 CLA LB . -44.39 31.01 9.11
C16 CLA LB . -45.63 31.87 9.19
C17 CLA LB . -46.69 31.24 10.09
C18 CLA LB . -46.74 31.88 11.46
C19 CLA LB . -47.91 31.35 12.27
C20 CLA LB . -46.83 33.39 11.36
C1 PQN MB . -13.38 -0.40 2.36
O1 PQN MB . -13.57 0.80 2.13
C2 PQN MB . -12.24 -1.10 1.76
C2M PQN MB . -11.30 -0.35 0.87
C3 PQN MB . -12.02 -2.54 2.04
C4 PQN MB . -12.96 -3.26 2.92
O4 PQN MB . -12.77 -4.47 3.16
C5 PQN MB . -14.11 -2.55 3.51
C6 PQN MB . -14.98 -3.19 4.33
C7 PQN MB . -16.05 -2.49 4.87
C8 PQN MB . -16.25 -1.15 4.60
C9 PQN MB . -15.38 -0.46 3.78
C10 PQN MB . -14.31 -1.13 3.22
C11 PQN MB . -10.85 -3.26 1.44
C12 PQN MB . -9.66 -3.01 2.32
C13 PQN MB . -9.00 -4.02 2.88
C14 PQN MB . -9.44 -5.43 2.63
C15 PQN MB . -7.81 -3.75 3.77
C16 PQN MB . -6.80 -4.86 3.60
C17 PQN MB . -5.42 -4.33 3.21
C18 PQN MB . -4.43 -4.72 4.28
C19 PQN MB . -3.95 -3.50 5.06
C20 PQN MB . -3.23 -5.40 3.66
C21 PQN MB . -2.40 -6.01 4.78
C22 PQN MB . -1.07 -6.55 4.31
C23 PQN MB . -0.52 -7.48 5.36
C24 PQN MB . -0.35 -6.72 6.66
C25 PQN MB . 0.80 -8.06 4.90
C26 PQN MB . 1.89 -7.01 4.95
C27 PQN MB . 3.24 -7.64 5.27
C28 PQN MB . 4.35 -6.64 5.02
C29 PQN MB . 4.29 -6.15 3.59
C30 PQN MB . 4.24 -5.46 5.97
MG CLA NB . -34.32 22.13 46.28
CHA CLA NB . -37.59 22.80 47.20
CHB CLA NB . -34.67 24.16 43.60
CHC CLA NB . -31.07 21.50 45.47
CHD CLA NB . -33.96 20.15 49.20
NA CLA NB . -35.89 23.26 45.53
C1A CLA NB . -37.17 23.44 46.07
C2A CLA NB . -38.01 24.37 45.20
C3A CLA NB . -37.06 24.73 44.05
C4A CLA NB . -35.77 24.02 44.40
CMA CLA NB . -37.58 24.25 42.72
CAA CLA NB . -38.51 25.61 45.94
CBA CLA NB . -37.67 26.07 47.11
CGA CLA NB . -38.58 26.44 48.24
O1A CLA NB . -39.57 25.82 48.63
O2A CLA NB . -38.26 27.62 48.88
NB CLA NB . -33.10 22.72 44.82
C1B CLA NB . -33.43 23.55 43.81
C2B CLA NB . -32.25 23.75 42.93
C3B CLA NB . -31.22 23.00 43.44
C4B CLA NB . -31.75 22.32 44.66
CMB CLA NB . -32.31 24.61 41.75
CAB CLA NB . -29.89 22.84 42.95
CBB CLA NB . -28.76 22.83 43.66
NC CLA NB . -32.82 20.99 47.16
C1C CLA NB . -31.57 20.86 46.63
C2C CLA NB . -30.75 20.01 47.47
C3C CLA NB . -31.54 19.66 48.57
C4C CLA NB . -32.84 20.28 48.37
CMC CLA NB . -29.37 19.67 47.18
CAC CLA NB . -31.11 18.85 49.70
CBC CLA NB . -31.88 17.57 49.83
ND CLA NB . -35.48 21.49 47.81
C1D CLA NB . -35.20 20.70 48.94
C2D CLA NB . -36.43 20.59 49.75
C3D CLA NB . -37.38 21.34 49.12
C4D CLA NB . -36.73 21.92 47.93
CMD CLA NB . -36.55 19.81 50.98
CAD CLA NB . -38.75 21.81 49.12
OBD CLA NB . -39.66 21.52 49.88
CBD CLA NB . -38.89 22.81 47.94
CGD CLA NB . -40.04 22.41 47.05
O1D CLA NB . -41.24 22.36 47.34
O2D CLA NB . -39.66 22.03 45.80
CED CLA NB . -40.67 21.84 44.80
C1 CLA NB . -37.48 27.59 50.09
C2 CLA NB . -38.10 26.66 51.06
C3 CLA NB . -38.29 26.92 52.37
C4 CLA NB . -37.88 28.22 52.98
C5 CLA NB . -38.92 25.91 53.27
C6 CLA NB . -38.07 24.67 53.47
C7 CLA NB . -38.92 23.49 53.92
O1 LHG OB . -13.08 -8.31 18.00
C1 LHG OB . -14.43 -8.55 18.42
C2 LHG OB . -15.27 -7.36 18.05
O2 LHG OB . -16.59 -7.50 18.52
C3 LHG OB . -15.41 -7.18 16.57
O3 LHG OB . -15.23 -5.80 16.47
P LHG OB . -15.61 -5.05 15.12
O4 LHG OB . -17.01 -4.58 15.26
O5 LHG OB . -14.91 -5.84 14.09
O6 LHG OB . -14.71 -3.69 15.42
C4 LHG OB . -13.34 -3.82 15.58
C5 LHG OB . -12.75 -2.48 15.15
C6 LHG OB . -13.52 -1.32 15.70
O7 LHG OB . -11.50 -2.43 15.73
C7 LHG OB . -10.53 -2.06 14.89
O9 LHG OB . -10.41 -0.92 14.52
C8 LHG OB . -9.41 -3.03 14.99
C9 LHG OB . -8.27 -2.54 14.16
C10 LHG OB . -7.25 -1.88 15.03
O8 LHG OB . -12.53 -0.52 16.34
C23 LHG OB . -12.50 -0.52 17.70
O10 LHG OB . -13.34 -1.14 18.30
C24 LHG OB . -11.28 -0.02 18.45
C11 LHG OB . -6.01 -2.55 14.56
C12 LHG OB . -5.00 -1.52 14.21
C13 LHG OB . -3.81 -1.72 15.10
C14 LHG OB . -2.59 -1.07 14.54
C15 LHG OB . -2.43 0.22 15.30
C16 LHG OB . -0.98 0.58 15.31
C17 LHG OB . -0.79 2.02 15.72
C18 LHG OB . -0.94 1.95 17.21
C19 LHG OB . -1.29 3.26 17.85
C20 LHG OB . 0.00 4.03 17.76
C21 LHG OB . -0.10 5.29 18.56
C22 LHG OB . 1.25 5.93 18.61
C25 LHG OB . -11.44 1.32 19.13
C26 LHG OB . -10.37 2.34 18.81
C27 LHG OB . -11.16 3.60 18.59
C28 LHG OB . -12.22 3.53 17.54
C29 LHG OB . -12.50 4.96 17.15
C30 LHG OB . -12.07 5.34 15.77
C31 LHG OB . -10.65 5.80 15.64
C32 LHG OB . -10.44 7.29 15.71
C33 LHG OB . -9.05 7.55 15.19
C34 LHG OB . -8.68 8.99 15.05
C35 LHG OB . -7.21 9.22 15.32
C36 LHG OB . -6.78 10.45 14.57
C37 LHG OB . -5.74 11.12 15.40
C38 LHG OB . -5.07 12.28 14.72
O1 LHG PB . -29.72 15.44 44.05
C1 LHG PB . -30.08 16.79 43.80
C2 LHG PB . -31.32 17.08 44.56
O2 LHG PB . -32.33 16.16 44.21
C3 LHG PB . -31.88 18.43 44.27
O3 LHG PB . -32.90 18.12 43.36
P LHG PB . -34.30 18.90 43.40
O4 LHG PB . -34.09 20.12 44.21
O5 LHG PB . -35.33 17.84 43.41
O6 LHG PB . -34.19 19.50 41.86
C4 LHG PB . -34.18 20.87 41.68
C5 LHG PB . -34.39 21.07 40.17
C6 LHG PB . -33.36 21.99 39.61
O7 LHG PB . -34.26 19.82 39.55
C7 LHG PB . -35.01 19.68 38.43
O9 LHG PB . -36.18 19.39 38.47
C8 LHG PB . -34.16 19.53 37.25
C9 LHG PB . -34.79 20.27 36.12
C10 LHG PB . -34.27 19.75 34.81
O8 LHG PB . -33.97 22.54 38.46
C23 LHG PB . -33.30 23.54 37.84
O10 LHG PB . -32.19 23.82 38.23
C24 LHG PB . -33.79 24.09 36.53
C11 LHG PB . -35.26 20.33 33.84
C12 LHG PB . -34.58 21.33 32.98
C13 LHG PB . -35.51 22.51 32.81
C25 LHG PB . -32.83 25.02 35.83
C01 8CT QB . 5.63 17.08 57.59
C02 8CT QB . 5.93 18.37 58.41
C03 8CT QB . 6.02 19.78 57.68
C04 8CT QB . 5.89 20.94 58.54
C05 8CT QB . 6.74 20.76 59.95
C06 8CT QB . 6.33 19.66 60.62
C07 8CT QB . 6.52 18.27 59.73
C08 8CT QB . 6.40 22.19 57.83
C09 8CT QB . 4.43 21.12 58.90
C10 8CT QB . 6.64 19.88 56.26
C11 8CT QB . 5.85 20.14 55.22
C12 8CT QB . 6.41 20.25 53.79
C13 8CT QB . 5.86 19.47 52.81
C14 8CT QB . 6.31 19.47 51.34
C15 8CT QB . 7.33 18.63 50.94
C16 8CT QB . 7.80 18.56 49.43
C17 8CT QB . 9.08 18.83 49.05
C18 8CT QB . 9.42 18.69 47.56
C19 8CT QB . 10.01 17.51 47.27
C20 8CT QB . 10.51 16.96 45.90
C21 8CT QB . 11.66 17.36 45.31
C22 8CT QB . 12.54 18.45 45.96
C23 8CT QB . 12.09 16.70 43.94
C24 8CT QB . 12.91 17.35 43.04
C25 8CT QB . 13.36 16.71 41.70
C26 8CT QB . 12.46 16.51 40.68
C27 8CT QB . 10.98 16.91 40.87
C28 8CT QB . 12.84 15.88 39.28
C29 8CT QB . 11.80 15.97 38.35
C30 8CT QB . 11.73 15.49 36.87
C31 8CT QB . 11.96 16.58 35.96
C32 8CT QB . 11.93 16.11 34.44
C33 8CT QB . 11.59 14.73 34.25
C34 8CT QB . 12.48 13.74 35.21
C35 8CT QB . 12.65 14.16 36.52
C36 8CT QB . 12.24 13.01 37.43
C37 8CT QB . 14.16 14.47 36.70
C38 8CT QB . 11.43 17.96 36.31
C39 8CT QB . 6.78 18.17 48.36
C40 8CT QB . 7.56 21.22 53.48
C01 8CT RB . 10.03 16.05 52.31
C02 8CT RB . 9.45 15.33 53.55
C03 8CT RB . 7.90 14.99 53.59
C04 8CT RB . 7.35 14.39 54.80
C05 8CT RB . 8.12 14.91 56.16
C06 8CT RB . 9.44 14.65 56.06
C07 8CT RB . 10.12 15.54 54.83
C08 8CT RB . 5.87 14.72 54.88
C09 8CT RB . 7.51 12.88 54.74
C10 8CT RB . 7.12 14.76 52.26
C11 8CT RB . 7.56 13.83 51.39
C12 8CT RB . 6.77 13.62 50.10
C13 8CT RB . 7.01 14.40 49.00
C14 8CT RB . 6.18 14.15 47.73
C15 8CT RB . 6.31 15.05 46.70
C16 8CT RB . 5.47 14.86 45.36
C17 8CT RB . 5.60 15.80 44.40
C18 8CT RB . 4.79 15.69 43.11
C19 8CT RB . 5.31 16.18 41.96
C20 8CT RB . 4.45 16.08 40.67
C21 8CT RB . 4.56 17.05 39.74
C22 8CT RB . 5.52 18.23 39.93
C23 8CT RB . 3.69 16.98 38.43
C24 8CT RB . 3.98 17.82 37.39
C25 8CT RB . 3.11 17.74 36.13
C26 8CT RB . 3.70 17.72 34.89
C27 8CT RB . 5.23 17.75 34.76
C28 8CT RB . 2.76 17.64 33.62
C29 8CT RB . 2.69 16.41 32.95
C30 8CT RB . 1.82 16.12 31.70
C31 8CT RB . 0.61 16.91 31.63
C32 8CT RB . -0.15 16.76 30.23
C33 8CT RB . 0.58 16.07 29.22
C34 8CT RB . 2.13 16.60 29.24
C35 8CT RB . 2.77 16.15 30.37
C36 8CT RB . 3.23 14.73 30.09
C37 8CT RB . 4.02 17.05 30.60
C38 8CT RB . -0.32 17.01 32.83
C39 8CT RB . 4.53 13.67 45.18
C40 8CT RB . 5.71 12.54 50.02
C01 8CT SB . -25.84 31.29 41.18
C02 8CT SB . -27.28 31.42 41.74
C03 8CT SB . -28.55 31.03 40.87
C04 8CT SB . -29.80 31.57 41.41
C05 8CT SB . -30.00 31.26 43.02
C06 8CT SB . -28.89 30.70 43.60
C07 8CT SB . -27.49 31.49 43.18
C08 8CT SB . -29.78 33.10 41.23
C09 8CT SB . -30.99 31.02 40.63
C10 8CT SB . -28.59 29.61 40.26
C11 8CT SB . -28.61 28.57 41.10
C12 8CT SB . -28.64 27.11 40.62
C13 8CT SB . -28.36 26.78 39.32
C14 8CT SB . -28.37 25.32 38.80
C15 8CT SB . -27.34 24.46 39.11
C16 8CT SB . -27.33 22.97 38.56
C17 8CT SB . -26.19 22.25 38.57
C18 8CT SB . -26.17 20.82 38.00
C19 8CT SB . -25.32 19.88 38.47
C20 8CT SB . -25.32 18.46 37.82
C21 8CT SB . -24.22 17.67 37.86
C22 8CT SB . -22.95 18.16 38.58
C23 8CT SB . -24.27 16.25 37.18
C24 8CT SB . -23.16 15.46 36.96
C25 8CT SB . -23.40 14.09 36.26
C26 8CT SB . -22.43 13.11 36.13
C27 8CT SB . -21.01 13.31 36.67
C28 8CT SB . -22.81 11.76 35.40
C29 8CT SB . -21.92 10.69 35.28
C30 8CT SB . -22.46 9.44 34.54
C31 8CT SB . -21.59 9.14 33.44
C32 8CT SB . -21.86 7.71 32.80
C33 8CT SB . -23.03 7.04 33.30
C34 8CT SB . -22.98 6.99 34.95
C35 8CT SB . -22.68 8.17 35.55
C36 8CT SB . -23.78 8.50 36.55
C37 8CT SB . -21.34 7.98 36.34
C38 8CT SB . -21.15 10.28 32.54
C39 8CT SB . -28.62 22.38 37.98
C40 8CT SB . -29.00 26.02 41.63
C01 8CT TB . -19.53 35.43 38.08
C02 8CT TB . -18.18 34.65 38.00
C03 8CT TB . -17.96 33.36 38.89
C04 8CT TB . -16.98 33.49 39.96
C05 8CT TB . -15.97 34.79 39.76
C06 8CT TB . -15.65 34.99 38.45
C07 8CT TB . -16.98 35.32 37.51
C08 8CT TB . -17.72 33.62 41.29
C09 8CT TB . -16.13 32.22 39.98
C10 8CT TB . -18.20 31.96 38.28
C11 8CT TB . -18.64 30.95 39.05
C12 8CT TB . -18.86 29.58 38.39
C13 8CT TB . -17.78 28.75 38.24
C14 8CT TB . -17.88 27.35 37.58
C15 8CT TB . -19.03 26.60 37.61
C16 8CT TB . -19.02 25.18 36.90
C17 8CT TB . -18.82 25.08 35.57
C18 8CT TB . -18.78 23.71 34.89
C19 8CT TB . -17.61 23.03 34.85
C20 8CT TB . -17.51 21.62 34.17
C21 8CT TB . -18.12 21.39 32.99
C22 8CT TB . -18.93 22.51 32.30
C23 8CT TB . -18.01 19.96 32.31
C24 8CT TB . -18.83 19.64 31.25
C25 8CT TB . -18.74 18.23 30.59
C26 8CT TB . -19.50 17.98 29.46
C27 8CT TB . -20.42 19.07 28.89
C28 8CT TB . -19.42 16.56 28.76
C29 8CT TB . -20.53 15.69 28.85
C30 8CT TB . -20.50 14.30 28.18
C31 8CT TB . -20.97 13.33 29.14
C32 8CT TB . -21.69 12.03 28.57
C33 8CT TB . -22.58 12.21 27.47
C34 8CT TB . -22.69 13.81 27.02
C35 8CT TB . -21.45 14.37 26.84
C36 8CT TB . -21.63 15.83 26.46
C37 8CT TB . -20.73 13.62 25.67
C38 8CT TB . -20.30 13.27 30.52
C39 8CT TB . -19.24 23.91 37.75
C40 8CT TB . -20.25 29.16 37.89
C01 8CT UB . 5.85 1.83 0.12
C02 8CT UB . 5.97 1.77 -1.42
C03 8CT UB . 5.92 3.12 -2.26
C04 8CT UB . 5.98 2.96 -3.71
C05 8CT UB . 7.17 1.93 -4.21
C06 8CT UB . 7.77 1.26 -3.18
C07 8CT UB . 6.68 0.69 -2.06
C08 8CT UB . 4.64 2.44 -4.21
C09 8CT UB . 6.23 4.33 -4.34
C10 8CT UB . 5.35 4.41 -1.62
C11 8CT UB . 4.45 5.16 -2.26
C12 8CT UB . 3.93 6.42 -1.56
C13 8CT UB . 2.95 6.30 -0.62
C14 8CT UB . 2.41 7.54 0.12
C15 8CT UB . 1.73 8.56 -0.51
C16 8CT UB . 1.25 9.76 0.42
C17 8CT UB . 1.35 9.58 1.76
C18 8CT UB . 0.94 10.64 2.78
C19 8CT UB . 1.32 10.43 4.06
C20 8CT UB . 0.99 11.42 5.23
C21 8CT UB . 1.78 11.33 6.34
C22 8CT UB . 2.91 10.29 6.37
C23 8CT UB . 1.55 12.27 7.59
C24 8CT UB . 2.06 11.85 8.80
C25 8CT UB . 1.88 12.72 10.09
C26 8CT UB . 2.03 12.14 11.33
C27 8CT UB . 2.38 10.65 11.46
C28 8CT UB . 1.84 13.04 12.63
C29 8CT UB . 1.68 14.43 12.50
C30 8CT UB . 1.49 15.31 13.74
C31 8CT UB . 0.51 16.33 13.43
C32 8CT UB . -0.98 15.96 13.83
C33 8CT UB . -1.32 14.55 13.90
C34 8CT UB . -0.14 13.63 14.61
C35 8CT UB . 0.95 14.37 14.98
C36 8CT UB . 2.06 13.44 15.45
C37 8CT UB . 0.55 15.32 16.16
C38 8CT UB . 0.94 17.79 13.37
C39 8CT UB . 0.73 11.07 -0.18
C40 8CT UB . 4.51 7.80 -1.90
C1 HTG VB . -3.12 -22.50 -20.77
S1 HTG VB . -1.70 -21.48 -20.59
C2 HTG VB . -2.89 -23.82 -20.05
O2 HTG VB . -1.92 -24.58 -20.77
C3 HTG VB . -4.18 -24.62 -19.89
O3 HTG VB . -3.95 -25.77 -19.08
C4 HTG VB . -5.24 -23.73 -19.26
O4 HTG VB . -6.47 -24.46 -19.07
C5 HTG VB . -5.44 -22.53 -20.17
O5 HTG VB . -4.23 -21.78 -20.21
C6 HTG VB . -6.53 -21.59 -19.66
O6 HTG VB . -6.20 -20.26 -20.06
C1' HTG VB . -2.51 -19.91 -20.64
C2' HTG VB . -1.47 -18.80 -20.76
C3' HTG VB . -1.66 -18.02 -22.06
C4' HTG VB . -0.86 -16.72 -22.02
C5' HTG VB . -1.13 -15.87 -23.24
C6' HTG VB . -0.41 -14.55 -23.14
C7' HTG VB . -0.76 -13.67 -24.32
MG CLA WB . -2.51 -13.49 -17.48
CHA CLA WB . -4.18 -16.48 -17.86
CHB CLA WB . -1.62 -14.41 -14.33
CHC CLA WB . -0.85 -10.54 -17.15
CHD CLA WB . -3.57 -12.54 -20.71
NA CLA WB . -2.87 -15.17 -16.30
C1A CLA WB . -3.59 -16.32 -16.64
C2A CLA WB . -3.61 -17.29 -15.47
C3A CLA WB . -2.82 -16.58 -14.37
C4A CLA WB . -2.40 -15.30 -15.03
CMA CLA WB . -3.68 -16.28 -13.18
CAA CLA WB . -2.99 -18.63 -15.80
CBA CLA WB . -1.50 -18.55 -15.92
CGA CLA WB . -1.07 -19.40 -17.09
O1A CLA WB . -1.65 -20.39 -17.57
O2A CLA WB . 0.09 -18.98 -17.66
NB CLA WB . -1.45 -12.63 -16.01
C1B CLA WB . -1.15 -13.19 -14.81
C2B CLA WB . -0.23 -12.31 -14.06
C3B CLA WB . 0.00 -11.21 -14.84
C4B CLA WB . -0.78 -11.39 -16.09
CMB CLA WB . 0.28 -12.62 -12.73
CAB CLA WB . 0.81 -10.08 -14.53
CBB CLA WB . 1.62 -9.44 -15.37
NC CLA WB . -2.26 -11.84 -18.70
C1C CLA WB . -1.54 -10.74 -18.36
C2C CLA WB . -1.58 -9.78 -19.44
C3C CLA WB . -2.35 -10.33 -20.45
C4C CLA WB . -2.79 -11.63 -19.98
CMC CLA WB . -0.89 -8.50 -19.41
CAC CLA WB . -2.67 -9.70 -21.73
CBC CLA WB . -2.02 -10.38 -22.91
ND CLA WB . -3.61 -14.26 -18.98
C1D CLA WB . -3.95 -13.78 -20.26
C2D CLA WB . -4.73 -14.81 -20.96
C3D CLA WB . -4.84 -15.86 -20.10
C4D CLA WB . -4.14 -15.47 -18.87
CMD CLA WB . -5.23 -14.67 -22.32
CAD CLA WB . -5.35 -17.19 -19.89
OBD CLA WB . -5.96 -17.93 -20.65
CBD CLA WB . -4.96 -17.62 -18.44
CGD CLA WB . -6.14 -17.89 -17.59
O1D CLA WB . -6.59 -17.17 -16.70
O2D CLA WB . -6.74 -19.07 -17.85
CED CLA WB . -7.92 -19.35 -17.11
C1 CLA WB . 1.31 -19.30 -16.96
C2 CLA WB . 2.30 -18.26 -17.31
C3 CLA WB . 2.94 -18.20 -18.48
C4 CLA WB . 2.71 -19.19 -19.56
MG CLA XB . -2.86 -11.85 3.55
CHA CLA XB . 0.08 -13.59 3.97
CHB CLA XB . -2.62 -10.72 6.73
CHC CLA XB . -5.61 -9.89 2.98
CHD CLA XB . -2.93 -12.90 0.18
NA CLA XB . -1.52 -12.20 5.11
C1A CLA XB . -0.34 -12.93 5.07
C2A CLA XB . 0.38 -12.90 6.42
C3A CLA XB . -0.59 -12.11 7.32
C4A CLA XB . -1.66 -11.63 6.34
CMA CLA XB . -1.18 -12.99 8.37
CAA CLA XB . 1.69 -12.17 6.32
CBA CLA XB . 2.83 -13.07 6.74
CGA CLA XB . 3.91 -12.28 7.40
O1A CLA XB . 3.83 -11.58 8.40
O2A CLA XB . 5.14 -12.37 6.80
NB CLA XB . -3.93 -10.57 4.66
C1B CLA XB . -3.65 -10.21 5.93
C2B CLA XB . -4.62 -9.18 6.38
C3B CLA XB . -5.46 -8.95 5.33
C4B CLA XB . -5.05 -9.85 4.22
CMB CLA XB . -4.59 -8.59 7.71
CAB CLA XB . -6.56 -8.05 5.25
CBB CLA XB . -7.79 -8.36 4.84
NC CLA XB . -4.08 -11.53 1.90
C1C CLA XB . -5.16 -10.69 1.90
C2C CLA XB . -5.76 -10.67 0.58
C3C CLA XB . -5.00 -11.50 -0.22
C4C CLA XB . -3.94 -12.04 0.62
CMC CLA XB . -6.93 -9.87 0.23
CAC CLA XB . -5.19 -11.79 -1.64
CBC CLA XB . -6.41 -12.62 -1.91
ND CLA XB . -1.82 -13.09 2.35
C1D CLA XB . -1.93 -13.40 0.98
C2D CLA XB . -0.82 -14.29 0.59
C3D CLA XB . -0.04 -14.40 1.71
C4D CLA XB . -0.68 -13.62 2.76
CMD CLA XB . -0.63 -14.87 -0.73
CAD CLA XB . 1.15 -14.98 2.29
OBD CLA XB . 1.93 -15.78 1.81
CBD CLA XB . 1.30 -14.41 3.71
CGD CLA XB . 1.28 -15.51 4.72
O1D CLA XB . 0.30 -16.13 5.10
O2D CLA XB . 2.48 -15.81 5.27
CED CLA XB . 3.47 -16.38 4.41
C1 CLA XB . 6.20 -11.65 7.47
C2 CLA XB . 7.45 -11.89 6.75
C3 CLA XB . 8.01 -10.94 5.99
C4 CLA XB . 7.39 -9.61 5.85
C5 CLA XB . 9.28 -11.16 5.25
C6 CLA XB . 10.02 -12.41 5.70
C7 CLA XB . 11.52 -12.19 5.61
C8 CLA XB . 12.31 -13.49 5.75
C9 CLA XB . 11.50 -14.63 5.20
C10 CLA XB . 12.72 -13.79 7.19
C11 CLA XB . 13.38 -12.62 7.89
C12 CLA XB . 14.89 -12.63 7.82
C13 CLA XB . 15.55 -13.27 9.05
C14 CLA XB . 14.79 -12.95 10.32
C15 CLA XB . 17.01 -12.86 9.20
C16 CLA XB . 17.68 -13.65 10.30
C17 CLA XB . 19.15 -13.31 10.43
C18 CLA XB . 19.42 -12.33 11.57
C19 CLA XB . 20.67 -11.52 11.32
C20 CLA XB . 19.54 -13.06 12.90
C01 8CT YB . 9.02 22.55 53.52
C02 8CT YB . 9.88 23.68 54.18
C03 8CT YB . 9.16 24.83 55.01
C04 8CT YB . 9.90 26.08 55.18
C05 8CT YB . 11.54 25.85 55.23
C06 8CT YB . 11.88 24.57 55.55
C07 8CT YB . 11.28 23.45 54.46
C08 8CT YB . 9.45 26.73 56.48
C09 8CT YB . 9.57 27.02 54.02
C10 8CT YB . 7.61 24.82 55.15
C11 8CT YB . 6.84 24.97 54.06
C12 8CT YB . 5.31 24.96 54.19
C13 8CT YB . 4.71 24.06 55.03
C14 8CT YB . 3.17 24.06 55.16
C15 8CT YB . 2.46 22.89 55.01
C16 8CT YB . 0.88 22.91 55.14
C17 8CT YB . 0.23 21.93 55.82
C18 8CT YB . -1.30 21.99 55.94
C19 8CT YB . -1.91 21.54 57.06
C20 8CT YB . -3.48 21.61 57.18
C21 8CT YB . -4.13 20.84 58.09
C22 8CT YB . -3.34 19.89 59.01
C23 8CT YB . -5.69 20.93 58.18
C24 8CT YB . -6.45 19.77 58.24
C25 8CT YB . -8.01 19.86 58.33
C26 8CT YB . -8.66 19.68 59.54
C27 8CT YB . -7.86 19.39 60.82
C28 8CT YB . -10.24 19.79 59.59
C29 8CT YB . -10.92 19.80 60.81
C30 8CT YB . -12.45 19.90 60.83
C31 8CT YB . -12.96 19.47 62.12
C32 8CT YB . -14.43 19.93 62.50
C33 8CT YB . -14.79 21.27 62.11
C34 8CT YB . -13.51 22.09 61.50
C35 8CT YB . -12.91 21.44 60.45
C36 8CT YB . -11.68 22.22 60.01
C37 8CT YB . -13.93 21.39 59.26
C38 8CT YB . -11.96 19.13 63.23
C39 8CT YB . 0.08 24.06 54.50
C40 8CT YB . 4.47 25.95 53.39
MG CLA ZB . -10.63 3.80 -4.38
CHA CLA ZB . -10.38 0.80 -6.05
CHB CLA ZB . -7.26 4.01 -4.26
CHC CLA ZB . -10.92 7.00 -3.20
CHD CLA ZB . -14.11 3.56 -4.60
NA CLA ZB . -9.09 2.56 -4.99
C1A CLA ZB . -9.19 1.37 -5.72
C2A CLA ZB . -7.82 0.81 -5.98
C3A CLA ZB . -6.90 1.67 -5.11
C4A CLA ZB . -7.80 2.85 -4.77
CMA CLA ZB . -6.46 0.94 -3.88
CAA CLA ZB . -7.53 1.10 -7.44
CBA CLA ZB . -6.14 0.68 -7.85
CGA CLA ZB . -5.16 1.77 -7.56
O1A CLA ZB . -5.10 2.89 -8.04
O2A CLA ZB . -4.28 1.41 -6.58
NB CLA ZB . -9.34 5.24 -3.87
C1B CLA ZB . -7.99 5.13 -3.89
C2B CLA ZB . -7.38 6.38 -3.42
C3B CLA ZB . -8.40 7.24 -3.12
C4B CLA ZB . -9.67 6.52 -3.39
CMB CLA ZB . -5.94 6.55 -3.30
CAB CLA ZB . -8.36 8.57 -2.61
CBB CLA ZB . -7.54 9.53 -3.04
NC CLA ZB . -12.23 5.01 -3.87
C1C CLA ZB . -12.13 6.28 -3.38
C2C CLA ZB . -13.46 6.82 -3.18
C3C CLA ZB . -14.35 5.87 -3.62
C4C CLA ZB . -13.58 4.74 -4.07
CMC CLA ZB . -13.75 8.13 -2.62
CAC CLA ZB . -15.79 5.95 -3.62
CBC CLA ZB . -16.43 5.11 -2.56
ND CLA ZB . -11.98 2.40 -4.90
C1D CLA ZB . -13.38 2.48 -5.01
C2D CLA ZB . -13.88 1.23 -5.59
C3D CLA ZB . -12.77 0.55 -6.01
C4D CLA ZB . -11.61 1.35 -5.60
CMD CLA ZB . -15.29 0.91 -5.72
CAD CLA ZB . -12.26 -0.67 -6.60
OBD CLA ZB . -12.85 -1.70 -6.89
CBD CLA ZB . -10.74 -0.43 -6.83
CGD CLA ZB . -9.96 -1.65 -6.44
O1D CLA ZB . -10.28 -2.49 -5.62
O2D CLA ZB . -8.78 -1.82 -7.08
CED CLA ZB . -8.21 -3.12 -7.05
C1 CLA ZB . -3.31 2.40 -6.17
C2 CLA ZB . -3.11 2.22 -4.72
C3 CLA ZB . -2.59 3.20 -3.98
C4 CLA ZB . -2.19 4.49 -4.59
C5 CLA ZB . -2.37 3.05 -2.51
C6 CLA ZB . -1.29 3.97 -2.01
C7 CLA ZB . -0.77 3.50 -0.67
C8 CLA ZB . 0.74 3.26 -0.68
C9 CLA ZB . 1.23 2.84 -2.04
C10 CLA ZB . 1.08 2.19 0.33
C11 CLA ZB . 0.98 2.74 1.73
C12 CLA ZB . 1.84 3.96 1.88
C13 CLA ZB . 2.60 3.88 3.18
C14 CLA ZB . 3.60 2.75 3.18
C15 CLA ZB . 1.64 3.68 4.33
C16 CLA ZB . 2.34 3.87 5.65
C17 CLA ZB . 1.35 3.82 6.78
C18 CLA ZB . 2.03 3.77 8.14
C19 CLA ZB . 3.35 3.04 8.07
C20 CLA ZB . 1.11 3.08 9.11
FE1 SF4 AC . -24.20 -2.58 5.96
FE2 SF4 AC . -27.13 -1.54 5.42
FE3 SF4 AC . -26.24 -2.24 8.23
FE4 SF4 AC . -26.60 -4.50 6.16
S1 SF4 AC . -27.86 -2.91 6.93
S2 SF4 AC . -25.00 -3.88 7.51
S3 SF4 AC . -25.86 -3.12 4.64
S4 SF4 AC . -25.44 -0.93 6.68
MG CLA BC . -7.73 11.83 -5.39
CHA CLA BC . -6.65 14.69 -3.79
CHB CLA BC . -4.56 11.17 -6.30
CHC CLA BC . -8.80 8.84 -6.64
CHD CLA BC . -11.02 12.54 -4.35
NA CLA BC . -5.94 12.84 -5.15
C1A CLA BC . -5.67 14.00 -4.44
C2A CLA BC . -4.21 14.38 -4.54
C3A CLA BC . -3.67 13.40 -5.59
C4A CLA BC . -4.78 12.38 -5.70
CMA CLA BC . -3.49 14.10 -6.90
CAA CLA BC . -3.51 14.24 -3.20
CBA CLA BC . -2.14 14.86 -3.23
CGA CLA BC . -1.15 13.74 -3.32
O1A CLA BC . -1.39 12.53 -3.26
O2A CLA BC . 0.16 14.13 -3.47
NB CLA BC . -6.86 10.33 -6.36
C1B CLA BC . -5.52 10.17 -6.46
C2B CLA BC . -5.21 8.76 -6.80
C3B CLA BC . -6.39 8.11 -6.90
C4B CLA BC . -7.47 9.10 -6.65
CMB CLA BC . -3.84 8.27 -6.98
CAB CLA BC . -6.68 6.75 -7.22
CBB CLA BC . -5.98 5.68 -6.85
NC CLA BC . -9.60 10.92 -5.54
C1C CLA BC . -9.80 9.71 -6.13
C2C CLA BC . -11.21 9.36 -6.10
C3C CLA BC . -11.85 10.38 -5.41
C4C CLA BC . -10.82 11.37 -5.07
CMC CLA BC . -11.77 8.13 -6.63
CAC CLA BC . -13.29 10.49 -5.13
CBC CLA BC . -13.94 11.71 -5.73
ND CLA BC . -8.69 13.30 -4.42
C1D CLA BC . -10.03 13.44 -4.02
C2D CLA BC . -10.17 14.67 -3.23
C3D CLA BC . -8.90 15.19 -3.10
C4D CLA BC . -8.02 14.29 -3.85
CMD CLA BC . -11.45 15.12 -2.70
CAD CLA BC . -8.07 16.25 -2.58
OBD CLA BC . -8.39 17.26 -1.99
CBD CLA BC . -6.60 15.91 -2.92
CGD CLA BC . -5.86 17.05 -3.56
O1D CLA BC . -4.66 17.12 -3.78
O2D CLA BC . -6.60 18.12 -3.89
CED CLA BC . -5.84 19.25 -4.30
C1 CLA BC . 1.09 13.03 -3.41
C2 CLA BC . 2.45 13.42 -2.94
C3 CLA BC . 2.70 14.07 -1.81
C4 CLA BC . 1.62 14.50 -0.93
C5 CLA BC . 4.08 14.42 -1.37
C6 CLA BC . 4.70 13.31 -0.55
C7 CLA BC . 4.22 13.29 0.89
C8 CLA BC . 4.68 12.08 1.69
C9 CLA BC . 5.50 12.54 2.87
C10 CLA BC . 5.50 11.11 0.86
C11 CLA BC . 6.29 10.17 1.75
C12 CLA BC . 5.58 8.84 1.92
C13 CLA BC . 5.94 8.19 3.24
C14 CLA BC . 6.96 7.10 3.03
C15 CLA BC . 4.70 7.63 3.92
C16 CLA BC . 4.57 8.23 5.30
C17 CLA BC . 4.83 7.21 6.38
C18 CLA BC . 5.30 7.87 7.65
C19 CLA BC . 6.63 7.30 8.10
C20 CLA BC . 4.28 7.69 8.74
C01 8CT CC . -5.31 -6.52 -0.09
C02 8CT CC . -6.41 -5.78 -0.89
C03 8CT CC . -6.14 -4.30 -1.38
C04 8CT CC . -7.17 -3.61 -2.14
C05 8CT CC . -8.70 -4.07 -1.75
C06 8CT CC . -8.86 -5.43 -1.75
C07 8CT CC . -7.80 -6.19 -0.72
C08 8CT CC . -7.02 -2.11 -1.89
C09 8CT CC . -6.94 -3.89 -3.62
C10 8CT CC . -4.69 -3.87 -1.68
C11 8CT CC . -3.93 -3.35 -0.72
C12 8CT CC . -2.51 -2.94 -1.13
C13 8CT CC . -1.42 -3.67 -0.81
C14 8CT CC . -0.07 -3.15 -1.32
C15 8CT CC . 1.03 -3.08 -0.51
C16 8CT CC . 2.37 -2.53 -1.13
C17 8CT CC . 3.44 -3.36 -1.24
C18 8CT CC . 4.75 -2.86 -1.81
C19 8CT CC . 5.54 -3.66 -2.58
C20 8CT CC . 6.87 -3.03 -3.11
C21 8CT CC . 7.95 -3.79 -3.40
C22 8CT CC . 7.93 -5.31 -3.26
C23 8CT CC . 9.26 -3.08 -3.91
C24 8CT CC . 9.62 -3.06 -5.24
C25 8CT CC . 10.94 -2.31 -5.53
C26 8CT CC . 12.05 -3.02 -5.93
C27 8CT CC . 11.98 -4.55 -6.07
C28 8CT CC . 13.38 -2.21 -6.19
C29 8CT CC . 13.59 -1.46 -7.35
C30 8CT CC . 14.91 -0.70 -7.46
C31 8CT CC . 15.87 -1.30 -6.57
C32 8CT CC . 16.74 -2.49 -7.19
C33 8CT CC . 17.36 -2.22 -8.45
C34 8CT CC . 16.75 -0.89 -9.21
C35 8CT CC . 15.43 -0.63 -9.01
C36 8CT CC . 14.63 -1.65 -9.81
C37 8CT CC . 15.12 0.79 -9.55
C38 8CT CC . 16.36 -0.51 -5.37
C39 8CT CC . 2.47 -1.08 -1.60
C40 8CT CC . -2.34 -1.66 -1.95
MG CLA DC . -12.16 23.50 -3.11
CHA CLA DC . -12.68 22.09 -6.19
CHB CLA DC . -13.74 20.89 -1.68
CHC CLA DC . -11.08 24.61 -0.06
CHD CLA DC . -10.38 26.09 -4.65
NA CLA DC . -13.18 21.86 -3.84
C1A CLA DC . -13.25 21.42 -5.16
C2A CLA DC . -14.09 20.14 -5.26
C3A CLA DC . -14.72 20.05 -3.86
C4A CLA DC . -13.84 20.98 -3.05
CMA CLA DC . -16.12 20.56 -3.92
CAA CLA DC . -13.20 18.95 -5.51
CBA CLA DC . -14.04 17.69 -5.44
CGA CLA DC . -13.33 16.55 -6.06
O1A CLA DC . -13.71 15.37 -6.18
O2A CLA DC . -12.10 16.85 -6.55
NB CLA DC . -12.41 22.89 -1.22
C1B CLA DC . -12.97 21.71 -0.87
C2B CLA DC . -12.64 21.41 0.55
C3B CLA DC . -11.89 22.47 1.02
C4B CLA DC . -11.76 23.43 -0.10
CMB CLA DC . -13.09 20.22 1.24
CAB CLA DC . -11.35 22.72 2.31
CBB CLA DC . -11.64 23.77 3.06
NC CLA DC . -11.07 25.15 -2.47
C1C CLA DC . -10.79 25.44 -1.18
C2C CLA DC . -10.01 26.65 -1.10
C3C CLA DC . -9.74 27.03 -2.40
C4C CLA DC . -10.42 26.09 -3.26
CMC CLA DC . -9.55 27.27 0.14
CAC CLA DC . -8.98 28.19 -2.86
CBC CLA DC . -9.87 29.23 -3.47
ND CLA DC . -11.87 24.18 -4.98
C1D CLA DC . -11.03 25.20 -5.46
C2D CLA DC . -10.96 25.12 -6.92
C3D CLA DC . -11.55 23.93 -7.25
C4D CLA DC . -12.07 23.37 -6.00
CMD CLA DC . -10.27 26.08 -7.76
CAD CLA DC . -11.96 23.05 -8.32
OBD CLA DC . -11.90 23.19 -9.53
CBD CLA DC . -12.50 21.75 -7.65
CGD CLA DC . -13.68 21.17 -8.33
O1D CLA DC . -14.82 21.05 -7.89
O2D CLA DC . -13.42 20.71 -9.56
CED CLA DC . -13.87 19.40 -9.85
C1 CLA DC . -11.42 15.77 -7.21
C2 CLA DC . -10.10 16.33 -7.57
C3 CLA DC . -9.07 15.56 -7.94
C4 CLA DC . -9.12 14.09 -8.01
C5 CLA DC . -7.78 16.20 -8.30
C6 CLA DC . -7.60 17.49 -7.52
C7 CLA DC . -6.50 18.34 -8.12
C8 CLA DC . -5.43 17.51 -8.83
C9 CLA DC . -4.10 17.72 -8.16
C10 CLA DC . -5.38 17.87 -10.30
C11 CLA DC . -5.22 16.65 -11.19
C12 CLA DC . -3.76 16.41 -11.51
C13 CLA DC . -3.50 15.00 -12.02
C14 CLA DC . -4.35 14.68 -13.23
C15 CLA DC . -3.74 13.98 -10.93
C16 CLA DC . -2.83 12.81 -11.16
C17 CLA DC . -3.39 11.57 -10.50
C18 CLA DC . -2.26 10.64 -10.11
C19 CLA DC . -2.72 9.20 -10.26
C20 CLA DC . -1.90 10.88 -8.67
MG CLA EC . -25.10 17.43 9.16
CHA CLA EC . -27.18 17.45 11.90
CHB CLA EC . -26.59 20.23 7.99
CHC CLA EC . -22.73 17.61 6.72
CHD CLA EC . -23.66 14.45 10.33
NA CLA EC . -26.69 18.58 9.82
C1A CLA EC . -27.41 18.45 11.00
C2A CLA EC . -28.51 19.51 11.07
C3A CLA EC . -28.42 20.20 9.69
C4A CLA EC . -27.14 19.65 9.10
CMA CLA EC . -29.57 19.86 8.79
CAA CLA EC . -28.31 20.49 12.19
CBA CLA EC . -29.48 21.44 12.26
CGA CLA EC . -29.21 22.59 11.35
O1A CLA EC . -28.21 23.29 11.30
O2A CLA EC . -30.22 22.87 10.48
NB CLA EC . -24.71 18.68 7.64
C1B CLA EC . -25.42 19.80 7.36
C2B CLA EC . -24.77 20.54 6.25
C3B CLA EC . -23.67 19.80 5.89
C4B CLA EC . -23.63 18.60 6.76
CMB CLA EC . -25.29 21.78 5.70
CAB CLA EC . -22.70 20.01 4.86
CBB CLA EC . -22.17 21.19 4.59
NC CLA EC . -23.52 16.19 8.60
C1C CLA EC . -22.70 16.46 7.56
C2C CLA EC . -21.71 15.42 7.47
C3C CLA EC . -21.95 14.50 8.47
C4C CLA EC . -23.11 15.01 9.19
CMC CLA EC . -20.68 15.41 6.45
CAC CLA EC . -21.20 13.26 8.71
CBC CLA EC . -20.75 13.01 10.12
ND CLA EC . -25.44 16.11 10.62
C1D CLA EC . -24.72 14.97 11.02
C2D CLA EC . -25.28 14.46 12.26
C3D CLA EC . -26.20 15.39 12.67
C4D CLA EC . -26.25 16.41 11.62
CMD CLA EC . -24.83 13.24 12.90
CAD CLA EC . -27.21 15.74 13.64
OBD CLA EC . -27.63 15.08 14.58
CBD CLA EC . -27.75 17.14 13.26
CGD CLA EC . -29.24 17.18 13.33
O1D CLA EC . -30.06 17.05 12.42
O2D CLA EC . -29.70 17.40 14.58
CED CLA EC . -29.98 18.75 14.90
C1 CLA EC . -30.26 24.24 10.04
C2 CLA EC . -29.97 24.26 8.58
C3 CLA EC . -28.83 24.75 8.07
C4 CLA EC . -27.75 25.29 8.92
C5 CLA EC . -28.60 24.76 6.60
C6 CLA EC . -28.46 26.17 6.05
C7 CLA EC . -29.43 26.40 4.90
C8 CLA EC . -30.14 27.76 4.92
C9 CLA EC . -29.88 28.51 6.21
C10 CLA EC . -31.64 27.58 4.73
C11 CLA EC . -32.06 27.72 3.29
C12 CLA EC . -33.24 28.65 3.15
C13 CLA EC . -34.30 28.10 2.19
C14 CLA EC . -34.96 26.87 2.78
C15 CLA EC . -33.71 27.82 0.82
C16 CLA EC . -34.46 26.73 0.10
C17 CLA EC . -35.53 27.29 -0.81
C18 CLA EC . -35.62 26.49 -2.10
C19 CLA EC . -36.36 27.26 -3.17
C20 CLA EC . -36.30 25.16 -1.87
MG CLA FC . -42.85 11.57 -15.72
CHA CLA FC . -45.57 9.59 -14.90
CHB CLA FC . -43.31 10.83 -18.98
CHC CLA FC . -40.21 13.60 -16.51
CHD CLA FC . -42.41 12.30 -12.30
NA CLA FC . -44.22 10.40 -16.74
C1A CLA FC . -45.26 9.65 -16.22
C2A CLA FC . -46.01 8.96 -17.33
C3A CLA FC . -45.15 9.24 -18.57
C4A CLA FC . -44.16 10.24 -18.08
CMA CLA FC . -44.36 8.03 -18.94
CAA CLA FC . -47.36 9.63 -17.45
CBA CLA FC . -47.25 11.11 -17.78
CGA CLA FC . -47.42 11.94 -16.55
O1A CLA FC . -46.58 12.22 -15.69
O2A CLA FC . -48.68 12.43 -16.39
NB CLA FC . -41.95 12.13 -17.42
C1B CLA FC . -42.31 11.74 -18.66
C2B CLA FC . -41.47 12.40 -19.67
C3B CLA FC . -40.59 13.20 -18.98
C4B CLA FC . -40.86 13.01 -17.54
CMB CLA FC . -41.64 12.16 -21.09
CAB CLA FC . -39.54 14.03 -19.47
CBB CLA FC . -38.74 13.72 -20.49
NC CLA FC . -41.54 12.72 -14.60
C1C CLA FC . -40.53 13.46 -15.13
C2C CLA FC . -39.81 14.14 -14.07
C3C CLA FC . -40.43 13.79 -12.87
C4C CLA FC . -41.52 12.89 -13.22
CMC CLA FC . -38.67 15.02 -14.27
CAC CLA FC . -40.06 14.24 -11.53
CBC CLA FC . -38.78 13.60 -11.03
ND CLA FC . -43.71 11.07 -13.97
C1D CLA FC . -43.44 11.45 -12.64
C2D CLA FC . -44.43 10.81 -11.76
C3D CLA FC . -45.27 10.09 -12.57
C4D CLA FC . -44.79 10.29 -13.94
CMD CLA FC . -44.48 10.96 -10.32
CAD CLA FC . -46.45 9.26 -12.63
OBD CLA FC . -47.20 8.88 -11.75
CBD CLA FC . -46.64 8.87 -14.13
CGD CLA FC . -46.58 7.38 -14.26
O1D CLA FC . -46.72 6.56 -13.35
O2D CLA FC . -46.35 6.91 -15.51
CED CLA FC . -47.33 6.02 -16.05
MG CLA GC . -35.91 5.61 -23.75
CHA CLA GC . -33.76 5.73 -26.42
CHB CLA GC . -36.07 8.99 -23.72
CHC CLA GC . -37.95 5.42 -21.03
CHD CLA GC . -35.67 2.08 -23.81
NA CLA GC . -35.05 7.11 -24.91
C1A CLA GC . -34.19 6.95 -25.99
C2A CLA GC . -33.79 8.30 -26.58
C3A CLA GC . -34.51 9.30 -25.66
C4A CLA GC . -35.28 8.42 -24.70
CMA CLA GC . -33.50 10.14 -24.93
CAA CLA GC . -34.30 8.41 -27.99
CBA CLA GC . -34.87 9.78 -28.28
CGA CLA GC . -33.77 10.76 -28.52
O1A CLA GC . -33.85 11.98 -28.67
O2A CLA GC . -32.54 10.20 -28.58
NB CLA GC . -36.82 6.96 -22.58
C1B CLA GC . -36.81 8.29 -22.76
C2B CLA GC . -37.73 8.93 -21.79
C3B CLA GC . -38.27 7.93 -21.03
C4B CLA GC . -37.70 6.65 -21.53
CMB CLA GC . -37.94 10.37 -21.72
CAB CLA GC . -39.21 7.99 -19.95
CBB CLA GC . -40.34 7.30 -19.87
NC CLA GC . -36.65 4.04 -22.63
C1C CLA GC . -37.45 4.18 -21.54
C2C CLA GC . -37.73 2.88 -20.95
C3C CLA GC . -37.12 1.94 -21.76
C4C CLA GC . -36.44 2.67 -22.81
CMC CLA GC . -38.52 2.64 -19.76
CAC CLA GC . -37.10 0.49 -21.56
CBC CLA GC . -35.79 0.06 -20.98
ND CLA GC . -35.00 4.19 -24.84
C1D CLA GC . -35.00 2.78 -24.79
C2D CLA GC . -34.13 2.24 -25.83
C3D CLA GC . -33.59 3.34 -26.45
C4D CLA GC . -34.17 4.52 -25.82
CMD CLA GC . -33.90 0.82 -26.06
CAD CLA GC . -32.68 3.80 -27.48
OBD CLA GC . -31.92 3.16 -28.18
CBD CLA GC . -32.81 5.35 -27.51
CGD CLA GC . -31.48 6.01 -27.26
O1D CLA GC . -31.00 6.97 -27.85
O2D CLA GC . -30.77 5.46 -26.26
CED CLA GC . -29.61 6.19 -25.89
C1 CLA GC . -31.47 11.07 -29.01
C2 CLA GC . -30.75 10.32 -30.06
C3 CLA GC . -29.44 10.01 -30.00
C4 CLA GC . -28.58 10.37 -28.86
C5 CLA GC . -28.80 9.25 -31.09
C6 CLA GC . -29.81 8.51 -31.92
C7 CLA GC . -30.12 7.16 -31.33
C8 CLA GC . -30.92 6.33 -32.30
C9 CLA GC . -30.36 6.45 -33.70
C10 CLA GC . -32.37 6.76 -32.31
C11 CLA GC . -33.24 5.55 -32.45
C12 CLA GC . -33.85 5.20 -31.10
C13 CLA GC . -34.23 3.74 -31.01
C14 CLA GC . -34.36 3.13 -32.38
C15 CLA GC . -35.54 3.60 -30.27
C16 CLA GC . -35.72 2.16 -29.85
C17 CLA GC . -36.70 2.00 -28.71
C18 CLA GC . -37.98 1.30 -29.13
C19 CLA GC . -38.97 1.33 -28.00
C20 CLA GC . -37.70 -0.13 -29.48
MG CLA HC . -32.67 13.78 -21.82
CHA CLA HC . -34.90 13.02 -19.31
CHB CLA HC . -31.40 10.66 -21.61
CHC CLA HC . -30.58 14.57 -24.39
CHD CLA HC . -33.97 17.06 -21.87
NA CLA HC . -33.11 12.12 -20.63
C1A CLA HC . -34.08 12.00 -19.65
C2A CLA HC . -34.03 10.63 -19.02
C3A CLA HC . -32.79 10.00 -19.64
C4A CLA HC . -32.40 10.97 -20.73
CMA CLA HC . -31.67 9.97 -18.63
CAA CLA HC . -35.25 9.83 -19.41
CBA CLA HC . -34.92 8.36 -19.35
CGA CLA HC . -35.28 7.78 -18.02
O1A CLA HC . -35.89 6.75 -17.78
O2A CLA HC . -34.84 8.51 -16.96
NB CLA HC . -31.26 12.79 -22.81
C1B CLA HC . -30.94 11.50 -22.63
C2B CLA HC . -29.97 11.08 -23.66
C3B CLA HC . -29.73 12.16 -24.46
C4B CLA HC . -30.55 13.28 -23.92
CMB CLA HC . -29.42 9.73 -23.72
CAB CLA HC . -28.85 12.29 -25.58
CBB CLA HC . -29.17 12.90 -26.72
NC CLA HC . -32.32 15.51 -22.90
C1C CLA HC . -31.39 15.61 -23.89
C2C CLA HC . -31.37 16.97 -24.40
C3C CLA HC . -32.36 17.66 -23.72
C4C CLA HC . -32.95 16.74 -22.78
CMC CLA HC . -30.47 17.45 -25.44
CAC CLA HC . -32.72 19.07 -23.84
CBC CLA HC . -32.17 19.85 -22.68
ND CLA HC . -34.07 14.85 -20.84
C1D CLA HC . -34.50 16.18 -20.97
C2D CLA HC . -35.57 16.44 -19.99
C3D CLA HC . -35.77 15.25 -19.33
C4D CLA HC . -34.81 14.30 -19.90
CMD CLA HC . -36.23 17.71 -19.81
CAD CLA HC . -36.49 14.56 -18.30
OBD CLA HC . -37.35 14.99 -17.54
CBD CLA HC . -35.98 13.09 -18.27
CGD CLA HC . -35.42 12.71 -16.95
O1D CLA HC . -34.35 13.05 -16.47
O2D CLA HC . -36.21 11.89 -16.23
CED CLA HC . -35.98 11.89 -14.82
C1 CLA HC . -34.50 7.74 -15.79
C2 CLA HC . -33.68 8.59 -14.90
C3 CLA HC . -32.35 8.58 -14.95
C4 CLA HC . -31.62 7.72 -15.87
C5 CLA HC . -31.54 9.44 -14.05
C6 CLA HC . -31.31 10.82 -14.62
C7 CLA HC . -29.95 10.92 -15.27
C8 CLA HC . -29.10 12.01 -14.63
C9 CLA HC . -29.93 13.25 -14.40
C10 CLA HC . -27.87 12.38 -15.47
C11 CLA HC . -27.81 11.62 -16.78
C12 CLA HC . -27.21 12.46 -17.89
C13 CLA HC . -28.12 12.42 -19.11
C14 CLA HC . -27.50 11.54 -20.18
C15 CLA HC . -28.39 13.82 -19.65
C16 CLA HC . -29.82 14.24 -19.40
C17 CLA HC . -30.01 15.72 -19.55
C18 CLA HC . -30.58 16.35 -18.28
C19 CLA HC . -31.34 15.37 -17.43
C20 CLA HC . -31.48 17.51 -18.63
MG CLA IC . -38.16 31.32 -21.92
CHA CLA IC . -38.17 34.14 -19.93
CHB CLA IC . -35.81 29.94 -19.91
CHC CLA IC . -38.15 28.54 -23.93
CHD CLA IC . -40.53 32.84 -24.02
NA CLA IC . -37.18 31.96 -20.19
C1A CLA IC . -37.32 33.17 -19.52
C2A CLA IC . -36.42 33.22 -18.31
C3A CLA IC . -35.59 31.93 -18.43
C4A CLA IC . -36.24 31.19 -19.58
CMA CLA IC . -34.16 32.24 -18.76
CAA CLA IC . -37.24 33.19 -17.04
CBA CLA IC . -38.16 31.99 -16.98
CGA CLA IC . -39.49 32.37 -17.55
O1A CLA IC . -40.16 33.39 -17.35
O2A CLA IC . -39.98 31.45 -18.42
NB CLA IC . -37.12 29.61 -21.97
C1B CLA IC . -36.32 29.18 -20.98
C2B CLA IC . -36.01 27.73 -21.16
C3B CLA IC . -36.66 27.34 -22.28
C4B CLA IC . -37.38 28.52 -22.82
CMB CLA IC . -35.17 26.97 -20.25
CAB CLA IC . -36.73 26.06 -22.90
CBB CLA IC . -37.13 24.96 -22.25
NC CLA IC . -39.17 30.79 -23.66
C1C CLA IC . -39.00 29.62 -24.31
C2C CLA IC . -39.84 29.60 -25.50
C3C CLA IC . -40.52 30.80 -25.51
C4C CLA IC . -40.09 31.55 -24.35
CMC CLA IC . -39.92 28.48 -26.44
CAC CLA IC . -41.49 31.25 -26.51
CBC CLA IC . -42.87 31.41 -25.92
ND CLA IC . -39.22 33.02 -21.97
C1D CLA IC . -40.14 33.55 -22.91
C2D CLA IC . -40.53 34.90 -22.49
C3D CLA IC . -39.82 35.16 -21.34
C4D CLA IC . -39.00 33.98 -21.08
CMD CLA IC . -41.47 35.74 -23.20
CAD CLA IC . -39.53 36.14 -20.32
OBD CLA IC . -39.98 37.26 -20.16
CBD CLA IC . -38.45 35.52 -19.40
CGD CLA IC . -37.23 36.36 -19.48
O1D CLA IC . -36.39 36.35 -20.38
O2D CLA IC . -37.06 37.21 -18.45
CED CLA IC . -35.72 37.43 -18.01
C1 CLA IC . -41.35 31.66 -18.81
C2 CLA IC . -41.50 31.05 -20.14
C3 CLA IC . -42.70 30.68 -20.63
C4 CLA IC . -43.93 30.88 -19.84
C5 CLA IC . -42.83 30.07 -21.98
C6 CLA IC . -43.29 28.64 -21.90
C7 CLA IC . -42.22 27.78 -21.27
C8 CLA IC . -41.17 27.32 -22.28
C9 CLA IC . -41.83 26.77 -23.51
C10 CLA IC . -40.28 26.26 -21.67
C11 CLA IC . -41.07 25.05 -21.24
C12 CLA IC . -40.18 23.84 -21.05
C13 CLA IC . -40.46 23.18 -19.70
C14 CLA IC . -39.66 21.90 -19.54
C15 CLA IC . -41.95 22.89 -19.55
C16 CLA IC . -42.24 22.17 -18.25
C17 CLA IC . -43.18 22.94 -17.36
C18 CLA IC . -43.52 22.14 -16.12
C19 CLA IC . -44.02 20.76 -16.51
C20 CLA IC . -42.31 22.01 -15.23
MG CLA JC . -29.32 30.51 -18.02
CHA CLA JC . -28.17 29.83 -21.20
CHB CLA JC . -32.34 29.23 -18.84
CHC CLA JC . -30.35 31.03 -14.81
CHD CLA JC . -26.10 31.68 -17.17
NA CLA JC . -30.12 29.73 -19.77
C1A CLA JC . -29.48 29.52 -20.97
C2A CLA JC . -30.42 28.87 -21.98
C3A CLA JC . -31.76 28.83 -21.25
C4A CLA JC . -31.40 29.29 -19.84
CMA CLA JC . -32.74 29.77 -21.90
CAA CLA JC . -29.97 27.44 -22.18
CBA CLA JC . -30.09 26.60 -20.92
CGA CLA JC . -28.87 26.79 -20.05
O1A CLA JC . -27.71 26.87 -20.40
O2A CLA JC . -29.14 26.89 -18.71
NB CLA JC . -31.01 30.17 -17.00
C1B CLA JC . -32.14 29.64 -17.52
C2B CLA JC . -33.18 29.57 -16.48
C3B CLA JC . -32.65 30.07 -15.33
C4B CLA JC . -31.26 30.50 -15.66
CMB CLA JC . -34.52 29.04 -16.72
CAB CLA JC . -33.27 30.25 -14.06
CBB CLA JC . -32.73 30.08 -12.86
NC CLA JC . -28.41 31.28 -16.32
C1C CLA JC . -29.02 31.40 -15.12
C2C CLA JC . -28.09 31.94 -14.16
C3C CLA JC . -26.89 32.12 -14.82
C4C CLA JC . -27.08 31.69 -16.18
CMC CLA JC . -28.40 32.20 -12.76
CAC CLA JC . -25.64 32.63 -14.26
CBC CLA JC . -24.77 31.48 -13.83
ND CLA JC . -27.58 30.90 -18.95
C1D CLA JC . -26.31 31.30 -18.47
C2D CLA JC . -25.33 31.26 -19.57
C3D CLA JC . -26.01 30.75 -20.66
C4D CLA JC . -27.39 30.49 -20.20
CMD CLA JC . -23.95 31.70 -19.48
CAD CLA JC . -25.96 30.40 -22.05
OBD CLA JC . -25.10 30.66 -22.87
CBD CLA JC . -27.27 29.64 -22.38
CGD CLA JC . -27.89 30.10 -23.66
O1D CLA JC . -28.04 29.46 -24.69
O2D CLA JC . -28.32 31.38 -23.64
CED CLA JC . -28.95 31.85 -24.82
C1 CLA JC . -27.99 27.11 -17.89
C2 CLA JC . -28.45 27.47 -16.53
C3 CLA JC . -27.58 27.87 -15.59
C4 CLA JC . -26.14 27.99 -15.86
C5 CLA JC . -28.01 28.24 -14.21
C6 CLA JC . -28.58 27.08 -13.44
C7 CLA JC . -30.09 27.08 -13.54
C8 CLA JC . -30.72 25.92 -12.77
C9 CLA JC . -29.76 25.38 -11.75
C10 CLA JC . -31.15 24.83 -13.73
C11 CLA JC . -32.17 25.35 -14.70
C12 CLA JC . -31.71 25.15 -16.14
C13 CLA JC . -32.90 24.96 -17.06
C14 CLA JC . -33.83 23.91 -16.47
C15 CLA JC . -32.45 24.63 -18.47
C16 CLA JC . -32.86 23.26 -18.94
C17 CLA JC . -33.93 23.29 -20.01
C18 CLA JC . -34.62 21.93 -20.10
C19 CLA JC . -35.74 21.96 -21.12
C20 CLA JC . -35.15 21.51 -18.76
MG CLA KC . -30.93 35.10 -8.88
CHA CLA KC . -32.22 34.65 -12.04
CHB CLA KC . -33.98 34.42 -7.57
CHC CLA KC . -29.57 35.40 -5.77
CHD CLA KC . -27.81 35.94 -10.31
NA CLA KC . -32.79 34.63 -9.71
C1A CLA KC . -33.12 34.48 -11.05
C2A CLA KC . -34.59 34.14 -11.22
C3A CLA KC . -35.14 34.28 -9.79
C4A CLA KC . -33.90 34.43 -8.95
CMA CLA KC . -35.97 35.53 -9.66
CAA CLA KC . -34.81 32.75 -11.72
CBA CLA KC . -36.22 32.33 -11.39
CGA CLA KC . -36.62 31.20 -12.27
O1A CLA KC . -36.58 31.13 -13.50
O2A CLA KC . -37.08 30.13 -11.56
NB CLA KC . -31.65 34.98 -7.02
C1B CLA KC . -32.90 34.60 -6.70
C2B CLA KC . -33.00 34.42 -5.24
C3B CLA KC . -31.77 34.69 -4.72
C4B CLA KC . -30.88 35.07 -5.85
CMB CLA KC . -34.24 34.03 -4.61
CAB CLA KC . -31.32 34.68 -3.36
CBB CLA KC . -32.00 35.21 -2.34
NC CLA KC . -29.04 35.60 -8.18
C1C CLA KC . -28.70 35.66 -6.86
C2C CLA KC . -27.29 35.98 -6.73
C3C CLA KC . -26.79 36.16 -8.01
C4C CLA KC . -27.91 35.92 -8.92
CMC CLA KC . -26.56 36.08 -5.47
CAC CLA KC . -25.42 36.47 -8.39
CBC CLA KC . -25.16 37.94 -8.58
ND CLA KC . -30.13 35.26 -10.72
C1D CLA KC . -28.85 35.64 -11.16
C2D CLA KC . -28.83 35.60 -12.63
C3D CLA KC . -30.08 35.18 -13.02
C4D CLA KC . -30.86 35.03 -11.79
CMD CLA KC . -27.64 35.88 -13.41
CAD CLA KC . -30.95 34.88 -14.12
OBD CLA KC . -30.72 34.84 -15.31
CBD CLA KC . -32.35 34.57 -13.53
CGD CLA KC . -33.32 35.57 -14.04
O1D CLA KC . -33.66 36.63 -13.53
O2D CLA KC . -33.86 35.22 -15.23
CED CLA KC . -34.17 33.84 -15.41
C1 CLA KC . -36.86 28.83 -12.13
C2 CLA KC . -35.75 28.20 -11.40
C3 CLA KC . -35.22 27.03 -11.78
C4 CLA KC . -35.71 26.31 -12.98
C5 CLA KC . -34.11 26.39 -11.04
C6 CLA KC . -34.59 25.78 -9.74
C7 CLA KC . -34.79 24.29 -9.89
C8 CLA KC . -35.96 23.78 -9.05
C9 CLA KC . -36.00 24.45 -7.70
C10 CLA KC . -35.84 22.27 -8.88
C11 CLA KC . -37.19 21.60 -8.72
C12 CLA KC . -37.41 20.60 -9.82
C13 CLA KC . -38.47 19.56 -9.50
C14 CLA KC . -38.93 18.84 -10.75
C15 CLA KC . -39.65 20.19 -8.77
C16 CLA KC . -40.55 20.99 -9.71
C17 CLA KC . -41.04 22.23 -8.99
C18 CLA KC . -42.50 22.56 -9.30
C19 CLA KC . -42.69 22.92 -10.75
C20 CLA KC . -42.94 23.71 -8.42
MG CLA LC . -40.87 3.17 -45.80
CHA CLA LC . -42.50 1.08 -43.60
CHB CLA LC . -40.49 0.61 -47.95
CHC CLA LC . -39.13 5.26 -47.89
CHD CLA LC . -41.21 5.80 -43.49
NA CLA LC . -41.45 1.18 -45.77
C1A CLA LC . -42.11 0.49 -44.76
C2A CLA LC . -42.35 -0.96 -45.14
C3A CLA LC . -41.73 -1.07 -46.54
C4A CLA LC . -41.18 0.34 -46.80
CMA CLA LC . -40.60 -2.05 -46.56
CAA CLA LC . -43.83 -1.27 -45.22
CBA CLA LC . -44.49 -0.57 -46.40
CGA CLA LC . -44.70 0.88 -46.12
O1A CLA LC . -45.41 1.42 -45.25
O2A CLA LC . -43.95 1.68 -46.94
NB CLA LC . -40.02 2.98 -47.61
C1B CLA LC . -39.93 1.84 -48.31
C2B CLA LC . -39.11 2.06 -49.53
C3B CLA LC . -38.72 3.36 -49.52
C4B CLA LC . -39.29 3.98 -48.29
CMB CLA LC . -38.82 1.00 -50.48
CAB CLA LC . -37.89 4.04 -50.47
CBB CLA LC . -37.93 5.33 -50.83
NC CLA LC . -40.31 5.17 -45.70
C1C CLA LC . -39.61 5.82 -46.67
C2C CLA LC . -39.40 7.20 -46.28
C3C CLA LC . -39.96 7.35 -45.03
C4C CLA LC . -40.54 6.07 -44.68
CMC CLA LC . -38.69 8.19 -47.08
CAC CLA LC . -39.99 8.59 -44.23
CBC CLA LC . -41.04 9.57 -44.70
ND CLA LC . -41.68 3.46 -43.98
C1D CLA LC . -41.74 4.59 -43.14
C2D CLA LC . -42.45 4.21 -41.90
C3D CLA LC . -42.77 2.89 -42.03
C4D CLA LC . -42.26 2.47 -43.34
CMD CLA LC . -42.69 5.12 -40.80
CAD CLA LC . -43.39 1.74 -41.42
OBD CLA LC . -43.95 1.65 -40.33
CBD CLA LC . -43.23 0.55 -42.40
CGD CLA LC . -42.47 -0.58 -41.78
O1D CLA LC . -41.42 -1.07 -42.17
O2D CLA LC . -43.05 -1.10 -40.67
CED CLA LC . -42.42 -2.24 -40.10
C1 CLA LC . -44.55 2.90 -47.43
C2 CLA LC . -43.45 3.81 -47.83
C3 CLA LC . -43.61 5.10 -48.13
C4 CLA LC . -42.50 5.99 -48.54
C5 CLA LC . -44.94 5.74 -48.06
C6 CLA LC . -44.91 7.00 -47.23
C7 CLA LC . -45.51 6.73 -45.87
C8 CLA LC . -44.44 6.18 -44.94
C9 CLA LC . -44.74 4.75 -44.56
C10 CLA LC . -44.35 7.05 -43.70
MG CLA MC . -38.14 5.66 -36.96
CHA CLA MC . -37.59 6.44 -33.66
CHB CLA MC . -36.82 8.63 -37.88
CHC CLA MC . -38.52 4.75 -40.23
CHD CLA MC . -39.48 2.58 -35.94
NA CLA MC . -37.36 7.27 -35.91
C1A CLA MC . -37.18 7.39 -34.54
C2A CLA MC . -36.58 8.74 -34.18
C3A CLA MC . -36.44 9.45 -35.53
C4A CLA MC . -36.89 8.38 -36.53
CMA CLA MC . -37.33 10.65 -35.61
CAA CLA MC . -35.21 8.56 -33.55
CBA CLA MC . -34.79 9.80 -32.79
CGA CLA MC . -33.91 10.65 -33.67
O1A CLA MC . -34.24 11.28 -34.68
O2A CLA MC . -32.60 10.70 -33.28
NB CLA MC . -37.72 6.51 -38.72
C1B CLA MC . -37.20 7.74 -38.88
C2B CLA MC . -37.05 8.04 -40.31
C3B CLA MC . -37.52 6.96 -40.99
C4B CLA MC . -37.97 5.96 -39.99
CMB CLA MC . -36.51 9.31 -40.75
CAB CLA MC . -37.62 6.73 -42.40
CBB CLA MC . -36.80 7.23 -43.33
NC CLA MC . -38.89 3.98 -37.90
C1C CLA MC . -38.96 3.82 -39.24
C2C CLA MC . -39.54 2.53 -39.53
C3C CLA MC . -39.79 1.91 -38.33
C4C CLA MC . -39.37 2.83 -37.30
CMC CLA MC . -39.81 2.01 -40.86
CAC CLA MC . -40.38 0.59 -38.13
CBC CLA MC . -39.35 -0.49 -38.04
ND CLA MC . -38.58 4.72 -35.23
C1D CLA MC . -39.11 3.45 -34.95
C2D CLA MC . -39.18 3.26 -33.50
C3D CLA MC . -38.64 4.38 -32.95
C4D CLA MC . -38.25 5.25 -34.08
CMD CLA MC . -39.75 2.08 -32.85
CAD CLA MC . -38.32 5.11 -31.75
OBD CLA MC . -38.57 4.86 -30.58
CBD CLA MC . -37.54 6.38 -32.17
CGD CLA MC . -38.12 7.62 -31.58
O1D CLA MC . -37.54 8.66 -31.30
O2D CLA MC . -39.44 7.54 -31.38
CED CLA MC . -40.20 8.44 -32.17
C1 CLA MC . -31.90 11.92 -33.55
C2 CLA MC . -30.60 11.56 -34.16
C3 CLA MC . -30.24 12.03 -35.36
C4 CLA MC . -31.11 12.92 -36.15
C5 CLA MC . -28.93 11.69 -35.98
C6 CLA MC . -27.97 11.15 -34.95
C7 CLA MC . -26.78 10.53 -35.65
C8 CLA MC . -25.59 10.40 -34.71
C9 CLA MC . -26.01 9.90 -33.35
C10 CLA MC . -24.91 11.74 -34.55
C11 CLA MC . -24.80 12.43 -35.90
C12 CLA MC . -25.17 13.89 -35.79
C13 CLA MC . -23.95 14.78 -35.82
C14 CLA MC . -22.66 13.99 -35.97
C15 CLA MC . -23.88 15.63 -34.57
C16 CLA MC . -24.00 17.08 -34.92
C17 CLA MC . -25.42 17.55 -34.72
C18 CLA MC . -25.53 19.05 -34.92
C19 CLA MC . -24.29 19.76 -34.42
C20 CLA MC . -26.73 19.59 -34.20
MG CLA NC . -31.94 24.98 -44.66
CHA CLA NC . -32.54 28.27 -43.74
CHB CLA NC . -31.44 24.15 -41.42
CHC CLA NC . -31.63 21.70 -45.60
CHD CLA NC . -32.53 25.86 -48.02
NA CLA NC . -31.94 26.08 -42.89
C1A CLA NC . -32.23 27.42 -42.71
C2A CLA NC . -32.15 27.79 -41.23
C3A CLA NC . -31.61 26.51 -40.57
C4A CLA NC . -31.67 25.49 -41.70
CMA CLA NC . -30.21 26.70 -40.07
CAA CLA NC . -33.52 28.08 -40.69
CBA CLA NC . -34.48 26.95 -40.98
CGA CLA NC . -35.36 27.35 -42.11
O1A CLA NC . -35.47 28.47 -42.60
O2A CLA NC . -36.13 26.35 -42.62
NB CLA NC . -31.61 23.25 -43.70
C1B CLA NC . -31.44 23.12 -42.37
C2B CLA NC . -31.25 21.68 -42.03
C3B CLA NC . -31.29 20.99 -43.21
C4B CLA NC . -31.51 21.98 -44.29
CMB CLA NC . -31.03 21.21 -40.66
CAB CLA NC . -31.14 19.58 -43.45
CBB CLA NC . -30.27 18.80 -42.85
NC CLA NC . -32.01 23.98 -46.48
C1C CLA NC . -31.85 22.65 -46.64
C2C CLA NC . -32.00 22.29 -48.04
C3C CLA NC . -32.26 23.47 -48.71
C4C CLA NC . -32.27 24.53 -47.73
CMC CLA NC . -31.89 20.94 -48.55
CAC CLA NC . -32.54 23.67 -50.13
CBC CLA NC . -31.37 23.35 -51.01
ND CLA NC . -32.30 26.66 -45.71
C1D CLA NC . -32.53 26.87 -47.09
C2D CLA NC . -32.83 28.28 -47.32
C3D CLA NC . -32.87 28.86 -46.07
C4D CLA NC . -32.54 27.80 -45.09
CMD CLA NC . -33.06 28.85 -48.63
CAD CLA NC . -33.09 30.08 -45.31
OBD CLA NC . -33.40 31.19 -45.71
CBD CLA NC . -32.88 29.74 -43.81
CGD CLA NC . -31.82 30.68 -43.34
O1D CLA NC . -31.40 31.66 -43.94
O2D CLA NC . -31.26 30.40 -42.14
CED CLA NC . -29.85 30.25 -42.16
C1 CLA NC . -37.38 26.81 -43.18
C2 CLA NC . -38.07 25.70 -43.89
C3 CLA NC . -39.18 25.93 -44.61
C4 CLA NC . -39.75 27.29 -44.76
C5 CLA NC . -39.89 24.83 -45.33
C6 CLA NC . -39.31 23.47 -45.04
C7 CLA NC . -39.84 22.46 -46.03
C8 CLA NC . -39.60 21.04 -45.56
C9 CLA NC . -40.41 20.09 -46.41
C10 CLA NC . -39.96 20.89 -44.09
C11 CLA NC . -39.41 19.61 -43.50
C12 CLA NC . -39.68 19.49 -42.02
C13 CLA NC . -39.23 18.16 -41.46
C14 CLA NC . -39.72 17.02 -42.33
C15 CLA NC . -39.67 17.97 -40.00
C16 CLA NC . -38.81 16.93 -39.31
C17 CLA NC . -39.61 16.07 -38.35
C18 CLA NC . -40.41 14.99 -39.06
C19 CLA NC . -41.89 15.14 -38.79
C20 CLA NC . -39.95 13.61 -38.66
MG CLA OC . -29.48 21.02 -55.21
CHA CLA OC . -30.11 23.07 -57.91
CHB CLA OC . -32.76 21.04 -54.42
CHC CLA OC . -28.80 18.90 -52.61
CHD CLA OC . -26.05 21.03 -56.09
NA CLA OC . -31.14 21.92 -56.04
C1A CLA OC . -31.21 22.72 -57.19
C2A CLA OC . -32.63 23.13 -57.48
C3A CLA OC . -33.43 22.55 -56.31
C4A CLA OC . -32.39 21.76 -55.53
CMA CLA OC . -34.03 23.64 -55.47
CAA CLA OC . -33.07 22.44 -58.75
CBA CLA OC . -32.36 21.12 -58.94
CGA CLA OC . -33.26 20.08 -59.53
O1A CLA OC . -34.29 20.26 -60.19
O2A CLA OC . -32.85 18.81 -59.28
NB CLA OC . -30.56 20.15 -53.77
C1B CLA OC . -31.90 20.28 -53.62
C2B CLA OC . -32.35 19.50 -52.46
C3B CLA OC . -31.25 18.88 -51.94
C4B CLA OC . -30.09 19.29 -52.77
CMB CLA OC . -33.74 19.43 -52.06
CAB CLA OC . -31.13 17.99 -50.82
CBB CLA OC . -30.59 16.78 -50.87
NC CLA OC . -27.73 20.14 -54.48
C1C CLA OC . -27.70 19.31 -53.42
C2C CLA OC . -26.34 18.85 -53.21
C3C CLA OC . -25.57 19.44 -54.18
C4C CLA OC . -26.45 20.27 -54.99
CMC CLA OC . -25.93 17.93 -52.16
CAC CLA OC . -24.13 19.28 -54.40
CBC CLA OC . -23.87 18.20 -55.42
ND CLA OC . -28.29 21.85 -56.62
C1D CLA OC . -26.91 21.77 -56.87
C2D CLA OC . -26.59 22.62 -58.03
C3D CLA OC . -27.78 23.15 -58.46
C4D CLA OC . -28.81 22.63 -57.55
CMD CLA OC . -25.24 22.80 -58.57
CAD CLA OC . -28.44 24.03 -59.41
OBD CLA OC . -27.96 24.71 -60.29
CBD CLA OC . -29.96 23.95 -59.12
CGD CLA OC . -30.63 25.29 -58.90
O1D CLA OC . -31.83 25.53 -58.78
O2D CLA OC . -29.82 26.37 -58.84
CED CLA OC . -30.48 27.62 -58.72
C1 CLA OC . -32.41 18.01 -60.41
C2 CLA OC . -33.62 17.38 -60.98
C3 CLA OC . -33.79 16.05 -61.10
C4 CLA OC . -35.03 15.48 -61.70
C5 CLA OC . -32.75 15.08 -60.63
C6 CLA OC . -32.94 14.65 -59.18
C7 CLA OC . -33.14 13.16 -59.09
C8 CLA OC . -32.18 12.48 -58.11
C9 CLA OC . -30.79 12.37 -58.69
C10 CLA OC . -32.67 11.08 -57.77
C11 CLA OC . -32.36 10.73 -56.33
C12 CLA OC . -33.28 9.65 -55.81
C13 CLA OC . -34.74 9.98 -56.09
C14 CLA OC . -35.24 11.03 -55.11
C15 CLA OC . -35.61 8.73 -56.02
MG CLA PC . -15.81 13.10 -54.29
CHA CLA PC . -12.80 14.60 -55.01
CHB CLA PC . -17.39 15.27 -56.34
CHC CLA PC . -18.77 11.57 -53.55
CHD CLA PC . -14.13 10.84 -52.18
NA CLA PC . -15.17 14.68 -55.48
C1A CLA PC . -13.86 15.15 -55.64
C2A CLA PC . -13.83 16.33 -56.60
C3A CLA PC . -15.32 16.51 -57.00
C4A CLA PC . -16.02 15.42 -56.23
CMA CLA PC . -15.85 17.85 -56.56
CAA CLA PC . -13.00 16.00 -57.82
CBA CLA PC . -13.67 14.90 -58.61
CGA CLA PC . -12.87 13.64 -58.51
O1A CLA PC . -11.65 13.51 -58.54
O2A CLA PC . -13.66 12.53 -58.39
NB CLA PC . -17.73 13.40 -54.79
C1B CLA PC . -18.16 14.30 -55.70
C2B CLA PC . -19.59 14.10 -55.96
C3B CLA PC . -19.99 13.05 -55.18
C4B CLA PC . -18.82 12.60 -54.43
CMB CLA PC . -20.35 14.91 -56.91
CAB CLA PC . -21.28 12.43 -55.06
CBB CLA PC . -21.57 11.17 -55.39
NC CLA PC . -16.35 11.49 -53.07
C1C CLA PC . -17.62 11.05 -52.92
C2C CLA PC . -17.65 9.93 -52.01
C3C CLA PC . -16.33 9.70 -51.63
C4C CLA PC . -15.53 10.70 -52.29
CMC CLA PC . -18.85 9.21 -51.64
CAC CLA PC . -15.86 8.67 -50.71
CBC CLA PC . -15.26 7.50 -51.44
ND CLA PC . -13.92 12.72 -53.72
C1D CLA PC . -13.38 11.77 -52.85
C2D CLA PC . -11.93 11.99 -52.75
C3D CLA PC . -11.66 13.06 -53.56
C4D CLA PC . -12.94 13.49 -54.13
CMD CLA PC . -11.01 11.19 -51.96
CAD CLA PC . -10.65 13.95 -54.07
OBD CLA PC . -9.45 13.97 -53.82
CBD CLA PC . -11.33 14.95 -55.02
CGD CLA PC . -11.08 16.36 -54.61
O1D CLA PC . -11.90 17.24 -54.34
O2D CLA PC . -9.76 16.67 -54.56
CED CLA PC . -9.03 16.65 -55.79
C1 CLA PC . -13.85 12.03 -57.05
C2 CLA PC . -15.11 11.25 -57.04
C3 CLA PC . -15.16 9.96 -56.68
C4 CLA PC . -13.93 9.23 -56.28
C5 CLA PC . -16.44 9.21 -56.68
C6 CLA PC . -16.63 8.32 -55.47
C7 CLA PC . -16.61 6.85 -55.87
C8 CLA PC . -17.82 6.07 -55.39
C9 CLA PC . -19.10 6.91 -55.38
C10 CLA PC . -17.58 5.46 -54.01
MG CLA QC . -14.43 13.35 -42.95
CHA CLA QC . -13.62 14.95 -40.02
CHB CLA QC . -13.69 16.17 -44.69
CHC CLA QC . -15.06 11.68 -45.87
CHD CLA QC . -15.23 10.46 -41.11
NA CLA QC . -13.77 15.23 -42.41
C1A CLA QC . -13.47 15.69 -41.14
C2A CLA QC . -13.01 17.14 -41.20
C3A CLA QC . -13.28 17.55 -42.65
C4A CLA QC . -13.58 16.22 -43.32
CMA CLA QC . -14.49 18.42 -42.71
CAA CLA QC . -11.52 17.17 -40.96
CBA CLA QC . -10.81 17.95 -42.04
CGA CLA QC . -9.40 17.48 -42.14
O1A CLA QC . -8.56 17.37 -41.24
O2A CLA QC . -9.03 17.13 -43.41
NB CLA QC . -14.43 13.83 -44.89
C1B CLA QC . -13.99 15.00 -45.40
C2B CLA QC . -13.88 14.90 -46.86
C3B CLA QC . -14.26 13.65 -47.21
C4B CLA QC . -14.61 12.95 -45.96
CMB CLA QC . -13.46 16.02 -47.67
CAB CLA QC . -14.32 13.03 -48.50
CBB CLA QC . -13.29 13.01 -49.35
NC CLA QC . -15.09 11.43 -43.39
C1C CLA QC . -15.29 10.98 -44.65
C2C CLA QC . -15.76 9.63 -44.62
C3C CLA QC . -15.78 9.24 -43.28
C4C CLA QC . -15.35 10.40 -42.51
CMC CLA QC . -16.08 8.87 -45.82
CAC CLA QC . -16.19 7.94 -42.75
CBC CLA QC . -15.12 6.90 -42.87
ND CLA QC . -14.47 12.77 -41.01
C1D CLA QC . -14.81 11.55 -40.40
C2D CLA QC . -14.66 11.70 -38.93
C3D CLA QC . -14.22 13.00 -38.73
C4D CLA QC . -14.12 13.61 -40.05
CMD CLA QC . -14.95 10.65 -37.96
CAD CLA QC . -13.86 14.01 -37.76
OBD CLA QC . -13.87 13.97 -36.54
CBD CLA QC . -13.41 15.26 -38.57
CGD CLA QC . -14.23 16.45 -38.21
O1D CLA QC . -15.07 17.00 -38.91
O2D CLA QC . -14.00 16.95 -36.98
CED CLA QC . -14.29 18.33 -36.79
C1 CLA QC . -7.73 16.53 -43.57
C2 CLA QC . -7.98 15.11 -43.92
C3 CLA QC . -7.49 14.11 -43.20
C4 CLA QC . -6.64 14.33 -42.01
C5 CLA QC . -7.76 12.70 -43.57
C6 CLA QC . -9.14 12.24 -43.15
C7 CLA QC . -10.18 12.61 -44.18
C8 CLA QC . -11.04 11.41 -44.57
C9 CLA QC . -11.26 10.49 -43.39
C10 CLA QC . -10.37 10.64 -45.70
C11 CLA QC . -11.24 9.50 -46.18
C12 CLA QC . -11.13 9.31 -47.67
C13 CLA QC . -11.60 7.93 -48.07
C14 CLA QC . -12.98 7.64 -47.50
MG CLA RC . -22.32 16.21 -39.23
CHA CLA RC . -21.98 19.55 -38.47
CHB CLA RC . -18.98 15.82 -38.88
CHC CLA RC . -22.72 12.88 -39.85
CHD CLA RC . -25.80 16.70 -39.63
NA CLA RC . -20.76 17.50 -38.77
C1A CLA RC . -20.83 18.86 -38.48
C2A CLA RC . -19.45 19.43 -38.18
C3A CLA RC . -18.52 18.26 -38.50
C4A CLA RC . -19.46 17.09 -38.72
CMA CLA RC . -17.72 18.54 -39.74
CAA CLA RC . -19.37 19.81 -36.72
CBA CLA RC . -18.41 18.93 -35.94
CGA CLA RC . -19.12 17.71 -35.46
O1A CLA RC . -20.19 17.26 -35.88
O2A CLA RC . -18.50 17.05 -34.44
NB CLA RC . -21.08 14.64 -39.39
C1B CLA RC . -19.76 14.68 -39.10
C2B CLA RC . -19.22 13.30 -39.07
C3B CLA RC . -20.27 12.46 -39.35
C4B CLA RC . -21.46 13.31 -39.55
CMB CLA RC . -17.82 13.04 -38.80
CAB CLA RC . -20.35 11.03 -39.46
CBB CLA RC . -19.35 10.16 -39.52
NC CLA RC . -23.95 15.02 -39.68
C1C CLA RC . -23.88 13.68 -39.91
C2C CLA RC . -25.20 13.17 -40.20
C3C CLA RC . -26.07 14.23 -40.12
C4C CLA RC . -25.29 15.41 -39.79
CMC CLA RC . -25.48 11.76 -40.50
CAC CLA RC . -27.51 14.23 -40.33
CBC CLA RC . -28.25 13.69 -39.14
ND CLA RC . -23.64 17.73 -39.10
C1D CLA RC . -25.03 17.80 -39.30
C2D CLA RC . -25.47 19.18 -39.07
C3D CLA RC . -24.35 19.89 -38.73
C4D CLA RC . -23.24 18.94 -38.78
CMD CLA RC . -26.84 19.66 -39.16
CAD CLA RC . -23.80 21.17 -38.36
OBD CLA RC . -24.35 22.24 -38.16
CBD CLA RC . -22.27 20.99 -38.21
CGD CLA RC . -21.55 21.83 -39.19
O1D CLA RC . -20.84 21.43 -40.11
O2D CLA RC . -21.71 23.14 -39.02
CED CLA RC . -20.60 23.96 -39.39
C1 CLA RC . -17.66 15.93 -34.78
C2 CLA RC . -18.52 14.85 -35.32
C3 CLA RC . -18.38 13.55 -35.01
C4 CLA RC . -17.33 13.07 -34.07
C5 CLA RC . -19.28 12.54 -35.62
C6 CLA RC . -19.71 11.40 -34.73
C7 CLA RC . -18.94 10.12 -35.02
C8 CLA RC . -19.57 9.18 -36.05
C9 CLA RC . -21.06 9.34 -36.10
C10 CLA RC . -19.23 7.74 -35.71
C11 CLA RC . -18.41 7.03 -36.76
C12 CLA RC . -16.96 7.48 -36.74
C13 CLA RC . -15.98 6.36 -36.38
C14 CLA RC . -15.09 6.00 -37.56
C15 CLA RC . -16.69 5.13 -35.84
MG CLA SC . -23.61 -1.43 -39.63
CHA CLA SC . -23.61 -4.80 -38.93
CHB CLA SC . -25.27 -0.84 -36.73
CHC CLA SC . -23.39 1.91 -40.28
CHD CLA SC . -21.89 -2.12 -42.63
NA CLA SC . -24.31 -2.64 -38.10
C1A CLA SC . -24.20 -4.03 -37.98
C2A CLA SC . -24.82 -4.53 -36.69
C3A CLA SC . -25.43 -3.25 -36.07
C4A CLA SC . -24.97 -2.15 -37.01
CMA CLA SC . -26.92 -3.33 -35.97
CAA CLA SC . -23.70 -5.01 -35.80
CBA CLA SC . -22.54 -4.04 -35.86
CGA CLA SC . -21.28 -4.60 -35.28
O1A CLA SC . -20.66 -5.60 -35.61
O2A CLA SC . -20.82 -3.84 -34.26
NB CLA SC . -24.22 0.23 -38.69
C1B CLA SC . -24.90 0.27 -37.52
C2B CLA SC . -25.19 1.67 -37.17
C3B CLA SC . -24.66 2.45 -38.16
C4B CLA SC . -24.04 1.54 -39.14
CMB CLA SC . -25.92 2.08 -35.98
CAB CLA SC . -24.65 3.88 -38.28
CBB CLA SC . -23.55 4.63 -38.39
NC CLA SC . -22.81 -0.32 -41.19
C1C CLA SC . -22.81 1.04 -41.24
C2C CLA SC . -22.14 1.48 -42.45
C3C CLA SC . -21.73 0.35 -43.12
C4C CLA SC . -22.15 -0.78 -42.32
CMC CLA SC . -21.94 2.85 -42.85
CAC CLA SC . -21.03 0.28 -44.40
CBC CLA SC . -19.56 0.61 -44.26
ND CLA SC . -22.92 -3.04 -40.61
C1D CLA SC . -22.22 -3.18 -41.84
C2D CLA SC . -21.97 -4.59 -42.08
C3D CLA SC . -22.49 -5.27 -41.01
C4D CLA SC . -23.06 -4.25 -40.12
CMD CLA SC . -21.27 -5.10 -43.27
CAD CLA SC . -22.75 -6.56 -40.41
OBD CLA SC . -22.51 -7.66 -40.84
CBD CLA SC . -23.42 -6.29 -39.04
CGD CLA SC . -24.75 -6.96 -38.96
O1D CLA SC . -25.85 -6.42 -39.01
O2D CLA SC . -24.71 -8.32 -38.84
CED CLA SC . -25.50 -8.90 -37.80
C1 CLA SC . -19.44 -3.98 -33.88
C2 CLA SC . -18.98 -2.58 -33.64
C3 CLA SC . -17.75 -2.24 -33.24
C4 CLA SC . -16.69 -3.25 -32.98
C5 CLA SC . -17.40 -0.81 -33.04
C6 CLA SC . -16.08 -0.42 -33.67
C7 CLA SC . -16.09 -0.57 -35.17
C8 CLA SC . -15.01 0.31 -35.79
C9 CLA SC . -15.33 1.76 -35.49
C10 CLA SC . -14.91 0.07 -37.28
C11 CLA SC . -14.33 1.26 -38.01
C12 CLA SC . -12.97 0.96 -38.62
C13 CLA SC . -13.06 0.87 -40.13
C14 CLA SC . -11.68 0.73 -40.75
C15 CLA SC . -13.76 2.08 -40.72
C16 CLA SC . -14.39 1.71 -42.05
C17 CLA SC . -14.79 2.94 -42.85
C18 CLA SC . -16.00 2.65 -43.73
C19 CLA SC . -15.93 1.26 -44.32
C20 CLA SC . -16.12 3.67 -44.81
MG CLA TC . -34.07 2.18 -51.74
CHA CLA TC . -35.32 -0.88 -50.77
CHB CLA TC . -33.36 0.92 -54.79
CHC CLA TC . -32.92 5.27 -52.67
CHD CLA TC . -34.72 3.40 -48.50
NA CLA TC . -34.31 0.31 -52.61
C1A CLA TC . -34.87 -0.84 -52.05
C2A CLA TC . -34.84 -1.99 -53.03
C3A CLA TC . -34.09 -1.43 -54.25
C4A CLA TC . -33.91 0.05 -53.89
CMA CLA TC . -32.77 -2.11 -54.42
CAA CLA TC . -36.24 -2.39 -53.43
CBA CLA TC . -36.91 -1.35 -54.29
CGA CLA TC . -38.23 -1.90 -54.71
O1A CLA TC . -38.59 -3.07 -54.75
O2A CLA TC . -39.13 -0.94 -55.11
NB CLA TC . -33.25 2.94 -53.39
C1B CLA TC . -33.13 2.28 -54.56
C2B CLA TC . -32.72 3.23 -55.62
C3B CLA TC . -32.59 4.47 -55.03
C4B CLA TC . -32.92 4.30 -53.60
CMB CLA TC . -32.51 2.81 -57.01
CAB CLA TC . -32.21 5.73 -55.60
CBB CLA TC . -31.15 5.94 -56.36
NC CLA TC . -33.86 4.00 -50.75
C1C CLA TC . -33.37 5.14 -51.33
C2C CLA TC . -33.34 6.20 -50.35
C3C CLA TC . -33.87 5.68 -49.17
C4C CLA TC . -34.19 4.29 -49.44
CMC CLA TC . -32.87 7.55 -50.62
CAC CLA TC . -34.05 6.36 -47.88
CBC CLA TC . -35.50 6.45 -47.44
ND CLA TC . -34.86 1.50 -50.02
C1D CLA TC . -35.02 2.09 -48.76
C2D CLA TC . -35.59 1.11 -47.83
C3D CLA TC . -35.78 -0.04 -48.56
C4D CLA TC . -35.28 0.25 -49.91
CMD CLA TC . -35.89 1.40 -46.45
CAD CLA TC . -36.22 -1.41 -48.54
OBD CLA TC . -36.75 -2.04 -47.64
CBD CLA TC . -35.92 -2.00 -49.95
CGD CLA TC . -34.95 -3.14 -49.86
O1D CLA TC . -34.65 -3.95 -50.73
O2D CLA TC . -34.36 -3.26 -48.65
CED CLA TC . -33.11 -3.93 -48.66
C1 CLA TC . -40.42 -1.42 -55.52
C2 CLA TC . -40.71 -0.86 -56.86
C3 CLA TC . -41.51 0.20 -57.07
C4 CLA TC . -41.78 0.75 -58.42
C5 CLA TC . -42.18 0.90 -55.92
MG CLA UC . -23.84 -8.55 -48.82
CHA CLA UC . -26.04 -10.67 -50.40
CHB CLA UC . -21.82 -11.20 -48.11
CHC CLA UC . -21.73 -6.42 -47.19
CHD CLA UC . -26.05 -5.87 -49.43
NA CLA UC . -23.90 -10.58 -49.26
C1A CLA UC . -24.91 -11.28 -49.94
C2A CLA UC . -24.59 -12.76 -50.04
C3A CLA UC . -23.21 -12.87 -49.35
C4A CLA UC . -22.93 -11.46 -48.87
CMA CLA UC . -23.27 -13.82 -48.18
CAA CLA UC . -24.48 -13.20 -51.48
CBA CLA UC . -23.23 -12.65 -52.09
CGA CLA UC . -23.54 -12.10 -53.44
O1A CLA UC . -24.06 -12.68 -54.40
O2A CLA UC . -23.17 -10.80 -53.60
NB CLA UC . -22.07 -8.76 -47.89
C1B CLA UC . -21.47 -9.94 -47.60
C2B CLA UC . -20.36 -9.71 -46.66
C3B CLA UC . -20.32 -8.37 -46.39
C4B CLA UC . -21.41 -7.75 -47.18
CMB CLA UC . -19.51 -10.79 -46.15
CAB CLA UC . -19.44 -7.62 -45.55
CBB CLA UC . -18.49 -6.80 -46.00
NC CLA UC . -23.88 -6.51 -48.44
C1C CLA UC . -22.89 -5.85 -47.77
C2C CLA UC . -23.20 -4.43 -47.71
C3C CLA UC . -24.44 -4.27 -48.30
C4C CLA UC . -24.86 -5.59 -48.76
CMC CLA UC . -22.33 -3.43 -47.09
CAC CLA UC . -25.18 -3.02 -48.47
CBC CLA UC . -25.14 -2.54 -49.90
ND CLA UC . -25.60 -8.25 -49.74
C1D CLA UC . -26.42 -7.10 -49.89
C2D CLA UC . -27.65 -7.50 -50.59
C3D CLA UC . -27.57 -8.85 -50.79
C4D CLA UC . -26.27 -9.27 -50.24
CMD CLA UC . -28.74 -6.58 -50.93
CAD CLA UC . -28.21 -10.04 -51.32
OBD CLA UC . -29.28 -10.15 -51.87
CBD CLA UC . -27.26 -11.23 -51.04
CGD CLA UC . -27.83 -12.16 -50.02
O1D CLA UC . -27.29 -12.58 -49.01
O2D CLA UC . -29.09 -12.59 -50.24
CED CLA UC . -29.60 -13.47 -49.24
C1 CLA UC . -21.78 -10.57 -53.91
MG CLA VC . -18.56 -13.11 -42.51
CHA CLA VC . -21.35 -14.46 -43.98
CHB CLA VC . -17.04 -16.13 -42.63
CHC CLA VC . -15.79 -11.70 -41.07
CHD CLA VC . -20.22 -10.00 -42.33
NA CLA VC . -19.11 -14.98 -43.22
C1A CLA VC . -20.33 -15.34 -43.80
C2A CLA VC . -20.33 -16.81 -44.20
C3A CLA VC . -18.98 -17.32 -43.64
C4A CLA VC . -18.31 -16.06 -43.15
CMA CLA VC . -19.20 -18.28 -42.51
CAA CLA VC . -20.34 -16.94 -45.71
CBA CLA VC . -19.63 -15.76 -46.35
CGA CLA VC . -18.44 -16.17 -47.15
O1A CLA VC . -17.81 -17.24 -47.14
O2A CLA VC . -18.03 -15.18 -47.99
NB CLA VC . -16.80 -13.81 -41.87
C1B CLA VC . -16.32 -15.03 -42.12
C2B CLA VC . -14.88 -15.11 -41.78
C3B CLA VC . -14.53 -13.88 -41.34
C4B CLA VC . -15.74 -13.03 -41.39
CMB CLA VC . -14.11 -16.33 -41.95
CAB CLA VC . -13.25 -13.39 -40.90
CBB CLA VC . -12.37 -14.09 -40.19
NC CLA VC . -18.09 -11.19 -41.85
C1C CLA VC . -16.89 -10.85 -41.30
C2C CLA VC . -16.89 -9.44 -40.96
C3C CLA VC . -18.15 -8.94 -41.30
C4C CLA VC . -18.90 -10.06 -41.85
CMC CLA VC . -15.74 -8.75 -40.39
CAC CLA VC . -18.62 -7.56 -41.17
CBC CLA VC . -18.88 -7.16 -39.75
ND CLA VC . -20.29 -12.31 -43.16
C1D CLA VC . -20.88 -11.05 -42.93
C2D CLA VC . -22.24 -11.07 -43.48
C3D CLA VC . -22.46 -12.35 -43.93
C4D CLA VC . -21.23 -13.09 -43.64
CMD CLA VC . -23.13 -9.91 -43.52
CAD CLA VC . -23.38 -13.26 -44.59
OBD CLA VC . -24.45 -13.04 -45.14
CBD CLA VC . -22.75 -14.67 -44.48
CGD CLA VC . -23.51 -15.47 -43.47
O1D CLA VC . -23.47 -15.37 -42.24
O2D CLA VC . -24.33 -16.41 -44.01
CED CLA VC . -23.75 -17.68 -44.28
C1 CLA VC . -19.00 -14.75 -48.97
C2 CLA VC . -18.65 -13.38 -49.40
C3 CLA VC . -19.09 -12.90 -50.57
C4 CLA VC . -19.93 -13.71 -51.47
C5 CLA VC . -18.76 -11.52 -51.04
C6 CLA VC . -18.98 -10.45 -49.98
C7 CLA VC . -19.43 -9.15 -50.60
C8 CLA VC . -18.24 -8.28 -51.02
C9 CLA VC . -17.14 -8.36 -49.98
C10 CLA VC . -18.67 -6.83 -51.21
MG CLA WC . -18.93 -10.49 -31.40
CHA CLA WC . -20.63 -9.33 -34.17
CHB CLA WC . -16.33 -11.36 -33.36
CHC CLA WC . -17.19 -11.33 -28.57
CHD CLA WC . -21.76 -9.78 -29.44
NA CLA WC . -18.58 -10.37 -33.45
C1A CLA WC . -19.38 -9.81 -34.43
C2A CLA WC . -18.74 -9.94 -35.80
C3A CLA WC . -17.44 -10.71 -35.52
C4A CLA WC . -17.42 -10.81 -34.00
CMA CLA WC . -17.56 -12.07 -36.12
CAA CLA WC . -18.46 -8.61 -36.46
CBA CLA WC . -17.77 -7.62 -35.56
CGA CLA WC . -16.90 -6.77 -36.42
O1A CLA WC . -16.06 -7.15 -37.24
O2A CLA WC . -17.08 -5.42 -36.27
NB CLA WC . -17.08 -11.13 -31.04
C1B CLA WC . -16.21 -11.53 -31.98
C2B CLA WC . -15.04 -12.20 -31.34
C3B CLA WC . -15.28 -12.20 -29.99
C4B CLA WC . -16.58 -11.52 -29.77
CMB CLA WC . -13.93 -12.77 -32.08
CAB CLA WC . -14.49 -12.75 -28.93
CBB CLA WC . -13.94 -12.04 -27.95
NC CLA WC . -19.40 -10.54 -29.38
C1C CLA WC . -18.52 -10.87 -28.39
C2C CLA WC . -19.16 -10.68 -27.10
C3C CLA WC . -20.49 -10.35 -27.35
C4C CLA WC . -20.62 -10.24 -28.78
CMC CLA WC . -18.51 -10.88 -25.81
CAC CLA WC . -21.52 -10.05 -26.37
CBC CLA WC . -21.65 -8.57 -26.18
ND CLA WC . -20.82 -9.84 -31.69
C1D CLA WC . -21.86 -9.55 -30.80
C2D CLA WC . -23.01 -9.02 -31.53
C3D CLA WC . -22.58 -8.90 -32.83
C4D CLA WC . -21.21 -9.41 -32.87
CMD CLA WC . -24.28 -8.67 -30.92
CAD CLA WC . -22.95 -8.56 -34.18
OBD CLA WC . -24.04 -8.24 -34.64
CBD CLA WC . -21.68 -8.71 -35.05
CGD CLA WC . -21.90 -9.51 -36.28
O1D CLA WC . -22.32 -10.66 -36.37
O2D CLA WC . -21.59 -8.87 -37.43
CED CLA WC . -21.25 -9.71 -38.53
C1 CLA WC . -18.06 -4.77 -37.11
C2 CLA WC . -17.38 -4.17 -38.30
C3 CLA WC . -17.83 -3.05 -38.90
C4 CLA WC . -19.03 -2.33 -38.43
C5 CLA WC . -17.14 -2.47 -40.09
C6 CLA WC . -18.11 -2.34 -41.25
C7 CLA WC . -17.46 -1.77 -42.49
C8 CLA WC . -17.28 -2.82 -43.57
C9 CLA WC . -15.94 -3.50 -43.41
C10 CLA WC . -17.40 -2.23 -44.97
C11 CLA WC . -16.83 -3.15 -46.03
C12 CLA WC . -16.86 -2.57 -47.42
C13 CLA WC . -15.68 -3.04 -48.27
C14 CLA WC . -15.16 -4.40 -47.84
C15 CLA WC . -14.55 -2.02 -48.26
MG CLA XC . -27.90 -2.27 -32.88
CHA CLA XC . -29.53 0.75 -33.39
CHB CLA XC . -25.20 -0.61 -31.74
CHC CLA XC . -26.30 -5.27 -32.53
CHD CLA XC . -30.78 -3.94 -34.02
NA CLA XC . -27.48 -0.25 -32.59
C1A CLA XC . -28.28 0.86 -32.86
C2A CLA XC . -27.55 2.16 -32.50
C3A CLA XC . -26.23 1.66 -31.86
C4A CLA XC . -26.29 0.16 -32.07
CMA CLA XC . -25.03 2.19 -32.58
CAA CLA XC . -28.31 3.04 -31.52
CBA CLA XC . -27.52 4.24 -31.07
CGA CLA XC . -26.84 4.95 -32.21
O1A CLA XC . -26.94 4.74 -33.42
O2A CLA XC . -26.01 5.96 -31.83
NB CLA XC . -26.11 -2.83 -32.19
C1B CLA XC . -25.10 -2.00 -31.88
C2B CLA XC . -23.84 -2.77 -31.70
C3B CLA XC . -24.15 -4.08 -31.92
C4B CLA XC . -25.60 -4.14 -32.23
CMB CLA XC . -22.57 -2.14 -31.37
CAB CLA XC . -23.32 -5.24 -31.89
CBB CLA XC . -22.49 -5.55 -30.91
NC CLA XC . -28.45 -4.24 -33.21
C1C CLA XC . -27.63 -5.31 -33.00
C2C CLA XC . -28.34 -6.55 -33.31
C3C CLA XC . -29.61 -6.17 -33.73
C4C CLA XC . -29.67 -4.72 -33.66
CMC CLA XC . -27.77 -7.88 -33.19
CAC CLA XC . -30.70 -7.07 -34.13
CBC CLA XC . -31.76 -7.11 -33.06
ND CLA XC . -29.72 -1.78 -33.58
C1D CLA XC . -30.81 -2.57 -34.01
C2D CLA XC . -31.90 -1.68 -34.41
C3D CLA XC . -31.45 -0.39 -34.25
C4D CLA XC . -30.09 -0.52 -33.70
CMD CLA XC . -33.18 -2.10 -34.94
CAD CLA XC . -31.76 1.00 -34.36
OBD CLA XC . -32.76 1.54 -34.81
CBD CLA XC . -30.56 1.78 -33.78
CGD CLA XC . -30.00 2.72 -34.80
O1D CLA XC . -29.17 3.61 -34.64
O2D CLA XC . -30.48 2.54 -36.05
CED CLA XC . -29.49 2.67 -37.06
C1 CLA XC . -25.11 6.46 -32.84
C2 CLA XC . -23.91 5.59 -32.84
C3 CLA XC . -22.99 5.60 -33.81
C4 CLA XC . -23.10 6.48 -34.99
C5 CLA XC . -21.81 4.70 -33.77
C6 CLA XC . -22.18 3.37 -34.39
C7 CLA XC . -20.99 2.50 -34.68
C8 CLA XC . -21.45 1.09 -35.06
C9 CLA XC . -21.30 0.14 -33.89
C10 CLA XC . -20.70 0.54 -36.26
C11 CLA XC . -20.35 1.60 -37.26
C12 CLA XC . -19.00 1.29 -37.87
C13 CLA XC . -18.77 2.04 -39.17
C14 CLA XC . -18.40 1.09 -40.29
C15 CLA XC . -17.70 3.10 -39.00
C16 CLA XC . -17.19 3.61 -40.33
C17 CLA XC . -17.67 5.02 -40.63
C18 CLA XC . -19.12 5.04 -41.04
C19 CLA XC . -19.27 5.52 -42.47
C20 CLA XC . -19.95 5.89 -40.09
MG CLA YC . -13.87 4.82 -22.83
CHA CLA YC . -12.31 7.20 -24.76
CHB CLA YC . -12.84 2.42 -24.97
CHC CLA YC . -15.19 2.47 -20.72
CHD CLA YC . -14.81 7.36 -20.59
NA CLA YC . -12.80 4.84 -24.61
C1A CLA YC . -12.21 5.93 -25.22
C2A CLA YC . -11.49 5.51 -26.49
C3A CLA YC . -11.85 4.04 -26.64
C4A CLA YC . -12.55 3.72 -25.32
CMA CLA YC . -12.74 3.91 -27.84
CAA CLA YC . -10.01 5.70 -26.28
CBA CLA YC . -9.28 4.44 -25.88
CGA CLA YC . -7.86 4.88 -25.83
O1A CLA YC . -7.43 6.02 -25.84
O2A CLA YC . -6.98 3.84 -25.77
NB CLA YC . -14.00 2.83 -22.84
C1B CLA YC . -13.49 2.03 -23.79
C2B CLA YC . -13.72 0.61 -23.43
C3B CLA YC . -14.39 0.61 -22.23
C4B CLA YC . -14.58 2.03 -21.85
CMB CLA YC . -13.27 -0.47 -24.30
CAB CLA YC . -14.89 -0.45 -21.39
CBB CLA YC . -14.71 -1.76 -21.57
NC CLA YC . -14.87 4.91 -21.00
C1C CLA YC . -15.33 3.83 -20.33
C2C CLA YC . -15.98 4.25 -19.10
C3C CLA YC . -15.83 5.64 -19.04
C4C CLA YC . -15.13 6.04 -20.24
CMC CLA YC . -16.62 3.35 -18.15
CAC CLA YC . -16.32 6.54 -18.00
CBC CLA YC . -15.21 7.26 -17.28
ND CLA YC . -13.75 6.83 -22.72
C1D CLA YC . -14.17 7.73 -21.74
C2D CLA YC . -13.80 9.09 -22.18
C3D CLA YC . -13.07 8.94 -23.33
C4D CLA YC . -13.06 7.51 -23.61
CMD CLA YC . -14.14 10.30 -21.44
CAD CLA YC . -12.37 9.60 -24.40
OBD CLA YC . -12.24 10.78 -24.63
CBD CLA YC . -11.79 8.49 -25.31
CGD CLA YC . -12.28 8.63 -26.70
O1D CLA YC . -13.02 7.87 -27.31
O2D CLA YC . -11.85 9.74 -27.34
CED CLA YC . -12.50 9.94 -28.59
C1 CLA YC . -5.80 3.91 -26.61
C2 CLA YC . -5.41 2.50 -26.86
C3 CLA YC . -4.51 2.14 -27.79
C4 CLA YC . -3.84 3.13 -28.65
C5 CLA YC . -4.17 0.70 -28.00
C6 CLA YC . -2.71 0.36 -27.78
C7 CLA YC . -2.55 -1.15 -27.74
C8 CLA YC . -1.15 -1.58 -27.35
C9 CLA YC . -0.40 -2.12 -28.54
C10 CLA YC . -1.18 -2.62 -26.23
C11 CLA YC . -1.46 -4.02 -26.74
C12 CLA YC . -1.29 -5.06 -25.65
C13 CLA YC . -1.53 -6.48 -26.15
C14 CLA YC . -1.01 -6.64 -27.57
C15 CLA YC . -2.99 -6.88 -26.08
C16 CLA YC . -3.14 -8.37 -25.87
C17 CLA YC . -4.35 -8.94 -26.58
C18 CLA YC . -4.45 -10.46 -26.45
C19 CLA YC . -3.08 -11.10 -26.38
C20 CLA YC . -5.24 -11.05 -27.60
MG CLA ZC . -9.26 11.28 -33.59
CHA CLA ZC . -10.13 8.67 -31.53
CHB CLA ZC . -10.64 9.66 -36.21
CHC CLA ZC . -8.46 13.94 -35.55
CHD CLA ZC . -7.80 12.90 -30.82
NA CLA ZC . -10.24 9.46 -33.80
C1A CLA ZC . -10.51 8.50 -32.82
C2A CLA ZC . -11.22 7.30 -33.40
C3A CLA ZC . -11.24 7.60 -34.91
C4A CLA ZC . -10.69 9.01 -35.01
CMA CLA ZC . -10.31 6.64 -35.61
CAA CLA ZC . -12.62 7.18 -32.84
CBA CLA ZC . -12.99 5.76 -32.49
CGA CLA ZC . -14.37 5.74 -31.89
O1A CLA ZC . -14.90 6.57 -31.14
O2A CLA ZC . -15.10 4.65 -32.26
NB CLA ZC . -9.50 11.71 -35.52
C1B CLA ZC . -10.13 10.94 -36.43
C2B CLA ZC . -10.21 11.65 -37.72
C3B CLA ZC . -9.59 12.87 -37.55
C4B CLA ZC . -9.12 12.92 -36.13
CMB CLA ZC . -10.83 11.03 -38.88
CAB CLA ZC . -9.36 13.96 -38.45
CBB CLA ZC . -10.07 14.23 -39.55
NC CLA ZC . -8.28 13.08 -33.24
C1C CLA ZC . -8.04 14.01 -34.20
C2C CLA ZC . -7.33 15.13 -33.62
C3C CLA ZC . -7.18 14.86 -32.27
C4C CLA ZC . -7.78 13.56 -32.05
CMC CLA ZC . -6.90 16.32 -34.34
CAC CLA ZC . -6.53 15.71 -31.26
CBC CLA ZC . -5.29 15.11 -30.65
ND CLA ZC . -9.00 10.93 -31.63
C1D CLA ZC . -8.37 11.68 -30.61
C2D CLA ZC . -8.44 10.92 -29.35
C3D CLA ZC . -9.10 9.75 -29.66
C4D CLA ZC . -9.42 9.81 -31.08
CMD CLA ZC . -7.89 11.39 -28.10
CAD CLA ZC . -9.58 8.49 -29.17
OBD CLA ZC . -9.48 8.03 -28.06
CBD CLA ZC . -10.29 7.77 -30.35
CGD CLA ZC . -9.69 6.42 -30.61
O1D CLA ZC . -10.09 5.57 -31.40
O2D CLA ZC . -8.59 6.14 -29.88
CED CLA ZC . -8.13 4.79 -29.97
C1 CLA ZC . -16.49 4.67 -31.87
C2 CLA ZC . -16.66 3.67 -30.78
C3 CLA ZC . -17.81 3.03 -30.61
C4 CLA ZC . -18.97 3.28 -31.49
C5 CLA ZC . -18.00 2.03 -29.52
C6 CLA ZC . -18.81 0.83 -29.96
C7 CLA ZC . -19.41 0.16 -28.73
C8 CLA ZC . -19.66 -1.32 -28.92
C9 CLA ZC . -20.88 -1.74 -28.13
C10 CLA ZC . -18.48 -2.17 -28.43
C11 CLA ZC . -17.58 -2.56 -29.56
C12 CLA ZC . -16.83 -3.83 -29.23
C13 CLA ZC . -15.46 -3.56 -28.64
C14 CLA ZC . -14.38 -3.97 -29.62
C15 CLA ZC . -15.29 -4.29 -27.32
C16 CLA ZC . -14.96 -3.32 -26.21
C17 CLA ZC . -14.04 -3.95 -25.19
C18 CLA ZC . -12.76 -4.38 -25.85
C19 CLA ZC . -11.90 -5.21 -24.91
C20 CLA ZC . -11.98 -3.18 -26.35
MG CLA AD . -23.72 21.42 -19.23
CHA CLA AD . -25.83 23.45 -21.06
CHB CLA AD . -21.21 23.61 -19.72
CHC CLA AD . -21.71 19.44 -17.34
CHD CLA AD . -26.37 19.14 -18.85
NA CLA AD . -23.57 23.21 -20.26
C1A CLA AD . -24.55 23.89 -20.97
C2A CLA AD . -24.01 25.16 -21.58
C3A CLA AD . -22.50 25.02 -21.38
C4A CLA AD . -22.39 23.89 -20.38
CMA CLA AD . -21.85 24.61 -22.65
CAA CLA AD . -24.55 26.34 -20.82
CBA CLA AD . -23.49 27.38 -20.62
CGA CLA AD . -22.93 27.21 -19.26
O1A CLA AD . -22.17 27.94 -18.62
O2A CLA AD . -23.35 26.06 -18.67
NB CLA AD . -21.79 21.48 -18.69
C1B CLA AD . -21.02 22.57 -18.82
C2B CLA AD . -19.87 22.48 -17.90
C3B CLA AD . -19.99 21.30 -17.22
C4B CLA AD . -21.22 20.64 -17.73
CMB CLA AD . -18.86 23.53 -17.86
CAB CLA AD . -19.16 20.67 -16.23
CBB CLA AD . -18.28 21.27 -15.43
NC CLA AD . -23.99 19.58 -18.30
C1C CLA AD . -23.01 18.93 -17.63
C2C CLA AD . -23.53 17.64 -17.17
C3C CLA AD . -24.86 17.59 -17.55
C4C CLA AD . -25.14 18.80 -18.28
CMC CLA AD . -22.79 16.63 -16.45
CAC CLA AD . -25.78 16.46 -17.33
CBC CLA AD . -26.81 16.76 -16.27
ND CLA AD . -25.65 21.26 -19.79
C1D CLA AD . -26.63 20.29 -19.54
C2D CLA AD . -27.89 20.72 -20.16
C3D CLA AD . -27.65 21.92 -20.76
C4D CLA AD . -26.23 22.21 -20.50
CMD CLA AD . -29.14 19.95 -20.09
CAD CLA AD . -28.17 23.01 -21.55
OBD CLA AD . -29.27 23.18 -22.02
CBD CLA AD . -27.02 24.02 -21.75
CGD CLA AD . -26.73 24.17 -23.21
O1D CLA AD . -26.47 23.27 -23.99
O2D CLA AD . -26.76 25.44 -23.68
CED CLA AD . -27.66 25.67 -24.75
C1 CLA AD . -23.22 26.06 -17.24
C2 CLA AD . -23.44 24.68 -16.80
C3 CLA AD . -23.45 24.40 -15.50
C4 CLA AD . -23.22 25.47 -14.50
C5 CLA AD . -23.68 23.03 -15.00
C6 CLA AD . -24.81 22.38 -15.75
C7 CLA AD . -26.14 23.00 -15.37
C8 CLA AD . -27.23 22.53 -16.31
C9 CLA AD . -27.63 23.66 -17.23
C10 CLA AD . -28.42 22.04 -15.53
C11 CLA AD . -29.58 21.74 -16.45
C12 CLA AD . -30.19 20.39 -16.16
C13 CLA AD . -30.96 20.41 -14.84
C14 CLA AD . -30.29 19.52 -13.80
C15 CLA AD . -32.39 19.94 -15.06
C16 CLA AD . -33.31 20.62 -14.07
C17 CLA AD . -34.75 20.63 -14.55
C18 CLA AD . -35.60 21.62 -13.78
C19 CLA AD . -35.15 21.68 -12.34
C20 CLA AD . -37.06 21.26 -13.87
MG CLA BD . -24.49 18.50 -27.80
CHA CLA BD . -23.52 21.08 -29.86
CHB CLA BD . -25.88 20.71 -25.67
CHC CLA BD . -25.66 15.89 -25.95
CHD CLA BD . -22.93 16.21 -30.00
NA CLA BD . -24.65 20.56 -27.78
C1A CLA BD . -24.20 21.46 -28.75
C2A CLA BD . -24.53 22.88 -28.36
C3A CLA BD . -25.09 22.73 -26.94
C4A CLA BD . -25.25 21.23 -26.77
CMA CLA BD . -24.09 23.27 -25.96
CAA CLA BD . -25.62 23.38 -29.28
CBA CLA BD . -27.00 22.88 -28.91
CGA CLA BD . -27.55 22.08 -30.04
O1A CLA BD . -26.98 21.19 -30.69
O2A CLA BD . -28.83 22.40 -30.37
NB CLA BD . -25.55 18.33 -26.11
C1B CLA BD . -26.05 19.35 -25.40
C2B CLA BD . -26.82 18.83 -24.27
C3B CLA BD . -26.77 17.47 -24.31
C4B CLA BD . -25.95 17.12 -25.51
CMB CLA BD . -27.48 19.71 -23.33
CAB CLA BD . -27.39 16.52 -23.42
CBB CLA BD . -27.21 15.21 -23.34
NC CLA BD . -24.31 16.43 -27.95
C1C CLA BD . -24.90 15.57 -27.10
C2C CLA BD . -24.65 14.21 -27.51
C3C CLA BD . -23.83 14.28 -28.62
C4C CLA BD . -23.62 15.69 -28.90
CMC CLA BD . -25.23 13.09 -26.79
CAC CLA BD . -23.30 13.17 -29.41
CBC CLA BD . -24.05 12.97 -30.70
ND CLA BD . -23.44 18.56 -29.52
C1D CLA BD . -22.85 17.56 -30.30
C2D CLA BD . -22.17 18.20 -31.45
C3D CLA BD . -22.41 19.54 -31.34
C4D CLA BD . -23.20 19.72 -30.12
CMD CLA BD . -21.44 17.48 -32.48
CAD CLA BD . -22.18 20.86 -31.89
OBD CLA BD . -21.55 21.17 -32.87
CBD CLA BD . -22.90 21.88 -30.97
CGD CLA BD . -21.92 22.88 -30.46
O1D CLA BD . -20.72 22.70 -30.24
O2D CLA BD . -22.44 24.11 -30.22
CED CLA BD . -21.81 25.21 -30.86
C1 CLA BD . -29.73 21.32 -30.73
C2 CLA BD . -29.68 21.10 -32.20
C3 CLA BD . -30.68 20.56 -32.91
C4 CLA BD . -31.95 20.15 -32.27
C5 CLA BD . -30.58 20.37 -34.38
C6 CLA BD . -30.69 18.91 -34.78
C7 CLA BD . -30.58 18.77 -36.29
C8 CLA BD . -30.63 17.32 -36.74
C9 CLA BD . -29.36 16.61 -36.35
C10 CLA BD . -30.81 17.23 -38.25
C11 CLA BD . -32.26 17.33 -38.67
C12 CLA BD . -32.50 16.58 -39.96
C13 CLA BD . -33.71 17.13 -40.72
C14 CLA BD . -34.93 17.16 -39.81
C15 CLA BD . -33.99 16.27 -41.94
C16 CLA BD . -34.30 17.11 -43.16
C17 CLA BD . -34.56 16.23 -44.36
C18 CLA BD . -35.50 16.89 -45.36
C19 CLA BD . -36.78 17.33 -44.66
C20 CLA BD . -35.86 15.94 -46.48
MG CLA CD . -31.38 4.43 -16.34
CHA CLA CD . -33.04 2.71 -13.87
CHB CLA CD . -34.12 4.23 -18.31
CHC CLA CD . -29.80 6.38 -18.68
CHD CLA CD . -28.58 4.70 -14.23
NA CLA CD . -33.25 3.58 -16.12
C1A CLA CD . -33.76 2.93 -14.99
C2A CLA CD . -35.18 2.49 -15.23
C3A CLA CD . -35.45 2.88 -16.69
C4A CLA CD . -34.20 3.63 -17.08
CMA CLA CD . -35.60 1.65 -17.54
CAA CLA CD . -36.08 3.30 -14.34
CBA CLA CD . -35.65 4.75 -14.25
CGA CLA CD . -36.42 5.39 -13.14
O1A CLA CD . -37.06 4.82 -12.26
O2A CLA CD . -36.36 6.75 -13.14
NB CLA CD . -31.87 5.20 -18.12
C1B CLA CD . -33.01 4.94 -18.78
C2B CLA CD . -32.96 5.51 -20.14
C3B CLA CD . -31.74 6.13 -20.26
C4B CLA CD . -31.03 5.92 -18.97
CMB CLA CD . -34.06 5.37 -21.05
CAB CLA CD . -31.14 6.84 -21.34
CBB CLA CD . -31.76 7.29 -22.44
NC CLA CD . -29.50 5.33 -16.45
C1C CLA CD . -29.08 6.09 -17.49
C2C CLA CD . -27.77 6.63 -17.22
C3C CLA CD . -27.41 6.15 -15.97
C4C CLA CD . -28.51 5.34 -15.48
CMC CLA CD . -27.03 7.49 -18.12
CAC CLA CD . -26.17 6.46 -15.26
CBC CLA CD . -26.30 7.77 -14.49
ND CLA CD . -30.80 3.73 -14.56
C1D CLA CD . -29.63 3.93 -13.78
C2D CLA CD . -29.80 3.24 -12.50
C3D CLA CD . -31.08 2.75 -12.49
C4D CLA CD . -31.67 3.11 -13.77
CMD CLA CD . -28.79 3.15 -11.45
CAD CLA CD . -32.07 2.02 -11.74
OBD CLA CD . -31.98 1.45 -10.66
CBD CLA CD . -33.38 2.04 -12.56
CGD CLA CD . -33.91 0.66 -12.77
O1D CLA CD . -34.24 0.13 -13.83
O2D CLA CD . -34.01 -0.08 -11.65
CED CLA CD . -34.70 -1.32 -11.77
C1 CLA CD . -37.39 7.44 -12.41
C2 CLA CD . -36.98 8.88 -12.31
C3 CLA CD . -36.09 9.28 -11.40
C4 CLA CD . -35.47 8.32 -10.47
C5 CLA CD . -35.65 10.70 -11.27
C6 CLA CD . -34.61 10.85 -10.16
C7 CLA CD . -33.77 12.10 -10.34
C8 CLA CD . -32.28 11.76 -10.41
C9 CLA CD . -31.84 11.16 -9.10
C10 CLA CD . -31.43 12.97 -10.75
C11 CLA CD . -31.42 14.02 -9.65
C12 CLA CD . -30.32 15.03 -9.83
C13 CLA CD . -30.83 16.34 -10.42
C14 CLA CD . -30.61 16.37 -11.91
C15 CLA CD . -30.16 17.55 -9.77
C16 CLA CD . -30.79 18.86 -10.22
C17 CLA CD . -29.82 20.02 -10.12
C18 CLA CD . -30.48 21.35 -9.78
C19 CLA CD . -29.45 22.45 -9.67
C20 CLA CD . -31.27 21.26 -8.50
MG CLA DD . -11.59 -13.81 -22.47
CHA CLA DD . -12.33 -16.99 -23.54
CHB CLA DD . -9.01 -15.04 -20.68
CHC CLA DD . -10.74 -10.60 -21.59
CHD CLA DD . -14.18 -12.56 -24.49
NA CLA DD . -10.84 -15.72 -22.14
C1A CLA DD . -11.27 -16.92 -22.70
C2A CLA DD . -10.42 -18.10 -22.21
C3A CLA DD . -9.47 -17.44 -21.20
C4A CLA DD . -9.77 -15.96 -21.34
CMA CLA DD . -9.76 -17.88 -19.80
CAA CLA DD . -9.66 -18.73 -23.35
CBA CLA DD . -8.30 -18.10 -23.54
CGA CLA DD . -8.40 -16.96 -24.50
O1A CLA DD . -9.17 -16.00 -24.47
O2A CLA DD . -7.49 -17.02 -25.52
NB CLA DD . -10.15 -12.97 -21.36
C1B CLA DD . -9.20 -13.66 -20.72
C2B CLA DD . -8.31 -12.72 -20.01
C3B CLA DD . -8.78 -11.45 -20.25
C4B CLA DD . -9.97 -11.61 -21.11
CMB CLA DD . -7.20 -13.21 -19.23
CAB CLA DD . -8.33 -10.17 -19.81
CBB CLA DD . -7.07 -9.86 -19.48
NC CLA DD . -12.38 -11.94 -22.90
C1C CLA DD . -11.89 -10.75 -22.43
C2C CLA DD . -12.66 -9.65 -22.94
C3C CLA DD . -13.61 -10.19 -23.79
C4C CLA DD . -13.42 -11.63 -23.77
CMC CLA DD . -12.43 -8.25 -22.62
CAC CLA DD . -14.62 -9.44 -24.54
CBC CLA DD . -14.06 -8.89 -25.82
ND CLA DD . -13.06 -14.55 -23.61
C1D CLA DD . -14.02 -13.93 -24.43
C2D CLA DD . -14.79 -14.97 -25.13
C3D CLA DD . -14.22 -16.18 -24.78
C4D CLA DD . -13.10 -15.85 -23.88
CMD CLA DD . -15.92 -14.70 -25.99
CAD CLA DD . -14.27 -17.61 -24.91
OBD CLA DD . -15.13 -18.34 -25.38
CBD CLA DD . -12.97 -18.15 -24.25
CGD CLA DD . -13.22 -19.26 -23.28
O1D CLA DD . -12.71 -20.38 -23.27
O2D CLA DD . -14.13 -18.96 -22.32
CED CLA DD . -14.07 -19.76 -21.14
C1 CLA DD . -6.46 -16.01 -25.52
C2 CLA DD . -6.24 -15.62 -26.94
C3 CLA DD . -5.14 -14.99 -27.39
C4 CLA DD . -4.98 -14.62 -28.81
C5 CLA DD . -4.01 -14.65 -26.48
MG CLA ED . 7.69 -1.75 -10.02
CHA CLA ED . 4.93 -3.78 -9.63
CHB CLA ED . 7.40 -0.76 -6.82
CHC CLA ED . 10.43 0.28 -10.45
CHD CLA ED . 7.86 -2.69 -13.40
NA CLA ED . 6.36 -2.21 -8.49
C1A CLA ED . 5.26 -3.07 -8.52
C2A CLA ED . 4.55 -3.08 -7.18
C3A CLA ED . 5.42 -2.18 -6.30
C4A CLA ED . 6.47 -1.66 -7.26
CMA CLA ED . 4.66 -1.05 -5.66
CAA CLA ED . 4.40 -4.48 -6.60
CBA CLA ED . 5.65 -4.87 -5.87
CGA CLA ED . 6.03 -6.24 -6.32
O1A CLA ED . 6.75 -6.54 -7.26
O2A CLA ED . 5.48 -7.21 -5.56
NB CLA ED . 8.69 -0.45 -8.87
C1B CLA ED . 8.44 -0.22 -7.57
C2B CLA ED . 9.47 0.66 -7.00
C3B CLA ED . 10.34 0.97 -8.02
C4B CLA ED . 9.86 0.25 -9.21
CMB CLA ED . 9.45 1.07 -5.60
CAB CLA ED . 11.52 1.78 -8.01
CBB CLA ED . 12.44 1.81 -7.05
NC CLA ED . 8.92 -1.31 -11.63
C1C CLA ED . 9.98 -0.45 -11.59
C2C CLA ED . 10.60 -0.38 -12.89
C3C CLA ED . 9.86 -1.20 -13.73
C4C CLA ED . 8.80 -1.77 -12.94
CMC CLA ED . 11.78 0.41 -13.23
CAC CLA ED . 10.09 -1.44 -15.14
CBC CLA ED . 9.20 -0.52 -15.95
ND CLA ED . 6.72 -2.98 -11.27
C1D CLA ED . 6.88 -3.27 -12.64
C2D CLA ED . 5.89 -4.29 -13.03
C3D CLA ED . 5.15 -4.55 -11.90
C4D CLA ED . 5.67 -3.67 -10.85
CMD CLA ED . 5.81 -4.91 -14.35
CAD CLA ED . 4.09 -5.34 -11.31
OBD CLA ED . 3.48 -6.30 -11.77
CBD CLA ED . 3.84 -4.78 -9.90
CGD CLA ED . 2.53 -4.06 -9.90
O1D CLA ED . 2.28 -2.95 -10.39
O2D CLA ED . 1.51 -4.69 -9.30
CED CLA ED . 0.26 -4.02 -9.40
C1 CLA ED . 6.11 -8.50 -5.58
C2 CLA ED . 5.62 -9.21 -6.78
C3 CLA ED . 4.77 -10.24 -6.71
C4 CLA ED . 4.24 -10.73 -5.43
C5 CLA ED . 4.31 -10.92 -7.95
C6 CLA ED . 5.45 -10.99 -8.95
C7 CLA ED . 5.30 -9.95 -10.04
C8 CLA ED . 6.64 -9.35 -10.45
C9 CLA ED . 6.55 -7.85 -10.40
C10 CLA ED . 7.04 -9.76 -11.86
C11 CLA ED . 6.92 -11.24 -12.11
C12 CLA ED . 5.83 -11.57 -13.13
C13 CLA ED . 6.41 -11.94 -14.48
C14 CLA ED . 7.54 -12.94 -14.34
C15 CLA ED . 6.89 -10.70 -15.24
C16 CLA ED . 5.75 -9.78 -15.59
C17 CLA ED . 4.70 -10.50 -16.42
C18 CLA ED . 4.48 -9.83 -17.77
C19 CLA ED . 5.75 -9.95 -18.60
C20 CLA ED . 4.08 -8.39 -17.62
MG CLA FD . 12.17 7.07 -5.60
CHA CLA FD . 15.52 7.84 -5.31
CHB CLA FD . 12.84 5.14 -8.29
CHC CLA FD . 8.86 6.30 -5.77
CHD CLA FD . 11.51 9.18 -2.83
NA CLA FD . 13.93 6.57 -6.60
C1A CLA FD . 15.22 7.00 -6.33
C2A CLA FD . 16.20 6.36 -7.30
C3A CLA FD . 15.32 5.46 -8.19
C4A CLA FD . 13.92 5.73 -7.66
CMA CLA FD . 15.43 5.83 -9.63
CAA CLA FD . 17.23 5.55 -6.54
CBA CLA FD . 17.04 4.06 -6.52
CGA CLA FD . 18.13 3.53 -5.65
O1A CLA FD . 18.21 3.58 -4.42
O2A CLA FD . 19.16 2.94 -6.32
NB CLA FD . 11.08 5.87 -6.76
C1B CLA FD . 11.50 5.30 -7.90
C2B CLA FD . 10.33 4.86 -8.72
C3B CLA FD . 9.22 5.19 -8.00
C4B CLA FD . 9.67 5.82 -6.75
CMB CLA FD . 10.44 4.23 -10.03
CAB CLA FD . 7.83 4.98 -8.30
CBB CLA FD . 7.05 4.14 -7.62
NC CLA FD . 10.51 7.62 -4.48
C1C CLA FD . 9.26 7.14 -4.71
C2C CLA FD . 8.35 7.65 -3.72
C3C CLA FD . 9.07 8.53 -2.92
C4C CLA FD . 10.44 8.50 -3.40
CMC CLA FD . 6.94 7.29 -3.70
CAC CLA FD . 8.59 9.30 -1.76
CBC CLA FD . 8.70 8.51 -0.49
ND CLA FD . 13.20 8.28 -4.35
C1D CLA FD . 12.79 9.11 -3.28
C2D CLA FD . 13.99 9.78 -2.74
C3D CLA FD . 15.06 9.29 -3.44
C4D CLA FD . 14.52 8.38 -4.44
CMD CLA FD . 13.94 10.72 -1.64
CAD CLA FD . 16.49 9.33 -3.62
OBD CLA FD . 17.34 9.95 -2.99
CBD CLA FD . 16.83 8.42 -4.83
CGD CLA FD . 17.48 9.19 -5.93
O1D CLA FD . 18.66 9.52 -6.02
O2D CLA FD . 16.64 9.55 -6.93
CED CLA FD . 17.17 10.46 -7.86
C1 CLA FD . 19.12 1.51 -6.53
C2 CLA FD . 19.49 0.80 -5.27
C3 CLA FD . 20.05 -0.43 -5.28
C4 CLA FD . 20.34 -1.14 -6.55
C5 CLA FD . 20.40 -1.15 -4.03
C6 CLA FD . 20.16 -2.64 -4.14
C7 CLA FD . 21.46 -3.41 -4.03
C8 CLA FD . 21.30 -4.92 -4.05
C9 CLA FD . 22.20 -5.56 -3.02
C10 CLA FD . 21.62 -5.49 -5.43
C11 CLA FD . 21.77 -7.00 -5.39
C12 CLA FD . 21.72 -7.62 -6.77
C13 CLA FD . 22.01 -9.11 -6.71
MG CLA GD . -3.28 8.29 -37.35
CHA CLA GD . -3.89 9.82 -40.39
CHB CLA GD . -5.97 9.88 -36.03
CHC CLA GD . -2.81 6.51 -34.48
CHD CLA GD . -0.35 6.88 -38.71
NA CLA GD . -4.69 9.63 -38.10
C1A CLA GD . -4.78 10.12 -39.41
C2A CLA GD . -5.94 11.08 -39.55
C3A CLA GD . -6.42 11.26 -38.09
C4A CLA GD . -5.67 10.17 -37.34
CMA CLA GD . -5.99 12.61 -37.60
CAA CLA GD . -7.01 10.43 -40.39
CBA CLA GD . -7.32 9.02 -39.94
CGA CLA GD . -7.68 8.18 -41.13
O1A CLA GD . -6.93 7.57 -41.89
O2A CLA GD . -9.02 8.14 -41.38
NB CLA GD . -4.16 8.27 -35.55
C1B CLA GD . -5.32 8.89 -35.26
C2B CLA GD . -5.84 8.38 -33.97
C3B CLA GD . -4.98 7.45 -33.52
C4B CLA GD . -3.88 7.34 -34.52
CMB CLA GD . -7.08 8.84 -33.37
CAB CLA GD . -5.08 6.65 -32.34
CBB CLA GD . -4.15 6.55 -31.39
NC CLA GD . -1.83 6.95 -36.72
C1C CLA GD . -1.84 6.34 -35.50
C2C CLA GD . -0.71 5.43 -35.40
C3C CLA GD . 0.02 5.56 -36.58
C4C CLA GD . -0.70 6.52 -37.41
CMC CLA GD . -0.42 4.59 -34.25
CAC CLA GD . 1.26 4.86 -36.92
CBC CLA GD . 1.06 3.75 -37.90
ND CLA GD . -2.34 8.24 -39.12
C1D CLA GD . -1.13 7.66 -39.53
C2D CLA GD . -0.88 8.03 -40.94
C3D CLA GD . -1.94 8.81 -41.33
C4D CLA GD . -2.79 8.95 -40.15
CMD CLA GD . 0.25 7.58 -41.74
CAD CLA GD . -2.51 9.59 -42.39
OBD CLA GD . -2.13 9.73 -43.54
CBD CLA GD . -3.75 10.28 -41.81
CGD CLA GD . -3.53 11.75 -41.87
O1D CLA GD . -3.53 12.56 -40.96
O2D CLA GD . -3.28 12.20 -43.12
CED CLA GD . -3.27 13.61 -43.25
C1 CLA GD . -9.81 7.08 -40.81
C2 CLA GD . -9.13 5.77 -41.05
C3 CLA GD . -8.98 5.18 -42.24
C4 CLA GD . -9.48 5.78 -43.49
C5 CLA GD . -8.29 3.86 -42.32
C6 CLA GD . -7.04 3.85 -43.19
C7 CLA GD . -5.90 3.13 -42.49
C8 CLA GD . -5.28 2.01 -43.32
C9 CLA GD . -4.66 0.96 -42.44
C10 CLA GD . -4.23 2.53 -44.29
C11 CLA GD . -4.26 1.78 -45.61
C12 CLA GD . -2.98 1.03 -45.90
C13 CLA GD . -2.08 1.77 -46.86
C14 CLA GD . -2.86 2.37 -48.01
C15 CLA GD . -0.98 0.87 -47.41
C16 CLA GD . -0.23 0.19 -46.28
C17 CLA GD . 0.14 -1.24 -46.62
C18 CLA GD . 0.86 -1.92 -45.46
C19 CLA GD . 1.90 -2.90 -45.98
C20 CLA GD . -0.11 -2.63 -44.55
MG CLA HD . -1.99 5.45 -45.65
CHA CLA HD . -3.77 6.62 -48.35
CHB CLA HD . -4.48 6.45 -43.58
CHC CLA HD . -0.26 4.12 -43.02
CHD CLA HD . 0.61 4.48 -47.83
NA CLA HD . -3.82 6.38 -45.95
C1A CLA HD . -4.39 6.77 -47.15
C2A CLA HD . -5.76 7.40 -46.93
C3A CLA HD . -5.89 7.45 -45.40
C4A CLA HD . -4.66 6.70 -44.92
CMA CLA HD . -5.91 8.87 -44.91
CAA CLA HD . -6.80 6.45 -47.47
CBA CLA HD . -6.50 5.02 -47.08
CGA CLA HD . -7.72 4.17 -47.14
O1A CLA HD . -8.90 4.52 -47.20
O2A CLA HD . -7.45 2.83 -47.13
NB CLA HD . -2.29 5.36 -43.67
C1B CLA HD . -3.39 5.78 -43.02
C2B CLA HD . -3.28 5.44 -41.57
C3B CLA HD . -2.10 4.79 -41.41
C4B CLA HD . -1.45 4.71 -42.75
CMB CLA HD . -4.31 5.75 -40.60
CAB CLA HD . -1.50 4.20 -40.24
CBB CLA HD . -2.09 3.31 -39.45
NC CLA HD . -0.16 4.48 -45.46
C1C CLA HD . 0.34 4.01 -44.29
C2C CLA HD . 1.61 3.36 -44.53
C3C CLA HD . 1.89 3.48 -45.87
C4C CLA HD . 0.76 4.19 -46.47
CMC CLA HD . 2.40 2.72 -43.48
CAC CLA HD . 3.09 2.98 -46.57
CBC CLA HD . 2.81 1.75 -47.41
ND CLA HD . -1.62 5.47 -47.63
C1D CLA HD . -0.50 5.06 -48.39
C2D CLA HD . -0.75 5.40 -49.81
C3D CLA HD . -1.98 5.99 -49.85
C4D CLA HD . -2.47 6.02 -48.47
CMD CLA HD . 0.17 5.12 -50.91
CAD CLA HD . -3.00 6.60 -50.68
OBD CLA HD . -3.01 6.77 -51.89
CBD CLA HD . -4.15 7.05 -49.74
CGD CLA HD . -4.24 8.53 -49.76
O1D CLA HD . -3.98 9.31 -48.84
O2D CLA HD . -4.62 9.05 -50.95
CED CLA HD . -3.71 9.96 -51.56
MG CLA ID . -5.00 12.23 -25.67
CHA CLA ID . -2.78 11.22 -28.10
CHB CLA ID . -6.10 9.06 -25.37
CHC CLA ID . -7.23 13.30 -23.32
CHD CLA ID . -3.76 15.51 -26.00
NA CLA ID . -4.51 10.44 -26.61
C1A CLA ID . -3.55 10.22 -27.59
C2A CLA ID . -3.52 8.77 -28.01
C3A CLA ID . -4.61 8.14 -27.15
C4A CLA ID . -5.12 9.28 -26.30
CMA CLA ID . -5.73 7.64 -28.01
CAA CLA ID . -2.19 8.09 -27.73
CBA CLA ID . -2.26 6.70 -28.31
CGA CLA ID . -0.91 6.09 -28.46
O1A CLA ID . 0.13 6.45 -27.93
O2A CLA ID . -0.89 5.02 -29.30
NB CLA ID . -6.37 11.34 -24.54
C1B CLA ID . -6.69 10.04 -24.57
C2B CLA ID . -7.80 9.75 -23.65
C3B CLA ID . -8.13 10.95 -23.06
C4B CLA ID . -7.24 11.98 -23.63
CMB CLA ID . -8.35 8.41 -23.48
CAB CLA ID . -9.14 11.27 -22.10
CBB CLA ID . -10.29 10.61 -21.92
NC CLA ID . -5.42 14.08 -24.81
C1C CLA ID . -6.37 14.29 -23.87
C2C CLA ID . -6.39 15.70 -23.50
C3C CLA ID . -5.41 16.32 -24.25
C4C CLA ID . -4.80 15.30 -25.07
CMC CLA ID . -7.31 16.26 -22.53
CAC CLA ID . -5.05 17.74 -24.31
CBC CLA ID . -4.44 18.27 -23.05
ND CLA ID . -3.63 13.22 -26.77
C1D CLA ID . -3.21 14.55 -26.79
C2D CLA ID . -2.15 14.71 -27.79
C3D CLA ID . -1.96 13.46 -28.35
C4D CLA ID . -2.90 12.57 -27.67
CMD CLA ID . -1.49 15.97 -28.07
CAD CLA ID . -1.23 12.67 -29.30
OBD CLA ID . -0.37 13.01 -30.10
CBD CLA ID . -1.72 11.22 -29.15
CGD CLA ID . -2.32 10.74 -30.42
O1D CLA ID . -2.13 9.69 -31.01
O2D CLA ID . -3.20 11.62 -30.95
CED CLA ID . -4.00 11.14 -32.03
C1 CLA ID . 0.12 4.02 -29.08
C2 CLA ID . 0.34 3.26 -30.34
C3 CLA ID . 0.77 1.99 -30.34
C4 CLA ID . 1.03 1.28 -29.07
C5 CLA ID . 1.00 1.22 -31.59
C6 CLA ID . 1.03 -0.28 -31.36
C7 CLA ID . 1.49 -1.05 -32.59
C8 CLA ID . 2.77 -1.84 -32.36
C9 CLA ID . 3.81 -1.51 -33.42
C10 CLA ID . 2.53 -3.35 -32.33
C11 CLA ID . 1.43 -3.78 -31.38
C12 CLA ID . 0.44 -4.70 -32.05
C13 CLA ID . -0.52 -5.33 -31.05
C14 CLA ID . -0.67 -6.82 -31.33
C15 CLA ID . -1.87 -4.65 -31.05
MG CLA JD . 2.40 3.38 -21.37
CHA CLA JD . 1.94 5.90 -23.67
CHB CLA JD . -0.96 3.02 -21.12
CHC CLA JD . 2.89 0.83 -19.15
CHD CLA JD . 5.87 3.90 -21.57
NA CLA JD . 0.77 4.32 -22.28
C1A CLA JD . 0.79 5.35 -23.21
C2A CLA JD . -0.61 5.75 -23.62
C3A CLA JD . -1.51 4.88 -22.73
C4A CLA JD . -0.51 3.99 -21.98
CMA CLA JD . -2.31 5.74 -21.79
CAA CLA JD . -0.84 5.37 -25.07
CBA CLA JD . -0.91 3.87 -25.23
CGA CLA JD . 0.45 3.33 -25.47
O1A CLA JD . 1.28 3.68 -26.30
O2A CLA JD . 0.81 2.31 -24.62
NB CLA JD . 1.20 2.19 -20.30
C1B CLA JD . -0.15 2.15 -20.39
C2B CLA JD . -0.67 1.04 -19.56
C3B CLA JD . 0.41 0.42 -19.00
C4B CLA JD . 1.61 1.14 -19.46
CMB CLA JD . -2.10 0.77 -19.46
CAB CLA JD . 0.52 -0.71 -18.13
CBB CLA JD . -0.49 -1.52 -17.77
NC CLA JD . 4.09 2.51 -20.54
C1C CLA JD . 4.06 1.47 -19.66
C2C CLA JD . 5.41 1.11 -19.29
C3C CLA JD . 6.26 1.98 -19.95
C4C CLA JD . 5.41 2.86 -20.74
CMC CLA JD . 5.78 0.03 -18.38
CAC CLA JD . 7.72 2.01 -19.89
CBC CLA JD . 8.24 2.71 -18.67
ND CLA JD . 3.67 4.53 -22.42
C1D CLA JD . 5.07 4.69 -22.35
C2D CLA JD . 5.47 5.78 -23.26
C3D CLA JD . 4.32 6.24 -23.84
C4D CLA JD . 3.23 5.46 -23.24
CMD CLA JD . 6.86 6.19 -23.47
CAD CLA JD . 3.72 7.18 -24.76
OBD CLA JD . 4.22 7.94 -25.56
CBD CLA JD . 2.18 7.05 -24.61
CGD CLA JD . 1.63 8.31 -24.03
O1D CLA JD . 1.33 8.52 -22.86
O2D CLA JD . 1.45 9.30 -24.92
CED CLA JD . 0.36 10.19 -24.67
C1 CLA JD . 1.96 1.54 -25.01
C2 CLA JD . 1.66 0.14 -24.63
C3 CLA JD . 2.22 -0.45 -23.57
C4 CLA JD . 3.19 0.27 -22.73
C5 CLA JD . 1.89 -1.85 -23.20
C6 CLA JD . 2.78 -2.40 -22.10
C7 CLA JD . 2.04 -3.40 -21.24
C8 CLA JD . 2.79 -3.81 -19.98
C9 CLA JD . 1.82 -3.89 -18.82
C10 CLA JD . 3.96 -2.89 -19.66
C11 CLA JD . 4.91 -3.46 -18.62
C12 CLA JD . 5.25 -4.93 -18.82
C13 CLA JD . 6.66 -5.31 -18.40
C14 CLA JD . 7.40 -4.15 -17.76
C15 CLA JD . 7.47 -5.83 -19.58
C16 CLA JD . 8.08 -7.19 -19.32
C17 CLA JD . 9.43 -7.11 -18.65
C18 CLA JD . 10.43 -8.12 -19.20
C19 CLA JD . 10.10 -9.55 -18.78
C20 CLA JD . 11.85 -7.78 -18.81
MG CLA KD . -6.98 -2.27 -21.18
CHA CLA KD . -6.72 0.81 -22.69
CHB CLA KD . -10.32 -1.82 -20.90
CHC CLA KD . -7.19 -5.31 -19.66
CHD CLA KD . -3.49 -2.68 -21.51
NA CLA KD . -8.28 -0.72 -21.69
C1A CLA KD . -7.97 0.48 -22.31
C2A CLA KD . -9.22 1.34 -22.49
C3A CLA KD . -10.31 0.55 -21.76
C4A CLA KD . -9.61 -0.77 -21.42
CMA CLA KD . -10.74 1.26 -20.51
CAA CLA KD . -9.58 1.44 -23.94
CBA CLA KD . -9.36 0.12 -24.65
CGA CLA KD . -9.53 0.35 -26.11
O1A CLA KD . -10.58 0.31 -26.76
O2A CLA KD . -8.36 0.62 -26.76
NB CLA KD . -8.45 -3.30 -20.31
C1B CLA KD . -9.76 -3.06 -20.53
C2B CLA KD . -10.57 -4.27 -20.30
C3B CLA KD . -9.68 -5.26 -19.95
C4B CLA KD . -8.34 -4.65 -19.93
CMB CLA KD . -12.01 -4.28 -20.48
CAB CLA KD . -9.85 -6.64 -19.61
CBB CLA KD . -11.01 -7.30 -19.54
NC CLA KD . -5.59 -3.72 -20.66
C1C CLA KD . -5.89 -4.88 -20.02
C2C CLA KD . -4.68 -5.63 -19.77
C3C CLA KD . -3.65 -4.90 -20.33
C4C CLA KD . -4.22 -3.70 -20.88
CMC CLA KD . -4.63 -6.92 -19.09
CAC CLA KD . -2.22 -5.23 -20.33
CBC CLA KD . -1.75 -5.73 -21.67
ND CLA KD . -5.43 -1.27 -22.00
C1D CLA KD . -4.05 -1.55 -22.05
C2D CLA KD . -3.38 -0.43 -22.75
C3D CLA KD . -4.35 0.49 -23.01
C4D CLA KD . -5.61 -0.08 -22.51
CMD CLA KD . -1.96 -0.33 -23.05
CAD CLA KD . -4.64 1.76 -23.60
OBD CLA KD . -3.89 2.54 -24.15
CBD CLA KD . -6.15 2.03 -23.37
CGD CLA KD . -6.33 3.24 -22.52
O1D CLA KD . -6.80 3.31 -21.40
O2D CLA KD . -5.89 4.37 -23.12
CED CLA KD . -6.09 5.58 -22.41
C1 CLA KD . -8.44 0.85 -28.18
C2 CLA KD . -8.55 -0.47 -28.85
MG CLA LD . -43.93 15.52 6.99
CHA CLA LD . -47.05 16.95 6.64
CHB CLA LD . -43.72 15.18 3.63
CHC CLA LD . -40.71 14.40 7.36
CHD CLA LD . -44.13 16.06 10.47
NA CLA LD . -45.21 15.95 5.42
C1A CLA LD . -46.44 16.58 5.48
C2A CLA LD . -47.03 16.78 4.10
C3A CLA LD . -46.03 16.06 3.19
C4A CLA LD . -44.89 15.71 4.13
CMA CLA LD . -46.65 14.83 2.61
CAA CLA LD . -46.97 18.28 3.80
CBA CLA LD . -45.74 18.95 4.37
CGA CLA LD . -45.82 20.45 4.38
O1A CLA LD . -46.71 21.18 3.94
O2A CLA LD . -44.73 21.04 4.95
NB CLA LD . -42.48 14.96 5.73
C1B CLA LD . -42.62 14.80 4.41
C2B CLA LD . -41.43 14.13 3.84
C3B CLA LD . -40.58 13.89 4.88
C4B CLA LD . -41.23 14.41 6.11
CMB CLA LD . -41.31 13.82 2.43
CAB CLA LD . -39.29 13.26 4.88
CBB CLA LD . -38.97 12.13 5.53
NC CLA LD . -42.68 15.24 8.63
C1C CLA LD . -41.39 14.78 8.55
C2C CLA LD . -40.79 14.77 9.88
C3C CLA LD . -41.77 15.23 10.75
C4C CLA LD . -42.94 15.53 9.96
CMC CLA LD . -39.43 14.33 10.17
CAC CLA LD . -41.64 15.41 12.20
CBC CLA LD . -42.30 14.29 12.95
ND CLA LD . -45.31 16.14 8.32
C1D CLA LD . -45.25 16.34 9.72
C2D CLA LD . -46.52 16.93 10.16
C3D CLA LD . -47.26 17.17 9.02
C4D CLA LD . -46.44 16.69 7.90
CMD CLA LD . -46.87 17.23 11.54
CAD CLA LD . -48.49 17.69 8.47
OBD CLA LD . -49.49 18.10 9.03
CBD CLA LD . -48.37 17.61 6.93
CGD CLA LD . -49.49 16.75 6.44
O1D CLA LD . -49.64 15.54 6.65
O2D CLA LD . -50.40 17.41 5.69
CED CLA LD . -51.64 16.75 5.43
C1 CLA LD . -44.92 22.21 5.78
C2 CLA LD . -43.70 23.05 5.68
C3 CLA LD . -42.79 23.17 6.66
C4 CLA LD . -42.94 22.48 7.96
C5 CLA LD . -41.57 24.01 6.52
C6 CLA LD . -41.61 24.98 5.35
C7 CLA LD . -40.84 26.23 5.69
C8 CLA LD . -40.83 27.23 4.53
C9 CLA LD . -39.42 27.48 4.06
C10 CLA LD . -41.47 28.54 4.95
C11 CLA LD . -41.57 29.54 3.79
C12 CLA LD . -42.46 29.02 2.69
C13 CLA LD . -42.89 30.11 1.71
C14 CLA LD . -42.87 31.49 2.32
C15 CLA LD . -44.27 29.81 1.16
C16 CLA LD . -44.22 29.29 -0.25
C17 CLA LD . -44.26 30.44 -1.24
C18 CLA LD . -44.76 29.99 -2.59
C19 CLA LD . -43.82 28.97 -3.19
C20 CLA LD . -44.89 31.19 -3.52
MG CLA MD . -30.95 19.11 -0.61
CHA CLA MD . -32.35 17.14 -3.06
CHB CLA MD . -29.61 21.12 -2.98
CHC CLA MD . -29.61 21.03 1.87
CHD CLA MD . -32.39 17.02 1.83
NA CLA MD . -30.97 19.10 -2.69
C1A CLA MD . -31.61 18.19 -3.53
C2A CLA MD . -31.37 18.52 -4.99
C3A CLA MD . -30.43 19.74 -4.92
C4A CLA MD . -30.32 20.03 -3.43
CMA CLA MD . -29.08 19.47 -5.52
CAA CLA MD . -32.67 18.91 -5.64
CBA CLA MD . -33.48 19.74 -4.66
CGA CLA MD . -34.75 20.17 -5.31
O1A CLA MD . -34.91 20.95 -6.24
O2A CLA MD . -35.84 19.57 -4.76
NB CLA MD . -29.78 20.73 -0.56
C1B CLA MD . -29.44 21.47 -1.64
C2B CLA MD . -28.84 22.74 -1.18
C3B CLA MD . -28.84 22.73 0.19
C4B CLA MD . -29.43 21.43 0.59
CMB CLA MD . -28.36 23.77 -2.08
CAB CLA MD . -28.37 23.72 1.10
CBB CLA MD . -29.01 24.18 2.17
NC CLA MD . -30.98 19.01 1.47
C1C CLA MD . -30.33 19.88 2.28
C2C CLA MD . -30.53 19.53 3.66
C3C CLA MD . -31.36 18.42 3.67
C4C CLA MD . -31.63 18.09 2.28
CMC CLA MD . -29.97 20.26 4.79
CAC CLA MD . -31.85 17.70 4.86
CBC CLA MD . -31.30 16.32 5.01
ND CLA MD . -32.11 17.46 -0.55
C1D CLA MD . -32.62 16.71 0.52
C2D CLA MD . -33.41 15.59 -0.03
C3D CLA MD . -33.35 15.71 -1.39
C4D CLA MD . -32.52 16.90 -1.66
CMD CLA MD . -34.09 14.60 0.79
CAD CLA MD . -33.75 15.17 -2.66
OBD CLA MD . -34.45 14.20 -2.90
CBD CLA MD . -33.14 16.07 -3.76
CGD CLA MD . -32.31 15.31 -4.73
O1D CLA MD . -31.19 15.58 -5.16
O2D CLA MD . -32.92 14.18 -5.19
CED CLA MD . -32.16 13.35 -6.06
C1 CLA MD . -37.12 20.16 -5.08
C2 CLA MD . -37.33 21.26 -4.11
C3 CLA MD . -38.55 21.58 -3.66
C4 CLA MD . -39.76 20.85 -4.10
C5 CLA MD . -38.74 22.68 -2.67
C6 CLA MD . -39.89 22.47 -1.73
C7 CLA MD . -39.81 23.44 -0.58
C8 CLA MD . -40.98 24.40 -0.54
C9 CLA MD . -41.03 25.24 -1.79
C10 CLA MD . -40.89 25.33 0.66
C11 CLA MD . -42.23 25.98 0.93
C12 CLA MD . -43.26 24.96 1.38
C13 CLA MD . -44.55 25.65 1.80
C14 CLA MD . -44.53 25.99 3.27
C15 CLA MD . -45.77 24.80 1.47
C16 CLA MD . -46.90 25.63 0.88
C17 CLA MD . -47.80 24.80 0.01
C18 CLA MD . -48.46 25.64 -1.10
C19 CLA MD . -47.51 26.68 -1.63
C20 CLA MD . -49.73 26.27 -0.62
MG CLA ND . -11.59 -17.75 -38.80
CHA CLA ND . -13.60 -15.98 -36.67
CHB CLA ND . -8.86 -16.23 -37.45
CHC CLA ND . -9.61 -19.57 -40.88
CHD CLA ND . -14.46 -19.30 -40.19
NA CLA ND . -11.31 -16.34 -37.29
C1A CLA ND . -12.27 -15.74 -36.50
C2A CLA ND . -11.66 -14.75 -35.52
C3A CLA ND . -10.15 -14.82 -35.85
C4A CLA ND . -10.08 -15.87 -36.93
CMA CLA ND . -9.64 -13.49 -36.31
CAA CLA ND . -11.85 -15.21 -34.09
CBA CLA ND . -10.87 -16.30 -33.77
CGA CLA ND . -10.95 -16.68 -32.34
O1A CLA ND . -11.53 -17.63 -31.82
O2A CLA ND . -10.26 -15.82 -31.54
NB CLA ND . -9.61 -17.93 -39.07
C1B CLA ND . -8.66 -17.17 -38.46
C2B CLA ND . -7.34 -17.47 -39.04
C3B CLA ND . -7.53 -18.43 -40.00
C4B CLA ND . -8.99 -18.71 -40.04
CMB CLA ND . -6.12 -16.80 -38.60
CAB CLA ND . -6.60 -19.04 -40.90
CBB CLA ND . -5.76 -18.37 -41.68
NC CLA ND . -11.97 -19.17 -40.27
C1C CLA ND . -11.01 -19.77 -41.01
C2C CLA ND . -11.60 -20.70 -41.94
C3C CLA ND . -12.98 -20.64 -41.74
C4C CLA ND . -13.20 -19.67 -40.68
CMC CLA ND . -10.85 -21.50 -42.90
CAC CLA ND . -14.00 -21.40 -42.46
CBC CLA ND . -14.71 -20.56 -43.49
ND CLA ND . -13.58 -17.65 -38.59
C1D CLA ND . -14.65 -18.36 -39.20
C2D CLA ND . -15.91 -17.87 -38.63
C3D CLA ND . -15.58 -16.93 -37.68
C4D CLA ND . -14.11 -16.85 -37.68
CMD CLA ND . -17.23 -18.32 -39.04
CAD CLA ND . -16.03 -15.95 -36.73
OBD CLA ND . -17.14 -15.50 -36.54
CBD CLA ND . -14.80 -15.40 -35.98
CGD CLA ND . -14.77 -13.92 -36.13
O1D CLA ND . -14.59 -13.06 -35.28
O2D CLA ND . -14.98 -13.51 -37.40
CED CLA ND . -14.33 -12.30 -37.79
C1 CLA ND . -10.06 -16.25 -30.18
C2 CLA ND . -10.31 -15.06 -29.33
C3 CLA ND . -10.68 -15.18 -28.05
C4 CLA ND . -10.87 -16.49 -27.41
C5 CLA ND . -10.92 -13.97 -27.22
C6 CLA ND . -9.68 -13.56 -26.45
C7 CLA ND . -9.59 -12.05 -26.38
C8 CLA ND . -8.50 -11.59 -25.41
C9 CLA ND . -8.40 -12.54 -24.24
C10 CLA ND . -8.80 -10.17 -24.95
C11 CLA ND . -8.03 -9.81 -23.70
C12 CLA ND . -8.36 -8.42 -23.20
C13 CLA ND . -7.28 -7.43 -23.57
C14 CLA ND . -6.20 -7.38 -22.52
C15 CLA ND . -7.82 -6.03 -23.80
C16 CLA ND . -6.68 -5.13 -24.20
C17 CLA ND . -7.15 -3.87 -24.87
C18 CLA ND . -6.06 -3.34 -25.78
C19 CLA ND . -4.71 -3.36 -25.10
C20 CLA ND . -6.39 -1.93 -26.24
C1 PQN OD . -29.39 11.29 6.29
O1 PQN OD . -28.22 11.67 6.20
C2 PQN OD . -30.45 12.24 6.67
C2M PQN OD . -30.07 13.66 6.94
C3 PQN OD . -31.85 11.79 6.78
C4 PQN OD . -32.18 10.37 6.50
O4 PQN OD . -33.36 9.97 6.60
C5 PQN OD . -31.11 9.42 6.14
C6 PQN OD . -31.39 8.09 5.88
C7 PQN OD . -30.36 7.24 5.53
C8 PQN OD . -29.05 7.69 5.44
C9 PQN OD . -28.72 9.00 5.68
C10 PQN OD . -29.71 9.88 6.03
C11 PQN OD . -32.94 12.75 7.16
C12 PQN OD . -33.39 13.47 5.92
C13 PQN OD . -34.69 13.62 5.61
C14 PQN OD . -35.75 13.05 6.49
C15 PQN OD . -35.05 14.34 4.34
C16 PQN OD . -36.20 15.29 4.61
C17 PQN OD . -35.68 16.71 4.73
C18 PQN OD . -36.76 17.70 4.32
C19 PQN OD . -38.07 17.40 5.02
C20 PQN OD . -36.93 17.64 2.81
C21 PQN OD . -35.77 18.33 2.13
C22 PQN OD . -36.25 19.36 1.12
C23 PQN OD . -35.97 18.89 -0.30
C24 PQN OD . -35.64 20.06 -1.20
C25 PQN OD . -37.19 18.14 -0.82
C26 PQN OD . -37.02 17.81 -2.30
C27 PQN OD . -38.37 17.47 -2.90
C28 PQN OD . -38.23 16.80 -4.26
C29 PQN OD . -37.62 15.41 -4.11
C30 PQN OD . -39.58 16.72 -4.97
C01 8CT PD . -31.44 14.55 -54.27
C02 8CT PD . -30.69 15.48 -55.27
C03 8CT PD . -29.14 15.30 -55.50
C04 8CT PD . -28.56 16.01 -56.63
C05 8CT PD . -29.21 17.51 -56.80
C06 8CT PD . -30.55 17.42 -56.99
C07 8CT PD . -31.30 16.73 -55.68
C08 8CT PD . -27.04 16.10 -56.46
C09 8CT PD . -28.85 15.24 -57.91
C10 8CT PD . -28.34 14.21 -54.74
C11 8CT PD . -28.23 12.98 -55.26
C12 8CT PD . -27.42 11.91 -54.50
C13 8CT PD . -27.92 10.64 -54.31
C14 8CT PD . -27.07 9.62 -53.54
C15 8CT PD . -27.44 8.32 -53.23
C16 8CT PD . -28.80 7.59 -53.62
C17 8CT PD . -28.76 6.25 -53.84
C18 8CT PD . -27.39 5.57 -53.73
C19 8CT PD . -27.21 4.23 -53.58
C20 8CT PD . -28.31 3.12 -53.49
C21 8CT PD . -27.99 1.87 -53.94
C22 8CT PD . -26.57 1.70 -54.52
C23 8CT PD . -29.05 0.70 -53.87
C24 8CT PD . -28.77 -0.65 -53.72
C25 8CT PD . -27.35 -1.30 -53.61
C26 8CT PD . -27.21 -2.67 -53.53
C27 8CT PD . -28.47 -3.56 -53.55
C28 8CT PD . -25.77 -3.36 -53.44
C29 8CT PD . -25.68 -4.70 -53.84
C30 8CT PD . -24.38 -5.54 -53.85
C31 8CT PD . -23.53 -5.30 -52.69
C32 8CT PD . -23.23 -6.52 -51.70
C33 8CT PD . -23.44 -7.85 -52.20
C34 8CT PD . -24.87 -7.91 -53.02
C35 8CT PD . -24.80 -7.12 -54.14
C36 8CT PD . -23.77 -7.71 -55.06
C37 8CT PD . -26.19 -7.16 -54.85
C38 8CT PD . -22.47 -4.21 -52.77
C39 8CT PD . -30.13 8.34 -53.71
C40 8CT PD . -26.04 12.27 -53.96
C01 8CT QD . -39.69 14.96 -49.73
C02 8CT QD . -40.87 14.31 -48.95
C03 8CT QD . -40.77 12.78 -48.57
C04 8CT QD . -41.78 11.85 -49.07
C05 8CT QD . -42.95 12.60 -49.97
C06 8CT QD . -43.40 13.73 -49.34
C07 8CT QD . -42.20 14.86 -49.18
C08 8CT QD . -41.11 10.80 -49.96
C09 8CT QD . -42.43 11.16 -47.89
C10 8CT QD . -39.56 12.23 -47.76
C11 8CT QD . -38.88 13.02 -46.89
C12 8CT QD . -37.70 12.41 -46.14
C13 8CT QD . -37.42 12.77 -44.85
C14 8CT QD . -36.21 12.17 -44.07
C15 8CT QD . -35.92 12.32 -42.71
C16 8CT QD . -36.74 13.13 -41.61
C17 8CT QD . -36.22 13.36 -40.38
C18 8CT QD . -34.85 12.90 -39.91
C19 8CT QD . -34.55 12.94 -38.58
C20 8CT QD . -35.63 13.44 -37.53
C21 8CT QD . -35.38 14.36 -36.56
C22 8CT QD . -36.52 14.75 -35.62
C23 8CT QD . -33.95 15.06 -36.43
C24 8CT QD . -33.27 15.32 -35.24
C25 8CT QD . -33.74 14.96 -33.80
C26 8CT QD . -32.90 15.11 -32.71
C27 8CT QD . -33.40 14.75 -31.30
C28 8CT QD . -31.43 15.65 -32.83
C29 8CT QD . -30.69 15.72 -31.64
C30 8CT QD . -29.21 16.18 -31.62
C31 8CT QD . -29.03 17.26 -30.68
C32 8CT QD . -29.32 16.87 -29.17
C33 8CT QD . -28.68 15.66 -28.76
C34 8CT QD . -28.73 14.45 -29.89
C35 8CT QD . -28.38 14.85 -31.17
C36 8CT QD . -26.89 15.10 -31.25
C37 8CT QD . -28.70 13.68 -32.15
C38 8CT QD . -27.92 18.27 -30.93
C39 8CT QD . -38.16 13.68 -41.87
C40 8CT QD . -36.81 11.38 -46.84
C01 8CT RD . -40.48 18.97 -55.46
C02 8CT RD . -39.36 18.81 -56.53
C03 8CT RD . -37.85 18.98 -56.12
C04 8CT RD . -36.79 18.52 -57.00
C05 8CT RD . -37.26 17.60 -58.28
C06 8CT RD . -38.47 17.00 -58.11
C07 8CT RD . -39.64 18.14 -57.78
C08 8CT RD . -36.10 19.76 -57.55
C09 8CT RD . -35.78 17.73 -56.18
C10 8CT RD . -37.47 19.83 -54.88
C11 8CT RD . -37.79 21.13 -54.88
C12 8CT RD . -37.42 21.97 -53.65
C13 8CT RD . -36.64 21.43 -52.68
C14 8CT RD . -36.27 22.30 -51.45
C15 8CT RD . -36.19 21.89 -50.13
C16 8CT RD . -36.46 20.44 -49.53
C17 8CT RD . -36.33 20.29 -48.20
C18 8CT RD . -35.93 21.48 -47.32
C19 8CT RD . -35.43 21.16 -46.10
C20 8CT RD . -34.97 22.22 -45.06
C21 8CT RD . -35.19 21.95 -43.75
C22 8CT RD . -35.89 20.63 -43.39
C23 8CT RD . -34.73 23.02 -42.67
C24 8CT RD . -34.66 22.89 -41.28
C25 8CT RD . -34.99 21.66 -40.38
C26 8CT RD . -34.48 21.71 -39.10
C27 8CT RD . -34.71 20.59 -38.07
C28 8CT RD . -33.60 22.97 -38.74
C29 8CT RD . -33.49 23.52 -37.45
C30 8CT RD . -32.55 24.75 -37.36
C31 8CT RD . -33.29 25.90 -36.89
C32 8CT RD . -32.39 27.08 -36.30
C33 8CT RD . -30.98 26.92 -36.46
C34 8CT RD . -30.48 25.41 -36.01
C35 8CT RD . -31.26 24.37 -36.43
C36 8CT RD . -30.39 23.38 -37.20
C37 8CT RD . -31.81 23.67 -35.16
C38 8CT RD . -34.66 26.21 -37.46
C39 8CT RD . -36.86 19.21 -50.36
C40 8CT RD . -37.95 23.42 -53.53
C01 8CT SD . -10.64 -6.96 -42.49
C02 8CT SD . -9.96 -8.35 -42.65
C03 8CT SD . -10.79 -9.67 -42.36
C04 8CT SD . -11.05 -10.52 -43.52
C05 8CT SD . -9.70 -10.69 -44.47
C06 8CT SD . -9.18 -9.50 -44.85
C07 8CT SD . -8.84 -8.50 -43.57
C08 8CT SD . -11.49 -11.89 -43.03
C09 8CT SD . -12.16 -9.90 -44.35
C10 8CT SD . -10.69 -10.33 -40.96
C11 8CT SD . -11.35 -9.85 -39.88
C12 8CT SD . -11.18 -10.60 -38.56
C13 8CT SD . -11.90 -10.28 -37.43
C14 8CT SD . -12.94 -9.14 -37.38
C15 8CT SD . -13.19 -8.48 -36.19
C16 8CT SD . -12.40 -8.87 -34.85
C17 8CT SD . -12.99 -8.81 -33.63
C18 8CT SD . -14.43 -8.37 -33.41
C19 8CT SD . -14.85 -8.11 -32.14
C20 8CT SD . -16.32 -7.65 -31.85
C21 8CT SD . -16.74 -7.39 -30.58
C22 8CT SD . -15.77 -7.54 -29.40
C23 8CT SD . -18.22 -6.92 -30.35
C24 8CT SD . -18.80 -6.79 -29.10
C25 8CT SD . -18.08 -7.07 -27.74
C26 8CT SD . -18.84 -6.87 -26.61
C27 8CT SD . -20.30 -6.40 -26.76
C28 8CT SD . -18.29 -7.11 -25.12
C29 8CT SD . -18.88 -6.36 -24.10
C30 8CT SD . -18.49 -6.46 -22.61
C31 8CT SD . -18.94 -7.70 -22.03
C32 8CT SD . -18.51 -7.92 -20.51
C33 8CT SD . -17.26 -7.30 -20.13
C34 8CT SD . -16.32 -6.97 -21.44
C35 8CT SD . -16.91 -6.09 -22.31
C36 8CT SD . -16.86 -4.71 -21.67
C37 8CT SD . -16.09 -6.06 -23.64
C38 8CT SD . -20.24 -8.34 -22.52
C39 8CT SD . -10.93 -9.32 -34.92
C40 8CT SD . -10.16 -11.75 -38.49
C01 8CT TD . -6.50 2.66 -34.01
C02 8CT TD . -6.79 3.07 -35.49
C03 8CT TD . -8.21 2.81 -36.12
C04 8CT TD . -8.39 3.07 -37.55
C05 8CT TD . -7.53 4.36 -38.10
C06 8CT TD . -6.94 5.08 -37.09
C07 8CT TD . -6.01 4.13 -36.10
C08 8CT TD . -7.95 1.82 -38.32
C09 8CT TD . -9.87 3.31 -37.82
C10 8CT TD . -9.39 2.26 -35.26
C11 8CT TD . -9.51 2.62 -33.97
C12 8CT TD . -10.68 2.08 -33.14
C13 8CT TD . -10.64 0.79 -32.66
C14 8CT TD . -11.81 0.25 -31.82
C15 8CT TD . -12.32 0.97 -30.75
C16 8CT TD . -13.52 0.38 -29.91
C17 8CT TD . -13.85 0.93 -28.70
C18 8CT TD . -15.02 0.33 -27.92
C19 8CT TD . -15.66 1.05 -26.97
C20 8CT TD . -16.86 0.40 -26.18
C21 8CT TD . -16.91 0.46 -24.83
C22 8CT TD . -15.80 1.19 -24.04
C23 8CT TD . -18.13 -0.20 -24.07
C24 8CT TD . -18.25 -1.58 -24.16
C25 8CT TD . -19.39 -2.39 -23.47
C26 8CT TD . -20.53 -1.82 -22.93
C27 8CT TD . -20.75 -0.30 -22.96
C28 8CT TD . -21.60 -2.79 -22.27
C29 8CT TD . -21.56 -4.13 -22.69
C30 8CT TD . -22.52 -5.19 -22.16
C31 8CT TD . -22.88 -4.93 -20.78
C32 8CT TD . -24.30 -5.49 -20.36
C33 8CT TD . -24.83 -6.56 -21.17
C34 8CT TD . -24.71 -6.28 -22.79
C35 8CT TD . -23.85 -5.25 -23.12
C36 8CT TD . -24.59 -3.93 -22.99
C37 8CT TD . -23.37 -5.43 -24.60
C38 8CT TD . -21.76 -4.84 -19.74
C39 8CT TD . -14.33 -0.81 -30.46
C40 8CT TD . -11.88 2.97 -32.82
C01 8CT UD . -27.53 27.82 -10.01
C02 8CT UD . -27.94 28.81 -8.88
C03 8CT UD . -29.48 29.06 -8.56
C04 8CT UD . -29.94 30.42 -8.79
C05 8CT UD . -28.80 31.35 -9.54
C06 8CT UD . -27.63 31.40 -8.84
C07 8CT UD . -27.03 29.89 -8.49
C08 8CT UD . -31.20 30.37 -9.67
C09 8CT UD . -30.29 31.05 -7.46
C10 8CT UD . -30.17 28.22 -7.45
C11 8CT UD . -30.65 26.99 -7.69
C12 8CT UD . -31.32 26.25 -6.52
C13 8CT UD . -30.84 26.45 -5.25
C14 8CT UD . -31.45 25.77 -4.01
C15 8CT UD . -32.00 24.50 -4.02
C16 8CT UD . -32.57 24.00 -2.61
C17 8CT UD . -32.13 24.65 -1.50
C18 8CT UD . -32.57 24.33 -0.07
C19 8CT UD . -32.58 23.10 0.51
C20 8CT UD . -33.07 23.10 2.00
C21 8CT UD . -32.60 22.27 2.97
C22 8CT UD . -31.53 21.21 2.68
C23 8CT UD . -33.21 22.46 4.43
C24 8CT UD . -33.14 21.54 5.45
C25 8CT UD . -33.81 21.99 6.79
C26 8CT UD . -34.13 21.16 7.85
C27 8CT UD . -34.78 21.78 9.09
C28 8CT UD . -33.86 19.60 7.83
C29 8CT UD . -34.18 18.90 9.00
C30 8CT UD . -33.97 17.37 9.12
C31 8CT UD . -32.99 17.11 10.15
C32 8CT UD . -33.32 15.89 11.11
C33 8CT UD . -34.12 14.81 10.56
C34 8CT UD . -35.37 15.35 9.62
C35 8CT UD . -35.42 16.72 9.52
C36 8CT UD . -35.85 17.29 10.86
C37 8CT UD . -36.48 17.11 8.43
C38 8CT UD . -31.54 17.55 9.95
C39 8CT UD . -33.57 22.83 -2.53
C40 8CT UD . -32.51 25.32 -6.76
C1A DGD VD . -35.31 7.01 -4.52
C2A DGD VD . -35.08 8.39 -5.00
C3A DGD VD . -36.16 9.31 -4.52
C4A DGD VD . -35.70 10.73 -4.68
C5A DGD VD . -36.06 11.22 -6.07
C6A DGD VD . -36.22 12.71 -6.07
C7A DGD VD . -36.77 13.04 -7.44
C8A DGD VD . -36.93 14.53 -7.57
C9A DGD VD . -35.59 15.15 -7.20
CAA DGD VD . -35.56 16.57 -7.71
CBA DGD VD . -34.67 16.61 -8.94
CCA DGD VD . -34.76 18.01 -9.50
CDA DGD VD . -35.24 17.90 -10.94
CEA DGD VD . -34.04 17.68 -11.82
CFA DGD VD . -34.46 17.24 -13.22
CGA DGD VD . -35.05 15.85 -13.11
CHA DGD VD . -34.05 14.91 -12.46
CIA DGD VD . -33.28 14.25 -13.58
O1A DGD VD . -35.48 6.62 -3.39
C1B DGD VD . -34.22 3.51 -8.24
C2B DGD VD . -33.07 4.25 -8.80
C3B DGD VD . -33.50 5.12 -9.93
C4B DGD VD . -32.65 6.36 -10.02
C5B DGD VD . -31.47 5.95 -10.85
C6B DGD VD . -30.84 7.26 -11.29
C7B DGD VD . -29.76 7.52 -10.27
C8B DGD VD . -28.78 8.40 -10.97
C9B DGD VD . -28.07 9.15 -9.91
CAB DGD VD . -28.14 10.57 -10.36
CBB DGD VD . -26.88 10.75 -11.11
CCB DGD VD . -26.20 11.93 -10.51
CDB DGD VD . -26.90 13.04 -11.23
CEB DGD VD . -26.29 14.31 -10.78
CFB DGD VD . -26.67 15.27 -11.85
CGB DGD VD . -25.89 16.52 -11.57
CHB DGD VD . -25.87 17.35 -12.84
CIB DGD VD . -26.94 18.40 -12.72
O1B DGD VD . -34.88 2.70 -8.84
O1G DGD VD . -35.05 6.14 -5.50
C1G DGD VD . -34.47 4.94 -5.16
C2G DGD VD . -35.09 3.90 -6.08
O2G DGD VD . -34.08 3.40 -6.89
C3G DGD VD . -35.53 2.78 -5.16
O3G DGD VD . -35.27 1.67 -5.95
C1D DGD VD . -36.40 1.03 -6.40
C2D DGD VD . -35.87 -0.24 -7.05
O2D DGD VD . -35.34 0.18 -8.26
C3D DGD VD . -37.08 -1.11 -7.35
O3D DGD VD . -36.59 -2.33 -7.81
C4D DGD VD . -37.84 -1.38 -6.02
O4D DGD VD . -37.00 -1.91 -5.07
C5D DGD VD . -38.25 -0.01 -5.47
O5D DGD VD . -39.91 -1.12 -4.29
C6D DGD VD . -38.97 -0.09 -4.12
O6D DGD VD . -37.09 0.73 -5.21
C1E DGD VD . -41.13 -0.75 -4.86
C2E DGD VD . -42.29 -1.29 -3.96
O2E DGD VD . -41.78 -1.26 -2.67
C3E DGD VD . -42.71 -2.76 -4.28
O3E DGD VD . -44.05 -2.84 -3.89
C4E DGD VD . -42.65 -3.07 -5.78
O4E DGD VD . -43.57 -2.27 -6.45
C5E DGD VD . -41.26 -2.66 -6.25
O6E DGD VD . -41.12 -1.27 -6.16
C6E DGD VD . -40.98 -2.94 -7.74
O5E DGD VD . -42.23 -3.25 -8.29
MG CLA WD . 9.66 -1.07 -30.38
CHA CLA WD . 11.53 0.11 -33.03
CHB CLA WD . 7.40 1.42 -30.94
CHC CLA WD . 7.60 -2.51 -28.09
CHD CLA WD . 11.92 -3.74 -30.04
NA CLA WD . 9.56 0.53 -31.70
C1A CLA WD . 10.43 0.83 -32.74
C2A CLA WD . 9.96 2.03 -33.50
C3A CLA WD . 8.89 2.63 -32.56
C4A CLA WD . 8.55 1.45 -31.67
CMA CLA WD . 9.43 3.77 -31.76
CAA CLA WD . 9.33 1.34 -34.69
CBA CLA WD . 9.32 2.16 -35.94
CGA CLA WD . 8.49 3.32 -35.55
O1A CLA WD . 7.43 3.28 -34.93
O2A CLA WD . 9.03 4.52 -35.88
NB CLA WD . 7.90 -0.54 -29.55
C1B CLA WD . 7.05 0.36 -30.09
C2B CLA WD . 5.66 0.10 -29.66
C3B CLA WD . 5.70 -1.01 -28.85
C4B CLA WD . 7.13 -1.42 -28.76
CMB CLA WD . 4.53 0.91 -30.10
CAB CLA WD . 4.66 -1.72 -28.18
CBB CLA WD . 3.58 -1.18 -27.61
NC CLA WD . 9.81 -2.75 -29.18
C1C CLA WD . 8.87 -3.13 -28.27
C2C CLA WD . 9.30 -4.35 -27.59
C3C CLA WD . 10.49 -4.75 -28.20
C4C CLA WD . 10.80 -3.74 -29.20
CMC CLA WD . 8.57 -5.06 -26.55
CAC CLA WD . 11.26 -5.96 -27.87
CBC CLA WD . 12.68 -5.72 -27.40
ND CLA WD . 11.37 -1.67 -31.23
C1D CLA WD . 12.22 -2.78 -30.99
C2D CLA WD . 13.34 -2.74 -31.93
C3D CLA WD . 13.12 -1.66 -32.77
C4D CLA WD . 11.89 -1.04 -32.28
CMD CLA WD . 14.43 -3.72 -31.94
CAD CLA WD . 13.59 -0.86 -33.88
OBD CLA WD . 14.59 -0.99 -34.58
CBD CLA WD . 12.57 0.28 -34.10
CGD CLA WD . 13.26 1.59 -33.93
O1D CLA WD . 14.21 1.83 -33.19
O2D CLA WD . 12.78 2.60 -34.68
CED CLA WD . 13.70 3.64 -34.99
C1 CLA WD . 10.37 4.71 -35.45
C2 CLA WD . 10.37 5.67 -34.33
C3 CLA WD . 10.89 6.89 -34.44
C4 CLA WD . 11.51 7.36 -35.69
C5 CLA WD . 10.87 7.78 -33.26
C6 CLA WD . 12.10 7.63 -32.40
C7 CLA WD . 11.76 8.02 -30.99
C8 CLA WD . 12.96 8.47 -30.16
C9 CLA WD . 14.20 7.68 -30.50
C10 CLA WD . 12.66 8.34 -28.68
C01 8CT XD . -44.89 30.49 20.50
C02 8CT XD . -45.65 29.50 19.57
C03 8CT XD . -44.86 28.40 18.74
C04 8CT XD . -45.37 27.04 18.76
C05 8CT XD . -46.99 26.90 19.01
C06 8CT XD . -47.44 27.69 20.03
C07 8CT XD . -47.08 29.29 19.76
C08 8CT XD . -45.06 26.36 17.43
C09 8CT XD . -44.67 26.29 19.88
C10 8CT XD . -43.35 28.66 18.43
C11 8CT XD . -43.00 29.36 17.34
C12 8CT XD . -41.53 29.61 17.03
C13 8CT XD . -41.03 29.59 15.75
C14 8CT XD . -41.91 29.31 14.50
C15 8CT XD . -42.02 30.13 13.38
C16 8CT XD . -41.29 31.53 13.16
C17 8CT XD . -40.91 31.96 11.91
C18 8CT XD . -40.23 33.32 11.78
C19 8CT XD . -40.18 34.02 10.62
C20 8CT XD . -40.84 33.48 9.29
C21 8CT XD . -40.19 33.59 8.09
C22 8CT XD . -38.80 34.24 8.06
C23 8CT XD . -40.88 33.04 6.77
C24 8CT XD . -40.93 33.67 5.53
C25 8CT XD . -40.30 35.07 5.23
C26 8CT XD . -40.53 35.83 4.08
C27 8CT XD . -39.82 37.17 3.96
C28 8CT XD . -41.52 35.39 2.92
C29 8CT XD . -41.52 36.20 1.75
C30 8CT XD . -42.43 35.92 0.54
C31 8CT XD . -43.37 37.03 0.45
C32 8CT XD . -44.05 37.26 -0.97
C33 8CT XD . -43.26 36.99 -2.14
C34 8CT XD . -41.69 36.78 -1.74
C35 8CT XD . -41.55 35.75 -0.85
C36 8CT XD . -41.98 34.46 -1.55
C37 8CT XD . -40.05 35.64 -0.48
C38 8CT XD . -43.12 38.27 1.30
C39 8CT XD . -41.02 32.49 14.33
C40 8CT XD . -40.59 29.91 18.20
O1 LHG YD . -8.73 -21.21 -38.23
C1 LHG YD . -8.14 -22.50 -38.33
C2 LHG YD . -8.74 -23.38 -37.26
O2 LHG YD . -8.75 -24.73 -37.68
C3 LHG YD . -10.17 -23.05 -36.96
O3 LHG YD . -9.95 -21.84 -36.30
P LHG YD . -11.07 -20.71 -36.38
O4 LHG YD . -11.24 -20.40 -37.82
O5 LHG YD . -12.00 -21.06 -35.29
O6 LHG YD . -10.09 -19.50 -35.87
C4 LHG YD . -9.53 -19.56 -34.60
C5 LHG YD . -8.17 -18.87 -34.76
C6 LHG YD . -7.62 -18.41 -33.42
O7 LHG YD . -7.30 -19.85 -35.33
C7 LHG YD . -6.02 -19.82 -34.88
O9 LHG YD . -5.60 -20.67 -34.12
C8 LHG YD . -5.17 -19.01 -35.79
C9 LHG YD . -3.79 -18.88 -35.20
C10 LHG YD . -3.21 -17.53 -35.55
O8 LHG YD . -6.85 -17.26 -33.75
C23 LHG YD . -6.73 -16.30 -32.81
O10 LHG YD . -7.12 -16.51 -31.68
C24 LHG YD . -6.27 -14.90 -33.20
FE1 SF4 ZD . -36.46 -10.62 11.89
FE2 SF4 ZD . -38.37 -13.03 12.21
FE3 SF4 ZD . -36.09 -13.15 10.15
FE4 SF4 ZD . -38.48 -11.31 9.66
S1 SF4 ZD . -38.24 -13.43 10.08
S2 SF4 ZD . -36.32 -11.03 9.75
S3 SF4 ZD . -38.62 -10.91 11.80
S4 SF4 ZD . -36.22 -12.75 12.29
FE1 SF4 AE . -31.59 -23.07 9.59
FE2 SF4 AE . -33.99 -22.78 11.49
FE3 SF4 AE . -31.89 -25.03 11.94
FE4 SF4 AE . -33.83 -25.19 9.57
S1 SF4 AE . -34.06 -24.94 11.73
S2 SF4 AE . -31.66 -25.23 9.78
S3 SF4 AE . -33.74 -23.02 9.34
S4 SF4 AE . -31.82 -22.86 11.75
MG CLA BE . 12.41 -7.16 -1.09
CHA CLA BE . 14.25 -10.05 -1.15
CHB CLA BE . 14.94 -5.53 -2.63
CHC CLA BE . 10.59 -4.26 -0.86
CHD CLA BE . 9.84 -8.88 0.60
NA CLA BE . 14.26 -7.74 -1.82
C1A CLA BE . 14.86 -8.99 -1.75
C2A CLA BE . 16.24 -8.99 -2.39
C3A CLA BE . 16.39 -7.54 -2.89
C4A CLA BE . 15.11 -6.88 -2.44
CMA CLA BE . 17.56 -6.84 -2.25
CAA CLA BE . 16.28 -9.93 -3.57
CBA CLA BE . 17.35 -9.56 -4.57
CGA CLA BE . 18.67 -10.07 -4.09
O1A CLA BE . 19.31 -11.05 -4.48
O2A CLA BE . 19.18 -9.32 -3.09
NB CLA BE . 12.71 -5.26 -1.65
C1B CLA BE . 13.82 -4.79 -2.25
C2B CLA BE . 13.71 -3.34 -2.44
C3B CLA BE . 12.49 -2.96 -1.95
C4B CLA BE . 11.82 -4.19 -1.44
CMB CLA BE . 14.76 -2.56 -3.05
CAB CLA BE . 11.90 -1.66 -1.92
CBB CLA BE . 11.53 -1.02 -0.82
NC CLA BE . 10.54 -6.68 -0.32
C1C CLA BE . 9.99 -5.43 -0.34
C2C CLA BE . 8.68 -5.48 0.30
C3C CLA BE . 8.47 -6.78 0.72
C4C CLA BE . 9.66 -7.52 0.34
CMC CLA BE . 7.77 -4.34 0.46
CAC CLA BE . 7.30 -7.31 1.40
CBC CLA BE . 7.57 -7.58 2.86
ND CLA BE . 12.01 -9.03 -0.50
C1D CLA BE . 10.93 -9.59 0.21
C2D CLA BE . 11.22 -11.01 0.49
C3D CLA BE . 12.48 -11.24 -0.01
C4D CLA BE . 12.94 -9.97 -0.60
CMD CLA BE . 10.31 -11.91 1.18
CAD CLA BE . 13.53 -12.20 -0.20
OBD CLA BE . 13.55 -13.38 0.10
CBD CLA BE . 14.70 -11.46 -0.89
CGD CLA BE . 15.94 -11.57 -0.06
O1D CLA BE . 16.00 -11.71 1.16
O2D CLA BE . 17.09 -11.52 -0.78
CED CLA BE . 18.06 -12.53 -0.48
C01 8CT CE . 10.12 -5.03 -22.94
C02 8CT CE . 9.15 -3.91 -22.43
C03 8CT CE . 8.00 -3.35 -23.36
C04 8CT CE . 7.85 -1.92 -23.35
C05 8CT CE . 9.14 -1.17 -22.69
C06 8CT CE . 9.25 -1.52 -21.39
C07 8CT CE . 9.53 -3.15 -21.25
C08 8CT CE . 7.61 -1.41 -24.78
C09 8CT CE . 6.63 -1.58 -22.52
C10 8CT CE . 6.69 -4.17 -23.37
C11 8CT CE . 6.77 -5.48 -23.16
C12 8CT CE . 5.51 -6.34 -23.13
C13 8CT CE . 5.26 -7.33 -24.03
C14 8CT CE . 3.93 -8.09 -23.80
C15 8CT CE . 3.99 -9.25 -23.08
C16 8CT CE . 2.63 -10.01 -22.82
C17 8CT CE . 2.57 -11.00 -21.89
C18 8CT CE . 1.22 -11.68 -21.68
C19 8CT CE . 0.91 -12.26 -20.50
C20 8CT CE . 1.94 -12.27 -19.34
C21 8CT CE . 1.84 -13.28 -18.45
C22 8CT CE . 0.74 -14.34 -18.62
C23 8CT CE . 2.84 -13.38 -17.23
C24 8CT CE . 2.62 -14.36 -16.30
C25 8CT CE . 3.60 -14.49 -15.10
C26 8CT CE . 3.27 -15.41 -14.13
C27 8CT CE . 1.98 -16.22 -14.27
C28 8CT CE . 4.20 -15.63 -12.86
C29 8CT CE . 3.63 -16.35 -11.80
C30 8CT CE . 4.37 -16.67 -10.50
C31 8CT CE . 5.69 -17.20 -10.80
C32 8CT CE . 6.92 -16.20 -10.79
C33 8CT CE . 6.86 -15.16 -9.80
C34 8CT CE . 5.38 -14.46 -9.81
C35 8CT CE . 4.38 -15.35 -9.53
C36 8CT CE . 3.05 -14.65 -9.64
C37 8CT CE . 4.55 -15.88 -8.07
C38 8CT CE . 5.96 -18.66 -10.45
C39 8CT CE . 1.39 -9.59 -23.62
C40 8CT CE . 4.48 -6.08 -22.02
MG CLA DE . -6.88 3.09 -56.08
CHA CLA DE . -8.03 0.66 -58.28
CHB CLA DE . -3.69 2.44 -57.07
CHC CLA DE . -5.84 5.75 -54.21
CHD CLA DE . -10.21 3.64 -55.04
NA CLA DE . -6.01 1.72 -57.40
C1A CLA DE . -6.67 0.82 -58.25
C2A CLA DE . -5.66 0.01 -59.05
C3A CLA DE . -4.31 0.35 -58.36
C4A CLA DE . -4.67 1.61 -57.56
CMA CLA DE . -3.85 -0.77 -57.46
CAA CLA DE . -5.71 0.45 -60.50
CBA CLA DE . -5.56 1.95 -60.71
CGA CLA DE . -6.87 2.62 -60.97
O1A CLA DE . -7.69 2.43 -61.87
O2A CLA DE . -7.17 3.60 -60.06
NB CLA DE . -5.08 3.86 -55.61
C1B CLA DE . -3.96 3.61 -56.33
C2B CLA DE . -3.03 4.77 -56.28
C3B CLA DE . -3.64 5.72 -55.48
C4B CLA DE . -4.94 5.14 -55.02
CMB CLA DE . -1.75 4.79 -56.98
CAB CLA DE . -3.18 7.03 -55.08
CBB CLA DE . -3.77 8.19 -55.37
NC CLA DE . -7.84 4.40 -54.79
C1C CLA DE . -7.22 5.39 -54.09
C2C CLA DE . -8.18 6.09 -53.25
C3C CLA DE . -9.43 5.53 -53.53
C4C CLA DE . -9.21 4.46 -54.50
CMC CLA DE . -7.85 7.19 -52.35
CAC CLA DE . -10.73 5.89 -52.92
CBC CLA DE . -11.69 6.60 -53.85
ND CLA DE . -8.72 2.37 -56.51
C1D CLA DE . -10.01 2.66 -55.99
C2D CLA DE . -11.01 1.79 -56.64
C3D CLA DE . -10.31 1.05 -57.58
C4D CLA DE . -8.89 1.43 -57.43
CMD CLA DE . -12.44 1.80 -56.36
CAD CLA DE . -10.38 0.02 -58.60
OBD CLA DE . -11.37 -0.54 -59.07
CBD CLA DE . -8.92 -0.27 -59.07
CGD CLA DE . -8.56 -1.72 -58.88
O1D CLA DE . -7.93 -2.24 -57.94
O2D CLA DE . -9.00 -2.54 -59.87
CED CLA DE . -10.04 -3.48 -59.57
MG CLA EE . -29.48 6.01 -65.55
CHA CLA EE . -27.70 5.94 -68.53
CHB CLA EE . -31.27 3.31 -66.56
CHC CLA EE . -31.19 6.10 -62.58
CHD CLA EE . -27.82 8.99 -64.69
NA CLA EE . -29.44 4.82 -67.26
C1A CLA EE . -28.62 4.93 -68.38
C2A CLA EE . -28.95 3.84 -69.40
C3A CLA EE . -30.11 3.06 -68.75
C4A CLA EE . -30.29 3.76 -67.42
CMA CLA EE . -31.37 3.11 -69.58
CAA CLA EE . -27.82 2.86 -69.64
CBA CLA EE . -28.09 2.07 -70.91
CGA CLA EE . -28.74 0.73 -70.66
O1A CLA EE . -28.89 0.11 -69.62
O2A CLA EE . -29.21 0.19 -71.83
NB CLA EE . -30.92 4.89 -64.72
C1B CLA EE . -31.56 3.86 -65.31
C2B CLA EE . -32.68 3.39 -64.45
C3B CLA EE . -32.66 4.18 -63.33
C4B CLA EE . -31.54 5.14 -63.47
CMB CLA EE . -33.56 2.30 -64.84
CAB CLA EE . -33.50 4.14 -62.16
CBB CLA EE . -33.15 3.55 -61.02
NC CLA EE . -29.45 7.29 -63.91
C1C CLA EE . -30.21 7.13 -62.78
C2C CLA EE . -29.92 8.18 -61.82
C3C CLA EE . -29.02 9.04 -62.43
C4C CLA EE . -28.73 8.48 -63.75
CMC CLA EE . -30.52 8.29 -60.49
CAC CLA EE . -28.45 10.26 -61.85
CBC CLA EE . -26.97 10.16 -61.54
ND CLA EE . -28.04 7.19 -66.32
C1D CLA EE . -27.47 8.41 -65.87
C2D CLA EE . -26.48 8.87 -66.87
C3D CLA EE . -26.50 7.94 -67.88
C4D CLA EE . -27.52 6.93 -67.51
CMD CLA EE . -25.66 10.07 -66.73
CAD CLA EE . -25.95 7.55 -69.16
OBD CLA EE . -25.04 8.04 -69.79
CBD CLA EE . -26.75 6.30 -69.64
CGD CLA EE . -27.48 6.58 -70.91
O1D CLA EE . -27.90 7.66 -71.32
O2D CLA EE . -27.71 5.47 -71.68
CED CLA EE . -28.93 5.43 -72.41
C1 CLA EE . -29.70 -1.17 -71.80
C2 CLA EE . -28.54 -2.06 -72.10
C3 CLA EE . -28.56 -3.00 -73.05
C4 CLA EE . -27.40 -3.89 -73.32
C5 CLA EE . -29.77 -3.22 -73.90
MG CLA FE . -34.18 -11.25 -70.35
CHA CLA FE . -37.61 -10.86 -70.12
CHB CLA FE . -33.74 -8.74 -68.11
CHC CLA FE . -30.80 -11.77 -70.53
CHD CLA FE . -34.69 -13.81 -72.72
NA CLA FE . -35.49 -10.01 -69.30
C1A CLA FE . -36.89 -10.01 -69.33
C2A CLA FE . -37.46 -8.94 -68.41
C3A CLA FE . -36.20 -8.22 -67.88
C4A CLA FE . -35.05 -9.04 -68.45
CMA CLA FE . -36.14 -6.79 -68.35
CAA CLA FE . -38.27 -9.55 -67.29
CBA CLA FE . -37.54 -9.47 -65.97
CGA CLA FE . -38.02 -8.28 -65.20
O1A CLA FE . -39.18 -7.91 -65.01
O2A CLA FE . -37.02 -7.55 -64.65
NB CLA FE . -32.58 -10.45 -69.44
C1B CLA FE . -32.60 -9.40 -68.60
C2B CLA FE . -31.21 -9.00 -68.26
C3B CLA FE . -30.37 -9.85 -68.94
C4B CLA FE . -31.23 -10.78 -69.71
CMB CLA FE . -30.92 -7.88 -67.36
CAB CLA FE . -28.93 -9.91 -69.00
CBB CLA FE . -28.11 -8.85 -69.01
NC CLA FE . -32.97 -12.54 -71.45
C1C CLA FE . -31.61 -12.58 -71.36
C2C CLA FE . -31.09 -13.61 -72.25
C3C CLA FE . -32.18 -14.20 -72.88
C4C CLA FE . -33.37 -13.51 -72.36
CMC CLA FE . -29.67 -13.93 -72.40
CAC CLA FE . -32.16 -15.28 -73.87
CBC CLA FE . -32.40 -16.63 -73.24
ND CLA FE . -35.73 -12.11 -71.31
C1D CLA FE . -35.80 -13.17 -72.23
C2D CLA FE . -37.22 -13.45 -72.55
C3D CLA FE . -37.96 -12.57 -71.77
C4D CLA FE . -36.99 -11.78 -71.01
CMD CLA FE . -37.67 -14.46 -73.52
CAD CLA FE . -39.29 -12.10 -71.43
OBD CLA FE . -40.38 -12.42 -71.88
CBD CLA FE . -39.11 -11.03 -70.31
CGD CLA FE . -39.79 -9.73 -70.65
O1D CLA FE . -40.51 -9.04 -69.93
O2D CLA FE . -39.54 -9.30 -71.92
CED CLA FE . -38.68 -8.18 -72.08
C1 CLA FE . -37.23 -6.12 -64.69
C01 8CT GE . -23.45 7.95 -59.05
C02 8CT GE . -24.61 8.15 -58.04
C03 8CT GE . -25.30 6.89 -57.37
C04 8CT GE . -24.99 6.65 -55.97
C05 8CT GE . -24.34 7.99 -55.24
C06 8CT GE . -24.90 9.16 -55.67
C07 8CT GE . -24.71 9.40 -57.30
C08 8CT GE . -26.27 6.25 -55.23
C09 8CT GE . -23.99 5.51 -55.88
C10 8CT GE . -26.00 5.80 -58.23
C11 8CT GE . -27.32 5.57 -58.09
C12 8CT GE . -28.01 4.49 -58.94
C13 8CT GE . -28.84 3.59 -58.34
C14 8CT GE . -29.55 2.48 -59.18
C15 8CT GE . -30.09 2.77 -60.42
C16 8CT GE . -30.81 1.62 -61.25
C17 8CT GE . -30.18 1.01 -62.29
C18 8CT GE . -30.89 -0.10 -63.06
C19 8CT GE . -31.37 0.10 -64.32
C20 8CT GE . -32.09 -1.06 -65.07
C21 8CT GE . -31.62 -1.51 -66.27
C22 8CT GE . -30.37 -0.86 -66.90
C23 8CT GE . -32.35 -2.69 -67.02
C24 8CT GE . -32.05 -2.99 -68.33
C25 8CT GE . -32.78 -4.17 -69.06
C26 8CT GE . -32.68 -4.34 -70.43
C27 8CT GE . -31.83 -3.37 -71.26
C28 8CT GE . -33.42 -5.56 -71.12
C29 8CT GE . -32.73 -6.76 -71.35
C30 8CT GE . -33.42 -7.97 -72.02
C31 8CT GE . -34.31 -7.51 -73.07
C32 8CT GE . -33.70 -7.46 -74.54
C33 8CT GE . -32.94 -8.59 -74.98
C34 8CT GE . -32.61 -9.64 -73.74
C35 8CT GE . -32.26 -8.99 -72.59
C36 8CT GE . -31.00 -8.17 -72.86
C37 8CT GE . -31.94 -10.06 -71.48
C38 8CT GE . -35.82 -7.67 -72.89
C39 8CT GE . -32.25 1.20 -60.88
C40 8CT GE . -27.77 4.44 -60.46
MG CLA HE . -38.09 36.90 -3.00
CHA CLA HE . -38.19 39.75 -1.08
CHB CLA HE . -39.64 38.59 -5.51
CHC CLA HE . -37.95 34.09 -4.89
CHD CLA HE . -36.51 35.22 -0.33
NA CLA HE . -38.76 38.86 -3.25
C1A CLA HE . -38.70 39.91 -2.33
C2A CLA HE . -39.27 41.18 -2.92
C3A CLA HE . -39.89 40.72 -4.23
C4A CLA HE . -39.37 39.30 -4.38
CMA CLA HE . -41.38 40.72 -4.10
CAA CLA HE . -38.10 42.05 -3.30
CBA CLA HE . -38.00 43.29 -2.45
CGA CLA HE . -39.13 44.23 -2.78
O1A CLA HE . -39.15 45.14 -3.60
O2A CLA HE . -40.23 43.98 -2.03
NB CLA HE . -38.70 36.42 -4.84
C1B CLA HE . -39.26 37.25 -5.74
C2B CLA HE . -39.46 36.56 -7.03
C3B CLA HE . -38.99 35.28 -6.86
C4B CLA HE . -38.49 35.19 -5.46
CMB CLA HE . -40.05 37.23 -8.17
CAB CLA HE . -38.91 34.17 -7.77
CBB CLA HE . -39.08 34.20 -9.09
NC CLA HE . -37.35 35.00 -2.66
C1C CLA HE . -37.41 33.99 -3.56
C2C CLA HE . -36.84 32.79 -3.01
C3C CLA HE . -36.41 33.10 -1.73
C4C CLA HE . -36.73 34.51 -1.51
CMC CLA HE . -36.76 31.52 -3.72
CAC CLA HE . -35.76 32.20 -0.76
CBC CLA HE . -34.36 31.83 -1.14
ND CLA HE . -37.39 37.33 -1.16
C1D CLA HE . -36.82 36.54 -0.14
C2D CLA HE . -36.64 37.37 1.06
C3D CLA HE . -37.17 38.60 0.76
C4D CLA HE . -37.64 38.53 -0.63
CMD CLA HE . -36.05 36.92 2.32
CAD CLA HE . -37.44 39.92 1.24
OBD CLA HE . -37.21 40.42 2.34
CBD CLA HE . -38.15 40.68 0.09
CGD CLA HE . -39.55 40.89 0.55
O1D CLA HE . -40.52 40.16 0.34
O2D CLA HE . -39.72 42.02 1.27
CED CLA HE . -40.80 42.88 0.91
C1 CLA HE . -41.19 45.05 -1.91
C2 CLA HE . -42.52 44.47 -2.16
C3 CLA HE . -43.61 45.23 -2.29
C4 CLA HE . -43.55 46.70 -2.21
C5 CLA HE . -44.94 44.62 -2.55
C6 CLA HE . -44.89 43.15 -2.87
C7 CLA HE . -46.26 42.55 -2.60
C8 CLA HE . -46.91 41.98 -3.86
C9 CLA HE . -47.15 43.09 -4.87
C10 CLA HE . -48.22 41.30 -3.53
C11 CLA HE . -48.22 39.84 -3.92
C12 CLA HE . -49.60 39.21 -3.96
C13 CLA HE . -49.64 37.70 -3.71
C14 CLA HE . -50.83 37.37 -2.82
C15 CLA HE . -48.34 37.17 -3.10
C16 CLA HE . -48.49 35.70 -2.69
C17 CLA HE . -48.27 34.75 -3.85
C18 CLA HE . -49.07 33.46 -3.74
C19 CLA HE . -49.40 32.91 -5.10
C20 CLA HE . -50.35 33.64 -2.95
C01 8CT IE . -42.58 25.98 -15.35
C02 8CT IE . -41.41 26.33 -16.32
C03 8CT IE . -39.93 26.32 -15.75
C04 8CT IE . -38.83 26.72 -16.62
C05 8CT IE . -39.28 27.87 -17.70
C06 8CT IE . -40.35 27.48 -18.42
C07 8CT IE . -41.68 27.19 -17.46
C08 8CT IE . -38.34 25.49 -17.38
C09 8CT IE . -37.69 27.28 -15.78
C10 8CT IE . -39.72 26.11 -14.24
C11 8CT IE . -39.32 24.93 -13.76
C12 8CT IE . -39.15 24.85 -12.25
C13 8CT IE . -39.35 25.99 -11.52
C14 8CT IE . -39.22 26.02 -9.99
C15 8CT IE . -39.58 27.17 -9.35
C16 8CT IE . -39.47 27.28 -7.78
C17 8CT IE . -39.58 28.48 -7.16
C18 8CT IE . -39.45 28.49 -5.65
C19 8CT IE . -40.55 28.46 -4.84
C20 8CT IE . -40.28 28.45 -3.31
C21 8CT IE . -40.23 29.60 -2.61
C22 8CT IE . -40.45 30.96 -3.28
C23 8CT IE . -39.94 29.52 -1.06
C24 8CT IE . -39.74 30.67 -0.34
C25 8CT IE . -39.44 30.53 1.18
C26 8CT IE . -38.93 31.60 1.85
C27 8CT IE . -38.65 32.92 1.13
C28 8CT IE . -38.59 31.49 3.39
C29 8CT IE . -37.40 32.09 3.76
C30 8CT IE . -36.89 32.08 5.20
C31 8CT IE . -36.61 30.70 5.54
C32 8CT IE . -35.09 30.30 5.68
C33 8CT IE . -34.32 31.21 6.47
C34 8CT IE . -34.56 32.80 6.07
C35 8CT IE . -35.61 33.11 5.23
C36 8CT IE . -35.02 33.22 3.83
C37 8CT IE . -36.13 34.53 5.60
C38 8CT IE . -37.67 29.84 6.25
C39 8CT IE . -39.23 26.01 -6.94
C40 8CT IE . -38.77 23.54 -11.55
C01 8CT JE . 6.72 -2.84 20.66
C02 8CT JE . 6.23 -3.98 19.72
C03 8CT JE . 6.20 -3.76 18.16
C04 8CT JE . 6.00 -4.94 17.32
C05 8CT JE . 5.12 -6.14 18.02
C06 8CT JE . 5.58 -6.45 19.27
C07 8CT JE . 5.53 -5.12 20.27
C08 8CT JE . 5.30 -4.50 16.03
C09 8CT JE . 7.38 -5.49 16.97
C10 8CT JE . 7.06 -2.60 17.58
C11 8CT JE . 6.58 -1.74 16.67
C12 8CT JE . 7.53 -0.64 16.18
C13 8CT JE . 7.12 0.34 15.31
C14 8CT JE . 8.16 1.40 14.87
C15 8CT JE . 9.36 0.96 14.34
C16 8CT JE . 10.49 1.98 13.88
C17 8CT JE . 11.52 1.55 13.10
C18 8CT JE . 12.62 2.51 12.65
C19 8CT JE . 13.26 2.33 11.46
C20 8CT JE . 14.38 3.34 11.03
C21 8CT JE . 15.66 2.91 10.91
C22 8CT JE . 16.00 1.43 11.17
C23 8CT JE . 16.80 3.93 10.49
C24 8CT JE . 18.10 3.49 10.31
C25 8CT JE . 19.19 4.52 9.91
C26 8CT JE . 20.13 4.25 8.93
C27 8CT JE . 20.10 2.91 8.18
C28 8CT JE . 21.21 5.35 8.58
C29 8CT JE . 21.98 5.89 9.63
C30 8CT JE . 23.05 6.96 9.35
C31 8CT JE . 24.22 6.69 10.16
C32 8CT JE . 25.42 7.69 9.88
C33 8CT JE . 25.18 8.59 8.77
C34 8CT JE . 24.49 7.84 7.46
C35 8CT JE . 23.42 7.01 7.76
C36 8CT JE . 23.77 5.60 7.32
C37 8CT JE . 22.17 7.50 6.97
C38 8CT JE . 24.09 6.00 11.51
C39 8CT JE . 10.42 3.46 14.30
C40 8CT JE . 8.99 -0.64 16.67
C1 HTG KE . 12.51 -19.77 15.53
S1 HTG KE . 13.75 -18.99 14.56
C2 HTG KE . 11.37 -20.30 14.68
O2 HTG KE . 10.78 -19.25 13.92
C3 HTG KE . 10.31 -20.85 15.61
O3 HTG KE . 9.25 -21.40 14.82
C4 HTG KE . 10.91 -21.93 16.48
O4 HTG KE . 9.95 -22.30 17.47
C5 HTG KE . 12.16 -21.43 17.18
O5 HTG KE . 13.08 -20.88 16.24
C6 HTG KE . 12.84 -22.58 17.93
O6 HTG KE . 11.93 -23.13 18.89
C1' HTG KE . 14.49 -18.02 15.82
C2' HTG KE . 15.09 -16.74 15.27
C3' HTG KE . 14.01 -15.76 14.83
C4' HTG KE . 14.40 -14.31 15.12
C5' HTG KE . 15.56 -13.86 14.25
C6' HTG KE . 16.59 -13.10 15.08
C7' HTG KE . 17.39 -14.02 15.96
MG CLA LE . 26.45 0.48 8.92
CHA CLA LE . 29.64 1.77 8.42
CHB CLA LE . 27.01 -1.83 6.50
CHC CLA LE . 23.25 -0.67 9.35
CHD CLA LE . 25.95 2.86 11.46
NA CLA LE . 28.08 0.05 7.68
C1A CLA LE . 29.31 0.70 7.62
C2A CLA LE . 30.20 0.04 6.56
C3A CLA LE . 29.36 -1.15 6.06
C4A CLA LE . 28.04 -0.98 6.78
CMA CLA LE . 29.14 -1.12 4.57
CAA CLA LE . 31.52 -0.46 7.12
CBA CLA LE . 32.57 -0.50 6.03
NB CLA LE . 25.38 -1.04 8.16
C1B CLA LE . 25.74 -1.79 7.09
C2B CLA LE . 24.57 -2.53 6.55
C3B CLA LE . 23.51 -2.21 7.35
C4B CLA LE . 24.00 -1.25 8.38
CMB CLA LE . 24.65 -3.39 5.39
CAB CLA LE . 22.15 -2.64 7.29
CBB CLA LE . 21.76 -3.88 6.94
NC CLA LE . 24.89 1.00 10.19
C1C CLA LE . 23.66 0.39 10.20
C2C CLA LE . 22.82 1.00 11.23
C3C CLA LE . 23.59 2.00 11.82
C4C CLA LE . 24.89 2.00 11.16
CMC CLA LE . 21.44 0.62 11.55
CAC CLA LE . 23.18 2.89 12.91
CBC CLA LE . 23.85 2.49 14.20
ND CLA LE . 27.45 2.03 9.73
C1D CLA LE . 27.14 2.91 10.79
C2D CLA LE . 28.28 3.80 11.02
C3D CLA LE . 29.24 3.44 10.11
C4D CLA LE . 28.70 2.30 9.36
CMD CLA LE . 28.30 4.87 12.01
CAD CLA LE . 30.58 3.70 9.61
OBD CLA LE . 31.37 4.58 9.93
CBD CLA LE . 30.88 2.60 8.56
CGD CLA LE . 31.25 3.25 7.25
O1D CLA LE . 31.74 2.72 6.25
O2D CLA LE . 30.99 4.58 7.22
CED CLA LE . 32.06 5.45 6.85
C01 8CT ME . 10.43 6.07 19.06
C02 8CT ME . 9.50 6.15 20.31
C03 8CT ME . 8.09 6.86 20.17
C04 8CT ME . 7.27 6.91 21.37
C05 8CT ME . 8.18 6.75 22.74
C06 8CT ME . 8.84 5.56 22.79
C07 8CT ME . 9.64 5.18 21.38
C08 8CT ME . 6.25 5.77 21.33
C09 8CT ME . 6.52 8.23 21.42
C10 8CT ME . 7.89 7.96 19.10
C11 8CT ME . 8.49 7.94 17.89
C12 8CT ME . 8.17 9.12 16.95
C13 8CT ME . 8.46 9.12 15.62
C14 8CT ME . 9.17 7.95 14.89
C15 8CT ME . 9.24 8.00 13.51
C16 8CT ME . 9.96 6.85 12.68
C17 8CT ME . 9.93 6.87 11.32
C18 8CT ME . 10.64 5.76 10.55
C19 8CT ME . 11.16 5.99 9.31
C20 8CT ME . 11.89 4.81 8.58
C21 8CT ME . 12.31 4.87 7.30
C22 8CT ME . 12.08 6.12 6.45
C23 8CT ME . 13.04 3.59 6.70
C24 8CT ME . 13.28 3.38 5.35
C25 8CT ME . 12.86 4.37 4.22
C26 8CT ME . 12.96 3.91 2.92
C27 8CT ME . 13.49 2.48 2.66
C28 8CT ME . 12.58 4.81 1.67
C29 8CT ME . 12.54 4.23 0.39
C30 8CT ME . 12.16 5.07 -0.84
C31 8CT ME . 13.21 6.06 -1.01
C32 8CT ME . 14.38 5.64 -2.01
C33 8CT ME . 14.62 4.23 -2.20
C34 8CT ME . 13.23 3.35 -2.34
C35 8CT ME . 12.08 4.09 -2.15
C36 8CT ME . 10.90 3.14 -1.98
C37 8CT ME . 11.85 4.97 -3.42
C38 8CT ME . 13.51 7.03 0.13
C39 8CT ME . 10.70 5.72 13.42
C40 8CT ME . 7.47 10.35 17.55
MG CLA NE . -9.72 37.79 56.57
CHA CLA NE . -8.81 38.41 53.29
CHB CLA NE . -10.01 41.12 57.10
CHC CLA NE . -10.81 37.11 59.75
CHD CLA NE . -9.46 34.35 55.91
NA CLA NE . -9.44 39.47 55.37
C1A CLA NE . -9.08 39.52 54.02
C2A CLA NE . -9.00 40.96 53.52
C3A CLA NE . -9.29 41.78 54.78
C4A CLA NE . -9.62 40.74 55.83
CMA CLA NE . -8.06 42.56 55.17
CAA CLA NE . -10.03 41.23 52.44
CBA CLA NE . -11.30 40.43 52.62
CGA CLA NE . -12.06 40.35 51.32
O1A CLA NE . -11.65 40.00 50.22
O2A CLA NE . -13.37 40.72 51.44
NB CLA NE . -10.35 38.90 58.11
C1B CLA NE . -10.31 40.24 58.16
C2B CLA NE . -10.65 40.71 59.52
C3B CLA NE . -10.88 39.59 60.29
C4B CLA NE . -10.69 38.42 59.40
CMB CLA NE . -10.68 42.13 59.88
CAB CLA NE . -11.24 39.49 61.68
CBB CLA NE . -10.53 38.87 62.62
NC CLA NE . -10.04 36.04 57.65
C1C CLA NE . -10.49 36.00 58.94
C2C CLA NE . -10.62 34.62 59.36
C3C CLA NE . -10.25 33.82 58.28
C4C CLA NE . -9.90 34.73 57.20
CMC CLA NE . -11.07 34.21 60.69
CAC CLA NE . -10.26 32.36 58.23
CBC CLA NE . -8.90 31.77 57.96
ND CLA NE . -9.13 36.60 55.05
C1D CLA NE . -9.10 35.20 54.91
C2D CLA NE . -8.64 34.87 53.54
C3D CLA NE . -8.51 36.07 52.88
C4D CLA NE . -8.86 37.11 53.85
CMD CLA NE . -8.42 33.53 53.03
CAD CLA NE . -8.12 36.73 51.66
OBD CLA NE . -7.67 36.25 50.64
CBD CLA NE . -8.41 38.25 51.85
CGD CLA NE . -7.24 39.13 51.50
O1D CLA NE . -7.24 40.13 50.79
O2D CLA NE . -6.07 38.75 52.07
CED CLA NE . -5.28 39.76 52.71
MG CLA OE . 2.58 26.82 66.55
CHA CLA OE . 2.04 28.96 69.19
CHB CLA OE . 2.38 24.17 68.65
CHC CLA OE . 3.24 24.74 63.92
CHD CLA OE . 2.85 29.59 64.41
NA CLA OE . 2.23 26.62 68.58
C1A CLA OE . 2.03 27.64 69.52
C2A CLA OE . 1.80 27.06 70.91
C3A CLA OE . 1.95 25.54 70.69
C4A CLA OE . 2.19 25.41 69.20
CMA CLA OE . 3.12 25.00 71.45
CAA CLA OE . 0.39 27.40 71.36
CBA CLA OE . -0.23 26.25 72.14
CGA CLA OE . -0.90 26.77 73.37
O1A CLA OE . -2.11 26.87 73.61
O2A CLA OE . -0.01 27.17 74.33
NB CLA OE . 2.79 24.84 66.32
C1B CLA OE . 2.64 23.92 67.29
C2B CLA OE . 2.82 22.56 66.73
C3B CLA OE . 3.06 22.70 65.39
C4B CLA OE . 3.05 24.16 65.12
CMB CLA OE . 2.72 21.36 67.56
CAB CLA OE . 3.31 21.75 64.34
CBB CLA OE . 3.45 20.43 64.45
NC CLA OE . 2.95 27.12 64.53
C1C CLA OE . 3.19 26.12 63.65
C2C CLA OE . 3.43 26.67 62.33
C3C CLA OE . 3.31 28.05 62.44
C4C CLA OE . 3.01 28.33 63.84
CMC CLA OE . 3.73 25.85 61.16
CAC CLA OE . 3.46 29.03 61.36
CBC CLA OE . 4.58 30.01 61.57
ND CLA OE . 2.40 28.82 66.68
C1D CLA OE . 2.57 29.84 65.73
C2D CLA OE . 2.40 31.15 66.40
C3D CLA OE . 2.20 30.86 67.73
C4D CLA OE . 2.23 29.40 67.85
CMD CLA OE . 2.46 32.44 65.74
CAD CLA OE . 1.94 31.40 69.04
OBD CLA OE . 1.76 32.57 69.39
CBD CLA OE . 1.93 30.21 70.03
CGD CLA OE . 3.14 30.34 70.91
O1D CLA OE . 3.47 31.32 71.56
O2D CLA OE . 3.96 29.26 70.93
CED CLA OE . 5.30 29.48 71.40
C1 CLA OE . -0.52 27.27 75.68
C01 8CT PE . -2.68 25.23 58.25
C02 8CT PE . -1.50 26.16 58.70
C03 8CT PE . -0.18 25.51 59.30
C04 8CT PE . 1.05 25.97 58.66
C05 8CT PE . 0.79 26.47 57.11
C06 8CT PE . -0.04 27.55 57.05
C07 8CT PE . -1.35 27.46 58.09
C08 8CT PE . 2.07 24.82 58.66
C09 8CT PE . 1.63 27.12 59.46
C10 8CT PE . -0.24 24.14 60.01
C11 8CT PE . -0.42 24.07 61.34
C12 8CT PE . -0.47 22.70 62.02
C13 8CT PE . -0.27 22.58 63.37
C14 8CT PE . -0.02 23.83 64.26
C15 8CT PE . -0.40 23.83 65.59
C16 8CT PE . -1.13 22.56 66.24
C17 8CT PE . -0.91 22.25 67.54
C18 8CT PE . -1.62 21.02 68.12
C19 8CT PE . -1.42 20.63 69.41
C20 8CT PE . -0.45 21.41 70.37
C21 8CT PE . -0.61 21.27 71.73
C22 8CT PE . 0.34 22.02 72.68
C23 8CT PE . -1.77 20.35 72.32
C24 8CT PE . -2.19 20.20 73.66
C25 8CT PE . -1.65 20.90 74.95
C26 8CT PE . -2.11 20.59 76.23
C27 8CT PE . -1.51 21.35 77.44
C28 8CT PE . -3.22 19.48 76.50
C29 8CT PE . -3.86 19.13 77.73
C30 8CT PE . -3.66 19.75 79.14
C31 8CT PE . -4.97 20.13 79.66
C32 8CT PE . -5.17 20.10 81.25
C33 8CT PE . -4.82 18.88 81.95
C34 8CT PE . -3.90 17.94 80.93
C35 8CT PE . -2.99 18.65 80.17
C36 8CT PE . -2.05 19.37 81.11
C37 8CT PE . -2.16 17.62 79.32
C38 8CT PE . -6.20 19.99 78.76
C39 8CT PE . -2.08 21.70 65.41
C40 8CT PE . -0.72 21.44 61.17
MG CLA QE . -6.87 15.96 79.49
CHA CLA QE . -4.64 13.45 78.65
CHB CLA QE . -6.38 17.40 76.46
CHC CLA QE . -9.07 18.42 80.39
CHD CLA QE . -7.24 14.50 82.68
NA CLA QE . -5.72 15.46 77.82
C1A CLA QE . -4.85 14.37 77.67
C2A CLA QE . -4.21 14.38 76.28
C3A CLA QE . -4.81 15.63 75.60
C4A CLA QE . -5.71 16.22 76.69
CMA CLA QE . -3.73 16.57 75.15
CAA CLA QE . -4.68 13.17 75.52
CBA CLA QE . -3.81 12.89 74.31
CGA CLA QE . -3.05 11.62 74.56
O1A CLA QE . -3.23 10.79 75.44
O2A CLA QE . -2.04 11.43 73.66
NB CLA QE . -7.60 17.58 78.59
C1B CLA QE . -7.23 18.04 77.36
C2B CLA QE . -7.88 19.35 77.12
C3B CLA QE . -8.64 19.65 78.21
C4B CLA QE . -8.48 18.51 79.16
CMB CLA QE . -7.68 20.11 75.89
CAB CLA QE . -9.46 20.79 78.47
CBB CLA QE . -9.33 21.63 79.51
NC CLA QE . -7.97 16.36 81.20
C1C CLA QE . -8.83 17.41 81.34
C2C CLA QE . -9.47 17.37 82.65
C3C CLA QE . -8.90 16.29 83.32
C4C CLA QE . -7.97 15.65 82.40
CMC CLA QE . -10.45 18.33 83.11
CAC CLA QE . -9.22 15.82 84.68
CBC CLA QE . -10.32 14.80 84.70
ND CLA QE . -6.18 14.34 80.47
C1D CLA QE . -6.40 13.87 81.79
C2D CLA QE . -5.63 12.64 81.98
C3D CLA QE . -4.96 12.42 80.81
C4D CLA QE . -5.31 13.53 79.91
CMD CLA QE . -5.64 11.83 83.20
CAD CLA QE . -4.04 11.55 80.10
OBD CLA QE . -3.55 10.48 80.44
CBD CLA QE . -3.77 12.21 78.73
CGD CLA QE . -2.31 12.53 78.62
O1D CLA QE . -1.37 11.75 78.74
O2D CLA QE . -2.03 13.83 78.35
CED CLA QE . -0.67 14.15 78.03
C1 CLA QE . -0.72 11.86 74.06
MG CLA RE . -18.81 25.42 69.01
CHA CLA RE . -21.96 24.00 69.39
CHB CLA RE . -18.60 24.17 65.89
CHC CLA RE . -15.65 26.75 68.74
CHD CLA RE . -19.03 26.69 72.29
NA CLA RE . -20.11 24.32 67.83
C1A CLA RE . -21.38 23.81 68.16
C2A CLA RE . -21.97 23.07 66.97
C3A CLA RE . -20.94 23.31 65.84
C4A CLA RE . -19.80 23.99 66.55
CMA CLA RE . -20.37 22.07 65.22
CAA CLA RE . -23.28 23.72 66.61
CBA CLA RE . -23.55 23.67 65.12
CGA CLA RE . -24.77 22.84 64.89
O1A CLA RE . -25.96 23.16 65.04
O2A CLA RE . -24.49 21.59 64.44
NB CLA RE . -17.45 25.56 67.53
C1B CLA RE . -17.48 24.77 66.44
C2B CLA RE . -16.11 24.63 65.87
C3B CLA RE . -15.27 25.35 66.67
C4B CLA RE . -16.10 25.96 67.73
CMB CLA RE . -15.81 23.84 64.68
CAB CLA RE . -13.85 25.55 66.57
CBB CLA RE . -12.95 25.26 67.51
NC CLA RE . -17.60 26.55 70.26
C1C CLA RE . -16.37 27.03 69.94
C2C CLA RE . -15.84 27.81 71.02
C3C CLA RE . -16.77 27.75 72.05
C4C CLA RE . -17.87 26.95 71.56
CMC CLA RE . -14.56 28.49 71.02
CAC CLA RE . -16.68 28.39 73.37
CBC CLA RE . -16.18 27.41 74.42
ND CLA RE . -20.11 25.35 70.53
C1D CLA RE . -20.08 25.93 71.82
C2D CLA RE . -21.33 25.59 72.52
C3D CLA RE . -22.07 24.84 71.65
C4D CLA RE . -21.28 24.73 70.41
CMD CLA RE . -21.65 25.99 73.89
CAD CLA RE . -23.29 24.12 71.45
OBD CLA RE . -24.21 23.91 72.24
CBD CLA RE . -23.28 23.60 69.98
CGD CLA RE . -23.50 22.12 69.93
O1D CLA RE . -22.73 21.24 70.32
O2D CLA RE . -24.70 21.75 69.41
CED CLA RE . -25.88 22.41 69.90
C1 CLA RE . -24.38 20.56 65.45
C2 CLA RE . -22.97 20.12 65.42
C3 CLA RE . -22.52 19.02 64.79
C4 CLA RE . -23.43 18.14 64.05
C5 CLA RE . -21.08 18.64 64.81
MG CLA SE . -40.66 22.71 26.36
CHA CLA SE . -42.03 20.29 28.39
CHB CLA SE . -42.46 21.53 23.75
CHC CLA SE . -39.15 25.03 24.33
CHD CLA SE . -38.64 23.75 29.03
NA CLA SE . -42.07 21.19 26.15
C1A CLA SE . -42.50 20.28 27.12
C2A CLA SE . -43.53 19.34 26.55
C3A CLA SE . -43.64 19.75 25.07
C4A CLA SE . -42.67 20.93 24.97
CMA CLA SE . -43.20 18.64 24.17
CAA CLA SE . -44.85 19.58 27.23
CBA CLA SE . -45.48 20.84 26.71
CGA CLA SE . -45.69 21.83 27.82
O1A CLA SE . -45.76 21.60 29.02
O2A CLA SE . -45.83 23.12 27.38
NB CLA SE . -40.78 23.19 24.42
C1B CLA SE . -41.58 22.60 23.51
C2B CLA SE . -41.38 23.22 22.18
C3B CLA SE . -40.46 24.21 22.35
C4B CLA SE . -40.07 24.21 23.77
CMB CLA SE . -42.10 22.80 20.98
CAB CLA SE . -39.91 25.13 21.39
CBB CLA SE . -40.53 26.25 21.02
NC CLA SE . -39.22 24.17 26.66
C1C CLA SE . -38.77 25.02 25.70
C2C CLA SE . -37.76 25.90 26.26
C3C CLA SE . -37.59 25.51 27.57
C4C CLA SE . -38.51 24.42 27.81
CMC CLA SE . -37.08 26.96 25.52
CAC CLA SE . -36.68 26.08 28.57
CBC CLA SE . -35.46 25.22 28.73
ND CLA SE . -40.46 22.29 28.31
C1D CLA SE . -39.56 22.75 29.28
C2D CLA SE . -39.76 22.00 30.52
C3D CLA SE . -40.70 21.05 30.25
C4D CLA SE . -41.08 21.25 28.84
CMD CLA SE . -39.04 22.26 31.77
CAD CLA SE . -41.47 19.94 30.76
OBD CLA SE . -41.54 19.50 31.90
CBD CLA SE . -42.28 19.37 29.56
CGD CLA SE . -41.86 17.96 29.26
O1D CLA SE . -40.82 17.59 28.74
O2D CLA SE . -42.77 17.03 29.63
CED CLA SE . -42.49 15.69 29.25
C1 CLA SE . -46.18 24.10 28.38
C2 CLA SE . -46.32 25.43 27.72
C3 CLA SE . -46.61 26.57 28.38
C4 CLA SE . -46.82 26.59 29.85
C5 CLA SE . -46.76 27.87 27.67
C6 CLA SE . -46.39 29.06 28.54
C7 CLA SE . -44.91 29.36 28.45
C8 CLA SE . -44.56 30.84 28.58
C9 CLA SE . -45.79 31.71 28.80
C10 CLA SE . -43.77 31.33 27.37
C11 CLA SE . -42.82 32.44 27.76
C12 CLA SE . -42.63 33.45 26.65
C13 CLA SE . -42.07 34.77 27.18
C14 CLA SE . -43.07 35.88 27.00
C15 CLA SE . -40.74 35.13 26.53
C16 CLA SE . -39.92 36.10 27.37
C17 CLA SE . -38.88 35.40 28.23
C18 CLA SE . -38.86 35.95 29.66
C19 CLA SE . -37.45 36.36 30.05
C20 CLA SE . -39.38 34.93 30.64
MG CLA TE . -59.25 37.72 23.85
CHA CLA TE . -61.08 39.71 21.68
CHB CLA TE . -56.38 38.74 22.38
CHC CLA TE . -57.50 35.62 25.93
CHD CLA TE . -62.23 36.85 25.50
NA CLA TE . -58.84 39.03 22.29
C1A CLA TE . -59.73 39.76 21.49
C2A CLA TE . -58.98 40.62 20.48
C3A CLA TE . -57.49 40.38 20.83
C4A CLA TE . -57.56 39.30 21.91
CMA CLA TE . -56.66 39.97 19.67
CAA CLA TE . -59.32 42.10 20.65
CBA CLA TE . -58.10 42.97 20.89
CGA CLA TE . -57.84 43.17 22.35
O1A CLA TE . -58.63 43.08 23.30
O2A CLA TE . -56.54 43.52 22.61
NB CLA TE . -57.31 37.27 24.11
C1B CLA TE . -56.29 37.77 23.38
C2B CLA TE . -55.01 37.13 23.79
C3B CLA TE . -55.32 36.24 24.80
C4B CLA TE . -56.79 36.32 25.01
CMB CLA TE . -53.73 37.50 23.16
CAB CLA TE . -54.50 35.36 25.58
CBB CLA TE . -53.25 34.99 25.32
NC CLA TE . -59.78 36.46 25.42
C1C CLA TE . -58.90 35.69 26.13
C2C CLA TE . -59.62 34.94 27.14
C3C CLA TE . -60.97 35.30 27.03
C4C CLA TE . -61.04 36.26 25.94
CMC CLA TE . -59.01 34.02 28.09
CAC CLA TE . -62.10 34.84 27.84
CBC CLA TE . -62.55 35.88 28.83
ND CLA TE . -61.21 38.11 23.67
C1D CLA TE . -62.32 37.72 24.45
C2D CLA TE . -63.53 38.35 23.90
C3D CLA TE . -63.13 39.05 22.78
C4D CLA TE . -61.67 38.90 22.71
CMD CLA TE . -64.85 38.17 24.48
CAD CLA TE . -63.55 39.93 21.71
OBD CLA TE . -64.68 40.26 21.38
CBD CLA TE . -62.24 40.41 20.99
CGD CLA TE . -62.26 40.16 19.50
O1D CLA TE . -62.14 40.99 18.60
O2D CLA TE . -62.42 38.86 19.13
CED CLA TE . -62.86 38.64 17.80
C1 CLA TE . -55.57 42.45 22.69
C2 CLA TE . -55.87 41.72 23.93
C3 CLA TE . -55.15 41.89 25.05
C4 CLA TE . -54.00 42.83 25.09
C5 CLA TE . -55.48 41.15 26.30
C6 CLA TE . -56.79 41.59 26.93
C7 CLA TE . -57.93 40.66 26.55
C8 CLA TE . -59.26 41.10 27.14
C9 CLA TE . -59.47 40.48 28.50
C10 CLA TE . -60.41 40.73 26.21
C11 CLA TE . -61.75 40.83 26.91
C12 CLA TE . -62.89 40.97 25.94
C13 CLA TE . -64.11 41.63 26.57
C14 CLA TE . -64.69 40.76 27.67
C15 CLA TE . -65.19 41.95 25.53
C16 CLA TE . -64.82 43.19 24.75
C17 CLA TE . -64.40 42.87 23.32
C18 CLA TE . -63.26 43.76 22.85
C19 CLA TE . -63.28 43.90 21.35
C20 CLA TE . -61.93 43.21 23.29
MG CLA UE . -49.01 31.11 17.66
CHA CLA UE . -51.59 31.44 19.93
CHB CLA UE . -47.48 33.84 19.00
CHC CLA UE . -46.41 30.63 15.49
CHD CLA UE . -50.62 28.28 16.34
NA CLA UE . -49.49 32.42 19.21
C1A CLA UE . -50.60 32.38 20.05
C2A CLA UE . -50.54 33.49 21.09
C3A CLA UE . -49.27 34.27 20.72
C4A CLA UE . -48.68 33.46 19.57
CMA CLA UE . -49.59 35.67 20.30
CAA CLA UE . -50.32 32.84 22.44
CBA CLA UE . -49.09 31.95 22.42
CGA CLA UE . -49.03 30.98 23.56
O1A CLA UE . -49.63 31.03 24.63
O2A CLA UE . -48.20 29.93 23.32
NB CLA UE . -47.23 31.99 17.37
C1B CLA UE . -46.87 33.19 17.92
C2B CLA UE . -45.71 33.75 17.17
C3B CLA UE . -45.41 32.85 16.18
C4B CLA UE . -46.37 31.72 16.30
CMB CLA UE . -45.10 35.03 17.51
CAB CLA UE . -44.38 32.88 15.17
CBB CLA UE . -44.33 33.76 14.17
NC CLA UE . -48.60 29.70 16.19
C1C CLA UE . -47.46 29.68 15.43
C2C CLA UE . -47.48 28.52 14.55
C3C CLA UE . -48.69 27.87 14.75
C4C CLA UE . -49.39 28.61 15.80
CMC CLA UE . -46.41 28.17 13.61
CAC CLA UE . -49.18 26.65 14.11
CBC CLA UE . -49.33 25.51 15.09
ND CLA UE . -50.75 30.13 17.92
C1D CLA UE . -51.29 28.97 17.33
C2D CLA UE . -52.59 28.65 17.94
C3D CLA UE . -52.77 29.58 18.94
C4D CLA UE . -51.58 30.46 18.90
CMD CLA UE . -53.45 27.55 17.54
CAD CLA UE . -53.62 30.07 19.99
OBD CLA UE . -54.74 29.70 20.33
CBD CLA UE . -52.87 31.24 20.68
CGD CLA UE . -53.69 32.48 20.62
O1D CLA UE . -53.92 33.19 19.65
O2D CLA UE . -54.23 32.83 21.82
CED CLA UE . -54.34 34.22 22.09
C1 CLA UE . -47.45 29.42 24.44
C2 CLA UE . -46.42 28.46 23.95
C3 CLA UE . -46.58 27.12 23.96
C4 CLA UE . -47.82 26.50 24.48
C5 CLA UE . -45.52 26.20 23.46
C6 CLA UE . -44.13 26.51 23.98
C7 CLA UE . -43.79 25.71 25.22
C8 CLA UE . -43.12 26.58 26.29
C9 CLA UE . -41.95 27.33 25.70
C10 CLA UE . -42.71 25.77 27.52
C11 CLA UE . -41.42 26.25 28.15
C12 CLA UE . -41.63 27.30 29.22
C13 CLA UE . -40.43 27.46 30.15
C14 CLA UE . -40.88 27.97 31.51
C15 CLA UE . -39.37 28.39 29.58
C16 CLA UE . -38.33 28.75 30.62
C17 CLA UE . -37.91 30.20 30.56
C18 CLA UE . -37.33 30.61 29.21
C19 CLA UE . -35.93 31.18 29.37
C20 CLA UE . -38.22 31.62 28.53
MG CLA VE . -43.18 43.90 17.12
CHA CLA VE . -44.99 46.80 17.60
CHB CLA VE . -40.94 45.60 15.23
CHC CLA VE . -41.51 40.96 16.57
CHD CLA VE . -45.45 42.19 19.22
NA CLA VE . -43.00 45.90 16.55
C1A CLA VE . -43.86 46.96 16.85
C2A CLA VE . -43.33 48.26 16.23
C3A CLA VE . -41.98 47.86 15.61
C4A CLA VE . -41.96 46.34 15.80
CMA CLA VE . -41.83 48.23 14.17
CAA CLA VE . -43.14 49.34 17.28
CBA CLA VE . -41.69 49.78 17.43
CGA CLA VE . -41.62 51.04 18.24
O1A CLA VE . -41.82 51.18 19.45
O2A CLA VE . -41.29 52.14 17.50
NB CLA VE . -41.54 43.38 16.09
C1B CLA VE . -40.79 44.21 15.34
C2B CLA VE . -39.72 43.45 14.65
C3B CLA VE . -39.87 42.14 15.02
C4B CLA VE . -41.03 42.07 15.94
CMB CLA VE . -38.74 44.08 13.78
CAB CLA VE . -39.09 40.99 14.64
CBB CLA VE . -38.02 40.56 15.31
NC CLA VE . -43.43 41.94 17.80
C1C CLA VE . -42.62 40.89 17.44
C2C CLA VE . -43.08 39.67 18.11
C3C CLA VE . -44.19 40.02 18.86
C4C CLA VE . -44.41 41.45 18.67
CMC CLA VE . -42.45 38.36 17.96
CAC CLA VE . -44.99 39.16 19.74
CBC CLA VE . -45.92 38.20 19.02
ND CLA VE . -44.81 44.33 18.22
C1D CLA VE . -45.68 43.52 19.01
C2D CLA VE . -46.78 44.36 19.51
C3D CLA VE . -46.58 45.61 18.98
C4D CLA VE . -45.34 45.56 18.19
CMD CLA VE . -47.86 43.89 20.38
CAD CLA VE . -47.06 46.98 18.93
OBD CLA VE . -48.03 47.46 19.49
CBD CLA VE . -46.08 47.77 18.01
CGD CLA VE . -46.75 48.32 16.79
O1D CLA VE . -46.95 47.77 15.71
O2D CLA VE . -47.19 49.60 16.94
CED CLA VE . -48.51 49.79 17.42
C1 CLA VE . -40.13 52.04 16.67
C2 CLA VE . -39.98 53.31 15.93
C3 CLA VE . -40.77 53.64 14.88
C4 CLA VE . -41.86 52.77 14.39
C5 CLA VE . -40.57 54.94 14.18
C01 8CT WE . -44.00 14.56 -5.83
C02 8CT WE . -43.58 15.45 -7.04
C03 8CT WE . -43.96 17.00 -7.02
C04 8CT WE . -43.64 17.81 -8.20
C05 8CT WE . -42.89 17.00 -9.41
C06 8CT WE . -41.95 16.14 -8.92
C07 8CT WE . -42.68 14.94 -8.03
C08 8CT WE . -42.77 18.98 -7.76
C09 8CT WE . -44.92 18.40 -8.77
C10 8CT WE . -44.00 17.64 -5.61
C11 8CT WE . -45.00 18.45 -5.25
C12 8CT WE . -44.94 19.03 -3.83
C13 8CT WE . -46.09 19.26 -3.15
C14 8CT WE . -46.00 19.82 -1.71
C15 8CT WE . -46.99 20.58 -1.15
C16 8CT WE . -46.67 21.02 0.33
C17 8CT WE . -47.62 21.36 1.25
C18 8CT WE . -47.01 21.72 2.61
C19 8CT WE . -47.55 22.25 3.72
C20 8CT WE . -49.00 22.76 4.01
C21 8CT WE . -49.68 22.18 5.03
C22 8CT WE . -49.05 21.03 5.84
C23 8CT WE . -51.12 22.67 5.44
C24 8CT WE . -51.15 23.68 6.39
C25 8CT WE . -49.77 24.21 6.91
C26 8CT WE . -49.63 25.19 7.88
C27 8CT WE . -48.22 25.63 8.31
C28 8CT WE . -50.89 25.90 8.53
C29 8CT WE . -50.67 26.59 9.74
C30 8CT WE . -51.85 27.31 10.44
C31 8CT WE . -52.37 26.48 11.50
C32 8CT WE . -52.54 27.09 12.97
C33 8CT WE . -52.32 28.49 13.13
C34 8CT WE . -51.08 28.99 12.17
C35 8CT WE . -51.39 28.84 10.85
C36 8CT WE . -52.52 29.78 10.52
C37 8CT WE . -50.15 29.23 9.99
C38 8CT WE . -53.01 25.13 11.17
C39 8CT WE . -45.18 21.06 0.73
C40 8CT WE . -43.56 19.32 -3.21
C01 8CT XE . -61.95 43.72 11.83
C02 8CT XE . -61.86 45.03 10.98
C03 8CT XE . -61.15 46.31 11.59
C04 8CT XE . -60.97 47.44 10.70
C05 8CT XE . -62.21 47.64 9.64
C06 8CT XE . -62.42 46.51 8.91
C07 8CT XE . -62.81 45.23 9.90
C08 8CT XE . -59.67 47.25 9.91
C09 8CT XE . -60.84 48.71 11.55
C10 8CT XE . -60.04 46.07 12.65
C11 8CT XE . -60.28 46.20 13.96
C12 8CT XE . -59.11 45.94 14.90
C13 8CT XE . -58.20 44.99 14.53
C14 8CT XE . -56.96 44.65 15.40
C15 8CT XE . -56.92 43.62 16.29
C16 8CT XE . -55.56 43.43 17.08
C17 8CT XE . -55.51 43.47 18.43
C18 8CT XE . -54.14 43.28 19.11
C19 8CT XE . -53.80 42.08 19.61
C20 8CT XE . -52.41 41.86 20.31
C21 8CT XE . -51.36 41.33 19.61
C22 8CT XE . -51.55 40.94 18.14
C23 8CT XE . -49.99 41.11 20.35
C24 8CT XE . -49.79 39.93 21.00
C25 8CT XE . -48.49 39.57 21.78
C26 8CT XE . -48.68 39.05 23.04
C27 8CT XE . -50.12 38.84 23.56
C28 8CT XE . -47.48 38.61 23.99
C29 8CT XE . -47.81 37.67 24.98
C30 8CT XE . -46.82 37.09 26.01
C31 8CT XE . -46.52 38.11 26.99
C32 8CT XE . -47.69 38.43 28.02
C33 8CT XE . -48.36 37.29 28.59
C34 8CT XE . -47.81 35.84 28.04
C35 8CT XE . -47.50 35.75 26.70
C36 8CT XE . -46.58 34.56 26.49
C37 8CT XE . -48.85 35.44 25.94
C38 8CT XE . -45.39 39.11 26.77
C39 8CT XE . -54.27 43.20 16.28
C40 8CT XE . -58.97 46.71 16.23
MG CLA YE . 1.44 -25.12 -46.60
CHA CLA YE . 1.22 -28.15 -44.97
CHB CLA YE . -1.91 -24.71 -46.29
CHC CLA YE . 1.76 -22.03 -48.06
CHD CLA YE . 4.91 -25.62 -46.94
NA CLA YE . -0.08 -26.27 -45.77
C1A CLA YE . 0.04 -27.49 -45.12
C2A CLA YE . -1.33 -27.98 -44.64
C3A CLA YE . -2.31 -26.94 -45.20
C4A CLA YE . -1.38 -25.88 -45.78
CMA CLA YE . -3.22 -27.53 -46.24
CAA CLA YE . -1.35 -27.98 -43.13
CBA CLA YE . -0.73 -26.73 -42.55
CGA CLA YE . -1.80 -25.68 -42.51
O1A CLA YE . -3.00 -25.83 -42.36
O2A CLA YE . -1.33 -24.41 -42.70
NB CLA YE . 0.16 -23.67 -47.14
C1B CLA YE . -1.16 -23.67 -46.85
C2B CLA YE . -1.74 -22.37 -47.23
C3B CLA YE . -0.73 -21.60 -47.74
C4B CLA YE . 0.51 -22.42 -47.68
CMB CLA YE . -3.15 -22.08 -47.04
CAB CLA YE . -0.79 -20.24 -48.21
CBB CLA YE . -0.34 -19.79 -49.37
NC CLA YE . 3.04 -24.04 -47.38
C1C CLA YE . 2.95 -22.80 -47.91
C2C CLA YE . 4.26 -22.35 -48.31
C3C CLA YE . 5.15 -23.38 -48.01
C4C CLA YE . 4.37 -24.44 -47.42
CMC CLA YE . 4.57 -21.05 -48.90
CAC CLA YE . 6.59 -23.40 -48.21
CBC CLA YE . 7.30 -22.88 -46.98
ND CLA YE . 2.80 -26.51 -46.08
C1D CLA YE . 4.19 -26.61 -46.30
C2D CLA YE . 4.67 -27.88 -45.74
C3D CLA YE . 3.58 -28.50 -45.21
C4D CLA YE . 2.44 -27.62 -45.45
CMD CLA YE . 6.06 -28.32 -45.77
CAD CLA YE . 3.10 -29.67 -44.51
OBD CLA YE . 3.73 -30.63 -44.09
CBD CLA YE . 1.55 -29.48 -44.35
CGD CLA YE . 0.79 -30.61 -44.99
O1D CLA YE . 0.67 -31.77 -44.61
O2D CLA YE . 0.15 -30.26 -46.13
CED CLA YE . -1.08 -30.94 -46.39
C1 CLA YE . -2.35 -23.40 -42.80
C2 CLA YE . -1.74 -22.21 -43.41
C3 CLA YE . -2.34 -21.02 -43.40
C4 CLA YE . -3.68 -20.83 -42.80
C5 CLA YE . -1.72 -19.82 -44.01
C6 CLA YE . -1.78 -18.65 -43.06
C7 CLA YE . -0.83 -17.55 -43.50
C8 CLA YE . -0.80 -16.43 -42.48
C9 CLA YE . -2.20 -15.95 -42.19
C10 CLA YE . 0.06 -15.28 -42.97
C11 CLA YE . 1.52 -15.53 -42.64
C12 CLA YE . 2.46 -15.01 -43.72
C13 CLA YE . 3.88 -15.46 -43.47
C14 CLA YE . 4.13 -15.66 -41.99
C15 CLA YE . 4.90 -14.47 -44.04
C16 CLA YE . 5.90 -15.14 -44.95
C17 CLA YE . 6.75 -16.19 -44.27
C18 CLA YE . 8.09 -16.43 -44.96
C19 CLA YE . 8.29 -17.90 -45.26
C20 CLA YE . 9.23 -15.90 -44.12
MG CLA ZE . -3.54 -15.11 -50.44
CHA CLA ZE . -6.43 -16.77 -49.50
CHB CLA ZE . -1.96 -16.32 -47.71
CHC CLA ZE . -0.67 -13.51 -51.46
CHD CLA ZE . -5.28 -13.68 -53.14
NA CLA ZE . -4.12 -16.36 -48.88
C1A CLA ZE . -5.36 -16.97 -48.67
C2A CLA ZE . -5.33 -17.79 -47.38
C3A CLA ZE . -3.93 -17.56 -46.82
C4A CLA ZE . -3.27 -16.69 -47.88
CMA CLA ZE . -3.99 -16.84 -45.50
CAA CLA ZE . -5.40 -19.26 -47.69
CBA CLA ZE . -6.05 -20.04 -46.58
CGA CLA ZE . -7.51 -19.79 -46.68
O1A CLA ZE . -8.32 -20.32 -47.43
O2A CLA ZE . -7.93 -18.83 -45.81
NB CLA ZE . -1.64 -15.04 -49.79
C1B CLA ZE . -1.22 -15.50 -48.59
C2B CLA ZE . 0.13 -15.01 -48.29
C3B CLA ZE . 0.50 -14.23 -49.35
C4B CLA ZE . -0.62 -14.22 -50.31
CMB CLA ZE . 0.85 -15.31 -47.06
CAB CLA ZE . 1.72 -13.47 -49.55
CBB CLA ZE . 1.79 -12.15 -49.58
NC CLA ZE . -3.06 -13.85 -52.03
C1C CLA ZE . -1.82 -13.33 -52.26
C2C CLA ZE . -1.85 -12.50 -53.45
C3C CLA ZE . -3.16 -12.52 -53.91
C4C CLA ZE . -3.92 -13.37 -53.01
CMC CLA ZE . -0.71 -11.78 -53.98
CAC CLA ZE . -3.70 -11.81 -55.08
CBC CLA ZE . -3.31 -12.46 -56.39
ND CLA ZE . -5.41 -15.10 -51.16
C1D CLA ZE . -5.99 -14.48 -52.28
C2D CLA ZE . -7.42 -14.85 -52.35
C3D CLA ZE . -7.61 -15.74 -51.33
C4D CLA ZE . -6.35 -15.88 -50.61
CMD CLA ZE . -8.36 -14.36 -53.33
CAD CLA ZE . -8.59 -16.56 -50.65
OBD CLA ZE . -9.77 -16.71 -50.86
CBD CLA ZE . -7.85 -17.28 -49.48
CGD CLA ZE . -8.63 -17.01 -48.24
O1D CLA ZE . -9.56 -17.68 -47.79
O2D CLA ZE . -8.26 -15.88 -47.58
CED CLA ZE . -9.30 -14.93 -47.35
C1 CLA ZE . -8.29 -19.19 -44.47
C2 CLA ZE . -9.54 -18.45 -44.20
C3 CLA ZE . -9.62 -17.26 -43.55
C4 CLA ZE . -10.94 -16.63 -43.37
C5 CLA ZE . -8.45 -16.55 -42.98
C6 CLA ZE . -8.70 -15.05 -42.84
C7 CLA ZE . -8.06 -14.47 -41.60
C8 CLA ZE . -6.78 -13.70 -41.92
C9 CLA ZE . -5.58 -14.62 -41.80
C10 CLA ZE . -6.59 -12.50 -40.99
C11 CLA ZE . -5.30 -11.77 -41.27
C12 CLA ZE . -5.27 -11.09 -42.64
C13 CLA ZE . -4.77 -9.65 -42.55
C14 CLA ZE . -5.74 -8.80 -41.76
C15 CLA ZE . -4.55 -9.05 -43.94
C16 CLA ZE . -3.95 -7.66 -43.88
C17 CLA ZE . -3.92 -6.99 -45.24
C18 CLA ZE . -4.81 -5.75 -45.29
C19 CLA ZE . -5.64 -5.69 -46.57
C20 CLA ZE . -4.01 -4.47 -45.15
MG CLA AF . 3.21 -11.13 -67.41
CHA CLA AF . 4.16 -8.23 -69.02
CHB CLA AF . 1.06 -9.35 -65.48
CHC CLA AF . 2.36 -14.03 -65.84
CHD CLA AF . 5.36 -12.94 -69.56
NA CLA AF . 2.71 -9.11 -67.28
C1A CLA AF . 3.23 -8.04 -68.03
C2A CLA AF . 2.59 -6.73 -67.63
C3A CLA AF . 1.66 -7.12 -66.46
C4A CLA AF . 1.81 -8.64 -66.38
CMA CLA AF . 2.08 -6.46 -65.18
CAA CLA AF . 1.73 -6.20 -68.76
CBA CLA AF . 0.47 -7.04 -68.87
CGA CLA AF . 0.09 -7.30 -70.29
O1A CLA AF . 0.28 -6.60 -71.28
O2A CLA AF . -0.55 -8.50 -70.44
NB CLA AF . 2.00 -11.59 -65.89
C1B CLA AF . 1.11 -10.74 -65.32
C2B CLA AF . 0.15 -11.51 -64.47
C3B CLA AF . 0.53 -12.82 -64.56
C4B CLA AF . 1.70 -12.90 -65.47
CMB CLA AF . -0.94 -10.89 -63.72
CAB CLA AF . -0.07 -13.98 -63.95
CBB CLA AF . 0.58 -14.82 -63.16
NC CLA AF . 3.80 -13.11 -67.64
C1C CLA AF . 3.34 -14.14 -66.86
C2C CLA AF . 3.99 -15.37 -67.26
C3C CLA AF . 4.80 -15.08 -68.35
C4C CLA AF . 4.68 -13.65 -68.56
CMC CLA AF . 3.76 -16.69 -66.67
CAC CLA AF . 5.66 -16.00 -69.10
CBC CLA AF . 4.91 -16.79 -70.15
ND CLA AF . 4.44 -10.76 -68.95
C1D CLA AF . 5.24 -11.60 -69.76
C2D CLA AF . 5.94 -10.79 -70.76
C3D CLA AF . 5.61 -9.48 -70.48
C4D CLA AF . 4.67 -9.52 -69.36
CMD CLA AF . 6.79 -11.36 -71.79
CAD CLA AF . 5.76 -8.10 -70.88
OBD CLA AF . 6.45 -7.62 -71.76
CBD CLA AF . 4.86 -7.25 -69.93
CGD CLA AF . 5.68 -6.29 -69.14
O1D CLA AF . 6.71 -6.53 -68.54
O2D CLA AF . 5.18 -5.02 -69.12
CED CLA AF . 4.53 -4.54 -70.28
C1 CLA AF . -1.38 -8.61 -71.63
C2 CLA AF . -1.56 -10.05 -71.91
C3 CLA AF . -2.16 -10.50 -73.03
C4 CLA AF . -2.69 -9.56 -74.05
C5 CLA AF . -2.32 -11.95 -73.29
C6 CLA AF . -3.79 -12.35 -73.23
C7 CLA AF . -3.95 -13.76 -72.74
MG CLA BF . -3.63 -7.50 -66.50
CHA CLA BF . -4.82 -8.03 -69.69
CHB CLA BF . -5.52 -10.08 -65.38
CHC CLA BF . -2.35 -7.00 -63.36
CHD CLA BF . -1.70 -4.80 -67.68
NA CLA BF . -4.97 -8.81 -67.41
C1A CLA BF . -5.32 -8.88 -68.76
C2A CLA BF . -6.34 -10.00 -69.01
C3A CLA BF . -6.57 -10.59 -67.60
C4A CLA BF . -5.63 -9.78 -66.72
CMA CLA BF . -8.00 -10.44 -67.15
CAA CLA BF . -5.84 -11.09 -69.93
CBA CLA BF . -6.58 -11.12 -71.26
CGA CLA BF . -8.08 -10.97 -71.10
O1A CLA BF . -8.72 -10.07 -70.57
O2A CLA BF . -8.80 -11.97 -71.70
NB CLA BF . -3.90 -8.36 -64.71
C1B CLA BF . -4.70 -9.42 -64.47
C2B CLA BF . -4.58 -9.81 -63.04
C3B CLA BF . -3.69 -8.95 -62.48
C4B CLA BF . -3.25 -8.00 -63.53
CMB CLA BF . -5.31 -10.92 -62.46
CAB CLA BF . -3.21 -8.89 -61.13
CBB CLA BF . -2.33 -9.77 -60.62
NC CLA BF . -2.29 -6.13 -65.67
C1C CLA BF . -1.91 -6.12 -64.36
C2C CLA BF . -0.94 -5.06 -64.13
C3C CLA BF . -0.77 -4.42 -65.34
C4C CLA BF . -1.62 -5.10 -66.31
CMC CLA BF . -0.32 -4.79 -62.83
CAC CLA BF . 0.13 -3.29 -65.61
CBC CLA BF . -0.39 -2.02 -65.01
ND CLA BF . -3.29 -6.58 -68.24
C1D CLA BF . -2.46 -5.50 -68.59
C2D CLA BF . -2.58 -5.27 -70.04
C3D CLA BF . -3.48 -6.20 -70.51
C4D CLA BF . -3.90 -6.99 -69.35
CMD CLA BF . -1.83 -4.26 -70.77
CAD CLA BF . -4.18 -6.73 -71.67
OBD CLA BF . -4.13 -6.38 -72.84
CBD CLA BF . -5.06 -7.92 -71.17
CGD CLA BF . -6.51 -7.63 -71.38
O1D CLA BF . -7.28 -7.08 -70.59
O2D CLA BF . -6.99 -8.04 -72.59
CED CLA BF . -8.36 -7.74 -72.88
C1 CLA BF . -9.78 -11.55 -72.67
C2 CLA BF . -11.12 -11.99 -72.23
C3 CLA BF . -12.22 -11.89 -73.00
C4 CLA BF . -12.16 -11.32 -74.37
C5 CLA BF . -13.56 -12.33 -72.51
C6 CLA BF . -14.45 -11.15 -72.15
C7 CLA BF . -15.80 -11.62 -71.65
MG CHL CF . -0.66 -2.69 -59.01
CHA CHL CF . 0.95 0.14 -58.01
CHB CHL CF . 1.08 -4.43 -56.84
CHC CHL CF . -2.91 -5.20 -59.45
CHD CHL CF . -1.82 -1.06 -61.89
NA CHL CF . 0.58 -2.23 -57.52
C1A CHL CF . 1.04 -1.07 -57.17
C2A CHL CF . 1.75 -1.08 -55.86
C3A CHL CF . 1.64 -2.52 -55.45
C4A CHL CF . 1.06 -3.11 -56.67
CMA CHL CF . 2.99 -3.18 -55.20
CAA CHL CF . 1.13 -0.15 -54.82
CBA CHL CF . -0.38 -0.28 -54.73
CGA CHL CF . -0.97 1.09 -54.47
O1A CHL CF . -0.95 1.95 -55.34
O2A CHL CF . -1.57 1.40 -53.18
NB CHL CF . -0.88 -4.57 -58.24
C1B CHL CF . -0.08 -5.16 -57.33
C2B CHL CF . -0.45 -6.54 -56.93
C3B CHL CF . -1.66 -6.73 -57.74
C4B CHL CF . -1.83 -5.48 -58.49
CMB CHL CF . 0.22 -7.46 -55.96
CAB CHL CF . -2.50 -7.96 -57.75
CBB CHL CF . -3.81 -7.90 -57.85
NC CHL CF . -2.09 -3.07 -60.42
C1C CHL CF . -2.92 -4.14 -60.47
C2C CHL CF . -3.84 -4.13 -61.62
C3C CHL CF . -3.52 -2.91 -62.34
C4C CHL CF . -2.44 -2.34 -61.52
CMC CHL CF . -4.86 -5.11 -61.99
OMC CHL CF . -4.83 -6.23 -61.52
CAC CHL CF . -4.14 -2.36 -63.60
CBC CHL CF . -5.50 -1.81 -63.26
ND CHL CF . -0.53 -0.86 -59.87
C1D CHL CF . -1.00 -0.27 -60.98
C2D CHL CF . -0.55 1.16 -61.08
C3D CHL CF . 0.24 1.27 -59.84
C4D CHL CF . 0.20 0.09 -59.23
CMD CHL CF . -0.70 2.33 -62.01
CAD CHL CF . 1.05 2.21 -59.05
OBD CHL CF . 1.31 3.43 -59.35
CBD CHL CF . 1.54 1.50 -57.83
CGD CHL CF . 3.04 1.44 -57.77
O1D CHL CF . 3.62 0.41 -58.10
O2D CHL CF . 3.79 2.60 -57.34
CED CHL CF . 4.99 2.48 -56.58
C1 CHL CF . -2.45 2.52 -53.06
C2 CHL CF . -3.82 2.08 -52.61
MG CLA DF . -11.20 -22.32 -64.95
CHA CLA DF . -7.98 -22.00 -63.75
CHB CLA DF . -10.49 -20.16 -67.45
CHC CLA DF . -14.39 -22.73 -66.13
CHD CLA DF . -11.84 -24.68 -62.41
NA CLA DF . -9.50 -21.23 -65.47
C1A CLA DF . -8.25 -21.24 -64.85
C2A CLA DF . -7.27 -20.32 -65.58
C3A CLA DF . -8.13 -19.71 -66.70
C4A CLA DF . -9.48 -20.40 -66.55
CMA CLA DF . -8.28 -18.23 -66.50
CAA CLA DF . -6.15 -21.11 -66.20
CBA CLA DF . -6.64 -22.44 -66.72
CGA CLA DF . -5.93 -22.82 -67.98
O1A CLA DF . -5.81 -22.17 -69.01
O2A CLA DF . -5.36 -24.06 -67.92
NB CLA DF . -12.20 -21.69 -66.57
C1B CLA DF . -11.78 -20.69 -67.38
C2B CLA DF . -12.90 -20.18 -68.18
C3B CLA DF . -14.00 -20.89 -67.83
C4B CLA DF . -13.59 -21.85 -66.78
CMB CLA DF . -12.73 -19.07 -69.11
CAB CLA DF . -15.37 -20.77 -68.28
CBB CLA DF . -16.34 -20.13 -67.64
NC CLA DF . -12.83 -23.46 -64.34
C1C CLA DF . -14.04 -23.48 -64.97
C2C CLA DF . -14.93 -24.40 -64.28
C3C CLA DF . -14.21 -24.96 -63.23
C4C CLA DF . -12.87 -24.37 -63.29
CMC CLA DF . -16.32 -24.66 -64.66
CAC CLA DF . -14.66 -25.95 -62.24
CBC CLA DF . -14.11 -27.33 -62.49
ND CLA DF . -10.28 -23.00 -63.29
C1D CLA DF . -10.61 -24.05 -62.40
C2D CLA DF . -9.47 -24.30 -61.51
C3D CLA DF . -8.46 -23.50 -61.95
C4D CLA DF . -8.98 -22.77 -63.12
CMD CLA DF . -9.45 -25.22 -60.38
CAD CLA DF . -7.09 -23.09 -61.76
OBD CLA DF . -6.34 -23.33 -60.83
CBD CLA DF . -6.70 -22.25 -62.99
CGD CLA DF . -6.04 -20.99 -62.56
O1D CLA DF . -6.39 -19.83 -62.78
O2D CLA DF . -4.91 -21.19 -61.83
CED CLA DF . -4.19 -20.03 -61.42
C1 CLA DF . -4.41 -24.38 -68.94
C2 CLA DF . -5.04 -25.40 -69.81
C3 CLA DF . -4.51 -25.73 -71.00
C4 CLA DF . -3.28 -25.07 -71.50
C5 CLA DF . -5.12 -26.76 -71.89
C6 CLA DF . -6.63 -26.92 -71.78
C7 CLA DF . -7.42 -25.71 -72.24
C8 CLA DF . -7.46 -25.44 -73.74
C9 CLA DF . -7.30 -26.69 -74.58
C10 CLA DF . -6.41 -24.40 -74.15
C11 CLA DF . -6.73 -23.01 -73.62
C12 CLA DF . -5.84 -22.63 -72.45
C13 CLA DF . -5.00 -21.38 -72.73
C14 CLA DF . -3.57 -21.76 -73.06
C15 CLA DF . -5.06 -20.42 -71.54
C16 CLA DF . -3.82 -19.56 -71.48
C17 CLA DF . -3.32 -19.39 -70.06
C18 CLA DF . -2.89 -20.71 -69.43
C19 CLA DF . -2.79 -20.56 -67.93
C20 CLA DF . -1.56 -21.18 -69.98
MG CLA EF . -10.56 -15.27 -56.54
CHA CLA EF . -10.21 -17.75 -54.19
CHB CLA EF . -13.91 -15.29 -56.07
CHC CLA EF . -10.82 -12.63 -58.70
CHD CLA EF . -7.03 -15.14 -56.85
NA CLA EF . -11.83 -16.39 -55.35
C1A CLA EF . -11.49 -17.36 -54.42
C2A CLA EF . -12.71 -17.92 -53.71
C3A CLA EF . -13.87 -17.23 -54.46
C4A CLA EF . -13.18 -16.22 -55.36
CMA CLA EF . -14.58 -18.25 -55.29
CAA CLA EF . -12.67 -17.51 -52.26
CBA CLA EF . -13.66 -16.43 -51.89
CGA CLA EF . -13.03 -15.07 -51.77
O1A CLA EF . -12.87 -14.23 -52.66
O2A CLA EF . -12.58 -14.77 -50.52
NB CLA EF . -12.07 -14.15 -57.22
C1B CLA EF . -13.38 -14.34 -56.95
C2B CLA EF . -14.19 -13.40 -57.75
C3B CLA EF . -13.32 -12.65 -58.49
C4B CLA EF . -11.96 -13.12 -58.17
CMB CLA EF . -15.66 -13.36 -57.70
CAB CLA EF . -13.57 -11.59 -59.44
CBB CLA EF . -13.05 -10.37 -59.35
NC CLA EF . -9.18 -14.14 -57.62
C1C CLA EF . -9.51 -13.12 -58.44
C2C CLA EF . -8.32 -12.52 -59.01
C3C CLA EF . -7.25 -13.22 -58.48
C4C CLA EF . -7.79 -14.24 -57.61
CMC CLA EF . -8.34 -11.39 -59.92
CAC CLA EF . -5.84 -12.96 -58.74
CBC CLA EF . -5.37 -13.49 -60.07
ND CLA EF . -8.96 -16.31 -55.89
C1D CLA EF . -7.57 -16.10 -56.03
C2D CLA EF . -6.86 -17.09 -55.19
C3D CLA EF . -7.82 -17.79 -54.52
C4D CLA EF . -9.11 -17.22 -54.93
CMD CLA EF . -5.41 -17.24 -55.15
CAD CLA EF . -8.11 -18.86 -53.59
OBD CLA EF . -7.36 -19.72 -53.16
CBD CLA EF . -9.63 -18.75 -53.23
CGD CLA EF . -10.36 -20.04 -53.39
O1D CLA EF . -10.80 -20.51 -54.44
O2D CLA EF . -10.58 -20.73 -52.23
CED CLA EF . -11.68 -21.64 -52.20
C1 CLA EF . -12.70 -13.38 -50.14
C2 CLA EF . -11.36 -12.74 -50.25
C3 CLA EF . -11.16 -11.42 -50.10
C4 CLA EF . -12.27 -10.48 -49.81
C5 CLA EF . -9.80 -10.81 -50.20
C6 CLA EF . -8.67 -11.73 -49.78
C7 CLA EF . -7.35 -10.97 -49.80
C8 CLA EF . -6.15 -11.82 -49.43
C9 CLA EF . -6.50 -12.97 -48.51
C10 CLA EF . -5.07 -10.98 -48.75
C11 CLA EF . -3.74 -11.69 -48.81
C12 CLA EF . -2.61 -10.87 -48.23
C13 CLA EF . -2.04 -9.83 -49.20
C14 CLA EF . -2.21 -10.27 -50.64
C15 CLA EF . -0.57 -9.54 -48.89
C16 CLA EF . 0.16 -9.03 -50.10
C17 CLA EF . 1.55 -8.52 -49.76
C18 CLA EF . 2.27 -7.95 -50.97
C19 CLA EF . 3.54 -7.25 -50.57
C20 CLA EF . 1.38 -7.01 -51.76
MG CLA FF . -1.38 -28.55 -62.80
CHA CLA FF . -3.93 -30.75 -63.59
CHB CLA FF . 0.63 -31.17 -62.06
CHC CLA FF . 1.22 -26.37 -62.39
CHD CLA FF . -3.52 -25.87 -63.58
NA CLA FF . -1.66 -30.62 -62.77
C1A CLA FF . -2.78 -31.33 -63.16
C2A CLA FF . -2.55 -32.82 -63.00
C3A CLA FF . -1.22 -32.89 -62.23
C4A CLA FF . -0.68 -31.47 -62.36
CMA CLA FF . -1.45 -33.25 -60.79
CAA CLA FF . -2.42 -33.46 -64.37
CBA CLA FF . -1.73 -32.54 -65.36
CGA CLA FF . -0.26 -32.58 -65.10
O1A CLA FF . 0.39 -33.52 -64.67
O2A CLA FF . 0.40 -31.41 -65.33
NB CLA FF . 0.55 -28.73 -62.26
C1B CLA FF . 1.21 -29.90 -62.15
C2B CLA FF . 2.67 -29.67 -62.10
C3B CLA FF . 2.86 -28.31 -62.20
C4B CLA FF . 1.50 -27.69 -62.29
CMB CLA FF . 3.63 -30.75 -61.97
CAB CLA FF . 4.07 -27.55 -62.21
CBB CLA FF . 5.18 -27.83 -61.53
NC CLA FF . -1.21 -26.49 -62.88
C1C CLA FF . -0.05 -25.80 -62.65
C2C CLA FF . -0.32 -24.37 -62.78
C3C CLA FF . -1.63 -24.23 -63.16
C4C CLA FF . -2.20 -25.57 -63.22
CMC CLA FF . 0.65 -23.30 -62.59
CAC CLA FF . -2.33 -22.98 -63.41
CBC CLA FF . -2.08 -22.52 -64.83
ND CLA FF . -3.30 -28.29 -63.33
C1D CLA FF . -4.05 -27.13 -63.64
C2D CLA FF . -5.41 -27.53 -64.04
C3D CLA FF . -5.42 -28.91 -64.07
C4D CLA FF . -4.07 -29.33 -63.63
CMD CLA FF . -6.47 -26.60 -64.38
CAD CLA FF . -6.18 -30.12 -64.30
OBD CLA FF . -7.36 -30.25 -64.63
CBD CLA FF . -5.24 -31.33 -64.07
CGD CLA FF . -5.87 -32.30 -63.12
O1D CLA FF . -6.45 -32.06 -62.07
O2D CLA FF . -5.79 -33.59 -63.55
CED CLA FF . -6.93 -34.41 -63.33
C1 CLA FF . 1.83 -31.50 -65.21
C2 CLA FF . 2.44 -30.26 -65.76
C3 CLA FF . 3.76 -30.14 -65.97
C4 CLA FF . 4.71 -31.23 -65.69
C5 CLA FF . 4.35 -28.88 -66.52
C6 CLA FF . 5.24 -29.15 -67.70
C7 CLA FF . 6.01 -27.89 -68.04
C8 CLA FF . 5.21 -26.98 -68.95
C9 CLA FF . 5.70 -27.09 -70.38
C10 CLA FF . 5.32 -25.54 -68.48
C11 CLA FF . 4.85 -24.59 -69.55
C12 CLA FF . 5.81 -23.42 -69.72
C13 CLA FF . 5.64 -22.44 -68.58
C14 CLA FF . 4.72 -21.30 -68.97
C15 CLA FF . 7.00 -21.90 -68.12
MG CLA GF . 13.93 -32.57 -54.46
CHA CLA GF . 11.23 -33.74 -56.22
CHB CLA GF . 15.09 -35.75 -54.13
CHC CLA GF . 16.71 -31.33 -52.90
CHD CLA GF . 12.68 -29.28 -54.79
NA CLA GF . 13.24 -34.43 -55.08
C1A CLA GF . 12.10 -34.71 -55.82
C2A CLA GF . 11.97 -36.20 -56.08
C3A CLA GF . 13.16 -36.81 -55.31
C4A CLA GF . 13.91 -35.59 -54.81
CMA CLA GF . 12.69 -37.64 -54.16
CAA CLA GF . 12.12 -36.48 -57.57
NB CLA GF . 15.62 -33.38 -53.75
C1B CLA GF . 15.85 -34.71 -53.60
C2B CLA GF . 17.04 -34.92 -52.74
C3B CLA GF . 17.51 -33.68 -52.40
C4B CLA GF . 16.61 -32.67 -53.02
CMB CLA GF . 17.53 -36.24 -52.38
CAB CLA GF . 18.62 -33.33 -51.57
CBB CLA GF . 19.70 -32.67 -52.01
NC CLA GF . 14.56 -30.66 -53.92
C1C CLA GF . 15.74 -30.38 -53.31
C2C CLA GF . 15.89 -28.95 -53.14
C3C CLA GF . 14.73 -28.36 -53.64
C4C CLA GF . 13.91 -29.45 -54.14
CMC CLA GF . 17.07 -28.35 -52.54
CAC CLA GF . 14.37 -26.94 -53.77
CBC CLA GF . 14.49 -26.10 -52.53
ND CLA GF . 12.28 -31.67 -55.16
C1D CLA GF . 11.90 -30.31 -55.27
C2D CLA GF . 10.63 -30.23 -55.99
C3D CLA GF . 10.32 -31.52 -56.39
C4D CLA GF . 11.40 -32.37 -55.85
CMD CLA GF . 9.94 -28.98 -56.25
CAD CLA GF . 9.39 -32.38 -57.08
OBD CLA GF . 8.33 -32.12 -57.64
CBD CLA GF . 9.95 -33.82 -57.01
CGD CLA GF . 9.02 -34.70 -56.26
O1D CLA GF . 8.99 -34.85 -55.04
O2D CLA GF . 8.14 -35.39 -57.02
CED CLA GF . 7.42 -36.45 -56.39
MG CLA HF . 10.67 -27.47 -61.71
CHA CLA HF . 10.30 -30.90 -61.60
CHB CLA HF . 8.48 -27.31 -64.28
CHC CLA HF . 11.25 -24.10 -61.90
CHD CLA HF . 12.98 -27.68 -59.04
NA CLA HF . 9.55 -28.90 -62.73
C1A CLA HF . 9.54 -30.28 -62.54
C2A CLA HF . 8.58 -30.96 -63.53
C3A CLA HF . 7.98 -29.77 -64.32
C4A CLA HF . 8.71 -28.56 -63.75
CMA CLA HF . 8.24 -29.92 -65.79
CAA CLA HF . 7.49 -31.76 -62.86
CBA CLA HF . 7.72 -33.24 -63.12
CGA CLA HF . 7.26 -33.64 -64.49
O1A CLA HF . 6.13 -33.90 -64.87
O2A CLA HF . 8.28 -33.71 -65.39
NB CLA HF . 9.98 -25.98 -62.85
C1B CLA HF . 9.08 -26.11 -63.86
C2B CLA HF . 8.85 -24.78 -64.48
C3B CLA HF . 9.62 -23.88 -63.82
C4B CLA HF . 10.36 -24.63 -62.77
CMB CLA HF . 7.94 -24.57 -65.60
CAB CLA HF . 9.77 -22.47 -64.02
CBB CLA HF . 9.61 -21.51 -63.10
NC CLA HF . 11.86 -26.14 -60.64
C1C CLA HF . 11.95 -24.81 -60.89
C2C CLA HF . 12.90 -24.19 -59.99
C3C CLA HF . 13.37 -25.20 -59.15
C4C CLA HF . 12.71 -26.42 -59.58
CMC CLA HF . 13.25 -22.77 -59.99
CAC CLA HF . 14.34 -25.10 -58.06
CBC CLA HF . 15.76 -25.29 -58.53
ND CLA HF . 11.43 -28.89 -60.51
C1D CLA HF . 12.41 -28.85 -59.49
C2D CLA HF . 12.67 -30.23 -59.02
C3D CLA HF . 11.88 -31.04 -59.79
C4D CLA HF . 11.14 -30.17 -60.71
CMD CLA HF . 13.62 -30.57 -57.98
CAD CLA HF . 11.47 -32.40 -60.04
OBD CLA HF . 11.80 -33.44 -59.48
CBD CLA HF . 10.52 -32.35 -61.25
CGD CLA HF . 11.13 -33.04 -62.42
O1D CLA HF . 12.01 -32.61 -63.17
O2D CLA HF . 10.66 -34.30 -62.65
CED CLA HF . 10.95 -34.88 -63.92
C1 CLA HF . 7.96 -33.42 -66.76
C2 CLA HF . 8.68 -34.37 -67.63
C3 CLA HF . 9.98 -34.26 -67.95
C4 CLA HF . 10.66 -35.23 -68.83
C5 CLA HF . 10.81 -33.13 -67.42
C6 CLA HF . 11.27 -32.17 -68.50
C7 CLA HF . 10.16 -31.22 -68.89
MG CLA IF . 16.50 -14.00 -50.98
CHA CLA IF . 19.18 -11.83 -51.20
CHB CLA IF . 17.98 -16.04 -53.23
CHC CLA IF . 13.89 -16.19 -50.63
CHD CLA IF . 15.15 -11.98 -48.43
NA CLA IF . 18.27 -13.89 -52.06
C1A CLA IF . 19.26 -12.92 -52.01
C2A CLA IF . 20.39 -13.24 -52.96
C3A CLA IF . 19.89 -14.49 -53.71
C4A CLA IF . 18.63 -14.85 -52.96
CMA CLA IF . 19.58 -14.16 -55.13
CAA CLA IF . 21.63 -13.55 -52.15
CBA CLA IF . 21.38 -14.68 -51.20
CGA CLA IF . 21.01 -14.15 -49.86
O1A CLA IF . 21.34 -13.08 -49.35
O2A CLA IF . 20.19 -14.97 -49.15
NB CLA IF . 16.00 -15.75 -51.80
C1B CLA IF . 16.80 -16.48 -52.61
C2B CLA IF . 16.23 -17.83 -52.79
C3B CLA IF . 15.07 -17.88 -52.06
C4B CLA IF . 14.90 -16.54 -51.45
CMB CLA IF . 16.87 -18.84 -53.62
CAB CLA IF . 14.12 -18.93 -51.91
CBB CLA IF . 13.65 -19.68 -52.91
NC CLA IF . 14.79 -14.02 -49.81
C1C CLA IF . 13.83 -14.99 -49.85
C2C CLA IF . 12.76 -14.68 -48.94
C3C CLA IF . 13.16 -13.55 -48.25
C4C CLA IF . 14.43 -13.14 -48.80
CMC CLA IF . 11.57 -15.49 -48.76
CAC CLA IF . 12.40 -12.86 -47.22
CBC CLA IF . 12.70 -13.43 -45.85
ND CLA IF . 16.91 -12.23 -50.10
C1D CLA IF . 16.32 -11.56 -49.00
C2D CLA IF . 17.12 -10.35 -48.69
C3D CLA IF . 18.18 -10.37 -49.56
C4D CLA IF . 18.04 -11.59 -50.36
CMD CLA IF . 16.77 -9.36 -47.69
CAD CLA IF . 19.36 -9.68 -50.02
OBD CLA IF . 19.74 -8.55 -49.78
CBD CLA IF . 20.13 -10.69 -50.93
CGD CLA IF . 20.71 -10.07 -52.16
O1D CLA IF . 20.53 -10.38 -53.34
O2D CLA IF . 21.55 -9.03 -51.89
CED CLA IF . 21.73 -8.07 -52.93
C1 CLA IF . 18.98 -14.36 -48.67
C2 CLA IF . 18.55 -15.05 -47.43
C3 CLA IF . 17.53 -15.93 -47.40
C4 CLA IF . 16.75 -16.28 -48.59
C5 CLA IF . 17.16 -16.60 -46.13
C6 CLA IF . 16.14 -17.70 -46.33
C7 CLA IF . 16.81 -19.04 -46.51
C8 CLA IF . 15.81 -20.18 -46.49
C9 CLA IF . 15.58 -20.66 -45.08
C10 CLA IF . 16.30 -21.33 -47.37
C11 CLA IF . 16.76 -20.80 -48.69
C12 CLA IF . 17.30 -21.89 -49.60
C13 CLA IF . 16.16 -22.63 -50.28
C14 CLA IF . 16.07 -24.06 -49.78
C15 CLA IF . 16.29 -22.59 -51.79
C16 CLA IF . 17.73 -22.78 -52.22
C17 CLA IF . 17.93 -24.14 -52.86
C18 CLA IF . 19.39 -24.38 -53.18
C19 CLA IF . 19.95 -23.26 -54.02
C20 CLA IF . 19.54 -25.70 -53.91
MG CLA JF . 24.88 -18.29 -52.51
CHA CLA JF . 24.28 -17.62 -49.18
CHB CLA JF . 28.22 -18.33 -51.88
CHC CLA JF . 25.44 -19.07 -55.78
CHD CLA JF . 21.40 -18.37 -53.08
NA CLA JF . 26.03 -17.96 -50.80
C1A CLA JF . 25.60 -17.70 -49.50
C2A CLA JF . 26.79 -17.53 -48.56
C3A CLA JF . 28.02 -17.69 -49.47
C4A CLA JF . 27.40 -18.01 -50.83
CMA CLA JF . 28.82 -16.42 -49.52
CAA CLA JF . 26.80 -18.59 -47.49
CBA CLA JF . 27.69 -19.75 -47.87
CGA CLA JF . 28.20 -20.40 -46.62
O1A CLA JF . 29.09 -21.25 -46.50
O2A CLA JF . 27.56 -19.95 -45.49
NB CLA JF . 26.50 -18.71 -53.60
C1B CLA JF . 27.78 -18.63 -53.17
C2B CLA JF . 28.71 -18.90 -54.28
C3B CLA JF . 27.94 -19.10 -55.41
C4B CLA JF . 26.52 -18.97 -54.99
CMB CLA JF . 30.16 -18.86 -54.10
CAB CLA JF . 28.31 -19.37 -56.77
CBB CLA JF . 29.39 -20.03 -57.17
NC CLA JF . 23.64 -18.59 -54.14
C1C CLA JF . 24.08 -18.86 -55.40
C2C CLA JF . 22.97 -18.99 -56.31
C3C CLA JF . 21.81 -18.83 -55.55
C4C CLA JF . 22.25 -18.59 -54.18
CMC CLA JF . 23.07 -19.25 -57.74
CAC CLA JF . 20.43 -18.85 -56.03
CBC CLA JF . 19.67 -20.10 -55.63
ND CLA JF . 23.20 -17.87 -51.49
C1D CLA JF . 21.84 -18.08 -51.82
C2D CLA JF . 21.01 -17.83 -50.61
C3D CLA JF . 21.90 -17.60 -49.59
C4D CLA JF . 23.25 -17.71 -50.17
CMD CLA JF . 19.56 -17.83 -50.61
CAD CLA JF . 22.07 -17.27 -48.21
OBD CLA JF . 21.24 -16.86 -47.41
CBD CLA JF . 23.57 -17.48 -47.86
CGD CLA JF . 24.12 -16.40 -46.97
O1D CLA JF . 25.08 -15.67 -47.17
O2D CLA JF . 23.47 -16.26 -45.79
CED CLA JF . 24.25 -15.78 -44.69
C1 CLA JF . 26.75 -20.90 -44.78
C2 CLA JF . 25.55 -21.16 -45.60
C3 CLA JF . 24.77 -22.24 -45.46
C4 CLA JF . 25.06 -23.30 -44.47
C5 CLA JF . 23.60 -22.43 -46.35
C6 CLA JF . 22.26 -21.86 -45.87
C7 CLA JF . 22.14 -20.39 -46.23
C8 CLA JF . 20.73 -19.81 -46.17
C9 CLA JF . 19.88 -20.43 -45.08
C10 CLA JF . 20.03 -19.89 -47.52
MG CLA KF . 15.90 -8.88 -39.43
CHA CLA KF . 14.09 -8.33 -42.31
CHB CLA KF . 14.62 -6.03 -38.10
CHC CLA KF . 17.58 -9.57 -36.55
CHD CLA KF . 17.27 -11.78 -40.92
NA CLA KF . 14.58 -7.42 -40.13
C1A CLA KF . 13.92 -7.39 -41.34
C2A CLA KF . 13.03 -6.16 -41.46
C3A CLA KF . 13.37 -5.36 -40.19
C4A CLA KF . 14.23 -6.34 -39.39
CMA CLA KF . 14.11 -4.09 -40.51
CAA CLA KF . 11.58 -6.58 -41.41
CBA CLA KF . 10.74 -5.53 -40.73
CGA CLA KF . 10.61 -4.30 -41.59
O1A CLA KF . 11.51 -3.62 -42.11
O2A CLA KF . 9.32 -3.90 -41.78
NB CLA KF . 16.13 -7.93 -37.68
C1B CLA KF . 15.42 -6.85 -37.29
C2B CLA KF . 15.64 -6.60 -35.84
C3B CLA KF . 16.49 -7.60 -35.39
C4B CLA KF . 16.79 -8.47 -36.57
CMB CLA KF . 15.03 -5.51 -35.11
CAB CLA KF . 16.98 -7.84 -34.07
CBB CLA KF . 18.26 -7.69 -33.71
NC CLA KF . 17.19 -10.40 -38.85
C1C CLA KF . 17.76 -10.48 -37.62
C2C CLA KF . 18.60 -11.67 -37.56
C3C CLA KF . 18.52 -12.30 -38.79
C4C CLA KF . 17.63 -11.48 -39.60
CMC CLA KF . 19.36 -12.07 -36.38
CAC CLA KF . 19.17 -13.52 -39.24
CBC CLA KF . 18.23 -14.67 -39.47
ND CLA KF . 15.73 -9.90 -41.16
C1D CLA KF . 16.37 -11.05 -41.66
C2D CLA KF . 15.94 -11.30 -43.05
C3D CLA KF . 15.05 -10.29 -43.34
C4D CLA KF . 14.97 -9.44 -42.14
CMD CLA KF . 16.38 -12.41 -43.86
CAD CLA KF . 14.19 -9.70 -44.33
OBD CLA KF . 13.96 -10.08 -45.46
CBD CLA KF . 13.58 -8.41 -43.72
CGD CLA KF . 14.06 -7.20 -44.42
O1D CLA KF . 14.82 -6.35 -43.98
O2D CLA KF . 13.59 -7.01 -45.67
CED CLA KF . 13.61 -5.67 -46.16
C1 CLA KF . 9.10 -2.48 -41.90
C1 XAT LF . 14.94 -15.91 -55.92
C2 XAT LF . 15.35 -14.48 -56.31
C3 XAT LF . 16.07 -14.32 -57.63
C4 XAT LF . 16.77 -15.59 -58.06
C5 XAT LF . 15.88 -16.84 -58.13
C6 XAT LF . 14.98 -17.10 -56.91
C7 XAT LF . 13.68 -17.89 -57.09
C8 XAT LF . 13.52 -19.16 -57.51
C9 XAT LF . 12.12 -19.57 -57.47
C10 XAT LF . 11.25 -19.42 -58.48
C11 XAT LF . 9.84 -19.77 -58.29
C12 XAT LF . 8.93 -20.68 -58.66
C13 XAT LF . 8.95 -21.98 -59.34
C14 XAT LF . 7.99 -22.25 -60.26
C15 XAT LF . 7.88 -23.52 -60.96
C16 XAT LF . 14.10 -16.08 -54.67
C17 XAT LF . 13.63 -15.47 -56.54
C18 XAT LF . 15.17 -17.13 -59.44
C19 XAT LF . 11.67 -20.24 -56.22
C20 XAT LF . 9.95 -22.99 -58.91
O3 XAT LF . 15.16 -13.91 -58.66
O4 XAT LF . 16.18 -17.83 -57.15
C21 XAT LF . -1.57 -28.13 -68.10
C22 XAT LF . -2.19 -29.49 -67.93
C23 XAT LF . -1.58 -30.38 -68.98
C24 XAT LF . -0.20 -30.73 -68.45
C25 XAT LF . 0.65 -29.52 -68.04
C26 XAT LF . -0.04 -28.15 -67.90
C27 XAT LF . 0.51 -27.23 -66.83
C28 XAT LF . 1.54 -26.43 -67.12
C29 XAT LF . 2.13 -25.44 -66.19
C30 XAT LF . 3.33 -25.55 -65.58
C31 XAT LF . 3.74 -24.41 -64.76
C32 XAT LF . 4.87 -24.31 -64.05
C33 XAT LF . 5.06 -23.03 -63.34
C34 XAT LF . 5.99 -22.79 -62.39
C35 XAT LF . 6.96 -23.77 -61.91
C36 XAT LF . -2.21 -27.19 -67.10
C37 XAT LF . -1.85 -27.65 -69.51
C38 XAT LF . 1.63 -29.74 -66.89
C39 XAT LF . 1.34 -24.19 -65.98
C40 XAT LF . 4.16 -21.91 -63.74
O23 XAT LF . -2.38 -31.55 -69.15
O24 XAT LF . 0.83 -28.48 -69.00
C1 XAT MF . 2.08 -8.01 -60.12
C2 XAT MF . 2.71 -7.07 -61.13
C3 XAT MF . 3.97 -7.70 -61.65
C4 XAT MF . 3.51 -8.81 -62.55
C5 XAT MF . 3.08 -9.93 -61.61
C6 XAT MF . 2.38 -9.49 -60.33
C7 XAT MF . 1.30 -10.46 -59.89
C8 XAT MF . 1.67 -11.23 -58.88
C9 XAT MF . 0.81 -12.24 -58.26
C10 XAT MF . 1.34 -12.89 -57.23
C11 XAT MF . 0.66 -13.91 -56.44
C12 XAT MF . 1.37 -14.33 -55.41
C13 XAT MF . 0.92 -15.31 -54.43
C14 XAT MF . 1.77 -15.61 -53.45
C15 XAT MF . 1.45 -16.54 -52.37
C16 XAT MF . 0.56 -7.80 -60.14
C17 XAT MF . 2.60 -7.64 -58.74
C18 XAT MF . 2.47 -11.20 -62.20
C19 XAT MF . -0.58 -12.48 -58.75
C20 XAT MF . -0.45 -15.90 -54.50
O3 XAT MF . 4.76 -6.75 -62.38
O4 XAT MF . 3.72 -9.96 -60.33
C21 XAT MF . 2.42 -21.17 -40.72
C22 XAT MF . 2.39 -22.27 -39.67
C23 XAT MF . 1.24 -23.20 -39.99
C24 XAT MF . 1.67 -24.01 -41.19
C25 XAT MF . 1.89 -23.13 -42.43
C26 XAT MF . 2.37 -21.70 -42.15
C27 XAT MF . 3.47 -21.29 -43.11
C28 XAT MF . 3.04 -20.38 -43.95
C29 XAT MF . 3.83 -19.73 -44.99
C30 XAT MF . 3.10 -19.03 -45.85
C31 XAT MF . 3.55 -18.25 -46.99
C32 XAT MF . 2.63 -18.12 -47.94
C33 XAT MF . 2.86 -17.32 -49.14
C34 XAT MF . 2.06 -17.46 -50.21
C35 XAT MF . 2.31 -16.61 -51.36
C36 XAT MF . 3.65 -20.33 -40.51
C37 XAT MF . 1.21 -20.27 -40.53
C38 XAT MF . 2.58 -23.75 -43.64
C39 XAT MF . 5.32 -19.87 -45.06
C40 XAT MF . 3.96 -16.33 -49.15
O23 XAT MF . 1.04 -24.06 -38.87
O24 XAT MF . 1.08 -21.98 -42.68
C01 8CT NF . -24.57 -18.08 -69.76
C02 8CT NF . -24.11 -16.62 -70.03
C03 8CT NF . -23.20 -16.27 -71.28
C04 8CT NF . -23.68 -15.20 -72.14
C05 8CT NF . -24.31 -13.93 -71.28
C06 8CT NF . -25.28 -14.32 -70.42
C07 8CT NF . -24.76 -15.51 -69.36
C08 8CT NF . -24.76 -15.73 -73.08
C09 8CT NF . -22.51 -14.67 -72.98
C10 8CT NF . -21.67 -16.57 -71.21
C11 8CT NF . -21.09 -17.47 -72.03
C12 8CT NF . -19.58 -17.71 -71.91
C13 8CT NF . -18.93 -18.61 -72.71
C14 8CT NF . -17.41 -18.80 -72.53
C15 8CT NF . -16.58 -17.69 -72.52
C16 8CT NF . -15.00 -17.83 -72.33
C17 8CT NF . -14.27 -16.73 -72.03
C18 8CT NF . -12.75 -16.85 -71.83
C19 8CT NF . -12.15 -16.10 -70.86
C20 8CT NF . -10.61 -16.19 -70.60
C21 8CT NF . -10.00 -15.25 -69.83
C22 8CT NF . -10.82 -14.12 -69.21
C23 8CT NF . -8.44 -15.34 -69.56
C24 8CT NF . -7.95 -15.11 -68.29
C25 8CT NF . -6.41 -15.20 -68.01
C26 8CT NF . -5.64 -14.06 -67.96
C27 8CT NF . -6.28 -12.67 -68.20
C28 8CT NF . -4.08 -14.18 -67.66
C29 8CT NF . -3.16 -13.41 -68.39
C30 8CT NF . -1.64 -13.54 -68.08
C31 8CT NF . -1.18 -14.81 -68.61
C32 8CT NF . 0.26 -14.84 -69.29
C33 8CT NF . 0.58 -13.76 -70.18
C34 8CT NF . -0.48 -12.50 -70.05
C35 8CT NF . -0.85 -12.26 -68.75
C36 8CT NF . 0.39 -11.97 -67.92
C37 8CT NF . -1.80 -11.02 -68.72
C38 8CT NF . -2.18 -15.92 -68.91
C39 8CT NF . -14.33 -19.21 -72.47
C40 8CT NF . -18.78 -16.90 -70.86
O1 LHG OF . 15.45 -35.75 -47.54
C1 LHG OF . 16.13 -34.77 -48.31
C2 LHG OF . 15.37 -34.53 -49.60
O2 LHG OF . 15.48 -33.19 -50.00
C3 LHG OF . 13.91 -34.82 -49.50
O3 LHG OF . 13.42 -33.51 -49.44
P LHG OF . 12.62 -32.85 -50.66
O4 LHG OF . 13.62 -32.52 -51.69
O5 LHG OF . 11.33 -33.58 -50.67
O6 LHG OF . 12.41 -31.42 -49.94
C4 LHG OF . 11.87 -30.38 -50.68
C5 LHG OF . 12.78 -29.21 -50.36
C6 LHG OF . 12.15 -27.94 -50.83
O7 LHG OF . 12.84 -29.15 -48.97
C7 LHG OF . 13.67 -28.20 -48.51
O9 LHG OF . 14.69 -27.89 -49.08
C8 LHG OF . 13.37 -27.91 -47.10
C9 LHG OF . 14.24 -26.79 -46.62
C10 LHG OF . 13.96 -26.51 -45.17
O8 LHG OF . 10.83 -28.06 -50.37
C23 LHG OF . 9.89 -27.48 -51.13
O10 LHG OF . 8.96 -28.14 -51.50
C24 LHG OF . 9.77 -25.97 -51.13
C11 LHG OF . 15.34 -26.48 -44.58
C12 LHG OF . 15.71 -25.07 -44.28
C13 LHG OF . 14.92 -24.61 -43.06
C14 LHG OF . 15.50 -23.36 -42.47
C15 LHG OF . 14.33 -22.45 -42.16
C16 LHG OF . 14.18 -22.32 -40.67
C17 LHG OF . 14.52 -20.92 -40.18
C18 LHG OF . 13.26 -20.48 -39.51
C19 LHG OF . 12.84 -21.35 -38.36
C20 LHG OF . 11.35 -21.07 -38.28
C21 LHG OF . 10.69 -22.08 -37.38
C22 LHG OF . 9.19 -21.94 -37.54
C25 LHG OF . 9.64 -25.34 -49.77
C26 LHG OF . 10.69 -24.29 -49.41
C27 LHG OF . 10.78 -24.43 -47.92
C28 LHG OF . 11.97 -23.76 -47.28
C29 LHG OF . 11.62 -23.64 -45.80
C30 LHG OF . 11.75 -22.26 -45.20
C31 LHG OF . 10.75 -21.92 -44.12
C32 LHG OF . 11.22 -20.89 -43.13
C33 LHG OF . 10.09 -19.91 -42.91
C34 LHG OF . 8.89 -20.45 -42.18
C35 LHG OF . 8.64 -19.66 -40.92
C36 LHG OF . 7.26 -20.01 -40.42
C37 LHG OF . 6.82 -18.89 -39.51
C38 LHG OF . 6.77 -17.55 -40.17
MG CHL PF . 30.57 -14.77 43.15
CHA CHL PF . 29.63 -13.12 46.00
CHB CHL PF . 29.26 -12.34 41.27
CHC CHL PF . 31.63 -16.44 40.33
CHD CHL PF . 32.04 -17.29 45.17
NA CHL PF . 29.58 -13.07 43.53
C1A CHL PF . 29.27 -12.57 44.67
C2A CHL PF . 28.40 -11.35 44.57
C3A CHL PF . 28.23 -11.20 43.11
C4A CHL PF . 29.09 -12.28 42.59
CMA CHL PF . 26.81 -11.46 42.66
CAA CHL PF . 29.04 -10.10 45.16
CBA CHL PF . 30.47 -9.92 44.70
CGA CHL PF . 30.85 -8.46 44.78
O1A CHL PF . 30.59 -7.81 45.77
O2A CHL PF . 31.50 -7.81 43.66
NB CHL PF . 30.46 -14.44 41.13
C1B CHL PF . 29.89 -13.40 40.51
C2B CHL PF . 29.94 -13.40 39.03
C3B CHL PF . 30.67 -14.65 38.77
C4B CHL PF . 30.92 -15.19 40.11
CMB CHL PF . 29.41 -12.40 38.05
CAB CHL PF . 31.03 -15.22 37.43
CBB CHL PF . 31.12 -16.53 37.17
NC CHL PF . 31.62 -16.50 42.81
C1C CHL PF . 31.95 -17.02 41.63
C2C CHL PF . 32.70 -18.26 41.71
C3C CHL PF . 32.84 -18.55 43.11
C4C CHL PF . 32.14 -17.40 43.70
CMC CHL PF . 33.21 -19.08 40.61
OMC CHL PF . 32.96 -20.26 40.71
CAC CHL PF . 33.53 -19.70 43.77
CBC CHL PF . 32.57 -20.86 43.79
ND CHL PF . 30.83 -15.21 45.12
C1D CHL PF . 31.40 -16.18 45.86
C2D CHL PF . 31.29 -15.96 47.33
C3D CHL PF . 30.55 -14.70 47.32
C4D CHL PF . 30.33 -14.37 46.05
CMD CHL PF . 31.65 -16.59 48.63
CAD CHL PF . 29.97 -13.70 48.22
OBD CHL PF . 29.99 -13.74 49.49
CBD CHL PF . 29.35 -12.65 47.39
CGD CHL PF . 27.89 -12.72 47.66
O1D CHL PF . 27.16 -11.79 47.38
O2D CHL PF . 27.33 -13.89 48.28
CED CHL PF . 26.09 -13.79 48.98
C1 CHL PF . 32.88 -7.50 43.71
C2 CHL PF . 33.52 -7.61 42.34
C3 CHL PF . 33.77 -6.50 41.64
C4 CHL PF . 33.44 -5.16 42.20
C5 CHL PF . 34.39 -6.57 40.26
C6 CHL PF . 33.52 -5.75 39.32
C7 CHL PF . 34.27 -5.28 38.08
C8 CHL PF . 33.53 -4.14 37.39
C9 CHL PF . 32.03 -4.29 37.55
C10 CHL PF . 34.02 -2.80 37.93
C11 CHL PF . 33.14 -1.65 37.49
C12 CHL PF . 33.25 -0.48 38.47
C13 CHL PF . 31.91 -0.16 39.12
C14 CHL PF . 31.03 0.67 38.19
C15 CHL PF . 32.14 0.56 40.45
MG CLA QF . 30.92 -17.54 30.72
CHA CLA QF . 28.91 -19.77 32.40
CHB CLA QF . 29.55 -18.53 27.80
CHC CLA QF . 32.71 -15.10 29.14
CHD CLA QF . 32.22 -16.45 33.82
NA CLA QF . 29.51 -18.97 30.20
C1A CLA QF . 28.77 -19.78 31.04
C2A CLA QF . 27.82 -20.66 30.24
C3A CLA QF . 28.26 -20.44 28.79
C4A CLA QF . 29.16 -19.23 28.91
CMA CLA QF . 28.97 -21.65 28.26
CAA CLA QF . 26.40 -20.19 30.41
CBA CLA QF . 26.16 -18.73 30.09
CGA CLA QF . 25.85 -18.54 28.64
O1A CLA QF . 25.71 -19.39 27.77
O2A CLA QF . 25.74 -17.22 28.27
NB CLA QF . 31.11 -16.95 28.83
C1B CLA QF . 30.41 -17.43 27.80
C2B CLA QF . 30.70 -16.65 26.57
C3B CLA QF . 31.60 -15.68 26.93
C4B CLA QF . 31.88 -15.86 28.38
CMB CLA QF . 30.09 -16.97 25.29
CAB CLA QF . 32.23 -14.66 26.16
CBB CLA QF . 31.79 -14.19 24.99
NC CLA QF . 32.29 -16.11 31.36
C1C CLA QF . 32.93 -15.23 30.55
C2C CLA QF . 33.79 -14.36 31.33
C3C CLA QF . 33.64 -14.72 32.65
C4C CLA QF . 32.69 -15.81 32.67
CMC CLA QF . 34.64 -13.29 30.83
CAC CLA QF . 34.33 -14.10 33.78
CBC CLA QF . 33.43 -13.22 34.60
ND CLA QF . 30.77 -18.04 32.67
C1D CLA QF . 31.30 -17.47 33.85
C2D CLA QF . 30.74 -18.14 35.03
C3D CLA QF . 29.88 -19.09 34.52
C4D CLA QF . 29.89 -18.96 33.05
CMD CLA QF . 31.10 -17.81 36.40
CAD CLA QF . 28.96 -20.17 34.81
OBD CLA QF . 28.74 -20.73 35.86
CBD CLA QF . 28.23 -20.55 33.48
CGD CLA QF . 28.27 -21.99 33.14
O1D CLA QF . 27.35 -22.71 32.77
O2D CLA QF . 29.49 -22.58 33.23
CED CLA QF . 29.82 -23.44 32.15
C1 CLA QF . 25.72 -16.93 26.86
C2 CLA QF . 26.85 -16.01 26.58
C3 CLA QF . 26.71 -14.71 26.34
C4 CLA QF . 25.39 -14.04 26.31
C5 CLA QF . 27.87 -13.83 26.07
C6 CLA QF . 27.52 -12.66 25.18
C7 CLA QF . 27.90 -11.36 25.82
C8 CLA QF . 26.74 -10.35 25.83
C9 CLA QF . 25.87 -10.48 24.60
C10 CLA QF . 27.29 -8.95 25.93
C11 CLA QF . 28.17 -8.84 27.15
C12 CLA QF . 28.79 -7.47 27.28
C13 CLA QF . 28.80 -7.05 28.73
C14 CLA QF . 27.64 -6.10 28.99
C15 CLA QF . 30.13 -6.41 29.11
C16 CLA QF . 30.57 -6.87 30.48
C17 CLA QF . 30.52 -5.74 31.50
C18 CLA QF . 31.79 -5.68 32.33
C19 CLA QF . 32.18 -7.06 32.83
C20 CLA QF . 31.65 -4.70 33.48
MG CLA RF . 33.18 -11.32 20.45
CHA CLA RF . 31.09 -13.08 18.36
CHB CLA RF . 30.75 -11.22 22.80
CHC CLA RF . 35.33 -9.63 22.49
CHD CLA RF . 35.69 -11.51 18.00
NA CLA RF . 31.23 -12.04 20.54
C1A CLA RF . 30.55 -12.78 19.57
C2A CLA RF . 29.14 -13.12 20.03
C3A CLA RF . 29.08 -12.55 21.46
C4A CLA RF . 30.43 -11.88 21.64
CMA CLA RF . 27.95 -11.57 21.62
CAA CLA RF . 28.94 -14.62 20.02
CBA CLA RF . 27.47 -14.97 19.91
CGA CLA RF . 26.86 -14.73 18.56
O1A CLA RF . 27.17 -15.23 17.47
O2A CLA RF . 25.78 -13.88 18.60
NB CLA RF . 33.11 -10.66 22.34
C1B CLA RF . 31.96 -10.57 23.06
C2B CLA RF . 32.18 -9.69 24.22
C3B CLA RF . 33.47 -9.23 24.15
C4B CLA RF . 34.07 -9.85 22.95
CMB CLA RF . 31.15 -9.38 25.18
CAB CLA RF . 34.16 -8.33 25.03
CBB CLA RF . 34.91 -7.30 24.67
NC CLA RF . 35.14 -10.68 20.27
C1C CLA RF . 35.83 -10.01 21.23
C2C CLA RF . 37.18 -9.74 20.79
C3C CLA RF . 37.30 -10.29 19.52
C4C CLA RF . 36.02 -10.89 19.21
CMC CLA RF . 38.19 -9.01 21.56
CAC CLA RF . 38.48 -10.29 18.66
CBC CLA RF . 39.14 -11.64 18.65
ND CLA RF . 33.36 -11.94 18.56
C1D CLA RF . 34.46 -11.99 17.68
C2D CLA RF . 34.04 -12.63 16.43
C3D CLA RF . 32.76 -13.06 16.63
C4D CLA RF . 32.39 -12.64 17.99
CMD CLA RF . 34.87 -12.77 15.24
CAD CLA RF . 31.61 -13.70 16.05
OBD CLA RF . 31.42 -14.06 14.91
CBD CLA RF . 30.57 -13.85 17.18
CGD CLA RF . 29.24 -13.34 16.74
O1D CLA RF . 28.54 -12.47 17.27
O2D CLA RF . 28.77 -13.95 15.61
CED CLA RF . 28.01 -13.14 14.71
C1 CLA RF . 25.31 -13.30 17.37
C2 CLA RF . 24.04 -13.98 16.99
C3 CLA RF . 23.05 -13.39 16.28
C4 CLA RF . 21.80 -14.10 15.91
C5 CLA RF . 23.17 -11.98 15.81
C6 CLA RF . 22.59 -10.96 16.77
C7 CLA RF . 23.02 -9.56 16.36
C8 CLA RF . 24.53 -9.34 16.43
C9 CLA RF . 24.90 -8.71 17.75
C10 CLA RF . 25.02 -8.49 15.25
C11 CLA RF . 26.37 -7.83 15.48
C12 CLA RF . 27.36 -8.14 14.37
C13 CLA RF . 27.39 -7.08 13.27
C14 CLA RF . 26.92 -7.65 11.94
C15 CLA RF . 28.78 -6.48 13.09
C16 CLA RF . 29.12 -5.55 14.25
C17 CLA RF . 30.54 -5.04 14.17
C18 CLA RF . 31.11 -4.85 15.58
C19 CLA RF . 30.32 -3.83 16.36
C20 CLA RF . 32.57 -4.45 15.51
MG CLA SF . 52.55 -11.01 18.49
CHA CLA SF . 54.68 -8.80 16.92
CHB CLA SF . 50.00 -9.92 16.56
CHC CLA SF . 50.50 -13.29 20.00
CHD CLA SF . 55.21 -12.04 20.56
NA CLA SF . 52.39 -9.58 16.99
C1A CLA SF . 53.39 -8.77 16.47
C2A CLA SF . 52.86 -7.87 15.39
C3A CLA SF . 51.35 -8.14 15.40
C4A CLA SF . 51.21 -9.31 16.36
CMA CLA SF . 50.63 -6.94 15.94
CAA CLA SF . 53.44 -8.25 14.04
CBA CLA SF . 53.41 -9.74 13.82
CGA CLA SF . 54.59 -10.12 12.98
O1A CLA SF . 55.28 -9.39 12.27
O2A CLA SF . 54.93 -11.43 13.08
NB CLA SF . 50.59 -11.42 18.40
C1B CLA SF . 49.76 -10.98 17.43
C2B CLA SF . 48.54 -11.80 17.38
C3B CLA SF . 48.67 -12.76 18.35
C4B CLA SF . 49.98 -12.53 19.01
CMB CLA SF . 47.49 -11.57 16.41
CAB CLA SF . 47.80 -13.84 18.74
CBB CLA SF . 46.98 -14.50 17.94
NC CLA SF . 52.82 -12.42 20.00
C1C CLA SF . 51.84 -13.25 20.45
C2C CLA SF . 52.38 -14.09 21.51
C3C CLA SF . 53.70 -13.73 21.68
C4C CLA SF . 53.98 -12.67 20.72
CMC CLA SF . 51.60 -15.12 22.21
CAC CLA SF . 54.65 -14.28 22.64
CBC CLA SF . 55.62 -15.26 22.03
ND CLA SF . 54.53 -10.68 18.64
C1D CLA SF . 55.48 -11.09 19.60
C2D CLA SF . 56.75 -10.39 19.33
C3D CLA SF . 56.51 -9.55 18.27
C4D CLA SF . 55.10 -9.72 17.92
CMD CLA SF . 57.99 -10.63 20.07
CAD CLA SF . 57.06 -8.57 17.37
OBD CLA SF . 58.23 -8.23 17.19
CBD CLA SF . 55.88 -7.97 16.58
CGD CLA SF . 55.70 -6.54 16.95
O1D CLA SF . 55.34 -6.09 18.04
O2D CLA SF . 55.98 -5.67 15.95
CED CLA SF . 57.35 -5.48 15.62
C1 CLA SF . 54.45 -12.30 12.03
C2 CLA SF . 55.37 -13.45 12.05
C3 CLA SF . 55.02 -14.70 11.70
C4 CLA SF . 53.64 -15.02 11.27
C5 CLA SF . 56.00 -15.81 11.76
C6 CLA SF . 55.35 -17.16 12.01
C7 CLA SF . 56.26 -18.10 12.78
C8 CLA SF . 55.55 -19.40 13.14
C9 CLA SF . 56.10 -19.97 14.43
C10 CLA SF . 55.63 -20.43 12.02
C11 CLA SF . 54.36 -20.53 11.19
C12 CLA SF . 53.13 -20.04 11.90
C13 CLA SF . 52.18 -21.17 12.28
C14 CLA SF . 50.90 -21.10 11.47
C15 CLA SF . 51.86 -21.15 13.78
MG CHL TF . 48.13 -11.90 11.22
CHA CHL TF . 50.21 -13.80 9.30
CHB CHL TF . 46.15 -14.59 11.64
CHC CHL TF . 46.26 -10.04 13.39
CHD CHL TF . 50.39 -9.17 10.89
NA CHL TF . 48.08 -13.78 10.52
C1A CHL TF . 48.96 -14.37 9.80
C2A CHL TF . 48.63 -15.79 9.46
C3A CHL TF . 47.21 -15.88 9.92
C4A CHL TF . 47.12 -14.66 10.75
CMA CHL TF . 46.24 -15.75 8.78
CAA CHL TF . 49.53 -16.73 10.24
CBA CHL TF . 49.39 -18.17 9.76
NB CHL TF . 46.47 -12.25 12.33
C1B CHL TF . 45.78 -13.41 12.42
C2B CHL TF . 44.61 -13.40 13.32
C3B CHL TF . 44.66 -12.05 13.84
C4B CHL TF . 45.83 -11.42 13.17
CMB CHL TF . 43.63 -14.50 13.64
CAB CHL TF . 43.69 -11.50 14.81
CBB CHL TF . 43.53 -10.21 15.02
NC CHL TF . 48.28 -9.99 11.98
C1C CHL TF . 47.46 -9.39 12.85
C2C CHL TF . 47.84 -8.02 13.20
C3C CHL TF . 49.06 -7.75 12.47
C4C CHL TF . 49.23 -9.03 11.75
CMC CHL TF . 47.16 -7.08 14.13
OMC CHL TF . 47.34 -5.89 14.03
CAC CHL TF . 49.93 -6.53 12.42
CBC CHL TF . 49.53 -5.71 11.22
ND CHL TF . 49.90 -11.46 10.32
C1D CHL TF . 50.74 -10.42 10.23
C2D CHL TF . 51.95 -10.71 9.42
C3D CHL TF . 51.67 -12.10 9.05
C4D CHL TF . 50.52 -12.43 9.60
CMD CHL TF . 53.20 -10.04 8.93
CAD CHL TF . 52.23 -13.23 8.32
OBD CHL TF . 53.33 -13.23 7.67
CBD CHL TF . 51.27 -14.35 8.43
CGD CHL TF . 50.64 -14.38 7.11
O1D CHL TF . 50.30 -15.40 6.54
O2D CHL TF . 50.37 -13.12 6.49
CED CHL TF . 49.67 -13.13 5.25
MG CHL UF . 44.18 -3.79 14.59
CHA CHL UF . 44.91 -0.49 14.28
CHB CHL UF . 43.10 -3.24 17.68
CHC CHL UF . 42.65 -6.82 14.41
CHD CHL UF . 46.02 -4.48 11.67
NA CHL UF . 43.91 -2.16 15.73
C1A CHL UF . 44.09 -0.94 15.42
C2A CHL UF . 43.45 0.02 16.36
C3A CHL UF . 43.37 -0.83 17.59
C4A CHL UF . 43.48 -2.18 16.98
CMA CHL UF . 44.56 -0.59 18.51
CAA CHL UF . 42.02 0.35 15.97
CBA CHL UF . 41.85 0.77 14.52
CGA CHL UF . 40.81 1.85 14.43
O1A CHL UF . 40.48 2.30 13.34
O2A CHL UF . 40.17 2.35 15.63
NB CHL UF . 43.03 -4.87 15.88
C1B CHL UF . 42.65 -4.52 17.10
C2B CHL UF . 41.80 -5.48 17.83
C3B CHL UF . 41.69 -6.55 16.84
C4B CHL UF . 42.48 -6.08 15.67
CMB CHL UF . 41.22 -5.41 19.20
CAB CHL UF . 40.93 -7.79 17.04
CBB CHL UF . 40.45 -8.51 16.04
NC CHL UF . 44.32 -5.37 13.29
C1C CHL UF . 43.64 -6.53 13.35
C2C CHL UF . 43.96 -7.46 12.26
C3C CHL UF . 44.96 -6.78 11.44
C4C CHL UF . 45.09 -5.51 12.17
CMC CHL UF . 43.42 -8.81 11.98
OMC CHL UF . 42.39 -9.16 12.51
CAC CHL UF . 45.65 -7.25 10.19
CBC CHL UF . 44.79 -6.90 9.01
ND CHL UF . 45.27 -2.79 13.21
C1D CHL UF . 45.95 -3.08 12.09
C2D CHL UF . 46.57 -1.88 11.45
C3D CHL UF . 46.11 -0.85 12.39
C4D CHL UF . 45.39 -1.44 13.33
CMD CHL UF . 47.41 -1.53 10.26
CAD CHL UF . 46.14 0.59 12.68
OBD CHL UF . 46.75 1.47 11.97
CBD CHL UF . 45.36 0.87 13.92
CGD CHL UF . 46.30 1.35 14.94
O1D CHL UF . 47.37 0.80 15.09
O2D CHL UF . 45.92 2.45 15.80
CED CHL UF . 46.33 2.50 17.17
C1 CHL UF . 39.07 3.24 15.53
C2 CHL UF . 37.78 2.47 15.69
MG CHL VF . 40.91 -25.57 14.02
CHA CHL VF . 41.09 -23.99 17.03
CHB CHL VF . 43.48 -23.74 12.89
CHC CHL VF . 41.03 -27.56 11.22
CHD CHL VF . 38.21 -27.51 15.27
NA CHL VF . 42.06 -24.12 14.77
C1A CHL VF . 42.04 -23.65 15.96
C2A CHL VF . 43.15 -22.69 16.27
C3A CHL VF . 43.75 -22.48 14.91
C4A CHL VF . 43.05 -23.52 14.12
CMA CHL VF . 43.37 -21.12 14.37
CAA CHL VF . 44.15 -23.31 17.23
CBA CHL VF . 44.35 -24.80 16.97
CGA CHL VF . 45.81 -24.98 16.72
O1A CHL VF . 46.33 -24.45 15.75
O2A CHL VF . 46.63 -25.78 17.62
NB CHL VF . 42.06 -25.63 12.33
C1B CHL VF . 43.08 -24.83 12.01
C2B CHL VF . 43.76 -25.09 10.73
C3B CHL VF . 43.01 -26.23 10.25
C4B CHL VF . 41.99 -26.47 11.28
CMB CHL VF . 44.91 -24.38 10.08
CAB CHL VF . 43.23 -26.94 8.98
CBB CHL VF . 42.38 -26.83 7.99
NC CHL VF . 39.84 -27.20 13.37
C1C CHL VF . 40.03 -27.89 12.24
C2C CHL VF . 39.11 -29.02 12.08
C3C CHL VF . 38.28 -29.02 13.26
C4C CHL VF . 38.83 -27.87 13.99
CMC CHL VF . 39.01 -30.00 10.99
OMC CHL VF . 40.03 -30.29 10.38
CAC CHL VF . 37.19 -29.94 13.64
CBC CHL VF . 37.80 -31.10 14.39
ND CHL VF . 39.82 -25.79 15.72
C1D CHL VF . 38.80 -26.53 16.17
C2D CHL VF . 38.42 -26.23 17.58
C3D CHL VF . 39.38 -25.19 17.88
C4D CHL VF . 40.13 -25.02 16.80
CMD CHL VF . 37.42 -26.68 18.60
CAD CHL VF . 39.81 -24.28 18.93
OBD CHL VF . 39.30 -24.22 20.10
CBD CHL VF . 40.97 -23.49 18.43
CGD CHL VF . 40.74 -22.02 18.47
O1D CHL VF . 39.91 -21.49 17.76
O2D CHL VF . 41.53 -21.21 19.35
CED CHL VF . 42.34 -20.19 18.80
C1 CHL VF . 47.13 -25.18 18.81
C2 CHL VF . 48.16 -26.07 19.47
C3 CHL VF . 49.37 -25.58 19.73
C4 CHL VF . 49.71 -24.16 19.39
C5 CHL VF . 50.43 -26.44 20.38
MG CLA WF . 35.31 -16.59 13.38
CHA CLA WF . 32.99 -17.59 15.73
CHB CLA WF . 33.46 -18.02 10.94
CHC CLA WF . 37.41 -15.21 11.08
CHD CLA WF . 37.19 -15.11 15.95
NA CLA WF . 33.54 -17.68 13.38
C1A CLA WF . 32.70 -17.97 14.45
C2A CLA WF . 31.52 -18.81 14.00
C3A CLA WF . 31.83 -19.10 12.53
C4A CLA WF . 33.02 -18.21 12.24
CMA CLA WF . 32.19 -20.55 12.35
CAA CLA WF . 30.22 -18.04 14.13
CBA CLA WF . 30.34 -16.66 13.53
CGA CLA WF . 29.00 -16.17 13.09
O1A CLA WF . 28.73 -15.52 12.07
O2A CLA WF . 27.98 -16.48 13.96
NB CLA WF . 35.45 -16.65 11.38
C1B CLA WF . 34.54 -17.21 10.57
C2B CLA WF . 34.83 -16.85 9.17
C3B CLA WF . 35.94 -16.05 9.18
C4B CLA WF . 36.35 -15.92 10.61
CMB CLA WF . 34.02 -17.29 8.05
CAB CLA WF . 36.61 -15.45 8.08
CBB CLA WF . 37.91 -15.21 7.96
NC CLA WF . 37.04 -15.44 13.51
C1C CLA WF . 37.76 -15.01 12.44
C2C CLA WF . 38.88 -14.22 12.89
C3C CLA WF . 38.80 -14.16 14.27
C4C CLA WF . 37.65 -14.93 14.64
CMC CLA WF . 39.88 -13.57 12.03
CAC CLA WF . 39.69 -13.45 15.17
CBC CLA WF . 40.58 -14.38 15.94
ND CLA WF . 35.24 -16.46 15.38
C1D CLA WF . 36.07 -15.81 16.31
C2D CLA WF . 35.53 -15.99 17.65
C3D CLA WF . 34.32 -16.62 17.48
C4D CLA WF . 34.18 -16.89 16.05
CMD CLA WF . 36.14 -15.49 18.86
CAD CLA WF . 33.17 -17.18 18.13
OBD CLA WF . 32.92 -17.22 19.32
CBD CLA WF . 32.25 -17.76 17.04
CGD CLA WF . 32.01 -19.19 17.35
O1D CLA WF . 32.38 -20.18 16.71
O2D CLA WF . 31.31 -19.36 18.49
CED CLA WF . 30.12 -20.14 18.43
C1 CLA WF . 26.74 -16.93 13.37
C2 CLA WF . 25.69 -16.97 14.42
C3 CLA WF . 24.77 -17.95 14.53
C4 CLA WF . 23.74 -17.96 15.59
C5 CLA WF . 24.77 -19.10 13.56
MG CLA XF . 43.93 -26.11 25.45
CHA CLA XF . 43.31 -29.18 24.03
CHB CLA XF . 43.98 -27.57 28.51
CHC CLA XF . 45.03 -23.17 26.79
CHD CLA XF . 43.98 -24.69 22.24
NA CLA XF . 43.60 -28.04 26.14
C1A CLA XF . 43.40 -29.18 25.38
C2A CLA XF . 43.27 -30.39 26.26
C3A CLA XF . 43.12 -29.78 27.66
C4A CLA XF . 43.61 -28.36 27.45
CMA CLA XF . 41.68 -29.83 28.08
CAA CLA XF . 44.59 -31.16 26.18
CBA CLA XF . 45.84 -30.32 26.14
CGA CLA XF . 46.31 -29.89 27.50
O1A CLA XF . 45.78 -30.13 28.58
O2A CLA XF . 47.43 -29.14 27.54
NB CLA XF . 44.38 -25.47 27.30
C1B CLA XF . 44.41 -26.25 28.41
C2B CLA XF . 44.97 -25.48 29.55
C3B CLA XF . 45.27 -24.23 29.08
C4B CLA XF . 44.89 -24.21 27.63
CMB CLA XF . 45.10 -26.07 30.87
CAB CLA XF . 45.82 -23.10 29.74
CBB CLA XF . 46.62 -23.13 30.80
NC CLA XF . 44.32 -24.24 24.65
C1C CLA XF . 44.74 -23.17 25.39
C2C CLA XF . 44.96 -22.04 24.52
C3C CLA XF . 44.69 -22.48 23.23
C4C CLA XF . 44.29 -23.86 23.32
CMC CLA XF . 45.42 -20.74 24.93
CAC CLA XF . 44.77 -21.69 22.01
CBC CLA XF . 46.14 -21.83 21.38
ND CLA XF . 43.55 -26.69 23.56
C1D CLA XF . 43.64 -26.01 22.34
C2D CLA XF . 43.35 -26.97 21.25
C3D CLA XF . 43.21 -28.19 21.84
C4D CLA XF . 43.38 -27.97 23.28
CMD CLA XF . 43.28 -26.62 19.84
CAD CLA XF . 42.93 -29.60 21.65
OBD CLA XF . 42.63 -30.21 20.65
CBD CLA XF . 43.08 -30.28 23.04
CGD CLA XF . 41.84 -31.04 23.36
O1D CLA XF . 40.88 -30.64 24.01
O2D CLA XF . 41.81 -32.29 22.85
CED CLA XF . 40.91 -33.21 23.47
C1 CLA XF . 47.92 -28.76 28.84
C2 CLA XF . 48.33 -27.35 28.74
C3 CLA XF . 49.30 -26.76 29.46
C4 CLA XF . 50.10 -27.48 30.47
C5 CLA XF . 49.61 -25.32 29.27
C6 CLA XF . 50.95 -25.07 28.59
C7 CLA XF . 51.91 -24.44 29.57
C8 CLA XF . 52.72 -23.33 28.93
C9 CLA XF . 51.80 -22.22 28.46
C10 CLA XF . 53.59 -23.88 27.79
C11 CLA XF . 53.61 -23.05 26.53
C12 CLA XF . 53.21 -23.88 25.32
C13 CLA XF . 54.18 -23.77 24.15
C14 CLA XF . 53.59 -24.37 22.89
C15 CLA XF . 55.51 -24.47 24.45
MG CLA YF . 41.28 -20.77 42.55
CHA CLA YF . 42.03 -23.34 40.40
CHB CLA YF . 41.09 -22.97 45.12
CHC CLA YF . 40.74 -18.15 44.67
CHD CLA YF . 41.57 -18.50 39.85
NA CLA YF . 41.50 -22.83 42.70
C1A CLA YF . 41.84 -23.72 41.69
C2A CLA YF . 41.92 -25.14 42.22
C3A CLA YF . 41.46 -25.01 43.67
C4A CLA YF . 41.35 -23.50 43.86
CMA CLA YF . 40.14 -25.69 43.88
CAA CLA YF . 43.36 -25.60 42.17
NB CLA YF . 40.96 -20.59 44.53
C1B CLA YF . 40.93 -21.61 45.40
C2B CLA YF . 40.68 -21.08 46.76
C3B CLA YF . 40.59 -19.72 46.65
C4B CLA YF . 40.76 -19.39 45.22
CMB CLA YF . 40.58 -21.93 47.93
CAB CLA YF . 40.34 -18.75 47.68
CBB CLA YF . 41.04 -17.62 47.84
NC CLA YF . 41.14 -18.71 42.29
C1C CLA YF . 40.91 -17.82 43.29
C2C CLA YF . 40.90 -16.47 42.77
C3C CLA YF . 41.14 -16.57 41.40
C4C CLA YF . 41.29 -17.98 41.12
CMC CLA YF . 40.69 -15.28 43.58
CAC CLA YF . 41.28 -15.50 40.43
CBC CLA YF . 40.01 -14.73 40.18
ND CLA YF . 41.64 -20.83 40.58
C1D CLA YF . 41.73 -19.84 39.58
C2D CLA YF . 42.03 -20.47 38.29
C3D CLA YF . 42.14 -21.81 38.55
C4D CLA YF . 41.90 -21.99 39.99
CMD CLA YF . 42.17 -19.75 37.03
CAD CLA YF . 42.37 -23.12 38.00
OBD CLA YF . 42.56 -23.46 36.83
CBD CLA YF . 42.34 -24.13 39.17
CGD CLA YF . 41.30 -25.18 38.96
O1D CLA YF . 40.14 -25.18 39.36
O2D CLA YF . 41.73 -26.24 38.25
CED CLA YF . 42.22 -27.35 39.01
MG CLA ZF . 47.57 -19.93 35.34
CHA CLA ZF . 47.10 -23.12 36.56
CHB CLA ZF . 49.17 -21.22 32.65
CHC CLA ZF . 48.15 -16.76 34.23
CHD CLA ZF . 46.09 -18.64 38.27
NA CLA ZF . 48.00 -21.86 34.70
C1A CLA ZF . 47.73 -23.07 35.36
C2A CLA ZF . 48.26 -24.24 34.56
C3A CLA ZF . 48.93 -23.59 33.34
C4A CLA ZF . 48.68 -22.12 33.55
CMA CLA ZF . 50.41 -23.83 33.33
CAA CLA ZF . 47.17 -25.17 34.09
CBA CLA ZF . 47.78 -26.27 33.28
CGA CLA ZF . 48.54 -27.15 34.21
O1A CLA ZF . 48.10 -27.88 35.09
O2A CLA ZF . 49.90 -27.10 34.03
NB CLA ZF . 48.44 -19.14 33.71
C1B CLA ZF . 49.06 -19.83 32.74
C2B CLA ZF . 49.66 -18.89 31.77
C3B CLA ZF . 49.38 -17.62 32.21
C4B CLA ZF . 48.60 -17.76 33.46
CMB CLA ZF . 50.42 -19.35 30.61
CAB CLA ZF . 49.75 -16.35 31.67
CBB CLA ZF . 50.96 -16.04 31.20
NC CLA ZF . 47.14 -18.05 36.10
C1C CLA ZF . 47.48 -16.89 35.48
C2C CLA ZF . 47.06 -15.77 36.29
C3C CLA ZF . 46.48 -16.29 37.44
C4C CLA ZF . 46.54 -17.73 37.31
CMC CLA ZF . 47.27 -14.38 35.93
CAC CLA ZF . 45.92 -15.55 38.56
CBC CLA ZF . 46.85 -15.56 39.75
ND CLA ZF . 46.69 -20.65 37.00
C1D CLA ZF . 46.16 -20.01 38.13
C2D CLA ZF . 45.72 -21.03 39.10
C3D CLA ZF . 46.04 -22.25 38.54
C4D CLA ZF . 46.67 -21.95 37.25
CMD CLA ZF . 45.08 -20.70 40.36
CAD CLA ZF . 46.02 -23.68 38.69
OBD CLA ZF . 45.55 -24.38 39.58
CBD CLA ZF . 46.76 -24.27 37.46
CGD CLA ZF . 48.01 -24.92 37.94
O1D CLA ZF . 49.18 -24.63 37.66
O2D CLA ZF . 47.81 -25.96 38.77
CED CLA ZF . 48.82 -26.95 38.83
C1 CLA ZF . 50.69 -27.04 35.24
C2 CLA ZF . 52.06 -27.49 34.94
C3 CLA ZF . 53.13 -27.13 35.69
C4 CLA ZF . 54.49 -27.59 35.38
C5 CLA ZF . 52.97 -26.26 36.89
C6 CLA ZF . 54.01 -25.16 36.96
C7 CLA ZF . 54.08 -24.57 38.36
MG CLA AG . 42.44 -2.45 35.94
CHA CLA AG . 44.04 0.50 36.66
CHB CLA AG . 44.72 -4.15 37.80
CHC CLA AG . 40.74 -5.35 35.31
CHD CLA AG . 39.88 -0.63 34.35
NA CLA AG . 44.14 -1.90 37.00
C1A CLA AG . 44.63 -0.61 37.19
C2A CLA AG . 45.88 -0.63 38.07
C3A CLA AG . 46.11 -2.13 38.34
C4A CLA AG . 44.92 -2.79 37.67
CMA CLA AG . 47.42 -2.60 37.79
CAA CLA AG . 45.59 0.06 39.37
CBA CLA AG . 44.48 -0.63 40.12
CGA CLA AG . 43.17 -0.03 39.75
O1A CLA AG . 42.86 1.16 39.74
O2A CLA AG . 42.25 -0.96 39.38
NB CLA AG . 42.69 -4.38 36.45
C1B CLA AG . 43.68 -4.87 37.22
C2B CLA AG . 43.50 -6.33 37.37
C3B CLA AG . 42.39 -6.68 36.66
C4B CLA AG . 41.87 -5.44 36.05
CMB CLA AG . 44.43 -7.14 38.15
CAB CLA AG . 41.74 -7.93 36.45
CBB CLA AG . 41.90 -9.05 37.15
NC CLA AG . 40.68 -2.90 34.94
C1C CLA AG . 40.19 -4.16 34.78
C2C CLA AG . 38.95 -4.13 34.03
C3C CLA AG . 38.66 -2.79 33.82
C4C CLA AG . 39.75 -2.02 34.40
CMC CLA AG . 38.17 -5.30 33.66
CAC CLA AG . 37.49 -2.28 33.11
CBC CLA AG . 36.28 -2.23 34.02
ND CLA AG . 42.08 -0.55 35.41
C1D CLA AG . 40.96 0.07 34.83
C2D CLA AG . 41.20 1.53 34.79
C3D CLA AG . 42.42 1.73 35.39
C4D CLA AG . 42.88 0.41 35.84
CMD CLA AG . 40.31 2.49 34.16
CAD CLA AG . 43.44 2.68 35.79
OBD CLA AG . 43.60 3.84 35.44
CBD CLA AG . 44.39 1.95 36.75
CGD CLA AG . 45.82 2.15 36.37
O1D CLA AG . 46.66 1.32 36.05
O2D CLA AG . 46.22 3.44 36.38
CED CLA AG . 47.60 3.65 36.06
C1 CLA AG . 40.92 -0.79 39.89
C2 CLA AG . 40.28 -2.13 39.89
C3 CLA AG . 39.49 -2.54 38.88
C4 CLA AG . 39.23 -1.68 37.72
C5 CLA AG . 38.85 -3.89 38.88
C6 CLA AG . 39.68 -4.93 39.62
C7 CLA AG . 38.87 -6.17 39.86
C8 CLA AG . 39.19 -6.83 41.20
C9 CLA AG . 38.46 -6.15 42.34
C10 CLA AG . 40.69 -6.82 41.46
C11 CLA AG . 41.00 -7.07 42.92
C12 CLA AG . 42.28 -7.86 43.08
C13 CLA AG . 42.15 -9.25 42.48
C14 CLA AG . 42.09 -10.31 43.56
C15 CLA AG . 43.31 -9.54 41.54
C16 CLA AG . 42.98 -10.70 40.62
C17 CLA AG . 44.16 -11.63 40.47
C18 CLA AG . 45.44 -10.92 40.06
C19 CLA AG . 45.94 -11.45 38.73
C20 CLA AG . 46.50 -11.10 41.13
MG CLA BG . 47.22 -2.23 44.57
CHA CLA BG . 43.95 -1.08 44.75
CHB CLA BG . 48.08 -0.15 47.10
CHC CLA BG . 50.41 -3.46 44.37
CHD CLA BG . 46.26 -4.33 41.91
NA CLA BG . 46.16 -0.85 45.71
C1A CLA BG . 44.81 -0.51 45.63
C2A CLA BG . 44.44 0.55 46.67
C3A CLA BG . 45.78 0.85 47.36
C4A CLA BG . 46.76 -0.11 46.69
CMA CLA BG . 46.20 2.27 47.11
CAA CLA BG . 43.48 0.00 47.70
CBA CLA BG . 44.00 -1.29 48.26
CGA CLA BG . 43.16 -1.78 49.40
NB CLA BG . 48.92 -1.86 45.53
C1B CLA BG . 49.07 -1.00 46.56
C2B CLA BG . 50.46 -1.08 47.07
C3B CLA BG . 51.11 -2.00 46.30
C4B CLA BG . 50.14 -2.52 45.31
CMB CLA BG . 50.93 -0.28 48.19
CAB CLA BG . 52.46 -2.47 46.37
CBB CLA BG . 53.51 -1.68 46.27
NC CLA BG . 48.15 -3.62 43.35
C1C CLA BG . 49.47 -3.98 43.44
C2C CLA BG . 49.78 -4.98 42.43
C3C CLA BG . 48.60 -5.21 41.74
C4C CLA BG . 47.60 -4.36 42.33
CMC CLA BG . 51.07 -5.61 42.21
CAC CLA BG . 48.38 -6.14 40.64
CBC CLA BG . 47.69 -7.39 41.14
ND CLA BG . 45.54 -2.66 43.53
C1D CLA BG . 45.29 -3.53 42.46
C2D CLA BG . 43.87 -3.46 42.08
C3D CLA BG . 43.31 -2.55 42.95
C4D CLA BG . 44.39 -2.07 43.82
CMD CLA BG . 43.27 -4.24 41.02
CAD CLA BG . 42.10 -1.87 43.35
OBD CLA BG . 40.95 -1.99 42.93
CBD CLA BG . 42.49 -0.90 44.48
CGD CLA BG . 42.16 0.48 44.01
O1D CLA BG . 42.91 1.27 43.41
O2D CLA BG . 40.90 0.87 44.28
CED CLA BG . 40.32 1.82 43.40
MG CLA CG . 33.07 5.09 36.31
CHA CLA CG . 34.49 3.44 33.61
CHB CLA CG . 31.17 6.91 34.19
CHC CLA CG . 31.77 6.76 39.00
CHD CLA CG . 35.14 3.24 38.48
NA CLA CG . 32.87 5.13 34.23
C1A CLA CG . 33.56 4.38 33.27
C2A CLA CG . 33.11 4.75 31.86
C3A CLA CG . 32.07 5.87 32.09
C4A CLA CG . 32.02 5.99 33.61
CMA CLA CG . 32.51 7.18 31.50
CAA CLA CG . 32.50 3.59 31.09
CBA CLA CG . 31.64 4.05 29.93
CGA CLA CG . 32.39 4.09 28.61
O1A CLA CG . 32.06 3.57 27.54
O2A CLA CG . 33.55 4.80 28.65
NB CLA CG . 31.67 6.50 36.55
C1B CLA CG . 31.04 7.15 35.56
C2B CLA CG . 30.17 8.22 36.12
C3B CLA CG . 30.35 8.19 37.48
C4B CLA CG . 31.31 7.10 37.78
CMB CLA CG . 29.37 9.13 35.31
CAB CLA CG . 29.78 9.04 38.48
CBB CLA CG . 30.26 10.24 38.79
NC CLA CG . 33.40 5.00 38.36
C1C CLA CG . 32.75 5.77 39.28
C2C CLA CG . 33.23 5.46 40.61
C3C CLA CG . 34.19 4.46 40.46
C4C CLA CG . 34.29 4.20 39.05
CMC CLA CG . 32.76 6.09 41.84
CAC CLA CG . 34.97 3.84 41.53
CBC CLA CG . 36.31 4.50 41.70
ND CLA CG . 34.51 3.70 36.15
C1D CLA CG . 35.24 2.99 37.13
C2D CLA CG . 36.09 2.00 36.45
C3D CLA CG . 35.87 2.15 35.10
C4D CLA CG . 34.86 3.22 34.97
CMD CLA CG . 36.97 1.08 37.16
CAD CLA CG . 36.19 1.70 33.78
OBD CLA CG . 36.99 0.84 33.42
CBD CLA CG . 35.33 2.51 32.78
CGD CLA CG . 36.26 3.29 31.92
O1D CLA CG . 37.30 3.83 32.27
O2D CLA CG . 35.88 3.39 30.62
CED CLA CG . 36.82 4.01 29.74
C1 CLA CG . 33.80 5.75 27.59
C2 CLA CG . 35.16 5.48 27.05
C3 CLA CG . 36.10 6.43 26.93
C4 CLA CG . 35.89 7.84 27.31
C1 XAT DG . 50.17 -28.44 24.68
C2 XAT DG . 50.06 -29.44 23.56
C3 XAT DG . 48.74 -30.17 23.66
C4 XAT DG . 47.63 -29.24 23.22
C5 XAT DG . 47.67 -27.91 23.96
C6 XAT DG . 48.99 -27.47 24.68
C7 XAT DG . 49.39 -26.00 24.69
C8 XAT DG . 48.62 -25.12 25.32
C9 XAT DG . 48.94 -23.69 25.36
C10 XAT DG . 48.39 -22.97 26.31
C11 XAT DG . 48.58 -21.54 26.47
C12 XAT DG . 47.94 -21.04 27.52
C13 XAT DG . 47.99 -19.63 27.88
C14 XAT DG . 47.34 -19.23 28.97
C15 XAT DG . 47.35 -17.84 29.38
C16 XAT DG . 51.48 -27.68 24.57
C17 XAT DG . 50.18 -29.21 25.99
C18 XAT DG . 46.78 -26.87 23.27
C19 XAT DG . 49.82 -23.06 24.32
C20 XAT DG . 48.73 -18.66 27.02
O3 XAT DG . 48.74 -31.28 22.78
O4 XAT DG . 48.82 -27.47 23.28
C21 XAT DG . 48.27 -7.05 35.10
C22 XAT DG . 48.33 -5.55 35.33
C23 XAT DG . 47.88 -4.91 34.02
C24 XAT DG . 46.38 -5.11 33.97
C25 XAT DG . 46.02 -6.59 33.88
C26 XAT DG . 47.02 -7.63 34.42
C27 XAT DG . 46.39 -8.89 34.93
C28 XAT DG . 46.38 -9.82 33.99
C29 XAT DG . 45.87 -11.19 34.10
C30 XAT DG . 46.08 -11.97 33.05
C31 XAT DG . 45.67 -13.35 32.96
C32 XAT DG . 46.18 -14.00 31.92
C33 XAT DG . 45.93 -15.41 31.65
C34 XAT DG . 46.66 -15.99 30.70
C35 XAT DG . 46.55 -17.39 30.34
C36 XAT DG . 49.24 -7.99 35.79
C37 XAT DG . 47.55 -7.12 36.45
C38 XAT DG . 44.59 -6.98 34.23
C39 XAT DG . 45.15 -11.66 35.33
C40 XAT DG . 44.92 -16.19 32.43
O23 XAT DG . 48.17 -3.51 34.03
O24 XAT DG . 46.81 -7.40 33.04
C1 XAT EG . 45.76 -6.78 20.11
C2 XAT EG . 46.95 -5.90 19.76
C3 XAT EG . 48.04 -6.65 19.05
C4 XAT EG . 47.36 -7.21 17.83
C5 XAT EG . 46.52 -8.37 18.33
C6 XAT EG . 45.82 -8.23 19.68
C7 XAT EG . 44.56 -9.03 19.81
C8 XAT EG . 44.44 -9.95 20.78
C9 XAT EG . 43.19 -10.72 20.90
C10 XAT EG . 42.50 -10.71 22.05
C11 XAT EG . 41.25 -11.45 22.21
C12 XAT EG . 40.48 -11.10 23.25
C13 XAT EG . 39.16 -11.69 23.59
C14 XAT EG . 38.46 -11.09 24.55
C15 XAT EG . 37.14 -11.55 24.96
C16 XAT EG . 44.53 -6.15 19.49
C17 XAT EG . 45.50 -6.77 21.59
C18 XAT EG . 45.46 -8.96 17.40
C19 XAT EG . 42.72 -11.53 19.73
C20 XAT EG . 38.61 -12.86 22.87
O3 XAT EG . 49.07 -5.75 18.67
O4 XAT EG . 47.02 -8.98 19.51
C21 XAT EG . 25.90 -12.28 30.81
C22 XAT EG . 24.88 -13.09 31.57
C23 XAT EG . 24.61 -14.36 30.81
C24 XAT EG . 25.81 -15.24 31.04
C25 XAT EG . 27.11 -14.60 30.56
C26 XAT EG . 27.16 -13.07 30.47
C27 XAT EG . 28.49 -12.53 30.96
C28 XAT EG . 29.29 -12.11 29.99
C29 XAT EG . 30.63 -11.54 30.22
C30 XAT EG . 31.39 -11.45 29.13
C31 XAT EG . 32.75 -10.94 29.06
C32 XAT EG . 33.33 -11.19 27.89
C33 XAT EG . 34.68 -10.78 27.51
C34 XAT EG . 35.17 -11.22 26.35
C35 XAT EG . 36.50 -10.84 25.90
C36 XAT EG . 26.28 -11.05 31.61
C37 XAT EG . 25.26 -11.80 29.52
C38 XAT EG . 28.40 -15.21 31.10
C39 XAT EG . 31.09 -11.10 31.56
C40 XAT EG . 35.48 -9.90 28.40
O23 XAT EG . 23.47 -15.00 31.34
O24 XAT EG . 27.16 -13.91 29.33
C01 8CT FG . 43.69 -30.40 -2.03
C02 8CT FG . 42.71 -29.71 -1.04
C03 8CT FG . 42.88 -28.16 -0.74
C04 8CT FG . 41.80 -27.30 -1.22
C05 8CT FG . 40.70 -28.17 -2.12
C06 8CT FG . 40.20 -29.23 -1.41
C07 8CT FG . 41.38 -30.25 -0.84
C08 8CT FG . 42.40 -26.20 -2.11
C09 8CT FG . 41.09 -26.68 -0.04
C10 8CT FG . 43.77 -27.70 0.46
C11 8CT FG . 43.78 -26.43 0.87
C12 8CT FG . 44.68 -26.06 2.05
C13 8CT FG . 44.29 -25.11 2.98
C14 8CT FG . 45.23 -24.77 4.15
C15 8CT FG . 44.90 -23.79 5.07
C16 8CT FG . 45.94 -23.50 6.25
C17 8CT FG . 45.77 -22.44 7.09
C18 8CT FG . 46.79 -22.22 8.21
C19 8CT FG . 46.54 -21.33 9.22
C20 8CT FG . 45.21 -20.53 9.24
C21 8CT FG . 44.80 -19.87 10.35
C22 8CT FG . 43.48 -19.09 10.32
C23 8CT FG . 45.66 -19.88 11.69
C24 8CT FG . 46.19 -18.70 12.16
C25 8CT FG . 47.02 -18.65 13.48
C26 8CT FG . 47.28 -17.44 14.07
C27 8CT FG . 46.75 -16.15 13.40
C28 8CT FG . 48.11 -17.34 15.42
C29 8CT FG . 49.29 -16.59 15.56
C30 8CT FG . 49.91 -15.78 14.41
C31 8CT FG . 49.30 -14.47 14.33
C32 8CT FG . 50.03 -13.35 15.19
C33 8CT FG . 51.44 -13.18 14.93
C34 8CT FG . 52.09 -14.53 14.24
C35 8CT FG . 51.53 -15.68 14.72
C36 8CT FG . 51.72 -15.74 16.23
C37 8CT FG . 52.25 -16.92 14.08
C38 8CT FG . 48.64 -14.05 13.02
C39 8CT FG . 47.13 -24.44 6.45
C40 8CT FG . 46.05 -26.74 2.21
O1 LHG GG . 35.70 -22.18 47.03
C1 LHG GG . 36.05 -23.29 46.20
C2 LHG GG . 36.90 -22.78 45.09
O2 LHG GG . 37.33 -21.48 45.36
C3 LHG GG . 36.17 -22.71 43.77
O3 LHG GG . 36.35 -21.35 43.47
P LHG GG . 37.46 -20.90 42.43
O4 LHG GG . 38.59 -20.37 43.21
O5 LHG GG . 37.34 -21.91 41.37
O6 LHG GG . 36.70 -19.53 41.95
C4 LHG GG . 37.25 -18.29 42.26
C5 LHG GG . 37.13 -17.51 40.96
C6 LHG GG . 37.12 -18.41 39.75
O7 LHG GG . 35.90 -16.85 41.01
C7 LHG GG . 36.01 -15.55 41.35
O9 LHG GG . 37.08 -15.03 41.61
C8 LHG GG . 34.69 -14.93 41.56
C9 LHG GG . 34.88 -13.58 42.17
C10 LHG GG . 33.78 -12.66 41.72
O8 LHG GG . 37.93 -17.72 38.79
C23 LHG GG . 37.31 -17.27 37.66
O10 LHG GG . 36.51 -17.99 37.11
C24 LHG GG . 37.85 -16.08 36.94
C11 LHG GG . 34.18 -12.41 40.29
C12 LHG GG . 33.56 -11.14 39.81
C13 LHG GG . 33.74 -11.04 38.32
C14 LHG GG . 32.99 -9.87 37.76
C15 LHG GG . 32.69 -10.18 36.31
C25 LHG GG . 36.82 -15.12 36.43
C26 LHG GG . 36.61 -13.84 37.23
C27 LHG GG . 37.99 -13.27 37.34
C28 LHG GG . 38.15 -12.14 38.31
MG CLA HG . 34.70 -27.07 -1.40
CHA CLA HG . 36.00 -26.78 1.80
CHB CLA HG . 33.09 -24.14 -1.00
CHC CLA HG . 33.50 -27.39 -4.59
CHD CLA HG . 36.32 -30.19 -1.71
NA CLA HG . 34.59 -25.69 0.17
C1A CLA HG . 35.22 -25.74 1.41
C2A CLA HG . 34.86 -24.52 2.25
C3A CLA HG . 33.90 -23.75 1.35
C4A CLA HG . 33.86 -24.56 0.07
CMA CLA HG . 32.54 -23.66 1.97
CAA CLA HG . 36.09 -23.70 2.59
CBA CLA HG . 36.06 -22.33 1.95
CGA CLA HG . 37.20 -21.50 2.44
O1A CLA HG . 37.30 -20.87 3.50
O2A CLA HG . 38.26 -21.49 1.58
NB CLA HG . 33.52 -25.98 -2.56
C1B CLA HG . 32.95 -24.81 -2.22
C2B CLA HG . 32.13 -24.30 -3.34
C3B CLA HG . 32.24 -25.20 -4.35
C4B CLA HG . 33.13 -26.29 -3.88
CMB CLA HG . 31.39 -23.04 -3.30
CAB CLA HG . 31.67 -25.19 -5.65
CBB CLA HG . 32.39 -25.15 -6.77
NC CLA HG . 34.90 -28.51 -2.88
C1C CLA HG . 34.34 -28.44 -4.11
C2C CLA HG . 34.70 -29.61 -4.90
C3C CLA HG . 35.47 -30.40 -4.08
C4C CLA HG . 35.60 -29.72 -2.81
CMC CLA HG . 34.28 -29.85 -6.28
CAC CLA HG . 36.08 -31.68 -4.45
CBC CLA HG . 35.38 -32.83 -3.77
ND CLA HG . 35.91 -28.24 -0.29
C1D CLA HG . 36.48 -29.52 -0.52
C2D CLA HG . 37.20 -29.95 0.67
C3D CLA HG . 37.05 -28.94 1.58
C4D CLA HG . 36.23 -27.90 0.94
CMD CLA HG . 37.89 -31.21 0.81
CAD CLA HG . 37.32 -28.48 2.91
OBD CLA HG . 37.93 -29.06 3.79
CBD CLA HG . 36.69 -27.09 3.09
CGD CLA HG . 35.77 -27.01 4.27
O1D CLA HG . 35.56 -26.04 4.97
O2D CLA HG . 35.10 -28.15 4.54
CED CLA HG . 34.08 -28.04 5.53
C1 CLA HG . 38.54 -20.22 0.94
MG CLA IG . 9.76 1.94 65.22
CHA CLA IG . 7.24 0.00 66.54
CHB CLA IG . 9.86 -0.07 62.51
CHC CLA IG . 12.18 3.95 63.89
CHD CLA IG . 9.58 4.02 68.04
NA CLA IG . 8.74 0.22 64.65
C1A CLA IG . 7.71 -0.43 65.35
C2A CLA IG . 7.24 -1.67 64.59
C3A CLA IG . 8.23 -1.75 63.41
C4A CLA IG . 9.01 -0.44 63.51
CMA CLA IG . 9.16 -2.92 63.55
CAA CLA IG . 5.82 -1.51 64.11
CBA CLA IG . 5.62 -0.18 63.46
CGA CLA IG . 5.95 -0.30 62.01
O1A CLA IG . 5.43 -1.05 61.18
O2A CLA IG . 6.95 0.54 61.62
NB CLA IG . 10.86 1.90 63.54
C1B CLA IG . 10.65 1.08 62.50
C2B CLA IG . 11.44 1.53 61.33
C3B CLA IG . 12.09 2.66 61.70
C4B CLA IG . 11.74 2.91 63.12
CMB CLA IG . 11.41 0.80 60.06
CAB CLA IG . 12.98 3.52 60.96
CBB CLA IG . 13.84 3.12 60.03
NC CLA IG . 10.72 3.65 65.87
C1C CLA IG . 11.69 4.30 65.17
C2C CLA IG . 12.16 5.44 65.93
C3C CLA IG . 11.41 5.48 67.10
C4C CLA IG . 10.51 4.35 67.06
CMC CLA IG . 13.20 6.37 65.49
CAC CLA IG . 11.52 6.46 68.18
CBC CLA IG . 10.36 7.42 68.21
ND CLA IG . 8.69 2.05 66.92
C1D CLA IG . 8.72 2.95 68.00
C2D CLA IG . 7.71 2.55 68.98
C3D CLA IG . 7.11 1.42 68.47
C4D CLA IG . 7.77 1.15 67.19
CMD CLA IG . 7.44 3.25 70.22
CAD CLA IG . 6.11 0.40 68.66
OBD CLA IG . 5.30 0.25 69.58
CBD CLA IG . 6.17 -0.55 67.44
CGD CLA IG . 6.49 -1.93 67.91
O1D CLA IG . 5.83 -2.63 68.67
O2D CLA IG . 7.64 -2.46 67.44
CED CLA IG . 7.59 -3.86 67.14
C1 CLA IG . 7.18 0.62 60.21
C2 CLA IG . 7.97 1.86 60.00
C3 CLA IG . 8.32 2.31 58.80
C4 CLA IG . 7.96 1.60 57.56
C5 CLA IG . 9.08 3.57 58.65
C6 CLA IG . 8.28 4.59 57.89
C7 CLA IG . 9.08 5.86 57.77
C8 CLA IG . 8.25 6.96 57.12
C9 CLA IG . 8.75 7.22 55.71
C10 CLA IG . 8.28 8.21 57.97
C11 CLA IG . 9.27 9.23 57.49
C12 CLA IG . 9.12 10.53 58.27
C13 CLA IG . 9.43 10.33 59.73
C14 CLA IG . 8.41 11.03 60.59
C15 CLA IG . 10.82 10.86 60.05
MG CLA JG . 16.33 4.86 55.69
CHA CLA JG . 15.29 1.88 54.34
CHB CLA JG . 13.15 5.47 56.72
CHC CLA JG . 17.46 7.65 57.29
CHD CLA JG . 19.59 4.15 54.61
NA CLA JG . 14.52 3.84 55.50
C1A CLA JG . 14.29 2.59 54.93
C2A CLA JG . 12.83 2.21 55.00
C3A CLA JG . 12.17 3.44 55.61
C4A CLA JG . 13.34 4.32 55.99
CMA CLA JG . 11.29 4.12 54.61
CAA CLA JG . 12.65 1.04 55.94
CBA CLA JG . 11.19 0.72 56.12
CGA CLA JG . 10.74 -0.07 54.93
O1A CLA JG . 11.21 -1.12 54.49
O2A CLA JG . 9.70 0.51 54.27
NB CLA JG . 15.49 6.25 56.87
C1B CLA JG . 14.17 6.36 57.11
C2B CLA JG . 13.90 7.58 57.88
C3B CLA JG . 15.09 8.22 58.05
C4B CLA JG . 16.13 7.39 57.39
CMB CLA JG . 12.57 7.98 58.27
CAB CLA JG . 15.30 9.48 58.71
CBB CLA JG . 16.44 9.94 59.25
NC CLA JG . 18.19 5.76 55.88
C1C CLA JG . 18.43 6.90 56.58
C2C CLA JG . 19.85 7.22 56.52
C3C CLA JG . 20.45 6.24 55.76
C4C CLA JG . 19.40 5.31 55.36
CMC CLA JG . 20.49 8.36 57.16
CAC CLA JG . 21.86 6.13 55.43
CBC CLA JG . 22.53 5.08 56.27
ND CLA JG . 17.24 3.49 54.54
C1D CLA JG . 18.61 3.28 54.23
C2D CLA JG . 18.73 2.04 53.46
C3D CLA JG . 17.49 1.46 53.49
C4D CLA JG . 16.61 2.38 54.20
CMD CLA JG . 19.96 1.54 52.87
CAD CLA JG . 16.67 0.37 53.03
OBD CLA JG . 16.94 -0.54 52.26
CBD CLA JG . 15.29 0.52 53.71
CGD CLA JG . 14.19 0.34 52.75
O1D CLA JG . 13.58 1.21 52.12
O2D CLA JG . 13.84 -0.96 52.57
CED CLA JG . 14.22 -1.57 51.35
C1 CLA JG . 9.15 -0.16 53.12
C2 CLA JG . 10.06 0.08 51.98
C3 CLA JG . 9.67 0.68 50.84
C4 CLA JG . 10.61 0.90 49.73
C5 CLA JG . 8.26 1.13 50.67
MG CLA KG . 34.84 7.27 62.60
CHA CLA KG . 37.61 9.17 61.89
CHB CLA KG . 34.13 7.11 59.29
CHC CLA KG . 32.29 5.11 63.32
CHD CLA KG . 35.71 7.35 66.01
NA CLA KG . 35.70 8.09 60.90
C1A CLA KG . 36.87 8.84 60.80
C2A CLA KG . 37.16 9.24 59.36
C3A CLA KG . 35.89 8.76 58.62
C4A CLA KG . 35.17 7.92 59.65
CMA CLA KG . 35.03 9.93 58.23
CAA CLA KG . 38.38 8.51 58.86
CBA CLA KG . 38.28 7.03 59.17
CGA CLA KG . 39.60 6.36 59.00
O1A CLA KG . 40.59 6.74 58.39
O2A CLA KG . 39.64 5.17 59.65
NB CLA KG . 33.46 6.30 61.51
C1B CLA KG . 33.40 6.31 60.17
C2B CLA KG . 32.38 5.34 59.72
C3B CLA KG . 31.84 4.77 60.83
C4B CLA KG . 32.51 5.38 62.00
CMB CLA KG . 32.07 5.13 58.32
CAB CLA KG . 30.81 3.76 60.91
CBB CLA KG . 29.70 3.86 61.63
NC CLA KG . 34.07 6.48 64.36
C1C CLA KG . 33.00 5.64 64.42
C2C CLA KG . 32.73 5.29 65.80
C3C CLA KG . 33.73 5.86 66.56
C4C CLA KG . 34.58 6.61 65.65
CMC CLA KG . 31.62 4.44 66.24
CAC CLA KG . 33.88 5.79 68.02
CBC CLA KG . 34.51 4.49 68.44
ND CLA KG . 36.17 8.22 63.77
C1D CLA KG . 36.47 8.09 65.15
C2D CLA KG . 37.70 8.86 65.43
C3D CLA KG . 38.16 9.32 64.23
C4D CLA KG . 37.20 8.85 63.22
CMD CLA KG . 38.27 9.03 66.76
CAD CLA KG . 39.17 10.08 63.54
OBD CLA KG . 40.09 10.75 64.00
CBD CLA KG . 38.92 9.89 62.01
CGD CLA KG . 38.88 11.19 61.26
O1D CLA KG . 39.24 11.41 60.11
O2D CLA KG . 38.37 12.21 61.99
CED CLA KG . 37.01 12.53 61.76
MG CLA LG . 35.40 4.03 55.12
CHA CLA LG . 38.32 2.25 55.47
CHB CLA LG . 33.65 1.14 55.20
CHC CLA LG . 32.53 5.86 54.90
CHD CLA LG . 37.28 7.02 55.09
NA CLA LG . 35.93 2.03 55.27
C1A CLA LG . 37.19 1.49 55.42
C2A CLA LG . 37.15 -0.03 55.50
C3A CLA LG . 35.67 -0.35 55.23
C4A CLA LG . 35.01 1.02 55.24
CMA CLA LG . 35.51 -0.99 53.88
CAA CLA LG . 37.53 -0.46 56.90
CBA CLA LG . 37.22 -1.92 57.13
NB CLA LG . 33.47 3.58 54.95
C1B CLA LG . 32.94 2.35 55.20
C2B CLA LG . 31.49 2.46 55.47
C3B CLA LG . 31.18 3.79 55.39
C4B CLA LG . 32.43 4.52 55.05
CMB CLA LG . 30.64 1.33 55.79
CAB CLA LG . 29.94 4.46 55.57
CBB CLA LG . 28.88 4.29 54.80
NC CLA LG . 35.00 6.06 54.97
C1C CLA LG . 33.75 6.59 54.86
C2C CLA LG . 33.82 8.02 54.73
C3C CLA LG . 35.16 8.36 54.84
C4C CLA LG . 35.90 7.12 54.99
CMC CLA LG . 32.67 8.91 54.56
CAC CLA LG . 35.72 9.70 54.76
CBC CLA LG . 35.94 10.11 53.33
ND CLA LG . 37.34 4.59 55.29
C1D CLA LG . 37.97 5.84 55.22
C2D CLA LG . 39.42 5.63 55.33
C3D CLA LG . 39.61 4.27 55.44
C4D CLA LG . 38.28 3.67 55.39
CMD CLA LG . 40.41 6.68 55.31
CAD CLA LG . 40.57 3.20 55.58
OBD CLA LG . 41.78 3.22 55.68
CBD CLA LG . 39.77 1.87 55.55
CGD CLA LG . 40.11 1.08 54.34
O1D CLA LG . 39.40 0.88 53.35
O2D CLA LG . 41.35 0.54 54.36
CED CLA LG . 41.58 -0.59 53.52
MG CLA MG . 28.47 11.98 49.42
CHA CLA MG . 30.59 9.30 49.84
CHB CLA MG . 30.44 13.12 46.91
CHC CLA MG . 26.30 14.57 49.00
CHD CLA MG . 26.42 10.68 51.96
NA CLA MG . 30.25 11.32 48.55
C1A CLA MG . 30.97 10.17 48.87
C2A CLA MG . 32.21 10.03 48.00
C3A CLA MG . 32.15 11.29 47.10
C4A CLA MG . 30.87 11.98 47.54
CMA CLA MG . 33.36 12.16 47.30
CAA CLA MG . 32.13 8.77 47.17
CBA CLA MG . 31.60 9.04 45.78
CGA CLA MG . 30.12 8.86 45.75
O1A CLA MG . 29.28 9.27 46.55
O2A CLA MG . 29.70 8.16 44.67
NB CLA MG . 28.40 13.57 48.22
C1B CLA MG . 29.27 13.84 47.20
C2B CLA MG . 28.79 15.01 46.43
C3B CLA MG . 27.63 15.43 47.02
C4B CLA MG . 27.36 14.51 48.16
CMB CLA MG . 29.48 15.56 45.28
CAB CLA MG . 26.75 16.49 46.66
CBB CLA MG . 25.97 16.46 45.57
NC CLA MG . 26.71 12.54 50.34
C1C CLA MG . 25.99 13.65 50.03
C2C CLA MG . 24.82 13.74 50.88
C3C CLA MG . 24.83 12.61 51.70
C4C CLA MG . 26.02 11.87 51.35
CMC CLA MG . 23.82 14.81 50.83
CAC CLA MG . 23.85 12.25 52.72
CBC CLA MG . 24.31 12.58 54.13
ND CLA MG . 28.47 10.41 50.67
C1D CLA MG . 27.55 9.98 51.65
C2D CLA MG . 28.04 8.72 52.24
C3D CLA MG . 29.21 8.42 51.60
C4D CLA MG . 29.42 9.50 50.62
CMD CLA MG . 27.34 8.00 53.30
CAD CLA MG . 30.32 7.50 51.48
OBD CLA MG . 30.56 6.48 52.11
CBD CLA MG . 31.21 8.02 50.32
CGD CLA MG . 32.62 8.25 50.76
O1D CLA MG . 33.24 9.30 50.75
O2D CLA MG . 33.26 7.13 51.16
CED CLA MG . 34.61 7.01 50.73
C1 CLA MG . 29.34 8.95 43.52
C2 CLA MG . 28.73 8.02 42.54
MG CHL NG . 27.32 -9.21 58.80
CHA CHL NG . 26.17 -6.72 60.81
CHB CHL NG . 30.07 -7.41 58.14
CHC CHL NG . 28.52 -11.89 57.05
CHD CHL NG . 24.26 -10.95 59.31
NA CHL NG . 28.07 -7.46 59.43
C1A CHL NG . 27.54 -6.63 60.25
C2A CHL NG . 28.45 -5.52 60.68
C3A CHL NG . 29.68 -5.80 59.87
C4A CHL NG . 29.27 -6.98 59.09
CMA CHL NG . 29.92 -4.65 58.91
CAA CHL NG . 28.78 -5.61 62.16
CBA CHL NG . 28.94 -7.05 62.63
CGA CHL NG . 29.61 -7.00 63.98
O1A CHL NG . 30.36 -6.09 64.25
O2A CHL NG . 29.37 -8.03 64.96
NB CHL NG . 29.02 -9.59 57.76
C1B CHL NG . 30.05 -8.76 57.57
C2B CHL NG . 31.17 -9.28 56.77
C3B CHL NG . 30.70 -10.62 56.46
C4B CHL NG . 29.37 -10.70 57.09
CMB CHL NG . 32.45 -8.60 56.39
CAB CHL NG . 31.43 -11.61 55.64
CBB CHL NG . 30.79 -12.30 54.71
NC CHL NG . 26.57 -11.04 58.28
C1C CHL NG . 27.18 -12.01 57.58
C2C CHL NG . 26.36 -13.22 57.40
C3C CHL NG . 25.10 -12.95 58.06
C4C CHL NG . 25.35 -11.59 58.57
CMC CHL NG . 26.68 -14.47 56.70
OMC CHL NG . 27.83 -14.71 56.39
CAC CHL NG . 23.90 -13.81 58.21
CBC CHL NG . 24.13 -14.69 59.41
ND CHL NG . 25.56 -8.99 59.80
C1D CHL NG . 24.41 -9.66 59.95
C2D CHL NG . 23.43 -8.98 60.84
C3D CHL NG . 24.21 -7.79 61.15
C4D CHL NG . 25.38 -7.88 60.54
CMD CHL NG . 22.05 -9.15 61.39
CAD CHL NG . 24.15 -6.55 61.90
OBD CHL NG . 23.14 -6.22 62.58
CBD CHL NG . 25.43 -5.81 61.73
CGD CHL NG . 25.20 -4.49 61.12
O1D CHL NG . 24.97 -4.38 59.94
O2D CHL NG . 25.26 -3.31 61.95
CED CHL NG . 25.57 -2.05 61.39
C1 CHL NG . 29.96 -7.90 66.26
MG CLA OG . 22.69 -1.37 52.90
CHA CLA OG . 19.60 -2.24 54.06
CHB CLA OG . 22.41 -3.70 50.43
CHC CLA OG . 25.63 -0.24 51.59
CHD CLA OG . 22.88 1.11 55.40
NA CLA OG . 21.24 -2.78 52.39
C1A CLA OG . 20.02 -2.97 52.99
C2A CLA OG . 19.23 -4.06 52.31
C3A CLA OG . 20.24 -4.63 51.30
C4A CLA OG . 21.38 -3.64 51.35
CMA CLA OG . 20.73 -5.94 51.80
CAA CLA OG . 18.09 -3.38 51.59
CBA CLA OG . 17.61 -4.13 50.37
CGA CLA OG . 17.54 -3.19 49.21
O1A CLA OG . 17.21 -3.45 48.04
O2A CLA OG . 17.87 -1.91 49.53
NB CLA OG . 23.77 -1.81 51.26
C1B CLA OG . 23.52 -2.84 50.42
C2B CLA OG . 24.65 -2.96 49.47
C3B CLA OG . 25.55 -1.99 49.78
C4B CLA OG . 25.02 -1.26 50.94
CMB CLA OG . 24.72 -3.97 48.44
CAB CLA OG . 26.82 -1.71 49.18
CBB CLA OG . 27.10 -0.57 48.58
NC CLA OG . 24.03 0.11 53.46
C1C CLA OG . 25.17 0.39 52.78
C2C CLA OG . 25.86 1.49 53.40
C3C CLA OG . 25.07 1.90 54.47
C4C CLA OG . 23.93 1.03 54.49
CMC CLA OG . 27.12 2.02 52.89
CAC CLA OG . 25.31 3.02 55.40
CBC CLA OG . 26.34 2.75 56.45
ND CLA OG . 21.67 -0.84 54.54
C1D CLA OG . 21.82 0.25 55.44
C2D CLA OG . 20.65 0.29 56.33
C3D CLA OG . 19.77 -0.64 55.85
C4D CLA OG . 20.43 -1.29 54.71
CMD CLA OG . 20.49 1.21 57.45
CAD CLA OG . 18.50 -1.29 56.02
OBD CLA OG . 17.68 -1.18 56.91
CBD CLA OG . 18.30 -2.23 54.82
CGD CLA OG . 17.95 -3.58 55.32
O1D CLA OG . 18.65 -4.60 55.29
O2D CLA OG . 16.71 -3.65 55.85
CED CLA OG . 16.27 -4.94 56.26
C1 CLA OG . 17.02 -0.86 49.04
C2 CLA OG . 17.55 -0.39 47.74
C3 CLA OG . 17.16 0.75 47.15
C4 CLA OG . 16.17 1.67 47.76
C5 CLA OG . 17.73 1.16 45.84
MG CLA PG . 23.79 -5.97 69.56
CHA CLA PG . 23.60 -9.41 69.32
CHB CLA PG . 22.48 -6.12 72.66
CHC CLA PG . 24.36 -2.61 69.90
CHD CLA PG . 25.04 -5.86 66.28
NA CLA PG . 23.11 -7.53 70.75
C1A CLA PG . 23.16 -8.89 70.50
C2A CLA PG . 22.58 -9.67 71.65
C3A CLA PG . 21.99 -8.58 72.56
C4A CLA PG . 22.57 -7.31 71.98
CMA CLA PG . 20.49 -8.56 72.56
CAA CLA PG . 23.72 -10.35 72.37
CBA CLA PG . 24.95 -9.47 72.51
CGA CLA PG . 24.80 -8.56 73.69
O1A CLA PG . 24.34 -8.85 74.79
O2A CLA PG . 25.23 -7.28 73.50
NB CLA PG . 23.51 -4.62 71.03
C1B CLA PG . 22.96 -4.89 72.23
C2B CLA PG . 22.87 -3.66 73.03
C3B CLA PG . 23.39 -2.66 72.27
C4B CLA PG . 23.80 -3.26 70.97
CMB CLA PG . 22.30 -3.67 74.37
CAB CLA PG . 23.54 -1.27 72.53
CBB CLA PG . 23.03 -0.58 73.55
NC CLA PG . 24.53 -4.49 68.31
C1C CLA PG . 24.70 -3.19 68.65
C2C CLA PG . 25.29 -2.47 67.55
C3C CLA PG . 25.44 -3.37 66.51
C4C CLA PG . 24.97 -4.65 66.99
CMC CLA PG . 25.66 -1.06 67.53
CAC CLA PG . 26.01 -3.11 65.21
CBC CLA PG . 27.50 -3.31 65.23
ND CLA PG . 24.14 -7.25 68.06
C1D CLA PG . 24.67 -7.08 66.77
C2D CLA PG . 24.76 -8.39 66.09
C3D CLA PG . 24.41 -9.32 67.04
C4D CLA PG . 24.03 -8.56 68.24
CMD CLA PG . 25.21 -8.58 64.74
CAD CLA PG . 24.19 -10.72 67.33
OBD CLA PG . 24.34 -11.70 66.62
CBD CLA PG . 23.71 -10.82 68.80
CGD CLA PG . 22.41 -11.52 68.87
O1D CLA PG . 21.30 -11.03 69.12
O2D CLA PG . 22.49 -12.85 68.61
CED CLA PG . 21.63 -13.72 69.34
C1 CLA PG . 25.32 -6.42 74.66
C2 CLA PG . 26.07 -5.21 74.28
C3 CLA PG . 26.68 -4.41 75.18
C4 CLA PG . 26.64 -4.69 76.63
C5 CLA PG . 27.45 -3.20 74.78
MG CLA QG . 13.84 4.49 80.49
CHA CLA QG . 15.25 1.35 80.22
CHB CLA QG . 12.40 3.58 83.41
CHC CLA QG . 12.37 7.58 80.67
CHD CLA QG . 15.39 5.41 77.48
NA CLA QG . 13.89 2.75 81.65
C1A CLA QG . 14.53 1.54 81.36
C2A CLA QG . 14.33 0.54 82.48
C3A CLA QG . 13.55 1.34 83.54
C4A CLA QG . 13.24 2.65 82.84
CMA CLA QG . 12.30 0.63 83.96
CAA CLA QG . 15.66 0.13 83.10
NB CLA QG . 12.68 5.44 81.84
C1B CLA QG . 12.06 4.82 82.87
C2B CLA QG . 10.94 5.66 83.36
C3B CLA QG . 10.93 6.80 82.59
C4B CLA QG . 12.03 6.67 81.62
CMB CLA QG . 10.11 5.23 84.48
CAB CLA QG . 10.09 7.97 82.60
CBB CLA QG . 9.04 8.21 83.39
NC CLA QG . 13.90 6.19 79.31
C1C CLA QG . 13.26 7.36 79.59
C2C CLA QG . 13.58 8.36 78.59
C3C CLA QG . 14.38 7.73 77.66
C4C CLA QG . 14.60 6.37 78.12
CMC CLA QG . 13.09 9.73 78.59
CAC CLA QG . 14.98 8.36 76.47
CBC CLA QG . 16.30 9.00 76.81
ND CLA QG . 15.02 3.63 79.11
C1D CLA QG . 15.59 4.13 77.92
C2D CLA QG . 16.39 3.07 77.30
C3D CLA QG . 16.25 1.96 78.12
C4D CLA QG . 15.41 2.38 79.25
CMD CLA QG . 17.12 3.22 76.06
CAD CLA QG . 16.64 0.58 78.36
OBD CLA QG . 17.34 -0.15 77.69
CBD CLA QG . 16.00 0.15 79.70
MG CLA RG . 23.15 3.49 76.84
CHA CLA RG . 21.89 0.89 78.72
CHB CLA RG . 25.74 1.54 75.90
CHC CLA RG . 24.42 6.14 75.09
CHD CLA RG . 20.52 5.54 78.00
NA CLA RG . 23.67 1.52 77.23
C1A CLA RG . 23.02 0.60 78.04
C2A CLA RG . 23.75 -0.73 78.06
C3A CLA RG . 24.95 -0.49 77.12
C4A CLA RG . 24.79 0.95 76.70
CMA CLA RG . 26.25 -0.72 77.82
CAA CLA RG . 22.88 -1.80 77.46
CBA CLA RG . 23.51 -3.16 77.61
CGA CLA RG . 23.70 -3.44 79.06
O1A CLA RG . 23.12 -2.92 80.01
O2A CLA RG . 24.64 -4.39 79.29
NB CLA RG . 24.76 3.78 75.68
C1B CLA RG . 25.72 2.86 75.45
C2B CLA RG . 26.78 3.46 74.60
C3B CLA RG . 26.41 4.75 74.36
C4B CLA RG . 25.11 4.97 75.04
CMB CLA RG . 27.97 2.74 74.18
CAB CLA RG . 27.09 5.76 73.60
CBB CLA RG . 27.53 6.91 74.08
NC CLA RG . 22.56 5.47 76.57
C1C CLA RG . 23.22 6.37 75.81
C2C CLA RG . 22.54 7.66 75.86
C3C CLA RG . 21.44 7.48 76.68
C4C CLA RG . 21.46 6.11 77.13
CMC CLA RG . 23.00 8.86 75.17
CAC CLA RG . 20.47 8.49 77.07
CBC CLA RG . 21.01 9.43 78.11
ND CLA RG . 21.51 3.31 78.01
C1D CLA RG . 20.54 4.23 78.42
C2D CLA RG . 19.60 3.55 79.35
C3D CLA RG . 20.06 2.27 79.48
C4D CLA RG . 21.27 2.17 78.66
CMD CLA RG . 18.44 4.19 79.95
CAD CLA RG . 19.86 0.98 80.09
OBD CLA RG . 18.94 0.61 80.81
CBD CLA RG . 21.05 0.09 79.68
CGD CLA RG . 21.88 -0.30 80.86
O1D CLA RG . 23.10 -0.25 80.97
O2D CLA RG . 21.16 -0.77 81.91
CED CLA RG . 21.89 -1.30 83.01
C1 CLA RG . 25.22 -4.42 80.61
C2 CLA RG . 26.18 -3.29 80.70
C3 CLA RG . 26.78 -2.95 81.85
C4 CLA RG . 27.74 -1.82 81.93
C5 CLA RG . 26.51 -3.70 83.11
C6 CLA RG . 26.30 -2.81 84.31
C7 CLA RG . 27.40 -3.02 85.32
MG CLA SG . 17.89 18.95 68.76
CHA CLA SG . 18.82 22.25 68.97
CHB CLA SG . 19.21 18.38 71.83
CHC CLA SG . 16.72 15.75 68.61
CHD CLA SG . 16.45 19.61 65.61
NA CLA SG . 18.89 20.14 70.14
C1A CLA SG . 19.15 21.50 70.05
C2A CLA SG . 19.87 22.00 71.29
C3A CLA SG . 20.11 20.72 72.11
C4A CLA SG . 19.35 19.65 71.32
CMA CLA SG . 21.57 20.38 72.22
CAA CLA SG . 18.95 22.93 72.02
CBA CLA SG . 17.92 22.18 72.83
CGA CLA SG . 16.64 22.11 72.07
O1A CLA SG . 15.78 22.98 71.95
O2A CLA SG . 16.43 20.90 71.48
NB CLA SG . 17.90 17.38 70.01
C1B CLA SG . 18.55 17.33 71.19
C2B CLA SG . 18.47 15.95 71.74
C3B CLA SG . 17.77 15.20 70.84
C4B CLA SG . 17.41 16.10 69.72
CMB CLA SG . 19.09 15.56 73.01
CAB CLA SG . 17.43 13.81 70.86
CBB CLA SG . 16.18 13.33 70.77
NC CLA SG . 16.84 17.87 67.33
C1C CLA SG . 16.47 16.57 67.48
C2C CLA SG . 15.71 16.13 66.33
C3C CLA SG . 15.62 17.22 65.47
C4C CLA SG . 16.32 18.32 66.11
CMC CLA SG . 15.18 14.78 66.19
CAC CLA SG . 14.94 17.26 64.18
CBC CLA SG . 13.69 18.09 64.24
ND CLA SG . 17.82 20.47 67.45
C1D CLA SG . 17.12 20.64 66.23
C2D CLA SG . 17.30 22.02 65.77
C3D CLA SG . 17.98 22.68 66.76
C4D CLA SG . 18.23 21.68 67.81
CMD CLA SG . 16.82 22.51 64.49
CAD CLA SG . 18.62 23.90 67.19
OBD CLA SG . 18.86 24.91 66.55
CBD CLA SG . 18.99 23.72 68.68
CGD CLA SG . 20.37 24.20 68.98
O1D CLA SG . 21.35 23.55 69.34
O2D CLA SG . 20.55 25.54 68.83
CED CLA SG . 21.83 26.06 69.19
C1 CLA SG . 15.62 20.93 70.29
C2 CLA SG . 14.78 19.71 70.24
C3 CLA SG . 13.75 19.61 69.39
C4 CLA SG . 13.40 20.69 68.45
C5 CLA SG . 12.91 18.38 69.32
C6 CLA SG . 13.61 17.11 69.75
C7 CLA SG . 12.71 15.92 69.52
C8 CLA SG . 12.68 14.96 70.71
C9 CLA SG . 11.79 13.77 70.44
C10 CLA SG . 12.22 15.69 71.97
MG CLA TG . 16.84 22.62 77.53
CHA CLA TG . 13.95 23.03 75.67
CHB CLA TG . 16.15 25.48 79.21
CHC CLA TG . 19.62 22.07 79.44
CHD CLA TG . 17.48 19.63 75.76
NA CLA TG . 15.31 24.02 77.41
C1A CLA TG . 14.19 24.01 76.58
C2A CLA TG . 13.30 25.22 76.85
C3A CLA TG . 14.13 26.06 77.84
C4A CLA TG . 15.28 25.13 78.20
CMA CLA TG . 14.65 27.31 77.18
CAA CLA TG . 12.02 24.75 77.50
CBA CLA TG . 11.21 25.90 78.04
CGA CLA TG . 10.05 26.20 77.13
O1A CLA TG . 10.05 26.55 75.95
O2A CLA TG . 8.84 26.04 77.75
NB CLA TG . 17.73 23.62 79.01
C1B CLA TG . 17.26 24.72 79.62
C2B CLA TG . 18.10 25.05 80.80
C3B CLA TG . 19.08 24.10 80.87
C4B CLA TG . 18.87 23.17 79.72
CMB CLA TG . 17.82 26.20 81.65
CAB CLA TG . 20.17 23.91 81.79
CBB CLA TG . 20.95 24.89 82.26
NC CLA TG . 18.30 21.14 77.56
C1C CLA TG . 19.37 21.13 78.42
C2C CLA TG . 20.18 19.96 78.16
C3C CLA TG . 19.56 19.25 77.14
C4C CLA TG . 18.38 20.01 76.75
CMC CLA TG . 21.40 19.59 78.87
CAC CLA TG . 19.98 17.99 76.53
CBC CLA TG . 19.36 16.83 77.25
ND CLA TG . 16.00 21.54 76.04
C1D CLA TG . 16.35 20.34 75.41
C2D CLA TG . 15.34 20.00 74.39
C3D CLA TG . 14.39 20.99 74.46
C4D CLA TG . 14.84 21.93 75.50
CMD CLA TG . 15.39 18.81 73.56
CAD CLA TG . 13.13 21.48 73.95
OBD CLA TG . 12.38 20.98 73.12
CBD CLA TG . 12.83 22.82 74.68
CGD CLA TG . 12.75 23.93 73.67
O1D CLA TG . 13.10 23.90 72.49
O2D CLA TG . 12.19 25.08 74.13
CED CLA TG . 11.64 25.98 73.17
MG CLA UG . 25.59 -3.69 43.56
CHA CLA UG . 27.04 -6.04 41.52
CHB CLA UG . 28.09 -1.53 42.84
CHC CLA UG . 24.11 -1.40 45.59
CHD CLA UG . 23.07 -6.03 44.39
NA CLA UG . 27.28 -3.80 42.36
C1A CLA UG . 27.71 -4.86 41.58
C2A CLA UG . 29.00 -4.53 40.87
C3A CLA UG . 29.34 -3.11 41.38
C4A CLA UG . 28.15 -2.77 42.25
CMA CLA UG . 30.58 -3.11 42.22
CAA CLA UG . 28.80 -4.52 39.38
CBA CLA UG . 28.60 -3.13 38.84
CGA CLA UG . 27.69 -3.19 37.65
O1A CLA UG . 26.47 -3.37 37.62
O2A CLA UG . 28.35 -3.03 36.47
NB CLA UG . 26.05 -1.85 44.16
C1B CLA UG . 27.05 -1.10 43.66
C2B CLA UG . 26.92 0.30 44.14
C3B CLA UG . 25.81 0.34 44.92
C4B CLA UG . 25.22 -1.02 44.94
CMB CLA UG . 27.85 1.35 43.78
CAB CLA UG . 25.22 1.44 45.63
CBB CLA UG . 25.73 1.96 46.75
NC CLA UG . 23.89 -3.72 44.75
C1C CLA UG . 23.48 -2.67 45.50
C2C CLA UG . 22.29 -3.02 46.22
C3C CLA UG . 21.97 -4.32 45.88
C4C CLA UG . 23.00 -4.76 44.96
CMC CLA UG . 21.60 -2.11 47.13
CAC CLA UG . 20.85 -5.12 46.38
CBC CLA UG . 19.54 -4.69 45.81
ND CLA UG . 25.05 -5.56 43.02
C1D CLA UG . 24.03 -6.41 43.48
C2D CLA UG . 24.18 -7.72 42.82
C3D CLA UG . 25.29 -7.62 42.01
C4D CLA UG . 25.82 -6.26 42.22
CMD CLA UG . 23.28 -8.86 43.01
CAD CLA UG . 26.16 -8.28 41.09
OBD CLA UG . 26.06 -9.38 40.58
CBD CLA UG . 27.34 -7.33 40.78
CGD CLA UG . 28.62 -7.92 41.24
O1D CLA UG . 28.96 -8.19 42.40
O2D CLA UG . 29.51 -8.18 40.26
CED CLA UG . 30.70 -8.85 40.66
C1 CLA UG . 28.85 -4.22 35.84
C1 XAT VG . 23.89 15.50 71.97
C2 XAT VG . 23.82 16.98 71.64
C3 XAT VG . 23.83 17.09 70.14
C4 XAT VG . 22.50 16.60 69.62
C5 XAT VG . 22.28 15.11 69.95
C6 XAT VG . 23.03 14.52 71.16
C7 XAT VG . 22.28 13.40 71.84
C8 XAT VG . 22.71 12.22 71.42
C9 XAT VG . 22.23 10.90 71.85
C10 XAT VG . 22.96 9.87 71.42
C11 XAT VG . 22.71 8.47 71.73
C12 XAT VG . 23.62 7.59 71.35
C13 XAT VG . 23.41 6.17 71.65
C14 XAT VG . 24.39 5.27 71.49
C15 XAT VG . 24.03 3.92 71.87
C16 XAT VG . 24.57 15.01 73.24
C17 XAT VG . 22.70 15.76 72.89
C18 XAT VG . 20.86 14.58 69.85
C19 XAT VG . 21.01 10.74 72.70
C20 XAT VG . 22.09 5.75 72.19
O3 XAT VG . 24.01 18.46 69.76
O4 XAT VG . 23.39 14.23 69.80
C21 XAT VG . 29.65 -6.67 72.45
C22 XAT VG . 30.39 -7.88 71.94
C23 XAT VG . 29.34 -8.94 71.72
C24 XAT VG . 28.61 -8.57 70.45
C25 XAT VG . 28.13 -7.12 70.38
C26 XAT VG . 28.68 -6.11 71.40
C27 XAT VG . 29.03 -4.76 70.78
C28 XAT VG . 28.21 -3.71 70.85
C29 XAT VG . 28.62 -2.41 70.26
C30 XAT VG . 27.83 -1.33 70.40
C31 XAT VG . 28.22 -0.03 69.84
C32 XAT VG . 27.67 1.17 70.05
C33 XAT VG . 26.51 1.51 70.89
C34 XAT VG . 25.77 2.58 70.64
C35 XAT VG . 24.64 2.79 71.53
C36 XAT VG . 30.66 -5.61 72.87
C37 XAT VG . 28.86 -7.06 73.68
C38 XAT VG . 28.05 -6.51 68.98
C39 XAT VG . 29.93 -2.27 69.55
C40 XAT VG . 26.11 0.70 72.09
O23 XAT VG . 29.99 -10.20 71.54
O24 XAT VG . 27.33 -6.56 71.42
C1 XAT WG . 29.20 9.01 57.86
C2 XAT WG . 30.29 10.06 57.96
C3 XAT WG . 30.51 10.55 59.36
C4 XAT WG . 30.87 9.32 60.15
C5 XAT WG . 29.56 8.61 60.39
C6 XAT WG . 28.62 8.52 59.19
C7 XAT WG . 27.76 7.26 59.17
C8 XAT WG . 26.51 7.47 59.54
C9 XAT WG . 25.40 6.50 59.63
C10 XAT WG . 24.19 7.01 59.89
C11 XAT WG . 22.95 6.23 59.99
C12 XAT WG . 21.88 6.88 60.40
C13 XAT WG . 20.54 6.28 60.52
C14 XAT WG . 19.51 7.07 60.87
C15 XAT WG . 18.15 6.55 60.97
C16 XAT WG . 29.76 7.83 57.08
C17 XAT WG . 28.08 9.61 57.05
C18 XAT WG . 29.55 7.31 61.21
C19 XAT WG . 25.61 5.03 59.42
C20 XAT WG . 20.31 4.83 60.23
O3 XAT WG . 31.59 11.48 59.39
O4 XAT WG . 28.39 9.41 60.28
C21 XAT WG . 5.37 5.68 61.72
C22 XAT WG . 4.05 5.00 62.00
C23 XAT WG . 4.27 3.54 62.28
C24 XAT WG . 4.90 3.52 63.64
C25 XAT WG . 6.34 4.00 63.50
C26 XAT WG . 6.59 5.10 62.47
C27 XAT WG . 7.66 6.08 62.88
C28 XAT WG . 8.80 6.04 62.20
C29 XAT WG . 9.94 6.94 62.49
C30 XAT WG . 11.09 6.70 61.86
C31 XAT WG . 12.29 7.50 62.04
C32 XAT WG . 13.41 6.95 61.62
C33 XAT WG . 14.73 7.58 61.68
C34 XAT WG . 15.79 6.87 61.27
C35 XAT WG . 17.15 7.38 61.23
C36 XAT WG . 5.26 7.15 62.07
C37 XAT WG . 5.63 5.58 60.23
C38 XAT WG . 7.15 4.25 64.76
C39 XAT WG . 9.79 8.08 63.42
C40 XAT WG . 14.88 8.98 62.18
O23 XAT WG . 3.00 2.88 62.33
O24 XAT WG . 6.99 3.75 62.26
C01 8CT XG . 36.10 2.74 58.12
C02 8CT XG . 36.07 2.84 59.67
C03 8CT XG . 35.37 1.71 60.53
C04 8CT XG . 35.75 1.65 61.94
C05 8CT XG . 35.93 3.15 62.63
C06 8CT XG . 36.76 3.96 61.91
C07 8CT XG . 36.27 4.12 60.33
C08 8CT XG . 34.69 0.88 62.72
C09 8CT XG . 37.08 0.91 62.05
C10 8CT XG . 33.98 1.18 60.11
C11 8CT XG . 33.87 0.12 59.27
C12 8CT XG . 32.45 -0.32 58.90
C13 8CT XG . 32.19 -1.40 58.11
C14 8CT XG . 33.26 -2.31 57.46
C15 8CT XG . 32.77 -3.24 56.56
C16 8CT XG . 33.69 -4.28 55.77
C17 8CT XG . 34.47 -5.17 56.43
C18 8CT XG . 35.31 -6.16 55.61
C19 8CT XG . 34.68 -6.92 54.67
C20 8CT XG . 35.47 -7.95 53.79
C21 8CT XG . 35.35 -9.27 54.05
C22 8CT XG . 34.44 -9.74 55.21
C23 8CT XG . 36.11 -10.34 53.17
C24 8CT XG . 36.05 -10.26 51.80
C25 8CT XG . 36.77 -11.30 50.89
C26 8CT XG . 36.28 -12.59 50.83
C27 8CT XG . 35.03 -12.97 51.66
C28 8CT XG . 36.96 -13.68 49.91
C29 8CT XG . 36.13 -14.55 49.18
C30 8CT XG . 36.73 -15.64 48.27
C31 8CT XG . 36.02 -16.88 48.51
C32 8CT XG . 36.14 -18.00 47.38
C33 8CT XG . 36.20 -17.51 46.03
C34 8CT XG . 35.79 -15.91 45.94
C35 8CT XG . 36.60 -15.12 46.71
C36 8CT XG . 37.99 -15.10 46.09
C37 8CT XG . 36.03 -13.66 46.70
C38 8CT XG . 35.66 -17.29 49.94
C39 8CT XG . 33.67 -4.28 54.22
C40 8CT XG . 31.27 0.48 59.47
O1 LHG YG . 7.10 4.34 79.30
C1 LHG YG . 7.00 4.48 80.71
C2 LHG YG . 7.49 3.22 81.34
O2 LHG YG . 8.27 3.49 82.48
C3 LHG YG . 8.38 2.42 80.42
O3 LHG YG . 9.02 3.47 79.76
P LHG YG . 10.51 3.32 79.24
O4 LHG YG . 11.37 3.11 80.43
O5 LHG YG . 10.37 2.60 77.95
O6 LHG YG . 10.71 4.92 78.92
C4 LHG YG . 10.06 5.44 77.83
C5 LHG YG . 11.19 5.96 76.96
C6 LHG YG . 11.14 5.35 75.56
O7 LHG YG . 10.99 7.35 76.83
C7 LHG YG . 10.36 7.92 77.90
O8 LHG YG . 12.07 6.11 74.78
C23 LHG YG . 12.26 5.71 73.48
O10 LHG YG . 13.26 5.07 73.21
C24 LHG YG . 11.47 6.34 72.35
C25 LHG YG . 9.99 6.02 72.29
C01 8CT ZG . 8.22 20.67 59.79
C02 8CT ZG . 9.50 21.55 59.63
C03 8CT ZG . 10.92 21.02 60.11
C04 8CT ZG . 12.02 21.95 60.33
C05 8CT ZG . 11.58 23.55 60.27
C06 8CT ZG . 10.75 23.79 59.24
C07 8CT ZG . 9.31 22.98 59.47
C08 8CT ZG . 12.64 21.66 61.70
C09 8CT ZG . 13.07 21.75 59.25
C10 8CT ZG . 11.27 19.53 59.89
C11 8CT ZG . 11.20 19.01 58.65
C12 8CT ZG . 11.55 17.54 58.45
C13 8CT ZG . 12.39 17.14 57.45
C14 8CT ZG . 12.68 15.63 57.31
C15 8CT ZG . 13.51 15.14 56.33
C16 8CT ZG . 13.68 13.56 56.34
C17 8CT ZG . 14.66 12.89 55.68
C18 8CT ZG . 14.54 11.39 55.90
C19 8CT ZG . 15.37 10.39 55.49
C20 8CT ZG . 16.69 10.48 54.66
C21 8CT ZG . 17.60 9.51 54.96
C22 8CT ZG . 17.25 8.42 56.03
C23 8CT ZG . 18.97 9.41 54.20
C24 8CT ZG . 18.90 8.84 52.95
C25 8CT ZG . 20.12 8.58 52.04
C26 8CT ZG . 20.14 7.27 51.59
C27 8CT ZG . 18.98 6.35 52.03
C28 8CT ZG . 21.24 6.63 50.66
C29 8CT ZG . 21.18 5.23 50.61
C30 8CT ZG . 22.15 4.39 49.76
C31 8CT ZG . 23.02 3.66 50.64
C32 8CT ZG . 22.91 2.07 50.75
C33 8CT ZG . 22.23 1.38 49.69
C34 8CT ZG . 20.90 2.24 49.25
C35 8CT ZG . 21.24 3.47 48.73
C36 8CT ZG . 19.97 4.21 48.40
C37 8CT ZG . 22.06 3.24 47.42
C38 8CT ZG . 24.22 4.38 51.25
C39 8CT ZG . 12.66 12.77 57.18
C40 8CT ZG . 10.93 16.49 59.38
MG CLA AH . 43.63 9.02 65.47
CHA CLA AH . 46.04 10.75 63.74
CHB CLA AH . 42.09 8.24 62.55
CHC CLA AH . 41.41 7.12 67.23
CHD CLA AH . 45.43 9.65 68.45
NA CLA AH . 43.99 9.50 63.48
C1A CLA AH . 45.06 10.21 62.96
C2A CLA AH . 44.96 10.31 61.45
C3A CLA AH . 43.64 9.59 61.11
C4A CLA AH . 43.19 9.07 62.47
CMA CLA AH . 42.62 10.52 60.51
CAA CLA AH . 46.06 9.50 60.81
CBA CLA AH . 45.75 9.28 59.35
CGA CLA AH . 47.02 9.27 58.55
O1A CLA AH . 48.12 8.87 58.91
O2A CLA AH . 46.85 9.78 57.29
NB CLA AH . 42.07 7.87 64.98
C1B CLA AH . 41.57 7.69 63.73
C2B CLA AH . 40.35 6.85 63.79
C3B CLA AH . 40.15 6.53 65.10
C4B CLA AH . 41.22 7.19 65.89
CMB CLA AH . 39.58 6.47 62.62
CAB CLA AH . 39.09 5.75 65.69
CBB CLA AH . 39.28 4.70 66.48
NC CLA AH . 43.42 8.54 67.48
C1C CLA AH . 42.42 7.76 67.99
C2C CLA AH . 42.58 7.62 69.43
C3C CLA AH . 43.75 8.31 69.76
C4C CLA AH . 44.26 8.87 68.54
CMC CLA AH . 41.70 6.86 70.30
CAC CLA AH . 44.35 8.42 71.08
CBC CLA AH . 44.35 9.83 71.63
ND CLA AH . 45.21 10.12 66.07
C1D CLA AH . 45.87 10.24 67.31
C2D CLA AH . 47.07 11.07 67.15
C3D CLA AH . 47.16 11.32 65.81
C4D CLA AH . 46.01 10.65 65.17
CMD CLA AH . 47.95 11.49 68.22
CAD CLA AH . 47.91 11.98 64.78
OBD CLA AH . 48.86 12.75 64.87
CBD CLA AH . 47.29 11.51 63.43
CGD CLA AH . 47.02 12.68 62.54
O1D CLA AH . 46.59 13.80 62.82
O2D CLA AH . 47.35 12.39 61.28
CED CLA AH . 48.61 11.73 61.16
C1 CLA AH . 48.03 10.16 56.54
C2 CLA AH . 48.10 11.61 56.24
C3 CLA AH . 47.64 12.67 56.95
C4 CLA AH . 46.91 12.62 58.23
C5 CLA AH . 47.86 14.05 56.43
C6 CLA AH . 46.71 15.01 56.65
C7 CLA AH . 47.24 16.43 56.65
C8 CLA AH . 46.81 17.27 55.44
C9 CLA AH . 45.45 17.89 55.72
C10 CLA AH . 46.75 16.45 54.16
C11 CLA AH . 47.97 16.57 53.26
C12 CLA AH . 49.12 15.65 53.68
C13 CLA AH . 49.32 14.43 52.79
C14 CLA AH . 48.05 13.98 52.09
C15 CLA AH . 49.91 13.25 53.58
C16 CLA AH . 51.27 12.84 53.07
C17 CLA AH . 52.30 13.95 53.17
C18 CLA AH . 52.98 14.03 54.54
C19 CLA AH . 54.48 14.17 54.41
C20 CLA AH . 52.44 15.19 55.37
MG CHL BH . 13.33 -28.26 -42.14
CHA CHL BH . 16.02 -28.95 -40.16
CHB CHL BH . 12.78 -25.46 -40.41
CHC CHL BH . 10.51 -27.76 -44.03
CHD CHL BH . 14.11 -31.11 -44.14
NA CHL BH . 14.16 -27.39 -40.55
C1A CHL BH . 15.18 -27.79 -39.85
C2A CHL BH . 15.47 -26.95 -38.65
C3A CHL BH . 14.44 -25.88 -38.74
C4A CHL BH . 13.72 -26.27 -39.98
CMA CHL BH . 13.49 -25.87 -37.56
CAA CHL BH . 16.85 -26.31 -38.67
CBA CHL BH . 16.99 -25.33 -39.84
CGA CHL BH . 18.14 -24.40 -39.56
O1A CHL BH . 18.73 -24.46 -38.49
O2A CHL BH . 18.52 -23.41 -40.55
NB CHL BH . 11.87 -26.84 -42.20
C1B CHL BH . 11.78 -25.75 -41.43
C2B CHL BH . 10.62 -24.87 -41.67
C3B CHL BH . 9.95 -25.59 -42.75
C4B CHL BH . 10.80 -26.76 -43.01
CMB CHL BH . 10.24 -23.60 -40.97
CAB CHL BH . 8.71 -25.17 -43.44
CBB CHL BH . 8.59 -25.26 -44.74
NC CHL BH . 12.49 -29.23 -43.76
C1C CHL BH . 11.35 -28.90 -44.40
C2C CHL BH . 11.01 -29.79 -45.52
C3C CHL BH . 12.06 -30.79 -45.57
C4C CHL BH . 12.91 -30.34 -44.44
CMC CHL BH . 9.84 -29.69 -46.42
OMC CHL BH . 9.19 -28.66 -46.49
CAC CHL BH . 12.27 -31.95 -46.49
CBC CHL BH . 11.98 -33.22 -45.74
ND CHL BH . 14.70 -29.75 -42.22
C1D CHL BH . 14.95 -30.82 -42.98
C2D CHL BH . 16.15 -31.59 -42.55
C3D CHL BH . 16.53 -30.79 -41.39
C4D CHL BH . 15.67 -29.79 -41.28
CMD CHL BH . 16.92 -32.80 -42.93
CAD CHL BH . 17.53 -30.70 -40.33
OBD CHL BH . 18.50 -31.52 -40.14
CBD CHL BH . 17.22 -29.52 -39.48
CGD CHL BH . 16.75 -30.11 -38.22
O1D CHL BH . 15.70 -30.70 -38.18
O2D CHL BH . 17.53 -30.05 -37.01
CED CHL BH . 16.99 -30.79 -35.94
C1 CHL BH . 19.78 -23.50 -41.22
C2 CHL BH . 19.56 -23.52 -42.73
C3 CHL BH . 20.55 -23.81 -43.58
C4 CHL BH . 21.91 -24.14 -43.03
C5 CHL BH . 20.26 -23.82 -45.06
C6 CHL BH . 21.51 -23.98 -45.93
C7 CHL BH . 21.74 -22.81 -46.89
C8 CHL BH . 21.67 -23.22 -48.37
C9 CHL BH . 20.31 -23.79 -48.72
C10 CHL BH . 21.99 -22.07 -49.32
C11 CHL BH . 22.39 -22.52 -50.71
C12 CHL BH . 23.36 -21.55 -51.34
C13 CHL BH . 24.75 -22.15 -51.39
C14 CHL BH . 25.58 -21.72 -50.18
C15 CHL BH . 25.43 -21.76 -52.69
MG CLA CH . 27.66 -27.39 -12.32
CHA CLA CH . 26.18 -29.81 -10.35
CHB CLA CH . 25.02 -27.50 -14.41
CHC CLA CH . 29.08 -24.88 -14.16
CHD CLA CH . 30.38 -27.26 -10.07
NA CLA CH . 25.91 -28.52 -12.37
C1A CLA CH . 25.46 -29.47 -11.45
C2A CLA CH . 24.13 -30.06 -11.88
C3A CLA CH . 23.84 -29.35 -13.22
C4A CLA CH . 25.00 -28.39 -13.36
CMA CLA CH . 23.79 -30.30 -14.36
CAA CLA CH . 23.03 -29.87 -10.87
CBA CLA CH . 22.96 -28.46 -10.34
CGA CLA CH . 22.03 -27.68 -11.18
O1A CLA CH . 20.81 -27.77 -11.27
O2A CLA CH . 22.67 -26.77 -11.96
NB CLA CH . 27.16 -26.40 -13.99
C1B CLA CH . 26.01 -26.56 -14.66
C2B CLA CH . 25.92 -25.53 -15.73
C3B CLA CH . 27.07 -24.80 -15.66
C4B CLA CH . 27.87 -25.34 -14.56
CMB CLA CH . 24.80 -25.43 -16.65
CAB CLA CH . 27.49 -23.69 -16.46
CBB CLA CH . 26.79 -22.58 -16.59
NC CLA CH . 29.44 -26.31 -12.16
C1C CLA CH . 29.83 -25.36 -13.04
C2C CLA CH . 31.12 -24.82 -12.66
C3C CLA CH . 31.48 -25.46 -11.48
C4C CLA CH . 30.40 -26.40 -11.18
CMC CLA CH . 31.85 -23.79 -13.39
CAC CLA CH . 32.72 -25.29 -10.72
CBC CLA CH . 32.76 -24.01 -9.95
ND CLA CH . 28.25 -28.32 -10.64
C1D CLA CH . 29.37 -28.16 -9.80
C2D CLA CH . 29.24 -29.05 -8.65
C3D CLA CH . 28.04 -29.72 -8.81
C4D CLA CH . 27.46 -29.22 -10.06
CMD CLA CH . 30.22 -29.16 -7.59
CAD CLA CH . 27.13 -30.69 -8.26
OBD CLA CH . 27.22 -31.34 -7.23
CBD CLA CH . 25.91 -30.76 -9.22
CGD CLA CH . 25.69 -32.16 -9.72
O1D CLA CH . 25.40 -33.15 -9.07
O2D CLA CH . 25.81 -32.30 -11.06
CED CLA CH . 26.64 -33.37 -11.51
C1 CLA CH . 21.87 -25.84 -12.70
C2 CLA CH . 22.75 -24.67 -12.95
C3 CLA CH . 22.56 -23.83 -13.95
C4 CLA CH . 21.46 -23.97 -14.91
C5 CLA CH . 23.46 -22.67 -14.15
C6 CLA CH . 22.63 -21.42 -14.16
C7 CLA CH . 23.45 -20.20 -13.84
C8 CLA CH . 22.69 -19.21 -13.00
C9 CLA CH . 21.37 -18.84 -13.65
C10 CLA CH . 23.52 -17.96 -12.78
C11 CLA CH . 24.73 -18.28 -11.92
C12 CLA CH . 25.86 -17.33 -12.17
C13 CLA CH . 27.09 -17.72 -11.36
C14 CLA CH . 26.89 -17.38 -9.90
C15 CLA CH . 28.35 -17.06 -11.91
MG CLA DH . 25.77 -19.33 -20.96
CHA CLA DH . 22.69 -20.51 -21.93
CHB CLA DH . 24.94 -19.84 -17.72
CHC CLA DH . 28.87 -18.24 -20.07
CHD CLA DH . 26.62 -18.93 -24.36
NA CLA DH . 24.08 -20.06 -20.00
C1A CLA DH . 22.91 -20.54 -20.59
C2A CLA DH . 21.92 -21.01 -19.53
C3A CLA DH . 22.67 -20.77 -18.21
C4A CLA DH . 24.00 -20.19 -18.66
CMA CLA DH . 21.95 -19.77 -17.33
CAA CLA DH . 21.67 -22.50 -19.70
CBA CLA DH . 20.45 -22.96 -18.94
CGA CLA DH . 19.38 -23.48 -19.84
O1A CLA DH . 19.39 -24.47 -20.58
O2A CLA DH . 18.24 -22.74 -19.81
NB CLA DH . 26.77 -19.19 -19.23
C1B CLA DH . 26.19 -19.28 -18.01
C2B CLA DH . 27.08 -18.68 -17.00
C3B CLA DH . 28.18 -18.22 -17.64
C4B CLA DH . 28.00 -18.54 -19.08
CMB CLA DH . 26.73 -18.62 -15.58
CAB CLA DH . 29.33 -17.55 -17.12
CBB CLA DH . 29.89 -16.43 -17.61
NC CLA DH . 27.43 -18.70 -22.03
C1C CLA DH . 28.61 -18.31 -21.46
C2C CLA DH . 29.56 -17.96 -22.48
C3C CLA DH . 28.93 -18.16 -23.70
C4C CLA DH . 27.60 -18.64 -23.41
CMC CLA DH . 30.91 -17.48 -22.22
CAC CLA DH . 29.50 -17.96 -25.03
CBC CLA DH . 30.03 -19.26 -25.57
ND CLA DH . 24.87 -19.47 -22.76
C1D CLA DH . 25.34 -19.31 -24.07
C2D CLA DH . 24.23 -19.57 -24.99
C3D CLA DH . 23.18 -19.98 -24.23
C4D CLA DH . 23.65 -19.97 -22.84
CMD CLA DH . 24.31 -19.39 -26.44
CAD CLA DH . 21.79 -20.38 -24.19
OBD CLA DH . 20.96 -20.31 -25.07
CBD CLA DH . 21.50 -20.89 -22.76
CGD CLA DH . 20.27 -20.28 -22.18
O1D CLA DH . 19.36 -20.85 -21.60
O2D CLA DH . 20.23 -18.93 -22.32
CED CLA DH . 19.11 -18.26 -21.74
C1 CLA DH . 17.04 -23.40 -19.36
MG CLA EH . 42.04 -19.61 -32.21
CHA CLA EH . 43.31 -17.05 -34.15
CHB CLA EH . 39.01 -18.13 -32.28
CHC CLA EH . 40.81 -22.19 -30.32
CHD CLA EH . 45.26 -21.06 -32.11
NA CLA EH . 41.31 -17.86 -33.08
C1A CLA EH . 41.98 -16.93 -33.86
C2A CLA EH . 41.05 -15.81 -34.29
C3A CLA EH . 39.71 -16.16 -33.64
C4A CLA EH . 40.01 -17.48 -32.94
CMA CLA EH . 39.23 -15.14 -32.65
CAA CLA EH . 40.93 -15.78 -35.79
CBA CLA EH . 40.20 -16.98 -36.32
CGA CLA EH . 40.20 -16.86 -37.81
O1A CLA EH . 40.81 -16.03 -38.50
O2A CLA EH . 39.43 -17.80 -38.43
NB CLA EH . 40.27 -20.05 -31.41
C1B CLA EH . 39.14 -19.35 -31.61
C2B CLA EH . 37.98 -20.07 -31.04
C3B CLA EH . 38.47 -21.21 -30.47
C4B CLA EH . 39.94 -21.22 -30.71
CMB CLA EH . 36.63 -19.51 -31.13
CAB CLA EH . 37.82 -22.29 -29.79
CBB CLA EH . 36.61 -22.25 -29.22
NC CLA EH . 42.88 -21.31 -31.36
C1C CLA EH . 42.19 -22.23 -30.62
C2C CLA EH . 43.08 -23.27 -30.18
C3C CLA EH . 44.34 -22.97 -30.68
C4C CLA EH . 44.21 -21.72 -31.43
CMC CLA EH . 42.68 -24.42 -29.38
CAC CLA EH . 45.58 -23.73 -30.48
CBC CLA EH . 45.96 -24.53 -31.69
ND CLA EH . 43.86 -19.23 -32.96
C1D CLA EH . 45.10 -19.91 -32.84
C2D CLA EH . 46.13 -19.16 -33.58
C3D CLA EH . 45.49 -18.06 -34.12
C4D CLA EH . 44.09 -18.15 -33.69
CMD CLA EH . 47.52 -19.55 -33.68
CAD CLA EH . 45.64 -16.85 -34.90
OBD CLA EH . 46.63 -16.38 -35.42
CBD CLA EH . 44.24 -16.17 -34.95
CGD CLA EH . 44.27 -14.79 -34.39
O1D CLA EH . 43.97 -14.41 -33.26
O2D CLA EH . 44.69 -13.84 -35.28
CED CLA EH . 44.07 -12.56 -35.18
C1 CLA EH . 40.02 -18.48 -39.56
C2 CLA EH . 39.34 -19.80 -39.64
C3 CLA EH . 39.87 -20.84 -40.31
C4 CLA EH . 41.17 -20.74 -41.01
C5 CLA EH . 39.15 -22.15 -40.35
MG CHL FH . 34.37 -18.35 -36.46
CHA CHL FH . 34.40 -19.58 -39.62
CHB CHL FH . 32.90 -21.11 -35.42
CHC CHL FH . 33.78 -16.75 -33.51
CHD CHL FH . 36.71 -15.88 -37.38
NA CHL FH . 33.54 -19.93 -37.35
C1A CHL FH . 33.56 -20.24 -38.60
C2A CHL FH . 32.70 -21.43 -38.94
C3A CHL FH . 32.09 -21.78 -37.61
C4A CHL FH . 32.87 -20.88 -36.72
CMA CHL FH . 30.62 -21.43 -37.53
CAA CHL FH . 33.57 -22.59 -39.39
CBA CHL FH . 32.76 -23.87 -39.49
CGA CHL FH . 33.20 -24.66 -40.70
O1A CHL FH . 34.25 -24.40 -41.26
O2A CHL FH . 32.36 -25.75 -41.21
NB CHL FH . 33.46 -18.87 -34.72
C1B CHL FH . 32.89 -20.04 -34.42
C2B CHL FH . 32.31 -20.18 -33.08
C3B CHL FH . 32.58 -18.85 -32.54
C4B CHL FH . 33.30 -18.13 -33.60
CMB CHL FH . 31.60 -21.36 -32.44
CAB CHL FH . 32.23 -18.37 -31.18
CBB CHL FH . 33.13 -17.77 -30.44
NC CHL FH . 35.11 -16.64 -35.60
C1C CHL FH . 34.77 -16.12 -34.40
C2C CHL FH . 35.47 -14.87 -34.06
C3C CHL FH . 36.35 -14.60 -35.18
C4C CHL FH . 36.04 -15.75 -36.07
CMC CHL FH . 35.33 -14.04 -32.84
OMC CHL FH . 34.29 -13.41 -32.69
CAC CHL FH . 37.30 -13.46 -35.40
CBC CHL FH . 36.75 -12.54 -36.45
ND CHL FH . 35.39 -17.76 -38.10
C1D CHL FH . 36.27 -16.80 -38.42
C2D CHL FH . 36.69 -16.85 -39.85
C3D CHL FH . 35.90 -18.01 -40.28
C4D CHL FH . 35.21 -18.45 -39.25
CMD CHL FH . 37.59 -16.12 -40.80
CAD CHL FH . 35.60 -18.84 -41.47
OBD CHL FH . 36.10 -18.69 -42.64
CBD CHL FH . 34.62 -19.88 -41.06
CGD CHL FH . 33.35 -19.74 -41.83
O1D CHL FH . 32.48 -19.00 -41.46
O2D CHL FH . 33.17 -20.53 -43.04
CED CHL FH . 31.91 -21.13 -43.30
C1 CHL FH . 32.94 -26.85 -41.92
C2 CHL FH . 32.94 -28.09 -41.06
C3 CHL FH . 32.24 -29.19 -41.38
C4 CHL FH . 31.44 -29.23 -42.65
C5 CHL FH . 32.30 -30.40 -40.47
C6 CHL FH . 31.01 -31.23 -40.57
C7 CHL FH . 31.28 -32.67 -40.12
C8 CHL FH . 30.58 -33.03 -38.83
C9 CHL FH . 29.68 -34.25 -39.01
C10 CHL FH . 31.62 -33.30 -37.74
MG CHL GH . 34.19 -11.00 -30.12
CHA CHL GH . 35.11 -7.76 -30.40
CHB CHL GH . 34.92 -10.94 -26.90
CHC CHL GH . 32.09 -13.65 -29.77
CHD CHL GH . 34.24 -11.38 -33.60
NA CHL GH . 34.78 -9.60 -28.84
C1A CHL GH . 34.92 -8.35 -29.07
C2A CHL GH . 34.96 -7.54 -27.81
C3A CHL GH . 35.48 -8.57 -26.85
C4A CHL GH . 35.06 -9.80 -27.56
CMA CHL GH . 36.99 -8.53 -26.75
CAA CHL GH . 33.55 -7.16 -27.39
CBA CHL GH . 33.35 -7.30 -25.88
CGA CHL GH . 32.30 -6.34 -25.41
O1A CHL GH . 32.61 -5.25 -24.95
O2A CHL GH . 30.89 -6.71 -25.50
NB CHL GH . 33.60 -12.14 -28.55
C1B CHL GH . 33.96 -11.98 -27.27
C2B CHL GH . 33.37 -12.94 -26.30
C3B CHL GH . 32.52 -13.74 -27.19
C4B CHL GH . 32.73 -13.17 -28.54
CMB CHL GH . 33.58 -13.05 -24.83
CAB CHL GH . 31.69 -14.88 -26.74
CBB CHL GH . 31.27 -15.81 -27.55
NC CHL GH . 33.33 -12.31 -31.45
C1C CHL GH . 32.49 -13.32 -31.15
C2C CHL GH . 32.02 -14.06 -32.35
C3C CHL GH . 32.66 -13.41 -33.49
C4C CHL GH . 33.43 -12.35 -32.81
CMC CHL GH . 31.12 -15.23 -32.40
OMC CHL GH . 30.63 -15.68 -31.39
CAC CHL GH . 32.54 -13.73 -34.95
CBC CHL GH . 31.34 -13.03 -35.51
ND CHL GH . 34.59 -9.89 -31.76
C1D CHL GH . 34.56 -10.05 -33.08
C2D CHL GH . 34.95 -8.80 -33.82
C3D CHL GH . 35.15 -7.90 -32.67
C4D CHL GH . 34.93 -8.58 -31.56
CMD CHL GH . 35.11 -8.33 -35.24
CAD CHL GH . 35.51 -6.51 -32.31
OBD CHL GH . 35.81 -5.57 -33.13
CBD CHL GH . 35.51 -6.39 -30.82
CGD CHL GH . 36.92 -6.08 -30.42
O1D CHL GH . 37.77 -5.88 -31.27
O2D CHL GH . 37.32 -5.97 -29.04
CED CHL GH . 38.66 -5.57 -28.76
C1 CHL GH . 30.10 -6.14 -26.53
C2 CHL GH . 29.07 -7.13 -27.04
C3 CHL GH . 27.78 -7.01 -26.69
C4 CHL GH . 27.32 -5.89 -25.80
C5 CHL GH . 26.77 -8.00 -27.22
MG CHL HH . 27.08 -32.12 -32.74
CHA CHL HH . 29.06 -31.23 -30.13
CHB CHL HH . 28.83 -30.13 -34.77
CHC CHL HH . 25.26 -33.36 -35.41
CHD CHL HH . 25.06 -34.01 -30.51
NA CHL HH . 28.68 -30.95 -32.54
C1A CHL HH . 29.37 -30.74 -31.48
C2A CHL HH . 30.56 -29.85 -31.69
C3A CHL HH . 30.43 -29.46 -33.12
C4A CHL HH . 29.24 -30.24 -33.52
CMA CHL HH . 30.16 -27.97 -33.19
CAA CHL HH . 31.90 -30.55 -31.47
CBA CHL HH . 31.87 -32.03 -31.79
CGA CHL HH . 33.06 -32.58 -31.06
O1A CHL HH . 33.16 -32.38 -29.86
O2A CHL HH . 34.13 -33.29 -31.74
NB CHL HH . 27.06 -31.79 -34.76
C1B CHL HH . 27.84 -30.95 -35.45
C2B CHL HH . 27.62 -30.90 -36.91
C3B CHL HH . 26.55 -31.86 -37.07
C4B CHL HH . 26.27 -32.35 -35.71
CMB CHL HH . 28.30 -30.08 -37.94
CAB CHL HH . 25.90 -32.23 -38.35
CBB CHL HH . 24.59 -32.32 -38.45
NC CHL HH . 25.50 -33.41 -32.93
C1C CHL HH . 24.90 -33.82 -34.06
C2C CHL HH . 23.80 -34.76 -33.85
C3C CHL HH . 23.73 -34.96 -32.41
C4C CHL HH . 24.82 -34.09 -31.95
CMC CHL HH . 22.96 -35.39 -34.88
OMC CHL HH . 23.47 -35.74 -35.93
CAC CHL HH . 22.85 -35.80 -31.56
CBC CHL HH . 23.54 -37.13 -31.39
ND CHL HH . 26.98 -32.58 -30.77
C1D CHL HH . 26.20 -33.30 -29.95
C2D CHL HH . 26.64 -33.26 -28.52
C3D CHL HH . 27.80 -32.42 -28.66
C4D CHL HH . 27.92 -32.08 -29.94
CMD CHL HH . 26.23 -33.82 -27.19
CAD CHL HH . 28.87 -31.80 -27.89
OBD CHL HH . 29.03 -31.94 -26.63
CBD CHL HH . 29.73 -31.03 -28.81
CGD CHL HH . 29.71 -29.61 -28.44
O1D CHL HH . 28.90 -28.85 -28.92
O2D CHL HH . 30.69 -29.13 -27.50
CED CHL HH . 31.24 -27.83 -27.69
C1 CHL HH . 35.16 -33.92 -30.99
C2 CHL HH . 35.94 -34.86 -31.88
C3 CHL HH . 36.94 -34.41 -32.65
C4 CHL HH . 37.29 -32.94 -32.65
C5 CHL HH . 37.72 -35.36 -33.53
MG CLA IH . 23.11 -22.60 -28.91
CHA CLA IH . 22.15 -24.10 -25.96
CHB CLA IH . 20.06 -23.23 -30.23
CHC CLA IH . 24.09 -21.03 -31.77
CHD CLA IH . 26.28 -21.94 -27.49
NA CLA IH . 21.40 -23.55 -28.19
C1A CLA IH . 21.21 -24.10 -26.93
C2A CLA IH . 19.80 -24.69 -26.81
C3A CLA IH . 19.23 -24.49 -28.22
C4A CLA IH . 20.29 -23.69 -28.95
CMA CLA IH . 19.02 -25.80 -28.90
CAA CLA IH . 18.98 -23.89 -25.81
CBA CLA IH . 19.01 -22.43 -26.17
CGA CLA IH . 18.24 -21.60 -25.19
O1A CLA IH . 18.17 -21.72 -23.97
O2A CLA IH . 17.53 -20.61 -25.80
NB CLA IH . 22.25 -22.20 -30.66
C1B CLA IH . 20.98 -22.50 -30.99
C2B CLA IH . 20.66 -21.94 -32.32
C3B CLA IH . 21.80 -21.32 -32.77
C4B CLA IH . 22.83 -21.50 -31.72
CMB CLA IH . 19.36 -22.12 -32.95
CAB CLA IH . 22.10 -20.61 -33.97
CBB CLA IH . 21.24 -20.34 -34.95
NC CLA IH . 24.87 -21.68 -29.52
C1C CLA IH . 25.05 -21.12 -30.74
C2C CLA IH . 26.38 -20.57 -30.85
C3C CLA IH . 26.99 -20.78 -29.63
C4C CLA IH . 26.04 -21.50 -28.79
CMC CLA IH . 26.90 -19.87 -32.03
CAC CLA IH . 28.33 -20.37 -29.22
CBC CLA IH . 29.38 -21.43 -29.42
ND CLA IH . 24.07 -22.97 -27.18
C1D CLA IH . 25.36 -22.64 -26.73
C2D CLA IH . 25.52 -23.13 -25.36
C3D CLA IH . 24.31 -23.69 -25.01
C4D CLA IH . 23.45 -23.57 -26.19
CMD CLA IH . 26.75 -22.96 -24.62
CAD CLA IH . 23.56 -24.38 -23.99
OBD CLA IH . 23.88 -24.75 -22.87
CBD CLA IH . 22.14 -24.62 -24.56
CGD CLA IH . 21.83 -26.06 -24.53
O1D CLA IH . 21.88 -26.85 -25.48
O2D CLA IH . 21.46 -26.53 -23.32
CED CLA IH . 21.19 -27.92 -23.22
C1 CLA IH . 16.97 -19.57 -24.97
C2 CLA IH . 16.39 -18.58 -25.90
C3 CLA IH . 17.08 -17.50 -26.33
C4 CLA IH . 18.48 -17.24 -25.91
C5 CLA IH . 16.47 -16.53 -27.28
MG CLA JH . 35.11 -35.35 -24.39
CHA CLA JH . 33.38 -38.06 -25.61
CHB CLA JH . 36.37 -37.31 -21.93
CHC CLA JH . 37.23 -32.84 -23.57
CHD CLA JH . 33.81 -33.42 -27.02
NA CLA JH . 34.81 -37.32 -23.80
C1A CLA JH . 34.09 -38.29 -24.48
C2A CLA JH . 34.17 -39.62 -23.74
C3A CLA JH . 34.78 -39.22 -22.39
C4A CLA JH . 35.38 -37.85 -22.71
CMA CLA JH . 33.75 -39.17 -21.31
CAA CLA JH . 35.09 -40.53 -24.51
CBA CLA JH . 36.21 -39.81 -25.24
CGA CLA JH . 37.28 -39.44 -24.26
O1A CLA JH . 37.61 -40.06 -23.26
O2A CLA JH . 37.91 -38.27 -24.52
NB CLA JH . 36.49 -35.08 -22.97
C1B CLA JH . 36.96 -36.06 -22.17
C2B CLA JH . 38.22 -35.62 -21.52
C3B CLA JH . 38.47 -34.36 -21.97
C4B CLA JH . 37.36 -34.00 -22.89
CMB CLA JH . 38.95 -36.46 -20.59
CAB CLA JH . 39.56 -33.48 -21.65
CBB CLA JH . 39.98 -33.22 -20.41
NC CLA JH . 35.39 -33.42 -25.10
C1C CLA JH . 36.29 -32.56 -24.60
C2C CLA JH . 36.22 -31.32 -25.32
C3C CLA JH . 35.29 -31.49 -26.32
C4C CLA JH . 34.76 -32.83 -26.17
CMC CLA JH . 37.04 -30.14 -25.02
CAC CLA JH . 34.87 -30.52 -27.32
CBC CLA JH . 35.69 -30.66 -28.57
ND CLA JH . 33.76 -35.57 -25.87
C1D CLA JH . 33.33 -34.69 -26.88
C2D CLA JH . 32.39 -35.41 -27.75
C3D CLA JH . 32.43 -36.72 -27.35
C4D CLA JH . 33.30 -36.76 -26.18
CMD CLA JH . 31.67 -34.82 -28.87
CAD CLA JH . 31.90 -38.05 -27.55
OBD CLA JH . 31.12 -38.48 -28.37
CBD CLA JH . 32.56 -38.96 -26.48
CGD CLA JH . 31.51 -39.70 -25.76
O1D CLA JH . 31.20 -39.63 -24.57
O2D CLA JH . 30.82 -40.56 -26.55
CED CLA JH . 30.22 -41.68 -25.89
C1 CLA JH . 39.27 -38.18 -24.02
C2 CLA JH . 39.94 -37.00 -24.61
C3 CLA JH . 41.23 -36.72 -24.34
C4 CLA JH . 42.06 -37.58 -23.47
C5 CLA JH . 41.92 -35.53 -24.92
C6 CLA JH . 43.41 -35.75 -25.12
C7 CLA JH . 44.18 -34.46 -24.96
C8 CLA JH . 44.08 -33.54 -26.17
C9 CLA JH . 44.65 -34.21 -27.41
C10 CLA JH . 44.82 -32.24 -25.92
C11 CLA JH . 44.59 -31.23 -27.03
C12 CLA JH . 45.81 -30.36 -27.22
C13 CLA JH . 45.48 -28.87 -27.23
C14 CLA JH . 45.21 -28.38 -28.64
C15 CLA JH . 46.60 -28.05 -26.61
MG CLA KH . 42.95 -33.76 -7.84
CHA CLA KH . 41.89 -35.89 -10.34
CHB CLA KH . 43.52 -36.42 -5.82
CHC CLA KH . 44.28 -31.64 -5.53
CHD CLA KH . 42.19 -31.02 -9.92
NA CLA KH . 42.69 -35.81 -8.06
C1A CLA KH . 42.25 -36.51 -9.17
C2A CLA KH . 42.20 -38.00 -8.89
C3A CLA KH . 42.42 -38.07 -7.38
C4A CLA KH . 42.93 -36.67 -7.04
CMA CLA KH . 41.14 -38.38 -6.66
CAA CLA KH . 43.30 -38.74 -9.60
CBA CLA KH . 44.59 -38.00 -9.51
CGA CLA KH . 45.17 -37.99 -10.87
O1A CLA KH . 45.19 -38.91 -11.69
O2A CLA KH . 45.72 -36.79 -11.20
NB CLA KH . 43.68 -33.98 -5.99
C1B CLA KH . 43.99 -35.16 -5.42
C2B CLA KH . 44.93 -34.96 -4.32
C3B CLA KH . 45.16 -33.62 -4.21
C4B CLA KH . 44.35 -32.97 -5.27
CMB CLA KH . 45.46 -36.06 -3.51
CAB CLA KH . 45.98 -32.91 -3.29
CBB CLA KH . 47.00 -32.12 -3.65
NC CLA KH . 43.14 -31.70 -7.72
C1C CLA KH . 43.68 -31.03 -6.67
C2C CLA KH . 43.63 -29.61 -6.92
C3C CLA KH . 43.07 -29.44 -8.17
C4C CLA KH . 42.75 -30.76 -8.67
CMC CLA KH . 44.12 -28.58 -6.00
CAC CLA KH . 42.80 -28.18 -8.88
CBC CLA KH . 41.39 -27.72 -8.59
ND CLA KH . 42.20 -33.45 -9.68
C1D CLA KH . 41.93 -32.27 -10.40
C2D CLA KH . 41.41 -32.63 -11.72
C3D CLA KH . 41.43 -34.01 -11.78
C4D CLA KH . 41.89 -34.47 -10.46
CMD CLA KH . 41.07 -31.65 -12.74
CAD CLA KH . 41.14 -35.19 -12.56
OBD CLA KH . 40.76 -35.28 -13.72
CBD CLA KH . 41.39 -36.42 -11.65
CGD CLA KH . 40.15 -37.23 -11.51
O1D CLA KH . 39.27 -37.11 -10.67
O2D CLA KH . 40.02 -38.20 -12.46
CED CLA KH . 40.06 -39.55 -11.99
C1 CLA KH . 47.15 -36.77 -11.40
C2 CLA KH . 47.53 -35.38 -11.73
C3 CLA KH . 48.53 -35.08 -12.58
C4 CLA KH . 49.31 -36.15 -13.25
C5 CLA KH . 48.87 -33.67 -12.90
C6 CLA KH . 48.69 -33.40 -14.38
C7 CLA KH . 48.72 -31.91 -14.71
C8 CLA KH . 48.23 -31.62 -16.12
C9 CLA KH . 48.28 -32.84 -17.01
C10 CLA KH . 49.04 -30.50 -16.76
MG CLA LH . 44.43 -31.61 -17.37
CHA CLA LH . 44.04 -34.95 -16.60
CHB CLA LH . 44.10 -32.32 -20.66
CHC CLA LH . 44.95 -28.30 -18.06
CHD CLA LH . 44.85 -30.93 -13.93
NA CLA LH . 44.09 -33.36 -18.43
C1A CLA LH . 43.96 -34.66 -17.93
C2A CLA LH . 43.74 -35.65 -19.05
C3A CLA LH . 43.71 -34.77 -20.31
C4A CLA LH . 43.98 -33.38 -19.79
CMA CLA LH . 44.78 -35.17 -21.27
CAA CLA LH . 42.44 -36.41 -18.91
CBA CLA LH . 42.43 -37.60 -19.84
CGA CLA LH . 43.50 -38.59 -19.49
O1A CLA LH . 43.38 -39.71 -18.98
O2A CLA LH . 44.76 -38.14 -19.79
NB CLA LH . 44.48 -30.51 -19.04
C1B CLA LH . 44.37 -30.99 -20.30
C2B CLA LH . 44.57 -29.90 -21.27
C3B CLA LH . 44.80 -28.76 -20.54
C4B CLA LH . 44.75 -29.14 -19.11
CMB CLA LH . 44.50 -30.09 -22.71
CAB CLA LH . 45.08 -27.42 -21.00
CBB CLA LH . 46.12 -26.67 -20.65
NC CLA LH . 44.80 -29.93 -16.20
C1C CLA LH . 44.98 -28.67 -16.69
C2C CLA LH . 45.25 -27.76 -15.61
C3C CLA LH . 45.21 -28.50 -14.43
C4C CLA LH . 44.93 -29.85 -14.82
CMC CLA LH . 45.53 -26.34 -15.76
CAC CLA LH . 45.43 -28.02 -13.07
CBC CLA LH . 46.89 -27.84 -12.76
ND CLA LH . 44.40 -32.63 -15.63
C1D CLA LH . 44.62 -32.23 -14.30
C2D CLA LH . 44.56 -33.41 -13.44
C3D CLA LH . 44.32 -34.48 -14.25
C4D CLA LH . 44.25 -33.94 -15.63
CMD CLA LH . 44.74 -33.35 -11.99
CAD CLA LH . 44.12 -35.90 -14.35
OBD CLA LH . 44.05 -36.71 -13.45
CBD CLA LH . 43.97 -36.25 -15.86
CGD CLA LH . 45.07 -37.15 -16.31
O1D CLA LH . 45.75 -37.04 -17.33
O2D CLA LH . 45.32 -38.19 -15.47
CED CLA LH . 45.33 -39.49 -16.06
C1 CLA LH . 45.75 -39.14 -20.11
C2 CLA LH . 46.15 -38.91 -21.52
C3 CLA LH . 46.65 -39.88 -22.30
C4 CLA LH . 47.04 -39.63 -23.71
C5 CLA LH . 46.86 -41.26 -21.78
C6 CLA LH . 48.10 -41.92 -22.32
C7 CLA LH . 49.35 -41.48 -21.56
MG CLA MH . 42.45 -15.18 -10.66
CHA CLA MH . 44.67 -12.60 -10.16
CHB CLA MH . 44.98 -17.40 -10.38
CHC CLA MH . 40.18 -17.72 -11.05
CHD CLA MH . 39.82 -12.85 -10.72
NA CLA MH . 44.50 -15.00 -10.34
C1A CLA MH . 45.23 -13.83 -10.14
C2A CLA MH . 46.68 -14.15 -9.90
C3A CLA MH . 46.76 -15.68 -10.01
C4A CLA MH . 45.32 -16.08 -10.26
CMA CLA MH . 47.67 -16.11 -11.12
CAA CLA MH . 47.02 -13.74 -8.49
CBA CLA MH . 46.27 -14.59 -7.50
CGA CLA MH . 44.98 -13.94 -7.14
O1A CLA MH . 44.80 -12.81 -6.73
O2A CLA MH . 43.90 -14.75 -7.31
NB CLA MH . 42.55 -17.18 -10.63
C1B CLA MH . 43.70 -17.89 -10.60
C2B CLA MH . 43.40 -19.32 -10.87
C3B CLA MH . 42.05 -19.42 -11.05
C4B CLA MH . 41.49 -18.06 -10.91
CMB CLA MH . 44.44 -20.32 -10.91
CAB CLA MH . 41.24 -20.56 -11.36
CBB CLA MH . 41.14 -21.64 -10.59
NC CLA MH . 40.39 -15.26 -10.92
C1C CLA MH . 39.67 -16.40 -11.07
C2C CLA MH . 38.27 -16.09 -11.21
C3C CLA MH . 38.15 -14.72 -11.08
C4C CLA MH . 39.49 -14.20 -10.87
CMC CLA MH . 37.23 -17.08 -11.44
CAC CLA MH . 36.92 -13.93 -11.14
CBC CLA MH . 36.10 -14.09 -9.89
ND CLA MH . 42.23 -13.18 -10.69
C1D CLA MH . 41.09 -12.36 -10.63
C2D CLA MH . 41.52 -10.96 -10.49
C3D CLA MH . 42.90 -10.98 -10.40
C4D CLA MH . 43.29 -12.40 -10.43
CMD CLA MH . 40.60 -9.83 -10.50
CAD CLA MH . 44.11 -10.22 -10.25
OBD CLA MH . 44.28 -9.00 -10.33
CBD CLA MH . 45.25 -11.22 -9.92
CGD CLA MH . 46.52 -10.96 -10.69
O1D CLA MH . 47.19 -11.74 -11.35
O2D CLA MH . 46.97 -9.69 -10.61
CED CLA MH . 48.15 -9.40 -11.35
C1 CLA MH . 42.69 -14.42 -6.59
C2 CLA MH . 41.76 -15.57 -6.80
C3 CLA MH . 40.45 -15.50 -6.56
C4 CLA MH . 39.83 -14.27 -6.05
C5 CLA MH . 39.56 -16.67 -6.78
C6 CLA MH . 39.86 -17.85 -5.88
C7 CLA MH . 40.55 -18.96 -6.65
C8 CLA MH . 40.32 -20.32 -6.03
C9 CLA MH . 40.29 -20.22 -4.51
C10 CLA MH . 41.38 -21.33 -6.45
C11 CLA MH . 40.83 -22.75 -6.45
MG CLA NH . 49.69 -17.26 -4.81
CHA CLA NH . 47.02 -15.89 -3.17
CHB CLA NH . 51.75 -16.10 -2.36
CHC CLA NH . 52.31 -18.83 -6.33
CHD CLA NH . 47.48 -18.56 -7.26
NA CLA NH . 49.41 -16.12 -3.10
C1A CLA NH . 48.21 -15.65 -2.59
C2A CLA NH . 48.44 -14.87 -1.31
C3A CLA NH . 49.97 -14.73 -1.25
C4A CLA NH . 50.44 -15.72 -2.30
CMA CLA NH . 50.41 -13.33 -1.63
CAA CLA NH . 47.92 -15.66 -0.14
CBA CLA NH . 48.33 -17.11 -0.22
CGA CLA NH . 47.39 -17.93 0.59
O1A CLA NH . 47.40 -19.15 0.79
O2A CLA NH . 46.41 -17.18 1.18
NB CLA NH . 51.67 -17.36 -4.47
C1B CLA NH . 52.27 -16.99 -3.31
C2B CLA NH . 53.60 -17.61 -3.19
C3B CLA NH . 53.77 -18.38 -4.31
C4B CLA NH . 52.55 -18.22 -5.15
CMB CLA NH . 54.46 -17.38 -2.04
CAB CLA NH . 54.89 -19.19 -4.70
CBB CLA NH . 55.73 -18.86 -5.67
NC CLA NH . 49.87 -18.41 -6.53
C1C CLA NH . 51.05 -18.91 -6.98
C2C CLA NH . 50.83 -19.63 -8.22
C3C CLA NH . 49.46 -19.61 -8.46
C4C CLA NH . 48.85 -18.83 -7.40
CMC CLA NH . 51.89 -20.30 -8.96
CAC CLA NH . 48.74 -20.22 -9.60
CBC CLA NH . 48.64 -21.72 -9.47
ND CLA NH . 47.73 -17.21 -5.23
C1D CLA NH . 46.94 -17.81 -6.24
C2D CLA NH . 45.53 -17.48 -5.99
C3D CLA NH . 45.50 -16.75 -4.83
C4D CLA NH . 46.89 -16.62 -4.39
CMD CLA NH . 44.42 -17.90 -6.84
CAD CLA NH . 44.69 -16.06 -3.86
OBD CLA NH . 43.47 -15.94 -3.83
CBD CLA NH . 45.63 -15.49 -2.77
CGD CLA NH . 45.55 -14.00 -2.67
O1D CLA NH . 46.33 -13.23 -2.11
O2D CLA NH . 44.45 -13.46 -3.24
CED CLA NH . 43.46 -13.08 -2.31
MG CLA OH . 34.27 -7.02 -5.34
CHA CLA OH . 34.92 -7.85 -8.62
CHB CLA OH . 32.60 -4.26 -6.36
CHC CLA OH . 33.44 -6.39 -2.07
CHD CLA OH . 35.94 -9.94 -4.32
NA CLA OH . 33.86 -6.19 -7.20
C1A CLA OH . 34.19 -6.70 -8.46
C2A CLA OH . 33.68 -5.78 -9.56
C3A CLA OH . 33.06 -4.61 -8.79
C4A CLA OH . 33.16 -5.04 -7.34
CMA CLA OH . 33.85 -3.35 -9.02
CAA CLA OH . 32.59 -6.47 -10.36
CBA CLA OH . 31.59 -5.48 -10.93
CGA CLA OH . 32.20 -4.57 -11.96
O1A CLA OH . 33.36 -4.54 -12.34
O2A CLA OH . 31.31 -3.68 -12.52
NB CLA OH . 33.11 -5.67 -4.40
C1B CLA OH . 32.65 -4.53 -4.98
C2B CLA OH . 32.20 -3.58 -3.94
C3B CLA OH . 32.43 -4.17 -2.73
C4B CLA OH . 33.03 -5.50 -3.01
CMB CLA OH . 31.67 -2.26 -4.25
CAB CLA OH . 32.22 -3.68 -1.40
CBB CLA OH . 31.47 -4.27 -0.47
NC CLA OH . 34.67 -7.97 -3.53
C1C CLA OH . 34.24 -7.54 -2.31
C2C CLA OH . 34.67 -8.46 -1.27
C3C CLA OH . 35.37 -9.48 -1.91
C4C CLA OH . 35.36 -9.17 -3.32
CMC CLA OH . 34.39 -8.30 0.16
CAC CLA OH . 35.99 -10.66 -1.30
CBC CLA OH . 37.35 -10.37 -0.71
ND CLA OH . 35.40 -8.44 -6.18
C1D CLA OH . 35.96 -9.64 -5.65
C2D CLA OH . 36.55 -10.42 -6.75
C3D CLA OH . 36.22 -9.74 -7.89
C4D CLA OH . 35.45 -8.57 -7.50
CMD CLA OH . 37.29 -11.64 -6.59
CAD CLA OH . 36.35 -9.71 -9.32
OBD CLA OH . 37.07 -10.37 -10.06
CBD CLA OH . 35.39 -8.60 -9.84
CGD CLA OH . 36.17 -7.75 -10.78
O1D CLA OH . 37.39 -7.77 -10.94
O2D CLA OH . 35.45 -6.88 -11.52
CED CLA OH . 35.73 -6.81 -12.92
C1 CLA OH . 31.09 -2.42 -11.85
C2 CLA OH . 32.38 -1.69 -11.83
C3 CLA OH . 32.67 -0.73 -10.94
C4 CLA OH . 31.74 -0.30 -9.88
C5 CLA OH . 34.00 -0.04 -10.98
C6 CLA OH . 34.94 -0.61 -12.02
C7 CLA OH . 36.10 0.31 -12.30
C8 CLA OH . 36.55 0.23 -13.75
C9 CLA OH . 37.92 -0.42 -13.85
C10 CLA OH . 36.59 1.61 -14.39
C11 CLA OH . 35.21 2.05 -14.83
C12 CLA OH . 35.06 1.91 -16.32
C13 CLA OH . 33.61 1.62 -16.69
C14 CLA OH . 32.73 2.75 -16.21
C15 CLA OH . 33.16 0.28 -16.13
C16 CLA OH . 32.96 -0.78 -17.20
C17 CLA OH . 34.26 -1.26 -17.82
C18 CLA OH . 34.20 -2.70 -18.34
C19 CLA OH . 33.50 -3.61 -17.34
C20 CLA OH . 33.52 -2.79 -19.68
C1 XAT PH . 46.51 -19.44 -14.97
C2 XAT PH . 46.76 -18.08 -14.35
C3 XAT PH . 45.93 -17.06 -15.07
C4 XAT PH . 44.54 -17.29 -14.57
C5 XAT PH . 44.02 -18.65 -15.04
C6 XAT PH . 45.05 -19.76 -15.28
C7 XAT PH . 44.54 -21.14 -14.88
C8 XAT PH . 44.06 -22.00 -15.78
C9 XAT PH . 43.61 -23.31 -15.27
C10 XAT PH . 43.00 -24.24 -16.05
C11 XAT PH . 42.70 -24.11 -17.48
C12 XAT PH . 42.21 -25.06 -18.31
C13 XAT PH . 41.81 -26.49 -18.09
C14 XAT PH . 41.66 -27.30 -19.14
C15 XAT PH . 41.93 -26.85 -20.50
C16 XAT PH . 47.05 -20.52 -14.06
C17 XAT PH . 47.25 -19.47 -16.28
C18 XAT PH . 42.76 -19.18 -14.35
C19 XAT PH . 43.86 -23.63 -13.83
C20 XAT PH . 41.51 -27.07 -16.75
O3 XAT PH . 46.34 -15.74 -14.70
O4 XAT PH . 44.39 -19.09 -16.34
C21 XAT PH . 38.50 -36.89 -27.22
C22 XAT PH . 38.66 -38.32 -27.70
C23 XAT PH . 38.21 -38.45 -29.13
C24 XAT PH . 39.32 -37.81 -29.91
C25 XAT PH . 39.38 -36.32 -29.63
C26 XAT PH . 38.96 -35.83 -28.23
C27 XAT PH . 39.82 -34.67 -27.74
C28 XAT PH . 39.26 -33.68 -27.07
C29 XAT PH . 39.99 -32.50 -26.59
C30 XAT PH . 39.91 -32.11 -25.30
C31 XAT PH . 40.57 -30.90 -24.81
C32 XAT PH . 40.37 -30.50 -23.56
C33 XAT PH . 41.01 -29.24 -23.13
C34 XAT PH . 41.05 -28.79 -21.86
C35 XAT PH . 41.69 -27.50 -21.64
C36 XAT PH . 39.23 -36.74 -25.89
C37 XAT PH . 37.00 -36.66 -27.04
C38 XAT PH . 40.62 -35.56 -30.10
C39 XAT PH . 40.81 -31.71 -27.55
C40 XAT PH . 41.60 -28.41 -24.22
O23 XAT PH . 38.11 -39.83 -29.48
O24 XAT PH . 38.15 -35.61 -29.39
C1 XAT QH . 36.88 -15.48 -27.35
C2 XAT QH . 37.64 -15.00 -28.57
C3 XAT QH . 39.11 -15.27 -28.41
C4 XAT QH . 39.26 -16.76 -28.59
C5 XAT QH . 38.47 -17.55 -27.54
C6 XAT QH . 37.27 -16.88 -26.87
C7 XAT QH . 36.14 -17.84 -26.58
C8 XAT QH . 35.98 -18.21 -25.31
C9 XAT QH . 34.93 -19.15 -24.87
C10 XAT QH . 34.62 -19.13 -23.57
C11 XAT QH . 33.60 -19.98 -22.96
C12 XAT QH . 33.35 -19.75 -21.67
C13 XAT QH . 32.36 -20.47 -20.87
C14 XAT QH . 32.22 -20.11 -19.60
C15 XAT QH . 31.28 -20.75 -18.69
C16 XAT QH . 35.41 -15.46 -27.68
C17 XAT QH . 37.13 -14.50 -26.21
C18 XAT QH . 38.15 -19.01 -27.88
C19 XAT QH . 34.22 -20.05 -25.82
C20 XAT QH . 31.56 -21.59 -21.45
O3 XAT QH . 39.83 -14.60 -29.43
O4 XAT QH . 38.50 -17.10 -26.19
C21 XAT QH . 24.55 -22.03 -9.22
C22 XAT QH . 23.99 -22.66 -7.97
C23 XAT QH . 23.27 -23.91 -8.36
C24 XAT QH . 24.38 -24.92 -8.54
C25 XAT QH . 25.29 -24.52 -9.71
C26 XAT QH . 25.39 -23.01 -10.04
C27 XAT QH . 26.72 -22.45 -10.54
C28 XAT QH . 27.91 -22.43 -9.94
C29 XAT QH . 28.95 -21.76 -10.69
C30 XAT QH . 28.83 -21.71 -12.02
C31 XAT QH . 29.82 -21.05 -12.86
C32 XAT QH . 29.62 -21.13 -14.17
C33 XAT QH . 30.52 -20.52 -15.15
C34 XAT QH . 30.38 -20.85 -16.44
C35 XAT QH . 31.27 -20.28 -17.44
C36 XAT QH . 25.31 -20.78 -8.85
C37 XAT QH . 23.35 -21.61 -10.06
C38 XAT QH . 26.57 -25.33 -9.85
C39 XAT QH . 30.12 -21.12 -10.00
C40 XAT QH . 31.56 -19.56 -14.70
O23 XAT QH . 22.42 -24.34 -7.31
O24 XAT QH . 24.70 -23.95 -10.87
C01 8CT RH . 18.78 -26.96 -47.45
C02 8CT RH . 18.65 -28.49 -47.68
C03 8CT RH . 19.34 -29.51 -46.68
C04 8CT RH . 18.58 -30.70 -46.32
C05 8CT RH . 17.69 -31.28 -47.58
C06 8CT RH . 16.87 -30.33 -48.11
C07 8CT RH . 17.72 -29.02 -48.66
C08 8CT RH . 19.53 -31.78 -45.84
C09 8CT RH . 17.61 -30.35 -45.19
C10 8CT RH . 20.54 -29.04 -45.82
C11 8CT RH . 21.64 -28.57 -46.43
C12 8CT RH . 22.84 -28.09 -45.60
C13 8CT RH . 23.41 -28.91 -44.66
C14 8CT RH . 24.62 -28.39 -43.83
C15 8CT RH . 24.78 -28.85 -42.55
C16 8CT RH . 25.99 -28.36 -41.63
C17 8CT RH . 25.83 -28.43 -40.28
C18 8CT RH . 26.88 -28.00 -39.23
C19 8CT RH . 28.06 -27.37 -39.47
C20 8CT RH . 28.93 -27.08 -38.19
C21 8CT RH . 30.14 -26.47 -38.18
C22 8CT RH . 30.81 -26.00 -39.48
C23 8CT RH . 30.84 -26.27 -36.78
C24 8CT RH . 32.05 -25.61 -36.58
C25 8CT RH . 32.56 -25.53 -35.10
C26 8CT RH . 33.64 -24.80 -34.66
C27 8CT RH . 33.99 -24.85 -33.16
C28 8CT RH . 34.56 -23.92 -35.62
C29 8CT RH . 35.54 -23.12 -35.01
C30 8CT RH . 36.51 -22.23 -35.83
C31 8CT RH . 36.50 -20.89 -35.25
C32 8CT RH . 37.80 -20.44 -34.45
C33 8CT RH . 39.09 -20.75 -35.04
C34 8CT RH . 39.00 -22.02 -36.09
C35 8CT RH . 38.00 -22.90 -35.74
C36 8CT RH . 38.05 -24.09 -36.70
C37 8CT RH . 38.25 -23.39 -34.28
C38 8CT RH . 35.18 -20.17 -35.02
C39 8CT RH . 27.30 -27.83 -42.25
C40 8CT RH . 23.40 -26.68 -45.81
C1 LMG SH . 40.47 -32.43 -6.10
O1 LMG SH . 40.10 -31.11 -6.35
C2 LMG SH . 40.35 -32.57 -4.59
O2 LMG SH . 41.38 -31.78 -4.11
C3 LMG SH . 40.72 -34.01 -4.31
O3 LMG SH . 40.51 -34.17 -2.93
C4 LMG SH . 39.74 -34.89 -5.07
O4 LMG SH . 38.47 -34.59 -4.66
C5 LMG SH . 39.83 -34.49 -6.56
O5 LMG SH . 37.62 -34.67 -7.11
C6 LMG SH . 38.82 -35.33 -7.31
O6 LMG SH . 39.49 -33.18 -6.70
C7 LMG SH . 39.42 -30.93 -7.54
C8 LMG SH . 38.24 -30.04 -7.16
C9 LMG SH . 38.67 -29.22 -5.93
O7 LMG SH . 38.04 -29.11 -8.18
C10 LMG SH . 37.52 -29.55 -9.36
O9 LMG SH . 37.06 -30.67 -9.44
C11 LMG SH . 37.34 -28.44 -10.34
C12 LMG SH . 36.40 -27.43 -9.76
C13 LMG SH . 37.11 -26.26 -9.13
C14 LMG SH . 36.15 -25.71 -8.11
C15 LMG SH . 36.61 -24.33 -7.74
C16 LMG SH . 35.64 -23.73 -6.74
C17 LMG SH . 35.88 -22.25 -6.75
C18 LMG SH . 35.05 -21.67 -5.65
C19 LMG SH . 33.71 -21.39 -6.23
C20 LMG SH . 33.40 -19.96 -5.93
C21 LMG SH . 32.06 -19.93 -5.28
C22 LMG SH . 31.08 -20.00 -6.41
C23 LMG SH . 29.75 -20.34 -5.80
C24 LMG SH . 28.93 -19.09 -5.91
C25 LMG SH . 27.50 -19.51 -6.00
C26 LMG SH . 26.68 -18.26 -6.18
C27 LMG SH . 26.52 -17.59 -4.84
O8 LMG SH . 38.16 -27.93 -6.08
C28 LMG SH . 38.57 -27.03 -5.17
O10 LMG SH . 39.63 -27.24 -4.60
C29 LMG SH . 37.56 -26.03 -4.76
C30 LMG SH . 37.41 -25.98 -3.24
C31 LMG SH . 38.04 -24.71 -2.72
C32 LMG SH . 37.30 -23.54 -3.32
C33 LMG SH . 36.19 -23.19 -2.38
C34 LMG SH . 36.34 -21.75 -1.99
MG CLA TH . 64.03 -11.85 19.45
CHA CLA TH . 65.01 -9.91 22.13
CHB CLA TH . 66.78 -10.87 17.73
CHC CLA TH . 63.13 -13.99 16.91
CHD CLA TH . 61.18 -12.86 21.28
NA CLA TH . 65.60 -10.55 19.87
C1A CLA TH . 65.84 -9.84 21.05
C2A CLA TH . 67.10 -9.00 20.93
C3A CLA TH . 67.57 -9.24 19.48
C4A CLA TH . 66.58 -10.30 18.97
CMA CLA TH . 67.49 -8.01 18.63
CAA CLA TH . 68.17 -9.46 21.91
CBA CLA TH . 69.56 -9.30 21.31
CGA CLA TH . 70.41 -8.41 22.18
O1A CLA TH . 70.99 -8.70 23.24
O2A CLA TH . 70.52 -7.14 21.71
NB CLA TH . 64.82 -12.35 17.67
C1B CLA TH . 65.96 -11.84 17.15
C2B CLA TH . 66.23 -12.47 15.83
C3B CLA TH . 65.20 -13.35 15.59
C4B CLA TH . 64.28 -13.28 16.76
CMB CLA TH . 67.37 -12.13 15.01
CAB CLA TH . 64.97 -14.21 14.46
CBB CLA TH . 63.93 -14.12 13.63
NC CLA TH . 62.41 -13.14 19.15
C1C CLA TH . 62.25 -13.91 18.03
C2C CLA TH . 61.03 -14.70 18.15
C3C CLA TH . 60.48 -14.40 19.38
C4C CLA TH . 61.36 -13.41 20.01
CMC CLA TH . 60.53 -15.63 17.13
CAC CLA TH . 59.24 -14.96 19.94
CBC CLA TH . 58.02 -14.24 19.43
ND CLA TH . 63.16 -11.42 21.21
C1D CLA TH . 62.02 -11.94 21.87
C2D CLA TH . 61.92 -11.35 23.22
C3D CLA TH . 63.05 -10.57 23.38
C4D CLA TH . 63.79 -10.66 22.10
CMD CLA TH . 60.84 -11.62 24.15
CAD CLA TH . 63.78 -9.68 24.25
OBD CLA TH . 63.51 -9.28 25.38
CBD CLA TH . 65.08 -9.27 23.50
CGD CLA TH . 65.23 -7.79 23.40
O1D CLA TH . 64.99 -7.08 22.42
O2D CLA TH . 65.69 -7.20 24.54
CED CLA TH . 67.09 -7.16 24.75
C1 CLA TH . 69.58 -6.18 22.20
C2 CLA TH . 68.73 -5.79 21.06
C3 CLA TH . 69.10 -4.86 20.15
C4 CLA TH . 70.40 -4.16 20.27
C5 CLA TH . 68.22 -4.51 19.02
C6 CLA TH . 67.75 -3.07 19.03
C7 CLA TH . 67.56 -2.54 17.62
MG CHL UH . 64.55 -34.65 44.36
CHA CHL UH . 64.53 -33.70 47.61
CHB CHL UH . 62.58 -32.08 43.65
CHC CHL UH . 65.14 -35.33 41.11
CHD CHL UH . 65.76 -37.84 45.29
NA CHL UH . 63.90 -33.06 45.35
C1A CHL UH . 64.10 -32.76 46.56
C2A CHL UH . 63.91 -31.31 46.87
C3A CHL UH . 63.07 -30.87 45.70
C4A CHL UH . 63.17 -32.07 44.82
CMA CHL UH . 61.63 -30.71 46.11
CAA CHL UH . 65.27 -30.65 46.84
CBA CHL UH . 65.21 -29.14 46.72
CGA CHL UH . 66.43 -28.60 47.44
O1A CHL UH . 66.51 -28.73 48.65
O2A CHL UH . 67.51 -27.94 46.75
NB CHL UH . 63.95 -33.80 42.61
C1B CHL UH . 63.14 -32.74 42.46
C2B CHL UH . 62.85 -32.35 41.06
C3B CHL UH . 63.63 -33.33 40.33
C4B CHL UH . 64.25 -34.18 41.36
CMB CHL UH . 62.00 -31.23 40.52
CAB CHL UH . 63.72 -33.42 38.85
CBB CHL UH . 64.02 -34.54 38.25
NC CHL UH . 65.30 -36.28 43.37
C1C CHL UH . 65.47 -36.41 42.04
C2C CHL UH . 66.04 -37.71 41.64
C3C CHL UH . 66.23 -38.45 42.88
C4C CHL UH . 65.74 -37.48 43.87
CMC CHL UH . 66.36 -38.17 40.27
OMC CHL UH . 65.84 -37.66 39.30
CAC CHL UH . 66.76 -39.84 43.09
CBC CHL UH . 65.61 -40.78 43.34
ND CHL UH . 65.07 -35.65 46.04
C1D CHL UH . 65.52 -36.87 46.36
C2D CHL UH . 65.72 -37.06 47.84
C3D CHL UH . 65.29 -35.73 48.30
C4D CHL UH . 64.95 -35.02 47.23
CMD CHL UH . 66.19 -38.13 48.78
CAD CHL UH . 65.12 -34.90 49.50
OBD CHL UH . 65.36 -35.27 50.70
CBD CHL UH . 64.62 -33.55 49.08
CGD CHL UH . 63.28 -33.29 49.67
O1D CHL UH . 62.94 -32.16 49.93
O2D CHL UH . 62.37 -34.39 49.90
CED CHL UH . 61.02 -34.14 50.26
C1 CHL UH . 68.50 -27.24 47.51
C2 CHL UH . 69.67 -28.14 47.81
C3 CHL UH . 70.81 -28.14 47.11
C4 CHL UH . 71.89 -29.09 47.52
C5 CHL UH . 71.03 -27.24 45.92
C6 CHL UH . 72.17 -26.26 46.19
C7 CHL UH . 73.50 -26.63 45.54
C8 CHL UH . 74.66 -26.15 46.40
C9 CHL UH . 74.77 -26.93 47.69
C10 CHL UH . 75.97 -26.24 45.61
C11 CHL UH . 77.18 -26.16 46.54
C12 CHL UH . 78.32 -26.94 45.94
C13 CHL UH . 78.77 -28.07 46.85
C14 CHL UH . 80.13 -27.76 47.45
C15 CHL UH . 78.78 -29.38 46.06
MG CLA VH . 62.50 -37.52 31.75
CHA CLA VH . 60.35 -39.68 33.40
CHB CLA VH . 60.97 -38.24 28.82
CHC CLA VH . 64.48 -35.20 30.21
CHD CLA VH . 64.02 -36.75 34.83
NA CLA VH . 60.96 -38.80 31.21
C1A CLA VH . 60.17 -39.62 32.04
C2A CLA VH . 59.15 -40.39 31.22
C3A CLA VH . 59.50 -40.04 29.76
C4A CLA VH . 60.55 -38.95 29.91
CMA CLA VH . 60.05 -41.23 29.04
CAA CLA VH . 57.77 -39.85 31.51
CBA CLA VH . 57.71 -38.38 31.18
CGA CLA VH . 56.68 -38.17 30.12
O1A CLA VH . 55.80 -38.95 29.74
O2A CLA VH . 56.74 -36.93 29.56
NB CLA VH . 62.66 -36.83 29.89
C1B CLA VH . 61.94 -37.24 28.83
C2B CLA VH . 62.36 -36.50 27.62
C3B CLA VH . 63.36 -35.65 28.00
C4B CLA VH . 63.57 -35.85 29.45
CMB CLA VH . 61.78 -36.76 26.31
CAB CLA VH . 64.15 -34.74 27.26
CBB CLA VH . 63.72 -34.09 26.18
NC CLA VH . 64.01 -36.25 32.40
C1C CLA VH . 64.70 -35.40 31.60
C2C CLA VH . 65.69 -34.66 32.38
C3C CLA VH . 65.55 -35.10 33.68
C4C CLA VH . 64.50 -36.10 33.69
CMC CLA VH . 66.59 -33.65 31.87
CAC CLA VH . 66.35 -34.67 34.83
CBC CLA VH . 65.76 -33.50 35.55
ND CLA VH . 62.39 -38.16 33.65
C1D CLA VH . 63.01 -37.68 34.83
C2D CLA VH . 62.40 -38.38 36.00
C3D CLA VH . 61.41 -39.18 35.49
C4D CLA VH . 61.41 -38.98 34.04
CMD CLA VH . 62.82 -38.16 37.37
CAD CLA VH . 60.37 -40.12 35.79
OBD CLA VH . 60.08 -40.63 36.87
CBD CLA VH . 59.61 -40.41 34.49
CGD CLA VH . 59.67 -41.87 34.20
O1D CLA VH . 58.79 -42.62 33.80
O2D CLA VH . 60.88 -42.42 34.43
CED CLA VH . 61.35 -43.32 33.43
C1 CLA VH . 57.47 -36.80 28.32
C2 CLA VH . 58.37 -35.63 28.49
C3 CLA VH . 58.63 -34.74 27.52
C4 CLA VH . 58.01 -34.83 26.17
C5 CLA VH . 59.54 -33.61 27.75
C6 CLA VH . 58.97 -32.29 27.30
C7 CLA VH . 59.94 -31.20 27.69
C8 CLA VH . 59.31 -29.83 27.60
C9 CLA VH . 58.71 -29.62 26.23
C10 CLA VH . 60.36 -28.75 27.88
C11 CLA VH . 60.00 -27.91 29.09
C12 CLA VH . 61.06 -26.86 29.35
C13 CLA VH . 61.79 -27.10 30.65
C14 CLA VH . 60.83 -27.09 31.83
C15 CLA VH . 62.88 -26.06 30.87
C16 CLA VH . 64.23 -26.70 31.13
C17 CLA VH . 64.53 -26.77 32.61
C18 CLA VH . 66.02 -26.94 32.87
C19 CLA VH . 66.27 -27.93 33.99
C20 CLA VH . 66.64 -25.61 33.23
MG CLA WH . 65.19 -31.25 21.91
CHA CLA WH . 62.99 -33.37 20.32
CHB CLA WH . 63.10 -31.03 24.55
CHC CLA WH . 67.41 -29.09 23.41
CHD CLA WH . 67.29 -31.42 19.08
NA CLA WH . 63.35 -32.09 22.35
C1A CLA WH . 62.59 -32.96 21.57
C2A CLA WH . 61.28 -33.33 22.25
C3A CLA WH . 61.34 -32.53 23.57
C4A CLA WH . 62.69 -31.84 23.51
CMA CLA WH . 60.24 -31.52 23.57
CAA CLA WH . 61.16 -34.80 22.57
CBA CLA WH . 59.73 -35.14 22.91
CGA CLA WH . 58.91 -35.14 21.67
O1A CLA WH . 58.74 -36.05 20.86
O2A CLA WH . 58.26 -33.95 21.43
NB CLA WH . 65.28 -30.30 23.67
C1B CLA WH . 64.29 -30.31 24.60
C2B CLA WH . 64.65 -29.40 25.70
C3B CLA WH . 65.86 -28.84 25.40
C4B CLA WH . 66.28 -29.41 24.09
CMB CLA WH . 63.78 -29.18 26.84
CAB CLA WH . 66.62 -27.86 26.11
CBB CLA WH . 66.13 -26.70 26.54
NC CLA WH . 67.03 -30.43 21.35
C1C CLA WH . 67.75 -29.57 22.12
C2C CLA WH . 68.95 -29.20 21.41
C3C CLA WH . 68.93 -29.86 20.19
C4C CLA WH . 67.72 -30.64 20.16
CMC CLA WH . 69.96 -28.27 21.93
CAC CLA WH . 69.93 -29.77 19.12
CBC CLA WH . 70.72 -31.05 18.96
ND CLA WH . 65.20 -32.14 20.10
C1D CLA WH . 66.11 -32.12 19.02
C2D CLA WH . 65.58 -32.93 17.94
C3D CLA WH . 64.40 -33.44 18.39
C4D CLA WH . 64.20 -32.92 19.74
CMD CLA WH . 66.21 -33.12 16.64
CAD CLA WH . 63.26 -34.25 18.06
OBD CLA WH . 63.01 -34.84 17.03
CBD CLA WH . 62.33 -34.24 19.29
CGD CLA WH . 61.04 -33.63 18.88
O1D CLA WH . 60.85 -32.49 18.45
O2D CLA WH . 59.98 -34.47 19.02
CED CLA WH . 59.41 -34.96 17.81
C1 CLA WH . 57.11 -33.99 20.56
C2 CLA WH . 56.52 -32.63 20.56
C3 CLA WH . 56.30 -31.91 19.45
C4 CLA WH . 55.71 -30.56 19.51
C5 CLA WH . 56.64 -32.42 18.09
C6 CLA WH . 55.89 -31.69 16.99
C7 CLA WH . 56.76 -31.47 15.76
C8 CLA WH . 56.98 -30.00 15.41
C9 CLA WH . 55.85 -29.11 15.91
C10 CLA WH . 57.13 -29.83 13.90
C11 CLA WH . 57.53 -28.42 13.54
C12 CLA WH . 58.80 -28.01 14.26
C13 CLA WH . 59.68 -27.11 13.39
C14 CLA WH . 60.26 -27.89 12.24
C15 CLA WH . 60.79 -26.49 14.22
C16 CLA WH . 60.26 -25.94 15.54
C17 CLA WH . 61.08 -24.76 16.02
C18 CLA WH . 61.69 -25.02 17.39
C19 CLA WH . 60.77 -24.60 18.51
C20 CLA WH . 63.03 -24.31 17.51
MG CLA XH . 84.62 -31.79 19.34
CHA CLA XH . 87.09 -29.97 17.80
CHB CLA XH . 82.28 -30.03 17.63
CHC CLA XH . 82.23 -33.78 20.71
CHD CLA XH . 87.10 -33.65 21.04
NA CLA XH . 84.69 -30.22 17.98
C1A CLA XH . 85.83 -29.59 17.48
C2A CLA XH . 85.46 -28.50 16.49
C3A CLA XH . 83.93 -28.37 16.67
C4A CLA XH . 83.58 -29.61 17.48
CMA CLA XH . 83.58 -27.08 17.37
CAA CLA XH . 85.76 -28.99 15.10
CBA CLA XH . 85.49 -30.48 14.93
CGA CLA XH . 86.76 -31.22 14.61
O1A CLA XH . 87.48 -31.08 13.62
O2A CLA XH . 87.11 -32.17 15.53
NB CLA XH . 82.61 -31.78 19.32
C1B CLA XH . 81.89 -31.17 18.35
C2B CLA XH . 80.63 -31.90 18.09
C3B CLA XH . 80.60 -32.96 18.93
C4B CLA XH . 81.85 -32.90 19.74
CMB CLA XH . 79.66 -31.49 17.09
CAB CLA XH . 79.57 -33.95 19.08
CBB CLA XH . 79.75 -35.26 19.27
NC CLA XH . 84.66 -33.36 20.70
C1C CLA XH . 83.55 -33.99 21.17
C2C CLA XH . 83.93 -34.99 22.15
C3C CLA XH . 85.30 -35.01 22.18
C4C CLA XH . 85.77 -33.97 21.28
CMC CLA XH . 82.99 -35.85 22.87
CAC CLA XH . 86.16 -35.86 23.01
CBC CLA XH . 86.23 -37.25 22.43
ND CLA XH . 86.62 -31.89 19.41
C1D CLA XH . 87.52 -32.68 20.16
C2D CLA XH . 88.90 -32.32 19.79
C3D CLA XH . 88.79 -31.30 18.86
C4D CLA XH . 87.35 -31.04 18.69
CMD CLA XH . 90.11 -32.98 20.30
CAD CLA XH . 89.49 -30.41 17.96
OBD CLA XH . 90.68 -30.37 17.66
CBD CLA XH . 88.44 -29.44 17.37
CGD CLA XH . 88.68 -28.09 17.96
O1D CLA XH . 89.77 -27.56 18.22
O2D CLA XH . 87.55 -27.41 18.27
CED CLA XH . 87.51 -26.03 17.94
C1 CLA XH . 88.51 -32.57 15.52
C2 CLA XH . 88.58 -34.06 15.41
C3 CLA XH . 88.47 -34.75 14.26
C4 CLA XH . 88.27 -34.10 12.95
C5 CLA XH . 88.58 -36.23 14.25
C6 CLA XH . 87.29 -36.93 13.83
C7 CLA XH . 87.58 -38.27 13.18
C8 CLA XH . 88.50 -39.17 14.00
C9 CLA XH . 89.77 -39.47 13.24
C10 CLA XH . 87.80 -40.47 14.37
C11 CLA XH . 86.68 -40.24 15.35
C12 CLA XH . 85.95 -41.54 15.70
C13 CLA XH . 84.56 -41.63 15.06
C14 CLA XH . 84.43 -42.91 14.26
C15 CLA XH . 84.21 -40.43 14.18
MG CHL YH . 80.41 -31.88 12.06
CHA CHL YH . 82.51 -33.86 10.24
CHB CHL YH . 78.24 -34.44 12.28
CHC CHL YH . 78.50 -29.97 14.20
CHD CHL YH . 82.76 -29.23 11.86
NA CHL YH . 80.32 -33.74 11.33
C1A CHL YH . 81.22 -34.39 10.67
C2A CHL YH . 80.83 -35.77 10.27
C3A CHL YH . 79.38 -35.81 10.66
C4A CHL YH . 79.28 -34.57 11.48
CMA CHL YH . 78.47 -35.70 9.46
CAA CHL YH . 81.63 -36.83 11.02
CBA CHL YH . 81.73 -38.12 10.22
NB CHL YH . 78.66 -32.16 13.06
C1B CHL YH . 77.88 -33.25 13.06
C2B CHL YH . 76.67 -33.21 13.89
C3B CHL YH . 76.76 -31.87 14.45
C4B CHL YH . 78.01 -31.32 13.89
CMB CHL YH . 75.61 -34.25 14.10
CAB CHL YH . 75.80 -31.23 15.38
CBB CHL YH . 76.20 -30.56 16.45
NC CHL YH . 80.58 -29.98 12.87
C1C CHL YH . 79.73 -29.36 13.71
C2C CHL YH . 80.14 -28.00 14.11
C3C CHL YH . 81.41 -27.78 13.43
C4C CHL YH . 81.57 -29.05 12.70
CMC CHL YH . 79.47 -27.03 15.01
OMC CHL YH . 78.37 -27.25 15.46
CAC CHL YH . 82.28 -26.56 13.46
CBC CHL YH . 81.63 -25.52 12.58
ND CHL YH . 82.23 -31.52 11.26
C1D CHL YH . 83.12 -30.49 11.22
C2D CHL YH . 84.35 -30.83 10.46
C3D CHL YH . 84.06 -32.21 10.08
C4D CHL YH . 82.87 -32.51 10.57
CMD CHL YH . 85.64 -30.18 10.06
CAD CHL YH . 84.60 -33.38 9.38
OBD CHL YH . 85.74 -33.41 8.78
CBD CHL YH . 83.61 -34.48 9.43
CGD CHL YH . 83.12 -34.71 8.05
O1D CHL YH . 82.11 -34.13 7.67
O2D CHL YH . 83.85 -35.57 7.15
CED CHL YH . 83.26 -35.97 5.91
MG CHL ZH . 76.27 -23.70 15.93
CHA CHL ZH . 76.94 -20.37 15.88
CHB CHL ZH . 75.32 -23.44 19.03
CHC CHL ZH . 74.78 -26.71 15.50
CHD CHL ZH . 78.24 -24.18 13.07
NA CHL ZH . 75.91 -22.18 17.15
C1A CHL ZH . 76.09 -20.93 16.95
C2A CHL ZH . 75.36 -20.05 17.92
C3A CHL ZH . 74.76 -21.08 18.84
C4A CHL ZH . 75.36 -22.33 18.33
CMA CHL ZH . 75.19 -20.90 20.28
CAA CHL ZH . 74.29 -19.24 17.21
CBA CHL ZH . 73.05 -19.02 18.07
NB CHL ZH . 75.18 -24.92 17.13
C1B CHL ZH . 74.85 -24.69 18.40
C2B CHL ZH . 74.05 -25.73 19.08
C3B CHL ZH . 73.90 -26.70 17.98
C4B CHL ZH . 74.63 -26.11 16.84
CMB CHL ZH . 73.50 -25.80 20.48
CAB CHL ZH . 73.16 -27.98 18.09
CBB CHL ZH . 73.37 -28.99 17.27
NC CHL ZH . 76.48 -25.20 14.54
C1C CHL ZH . 75.79 -26.35 14.50
C2C CHL ZH . 76.16 -27.21 13.36
C3C CHL ZH . 77.19 -26.48 12.63
C4C CHL ZH . 77.29 -25.25 13.45
CMC CHL ZH . 75.62 -28.53 13.01
OMC CHL ZH . 74.43 -28.76 13.17
CAC CHL ZH . 77.93 -26.87 11.38
CBC CHL ZH . 77.22 -26.27 10.20
ND CHL ZH . 77.39 -22.59 14.66
C1D CHL ZH . 78.11 -22.81 13.56
C2D CHL ZH . 78.73 -21.56 13.03
C3D CHL ZH . 78.21 -20.59 14.00
C4D CHL ZH . 77.48 -21.25 14.88
CMD CHL ZH . 79.61 -21.14 11.89
CAD CHL ZH . 78.22 -19.16 14.37
OBD CHL ZH . 78.82 -18.22 13.76
CBD CHL ZH . 77.36 -18.98 15.59
CGD CHL ZH . 78.12 -18.41 16.73
O1D CHL ZH . 78.51 -19.14 17.61
O2D CHL ZH . 78.36 -16.99 16.81
CED CHL ZH . 78.10 -16.29 18.03
MG CHL AI . 72.56 -46.05 15.11
CHA CHL AI . 72.76 -44.28 18.00
CHB CHL AI . 75.10 -44.27 13.88
CHC CHL AI . 72.50 -48.04 12.32
CHD CHL AI . 69.53 -47.49 16.24
NA CHL AI . 73.81 -44.67 15.83
C1A CHL AI . 73.82 -44.15 16.99
C2A CHL AI . 75.04 -43.37 17.30
C3A CHL AI . 75.67 -43.22 15.95
C4A CHL AI . 74.81 -44.12 15.15
CMA CHL AI . 75.50 -41.81 15.45
CAA CHL AI . 75.93 -44.12 18.28
CBA CHL AI . 76.97 -45.01 17.65
CGA CHL AI . 78.14 -45.08 18.60
O1A CHL AI . 77.94 -45.01 19.80
O2A CHL AI . 79.50 -45.27 18.14
NB CHL AI . 73.64 -46.14 13.38
C1B CHL AI . 74.65 -45.35 13.01
C2B CHL AI . 75.28 -45.62 11.70
C3B CHL AI . 74.47 -46.74 11.25
C4B CHL AI . 73.51 -47.00 12.35
CMB CHL AI . 76.41 -44.93 11.00
CAB CHL AI . 74.64 -47.48 10.00
CBB CHL AI . 75.51 -48.46 9.98
NC CHL AI . 71.27 -47.48 14.41
C1C CHL AI . 71.38 -48.19 13.26
C2C CHL AI . 70.28 -49.15 13.06
C3C CHL AI . 69.41 -48.98 14.20
C4C CHL AI . 70.12 -47.95 14.96
CMC CHL AI . 70.07 -50.08 11.93
OMC CHL AI . 70.86 -50.12 11.00
CAC CHL AI . 68.14 -49.68 14.55
CBC CHL AI . 68.52 -51.06 15.03
ND CHL AI . 71.33 -45.98 16.72
C1D CHL AI . 70.17 -46.55 17.13
C2D CHL AI . 69.74 -46.08 18.48
C3D CHL AI . 70.83 -45.16 18.79
C4D CHL AI . 71.66 -45.16 17.76
CMD CHL AI . 68.61 -46.30 19.44
CAD CHL AI . 71.32 -44.23 19.82
OBD CHL AI . 70.76 -43.97 20.94
CBD CHL AI . 72.60 -43.64 19.33
CGD CHL AI . 72.48 -42.18 19.17
O1D CHL AI . 71.66 -41.72 18.40
O2D CHL AI . 73.36 -41.32 19.92
CED CHL AI . 74.14 -40.35 19.22
C1 CHL AI . 80.58 -45.17 19.06
C2 CHL AI . 80.69 -46.45 19.87
C3 CHL AI . 81.11 -47.60 19.33
C4 CHL AI . 81.52 -47.69 17.89
C5 CHL AI . 81.19 -48.84 20.21
MG CLA BI . 67.07 -36.32 14.53
CHA CLA BI . 64.69 -37.38 16.77
CHB CLA BI . 65.11 -37.33 11.97
CHC CLA BI . 69.40 -35.09 12.32
CHD CLA BI . 69.02 -35.17 17.20
NA CLA BI . 65.21 -37.25 14.42
C1A CLA BI . 64.36 -37.60 15.47
C2A CLA BI . 63.08 -38.23 14.95
C3A CLA BI . 63.30 -38.25 13.43
C4A CLA BI . 64.63 -37.56 13.24
CMA CLA BI . 63.42 -39.64 12.93
CAA CLA BI . 61.86 -37.37 15.25
CBA CLA BI . 61.79 -36.15 14.36
CGA CLA BI . 60.43 -35.52 14.38
O1A CLA BI . 60.13 -34.39 13.99
O2A CLA BI . 59.43 -36.32 14.89
NB CLA BI . 67.20 -36.18 12.52
C1B CLA BI . 66.32 -36.72 11.65
C2B CLA BI . 66.84 -36.56 10.27
C3B CLA BI . 68.05 -35.92 10.37
C4B CLA BI . 68.30 -35.69 11.81
CMB CLA BI . 66.12 -37.04 9.09
CAB CLA BI . 69.00 -35.53 9.36
CBB CLA BI . 68.70 -35.09 8.14
NC CLA BI . 68.89 -35.36 14.74
C1C CLA BI . 69.68 -34.95 13.71
C2C CLA BI . 70.86 -34.27 14.20
C3C CLA BI . 70.75 -34.28 15.58
C4C CLA BI . 69.52 -34.97 15.91
CMC CLA BI . 71.88 -33.70 13.34
CAC CLA BI . 71.68 -33.70 16.54
CBC CLA BI . 73.01 -34.40 16.54
ND CLA BI . 67.03 -36.40 16.53
C1D CLA BI . 67.87 -35.83 17.51
C2D CLA BI . 67.28 -36.04 18.84
C3D CLA BI . 66.07 -36.65 18.62
C4D CLA BI . 65.94 -36.82 17.17
CMD CLA BI . 67.92 -35.63 20.07
CAD CLA BI . 64.87 -37.21 19.20
OBD CLA BI . 64.57 -37.36 20.37
CBD CLA BI . 63.92 -37.60 18.04
CGD CLA BI . 63.46 -39.01 18.14
O1D CLA BI . 64.12 -40.04 17.95
O2D CLA BI . 62.14 -39.11 18.45
CED CLA BI . 61.81 -39.93 19.55
C1 CLA BI . 58.09 -36.21 14.34
C2 CLA BI . 57.14 -36.26 15.48
C3 CLA BI . 56.22 -37.22 15.66
C4 CLA BI . 55.29 -37.23 16.83
C5 CLA BI . 56.06 -38.34 14.70
MG CLA CI . 75.27 -45.88 26.00
CHA CLA CI . 74.18 -49.03 25.10
CHB CLA CI . 75.66 -46.92 29.20
CHC CLA CI . 76.69 -42.87 26.76
CHD CLA CI . 75.01 -44.89 22.63
NA CLA CI . 74.91 -47.67 26.99
C1A CLA CI . 74.50 -48.88 26.42
C2A CLA CI . 74.40 -49.96 27.47
C3A CLA CI . 74.65 -49.21 28.79
C4A CLA CI . 75.13 -47.84 28.32
CMA CLA CI . 73.39 -49.13 29.60
CAA CLA CI . 75.50 -50.96 27.20
CBA CLA CI . 76.76 -50.29 26.70
CGA CLA CI . 77.54 -49.89 27.91
O1A CLA CI . 77.75 -50.58 28.90
O2A CLA CI . 78.05 -48.62 27.91
NB CLA CI . 76.00 -45.04 27.68
C1B CLA CI . 76.12 -45.65 28.87
C2B CLA CI . 76.84 -44.76 29.81
C3B CLA CI . 77.14 -43.60 29.14
C4B CLA CI . 76.60 -43.77 27.76
CMB CLA CI . 77.11 -45.13 31.18
CAB CLA CI . 77.84 -42.43 29.60
CBB CLA CI . 78.83 -41.81 28.96
NC CLA CI . 75.68 -44.16 24.91
C1C CLA CI . 76.25 -43.03 25.43
C2C CLA CI . 76.40 -42.04 24.39
C3C CLA CI . 75.97 -42.62 23.21
C4C CLA CI . 75.53 -43.96 23.55
CMC CLA CI . 76.95 -40.70 24.59
CAC CLA CI . 75.94 -42.00 21.89
CBC CLA CI . 77.24 -42.19 21.16
ND CLA CI . 74.59 -46.65 24.29
C1D CLA CI . 74.60 -46.16 22.95
C2D CLA CI . 74.03 -47.18 22.06
C3D CLA CI . 73.82 -48.27 22.86
C4D CLA CI . 74.24 -47.92 24.21
CMD CLA CI . 73.76 -47.02 20.64
CAD CLA CI . 73.28 -49.60 22.93
OBD CLA CI . 72.54 -50.15 22.14
CBD CLA CI . 73.72 -50.19 24.29
CGD CLA CI . 72.62 -51.00 24.92
O1D CLA CI . 72.18 -50.93 26.07
O2D CLA CI . 72.07 -51.92 24.08
CED CLA CI . 71.97 -53.26 24.53
C1 CLA CI . 79.17 -48.42 28.80
C2 CLA CI . 79.61 -47.01 28.73
C3 CLA CI . 80.76 -46.60 29.29
C4 CLA CI . 81.67 -47.53 30.00
C5 CLA CI . 81.22 -45.19 29.24
C6 CLA CI . 82.73 -45.06 29.14
C7 CLA CI . 83.13 -43.61 29.25
C8 CLA CI . 84.17 -43.20 28.21
C9 CLA CI . 84.80 -41.88 28.58
C10 CLA CI . 83.55 -43.13 26.82
C11 CLA CI . 84.59 -42.97 25.73
C12 CLA CI . 84.50 -44.09 24.70
C13 CLA CI . 84.88 -43.61 23.29
C14 CLA CI . 84.79 -44.76 22.30
C15 CLA CI . 86.25 -42.97 23.24
MG CLA DI . 74.49 -40.57 43.77
CHA CLA DI . 74.75 -43.51 41.99
CHB CLA DI . 74.35 -42.34 46.65
CHC CLA DI . 74.51 -37.64 45.51
CHD CLA DI . 74.62 -38.77 40.75
NA CLA DI . 74.50 -42.60 44.21
C1A CLA DI . 74.62 -43.67 43.34
C2A CLA DI . 74.57 -44.99 44.09
C3A CLA DI . 74.30 -44.56 45.54
C4A CLA DI . 74.39 -43.05 45.48
CMA CLA DI . 72.93 -44.92 46.06
CAA CLA DI . 75.89 -45.75 43.99
CBA CLA DI . 76.12 -46.59 45.24
CGA CLA DI . 75.41 -47.91 45.15
O1A CLA DI . 75.69 -48.89 44.46
O2A CLA DI . 74.34 -48.02 45.98
NB CLA DI . 74.49 -40.08 45.71
C1B CLA DI . 74.40 -40.94 46.74
C2B CLA DI . 74.38 -40.21 48.03
C3B CLA DI . 74.42 -38.89 47.71
C4B CLA DI . 74.48 -38.77 46.23
CMB CLA DI . 74.27 -40.88 49.31
CAB CLA DI . 74.40 -37.74 48.58
CBB CLA DI . 75.41 -36.90 48.72
NC CLA DI . 74.48 -38.57 43.22
C1C CLA DI . 74.46 -37.53 44.10
C2C CLA DI . 74.47 -36.28 43.38
C3C CLA DI . 74.52 -36.58 42.03
C4C CLA DI . 74.53 -38.03 41.94
CMC CLA DI . 74.43 -34.97 44.03
CAC CLA DI . 74.55 -35.64 40.91
CBC CLA DI . 73.21 -35.55 40.23
ND CLA DI . 74.46 -40.97 41.80
C1D CLA DI . 74.60 -40.14 40.67
C2D CLA DI . 74.76 -40.98 39.46
C3D CLA DI . 74.81 -42.28 39.91
C4D CLA DI . 74.66 -42.21 41.37
CMD CLA DI . 74.87 -40.47 38.11
CAD CLA DI . 74.94 -43.66 39.54
OBD CLA DI . 75.02 -44.15 38.44
CBD CLA DI . 74.99 -44.47 40.86
CGD CLA DI . 74.00 -45.57 40.88
O1D CLA DI . 73.04 -45.72 41.63
O2D CLA DI . 74.23 -46.50 39.92
CED CLA DI . 73.22 -46.65 38.92
C1 CLA DI . 73.26 -48.85 45.50
C2 CLA DI . 72.33 -47.93 44.79
C3 CLA DI . 71.09 -47.64 45.23
C4 CLA DI . 70.54 -48.23 46.48
C5 CLA DI . 70.20 -46.70 44.49
C6 CLA DI . 69.91 -47.14 43.06
C7 CLA DI . 68.58 -46.58 42.61
C8 CLA DI . 67.67 -47.67 42.06
C9 CLA DI . 66.32 -47.10 41.66
C10 CLA DI . 67.50 -48.80 43.07
C11 CLA DI . 67.61 -50.16 42.42
C12 CLA DI . 68.78 -50.20 41.46
C13 CLA DI . 69.37 -51.60 41.38
C14 CLA DI . 68.31 -52.59 40.96
C15 CLA DI . 70.02 -52.01 42.71
C16 CLA DI . 71.06 -51.03 43.20
C17 CLA DI . 72.27 -50.94 42.30
C18 CLA DI . 72.38 -49.59 41.60
C19 CLA DI . 73.74 -48.97 41.83
C20 CLA DI . 72.18 -49.77 40.11
MG CLA EI . 79.91 -40.18 35.42
CHA CLA EI . 79.30 -43.36 36.59
CHB CLA EI . 81.09 -41.49 32.53
CHC CLA EI . 80.75 -37.03 34.39
CHD CLA EI . 78.81 -38.88 38.49
NA CLA EI . 80.10 -42.12 34.68
C1A CLA EI . 79.80 -43.32 35.33
C2A CLA EI . 80.14 -44.51 34.44
C3A CLA EI . 80.58 -43.86 33.12
C4A CLA EI . 80.60 -42.38 33.45
CMA CLA EI . 81.94 -44.34 32.68
CAA CLA EI . 78.96 -45.44 34.20
CBA CLA EI . 79.49 -46.81 33.87
CGA CLA EI . 80.18 -47.39 35.07
O1A CLA EI . 79.68 -47.84 36.11
O2A CLA EI . 81.54 -47.40 34.97
NB CLA EI . 80.77 -39.41 33.78
C1B CLA EI . 81.17 -40.10 32.70
C2B CLA EI . 81.74 -39.19 31.69
C3B CLA EI . 81.65 -37.92 32.20
C4B CLA EI . 81.02 -38.05 33.54
CMB CLA EI . 82.26 -39.62 30.40
CAB CLA EI . 82.04 -36.68 31.61
CBB CLA EI . 82.80 -35.73 32.17
NC CLA EI . 79.73 -38.30 36.27
C1C CLA EI . 80.13 -37.14 35.67
C2C CLA EI . 79.89 -36.02 36.55
C3C CLA EI . 79.34 -36.52 37.71
C4C CLA EI . 79.26 -37.97 37.53
CMC CLA EI . 80.20 -34.63 36.21
CAC CLA EI . 78.95 -35.78 38.90
CBC CLA EI . 80.13 -35.37 39.74
ND CLA EI . 79.07 -40.88 37.10
C1D CLA EI . 78.74 -40.23 38.31
C2D CLA EI . 78.32 -41.25 39.29
C3D CLA EI . 78.49 -42.47 38.68
C4D CLA EI . 78.99 -42.18 37.33
CMD CLA EI . 77.88 -40.96 40.65
CAD CLA EI . 78.38 -43.90 38.80
OBD CLA EI . 77.94 -44.56 39.72
CBD CLA EI . 78.97 -44.51 37.50
CGD CLA EI . 80.19 -45.31 37.82
O1D CLA EI . 81.35 -45.09 37.47
O2D CLA EI . 79.93 -46.39 38.61
CED CLA EI . 80.58 -46.43 39.89
C1 CLA EI . 82.25 -48.06 36.04
C2 CLA EI . 83.67 -47.64 35.93
C3 CLA EI . 84.64 -47.96 36.80
C4 CLA EI . 86.04 -47.50 36.60
C5 CLA EI . 84.35 -48.80 38.01
C6 CLA EI . 85.42 -48.73 39.09
C7 CLA EI . 85.03 -47.77 40.20
MG CLA FI . 74.90 -23.38 36.85
CHA CLA FI . 76.74 -20.60 37.75
CHB CLA FI . 77.12 -25.37 38.45
CHC CLA FI . 73.04 -26.10 35.90
CHD CLA FI . 72.54 -21.28 35.30
NA CLA FI . 76.64 -23.01 37.93
C1A CLA FI . 77.23 -21.79 38.19
C2A CLA FI . 78.50 -21.96 39.02
C3A CLA FI . 78.58 -23.47 39.23
C4A CLA FI . 77.37 -24.01 38.48
CMA CLA FI . 79.87 -24.00 38.68
CAA CLA FI . 78.29 -21.26 40.33
CBA CLA FI . 76.98 -21.69 40.95
CGA CLA FI . 75.93 -20.63 40.79
O1A CLA FI . 75.87 -19.53 41.33
O2A CLA FI . 74.93 -20.99 39.94
NB CLA FI . 75.03 -25.36 37.15
C1B CLA FI . 76.03 -25.98 37.80
C2B CLA FI . 75.82 -27.44 37.74
C3B CLA FI . 74.68 -27.65 37.01
C4B CLA FI . 74.17 -26.33 36.62
CMB CLA FI . 76.74 -28.41 38.35
CAB CLA FI . 74.02 -28.87 36.63
CBB CLA FI . 73.61 -29.80 37.48
NC CLA FI . 73.13 -23.63 35.77
C1C CLA FI . 72.56 -24.83 35.50
C2C CLA FI . 71.34 -24.65 34.74
C3C CLA FI . 71.18 -23.28 34.58
C4C CLA FI . 72.32 -22.65 35.23
CMC CLA FI . 70.49 -25.73 34.29
CAC CLA FI . 70.10 -22.58 33.87
CBC CLA FI . 69.01 -22.09 34.79
ND CLA FI . 74.68 -21.42 36.49
C1D CLA FI . 73.63 -20.70 35.90
C2D CLA FI . 73.93 -19.26 35.98
C3D CLA FI . 75.14 -19.16 36.64
C4D CLA FI . 75.54 -20.54 36.97
CMD CLA FI . 73.03 -18.28 35.40
CAD CLA FI . 76.19 -18.30 37.14
OBD CLA FI . 76.43 -17.12 37.01
CBD CLA FI . 77.16 -19.17 37.96
CGD CLA FI . 78.56 -18.89 37.51
O1D CLA FI . 79.09 -19.24 36.45
O2D CLA FI . 79.29 -18.14 38.37
CED CLA FI . 80.66 -17.91 38.03
C1 CLA FI . 73.60 -20.75 40.41
C2 CLA FI . 72.81 -21.96 40.05
C3 CLA FI . 71.64 -21.89 39.40
C4 CLA FI . 71.06 -20.59 39.00
C5 CLA FI . 70.87 -23.12 39.06
C6 CLA FI . 71.49 -24.38 39.64
C7 CLA FI . 70.53 -25.55 39.57
C8 CLA FI . 71.26 -26.89 39.53
C9 CLA FI . 70.33 -27.98 39.05
C10 CLA FI . 71.83 -27.26 40.89
C11 CLA FI . 72.22 -28.71 40.99
C12 CLA FI . 72.59 -29.11 42.40
C13 CLA FI . 73.01 -30.58 42.49
C14 CLA FI . 72.00 -31.45 41.77
C15 CLA FI . 73.19 -31.06 43.93
C16 CLA FI . 74.11 -30.17 44.74
C17 CLA FI . 75.35 -30.89 45.23
C18 CLA FI . 76.61 -30.38 44.54
C19 CLA FI . 76.90 -31.16 43.27
C20 CLA FI . 77.81 -30.35 45.46
MG CLA GI . 78.55 -23.26 45.17
CHA CLA GI . 75.28 -22.21 45.25
CHB CLA GI . 79.19 -21.46 47.97
CHC CLA GI . 81.71 -24.60 45.26
CHD CLA GI . 77.79 -25.28 42.40
NA CLA GI . 77.42 -21.99 46.35
C1A CLA GI . 76.06 -21.70 46.24
C2A CLA GI . 75.60 -20.76 47.33
C3A CLA GI . 76.92 -20.41 48.07
C4A CLA GI . 77.93 -21.34 47.43
CMA CLA GI . 77.31 -18.97 47.86
CAA CLA GI . 74.69 -21.52 48.26
CBA CLA GI . 75.29 -22.86 48.65
CGA CLA GI . 74.24 -23.78 49.17
NB CLA GI . 80.13 -23.09 46.39
C1B CLA GI . 80.21 -22.29 47.48
C2B CLA GI . 81.55 -22.39 48.10
C3B CLA GI . 82.27 -23.28 47.34
C4B CLA GI . 81.38 -23.72 46.23
CMB CLA GI . 81.95 -21.64 49.29
CAB CLA GI . 83.62 -23.73 47.47
CBB CLA GI . 84.69 -22.92 47.57
NC CLA GI . 79.58 -24.61 43.98
C1C CLA GI . 80.87 -25.01 44.19
C2C CLA GI . 81.26 -25.99 43.18
C3C CLA GI . 80.14 -26.21 42.39
C4C CLA GI . 79.09 -25.35 42.91
CMC CLA GI . 82.58 -26.60 43.09
CAC CLA GI . 80.01 -27.11 41.24
CBC CLA GI . 79.24 -28.36 41.61
ND CLA GI . 77.00 -23.53 43.92
C1D CLA GI . 76.80 -24.44 42.85
C2D CLA GI . 75.41 -24.33 42.39
C3D CLA GI . 74.79 -23.47 43.26
C4D CLA GI . 75.81 -23.04 44.22
CMD CLA GI . 74.86 -25.05 41.24
CAD CLA GI . 73.56 -22.80 43.60
OBD CLA GI . 72.50 -22.76 43.00
CBD CLA GI . 73.81 -22.09 44.95
CGD CLA GI . 73.34 -20.67 44.91
O1D CLA GI . 73.14 -19.91 45.86
O2D CLA GI . 73.12 -20.20 43.66
CED CLA GI . 71.87 -19.56 43.46
MG CLA HI . 63.07 -37.15 4.72
CHA CLA HI . 63.36 -35.31 7.62
CHB CLA HI . 64.67 -34.71 3.03
CHC CLA HI . 62.67 -38.96 1.84
CHD CLA HI . 61.48 -39.70 6.55
NA CLA HI . 63.90 -35.32 5.26
C1A CLA HI . 63.93 -34.73 6.53
C2A CLA HI . 64.65 -33.38 6.49
C3A CLA HI . 65.11 -33.27 5.03
C4A CLA HI . 64.53 -34.51 4.38
CMA CLA HI . 64.55 -32.04 4.37
CAA CLA HI . 65.86 -33.35 7.40
CBA CLA HI . 66.65 -32.07 7.24
CGA CLA HI . 66.06 -30.97 8.06
O1A CLA HI . 66.49 -30.44 9.08
O2A CLA HI . 64.87 -30.52 7.56
NB CLA HI . 63.71 -36.96 2.83
C1B CLA HI . 64.16 -35.79 2.31
C2B CLA HI . 64.01 -35.77 0.84
C3B CLA HI . 63.45 -36.97 0.50
C4B CLA HI . 63.25 -37.74 1.75
CMB CLA HI . 64.39 -34.64 0.02
CAB CLA HI . 63.07 -37.44 -0.81
CBB CLA HI . 63.50 -38.56 -1.37
NC CLA HI . 62.22 -38.99 4.28
C1C CLA HI . 62.17 -39.56 3.04
C2C CLA HI . 61.54 -40.85 3.10
C3C CLA HI . 61.20 -41.07 4.43
C4C CLA HI . 61.64 -39.90 5.17
CMC CLA HI . 61.30 -41.71 1.94
CAC CLA HI . 60.55 -42.27 5.00
CBC CLA HI . 59.04 -42.22 4.94
ND CLA HI . 62.39 -37.43 6.59
C1D CLA HI . 61.81 -38.56 7.22
C2D CLA HI . 61.63 -38.24 8.65
C3D CLA HI . 62.15 -36.99 8.85
C4D CLA HI . 62.68 -36.55 7.55
CMD CLA HI . 60.99 -39.13 9.62
CAD CLA HI . 62.43 -35.93 9.79
OBD CLA HI . 62.11 -35.83 10.96
CBD CLA HI . 63.27 -34.87 9.05
CGD CLA HI . 62.62 -33.53 9.08
O1D CLA HI . 61.44 -33.27 8.84
O2D CLA HI . 63.45 -32.51 9.42
CED CLA HI . 63.78 -32.33 10.80
C1 CLA HI . 64.61 -29.11 7.71
C2 CLA HI . 63.29 -28.82 7.10
C3 CLA HI . 63.12 -28.49 5.81
C4 CLA HI . 64.23 -28.37 4.85
C5 CLA HI . 61.75 -28.22 5.29
C6 CLA HI . 60.70 -28.21 6.38
C7 CLA HI . 59.72 -27.08 6.16
C8 CLA HI . 59.35 -26.39 7.46
C9 CLA HI . 58.12 -27.04 8.07
C10 CLA HI . 59.11 -24.89 7.23
C11 CLA HI . 60.10 -24.06 7.99
C12 CLA HI . 59.79 -24.03 9.48
C13 CLA HI . 61.01 -23.70 10.32
C14 CLA HI . 61.29 -22.22 10.27
C15 CLA HI . 62.23 -24.50 9.85
C16 CLA HI . 62.64 -25.57 10.84
C17 CLA HI . 63.94 -26.23 10.41
C18 CLA HI . 64.27 -27.47 11.23
C19 CLA HI . 65.71 -27.91 11.02
C20 CLA HI . 64.04 -27.24 12.71
MG CHL II . 78.25 -54.12 8.98
CHA CHL II . 80.28 -56.59 10.20
CHB CHL II . 80.45 -53.60 6.56
CHC CHL II . 76.40 -51.38 8.07
CHD CHL II . 75.68 -55.15 11.16
NA CHL II . 80.10 -54.76 8.58
C1A CHL II . 80.78 -55.68 9.15
C2A CHL II . 82.19 -55.79 8.67
C3A CHL II . 82.30 -54.56 7.79
C4A CHL II . 80.87 -54.25 7.62
CMA CHL II . 83.01 -53.42 8.51
CAA CHL II . 82.36 -57.06 7.85
CBA CHL II . 83.59 -57.00 6.96
NB CHL II . 78.41 -52.71 7.53
C1B CHL II . 79.38 -52.61 6.60
C2B CHL II . 79.27 -51.48 5.65
C3B CHL II . 78.05 -50.83 6.14
C4B CHL II . 77.60 -51.66 7.26
CMB CHL II . 80.19 -51.11 4.52
CAB CHL II . 77.41 -49.62 5.58
CBB CHL II . 76.12 -49.64 5.28
NC CHL II . 76.39 -53.40 9.50
C1C CHL II . 75.79 -52.29 9.05
C2C CHL II . 74.44 -52.04 9.62
C3C CHL II . 74.23 -53.14 10.54
C4C CHL II . 75.48 -53.92 10.38
CMC CHL II . 73.52 -50.93 9.34
OMC CHL II . 73.53 -50.38 8.26
CAC CHL II . 73.02 -53.42 11.40
CBC CHL II . 71.82 -53.61 10.52
ND CHL II . 77.93 -55.53 10.42
C1D CHL II . 76.94 -55.90 11.22
C2D CHL II . 77.29 -57.07 12.10
C3D CHL II . 78.67 -57.30 11.63
C4D CHL II . 78.94 -56.40 10.69
CMD CHL II . 76.68 -57.93 13.17
CAD CHL II . 79.84 -58.18 11.82
OBD CHL II . 79.92 -59.15 12.65
CBD CHL II . 80.93 -57.73 10.91
CGD CHL II . 82.08 -57.26 11.74
O1D CHL II . 81.89 -56.99 12.91
O2D CHL II . 83.41 -57.12 11.18
CED CHL II . 84.30 -56.14 11.70
MG CLA JI . 63.33 -16.56 35.71
CHA CLA JI . 66.46 -17.53 34.61
CHB CLA JI . 62.16 -16.72 32.53
CHC CLA JI . 60.25 -15.64 36.87
CHD CLA JI . 64.55 -16.57 39.02
NA CLA JI . 64.21 -17.03 33.87
C1A CLA JI . 65.52 -17.41 33.62
C2A CLA JI . 65.75 -17.68 32.14
C3A CLA JI . 64.37 -17.42 31.52
C4A CLA JI . 63.50 -17.02 32.71
CMA CLA JI . 64.43 -16.34 30.48
CAA CLA JI . 66.17 -19.11 31.89
CBA CLA JI . 65.17 -20.09 32.48
CGA CLA JI . 64.86 -21.17 31.49
O1A CLA JI . 63.77 -21.69 31.24
O2A CLA JI . 65.97 -21.61 30.80
NB CLA JI . 61.54 -16.26 34.86
C1B CLA JI . 61.27 -16.34 33.55
C2B CLA JI . 59.86 -15.94 33.31
C3B CLA JI . 59.32 -15.63 34.54
C4B CLA JI . 60.39 -15.83 35.54
CMB CLA JI . 59.24 -15.91 32.00
CAB CLA JI . 58.01 -15.18 34.90
CBB CLA JI . 57.49 -14.01 34.55
NC CLA JI . 62.57 -16.15 37.60
C1C CLA JI . 61.28 -15.79 37.84
C2C CLA JI . 61.07 -15.61 39.26
C3C CLA JI . 62.28 -15.88 39.89
C4C CLA JI . 63.21 -16.23 38.83
CMC CLA JI . 59.77 -15.23 39.82
CAC CLA JI . 62.62 -15.90 41.32
CBC CLA JI . 62.17 -14.72 42.15
ND CLA JI . 65.09 -16.86 36.65
C1D CLA JI . 65.45 -16.87 38.01
C2D CLA JI . 66.87 -17.22 38.12
C3D CLA JI . 67.32 -17.44 36.85
C4D CLA JI . 66.16 -17.24 35.97
CMD CLA JI . 67.61 -17.28 39.38
CAD CLA JI . 68.45 -17.79 36.02
OBD CLA JI . 69.62 -17.96 36.32
CBD CLA JI . 67.92 -17.91 34.57
CGD CLA JI . 68.65 -17.00 33.65
O1D CLA JI . 68.34 -15.87 33.32
O2D CLA JI . 69.79 -17.52 33.12
CED CLA JI . 70.40 -16.78 32.06
MG CLA KI . 62.82 -10.82 43.55
CHA CLA KI . 61.34 -9.44 46.36
CHB CLA KI . 65.70 -11.23 45.28
CHC CLA KI . 64.18 -12.29 40.79
CHD CLA KI . 59.77 -10.41 41.81
NA CLA KI . 63.39 -10.39 45.50
C1A CLA KI . 62.64 -9.82 46.53
C2A CLA KI . 63.44 -9.70 47.80
C3A CLA KI . 64.85 -10.18 47.38
C4A CLA KI . 64.65 -10.65 45.96
CMA CLA KI . 65.85 -9.06 47.38
CAA CLA KI . 62.86 -10.60 48.87
CBA CLA KI . 63.92 -11.30 49.69
CGA CLA KI . 63.48 -11.53 51.10
O1A CLA KI . 64.10 -11.31 52.13
O2A CLA KI . 62.24 -12.07 51.24
NB CLA KI . 64.58 -11.68 43.14
C1B CLA KI . 65.65 -11.69 43.96
C2B CLA KI . 66.82 -12.26 43.25
C3B CLA KI . 66.39 -12.57 41.99
C4B CLA KI . 64.96 -12.19 41.89
CMB CLA KI . 68.13 -12.40 43.84
CAB CLA KI . 67.13 -13.12 40.89
CBB CLA KI . 66.73 -14.15 40.17
NC CLA KI . 62.11 -11.23 41.64
C1C CLA KI . 62.85 -11.82 40.67
C2C CLA KI . 62.06 -11.96 39.45
C3C CLA KI . 60.80 -11.45 39.74
C4C CLA KI . 60.84 -10.99 41.11
CMC CLA KI . 62.54 -12.57 38.22
CAC CLA KI . 59.63 -11.40 38.84
CBC CLA KI . 59.30 -9.99 38.41
ND CLA KI . 61.01 -9.99 43.89
C1D CLA KI . 59.83 -9.94 43.11
C2D CLA KI . 58.76 -9.34 43.90
C3D CLA KI . 59.29 -9.10 45.14
C4D CLA KI . 60.68 -9.56 45.10
CMD CLA KI . 57.41 -9.06 43.43
CAD CLA KI . 59.04 -8.58 46.44
OBD CLA KI . 58.04 -8.03 46.86
CBD CLA KI . 60.32 -8.85 47.30
CGD CLA KI . 60.76 -7.58 47.97
O1D CLA KI . 60.33 -6.45 47.76
O2D CLA KI . 61.72 -7.71 48.91
CED CLA KI . 62.49 -6.54 49.18
C1 CLA KI . 61.83 -12.32 52.60
C2 CLA KI . 61.03 -13.57 52.62
C3 CLA KI . 60.60 -14.12 53.76
C4 CLA KI . 60.89 -13.52 55.07
C5 CLA KI . 59.79 -15.38 53.75
C6 CLA KI . 59.38 -15.81 52.36
C7 CLA KI . 58.86 -17.22 52.34
C1 XAT LI . 80.56 -28.34 36.17
C2 XAT LI . 80.57 -26.89 36.61
C3 XAT LI . 80.43 -26.05 35.37
C4 XAT LI . 78.96 -26.12 35.04
C5 XAT LI . 78.59 -27.55 34.65
C6 XAT LI . 79.43 -28.69 35.20
C7 XAT LI . 78.63 -29.95 35.49
C8 XAT LI . 78.70 -30.94 34.62
C9 XAT LI . 77.96 -32.19 34.85
C10 XAT LI . 77.93 -33.16 33.91
C11 XAT LI . 77.20 -34.41 34.18
C12 XAT LI . 77.20 -35.55 33.47
C13 XAT LI . 77.92 -35.92 32.24
C14 XAT LI . 77.65 -37.07 31.61
C15 XAT LI . 78.42 -37.34 30.40
C16 XAT LI . 80.47 -29.25 37.38
C17 XAT LI . 81.88 -28.61 35.46
C18 XAT LI . 77.10 -27.91 34.64
C19 XAT LI . 77.24 -32.38 36.15
C20 XAT LI . 79.02 -35.09 31.64
O3 XAT LI . 80.84 -24.71 35.62
O4 XAT LI . 79.51 -28.27 33.85
C21 XAT LI . 81.45 -48.15 24.93
C22 XAT LI . 81.51 -49.39 24.07
C23 XAT LI . 80.24 -50.18 24.26
C24 XAT LI . 79.19 -49.42 23.48
C25 XAT LI . 78.94 -48.04 24.10
C26 XAT LI . 80.10 -47.41 24.88
C27 XAT LI . 80.18 -45.91 24.74
C28 XAT LI . 79.85 -45.18 25.79
C29 XAT LI . 79.91 -43.71 25.78
C30 XAT LI . 79.91 -43.08 26.96
C31 XAT LI . 79.99 -41.64 27.02
C32 XAT LI . 79.62 -40.90 28.07
C33 XAT LI . 79.84 -39.46 27.84
C34 XAT LI . 79.38 -38.45 28.59
C35 XAT LI . 78.54 -38.52 29.79
C36 XAT LI . 82.56 -47.20 24.52
C37 XAT LI . 81.71 -48.56 26.37
C38 XAT LI . 78.21 -47.00 23.25
C39 XAT LI . 79.99 -42.94 24.51
C40 XAT LI . 80.69 -39.09 26.66
O23 XAT LI . 80.39 -51.49 23.69
O24 XAT LI . 78.94 -47.94 25.52
C1 XAT MI . 79.18 -29.62 20.63
C2 XAT MI . 80.37 -28.68 20.67
C3 XAT MI . 80.22 -27.62 19.60
C4 XAT MI . 79.01 -26.75 19.93
C5 XAT MI . 77.71 -27.53 20.17
C6 XAT MI . 77.76 -29.02 20.49
C7 XAT MI . 76.70 -29.49 21.49
C8 XAT MI . 75.76 -30.36 21.11
C9 XAT MI . 74.72 -30.86 22.04
C10 XAT MI . 73.46 -31.00 21.59
C11 XAT MI . 72.29 -31.48 22.34
C12 XAT MI . 71.77 -30.82 23.37
C13 XAT MI . 70.55 -31.30 24.06
C14 XAT MI . 70.19 -30.85 25.26
C15 XAT MI . 68.93 -31.33 25.85
C16 XAT MI . 79.29 -31.05 21.13
C17 XAT MI . 79.13 -29.35 22.13
C18 XAT MI . 76.70 -26.88 21.10
C19 XAT MI . 75.10 -31.22 23.44
C20 XAT MI . 69.67 -32.29 23.36
O3 XAT MI . 81.38 -26.80 19.64
O4 XAT MI . 77.32 -28.52 19.23
C21 XAT MI . 58.11 -32.00 32.28
C22 XAT MI . 57.11 -32.62 33.22
C23 XAT MI . 56.63 -33.92 32.64
C24 XAT MI . 57.77 -34.91 32.76
C25 XAT MI . 59.11 -34.41 32.23
C26 XAT MI . 59.30 -32.91 32.04
C27 XAT MI . 60.67 -32.44 32.50
C28 XAT MI . 61.49 -32.05 31.52
C29 XAT MI . 62.84 -31.54 31.70
C30 XAT MI . 63.55 -31.42 30.57
C31 XAT MI . 64.91 -30.93 30.38
C32 XAT MI . 65.41 -31.16 29.17
C33 XAT MI . 66.74 -30.76 28.70
C34 XAT MI . 67.11 -31.10 27.46
C35 XAT MI . 68.40 -30.69 26.89
C36 XAT MI . 58.56 -30.66 32.82
C37 XAT MI . 57.45 -31.77 30.93
C38 XAT MI . 60.36 -35.05 32.83
C39 XAT MI . 63.37 -31.19 33.05
C40 XAT MI . 67.65 -29.97 29.59
O23 XAT MI . 55.53 -34.39 33.42
O24 XAT MI . 59.21 -33.82 30.95
C01 8CT NI . 73.87 -50.57 1.58
C02 8CT NI . 72.89 -49.77 0.66
C03 8CT NI . 73.12 -48.23 0.44
C04 8CT NI . 72.43 -47.63 -0.69
C05 8CT NI . 71.55 -48.74 -1.54
C06 8CT NI . 70.72 -49.46 -0.73
C07 8CT NI . 71.54 -50.26 0.48
C08 8CT NI . 71.49 -46.55 -0.17
C09 8CT NI . 73.46 -47.00 -1.62
C10 8CT NI . 73.38 -47.33 1.69
C11 8CT NI . 74.61 -46.96 2.05
C12 8CT NI . 74.74 -46.08 3.30
C13 8CT NI . 75.68 -45.11 3.41
C14 8CT NI . 75.67 -44.30 4.73
C15 8CT NI . 76.74 -44.23 5.59
C16 8CT NI . 76.51 -43.35 6.90
C17 8CT NI . 77.53 -42.84 7.63
C18 8CT NI . 77.11 -42.03 8.85
C19 8CT NI . 77.85 -41.05 9.40
C20 8CT NI . 77.22 -40.33 10.64
C21 8CT NI . 77.65 -40.56 11.91
C22 8CT NI . 78.80 -41.54 12.19
C23 8CT NI . 76.93 -39.80 13.09
C24 8CT NI . 77.56 -38.86 13.88
C25 8CT NI . 79.05 -38.48 13.71
C26 8CT NI . 79.55 -37.57 14.62
C27 8CT NI . 78.63 -37.04 15.73
C28 8CT NI . 81.07 -37.08 14.57
C29 8CT NI . 81.58 -36.43 15.71
C30 8CT NI . 83.02 -35.92 15.75
C31 8CT NI . 83.02 -34.51 15.45
C32 8CT NI . 83.45 -33.55 16.64
C33 8CT NI . 83.00 -33.90 17.97
C34 8CT NI . 82.97 -35.53 18.23
C35 8CT NI . 83.62 -36.24 17.25
C36 8CT NI . 85.10 -35.89 17.27
C37 8CT NI . 83.44 -37.77 17.55
C38 8CT NI . 82.09 -33.99 14.37
C39 8CT NI . 75.06 -43.06 7.36
C40 8CT NI . 73.75 -46.29 4.46
O1 LHG OI . 69.98 -38.96 48.35
C1 LHG OI . 70.48 -40.27 48.17
C2 LHG OI . 69.88 -40.85 46.92
O2 LHG OI . 69.24 -42.08 47.19
C3 LHG OI . 70.90 -41.16 45.87
O3 LHG OI . 70.21 -40.69 44.74
P LHG OI . 70.79 -40.90 43.28
O4 LHG OI . 71.92 -41.86 43.40
O5 LHG OI . 69.60 -40.86 42.41
O6 LHG OI . 71.55 -39.44 43.23
C4 LHG OI . 70.94 -38.33 43.83
C5 LHG OI . 70.67 -37.35 42.68
C6 LHG OI . 70.60 -38.03 41.31
O7 LHG OI . 69.41 -36.79 42.94
C7 LHG OI . 69.41 -35.46 42.86
O9 LHG OI . 70.17 -34.86 42.15
C8 LHG OI . 68.65 -34.88 43.98
C9 LHG OI . 67.83 -33.75 43.47
C10 LHG OI . 68.12 -32.50 44.27
O8 LHG OI . 70.26 -36.97 40.41
C23 LHG OI . 69.71 -37.32 39.21
O10 LHG OI . 69.25 -38.43 39.06
C24 LHG OI . 69.43 -36.25 38.17
C11 LHG OI . 67.53 -31.43 43.40
C12 LHG OI . 67.62 -30.12 44.13
C13 LHG OI . 67.64 -29.00 43.11
C14 LHG OI . 68.30 -27.77 43.66
C15 LHG OI . 67.61 -26.59 43.04
C25 LHG OI . 68.30 -35.30 38.50
C26 LHG OI . 68.53 -33.83 38.17
C27 LHG OI . 68.43 -33.12 39.50
C28 LHG OI . 67.12 -32.45 39.79
C29 LHG OI . 67.41 -30.95 39.74
C30 LHG OI . 66.34 -30.06 39.10
C31 LHG OI . 66.75 -28.63 38.87
C32 LHG OI . 65.82 -27.83 37.97
C33 LHG OI . 66.01 -26.36 38.34
MG CLA PI . 65.73 -47.24 -0.80
CHA CLA PI . 67.12 -47.25 2.37
CHB CLA PI . 64.55 -44.12 -0.26
CHC CLA PI . 64.43 -47.26 -3.96
CHD CLA PI . 66.94 -50.51 -1.29
NA CLA PI . 65.85 -45.91 0.80
C1A CLA PI . 66.48 -46.09 2.03
C2A CLA PI . 66.33 -44.86 2.92
C3A CLA PI . 65.55 -43.87 2.03
C4A CLA PI . 65.29 -44.68 0.76
CMA CLA PI . 64.27 -43.46 2.67
CAA CLA PI . 67.65 -44.23 3.30
CBA CLA PI . 68.22 -43.43 2.17
CGA CLA PI . 69.44 -42.72 2.65
O1A CLA PI . 69.50 -41.75 3.42
O2A CLA PI . 70.60 -43.23 2.16
NB CLA PI . 64.74 -45.91 -1.93
C1B CLA PI . 64.25 -44.75 -1.48
C2B CLA PI . 63.31 -44.18 -2.48
C3B CLA PI . 63.27 -45.06 -3.53
C4B CLA PI . 64.18 -46.18 -3.19
CMB CLA PI . 62.61 -42.92 -2.30
CAB CLA PI . 62.53 -45.01 -4.75
CBB CLA PI . 62.92 -44.35 -5.84
NC CLA PI . 65.71 -48.63 -2.34
C1C CLA PI . 65.15 -48.42 -3.57
C2C CLA PI . 65.37 -49.57 -4.42
C3C CLA PI . 66.03 -50.51 -3.65
C4C CLA PI . 66.25 -49.91 -2.34
CMC CLA PI . 64.93 -49.67 -5.81
CAC CLA PI . 66.47 -51.83 -4.07
CBC CLA PI . 65.46 -52.88 -3.65
ND CLA PI . 66.74 -48.63 0.25
C1D CLA PI . 67.20 -49.93 -0.08
C2D CLA PI . 67.90 -50.49 1.09
C3D CLA PI . 67.87 -49.52 2.06
C4D CLA PI . 67.16 -48.37 1.47
CMD CLA PI . 68.46 -51.83 1.14
CAD CLA PI . 68.19 -49.18 3.42
OBD CLA PI . 68.62 -49.88 4.31
CBD CLA PI . 67.85 -47.68 3.61
CGD CLA PI . 67.02 -47.43 4.83
O1D CLA PI . 67.11 -46.48 5.60
O2D CLA PI . 66.07 -48.35 5.06
CED CLA PI . 64.85 -47.84 5.60
C1 CLA PI . 71.54 -42.30 1.58
MG CHL QI . 46.57 -50.73 -42.96
CHA CHL QI . 49.04 -51.09 -40.68
CHB CHL QI . 45.45 -48.10 -41.24
CHC CHL QI . 44.47 -50.12 -45.54
CHD CHL QI . 47.31 -53.95 -44.25
NA CHL QI . 47.22 -49.64 -41.42
C1A CHL QI . 48.26 -49.83 -40.72
C2A CHL QI . 48.71 -48.65 -39.94
C3A CHL QI . 47.54 -47.72 -40.09
C4A CHL QI . 46.66 -48.51 -40.98
CMA CHL QI . 46.85 -47.46 -38.76
CAA CHL QI . 49.91 -48.07 -40.65
CBA CHL QI . 50.08 -46.59 -40.36
CGA CHL QI . 51.56 -46.29 -40.44
O1A CHL QI . 52.27 -46.48 -39.46
O2A CHL QI . 52.16 -45.79 -41.66
NB CHL QI . 45.16 -49.30 -43.34
C1B CHL QI . 44.81 -48.27 -42.54
C2B CHL QI . 43.76 -47.38 -43.04
C3B CHL QI . 43.47 -47.99 -44.33
C4B CHL QI . 44.38 -49.17 -44.41
CMB CHL QI . 43.16 -46.16 -42.39
CAB CHL QI . 42.45 -47.49 -45.27
CBB CHL QI . 42.22 -48.05 -46.43
NC CHL QI . 45.98 -51.83 -44.58
C1C CHL QI . 45.12 -51.44 -45.54
C2C CHL QI . 44.91 -52.46 -46.59
C3C CHL QI . 45.75 -53.59 -46.22
C4C CHL QI . 46.36 -53.09 -44.97
CMC CHL QI . 44.05 -52.37 -47.78
OMC CHL QI . 43.20 -51.51 -47.87
CAC CHL QI . 45.94 -54.92 -46.91
CBC CHL QI . 45.05 -55.96 -46.27
ND CHL QI . 47.86 -52.26 -42.63
C1D CHL QI . 48.12 -53.48 -43.13
C2D CHL QI . 49.23 -54.18 -42.42
C3D CHL QI . 49.57 -53.15 -41.44
C4D CHL QI . 48.76 -52.13 -41.62
CMD CHL QI . 49.98 -55.48 -42.49
CAD CHL QI . 50.47 -52.84 -40.31
OBD CHL QI . 51.39 -53.62 -39.87
CBD CHL QI . 50.14 -51.48 -39.80
CGD CHL QI . 49.56 -51.66 -38.45
O1D CHL QI . 48.36 -51.55 -38.26
O2D CHL QI . 50.41 -52.02 -37.34
CED CHL QI . 49.80 -52.63 -36.21
C1 CHL QI . 53.07 -46.63 -42.36
C2 CHL QI . 52.93 -46.48 -43.86
C3 CHL QI . 54.01 -46.28 -44.62
C4 CHL QI . 55.36 -46.21 -43.96
C5 CHL QI . 53.86 -46.11 -46.12
C6 CHL QI . 54.12 -47.41 -46.88
C7 CHL QI . 55.57 -47.51 -47.35
C8 CHL QI . 55.70 -47.69 -48.87
C9 CHL QI . 54.92 -46.59 -49.60
C10 CHL QI . 57.17 -47.68 -49.26
C11 CHL QI . 57.41 -47.28 -50.71
C12 CHL QI . 58.55 -46.26 -50.85
C13 CHL QI . 58.67 -45.67 -52.25
C14 CHL QI . 59.53 -44.41 -52.24
C15 CHL QI . 57.30 -45.41 -52.86
MG CLA RI . 35.24 -47.28 -48.60
CHA CLA RI . 34.59 -50.09 -46.72
CHB CLA RI . 31.94 -46.55 -48.65
CHC CLA RI . 35.98 -44.39 -50.26
CHD CLA RI . 38.67 -48.05 -48.45
NA CLA RI . 33.56 -48.22 -47.84
C1A CLA RI . 33.49 -49.37 -47.06
C2A CLA RI . 32.05 -49.70 -46.68
C3A CLA RI . 31.23 -48.64 -47.43
C4A CLA RI . 32.30 -47.73 -48.01
CMA CLA RI . 30.36 -49.28 -48.48
CAA CLA RI . 31.85 -49.46 -45.21
CBA CLA RI . 32.56 -48.20 -44.76
CGA CLA RI . 31.65 -47.02 -44.79
O1A CLA RI . 30.55 -46.90 -44.25
O2A CLA RI . 32.13 -45.97 -45.52
NB CLA RI . 34.17 -45.76 -49.33
C1B CLA RI . 32.82 -45.64 -49.24
C2B CLA RI . 32.39 -44.38 -49.87
C3B CLA RI . 33.53 -43.76 -50.33
C4B CLA RI . 34.67 -44.64 -49.98
CMB CLA RI . 31.00 -43.97 -49.94
CAB CLA RI . 33.69 -42.51 -51.01
CBB CLA RI . 33.12 -41.37 -50.66
NC CLA RI . 37.01 -46.42 -49.27
C1C CLA RI . 37.08 -45.22 -49.93
C2C CLA RI . 38.46 -44.90 -50.23
C3C CLA RI . 39.22 -45.94 -49.72
C4C CLA RI . 38.30 -46.88 -49.11
CMC CLA RI . 38.92 -43.72 -50.93
CAC CLA RI . 40.68 -46.07 -49.77
CBC CLA RI . 41.32 -45.39 -48.59
ND CLA RI . 36.41 -48.75 -47.88
C1D CLA RI . 37.81 -48.93 -47.87
C2D CLA RI . 38.12 -50.16 -47.15
C3D CLA RI . 36.93 -50.67 -46.70
C4D CLA RI . 35.90 -49.73 -47.16
CMD CLA RI . 39.48 -50.66 -46.98
CAD CLA RI . 36.27 -51.72 -45.96
OBD CLA RI . 36.74 -52.70 -45.41
CBD CLA RI . 34.75 -51.37 -45.95
CGD CLA RI . 33.94 -52.44 -46.59
O1D CLA RI . 32.99 -53.06 -46.10
O2D CLA RI . 34.34 -52.72 -47.85
CED CLA RI . 33.40 -52.48 -48.91
C1 CLA RI . 31.23 -44.87 -45.71
C2 CLA RI . 31.97 -43.80 -46.43
C3 CLA RI . 31.77 -42.49 -46.19
C4 CLA RI . 30.79 -42.04 -45.18
C5 CLA RI . 32.52 -41.43 -46.89
C6 CLA RI . 33.07 -40.40 -45.94
C7 CLA RI . 34.05 -39.49 -46.63
C8 CLA RI . 34.38 -38.26 -45.81
C9 CLA RI . 33.27 -37.24 -45.92
C10 CLA RI . 35.66 -37.59 -46.28
C11 CLA RI . 36.81 -37.80 -45.33
C12 CLA RI . 38.10 -37.42 -46.01
C13 CLA RI . 39.32 -37.63 -45.12
C14 CLA RI . 39.04 -37.21 -43.70
C15 CLA RI . 40.51 -36.86 -45.68
C16 CLA RI . 41.19 -37.61 -46.81
C17 CLA RI . 42.14 -38.66 -46.28
C18 CLA RI . 42.34 -39.82 -47.25
C19 CLA RI . 41.21 -39.93 -48.25
C20 CLA RI . 42.45 -41.11 -46.47
MG CLA SI . 31.18 -37.14 -53.10
CHA CLA SI . 28.21 -38.57 -52.04
CHB CLA SI . 32.63 -38.03 -50.21
CHC CLA SI . 34.07 -35.60 -54.15
CHD CLA SI . 29.50 -35.83 -55.85
NA CLA SI . 30.52 -38.19 -51.44
C1A CLA SI . 29.25 -38.71 -51.18
C2A CLA SI . 29.19 -39.37 -49.82
C3A CLA SI . 30.62 -39.19 -49.28
C4A CLA SI . 31.33 -38.43 -50.38
CMA CLA SI . 30.59 -38.36 -48.04
CAA CLA SI . 28.85 -40.85 -49.93
CBA CLA SI . 29.11 -41.51 -48.59
CGA CLA SI . 27.88 -42.20 -48.11
O1A CLA SI . 26.93 -42.63 -48.78
O2A CLA SI . 27.86 -42.36 -46.76
NB CLA SI . 32.99 -36.82 -52.31
C1B CLA SI . 33.41 -37.31 -51.13
C2B CLA SI . 34.83 -36.96 -50.93
C3B CLA SI . 35.24 -36.28 -52.03
C4B CLA SI . 34.07 -36.19 -52.94
CMB CLA SI . 35.61 -37.34 -49.76
CAB CLA SI . 36.54 -35.75 -52.34
CBB CLA SI . 37.33 -36.16 -53.34
NC CLA SI . 31.72 -36.03 -54.77
C1C CLA SI . 32.96 -35.56 -55.03
C2C CLA SI . 32.97 -34.84 -56.30
C3C CLA SI . 31.65 -34.82 -56.73
C4C CLA SI . 30.87 -35.56 -55.76
CMC CLA SI . 34.17 -34.23 -56.87
CAC CLA SI . 31.12 -34.20 -57.95
CBC CLA SI . 31.64 -34.75 -59.24
ND CLA SI . 29.38 -37.37 -53.98
C1D CLA SI . 28.78 -36.65 -55.03
C2D CLA SI . 27.36 -37.01 -55.11
C3D CLA SI . 27.12 -37.87 -54.05
C4D CLA SI . 28.38 -37.95 -53.31
CMD CLA SI . 26.46 -36.56 -56.16
CAD CLA SI . 26.17 -38.69 -53.35
OBD CLA SI . 25.12 -39.17 -53.73
CBD CLA SI . 26.76 -38.95 -51.94
CGD CLA SI . 26.05 -38.10 -50.93
O1D CLA SI . 25.00 -38.33 -50.34
O2D CLA SI . 26.68 -36.93 -50.68
CED CLA SI . 26.27 -35.80 -51.44
C1 CLA SI . 26.75 -41.74 -46.07
C2 CLA SI . 26.63 -40.40 -46.68
C3 CLA SI . 27.38 -39.35 -46.31
C4 CLA SI . 27.20 -38.04 -46.96
C5 CLA SI . 28.39 -39.47 -45.23
C6 CLA SI . 28.58 -38.20 -44.41
C7 CLA SI . 30.02 -37.73 -44.44
C8 CLA SI . 30.19 -36.23 -44.46
C9 CLA SI . 30.39 -35.72 -43.04
C10 CLA SI . 29.02 -35.51 -45.13
C11 CLA SI . 29.42 -34.25 -45.89
C12 CLA SI . 28.39 -33.87 -46.93
C13 CLA SI . 28.48 -32.43 -47.43
C14 CLA SI . 29.09 -31.52 -46.40
C15 CLA SI . 27.11 -31.93 -47.88
C16 CLA SI . 27.05 -30.43 -48.12
C17 CLA SI . 27.58 -30.05 -49.50
C18 CLA SI . 26.49 -29.83 -50.54
C19 CLA SI . 26.78 -28.62 -51.41
C20 CLA SI . 25.12 -29.68 -49.91
MG CLA TI . 38.89 -34.67 -70.37
CHA CLA TI . 39.49 -31.66 -71.93
CHB CLA TI . 36.36 -33.26 -68.62
CHC CLA TI . 38.31 -37.70 -68.88
CHD CLA TI . 41.53 -36.11 -72.21
NA CLA TI . 38.07 -32.77 -70.33
C1A CLA TI . 38.45 -31.65 -71.07
C2A CLA TI . 37.58 -30.45 -70.75
C3A CLA TI . 36.70 -30.95 -69.59
C4A CLA TI . 37.03 -32.44 -69.50
CMA CLA TI . 37.09 -30.27 -68.32
CAA CLA TI . 36.73 -30.14 -71.95
CBA CLA TI . 35.67 -31.20 -72.17
CGA CLA TI . 35.69 -31.68 -73.59
O1A CLA TI . 35.40 -31.05 -74.60
O2A CLA TI . 36.07 -32.98 -73.70
NB CLA TI . 37.66 -35.32 -68.94
C1B CLA TI . 36.61 -34.62 -68.45
C2B CLA TI . 35.71 -35.52 -67.67
C3B CLA TI . 36.26 -36.77 -67.73
C4B CLA TI . 37.50 -36.67 -68.54
CMB CLA TI . 34.49 -35.06 -67.02
CAB CLA TI . 35.79 -38.00 -67.17
CBB CLA TI . 35.47 -39.08 -67.89
NC CLA TI . 39.77 -36.56 -70.53
C1C CLA TI . 39.36 -37.65 -69.83
C2C CLA TI . 40.19 -38.78 -70.16
C3C CLA TI . 41.09 -38.35 -71.11
C4C CLA TI . 40.83 -36.94 -71.34
CMC CLA TI . 40.03 -40.11 -69.58
CAC CLA TI . 42.14 -39.15 -71.77
CBC CLA TI . 41.76 -39.54 -73.17
ND CLA TI . 40.15 -34.12 -71.84
C1D CLA TI . 41.23 -34.79 -72.47
C2D CLA TI . 41.93 -33.83 -73.35
C3D CLA TI . 41.31 -32.61 -73.17
C4D CLA TI . 40.22 -32.85 -72.22
CMD CLA TI . 43.07 -34.15 -74.19
CAD CLA TI . 41.27 -31.21 -73.53
OBD CLA TI . 41.98 -30.58 -74.28
CBD CLA TI . 40.14 -30.56 -72.71
CGD CLA TI . 40.73 -29.58 -71.75
O1D CLA TI . 40.40 -29.40 -70.57
O2D CLA TI . 41.75 -28.84 -72.23
CED CLA TI . 43.01 -28.94 -71.57
C1 CLA TI . 36.69 -33.37 -74.95
C2 CLA TI . 35.85 -34.40 -75.60
C3 CLA TI . 35.38 -34.29 -76.86
C4 CLA TI . 35.65 -33.11 -77.71
C5 CLA TI . 34.52 -35.35 -77.47
C6 CLA TI . 33.18 -34.80 -77.92
C7 CLA TI . 32.30 -35.88 -78.51
MG CLA UI . 32.05 -31.07 -70.27
CHA CLA UI . 31.14 -31.76 -73.53
CHB CLA UI . 30.35 -33.82 -69.24
CHC CLA UI . 33.19 -30.50 -67.10
CHD CLA UI . 33.86 -28.28 -71.41
NA CLA UI . 30.86 -32.49 -71.25
C1A CLA UI . 30.62 -32.62 -72.61
C2A CLA UI . 29.72 -33.82 -72.90
C3A CLA UI . 29.37 -34.34 -71.50
C4A CLA UI . 30.24 -33.50 -70.58
CMA CLA UI . 27.90 -34.18 -71.21
CAA CLA UI . 30.41 -34.90 -73.70
CBA CLA UI . 29.50 -36.10 -73.88
CGA CLA UI . 29.19 -36.33 -75.33
O1A CLA UI . 29.97 -36.35 -76.27
O2A CLA UI . 27.86 -36.52 -75.60
NB CLA UI . 31.84 -32.00 -68.51
C1B CLA UI . 31.12 -33.12 -68.30
C2B CLA UI . 31.24 -33.53 -66.88
C3B CLA UI . 32.05 -32.60 -66.27
C4B CLA UI . 32.43 -31.60 -67.30
CMB CLA UI . 30.59 -34.70 -66.31
CAB CLA UI . 32.46 -32.49 -64.90
CBB CLA UI . 33.74 -32.56 -64.50
NC CLA UI . 33.24 -29.60 -69.40
C1C CLA UI . 33.57 -29.55 -68.08
C2C CLA UI . 34.42 -28.40 -67.82
C3C CLA UI . 34.64 -27.79 -69.04
C4C CLA UI . 33.90 -28.54 -70.04
CMC CLA UI . 34.94 -28.04 -66.50
CAC CLA UI . 35.45 -26.59 -69.29
CBC CLA UI . 34.79 -25.31 -68.83
ND CLA UI . 32.30 -30.06 -72.01
C1D CLA UI . 33.14 -28.97 -72.35
C2D CLA UI . 33.10 -28.78 -73.81
C3D CLA UI . 32.35 -29.83 -74.31
C4D CLA UI . 31.90 -30.61 -73.15
CMD CLA UI . 33.79 -27.73 -74.54
CAD CLA UI . 31.81 -30.46 -75.50
OBD CLA UI . 31.88 -30.10 -76.67
CBD CLA UI . 31.09 -31.76 -75.04
CGD CLA UI . 29.69 -31.84 -75.52
O1D CLA UI . 28.82 -30.96 -75.44
O2D CLA UI . 29.35 -33.04 -76.07
CED CLA UI . 27.97 -33.30 -76.31
C1 CLA UI . 27.57 -37.08 -76.91
C2 CLA UI . 26.10 -37.27 -77.02
C3 CLA UI . 25.54 -38.42 -77.45
C4 CLA UI . 26.36 -39.58 -77.86
C5 CLA UI . 24.07 -38.58 -77.55
C6 CLA UI . 23.37 -37.30 -77.93
C7 CLA UI . 22.08 -37.59 -78.67
MG CHL VI . 34.69 -25.32 -62.18
CHA CHL VI . 36.04 -22.31 -61.36
CHB CHL VI . 36.41 -26.68 -59.70
CHC CHL VI . 32.77 -28.07 -62.58
CHD CHL VI . 33.74 -24.11 -65.34
NA CHL VI . 35.73 -24.62 -60.63
C1A CHL VI . 36.10 -23.41 -60.38
C2A CHL VI . 36.60 -23.26 -58.96
C3A CHL VI . 36.24 -24.60 -58.36
C4A CHL VI . 36.13 -25.38 -59.61
CMA CHL VI . 37.32 -25.17 -57.45
CAA CHL VI . 35.95 -22.11 -58.21
CBA CHL VI . 34.52 -22.43 -57.84
CGA CHL VI . 34.30 -22.01 -56.40
O1A CHL VI . 34.84 -21.01 -55.97
O2A CHL VI . 33.47 -22.83 -55.54
NB CHL VI . 34.61 -27.14 -61.25
C1B CHL VI . 35.38 -27.57 -60.24
C2B CHL VI . 35.10 -28.94 -59.76
C3B CHL VI . 34.00 -29.34 -60.65
C4B CHL VI . 33.78 -28.16 -61.52
CMB CHL VI . 35.78 -29.73 -58.66
CAB CHL VI . 33.31 -30.65 -60.63
CBB CHL VI . 32.09 -30.81 -61.12
NC CHL VI . 33.48 -25.98 -63.69
C1C CHL VI . 32.77 -27.13 -63.70
C2C CHL VI . 31.97 -27.33 -64.93
C3C CHL VI . 32.25 -26.16 -65.75
C4C CHL VI . 33.19 -25.40 -64.88
CMC CHL VI . 31.10 -28.47 -65.27
OMC CHL VI . 31.32 -29.57 -64.82
CAC CHL VI . 31.73 -25.82 -67.12
CBC CHL VI . 30.49 -24.97 -66.94
ND CHL VI . 34.81 -23.61 -63.23
C1D CHL VI . 34.43 -23.18 -64.45
C2D CHL VI . 34.82 -21.75 -64.69
C3D CHL VI . 35.47 -21.44 -63.40
C4D CHL VI . 35.42 -22.54 -62.65
CMD CHL VI . 34.70 -20.72 -65.78
CAD CHL VI . 36.15 -20.37 -62.65
OBD CHL VI . 36.37 -19.17 -63.08
CBD CHL VI . 36.54 -20.90 -61.32
CGD CHL VI . 38.01 -20.87 -61.15
O1D CHL VI . 38.71 -21.64 -61.80
O2D CHL VI . 38.61 -19.93 -60.23
CED CHL VI . 39.95 -20.12 -59.76
C1 CHL VI . 32.48 -22.19 -54.71
C2 CHL VI . 31.12 -22.37 -55.36
MG CLA WI . 23.50 -45.09 -67.45
CHA CLA WI . 26.78 -44.90 -66.42
CHB CLA WI . 24.25 -43.09 -70.10
CHC CLA WI . 20.35 -45.60 -68.66
CHD CLA WI . 22.81 -47.24 -64.74
NA CLA WI . 25.23 -44.12 -68.10
C1A CLA WI . 26.49 -44.18 -67.54
C2A CLA WI . 27.47 -43.34 -68.34
C3A CLA WI . 26.57 -42.55 -69.28
C4A CLA WI . 25.25 -43.31 -69.19
CMA CLA WI . 26.40 -41.13 -68.80
CAA CLA WI . 28.32 -44.33 -69.12
CBA CLA WI . 29.03 -43.70 -70.31
CGA CLA WI . 30.13 -44.61 -70.77
O1A CLA WI . 31.21 -44.87 -70.21
O2A CLA WI . 29.89 -45.23 -71.97
NB CLA WI . 22.46 -44.39 -69.02
C1B CLA WI . 23.01 -43.73 -70.07
C2B CLA WI . 22.11 -43.81 -71.25
C3B CLA WI . 21.01 -44.52 -70.86
C4B CLA WI . 21.21 -44.88 -69.43
CMB CLA WI . 22.44 -43.19 -72.54
CAB CLA WI . 19.84 -44.88 -71.61
CBB CLA WI . 19.85 -45.56 -72.76
NC CLA WI . 21.85 -46.14 -66.76
C1C CLA WI . 20.63 -46.18 -67.39
C2C CLA WI . 19.70 -46.99 -66.62
C3C CLA WI . 20.42 -47.50 -65.54
C4C CLA WI . 21.77 -46.96 -65.64
CMC CLA WI . 18.30 -47.23 -66.96
CAC CLA WI . 19.92 -48.37 -64.48
CBC CLA WI . 20.00 -49.82 -64.89
ND CLA WI . 24.49 -45.87 -65.89
C1D CLA WI . 24.10 -46.75 -64.85
C2D CLA WI . 25.26 -47.01 -63.97
C3D CLA WI . 26.32 -46.33 -64.52
C4D CLA WI . 25.78 -45.64 -65.71
CMD CLA WI . 25.22 -47.87 -62.79
CAD CLA WI . 27.72 -46.00 -64.43
OBD CLA WI . 28.55 -46.34 -63.59
CBD CLA WI . 28.06 -45.07 -65.64
CGD CLA WI . 28.57 -43.74 -65.20
O1D CLA WI . 28.55 -42.66 -65.81
O2D CLA WI . 29.12 -43.75 -63.97
CED CLA WI . 30.55 -43.77 -63.93
C1 CLA WI . 29.67 -46.66 -71.92
C2 CLA WI . 29.68 -47.18 -73.30
C3 CLA WI . 29.34 -48.46 -73.59
C4 CLA WI . 28.95 -49.43 -72.54
C5 CLA WI . 29.38 -48.95 -75.01
C6 CLA WI . 28.16 -49.72 -75.51
C7 CLA WI . 26.85 -48.97 -75.29
C8 CLA WI . 26.24 -48.37 -76.56
C9 CLA WI . 26.07 -49.43 -77.62
C10 CLA WI . 27.04 -47.18 -77.08
C11 CLA WI . 27.32 -46.16 -76.00
C12 CLA WI . 26.04 -45.53 -75.45
C13 CLA WI . 25.98 -45.63 -73.92
C14 CLA WI . 24.83 -46.51 -73.48
C15 CLA WI . 25.88 -44.25 -73.26
C16 CLA WI . 25.61 -43.13 -74.24
C17 CLA WI . 26.44 -41.91 -73.93
C18 CLA WI . 27.91 -42.18 -74.18
C19 CLA WI . 28.77 -41.47 -73.16
C20 CLA WI . 28.29 -41.74 -75.58
MG CLA XI . 23.78 -38.56 -58.58
CHA CLA XI . 26.43 -37.12 -60.26
CHB CLA XI . 25.95 -40.34 -56.65
CHC CLA XI . 21.13 -39.97 -56.95
CHD CLA XI . 21.57 -36.52 -60.41
NA CLA XI . 25.84 -38.73 -58.53
C1A CLA XI . 26.78 -38.04 -59.30
C2A CLA XI . 28.19 -38.48 -58.90
C3A CLA XI . 27.98 -39.36 -57.65
C4A CLA XI . 26.48 -39.52 -57.61
CMA CLA XI . 28.61 -40.72 -57.72
CAA CLA XI . 29.14 -37.35 -58.60
CBA CLA XI . 30.53 -37.90 -58.36
NB CLA XI . 23.59 -39.81 -57.01
C1B CLA XI . 24.59 -40.55 -56.49
C2B CLA XI . 24.06 -41.65 -55.66
C3B CLA XI . 22.70 -41.57 -55.73
C4B CLA XI . 22.38 -40.40 -56.60
CMB CLA XI . 24.92 -42.61 -54.98
CAB CLA XI . 21.70 -42.42 -55.13
CBB CLA XI . 20.75 -42.03 -54.27
NC CLA XI . 21.72 -38.33 -58.71
C1C CLA XI . 20.81 -39.03 -57.96
C2C CLA XI . 19.46 -38.60 -58.31
C3C CLA XI . 19.59 -37.59 -59.27
C4C CLA XI . 21.02 -37.42 -59.50
CMC CLA XI . 18.23 -39.16 -57.73
CAC CLA XI . 18.53 -36.82 -59.96
CBC CLA XI . 18.23 -37.30 -61.36
ND CLA XI . 23.87 -37.34 -60.18
C1D CLA XI . 22.90 -36.45 -60.73
C2D CLA XI . 23.56 -35.54 -61.69
C3D CLA XI . 24.89 -35.82 -61.59
C4D CLA XI . 25.05 -36.87 -60.57
CMD CLA XI . 22.87 -34.58 -62.55
CAD CLA XI . 26.20 -35.51 -62.10
OBD CLA XI . 26.52 -34.88 -63.10
CBD CLA XI . 27.21 -36.13 -61.10
CGD CLA XI . 28.43 -36.67 -61.76
O1D CLA XI . 28.53 -37.72 -62.41
O2D CLA XI . 29.53 -35.88 -61.61
CED CLA XI . 29.63 -34.68 -62.39
MG CLA YI . 33.15 -51.79 -64.40
CHA CLA YI . 30.22 -53.51 -64.94
CHB CLA YI . 34.73 -54.68 -63.64
CHC CLA YI . 36.07 -50.03 -64.07
CHD CLA YI . 31.44 -48.78 -65.15
NA CLA YI . 32.54 -53.77 -64.29
C1A CLA YI . 31.28 -54.29 -64.59
C2A CLA YI . 31.25 -55.80 -64.39
C3A CLA YI . 32.67 -56.12 -63.85
C4A CLA YI . 33.38 -54.78 -63.94
CMA CLA YI . 32.61 -56.65 -62.45
CAA CLA YI . 31.02 -56.48 -65.73
CBA CLA YI . 31.68 -55.73 -66.86
CGA CLA YI . 33.10 -56.19 -66.97
O1A CLA YI . 33.52 -57.33 -67.13
O2A CLA YI . 34.01 -55.17 -66.90
NB CLA YI . 35.05 -52.27 -63.99
C1B CLA YI . 35.49 -53.51 -63.67
C2B CLA YI . 36.93 -53.45 -63.31
C3B CLA YI . 37.32 -52.14 -63.44
C4B CLA YI . 36.12 -51.37 -63.86
CMB CLA YI . 37.71 -54.61 -62.90
CAB CLA YI . 38.61 -51.56 -63.20
CBB CLA YI . 39.27 -50.84 -64.11
NC CLA YI . 33.65 -49.76 -64.57
C1C CLA YI . 34.91 -49.27 -64.40
C2C CLA YI . 34.90 -47.83 -64.60
C3C CLA YI . 33.59 -47.47 -64.90
C4C CLA YI . 32.82 -48.69 -64.88
CMC CLA YI . 36.06 -46.96 -64.51
CAC CLA YI . 33.09 -46.12 -65.17
CBC CLA YI . 32.79 -45.90 -66.62
ND CLA YI . 31.27 -51.20 -64.84
C1D CLA YI . 30.71 -49.94 -65.14
C2D CLA YI . 29.27 -50.11 -65.43
C3D CLA YI . 29.03 -51.47 -65.38
C4D CLA YI . 30.30 -52.10 -65.02
CMD CLA YI . 28.35 -49.04 -65.73
CAD CLA YI . 28.04 -52.51 -65.48
OBD CLA YI . 26.84 -52.41 -65.69
CBD CLA YI . 28.78 -53.86 -65.29
CGD CLA YI . 28.16 -54.70 -64.22
O1D CLA YI . 28.58 -54.92 -63.09
O2D CLA YI . 26.99 -55.29 -64.58
CED CLA YI . 26.72 -56.56 -63.97
C1 CLA YI . 35.38 -55.57 -67.14
C2 CLA YI . 36.25 -54.37 -67.09
C3 CLA YI . 37.59 -54.46 -67.18
C4 CLA YI . 38.28 -55.76 -67.33
C5 CLA YI . 38.47 -53.26 -67.12
C6 CLA YI . 39.25 -52.97 -68.39
C7 CLA YI . 39.62 -51.51 -68.43
C8 CLA YI . 40.15 -51.04 -69.78
C9 CLA YI . 40.48 -52.18 -70.70
C10 CLA YI . 41.37 -50.14 -69.58
C11 CLA YI . 40.98 -48.71 -69.27
C12 CLA YI . 40.38 -48.02 -70.47
C13 CLA YI . 40.36 -46.50 -70.31
C14 CLA YI . 39.18 -45.89 -71.04
C15 CLA YI . 41.66 -45.88 -70.80
MG CLA ZI . 47.85 -55.74 -54.42
CHA CLA ZI . 45.33 -57.04 -56.38
CHB CLA ZI . 48.83 -58.89 -53.61
CHC CLA ZI . 50.46 -54.41 -52.65
CHD CLA ZI . 46.81 -52.49 -55.30
NA CLA ZI . 47.15 -57.64 -54.91
C1A CLA ZI . 46.10 -57.98 -55.76
C2A CLA ZI . 45.93 -59.50 -55.85
C3A CLA ZI . 46.95 -60.03 -54.84
C4A CLA ZI . 47.72 -58.78 -54.41
CMA CLA ZI . 46.29 -60.70 -53.67
CAA CLA ZI . 46.27 -59.98 -57.24
NB CLA ZI . 49.34 -56.50 -53.32
C1B CLA ZI . 49.60 -57.82 -53.14
C2B CLA ZI . 50.84 -57.98 -52.36
C3B CLA ZI . 51.31 -56.72 -52.09
C4B CLA ZI . 50.36 -55.76 -52.69
CMB CLA ZI . 51.40 -59.28 -52.00
CAB CLA ZI . 52.49 -56.31 -51.36
CBB CLA ZI . 53.51 -55.64 -51.89
NC CLA ZI . 48.49 -53.81 -54.03
C1C CLA ZI . 49.59 -53.50 -53.29
C2C CLA ZI . 49.77 -52.06 -53.24
C3C CLA ZI . 48.74 -51.50 -53.99
C4C CLA ZI . 47.94 -52.61 -54.48
CMC CLA ZI . 50.85 -51.38 -52.54
CAC CLA ZI . 48.52 -50.07 -54.25
CBC CLA ZI . 48.08 -49.29 -53.04
ND CLA ZI . 46.41 -54.89 -55.53
C1D CLA ZI . 46.07 -53.54 -55.77
C2D CLA ZI . 44.89 -53.50 -56.65
C3D CLA ZI . 44.58 -54.82 -56.95
C4D CLA ZI . 45.55 -55.64 -56.21
CMD CLA ZI . 44.29 -52.25 -57.10
CAD CLA ZI . 43.71 -55.74 -57.67
OBD CLA ZI . 42.80 -55.51 -58.46
CBD CLA ZI . 44.14 -57.17 -57.29
CGD CLA ZI . 43.05 -57.88 -56.55
O1D CLA ZI . 42.97 -58.05 -55.34
O2D CLA ZI . 42.06 -58.38 -57.34
CED CLA ZI . 41.54 -59.66 -56.98
MG CLA AJ . 45.76 -51.18 -62.26
CHA CLA AJ . 44.98 -54.52 -62.62
CHB CLA AJ . 48.01 -51.95 -59.85
CHC CLA AJ . 46.61 -47.87 -62.09
CHD CLA AJ . 43.49 -50.44 -64.86
NA CLA AJ . 46.34 -52.97 -61.35
C1A CLA AJ . 45.92 -54.27 -61.65
C2A CLA AJ . 46.62 -55.29 -60.76
C3A CLA AJ . 47.64 -54.44 -59.98
C4A CLA AJ . 47.30 -53.00 -60.39
CMA CLA AJ . 47.61 -54.68 -58.50
CAA CLA AJ . 47.40 -56.31 -61.58
CBA CLA AJ . 48.40 -55.63 -62.50
CGA CLA AJ . 49.79 -55.87 -62.02
O1A CLA AJ . 50.83 -55.29 -62.33
O2A CLA AJ . 49.88 -56.88 -61.10
NB CLA AJ . 47.12 -50.13 -61.23
C1B CLA AJ . 47.82 -50.60 -60.18
C2B CLA AJ . 48.42 -49.48 -59.41
C3B CLA AJ . 48.02 -48.32 -60.04
C4B CLA AJ . 47.20 -48.73 -61.21
CMB CLA AJ . 49.23 -49.71 -58.23
CAB CLA AJ . 48.29 -46.94 -59.75
CBB CLA AJ . 49.22 -46.47 -58.92
NC CLA AJ . 45.14 -49.48 -63.27
C1C CLA AJ . 45.64 -48.22 -63.06
C2C CLA AJ . 45.03 -47.28 -63.99
C3C CLA AJ . 44.11 -48.00 -64.74
C4C CLA AJ . 44.20 -49.38 -64.29
CMC CLA AJ . 45.35 -45.85 -64.04
CAC CLA AJ . 43.23 -47.49 -65.79
CBC CLA AJ . 41.96 -46.90 -65.21
ND CLA AJ . 44.37 -52.15 -63.36
C1D CLA AJ . 43.57 -51.74 -64.44
C2D CLA AJ . 42.89 -52.92 -65.01
C3D CLA AJ . 43.39 -54.00 -64.35
C4D CLA AJ . 44.34 -53.48 -63.36
CMD CLA AJ . 41.92 -52.87 -66.09
CAD CLA AJ . 43.33 -55.43 -64.21
OBD CLA AJ . 42.60 -56.21 -64.80
CBD CLA AJ . 44.45 -55.82 -63.19
CGD CLA AJ . 44.05 -56.79 -62.13
O1D CLA AJ . 43.38 -56.58 -61.12
O2D CLA AJ . 44.55 -58.04 -62.35
CED CLA AJ . 43.98 -59.12 -61.62
MG CLA BJ . 51.09 -36.71 -52.39
CHA CLA BJ . 53.61 -34.34 -52.46
CHB CLA BJ . 52.91 -38.69 -54.45
CHC CLA BJ . 48.64 -39.10 -52.16
CHD CLA BJ . 49.28 -34.65 -50.18
NA CLA BJ . 52.94 -36.50 -53.32
C1A CLA BJ . 53.84 -35.44 -53.21
C2A CLA BJ . 55.09 -35.70 -54.05
C3A CLA BJ . 54.74 -37.01 -54.80
C4A CLA BJ . 53.43 -37.46 -54.15
CMA CLA BJ . 54.51 -36.74 -56.27
CAA CLA BJ . 56.27 -35.91 -53.14
CBA CLA BJ . 56.04 -37.04 -52.17
CGA CLA BJ . 55.53 -36.49 -50.88
O1A CLA BJ . 55.79 -35.39 -50.37
O2A CLA BJ . 54.67 -37.32 -50.24
NB CLA BJ . 50.80 -38.52 -53.20
C1B CLA BJ . 51.71 -39.20 -53.93
C2B CLA BJ . 51.25 -40.59 -54.14
C3B CLA BJ . 50.05 -40.73 -53.50
C4B CLA BJ . 49.74 -39.39 -52.90
CMB CLA BJ . 52.02 -41.57 -54.89
CAB CLA BJ . 49.20 -41.87 -53.37
CBB CLA BJ . 47.88 -41.90 -53.50
NC CLA BJ . 49.26 -36.81 -51.41
C1C CLA BJ . 48.41 -37.87 -51.47
C2C CLA BJ . 47.24 -37.63 -50.66
C3C CLA BJ . 47.43 -36.39 -50.06
C4C CLA BJ . 48.71 -35.89 -50.54
CMC CLA BJ . 46.12 -38.56 -50.50
CAC CLA BJ . 46.52 -35.73 -49.14
CBC CLA BJ . 46.78 -36.18 -47.72
ND CLA BJ . 51.29 -34.90 -51.54
C1D CLA BJ . 50.50 -34.19 -50.61
C2D CLA BJ . 51.16 -32.92 -50.29
C3D CLA BJ . 52.33 -32.91 -50.99
C4D CLA BJ . 52.39 -34.17 -51.73
CMD CLA BJ . 50.61 -31.92 -49.40
CAD CLA BJ . 53.53 -32.16 -51.33
OBD CLA BJ . 53.83 -31.01 -51.04
CBD CLA BJ . 54.43 -33.10 -52.18
CGD CLA BJ . 55.00 -32.44 -53.39
O1D CLA BJ . 55.18 -32.92 -54.51
O2D CLA BJ . 55.37 -31.14 -53.19
CED CLA BJ . 54.72 -30.12 -53.95
C1 CLA BJ . 53.66 -36.67 -49.43
C2 CLA BJ . 53.35 -37.60 -48.32
C3 CLA BJ . 52.09 -37.81 -47.91
C4 CLA BJ . 50.95 -37.14 -48.54
C5 CLA BJ . 51.78 -38.75 -46.80
C6 CLA BJ . 50.68 -39.73 -47.16
C7 CLA BJ . 51.05 -40.61 -48.34
C8 CLA BJ . 50.18 -41.86 -48.46
C9 CLA BJ . 49.13 -41.91 -47.37
C10 CLA BJ . 51.06 -43.10 -48.41
C11 CLA BJ . 50.25 -44.38 -48.50
C12 CLA BJ . 49.66 -44.58 -49.86
C13 CLA BJ . 50.20 -45.83 -50.55
C14 CLA BJ . 49.88 -47.06 -49.73
C15 CLA BJ . 51.70 -45.74 -50.81
C16 CLA BJ . 52.02 -45.08 -52.14
C17 CLA BJ . 51.07 -45.50 -53.23
C18 CLA BJ . 51.62 -45.22 -54.62
C19 CLA BJ . 50.56 -45.41 -55.68
C20 CLA BJ . 52.82 -46.11 -54.92
MG CLA CJ . 59.97 -40.92 -52.78
CHA CLA CJ . 58.90 -39.97 -49.65
CHB CLA CJ . 63.18 -40.68 -51.74
CHC CLA CJ . 60.96 -42.09 -55.82
CHD CLA CJ . 56.60 -41.07 -53.83
NA CLA CJ . 60.87 -40.38 -50.98
C1A CLA CJ . 60.24 -40.03 -49.78
C2A CLA CJ . 61.25 -39.71 -48.70
C3A CLA CJ . 62.58 -39.65 -49.49
C4A CLA CJ . 62.21 -40.30 -50.82
CMA CLA CJ . 63.02 -38.22 -49.65
CAA CLA CJ . 61.28 -40.83 -47.70
CBA CLA CJ . 61.03 -42.18 -48.35
CGA CLA CJ . 62.25 -43.06 -48.22
O1A CLA CJ . 63.43 -42.72 -48.08
O2A CLA CJ . 61.94 -44.40 -48.28
NB CLA CJ . 61.74 -41.18 -53.67
C1B CLA CJ . 62.91 -41.27 -52.98
C2B CLA CJ . 63.90 -42.09 -53.73
C3B CLA CJ . 63.27 -42.48 -54.88
C4B CLA CJ . 61.91 -41.91 -54.86
CMB CLA CJ . 65.25 -42.37 -53.25
CAB CLA CJ . 63.75 -43.29 -55.97
CBB CLA CJ . 64.07 -42.84 -57.19
NC CLA CJ . 58.95 -41.43 -54.52
C1C CLA CJ . 59.57 -41.84 -55.67
C2C CLA CJ . 58.58 -42.07 -56.71
C3C CLA CJ . 57.34 -41.83 -56.13
C4C CLA CJ . 57.59 -41.42 -54.76
CMC CLA CJ . 58.88 -42.50 -58.06
CAC CLA CJ . 56.03 -41.91 -56.80
CBC CLA CJ . 55.52 -43.33 -56.87
ND CLA CJ . 58.14 -40.69 -51.96
C1D CLA CJ . 56.83 -40.74 -52.51
C2D CLA CJ . 55.86 -40.39 -51.45
C3D CLA CJ . 56.59 -40.12 -50.33
C4D CLA CJ . 58.00 -40.29 -50.71
CMD CLA CJ . 54.41 -40.37 -51.63
CAD CLA CJ . 56.58 -39.74 -48.93
OBD CLA CJ . 55.62 -39.58 -48.18
CBD CLA CJ . 58.05 -39.55 -48.47
CGD CLA CJ . 58.39 -38.13 -48.15
O1D CLA CJ . 59.14 -37.38 -48.77
O2D CLA CJ . 57.80 -37.66 -47.01
CED CLA CJ . 58.42 -36.52 -46.41
C1 CLA CJ . 61.93 -45.16 -47.05
C2 CLA CJ . 60.55 -45.66 -46.87
C3 CLA CJ . 59.62 -45.00 -46.14
C4 CLA CJ . 59.91 -43.74 -45.44
C5 CLA CJ . 58.24 -45.52 -45.99
C6 CLA CJ . 57.21 -44.51 -46.49
C7 CLA CJ . 57.35 -44.37 -47.99
C8 CLA CJ . 56.48 -43.24 -48.56
C9 CLA CJ . 55.10 -43.27 -47.96
C10 CLA CJ . 56.40 -43.37 -50.07
MG CLA DJ . 49.13 -31.58 -41.42
CHA CLA DJ . 47.64 -31.16 -44.50
CHB CLA DJ . 47.59 -28.76 -40.31
CHC CLA DJ . 50.65 -32.04 -38.40
CHD CLA DJ . 50.66 -34.54 -42.62
NA CLA DJ . 47.83 -30.20 -42.30
C1A CLA DJ . 47.32 -30.20 -43.60
C2A CLA DJ . 46.41 -28.99 -43.84
C3A CLA DJ . 46.43 -28.26 -42.47
C4A CLA DJ . 47.34 -29.12 -41.62
CMA CLA DJ . 46.97 -26.86 -42.59
CAA CLA DJ . 44.99 -29.34 -44.26
CBA CLA DJ . 44.21 -28.09 -44.55
CGA CLA DJ . 43.48 -28.10 -45.86
O1A CLA DJ . 43.85 -27.73 -46.97
O2A CLA DJ . 42.20 -28.62 -45.76
NB CLA DJ . 49.19 -30.53 -39.72
C1B CLA DJ . 48.40 -29.48 -39.42
C2B CLA DJ . 48.50 -29.18 -37.97
C3B CLA DJ . 49.36 -30.09 -37.44
C4B CLA DJ . 49.82 -30.97 -38.54
CMB CLA DJ . 47.75 -28.11 -37.33
CAB CLA DJ . 49.81 -30.26 -36.08
CBB CLA DJ . 51.02 -29.91 -35.64
NC CLA DJ . 50.41 -33.03 -40.66
C1C CLA DJ . 50.91 -33.01 -39.39
C2C CLA DJ . 51.78 -34.16 -39.19
C3C CLA DJ . 51.79 -34.88 -40.37
C4C CLA DJ . 50.92 -34.16 -41.29
CMC CLA DJ . 52.48 -34.46 -37.94
CAC CLA DJ . 52.50 -36.13 -40.65
CBC CLA DJ . 51.62 -37.36 -40.55
ND CLA DJ . 49.11 -32.71 -43.10
C1D CLA DJ . 49.83 -33.86 -43.47
C2D CLA DJ . 49.52 -34.18 -44.87
C3D CLA DJ . 48.68 -33.19 -45.32
C4D CLA DJ . 48.46 -32.29 -44.18
CMD CLA DJ . 50.05 -35.32 -45.60
CAD CLA DJ . 47.91 -32.68 -46.42
OBD CLA DJ . 47.76 -33.14 -47.54
CBD CLA DJ . 47.27 -31.34 -45.96
CGD CLA DJ . 47.82 -30.19 -46.74
O1D CLA DJ . 48.91 -30.13 -47.31
O2D CLA DJ . 46.98 -29.13 -46.83
CED CLA DJ . 46.76 -28.61 -48.15
C1 CLA DJ . 41.12 -27.66 -45.73
C1 XAT EJ . 35.28 -53.47 -69.59
C2 XAT EJ . 34.33 -54.25 -70.47
C3 XAT EJ . 32.95 -54.33 -69.87
C4 XAT EJ . 32.39 -52.93 -69.96
C5 XAT EJ . 33.17 -51.96 -69.08
C6 XAT EJ . 34.67 -52.25 -68.87
C7 XAT EJ . 35.49 -50.96 -68.85
C8 XAT EJ . 36.21 -50.64 -67.79
C9 XAT EJ . 37.01 -49.41 -67.74
C10 XAT EJ . 37.82 -49.16 -66.69
C11 XAT EJ . 38.62 -47.94 -66.61
C12 XAT EJ . 39.34 -47.59 -65.54
C13 XAT EJ . 40.09 -46.32 -65.62
C14 XAT EJ . 40.98 -45.88 -64.73
C15 XAT EJ . 41.37 -46.51 -63.48
C16 XAT EJ . 36.42 -53.02 -70.47
C17 XAT EJ . 35.82 -54.42 -68.52
C18 XAT EJ . 32.90 -50.47 -69.30
C19 XAT EJ . 36.93 -48.43 -68.87
C20 XAT EJ . 39.86 -45.46 -66.83
O3 XAT EJ . 32.14 -55.23 -70.62
O4 XAT EJ . 33.69 -52.44 -67.84
C21 XAT EJ . 49.79 -39.98 -56.70
C22 XAT EJ . 50.04 -38.51 -57.04
C23 XAT EJ . 50.99 -38.13 -58.17
C24 XAT EJ . 51.95 -39.26 -58.50
C25 XAT EJ . 51.20 -40.54 -58.87
C26 XAT EJ . 50.10 -40.97 -57.83
C27 XAT EJ . 48.96 -41.93 -58.17
C28 XAT EJ . 48.12 -41.92 -59.21
C29 XAT EJ . 47.11 -43.00 -59.24
C30 XAT EJ . 46.25 -43.19 -60.24
C31 XAT EJ . 45.33 -44.33 -60.11
C32 XAT EJ . 44.32 -44.63 -60.95
C33 XAT EJ . 43.55 -45.84 -60.61
C34 XAT EJ . 42.58 -46.36 -61.38
C35 XAT EJ . 42.16 -45.79 -62.65
C36 XAT EJ . 48.32 -40.12 -56.33
C37 XAT EJ . 50.60 -40.36 -55.46
C38 XAT EJ . 51.09 -40.78 -60.37
C39 XAT EJ . 47.06 -43.95 -58.07
C40 XAT EJ . 43.86 -46.54 -59.32
O23 XAT EJ . 50.23 -37.86 -59.34
O24 XAT EJ . 49.87 -40.05 -58.86
C1 XAT FJ . 37.66 -31.25 -62.96
C2 XAT FJ . 37.71 -30.45 -64.23
C3 XAT FJ . 38.93 -30.91 -65.00
C4 XAT FJ . 38.51 -32.22 -65.62
C5 XAT FJ . 38.16 -33.27 -64.56
C6 XAT FJ . 37.73 -32.77 -63.18
C7 XAT FJ . 36.62 -33.60 -62.60
C8 XAT FJ . 36.94 -34.38 -61.57
C9 XAT FJ . 35.98 -35.26 -60.87
C10 XAT FJ . 36.42 -35.90 -59.78
C11 XAT FJ . 35.60 -36.78 -58.96
C12 XAT FJ . 36.14 -37.15 -57.81
C13 XAT FJ . 35.46 -38.01 -56.84
C14 XAT FJ . 36.13 -38.38 -55.76
C15 XAT FJ . 35.57 -39.20 -54.69
C16 XAT FJ . 36.37 -30.94 -62.23
C17 XAT FJ . 38.82 -30.84 -62.07
C18 XAT FJ . 37.30 -34.45 -64.99
C19 XAT FJ . 34.56 -35.41 -61.34
C20 XAT FJ . 34.05 -38.45 -57.05
O3 XAT FJ . 39.23 -29.95 -66.02
O4 XAT FJ . 38.99 -33.39 -63.41
C21 XAT FJ . 36.16 -43.13 -42.72
C22 XAT FJ . 35.99 -44.19 -41.66
C23 XAT FJ . 34.59 -44.72 -41.76
C24 XAT FJ . 34.57 -45.61 -42.98
C25 XAT FJ . 34.99 -44.91 -44.27
C26 XAT FJ . 35.86 -43.66 -44.13
C27 XAT FJ . 36.97 -43.58 -45.15
C28 XAT FJ . 36.78 -42.58 -45.99
C29 XAT FJ . 37.64 -42.19 -47.10
C30 XAT FJ . 37.02 -41.43 -48.00
C31 XAT FJ . 37.56 -40.85 -49.21
C32 XAT FJ . 36.62 -40.64 -50.13
C33 XAT FJ . 36.90 -40.00 -51.42
C34 XAT FJ . 35.98 -39.97 -52.38
C35 XAT FJ . 36.32 -39.27 -53.61
C36 XAT FJ . 37.58 -42.59 -42.66
C37 XAT FJ . 35.21 -41.99 -42.43
C38 XAT FJ . 35.48 -45.78 -45.43
C39 XAT FJ . 39.08 -42.59 -47.19
C40 XAT FJ . 38.22 -39.33 -51.62
O23 XAT FJ . 34.31 -45.49 -40.58
O24 XAT FJ . 34.50 -43.60 -44.58
C01 8CT GJ . 11.72 -41.69 -70.52
C02 8CT GJ . 12.29 -43.12 -70.30
C03 8CT GJ . 13.12 -43.82 -71.47
C04 8CT GJ . 12.55 -45.04 -72.00
C05 8CT GJ . 11.17 -45.49 -71.23
C06 8CT GJ . 11.30 -45.48 -69.87
C07 8CT GJ . 11.73 -43.98 -69.28
C08 8CT GJ . 12.24 -44.82 -73.50
C09 8CT GJ . 13.58 -46.17 -71.88
C10 8CT GJ . 14.09 -42.96 -72.34
C11 8CT GJ . 15.32 -43.40 -72.64
C12 8CT GJ . 16.23 -42.51 -73.50
C13 8CT GJ . 17.29 -41.85 -72.94
C14 8CT GJ . 18.16 -40.95 -73.84
C15 8CT GJ . 19.41 -40.49 -73.47
C16 8CT GJ . 20.16 -39.57 -74.54
C17 8CT GJ . 21.44 -39.14 -74.38
C18 8CT GJ . 22.34 -39.48 -73.20
C19 8CT GJ . 23.34 -38.61 -72.96
C20 8CT GJ . 24.40 -38.76 -71.81
C21 8CT GJ . 25.63 -38.29 -72.14
C22 8CT GJ . 25.83 -37.69 -73.54
C23 8CT GJ . 26.87 -38.33 -71.16
C24 8CT GJ . 28.06 -37.92 -71.74
C25 8CT GJ . 29.49 -37.84 -71.08
C26 8CT GJ . 30.51 -37.38 -71.90
C27 8CT GJ . 30.15 -37.00 -73.36
C28 8CT GJ . 32.04 -37.21 -71.45
C29 8CT GJ . 32.95 -36.89 -72.47
C30 8CT GJ . 34.47 -36.66 -72.33
C31 8CT GJ . 34.85 -35.70 -71.34
C32 8CT GJ . 36.42 -35.37 -71.40
C33 8CT GJ . 37.18 -36.22 -72.29
C34 8CT GJ . 36.72 -37.81 -72.18
C35 8CT GJ . 35.37 -38.04 -72.31
C36 8CT GJ . 35.14 -38.79 -73.62
C37 8CT GJ . 34.90 -38.94 -71.11
C38 8CT GJ . 34.13 -35.65 -70.00
C39 8CT GJ . 19.40 -39.13 -75.80
C40 8CT GJ . 15.95 -42.35 -75.00
O1 LHG HJ . 47.86 -59.24 -47.85
C1 LHG HJ . 48.97 -58.51 -48.33
C2 LHG HJ . 48.62 -57.92 -49.66
O2 LHG HJ . 49.29 -56.69 -49.87
C3 LHG HJ . 47.15 -57.61 -49.80
O3 LHG HJ . 47.22 -56.35 -50.41
P LHG HJ . 46.92 -56.17 -51.96
O4 LHG HJ . 48.21 -56.32 -52.69
O5 LHG HJ . 45.58 -56.77 -52.12
O6 LHG HJ . 46.73 -54.54 -51.86
C4 LHG HJ . 46.31 -53.97 -50.68
C5 LHG HJ . 46.66 -52.49 -50.88
C6 LHG HJ . 45.75 -51.88 -51.90
O7 LHG HJ . 46.40 -51.86 -49.67
C7 LHG HJ . 47.32 -50.91 -49.35
O9 LHG HJ . 48.25 -50.65 -50.09
C8 LHG HJ . 46.97 -50.24 -48.09
C9 LHG HJ . 48.21 -49.58 -47.54
C10 LHG HJ . 48.22 -49.69 -46.03
O8 LHG HJ . 44.77 -51.23 -51.13
C23 LHG HJ . 43.71 -50.70 -51.79
O10 LHG HJ . 42.63 -51.23 -51.70
C24 LHG HJ . 43.79 -49.27 -52.30
C11 LHG HJ . 48.05 -48.26 -45.61
C12 LHG HJ . 48.70 -48.07 -44.28
C13 LHG HJ . 48.16 -46.79 -43.69
C14 LHG HJ . 48.94 -45.57 -44.11
C15 LHG HJ . 48.20 -44.39 -43.49
C16 LHG HJ . 49.05 -43.79 -42.39
C17 LHG HJ . 48.29 -42.69 -41.65
C18 LHG HJ . 49.37 -41.99 -40.85
C19 LHG HJ . 49.17 -40.50 -40.66
C20 LHG HJ . 50.60 -39.99 -40.47
C21 LHG HJ . 50.63 -38.47 -40.37
C22 LHG HJ . 49.64 -38.07 -39.30
C25 LHG HJ . 43.67 -48.22 -51.23
C26 LHG HJ . 44.96 -47.60 -50.74
C27 LHG HJ . 44.55 -46.91 -49.47
C28 LHG HJ . 45.58 -46.92 -48.36
C29 LHG HJ . 44.95 -46.18 -47.19
C30 LHG HJ . 45.72 -45.00 -46.64
C31 LHG HJ . 44.88 -43.88 -46.10
C32 LHG HJ . 45.65 -42.72 -45.55
C33 LHG HJ . 45.05 -42.38 -44.20
C34 LHG HJ . 45.48 -41.05 -43.63
C35 LHG HJ . 45.64 -40.01 -44.71
C36 LHG HJ . 46.52 -38.91 -44.18
C37 LHG HJ . 47.85 -39.53 -43.91
C38 LHG HJ . 48.95 -38.52 -43.65
C1 LMG IJ . 56.78 -35.25 -24.46
O1 LMG IJ . 58.04 -35.55 -25.08
C2 LMG IJ . 55.57 -35.78 -25.31
O2 LMG IJ . 55.37 -34.80 -26.30
C3 LMG IJ . 54.27 -35.76 -24.43
O3 LMG IJ . 53.33 -36.52 -25.13
C4 LMG IJ . 54.54 -36.38 -23.03
O4 LMG IJ . 54.82 -37.72 -23.17
C5 LMG IJ . 55.77 -35.69 -22.42
O5 LMG IJ . 55.27 -37.40 -20.90
C6 LMG IJ . 56.06 -36.26 -21.03
O6 LMG IJ . 56.88 -35.95 -23.23
C7 LMG IJ . 58.04 -36.01 -26.43
C8 LMG IJ . 58.82 -34.95 -27.27
C9 LMG IJ . 59.57 -33.97 -26.32
O7 LMG IJ . 59.83 -35.62 -27.99
C10 LMG IJ . 59.56 -36.04 -29.26
O9 LMG IJ . 58.94 -37.08 -29.42
C11 LMG IJ . 60.45 -35.38 -30.26
C12 LMG IJ . 59.75 -34.19 -30.88
C13 LMG IJ . 60.73 -33.25 -31.56
C14 LMG IJ . 59.95 -32.42 -32.55
C15 LMG IJ . 60.80 -31.23 -32.94
C16 LMG IJ . 60.13 -30.47 -34.07
C17 LMG IJ . 61.17 -29.55 -34.64
C18 LMG IJ . 60.45 -28.58 -35.56
C19 LMG IJ . 60.99 -27.21 -35.23
C20 LMG IJ . 61.76 -26.76 -36.43
C21 LMG IJ . 61.29 -25.38 -36.77
C22 LMG IJ . 62.35 -24.80 -37.65
C23 LMG IJ . 63.47 -24.38 -36.76
C24 LMG IJ . 64.64 -24.22 -37.68
C25 LMG IJ . 64.32 -23.12 -38.65
C26 LMG IJ . 65.61 -22.39 -38.92
C27 LMG IJ . 66.13 -21.84 -37.61
O8 LMG IJ . 60.22 -33.03 -27.14
C28 LMG IJ . 60.80 -31.98 -26.51
O10 LMG IJ . 60.71 -31.90 -25.30
C29 LMG IJ . 61.85 -31.30 -27.35
C30 LMG IJ . 61.40 -29.92 -27.83
C31 LMG IJ . 61.52 -29.91 -29.34
C32 LMG IJ . 61.84 -28.49 -29.79
C33 LMG IJ . 62.58 -28.63 -31.12
C34 LMG IJ . 63.12 -27.28 -31.53
C01 8CT JJ . 30.45 8.35 72.66
C02 8CT JJ . 31.68 8.37 73.61
C03 8CT JJ . 32.64 7.11 73.65
C04 8CT JJ . 33.98 7.26 74.22
C05 8CT JJ . 34.58 8.81 74.26
C06 8CT JJ . 33.85 9.69 73.54
C07 8CT JJ . 32.25 9.64 73.98
C08 8CT JJ . 33.93 6.78 75.66
C09 8CT JJ . 34.97 6.39 73.46
C10 8CT JJ . 32.40 5.97 72.63
C11 8CT JJ . 31.48 5.00 72.84
C12 8CT JJ . 31.30 3.92 71.77
C13 8CT JJ . 32.40 3.27 71.28
C14 8CT JJ . 32.31 2.17 70.19
C15 8CT JJ . 31.89 0.89 70.46
C16 8CT JJ . 31.88 -0.12 69.24
C17 8CT JJ . 32.54 0.28 68.12
C18 8CT JJ . 32.67 -0.58 66.87
C19 8CT JJ . 32.18 -0.16 65.67
C20 8CT JJ . 32.34 -1.04 64.37
C21 8CT JJ . 31.91 -2.33 64.23
C22 8CT JJ . 31.19 -3.09 65.35
C23 8CT JJ . 32.16 -3.07 62.87
C24 8CT JJ . 32.96 -4.19 62.87
C25 8CT JJ . 33.24 -4.99 61.57
C26 8CT JJ . 33.40 -6.35 61.71
C27 8CT JJ . 33.28 -6.96 63.11
C28 8CT JJ . 33.67 -7.29 60.47
C29 8CT JJ . 33.62 -8.67 60.69
C30 8CT JJ . 33.85 -9.65 59.53
C31 8CT JJ . 34.98 -10.48 59.83
C32 8CT JJ . 34.67 -11.73 60.75
C33 8CT JJ . 33.54 -12.53 60.38
C34 8CT JJ . 32.66 -11.86 59.16
C35 8CT JJ . 32.48 -10.51 59.26
C36 8CT JJ . 31.52 -10.29 60.43
C37 8CT JJ . 31.80 -9.98 57.93
C38 8CT JJ . 36.37 -9.82 59.88
C39 8CT JJ . 31.19 -1.49 69.31
C40 8CT JJ . 29.91 3.56 71.24
MG CLA KJ . 40.41 -13.14 78.49
CHA CLA KJ . 41.76 -13.25 75.31
CHB CLA KJ . 38.27 -10.72 77.50
CHC CLA KJ . 39.15 -13.05 81.67
CHD CLA KJ . 42.67 -15.66 79.48
NA CLA KJ . 40.08 -12.17 76.68
C1A CLA KJ . 40.74 -12.36 75.47
C2A CLA KJ . 40.18 -11.45 74.39
C3A CLA KJ . 39.10 -10.64 75.14
C4A CLA KJ . 39.13 -11.22 76.55
CMA CLA KJ . 39.43 -9.18 75.17
CAA CLA KJ . 39.51 -12.30 73.34
CBA CLA KJ . 39.29 -11.52 72.07
CGA CLA KJ . 40.63 -10.98 71.73
O1A CLA KJ . 41.65 -11.60 71.45
O2A CLA KJ . 40.68 -9.62 71.77
NB CLA KJ . 38.99 -12.08 79.42
C1B CLA KJ . 38.21 -11.15 78.84
C2B CLA KJ . 37.25 -10.60 79.84
C3B CLA KJ . 37.49 -11.25 81.01
C4B CLA KJ . 38.61 -12.19 80.77
CMB CLA KJ . 36.26 -9.58 79.52
CAB CLA KJ . 36.84 -11.10 82.28
CBB CLA KJ . 37.44 -10.73 83.42
NC CLA KJ . 40.82 -14.19 80.24
C1C CLA KJ . 40.17 -14.00 81.42
C2C CLA KJ . 40.70 -14.89 82.43
C3C CLA KJ . 41.71 -15.63 81.82
C4C CLA KJ . 41.77 -15.18 80.44
CMC CLA KJ . 40.25 -14.95 83.82
CAC CLA KJ . 42.53 -16.66 82.44
CBC CLA KJ . 42.21 -18.03 81.91
ND CLA KJ . 41.84 -14.28 77.65
C1D CLA KJ . 42.72 -15.23 78.17
C2D CLA KJ . 43.65 -15.67 77.12
C3D CLA KJ . 43.32 -14.95 76.01
C4D CLA KJ . 42.20 -14.09 76.39
CMD CLA KJ . 44.71 -16.66 77.29
CAD CLA KJ . 43.64 -14.67 74.63
OBD CLA KJ . 44.50 -15.16 73.93
CBD CLA KJ . 42.66 -13.57 74.14
CGD CLA KJ . 43.44 -12.36 73.74
O1D CLA KJ . 44.04 -12.18 72.68
O2D CLA KJ . 43.48 -11.39 74.67
CED CLA KJ . 44.65 -11.32 75.49
C1 CLA KJ . 41.83 -9.08 72.44
MG CLA LJ . 46.59 -18.90 68.01
CHA CLA LJ . 44.05 -20.99 69.06
CHB CLA LJ . 46.72 -20.55 65.06
CHC CLA LJ . 48.92 -16.62 66.91
CHD CLA LJ . 46.31 -17.12 71.03
NA CLA LJ . 45.58 -20.55 67.24
C1A CLA LJ . 44.54 -21.27 67.82
C2A CLA LJ . 44.07 -22.40 66.92
C3A CLA LJ . 45.05 -22.33 65.74
C4A CLA LJ . 45.86 -21.07 66.01
CMA CLA LJ . 45.91 -23.56 65.69
CAA CLA LJ . 42.68 -22.13 66.41
CBA CLA LJ . 42.56 -20.69 66.01
CGA CLA LJ . 42.61 -20.52 64.52
O1A CLA LJ . 41.75 -20.79 63.69
O2A CLA LJ . 43.77 -19.98 64.06
NB CLA LJ . 47.62 -18.65 66.32
C1B CLA LJ . 47.50 -19.41 65.21
C2B CLA LJ . 48.34 -18.84 64.13
C3B CLA LJ . 48.96 -17.73 64.64
C4B CLA LJ . 48.53 -17.60 66.05
CMB CLA LJ . 48.41 -19.47 62.82
CAB CLA LJ . 49.90 -16.82 64.05
CBB CLA LJ . 50.01 -16.54 62.76
NC CLA LJ . 47.50 -17.24 68.86
C1C CLA LJ . 48.44 -16.46 68.23
C2C CLA LJ . 48.85 -15.39 69.12
C3C CLA LJ . 48.10 -15.51 70.28
C4C CLA LJ . 47.25 -16.68 70.10
CMC CLA LJ . 49.85 -14.38 68.82
CAC CLA LJ . 48.18 -14.65 71.45
CBC CLA LJ . 47.06 -13.64 71.51
ND CLA LJ . 45.58 -19.07 69.74
C1D CLA LJ . 45.52 -18.24 70.88
C2D CLA LJ . 44.50 -18.77 71.80
C3D CLA LJ . 43.92 -19.83 71.15
C4D CLA LJ . 44.61 -19.95 69.87
CMD CLA LJ . 44.18 -18.22 73.10
CAD CLA LJ . 42.94 -20.87 71.23
OBD CLA LJ . 42.20 -21.18 72.15
CBD CLA LJ . 42.92 -21.58 69.85
CGD CLA LJ . 43.09 -23.05 69.98
O1D CLA LJ . 42.83 -23.93 69.16
O2D CLA LJ . 43.62 -23.42 71.18
CED CLA LJ . 45.02 -23.67 71.15
C1 CLA LJ . 43.66 -19.36 62.77
C2 CLA LJ . 44.96 -18.75 62.40
C3 CLA LJ . 44.98 -17.54 61.85
C4 CLA LJ . 43.73 -16.81 61.63
C5 CLA LJ . 46.22 -16.83 61.45
C6 CLA LJ . 45.90 -15.64 60.58
C7 CLA LJ . 46.17 -14.33 61.29
C8 CLA LJ . 45.01 -13.34 61.14
C9 CLA LJ . 44.32 -13.51 59.81
C10 CLA LJ . 45.50 -11.91 61.28
C11 CLA LJ . 45.92 -11.61 62.70
C12 CLA LJ . 46.28 -10.15 62.88
C13 CLA LJ . 45.94 -9.66 64.29
C14 CLA LJ . 44.80 -8.68 64.26
C15 CLA LJ . 47.15 -9.06 64.99
MG CLA MJ . 52.95 -14.51 58.92
CHA CLA MJ . 51.54 -16.94 56.91
CHB CLA MJ . 49.88 -13.68 60.05
CHC CLA MJ . 54.42 -12.17 60.96
CHD CLA MJ . 56.12 -15.41 57.68
NA CLA MJ . 51.03 -15.22 58.51
C1A CLA MJ . 50.65 -16.26 57.67
C2A CLA MJ . 49.14 -16.45 57.66
C3A CLA MJ . 48.66 -15.35 58.63
C4A CLA MJ . 49.94 -14.69 59.11
CMA CLA MJ . 47.83 -14.34 57.89
CAA CLA MJ . 48.70 -17.82 58.11
CBA CLA MJ . 47.23 -18.07 57.77
CGA CLA MJ . 46.88 -17.68 56.35
O1A CLA MJ . 47.60 -17.72 55.36
O2A CLA MJ . 45.59 -17.23 56.17
NB CLA MJ . 52.29 -13.21 60.28
C1B CLA MJ . 50.99 -12.98 60.56
C2B CLA MJ . 50.88 -11.83 61.48
C3B CLA MJ . 52.15 -11.40 61.74
C4B CLA MJ . 53.07 -12.27 60.97
CMB CLA MJ . 49.60 -11.33 61.96
CAB CLA MJ . 52.61 -10.32 62.55
CBB CLA MJ . 52.20 -9.06 62.41
NC CLA MJ . 54.91 -13.92 59.26
C1C CLA MJ . 55.29 -12.96 60.15
C2C CLA MJ . 56.74 -12.83 60.14
C3C CLA MJ . 57.22 -13.72 59.20
C4C CLA MJ . 56.06 -14.41 58.66
CMC CLA MJ . 57.49 -11.90 60.98
CAC CLA MJ . 58.60 -13.97 58.84
CBC CLA MJ . 59.12 -15.22 59.51
ND CLA MJ . 53.71 -15.80 57.58
C1D CLA MJ . 55.03 -16.05 57.15
C2D CLA MJ . 55.01 -17.11 56.13
C3D CLA MJ . 53.70 -17.49 56.01
C4D CLA MJ . 52.93 -16.65 56.94
CMD CLA MJ . 56.18 -17.64 55.44
CAD CLA MJ . 52.77 -18.37 55.37
OBD CLA MJ . 52.96 -19.23 54.53
CBD CLA MJ . 51.36 -18.05 55.91
CGD CLA MJ . 50.50 -17.62 54.76
O1D CLA MJ . 50.05 -16.51 54.53
O2D CLA MJ . 50.22 -18.63 53.91
CED CLA MJ . 49.83 -19.89 54.48
C1 CLA MJ . 44.63 -18.13 55.58
C2 CLA MJ . 44.89 -18.36 54.12
MG CLA NJ . 71.44 -12.05 65.84
CHA CLA NJ . 73.86 -9.83 64.90
CHB CLA NJ . 70.30 -12.14 62.65
CHC CLA NJ . 69.27 -14.53 66.75
CHD CLA NJ . 72.76 -12.04 69.11
NA CLA NJ . 71.96 -11.06 64.09
C1A CLA NJ . 73.03 -10.19 63.90
C2A CLA NJ . 73.09 -9.71 62.45
C3A CLA NJ . 71.84 -10.34 61.82
C4A CLA NJ . 71.31 -11.25 62.91
CMA CLA NJ . 70.85 -9.29 61.43
CAA CLA NJ . 74.34 -10.28 61.80
CBA CLA NJ . 74.17 -11.75 61.44
CGA CLA NJ . 75.36 -12.57 61.83
O1A CLA NJ . 76.00 -13.38 61.13
O2A CLA NJ . 75.75 -12.40 63.13
NB CLA NJ . 70.08 -13.16 64.87
C1B CLA NJ . 69.73 -13.03 63.57
C2B CLA NJ . 68.62 -13.95 63.25
C3B CLA NJ . 68.33 -14.63 64.41
C4B CLA NJ . 69.23 -14.13 65.46
CMB CLA NJ . 68.01 -14.03 61.93
CAB CLA NJ . 67.34 -15.64 64.64
CBB CLA NJ . 66.45 -15.61 65.64
NC CLA NJ . 71.04 -13.04 67.63
C1C CLA NJ . 70.10 -14.00 67.78
C2C CLA NJ . 70.10 -14.51 69.13
C3C CLA NJ . 71.10 -13.82 69.80
C4C CLA NJ . 71.69 -12.90 68.85
CMC CLA NJ . 69.23 -15.55 69.64
CAC CLA NJ . 71.51 -13.98 71.20
CBC CLA NJ . 72.62 -14.98 71.32
ND CLA NJ . 72.80 -11.01 66.89
C1D CLA NJ . 73.30 -11.17 68.20
C2D CLA NJ . 74.44 -10.27 68.39
C3D CLA NJ . 74.69 -9.70 67.16
C4D CLA NJ . 73.67 -10.25 66.25
CMD CLA NJ . 75.14 -10.09 69.65
CAD CLA NJ . 75.49 -8.79 66.40
OBD CLA NJ . 76.35 -8.00 66.80
CBD CLA NJ . 75.08 -8.96 64.92
CGD CLA NJ . 74.76 -7.67 64.26
O1D CLA NJ . 74.97 -7.33 63.09
O2D CLA NJ . 74.15 -6.80 65.09
CED CLA NJ . 74.10 -5.46 64.61
MG CLA OJ . 71.24 -14.63 57.93
CHA CLA OJ . 74.19 -16.43 57.74
CHB CLA OJ . 69.51 -17.51 57.98
CHC CLA OJ . 68.35 -12.79 58.23
CHD CLA OJ . 73.11 -11.65 57.78
NA CLA OJ . 71.79 -16.64 57.86
C1A CLA OJ . 73.06 -17.19 57.78
C2A CLA OJ . 73.02 -18.72 57.73
C3A CLA OJ . 71.51 -19.01 57.69
C4A CLA OJ . 70.87 -17.63 57.86
CMA CLA OJ . 71.10 -19.65 56.39
CAA CLA OJ . 73.67 -19.34 58.95
CBA CLA OJ . 72.80 -20.39 59.59
NB CLA OJ . 69.29 -15.07 58.01
C1B CLA OJ . 68.80 -16.31 58.13
C2B CLA OJ . 67.36 -16.27 58.48
C3B CLA OJ . 67.01 -14.94 58.55
C4B CLA OJ . 68.24 -14.15 58.27
CMB CLA OJ . 66.60 -17.50 58.67
CAB CLA OJ . 65.73 -14.32 58.86
CBB CLA OJ . 64.61 -14.95 59.21
NC CLA OJ . 70.80 -12.59 57.98
C1C CLA OJ . 69.55 -12.06 58.09
C2C CLA OJ . 69.65 -10.60 58.06
C3C CLA OJ . 70.99 -10.28 57.95
C4C CLA OJ . 71.71 -11.53 57.88
CMC CLA OJ . 68.54 -9.66 58.17
CAC CLA OJ . 71.56 -8.94 57.88
CBC CLA OJ . 72.14 -8.62 56.52
ND CLA OJ . 73.17 -14.09 57.85
C1D CLA OJ . 73.81 -12.83 57.77
C2D CLA OJ . 75.26 -13.03 57.70
C3D CLA OJ . 75.46 -14.39 57.73
C4D CLA OJ . 74.13 -15.01 57.78
CMD CLA OJ . 76.25 -11.97 57.66
CAD CLA OJ . 76.43 -15.46 57.73
OBD CLA OJ . 77.65 -15.41 57.80
CBD CLA OJ . 75.64 -16.79 57.63
CGD CLA OJ . 75.91 -17.42 56.31
O1D CLA OJ . 75.43 -17.09 55.23
O2D CLA OJ . 76.78 -18.44 56.35
CED CLA OJ . 78.12 -18.18 55.91
MG CLA PJ . 65.43 -7.85 56.37
CHA CLA PJ . 65.17 -4.44 56.01
CHB CLA PJ . 62.65 -7.87 58.32
CHC CLA PJ . 65.52 -11.27 56.40
CHD CLA PJ . 68.20 -7.81 54.20
NA CLA PJ . 64.18 -6.36 57.11
C1A CLA PJ . 64.21 -4.99 56.82
C2A CLA PJ . 63.11 -4.26 57.57
C3A CLA PJ . 62.38 -5.39 58.35
C4A CLA PJ . 63.11 -6.64 57.92
CMA CLA PJ . 62.47 -5.22 59.84
CAA CLA PJ . 62.18 -3.48 56.67
CBA CLA PJ . 61.61 -4.28 55.53
CGA CLA PJ . 60.64 -3.41 54.80
O1A CLA PJ . 60.17 -2.33 55.15
O2A CLA PJ . 60.24 -3.95 53.61
NB CLA PJ . 64.28 -9.30 57.17
C1B CLA PJ . 63.22 -9.11 57.98
C2B CLA PJ . 62.70 -10.41 58.46
C3B CLA PJ . 63.51 -11.39 57.93
C4B CLA PJ . 64.54 -10.68 57.12
CMB CLA PJ . 61.55 -10.52 59.35
CAB CLA PJ . 63.46 -12.82 58.09
CBB CLA PJ . 64.49 -13.61 58.45
NC CLA PJ . 66.68 -9.27 55.52
C1C CLA PJ . 66.53 -10.61 55.66
C2C CLA PJ . 67.56 -11.30 54.90
C3C CLA PJ . 68.32 -10.33 54.27
C4C CLA PJ . 67.75 -9.05 54.65
CMC CLA PJ . 67.70 -12.74 54.83
CAC CLA PJ . 69.45 -10.56 53.37
CBC CLA PJ . 70.68 -10.98 54.12
ND CLA PJ . 66.62 -6.47 55.52
C1D CLA PJ . 67.68 -6.60 54.59
C2D CLA PJ . 68.06 -5.26 54.12
C3D CLA PJ . 67.14 -4.40 54.64
C4D CLA PJ . 66.22 -5.21 55.46
CMD CLA PJ . 69.20 -4.99 53.25
CAD CLA PJ . 66.72 -3.03 54.76
OBD CLA PJ . 67.27 -2.00 54.40
CBD CLA PJ . 65.35 -3.04 55.48
CGD CLA PJ . 65.30 -1.99 56.53
O1D CLA PJ . 65.28 -2.15 57.75
O2D CLA PJ . 65.24 -0.73 56.03
CED CLA PJ . 65.61 0.34 56.92
C1 CLA PJ . 59.02 -3.42 53.04
C2 CLA PJ . 58.48 -4.44 52.09
MG CHL QJ . 63.42 -29.11 61.06
CHA CHL QJ . 62.13 -26.66 63.03
CHB CHL QJ . 66.34 -27.43 60.92
CHC CHL QJ . 64.70 -31.66 59.15
CHD CHL QJ . 60.31 -30.80 61.22
NA CHL QJ . 64.11 -27.39 61.80
C1A CHL QJ . 63.52 -26.57 62.58
C2A CHL QJ . 64.35 -25.44 63.05
C3A CHL QJ . 65.55 -25.55 62.17
C4A CHL QJ . 65.33 -26.88 61.57
CMA CHL QJ . 65.49 -24.52 61.07
CAA CHL QJ . 64.71 -25.61 64.53
CBA CHL QJ . 65.37 -26.93 64.84
CGA CHL QJ . 65.98 -26.86 66.22
O1A CHL QJ . 65.27 -26.95 67.20
O2A CHL QJ . 67.39 -26.70 66.42
NB CHL QJ . 65.22 -29.47 60.17
C1B CHL QJ . 66.32 -28.70 60.21
C2B CHL QJ . 67.51 -29.18 59.49
C3B CHL QJ . 67.00 -30.45 59.00
C4B CHL QJ . 65.59 -30.53 59.43
CMB CHL QJ . 68.86 -28.56 59.34
CAB CHL QJ . 67.75 -31.40 58.16
CBB CHL QJ . 67.21 -31.79 57.04
NC CHL QJ . 62.67 -30.88 60.33
C1C CHL QJ . 63.30 -31.80 59.57
C2C CHL QJ . 62.46 -32.97 59.23
C3C CHL QJ . 61.18 -32.71 59.84
C4C CHL QJ . 61.42 -31.41 60.48
CMC CHL QJ . 62.78 -34.17 58.44
OMC CHL QJ . 63.85 -34.28 57.87
CAC CHL QJ . 59.91 -33.51 59.86
CBC CHL QJ . 60.16 -34.82 60.56
ND CHL QJ . 61.58 -28.89 61.89
C1D CHL QJ . 60.41 -29.55 61.92
C2D CHL QJ . 59.37 -28.84 62.73
C3D CHL QJ . 60.14 -27.67 63.15
C4D CHL QJ . 61.35 -27.79 62.64
CMD CHL QJ . 57.96 -28.99 63.16
CAD CHL QJ . 60.03 -26.45 63.93
OBD CHL QJ . 58.97 -26.08 64.54
CBD CHL QJ . 61.32 -25.74 63.88
CGD CHL QJ . 61.15 -24.43 63.21
O1D CHL QJ . 60.97 -24.38 62.02
O2D CHL QJ . 61.25 -23.22 63.99
CED CHL QJ . 62.41 -22.40 63.81
C1 CHL QJ . 67.95 -27.12 67.67
MG CLA RJ . 58.69 -20.97 55.36
CHA CLA RJ . 55.50 -21.53 56.52
CHB CLA RJ . 58.15 -23.17 52.85
CHC CLA RJ . 61.64 -20.01 53.96
CHD CLA RJ . 59.15 -18.63 57.94
NA CLA RJ . 57.10 -22.19 54.84
C1A CLA RJ . 55.85 -22.26 55.43
C2A CLA RJ . 54.96 -23.27 54.71
C3A CLA RJ . 55.95 -23.99 53.78
C4A CLA RJ . 57.15 -23.05 53.79
CMA CLA RJ . 56.29 -25.31 54.37
CAA CLA RJ . 53.91 -22.54 53.89
CBA CLA RJ . 54.46 -21.36 53.12
CGA CLA RJ . 53.61 -21.09 51.93
O1A CLA RJ . 53.46 -21.80 50.94
O2A CLA RJ . 52.91 -19.91 51.97
NB CLA RJ . 59.71 -21.49 53.72
C1B CLA RJ . 59.29 -22.37 52.78
C2B CLA RJ . 60.27 -22.39 51.66
C3B CLA RJ . 61.24 -21.51 51.97
C4B CLA RJ . 60.92 -20.92 53.29
CMB CLA RJ . 60.14 -23.24 50.49
CAB CLA RJ . 62.41 -21.15 51.23
CBB CLA RJ . 62.55 -19.95 50.67
NC CLA RJ . 60.18 -19.65 55.93
C1C CLA RJ . 61.32 -19.43 55.22
C2C CLA RJ . 62.13 -18.44 55.88
C3C CLA RJ . 61.42 -18.01 56.99
C4C CLA RJ . 60.18 -18.77 57.01
CMC CLA RJ . 63.42 -17.98 55.40
CAC CLA RJ . 61.83 -16.98 57.94
CBC CLA RJ . 62.08 -17.52 59.32
ND CLA RJ . 57.70 -20.35 57.00
C1D CLA RJ . 57.99 -19.34 57.94
C2D CLA RJ . 56.85 -19.21 58.85
C3D CLA RJ . 55.86 -20.04 58.37
C4D CLA RJ . 56.44 -20.70 57.19
CMD CLA RJ . 56.81 -18.33 60.00
CAD CLA RJ . 54.52 -20.56 58.54
OBD CLA RJ . 53.72 -20.37 59.44
CBD CLA RJ . 54.23 -21.45 57.30
CGD CLA RJ . 53.83 -22.82 57.73
O1D CLA RJ . 54.57 -23.78 57.91
O2D CLA RJ . 52.50 -22.96 57.93
CED CLA RJ . 51.99 -24.29 57.98
C1 CLA RJ . 52.59 -19.24 50.72
C2 CLA RJ . 53.77 -18.42 50.35
C3 CLA RJ . 54.00 -17.15 50.73
C4 CLA RJ . 53.06 -16.35 51.56
C5 CLA RJ . 55.21 -16.43 50.30
MG CLA SJ . 60.77 -26.16 71.75
CHA CLA SJ . 60.88 -29.56 71.14
CHB CLA SJ . 59.53 -26.74 74.84
CHC CLA SJ . 61.19 -22.85 72.46
CHD CLA SJ . 62.09 -25.61 68.53
NA CLA SJ . 60.22 -27.88 72.77
C1A CLA SJ . 60.39 -29.21 72.36
C2A CLA SJ . 59.88 -30.15 73.43
C3A CLA SJ . 59.17 -29.21 74.43
C4A CLA SJ . 59.67 -27.83 74.01
CMA CLA SJ . 57.67 -29.32 74.37
CAA CLA SJ . 61.09 -30.78 74.07
CBA CLA SJ . 62.27 -29.85 74.26
CGA CLA SJ . 62.06 -28.91 75.39
O1A CLA SJ . 61.36 -29.08 76.40
O2A CLA SJ . 62.69 -27.70 75.27
NB CLA SJ . 60.43 -25.01 73.36
C1B CLA SJ . 59.96 -25.44 74.53
C2B CLA SJ . 59.94 -24.33 75.51
C3B CLA SJ . 60.42 -23.23 74.84
C4B CLA SJ . 60.73 -23.64 73.46
CMB CLA SJ . 59.46 -24.50 76.87
CAB CLA SJ . 60.63 -21.87 75.25
CBB CLA SJ . 60.23 -21.32 76.39
NC CLA SJ . 61.41 -24.52 70.65
C1C CLA SJ . 61.48 -23.25 71.13
C2C CLA SJ . 61.99 -22.36 70.11
C3C CLA SJ . 62.28 -23.14 69.01
C4C CLA SJ . 61.92 -24.50 69.36
CMC CLA SJ . 62.18 -20.92 70.28
CAC CLA SJ . 62.81 -22.70 67.71
CBC CLA SJ . 64.32 -22.70 67.63
ND CLA SJ . 61.16 -27.25 70.09
C1D CLA SJ . 61.76 -26.90 68.86
C2D CLA SJ . 61.96 -28.11 68.07
C3D CLA SJ . 61.65 -29.16 68.90
C4D CLA SJ . 61.20 -28.57 70.16
CMD CLA SJ . 62.45 -28.15 66.70
CAD CLA SJ . 61.51 -30.57 69.01
OBD CLA SJ . 61.63 -31.42 68.15
CBD CLA SJ . 61.18 -30.89 70.50
CGD CLA SJ . 60.09 -31.90 70.61
O1D CLA SJ . 59.16 -32.10 69.83
O2D CLA SJ . 60.19 -32.70 71.69
CED CLA SJ . 60.01 -34.11 71.49
C1 CLA SJ . 63.07 -27.08 76.52
C2 CLA SJ . 63.28 -25.62 76.33
C3 CLA SJ . 63.84 -24.87 77.30
C4 CLA SJ . 64.29 -25.46 78.57
C5 CLA SJ . 64.06 -23.40 77.13
MG CLA TJ . 50.38 -17.61 84.06
CHA CLA TJ . 52.04 -20.53 83.30
CHB CLA TJ . 49.07 -19.10 86.81
CHC CLA TJ . 48.74 -14.70 84.78
CHD CLA TJ . 51.85 -16.08 81.24
NA CLA TJ . 50.52 -19.51 84.87
C1A CLA TJ . 51.27 -20.60 84.42
C2A CLA TJ . 51.10 -21.82 85.30
C3A CLA TJ . 50.00 -21.37 86.29
C4A CLA TJ . 49.84 -19.89 85.99
CMA CLA TJ . 48.69 -22.09 86.04
CAA CLA TJ . 52.39 -22.11 86.05
NB CLA TJ . 49.05 -17.05 85.46
C1B CLA TJ . 48.84 -17.73 86.61
C2B CLA TJ . 48.23 -16.84 87.62
C3B CLA TJ . 48.14 -15.60 87.05
C4B CLA TJ . 48.63 -15.72 85.66
CMB CLA TJ . 47.87 -17.28 88.97
CAB CLA TJ . 47.66 -14.35 87.56
CBB CLA TJ . 48.40 -13.26 87.77
NC CLA TJ . 50.29 -15.74 83.15
C1C CLA TJ . 49.53 -14.70 83.60
C2C CLA TJ . 49.66 -13.57 82.70
C3C CLA TJ . 50.59 -13.94 81.73
C4C CLA TJ . 50.97 -15.31 82.02
CMC CLA TJ . 48.99 -12.30 82.87
CAC CLA TJ . 51.05 -13.12 80.61
CBC CLA TJ . 52.19 -12.22 81.01
ND CLA TJ . 51.68 -18.10 82.63
C1D CLA TJ . 52.19 -17.38 81.53
C2D CLA TJ . 53.09 -18.26 80.77
C3D CLA TJ . 53.05 -19.49 81.38
C4D CLA TJ . 52.16 -19.34 82.53
CMD CLA TJ . 53.83 -17.84 79.58
CAD CLA TJ . 53.54 -20.84 81.41
OBD CLA TJ . 54.33 -21.39 80.65
CBD CLA TJ . 52.87 -21.57 82.61
MG CLA UJ . 59.50 -17.89 80.49
CHA CLA UJ . 58.65 -20.84 82.10
CHB CLA UJ . 62.20 -19.41 79.20
CHC CLA UJ . 60.37 -14.90 79.02
CHD CLA UJ . 56.71 -16.34 81.98
NA CLA UJ . 60.25 -19.84 80.59
C1A CLA UJ . 59.76 -20.93 81.31
C2A CLA UJ . 60.62 -22.17 81.11
C3A CLA UJ . 61.65 -21.70 80.07
C4A CLA UJ . 61.36 -20.21 79.93
CMA CLA UJ . 63.07 -21.94 80.52
CAA CLA UJ . 59.84 -23.33 80.53
CBA CLA UJ . 60.69 -24.58 80.42
CGA CLA UJ . 60.77 -25.25 81.76
O1A CLA UJ . 60.33 -24.86 82.84
O2A CLA UJ . 61.43 -26.46 81.73
NB CLA UJ . 60.96 -17.29 79.26
C1B CLA UJ . 62.05 -18.03 78.99
C2B CLA UJ . 63.10 -17.19 78.38
C3B CLA UJ . 62.60 -15.91 78.33
C4B CLA UJ . 61.21 -15.96 78.87
CMB CLA UJ . 64.40 -17.70 77.98
CAB CLA UJ . 63.26 -14.73 77.84
CBB CLA UJ . 63.37 -13.58 78.52
NC CLA UJ . 58.66 -15.98 80.48
C1C CLA UJ . 59.16 -14.91 79.79
C2C CLA UJ . 58.30 -13.75 79.99
C3C CLA UJ . 57.30 -14.15 80.85
C4C CLA UJ . 57.51 -15.56 81.15
CMC CLA UJ . 58.51 -12.41 79.43
CAC CLA UJ . 56.18 -13.34 81.34
CBC CLA UJ . 56.57 -12.44 82.49
ND CLA UJ . 57.99 -18.40 81.73
C1D CLA UJ . 56.92 -17.66 82.27
C2D CLA UJ . 56.14 -18.54 83.16
C3D CLA UJ . 56.77 -19.76 83.14
C4D CLA UJ . 57.92 -19.63 82.23
CMD CLA UJ . 54.96 -18.13 83.90
CAD CLA UJ . 56.77 -21.12 83.65
OBD CLA UJ . 55.99 -21.65 84.43
CBD CLA UJ . 57.99 -21.85 82.99
CGD CLA UJ . 59.01 -22.38 83.95
O1D CLA UJ . 60.14 -21.95 84.14
O2D CLA UJ . 58.61 -23.46 84.66
CED CLA UJ . 59.43 -23.87 85.75
C1 CLA UJ . 62.53 -26.69 82.64
C2 CLA UJ . 63.66 -25.82 82.20
C3 CLA UJ . 64.46 -25.16 83.04
C4 CLA UJ . 65.56 -24.30 82.56
C5 CLA UJ . 64.29 -25.25 84.52
C6 CLA UJ . 64.01 -23.91 85.17
C7 CLA UJ . 63.71 -24.10 86.63
MG CLA VJ . 54.17 -1.23 73.40
CHA CLA VJ . 55.43 1.96 73.84
CHB CLA VJ . 55.13 -2.03 76.55
CHC CLA VJ . 52.89 -4.37 72.93
CHD CLA VJ . 53.04 -0.28 70.20
NA CLA VJ . 55.14 -0.19 74.91
C1A CLA VJ . 55.57 1.13 74.91
C2A CLA VJ . 56.22 1.49 76.23
C3A CLA VJ . 56.23 0.17 77.00
C4A CLA VJ . 55.44 -0.78 76.11
CMA CLA VJ . 57.62 -0.35 77.18
CAA CLA VJ . 55.33 2.48 76.92
CBA CLA VJ . 54.39 1.76 77.85
CGA CLA VJ . 53.01 1.79 77.29
O1A CLA VJ . 52.11 2.58 77.58
O2A CLA VJ . 52.74 0.81 76.39
NB CLA VJ . 53.98 -2.86 74.54
C1B CLA VJ . 54.45 -3.00 75.80
C2B CLA VJ . 54.22 -4.39 76.28
C3B CLA VJ . 53.60 -5.05 75.26
C4B CLA VJ . 53.46 -4.10 74.13
CMB CLA VJ . 54.65 -4.86 77.59
CAB CLA VJ . 53.17 -6.42 75.17
CBB CLA VJ . 53.98 -7.46 75.36
NC CLA VJ . 53.18 -2.16 71.83
C1C CLA VJ . 52.76 -3.46 71.85
C2C CLA VJ . 52.11 -3.78 70.61
C3C CLA VJ . 52.13 -2.63 69.84
C4C CLA VJ . 52.80 -1.60 70.62
CMC CLA VJ . 51.55 -5.09 70.29
CAC CLA VJ . 51.58 -2.46 68.49
CBC CLA VJ . 50.11 -2.17 68.52
ND CLA VJ . 54.31 0.37 72.19
C1D CLA VJ . 53.74 0.65 70.93
C2D CLA VJ . 54.07 2.04 70.56
C3D CLA VJ . 54.79 2.56 71.61
C4D CLA VJ . 54.85 1.50 72.63
CMD CLA VJ . 53.72 2.68 69.30
CAD CLA VJ . 55.47 3.71 72.15
OBD CLA VJ . 55.78 4.77 71.61
CBD CLA VJ . 55.81 3.39 73.63
CGD CLA VJ . 57.25 3.64 73.90
O1D CLA VJ . 58.08 2.88 74.43
O2D CLA VJ . 57.69 4.86 73.48
CED CLA VJ . 58.73 5.47 74.22
C1 CLA VJ . 51.32 0.57 76.19
C2 CLA VJ . 51.09 -0.24 74.97
C3 CLA VJ . 49.84 -0.46 74.55
C4 CLA VJ . 48.66 0.10 75.25
C5 CLA VJ . 49.55 -1.27 73.32
C6 CLA VJ . 49.82 -2.75 73.49
C7 CLA VJ . 49.44 -3.25 74.87
C8 CLA VJ . 49.42 -4.77 74.96
C9 CLA VJ . 48.09 -5.30 74.46
C10 CLA VJ . 49.70 -5.24 76.38
MG CLA WJ . 53.70 2.46 82.58
CHA CLA WJ . 50.82 2.70 80.68
CHB CLA WJ . 53.03 5.47 83.96
CHC CLA WJ . 56.45 2.08 84.56
CHD CLA WJ . 54.47 -0.57 80.93
NA CLA WJ . 52.17 3.85 82.33
C1A CLA WJ . 51.06 3.76 81.50
C2A CLA WJ . 50.19 4.99 81.62
C3A CLA WJ . 51.06 5.94 82.45
C4A CLA WJ . 52.15 5.03 82.99
CMA CLA WJ . 51.67 6.97 81.56
CAA CLA WJ . 48.90 4.65 82.34
CBA CLA WJ . 47.89 5.79 82.23
CGA CLA WJ . 47.41 5.91 80.82
O1A CLA WJ . 47.08 6.93 80.21
O2A CLA WJ . 47.32 4.71 80.18
NB CLA WJ . 54.61 3.60 83.93
C1B CLA WJ . 54.09 4.72 84.48
C2B CLA WJ . 54.82 5.08 85.71
C3B CLA WJ . 55.79 4.12 85.89
C4B CLA WJ . 55.67 3.17 84.75
CMB CLA WJ . 54.49 6.25 86.52
CAB CLA WJ . 56.77 3.97 86.93
CBB CLA WJ . 56.81 2.94 87.76
NC CLA WJ . 55.19 1.02 82.70
C1C CLA WJ . 56.22 1.06 83.59
C2C CLA WJ . 57.08 -0.10 83.42
C3C CLA WJ . 56.53 -0.84 82.38
C4C CLA WJ . 55.35 -0.13 81.93
CMC CLA WJ . 58.27 -0.37 84.22
CAC CLA WJ . 57.04 -2.10 81.84
CBC CLA WJ . 56.21 -3.28 82.27
ND CLA WJ . 52.85 1.25 81.21
C1D CLA WJ . 53.30 0.06 80.58
C2D CLA WJ . 52.29 -0.37 79.59
C3D CLA WJ . 51.28 0.57 79.64
C4D CLA WJ . 51.71 1.59 80.62
CMD CLA WJ . 52.40 -1.59 78.82
CAD CLA WJ . 50.00 1.01 79.14
OBD CLA WJ . 49.20 0.41 78.42
CBD CLA WJ . 49.72 2.44 79.70
CGD CLA WJ . 49.71 3.50 78.64
O1D CLA WJ . 50.09 4.67 78.74
O2D CLA WJ . 49.26 3.11 77.42
CED CLA WJ . 48.53 4.07 76.67
MG CLA XJ . 59.69 -23.96 45.60
CHA CLA XJ . 60.74 -26.21 43.22
CHB CLA XJ . 61.61 -21.56 44.17
CHC CLA XJ . 58.46 -21.74 47.86
CHD CLA XJ . 57.84 -26.53 47.12
NA CLA XJ . 60.97 -23.93 43.96
C1A CLA XJ . 61.27 -24.97 43.08
C2A CLA XJ . 62.23 -24.50 42.00
C3A CLA XJ . 62.65 -23.10 42.46
C4A CLA XJ . 61.67 -22.81 43.59
CMA CLA XJ . 64.07 -23.09 42.92
CAA CLA XJ . 61.41 -24.37 40.73
CBA CLA XJ . 62.29 -24.36 39.50
CGA CLA XJ . 61.44 -24.49 38.28
O1A CLA XJ . 60.45 -23.83 37.96
O2A CLA XJ . 61.88 -25.46 37.42
NB CLA XJ . 60.04 -22.04 46.00
C1B CLA XJ . 60.76 -21.21 45.23
C2B CLA XJ . 60.58 -19.80 45.66
C3B CLA XJ . 59.69 -19.84 46.71
C4B CLA XJ . 59.33 -21.26 46.94
CMB CLA XJ . 61.23 -18.69 45.00
CAB CLA XJ . 59.13 -18.78 47.50
CBB CLA XJ . 59.76 -17.66 47.85
NC CLA XJ . 58.39 -24.12 47.20
C1C CLA XJ . 58.01 -23.07 47.98
C2C CLA XJ . 57.07 -23.54 48.98
C3C CLA XJ . 56.92 -24.90 48.79
C4C CLA XJ . 57.75 -25.26 47.67
CMC CLA XJ . 56.43 -22.69 49.98
CAC CLA XJ . 56.09 -25.82 49.57
CBC CLA XJ . 54.85 -26.30 48.85
ND CLA XJ . 59.29 -25.91 45.27
C1D CLA XJ . 58.54 -26.86 46.00
C2D CLA XJ . 58.65 -28.17 45.32
C3D CLA XJ . 59.44 -27.96 44.22
C4D CLA XJ . 59.85 -26.55 44.26
CMD CLA XJ . 57.98 -29.38 45.76
CAD CLA XJ . 60.07 -28.55 43.07
OBD CLA XJ . 59.93 -29.68 42.63
CBD CLA XJ . 60.98 -27.46 42.44
CGD CLA XJ . 62.41 -27.82 42.60
O1D CLA XJ . 63.07 -27.80 43.63
O2D CLA XJ . 63.03 -28.17 41.45
CED CLA XJ . 64.39 -27.80 41.37
C1 CLA XJ . 61.51 -26.83 37.71
MG CLA YJ . 71.31 -36.72 59.21
CHA CLA YJ . 72.90 -38.54 61.67
CHB CLA YJ . 74.32 -35.92 57.88
CHC CLA YJ . 69.69 -35.18 56.65
CHD CLA YJ . 68.21 -37.58 60.67
NA CLA YJ . 73.28 -37.14 59.75
C1A CLA YJ . 73.73 -37.92 60.80
C2A CLA YJ . 75.24 -37.97 60.82
C3A CLA YJ . 75.63 -36.85 59.84
C4A CLA YJ . 74.33 -36.62 59.07
CMA CLA YJ . 76.01 -35.61 60.59
CAA CLA YJ . 75.63 -39.33 60.26
CBA CLA YJ . 77.00 -39.73 60.75
CGA CLA YJ . 77.10 -39.46 62.21
O1A CLA YJ . 76.48 -39.97 63.14
O2A CLA YJ . 78.03 -38.50 62.50
NB CLA YJ . 71.89 -35.59 57.66
C1B CLA YJ . 73.16 -35.65 57.15
C2B CLA YJ . 73.15 -35.39 55.69
C3B CLA YJ . 71.84 -35.18 55.34
C4B CLA YJ . 71.04 -35.28 56.58
CMB CLA YJ . 74.35 -35.41 54.88
CAB CLA YJ . 71.26 -34.93 54.05
CBB CLA YJ . 70.91 -33.72 53.59
NC CLA YJ . 69.31 -36.39 58.78
C1C CLA YJ . 68.88 -35.69 57.70
C2C CLA YJ . 67.44 -35.62 57.72
C3C CLA YJ . 67.01 -36.34 58.83
C4C CLA YJ . 68.20 -36.81 59.50
CMC CLA YJ . 66.66 -34.96 56.67
CAC CLA YJ . 65.63 -36.57 59.26
CBC CLA YJ . 65.26 -35.73 60.45
ND CLA YJ . 70.64 -37.85 60.73
C1D CLA YJ . 69.35 -38.10 61.24
C2D CLA YJ . 69.45 -38.94 62.46
C3D CLA YJ . 70.80 -39.15 62.66
C4D CLA YJ . 71.49 -38.43 61.58
CMD CLA YJ . 68.31 -39.42 63.22
CAD CLA YJ . 71.81 -39.76 63.49
OBD CLA YJ . 71.68 -40.47 64.47
CBD CLA YJ . 73.19 -39.35 62.91
CGD CLA YJ . 73.95 -38.54 63.91
O1D CLA YJ . 74.25 -37.35 63.86
O2D CLA YJ . 74.35 -39.26 64.99
CED CLA YJ . 74.09 -38.68 66.27
C1 CLA YJ . 79.37 -38.73 62.05
C2 CLA YJ . 80.20 -37.60 62.56
C3 CLA YJ . 81.53 -37.63 62.63
C4 CLA YJ . 82.34 -38.79 62.21
C5 CLA YJ . 82.28 -36.45 63.16
C6 CLA YJ . 81.36 -35.34 63.62
C7 CLA YJ . 81.80 -34.78 64.95
C8 CLA YJ . 81.34 -35.64 66.12
C9 CLA YJ . 80.14 -35.01 66.81
C10 CLA YJ . 82.48 -35.84 67.11
C11 CLA YJ . 83.60 -36.68 66.54
C12 CLA YJ . 83.21 -38.15 66.42
C13 CLA YJ . 83.72 -38.98 67.59
C14 CLA YJ . 84.31 -40.28 67.09
C15 CLA YJ . 82.61 -39.26 68.61
C16 CLA YJ . 81.24 -39.21 67.96
C17 CLA YJ . 80.15 -38.90 68.96
C18 CLA YJ . 78.81 -38.74 68.26
C19 CLA YJ . 78.44 -40.00 67.53
C20 CLA YJ . 77.74 -38.36 69.26
MG CLA ZJ . 47.46 -1.83 59.89
CHA CLA ZJ . 46.04 0.95 61.30
CHB CLA ZJ . 46.35 -0.87 56.84
CHC CLA ZJ . 48.73 -4.72 58.60
CHD CLA ZJ . 48.73 -2.72 63.06
NA CLA ZJ . 46.35 -0.20 59.21
C1A CLA ZJ . 45.82 0.85 59.96
C2A CLA ZJ . 45.08 1.83 59.06
C3A CLA ZJ . 45.38 1.29 57.63
C4A CLA ZJ . 46.05 -0.04 57.89
CMA CLA ZJ . 44.17 1.11 56.75
CAA CLA ZJ . 45.63 3.22 59.20
CBA CLA ZJ . 44.54 4.27 59.31
CGA CLA ZJ . 43.56 4.13 58.20
O1A CLA ZJ . 43.56 4.72 57.12
O2A CLA ZJ . 42.56 3.24 58.48
NB CLA ZJ . 47.56 -2.62 58.05
C1B CLA ZJ . 47.01 -2.11 56.94
C2B CLA ZJ . 47.25 -3.02 55.80
C3B CLA ZJ . 47.92 -4.10 56.28
C4B CLA ZJ . 48.12 -3.87 57.73
CMB CLA ZJ . 46.78 -2.78 54.43
CAB CLA ZJ . 48.36 -5.28 55.61
CBB CLA ZJ . 49.63 -5.72 55.57
NC CLA ZJ . 48.50 -3.43 60.70
C1C CLA ZJ . 48.90 -4.52 60.00
C2C CLA ZJ . 49.58 -5.46 60.88
C3C CLA ZJ . 49.61 -4.87 62.13
C4C CLA ZJ . 48.92 -3.61 62.01
CMC CLA ZJ . 50.14 -6.75 60.45
CAC CLA ZJ . 50.19 -5.40 63.37
CBC CLA ZJ . 49.14 -5.96 64.29
ND CLA ZJ . 47.38 -1.15 61.78
C1D CLA ZJ . 48.01 -1.57 62.96
C2D CLA ZJ . 47.74 -0.61 64.03
C3D CLA ZJ . 46.97 0.36 63.46
C4D CLA ZJ . 46.79 0.00 62.04
CMD CLA ZJ . 48.22 -0.73 65.40
CAD CLA ZJ . 46.29 1.60 63.68
OBD CLA ZJ . 46.13 2.25 64.71
CBD CLA ZJ . 45.73 2.03 62.30
CGD CLA ZJ . 44.27 2.26 62.41
O1D CLA ZJ . 43.42 1.42 62.66
O2D CLA ZJ . 43.92 3.57 62.24
CED CLA ZJ . 44.76 4.57 62.81
C1 CLA ZJ . 42.03 3.25 59.84
C2 CLA ZJ . 41.77 1.84 60.19
C3 CLA ZJ . 40.63 1.22 59.86
C4 CLA ZJ . 39.56 1.92 59.13
C5 CLA ZJ . 40.38 -0.20 60.22
C6 CLA ZJ . 41.59 -0.94 60.73
C7 CLA ZJ . 42.56 -1.32 59.62
C8 CLA ZJ . 42.04 -2.44 58.75
C9 CLA ZJ . 41.37 -3.51 59.59
C10 CLA ZJ . 43.17 -3.05 57.92
C11 CLA ZJ . 43.73 -4.30 58.55
C12 CLA ZJ . 44.92 -4.00 59.43
C13 CLA ZJ . 45.03 -4.96 60.62
C14 CLA ZJ . 44.58 -6.35 60.24
C15 CLA ZJ . 44.23 -4.45 61.81
C16 CLA ZJ . 45.04 -4.56 63.08
C17 CLA ZJ . 44.20 -4.27 64.30
C18 CLA ZJ . 45.02 -4.23 65.58
C19 CLA ZJ . 44.69 -3.00 66.39
C20 CLA ZJ . 44.76 -5.48 66.39
MG CLA AK . 47.28 -22.20 52.42
CHA CLA AK . 47.64 -25.65 52.36
CHB CLA AK . 44.39 -22.52 54.13
CHC CLA AK . 46.81 -18.84 52.10
CHD CLA AK . 50.36 -21.91 50.72
NA CLA AK . 46.22 -23.84 53.14
C1A CLA AK . 46.50 -25.21 53.00
C2A CLA AK . 45.39 -26.03 53.69
C3A CLA AK . 44.70 -24.97 54.58
C4A CLA AK . 45.08 -23.67 53.88
CMA CLA AK . 43.22 -25.12 54.75
CAA CLA AK . 45.86 -27.24 54.47
CBA CLA AK . 44.90 -28.41 54.35
CGA CLA AK . 44.04 -28.39 53.11
O1A CLA AK . 44.25 -28.91 52.02
O2A CLA AK . 42.87 -27.70 53.27
NB CLA AK . 45.92 -20.90 53.12
C1B CLA AK . 44.71 -21.26 53.58
C2B CLA AK . 43.76 -20.14 53.47
C3B CLA AK . 44.44 -19.10 52.90
C4B CLA AK . 45.83 -19.57 52.67
CMB CLA AK . 42.36 -20.23 53.90
CAB CLA AK . 44.01 -17.79 52.53
CBB CLA AK . 43.98 -17.35 51.27
NC CLA AK . 48.41 -20.66 51.61
C1C CLA AK . 48.04 -19.35 51.60
C2C CLA AK . 49.07 -18.54 50.97
C3C CLA AK . 50.07 -19.42 50.57
C4C CLA AK . 49.64 -20.74 50.97
CMC CLA AK . 49.01 -17.09 50.80
CAC CLA AK . 51.35 -19.13 49.90
CBC CLA AK . 51.15 -18.85 48.43
ND CLA AK . 48.67 -23.42 51.64
C1D CLA AK . 49.91 -23.16 51.02
C2D CLA AK . 50.59 -24.43 50.76
C3D CLA AK . 49.75 -25.40 51.22
C4D CLA AK . 48.58 -24.73 51.80
CMD CLA AK . 51.88 -24.54 50.09
CAD CLA AK . 49.58 -26.82 51.40
OBD CLA AK . 50.28 -27.74 51.02
CBD CLA AK . 48.26 -27.01 52.17
CGD CLA AK . 47.42 -27.96 51.42
O1D CLA AK . 46.82 -28.94 51.86
O2D CLA AK . 47.36 -27.68 50.09
CED CLA AK . 46.24 -28.18 49.36
C1 CLA AK . 41.82 -27.83 52.28
C2 CLA AK . 42.11 -26.91 51.15
C3 CLA AK . 41.66 -25.65 51.09
C4 CLA AK . 40.82 -25.04 52.15
C5 CLA AK . 42.00 -24.81 49.93
C6 CLA AK . 41.32 -25.36 48.69
C7 CLA AK . 39.81 -25.40 48.84
C8 CLA AK . 39.31 -26.82 49.03
C9 CLA AK . 39.63 -27.64 47.79
C10 CLA AK . 37.82 -26.84 49.32
C11 CLA AK . 37.53 -26.28 50.68
C12 CLA AK . 38.05 -27.19 51.77
C13 CLA AK . 36.93 -27.55 52.73
C14 CLA AK . 37.39 -27.41 54.16
C15 CLA AK . 36.45 -28.97 52.48
C16 CLA AK . 37.63 -29.93 52.41
C17 CLA AK . 37.21 -31.33 52.03
C18 CLA AK . 38.14 -32.38 52.67
C19 CLA AK . 37.60 -32.88 54.00
C20 CLA AK . 38.42 -33.53 51.73
C1 XAT BK . 66.04 -27.92 72.52
C2 XAT BK . 66.40 -29.31 73.04
C3 XAT BK . 67.68 -29.28 73.84
C4 XAT BK . 67.34 -28.52 75.10
C5 XAT BK . 67.16 -27.05 74.75
C6 XAT BK . 66.53 -26.75 73.37
C7 XAT BK . 65.63 -25.53 73.36
C8 XAT BK . 66.19 -24.38 72.99
C9 XAT BK . 65.42 -23.14 72.87
C10 XAT BK . 65.26 -22.24 73.86
C11 XAT BK . 64.49 -21.05 73.54
C12 XAT BK . 64.22 -20.13 74.46
C13 XAT BK . 63.44 -18.93 74.06
C14 XAT BK . 62.66 -18.29 74.94
C15 XAT BK . 61.88 -17.12 74.54
C16 XAT BK . 64.53 -27.83 72.40
C17 XAT BK . 66.61 -27.77 71.12
C18 XAT BK . 66.64 -26.12 75.83
C19 XAT BK . 64.85 -22.83 71.54
C20 XAT BK . 63.56 -18.46 72.66
O3 XAT BK . 68.09 -30.61 74.18
O4 XAT BK . 67.93 -26.56 73.64
C21 XAT BK . 58.32 -5.28 74.70
C22 XAT BK . 59.44 -4.31 74.39
C23 XAT BK . 59.30 -3.16 75.36
C24 XAT BK . 59.71 -3.65 76.73
C25 XAT BK . 59.24 -5.06 77.12
C26 XAT BK . 58.55 -5.95 76.05
C27 XAT BK . 59.15 -7.34 76.13
C28 XAT BK . 58.44 -8.47 76.07
C29 XAT BK . 59.18 -9.73 76.20
C30 XAT BK . 58.64 -10.93 75.92
C31 XAT BK . 59.45 -12.13 76.14
C32 XAT BK . 59.02 -13.36 75.85
C33 XAT BK . 59.86 -14.53 76.14
C34 XAT BK . 60.47 -15.22 75.16
C35 XAT BK . 61.27 -16.40 75.47
C36 XAT BK . 58.14 -6.30 73.59
C37 XAT BK . 57.03 -4.49 74.69
C38 XAT BK . 60.24 -5.87 77.94
C39 XAT BK . 60.58 -9.69 76.73
C40 XAT BK . 60.00 -14.99 77.57
O23 XAT BK . 60.18 -2.12 74.94
O24 XAT BK . 57.87 -5.40 77.18
C1 XAT CK . 65.33 -9.87 61.88
C2 XAT CK . 66.65 -9.13 61.88
C3 XAT CK . 67.07 -8.79 63.29
C4 XAT CK . 67.37 -10.13 63.92
C5 XAT CK . 66.04 -10.81 64.20
C6 XAT CK . 64.95 -10.64 63.14
C7 XAT CK . 64.09 -11.87 62.98
C8 XAT CK . 62.89 -11.80 63.53
C9 XAT CK . 61.89 -12.88 63.48
C10 XAT CK . 60.65 -12.56 63.84
C11 XAT CK . 59.49 -13.45 63.84
C12 XAT CK . 58.36 -12.87 64.19
C13 XAT CK . 57.06 -13.57 64.22
C14 XAT CK . 55.96 -12.85 64.48
C15 XAT CK . 54.64 -13.45 64.48
C16 XAT CK . 65.33 -10.87 60.74
C17 XAT CK . 64.24 -8.86 61.61
C18 XAT CK . 66.06 -12.24 64.75
C19 XAT CK . 62.25 -14.27 63.09
C20 XAT CK . 56.99 -15.03 63.93
O3 XAT CK . 68.26 -7.99 63.27
O4 XAT CK . 64.91 -9.98 64.41
C21 XAT CK . 41.80 -14.62 65.14
C22 XAT CK . 40.57 -15.28 65.73
C23 XAT CK . 40.61 -16.75 65.42
C24 XAT CK . 41.60 -17.28 66.41
C25 XAT CK . 43.00 -16.72 66.15
C26 XAT CK . 43.10 -15.33 65.52
C27 XAT CK . 44.19 -14.48 66.14
C28 XAT CK . 45.31 -14.33 65.45
C29 XAT CK . 46.41 -13.52 65.97
C30 XAT CK . 47.59 -13.61 65.36
C31 XAT CK . 48.79 -12.86 65.74
C32 XAT CK . 49.89 -13.29 65.16
C33 XAT CK . 51.21 -12.66 65.36
C34 XAT CK . 52.25 -13.22 64.75
C35 XAT CK . 53.60 -12.68 64.81
C36 XAT CK . 41.83 -13.17 65.58
C37 XAT CK . 41.70 -14.65 63.64
C38 XAT CK . 44.04 -16.94 67.25
C39 XAT CK . 46.20 -12.61 67.14
C40 XAT CK . 51.34 -11.46 66.23
O23 XAT CK . 39.34 -17.36 65.62
O24 XAT CK . 43.45 -16.51 64.82
C01 8CT DK . 73.12 -35.03 48.56
C02 8CT DK . 71.57 -34.94 48.63
C03 8CT DK . 70.82 -33.56 48.45
C04 8CT DK . 69.69 -33.57 47.53
C05 8CT DK . 68.65 -34.83 47.79
C06 8CT DK . 69.14 -35.79 48.62
C07 8CT DK . 70.75 -36.12 48.37
C08 8CT DK . 70.24 -33.67 46.10
C09 8CT DK . 68.94 -32.27 47.69
C10 8CT DK . 70.78 -32.57 49.65
C11 8CT DK . 71.59 -31.50 49.72
C12 8CT DK . 71.41 -30.61 50.97
C13 8CT DK . 70.92 -31.22 52.09
C14 8CT DK . 70.66 -30.49 53.42
C15 8CT DK . 71.02 -29.21 53.73
C16 8CT DK . 70.57 -28.79 55.20
C17 8CT DK . 70.45 -27.50 55.64
C18 8CT DK . 69.98 -27.46 57.10
C19 8CT DK . 69.98 -26.40 57.94
C20 8CT DK . 70.46 -24.94 57.64
C21 8CT DK . 69.91 -24.02 58.47
C22 8CT DK . 68.92 -24.51 59.55
C23 8CT DK . 70.23 -22.48 58.42
C24 8CT DK . 70.08 -21.82 59.63
C25 8CT DK . 70.36 -20.31 59.87
C26 8CT DK . 70.05 -19.84 61.13
C27 8CT DK . 69.49 -20.82 62.18
C28 8CT DK . 70.29 -18.32 61.52
C29 8CT DK . 70.94 -18.08 62.75
C30 8CT DK . 71.23 -16.65 63.23
C31 8CT DK . 71.79 -16.75 64.55
C32 8CT DK . 73.36 -16.50 64.65
C33 8CT DK . 74.15 -17.00 63.55
C34 8CT DK . 73.46 -16.71 62.08
C35 8CT DK . 72.30 -15.97 62.18
C36 8CT DK . 72.64 -14.58 62.65
C37 8CT DK . 71.64 -15.90 60.77
C38 8CT DK . 71.13 -17.67 65.58
C39 8CT DK . 70.25 -29.92 56.18
C40 8CT DK . 71.75 -29.12 50.95
O1 LHG EK . 45.19 -18.75 85.84
C1 LHG EK . 45.39 -17.37 85.54
C2 LHG EK . 46.55 -17.24 84.58
O2 LHG EK . 47.54 -16.32 85.06
C3 LHG EK . 46.14 -16.82 83.19
O3 LHG EK . 46.16 -18.09 82.58
P LHG EK . 47.50 -18.72 81.99
O4 LHG EK . 48.33 -19.21 83.11
O5 LHG EK . 47.08 -19.34 80.72
O6 LHG EK . 48.19 -17.25 81.63
C4 LHG EK . 48.25 -16.87 80.29
C5 LHG EK . 47.81 -15.40 80.29
C6 LHG EK . 48.24 -14.68 79.03
O7 LHG EK . 46.41 -15.41 80.31
C7 LHG EK . 45.87 -14.18 80.08
O8 LHG EK . 48.29 -15.70 78.04
C23 LHG EK . 49.36 -15.70 77.20
O10 LHG EK . 49.96 -16.74 77.02
C24 LHG EK . 49.54 -14.59 76.19
C25 LHG EK . 48.54 -14.58 75.06
C01 8CT FK . 74.56 -3.04 45.03
C02 8CT FK . 74.99 -4.28 44.18
C03 8CT FK . 74.83 -5.73 44.79
C04 8CT FK . 75.31 -6.80 43.93
C05 8CT FK . 76.44 -6.25 42.85
C06 8CT FK . 75.91 -5.35 41.98
C07 8CT FK . 74.96 -4.20 42.73
C08 8CT FK . 75.94 -7.90 44.81
C09 8CT FK . 74.14 -7.37 43.15
C10 8CT FK . 73.60 -5.99 45.70
C11 8CT FK . 72.41 -6.22 45.12
C12 8CT FK . 71.15 -6.49 45.96
C13 8CT FK . 71.24 -6.72 47.30
C14 8CT FK . 69.92 -6.99 48.08
C15 8CT FK . 69.64 -8.23 48.58
C16 8CT FK . 68.27 -8.44 49.36
C17 8CT FK . 67.67 -7.37 49.95
C18 8CT FK . 66.34 -7.50 50.69
C19 8CT FK . 66.02 -8.58 51.44
C20 8CT FK . 64.61 -8.57 52.14
C21 8CT FK . 64.28 -7.50 52.91
C22 8CT FK . 65.28 -6.35 53.08
C23 8CT FK . 62.87 -7.43 53.63
C24 8CT FK . 62.19 -8.56 54.06
C25 8CT FK . 60.81 -8.32 54.75
C26 8CT FK . 60.52 -8.80 56.01
C27 8CT FK . 61.56 -9.61 56.81
C28 8CT FK . 59.08 -8.48 56.62
C29 8CT FK . 58.80 -7.14 56.93
C30 8CT FK . 57.44 -6.72 57.52
C31 8CT FK . 57.59 -6.47 58.94
C32 8CT FK . 57.03 -5.07 59.48
C33 8CT FK . 57.32 -3.90 58.69
C34 8CT FK . 57.60 -4.25 57.11
C35 8CT FK . 56.94 -5.39 56.71
C36 8CT FK . 55.45 -5.19 56.93
C37 8CT FK . 57.20 -5.60 55.18
C38 8CT FK . 57.65 -7.65 59.90
C39 8CT FK . 67.61 -9.83 49.43
C40 8CT FK . 69.78 -6.48 45.27
C01 8CT GK . 76.26 -16.50 0.92
C02 8CT GK . 77.36 -17.23 0.09
C03 8CT GK . 78.33 -18.28 0.80
C04 8CT GK . 79.58 -18.60 0.14
C05 8CT GK . 79.52 -18.40 -1.50
C06 8CT GK . 78.24 -18.51 -1.97
C07 8CT GK . 77.23 -17.35 -1.35
C08 8CT GK . 80.68 -17.67 0.70
C09 8CT GK . 79.95 -20.04 0.44
C10 8CT GK . 77.94 -18.90 2.17
C11 8CT GK . 78.90 -19.36 3.01
C12 8CT GK . 78.48 -19.97 4.37
C13 8CT GK . 77.29 -19.63 4.92
C14 8CT GK . 76.84 -20.22 6.29
C15 8CT GK . 76.93 -21.58 6.52
C16 8CT GK . 76.47 -22.12 7.95
C17 8CT GK . 76.39 -21.26 9.00
C18 8CT GK . 75.95 -21.70 10.39
C19 8CT GK . 74.86 -21.10 10.92
C20 8CT GK . 74.31 -21.47 12.35
C21 8CT GK . 73.74 -22.67 12.62
C22 8CT GK . 73.60 -23.75 11.53
C23 8CT GK . 73.22 -22.93 14.09
C24 8CT GK . 72.09 -23.69 14.33
C25 8CT GK . 71.63 -23.89 15.80
C26 8CT GK . 71.33 -22.75 16.53
C27 8CT GK . 71.46 -21.38 15.85
C28 8CT GK . 70.85 -22.83 18.04
C29 8CT GK . 70.90 -21.65 18.79
C30 8CT GK . 70.45 -21.62 20.27
C31 8CT GK . 71.58 -21.96 21.10
C32 8CT GK . 71.48 -21.54 22.63
C33 8CT GK . 70.87 -20.26 22.90
C34 8CT GK . 69.58 -19.95 21.93
C35 8CT GK . 69.90 -20.11 20.60
C36 8CT GK . 68.65 -19.86 19.76
C37 8CT GK . 71.00 -19.07 20.21
C38 8CT GK . 72.96 -22.10 20.46
C39 8CT GK . 76.10 -23.60 8.13
C40 8CT GK . 79.42 -20.95 5.09
MG CLA HK . 58.87 -47.13 -11.72
CHA CLA HK . 57.42 -49.53 -9.72
CHB CLA HK . 56.19 -47.27 -13.78
CHC CLA HK . 60.23 -44.60 -13.53
CHD CLA HK . 61.66 -47.08 -9.55
NA CLA HK . 57.12 -48.24 -11.73
C1A CLA HK . 56.68 -49.18 -10.80
C2A CLA HK . 55.34 -49.76 -11.18
C3A CLA HK . 55.10 -49.18 -12.59
C4A CLA HK . 56.20 -48.13 -12.71
CMA CLA HK . 55.25 -50.23 -13.64
CAA CLA HK . 54.27 -49.27 -10.23
CBA CLA HK . 54.37 -47.79 -9.96
CGA CLA HK . 53.55 -47.08 -10.97
O1A CLA HK . 52.77 -47.58 -11.76
O2A CLA HK . 53.74 -45.72 -10.99
NB CLA HK . 58.35 -46.18 -13.39
C1B CLA HK . 57.15 -46.29 -14.00
C2B CLA HK . 56.97 -45.19 -14.98
C3B CLA HK . 58.10 -44.43 -14.92
C4B CLA HK . 59.01 -45.05 -13.91
CMB CLA HK . 55.77 -45.07 -15.78
CAB CLA HK . 58.44 -43.25 -15.64
CBB CLA HK . 58.24 -43.10 -16.95
NC CLA HK . 60.66 -46.06 -11.58
C1C CLA HK . 61.01 -45.08 -12.45
C2C CLA HK . 62.30 -44.55 -12.08
C3C CLA HK . 62.71 -45.23 -10.94
C4C CLA HK . 61.66 -46.19 -10.64
CMC CLA HK . 63.01 -43.48 -12.80
CAC CLA HK . 63.96 -45.04 -10.22
CBC CLA HK . 63.90 -43.87 -9.27
ND CLA HK . 59.46 -48.04 -10.02
C1D CLA HK . 60.63 -47.93 -9.24
C2D CLA HK . 60.53 -48.89 -8.12
C3D CLA HK . 59.32 -49.53 -8.25
C4D CLA HK . 58.70 -48.97 -9.46
CMD CLA HK . 61.54 -49.07 -7.09
CAD CLA HK . 58.42 -50.53 -7.73
OBD CLA HK . 58.56 -51.27 -6.75
CBD CLA HK . 57.17 -50.54 -8.65
CGD CLA HK . 56.96 -51.86 -9.33
O1D CLA HK . 55.95 -52.55 -9.33
O2D CLA HK . 58.05 -52.26 -10.03
CED CLA HK . 57.83 -52.64 -11.39
C1 CLA HK . 53.24 -45.03 -12.15
C2 CLA HK . 54.22 -43.96 -12.45
C3 CLA HK . 53.96 -42.88 -13.20
C4 CLA HK . 52.64 -42.65 -13.82
C5 CLA HK . 54.99 -41.85 -13.44
C6 CLA HK . 54.54 -40.47 -13.00
C7 CLA HK . 55.68 -39.49 -13.08
C8 CLA HK . 55.30 -38.11 -12.57
C9 CLA HK . 53.94 -37.71 -13.09
C10 CLA HK . 56.32 -37.07 -12.99
C11 CLA HK . 57.44 -36.87 -11.99
C12 CLA HK . 58.15 -35.56 -12.25
C13 CLA HK . 59.59 -35.54 -11.73
C14 CLA HK . 59.74 -34.54 -10.60
C15 CLA HK . 60.57 -35.22 -12.84
MG CLA IK . 57.22 -39.54 -20.81
CHA CLA IK . 54.12 -40.92 -21.42
CHB CLA IK . 56.57 -39.56 -17.49
CHC CLA IK . 60.35 -38.26 -20.26
CHD CLA IK . 57.83 -39.53 -24.27
NA CLA IK . 55.60 -40.16 -19.66
C1A CLA IK . 54.40 -40.73 -20.10
C2A CLA IK . 53.47 -41.04 -18.93
C3A CLA IK . 54.28 -40.54 -17.70
C4A CLA IK . 55.58 -40.07 -18.31
CMA CLA IK . 53.54 -39.42 -17.03
CAA CLA IK . 53.24 -42.53 -18.80
CBA CLA IK . 52.34 -42.81 -17.62
CGA CLA IK . 50.95 -42.32 -17.90
O1A CLA IK . 50.11 -42.80 -18.66
O2A CLA IK . 50.61 -41.20 -17.18
NB CLA IK . 58.28 -39.05 -19.18
C1B CLA IK . 57.80 -39.06 -17.92
C2B CLA IK . 58.80 -38.42 -17.02
C3B CLA IK . 59.86 -38.05 -17.79
C4B CLA IK . 59.55 -38.46 -19.18
CMB CLA IK . 58.57 -38.27 -15.58
CAB CLA IK . 61.09 -37.40 -17.43
CBB CLA IK . 61.55 -36.28 -18.00
NC CLA IK . 58.80 -39.00 -22.05
C1C CLA IK . 59.99 -38.52 -21.61
C2C CLA IK . 60.87 -38.28 -22.72
C3C CLA IK . 60.16 -38.61 -23.87
C4C CLA IK . 58.86 -39.08 -23.43
CMC CLA IK . 62.22 -37.75 -22.62
CAC CLA IK . 60.65 -38.54 -25.24
CBC CLA IK . 60.95 -39.91 -25.79
ND CLA IK . 56.24 -40.03 -22.49
C1D CLA IK . 56.62 -39.98 -23.85
C2D CLA IK . 55.49 -40.45 -24.67
C3D CLA IK . 54.50 -40.81 -23.79
C4D CLA IK . 55.03 -40.55 -22.44
CMD CLA IK . 55.52 -40.50 -26.12
CAD CLA IK . 53.16 -41.33 -23.62
OBD CLA IK . 52.33 -41.62 -24.47
CBD CLA IK . 52.89 -41.45 -22.10
CGD CLA IK . 51.72 -40.61 -21.73
O1D CLA IK . 50.61 -40.97 -21.35
O2D CLA IK . 52.00 -39.29 -21.84
CED CLA IK . 51.04 -38.35 -21.34
C1 CLA IK . 49.37 -40.56 -17.56
MG CLA JK . 73.42 -40.37 -31.67
CHA CLA JK . 74.95 -38.07 -33.74
CHB CLA JK . 70.56 -38.59 -31.79
CHC CLA JK . 71.96 -42.72 -29.62
CHD CLA JK . 76.42 -42.24 -31.62
NA CLA JK . 72.86 -38.62 -32.63
C1A CLA JK . 73.64 -37.81 -33.47
C2A CLA JK . 72.85 -36.62 -33.98
C3A CLA JK . 71.47 -36.80 -33.30
C4A CLA JK . 71.62 -38.09 -32.53
CMA CLA JK . 71.18 -35.65 -32.38
CAA CLA JK . 72.71 -36.70 -35.49
CBA CLA JK . 71.71 -37.77 -35.89
CGA CLA JK . 72.27 -38.62 -36.98
O1A CLA JK . 73.27 -38.44 -37.67
O2A CLA JK . 71.51 -39.75 -37.20
NB CLA JK . 71.62 -40.60 -30.84
C1B CLA JK . 70.57 -39.77 -31.04
C2B CLA JK . 69.39 -40.29 -30.30
C3B CLA JK . 69.77 -41.45 -29.70
C4B CLA JK . 71.19 -41.66 -30.02
CMB CLA JK . 68.09 -39.62 -30.30
CAB CLA JK . 69.01 -42.36 -28.89
CBB CLA JK . 67.84 -42.91 -29.23
NC CLA JK . 74.08 -42.13 -30.79
C1C CLA JK . 73.31 -42.93 -29.99
C2C CLA JK . 74.07 -44.08 -29.55
C3C CLA JK . 75.34 -43.96 -30.13
C4C CLA JK . 75.33 -42.73 -30.91
CMC CLA JK . 73.55 -45.13 -28.68
CAC CLA JK . 76.47 -44.88 -29.99
CBC CLA JK . 76.63 -45.73 -31.22
ND CLA JK . 75.27 -40.24 -32.45
C1D CLA JK . 76.41 -41.07 -32.34
C2D CLA JK . 77.52 -40.45 -33.10
C3D CLA JK . 77.02 -39.28 -33.62
C4D CLA JK . 75.61 -39.22 -33.22
CMD CLA JK . 78.86 -41.03 -33.18
CAD CLA JK . 77.30 -38.10 -34.42
OBD CLA JK . 78.35 -37.71 -34.90
CBD CLA JK . 75.97 -37.32 -34.54
CGD CLA JK . 76.10 -35.95 -33.98
O1D CLA JK . 75.68 -34.88 -34.44
O2D CLA JK . 76.81 -35.93 -32.81
CED CLA JK . 76.21 -35.27 -31.69
C1 CLA JK . 71.36 -40.15 -38.57
C2 CLA JK . 71.40 -41.64 -38.59
C3 CLA JK . 71.47 -42.37 -39.72
C4 CLA JK . 71.53 -41.77 -41.06
C5 CLA JK . 71.51 -43.85 -39.64
MG CHL KK . 66.51 -39.06 -35.95
CHA CHL KK . 67.29 -40.48 -38.91
CHB CHL KK . 64.33 -41.53 -35.34
CHC CHL KK . 66.31 -37.93 -32.72
CHD CHL KK . 68.38 -36.20 -36.85
NA CHL KK . 65.97 -40.75 -36.87
C1A CHL KK . 66.42 -41.21 -37.97
C2A CHL KK . 65.98 -42.60 -38.29
C3A CHL KK . 64.91 -42.83 -37.27
C4A CHL KK . 65.06 -41.63 -36.42
CMA CHL KK . 63.54 -42.82 -37.90
CAA CHL KK . 67.12 -43.59 -38.09
CBA CHL KK . 66.71 -44.97 -38.59
CGA CHL KK . 67.96 -45.81 -38.68
O1A CHL KK . 69.02 -45.38 -38.25
O2A CHL KK . 67.92 -47.12 -39.31
NB CHL KK . 65.48 -39.65 -34.28
C1B CHL KK . 64.63 -40.68 -34.19
C2B CHL KK . 64.01 -40.89 -32.88
C3B CHL KK . 64.61 -39.82 -32.10
C4B CHL KK . 65.49 -39.10 -33.04
CMB CHL KK . 63.03 -41.95 -32.46
CAB CHL KK . 64.33 -39.56 -30.67
CBB CHL KK . 64.83 -38.54 -30.00
NC CHL KK . 67.21 -37.38 -34.97
C1C CHL KK . 67.04 -37.08 -33.67
C2C CHL KK . 67.67 -35.79 -33.28
C3C CHL KK . 68.30 -35.29 -34.49
C4C CHL KK . 67.93 -36.34 -35.46
CMC CHL KK . 67.70 -35.15 -31.94
OMC CHL KK . 67.46 -33.95 -31.87
CAC CHL KK . 69.08 -34.02 -34.72
CBC CHL KK . 68.12 -33.01 -35.31
ND CHL KK . 67.62 -38.37 -37.50
C1D CHL KK . 68.34 -37.28 -37.81
C2D CHL KK . 68.97 -37.35 -39.17
C3D CHL KK . 68.50 -38.68 -39.58
C4D CHL KK . 67.76 -39.17 -38.58
CMD CHL KK . 69.84 -36.53 -40.07
CAD CHL KK . 68.56 -39.67 -40.66
OBD CHL KK . 69.18 -39.52 -41.77
CBD CHL KK . 67.76 -40.86 -40.27
CGD CHL KK . 66.54 -40.91 -41.12
O1D CHL KK . 65.57 -40.25 -40.81
O2D CHL KK . 66.51 -41.76 -42.28
CED CHL KK . 65.27 -42.34 -42.68
C1 CHL KK . 68.60 -48.24 -38.72
C2 CHL KK . 67.60 -49.09 -38.00
C3 CHL KK . 66.80 -49.95 -38.66
C4 CHL KK . 66.92 -50.10 -40.14
C5 CHL KK . 65.79 -50.79 -37.90
C6 CHL KK . 66.42 -52.10 -37.46
C7 CHL KK . 65.41 -52.96 -36.71
C8 CHL KK . 66.03 -53.69 -35.51
C9 CHL KK . 65.44 -55.10 -35.38
C10 CHL KK . 67.54 -53.75 -35.64
MG CHL LK . 65.64 -30.96 -30.26
CHA CHL LK . 66.87 -27.79 -30.38
CHB CHL LK . 65.58 -30.72 -26.92
CHC CHL LK . 64.51 -34.18 -30.16
CHD CHL LK . 65.41 -30.98 -33.80
NA CHL LK . 66.25 -29.64 -28.91
C1A CHL LK . 66.68 -28.45 -29.08
C2A CHL LK . 66.94 -27.73 -27.81
C3A CHL LK . 67.17 -28.90 -26.90
C4A CHL LK . 66.29 -29.85 -27.60
CMA CHL LK . 68.61 -29.39 -26.97
CAA CHL LK . 65.66 -27.06 -27.38
CBA CHL LK . 65.65 -25.57 -27.68
CGA CHL LK . 64.30 -25.18 -28.20
O1A CHL LK . 64.13 -25.00 -29.39
O2A CHL LK . 63.17 -25.01 -27.28
NB CHL LK . 65.13 -32.25 -28.77
C1B CHL LK . 65.15 -32.02 -27.45
C2B CHL LK . 64.72 -33.13 -26.58
C3B CHL LK . 64.41 -34.15 -27.56
C4B CHL LK . 64.68 -33.52 -28.87
CMB CHL LK . 64.64 -33.18 -25.07
CAB CHL LK . 63.91 -35.52 -27.28
CBB CHL LK . 63.09 -36.14 -28.09
NC CHL LK . 65.07 -32.32 -31.70
C1C CHL LK . 64.63 -33.58 -31.49
C2C CHL LK . 64.31 -34.31 -32.73
C3C CHL LK . 64.58 -33.36 -33.80
C4C CHL LK . 65.04 -32.19 -33.05
CMC CHL LK . 63.82 -35.68 -32.88
OMC CHL LK . 63.79 -36.43 -31.93
CAC CHL LK . 64.43 -33.52 -35.29
CBC CHL LK . 63.11 -32.88 -35.69
ND CHL LK . 66.03 -29.73 -31.84
C1D CHL LK . 65.93 -29.77 -33.18
C2D CHL LK . 66.39 -28.49 -33.83
C3D CHL LK . 66.76 -27.73 -32.63
C4D CHL LK . 66.53 -28.49 -31.58
CMD CHL LK . 66.53 -27.92 -35.21
CAD CHL LK . 67.30 -26.43 -32.19
OBD CHL LK . 67.64 -25.46 -32.96
CBD CHL LK . 67.39 -26.44 -30.70
CGD CHL LK . 68.83 -26.38 -30.33
O1D CHL LK . 69.66 -26.93 -31.03
O2D CHL LK . 69.28 -25.69 -29.13
CED CHL LK . 70.46 -26.12 -28.48
C1 CHL LK . 62.07 -24.19 -27.66
C2 CHL LK . 61.02 -25.01 -28.38
C3 CHL LK . 59.73 -24.94 -28.03
C4 CHL LK . 59.29 -24.04 -26.92
C5 CHL LK . 58.71 -25.76 -28.77
MG CHL MK . 59.29 -52.99 -32.44
CHA CHL MK . 60.91 -51.69 -29.74
CHB CHL MK . 61.37 -51.29 -34.46
CHC CHL MK . 57.64 -54.31 -35.16
CHD CHL MK . 57.18 -54.84 -30.28
NA CHL MK . 60.78 -51.69 -32.19
C1A CHL MK . 61.31 -51.29 -31.10
C2A CHL MK . 62.37 -50.25 -31.27
C3A CHL MK . 62.28 -49.93 -32.73
C4A CHL MK . 61.41 -51.04 -33.18
CMA CHL MK . 61.61 -48.59 -32.98
CAA CHL MK . 63.76 -50.76 -30.96
CBA CHL MK . 63.94 -52.20 -31.39
CGA CHL MK . 64.59 -52.88 -30.22
O1A CHL MK . 64.12 -52.76 -29.12
O2A CHL MK . 65.80 -53.65 -30.41
NB CHL MK . 59.48 -52.81 -34.47
C1B CHL MK . 60.38 -52.09 -35.15
C2B CHL MK . 60.31 -52.14 -36.62
C3B CHL MK . 59.18 -53.04 -36.80
C4B CHL MK . 58.76 -53.40 -35.44
CMB CHL MK . 61.16 -51.44 -37.64
CAB CHL MK . 58.62 -53.50 -38.09
CBB CHL MK . 59.06 -54.63 -38.58
NC CHL MK . 57.73 -54.32 -32.68
C1C CHL MK . 57.19 -54.75 -33.83
C2C CHL MK . 56.08 -55.70 -33.67
C3C CHL MK . 55.93 -55.86 -32.24
C4C CHL MK . 57.00 -54.97 -31.73
CMC CHL MK . 55.28 -56.36 -34.72
OMC CHL MK . 55.33 -55.97 -35.88
CAC CHL MK . 54.96 -56.71 -31.47
CBC CHL MK . 55.38 -58.15 -31.57
ND CHL MK . 59.02 -53.27 -30.45
C1D CHL MK . 58.19 -53.99 -29.66
C2D CHL MK . 58.48 -53.77 -28.20
C3D CHL MK . 59.60 -52.83 -28.29
C4D CHL MK . 59.83 -52.60 -29.58
CMD CHL MK . 57.96 -54.25 -26.88
CAD CHL MK . 60.55 -52.04 -27.48
OBD CHL MK . 60.61 -52.03 -26.20
CBD CHL MK . 61.43 -51.29 -28.40
CGD CHL MK . 61.36 -49.82 -28.18
O1D CHL MK . 60.51 -49.18 -28.76
O2D CHL MK . 62.28 -49.15 -27.30
CED CHL MK . 62.61 -47.79 -27.57
C1 CHL MK . 65.84 -54.73 -31.33
C2 CHL MK . 67.08 -54.57 -32.17
C3 CHL MK . 68.28 -54.91 -31.67
C4 CHL MK . 68.41 -55.46 -30.28
C5 CHL MK . 69.51 -54.73 -32.53
MG CLA NK . 55.01 -43.49 -28.78
CHA CLA NK . 54.06 -44.72 -25.72
CHB CLA NK . 51.97 -44.26 -30.03
CHC CLA NK . 55.93 -42.07 -31.75
CHD CLA NK . 58.20 -42.79 -27.47
NA CLA NK . 53.31 -44.36 -27.98
C1A CLA NK . 53.11 -44.80 -26.68
C2A CLA NK . 51.72 -45.36 -26.50
C3A CLA NK . 51.17 -45.36 -27.93
C4A CLA NK . 52.20 -44.59 -28.71
CMA CLA NK . 51.13 -46.77 -28.42
CAA CLA NK . 50.91 -44.43 -25.64
CBA CLA NK . 49.77 -43.80 -26.40
CGA CLA NK . 49.91 -42.32 -26.32
O1A CLA NK . 49.12 -41.51 -25.84
O2A CLA NK . 51.09 -41.87 -26.84
NB CLA NK . 54.13 -43.24 -30.57
C1B CLA NK . 52.87 -43.58 -30.85
C2B CLA NK . 52.53 -43.12 -32.22
C3B CLA NK . 53.63 -42.50 -32.72
C4B CLA NK . 54.68 -42.56 -31.67
CMB CLA NK . 51.22 -43.36 -32.81
CAB CLA NK . 53.79 -41.88 -34.00
CBB CLA NK . 54.92 -41.73 -34.70
NC CLA NK . 56.76 -42.63 -29.50
C1C CLA NK . 56.91 -42.11 -30.74
C2C CLA NK . 58.25 -41.58 -30.90
C3C CLA NK . 58.86 -41.78 -29.69
C4C CLA NK . 57.95 -42.45 -28.81
CMC CLA NK . 58.77 -40.95 -32.11
CAC CLA NK . 60.24 -41.47 -29.37
CBC CLA NK . 60.96 -42.76 -29.64
ND CLA NK . 55.98 -43.71 -27.03
C1D CLA NK . 57.28 -43.38 -26.62
C2D CLA NK . 57.43 -43.74 -25.19
C3D CLA NK . 56.22 -44.23 -24.78
C4D CLA NK . 55.35 -44.19 -25.97
CMD CLA NK . 58.64 -43.54 -24.42
CAD CLA NK . 55.43 -44.78 -23.70
OBD CLA NK . 55.73 -44.94 -22.52
CBD CLA NK . 54.04 -45.14 -24.27
CGD CLA NK . 53.76 -46.61 -24.22
O1D CLA NK . 53.80 -47.40 -25.16
O2D CLA NK . 53.45 -47.10 -23.00
CED CLA NK . 53.33 -48.51 -22.90
C1 CLA NK . 51.12 -40.50 -27.29
C2 CLA NK . 50.58 -40.47 -28.67
C3 CLA NK . 50.74 -39.42 -29.51
C4 CLA NK . 51.48 -38.21 -29.10
C5 CLA NK . 50.17 -39.45 -30.88
MG CLA OK . 66.45 -55.89 -23.87
CHA CLA OK . 64.83 -58.69 -25.08
CHB CLA OK . 67.72 -57.74 -21.34
CHC CLA OK . 68.36 -53.21 -22.95
CHD CLA OK . 65.14 -54.04 -26.55
NA CLA OK . 66.23 -57.87 -23.28
C1A CLA OK . 65.53 -58.87 -23.92
C2A CLA OK . 65.64 -60.18 -23.16
C3A CLA OK . 66.28 -59.74 -21.83
C4A CLA OK . 66.80 -58.35 -22.16
CMA CLA OK . 65.27 -59.66 -20.73
CAA CLA OK . 66.55 -61.09 -23.95
CBA CLA OK . 67.68 -60.33 -24.62
CGA CLA OK . 68.79 -60.19 -23.64
O1A CLA OK . 69.20 -61.02 -22.84
O2A CLA OK . 69.42 -58.98 -23.65
NB CLA OK . 67.77 -55.53 -22.41
C1B CLA OK . 68.23 -56.45 -21.54
C2B CLA OK . 69.34 -55.89 -20.75
C3B CLA OK . 69.53 -54.61 -21.19
C4B CLA OK . 68.52 -54.36 -22.24
CMB CLA OK . 70.03 -56.65 -19.71
CAB CLA OK . 70.48 -53.63 -20.76
CBB CLA OK . 70.72 -53.31 -19.50
NC CLA OK . 66.64 -53.96 -24.59
C1C CLA OK . 67.46 -53.01 -24.03
C2C CLA OK . 67.36 -51.78 -24.78
C3C CLA OK . 66.46 -52.02 -25.82
C4C CLA OK . 66.02 -53.39 -25.68
CMC CLA OK . 68.10 -50.55 -24.49
CAC CLA OK . 66.04 -51.08 -26.85
CBC CLA OK . 66.86 -51.25 -28.12
ND CLA OK . 65.16 -56.18 -25.39
C1D CLA OK . 64.73 -55.36 -26.44
C2D CLA OK . 63.86 -56.14 -27.34
C3D CLA OK . 63.88 -57.43 -26.87
C4D CLA OK . 64.72 -57.40 -25.67
CMD CLA OK . 63.17 -55.61 -28.52
CAD CLA OK . 63.39 -58.77 -27.05
OBD CLA OK . 62.62 -59.22 -27.87
CBD CLA OK . 64.05 -59.64 -25.94
CGD CLA OK . 63.03 -60.41 -25.16
O1D CLA OK . 62.75 -60.30 -23.98
O2D CLA OK . 62.38 -61.35 -25.90
CED CLA OK . 61.86 -62.47 -25.18
C1 CLA OK . 70.62 -59.01 -22.84
C2 CLA OK . 71.30 -57.69 -22.82
C3 CLA OK . 72.56 -57.60 -22.37
C4 CLA OK . 73.28 -58.80 -21.91
C5 CLA OK . 73.31 -56.32 -22.32
C6 CLA OK . 74.38 -56.26 -23.40
C7 CLA OK . 75.07 -54.91 -23.43
C8 CLA OK . 75.15 -54.35 -24.84
C9 CLA OK . 75.49 -55.42 -25.84
C10 CLA OK . 76.18 -53.23 -24.92
C11 CLA OK . 76.22 -52.59 -26.29
C12 CLA OK . 76.80 -51.19 -26.26
C13 CLA OK . 75.81 -50.15 -26.77
C14 CLA OK . 75.04 -50.66 -27.97
C15 CLA OK . 76.50 -48.84 -27.14
MG CLA PK . 73.44 -53.59 -6.82
CHA CLA PK . 72.19 -55.94 -9.00
CHB CLA PK . 73.98 -55.99 -4.50
CHC CLA PK . 74.84 -51.22 -4.77
CHD CLA PK . 72.69 -51.06 -9.18
NA CLA PK . 73.12 -55.63 -6.77
C1A CLA PK . 72.59 -56.44 -7.80
C2A CLA PK . 72.51 -57.90 -7.34
C3A CLA PK . 73.03 -57.85 -5.89
C4A CLA PK . 73.41 -56.39 -5.69
CMA CLA PK . 71.97 -58.29 -4.93
CAA CLA PK . 73.40 -58.79 -8.19
CBA CLA PK . 74.83 -58.32 -8.09
CGA CLA PK . 75.32 -58.03 -9.45
O1A CLA PK . 75.34 -58.78 -10.43
O2A CLA PK . 75.79 -56.75 -9.59
NB CLA PK . 74.25 -53.60 -4.99
C1B CLA PK . 74.37 -54.67 -4.19
C2B CLA PK . 74.95 -54.27 -2.88
C3B CLA PK . 75.19 -52.93 -2.95
C4B CLA PK . 74.77 -52.48 -4.30
CMB CLA PK . 75.21 -55.20 -1.78
CAB CLA PK . 75.76 -52.06 -1.96
CBB CLA PK . 76.68 -51.13 -2.17
NC CLA PK . 73.72 -51.53 -6.97
C1C CLA PK . 74.34 -50.77 -6.03
C2C CLA PK . 74.43 -49.40 -6.45
C3C CLA PK . 73.76 -49.33 -7.67
C4C CLA PK . 73.32 -50.67 -8.00
CMC CLA PK . 75.08 -48.36 -5.65
CAC CLA PK . 73.58 -48.13 -8.50
CBC CLA PK . 72.75 -47.09 -7.79
ND CLA PK . 72.65 -53.45 -8.66
C1D CLA PK . 72.36 -52.35 -9.51
C2D CLA PK . 71.78 -52.86 -10.75
C3D CLA PK . 71.76 -54.23 -10.64
C4D CLA PK . 72.26 -54.55 -9.31
CMD CLA PK . 71.39 -52.01 -11.87
CAD CLA PK . 71.42 -55.49 -11.28
OBD CLA PK . 71.09 -55.74 -12.42
CBD CLA PK . 71.60 -56.60 -10.21
CGD CLA PK . 70.28 -57.21 -9.90
O1D CLA PK . 69.53 -56.95 -8.96
O2D CLA PK . 69.88 -58.13 -10.82
CED CLA PK . 69.67 -59.46 -10.36
C1 CLA PK . 77.20 -56.61 -9.89
C2 CLA PK . 77.28 -56.22 -11.32
C3 CLA PK . 78.42 -55.84 -11.94
C4 CLA PK . 79.72 -55.78 -11.26
C5 CLA PK . 78.39 -55.46 -13.38
C6 CLA PK . 78.95 -54.07 -13.62
C7 CLA PK . 78.71 -53.65 -15.05
C8 CLA PK . 78.96 -52.16 -15.24
C9 CLA PK . 79.14 -51.85 -16.70
C10 CLA PK . 80.20 -51.73 -14.44
MG CLA QK . 75.39 -52.27 -16.34
CHA CLA QK . 74.74 -55.45 -15.23
CHB CLA QK . 75.31 -53.38 -19.54
CHC CLA QK . 76.20 -49.12 -17.37
CHD CLA QK . 75.61 -51.20 -12.96
NA CLA QK . 75.03 -54.12 -17.21
C1A CLA QK . 74.78 -55.32 -16.59
C2A CLA QK . 74.58 -56.46 -17.59
C3A CLA QK . 74.76 -55.76 -18.95
C4A CLA QK . 75.05 -54.31 -18.56
CMA CLA QK . 75.90 -56.34 -19.72
CAA CLA QK . 73.20 -57.04 -17.47
CBA CLA QK . 73.09 -58.38 -18.17
CGA CLA QK . 74.35 -59.17 -18.04
O1A CLA QK . 75.04 -59.36 -17.03
O2A CLA QK . 74.73 -59.77 -19.20
NB CLA QK . 75.75 -51.43 -18.11
C1B CLA QK . 75.59 -52.03 -19.31
C2B CLA QK . 75.76 -51.04 -20.40
C3B CLA QK . 76.01 -49.83 -19.82
C4B CLA QK . 76.00 -50.06 -18.34
CMB CLA QK . 75.65 -51.40 -21.82
CAB CLA QK . 76.23 -48.55 -20.44
CBB CLA QK . 77.26 -47.74 -20.22
NC CLA QK . 75.78 -50.48 -15.33
C1C CLA QK . 76.08 -49.32 -15.97
C2C CLA QK . 76.33 -48.29 -14.99
C3C CLA QK . 76.14 -48.86 -13.73
C4C CLA QK . 75.81 -50.25 -13.96
CMC CLA QK . 76.69 -46.91 -15.35
CAC CLA QK . 76.27 -48.22 -12.42
CBC CLA QK . 77.70 -48.05 -11.98
ND CLA QK . 75.06 -53.03 -14.50
C1D CLA QK . 75.28 -52.51 -13.20
C2D CLA QK . 75.07 -53.59 -12.22
C3D CLA QK . 74.81 -54.73 -12.94
C4D CLA QK . 74.87 -54.33 -14.36
CMD CLA QK . 75.15 -53.42 -10.78
CAD CLA QK . 74.49 -56.13 -12.91
OBD CLA QK . 74.19 -56.83 -11.95
CBD CLA QK . 74.59 -56.65 -14.36
CGD CLA QK . 75.78 -57.57 -14.54
O1D CLA QK . 76.55 -57.61 -15.49
O2D CLA QK . 75.99 -58.42 -13.51
CED CLA QK . 77.24 -59.11 -13.49
C1 CLA QK . 76.14 -59.99 -19.42
C2 CLA QK . 76.43 -59.74 -20.85
C3 CLA QK . 77.57 -60.10 -21.45
C4 CLA QK . 77.81 -59.83 -22.89
C5 CLA QK . 78.64 -60.80 -20.69
C6 CLA QK . 79.69 -59.87 -20.12
C7 CLA QK . 79.81 -60.03 -18.62
MG CLA RK . 73.59 -34.67 -10.17
CHA CLA RK . 75.50 -31.84 -9.74
CHB CLA RK . 76.36 -36.59 -9.84
CHC CLA RK . 71.64 -37.46 -10.62
CHD CLA RK . 70.71 -32.63 -10.37
NA CLA RK . 75.60 -34.25 -9.84
C1A CLA RK . 76.20 -33.01 -9.67
C2A CLA RK . 77.69 -33.15 -9.41
C3A CLA RK . 77.90 -34.68 -9.38
C4A CLA RK . 76.53 -35.23 -9.71
CMA CLA RK . 78.93 -35.15 -10.37
CAA CLA RK . 78.07 -32.55 -8.08
CBA CLA RK . 77.32 -33.19 -6.93
CGA CLA RK . 76.04 -32.47 -6.68
O1A CLA RK . 75.83 -31.25 -6.58
O2A CLA RK . 74.99 -33.33 -6.57
NB CLA RK . 73.94 -36.64 -10.25
C1B CLA RK . 75.14 -37.23 -10.11
C2B CLA RK . 74.99 -38.69 -10.23
C3B CLA RK . 73.67 -38.96 -10.46
C4B CLA RK . 72.97 -37.65 -10.46
CMB CLA RK . 76.13 -39.60 -10.08
CAB CLA RK . 72.99 -40.20 -10.63
CBB CLA RK . 72.14 -40.72 -9.74
NC CLA RK . 71.55 -34.97 -10.44
C1C CLA RK . 70.97 -36.20 -10.59
C2C CLA RK . 69.54 -36.05 -10.73
C3C CLA RK . 69.29 -34.69 -10.66
C4C CLA RK . 70.55 -34.02 -10.48
CMC CLA RK . 68.61 -37.14 -10.90
CAC CLA RK . 67.97 -34.06 -10.74
CBC CLA RK . 67.31 -34.02 -9.39
ND CLA RK . 73.14 -32.71 -10.08
C1D CLA RK . 71.92 -32.01 -10.19
C2D CLA RK . 72.19 -30.56 -10.11
C3D CLA RK . 73.55 -30.43 -9.99
C4D CLA RK . 74.09 -31.80 -9.95
CMD CLA RK . 71.17 -29.53 -10.21
CAD CLA RK . 74.68 -29.52 -9.89
OBD CLA RK . 74.71 -28.31 -10.00
CBD CLA RK . 75.94 -30.40 -9.64
CGD CLA RK . 77.06 -30.17 -10.60
O1D CLA RK . 77.01 -30.17 -11.82
O2D CLA RK . 78.25 -29.96 -10.00
CED CLA RK . 79.40 -30.24 -10.79
C1 CLA RK . 73.66 -32.79 -6.63
C2 CLA RK . 72.77 -33.95 -6.89
C3 CLA RK . 71.67 -34.22 -6.18
C4 CLA RK . 71.26 -33.36 -5.06
C5 CLA RK . 70.80 -35.39 -6.49
C6 CLA RK . 71.31 -36.69 -5.92
C7 CLA RK . 70.19 -37.71 -5.90
C8 CLA RK . 70.62 -39.07 -5.40
C9 CLA RK . 70.85 -39.05 -3.90
C10 CLA RK . 71.87 -39.56 -6.10
C11 CLA RK . 71.91 -41.07 -6.13
MG CLA SK . 80.27 -36.55 -4.29
CHA CLA SK . 77.44 -34.98 -3.05
CHB CLA SK . 82.09 -35.21 -1.77
CHC CLA SK . 83.04 -38.09 -5.57
CHD CLA SK . 78.31 -37.92 -6.87
NA CLA SK . 79.81 -35.32 -2.67
C1A CLA SK . 78.57 -34.77 -2.33
C2A CLA SK . 78.67 -33.95 -1.06
C3A CLA SK . 80.16 -34.00 -0.71
C4A CLA SK . 80.75 -34.93 -1.78
CMA CLA SK . 80.77 -32.64 -0.77
CAA CLA SK . 77.89 -34.66 0.02
CBA CLA SK . 78.25 -36.13 0.09
CGA CLA SK . 77.08 -36.94 -0.39
O1A CLA SK . 76.85 -37.38 -1.52
O2A CLA SK . 76.18 -37.20 0.59
NB CLA SK . 82.21 -36.58 -3.81
C1B CLA SK . 82.74 -36.05 -2.69
C2B CLA SK . 84.16 -36.45 -2.57
C3B CLA SK . 84.44 -37.26 -3.63
C4B CLA SK . 83.21 -37.37 -4.43
CMB CLA SK . 85.01 -36.03 -1.45
CAB CLA SK . 85.66 -37.95 -3.97
CBB CLA SK . 86.44 -38.60 -3.09
NC CLA SK . 80.60 -37.78 -5.94
C1C CLA SK . 81.82 -38.29 -6.27
C2C CLA SK . 81.70 -39.09 -7.48
C3C CLA SK . 80.35 -39.05 -7.85
C4C CLA SK . 79.67 -38.22 -6.87
CMC CLA SK . 82.79 -39.79 -8.13
CAC CLA SK . 79.72 -39.70 -9.00
CBC CLA SK . 79.11 -41.03 -8.67
ND CLA SK . 78.32 -36.57 -4.83
C1D CLA SK . 77.64 -37.17 -5.92
C2D CLA SK . 76.22 -36.78 -5.87
C3D CLA SK . 76.10 -35.93 -4.81
C4D CLA SK . 77.43 -35.82 -4.20
CMD CLA SK . 75.18 -37.22 -6.77
CAD CLA SK . 75.19 -35.12 -4.03
OBD CLA SK . 74.01 -34.93 -4.20
CBD CLA SK . 76.03 -34.47 -2.89
CGD CLA SK . 75.99 -32.98 -2.98
O1D CLA SK . 76.72 -32.26 -3.66
O2D CLA SK . 75.01 -32.41 -2.23
CED CLA SK . 74.96 -30.98 -2.14
MG CHL TK . 60.95 -58.17 -42.59
CHA CHL TK . 63.10 -60.52 -43.81
CHB CHL TK . 60.72 -59.89 -39.82
CHC CHL TK . 58.25 -56.26 -41.87
CHD CHL TK . 62.01 -55.89 -45.03
NA CHL TK . 61.51 -59.99 -42.02
C1A CHL TK . 62.25 -60.83 -42.65
C2A CHL TK . 62.17 -62.21 -42.08
C3A CHL TK . 61.09 -62.04 -41.04
C4A CHL TK . 61.10 -60.55 -40.91
CMA CHL TK . 59.81 -62.42 -41.72
CAA CHL TK . 63.47 -62.66 -41.45
CBA CHL TK . 63.40 -64.15 -41.13
NB CHL TK . 59.64 -58.10 -41.03
C1B CHL TK . 59.66 -58.87 -39.92
C2B CHL TK . 58.58 -58.59 -38.93
C3B CHL TK . 57.88 -57.50 -39.58
C4B CHL TK . 58.60 -57.27 -40.85
CMB CHL TK . 58.27 -59.22 -37.61
CAB CHL TK . 56.68 -56.82 -39.03
CBB CHL TK . 56.16 -55.72 -39.56
NC CHL TK . 60.25 -56.39 -43.31
C1C CHL TK . 59.15 -55.74 -42.91
C2C CHL TK . 58.90 -54.48 -43.64
C3C CHL TK . 60.00 -54.36 -44.57
C4C CHL TK . 60.76 -55.59 -44.29
CMC CHL TK . 57.79 -53.52 -43.47
OMC CHL TK . 56.81 -53.81 -42.79
CAC CHL TK . 60.30 -53.28 -45.58
CBC CHL TK . 59.73 -53.65 -46.93
ND CHL TK . 62.26 -58.10 -44.13
C1D CHL TK . 62.62 -57.21 -45.06
C2D CHL TK . 63.68 -57.75 -45.99
C3D CHL TK . 63.82 -59.10 -45.44
C4D CHL TK . 62.99 -59.21 -44.41
CMD CHL TK . 64.48 -57.30 -47.18
CAD CHL TK . 64.55 -60.37 -45.61
OBD CHL TK . 65.44 -60.61 -46.52
CBD CHL TK . 64.09 -61.34 -44.57
CGD CHL TK . 63.36 -62.44 -45.26
O1D CHL TK . 62.47 -62.19 -46.08
O2D CHL TK . 63.64 -63.84 -44.97
CED CHL TK . 62.57 -64.78 -44.87
MG CLA UK . 67.52 -24.80 -7.33
CHA CLA UK . 65.94 -23.41 -10.08
CHB CLA UK . 67.74 -21.74 -5.91
CHC CLA UK . 68.90 -26.26 -4.56
CHD CLA UK . 67.27 -27.98 -8.85
NA CLA UK . 66.93 -22.89 -7.93
C1A CLA UK . 66.27 -22.52 -9.10
C2A CLA UK . 66.01 -21.02 -9.13
C3A CLA UK . 66.68 -20.52 -7.84
C4A CLA UK . 67.15 -21.79 -7.15
CMA CLA UK . 67.86 -19.64 -8.16
CAA CLA UK . 64.50 -20.79 -9.08
CBA CLA UK . 64.12 -19.49 -8.39
CGA CLA UK . 63.30 -18.64 -9.33
O1A CLA UK . 62.56 -19.01 -10.25
O2A CLA UK . 63.44 -17.30 -9.08
NB CLA UK . 68.15 -24.14 -5.56
C1B CLA UK . 68.23 -22.84 -5.19
C2B CLA UK . 68.95 -22.72 -3.90
C3B CLA UK . 69.28 -24.00 -3.51
C4B CLA UK . 68.78 -24.91 -4.56
CMB CLA UK . 69.20 -21.45 -3.24
CAB CLA UK . 69.97 -24.45 -2.34
CBB CLA UK . 70.98 -25.33 -2.31
NC CLA UK . 68.02 -26.75 -6.82
C1C CLA UK . 68.55 -27.13 -5.63
C2C CLA UK . 68.70 -28.56 -5.56
C3C CLA UK . 68.28 -29.05 -6.80
C4C CLA UK . 67.84 -27.91 -7.57
CMC CLA UK . 69.23 -29.27 -4.40
CAC CLA UK . 68.20 -30.44 -7.23
CBC CLA UK . 69.55 -31.10 -7.35
ND CLA UK . 66.89 -25.56 -9.08
C1D CLA UK . 66.82 -26.89 -9.56
C2D CLA UK . 66.21 -26.87 -10.90
C3D CLA UK . 65.85 -25.56 -11.15
C4D CLA UK . 66.28 -24.80 -9.97
CMD CLA UK . 66.01 -28.05 -11.73
CAD CLA UK . 65.28 -24.63 -12.10
OBD CLA UK . 64.89 -24.80 -13.24
CBD CLA UK . 65.23 -23.24 -11.40
CGD CLA UK . 65.85 -22.21 -12.29
O1D CLA UK . 66.91 -22.30 -12.91
O2D CLA UK . 65.11 -21.06 -12.38
CED CLA UK . 63.73 -21.17 -12.71
C1 CLA UK . 63.76 -16.45 -10.19
C2 CLA UK . 64.94 -17.06 -10.89
C3 CLA UK . 66.19 -17.04 -10.41
C4 CLA UK . 66.54 -16.40 -9.12
C5 CLA UK . 67.31 -17.67 -11.18
C6 CLA UK . 66.98 -17.96 -12.63
C7 CLA UK . 68.26 -18.01 -13.45
C8 CLA UK . 68.03 -18.04 -14.97
C9 CLA UK . 68.68 -19.27 -15.58
C10 CLA UK . 68.58 -16.78 -15.62
C11 CLA UK . 67.94 -15.54 -15.03
C12 CLA UK . 66.47 -15.45 -15.40
C13 CLA UK . 65.58 -14.77 -14.36
C14 CLA UK . 66.33 -14.37 -13.11
C15 CLA UK . 64.38 -15.65 -13.98
C16 CLA UK . 64.29 -16.92 -14.80
C17 CLA UK . 63.18 -16.89 -15.82
C18 CLA UK . 63.15 -18.12 -16.73
C19 CLA UK . 63.96 -17.89 -17.99
C20 CLA UK . 63.62 -19.35 -15.99
C1 XAT VK . 69.27 -57.09 -27.94
C2 XAT VK . 69.04 -58.58 -28.05
C3 XAT VK . 70.19 -59.24 -28.77
C4 XAT VK . 71.33 -59.21 -27.79
C5 XAT VK . 71.76 -57.78 -27.49
C6 XAT VK . 70.70 -56.66 -27.59
C7 XAT VK . 70.92 -55.65 -26.49
C8 XAT VK . 71.28 -54.39 -26.74
C9 XAT VK . 71.49 -53.50 -25.57
C10 XAT VK . 71.78 -52.20 -25.66
C11 XAT VK . 71.97 -51.51 -24.38
C12 XAT VK . 72.27 -50.22 -24.20
C13 XAT VK . 72.40 -49.86 -22.77
C14 XAT VK . 72.73 -48.65 -22.30
C15 XAT VK . 72.80 -48.60 -20.83
C16 XAT VK . 68.34 -56.56 -26.85
C17 XAT VK . 68.85 -56.45 -29.25
C18 XAT VK . 72.61 -57.57 -26.24
C19 XAT VK . 71.39 -54.11 -24.21
C20 XAT VK . 72.16 -50.94 -21.77
O3 XAT VK . 69.88 -60.61 -29.06
O4 XAT VK . 71.76 -56.82 -28.55
C21 XAT VK . 75.92 -38.89 -15.35
C22 XAT VK . 76.61 -37.54 -15.38
C23 XAT VK . 77.44 -37.32 -14.15
C24 XAT VK . 78.50 -38.37 -14.25
C25 XAT VK . 77.89 -39.72 -13.90
C26 XAT VK . 76.47 -39.95 -14.40
C27 XAT VK . 76.20 -41.40 -14.76
C28 XAT VK . 74.96 -41.88 -14.72
C29 XAT VK . 74.66 -43.28 -15.03
C30 XAT VK . 74.14 -43.65 -16.20
C31 XAT VK . 73.84 -45.05 -16.44
C32 XAT VK . 73.53 -45.60 -17.63
C33 XAT VK . 73.26 -47.05 -17.59
C34 XAT VK . 73.06 -47.85 -18.64
C35 XAT VK . 73.07 -47.54 -20.06
C36 XAT VK . 76.07 -39.51 -16.74
C37 XAT VK . 74.47 -38.61 -15.00
C38 XAT VK . 78.72 -40.98 -14.13
C39 XAT VK . 74.95 -44.28 -13.96
C40 XAT VK . 73.18 -47.69 -16.25
O23 XAT VK . 78.01 -36.01 -14.22
O24 XAT VK . 76.75 -39.69 -13.04
C1 XAT WK . 68.25 -35.53 -27.51
C2 XAT WK . 69.17 -34.68 -28.37
C3 XAT WK . 70.60 -34.82 -27.92
C4 XAT WK . 70.97 -36.25 -28.25
C5 XAT WK . 70.28 -37.18 -27.27
C6 XAT WK . 68.87 -36.77 -26.85
C7 XAT WK . 67.94 -37.94 -26.65
C8 XAT WK . 67.60 -38.17 -25.38
C9 XAT WK . 66.69 -39.23 -24.95
C10 XAT WK . 66.23 -39.16 -23.70
C11 XAT WK . 65.31 -40.08 -23.07
C12 XAT WK . 64.93 -39.68 -21.86
C13 XAT WK . 63.99 -40.36 -20.98
C14 XAT WK . 63.89 -39.90 -19.72
C15 XAT WK . 62.95 -40.44 -18.75
C16 XAT WK . 67.10 -35.99 -28.38
C17 XAT WK . 67.70 -34.64 -26.41
C18 XAT WK . 70.36 -38.69 -27.47
C19 XAT WK . 66.29 -40.34 -25.87
C20 XAT WK . 63.16 -41.50 -21.47
O3 XAT WK . 71.41 -33.90 -28.63
O4 XAT WK . 69.98 -36.66 -25.97
C21 XAT WK . 55.98 -41.79 -8.16
C22 XAT WK . 55.24 -42.55 -7.09
C23 XAT WK . 54.48 -43.73 -7.66
C24 XAT WK . 55.55 -44.72 -8.05
C25 XAT WK . 56.49 -44.18 -9.12
C26 XAT WK . 56.75 -42.68 -9.13
C27 XAT WK . 58.21 -42.32 -9.37
C28 XAT WK . 58.46 -41.75 -10.55
C29 XAT WK . 59.78 -41.30 -11.01
C30 XAT WK . 59.86 -41.00 -12.31
C31 XAT WK . 61.04 -40.50 -13.02
C32 XAT WK . 61.01 -40.66 -14.35
C33 XAT WK . 62.06 -40.20 -15.26
C34 XAT WK . 62.06 -40.63 -16.52
C35 XAT WK . 63.05 -40.13 -17.46
C36 XAT WK . 56.95 -40.85 -7.48
C37 XAT WK . 55.00 -40.97 -8.96
C38 XAT WK . 57.79 -44.96 -9.38
C39 XAT WK . 60.94 -41.17 -10.07
C40 XAT WK . 63.09 -39.21 -14.82
O23 XAT WK . 53.66 -44.29 -6.65
O24 XAT WK . 56.01 -43.34 -10.16
C01 8CT XK . 68.33 -41.72 -34.44
C02 8CT XK . 69.60 -42.62 -34.23
C03 8CT XK . 69.48 -44.19 -34.33
C04 8CT XK . 70.50 -44.97 -33.63
C05 8CT XK . 71.94 -44.16 -33.48
C06 8CT XK . 72.11 -43.21 -34.45
C07 8CT XK . 70.93 -42.05 -34.40
C08 8CT XK . 69.99 -45.32 -32.24
C09 8CT XK . 70.75 -46.26 -34.41
C10 8CT XK . 68.14 -44.85 -34.70
C11 8CT XK . 67.34 -45.33 -33.73
C12 8CT XK . 66.00 -46.00 -34.08
C13 8CT XK . 65.51 -45.89 -35.35
C14 8CT XK . 64.15 -46.56 -35.71
C15 8CT XK . 63.85 -46.80 -37.04
C16 8CT XK . 62.48 -47.51 -37.44
C17 8CT XK . 62.02 -47.41 -38.72
C18 8CT XK . 60.71 -48.08 -39.11
C19 8CT XK . 60.66 -48.80 -40.26
C20 8CT XK . 59.35 -49.52 -40.73
C21 8CT XK . 59.04 -49.61 -42.05
C22 8CT XK . 59.99 -49.00 -43.09
C23 8CT XK . 57.72 -50.34 -42.50
C24 8CT XK . 57.09 -50.04 -43.70
C25 8CT XK . 55.80 -50.83 -44.05
C26 8CT XK . 55.51 -51.23 -45.34
C27 8CT XK . 56.47 -50.91 -46.49
C28 8CT XK . 54.17 -52.05 -45.60
C29 8CT XK . 53.54 -52.04 -46.85
C30 8CT XK . 52.25 -52.85 -47.05
C31 8CT XK . 51.17 -52.23 -46.31
C32 8CT XK . 49.70 -52.71 -46.70
C33 8CT XK . 49.49 -53.00 -48.09
C34 8CT XK . 50.74 -52.43 -49.02
C35 8CT XK . 51.95 -52.99 -48.66
C36 8CT XK . 51.94 -54.46 -49.04
C37 8CT XK . 53.09 -52.26 -49.44
C38 8CT XK . 51.43 -51.65 -44.92
C39 8CT XK . 61.68 -48.28 -36.39
C40 8CT XK . 65.24 -46.79 -33.01
C1 LMG YK . 70.87 -52.20 -5.24
O1 LMG YK . 70.61 -50.88 -4.93
C2 LMG YK . 71.94 -52.62 -4.21
O2 LMG YK . 73.00 -53.27 -4.94
C3 LMG YK . 71.25 -53.65 -3.29
O3 LMG YK . 70.15 -52.97 -2.79
C4 LMG YK . 70.76 -54.79 -4.16
O4 LMG YK . 70.11 -55.71 -3.34
C5 LMG YK . 69.73 -54.19 -5.13
O5 LMG YK . 68.09 -55.64 -5.87
C6 LMG YK . 68.36 -54.77 -4.81
O6 LMG YK . 69.65 -52.82 -4.94
C7 LMG YK . 70.90 -50.01 -5.97
C8 LMG YK . 69.57 -49.44 -6.44
C9 LMG YK . 69.60 -47.93 -6.23
O7 LMG YK . 69.49 -49.63 -7.84
C10 LMG YK . 68.27 -49.70 -8.41
O9 LMG YK . 67.46 -50.50 -8.00
C11 LMG YK . 68.07 -48.67 -9.48
C12 LMG YK . 67.07 -47.64 -9.04
C13 LMG YK . 67.70 -46.32 -8.67
C14 LMG YK . 66.87 -45.76 -7.54
C15 LMG YK . 67.51 -44.47 -7.07
C16 LMG YK . 66.55 -43.76 -6.13
C17 LMG YK . 67.04 -42.35 -5.98
C18 LMG YK . 66.05 -41.64 -5.08
C19 LMG YK . 65.14 -40.83 -5.96
C20 LMG YK . 64.30 -39.96 -5.07
C21 LMG YK . 63.07 -39.58 -5.85
C22 LMG YK . 61.93 -39.85 -4.91
C23 LMG YK . 60.77 -39.03 -5.40
C24 LMG YK . 59.56 -39.72 -4.86
C25 LMG YK . 59.57 -39.61 -3.36
C26 LMG YK . 58.51 -40.57 -2.85
C27 LMG YK . 58.25 -40.25 -1.40
O8 LMG YK . 70.03 -47.74 -4.92
C28 LMG YK . 69.08 -47.40 -4.04
O10 LMG YK . 68.39 -48.29 -3.55
C29 LMG YK . 68.74 -45.96 -4.06
C30 LMG YK . 68.23 -45.48 -2.71
C31 LMG YK . 68.18 -43.96 -2.75
C32 LMG YK . 67.73 -43.46 -1.39
C33 LMG YK . 68.35 -42.09 -1.19
C34 LMG YK . 67.29 -41.14 -0.70
MG CLA ZK . -46.35 7.79 -37.70
CHA CLA ZK . -48.70 5.60 -38.95
CHB CLA ZK . -44.31 5.18 -37.02
CHC CLA ZK . -43.97 10.02 -36.64
CHD CLA ZK . -48.55 10.46 -38.34
NA CLA ZK . -46.52 5.73 -37.93
C1A CLA ZK . -47.58 5.01 -38.47
C2A CLA ZK . -47.30 3.52 -38.45
C3A CLA ZK . -46.00 3.43 -37.64
C4A CLA ZK . -45.55 4.87 -37.52
CMA CLA ZK . -46.31 2.87 -36.28
CAA CLA ZK . -47.08 2.99 -39.85
CBA CLA ZK . -46.27 3.98 -40.65
CGA CLA ZK . -46.95 4.22 -41.95
O1A CLA ZK . -47.59 3.41 -42.61
O2A CLA ZK . -46.77 5.48 -42.43
NB CLA ZK . -44.50 7.63 -36.94
C1B CLA ZK . -43.80 6.49 -36.83
C2B CLA ZK . -42.40 6.79 -36.45
C3B CLA ZK . -42.29 8.14 -36.34
C4B CLA ZK . -43.64 8.71 -36.64
CMB CLA ZK . -41.42 5.75 -36.23
CAB CLA ZK . -41.18 8.96 -35.97
NC CLA ZK . -46.30 9.86 -37.49
C1C CLA ZK . -45.23 10.56 -37.02
C2C CLA ZK . -45.54 11.97 -37.01
C3C CLA ZK . -46.83 12.10 -37.49
C4C CLA ZK . -47.31 10.76 -37.79
CMC CLA ZK . -44.60 13.00 -36.56
CAC CLA ZK . -47.60 13.33 -37.66
CBC CLA ZK . -48.56 13.54 -36.52
ND CLA ZK . -48.20 8.05 -38.43
C1D CLA ZK . -48.99 9.20 -38.67
C2D CLA ZK . -50.25 8.80 -39.31
C3D CLA ZK . -50.19 7.42 -39.46
C4D CLA ZK . -48.90 7.02 -38.89
CMD CLA ZK . -51.29 9.73 -39.72
CAD CLA ZK . -50.84 6.23 -39.94
OBD CLA ZK . -51.90 6.11 -40.52
CBD CLA ZK . -49.93 5.02 -39.58
CGD CLA ZK . -50.59 4.13 -38.59
O1D CLA ZK . -50.81 4.36 -37.39
O2D CLA ZK . -51.00 2.94 -39.09
CED CLA ZK . -51.09 1.82 -38.19
C1 CLA ZK . -47.48 6.57 -41.82
C2 CLA ZK . -46.50 7.36 -41.03
MG CHL AL . -47.17 -0.77 -65.87
CHA CHL AL . -44.97 -2.52 -67.77
CHB CHL AL . -44.69 -0.02 -63.72
CHC CHL AL . -49.37 1.23 -64.17
CHD CHL AL . -49.85 -2.12 -67.76
NA CHL AL . -45.19 -1.06 -65.82
C1A CHL AL . -44.47 -1.69 -66.68
C2A CHL AL . -43.00 -1.54 -66.48
C3A CHL AL . -42.93 -0.87 -65.13
C4A CHL AL . -44.37 -0.62 -64.85
CMA CHL AL . -42.36 -1.79 -64.07
CAA CHL AL . -42.39 -0.71 -67.58
CBA CHL AL . -43.04 0.67 -67.67
CGA CHL AL . -42.09 1.60 -68.36
O1A CHL AL . -40.92 1.30 -68.48
O2A CHL AL . -42.57 2.86 -68.90
NB CHL AL . -47.04 0.43 -64.21
C1B CHL AL . -45.96 0.64 -63.42
C2B CHL AL . -46.16 1.55 -62.28
C3B CHL AL . -47.57 1.90 -62.44
C4B CHL AL . -48.01 1.17 -63.64
CMB CHL AL . -45.18 1.99 -61.23
CAB CHL AL . -48.36 2.81 -61.59
CBB CHL AL . -49.23 3.64 -62.12
NC CHL AL . -49.20 -0.51 -65.95
C1C CHL AL . -49.94 0.34 -65.19
C2C CHL AL . -51.38 0.31 -65.49
C3C CHL AL . -51.54 -0.68 -66.54
C4C CHL AL . -50.14 -1.10 -66.74
CMC CHL AL . -52.44 1.09 -64.85
OMC CHL AL . -52.16 2.05 -64.14
CAC CHL AL . -52.79 -1.14 -67.24
CBC CHL AL . -53.18 -2.51 -66.75
ND CHL AL . -47.47 -2.04 -67.43
C1D CHL AL . -48.50 -2.53 -68.13
C2D CHL AL . -48.09 -3.47 -69.21
C3D CHL AL . -46.63 -3.45 -69.01
C4D CHL AL . -46.38 -2.62 -68.00
CMD CHL AL . -48.71 -4.33 -70.29
CAD CHL AL . -45.36 -3.98 -69.52
OBD CHL AL . -45.23 -4.82 -70.48
CBD CHL AL . -44.25 -3.43 -68.70
CGD CHL AL . -43.78 -4.56 -67.84
O1D CHL AL . -44.56 -5.10 -67.07
O2D CHL AL . -42.41 -5.02 -67.86
CED CHL AL . -41.96 -5.88 -66.81
C1 CHL AL . -42.18 3.29 -70.20
C2 CHL AL . -43.42 3.60 -71.01
C3 CHL AL . -44.22 2.64 -71.51
C4 CHL AL . -43.90 1.18 -71.32
C5 CHL AL . -45.44 3.02 -72.31
C6 CHL AL . -46.55 3.46 -71.36
C7 CHL AL . -47.67 4.18 -72.12
C8 CHL AL . -47.55 5.71 -72.00
C9 CHL AL . -46.91 6.13 -70.69
C10 CHL AL . -46.76 6.23 -73.20
C11 CHL AL . -47.38 7.49 -73.80
C12 CHL AL . -46.30 8.45 -74.28
C13 CHL AL . -46.91 9.75 -74.82
C14 CHL AL . -45.84 10.81 -75.07
C15 CHL AL . -47.99 10.26 -73.88
MG CLA BL . -53.39 5.50 -55.70
CHA CLA BL . -54.35 2.17 -55.60
CHB CLA BL . -54.32 5.89 -52.49
CHC CLA BL . -52.49 8.81 -55.90
CHD CLA BL . -52.30 5.04 -59.02
NA CLA BL . -54.20 4.21 -54.29
C1A CLA BL . -54.52 2.85 -54.43
C2A CLA BL . -55.09 2.30 -53.12
C3A CLA BL . -55.01 3.49 -52.16
C4A CLA BL . -54.47 4.62 -53.01
CMA CLA BL . -56.36 3.80 -51.57
CAA CLA BL . -54.25 1.17 -52.57
CBA CLA BL . -52.87 1.63 -52.16
CGA CLA BL . -52.81 1.89 -50.69
O1A CLA BL . -53.55 1.47 -49.80
O2A CLA BL . -51.75 2.69 -50.35
NB CLA BL . -53.41 7.04 -54.43
C1B CLA BL . -53.84 7.01 -53.16
C2B CLA BL . -53.74 8.37 -52.56
C3B CLA BL . -53.23 9.19 -53.53
C4B CLA BL . -53.01 8.36 -54.73
CMB CLA BL . -54.13 8.67 -51.19
CAB CLA BL . -52.92 10.59 -53.55
CBB CLA BL . -52.17 11.23 -52.65
NC CLA BL . -52.55 6.69 -57.19
C1C CLA BL . -52.27 8.02 -57.04
C2C CLA BL . -51.69 8.55 -58.25
C3C CLA BL . -51.62 7.48 -59.15
C4C CLA BL . -52.16 6.32 -58.46
CMC CLA BL . -51.27 9.93 -58.44
CAC CLA BL . -51.08 7.50 -60.51
CBC CLA BL . -49.63 7.11 -60.48
ND CLA BL . -53.30 4.00 -57.04
C1D CLA BL . -52.86 3.96 -58.38
C2D CLA BL . -53.07 2.60 -58.91
C3D CLA BL . -53.64 1.88 -57.89
C4D CLA BL . -53.76 2.79 -56.75
CMD CLA BL . -52.73 2.17 -60.25
CAD CLA BL . -54.13 0.58 -57.47
OBD CLA BL . -54.17 -0.46 -58.09
CBD CLA BL . -54.65 0.75 -56.01
CGD CLA BL . -56.13 0.47 -56.02
O1D CLA BL . -56.81 0.10 -56.97
O2D CLA BL . -56.77 0.67 -54.85
CED CLA BL . -57.99 1.40 -54.91
C1 CLA BL . -52.08 3.97 -49.79
C2 CLA BL . -51.27 4.98 -50.53
C3 CLA BL . -51.06 6.21 -50.06
C4 CLA BL . -51.62 6.67 -48.78
C5 CLA BL . -50.25 7.19 -50.82
C6 CLA BL . -48.94 7.56 -50.15
C7 CLA BL . -48.07 8.37 -51.09
C8 CLA BL . -46.77 8.82 -50.44
C9 CLA BL . -47.03 9.25 -49.01
C10 CLA BL . -46.14 9.98 -51.19
C11 CLA BL . -45.38 9.61 -52.44
C12 CLA BL . -44.87 10.85 -53.13
C13 CLA BL . -44.27 10.57 -54.50
C14 CLA BL . -43.20 9.52 -54.38
C15 CLA BL . -43.69 11.83 -55.13
C16 CLA BL . -44.31 12.13 -56.49
C17 CLA BL . -44.14 10.99 -57.48
C18 CLA BL . -44.68 11.32 -58.87
C19 CLA BL . -46.11 10.83 -59.04
C20 CLA BL . -43.79 10.76 -59.95
MG CLA CL . -51.70 15.78 -50.13
CHA CLA CL . -53.40 14.38 -47.48
CHB CLA CL . -50.13 12.84 -50.66
CHC CLA CL . -50.01 17.23 -52.74
CHD CLA CL . -53.23 18.87 -49.44
NA CLA CL . -51.80 13.91 -49.23
C1A CLA CL . -52.59 13.51 -48.15
C2A CLA CL . -52.36 12.06 -47.80
C3A CLA CL . -51.29 11.61 -48.81
C4A CLA CL . -51.05 12.86 -49.65
CMA CLA CL . -50.03 11.22 -48.10
CAA CLA CL . -53.63 11.28 -48.03
CBA CLA CL . -53.48 9.85 -47.60
CGA CLA CL . -53.93 9.72 -46.19
O1A CLA CL . -54.92 10.25 -45.66
O2A CLA CL . -53.13 8.91 -45.44
NB CLA CL . -50.41 15.13 -51.52
C1B CLA CL . -49.80 13.92 -51.49
C2B CLA CL . -48.68 13.90 -52.46
C3B CLA CL . -48.64 15.13 -53.05
C4B CLA CL . -49.74 15.93 -52.45
CMB CLA CL . -47.84 12.73 -52.62
CAB CLA CL . -47.75 15.68 -54.02
CBB CLA CL . -46.43 15.56 -53.99
NC CLA CL . -51.67 17.70 -50.96
C1C CLA CL . -50.91 18.06 -52.04
C2C CLA CL . -51.13 19.46 -52.34
C3C CLA CL . -52.03 19.93 -51.41
C4C CLA CL . -52.37 18.82 -50.55
CMC CLA CL . -50.45 20.19 -53.40
CAC CLA CL . -52.53 21.30 -51.30
CBC CLA CL . -53.96 21.39 -51.74
ND CLA CL . -52.98 16.53 -48.78
C1D CLA CL . -53.52 17.82 -48.60
C2D CLA CL . -54.38 17.79 -47.40
C3D CLA CL . -54.38 16.49 -46.96
C4D CLA CL . -53.51 15.74 -47.86
CMD CLA CL . -55.05 18.95 -46.84
CAD CLA CL . -54.85 15.58 -45.93
OBD CLA CL . -55.56 15.79 -44.96
CBD CLA CL . -54.28 14.18 -46.28
CGD CLA CL . -53.56 13.54 -45.13
O1D CLA CL . -53.87 12.53 -44.50
O2D CLA CL . -52.42 14.18 -44.78
CED CLA CL . -51.39 13.35 -44.24
C1 CLA CL . -51.81 9.41 -45.12
C2 CLA CL . -50.98 8.24 -44.75
C3 CLA CL . -49.76 8.35 -44.19
MG CLA DL . -58.65 30.84 -60.45
CHA CLA DL . -58.02 34.24 -60.43
CHB CLA DL . -57.03 30.50 -57.49
CHC CLA DL . -59.37 27.47 -60.52
CHD CLA DL . -60.22 31.22 -63.58
NA CLA DL . -57.70 32.18 -59.18
C1A CLA DL . -57.55 33.56 -59.35
C2A CLA DL . -56.80 34.16 -58.16
C3A CLA DL . -56.43 32.94 -57.30
C4A CLA DL . -57.11 31.77 -58.01
CMA CLA DL . -54.95 32.73 -57.22
CAA CLA DL . -57.75 35.07 -57.40
CBA CLA DL . -58.95 34.30 -56.89
CGA CLA DL . -60.19 35.15 -56.90
O1A CLA DL . -60.29 36.37 -56.83
O2A CLA DL . -61.34 34.43 -57.01
NB CLA DL . -58.21 29.27 -59.27
C1B CLA DL . -57.61 29.35 -58.06
C2B CLA DL . -57.64 28.03 -57.40
C3B CLA DL . -58.29 27.17 -58.24
C4B CLA DL . -58.68 27.95 -59.45
CMB CLA DL . -57.06 27.78 -56.09
CAB CLA DL . -58.61 25.78 -58.08
CBB CLA DL . -59.19 25.27 -57.00
NC CLA DL . -59.63 29.58 -61.80
C1C CLA DL . -59.82 28.24 -61.62
C2C CLA DL . -60.54 27.70 -62.76
C3C CLA DL . -60.78 28.76 -63.63
C4C CLA DL . -60.19 29.94 -63.02
CMC CLA DL . -60.94 26.30 -62.90
CAC CLA DL . -61.48 28.73 -64.91
CBC CLA DL . -62.85 29.35 -64.78
ND CLA DL . -59.15 32.34 -61.70
C1D CLA DL . -59.73 32.35 -62.98
C2D CLA DL . -59.75 33.73 -63.50
C3D CLA DL . -59.16 34.51 -62.53
C4D CLA DL . -58.76 33.58 -61.46
CMD CLA DL . -60.32 34.16 -64.77
CAD CLA DL . -58.77 35.84 -62.15
OBD CLA DL . -59.03 36.91 -62.69
CBD CLA DL . -57.92 35.69 -60.86
CGD CLA DL . -56.57 36.12 -61.28
O1D CLA DL . -56.19 36.26 -62.45
O2D CLA DL . -55.67 36.41 -60.31
CED CLA DL . -54.61 37.30 -60.69
C1 CLA DL . -62.45 34.89 -56.22
C2 CLA DL . -63.55 33.89 -56.30
C3 CLA DL . -64.85 34.23 -56.23
C4 CLA DL . -65.30 35.63 -56.06
C5 CLA DL . -65.94 33.21 -56.32
C6 CLA DL . -65.44 31.78 -56.45
C7 CLA DL . -66.59 30.81 -56.56
MG CLA EL . -58.52 32.22 -52.63
CHA CLA EL . -61.46 34.04 -52.40
CHB CLA EL . -60.11 29.51 -51.38
CHC CLA EL . -55.61 30.45 -52.95
CHD CLA EL . -56.87 35.11 -53.80
NA CLA EL . -60.47 31.86 -51.99
C1A CLA EL . -61.55 32.75 -51.96
C2A CLA EL . -62.79 32.08 -51.40
C3A CLA EL . -62.29 30.68 -50.97
C4A CLA EL . -60.86 30.66 -51.49
CMA CLA EL . -62.29 30.48 -49.49
CAA CLA EL . -63.87 31.92 -52.46
CBA CLA EL . -64.82 30.80 -52.07
CGA CLA EL . -66.13 31.38 -51.64
O1A CLA EL . -66.58 32.51 -51.86
O2A CLA EL . -66.90 30.51 -50.91
NB CLA EL . -57.93 30.38 -52.11
C1B CLA EL . -58.79 29.38 -51.82
C2B CLA EL . -58.14 28.06 -52.05
C3B CLA EL . -56.87 28.33 -52.50
C4B CLA EL . -56.72 29.80 -52.55
CMB CLA EL . -58.83 26.80 -51.83
CAB CLA EL . -55.82 27.44 -52.88
CBB CLA EL . -55.40 26.39 -52.16
NC CLA EL . -56.59 32.70 -53.26
C1C CLA EL . -55.55 31.82 -53.29
C2C CLA EL . -54.34 32.50 -53.76
C3C CLA EL . -54.71 33.82 -54.00
C4C CLA EL . -56.11 33.94 -53.67
CMC CLA EL . -53.04 31.85 -53.93
CAC CLA EL . -53.85 34.90 -54.46
CBC CLA EL . -53.47 35.81 -53.32
ND CLA EL . -59.02 34.09 -53.18
C1D CLA EL . -58.22 35.20 -53.58
C2D CLA EL . -59.09 36.37 -53.72
C3D CLA EL . -60.35 35.97 -53.34
C4D CLA EL . -60.24 34.56 -52.95
CMD CLA EL . -58.61 37.66 -54.20
CAD CLA EL . -61.73 36.33 -53.17
OBD CLA EL . -62.31 37.35 -53.52
CBD CLA EL . -62.44 35.18 -52.43
CGD CLA EL . -62.74 35.64 -51.04
O1D CLA EL . -61.94 36.03 -50.19
O2D CLA EL . -64.07 35.64 -50.72
CED CLA EL . -64.97 36.33 -51.59
C1 CLA EL . -68.30 30.44 -51.23
C2 CLA EL . -69.02 30.06 -49.98
C3 CLA EL . -69.71 30.94 -49.24
C4 CLA EL . -69.82 32.38 -49.62
C5 CLA EL . -70.43 30.52 -48.00
C6 CLA EL . -70.29 31.55 -46.88
C7 CLA EL . -71.17 31.19 -45.70
MG CHL FL . -48.64 30.92 -52.35
CHA CHL FL . -45.72 32.59 -52.78
CHB CHL FL . -47.33 28.31 -53.94
CHC CHL FL . -51.33 29.11 -51.32
CHD CHL FL . -50.24 33.93 -51.43
NA CHL FL . -46.83 30.43 -53.02
C1A CHL FL . -45.77 31.14 -53.02
C2A CHL FL . -44.50 30.37 -53.23
C3A CHL FL . -45.02 29.03 -53.65
C4A CHL FL . -46.49 29.25 -53.53
CMA CHL FL . -44.68 28.74 -55.08
CAA CHL FL . -43.67 30.30 -51.96
CBA CHL FL . -44.50 29.82 -50.76
CGA CHL FL . -43.57 29.20 -49.74
O1A CHL FL . -42.71 29.86 -49.18
O2A CHL FL . -43.69 27.78 -49.42
NB CHL FL . -49.24 28.99 -52.59
C1B CHL FL . -48.59 28.02 -53.26
C2B CHL FL . -49.25 26.69 -53.28
C3B CHL FL . -50.44 26.95 -52.49
C4B CHL FL . -50.34 28.39 -52.11
CMB CHL FL . -48.79 25.41 -53.95
CAB CHL FL . -51.50 25.96 -52.17
CBB CHL FL . -52.21 26.03 -51.07
NC CHL FL . -50.46 31.42 -51.54
C1C CHL FL . -51.43 30.57 -51.18
C2C CHL FL . -52.62 31.23 -50.62
C3C CHL FL . -52.32 32.66 -50.65
C4C CHL FL . -50.95 32.66 -51.23
CMC CHL FL . -53.86 30.61 -50.13
OMC CHL FL . -53.89 29.44 -49.79
CAC CHL FL . -53.16 33.83 -50.21
CBC CHL FL . -53.33 33.77 -48.71
ND CHL FL . -48.19 32.88 -52.12
C1D CHL FL . -48.82 34.02 -51.77
C2D CHL FL . -47.91 35.21 -51.79
C3D CHL FL . -46.66 34.58 -52.22
C4D CHL FL . -46.91 33.29 -52.38
CMD CHL FL . -47.97 36.69 -51.52
CAD CHL FL . -45.24 34.83 -52.52
OBD CHL FL . -44.64 35.97 -52.49
CBD CHL FL . -44.60 33.56 -52.92
CGD CHL FL . -44.32 33.63 -54.38
O1D CHL FL . -45.25 33.77 -55.16
O2D CHL FL . -42.97 33.56 -54.90
CED CHL FL . -42.75 33.22 -56.27
C1 CHL FL . -43.33 27.29 -48.13
C2 CHL FL . -44.57 26.79 -47.41
MG CLA GL . -59.04 19.74 -45.68
CHA CLA GL . -58.52 16.38 -46.18
CHB CLA GL . -60.37 19.06 -42.62
CHC CLA GL . -59.21 23.10 -45.07
CHD CLA GL . -57.57 20.39 -48.81
NA CLA GL . -59.43 17.99 -44.63
C1A CLA GL . -59.11 16.68 -44.99
C2A CLA GL . -59.55 15.68 -43.94
C3A CLA GL . -60.28 16.57 -42.91
C4A CLA GL . -60.02 17.98 -43.40
CMA CLA GL . -61.74 16.25 -42.85
CAA CLA GL . -58.37 14.99 -43.32
CBA CLA GL . -57.52 15.94 -42.51
CGA CLA GL . -56.43 15.13 -41.88
O1A CLA GL . -56.53 14.17 -41.12
O2A CLA GL . -55.18 15.55 -42.24
NB CLA GL . -59.66 20.87 -44.14
C1B CLA GL . -60.19 20.41 -42.97
C2B CLA GL . -60.52 21.55 -42.09
C3B CLA GL . -60.21 22.70 -42.78
C4B CLA GL . -59.66 22.28 -44.09
CMB CLA GL . -61.10 21.37 -40.77
CAB CLA GL . -60.34 24.07 -42.39
CBB CLA GL . -59.35 24.95 -42.41
NC CLA GL . -58.54 21.43 -46.78
C1C CLA GL . -58.70 22.71 -46.33
C2C CLA GL . -58.23 23.65 -47.32
C3C CLA GL . -57.75 22.89 -48.37
C4C CLA GL . -57.94 21.49 -48.03
CMC CLA GL . -58.25 25.10 -47.18
CAC CLA GL . -57.13 23.40 -49.60
CBC CLA GL . -55.65 23.61 -49.45
ND CLA GL . -58.37 18.69 -47.24
C1D CLA GL . -57.78 19.08 -48.47
C2D CLA GL . -57.37 17.87 -49.21
C3D CLA GL . -57.62 16.80 -48.37
C4D CLA GL . -58.23 17.37 -47.16
CMD CLA GL . -56.78 17.88 -50.54
CAD CLA GL . -57.58 15.36 -48.20
OBD CLA GL . -57.23 14.49 -48.97
CBD CLA GL . -58.10 15.06 -46.76
CGD CLA GL . -59.24 14.11 -46.75
O1D CLA GL . -60.44 14.38 -46.75
O2D CLA GL . -58.87 12.80 -46.75
CED CLA GL . -59.90 11.81 -46.72
C1 CLA GL . -54.45 16.38 -41.31
C2 CLA GL . -53.52 17.19 -42.15
C3 CLA GL . -52.41 17.78 -41.67
C4 CLA GL . -51.97 17.66 -40.26
C5 CLA GL . -51.55 18.58 -42.58
C6 CLA GL . -51.55 18.02 -44.00
C7 CLA GL . -50.17 18.14 -44.60
C8 CLA GL . -49.63 16.77 -44.99
C9 CLA GL . -48.95 16.11 -43.81
C10 CLA GL . -48.64 16.89 -46.14
C11 CLA GL . -49.37 16.81 -47.46
C12 CLA GL . -48.66 17.60 -48.54
C13 CLA GL . -48.64 19.09 -48.21
C14 CLA GL . -50.04 19.63 -47.99
C15 CLA GL . -47.92 19.91 -49.29
C16 CLA GL . -47.33 19.04 -50.36
C17 CLA GL . -46.03 19.60 -50.90
C18 CLA GL . -46.21 20.38 -52.18
C19 CLA GL . -44.96 20.29 -53.04
C20 CLA GL . -46.54 21.83 -51.89
MG CLA HL . -66.74 14.15 -59.08
CHA CLA HL . -69.41 13.12 -57.16
CHB CLA HL . -67.09 11.41 -61.04
CHC CLA HL . -64.27 15.34 -61.11
CHD CLA HL . -66.63 17.14 -57.21
NA CLA HL . -67.99 12.51 -59.03
C1A CLA HL . -69.06 12.27 -58.17
C2A CLA HL . -69.73 10.96 -58.48
C3A CLA HL . -68.76 10.32 -59.49
C4A CLA HL . -67.88 11.48 -59.90
CMA CLA HL . -67.91 9.28 -58.79
CAA CLA HL . -71.08 11.24 -59.13
CBA CLA HL . -71.06 12.47 -60.02
CGA CLA HL . -70.49 12.09 -61.34
O1A CLA HL . -70.63 11.03 -61.95
O2A CLA HL . -69.69 13.04 -61.90
NB CLA HL . -65.82 13.48 -60.73
C1B CLA HL . -66.24 12.43 -61.47
C2B CLA HL . -65.64 12.49 -62.83
C3B CLA HL . -64.84 13.60 -62.85
C4B CLA HL . -64.91 14.23 -61.51
CMB CLA HL . -65.88 11.48 -63.85
CAB CLA HL . -64.00 14.09 -63.90
CBB CLA HL . -64.40 14.34 -65.16
NC CLA HL . -65.55 15.85 -59.04
C1C CLA HL . -64.54 16.09 -59.92
C2C CLA HL . -63.86 17.32 -59.57
C3C CLA HL . -64.63 17.90 -58.56
C4C CLA HL . -65.69 16.98 -58.24
CMC CLA HL . -62.68 17.79 -60.26
CAC CLA HL . -64.35 19.16 -57.84
CBC CLA HL . -65.26 20.28 -58.23
ND CLA HL . -67.59 14.90 -57.42
C1D CLA HL . -67.54 16.18 -56.81
C2D CLA HL . -68.53 16.26 -55.73
C3D CLA HL . -69.21 15.06 -55.77
C4D CLA HL . -68.65 14.30 -56.88
CMD CLA HL . -68.68 17.38 -54.81
CAD CLA HL . -70.24 14.24 -55.17
OBD CLA HL . -70.79 14.37 -54.10
CBD CLA HL . -70.52 13.08 -56.15
CGD CLA HL . -70.54 11.79 -55.41
O1D CLA HL . -69.92 11.52 -54.38
O2D CLA HL . -71.35 10.84 -55.95
CED CLA HL . -71.58 9.67 -55.17
C1 CLA HL . -69.82 13.16 -63.33
C2 CLA HL . -68.70 13.98 -63.84
C3 CLA HL . -68.81 14.67 -64.99
C4 CLA HL . -70.05 14.62 -65.79
C5 CLA HL . -67.68 15.50 -65.50
C6 CLA HL . -68.08 16.71 -66.33
C7 CLA HL . -66.86 17.54 -66.68
C8 CLA HL . -67.00 19.03 -66.35
C9 CLA HL . -68.41 19.42 -66.01
C10 CLA HL . -66.50 19.86 -67.53
C11 CLA HL . -65.37 20.78 -67.13
C12 CLA HL . -65.87 22.04 -66.46
C13 CLA HL . -64.70 22.92 -66.02
C14 CLA HL . -64.83 23.26 -64.54
C15 CLA HL . -64.62 24.19 -66.86
MG CLA IL . -57.24 4.47 -71.42
CHA CLA IL . -60.42 5.20 -70.27
CHB CLA IL . -58.47 1.77 -73.06
CHC CLA IL . -54.16 4.02 -72.86
CHD CLA IL . -56.02 7.34 -69.78
NA CLA IL . -59.12 3.60 -71.54
C1A CLA IL . -60.32 4.06 -71.01
C2A CLA IL . -61.47 3.13 -71.36
C3A CLA IL . -60.74 1.90 -71.97
C4A CLA IL . -59.34 2.44 -72.23
CMA CLA IL . -60.72 0.73 -71.02
CAA CLA IL . -62.41 3.76 -72.36
NB CLA IL . -56.45 3.11 -72.68
C1B CLA IL . -57.15 2.17 -73.35
C2B CLA IL . -56.33 1.59 -74.44
C3B CLA IL . -55.11 2.23 -74.39
C4B CLA IL . -55.16 3.19 -73.26
CMB CLA IL . -56.78 0.55 -75.35
CAB CLA IL . -53.95 2.05 -75.21
CBB CLA IL . -53.44 2.99 -76.00
NC CLA IL . -55.40 5.44 -71.27
C1C CLA IL . -54.26 5.06 -71.91
C2C CLA IL . -53.17 5.96 -71.57
C3C CLA IL . -53.70 6.93 -70.73
C4C CLA IL . -55.11 6.59 -70.55
CMC CLA IL . -51.81 5.81 -72.09
CAC CLA IL . -53.01 8.08 -70.12
CBC CLA IL . -51.94 7.73 -69.11
ND CLA IL . -57.95 5.87 -70.18
C1D CLA IL . -57.35 7.03 -69.60
C2D CLA IL . -58.38 7.79 -68.87
C3D CLA IL . -59.57 7.15 -69.11
C4D CLA IL . -59.26 5.97 -69.94
CMD CLA IL . -58.12 9.00 -68.13
CAD CLA IL . -61.00 7.12 -68.86
OBD CLA IL . -61.69 7.87 -68.16
CBD CLA IL . -61.58 5.92 -69.66
CGD CLA IL . -62.45 5.05 -68.80
O1D CLA IL . -62.30 3.85 -68.53
O2D CLA IL . -63.53 5.69 -68.28
CED CLA IL . -64.78 5.02 -68.36
MG CLA JL . -60.92 13.50 -69.74
CHA CLA JL . -63.29 11.04 -70.17
CHB CLA JL . -63.27 15.51 -68.34
CHC CLA JL . -58.59 15.98 -69.55
CHD CLA JL . -58.55 11.41 -71.31
NA CLA JL . -62.93 13.25 -69.28
C1A CLA JL . -63.74 12.16 -69.53
C2A CLA JL . -65.16 12.39 -69.03
C3A CLA JL . -65.07 13.76 -68.31
C4A CLA JL . -63.66 14.22 -68.65
CMA CLA JL . -66.07 14.75 -68.83
CAA CLA JL . -65.58 11.33 -68.04
CBA CLA JL . -66.93 10.79 -68.43
CGA CLA JL . -67.94 11.85 -68.16
O1A CLA JL . -68.15 12.44 -67.10
O2A CLA JL . -68.70 12.20 -69.24
NB CLA JL . -60.89 15.36 -68.97
C1B CLA JL . -62.00 16.05 -68.61
C2B CLA JL . -61.71 17.50 -68.55
C3B CLA JL . -60.38 17.64 -68.90
C4B CLA JL . -59.85 16.28 -69.15
CMB CLA JL . -62.70 18.50 -68.21
CAB CLA JL . -59.59 18.83 -69.01
CBB CLA JL . -59.10 19.30 -70.17
NC CLA JL . -58.92 13.64 -70.27
C1C CLA JL . -58.14 14.74 -70.06
C2C CLA JL . -56.79 14.51 -70.54
C3C CLA JL . -56.79 13.22 -71.08
C4C CLA JL . -58.13 12.68 -70.89
CMC CLA JL . -55.70 15.48 -70.48
CAC CLA JL . -55.67 12.51 -71.70
CBC CLA JL . -55.74 12.64 -73.20
ND CLA JL . -60.85 11.65 -70.54
C1D CLA JL . -59.81 10.91 -71.14
C2D CLA JL . -60.35 9.60 -71.58
C3D CLA JL . -61.68 9.62 -71.26
C4D CLA JL . -61.94 10.91 -70.60
CMD CLA JL . -59.57 8.57 -72.25
CAD CLA JL . -62.92 8.88 -71.29
OBD CLA JL . -63.18 7.80 -71.78
CBD CLA JL . -63.99 9.77 -70.59
CGD CLA JL . -65.08 10.08 -71.57
O1D CLA JL . -65.44 11.18 -71.97
O2D CLA JL . -65.72 8.98 -72.03
CED CLA JL . -66.37 8.13 -71.07
C1 CLA JL . -69.42 13.44 -69.10
C2 CLA JL . -70.29 13.65 -70.29
C3 CLA JL . -71.42 14.36 -70.19
C4 CLA JL . -72.31 14.60 -71.37
C5 CLA JL . -71.85 14.94 -68.89
C6 CLA JL . -71.81 16.46 -68.84
C7 CLA JL . -70.40 16.97 -69.07
MG CLA KL . -43.07 16.83 -68.30
CHA CLA KL . -40.71 18.64 -70.04
CHB CLA KL . -45.04 16.77 -71.05
CHC CLA KL . -45.26 14.80 -66.60
CHD CLA KL . -40.93 16.83 -65.50
NA CLA KL . -42.89 17.61 -70.22
C1A CLA KL . -41.81 18.31 -70.76
C2A CLA KL . -42.06 18.67 -72.21
C3A CLA KL . -43.49 18.14 -72.47
C4A CLA KL . -43.85 17.44 -71.17
CMA CLA KL . -44.43 19.27 -72.78
CAA CLA KL . -41.09 17.93 -73.10
CBA CLA KL . -41.19 16.42 -72.98
CGA CLA KL . -40.29 15.92 -71.88
O1A CLA KL . -39.22 16.38 -71.50
O2A CLA KL . -40.78 14.82 -71.26
NB CLA KL . -44.78 15.88 -68.78
C1B CLA KL . -45.48 16.10 -69.90
C2B CLA KL . -46.84 15.53 -69.77
C3B CLA KL . -46.93 14.96 -68.53
C4B CLA KL . -45.61 15.18 -67.87
CMB CLA KL . -47.86 15.61 -70.82
CAB CLA KL . -48.04 14.29 -67.93
CBB CLA KL . -48.47 14.45 -66.69
NC CLA KL . -43.11 16.02 -66.38
C1C CLA KL . -44.10 15.22 -65.89
C2C CLA KL . -43.79 14.80 -64.54
C3C CLA KL . -42.56 15.37 -64.23
C4C CLA KL . -42.14 16.12 -65.39
CMC CLA KL . -44.63 13.96 -63.71
CAC CLA KL . -41.81 15.25 -62.97
CBC CLA KL . -40.60 14.37 -63.10
ND CLA KL . -41.35 17.70 -67.75
C1D CLA KL . -40.54 17.55 -66.60
C2D CLA KL . -39.31 18.34 -66.78
C3D CLA KL . -39.36 18.82 -68.06
C4D CLA KL . -40.62 18.33 -68.65
CMD CLA KL . -38.28 18.55 -65.76
CAD CLA KL . -38.74 19.66 -69.05
OBD CLA KL . -37.86 20.47 -68.91
CBD CLA KL . -39.44 19.36 -70.41
CGD CLA KL . -39.63 20.58 -71.26
O1D CLA KL . -39.89 20.64 -72.46
O2D CLA KL . -39.49 21.78 -70.63
CED CLA KL . -39.36 22.92 -71.48
C1 CLA KL . -40.81 14.84 -69.82
C2 CLA KL . -41.02 13.42 -69.42
C3 CLA KL . -40.76 12.92 -68.20
C4 CLA KL . -40.23 13.74 -67.09
C5 CLA KL . -41.00 11.48 -67.90
C6 CLA KL . -42.47 11.16 -67.76
C7 CLA KL . -43.07 10.79 -69.10
C8 CLA KL . -44.59 10.82 -69.04
C9 CLA KL . -45.06 9.87 -67.96
C10 CLA KL . -45.17 10.47 -70.41
C11 CLA KL . -46.46 9.67 -70.31
C12 CLA KL . -47.67 10.57 -70.18
C13 CLA KL . -48.86 9.82 -69.60
C14 CLA KL . -48.43 8.77 -68.59
MG CLA LL . -42.61 14.49 -77.26
CHA CLA LL . -40.28 12.73 -75.41
CHB CLA LL . -40.54 14.38 -79.95
CHC CLA LL . -45.09 15.92 -79.13
CHD CLA LL . -44.68 14.68 -74.41
NA CLA LL . -40.71 13.71 -77.59
C1A CLA LL . -39.91 12.99 -76.69
C2A CLA LL . -38.58 12.61 -77.34
C3A CLA LL . -38.60 13.42 -78.65
C4A CLA LL . -40.06 13.86 -78.77
CMA CLA LL . -37.70 14.61 -78.52
CAA CLA LL . -38.48 11.13 -77.65
CBA CLA LL . -38.02 10.89 -79.07
CGA CLA LL . -37.29 9.58 -79.22
O1A CLA LL . -36.38 9.30 -80.00
O2A CLA LL . -37.71 8.59 -78.38
NB CLA LL . -42.78 15.05 -79.17
C1B CLA LL . -41.85 14.84 -80.14
C2B CLA LL . -42.42 15.19 -81.46
C3B CLA LL . -43.71 15.63 -81.24
C4B CLA LL . -43.95 15.55 -79.78
CMB CLA LL . -41.66 15.09 -82.70
CAB CLA LL . -44.72 16.10 -82.15
CBB CLA LL . -45.92 15.54 -82.31
NC CLA LL . -44.50 15.23 -76.82
C1C CLA LL . -45.34 15.80 -77.74
C2C CLA LL . -46.57 16.19 -77.10
C3C CLA LL . -46.48 15.83 -75.76
C4C CLA LL . -45.16 15.23 -75.60
CMC CLA LL . -47.69 16.84 -77.80
CAC CLA LL . -47.48 16.03 -74.70
CBC CLA LL . -48.26 14.77 -74.43
ND CLA LL . -42.51 13.98 -75.31
C1D CLA LL . -43.45 14.08 -74.26
C2D CLA LL . -42.89 13.44 -73.06
C3D CLA LL . -41.68 12.88 -73.45
C4D CLA LL . -41.50 13.25 -74.87
CMD CLA LL . -43.57 13.39 -71.77
CAD CLA LL . -40.50 12.16 -73.04
OBD CLA LL . -40.20 11.73 -71.94
CBD CLA LL . -39.60 11.97 -74.31
CGD CLA LL . -38.20 12.48 -74.11
O1D CLA LL . -37.80 13.64 -74.23
O2D CLA LL . -37.31 11.50 -73.77
CED CLA LL . -37.09 11.25 -72.39
C1 CLA LL . -38.75 7.68 -78.85
C2 CLA LL . -40.05 8.24 -78.41
C3 CLA LL . -40.44 8.29 -77.13
C4 CLA LL . -39.60 7.76 -76.02
C5 CLA LL . -41.76 8.86 -76.75
C6 CLA LL . -42.29 8.32 -75.44
C7 CLA LL . -42.29 9.37 -74.35
C8 CLA LL . -42.26 8.74 -72.96
C9 CLA LL . -40.83 8.44 -72.54
C10 CLA LL . -43.07 7.45 -72.91
C1 XAT ML . -70.73 16.94 -60.11
C2 XAT ML . -72.07 16.30 -60.41
C3 XAT ML . -72.99 17.37 -60.94
C4 XAT ML . -72.49 17.80 -62.31
C5 XAT ML . -70.97 17.92 -62.49
C6 XAT ML . -70.04 17.46 -61.36
C7 XAT ML . -68.90 16.59 -61.90
C8 XAT ML . -67.61 16.82 -62.21
C9 XAT ML . -66.76 18.02 -62.21
C10 XAT ML . -65.63 17.89 -62.92
C11 XAT ML . -64.56 18.86 -63.12
C12 XAT ML . -63.54 18.38 -63.83
C13 XAT ML . -62.31 19.09 -64.23
C14 XAT ML . -61.36 18.36 -64.85
C15 XAT ML . -60.07 18.84 -65.33
C16 XAT ML . -69.86 15.88 -59.47
C17 XAT ML . -70.92 18.07 -59.11
C18 XAT ML . -70.47 17.50 -63.86
C19 XAT ML . -67.07 19.29 -61.49
C20 XAT ML . -62.13 20.56 -63.99
O3 XAT ML . -74.30 16.82 -61.11
O4 XAT ML . -70.18 18.84 -61.71
C21 XAT ML . -49.36 18.14 -71.09
C22 XAT ML . -47.96 18.69 -71.33
C23 XAT ML . -47.87 20.03 -70.64
C24 XAT ML . -47.86 19.76 -69.15
C25 XAT ML . -49.15 19.08 -68.67
C26 XAT ML . -50.00 18.29 -69.70
C27 XAT ML . -50.73 17.12 -69.09
C28 XAT ML . -51.99 17.32 -68.69
C29 XAT ML . -52.73 16.20 -68.10
C30 XAT ML . -53.89 16.42 -67.47
C31 XAT ML . -54.37 17.80 -67.38
C32 XAT ML . -55.55 18.28 -66.94
C33 XAT ML . -56.77 17.63 -66.39
C34 XAT ML . -57.84 18.43 -66.21
C35 XAT ML . -59.13 17.97 -65.70
C36 XAT ML . -50.03 17.21 -72.10
C37 XAT ML . -48.66 16.86 -70.64
C38 XAT ML . -49.08 18.32 -67.34
C39 XAT ML . -52.15 14.81 -68.26
C40 XAT ML . -56.85 16.18 -66.03
O23 XAT ML . -46.66 20.70 -70.99
O24 XAT ML . -50.38 19.57 -69.20
C1 XAT NL . -51.85 27.80 -56.83
C2 XAT NL . -52.09 29.17 -57.40
C3 XAT NL . -52.12 29.11 -58.91
C4 XAT NL . -53.45 28.47 -59.23
C5 XAT NL . -53.51 27.03 -58.72
C6 XAT NL . -52.64 26.67 -57.50
C7 XAT NL . -53.28 25.63 -56.59
C8 XAT NL . -52.79 24.40 -56.70
C9 XAT NL . -53.24 23.22 -55.94
C10 XAT NL . -52.76 22.04 -56.32
C11 XAT NL . -53.05 20.76 -55.70
C12 XAT NL . -52.31 19.75 -56.14
C13 XAT NL . -52.36 18.36 -55.65
C14 XAT NL . -51.52 17.46 -56.17
C15 XAT NL . -51.50 16.09 -55.70
C16 XAT NL . -52.19 27.82 -55.34
C17 XAT NL . -50.37 27.47 -56.99
C18 XAT NL . -54.88 26.38 -58.63
C19 XAT NL . -54.20 23.35 -54.80
C20 XAT NL . -53.31 17.95 -54.55
O3 XAT NL . -52.04 30.43 -59.46
O4 XAT NL . -52.32 26.25 -58.82
C21 XAT NL . -47.25 4.19 -53.28
C22 XAT NL . -47.35 2.68 -53.27
C23 XAT NL . -48.72 2.25 -52.82
C24 XAT NL . -49.65 2.57 -53.97
C25 XAT NL . -49.71 4.07 -54.25
C26 XAT NL . -48.46 4.89 -53.94
C27 XAT NL . -48.17 5.91 -55.03
C28 XAT NL . -48.45 7.17 -54.73
C29 XAT NL . -48.24 8.32 -55.61
C30 XAT NL . -48.75 9.48 -55.20
C31 XAT NL . -48.66 10.76 -55.89
C32 XAT NL . -49.50 11.70 -55.45
C33 XAT NL . -49.53 13.06 -56.00
C34 XAT NL . -50.49 13.91 -55.61
C35 XAT NL . -50.53 15.27 -56.11
C36 XAT NL . -45.97 4.58 -54.01
C37 XAT NL . -47.13 4.67 -51.84
C38 XAT NL . -50.35 4.50 -55.56
C39 XAT NL . -47.49 8.20 -56.89
C40 XAT NL . -48.46 13.50 -56.95
O23 XAT NL . -48.72 0.84 -52.60
O24 XAT NL . -49.66 5.03 -53.18
O1 LHG OL . -56.05 -2.09 -71.64
C1 LHG OL . -55.60 -1.61 -70.38
C2 LHG OL . -55.37 -0.12 -70.49
O2 LHG OL . -54.50 0.34 -69.49
C3 LHG OL . -56.63 0.68 -70.34
O3 LHG OL . -56.10 1.89 -69.87
P LHG OL . -56.57 2.49 -68.45
O4 LHG OL . -57.67 3.47 -68.73
O5 LHG OL . -56.44 1.35 -67.53
O6 LHG OL . -55.26 3.46 -68.27
C4 LHG OL . -54.09 2.93 -67.75
C5 LHG OL . -53.13 4.10 -67.81
C6 LHG OL . -53.78 5.37 -67.32
O7 LHG OL . -52.06 3.80 -66.95
C7 LHG OL . -50.87 4.09 -67.50
O9 LHG OL . -50.79 4.82 -68.46
C8 LHG OL . -49.87 3.08 -67.13
C9 LHG OL . -49.40 2.38 -68.38
C10 LHG OL . -48.09 1.68 -68.11
O8 LHG OL . -52.90 5.85 -66.32
C23 LHG OL . -53.47 6.57 -65.32
O10 LHG OL . -54.68 6.66 -65.27
C24 LHG OL . -52.65 6.90 -64.09
C11 LHG OL . -47.18 2.84 -67.87
C12 LHG OL . -46.12 2.45 -66.90
C13 LHG OL . -45.45 3.71 -66.41
C14 LHG OL . -44.91 4.54 -67.56
C15 LHG OL . -44.00 5.60 -66.96
C16 LHG OL . -43.17 6.21 -68.06
C17 LHG OL . -42.49 7.47 -67.57
C18 LHG OL . -41.30 7.66 -68.48
C19 LHG OL . -39.97 7.74 -67.75
C20 LHG OL . -39.09 8.48 -68.72
C21 LHG OL . -38.01 9.19 -67.98
C22 LHG OL . -37.07 8.15 -67.42
C25 LHG OL . -51.29 7.46 -64.37
C26 LHG OL . -50.12 6.58 -64.00
C27 LHG OL . -49.20 6.69 -65.18
C28 LHG OL . -47.92 5.92 -65.07
C29 LHG OL . -47.21 6.46 -63.84
C30 LHG OL . -46.40 5.46 -63.04
C31 LHG OL . -45.07 5.94 -62.51
C32 LHG OL . -43.89 5.76 -63.46
C33 LHG OL . -42.73 6.57 -62.92
C34 LHG OL . -41.74 7.07 -63.94
C35 LHG OL . -41.26 8.47 -63.61
C36 LHG OL . -39.80 8.56 -64.02
C37 LHG OL . -39.36 9.98 -63.83
C38 LHG OL . -37.87 10.19 -63.98
MG CHL PL . -68.79 28.15 -33.21
CHA CHL PL . -67.63 27.27 -36.28
CHB CHL PL . -65.86 27.56 -31.95
CHC CHL PL . -69.85 29.91 -30.54
CHD CHL PL . -72.09 27.50 -34.21
NA CHL PL . -67.00 27.83 -34.00
C1A CHL PL . -66.68 27.70 -35.23
C2A CHL PL . -65.24 27.97 -35.50
C3A CHL PL . -64.67 27.93 -34.10
C4A CHL PL . -65.89 27.76 -33.27
CMA CHL PL . -63.80 26.71 -33.89
CAA CHL PL . -65.08 29.33 -36.15
CBA CHL PL . -63.98 30.19 -35.55
CGA CHL PL . -63.46 31.14 -36.61
O1A CHL PL . -62.64 30.77 -37.41
O2A CHL PL . -63.94 32.52 -36.68
NB CHL PL . -67.93 28.68 -31.45
C1B CHL PL . -66.70 28.35 -31.04
C2B CHL PL . -66.31 28.85 -29.70
C3B CHL PL . -67.54 29.55 -29.31
C4B CHL PL . -68.47 29.39 -30.44
CMB CHL PL . -65.02 28.67 -28.95
CAB CHL PL . -67.74 30.25 -28.02
CBB CHL PL . -68.79 31.03 -27.80
NC CHL PL . -70.65 28.62 -32.49
C1C CHL PL . -70.91 29.34 -31.39
C2C CHL PL . -72.36 29.53 -31.13
C3C CHL PL . -73.03 28.82 -32.22
C4C CHL PL . -71.88 28.31 -33.00
CMC CHL PL . -73.00 30.26 -30.02
OMC CHL PL . -72.34 30.77 -29.14
CAC CHL PL . -74.51 28.65 -32.46
CBC CHL PL . -75.04 27.69 -31.43
ND CHL PL . -69.77 27.52 -34.86
C1D CHL PL . -71.04 27.28 -35.21
C2D CHL PL . -71.16 26.80 -36.63
C3D CHL PL . -69.74 26.82 -37.02
C4D CHL PL . -69.03 27.23 -35.97
CMD CHL PL . -72.24 26.39 -37.59
CAD CHL PL . -68.82 26.56 -38.14
OBD CHL PL . -69.15 26.14 -39.30
CBD CHL PL . -67.41 26.84 -37.70
CGD CHL PL . -66.62 25.58 -37.82
O1D CHL PL . -66.76 24.67 -37.03
O2D CHL PL . -65.68 25.44 -38.92
CED CHL PL . -64.42 24.81 -38.70
C1 CHL PL . -64.58 33.01 -37.87
C2 CHL PL . -65.83 33.82 -37.58
C3 CHL PL . -66.06 34.96 -38.26
C4 CHL PL . -65.08 35.45 -39.28
C5 CHL PL . -67.30 35.79 -37.99
C6 CHL PL . -68.53 35.26 -38.74
C7 CHL PL . -69.07 36.20 -39.82
C8 CHL PL . -69.82 37.42 -39.29
C9 CHL PL . -68.93 38.65 -39.36
C10 CHL PL . -71.12 37.64 -40.07
C11 CHL PL . -71.21 39.04 -40.67
C12 CHL PL . -72.33 39.86 -40.02
C13 CHL PL . -72.39 41.32 -40.49
C14 CHL PL . -71.40 41.61 -41.63
C15 CHL PL . -72.18 42.28 -39.33
MG CLA QL . -70.77 31.39 -21.20
CHA CLA QL . -71.87 28.16 -21.44
CHB CLA QL . -70.92 31.18 -17.82
CHC CLA QL . -69.79 34.68 -21.03
CHD CLA QL . -70.60 31.53 -24.72
NA CLA QL . -71.32 29.90 -19.86
C1A CLA QL . -71.77 28.62 -20.16
C2A CLA QL . -72.07 27.82 -18.89
C3A CLA QL . -71.86 28.85 -17.76
C4A CLA QL . -71.32 30.08 -18.51
CMA CLA QL . -73.12 29.13 -17.01
CAA CLA QL . -71.06 26.70 -18.78
CBA CLA QL . -69.64 27.19 -18.98
CGA CLA QL . -69.09 27.63 -17.66
O1A CLA QL . -69.09 27.00 -16.61
O2A CLA QL . -68.58 28.89 -17.66
NB CLA QL . -70.53 32.72 -19.71
C1B CLA QL . -70.44 32.37 -18.39
C2B CLA QL . -69.79 33.45 -17.62
C3B CLA QL . -69.47 34.43 -18.52
C4B CLA QL . -69.95 33.99 -19.85
CMB CLA QL . -69.54 33.34 -16.18
CAB CLA QL . -68.82 35.70 -18.30
CBB CLA QL . -67.75 36.14 -18.95
NC CLA QL . -70.28 32.84 -22.61
C1C CLA QL . -69.93 34.12 -22.32
C2C CLA QL . -69.72 34.85 -23.57
C3C CLA QL . -69.90 33.96 -24.60
C4C CLA QL . -70.27 32.69 -24.01
CMC CLA QL . -69.31 36.25 -23.68
CAC CLA QL . -69.77 34.24 -26.03
CBC CLA QL . -68.33 34.16 -26.49
ND CLA QL . -70.98 30.14 -22.75
C1D CLA QL . -70.93 30.33 -24.15
C2D CLA QL . -71.30 29.07 -24.83
C3D CLA QL . -71.70 28.21 -23.84
C4D CLA QL . -71.51 28.94 -22.57
CMD CLA QL . -71.27 28.88 -26.27
CAD CLA QL . -72.16 26.88 -23.51
OBD CLA QL . -72.33 25.91 -24.23
CBD CLA QL . -72.42 26.88 -21.97
CGD CLA QL . -73.87 26.95 -21.65
O1D CLA QL . -74.51 26.41 -20.74
O2D CLA QL . -74.52 27.79 -22.50
CED CLA QL . -75.04 28.99 -21.93
C1 CLA QL . -67.67 29.14 -16.57
C2 CLA QL . -67.28 30.58 -16.56
C3 CLA QL . -66.28 31.01 -15.78
C4 CLA QL . -65.52 30.09 -14.90
C5 CLA QL . -65.86 32.44 -15.75
C6 CLA QL . -64.36 32.60 -15.59
C7 CLA QL . -63.82 33.78 -16.37
C8 CLA QL . -62.68 33.39 -17.30
C9 CLA QL . -61.64 32.57 -16.58
C10 CLA QL . -62.02 34.61 -17.92
C11 CLA QL . -61.91 34.49 -19.42
C12 CLA QL . -61.13 35.62 -20.05
C13 CLA QL . -61.11 35.52 -21.56
C14 CLA QL . -60.57 34.17 -22.01
C15 CLA QL . -60.28 36.64 -22.18
C16 CLA QL . -61.12 37.53 -23.09
C17 CLA QL . -61.87 36.73 -24.13
C18 CLA QL . -61.78 37.32 -25.53
C19 CLA QL . -62.96 36.87 -26.37
C20 CLA QL . -60.48 36.90 -26.21
MG CLA RL . -66.50 40.19 -13.95
CHA CLA RL . -67.28 38.46 -11.05
CHB CLA RL . -65.31 37.32 -15.32
CHC CLA RL . -65.93 41.91 -16.87
CHD CLA RL . -67.66 43.16 -12.44
NA CLA RL . -66.32 38.22 -13.26
C1A CLA RL . -66.74 37.69 -12.04
C2A CLA RL . -66.43 36.21 -11.95
C3A CLA RL . -65.66 35.92 -13.25
C4A CLA RL . -65.78 37.23 -14.03
CMA CLA RL . -64.22 35.59 -12.97
CAA CLA RL . -67.72 35.41 -11.91
CBA CLA RL . -67.48 33.92 -12.00
CGA CLA RL . -66.43 33.52 -11.02
O1A CLA RL . -66.46 33.71 -9.80
O2A CLA RL . -65.36 32.89 -11.59
NB CLA RL . -65.71 39.72 -15.73
C1B CLA RL . -65.35 38.47 -16.12
C2B CLA RL . -65.00 38.49 -17.57
C3B CLA RL . -65.18 39.77 -18.01
C4B CLA RL . -65.64 40.58 -16.84
CMB CLA RL . -64.56 37.29 -18.29
CAB CLA RL . -65.01 40.35 -19.31
CBB CLA RL . -64.00 41.15 -19.65
NC CLA RL . -66.74 42.17 -14.52
C1C CLA RL . -66.45 42.66 -15.77
C2C CLA RL . -66.75 44.07 -15.84
C3C CLA RL . -67.24 44.44 -14.59
C4C CLA RL . -67.24 43.23 -13.77
CMC CLA RL . -66.55 44.92 -17.01
CAC CLA RL . -67.70 45.78 -14.16
CBC CLA RL . -66.57 46.70 -13.77
ND CLA RL . -67.30 40.75 -12.19
C1D CLA RL . -67.70 42.00 -11.68
C2D CLA RL . -68.13 41.84 -10.28
C3D CLA RL . -68.02 40.49 -9.99
C4D CLA RL . -67.48 39.86 -11.21
CMD CLA RL . -68.59 42.92 -9.42
CAD CLA RL . -68.15 39.46 -8.99
OBD CLA RL . -68.52 39.54 -7.82
CBD CLA RL . -67.70 38.12 -9.64
CGD CLA RL . -66.58 37.45 -8.88
O1D CLA RL . -66.44 36.24 -8.66
O2D CLA RL . -65.63 38.30 -8.40
CED CLA RL . -64.44 37.72 -7.84
C1 CLA RL . -64.64 31.90 -10.83
C2 CLA RL . -63.73 32.61 -9.89
C3 CLA RL . -62.53 33.11 -10.22
C4 CLA RL . -61.68 33.81 -9.24
C5 CLA RL . -62.01 32.97 -11.60
C6 CLA RL . -60.49 33.00 -11.67
C7 CLA RL . -60.03 33.20 -13.10
C8 CLA RL . -59.47 34.59 -13.33
C9 CLA RL . -60.58 35.57 -13.70
C10 CLA RL . -58.39 34.58 -14.41
C11 CLA RL . -57.68 35.92 -14.51
C12 CLA RL . -56.90 36.23 -13.25
C13 CLA RL . -56.43 37.67 -13.23
C14 CLA RL . -54.96 37.75 -12.85
C15 CLA RL . -57.26 38.51 -12.27
C16 CLA RL . -57.00 39.98 -12.46
C17 CLA RL . -57.79 40.80 -11.46
C18 CLA RL . -56.94 41.90 -10.84
C19 CLA RL . -57.75 42.70 -9.85
C20 CLA RL . -56.37 42.79 -11.92
MG CLA SL . -74.35 57.59 -19.18
CHA CLA SL . -72.94 60.76 -19.13
CHB CLA SL . -72.30 56.66 -16.63
CHC CLA SL . -75.74 54.47 -19.29
CHD CLA SL . -76.45 58.62 -21.82
NA CLA SL . -72.88 58.58 -18.07
C1A CLA SL . -72.45 59.90 -18.19
C2A CLA SL . -71.37 60.22 -17.16
C3A CLA SL . -71.27 58.93 -16.32
C4A CLA SL . -72.21 57.97 -17.05
CMA CLA SL . -69.86 58.41 -16.28
CAA CLA SL . -71.79 61.37 -16.27
CBA CLA SL . -72.33 60.87 -14.93
CGA CLA SL . -73.34 61.84 -14.42
O1A CLA SL . -73.30 62.50 -13.37
O2A CLA SL . -74.40 61.96 -15.26
NB CLA SL . -74.15 55.92 -18.09
C1B CLA SL . -73.13 55.68 -17.23
C2B CLA SL . -72.96 54.23 -17.00
C3B CLA SL . -73.92 53.60 -17.75
C4B CLA SL . -74.69 54.66 -18.45
CMB CLA SL . -71.93 53.67 -16.13
CAB CLA SL . -74.20 52.19 -17.90
CBB CLA SL . -75.37 51.62 -17.62
NC CLA SL . -75.85 56.72 -20.32
C1C CLA SL . -76.30 55.44 -20.16
C2C CLA SL . -77.41 55.19 -21.06
C3C CLA SL . -77.57 56.33 -21.83
C4C CLA SL . -76.59 57.30 -21.34
CMC CLA SL . -78.14 53.92 -21.13
CAC CLA SL . -78.58 56.58 -22.88
CBC CLA SL . -79.76 57.37 -22.36
ND CLA SL . -74.62 59.24 -20.31
C1D CLA SL . -75.54 59.54 -21.35
C2D CLA SL . -75.32 60.92 -21.80
C3D CLA SL . -74.32 61.44 -21.00
C4D CLA SL . -73.94 60.36 -20.07
CMD CLA SL . -76.05 61.56 -22.88
CAD CLA SL . -73.47 62.58 -20.71
OBD CLA SL . -73.38 63.65 -21.28
CBD CLA SL . -72.64 62.20 -19.44
CGD CLA SL . -71.17 62.46 -19.61
O1D CLA SL . -70.24 61.69 -19.40
O2D CLA SL . -70.87 63.72 -20.03
CED CLA SL . -69.65 64.27 -19.56
C1 CLA SL . -75.71 61.74 -14.69
C2 CLA SL . -75.91 60.29 -14.47
C3 CLA SL . -77.03 59.81 -13.89
C4 CLA SL . -78.12 60.72 -13.46
C5 CLA SL . -77.24 58.36 -13.66
C6 CLA SL . -78.15 58.08 -12.47
C7 CLA SL . -78.97 56.82 -12.67
MG CLA TL . -72.36 56.95 -11.15
CHA CLA TL . -74.84 58.79 -9.58
CHB CLA TL . -70.69 59.83 -11.88
CHC CLA TL . -69.88 55.08 -12.61
CHD CLA TL . -74.09 53.99 -10.39
NA CLA TL . -72.76 58.98 -10.81
C1A CLA TL . -73.83 59.54 -10.11
C2A CLA TL . -73.76 61.06 -10.11
C3A CLA TL . -72.46 61.37 -10.92
C4A CLA TL . -71.92 59.97 -11.24
CMA CLA TL . -72.75 62.19 -12.15
CAA CLA TL . -73.74 61.69 -8.73
CBA CLA TL . -74.50 63.00 -8.83
CGA CLA TL . -74.87 63.63 -7.53
O1A CLA TL . -74.18 63.86 -6.53
O2A CLA TL . -76.19 64.01 -7.50
NB CLA TL . -70.62 57.37 -12.06
C1B CLA TL . -70.09 58.61 -12.25
C2B CLA TL . -68.77 58.48 -12.91
C3B CLA TL . -68.54 57.14 -13.11
C4B CLA TL . -69.72 56.42 -12.57
CMB CLA TL . -67.94 59.64 -13.26
CAB CLA TL . -67.46 56.40 -13.71
CBB CLA TL . -66.68 55.58 -12.99
NC CLA TL . -72.06 54.90 -11.46
C1C CLA TL . -70.98 54.35 -12.09
C2C CLA TL . -71.09 52.92 -12.16
C3C CLA TL . -72.27 52.56 -11.50
C4C CLA TL . -72.88 53.84 -11.08
CMC CLA TL . -70.09 52.06 -12.80
CAC CLA TL . -72.86 51.20 -11.34
CBC CLA TL . -72.04 50.09 -10.71
ND CLA TL . -74.10 56.44 -10.29
C1D CLA TL . -74.67 55.17 -10.00
C2D CLA TL . -75.94 55.39 -9.27
C3D CLA TL . -76.05 56.75 -9.08
C4D CLA TL . -74.87 57.36 -9.71
CMD CLA TL . -76.84 54.33 -8.85
CAD CLA TL . -76.88 57.83 -8.56
OBD CLA TL . -77.99 57.78 -8.06
CBD CLA TL . -76.07 59.14 -8.77
CGD CLA TL . -76.88 60.23 -9.40
O1D CLA TL . -76.75 60.70 -10.53
O2D CLA TL . -77.86 60.72 -8.59
CED CLA TL . -78.81 61.62 -9.14
C1 CLA TL . -76.56 65.22 -8.21
C2 CLA TL . -77.27 64.79 -9.45
C3 CLA TL . -77.97 65.64 -10.23
C4 CLA TL . -78.11 67.08 -9.92
C5 CLA TL . -78.65 65.13 -11.46
C6 CLA TL . -77.68 64.82 -12.58
C7 CLA TL . -78.41 64.35 -13.83
MG CHL UL . -63.79 55.72 -13.87
CHA CHL UL . -61.17 57.53 -15.06
CHB CHL UL . -63.59 53.82 -16.55
CHC CHL UL . -65.91 53.64 -12.32
CHD CHL UL . -64.76 58.41 -11.79
NA CHL UL . -62.44 55.46 -15.32
C1A CHL UL . -61.40 56.17 -15.57
C2A CHL UL . -60.46 55.51 -16.56
C3A CHL UL . -61.15 54.19 -16.80
C4A CHL UL . -62.48 54.46 -16.20
CMA CHL UL . -61.27 53.91 -18.29
CAA CHL UL . -59.00 55.40 -16.11
CBA CHL UL . -58.81 54.86 -14.70
CGA CHL UL . -57.44 54.21 -14.59
O1A CHL UL . -57.20 53.16 -15.15
O2A CHL UL . -56.39 54.84 -13.79
NB CHL UL . -64.63 53.94 -14.38
C1B CHL UL . -64.49 53.26 -15.52
C2B CHL UL . -65.25 51.97 -15.62
C3B CHL UL . -65.93 51.96 -14.32
C4B CHL UL . -65.48 53.21 -13.65
CMB CHL UL . -65.33 50.96 -16.72
CAB CHL UL . -66.85 50.91 -13.79
CBB CHL UL . -66.95 50.62 -12.51
NC CHL UL . -65.11 55.98 -12.34
C1C CHL UL . -65.92 55.02 -11.84
C2C CHL UL . -66.76 55.46 -10.73
C3C CHL UL . -66.44 56.88 -10.54
C4C CHL UL . -65.40 57.08 -11.58
CMC CHL UL . -67.74 54.65 -9.96
OMC CHL UL . -68.08 53.56 -10.38
CAC CHL UL . -67.02 57.85 -9.53
CBC CHL UL . -66.82 57.31 -8.14
ND CHL UL . -63.18 57.60 -13.43
C1D CHL UL . -63.57 58.61 -12.64
C2D CHL UL . -62.70 59.81 -12.76
C3D CHL UL . -61.73 59.32 -13.76
C4D CHL UL . -62.09 58.08 -14.09
CMD CHL UL . -62.57 61.20 -12.18
CAD CHL UL . -60.53 59.70 -14.54
OBD CHL UL . -59.93 60.84 -14.48
CBD CHL UL . -60.16 58.55 -15.42
CGD CHL UL . -60.43 58.92 -16.83
O1D CHL UL . -61.56 59.04 -17.23
O2D CHL UL . -59.33 59.12 -17.76
CED CHL UL . -59.57 59.10 -19.17
C1 CHL UL . -55.05 54.36 -13.88
C2 CHL UL . -54.12 55.48 -14.27
MG CLA VL . -71.26 42.78 -6.78
CHA CLA VL . -71.69 39.64 -8.17
CHB CLA VL . -70.88 41.37 -3.70
CHC CLA VL . -70.83 45.89 -5.45
CHD CLA VL . -71.75 44.23 -9.98
NA CLA VL . -71.27 40.81 -6.08
C1A CLA VL . -71.47 39.63 -6.81
C2A CLA VL . -71.40 38.40 -5.90
C3A CLA VL . -71.02 38.99 -4.52
C4A CLA VL . -71.07 40.50 -4.77
CMA CLA VL . -71.96 38.54 -3.42
CAA CLA VL . -70.33 37.40 -6.31
CBA CLA VL . -70.69 36.01 -5.81
CGA CLA VL . -70.20 35.80 -4.41
O1A CLA VL . -69.46 36.53 -3.75
O2A CLA VL . -70.64 34.65 -3.85
NB CLA VL . -70.90 43.49 -4.93
C1B CLA VL . -70.88 42.76 -3.80
C2B CLA VL . -70.86 43.65 -2.60
C3B CLA VL . -70.84 44.94 -3.09
C4B CLA VL . -70.85 44.85 -4.57
CMB CLA VL . -70.84 43.16 -1.23
CAB CLA VL . -70.79 46.18 -2.37
CBB CLA VL . -69.88 46.50 -1.46
NC CLA VL . -71.25 44.70 -7.59
C1C CLA VL . -71.01 45.82 -6.86
C2C CLA VL . -71.00 46.99 -7.72
C3C CLA VL . -71.34 46.56 -9.01
C4C CLA VL . -71.50 45.10 -8.91
CMC CLA VL . -70.70 48.33 -7.21
CAC CLA VL . -71.43 47.34 -10.27
CBC CLA VL . -72.17 48.67 -10.27
ND CLA VL . -71.61 42.15 -8.66
C1D CLA VL . -71.82 42.85 -9.88
C2D CLA VL . -72.03 41.86 -10.96
C3D CLA VL . -71.93 40.61 -10.38
C4D CLA VL . -71.71 40.85 -8.93
CMD CLA VL . -72.24 42.21 -12.36
CAD CLA VL . -71.97 39.18 -10.58
OBD CLA VL . -72.02 38.53 -11.61
CBD CLA VL . -71.87 38.52 -9.17
CGD CLA VL . -73.07 37.67 -8.84
O1D CLA VL . -74.01 37.97 -8.12
O2D CLA VL . -73.05 36.44 -9.42
CED CLA VL . -73.11 35.31 -8.56
C1 CLA VL . -69.74 34.03 -2.91
C2 CLA VL . -69.01 32.98 -3.66
C3 CLA VL . -67.80 33.16 -4.21
C4 CLA VL . -67.07 34.45 -4.10
C5 CLA VL . -67.12 32.07 -4.95
C6 CLA VL . -67.68 30.69 -4.63
C7 CLA VL . -68.65 30.20 -5.68
C8 CLA VL . -69.88 29.53 -5.07
C9 CLA VL . -69.73 29.40 -3.56
C10 CLA VL . -70.15 28.17 -5.68
C11 CLA VL . -71.63 27.86 -5.71
C12 CLA VL . -72.06 26.96 -4.57
C13 CLA VL . -73.31 27.46 -3.83
C14 CLA VL . -74.56 26.82 -4.38
C15 CLA VL . -73.42 28.98 -3.82
C16 CLA VL . -73.83 29.50 -2.47
C17 CLA VL . -72.93 28.98 -1.36
C18 CLA VL . -73.73 28.53 -0.14
C19 CLA VL . -73.30 27.15 0.31
C20 CLA VL . -73.61 29.51 1.00
MG CLA WL . -84.43 41.03 -17.77
CHA CLA WL . -86.84 39.71 -15.70
CHB CLA WL . -86.07 39.79 -20.47
CHC CLA WL . -82.16 42.59 -19.80
CHD CLA WL . -82.77 42.30 -14.94
NA CLA WL . -86.14 39.86 -18.01
C1A CLA WL . -87.03 39.43 -17.02
C2A CLA WL . -88.15 38.60 -17.63
C3A CLA WL . -87.76 38.49 -19.12
C4A CLA WL . -86.57 39.44 -19.23
CMA CLA WL . -87.37 37.09 -19.54
CAA CLA WL . -89.49 39.32 -17.48
CBA CLA WL . -89.54 40.62 -18.25
CGA CLA WL . -90.38 40.47 -19.49
O1A CLA WL . -91.60 40.42 -19.57
O2A CLA WL . -89.63 40.39 -20.62
NB CLA WL . -84.22 41.25 -19.76
C1B CLA WL . -84.98 40.62 -20.70
C2B CLA WL . -84.45 40.93 -22.06
C3B CLA WL . -83.34 41.72 -21.87
C4B CLA WL . -83.17 41.91 -20.41
CMB CLA WL . -85.03 40.37 -23.27
CAB CLA WL . -82.41 42.25 -22.84
CBB CLA WL . -81.98 41.64 -23.94
NC CLA WL . -82.72 42.17 -17.43
C1C CLA WL . -81.92 42.68 -18.41
C2C CLA WL . -80.84 43.43 -17.81
C3C CLA WL . -81.01 43.38 -16.43
C4C CLA WL . -82.20 42.58 -16.20
CMC CLA WL . -79.79 44.12 -18.56
CAC CLA WL . -80.17 43.97 -15.37
CBC CLA WL . -80.75 45.24 -14.79
ND CLA WL . -84.55 40.83 -15.77
C1D CLA WL . -83.85 41.49 -14.73
C2D CLA WL . -84.52 41.23 -13.45
C3D CLA WL . -85.67 40.54 -13.75
C4D CLA WL . -85.66 40.36 -15.22
CMD CLA WL . -84.00 41.71 -12.17
CAD CLA WL . -86.88 39.93 -13.25
OBD CLA WL . -87.28 39.81 -12.10
CBD CLA WL . -87.70 39.46 -14.49
CGD CLA WL . -88.14 38.03 -14.45
O1D CLA WL . -87.63 37.08 -15.04
O2D CLA WL . -89.26 37.82 -13.69
CED CLA WL . -90.52 37.87 -14.35
C1 CLA WL . -89.65 41.55 -21.49
C2 CLA WL . -88.25 42.07 -21.62
C3 CLA WL . -87.92 43.10 -22.42
C4 CLA WL . -88.92 43.80 -23.27
C5 CLA WL . -86.51 43.57 -22.52
C6 CLA WL . -86.40 45.08 -22.42
C7 CLA WL . -85.82 45.68 -23.69
C8 CLA WL . -86.11 47.17 -23.78
C9 CLA WL . -86.42 47.56 -25.21
C10 CLA WL . -84.94 48.01 -23.27
C11 CLA WL . -85.36 49.01 -22.21
C12 CLA WL . -84.52 50.26 -22.26
C13 CLA WL . -83.49 50.31 -21.14
C14 CLA WL . -84.09 50.91 -19.88
C15 CLA WL . -82.26 51.10 -21.57
MG CLA XL . -80.07 33.97 -34.07
CHA CLA XL . -82.11 34.31 -31.30
CHB CLA XL . -82.33 31.88 -35.47
CHC CLA XL . -78.18 33.93 -36.91
CHD CLA XL . -77.69 36.08 -32.52
NA CLA XL . -81.89 33.20 -33.44
C1A CLA XL . -82.58 33.47 -32.26
C2A CLA XL . -83.88 32.68 -32.20
C3A CLA XL . -83.74 31.69 -33.38
C4A CLA XL . -82.59 32.30 -34.18
CMA CLA XL . -83.39 30.30 -32.93
CAA CLA XL . -85.06 33.61 -32.42
NB CLA XL . -80.16 32.97 -35.82
C1B CLA XL . -81.28 32.37 -36.26
C2B CLA XL . -81.28 32.28 -37.74
C3B CLA XL . -80.10 32.85 -38.16
C4B CLA XL . -79.38 33.30 -36.94
CMB CLA XL . -82.35 31.66 -38.52
CAB CLA XL . -79.59 33.04 -39.50
CBB CLA XL . -80.21 33.75 -40.45
NC CLA XL . -78.23 34.79 -34.59
C1C CLA XL . -77.62 34.62 -35.80
C2C CLA XL . -76.35 35.32 -35.81
C3C CLA XL . -76.22 35.96 -34.58
C4C CLA XL . -77.42 35.62 -33.82
CMC CLA XL . -75.43 35.35 -36.96
CAC CLA XL . -75.12 36.79 -34.11
CBC CLA XL . -73.86 36.02 -33.83
ND CLA XL . -79.89 35.01 -32.36
C1D CLA XL . -78.85 35.81 -31.83
C2D CLA XL . -79.25 36.28 -30.48
C3D CLA XL . -80.52 35.78 -30.27
C4D CLA XL . -80.85 34.96 -31.44
CMD CLA XL . -78.45 37.16 -29.64
CAD CLA XL . -81.62 35.69 -29.34
OBD CLA XL . -81.77 36.27 -28.28
CBD CLA XL . -82.65 34.70 -29.95
CGD CLA XL . -82.85 33.50 -29.07
O1D CLA XL . -82.17 32.48 -29.02
O2D CLA XL . -83.93 33.60 -28.24
CED CLA XL . -84.86 32.53 -28.19
MG CLA YL . -82.36 42.08 -30.22
CHA CLA YL . -85.07 39.94 -30.29
CHB CLA YL . -83.99 44.03 -27.97
CHC CLA YL . -79.63 44.13 -30.09
CHD CLA YL . -80.70 40.00 -32.53
NA CLA YL . -84.24 41.99 -29.33
C1A CLA YL . -85.22 41.01 -29.47
C2A CLA YL . -86.44 41.34 -28.63
C3A CLA YL . -86.11 42.74 -28.06
C4A CLA YL . -84.67 42.95 -28.46
CMA CLA YL . -86.97 43.79 -28.71
CAA CLA YL . -86.55 40.38 -27.47
CBA CLA YL . -86.85 41.11 -26.17
CGA CLA YL . -88.32 41.31 -25.98
O1A CLA YL . -89.01 41.04 -25.00
O2A CLA YL . -88.95 41.86 -27.06
NB CLA YL . -81.86 43.70 -29.15
C1B CLA YL . -82.68 44.37 -28.31
C2B CLA YL . -82.02 45.62 -27.84
C3B CLA YL . -80.78 45.65 -28.43
C4B CLA YL . -80.68 44.45 -29.30
CMB CLA YL . -82.66 46.57 -26.94
CAB CLA YL . -79.78 46.66 -28.36
CBB CLA YL . -79.95 47.91 -28.82
NC CLA YL . -80.51 42.08 -31.18
C1C CLA YL . -79.56 43.03 -30.99
C2C CLA YL . -78.40 42.74 -31.84
C3C CLA YL . -78.69 41.56 -32.51
C4C CLA YL . -80.03 41.15 -32.09
CMC CLA YL . -77.20 43.57 -31.90
CAC CLA YL . -77.86 40.86 -33.48
CBC CLA YL . -78.35 41.05 -34.90
ND CLA YL . -82.79 40.46 -31.33
C1D CLA YL . -81.98 39.65 -32.18
C2D CLA YL . -82.75 38.46 -32.58
C3D CLA YL . -83.96 38.54 -31.93
C4D CLA YL . -83.91 39.77 -31.12
CMD CLA YL . -82.26 37.45 -33.51
CAD CLA YL . -85.24 37.91 -31.69
OBD CLA YL . -85.73 36.91 -32.20
CBD CLA YL . -85.97 38.75 -30.58
CGD CLA YL . -87.35 39.17 -30.97
O1D CLA YL . -87.68 40.05 -31.77
O2D CLA YL . -88.35 38.48 -30.33
CED CLA YL . -89.70 38.63 -30.79
C1 CLA YL . -90.30 42.30 -26.84
C2 CLA YL . -90.93 42.36 -28.18
C3 CLA YL . -90.96 43.49 -28.93
C4 CLA YL . -91.60 43.51 -30.27
C5 CLA YL . -90.33 44.75 -28.44
C6 CLA YL . -91.34 45.86 -28.20
C7 CLA YL . -90.68 47.05 -27.54
MG CLA ZL . -64.53 44.35 -34.06
CHA CLA ZL . -63.05 46.39 -36.40
CHB CLA ZL . -67.45 44.51 -35.79
CHC CLA ZL . -65.98 42.33 -31.71
CHD CLA ZL . -61.48 44.21 -32.31
NA CLA ZL . -65.12 45.31 -35.81
C1A CLA ZL . -64.36 46.12 -36.64
C2A CLA ZL . -65.17 46.63 -37.82
C3A CLA ZL . -66.58 46.06 -37.56
C4A CLA ZL . -66.39 45.22 -36.30
CMA CLA ZL . -67.58 47.15 -37.32
CAA CLA ZL . -64.63 46.10 -39.14
CBA CLA ZL . -64.74 44.60 -39.23
CGA CLA ZL . -63.46 43.95 -38.77
O1A CLA ZL . -62.31 44.36 -38.86
O2A CLA ZL . -63.66 42.75 -38.17
NB CLA ZL . -66.40 43.66 -33.73
C1B CLA ZL . -67.40 43.71 -34.64
C2B CLA ZL . -68.49 42.79 -34.25
C3B CLA ZL . -68.10 42.16 -33.11
C4B CLA ZL . -66.76 42.71 -32.75
CMB CLA ZL . -69.70 42.61 -35.06
CAB CLA ZL . -68.78 41.14 -32.35
CBB CLA ZL . -69.07 41.20 -31.04
NC CLA ZL . -63.84 43.43 -32.32
C1C CLA ZL . -64.61 42.65 -31.52
C2C CLA ZL . -63.82 42.19 -30.38
C3C CLA ZL . -62.54 42.70 -30.55
C4C CLA ZL . -62.57 43.49 -31.77
CMC CLA ZL . -64.33 41.33 -29.33
CAC CLA ZL . -61.40 42.51 -29.65
CBC CLA ZL . -60.83 41.11 -29.77
ND CLA ZL . -62.65 45.00 -34.30
C1D CLA ZL . -61.49 44.92 -33.48
C2D CLA ZL . -60.41 45.70 -34.11
C3D CLA ZL . -60.95 46.27 -35.24
C4D CLA ZL . -62.35 45.83 -35.29
CMD CLA ZL . -59.05 45.81 -33.59
CAD CLA ZL . -60.70 47.11 -36.39
OBD CLA ZL . -59.67 47.63 -36.79
CBD CLA ZL . -62.07 47.27 -37.12
CGD CLA ZL . -62.56 48.68 -37.13
O1D CLA ZL . -63.63 49.12 -36.75
O2D CLA ZL . -61.64 49.55 -37.63
CED CLA ZL . -61.18 50.59 -36.77
C1 CLA ZL . -62.93 42.57 -36.95
C2 CLA ZL . -63.05 41.15 -36.58
C3 CLA ZL . -62.49 40.67 -35.46
C4 CLA ZL . -61.70 41.55 -34.58
C5 CLA ZL . -62.61 39.24 -35.08
C6 CLA ZL . -63.39 39.07 -33.79
C7 CLA ZL . -64.66 39.91 -33.78
C8 CLA ZL . -65.86 39.14 -33.26
C9 CLA ZL . -65.46 38.23 -32.12
C10 CLA ZL . -66.50 38.35 -34.38
C11 CLA ZL . -67.58 37.43 -33.84
C12 CLA ZL . -68.53 37.01 -34.94
C13 CLA ZL . -69.96 37.01 -34.46
C14 CLA ZL . -70.31 35.67 -33.87
C15 CLA ZL . -70.91 37.38 -35.60
C16 CLA ZL . -70.89 38.87 -35.89
C17 CLA ZL . -71.86 39.64 -35.01
C18 CLA ZL . -72.89 40.42 -35.82
C19 CLA ZL . -73.82 41.20 -34.91
C20 CLA ZL . -73.68 39.47 -36.69
MG CLA AM . -68.46 44.20 -43.33
CHA CLA AM . -66.00 41.82 -43.76
CHB CLA AM . -68.18 45.09 -46.59
CHC CLA AM . -71.07 46.36 -42.88
CHD CLA AM . -68.70 43.22 -39.93
NA CLA AM . -67.26 43.56 -44.89
C1A CLA AM . -66.32 42.53 -44.88
C2A CLA AM . -65.69 42.35 -46.25
C3A CLA AM . -66.27 43.49 -47.08
C4A CLA AM . -67.32 44.09 -46.15
CMA CLA AM . -65.18 44.47 -47.44
CAA CLA AM . -66.28 41.08 -46.84
CBA CLA AM . -65.27 39.99 -47.11
CGA CLA AM . -65.96 38.84 -47.74
O1A CLA AM . -66.19 38.64 -48.95
O2A CLA AM . -66.38 37.91 -46.84
NB CLA AM . -69.53 45.38 -44.54
C1B CLA AM . -69.14 45.72 -45.80
C2B CLA AM . -69.87 46.94 -46.24
C3B CLA AM . -70.69 47.32 -45.22
C4B CLA AM . -70.48 46.33 -44.11
CMB CLA AM . -69.66 47.56 -47.54
CAB CLA AM . -71.56 48.45 -45.15
CBB CLA AM . -72.77 48.52 -44.56
NC CLA AM . -69.64 44.70 -41.70
C1C CLA AM . -70.68 45.60 -41.76
C2C CLA AM . -71.33 45.67 -40.46
C3C CLA AM . -70.64 44.80 -39.62
C4C CLA AM . -69.60 44.19 -40.41
CMC CLA AM . -72.48 46.52 -40.16
CAC CLA AM . -70.95 44.47 -38.24
CBC CLA AM . -71.78 43.20 -38.23
ND CLA AM . -67.45 43.00 -42.04
C1D CLA AM . -67.67 42.66 -40.67
C2D CLA AM . -66.69 41.64 -40.26
C3D CLA AM . -66.01 41.30 -41.41
C4D CLA AM . -66.56 42.13 -42.49
CMD CLA AM . -66.54 41.13 -38.91
CAD CLA AM . -64.95 40.49 -41.98
OBD CLA AM . -64.16 39.75 -41.43
CBD CLA AM . -65.00 40.72 -43.54
CGD CLA AM . -63.71 41.20 -44.11
O1D CLA AM . -63.29 42.35 -44.13
O2D CLA AM . -62.96 40.25 -44.73
CED CLA AM . -62.11 40.70 -45.80
C1 CLA AM . -66.35 36.54 -47.27
C2 CLA AM . -67.33 35.85 -46.39
C3 CLA AM . -67.03 35.35 -45.19
C4 CLA AM . -65.66 35.43 -44.61
C5 CLA AM . -68.08 34.69 -44.37
C6 CLA AM . -68.47 35.53 -43.17
C7 CLA AM . -69.01 36.88 -43.57
C8 CLA AM . -68.00 38.03 -43.42
C9 CLA AM . -67.02 37.78 -42.28
C10 CLA AM . -68.71 39.37 -43.22
C1 XAT BM . -88.13 45.38 -18.62
C2 XAT BM . -88.77 45.89 -17.35
C3 XAT BM . -89.43 44.74 -16.63
C4 XAT BM . -88.39 43.71 -16.19
C5 XAT BM . -87.09 43.63 -17.01
C6 XAT BM . -86.94 44.48 -18.28
C7 XAT BM . -85.55 45.11 -18.34
C8 XAT BM . -84.68 44.93 -19.32
C9 XAT BM . -83.38 45.62 -19.19
C10 XAT BM . -82.64 46.00 -20.24
C11 XAT BM . -83.07 45.76 -21.62
C12 XAT BM . -82.30 45.69 -22.73
C13 XAT BM . -80.83 45.73 -22.86
C14 XAT BM . -80.28 45.27 -23.99
C15 XAT BM . -78.83 45.28 -24.10
C16 XAT BM . -87.67 46.61 -19.41
C17 XAT BM . -89.15 44.63 -19.46
C18 XAT BM . -85.81 43.71 -16.19
C19 XAT BM . -82.87 45.94 -17.81
C20 XAT BM . -79.90 46.28 -21.82
O3 XAT BM . -90.09 45.27 -15.47
O4 XAT BM . -87.09 43.06 -18.31
C21 XAT BM . -70.44 46.23 -32.92
C22 XAT BM . -69.19 46.93 -32.43
C23 XAT BM . -69.08 48.29 -33.10
C24 XAT BM . -70.25 49.22 -32.78
C25 XAT BM . -71.59 48.53 -32.45
C26 XAT BM . -71.70 46.96 -32.42
C27 XAT BM . -72.45 46.12 -31.40
C28 XAT BM . -73.64 46.42 -30.87
C29 XAT BM . -74.25 45.49 -29.89
C30 XAT BM . -75.31 45.86 -29.15
C31 XAT BM . -75.88 44.89 -28.21
C32 XAT BM . -76.98 45.04 -27.47
C33 XAT BM . -77.92 46.19 -27.40
C34 XAT BM . -78.46 46.51 -26.22
C35 XAT BM . -78.04 45.76 -25.04
C36 XAT BM . -70.46 44.80 -32.42
C37 XAT BM . -70.45 46.18 -34.44
C38 XAT BM . -72.42 49.40 -31.50
C39 XAT BM . -73.70 44.11 -29.74
C40 XAT BM . -78.35 46.97 -28.61
O23 XAT BM . -67.86 48.92 -32.65
O24 XAT BM . -71.08 47.73 -31.41
C1 XAT CM . -68.05 52.06 -17.33
C2 XAT CM . -68.21 53.57 -17.25
C3 XAT CM . -67.87 54.27 -18.54
C4 XAT CM . -68.92 53.84 -19.55
C5 XAT CM . -68.90 52.34 -19.81
C6 XAT CM . -68.45 51.41 -18.66
C7 XAT CM . -69.29 50.14 -18.55
C8 XAT CM . -68.68 48.95 -18.66
C9 XAT CM . -69.41 47.67 -18.55
C10 XAT CM . -68.87 46.54 -19.05
C11 XAT CM . -69.58 45.27 -18.94
C12 XAT CM . -69.15 44.05 -19.31
C13 XAT CM . -67.87 43.62 -19.93
C14 XAT CM . -67.51 42.34 -19.84
C15 XAT CM . -66.27 41.88 -20.45
C16 XAT CM . -68.95 51.46 -16.28
C17 XAT CM . -66.59 51.69 -17.05
C18 XAT CM . -70.09 51.76 -20.56
C19 XAT CM . -70.74 47.60 -17.87
C20 XAT CM . -66.94 44.55 -20.67
O3 XAT CM . -67.99 55.68 -18.35
O4 XAT CM . -67.65 51.64 -19.82
C21 XAT CM . -64.96 31.11 -20.41
C22 XAT CM . -64.77 29.63 -20.08
C23 XAT CM . -66.01 28.82 -20.36
C24 XAT CM . -66.19 28.86 -21.85
C25 XAT CM . -66.59 30.26 -22.30
C26 XAT CM . -65.96 31.44 -21.54
C27 XAT CM . -65.58 32.55 -22.49
C28 XAT CM . -66.04 33.80 -22.34
C29 XAT CM . -65.60 34.80 -23.33
C30 XAT CM . -65.74 36.11 -23.13
C31 XAT CM . -66.36 36.61 -21.91
C32 XAT CM . -66.35 37.92 -21.63
C33 XAT CM . -67.00 38.37 -20.38
C34 XAT CM . -66.81 39.59 -19.87
C35 XAT CM . -65.93 40.59 -20.48
C36 XAT CM . -63.60 31.67 -20.80
C37 XAT CM . -65.44 31.86 -19.19
C38 XAT CM . -66.59 30.57 -23.79
C39 XAT CM . -64.97 34.31 -24.60
C40 XAT CM . -67.93 37.43 -19.68
O23 XAT CM . -65.79 27.46 -19.96
O24 XAT CM . -67.34 31.08 -21.39
O1 LHG DM . -79.73 27.38 -36.38
C1 LHG DM . -78.68 28.33 -36.25
C2 LHG DM . -79.26 29.64 -35.71
O2 LHG DM . -78.37 30.71 -35.93
C3 LHG DM . -79.54 29.61 -34.23
O3 LHG DM . -78.88 30.81 -33.84
P LHG DM . -78.57 31.11 -32.30
O4 LHG DM . -79.57 32.10 -31.81
O5 LHG DM . -78.11 29.80 -31.77
O6 LHG DM . -77.25 32.04 -32.59
C4 LHG DM . -76.08 31.77 -31.88
C5 LHG DM . -75.09 32.84 -32.33
C6 LHG DM . -75.03 33.97 -31.31
O7 LHG DM . -73.82 32.22 -32.38
C7 LHG DM . -73.50 31.73 -33.61
O9 LHG DM . -74.29 31.17 -34.33
C8 LHG DM . -72.13 32.14 -33.98
C9 LHG DM . -71.99 32.04 -35.48
C10 LHG DM . -71.66 30.63 -35.88
O8 LHG DM . -74.20 33.45 -30.26
C23 LHG DM . -73.56 34.36 -29.47
O10 LHG DM . -73.90 35.53 -29.49
C24 LHG DM . -72.30 33.98 -28.72
C11 LHG DM . -70.16 30.64 -35.88
C12 LHG DM . -69.67 30.32 -37.25
C13 LHG DM . -68.21 30.65 -37.30
C14 LHG DM . -67.99 32.13 -37.20
C15 LHG DM . -67.10 32.36 -36.00
C16 LHG DM . -66.28 33.62 -36.17
C17 LHG DM . -66.11 34.29 -34.80
C18 LHG DM . -64.68 34.80 -34.77
C19 LHG DM . -64.07 34.87 -33.38
C20 LHG DM . -62.59 34.99 -33.69
C21 LHG DM . -61.80 35.00 -32.41
C22 LHG DM . -60.34 34.77 -32.75
C25 LHG DM . -71.09 33.66 -29.58
C26 LHG DM . -70.43 34.85 -30.26
C27 LHG DM . -68.97 34.47 -30.32
C28 LHG DM . -68.66 33.15 -30.96
C29 LHG DM . -67.23 33.28 -31.42
C30 LHG DM . -66.32 32.11 -31.12
C31 LHG DM . -65.40 31.71 -32.24
C32 LHG DM . -64.28 30.75 -31.85
C33 LHG DM . -63.13 31.62 -31.37
C34 LHG DM . -62.07 30.88 -30.59
C35 LHG DM . -60.69 31.46 -30.87
C36 LHG DM . -59.99 31.69 -29.54
C37 LHG DM . -59.72 33.16 -29.42
C38 LHG DM . -60.92 33.98 -29.01
MG CLA EM . -52.65 40.30 -27.44
CHA CLA EM . -54.10 43.31 -26.67
CHB CLA EM . -50.24 40.90 -25.13
CHC CLA EM . -51.38 37.21 -28.09
CHD CLA EM . -55.17 39.75 -29.85
NA CLA EM . -52.26 41.86 -26.12
C1A CLA EM . -52.99 43.03 -25.95
C2A CLA EM . -52.41 43.90 -24.86
C3A CLA EM . -51.05 43.23 -24.58
C4A CLA EM . -51.19 41.88 -25.28
CMA CLA EM . -49.93 44.06 -25.15
CAA CLA EM . -53.36 43.72 -23.69
CBA CLA EM . -52.96 44.46 -22.42
CGA CLA EM . -53.87 45.63 -22.17
O1A CLA EM . -53.96 46.68 -22.82
O2A CLA EM . -54.70 45.48 -21.10
NB CLA EM . -50.99 39.33 -26.88
C1B CLA EM . -50.31 39.64 -25.75
C2B CLA EM . -49.61 38.45 -25.21
C3B CLA EM . -49.93 37.41 -26.03
C4B CLA EM . -50.81 37.94 -27.10
CMB CLA EM . -48.80 38.46 -24.00
CAB CLA EM . -49.55 36.03 -25.91
CBB CLA EM . -49.19 35.24 -26.91
NC CLA EM . -53.17 38.78 -28.76
C1C CLA EM . -52.48 37.60 -28.88
C2C CLA EM . -53.09 36.78 -29.91
C3C CLA EM . -54.20 37.48 -30.37
C4C CLA EM . -54.23 38.74 -29.66
CMC CLA EM . -52.61 35.46 -30.29
CAC CLA EM . -55.15 37.08 -31.40
CBC CLA EM . -56.48 36.73 -30.79
ND CLA EM . -54.36 41.17 -28.02
C1D CLA EM . -55.24 40.90 -29.09
C2D CLA EM . -56.21 42.00 -29.22
C3D CLA EM . -55.82 42.95 -28.29
C4D CLA EM . -54.65 42.40 -27.62
CMD CLA EM . -57.32 42.00 -30.16
CAD CLA EM . -56.11 44.23 -27.69
OBD CLA EM . -57.08 44.97 -27.84
CBD CLA EM . -54.92 44.56 -26.76
CGD CLA EM . -54.06 45.62 -27.37
O1D CLA EM . -53.80 45.77 -28.57
O2D CLA EM . -53.46 46.47 -26.48
CED CLA EM . -52.08 46.75 -26.66
C1 CLA EM . -55.92 46.24 -21.09
#